data_5MRF
#
_entry.id   5MRF
#
_cell.length_a   1
_cell.length_b   1
_cell.length_c   1
_cell.angle_alpha   90
_cell.angle_beta   90
_cell.angle_gamma   90
#
_symmetry.space_group_name_H-M   'P 1'
#
loop_
_entity.id
_entity.type
_entity.pdbx_description
1 polymer '21S ribosomal RNA'
2 polymer uL2m
3 polymer uL3m
4 polymer uL4m
5 polymer uL5m
6 polymer uL6m
7 polymer bL9m
8 polymer uL13m
9 polymer uL14m
10 polymer uL15m
11 polymer uL16m
12 polymer bL17m
13 polymer bL19m
14 polymer bL21m
15 polymer uL22m
16 polymer uL23m
17 polymer uL24m
18 polymer bL27m
19 polymer bL28m
20 polymer uL29m
21 polymer uL30m
22 polymer bL31m
23 polymer bL32m
24 polymer bL33m
25 polymer bL34m
26 polymer bL35m
27 polymer bL36m
28 polymer mL38
29 polymer mL40
30 polymer mL41
31 polymer mL43
32 polymer mL44
33 polymer mL46
34 polymer mL49
35 polymer mL50
36 polymer mL57
37 polymer mL58
38 polymer mL59
39 polymer mL60
40 polymer mL67
41 polymer bS1m
42 polymer uS2m
43 polymer uS3m
44 polymer uS4m
45 polymer uS5m
46 polymer bS6m
47 polymer uS7m
48 polymer uS8m
49 polymer uS9m
50 polymer uS10m
51 polymer uS11m
52 polymer uS12m
53 polymer uS13m
54 polymer uS14m
55 polymer uS15m
56 polymer bS16m
57 polymer uS17m
58 polymer bS18m
59 polymer uS19m
60 polymer bS21m
61 polymer mS23
62 polymer mS26
63 polymer mS29
64 polymer mS33
65 polymer mS35
66 polymer mS37
67 polymer mS38
68 polymer mS41
69 polymer mS42
70 polymer mS43
71 polymer mS44
72 polymer mS45
73 polymer mS46
74 polymer mS47
75 polymer '15S ribosomal RNA'
76 polymer tRNA
77 polymer 'unknown protein sequence 1'
78 polymer 'unknown protein sequence 2'
79 non-polymer 'MAGNESIUM ION'
80 non-polymer 'SODIUM ION'
81 non-polymer 'ZINC ION'
82 non-polymer "GUANOSINE-5'-DIPHOSPHATE"
#
loop_
_entity_poly.entity_id
_entity_poly.type
_entity_poly.pdbx_seq_one_letter_code
_entity_poly.pdbx_strand_id
1 'polyribonucleotide'
;GUAAAAAGUAGAAUAAUAGAUUUGAAAUAUUUAUUAUAUAGAUUUAAAGAGAUAAUCAUGGAGUAUAAUAAUUAAAUUUA
AUAAAUUUAAUAUAACUAUUAAUAGAAUUAGGUUACUAAUAAAUUAAUAACAAUUAAUUUUAAAACCUAAAGGUAAACCU
UUAUAUUAAUAAUGUUAUUUUUUAUUAUUUUUAUAAUAAGAAUAAUUAUUAAUAAUAAUAAACUAAGUGAACUGAAACAU
CUAAGUAACUUAAGGAUAAGAAAUCAACAGAGAUAUUAUGAGUAUUGGUGAGAGAAAAUAAUAAAGGUCUAAUAAGUAUU
AUGUGAAAAAAAUGUAAGAAAAUAGGAUAACAAAUUCUAAGACUAAAUACUAUUAAUAAGUAUAGUAAGUACCGUAAGGG
AAAGUAUGAAAAUGAUUAUUUUAUAAGCAAUCAUGAAUAUAUUAUAUUAUAUUAAUGAUGUACCUUUUGUAUAAUGGGUC
AGCAAGUAAUUAAUAUUAGUAAAACAAUAAGUUAUAAAUAAAUAGAAUAAUAUAUAUAUAUAAAAAAAUAUAUUAAAAUA
UUUAAUUAAUAUUAAUUGACCCGAAAGCAAACGAUCUAACUAUGAUAAGAUGGAUAAACGAUCGAACAGGUUGAUGUUGC
AAUAUCAUCUGAUUAAUUGUGGUUAGUAGUGAAAGACAAAUCUGGUUUGCAGAUAGCUGGUUUUCUAUGAAAUAUAUGUA
AGUAUAGCCUUUAUAAAUAAUAAUUAUUAUAUAAUAUUAUAUUAAUAUUAUAUAAAGAAUGGUACAGCAAUUAAUAUAUA
UUAGGGAACUAUUAAAGUUUUAUUAAUAAUAUUAAAUCUCGAAAUAUUUAAUUAUAUAUAAUAAAGAGUCAGAUUAUGUG
CGAUAAGGUAAAUAAUCUAAAGGGAAACAGCCCAGAUUAAGAUAUAAAGUUCCUAAUAAAUAAUAAGUGAAAUAAAUAUU
AAAAUAUUAUAAUAUAAUCAGUUAAUGGGUUUGACAAUAACCAUUUUUUAAUGAACAUGUAACAAUGCACUGAUUUAUAA
UAAAUAAAAAAAAAUAAUAUUUAAAAUCAAAUAUAUAUAUAUUUGUUAAUAGAUAAUAUACGGAUCUUAAUAAUAAGAAU
UAUUUAAUUCCUAAUAUGGAAUAUUAUAUUUUUAUAAUAAAAAUAUAAAUACUGAAUAUCUAAAUAUUAUUAUUACUUUU
UUUUUAAUAAUAAUAAUAUGGUAAUAGAACAUUUAAUGAUAAUAUAUAUUAGUUAUUAAUUAAUAUAUGUAUUAAUUAAA
UAGAGAAUGCUGACAUGAGUAACGAAAAAAAGGUAUAAACCUUUUCACCUAAAACAUAAGGUUUAACUAUAAAAGUACGG
CCCCUAAUUAAAUUAAUAAAAAUAUAAAUAUAUUUAAGAUGGGAUAAUCUAUAUUAAUAAAAAUUUAUCUUAAAAUAUAU
AUAUUAUUAAUAAUUAUAUUAAUUAAUUAAUAAUAUAUAUAAUUAUAUUAUAUAUUAUAUAUUUUUUAUAUAAUAUAAAC
UAAUAAAGAUCAGGAAAUAAUUAAUGUAUACCGUAAUGUAGACCGACUCAGGUAUGUAAGUAGAGAAUAUGAAGGUGAAU
UAGAUAAUUAAAGGGAAGGAACUCGGCAAAGAUAGCUCAUAAGUUAGUCAAUAAAGAGUAAUAAGAACAAAGUUGUACAA
CUGUUUACUAAAAACACCGCACUUUGCAGAAACGAUAAGUUUAAGUAUAAGGUGUGAACUCUGCUCCAUGCUUAAUAUAU
AAAUAAAAUUAUUUAACGAUAAUUUAAUUAAAUUUAGGUAAAUAGCAGCCUUAUUAUGAGGGUUAUAAUGUAGCGAAAUU
CCUUGGCCUAUAAUUGAGGUCCCGCAUGAAUGACGUAAUGAUACAACAACUGUCUCCCCUUUAAGCUAAGUGAAAUUGAA
AUCGUAGUGAAGAUGCUAUGUACCUUCAGCAAGACGGAAAGACCCUAUGCAGCUUUACUGUAAUUAGAUAGAUCGAAUUA
UUGUUUAUUAUAUUCAGCAUAUUAAGUAAUCCUAUUAUUAGGUAAUCGUUUAGAUAUUAAUGAGAUACUUAUUAUAAUAU
AAUGAUAAUUCUAAUCUUAUAAAUAAUUAUUAUUAUUAUUAUUAAUAAUAAUAAUAUGCUUUCAAGCAUAGUGAUAAAAC
AUAUUUAUAUGAUAAUCACUUUACUUAAUAGAUAUAAUUCUUAAGUAAUAUAUAAUAUAUAUUUUAUAUAUAUUAUAUAU
AAUAUAAGAGACAAUCUCUAAUUGGUAGUUUUGAUGGGGCGUCAUUAUCAGCAAAAGUAUCUGAAUAAGUCCAUAAAUAA
AUAUAUAAAAUUAUUGAAUAAAAAAAAAAUAAUAUAUAUUAUAUAUAUUAAUUAUAAAUUGAAAUAUGUUUAUAUAAAUU
UAUAUUUAUUGAAUAUAUUUUAGUAAUAGAUAAAAAUAUGUACAGUAAAAUUGUAAGGAAAACAAUAAUAACUUUCUCCU
CUCUCGGUGGGGGUUCACACCUAUUUUUAAUAGGUGUGAACCCCUCUUCGGGGUUCCGGUUCCCUUUCGGGUCCCGGAAC
UUAAAUAAAAAUGGAAAGAAUUAAAUUAAUAUAAUGGUAUAACUGUGCGAUAAUUGUAACACAAACGAGUGAAACAAGUA
CGUAAGUAUGGCAUAAUGAACAAAUAACACUGAUUGUAAAGGUUAUUGAUAACGAAUAAAAGUUACGCUAGGGAUAACAG
GGUAAUAUAGCGAAAGAGUAGAUAUUGUAAGCUAUGUUUGCCACCUCGAUGUCGACUCAACAUUUCCUCUUGGUUGUAAA
AGCUAAGAAGGGUUUGACUGUUCGUCAAUUAAAAUGUUACGUGAGUUGGGUUAAAUACGAUGUGAAUCAGUAUGGUUCCU
AUCUGCUGAAGGAAAUAUUAUCAAAUUAAAUCUCAUUAUUAGUACGCAAGGACCAUAAUGAAUCAACCCAUGGUGUAUCU
AUUGAUAAUAAUAUAAUAUAUUUAAUAAAAAUAAUACUUUAUUAAUAUAUUAUCUAUAUUAGUUUAUAUUUUAAUUAUAU
AUUAUCAUAGUAGAUAAGCUAAGUUGAUAAUAAAUAAAUAUUGAAUACAUAUUAAAUAUGAAGUUGUUUUAAUAAGAUAA
UUAAUCUGAUAAUUUUAUACUAAAAUUAAUAAUUAUAGGUUUUAUAUAUUAUUUAUAAAUAAAUAUAUUAUAAUAAUAAU
AAUUAUUAUUAUUAAUAAAAAAUAUUAAUUAUAAUAUUAAUAAAAUACUAAUUUAUCAGUUAUCUAUAUAAUAUCUAAUC
UAUUAUUCUAUAUACU
;
A
2 'polypeptide(L)'
;MLVLGSLRSALSCSSTASLISKRNPCYPYGILCRTLSQSVKLWQENTSKDDSSLNITPRLLKIIPNDTDIVTLEKQDELI
KRRRKLSKEVTQMKRLKPVSPGLRWYRSPIYPYLYKGRPVRALTVVRKKHGGRNNSGKITVRHQGGGHRNRTRLIDFNRW
EGGAQTVQRIEYDPGRSSHIALLKHNTTGELSYIIACDGLRPGDVVESFRRGIPQTLLNEMGGKVDPAILSVKTTQRGNC
LPISMIPIGTIIHNVGITPVGPGKFCRSAGTYARVLAKLPEKKKAIVRLQSGEHRYVSLEAVATIGVVSNIDHQNRSLGK
AGRSRWLGIRPTVRGVAMNKCDHPHGGGRGKSKSNKLSMSPWGQLAKGYKTRRGKNQNRMKVKDRPRGKDARL
;
B
3 'polypeptide(L)'
;STRPFLVAPSIANSITTEAPAINHSPELANARKWLPKRCGLITRKKGMMPYFDKSTGERSAATILEVNNVEVIMHRTSEV
NGYFACQVGYGSRHLSKVSRQMLGHFASKVVNPKEHVAEFRVKDEKGLIPPGTLLKPSFFKEGQYVDVRSVSKGKGFTGV
MKRYGFKGLRASHGTSIMHRHGGSYGQNQDPGRVLPGRKMPGHMGNEHVTIQNVKVLKVDDENNVIWVKGSVAGPKNSFV
KIQDAIKKT
;
C
4 'polypeptide(L)'
;LNPLPNAAIPPKYALVTVRSFPSLEPLTFVPVPTSTVAAPLRRDILWRAVVYENDNRRVGASNPPGRSENGFSRRKLMPQ
KGSGRARVGDANSPTRHNGGRALARTAPNDYTTELPSKVYSMAFNNALSHQYKSGKLFVIGGEKVDLISPTPELDLNRLD
LVNTNTVEGKEIFEGEVIFRKFLEEFQLKGKRLLFITDKTREGLIKSSDPYKQKVDVIQKELVEVNDILRAQAVFIELEA
LEYLAMAHQKEI
;
D
5 'polypeptide(L)'
;PKSACSLVKPVHHLVKIDKSKLSPRFPELKYDKSDIRSPGFKPKDTHADRLNDHYLNTLQSDLLLINYSHNAAVVKGLKQ
RAWSGDSPYHLNRPPKNPRGSKAQLPDIHPIKWSNIPGLESVVINCFVREARENQLLAITAALQLQQITGCKPHPIFSKN
DVPTWKLRKGHQMGAKVELKGKEMSQFLSTLTEIVLPRIREYKGISNQSGNRFGGISFGLTAEDIKFFPEIDANQDSWPK
TFGMHININTSAQLDYQARTLLSGFQFPFFGEEK
;
E
6 'polypeptide(L)'
;SQVGSLPLYISPEVQVSINALSMPRIIRKGRTSMNISQNITVKGPKGELSVEVPDFLHLDKDEKHGKINVTVQNSEDKHQ
RSMWGTVRSLINNHIIGVTEGHLAVLRFVGTGYRAQLENDGKFVNVKVGASIKQGLDVPEGIVVKTPAPTSLIIEGCNKQ
QVLLFAAKLRKFHPPEPYKGKGIYVNDETIKLKDKK
;
F
7 'polypeptide(L)' SALTKRTHRVKVQVLKDFPRFQLYKGQVANVKPSLMRNYLHNFNGAKYILSEEHDINTELLKQYQTLEAKLEED G
8 'polypeptide(L)'
;SQKIGHSGLAFARLWHHVDVARDKRTLGRLASAIAITLIGRHKPVYHPSQDCGDYVVVTNCQKIRVTGKKFEQKTYWSHS
GRPGQLKLQTMNKVVADKGFGEILKKAVSGMLPKNKLRKQRLDRLKVFDGSENPYKQNITAFAHEQSSIPEPLKESIFNQ
;
H
9 'polypeptide(L)'
;MIFLKSVIKVIDNSGAQLAECIKVIRKGSPKSPAMVGDRIVCVIQKAKPLTQNITGTANTNRVKKGDICHAIVVRSKQRN
MCRKDGSTVAFGDTACVLINKNTGEPLGTRIMANDGCVDRTLKDKGYNKICSLASRVI
;
I
10 'polypeptide(L)'
;VSILGQLKPSDGSTKSFKRLGRGPSSGLGKTSGRGQKGQKARGKVKSWFEGGQTPIYKLFPKIGFTNVGAKPLKELNLKR
IQWFHDKNRLHLQPGEVLDMNKMRKLGLVTGPIKYGVKILASGKFHYNLPIALEASRASAKAIAAIEKAGGKFTARYYTP
LGLRAHLNPQWFLEKRGRVPLQARPTKRRDIDFYSKEEKRGYLVMEKDKLLQDIKEAQNK
;
J
11 'polypeptide(L)'
;KHEYAPRFKIVQKKQKGRVPVRTGGSIKGSTLQFGKYGLRLKSEGIRISAQQLKEADNAIMRYVRPLNNGHLWRRLCTNV
AVCIKGNETRMGKGKGGFDHWMVRVPTGKILFEINGDDLHEKVAREAFRKAGTKLPGVYEFVSLDSLVRVGLHSFKNPKD
DPVKNFYDENAKKPSKKYLNILKSQEPQYKLFRGR
;
K
12 'polypeptide(L)'
;TVGIARKLSRDKAHRDALLKNLACQLFQHESIVSTHAKCKEASRVAERIITWTKRAITTSNSVAQAELKSQIQSQLFLAG
DNRKLMKRLFSEIAPRYLERPGGYTRVLRLEPRANDSAPQSVLELVDSPVMSESHTVNRGNLKMWLLVKSVINDDANQLP
HNPLTLQNLHKVAKFKAEAQLHGEIMLIKQVLLKEMSLPYDEALENERTQALLKEVYSSSLPKKTKKPSSYVMVPRP
;
L
13 'polypeptide(L)'
;YMVPATKRKTIPVYPPVQRIASSQIMKQVALSEIESLDPGAVKRKLISKKNKDRLKAGDVVRIVYDSSKCSYDTFVGYIL
SIDRKQLVQDASLLLRNQIAKTAVEIRVPLFSPLIERIDLLTPHVSSRQRNKHYYIRGTRLDVGDLEAGLR
;
M
14 'polypeptide(L)'
;TDTTPLKLSNELYAIFKIHNRPYLVTEGDRVILPFKLKQAEVGDILNMTDVTTLGSRNYKLVGHPINTSLYTLKATVVGK
TKRAFQTREVTKRRNRRVRHAKSKGDLTILRISELSMN
;
N
15 'polypeptide(L)'
;SITIENDKLLQQHIISLQQPEQLASQSLLSPLKREIYEANCKINGGFYKKDTIVKLPNSSERYKLKLTKREIEVLEPSVY
AQSYRIKSSMKKATLLLRLLGGLDVMKAISQCHFSNKKIAREVAELLQKGVKDGQKLGLKPEDLYISQIWTGSDGFWRKR
VEFKARTRIGIISHPYIHVRCILRTKSVTKRRLAYEAHLKEQKRAPWVQLGDKPIRGVTGGVYKW
;
O
16 'polypeptide(L)'
;DINVSEKIYKWTKAGIEQGKEHFKVGGNKVYFPKARIILLRPNAKHTPYQAKFIVPKSFNKLDLRDYLYHIYGLRAMNIT
TQLLHGKFNRMNLQTTRFREPQIKKMTIEMEEPFIWPEEPRPDENSFWDSTTPDNMEKYREERLNCLGSDANKPGTAFDG
VVGPYERVAQPFIPRFLKREIDNKRERHAAELQRADKLIALNRYIED
;
P
17 'polypeptide(L)'
;SGSYQHLSNVGSRVMKRLGNRPKNFLPHSEKFIKKSTPEFMKSDLKEVDEKTSFKSEKEWKFIPGDRVVVMSGASKGNIA
VIKSFDKRTNSFILDENGPTKTVPVPKQFWLEGQTSHMITIPVSILGKDLRLVADIDDEKTPGKTRTVAVRDVSFNGSYY
DADYKKVMPYRCVKGQPDLIIPWPKPDPIDVQTNLATDPVIAREQTFWVDSVVRNPIPKKAIPSIRNPHSKYKRGTLTAK
DIAKLVAPEMPLTEVRKSHLAEKKELAEREVPKLTEEDMEAIGARVFEFLEKQKRE
;
Q
18 'polypeptide(L)'
;SRTSMKDSAGRRLGPKKYEGQDVSTGEIIMRQRGTKFYPGENVGIGKDHSIFALEPGVVRYYLDPFHPKRKFIGVALRRD
LKLPSPHFEPTVRRFGRFELTNKRAAYKEENSISRKDYLAKPNILKQLEVRESKRKELQDKLSKVLRDELKLDIKDIELA
TSYLIRVRASLKNGYPIEDARFNSRYYLKEEERLKARRESWTNEKLSESLSKIDECSDLLNSSTSFNNKLELHQYISEQE
KQALKAKLLEDLEKSQHLETKKDKNYIKALFKDACNFLTLSEEVHLRRKYLKSVFPETDSTVETKSGKKSIVSRRFDYTK
NKVEVIARSRRAFLSKL
;
R
19 'polypeptide(L)'
;RQWRLIETRKIAKQPNYQVGDAKPLHMPKERKKFPDYKYGESNIFKQSNKGLYGGSFVQFGNNISESKAKTRKKWLPNVV
KKGLWSETLNRKISIKMTAKVLKTISKEGGIDNYLTKEKSARIKELGPTGWKLRYRVLKRKDEIENPPHKDAPIIEMAGG
KKAKIYYDEIVNGSPRKISVGRRRLMSFLYPLEKLEYRSVGKDLNYKKFVELFADV
;
S
20 'polypeptide(L)'
;ARTKFTKPKPKQPVLPKDKIRPPTQLTHHSNNLRITEPIPPTTSNLRCPDDHPLWQFFSNKKFIRSADDLPPSSHIRPWS
IPELRHKSFNDLHSLWYNCLREQNVLARENHLLKNIVGSTHDEFSELSNSIRTTMWQIRHVLNERELAYSASREFLQDES
ERKKFLDTLANDYFLNKDIPDDEVASMLTRFQLAIFGISETIQDNTVDINFIDGIKFLANLKLQR
;
T
21 'polypeptide(L)'
;VFYKVTLSRSLIGVPHTTKSIVKSLGLGKRGSIVYKKVNPAIAGSLAKVKELVKVEVTEHELTPSQQRELRKSNPGFIVE
KR
;
U
22 'polypeptide(L)'
;MLKSIFAKRFASTGSYPGSTRITLPRRPAKKIQLGKSRPAIYHQFNVKMELSDGSVVIRRSQYPKGEIRLIQDQRNNPLW
NPSRDDLVVVDANSGGSLDRFNKRYSSLFSVDSTTPNSSSETVELSEENKKKTQIKKEEKEDVSEKAFGMDDYLSLLDDS
EQQIKSGKLASKKRDKK
;
V
23 'polypeptide(L)'
;AVPKKKVSHQKKRQKLYGPGKKQLKMIHHLNKCPSCGHYKRANTLCMYCVGQISHIWKTHTAKEEIKPRQEEELSELDQR
VLYPGRRDTKYTKDLKDKDNYLERRVRTLKKD
;
W
24 'polypeptide(L)' SKNSVIKLLSTAASGYSRYISIKKGAPLVTQVRYDPVVKRHVLFKEAKKRKVAERKPLDFLRTA X
25 'polypeptide(L)' KSRGNTYQPSTLKRKRTFGFLARAKSKQGSKILKRRKLKGRWFLSH Y
26 'polypeptide(L)' LMKTHKGTAKRWRRTGNTFKRGIAGRKHGNIGWSHRSLKALTGRKIAHPAYSKHLKRLLPYH Z
27 'polypeptide(L)' FKVRTSVKKFCSDCYLVRRKGRVYIYCKSNKKHKQRQG 0
28 'polypeptide(L)'
;HIWSDFTTRPSSLSIQSSKVKNYLFQKKASLDPPSISRRSNRIKYSPPEHIDEIFRMSYDFLEQRSSKFYELANKTKNPL
KKDALLIKAEINNPEVQYNFQFNNKLNNVKDIIDYDVPVYRHLGKQHWESYGQMLLMQRLETLAAIPDTLPTLVPRAEVN
IKFPFSTGVNKWIEPGEFLSSNVTSMRPIFKIQEYELVNVEKQLYTVLIVNPDVPDLSNDSFKTALCYGLVNINLTYNDN
LIDPRKFHSSNIIADYLPPVPEKNAGKQRFVVWVFRQPLIEDKQGPNMLEIDRKELSRDDFDIRQFTKKYNLTAIGAHIW
RSEWDAKVAAVREKYGLPPGRVFSRVRR
;
1
29 'polypeptide(L)'
;SLSPLAQRVVTQLSVMSASRKQPKLLKLAREDLIKHQTIEKCWSIYQQQQRERRNLQLELQYKSIERSMNLLQELSPRLF
EAANASEKGKRFPMEMKVPTDFPPNTLWHYNFR
;
2
30 'polypeptide(L)'
;LTRPWKKYRDGELFYGLSKVGNKRVPLTTKQGNKTMYKGTRASGIGRHTKFGGYVINWKKVRTYVTPDMVNFELKPYVNA
NVPPLKHEFKGFSGGPLDPRLQLLKIKEYIVNGRVQSEGATDTSCYKERG
;
3
31 'polypeptide(L)'
;VVKAIARNSIGRNGVGAFVFPCRKITLQFCNWGGSSEGMRKFLTSKRLDKWGQEFPWIQFEVMRKSGHPLLRAEYTNGRE
KVICVRNLNIDNVENKLKLLKDSDGDILRRRTKNDNVESLNSSVRGIWSPLHAAKRHR
;
4
32 'polypeptide(L)'
;ESELAKYKEYYQGLKSTVNEIPESVASKSPSLRTLHKRLQLPNELTYSTLSRCLTCPSAKLPDKINNPTKGAAFVNTVPT
NKYLDNHGLNIMGKNLLSYHVTKSIIQKYPRLPTVVLNAAVNAYISEAVLAHIAKYWGIEVETTSVLSRYLKMEPFEFTL
GRLKFFNNSLNSKDGIELITGKNFSETSALAMSVRSIIAAIWAVTEQKDSQAVYRFIDDHIMSRKLDITKMFQFEQPTRE
LAMLCRREGLEKPVSKLVAESGRLSKSPVFIVHVFSGEETLGEGYGSSLKEAKARAATDALMKWYCYEPLAQQEPVIDPG
TVVV
;
5
33 'polypeptide(L)'
;MKVNLMLKRGLATATATASSAPPKIKVGVLLSRIPIIKSELNELEKKYYEYQSELEKRLMWTFPAYFYFKKGTVAEHKFL
SLQKGPISKKNGIWFPRGIPDIKHGRERSTKQEVKLSDDSTVAFSNNQKEQSKDDVNRPVIPNDRITEADRSNDMKSLER
QLSRTLYLLVKDKSGTWKFPNFDLSDESKPLHVHAENELKLLSGDQIYTWSVSATPIGVLQDERNRTAEFIVKSHILAGK
FDLVASKNDAFEDFAWLTKGEISEYVPKDYFNKTEFLLADN
;
6
34 'polypeptide(L)'
;APIFPKLEDVKMHELIGNNNFGKKTYYVERSRTGNLPVYSAYKNGGNKIITEIRKIEGDVIQLRNDLQEQLPFIPKKSWS
VVMQSKKIIIKGNAVEAVKRVLTKKF
;
7
35 'polypeptide(L)'
;MSSLLKLHCIRPLPQRSVWLSGYKQKARCIHSSAANGDFMSWFKRKKQEEHQEPVKDTKQLIKDIEEGTNEASSQSSSNN
KNRLELIPENFIGEGSRRCKRQKELKLAVSSAPFNQWLSRDKITSDNQLDDMILQATEKTLGKVDQDVQFSDLVAKFQFT
KFLQSKSGYLIPDYELTTLSTPLQFKRYIKEKILPSANDPKLAYKEAEPNAIHPFSDNYASPNIYVVNDVTSKEQKSKYD
TIMKEIQKLEDDATRKALETARSA
;
8
36 'polypeptide(L)'
;VIYLHKGPRINGLRRDPESYLRNPSGVLFTEVNAKECQDKVRSILQLPKYGINLSNELILQCLTHKSFAHGSKPYNEKLN
LLGAQFLKLQTCIHSLKNGSPAESCENGQLSLQFSNLGTKFAKELTSKNTACTFVKLHNLDPFIFWKMRDPIKDGHINGE
TTIFASVLNAFIGAILSTNGSEKAAKFIQGSLLDKEDLHSLVNIANENVASAKAK
;
9
37 'polypeptide(L)'
;KQFGFPKTQVTTIYNKTKSASNYKGYLKHRDAPGMYYQPSESIATGSVNSETIPRSFMAASDPRRGLDMPVQSTKAKQCP
NVLVGKSTVNGKTYHLGPQEIDEIRKLRLDNPQKYTRKFLAAKYGISPLFVSMVSKPSEQHVQIMESRLQEIQSRWKEKR
RIAREDRKRRKLLWYQA
;
a
38 'polypeptide(L)'
;YKQYFDSLPLKLKSFFQRYPPSIKYSPVSTSTKAINANPFLPNKHPVTQRFHDPKYSLRRMSDVYKLALRYGVEEFLPPI
ENTKKLFFEEKYNKKTLMKGVLLPKGHKHELKLNEKLKKREEALKKVDELIASKKGSKYAKRVEKMKKNQSIGWF
;
b
39 'polypeptide(L)'
;GGLLWKIPWRMSTHQKTRQRERLRNVDQVIKQLTLGLHVQRCQDKGLTYQEAMESKKKYKPRSKSLRLLNKPSVFPKENQ
MSSKDKYWTFDKKAVGYRKGIHKVPKWTKISIRKAPKFF
;
c
40 'polypeptide(L)'
;MKVNHSISRFRPASWFEKTKIIPPQVYIFRNLEYGQVLYSQFPNFSQTQVDKLFVRPNWSNRKPSLRRDIWKCMCVVNLQ
NYKQSVHLYQNLCRLRYLRDVAQRKESDKLRKKDSNGHVWYSGQYRPTYCQEAVADLRESLLKVFENATPAEKQTVPAKK
PSIYWEDPWRMGDKDKHWNYDVFNALGLEHKLIQRVGNIAREESVILKELAKLES
;
d
41 'polypeptide(L)'
;MTLAELLGRSRIAQVANNHKPLTYTGKKFHPTHQIIETKPSTLYRQEWGLKSAIPSKIKSRYLVYNDLDTLERITTFEPR
GGTQWNRLRFQEMGVPIVSNIGRQNPFFKYISRPEDESHAKLSLFKEMKGDTDISPAAMKKRLKKITALIRSFQDEFKEW
LVENHPDELKLNSNKLEDYVVKFLNKKLETKTNKKFNTEIIGTGGLSYSLPGKLKNSPNGVIQRTVVPGRILNVVKENND
NKWLAAIGGFVADVVFFQSPPSSFNSMGDFIRMKTFLFEILEASMEKNGSVSMHARLLEPQNDKTREFFNKRPIYKPLTS
RRARRPSVGNIQEANNLLNIIKGN
;
AA
42 'polypeptide(L)'
;PYPNLIPSANDKPYSSQELFLRQLNHSMRTAKLGATISKVYYPHKDIFYPPLPENITVESLMSAGVHLGQSTSLWRSSTQ
SYIYGEYKGIHIIDLNQTLSYLKRAAKVVEGVSESGGIILFLGTRQGQKRGLEEAAKKTHGYYVSTRWIPGTLTNSTEIS
GIWEKQEIDSNDNPTERALSPNETSKQVKPDLLVVLNPTENRNALLEAIKSRVPTIAIIDTDSEPSLVTYPIPGNDDSLR
SVNFLLGVLARAGQRGLQNRLARNNE
;
BB
43 'polypeptide(L)'
;MKLKLLNMILSMMNKTNNNNNIIINNTLDSLMNKKLLLKNMLLDMNNKKMNNMKRMLNNNNMNPAGANPVVHRIGPAGNI
NNKLQHLNNMNNWNTQIYNYNKNMEIMNTMNDKLINKLLYKMMTLKLNNMNINKIIMSKTINQHSLNKLNIKFYYYNNDI
NNNNNNNNNNYYMNMMNKLMNIMNNNMNNNLCNILSYYYKKKVTIEPIKLSYIYLNSDIFSKYISLNDMDKYNNGILTNY
QRMLNNIMPKLNDHNISMNYINNINNINNNKYNNMINLLNNNNNINNNNNYNNNNNNYIGNINNIYNNMTIDNIPMDILM
YKYLVGWSIKFKGRLSNNNGRTSTTNLLNGTFNNKKYLWSNINNNYKLNYIPSNHNLYNNSNINKNGKYNIKVKLNFI
;
CC
44 'polypeptide(L)'
;MPRKANLLKSLARGRVRTSFNKYNLFNLYKKGGVDLKSKSLYQQKWTAKQETRAYHGEHLTEKRWQTVFKPKLDSVAQLD
ASLRGGEIKETPFLLQTFAVLEKRLDFALFRAMFASSVRQARQFILHGNVRVNGVKIKHPSYTLKPGDMFSVKPDKVLEA
LGAKKPSFQEALKIDKTQIVLWNKYVKEAKTEPKEVWEKKLENFEKMSDSNPKKLQFQEFLRQYNKNLESQQYNALKGCT
QEGILRKLLNVEKEIGKSNNEPLSIDELKQGLPEIQDSQLLESLNNAYQEFFKSGEIRREIISKCQPDELISLATEMMNP
NETTKKELSDGAKSALRSGKRIIAESVKLWTKNITDHFKTRMSDISDGSLTFDPKWAKNLKYHDPIKLSELEGDEPKARK
LINLPWQKNYVYGRQDPKKPFFTPWKPRPFLSPFAILPHHLEISFKTCHAVYLRDPVARPGQSEVISPFDVPVHERAYMY
YLRNGK
;
DD
45 'polypeptide(L)'
;QHYDESLLSRYYPESLLKSIKLAQQTIPEDTKFRVSRNVEFAPPYLDDFTKIHPFWDYKPGMPHLHAQEENNNFSIFRWD
QVQQPLPGEGNILPPGVSLPNDGGRKSKSADVAAGLHKQTGVDPDYITRKLTMKPLVMKRVSNQTGKGKIASFYALVVVG
DKNGMVGLGEGKSREEMSKAIFKAHWDAVRNLKEIPRYENRTIYGDIDFRYHGVKLHLRSAKPGFGLRVNHVIFEICECA
GIKDLSGKVYKSRNDMNIAKGTIEAFTKAQKTLDEVALGRGKKLVDVRKVYYS
;
EE
46 'polypeptide(L)'
;MLYELIGLVRITNSNAPKLEAKELSSTIGKLIIQNRGVVRDIVPMGIRYLPKIMKKDQEKHFRAYHFLMLFDSSAAVQSE
ILRTLKKDPRVIRSSIVKVDLDKQLDRASSLHRSLGKKSILELVN
;
FF
47 'polypeptide(L)'
;KIKPTAEQLAQWEALKSVPIPPRKNATLDHITNMIMRHGKKEKAQTILSRALYLVYCQTRQDPIQALEKSLDELAPLMMT
KTFNTGVAKASVIPVPLNKRQRNRIAWNWIVQSANQRVSSDFAVRLGEELTAIAKGTSSAFEKRDQIHKTAIAHRAYIQL
K
;
GG
48 'polypeptide(L)'
;SLVKLANTCAHLQNCSKVRVALTSIPYTKLQLQFAYNLYQQGFLSSLQKGSTMGPDKDFVEVTPDNISTRRLWVGLKYRD
NKPVLSSCKLISKPNSRIHLPMEDMKKLCSGVTIRNIKPLQPGELILVRAHNNIMDINEAISKKLDGEVLCRVK
;
HH
49 'polypeptide(L)'
;RRIVPKLATFYSANPNHEDRINRLERLLRKYIKLPSQNNNEAQQTKAPWISFDEYALIGGGTKLKPTQYTQLLYMLNKLH
NIDPQLTNDEITSELSQYYKKSSMLSNNIKIKTLDEFGRSIAVGKRKSSTAKVFVVRGTGEILVNGRQLNDYFLKMKDRE
SIMYPLQVIESVGKYNIFATTSGGGPTGQAESIMHAIAKALVVFNPLLKSRLHKAGVLTRDYRHVERKKPGKKKARKMPT
WVKR
;
II
50 'polypeptide(L)'
;STRPYPVNVEAVYYAPLKLPIKYGDLVADIQLRSYDNENLDFYSDFILRTGYYLGIPLTGPKPLPTRRERWTVIKSPFVH
AKSKENFERHTHKRLIRAWDTNPEVLQMLIAYITKHSMAGVGMKCNFFQRSEISLDLGSDANGLEKSLSNIDELYSLRND
DKAQTSAVGQKVLELLDSPDFKKHLE
;
JJ
51 'polypeptide(L)'
;KEEVVKYILHGKFTKNNTHLTFSSVVEDKNFHKNKGLTYNDTMLYYLNLPQKVKISLSTGCLGFRKAARGEYEAAFQTSG
RMFELIKEKNMLNKDIEVVMDDFGKGRAAFISALVGKEGASVVKKVVKISDATKLKFGGVRSPKMRRL
;
KK
52 'polypeptide(L)'
;ATLNQIKRGSGPPRRKKISTAPQLDQCPQRKGVVLRVMVLKPKKPNSAQRKACRVRLTNGNVVSAYIPGEGHDAQEHSIV
YVRGGRCQDLPGVKYHVIRGAGDLSGVVNRISSRSKYGAKKPSK
;
LL
53 'polypeptide(L)'
;VVHILGKGFKGKEVIKIALASKFYGIGKTTAEKICSKLGFYPWMRMHQLSEPQIMSIASELSTMTIEGDARAIVKDNIAL
KRKIGSYSGMRHTLHLPVRGQHTRNNAKTARKLNKIDRRG
;
MM
54 'polypeptide(L)'
;MGNFRFPIKTKLPPGFINARILRDNFKRQQFKENEILVKSLKFIARNMNLPTKLRLEAQLKLNALPNYMRSTQIKNRCVD
SGHARFVLSDFRLCRYQFRENALKGNLPGVKKGIW
;
NN
55 'polypeptide(L)'
;SAKAVKFLKAQRRKQKNEAKQATLKASTDKVDPVLGRADTPFITRIMAELKEPLVLSKGYNIEEVDKFLAAIESAKRERA
ELSGLNTEVVGIEDIEKLEDRREAILRILSMRNSENKNAIKMAVELARKEFERFPGDTGSSEVQAACMTVRIQNMANHIK
EHRKDFANTRNLRILVQQRQAILRYLKRDNPEKYYWTIQKLGLNDAAITDEFNMDRRYMQDYEFFGDKILIRDSKKVANQ
KRKEIRKQKRATF
;
OO
56 'polypeptide(L)'
;TCGLVRIRLARFGRKNSPVYNIVVANSRKARDAKPIEVLGTYVPVPSPVTKRELKRGVVPIKDVKLDFDRTKYWIGVGAQ
PSETVTKLLRKAGILNDAWATSKNSNVNRKVVFERMETL
;
PP
57 'polypeptide(L)'
;MARQNFLGLVVSQGKMQKTVKVRVETKVFNKKINKELFHRRDYLVHDEGEISREGDLVRIEATRPLSKRKFFAIAEIIRN
KGQQFALYESEAQLSVAKEEAQKAKEFLDKRSVRENKLNEKTTLLRDIRTIQDALSSGSTPKELLEIKQRYGIQDFSQET
VRQLLQLDISGLEVNLEKQRSLIDRIQTRLSELLSNDLKCDQFLKDHGVEDPLTLKKNIKKNLLRKHVMMDMQQPSQ
;
QQ
58 'polypeptide(L)'
;KIDQSLSKKLPKGTIYDPFDFSMGRIHLDRKYQANKNSNRNDIMKSGANPLEFYARPRILSRYVTSTGRIQHRDITGLSA
KNQRRLSKAIRRCQAIGLM
;
RR
59 'polypeptide(L)' SRSVWKGPNIVPLPIREAMTKGTPIRTNARAATILPQFVGLKFQIHNGKEYVPIEISEDMVGHKLGEFAPTRKRFSYTQT SS
60 'polypeptide(L)'
;AEIARSSVENAQMRFNSGKSIIVNKNNPAESFKRLNRIMFENNIPGDKRSQRFYMKPGKVAELKRSQRHRKEFMMGFKRL
IEIVKDAKRKGY
;
TT
61 'polypeptide(L)'
;MKIQTNAVNVLQRTSAYLKSGLLKETPAWYNVVASIPPSTKFTREPRFKNPSNGHIIGKLVDVTEQPHANNKGLYKTRPN
SSDKRVGVKRLYRPPKLTYVEDRLRSLFYKQHPWELSRPKILVENEIGDENYDWSHMLQIGRPLDGESVIQRTMYLIKTK
QYGDMVEAYDHARYEFYALRMQEETEQQVALEEAEMFGSLFGVSAIEHGIQKEQEVLDVWEKKVVEETELMAA
;
UU
62 'polypeptide(L)'
;GKGAAKYGFKSGVFPTTRSILKSPTTKQTDIINKVKSPKPKGVLGIGYAKGVKHPKGSHRLSPKVNFIDVDNLIAKTVAE
PQSIKSSNGSAQKVRLQKAELRRKFLIEAFRKEEARLLHKHEYLQKRTKELEKAKELELEKLNKEKSSDLTIMTLDKMMS
QPLLRNRSPEESELLKLKRNYNRSLLNFQAHKKKLNELLNLYHVANEFIVTESQLLKKIDKVFNDETEEFTDA
;
VV
63 'polypeptide(L)'
;RVTPGSLYKNWTNTTHTAQLQQTAVPLALPIFNFDDISKTLNKVVSYSNKQYKSLHHLGSFKKSQFNELFQKPVCLVRED
ATNSFLKKLVSHPVKKFIITGEPGVGKTVLLSQAHAYAVDSKQIIINISYPELFLNGRNDFSYDDDLKLFIQPMYLKKLI
RKILKANDPALLKSIELSKDYKFSNANPKNASVKPFVTLNKTKNTVLDLLSVMTHPHNRGKLMKAIIDELSVQSKVPIMF
TVDNFSKVLTTAYSAYRNTENKQIYSLDLQMGKLMMDIISGETKFANGESSTILAISGVDRTNKTLPVALGKIPVDPYVT
RYHYEPKFVELLQKGNVTEFEVPKLNKQEVNELIDYYKQSNVLLDKDITGKKWENLIDEKYFLSGNGNPRELLKSLVLSH
R
;
WW
64 'polypeptide(L)'
;MNVPKARLLKVAELSAKIFDQNFNPSGIRTGSKILNERLKGPSVASYYGNPDILKFRHLKTLYPDIEFVDLEEQYRLSMV
EAKKRRGKGAPKKMKK
;
XX
65 'polypeptide(L)'
;SADLYMHPEKWKGLPPQRILELYWERMARLGSEYKPNKDELNALLTTSEYSNVPVNDIKKLYHRGEQGAIDIKGGNVNRD
NSLRPFMFDELPSQAQELVAQHREQRFYNRLAAYELPLLAQYRQEYKRPSPESHPVTYRYTSYVGEEHPNSRKVVLSVKT
KELGLEEKSLHKFRILARSRYDHTTDIFKMSSDKFEHASQNARYLHDILQRLLAESKDLTEDDFSDVPLDTRHTIAKSLR
KKKRDYEFPEHWKRPEDAPKKKFDIVDQLLSTL
;
YY
66 'polypeptide(L)'
;PPVYRLPPLPRLKVKKPIIRQEANKCLVLMSNLLQCWSSYGHMSPKCAGLVTELKSCTSESALGKRNNVQKSNINYHAAR
LYDRINGKPHD
;
ZZ
67 'polypeptide(L)' DSVMRKRKKKMKKHKLRKRRKREKAERRKLSQGR 11
68 'polypeptide(L)'
;TIPKPSDQVPDVDAFLNKIGRNCNELKDTFENNWNNLFQWDSKILKEKGVNIQQRKYILKQVHNYRNNRPIHEIKLGKKS
FFGGERKRKAFTAKWKAEN
;
22
69 'polypeptide(L)'
;IHVVPKLPNSKALLQNGVPNILSSSGFKTVWFDYQRYLCDKLTLATAGQSLESYYPFHILLKTAGNPLQSNIFNLASSIH
NNHLFVENILPSAVEHGTNSNAVVKTEPSRLFLSKIKDSFNGSDWEVVKEEMIYRAENEVLGQGWLFLVENNEKKLFILT
SNNNGTPYYFPRNQSFDLNSAISIDEFATLKQMKELIGKSTKLNGKVQDWTMPIICVNLWDHAYLHDYGVGNRSKYVKNV
LDNLNWSVVNNRIFS
;
33
70 'polypeptide(L)'
;MLRFTGARAIRKYSTRYALEHLKEGAPLKGLFSIEGLQKAWFDRVKYLDAKLNDCTNEAQQKPLETLIHENSKSASKKHI
VNYASSLYNLKFSMSSLQGCIRTPPEECPRLGPEALLQTPDFNRTISNEPLTTGNERLQAALISSFGSLMEFRTLLINSN
LAISGDGFTWLVARRQLDKRAMRNDMPNRDIEYDKLFILNTYNAGTPFNFSTSGVMNELNNQYTNMEKQRAKEAGNLEDS
EMTAKQAKTKFIYETQQKGFSGKEVSYIPLLAIDASPKTWLTDYGVFGKREYLERVWDSIEWKIVESRLPQRTKIQAFNT
L
;
44
71 'polypeptide(L)'
;MGTITVVINEGPILLIRALHRATTNKKMFRSTVWRRFASTGEIAKAKLDEFLIYHKTDAKLKPFIYRPKNAQILLTKDIR
DPKTREPLQPRPPVKPLSKQTLNDFIYSVEPNSTELLDWFKEWTGTSIRKRAIWTYISPIHVQKMLTASFFKIGKYAHMV
GLLYGIEHKFLKAQNPSVFDIEHFFNTNIMCALHRNRLKDYKDAEIAQRKLQVAWKKVLNRKNNTGLANILVATLGRQIG
FTPELTGLQPVDISLPDIPNSSSGAELKDLLSKYEGIYLIARTLLDIDQHNAQYLELQEFIRQYQNALSESSDPYDTHLK
ALGLLETPPPQESTEKEEK
;
55
72 'polypeptide(L)'
;FSRRRIAYPFYPFKKLGRQHPKKHDTNLKTAMRQFLGPKNYKGEYVMNKYFTVPTNHVPNYIKPDLERGQSLEHPVTKKP
LQLRYDGTLGPPPVENKRLQNIFKDRLLQPFPSNPHCKTNYVLSPQLKQSIFEEITVEGLSAQQVSQKYGLKIPRVEAIV
KLVSVENSWNRRNRVSSDLKTMDETLYRMFPVFDSDASFKRENLSEIPVPQKTLASRFLTIAESEPFGPVDAAHVLELEP
AVETLRNLSTVGEHSSGHQQSTNKNTKVIYGELVEGERSQYKFTNAKVGKVGYRYGSGNRDNKKDRRIGFNKLGQMVYI
;
66
73 'polypeptide(L)'
;SSEYVLEEPTPLSLLEYTPQVFPTKESRLVNFTLDSLKKSNYPIYRSPNLGILKVHDFTLNTPNFGKYTPGSSLIFAKEP
QLQNLLIEEDPEDFHRQVTGEYQLLKPYVKKDFEKLTKSKDTVSKLVQNSQVVRLSLQSVVMGSEEKKLVYDVCSGMKPI
SELQQ
;
77
74 'polypeptide(L)'
;APPVLFTVQDTARVITLNRPKKLNALNAEMSESMFKTLNEYAKSDTTNLVILKSSNRPRSFCAGGDVATVAIFNFNKEFA
KSIKFFTDEYSLNFQIATYLKPIVTFMDGITMGGGVGLSIHTPFRIATENTKWAMPEMDIGFFPDVGSTFALPRIVTLAN
SNSQMALYLCLTGEVVTGADAYMLGLASHYVSSENLDALQKRLGEISPPFNNDPQSAYFFGMVNESIDEFVSPLPKDYVF
KYSNEKLNVIEACFNLSKNGTIEDIMNNLRQYEGSAEGKAFAQEIKTKLLTKSPSSLQIALRLVQENSRDHIESAIKRDL
YTAANMCMNQDSLVEFSEATKHKLIDKQRVPYPWTKKEQLFVSQLTSITSPKPSLPMSLLRNTSNVTWTQYPYHSKYQLP
TEQEIAAYIEKRTNDDTGAKVTEREVLNHFANVIPSRRGKLGIQSLCKIVCERKCEE
;
88
75 'polyribonucleotide'
;GUAAAAAAUUUAUAAGAAUAUGAUGUUGGUUCAGAUUAAGCGCUAAAUAAGGACAUGACACAUGCGAAUCAUACGUUUAU
UAUUGAUAAGAUAAUAAAUAUGUGGUGUAAACGUGAGUAAUUUUAUUAGGAAUUAAUGAACUAUAGAAUAAGCUAAAUAC
UUAAUAUAUUAUUAUAUAAAAAUAAUUUAUAUAAUAAAAAGGAUAUAUAUAUAAUAUAUAUUUAUCUAUAGUCAAGCCAA
UAAUGGUUUAGGUAGUAGGUUUAUUAAGAGUUAAACCUAGCCAACGAUCCAUAAUCGAUAAUGAAAGUUAGAACGAUCAC
GUUGACUCUGAAAUAUAGUCAAUAUCUAUAAGAUACAGCAGUGAGGAAUAUUGGACAAUGAUCGAAAGAUUGAUCCAGUU
ACUUAUUAGGAUGAUAUAUAAAAAUAUUUUAUUUUAUUUAUAAAUAUUAAAUAUUUAUAAUAAUAAUAAUAAUAAUAUAU
AUAUAUAAAUUGAUUAAAAAUAAAAUCCAUAAAUAAUUAAAAUAAUGAUAUUAAUUACCAUAUAUAUUUUUAUAUGGAUA
UAUAUAUUAAUAAUAAUAUUAAUUUUAUUAUUAUUAAUAAUAUAUUUUAAUAGUCCUGACUAAUAUUUGUGCCAGCAGUC
GCGGUAACACAAAGAGGGCGAGCGUUAAUCAUAAUGGUUUAAAGGAUCCGUAGAAUGAAUUAUAUAUUAUAAUUUAGAGU
UAAUAAAAUAUAAUUAAAGAAUUAUAAUAGUAAAGAUGAAAUAAUAAUAAUAAUUAUAAGACUAAUAUAUGUGAAAAUAU
UAAUUAAAUAUUAACUGACAUUGAGGGAUUAAAACUAGAGUAGCGAAACGGAUUCGAUACCCGUGUAGUUCUAGUAGUAA
ACUAUGAAUACAAUUAUUUAUAAUAUAUAUUAUAUAUAAAUAAUAAAUGAAAAUGAAAGUAUUCCACCUGAAGAGUACGU
UAGCAAUAAUGAAACUCAAAACAAUAGACGGUUACAGACUUAAGCAGUGGAGCAUGUUAUUUAAUUCGAUAAUCCACGAC
UAACCUUACCAUAUUUUGAAUAUUAUAAUAAUUAUUAUAAUUAUUAUAUUACAGGCGUUACAUUGUUGUCUUUAGUUCGU
GCUGCAAAGUUUUAGAUUAAGUUCAUAAACGAACAAAACUCCAUAUAUAUAAUUUUAAUUAUAUAUAAUUUUAUAUUAUU
UAUUAAUAUAAAGAAAGGAAUUAAGACAAAUCAUAAUGAUCCUUAUAAUAUGGGUAAUAGACGUGCUAUAAUAAAAUGAU
AAUAAAAUUAUAUAAAAUAUAUUUAAUUAUAUUUAAUUAAUAAUAUAAAACAUUUUAAUUUUUAAUAUAUUUUUUUAUUA
UAUAUUAAUAUGAAUUAUAAUCUGAAAUUCGAUUAUAUGAAAAAAGAAUUGCUAGUAAUACGUAAAUUAGUAUGUUACGG
UGAAUAUUCUAACUGUUUCGCACUAAUCACUCAUCACGCGUUGAAACAUAUUAUUAUCUUAUUAUUUAUAUAAUAUUUUU
UAAUAAAUAUUAAUAAUUAUUAAUUUAUAUUUAUUUAUAUCAGAAAUAAUAUGAAUUAAUGCGAAGUUGAAAUACAGUUA
CCGUAGGGGAACCUGCGGUGGGCUUAUAAAUAUCUUAAAUAUUCUUACA
;
aa
76 'polyribonucleotide' GGCUACGUAGCUCAGUUGGUAGAGCACAUCACUCAUAAUGAUGGGGUCACAGGUUCGAAUCCCGUCGUAGCCACCA bb
77 'polypeptide(L)'
;(UNK)(UNK)(UNK)(UNK)(UNK)(UNK)(UNK)(UNK)(UNK)(UNK)(UNK)(UNK)(UNK)(UNK)(UNK)(UNK)
(UNK)(UNK)(UNK)(UNK)(UNK)(UNK)(UNK)(UNK)(UNK)(UNK)(UNK)(UNK)(UNK)(UNK)(UNK)(UNK)
(UNK)(UNK)(UNK)(UNK)(UNK)(UNK)(UNK)(UNK)(UNK)(UNK)(UNK)(UNK)(UNK)(UNK)(UNK)(UNK)
(UNK)(UNK)(UNK)(UNK)(UNK)(UNK)(UNK)(UNK)(UNK)(UNK)(UNK)(UNK)(UNK)(UNK)(UNK)(UNK)
(UNK)(UNK)(UNK)(UNK)(UNK)(UNK)(UNK)(UNK)(UNK)(UNK)(UNK)(UNK)(UNK)(UNK)(UNK)(UNK)
(UNK)(UNK)(UNK)(UNK)(UNK)(UNK)(UNK)(UNK)(UNK)(UNK)(UNK)(UNK)(UNK)(UNK)
;
cc
78 'polypeptide(L)'
;(UNK)(UNK)(UNK)(UNK)(UNK)(UNK)(UNK)(UNK)(UNK)(UNK)(UNK)(UNK)(UNK)(UNK)(UNK)(UNK)
(UNK)(UNK)(UNK)(UNK)(UNK)(UNK)(UNK)(UNK)(UNK)(UNK)(UNK)(UNK)(UNK)(UNK)(UNK)(UNK)
(UNK)(UNK)(UNK)(UNK)(UNK)(UNK)(UNK)(UNK)(UNK)(UNK)(UNK)(UNK)(UNK)(UNK)(UNK)(UNK)
(UNK)(UNK)(UNK)(UNK)(UNK)(UNK)(UNK)(UNK)(UNK)(UNK)(UNK)(UNK)(UNK)(UNK)(UNK)(UNK)
(UNK)(UNK)(UNK)(UNK)(UNK)(UNK)(UNK)(UNK)(UNK)(UNK)(UNK)(UNK)(UNK)(UNK)(UNK)(UNK)
(UNK)(UNK)(UNK)(UNK)(UNK)(UNK)(UNK)(UNK)(UNK)(UNK)(UNK)(UNK)(UNK)(UNK)(UNK)(UNK)
(UNK)(UNK)(UNK)(UNK)(UNK)(UNK)(UNK)(UNK)(UNK)(UNK)(UNK)(UNK)(UNK)(UNK)(UNK)(UNK)
(UNK)(UNK)(UNK)(UNK)(UNK)(UNK)(UNK)(UNK)(UNK)(UNK)(UNK)(UNK)(UNK)(UNK)(UNK)(UNK)
(UNK)(UNK)(UNK)(UNK)(UNK)(UNK)(UNK)(UNK)(UNK)(UNK)(UNK)(UNK)(UNK)(UNK)(UNK)(UNK)
(UNK)(UNK)(UNK)(UNK)(UNK)(UNK)(UNK)
;
dd
#
# COMPACT_ATOMS: atom_id res chain seq x y z
N LEU B 61 44.31 -75.14 -8.60
CA LEU B 61 43.35 -75.80 -7.66
C LEU B 61 42.48 -74.81 -6.92
N LYS B 62 41.35 -75.32 -6.42
CA LYS B 62 40.34 -74.50 -5.75
C LYS B 62 40.35 -74.68 -4.24
N ILE B 63 40.33 -73.55 -3.52
CA ILE B 63 40.26 -73.51 -2.07
C ILE B 63 39.03 -72.76 -1.63
N ILE B 64 37.96 -73.51 -1.42
CA ILE B 64 36.72 -72.92 -0.95
C ILE B 64 36.79 -72.68 0.56
N PRO B 65 36.26 -71.52 1.02
CA PRO B 65 36.02 -71.37 2.45
C PRO B 65 34.83 -72.19 2.91
N ASN B 66 35.05 -73.07 3.87
CA ASN B 66 33.99 -73.89 4.42
C ASN B 66 32.97 -73.07 5.18
N ASP B 67 31.73 -73.58 5.21
CA ASP B 67 30.61 -72.95 5.90
C ASP B 67 29.98 -74.01 6.82
N THR B 68 30.82 -74.57 7.70
CA THR B 68 30.45 -75.74 8.53
C THR B 68 30.66 -75.50 10.02
N ASP B 69 29.71 -76.01 10.83
CA ASP B 69 29.61 -75.87 12.31
C ASP B 69 28.86 -74.65 12.81
N ILE B 70 27.78 -74.29 12.12
CA ILE B 70 27.02 -73.02 12.40
C ILE B 70 25.83 -73.43 13.22
N VAL B 71 25.58 -72.71 14.31
CA VAL B 71 24.47 -73.04 15.21
C VAL B 71 23.21 -72.42 14.64
N THR B 72 22.10 -73.03 15.02
CA THR B 72 20.76 -72.53 14.76
C THR B 72 20.57 -71.06 15.11
N LEU B 73 21.08 -70.69 16.28
CA LEU B 73 21.00 -69.34 16.78
C LEU B 73 21.82 -68.33 16.00
N GLU B 74 23.06 -68.70 15.66
CA GLU B 74 23.90 -67.88 14.80
C GLU B 74 23.25 -67.62 13.46
N LYS B 75 22.69 -68.68 12.89
CA LYS B 75 21.90 -68.61 11.66
C LYS B 75 20.74 -67.62 11.78
N GLN B 76 20.01 -67.73 12.90
CA GLN B 76 18.88 -66.85 13.20
C GLN B 76 19.30 -65.38 13.26
N ASP B 77 20.42 -65.12 13.92
CA ASP B 77 21.00 -63.77 13.99
C ASP B 77 21.39 -63.23 12.65
N GLU B 78 22.07 -64.06 11.88
CA GLU B 78 22.47 -63.72 10.51
C GLU B 78 21.24 -63.31 9.70
N LEU B 79 20.19 -64.11 9.81
CA LEU B 79 18.90 -63.84 9.17
C LEU B 79 18.30 -62.50 9.59
N ILE B 80 18.34 -62.23 10.89
CA ILE B 80 17.89 -60.96 11.47
C ILE B 80 18.68 -59.79 10.90
N LYS B 81 19.99 -59.95 10.87
CA LYS B 81 20.93 -58.95 10.32
C LYS B 81 20.62 -58.64 8.86
N ARG B 82 20.36 -59.69 8.08
CA ARG B 82 19.96 -59.58 6.68
C ARG B 82 18.65 -58.79 6.52
N ARG B 83 17.66 -59.15 7.34
CA ARG B 83 16.37 -58.46 7.39
C ARG B 83 16.53 -56.96 7.67
N ARG B 84 17.33 -56.65 8.69
CA ARG B 84 17.65 -55.27 9.06
C ARG B 84 18.29 -54.49 7.90
N LYS B 85 19.22 -55.14 7.21
CA LYS B 85 19.88 -54.58 6.04
C LYS B 85 18.90 -54.28 4.91
N LEU B 86 18.00 -55.23 4.66
CA LEU B 86 16.92 -55.07 3.69
C LEU B 86 16.01 -53.88 4.00
N SER B 87 15.62 -53.79 5.27
CA SER B 87 14.80 -52.69 5.77
C SER B 87 15.47 -51.34 5.56
N LYS B 88 16.77 -51.30 5.82
CA LYS B 88 17.60 -50.09 5.68
C LYS B 88 17.59 -49.50 4.27
N GLU B 89 17.69 -50.36 3.25
CA GLU B 89 17.77 -49.89 1.85
C GLU B 89 16.44 -49.26 1.41
N VAL B 90 16.53 -48.19 0.62
CA VAL B 90 15.38 -47.35 0.29
C VAL B 90 14.75 -47.72 -1.06
N THR B 91 13.53 -47.23 -1.28
CA THR B 91 12.79 -47.49 -2.51
C THR B 91 13.31 -46.57 -3.62
N GLN B 92 13.82 -47.18 -4.69
CA GLN B 92 14.40 -46.46 -5.81
C GLN B 92 13.33 -46.11 -6.84
N MET B 93 13.37 -44.90 -7.38
CA MET B 93 12.33 -44.40 -8.29
C MET B 93 12.82 -44.43 -9.74
N LYS B 94 11.90 -44.74 -10.65
CA LYS B 94 12.20 -44.83 -12.08
C LYS B 94 12.08 -43.45 -12.74
N ARG B 95 13.17 -43.02 -13.37
CA ARG B 95 13.17 -41.77 -14.14
C ARG B 95 13.85 -42.02 -15.48
N LEU B 96 13.04 -42.02 -16.55
CA LEU B 96 13.55 -42.18 -17.91
C LEU B 96 14.14 -40.85 -18.34
N LYS B 97 14.98 -40.88 -19.37
CA LYS B 97 15.53 -39.66 -19.94
C LYS B 97 14.42 -38.89 -20.65
N PRO B 98 14.32 -37.57 -20.39
CA PRO B 98 13.15 -36.82 -20.85
C PRO B 98 13.22 -36.42 -22.34
N VAL B 99 13.33 -37.42 -23.22
CA VAL B 99 13.43 -37.16 -24.67
C VAL B 99 12.09 -36.66 -25.24
N SER B 100 11.01 -36.97 -24.54
CA SER B 100 9.68 -36.39 -24.78
C SER B 100 9.33 -35.52 -23.57
N PRO B 101 8.57 -34.42 -23.78
CA PRO B 101 8.16 -33.60 -22.62
C PRO B 101 7.15 -34.29 -21.69
N GLY B 102 6.44 -35.30 -22.19
CA GLY B 102 5.57 -36.14 -21.36
C GLY B 102 6.34 -37.03 -20.39
N LEU B 103 7.54 -37.45 -20.75
CA LEU B 103 8.41 -38.23 -19.85
C LEU B 103 8.99 -37.44 -18.69
N ARG B 104 9.13 -36.13 -18.85
CA ARG B 104 9.90 -35.29 -17.93
C ARG B 104 9.50 -35.44 -16.46
N TRP B 105 8.21 -35.64 -16.21
CA TRP B 105 7.68 -35.77 -14.84
C TRP B 105 7.03 -37.13 -14.57
N TYR B 106 7.50 -38.17 -15.25
CA TYR B 106 7.03 -39.53 -15.04
C TYR B 106 7.92 -40.23 -14.02
N ARG B 107 7.40 -40.36 -12.79
CA ARG B 107 8.06 -41.11 -11.72
C ARG B 107 7.17 -42.28 -11.31
N SER B 108 7.79 -43.46 -11.17
CA SER B 108 7.12 -44.65 -10.65
C SER B 108 8.12 -45.42 -9.80
N PRO B 109 7.69 -45.94 -8.63
CA PRO B 109 8.63 -46.62 -7.74
C PRO B 109 9.02 -48.00 -8.26
N ILE B 110 10.32 -48.29 -8.22
CA ILE B 110 10.86 -49.56 -8.73
C ILE B 110 10.83 -50.59 -7.61
N TYR B 111 10.18 -51.73 -7.89
CA TYR B 111 10.19 -52.89 -7.00
C TYR B 111 10.73 -54.08 -7.78
N PRO B 112 12.04 -54.38 -7.61
CA PRO B 112 12.65 -55.50 -8.36
C PRO B 112 12.21 -56.89 -7.88
N TYR B 113 11.94 -57.01 -6.58
CA TYR B 113 11.40 -58.25 -6.00
C TYR B 113 10.01 -58.61 -6.54
N LEU B 114 9.26 -57.60 -7.00
CA LEU B 114 7.94 -57.79 -7.62
C LEU B 114 7.98 -58.80 -8.77
N TYR B 115 6.90 -59.54 -8.92
CA TYR B 115 6.80 -60.61 -9.90
C TYR B 115 6.62 -60.03 -11.31
N LYS B 116 7.29 -60.63 -12.28
CA LYS B 116 7.18 -60.22 -13.69
C LYS B 116 6.63 -61.38 -14.51
N GLY B 117 5.42 -61.77 -14.16
CA GLY B 117 4.65 -62.79 -14.87
C GLY B 117 3.15 -62.55 -14.72
N ARG B 118 2.36 -63.44 -15.31
CA ARG B 118 0.90 -63.34 -15.25
C ARG B 118 0.43 -63.88 -13.89
N PRO B 119 -0.73 -63.38 -13.37
CA PRO B 119 -1.27 -63.93 -12.13
C PRO B 119 -1.86 -65.31 -12.37
N VAL B 120 -2.09 -66.07 -11.31
CA VAL B 120 -2.73 -67.38 -11.45
C VAL B 120 -4.15 -67.18 -11.98
N ARG B 121 -4.48 -67.89 -13.06
CA ARG B 121 -5.67 -67.61 -13.85
C ARG B 121 -6.97 -68.05 -13.17
N ALA B 122 -6.87 -69.05 -12.29
CA ALA B 122 -8.01 -69.53 -11.51
C ALA B 122 -8.50 -68.52 -10.46
N LEU B 123 -7.60 -67.67 -9.97
CA LEU B 123 -7.93 -66.67 -8.95
C LEU B 123 -8.35 -65.31 -9.56
N THR B 124 -8.39 -65.21 -10.88
CA THR B 124 -8.75 -63.96 -11.56
C THR B 124 -10.11 -64.07 -12.26
N VAL B 125 -10.94 -63.05 -12.06
CA VAL B 125 -12.22 -62.89 -12.75
C VAL B 125 -12.07 -61.66 -13.65
N VAL B 126 -12.91 -61.54 -14.68
CA VAL B 126 -12.89 -60.35 -15.54
C VAL B 126 -13.36 -59.11 -14.78
N ARG B 127 -12.66 -57.99 -15.02
CA ARG B 127 -13.03 -56.71 -14.43
C ARG B 127 -13.93 -56.00 -15.44
N LYS B 128 -15.24 -56.11 -15.22
CA LYS B 128 -16.23 -55.54 -16.13
C LYS B 128 -16.23 -54.02 -16.02
N LYS B 129 -16.06 -53.36 -17.16
CA LYS B 129 -16.10 -51.90 -17.21
C LYS B 129 -17.54 -51.40 -17.22
N HIS B 130 -17.73 -50.19 -16.71
CA HIS B 130 -19.03 -49.52 -16.69
C HIS B 130 -19.07 -48.11 -17.29
N GLY B 131 -17.92 -47.43 -17.35
CA GLY B 131 -17.88 -46.02 -17.74
C GLY B 131 -18.52 -45.08 -16.73
N GLY B 132 -18.65 -45.54 -15.49
CA GLY B 132 -19.41 -44.82 -14.46
C GLY B 132 -20.90 -44.68 -14.73
N ARG B 133 -21.46 -45.64 -15.47
CA ARG B 133 -22.90 -45.68 -15.75
C ARG B 133 -23.58 -46.71 -14.88
N ASN B 134 -24.66 -46.30 -14.21
CA ASN B 134 -25.52 -47.20 -13.45
C ASN B 134 -26.54 -47.94 -14.34
N ASN B 135 -27.38 -48.77 -13.74
CA ASN B 135 -28.39 -49.57 -14.46
C ASN B 135 -29.34 -48.83 -15.42
N SER B 136 -29.55 -47.53 -15.17
CA SER B 136 -30.22 -46.64 -16.13
C SER B 136 -29.50 -46.55 -17.48
N GLY B 137 -28.17 -46.63 -17.44
CA GLY B 137 -27.32 -46.37 -18.60
C GLY B 137 -26.84 -44.92 -18.66
N LYS B 138 -27.12 -44.17 -17.59
CA LYS B 138 -26.78 -42.75 -17.50
C LYS B 138 -25.54 -42.62 -16.64
N ILE B 139 -24.67 -41.68 -16.98
CA ILE B 139 -23.46 -41.40 -16.22
C ILE B 139 -23.85 -40.86 -14.85
N THR B 140 -23.62 -41.67 -13.82
CA THR B 140 -23.88 -41.29 -12.45
C THR B 140 -22.60 -40.71 -11.87
N VAL B 141 -21.51 -41.48 -11.94
CA VAL B 141 -20.20 -41.05 -11.52
C VAL B 141 -19.46 -40.51 -12.73
N ARG B 142 -19.04 -39.26 -12.65
CA ARG B 142 -18.33 -38.60 -13.74
C ARG B 142 -16.87 -39.03 -13.80
N HIS B 143 -16.26 -38.78 -14.95
CA HIS B 143 -14.80 -38.85 -15.14
C HIS B 143 -14.21 -40.28 -15.13
N GLN B 144 -15.04 -41.30 -15.33
CA GLN B 144 -14.60 -42.68 -15.41
C GLN B 144 -14.89 -43.23 -16.81
N GLY B 145 -13.92 -43.90 -17.41
CA GLY B 145 -14.05 -44.34 -18.80
C GLY B 145 -13.10 -45.43 -19.27
N GLY B 146 -12.69 -45.33 -20.53
CA GLY B 146 -11.96 -46.40 -21.21
C GLY B 146 -10.50 -46.51 -20.86
N GLY B 147 -10.22 -47.26 -19.79
CA GLY B 147 -8.85 -47.57 -19.40
C GLY B 147 -8.27 -48.72 -20.21
N HIS B 148 -7.26 -49.36 -19.64
CA HIS B 148 -6.74 -50.62 -20.15
C HIS B 148 -7.71 -51.72 -19.74
N ARG B 149 -7.67 -52.86 -20.44
CA ARG B 149 -8.40 -54.06 -20.03
C ARG B 149 -7.79 -54.58 -18.72
N ASN B 150 -8.63 -55.19 -17.88
CA ASN B 150 -8.18 -55.74 -16.60
C ASN B 150 -8.91 -57.01 -16.19
N ARG B 151 -8.31 -57.70 -15.22
CA ARG B 151 -8.91 -58.82 -14.51
C ARG B 151 -8.92 -58.48 -13.04
N THR B 152 -10.08 -58.57 -12.39
CA THR B 152 -10.14 -58.46 -10.93
C THR B 152 -9.57 -59.74 -10.32
N ARG B 153 -8.79 -59.58 -9.25
CA ARG B 153 -8.17 -60.70 -8.55
C ARG B 153 -8.93 -61.00 -7.27
N LEU B 154 -9.15 -62.28 -7.01
CA LEU B 154 -9.96 -62.73 -5.87
C LEU B 154 -9.04 -62.89 -4.68
N ILE B 155 -8.88 -61.81 -3.91
CA ILE B 155 -7.94 -61.79 -2.78
C ILE B 155 -8.71 -62.01 -1.47
N ASP B 156 -8.15 -62.88 -0.63
CA ASP B 156 -8.84 -63.35 0.57
C ASP B 156 -8.72 -62.32 1.70
N PHE B 157 -9.82 -61.61 1.96
CA PHE B 157 -9.89 -60.66 3.07
C PHE B 157 -10.31 -61.31 4.38
N ASN B 158 -11.16 -62.34 4.29
CA ASN B 158 -11.65 -63.04 5.48
C ASN B 158 -10.56 -63.79 6.25
N ARG B 159 -9.75 -64.58 5.54
CA ARG B 159 -8.62 -65.33 6.13
C ARG B 159 -9.07 -66.38 7.14
N TRP B 160 -9.85 -67.35 6.67
CA TRP B 160 -10.52 -68.31 7.55
C TRP B 160 -9.72 -69.57 7.84
N GLU B 161 -9.25 -70.24 6.77
CA GLU B 161 -8.76 -71.62 6.84
C GLU B 161 -7.77 -71.91 7.98
N GLY B 162 -6.79 -71.02 8.15
CA GLY B 162 -5.77 -71.20 9.18
C GLY B 162 -4.71 -72.21 8.77
N GLY B 163 -3.65 -72.31 9.57
CA GLY B 163 -2.47 -73.12 9.24
C GLY B 163 -1.45 -72.28 8.51
N ALA B 164 -0.19 -72.74 8.53
CA ALA B 164 0.93 -71.98 7.97
C ALA B 164 0.90 -71.98 6.45
N GLN B 165 1.12 -70.80 5.86
CA GLN B 165 1.07 -70.62 4.40
C GLN B 165 2.30 -69.81 3.97
N THR B 166 3.01 -70.29 2.96
CA THR B 166 4.22 -69.66 2.47
C THR B 166 3.90 -68.70 1.34
N VAL B 167 4.37 -67.45 1.43
CA VAL B 167 4.23 -66.48 0.33
C VAL B 167 5.19 -66.88 -0.81
N GLN B 168 4.61 -67.32 -1.93
CA GLN B 168 5.39 -67.77 -3.08
C GLN B 168 5.91 -66.61 -3.92
N ARG B 169 5.05 -65.61 -4.13
CA ARG B 169 5.42 -64.43 -4.92
C ARG B 169 4.56 -63.22 -4.59
N ILE B 170 5.09 -62.04 -4.91
CA ILE B 170 4.39 -60.77 -4.71
C ILE B 170 4.23 -60.09 -6.07
N GLU B 171 2.99 -59.71 -6.38
CA GLU B 171 2.61 -59.30 -7.73
C GLU B 171 2.16 -57.85 -7.79
N TYR B 172 2.17 -57.33 -9.02
CA TYR B 172 1.44 -56.11 -9.36
C TYR B 172 -0.03 -56.47 -9.50
N ASP B 173 -0.90 -55.58 -8.99
CA ASP B 173 -2.35 -55.72 -9.14
C ASP B 173 -2.88 -54.40 -9.71
N PRO B 174 -3.53 -54.46 -10.89
CA PRO B 174 -4.01 -53.22 -11.52
C PRO B 174 -5.21 -52.54 -10.84
N GLY B 175 -5.99 -53.29 -10.05
CA GLY B 175 -7.19 -52.76 -9.41
C GLY B 175 -7.04 -52.29 -7.97
N ARG B 176 -5.82 -52.05 -7.52
CA ARG B 176 -5.55 -51.62 -6.15
C ARG B 176 -4.12 -51.10 -5.98
N SER B 177 -3.97 -50.10 -5.12
CA SER B 177 -2.67 -49.49 -4.85
C SER B 177 -1.68 -50.43 -4.14
N SER B 178 -2.21 -51.33 -3.32
CA SER B 178 -1.40 -52.34 -2.62
C SER B 178 -0.88 -53.42 -3.57
N HIS B 179 0.25 -54.03 -3.20
CA HIS B 179 0.71 -55.26 -3.83
C HIS B 179 -0.08 -56.42 -3.24
N ILE B 180 -0.13 -57.53 -3.97
CA ILE B 180 -0.75 -58.76 -3.49
C ILE B 180 0.28 -59.88 -3.43
N ALA B 181 0.11 -60.77 -2.46
CA ALA B 181 1.04 -61.86 -2.22
C ALA B 181 0.33 -63.20 -2.43
N LEU B 182 0.85 -64.02 -3.34
CA LEU B 182 0.30 -65.35 -3.58
C LEU B 182 0.79 -66.29 -2.48
N LEU B 183 -0.12 -66.63 -1.57
CA LEU B 183 0.14 -67.62 -0.53
C LEU B 183 -0.05 -69.02 -1.08
N LYS B 184 0.69 -69.96 -0.50
CA LYS B 184 0.48 -71.39 -0.73
C LYS B 184 0.41 -72.07 0.63
N HIS B 185 -0.67 -72.79 0.88
CA HIS B 185 -0.87 -73.49 2.15
C HIS B 185 0.13 -74.65 2.23
N ASN B 186 0.87 -74.71 3.32
CA ASN B 186 1.96 -75.69 3.50
C ASN B 186 1.43 -77.13 3.56
N THR B 187 0.44 -77.34 4.44
CA THR B 187 -0.25 -78.63 4.56
C THR B 187 -1.15 -78.92 3.34
N THR B 188 -2.15 -78.07 3.12
CA THR B 188 -3.22 -78.30 2.14
C THR B 188 -2.76 -78.25 0.69
N GLY B 189 -1.85 -77.32 0.37
CA GLY B 189 -1.44 -77.05 -1.01
C GLY B 189 -2.37 -76.14 -1.81
N GLU B 190 -3.37 -75.56 -1.14
CA GLU B 190 -4.34 -74.67 -1.79
C GLU B 190 -3.72 -73.30 -2.00
N LEU B 191 -4.01 -72.70 -3.16
CA LEU B 191 -3.40 -71.43 -3.57
C LEU B 191 -4.40 -70.28 -3.40
N SER B 192 -3.90 -69.12 -3.01
CA SER B 192 -4.74 -67.95 -2.71
C SER B 192 -3.96 -66.64 -2.73
N TYR B 193 -4.66 -65.55 -2.98
CA TYR B 193 -4.09 -64.20 -2.91
C TYR B 193 -4.44 -63.54 -1.59
N ILE B 194 -3.58 -62.61 -1.18
CA ILE B 194 -3.70 -61.91 0.09
C ILE B 194 -3.05 -60.53 -0.09
N ILE B 195 -3.58 -59.50 0.56
CA ILE B 195 -2.95 -58.17 0.53
C ILE B 195 -1.53 -58.29 1.09
N ALA B 196 -0.56 -57.82 0.32
CA ALA B 196 0.84 -57.92 0.71
C ALA B 196 1.17 -56.90 1.79
N CYS B 197 1.85 -57.36 2.83
CA CYS B 197 2.33 -56.49 3.90
C CYS B 197 3.57 -55.73 3.42
N ASP B 198 4.04 -54.78 4.23
CA ASP B 198 5.15 -53.90 3.85
C ASP B 198 6.43 -54.67 3.52
N GLY B 199 7.05 -55.27 4.52
CA GLY B 199 8.32 -55.97 4.35
C GLY B 199 8.22 -57.41 3.86
N LEU B 200 7.02 -57.85 3.50
CA LEU B 200 6.80 -59.21 3.01
C LEU B 200 7.55 -59.42 1.69
N ARG B 201 8.22 -60.57 1.60
CA ARG B 201 8.97 -60.98 0.40
C ARG B 201 8.78 -62.47 0.17
N PRO B 202 8.98 -62.95 -1.08
CA PRO B 202 8.72 -64.37 -1.35
C PRO B 202 9.66 -65.30 -0.57
N GLY B 203 9.08 -66.31 0.08
CA GLY B 203 9.81 -67.16 1.02
C GLY B 203 9.28 -67.07 2.43
N ASP B 204 8.78 -65.88 2.82
CA ASP B 204 8.15 -65.67 4.14
C ASP B 204 6.99 -66.63 4.38
N VAL B 205 6.70 -66.88 5.66
CA VAL B 205 5.60 -67.75 6.08
C VAL B 205 4.65 -66.93 6.95
N VAL B 206 3.36 -67.09 6.69
CA VAL B 206 2.30 -66.42 7.46
C VAL B 206 1.21 -67.42 7.83
N GLU B 207 0.73 -67.34 9.07
CA GLU B 207 -0.42 -68.12 9.52
C GLU B 207 -1.65 -67.20 9.59
N SER B 208 -2.77 -67.75 10.05
CA SER B 208 -3.97 -66.97 10.36
C SER B 208 -4.69 -67.61 11.53
N PHE B 209 -4.94 -66.82 12.58
CA PHE B 209 -5.51 -67.34 13.83
C PHE B 209 -6.92 -66.79 14.05
N ARG B 210 -7.67 -66.70 12.95
CA ARG B 210 -9.01 -66.10 12.95
C ARG B 210 -10.01 -67.08 13.55
N ARG B 211 -9.87 -68.35 13.18
CA ARG B 211 -10.59 -69.46 13.84
C ARG B 211 -10.18 -69.57 15.30
N GLY B 212 -8.88 -69.50 15.56
CA GLY B 212 -8.31 -69.59 16.90
C GLY B 212 -6.90 -70.13 16.85
N ILE B 213 -6.28 -70.25 18.02
CA ILE B 213 -4.92 -70.81 18.13
C ILE B 213 -5.04 -72.33 17.97
N PRO B 214 -4.43 -72.90 16.91
CA PRO B 214 -4.58 -74.34 16.65
C PRO B 214 -3.76 -75.20 17.61
N GLN B 215 -4.01 -76.51 17.58
CA GLN B 215 -3.39 -77.46 18.51
C GLN B 215 -1.87 -77.68 18.29
N THR B 216 -1.35 -77.26 17.13
CA THR B 216 0.08 -77.31 16.86
C THR B 216 0.83 -76.32 17.77
N LEU B 217 0.42 -75.06 17.72
CA LEU B 217 1.07 -73.98 18.50
C LEU B 217 0.69 -74.03 19.99
N LEU B 218 -0.48 -74.60 20.31
CA LEU B 218 -0.96 -74.70 21.69
C LEU B 218 -0.10 -75.68 22.50
N ASN B 219 0.17 -76.85 21.93
CA ASN B 219 1.01 -77.86 22.58
C ASN B 219 2.44 -77.38 22.79
N GLU B 220 3.06 -76.88 21.72
CA GLU B 220 4.43 -76.37 21.77
C GLU B 220 4.49 -75.01 22.46
N ALA B 228 2.52 -61.90 26.70
CA ALA B 228 2.32 -63.34 26.70
C ALA B 228 3.41 -64.07 25.92
N ILE B 229 3.47 -65.39 26.11
CA ILE B 229 4.46 -66.24 25.44
C ILE B 229 4.01 -66.47 24.00
N LEU B 230 2.71 -66.68 23.82
CA LEU B 230 2.11 -66.91 22.49
C LEU B 230 1.91 -65.62 21.69
N SER B 231 1.52 -64.55 22.38
CA SER B 231 1.19 -63.27 21.73
C SER B 231 2.28 -62.78 20.79
N VAL B 232 3.49 -62.79 21.29
CA VAL B 232 4.61 -62.39 20.49
C VAL B 232 4.92 -63.27 19.29
N LYS B 233 4.85 -64.59 19.49
CA LYS B 233 5.07 -65.55 18.41
C LYS B 233 4.06 -65.26 17.31
N THR B 234 2.84 -64.93 17.75
CA THR B 234 1.74 -64.58 16.87
C THR B 234 1.92 -63.22 16.18
N THR B 235 2.26 -62.17 16.93
CA THR B 235 2.26 -60.78 16.39
C THR B 235 3.41 -60.43 15.41
N GLN B 236 3.90 -61.43 14.67
CA GLN B 236 4.79 -61.21 13.52
C GLN B 236 3.98 -60.58 12.39
N ARG B 237 4.63 -59.76 11.56
CA ARG B 237 3.96 -59.05 10.49
C ARG B 237 3.55 -60.01 9.36
N GLY B 238 2.37 -59.76 8.79
CA GLY B 238 1.84 -60.58 7.69
C GLY B 238 0.80 -61.61 8.07
N ASN B 239 0.71 -61.97 9.36
CA ASN B 239 -0.29 -62.97 9.82
C ASN B 239 -1.50 -62.33 10.49
N CYS B 240 -2.67 -62.90 10.21
CA CYS B 240 -3.96 -62.34 10.60
C CYS B 240 -4.49 -62.99 11.88
N LEU B 241 -5.26 -62.21 12.63
CA LEU B 241 -5.79 -62.64 13.93
C LEU B 241 -6.83 -61.66 14.45
N PRO B 242 -7.69 -62.10 15.39
CA PRO B 242 -8.67 -61.18 15.98
C PRO B 242 -8.01 -60.11 16.85
N ILE B 243 -8.64 -58.93 16.93
CA ILE B 243 -8.09 -57.79 17.67
C ILE B 243 -7.93 -58.08 19.18
N SER B 244 -8.71 -59.03 19.70
CA SER B 244 -8.51 -59.58 21.05
C SER B 244 -7.08 -60.08 21.32
N MET B 245 -6.53 -60.81 20.37
CA MET B 245 -5.14 -61.31 20.45
C MET B 245 -4.09 -60.23 20.25
N ILE B 246 -4.41 -59.24 19.41
CA ILE B 246 -3.46 -58.21 19.00
C ILE B 246 -3.24 -57.25 20.16
N PRO B 247 -1.99 -57.14 20.68
CA PRO B 247 -1.74 -56.31 21.87
C PRO B 247 -1.89 -54.82 21.58
N ILE B 248 -2.19 -54.06 22.63
CA ILE B 248 -2.52 -52.63 22.50
C ILE B 248 -1.29 -51.81 22.11
N GLY B 249 -1.50 -50.94 21.13
CA GLY B 249 -0.45 -50.10 20.57
C GLY B 249 0.05 -50.52 19.20
N THR B 250 -0.03 -51.82 18.88
CA THR B 250 0.62 -52.34 17.68
C THR B 250 -0.15 -51.98 16.40
N ILE B 251 0.60 -51.89 15.30
CA ILE B 251 0.10 -51.42 14.01
C ILE B 251 -0.50 -52.59 13.22
N ILE B 252 -1.64 -52.33 12.57
CA ILE B 252 -2.42 -53.34 11.86
C ILE B 252 -3.02 -52.80 10.57
N HIS B 253 -3.51 -53.71 9.73
CA HIS B 253 -4.23 -53.35 8.50
C HIS B 253 -5.28 -54.42 8.14
N ASN B 254 -6.10 -54.13 7.13
CA ASN B 254 -7.30 -54.93 6.82
C ASN B 254 -8.17 -55.14 8.06
N VAL B 255 -8.50 -54.03 8.72
CA VAL B 255 -9.27 -54.07 9.96
C VAL B 255 -10.74 -54.31 9.63
N GLY B 256 -11.37 -55.23 10.36
CA GLY B 256 -12.78 -55.56 10.17
C GLY B 256 -13.71 -54.72 11.03
N ILE B 257 -15.01 -54.89 10.80
CA ILE B 257 -16.06 -54.31 11.65
C ILE B 257 -16.51 -55.37 12.64
N THR B 258 -17.04 -56.46 12.07
CA THR B 258 -17.75 -57.50 12.79
C THR B 258 -16.82 -58.68 13.03
N PRO B 259 -17.20 -59.58 13.96
CA PRO B 259 -16.37 -60.78 14.20
C PRO B 259 -16.41 -61.82 13.07
N VAL B 260 -17.41 -61.76 12.19
CA VAL B 260 -17.54 -62.70 11.06
C VAL B 260 -17.10 -62.11 9.71
N GLY B 261 -17.34 -60.81 9.50
CA GLY B 261 -17.10 -60.18 8.20
C GLY B 261 -15.63 -59.92 7.91
N PRO B 262 -15.31 -59.64 6.63
CA PRO B 262 -13.92 -59.48 6.18
C PRO B 262 -13.29 -58.16 6.63
N GLY B 263 -11.99 -58.02 6.40
CA GLY B 263 -11.28 -56.77 6.65
C GLY B 263 -11.68 -55.71 5.66
N LYS B 264 -12.20 -54.58 6.15
CA LYS B 264 -12.68 -53.48 5.31
C LYS B 264 -11.74 -52.28 5.32
N PHE B 265 -11.37 -51.80 6.51
CA PHE B 265 -10.55 -50.59 6.63
C PHE B 265 -9.07 -50.87 6.38
N CYS B 266 -8.35 -49.82 6.00
CA CYS B 266 -6.90 -49.84 5.85
C CYS B 266 -6.41 -50.95 4.90
N ARG B 267 -6.68 -50.72 3.63
CA ARG B 267 -6.34 -51.65 2.54
C ARG B 267 -5.36 -51.05 1.51
N SER B 268 -5.42 -49.73 1.31
CA SER B 268 -4.61 -49.04 0.30
C SER B 268 -3.13 -49.06 0.62
N ALA B 269 -2.32 -48.63 -0.34
CA ALA B 269 -0.87 -48.66 -0.23
C ALA B 269 -0.35 -47.85 0.96
N GLY B 270 0.56 -48.45 1.72
CA GLY B 270 1.20 -47.79 2.87
C GLY B 270 0.30 -47.28 3.99
N THR B 271 -0.92 -47.82 4.06
CA THR B 271 -1.93 -47.40 5.02
C THR B 271 -1.91 -48.37 6.21
N TYR B 272 -2.42 -47.91 7.35
CA TYR B 272 -2.54 -48.76 8.53
C TYR B 272 -3.41 -48.17 9.63
N ALA B 273 -3.95 -49.05 10.47
CA ALA B 273 -4.62 -48.68 11.71
C ALA B 273 -3.71 -49.06 12.87
N ARG B 274 -4.11 -48.64 14.08
CA ARG B 274 -3.36 -48.90 15.30
C ARG B 274 -4.36 -49.19 16.41
N VAL B 275 -4.12 -50.28 17.15
CA VAL B 275 -4.99 -50.67 18.26
C VAL B 275 -4.72 -49.74 19.44
N LEU B 276 -5.77 -49.07 19.91
CA LEU B 276 -5.66 -48.08 20.99
C LEU B 276 -6.12 -48.60 22.34
N ALA B 277 -7.22 -49.33 22.36
CA ALA B 277 -7.75 -49.93 23.58
C ALA B 277 -8.67 -51.09 23.25
N LYS B 278 -8.90 -51.96 24.25
CA LYS B 278 -9.89 -53.04 24.12
C LYS B 278 -10.72 -53.19 25.39
N LEU B 279 -12.02 -53.38 25.19
CA LEU B 279 -13.03 -53.44 26.24
C LEU B 279 -13.76 -54.79 26.15
N PRO B 280 -13.30 -55.80 26.93
CA PRO B 280 -13.99 -57.09 26.96
C PRO B 280 -15.40 -57.07 27.57
N GLU B 281 -15.72 -56.05 28.37
CA GLU B 281 -17.07 -55.84 28.89
C GLU B 281 -18.09 -55.65 27.77
N LYS B 282 -17.80 -54.69 26.90
CA LYS B 282 -18.70 -54.34 25.78
C LYS B 282 -18.38 -55.11 24.49
N LYS B 283 -17.31 -55.91 24.51
CA LYS B 283 -16.84 -56.69 23.35
C LYS B 283 -16.45 -55.79 22.17
N LYS B 284 -15.86 -54.63 22.49
CA LYS B 284 -15.38 -53.69 21.49
C LYS B 284 -13.89 -53.45 21.70
N ALA B 285 -13.28 -52.80 20.71
CA ALA B 285 -11.87 -52.43 20.77
C ALA B 285 -11.68 -51.13 19.98
N ILE B 286 -11.28 -50.08 20.68
CA ILE B 286 -11.07 -48.78 20.05
C ILE B 286 -9.83 -48.86 19.16
N VAL B 287 -10.01 -48.52 17.89
CA VAL B 287 -8.96 -48.56 16.88
C VAL B 287 -8.90 -47.20 16.18
N ARG B 288 -7.69 -46.71 15.96
CA ARG B 288 -7.49 -45.49 15.19
C ARG B 288 -7.21 -45.93 13.75
N LEU B 289 -8.02 -45.44 12.82
CA LEU B 289 -7.86 -45.73 11.39
C LEU B 289 -6.89 -44.74 10.76
N GLN B 290 -6.58 -44.94 9.48
CA GLN B 290 -5.62 -44.09 8.76
C GLN B 290 -6.02 -42.61 8.72
N SER B 291 -7.32 -42.34 8.56
CA SER B 291 -7.83 -40.95 8.60
C SER B 291 -7.50 -40.24 9.90
N GLY B 292 -7.49 -40.99 11.00
CA GLY B 292 -7.30 -40.46 12.35
C GLY B 292 -8.53 -40.62 13.21
N GLU B 293 -9.65 -41.03 12.60
CA GLU B 293 -10.89 -41.30 13.32
C GLU B 293 -10.74 -42.49 14.26
N HIS B 294 -10.79 -42.21 15.57
CA HIS B 294 -10.86 -43.25 16.59
C HIS B 294 -12.25 -43.89 16.47
N ARG B 295 -12.30 -45.21 16.55
CA ARG B 295 -13.51 -45.93 16.19
C ARG B 295 -13.63 -47.26 16.95
N TYR B 296 -14.83 -47.53 17.44
CA TYR B 296 -15.14 -48.86 17.99
C TYR B 296 -15.20 -49.88 16.87
N VAL B 297 -14.54 -51.01 17.10
CA VAL B 297 -14.56 -52.16 16.21
C VAL B 297 -14.80 -53.36 17.13
N SER B 298 -15.52 -54.36 16.66
CA SER B 298 -15.78 -55.57 17.46
C SER B 298 -14.46 -56.16 17.93
N LEU B 299 -14.37 -56.48 19.22
CA LEU B 299 -13.14 -56.98 19.84
C LEU B 299 -12.61 -58.25 19.18
N GLU B 300 -13.52 -59.08 18.65
CA GLU B 300 -13.20 -60.30 17.94
C GLU B 300 -13.09 -60.11 16.41
N ALA B 301 -12.99 -58.86 15.95
CA ALA B 301 -12.87 -58.57 14.51
C ALA B 301 -11.45 -58.81 14.01
N VAL B 302 -11.34 -59.10 12.73
CA VAL B 302 -10.08 -59.51 12.11
C VAL B 302 -9.18 -58.31 11.78
N ALA B 303 -7.87 -58.53 11.85
CA ALA B 303 -6.88 -57.54 11.44
C ALA B 303 -5.50 -58.19 11.25
N THR B 304 -4.85 -57.87 10.13
CA THR B 304 -3.49 -58.34 9.86
C THR B 304 -2.46 -57.44 10.53
N ILE B 305 -1.33 -58.02 10.94
CA ILE B 305 -0.24 -57.27 11.56
C ILE B 305 0.62 -56.63 10.46
N GLY B 306 1.07 -55.40 10.72
CA GLY B 306 1.97 -54.69 9.83
C GLY B 306 1.29 -53.64 8.97
N VAL B 307 2.10 -52.81 8.32
CA VAL B 307 1.64 -51.78 7.39
C VAL B 307 1.47 -52.40 6.00
N VAL B 308 0.56 -51.85 5.20
CA VAL B 308 0.32 -52.34 3.83
C VAL B 308 1.53 -52.03 2.93
N SER B 309 1.73 -52.89 1.93
CA SER B 309 2.79 -52.73 0.93
C SER B 309 2.72 -51.42 0.13
N ASN B 310 3.81 -51.18 -0.61
CA ASN B 310 3.87 -50.11 -1.61
C ASN B 310 3.71 -48.72 -1.00
N ILE B 311 4.49 -48.44 0.05
CA ILE B 311 4.41 -47.16 0.78
C ILE B 311 4.69 -46.00 -0.17
N ASP B 312 5.61 -46.22 -1.11
CA ASP B 312 6.03 -45.17 -2.05
C ASP B 312 5.08 -44.95 -3.24
N HIS B 313 3.93 -45.64 -3.25
CA HIS B 313 2.87 -45.42 -4.24
C HIS B 313 2.50 -43.94 -4.36
N GLN B 314 2.25 -43.29 -3.24
CA GLN B 314 1.88 -41.86 -3.21
C GLN B 314 2.89 -40.94 -3.92
N ASN B 315 4.17 -41.29 -3.86
CA ASN B 315 5.23 -40.51 -4.50
C ASN B 315 5.31 -40.61 -6.03
N ARG B 316 4.58 -41.55 -6.64
CA ARG B 316 4.54 -41.63 -8.10
C ARG B 316 3.98 -40.35 -8.70
N SER B 317 4.54 -39.97 -9.84
CA SER B 317 4.06 -38.85 -10.63
C SER B 317 3.75 -39.39 -12.01
N LEU B 318 2.48 -39.30 -12.42
CA LEU B 318 2.11 -39.63 -13.79
C LEU B 318 2.68 -38.51 -14.65
N GLY B 319 3.35 -38.87 -15.75
CA GLY B 319 4.03 -37.88 -16.58
C GLY B 319 3.10 -37.03 -17.43
N LYS B 320 1.98 -37.62 -17.86
CA LYS B 320 1.18 -37.07 -18.94
C LYS B 320 -0.29 -37.46 -18.84
N ALA B 321 -1.11 -36.74 -19.60
CA ALA B 321 -2.56 -36.96 -19.67
C ALA B 321 -2.92 -38.40 -20.04
N GLY B 322 -2.17 -38.97 -20.98
CA GLY B 322 -2.42 -40.31 -21.50
C GLY B 322 -2.39 -41.40 -20.44
N ARG B 323 -1.48 -41.26 -19.49
CA ARG B 323 -1.35 -42.21 -18.38
C ARG B 323 -2.62 -42.29 -17.55
N SER B 324 -3.20 -41.12 -17.26
CA SER B 324 -4.48 -41.02 -16.56
C SER B 324 -5.61 -41.70 -17.34
N ARG B 325 -5.63 -41.47 -18.65
CA ARG B 325 -6.60 -42.12 -19.55
C ARG B 325 -6.48 -43.64 -19.55
N TRP B 326 -5.25 -44.13 -19.55
CA TRP B 326 -4.97 -45.57 -19.49
C TRP B 326 -5.49 -46.18 -18.19
N LEU B 327 -5.26 -45.47 -17.08
CA LEU B 327 -5.75 -45.87 -15.77
C LEU B 327 -7.28 -45.90 -15.66
N GLY B 328 -7.95 -45.12 -16.53
CA GLY B 328 -9.40 -45.10 -16.63
C GLY B 328 -9.98 -43.85 -16.01
N ILE B 329 -9.42 -42.70 -16.37
CA ILE B 329 -9.75 -41.41 -15.75
C ILE B 329 -9.97 -40.37 -16.85
N ARG B 330 -11.23 -40.16 -17.23
CA ARG B 330 -11.60 -39.11 -18.18
C ARG B 330 -11.47 -37.70 -17.58
N PRO B 331 -11.33 -36.67 -18.45
CA PRO B 331 -11.02 -35.30 -17.99
C PRO B 331 -12.13 -34.63 -17.16
N THR B 332 -11.71 -33.93 -16.11
CA THR B 332 -12.61 -33.10 -15.29
C THR B 332 -12.71 -31.70 -15.88
N VAL B 333 -13.90 -31.28 -16.26
CA VAL B 333 -14.12 -29.93 -16.73
C VAL B 333 -14.56 -29.06 -15.55
N ARG B 334 -13.87 -27.94 -15.35
CA ARG B 334 -14.11 -27.08 -14.18
C ARG B 334 -15.45 -26.37 -14.29
N GLY B 335 -16.11 -26.19 -13.16
CA GLY B 335 -17.34 -25.42 -13.07
C GLY B 335 -17.27 -24.00 -13.61
N VAL B 336 -16.17 -23.31 -13.31
CA VAL B 336 -15.92 -21.96 -13.85
C VAL B 336 -15.82 -21.89 -15.39
N ALA B 337 -15.35 -22.97 -16.01
CA ALA B 337 -15.29 -23.07 -17.49
C ALA B 337 -16.66 -23.24 -18.16
N MET B 338 -17.62 -23.77 -17.42
CA MET B 338 -18.95 -24.12 -17.96
C MET B 338 -19.85 -22.91 -18.17
N ASN B 339 -21.04 -23.17 -18.75
CA ASN B 339 -22.13 -22.20 -18.79
C ASN B 339 -22.95 -22.32 -17.50
N LYS B 340 -23.70 -21.26 -17.17
CA LYS B 340 -24.53 -21.23 -15.95
C LYS B 340 -25.54 -22.38 -15.85
N CYS B 341 -26.15 -22.70 -17.00
CA CYS B 341 -27.06 -23.85 -17.09
C CYS B 341 -26.44 -25.18 -16.67
N ASP B 342 -25.16 -25.34 -16.93
CA ASP B 342 -24.44 -26.58 -16.65
C ASP B 342 -23.89 -26.69 -15.23
N HIS B 343 -23.46 -25.55 -14.65
CA HIS B 343 -22.78 -25.55 -13.36
C HIS B 343 -22.92 -24.15 -12.71
N PRO B 344 -23.21 -24.07 -11.39
CA PRO B 344 -23.41 -22.76 -10.73
C PRO B 344 -22.27 -21.74 -10.92
N HIS B 345 -21.04 -22.23 -10.84
CA HIS B 345 -19.83 -21.46 -11.16
C HIS B 345 -19.73 -20.93 -12.61
N GLY B 346 -20.52 -21.48 -13.54
CA GLY B 346 -20.50 -21.06 -14.93
C GLY B 346 -20.96 -19.63 -15.20
N GLY B 347 -20.96 -19.25 -16.48
CA GLY B 347 -21.34 -17.90 -16.89
C GLY B 347 -20.23 -16.88 -16.70
N GLY B 348 -20.62 -15.61 -16.65
CA GLY B 348 -19.68 -14.49 -16.51
C GLY B 348 -18.90 -14.20 -17.78
N ARG B 349 -18.51 -12.93 -17.95
CA ARG B 349 -17.52 -12.56 -18.98
C ARG B 349 -16.12 -12.59 -18.41
N GLY B 350 -15.18 -12.91 -19.27
CA GLY B 350 -13.82 -13.24 -18.86
C GLY B 350 -13.86 -14.52 -18.04
N LYS B 351 -12.98 -14.62 -17.06
CA LYS B 351 -13.01 -15.71 -16.09
C LYS B 351 -13.39 -15.17 -14.71
N SER B 352 -14.46 -15.74 -14.17
CA SER B 352 -15.11 -15.26 -12.96
C SER B 352 -15.58 -16.44 -12.14
N LYS B 353 -15.70 -16.25 -10.83
CA LYS B 353 -16.29 -17.24 -9.93
C LYS B 353 -17.72 -16.88 -9.50
N SER B 354 -18.25 -15.78 -10.04
CA SER B 354 -19.66 -15.39 -9.90
C SER B 354 -20.11 -15.08 -8.46
N ASN B 355 -19.16 -14.78 -7.58
CA ASN B 355 -19.44 -14.65 -6.14
C ASN B 355 -20.23 -15.86 -5.59
N LYS B 356 -19.94 -17.04 -6.14
CA LYS B 356 -20.68 -18.26 -5.82
C LYS B 356 -19.82 -19.16 -4.97
N LEU B 357 -20.37 -19.58 -3.84
CA LEU B 357 -19.65 -20.40 -2.86
C LEU B 357 -19.20 -21.68 -3.54
N SER B 358 -17.95 -22.08 -3.30
CA SER B 358 -17.40 -23.31 -3.90
C SER B 358 -18.36 -24.46 -3.66
N MET B 359 -18.86 -25.06 -4.73
CA MET B 359 -19.92 -26.05 -4.65
C MET B 359 -19.94 -26.95 -5.89
N SER B 360 -20.64 -28.06 -5.77
CA SER B 360 -20.69 -29.09 -6.80
C SER B 360 -21.57 -28.62 -7.98
N PRO B 361 -21.65 -29.44 -9.06
CA PRO B 361 -22.61 -29.13 -10.14
C PRO B 361 -24.08 -29.21 -9.71
N TRP B 362 -24.35 -29.89 -8.59
CA TRP B 362 -25.69 -30.02 -8.03
C TRP B 362 -25.87 -29.23 -6.73
N GLY B 363 -25.09 -28.17 -6.58
CA GLY B 363 -25.28 -27.20 -5.50
C GLY B 363 -24.86 -27.59 -4.10
N GLN B 364 -24.16 -28.72 -3.94
CA GLN B 364 -23.62 -29.12 -2.63
C GLN B 364 -22.30 -28.41 -2.42
N LEU B 365 -22.15 -27.76 -1.27
CA LEU B 365 -20.96 -26.95 -0.98
C LEU B 365 -19.71 -27.84 -0.93
N ALA B 366 -18.63 -27.36 -1.55
CA ALA B 366 -17.44 -28.16 -1.83
C ALA B 366 -16.41 -28.09 -0.69
N LYS B 367 -16.27 -26.91 -0.09
CA LYS B 367 -15.26 -26.66 0.95
C LYS B 367 -15.87 -26.67 2.34
N GLY B 368 -15.59 -27.72 3.11
CA GLY B 368 -15.91 -27.75 4.55
C GLY B 368 -17.28 -28.27 4.96
N TYR B 369 -18.22 -28.36 4.01
CA TYR B 369 -19.60 -28.71 4.33
C TYR B 369 -19.73 -30.20 4.65
N LYS B 370 -19.99 -30.51 5.93
CA LYS B 370 -20.10 -31.88 6.40
C LYS B 370 -21.34 -32.56 5.81
N THR B 371 -21.12 -33.61 5.02
CA THR B 371 -22.18 -34.25 4.23
C THR B 371 -22.98 -35.31 5.00
N ARG B 372 -22.32 -36.00 5.92
CA ARG B 372 -22.99 -36.98 6.80
C ARG B 372 -23.30 -36.27 8.11
N ARG B 373 -24.59 -36.04 8.36
CA ARG B 373 -25.03 -35.12 9.41
C ARG B 373 -26.36 -35.50 10.05
N GLY B 374 -26.60 -34.94 11.23
CA GLY B 374 -27.86 -35.11 11.95
C GLY B 374 -28.00 -36.47 12.59
N LYS B 375 -29.15 -37.10 12.38
CA LYS B 375 -29.43 -38.44 12.92
C LYS B 375 -28.53 -39.47 12.23
N ASN B 376 -28.52 -39.42 10.90
CA ASN B 376 -27.63 -40.27 10.09
C ASN B 376 -26.15 -39.90 10.21
N GLN B 377 -25.53 -40.37 11.29
CA GLN B 377 -24.08 -40.27 11.53
C GLN B 377 -23.56 -41.61 12.02
N ASN B 378 -22.23 -41.73 12.11
CA ASN B 378 -21.59 -42.96 12.56
C ASN B 378 -21.73 -43.14 14.07
N ARG B 379 -22.37 -44.22 14.49
CA ARG B 379 -22.59 -44.52 15.91
C ARG B 379 -21.31 -44.98 16.60
N MET B 380 -20.43 -45.63 15.85
CA MET B 380 -19.30 -46.35 16.43
C MET B 380 -18.07 -45.47 16.67
N LYS B 381 -18.04 -44.25 16.13
CA LYS B 381 -16.84 -43.40 16.25
C LYS B 381 -16.73 -42.75 17.64
N VAL B 382 -15.55 -42.88 18.23
CA VAL B 382 -15.24 -42.39 19.56
C VAL B 382 -14.77 -40.94 19.46
N LYS B 383 -13.78 -40.73 18.59
CA LYS B 383 -13.22 -39.40 18.33
C LYS B 383 -13.14 -39.22 16.81
N ASP B 384 -13.68 -38.09 16.34
CA ASP B 384 -13.72 -37.78 14.91
C ASP B 384 -12.32 -37.47 14.39
N ARG B 385 -12.10 -37.72 13.10
CA ARG B 385 -10.80 -37.49 12.45
C ARG B 385 -10.33 -36.04 12.58
N PRO B 386 -9.00 -35.81 12.60
CA PRO B 386 -8.48 -34.44 12.62
C PRO B 386 -8.76 -33.72 11.31
N ARG B 387 -9.22 -32.47 11.42
CA ARG B 387 -9.82 -31.74 10.33
C ARG B 387 -9.02 -30.48 10.05
N GLY B 388 -8.46 -30.36 8.85
CA GLY B 388 -7.65 -29.21 8.46
C GLY B 388 -6.31 -29.17 9.16
N SER C 1 -47.44 35.68 -127.57
CA SER C 1 -46.14 34.93 -127.66
C SER C 1 -45.58 34.56 -126.29
N THR C 2 -45.53 35.55 -125.40
CA THR C 2 -45.04 35.36 -124.04
C THR C 2 -46.01 34.55 -123.19
N ARG C 3 -45.47 33.85 -122.19
CA ARG C 3 -46.26 33.01 -121.29
C ARG C 3 -46.94 33.85 -120.21
N PRO C 4 -48.06 33.34 -119.66
CA PRO C 4 -48.77 34.05 -118.61
C PRO C 4 -48.05 33.96 -117.28
N PHE C 5 -47.76 35.11 -116.68
CA PHE C 5 -47.19 35.14 -115.34
C PHE C 5 -47.54 36.42 -114.60
N LEU C 6 -47.89 36.26 -113.32
CA LEU C 6 -48.15 37.36 -112.42
C LEU C 6 -47.00 37.41 -111.42
N VAL C 7 -46.67 38.62 -111.00
CA VAL C 7 -45.60 38.85 -110.03
C VAL C 7 -46.11 39.80 -108.94
N ALA C 8 -45.76 39.47 -107.70
CA ALA C 8 -46.17 40.26 -106.54
C ALA C 8 -45.41 41.59 -106.51
N PRO C 9 -46.10 42.70 -106.15
CA PRO C 9 -45.41 43.97 -105.96
C PRO C 9 -44.32 43.93 -104.88
N SER C 10 -44.61 43.23 -103.78
CA SER C 10 -43.69 43.11 -102.65
C SER C 10 -42.34 42.49 -103.04
N ILE C 11 -42.36 41.51 -103.94
CA ILE C 11 -41.13 40.88 -104.44
C ILE C 11 -40.46 41.65 -105.59
N ALA C 12 -41.27 42.35 -106.39
CA ALA C 12 -40.74 43.17 -107.49
C ALA C 12 -40.12 44.47 -107.00
N ASN C 13 -40.83 45.16 -106.11
CA ASN C 13 -40.41 46.45 -105.59
C ASN C 13 -39.38 46.36 -104.44
N SER C 14 -39.04 45.14 -104.02
CA SER C 14 -38.01 44.93 -103.00
C SER C 14 -36.65 45.43 -103.49
N ILE C 15 -36.10 46.41 -102.77
CA ILE C 15 -34.75 46.94 -103.05
C ILE C 15 -33.69 45.84 -102.93
N THR C 16 -32.82 45.76 -103.92
CA THR C 16 -31.83 44.67 -104.02
C THR C 16 -30.70 44.90 -103.03
N THR C 17 -30.41 43.87 -102.23
CA THR C 17 -29.37 43.90 -101.21
C THR C 17 -28.71 42.51 -101.14
N GLU C 18 -27.39 42.48 -101.22
CA GLU C 18 -26.63 41.23 -101.09
C GLU C 18 -26.62 40.76 -99.65
N ALA C 19 -26.65 39.44 -99.46
CA ALA C 19 -26.58 38.83 -98.14
C ALA C 19 -25.16 38.96 -97.57
N PRO C 20 -25.03 39.16 -96.24
CA PRO C 20 -23.69 39.13 -95.65
C PRO C 20 -23.11 37.72 -95.64
N ALA C 21 -21.79 37.62 -95.74
CA ALA C 21 -21.10 36.32 -95.74
C ALA C 21 -21.14 35.72 -94.34
N ILE C 22 -21.30 34.38 -94.29
CA ILE C 22 -21.47 33.66 -93.04
C ILE C 22 -20.26 32.76 -92.82
N ASN C 23 -19.94 32.51 -91.54
CA ASN C 23 -18.78 31.67 -91.20
C ASN C 23 -18.95 30.23 -91.67
N HIS C 24 -20.17 29.69 -91.53
CA HIS C 24 -20.45 28.32 -91.96
C HIS C 24 -20.71 28.21 -93.48
N SER C 25 -20.18 29.15 -94.25
CA SER C 25 -20.07 29.02 -95.71
C SER C 25 -18.83 28.19 -96.04
N PRO C 26 -18.83 27.50 -97.20
CA PRO C 26 -17.63 26.89 -97.76
C PRO C 26 -16.44 27.83 -97.98
N GLU C 27 -16.67 28.99 -98.59
CA GLU C 27 -15.58 29.92 -98.95
C GLU C 27 -14.86 30.49 -97.72
N LEU C 28 -15.64 30.80 -96.68
CA LEU C 28 -15.08 31.25 -95.40
C LEU C 28 -14.23 30.16 -94.75
N ALA C 29 -14.78 28.94 -94.74
CA ALA C 29 -14.07 27.76 -94.22
C ALA C 29 -12.75 27.54 -94.94
N ASN C 30 -12.79 27.60 -96.26
CA ASN C 30 -11.59 27.48 -97.11
C ASN C 30 -10.53 28.51 -96.74
N ALA C 31 -10.97 29.76 -96.56
CA ALA C 31 -10.11 30.87 -96.14
C ALA C 31 -9.47 30.60 -94.79
N ARG C 32 -10.27 30.11 -93.84
CA ARG C 32 -9.79 29.75 -92.51
C ARG C 32 -8.71 28.66 -92.52
N LYS C 33 -8.94 27.61 -93.32
CA LYS C 33 -8.15 26.37 -93.28
C LYS C 33 -6.63 26.53 -93.37
N TRP C 34 -5.91 25.65 -92.67
CA TRP C 34 -4.45 25.57 -92.70
C TRP C 34 -4.08 24.45 -93.67
N LEU C 35 -3.73 24.83 -94.89
CA LEU C 35 -3.54 23.86 -95.98
C LEU C 35 -2.16 23.95 -96.62
N PRO C 36 -1.70 22.83 -97.22
CA PRO C 36 -0.42 22.83 -97.92
C PRO C 36 -0.54 23.52 -99.28
N LYS C 37 0.56 24.12 -99.72
CA LYS C 37 0.57 24.90 -100.97
C LYS C 37 0.83 24.05 -102.23
N ARG C 38 0.86 22.73 -102.06
CA ARG C 38 1.25 21.80 -103.11
C ARG C 38 0.52 20.47 -102.94
N CYS C 39 0.32 19.75 -104.03
CA CYS C 39 -0.36 18.46 -104.02
C CYS C 39 0.48 17.37 -103.33
N GLY C 40 -0.10 16.18 -103.21
CA GLY C 40 0.58 15.01 -102.64
C GLY C 40 0.55 13.83 -103.58
N LEU C 41 0.95 12.66 -103.08
CA LEU C 41 0.82 11.41 -103.82
C LEU C 41 0.52 10.22 -102.92
N ILE C 42 -0.29 9.30 -103.44
CA ILE C 42 -0.65 8.06 -102.76
C ILE C 42 0.54 7.10 -102.88
N THR C 43 0.77 6.32 -101.82
CA THR C 43 1.83 5.30 -101.80
C THR C 43 1.34 4.05 -101.11
N ARG C 44 2.15 2.99 -101.18
CA ARG C 44 1.94 1.76 -100.41
C ARG C 44 3.10 1.55 -99.46
N LYS C 45 2.80 1.29 -98.19
CA LYS C 45 3.82 0.93 -97.20
C LYS C 45 4.30 -0.49 -97.46
N LYS C 46 5.42 -0.60 -98.16
CA LYS C 46 5.98 -1.92 -98.50
C LYS C 46 6.63 -2.61 -97.32
N GLY C 47 7.29 -1.84 -96.46
CA GLY C 47 7.92 -2.39 -95.27
C GLY C 47 8.74 -1.37 -94.51
N MET C 48 9.76 -1.85 -93.82
CA MET C 48 10.58 -1.01 -92.95
C MET C 48 11.97 -1.60 -92.86
N MET C 49 13.00 -0.74 -92.87
CA MET C 49 14.39 -1.17 -92.82
C MET C 49 15.36 -0.05 -92.39
N PRO C 50 16.61 -0.42 -92.03
CA PRO C 50 17.53 0.59 -91.51
C PRO C 50 18.06 1.55 -92.56
N TYR C 51 18.20 2.82 -92.17
CA TYR C 51 18.87 3.83 -92.97
C TYR C 51 20.09 4.30 -92.19
N PHE C 52 21.28 4.01 -92.73
CA PHE C 52 22.55 4.48 -92.15
C PHE C 52 22.99 5.77 -92.82
N ASP C 53 23.14 6.83 -92.03
CA ASP C 53 23.70 8.09 -92.52
C ASP C 53 25.22 7.91 -92.63
N LYS C 54 25.75 8.09 -93.83
CA LYS C 54 27.15 7.72 -94.11
C LYS C 54 28.18 8.74 -93.63
N SER C 55 27.76 9.98 -93.41
CA SER C 55 28.64 11.02 -92.85
C SER C 55 28.80 10.85 -91.34
N THR C 56 27.67 10.89 -90.63
CA THR C 56 27.67 10.80 -89.16
C THR C 56 27.84 9.37 -88.67
N GLY C 57 27.17 8.43 -89.33
CA GLY C 57 27.13 7.04 -88.91
C GLY C 57 25.85 6.64 -88.18
N GLU C 58 24.93 7.60 -88.01
CA GLU C 58 23.70 7.37 -87.24
C GLU C 58 22.72 6.47 -88.01
N ARG C 59 22.14 5.51 -87.28
CA ARG C 59 21.17 4.58 -87.83
C ARG C 59 19.77 5.09 -87.52
N SER C 60 18.87 4.99 -88.49
CA SER C 60 17.48 5.41 -88.32
C SER C 60 16.57 4.41 -89.00
N ALA C 61 15.51 3.97 -88.29
CA ALA C 61 14.51 3.08 -88.87
C ALA C 61 13.68 3.86 -89.88
N ALA C 62 13.60 3.34 -91.11
CA ALA C 62 12.94 4.02 -92.21
C ALA C 62 11.88 3.11 -92.81
N THR C 63 10.69 3.64 -93.08
CA THR C 63 9.64 2.88 -93.77
C THR C 63 9.72 3.16 -95.27
N ILE C 64 9.60 2.09 -96.06
CA ILE C 64 9.75 2.16 -97.52
C ILE C 64 8.35 2.28 -98.13
N LEU C 65 8.07 3.45 -98.72
CA LEU C 65 6.76 3.77 -99.27
C LEU C 65 6.89 3.77 -100.79
N GLU C 66 6.29 2.76 -101.45
CA GLU C 66 6.46 2.60 -102.89
C GLU C 66 5.46 3.45 -103.69
N VAL C 67 5.93 3.93 -104.84
CA VAL C 67 5.20 4.91 -105.67
C VAL C 67 5.04 4.30 -107.06
N ASN C 68 3.81 3.88 -107.39
CA ASN C 68 3.53 3.09 -108.59
C ASN C 68 2.31 3.62 -109.33
N ASN C 69 2.52 4.08 -110.58
CA ASN C 69 1.46 4.63 -111.43
C ASN C 69 0.64 5.73 -110.78
N VAL C 70 1.29 6.55 -109.95
CA VAL C 70 0.60 7.61 -109.22
C VAL C 70 0.35 8.75 -110.18
N GLU C 71 -0.92 9.13 -110.30
CA GLU C 71 -1.38 9.94 -111.42
C GLU C 71 -2.51 10.87 -111.00
N VAL C 72 -2.43 12.13 -111.43
CA VAL C 72 -3.46 13.13 -111.13
C VAL C 72 -4.62 12.84 -112.07
N ILE C 73 -5.70 12.29 -111.52
CA ILE C 73 -6.87 11.89 -112.31
C ILE C 73 -7.63 13.12 -112.78
N MET C 74 -8.07 13.91 -111.79
CA MET C 74 -8.72 15.19 -112.04
C MET C 74 -8.47 16.09 -110.84
N HIS C 75 -9.02 17.30 -110.87
CA HIS C 75 -8.97 18.17 -109.70
C HIS C 75 -10.24 19.01 -109.52
N ARG C 76 -10.39 19.49 -108.30
CA ARG C 76 -11.58 20.18 -107.84
C ARG C 76 -11.24 21.64 -107.62
N THR C 77 -12.26 22.50 -107.74
CA THR C 77 -12.08 23.95 -107.71
C THR C 77 -13.16 24.58 -106.83
N SER C 78 -12.87 25.78 -106.32
CA SER C 78 -13.75 26.49 -105.39
C SER C 78 -15.12 26.84 -105.98
N GLU C 79 -15.13 27.30 -107.24
CA GLU C 79 -16.39 27.68 -107.91
C GLU C 79 -17.37 26.52 -108.14
N VAL C 80 -16.86 25.32 -108.36
CA VAL C 80 -17.70 24.13 -108.60
C VAL C 80 -17.90 23.35 -107.30
N ASN C 81 -16.80 23.01 -106.64
CA ASN C 81 -16.77 22.07 -105.52
C ASN C 81 -16.68 22.69 -104.11
N GLY C 82 -16.32 23.97 -104.04
CA GLY C 82 -16.14 24.67 -102.75
C GLY C 82 -14.73 24.63 -102.17
N TYR C 83 -13.80 23.96 -102.85
CA TYR C 83 -12.42 23.82 -102.37
C TYR C 83 -11.49 23.36 -103.49
N PHE C 84 -10.19 23.62 -103.30
CA PHE C 84 -9.16 23.20 -104.25
C PHE C 84 -8.51 21.91 -103.78
N ALA C 85 -8.54 20.90 -104.65
CA ALA C 85 -7.95 19.59 -104.33
C ALA C 85 -7.63 18.82 -105.60
N CYS C 86 -6.61 17.97 -105.52
CA CYS C 86 -6.18 17.13 -106.63
C CYS C 86 -6.55 15.67 -106.34
N GLN C 87 -7.47 15.12 -107.13
CA GLN C 87 -7.80 13.70 -107.04
C GLN C 87 -6.68 12.90 -107.68
N VAL C 88 -5.85 12.28 -106.84
CA VAL C 88 -4.76 11.42 -107.27
C VAL C 88 -5.22 9.96 -107.25
N GLY C 89 -4.72 9.18 -108.20
CA GLY C 89 -4.97 7.74 -108.28
C GLY C 89 -3.68 6.95 -108.32
N TYR C 90 -3.64 5.85 -107.57
CA TYR C 90 -2.45 5.01 -107.42
C TYR C 90 -2.61 3.66 -108.11
N GLY C 91 -1.53 3.19 -108.73
CA GLY C 91 -1.40 1.80 -109.11
C GLY C 91 -2.18 1.40 -110.35
N SER C 92 -2.26 0.10 -110.56
CA SER C 92 -3.04 -0.48 -111.65
C SER C 92 -3.89 -1.63 -111.14
N ARG C 93 -5.11 -1.72 -111.66
CA ARG C 93 -6.07 -2.74 -111.28
C ARG C 93 -6.55 -3.44 -112.55
N HIS C 94 -7.12 -4.63 -112.39
CA HIS C 94 -7.68 -5.38 -113.51
C HIS C 94 -9.04 -4.78 -113.90
N LEU C 95 -9.56 -5.19 -115.06
CA LEU C 95 -10.93 -4.83 -115.46
C LEU C 95 -11.92 -5.49 -114.51
N SER C 96 -11.80 -6.81 -114.41
CA SER C 96 -12.54 -7.68 -113.48
C SER C 96 -12.89 -7.07 -112.12
N LYS C 97 -11.92 -6.40 -111.49
CA LYS C 97 -12.10 -5.84 -110.16
C LYS C 97 -12.94 -4.55 -110.19
N VAL C 98 -12.68 -3.72 -111.20
CA VAL C 98 -13.25 -2.37 -111.25
C VAL C 98 -14.69 -2.40 -111.78
N SER C 99 -15.54 -1.55 -111.19
CA SER C 99 -16.93 -1.38 -111.60
C SER C 99 -17.01 -0.75 -113.00
N ARG C 100 -18.06 -1.10 -113.75
CA ARG C 100 -18.28 -0.54 -115.10
C ARG C 100 -18.26 0.99 -115.07
N GLN C 101 -18.96 1.55 -114.10
CA GLN C 101 -19.05 2.99 -113.89
C GLN C 101 -17.68 3.60 -113.63
N MET C 102 -16.91 2.93 -112.77
CA MET C 102 -15.57 3.36 -112.42
C MET C 102 -14.64 3.29 -113.64
N LEU C 103 -14.75 2.21 -114.42
CA LEU C 103 -13.98 2.08 -115.66
C LEU C 103 -14.26 3.21 -116.65
N GLY C 104 -15.55 3.54 -116.81
CA GLY C 104 -15.98 4.67 -117.64
C GLY C 104 -15.43 6.00 -117.17
N HIS C 105 -15.43 6.20 -115.86
CA HIS C 105 -14.84 7.38 -115.22
C HIS C 105 -13.34 7.50 -115.51
N PHE C 106 -12.63 6.38 -115.39
CA PHE C 106 -11.20 6.33 -115.68
C PHE C 106 -10.89 6.60 -117.15
N ALA C 107 -11.73 6.06 -118.03
CA ALA C 107 -11.63 6.30 -119.48
C ALA C 107 -11.81 7.77 -119.84
N SER C 108 -12.79 8.40 -119.18
CA SER C 108 -13.08 9.83 -119.35
C SER C 108 -11.90 10.70 -118.91
N LYS C 109 -11.33 10.36 -117.76
CA LYS C 109 -10.16 11.05 -117.22
C LYS C 109 -8.84 10.60 -117.87
N VAL C 110 -8.91 9.51 -118.64
CA VAL C 110 -7.81 9.02 -119.49
C VAL C 110 -6.66 8.54 -118.62
N VAL C 111 -6.98 7.55 -117.80
CA VAL C 111 -6.01 6.82 -116.99
C VAL C 111 -6.39 5.35 -116.95
N ASN C 112 -5.45 4.52 -116.53
CA ASN C 112 -5.70 3.10 -116.34
C ASN C 112 -6.60 2.86 -115.13
N PRO C 113 -7.34 1.72 -115.12
CA PRO C 113 -8.15 1.38 -113.94
C PRO C 113 -7.27 1.28 -112.69
N LYS C 114 -7.64 2.05 -111.68
CA LYS C 114 -6.73 2.44 -110.60
C LYS C 114 -6.99 1.61 -109.36
N GLU C 115 -5.94 1.46 -108.56
CA GLU C 115 -5.97 0.60 -107.38
C GLU C 115 -6.49 1.33 -106.14
N HIS C 116 -6.24 2.63 -106.07
CA HIS C 116 -6.71 3.46 -104.95
C HIS C 116 -6.74 4.92 -105.36
N VAL C 117 -7.87 5.58 -105.12
CA VAL C 117 -8.07 7.00 -105.45
C VAL C 117 -8.21 7.79 -104.16
N ALA C 118 -7.67 9.01 -104.16
CA ALA C 118 -7.76 9.90 -103.00
C ALA C 118 -7.51 11.35 -103.37
N GLU C 119 -8.15 12.27 -102.63
CA GLU C 119 -8.02 13.70 -102.87
C GLU C 119 -6.83 14.24 -102.09
N PHE C 120 -6.30 15.36 -102.55
CA PHE C 120 -5.22 16.08 -101.87
C PHE C 120 -5.52 17.56 -101.88
N ARG C 121 -6.10 18.05 -100.78
CA ARG C 121 -6.57 19.42 -100.70
C ARG C 121 -5.40 20.41 -100.63
N VAL C 122 -5.56 21.54 -101.30
CA VAL C 122 -4.53 22.57 -101.39
C VAL C 122 -5.11 23.95 -101.11
N LYS C 123 -4.22 24.91 -100.90
CA LYS C 123 -4.60 26.28 -100.55
C LYS C 123 -5.20 27.04 -101.73
N ASP C 124 -4.48 27.05 -102.84
CA ASP C 124 -4.77 27.92 -103.99
C ASP C 124 -4.96 27.12 -105.28
N GLU C 125 -5.35 27.84 -106.34
CA GLU C 125 -5.43 27.27 -107.69
C GLU C 125 -4.02 27.01 -108.29
N LYS C 126 -3.01 27.71 -107.77
CA LYS C 126 -1.62 27.52 -108.19
C LYS C 126 -1.07 26.14 -107.81
N GLY C 127 -1.51 25.63 -106.66
CA GLY C 127 -1.09 24.31 -106.17
C GLY C 127 -1.53 23.12 -107.01
N LEU C 128 -2.62 23.28 -107.76
CA LEU C 128 -3.11 22.22 -108.66
C LEU C 128 -2.08 21.86 -109.74
N ILE C 129 -1.87 20.56 -109.90
CA ILE C 129 -1.00 20.02 -110.94
C ILE C 129 -1.90 19.78 -112.17
N PRO C 130 -1.35 19.95 -113.39
CA PRO C 130 -2.15 19.59 -114.58
C PRO C 130 -2.55 18.11 -114.59
N PRO C 131 -3.80 17.79 -114.96
CA PRO C 131 -4.29 16.42 -114.85
C PRO C 131 -3.73 15.51 -115.94
N GLY C 132 -3.67 14.22 -115.64
CA GLY C 132 -3.07 13.22 -116.54
C GLY C 132 -1.59 12.94 -116.27
N THR C 133 -0.92 13.82 -115.52
CA THR C 133 0.54 13.70 -115.33
C THR C 133 0.89 12.60 -114.33
N LEU C 134 2.12 12.13 -114.43
CA LEU C 134 2.64 11.05 -113.59
C LEU C 134 3.50 11.64 -112.46
N LEU C 135 3.14 11.32 -111.22
CA LEU C 135 3.89 11.77 -110.05
C LEU C 135 4.90 10.68 -109.65
N LYS C 136 6.17 11.07 -109.57
CA LYS C 136 7.27 10.17 -109.20
C LYS C 136 7.83 10.59 -107.84
N PRO C 137 8.62 9.69 -107.18
CA PRO C 137 9.22 10.03 -105.87
C PRO C 137 10.04 11.33 -105.84
N SER C 138 10.65 11.69 -106.96
CA SER C 138 11.38 12.97 -107.11
C SER C 138 10.53 14.23 -106.88
N PHE C 139 9.20 14.08 -106.85
CA PHE C 139 8.28 15.11 -106.35
C PHE C 139 8.81 15.73 -105.06
N PHE C 140 9.08 14.89 -104.07
CA PHE C 140 9.63 15.34 -102.78
C PHE C 140 11.16 15.47 -102.84
N LYS C 141 11.68 16.40 -102.04
CA LYS C 141 13.12 16.57 -101.87
C LYS C 141 13.58 15.78 -100.65
N GLU C 142 14.82 15.31 -100.70
CA GLU C 142 15.44 14.63 -99.55
C GLU C 142 15.71 15.63 -98.45
N GLY C 143 15.29 15.28 -97.22
CA GLY C 143 15.41 16.17 -96.06
C GLY C 143 14.17 17.00 -95.77
N GLN C 144 13.21 17.04 -96.70
CA GLN C 144 11.97 17.78 -96.48
C GLN C 144 11.06 17.03 -95.52
N TYR C 145 10.13 17.77 -94.90
CA TYR C 145 9.16 17.21 -93.98
C TYR C 145 7.81 17.00 -94.66
N VAL C 146 7.13 15.92 -94.28
CA VAL C 146 5.83 15.57 -94.83
C VAL C 146 4.87 15.04 -93.75
N ASP C 147 3.59 15.33 -93.94
CA ASP C 147 2.52 14.73 -93.14
C ASP C 147 2.15 13.41 -93.82
N VAL C 148 1.74 12.43 -93.03
CA VAL C 148 1.50 11.07 -93.53
C VAL C 148 0.19 10.53 -92.97
N ARG C 149 -0.82 10.33 -93.82
CA ARG C 149 -2.09 9.71 -93.41
C ARG C 149 -2.21 8.27 -93.89
N SER C 150 -2.76 7.43 -93.02
CA SER C 150 -3.06 6.03 -93.33
C SER C 150 -3.90 5.39 -92.23
N VAL C 151 -4.56 4.29 -92.56
CA VAL C 151 -5.39 3.55 -91.61
C VAL C 151 -4.50 2.64 -90.79
N SER C 152 -4.61 2.73 -89.46
CA SER C 152 -3.76 1.97 -88.54
C SER C 152 -4.07 0.47 -88.52
N LYS C 153 -3.15 -0.30 -87.96
CA LYS C 153 -3.35 -1.74 -87.72
C LYS C 153 -4.60 -1.98 -86.88
N GLY C 154 -5.43 -2.92 -87.30
CA GLY C 154 -6.60 -3.33 -86.54
C GLY C 154 -6.18 -4.17 -85.35
N LYS C 155 -6.68 -3.80 -84.16
CA LYS C 155 -6.34 -4.49 -82.92
C LYS C 155 -7.50 -5.34 -82.36
N GLY C 156 -8.68 -5.25 -82.98
CA GLY C 156 -9.83 -6.04 -82.57
C GLY C 156 -10.50 -5.48 -81.33
N PHE C 157 -11.43 -6.24 -80.77
CA PHE C 157 -12.16 -5.85 -79.57
C PHE C 157 -11.22 -5.88 -78.36
N THR C 158 -10.78 -4.70 -77.93
CA THR C 158 -9.76 -4.58 -76.89
C THR C 158 -10.37 -4.16 -75.56
N GLY C 159 -9.61 -4.41 -74.50
CA GLY C 159 -9.98 -4.03 -73.13
C GLY C 159 -9.50 -2.64 -72.80
N VAL C 160 -9.97 -2.14 -71.67
CA VAL C 160 -9.60 -0.79 -71.18
C VAL C 160 -8.14 -0.63 -70.76
N MET C 161 -7.46 -1.74 -70.46
CA MET C 161 -6.02 -1.72 -70.20
C MET C 161 -5.23 -1.40 -71.47
N LYS C 162 -5.54 -2.11 -72.55
CA LYS C 162 -4.85 -1.89 -73.83
C LYS C 162 -5.33 -0.62 -74.54
N ARG C 163 -6.65 -0.39 -74.52
CA ARG C 163 -7.22 0.84 -75.10
C ARG C 163 -6.68 2.10 -74.46
N TYR C 164 -6.91 2.22 -73.15
CA TYR C 164 -6.75 3.48 -72.44
C TYR C 164 -5.65 3.49 -71.38
N GLY C 165 -4.86 2.41 -71.29
CA GLY C 165 -3.78 2.32 -70.30
C GLY C 165 -4.27 2.38 -68.86
N PHE C 166 -5.43 1.76 -68.61
CA PHE C 166 -5.98 1.67 -67.26
C PHE C 166 -5.09 0.76 -66.44
N LYS C 167 -4.88 1.13 -65.18
CA LYS C 167 -4.00 0.38 -64.29
C LYS C 167 -4.52 -1.00 -63.92
N GLY C 168 -5.85 -1.15 -63.90
CA GLY C 168 -6.47 -2.40 -63.49
C GLY C 168 -6.33 -2.61 -61.99
N LEU C 169 -6.89 -3.71 -61.50
CA LEU C 169 -6.84 -4.01 -60.07
C LEU C 169 -5.59 -4.81 -59.75
N ARG C 170 -5.37 -5.06 -58.45
CA ARG C 170 -4.15 -5.74 -58.00
C ARG C 170 -4.15 -7.22 -58.39
N ALA C 171 -2.96 -7.80 -58.41
CA ALA C 171 -2.78 -9.21 -58.75
C ALA C 171 -3.13 -10.12 -57.58
N SER C 172 -2.72 -9.72 -56.38
CA SER C 172 -2.96 -10.47 -55.16
C SER C 172 -3.73 -9.59 -54.16
N HIS C 173 -3.62 -9.91 -52.86
CA HIS C 173 -4.29 -9.17 -51.78
C HIS C 173 -5.82 -9.18 -51.93
N GLY C 174 -6.38 -10.37 -52.11
CA GLY C 174 -7.83 -10.55 -52.11
C GLY C 174 -8.56 -10.35 -53.43
N THR C 175 -7.93 -9.68 -54.39
CA THR C 175 -8.59 -9.31 -55.66
C THR C 175 -9.25 -10.51 -56.34
N SER C 176 -10.56 -10.41 -56.55
CA SER C 176 -11.36 -11.51 -57.09
C SER C 176 -11.95 -11.17 -58.45
N ILE C 177 -11.51 -11.90 -59.48
CA ILE C 177 -12.25 -12.07 -60.73
C ILE C 177 -12.36 -10.77 -61.59
N MET C 178 -11.52 -9.76 -61.30
CA MET C 178 -11.63 -8.45 -61.97
C MET C 178 -10.27 -7.79 -62.19
N HIS C 179 -9.23 -8.59 -62.46
CA HIS C 179 -7.84 -8.10 -62.48
C HIS C 179 -7.55 -7.07 -63.58
N ARG C 180 -8.24 -7.17 -64.71
CA ARG C 180 -8.04 -6.29 -65.87
C ARG C 180 -9.19 -5.32 -66.11
N HIS C 181 -10.10 -5.18 -65.14
CA HIS C 181 -11.33 -4.40 -65.33
C HIS C 181 -11.13 -2.92 -65.06
N GLY C 182 -12.07 -2.12 -65.55
CA GLY C 182 -12.01 -0.66 -65.45
C GLY C 182 -12.44 -0.07 -64.11
N GLY C 183 -12.94 -0.91 -63.20
CA GLY C 183 -13.34 -0.46 -61.87
C GLY C 183 -14.70 0.19 -61.92
N SER C 184 -14.80 1.40 -61.36
CA SER C 184 -16.05 2.17 -61.40
C SER C 184 -16.26 2.75 -62.78
N TYR C 185 -17.53 2.77 -63.21
CA TYR C 185 -17.90 3.37 -64.50
C TYR C 185 -18.86 4.57 -64.34
N GLY C 186 -19.08 5.02 -63.11
CA GLY C 186 -19.92 6.18 -62.87
C GLY C 186 -20.08 6.59 -61.42
N GLN C 187 -21.23 7.20 -61.12
CA GLN C 187 -21.51 7.86 -59.85
C GLN C 187 -22.94 7.56 -59.39
N ASN C 188 -23.14 7.40 -58.09
CA ASN C 188 -24.43 6.91 -57.55
C ASN C 188 -25.57 7.92 -57.64
N GLN C 189 -26.32 7.90 -58.75
CA GLN C 189 -27.64 8.56 -58.89
C GLN C 189 -27.62 10.00 -59.41
N ASP C 190 -26.73 10.79 -58.80
CA ASP C 190 -26.54 12.16 -59.17
C ASP C 190 -26.73 12.10 -60.65
N PRO C 191 -25.77 11.53 -61.37
CA PRO C 191 -26.03 11.45 -62.80
C PRO C 191 -27.13 10.43 -63.10
N GLY C 192 -27.03 9.26 -62.48
CA GLY C 192 -28.01 8.18 -62.64
C GLY C 192 -27.89 7.50 -63.99
N ARG C 193 -26.69 7.57 -64.58
CA ARG C 193 -26.44 7.12 -65.95
C ARG C 193 -24.95 7.21 -66.25
N VAL C 194 -24.44 6.27 -67.04
CA VAL C 194 -23.06 6.35 -67.51
C VAL C 194 -23.00 7.47 -68.54
N LEU C 195 -22.18 8.48 -68.26
CA LEU C 195 -22.15 9.69 -69.07
C LEU C 195 -21.42 9.38 -70.40
N PRO C 196 -21.84 10.03 -71.51
CA PRO C 196 -21.23 9.80 -72.82
C PRO C 196 -19.71 9.90 -72.86
N GLY C 197 -19.11 9.06 -73.71
CA GLY C 197 -17.66 8.96 -73.84
C GLY C 197 -16.95 8.37 -72.65
N ARG C 198 -17.62 7.53 -71.87
CA ARG C 198 -16.98 6.89 -70.72
C ARG C 198 -16.12 5.77 -71.27
N LYS C 199 -14.81 5.87 -71.03
CA LYS C 199 -13.83 4.94 -71.57
C LYS C 199 -14.14 3.50 -71.16
N MET C 200 -14.56 2.71 -72.14
CA MET C 200 -15.00 1.33 -71.94
C MET C 200 -14.33 0.42 -72.95
N PRO C 201 -14.38 -0.91 -72.73
CA PRO C 201 -13.80 -1.81 -73.73
C PRO C 201 -14.54 -1.74 -75.07
N GLY C 202 -13.80 -1.88 -76.16
CA GLY C 202 -14.37 -1.78 -77.49
C GLY C 202 -13.35 -2.05 -78.58
N HIS C 203 -13.79 -1.96 -79.83
CA HIS C 203 -12.90 -2.17 -80.99
C HIS C 203 -11.86 -1.06 -81.08
N MET C 204 -10.63 -1.45 -81.46
CA MET C 204 -9.47 -0.56 -81.50
C MET C 204 -8.69 -0.81 -82.77
N GLY C 205 -8.05 0.24 -83.26
CA GLY C 205 -7.30 0.18 -84.51
C GLY C 205 -8.22 0.26 -85.71
N ASN C 206 -7.62 0.19 -86.89
CA ASN C 206 -8.33 0.27 -88.17
C ASN C 206 -9.05 1.62 -88.36
N GLU C 207 -8.41 2.68 -87.84
CA GLU C 207 -8.89 4.06 -87.97
C GLU C 207 -7.77 4.85 -88.62
N HIS C 208 -8.12 5.97 -89.25
CA HIS C 208 -7.12 6.85 -89.87
C HIS C 208 -6.20 7.49 -88.84
N VAL C 209 -4.97 7.76 -89.26
CA VAL C 209 -3.94 8.32 -88.38
C VAL C 209 -3.04 9.23 -89.20
N THR C 210 -3.10 10.54 -88.96
CA THR C 210 -2.13 11.47 -89.53
C THR C 210 -0.89 11.49 -88.63
N ILE C 211 0.28 11.43 -89.26
CA ILE C 211 1.57 11.54 -88.57
C ILE C 211 2.27 12.75 -89.18
N GLN C 212 2.48 13.77 -88.35
CA GLN C 212 2.95 15.07 -88.81
C GLN C 212 4.46 15.21 -88.69
N ASN C 213 5.06 15.92 -89.65
CA ASN C 213 6.48 16.28 -89.65
C ASN C 213 7.42 15.06 -89.65
N VAL C 214 7.22 14.16 -90.61
CA VAL C 214 8.13 13.02 -90.80
C VAL C 214 9.11 13.42 -91.91
N LYS C 215 10.40 13.12 -91.69
CA LYS C 215 11.44 13.55 -92.61
C LYS C 215 11.60 12.55 -93.75
N VAL C 216 11.68 13.07 -94.98
CA VAL C 216 11.95 12.25 -96.15
C VAL C 216 13.45 11.96 -96.19
N LEU C 217 13.82 10.77 -95.71
CA LEU C 217 15.23 10.40 -95.60
C LEU C 217 15.88 10.27 -96.96
N LYS C 218 15.19 9.59 -97.87
CA LYS C 218 15.74 9.23 -99.16
C LYS C 218 14.64 9.11 -100.22
N VAL C 219 14.97 9.54 -101.43
CA VAL C 219 14.08 9.51 -102.59
C VAL C 219 14.87 8.91 -103.74
N ASP C 220 14.28 7.92 -104.41
CA ASP C 220 14.90 7.37 -105.62
C ASP C 220 13.83 6.86 -106.61
N ASP C 221 13.91 7.38 -107.83
CA ASP C 221 12.98 7.03 -108.91
C ASP C 221 13.29 5.68 -109.57
N GLU C 222 14.46 5.11 -109.29
CA GLU C 222 14.91 3.86 -109.89
C GLU C 222 14.15 2.66 -109.33
N ASN C 223 14.17 2.53 -108.00
CA ASN C 223 13.41 1.48 -107.30
C ASN C 223 11.93 1.83 -107.06
N ASN C 224 11.54 3.07 -107.37
CA ASN C 224 10.14 3.54 -107.27
C ASN C 224 9.66 3.62 -105.82
N VAL C 225 10.52 4.11 -104.93
CA VAL C 225 10.22 4.20 -103.49
C VAL C 225 10.66 5.51 -102.87
N ILE C 226 9.91 5.95 -101.86
CA ILE C 226 10.30 7.03 -100.97
C ILE C 226 10.61 6.41 -99.62
N TRP C 227 11.83 6.64 -99.16
CA TRP C 227 12.21 6.32 -97.78
C TRP C 227 11.70 7.45 -96.90
N VAL C 228 11.16 7.09 -95.73
CA VAL C 228 10.59 8.05 -94.80
C VAL C 228 11.03 7.68 -93.39
N LYS C 229 11.53 8.67 -92.64
CA LYS C 229 12.06 8.43 -91.30
C LYS C 229 10.97 7.98 -90.36
N GLY C 230 11.21 6.83 -89.71
CA GLY C 230 10.34 6.35 -88.64
C GLY C 230 9.14 5.58 -89.11
N SER C 231 8.14 5.52 -88.24
CA SER C 231 6.99 4.64 -88.41
C SER C 231 5.89 5.29 -89.23
N VAL C 232 5.03 4.44 -89.79
CA VAL C 232 3.85 4.89 -90.53
C VAL C 232 2.71 3.93 -90.15
N ALA C 233 1.51 4.49 -89.99
CA ALA C 233 0.36 3.72 -89.51
C ALA C 233 -0.11 2.68 -90.52
N GLY C 234 -0.51 1.52 -90.02
CA GLY C 234 -1.08 0.44 -90.82
C GLY C 234 -0.15 -0.72 -91.06
N PRO C 235 -0.67 -1.81 -91.64
CA PRO C 235 0.13 -2.99 -91.97
C PRO C 235 0.93 -2.78 -93.26
N LYS C 236 1.60 -3.84 -93.72
CA LYS C 236 2.26 -3.83 -95.03
C LYS C 236 1.21 -3.84 -96.13
N ASN C 237 1.57 -3.24 -97.27
CA ASN C 237 0.65 -3.05 -98.40
C ASN C 237 -0.56 -2.13 -98.11
N SER C 238 -0.52 -1.37 -97.02
CA SER C 238 -1.57 -0.42 -96.70
C SER C 238 -1.28 0.88 -97.44
N PHE C 239 -2.34 1.54 -97.92
CA PHE C 239 -2.18 2.77 -98.70
C PHE C 239 -1.86 3.93 -97.76
N VAL C 240 -0.92 4.77 -98.19
CA VAL C 240 -0.38 5.84 -97.37
C VAL C 240 -0.35 7.12 -98.18
N LYS C 241 -1.11 8.13 -97.73
CA LYS C 241 -1.02 9.47 -98.29
C LYS C 241 0.27 10.14 -97.84
N ILE C 242 0.81 11.01 -98.71
CA ILE C 242 1.98 11.82 -98.38
C ILE C 242 1.80 13.22 -98.98
N GLN C 243 1.80 14.23 -98.11
CA GLN C 243 1.82 15.63 -98.52
C GLN C 243 2.83 16.39 -97.68
N ASP C 244 3.24 17.56 -98.18
CA ASP C 244 4.14 18.47 -97.46
C ASP C 244 3.57 18.79 -96.08
N ALA C 245 4.47 18.94 -95.11
CA ALA C 245 4.08 19.25 -93.74
C ALA C 245 3.65 20.71 -93.64
N ILE C 246 2.45 20.94 -93.11
CA ILE C 246 1.93 22.30 -92.92
C ILE C 246 2.63 23.00 -91.75
N LYS C 247 2.91 22.24 -90.69
CA LYS C 247 3.58 22.77 -89.50
C LYS C 247 5.05 23.11 -89.80
N LYS C 248 5.77 22.13 -90.35
CA LYS C 248 7.19 22.31 -90.68
C LYS C 248 7.35 22.75 -92.13
N THR C 249 7.22 24.06 -92.35
CA THR C 249 7.49 24.71 -93.64
C THR C 249 6.54 24.22 -94.73
N LEU D 1 -128.95 11.49 -33.45
CA LEU D 1 -130.30 10.84 -33.65
C LEU D 1 -130.16 9.37 -34.01
N ASN D 2 -129.47 9.11 -35.13
CA ASN D 2 -129.08 7.76 -35.53
C ASN D 2 -127.54 7.73 -35.52
N PRO D 3 -126.93 6.96 -34.58
CA PRO D 3 -125.48 7.07 -34.37
C PRO D 3 -124.61 6.36 -35.42
N LEU D 4 -124.89 5.08 -35.67
CA LEU D 4 -124.16 4.26 -36.64
C LEU D 4 -125.19 3.68 -37.62
N PRO D 5 -125.64 4.49 -38.61
CA PRO D 5 -126.77 4.11 -39.46
C PRO D 5 -126.59 2.82 -40.25
N ASN D 6 -125.36 2.58 -40.71
CA ASN D 6 -125.06 1.48 -41.60
C ASN D 6 -124.61 0.19 -40.87
N ALA D 7 -124.77 0.14 -39.55
CA ALA D 7 -124.49 -1.08 -38.78
C ALA D 7 -125.50 -2.17 -39.15
N ALA D 8 -125.04 -3.42 -39.11
CA ALA D 8 -125.86 -4.57 -39.49
C ALA D 8 -125.27 -5.87 -38.95
N ILE D 9 -126.06 -6.93 -39.01
CA ILE D 9 -125.63 -8.26 -38.51
C ILE D 9 -125.19 -9.14 -39.69
N PRO D 10 -123.98 -9.72 -39.61
CA PRO D 10 -123.45 -10.51 -40.73
C PRO D 10 -124.10 -11.88 -40.87
N PRO D 11 -123.97 -12.51 -42.05
CA PRO D 11 -124.51 -13.84 -42.26
C PRO D 11 -123.63 -14.87 -41.57
N LYS D 12 -124.23 -15.96 -41.08
CA LYS D 12 -123.54 -16.91 -40.19
C LYS D 12 -123.48 -18.37 -40.66
N TYR D 13 -124.14 -18.73 -41.76
CA TYR D 13 -124.17 -20.13 -42.23
C TYR D 13 -124.07 -20.22 -43.74
N ALA D 14 -123.07 -20.94 -44.25
CA ALA D 14 -122.97 -21.25 -45.68
C ALA D 14 -123.38 -22.71 -45.91
N LEU D 15 -124.16 -22.94 -46.96
CA LEU D 15 -124.67 -24.27 -47.28
C LEU D 15 -123.62 -25.01 -48.09
N VAL D 16 -123.19 -26.18 -47.62
CA VAL D 16 -122.33 -27.06 -48.39
C VAL D 16 -123.12 -28.34 -48.70
N THR D 17 -123.08 -28.77 -49.96
CA THR D 17 -123.85 -29.95 -50.38
C THR D 17 -123.17 -31.23 -49.92
N VAL D 18 -123.95 -32.12 -49.31
CA VAL D 18 -123.47 -33.40 -48.80
C VAL D 18 -123.68 -34.41 -49.92
N ARG D 19 -122.59 -35.07 -50.34
CA ARG D 19 -122.62 -35.94 -51.51
C ARG D 19 -122.36 -37.42 -51.18
N SER D 20 -122.75 -38.28 -52.11
CA SER D 20 -122.35 -39.69 -52.12
C SER D 20 -121.04 -39.77 -52.88
N PHE D 21 -120.15 -40.70 -52.53
CA PHE D 21 -118.77 -40.65 -53.04
C PHE D 21 -118.60 -40.98 -54.55
N PRO D 22 -118.58 -42.28 -54.95
CA PRO D 22 -118.11 -42.60 -56.31
C PRO D 22 -118.59 -41.63 -57.39
N SER D 23 -119.88 -41.29 -57.34
CA SER D 23 -120.49 -40.25 -58.16
C SER D 23 -120.99 -39.14 -57.23
N LEU D 24 -120.34 -37.98 -57.31
CA LEU D 24 -120.64 -36.81 -56.47
C LEU D 24 -122.08 -36.29 -56.64
N GLU D 25 -123.04 -36.98 -56.02
CA GLU D 25 -124.46 -36.66 -56.17
C GLU D 25 -125.00 -35.88 -54.96
N PRO D 26 -125.67 -34.73 -55.19
CA PRO D 26 -126.26 -33.97 -54.07
C PRO D 26 -127.34 -34.74 -53.30
N LEU D 27 -127.07 -35.01 -52.02
CA LEU D 27 -128.02 -35.69 -51.14
C LEU D 27 -128.76 -34.70 -50.26
N THR D 28 -128.02 -33.80 -49.62
CA THR D 28 -128.58 -32.76 -48.76
C THR D 28 -127.74 -31.49 -48.87
N PHE D 29 -128.24 -30.39 -48.30
CA PHE D 29 -127.38 -29.27 -47.92
C PHE D 29 -127.06 -29.45 -46.45
N VAL D 30 -125.93 -28.88 -46.03
CA VAL D 30 -125.57 -28.79 -44.61
C VAL D 30 -125.04 -27.37 -44.38
N PRO D 31 -125.66 -26.61 -43.45
CA PRO D 31 -125.18 -25.28 -43.17
C PRO D 31 -123.98 -25.29 -42.22
N VAL D 32 -122.77 -25.21 -42.79
CA VAL D 32 -121.56 -25.02 -41.98
C VAL D 32 -121.43 -23.52 -41.69
N PRO D 33 -120.82 -23.17 -40.53
CA PRO D 33 -120.74 -21.74 -40.18
C PRO D 33 -119.82 -20.96 -41.11
N THR D 34 -120.08 -19.65 -41.23
CA THR D 34 -119.37 -18.80 -42.20
C THR D 34 -117.87 -18.68 -41.89
N SER D 35 -117.52 -18.76 -40.60
CA SER D 35 -116.13 -18.63 -40.15
C SER D 35 -115.21 -19.73 -40.71
N THR D 36 -115.74 -20.96 -40.81
CA THR D 36 -114.98 -22.08 -41.37
C THR D 36 -114.85 -22.02 -42.88
N VAL D 37 -115.98 -21.79 -43.56
CA VAL D 37 -116.09 -22.01 -45.00
C VAL D 37 -116.25 -20.75 -45.86
N ALA D 38 -116.38 -19.58 -45.24
CA ALA D 38 -116.51 -18.32 -46.00
C ALA D 38 -115.92 -17.11 -45.27
N ALA D 39 -114.74 -17.30 -44.69
CA ALA D 39 -113.93 -16.20 -44.15
C ALA D 39 -113.41 -15.32 -45.29
N PRO D 40 -113.18 -14.02 -45.02
CA PRO D 40 -112.46 -13.20 -46.00
C PRO D 40 -111.02 -13.71 -46.19
N LEU D 41 -110.62 -13.89 -47.45
CA LEU D 41 -109.34 -14.49 -47.79
C LEU D 41 -108.18 -13.55 -47.44
N ARG D 42 -107.63 -13.75 -46.25
CA ARG D 42 -106.42 -13.08 -45.79
C ARG D 42 -105.20 -13.88 -46.22
N ARG D 43 -104.45 -13.34 -47.17
CA ARG D 43 -103.26 -14.02 -47.73
C ARG D 43 -102.11 -14.11 -46.74
N ASP D 44 -101.87 -13.02 -46.01
CA ASP D 44 -100.77 -12.92 -45.03
C ASP D 44 -100.78 -14.02 -43.97
N ILE D 45 -101.96 -14.30 -43.45
CA ILE D 45 -102.18 -15.39 -42.47
C ILE D 45 -101.87 -16.74 -43.10
N LEU D 46 -102.36 -16.92 -44.31
CA LEU D 46 -102.16 -18.15 -45.08
C LEU D 46 -100.67 -18.40 -45.34
N TRP D 47 -99.98 -17.33 -45.75
CA TRP D 47 -98.54 -17.34 -45.95
C TRP D 47 -97.79 -17.79 -44.70
N ARG D 48 -98.13 -17.17 -43.57
CA ARG D 48 -97.54 -17.48 -42.27
C ARG D 48 -97.65 -18.96 -41.94
N ALA D 49 -98.86 -19.49 -42.12
CA ALA D 49 -99.16 -20.90 -41.89
C ALA D 49 -98.31 -21.82 -42.77
N VAL D 50 -98.22 -21.47 -44.04
CA VAL D 50 -97.50 -22.28 -45.04
C VAL D 50 -96.00 -22.32 -44.73
N VAL D 51 -95.40 -21.15 -44.53
CA VAL D 51 -93.96 -21.04 -44.27
C VAL D 51 -93.57 -21.81 -43.02
N TYR D 52 -94.32 -21.60 -41.95
CA TYR D 52 -94.16 -22.32 -40.68
C TYR D 52 -94.18 -23.83 -40.86
N GLU D 53 -95.18 -24.31 -41.60
CA GLU D 53 -95.31 -25.73 -41.93
C GLU D 53 -94.12 -26.27 -42.71
N ASN D 54 -93.67 -25.50 -43.69
CA ASN D 54 -92.48 -25.82 -44.49
C ASN D 54 -91.23 -25.92 -43.63
N ASP D 55 -91.08 -24.96 -42.72
CA ASP D 55 -89.96 -24.93 -41.77
C ASP D 55 -89.95 -26.14 -40.85
N ASN D 56 -91.13 -26.51 -40.36
CA ASN D 56 -91.32 -27.71 -39.53
C ASN D 56 -90.91 -28.98 -40.28
N ARG D 57 -91.30 -29.03 -41.55
CA ARG D 57 -91.06 -30.20 -42.42
C ARG D 57 -89.58 -30.45 -42.70
N ARG D 58 -88.77 -29.38 -42.76
CA ARG D 58 -87.32 -29.45 -42.99
C ARG D 58 -86.60 -30.64 -42.33
N VAL D 59 -85.74 -31.31 -43.10
CA VAL D 59 -84.87 -32.36 -42.58
C VAL D 59 -83.61 -31.72 -41.98
N GLY D 60 -82.96 -30.87 -42.76
CA GLY D 60 -81.81 -30.10 -42.29
C GLY D 60 -80.56 -30.94 -42.16
N ALA D 61 -80.18 -31.60 -43.25
CA ALA D 61 -79.07 -32.55 -43.28
C ALA D 61 -77.73 -31.98 -43.80
N SER D 62 -77.66 -30.66 -44.01
CA SER D 62 -76.43 -30.03 -44.49
C SER D 62 -75.32 -30.19 -43.45
N ASN D 63 -74.25 -30.86 -43.85
CA ASN D 63 -73.15 -31.20 -42.94
C ASN D 63 -71.81 -31.11 -43.67
N PRO D 64 -71.43 -29.89 -44.09
CA PRO D 64 -70.09 -29.69 -44.66
C PRO D 64 -69.06 -29.70 -43.53
N PRO D 65 -67.86 -30.24 -43.80
CA PRO D 65 -66.87 -30.30 -42.74
C PRO D 65 -66.17 -28.96 -42.52
N GLY D 66 -66.24 -28.43 -41.30
CA GLY D 66 -65.41 -27.30 -40.90
C GLY D 66 -63.95 -27.69 -40.81
N ARG D 67 -63.11 -26.75 -40.40
CA ARG D 67 -61.66 -27.02 -40.28
C ARG D 67 -61.33 -28.02 -39.15
N SER D 68 -62.22 -28.14 -38.16
CA SER D 68 -62.10 -29.19 -37.13
C SER D 68 -62.57 -30.54 -37.68
N GLU D 69 -63.79 -30.55 -38.23
CA GLU D 69 -64.39 -31.76 -38.84
C GLU D 69 -63.47 -32.39 -39.90
N ASN D 70 -62.89 -31.52 -40.74
CA ASN D 70 -61.96 -31.95 -41.79
C ASN D 70 -60.71 -32.60 -41.19
N GLY D 71 -60.21 -33.64 -41.86
CA GLY D 71 -59.31 -34.61 -41.24
C GLY D 71 -57.81 -34.52 -41.51
N PHE D 72 -57.29 -33.31 -41.67
CA PHE D 72 -55.83 -33.11 -41.78
C PHE D 72 -55.18 -33.08 -40.41
N SER D 73 -53.85 -33.14 -40.41
CA SER D 73 -53.05 -32.95 -39.20
C SER D 73 -53.07 -31.48 -38.77
N ARG D 74 -52.64 -31.24 -37.54
CA ARG D 74 -52.53 -29.88 -36.98
C ARG D 74 -51.17 -29.23 -37.24
N ARG D 75 -50.32 -29.87 -38.04
CA ARG D 75 -48.92 -29.43 -38.19
C ARG D 75 -48.83 -28.22 -39.12
N LYS D 76 -47.88 -27.33 -38.81
CA LYS D 76 -47.62 -26.14 -39.61
C LYS D 76 -46.85 -26.55 -40.86
N LEU D 77 -47.41 -26.27 -42.03
CA LEU D 77 -46.88 -26.78 -43.31
C LEU D 77 -45.53 -26.18 -43.70
N MET D 78 -45.39 -24.88 -43.48
CA MET D 78 -44.17 -24.14 -43.77
C MET D 78 -43.89 -23.21 -42.58
N PRO D 79 -42.59 -23.07 -42.19
CA PRO D 79 -42.27 -22.21 -41.04
C PRO D 79 -42.66 -20.76 -41.27
N GLN D 80 -43.03 -20.06 -40.20
CA GLN D 80 -43.63 -18.71 -40.28
C GLN D 80 -42.85 -17.76 -41.19
N LYS D 81 -41.54 -17.73 -41.00
CA LYS D 81 -40.63 -16.95 -41.84
C LYS D 81 -39.50 -17.82 -42.41
N GLY D 82 -38.80 -17.29 -43.41
CA GLY D 82 -37.71 -17.99 -44.09
C GLY D 82 -38.17 -19.07 -45.04
N SER D 83 -39.35 -18.87 -45.65
CA SER D 83 -39.91 -19.80 -46.64
C SER D 83 -39.97 -19.22 -48.07
N GLY D 84 -40.03 -17.89 -48.19
CA GLY D 84 -40.24 -17.23 -49.48
C GLY D 84 -41.65 -17.36 -50.03
N ARG D 85 -42.60 -17.63 -49.14
CA ARG D 85 -44.01 -17.83 -49.49
C ARG D 85 -44.91 -17.29 -48.37
N ALA D 86 -46.20 -17.18 -48.66
CA ALA D 86 -47.19 -16.68 -47.68
C ALA D 86 -47.26 -17.55 -46.43
N ARG D 87 -47.74 -16.95 -45.34
CA ARG D 87 -47.79 -17.63 -44.05
C ARG D 87 -48.93 -18.65 -44.05
N VAL D 88 -48.63 -19.86 -43.59
CA VAL D 88 -49.62 -20.94 -43.50
C VAL D 88 -49.55 -21.61 -42.13
N GLY D 89 -50.69 -22.11 -41.68
CA GLY D 89 -50.78 -22.91 -40.46
C GLY D 89 -51.03 -24.35 -40.85
N ASP D 90 -52.07 -24.95 -40.29
CA ASP D 90 -52.50 -26.29 -40.69
C ASP D 90 -53.20 -26.29 -42.04
N ALA D 91 -53.34 -27.48 -42.61
CA ALA D 91 -53.90 -27.65 -43.95
C ALA D 91 -55.44 -27.55 -44.02
N ASN D 92 -56.10 -27.47 -42.87
CA ASN D 92 -57.58 -27.41 -42.81
C ASN D 92 -58.22 -26.06 -43.13
N SER D 93 -57.42 -25.02 -43.34
CA SER D 93 -57.94 -23.65 -43.51
C SER D 93 -58.95 -23.55 -44.68
N PRO D 94 -60.04 -22.77 -44.49
CA PRO D 94 -60.98 -22.46 -45.59
C PRO D 94 -60.34 -21.82 -46.81
N THR D 95 -59.27 -21.07 -46.57
CA THR D 95 -58.52 -20.39 -47.62
C THR D 95 -57.90 -21.34 -48.65
N ARG D 96 -57.53 -22.55 -48.19
CA ARG D 96 -56.89 -23.53 -49.09
C ARG D 96 -57.90 -24.53 -49.67
N HIS D 97 -57.53 -25.09 -50.82
CA HIS D 97 -58.46 -25.80 -51.70
C HIS D 97 -58.99 -27.13 -51.15
N ASN D 98 -58.16 -27.84 -50.39
CA ASN D 98 -58.56 -29.11 -49.75
C ASN D 98 -59.05 -28.96 -48.31
N GLY D 99 -58.94 -27.75 -47.76
CA GLY D 99 -59.32 -27.50 -46.37
C GLY D 99 -60.83 -27.45 -46.15
N GLY D 100 -61.21 -27.39 -44.88
CA GLY D 100 -62.62 -27.40 -44.49
C GLY D 100 -63.31 -26.07 -44.71
N ARG D 101 -64.63 -26.08 -44.62
CA ARG D 101 -65.45 -24.90 -44.92
C ARG D 101 -65.45 -23.90 -43.76
N ALA D 102 -65.48 -22.61 -44.10
CA ALA D 102 -65.61 -21.55 -43.10
C ALA D 102 -67.06 -21.46 -42.66
N LEU D 103 -67.27 -21.32 -41.35
CA LEU D 103 -68.59 -21.15 -40.75
C LEU D 103 -69.51 -22.31 -41.14
N ALA D 104 -68.97 -23.51 -41.06
CA ALA D 104 -69.64 -24.71 -41.56
C ALA D 104 -70.82 -25.08 -40.68
N ARG D 105 -71.95 -25.39 -41.32
CA ARG D 105 -73.10 -25.96 -40.61
C ARG D 105 -72.78 -27.38 -40.18
N THR D 106 -73.56 -27.87 -39.21
CA THR D 106 -73.43 -29.23 -38.72
C THR D 106 -74.82 -29.82 -38.51
N ALA D 107 -75.13 -30.87 -39.26
CA ALA D 107 -76.43 -31.52 -39.18
C ALA D 107 -76.55 -32.29 -37.86
N PRO D 108 -77.76 -32.36 -37.28
CA PRO D 108 -79.03 -31.82 -37.77
C PRO D 108 -79.17 -30.31 -37.57
N ASN D 109 -79.52 -29.61 -38.65
CA ASN D 109 -79.80 -28.17 -38.60
C ASN D 109 -81.29 -27.97 -38.30
N ASP D 110 -81.60 -27.47 -37.10
CA ASP D 110 -82.97 -27.28 -36.67
C ASP D 110 -83.56 -26.01 -37.29
N TYR D 111 -84.48 -26.20 -38.24
CA TYR D 111 -85.16 -25.08 -38.90
C TYR D 111 -86.58 -24.83 -38.36
N THR D 112 -86.91 -25.43 -37.21
CA THR D 112 -88.26 -25.34 -36.66
C THR D 112 -88.60 -23.93 -36.17
N THR D 113 -89.66 -23.35 -36.76
CA THR D 113 -90.21 -22.08 -36.32
C THR D 113 -91.51 -22.33 -35.57
N GLU D 114 -91.97 -21.32 -34.85
CA GLU D 114 -93.18 -21.39 -34.04
C GLU D 114 -94.28 -20.53 -34.66
N LEU D 115 -95.52 -20.79 -34.28
CA LEU D 115 -96.68 -20.00 -34.69
C LEU D 115 -97.65 -20.01 -33.52
N PRO D 116 -98.39 -18.90 -33.28
CA PRO D 116 -99.49 -19.02 -32.33
C PRO D 116 -100.57 -19.98 -32.83
N SER D 117 -101.14 -20.74 -31.90
CA SER D 117 -102.15 -21.75 -32.21
C SER D 117 -103.40 -21.15 -32.87
N LYS D 118 -103.83 -20.00 -32.35
CA LYS D 118 -104.97 -19.26 -32.89
C LYS D 118 -104.76 -18.83 -34.33
N VAL D 119 -103.57 -18.30 -34.62
CA VAL D 119 -103.17 -17.87 -35.96
C VAL D 119 -103.24 -19.04 -36.94
N TYR D 120 -102.68 -20.16 -36.51
CA TYR D 120 -102.68 -21.39 -37.30
C TYR D 120 -104.09 -21.88 -37.60
N SER D 121 -104.96 -21.84 -36.60
CA SER D 121 -106.37 -22.22 -36.73
C SER D 121 -107.09 -21.33 -37.74
N MET D 122 -106.85 -20.02 -37.62
CA MET D 122 -107.39 -19.00 -38.52
C MET D 122 -106.99 -19.26 -39.96
N ALA D 123 -105.70 -19.54 -40.16
CA ALA D 123 -105.15 -19.90 -41.48
C ALA D 123 -105.80 -21.13 -42.07
N PHE D 124 -106.00 -22.13 -41.21
CA PHE D 124 -106.64 -23.39 -41.60
C PHE D 124 -108.07 -23.15 -42.09
N ASN D 125 -108.81 -22.38 -41.31
CA ASN D 125 -110.16 -21.92 -41.69
C ASN D 125 -110.16 -21.18 -43.02
N ASN D 126 -109.21 -20.26 -43.15
CA ASN D 126 -109.07 -19.38 -44.30
C ASN D 126 -108.85 -20.14 -45.60
N ALA D 127 -107.93 -21.12 -45.54
CA ALA D 127 -107.64 -22.02 -46.66
C ALA D 127 -108.88 -22.78 -47.12
N LEU D 128 -109.62 -23.30 -46.13
CA LEU D 128 -110.86 -24.03 -46.36
C LEU D 128 -111.91 -23.15 -47.05
N SER D 129 -112.03 -21.92 -46.55
CA SER D 129 -112.95 -20.92 -47.12
C SER D 129 -112.62 -20.58 -48.56
N HIS D 130 -111.33 -20.38 -48.82
CA HIS D 130 -110.82 -20.15 -50.17
C HIS D 130 -111.16 -21.29 -51.12
N GLN D 131 -110.97 -22.51 -50.63
CA GLN D 131 -111.28 -23.75 -51.39
C GLN D 131 -112.76 -23.83 -51.74
N TYR D 132 -113.61 -23.51 -50.75
CA TYR D 132 -115.06 -23.46 -50.92
C TYR D 132 -115.48 -22.44 -51.98
N LYS D 133 -114.89 -21.25 -51.90
CA LYS D 133 -115.10 -20.17 -52.88
C LYS D 133 -114.75 -20.59 -54.29
N SER D 134 -113.59 -21.23 -54.43
CA SER D 134 -113.13 -21.76 -55.71
C SER D 134 -114.10 -22.78 -56.34
N GLY D 135 -114.76 -23.56 -55.49
CA GLY D 135 -115.62 -24.67 -55.93
C GLY D 135 -114.79 -25.92 -56.02
N LYS D 136 -113.97 -26.14 -55.00
CA LYS D 136 -113.00 -27.24 -54.94
C LYS D 136 -113.09 -27.98 -53.59
N LEU D 137 -114.25 -27.89 -52.93
CA LEU D 137 -114.47 -28.50 -51.62
C LEU D 137 -115.70 -29.40 -51.68
N PHE D 138 -115.45 -30.69 -51.86
CA PHE D 138 -116.51 -31.68 -52.02
C PHE D 138 -116.74 -32.42 -50.72
N VAL D 139 -117.84 -32.10 -50.05
CA VAL D 139 -118.20 -32.72 -48.78
C VAL D 139 -119.01 -33.97 -49.05
N ILE D 140 -118.49 -35.11 -48.60
CA ILE D 140 -119.12 -36.41 -48.81
C ILE D 140 -119.61 -36.96 -47.46
N GLY D 141 -120.87 -37.37 -47.41
CA GLY D 141 -121.46 -37.88 -46.18
C GLY D 141 -122.88 -38.38 -46.38
N GLY D 142 -123.72 -38.18 -45.37
CA GLY D 142 -125.12 -38.61 -45.40
C GLY D 142 -125.50 -39.72 -44.42
N GLU D 143 -124.52 -40.23 -43.68
CA GLU D 143 -124.76 -41.31 -42.70
C GLU D 143 -125.46 -40.77 -41.46
N LYS D 144 -124.89 -39.71 -40.88
CA LYS D 144 -125.40 -39.12 -39.64
C LYS D 144 -126.62 -38.21 -39.89
N VAL D 145 -126.50 -37.32 -40.87
CA VAL D 145 -127.52 -36.29 -41.11
C VAL D 145 -128.79 -36.82 -41.75
N ASP D 146 -129.86 -36.03 -41.65
CA ASP D 146 -131.16 -36.35 -42.26
C ASP D 146 -131.15 -35.89 -43.72
N LEU D 147 -131.36 -36.84 -44.63
CA LEU D 147 -131.23 -36.59 -46.07
C LEU D 147 -132.49 -35.96 -46.69
N ILE D 148 -132.32 -35.40 -47.88
CA ILE D 148 -133.44 -34.96 -48.72
C ILE D 148 -133.61 -36.00 -49.82
N SER D 149 -132.59 -36.11 -50.67
CA SER D 149 -132.55 -37.12 -51.74
C SER D 149 -131.84 -38.36 -51.20
N PRO D 150 -132.36 -39.56 -51.50
CA PRO D 150 -131.75 -40.78 -50.97
C PRO D 150 -130.44 -41.12 -51.69
N THR D 151 -129.54 -41.80 -50.98
CA THR D 151 -128.24 -42.19 -51.56
C THR D 151 -128.44 -43.22 -52.68
N PRO D 152 -127.59 -43.18 -53.73
CA PRO D 152 -127.71 -44.19 -54.79
C PRO D 152 -127.40 -45.63 -54.37
N GLU D 153 -127.84 -46.57 -55.19
CA GLU D 153 -127.69 -48.01 -54.92
C GLU D 153 -126.23 -48.49 -54.92
N LEU D 154 -125.43 -47.99 -55.87
CA LEU D 154 -124.03 -48.40 -56.04
C LEU D 154 -123.00 -47.46 -55.39
N ASP D 155 -123.40 -46.24 -55.03
CA ASP D 155 -122.58 -45.34 -54.21
C ASP D 155 -122.68 -45.71 -52.74
N LEU D 156 -121.86 -45.05 -51.91
CA LEU D 156 -121.99 -45.10 -50.46
C LEU D 156 -121.61 -43.76 -49.83
N ASN D 157 -122.10 -43.53 -48.62
CA ASN D 157 -122.01 -42.22 -47.97
C ASN D 157 -120.61 -41.83 -47.46
N ARG D 158 -119.83 -42.82 -47.04
CA ARG D 158 -118.42 -42.62 -46.66
C ARG D 158 -117.51 -42.51 -47.89
N LEU D 159 -116.24 -42.16 -47.67
CA LEU D 159 -115.27 -41.92 -48.74
C LEU D 159 -114.39 -43.16 -48.95
N ASP D 160 -114.93 -44.16 -49.66
CA ASP D 160 -114.25 -45.45 -49.85
C ASP D 160 -114.82 -46.23 -51.03
N LEU D 161 -114.01 -47.13 -51.60
CA LEU D 161 -114.45 -48.05 -52.66
C LEU D 161 -114.66 -49.45 -52.08
N VAL D 162 -115.73 -50.11 -52.53
CA VAL D 162 -116.08 -51.47 -52.10
C VAL D 162 -115.24 -52.52 -52.84
N ASN D 163 -115.04 -53.67 -52.20
CA ASN D 163 -114.30 -54.84 -52.73
C ASN D 163 -113.01 -54.54 -53.52
N THR D 164 -112.19 -53.65 -52.94
CA THR D 164 -110.89 -53.29 -53.51
C THR D 164 -109.88 -54.44 -53.39
N ASN D 165 -109.85 -55.06 -52.21
CA ASN D 165 -108.96 -56.18 -51.94
C ASN D 165 -109.25 -57.45 -52.74
N THR D 166 -110.51 -57.63 -53.13
CA THR D 166 -110.93 -58.77 -53.96
C THR D 166 -110.34 -58.65 -55.37
N VAL D 167 -109.76 -59.74 -55.86
CA VAL D 167 -109.07 -59.77 -57.15
C VAL D 167 -108.94 -61.22 -57.64
N GLU D 168 -110.06 -61.74 -58.17
CA GLU D 168 -110.20 -63.17 -58.47
C GLU D 168 -110.00 -63.55 -59.95
N GLY D 169 -110.59 -62.79 -60.86
CA GLY D 169 -110.57 -63.10 -62.28
C GLY D 169 -109.22 -62.82 -62.93
N LYS D 170 -108.85 -61.54 -62.90
CA LYS D 170 -107.58 -61.05 -63.46
C LYS D 170 -106.81 -60.29 -62.38
N GLU D 171 -105.58 -59.89 -62.72
CA GLU D 171 -104.74 -59.07 -61.84
C GLU D 171 -105.33 -57.67 -61.58
N ILE D 172 -106.05 -57.13 -62.56
CA ILE D 172 -106.83 -55.89 -62.40
C ILE D 172 -107.93 -56.06 -61.33
N PHE D 173 -108.18 -54.99 -60.58
CA PHE D 173 -109.25 -54.98 -59.56
C PHE D 173 -110.24 -53.81 -59.72
N GLU D 174 -111.39 -53.97 -59.06
CA GLU D 174 -112.59 -53.18 -59.35
C GLU D 174 -112.55 -51.75 -58.82
N GLY D 175 -112.01 -51.58 -57.61
CA GLY D 175 -111.93 -50.26 -56.97
C GLY D 175 -111.11 -49.24 -57.74
N GLU D 176 -110.00 -49.71 -58.32
CA GLU D 176 -109.15 -48.91 -59.21
C GLU D 176 -109.94 -48.43 -60.42
N VAL D 177 -110.63 -49.36 -61.07
CA VAL D 177 -111.47 -49.08 -62.24
C VAL D 177 -112.52 -48.02 -61.94
N ILE D 178 -113.20 -48.20 -60.81
CA ILE D 178 -114.22 -47.26 -60.33
C ILE D 178 -113.63 -45.86 -60.17
N PHE D 179 -112.44 -45.80 -59.57
CA PHE D 179 -111.72 -44.55 -59.36
C PHE D 179 -111.40 -43.87 -60.70
N ARG D 180 -110.88 -44.66 -61.65
CA ARG D 180 -110.59 -44.16 -62.99
C ARG D 180 -111.82 -43.60 -63.68
N LYS D 181 -112.93 -44.32 -63.57
CA LYS D 181 -114.23 -43.89 -64.10
C LYS D 181 -114.67 -42.56 -63.52
N PHE D 182 -114.57 -42.46 -62.19
CA PHE D 182 -114.84 -41.23 -61.45
C PHE D 182 -113.99 -40.06 -61.94
N LEU D 183 -112.69 -40.31 -62.12
CA LEU D 183 -111.77 -39.30 -62.64
C LEU D 183 -112.17 -38.81 -64.03
N GLU D 184 -112.49 -39.78 -64.88
CA GLU D 184 -112.96 -39.52 -66.26
C GLU D 184 -114.21 -38.64 -66.28
N GLU D 185 -115.13 -38.95 -65.36
CA GLU D 185 -116.41 -38.25 -65.25
C GLU D 185 -116.24 -36.77 -64.89
N PHE D 186 -115.43 -36.50 -63.87
CA PHE D 186 -115.30 -35.14 -63.33
C PHE D 186 -114.08 -34.37 -63.85
N GLN D 187 -113.39 -34.93 -64.84
CA GLN D 187 -112.39 -34.22 -65.64
C GLN D 187 -111.24 -33.70 -64.77
N LEU D 188 -110.63 -34.62 -64.03
CA LEU D 188 -109.56 -34.30 -63.07
C LEU D 188 -108.56 -35.46 -63.01
N LYS D 189 -108.08 -35.85 -64.19
CA LYS D 189 -107.16 -36.98 -64.35
C LYS D 189 -105.76 -36.58 -63.89
N GLY D 190 -105.24 -35.50 -64.47
CA GLY D 190 -103.91 -34.98 -64.12
C GLY D 190 -103.89 -34.01 -62.95
N LYS D 191 -105.08 -33.61 -62.47
CA LYS D 191 -105.18 -32.62 -61.39
C LYS D 191 -104.85 -33.21 -60.02
N ARG D 192 -104.31 -32.37 -59.13
CA ARG D 192 -104.01 -32.76 -57.76
C ARG D 192 -105.29 -32.94 -56.94
N LEU D 193 -105.38 -34.07 -56.24
CA LEU D 193 -106.55 -34.39 -55.42
C LEU D 193 -106.15 -34.66 -53.98
N LEU D 194 -107.05 -34.36 -53.05
CA LEU D 194 -106.77 -34.44 -51.62
C LEU D 194 -107.98 -35.00 -50.86
N PHE D 195 -107.90 -36.28 -50.51
CA PHE D 195 -108.99 -37.00 -49.86
C PHE D 195 -108.84 -36.99 -48.34
N ILE D 196 -109.58 -36.09 -47.68
CA ILE D 196 -109.53 -35.98 -46.21
C ILE D 196 -110.53 -36.94 -45.59
N THR D 197 -110.03 -38.09 -45.13
CA THR D 197 -110.84 -39.11 -44.45
C THR D 197 -110.95 -38.81 -42.95
N ASP D 198 -111.81 -39.56 -42.27
CA ASP D 198 -111.96 -39.50 -40.82
C ASP D 198 -111.19 -40.65 -40.19
N LYS D 199 -111.50 -41.87 -40.63
CA LYS D 199 -110.79 -43.09 -40.22
C LYS D 199 -110.09 -43.70 -41.44
N THR D 200 -109.20 -44.65 -41.19
CA THR D 200 -108.31 -45.18 -42.24
C THR D 200 -109.09 -45.96 -43.31
N ARG D 201 -109.23 -45.35 -44.49
CA ARG D 201 -109.90 -45.97 -45.63
C ARG D 201 -108.85 -46.66 -46.51
N GLU D 202 -108.58 -47.92 -46.18
CA GLU D 202 -107.52 -48.72 -46.81
C GLU D 202 -107.78 -49.00 -48.28
N GLY D 203 -109.03 -49.32 -48.60
CA GLY D 203 -109.46 -49.57 -49.97
C GLY D 203 -109.31 -48.36 -50.86
N LEU D 204 -109.68 -47.19 -50.34
CA LEU D 204 -109.52 -45.92 -51.05
C LEU D 204 -108.07 -45.65 -51.42
N ILE D 205 -107.16 -45.82 -50.46
CA ILE D 205 -105.73 -45.57 -50.70
C ILE D 205 -105.13 -46.56 -51.70
N LYS D 206 -105.63 -47.79 -51.68
CA LYS D 206 -105.24 -48.82 -52.65
C LYS D 206 -105.67 -48.44 -54.06
N SER D 207 -106.92 -48.01 -54.17
CA SER D 207 -107.48 -47.47 -55.42
C SER D 207 -106.67 -46.31 -55.96
N SER D 208 -106.32 -45.39 -55.07
CA SER D 208 -105.51 -44.21 -55.39
C SER D 208 -104.11 -44.54 -55.90
N ASP D 209 -103.45 -45.53 -55.27
CA ASP D 209 -102.01 -45.85 -55.49
C ASP D 209 -101.44 -45.74 -56.92
N PRO D 210 -102.19 -46.20 -57.93
CA PRO D 210 -101.89 -45.88 -59.32
C PRO D 210 -101.65 -44.39 -59.60
N TYR D 211 -102.55 -43.53 -59.10
CA TYR D 211 -102.40 -42.07 -59.21
C TYR D 211 -101.87 -41.47 -57.90
N LYS D 212 -100.80 -42.06 -57.37
CA LYS D 212 -100.19 -41.61 -56.11
C LYS D 212 -99.51 -40.25 -56.23
N GLN D 213 -98.96 -39.96 -57.41
CA GLN D 213 -98.25 -38.70 -57.66
C GLN D 213 -99.13 -37.45 -57.55
N LYS D 214 -100.42 -37.58 -57.86
CA LYS D 214 -101.37 -36.47 -57.79
C LYS D 214 -102.41 -36.58 -56.67
N VAL D 215 -102.84 -37.80 -56.34
CA VAL D 215 -103.86 -38.03 -55.31
C VAL D 215 -103.20 -38.27 -53.95
N ASP D 216 -103.59 -37.48 -52.95
CA ASP D 216 -103.08 -37.62 -51.58
C ASP D 216 -104.24 -37.85 -50.62
N VAL D 217 -104.31 -39.05 -50.05
CA VAL D 217 -105.32 -39.42 -49.07
C VAL D 217 -104.74 -39.16 -47.69
N ILE D 218 -105.40 -38.31 -46.91
CA ILE D 218 -104.92 -37.90 -45.58
C ILE D 218 -106.03 -38.09 -44.55
N GLN D 219 -105.63 -38.34 -43.31
CA GLN D 219 -106.55 -38.43 -42.17
C GLN D 219 -107.05 -37.04 -41.77
N LYS D 220 -108.11 -37.02 -40.96
CA LYS D 220 -108.64 -35.75 -40.41
C LYS D 220 -107.64 -35.01 -39.51
N GLU D 221 -106.80 -35.76 -38.80
CA GLU D 221 -105.85 -35.19 -37.84
C GLU D 221 -104.56 -34.69 -38.51
N LEU D 222 -104.07 -35.43 -39.49
CA LEU D 222 -102.77 -35.16 -40.12
C LEU D 222 -102.83 -34.20 -41.33
N VAL D 223 -104.04 -33.75 -41.70
CA VAL D 223 -104.19 -32.80 -42.80
C VAL D 223 -103.58 -31.43 -42.44
N GLU D 224 -102.98 -30.79 -43.44
CA GLU D 224 -102.25 -29.53 -43.28
C GLU D 224 -102.88 -28.42 -44.11
N VAL D 225 -102.45 -27.19 -43.85
CA VAL D 225 -102.81 -26.02 -44.65
C VAL D 225 -102.25 -26.18 -46.07
N ASN D 226 -100.96 -26.52 -46.14
CA ASN D 226 -100.27 -26.78 -47.42
C ASN D 226 -100.99 -27.80 -48.30
N ASP D 227 -101.37 -28.92 -47.68
CA ASP D 227 -102.09 -30.00 -48.35
C ASP D 227 -103.40 -29.50 -48.95
N ILE D 228 -104.14 -28.73 -48.17
CA ILE D 228 -105.42 -28.15 -48.58
C ILE D 228 -105.26 -27.21 -49.78
N LEU D 229 -104.25 -26.35 -49.73
CA LEU D 229 -104.09 -25.29 -50.73
C LEU D 229 -103.50 -25.81 -52.04
N ARG D 230 -102.51 -26.69 -51.94
CA ARG D 230 -101.93 -27.39 -53.11
C ARG D 230 -103.00 -28.13 -53.93
N ALA D 231 -103.95 -28.74 -53.25
CA ALA D 231 -105.01 -29.51 -53.90
C ALA D 231 -105.81 -28.73 -54.95
N GLN D 232 -106.06 -29.37 -56.08
CA GLN D 232 -106.91 -28.82 -57.15
C GLN D 232 -108.39 -29.05 -56.81
N ALA D 233 -108.67 -30.07 -56.00
CA ALA D 233 -110.02 -30.34 -55.48
C ALA D 233 -109.93 -31.26 -54.27
N VAL D 234 -110.43 -30.80 -53.12
CA VAL D 234 -110.42 -31.62 -51.89
C VAL D 234 -111.73 -32.39 -51.75
N PHE D 235 -111.61 -33.63 -51.25
CA PHE D 235 -112.74 -34.52 -51.05
C PHE D 235 -112.78 -34.91 -49.60
N ILE D 236 -113.61 -34.21 -48.83
CA ILE D 236 -113.62 -34.34 -47.38
C ILE D 236 -114.88 -35.07 -46.91
N GLU D 237 -114.72 -35.91 -45.88
CA GLU D 237 -115.86 -36.57 -45.25
C GLU D 237 -116.56 -35.54 -44.37
N LEU D 238 -117.89 -35.63 -44.30
CA LEU D 238 -118.69 -34.66 -43.52
C LEU D 238 -118.23 -34.62 -42.06
N GLU D 239 -118.09 -35.81 -41.47
CA GLU D 239 -117.61 -35.99 -40.10
C GLU D 239 -116.23 -35.36 -39.88
N ALA D 240 -115.32 -35.61 -40.84
CA ALA D 240 -113.97 -35.04 -40.81
C ALA D 240 -113.99 -33.52 -40.85
N LEU D 241 -114.86 -32.98 -41.70
CA LEU D 241 -115.06 -31.53 -41.85
C LEU D 241 -115.58 -30.91 -40.56
N GLU D 242 -116.57 -31.57 -39.96
CA GLU D 242 -117.10 -31.20 -38.63
C GLU D 242 -116.00 -31.14 -37.57
N TYR D 243 -115.19 -32.19 -37.52
CA TYR D 243 -114.06 -32.30 -36.60
C TYR D 243 -113.08 -31.14 -36.76
N LEU D 244 -112.72 -30.86 -38.00
CA LEU D 244 -111.83 -29.74 -38.34
C LEU D 244 -112.40 -28.41 -37.87
N ALA D 245 -113.69 -28.19 -38.14
CA ALA D 245 -114.40 -27.00 -37.68
C ALA D 245 -114.31 -26.83 -36.18
N MET D 246 -114.61 -27.91 -35.45
CA MET D 246 -114.50 -27.96 -33.99
C MET D 246 -113.11 -27.61 -33.48
N ALA D 247 -112.09 -28.18 -34.14
CA ALA D 247 -110.68 -27.93 -33.80
C ALA D 247 -110.30 -26.47 -33.94
N HIS D 248 -110.63 -25.89 -35.09
CA HIS D 248 -110.17 -24.56 -35.47
C HIS D 248 -111.24 -23.46 -35.33
N GLN D 249 -112.25 -23.71 -34.50
CA GLN D 249 -113.23 -22.70 -34.11
C GLN D 249 -112.59 -21.76 -33.09
N LYS D 250 -112.96 -20.48 -33.15
CA LYS D 250 -112.55 -19.52 -32.12
C LYS D 250 -113.36 -19.81 -30.85
N GLU D 251 -112.67 -20.01 -29.74
CA GLU D 251 -113.30 -20.41 -28.47
C GLU D 251 -114.04 -19.23 -27.84
N ILE D 252 -115.08 -19.52 -27.06
CA ILE D 252 -115.92 -18.51 -26.42
C ILE D 252 -116.12 -18.87 -24.94
N PRO E 1 -72.00 30.63 8.89
CA PRO E 1 -72.01 31.83 8.06
C PRO E 1 -72.35 31.54 6.60
N LYS E 2 -73.46 32.09 6.11
CA LYS E 2 -73.85 31.91 4.72
C LYS E 2 -73.04 32.83 3.82
N SER E 3 -72.64 34.00 4.32
CA SER E 3 -71.77 34.90 3.55
C SER E 3 -71.02 35.90 4.43
N ALA E 4 -70.04 36.54 3.82
CA ALA E 4 -69.23 37.58 4.44
C ALA E 4 -69.53 38.97 3.87
N CYS E 5 -70.56 39.09 3.04
CA CYS E 5 -70.86 40.35 2.34
C CYS E 5 -71.48 41.39 3.27
N SER E 6 -70.69 42.40 3.65
CA SER E 6 -71.15 43.49 4.52
C SER E 6 -71.78 44.59 3.66
N LEU E 7 -72.97 45.04 4.05
CA LEU E 7 -73.76 45.96 3.24
C LEU E 7 -74.90 46.58 4.08
N VAL E 8 -74.67 47.80 4.56
CA VAL E 8 -75.59 48.50 5.46
C VAL E 8 -76.77 49.00 4.64
N LYS E 9 -77.99 48.65 5.06
CA LYS E 9 -79.18 49.02 4.29
C LYS E 9 -79.56 50.48 4.55
N PRO E 10 -80.01 51.22 3.51
CA PRO E 10 -80.49 52.58 3.76
C PRO E 10 -81.82 52.63 4.51
N VAL E 11 -82.09 53.79 5.11
CA VAL E 11 -83.25 53.99 5.97
C VAL E 11 -84.23 54.99 5.35
N HIS E 12 -85.40 55.14 5.96
CA HIS E 12 -86.45 56.02 5.45
C HIS E 12 -86.90 57.01 6.53
N HIS E 13 -85.93 57.53 7.28
CA HIS E 13 -86.20 58.55 8.31
C HIS E 13 -84.88 59.19 8.74
N LEU E 14 -84.98 60.42 9.27
CA LEU E 14 -83.80 61.20 9.68
C LEU E 14 -83.55 61.20 11.19
N VAL E 15 -84.41 60.55 11.97
CA VAL E 15 -84.18 60.36 13.40
C VAL E 15 -82.95 59.50 13.61
N LYS E 16 -82.08 59.92 14.52
CA LYS E 16 -80.83 59.22 14.82
C LYS E 16 -81.05 58.20 15.94
N ILE E 17 -81.13 56.93 15.56
CA ILE E 17 -81.39 55.85 16.50
C ILE E 17 -80.11 55.50 17.27
N ASP E 18 -80.08 55.89 18.54
CA ASP E 18 -79.05 55.43 19.46
C ASP E 18 -79.43 54.01 19.91
N LYS E 19 -78.70 53.03 19.41
CA LYS E 19 -79.01 51.61 19.65
C LYS E 19 -78.76 51.18 21.09
N SER E 20 -77.76 51.80 21.73
CA SER E 20 -77.43 51.57 23.14
C SER E 20 -78.61 51.83 24.09
N LYS E 21 -79.40 52.85 23.78
CA LYS E 21 -80.52 53.27 24.63
C LYS E 21 -81.72 52.32 24.55
N LEU E 22 -81.87 51.64 23.42
CA LEU E 22 -83.00 50.73 23.17
C LEU E 22 -82.87 49.39 23.91
N SER E 23 -81.64 48.99 24.21
CA SER E 23 -81.36 47.79 25.01
C SER E 23 -81.71 48.03 26.50
N PRO E 24 -81.85 46.95 27.29
CA PRO E 24 -81.82 47.04 28.75
C PRO E 24 -80.59 46.36 29.39
N ARG E 25 -79.48 46.25 28.65
CA ARG E 25 -78.32 45.45 29.11
C ARG E 25 -77.42 46.14 30.13
N PHE E 26 -77.01 47.36 29.84
CA PHE E 26 -76.02 48.07 30.66
C PHE E 26 -76.64 49.35 31.23
N PRO E 27 -77.49 49.21 32.27
CA PRO E 27 -78.23 50.36 32.83
C PRO E 27 -77.34 51.40 33.52
N GLU E 28 -76.23 50.94 34.09
CA GLU E 28 -75.27 51.83 34.75
C GLU E 28 -74.48 52.61 33.68
N LEU E 29 -74.29 51.97 32.53
CA LEU E 29 -73.52 52.53 31.42
C LEU E 29 -74.28 53.57 30.58
N LYS E 30 -75.61 53.65 30.75
CA LYS E 30 -76.43 54.64 30.03
C LYS E 30 -76.19 56.04 30.58
N TYR E 31 -75.91 56.11 31.89
CA TYR E 31 -75.50 57.36 32.53
C TYR E 31 -74.13 57.77 32.03
N ASP E 32 -73.93 59.09 31.92
CA ASP E 32 -72.61 59.64 31.60
C ASP E 32 -71.69 59.45 32.81
N LYS E 33 -70.39 59.38 32.57
CA LYS E 33 -69.40 59.23 33.65
C LYS E 33 -69.36 60.49 34.55
N SER E 34 -69.75 61.63 34.01
CA SER E 34 -69.93 62.87 34.79
C SER E 34 -71.09 62.79 35.78
N ASP E 35 -72.14 62.02 35.45
CA ASP E 35 -73.32 61.89 36.29
C ASP E 35 -73.02 61.13 37.60
N ILE E 36 -73.61 61.61 38.68
CA ILE E 36 -73.44 61.03 40.03
C ILE E 36 -73.92 59.58 40.16
N ARG E 37 -74.92 59.21 39.38
CA ARG E 37 -75.51 57.86 39.43
C ARG E 37 -74.63 56.78 38.82
N SER E 38 -73.70 57.17 37.95
CA SER E 38 -72.74 56.24 37.36
C SER E 38 -71.71 55.79 38.41
N PRO E 39 -71.38 54.48 38.43
CA PRO E 39 -70.20 54.00 39.18
C PRO E 39 -68.87 54.63 38.73
N GLY E 40 -68.81 55.05 37.47
CA GLY E 40 -67.66 55.80 36.95
C GLY E 40 -67.51 57.24 37.42
N PHE E 41 -68.37 57.71 38.34
CA PHE E 41 -68.30 59.09 38.82
C PHE E 41 -67.00 59.40 39.57
N LYS E 42 -66.46 60.58 39.28
CA LYS E 42 -65.31 61.13 39.99
C LYS E 42 -65.49 62.64 40.13
N PRO E 43 -65.32 63.18 41.34
CA PRO E 43 -65.25 64.63 41.54
C PRO E 43 -64.10 65.27 40.73
N LYS E 44 -64.48 66.05 39.71
CA LYS E 44 -63.52 66.64 38.77
C LYS E 44 -62.94 67.94 39.33
N ASP E 45 -63.82 68.92 39.54
CA ASP E 45 -63.42 70.28 39.88
C ASP E 45 -63.37 70.42 41.41
N THR E 46 -62.38 69.75 42.00
CA THR E 46 -62.27 69.60 43.45
C THR E 46 -61.68 70.83 44.13
N HIS E 47 -60.68 71.45 43.51
CA HIS E 47 -60.08 72.68 44.02
C HIS E 47 -59.61 73.58 42.86
N ALA E 48 -59.33 74.83 43.19
CA ALA E 48 -58.92 75.82 42.19
C ALA E 48 -57.51 75.55 41.69
N ASP E 49 -57.39 75.31 40.39
CA ASP E 49 -56.10 75.02 39.75
C ASP E 49 -55.30 76.32 39.63
N ARG E 50 -54.05 76.30 40.09
CA ARG E 50 -53.29 77.52 40.33
C ARG E 50 -52.61 78.00 39.05
N LEU E 51 -51.95 77.08 38.36
CA LEU E 51 -51.25 77.36 37.10
C LEU E 51 -52.22 77.81 36.01
N ASN E 52 -53.35 77.13 35.95
CA ASN E 52 -54.44 77.48 35.03
C ASN E 52 -54.99 78.89 35.29
N ASP E 53 -55.21 79.19 36.56
CA ASP E 53 -55.67 80.52 36.99
C ASP E 53 -54.68 81.61 36.56
N HIS E 54 -53.40 81.36 36.80
CA HIS E 54 -52.32 82.25 36.40
C HIS E 54 -52.32 82.51 34.89
N TYR E 55 -52.44 81.44 34.12
CA TYR E 55 -52.53 81.49 32.65
C TYR E 55 -53.68 82.39 32.21
N LEU E 56 -54.85 82.12 32.77
CA LEU E 56 -56.07 82.91 32.52
C LEU E 56 -55.88 84.40 32.78
N ASN E 57 -55.26 84.72 33.92
CA ASN E 57 -55.17 86.10 34.40
C ASN E 57 -54.08 86.88 33.68
N THR E 58 -52.83 86.45 33.85
CA THR E 58 -51.67 87.20 33.36
C THR E 58 -51.32 86.85 31.93
N LEU E 59 -51.08 85.55 31.68
CA LEU E 59 -50.35 85.12 30.49
C LEU E 59 -51.10 85.22 29.18
N GLN E 60 -52.37 84.82 29.20
CA GLN E 60 -53.14 84.63 27.97
C GLN E 60 -53.23 85.91 27.14
N SER E 61 -53.52 87.01 27.83
CA SER E 61 -53.54 88.35 27.22
C SER E 61 -52.18 88.74 26.65
N ASP E 62 -51.12 88.47 27.41
CA ASP E 62 -49.74 88.75 26.99
C ASP E 62 -49.38 87.97 25.73
N LEU E 63 -49.73 86.67 25.74
CA LEU E 63 -49.51 85.78 24.59
C LEU E 63 -50.22 86.26 23.33
N LEU E 64 -51.48 86.66 23.49
CA LEU E 64 -52.27 87.24 22.40
C LEU E 64 -51.58 88.47 21.81
N LEU E 65 -51.11 89.33 22.71
CA LEU E 65 -50.42 90.58 22.33
C LEU E 65 -49.14 90.29 21.54
N ILE E 66 -48.38 89.31 22.03
CA ILE E 66 -47.16 88.84 21.36
C ILE E 66 -47.46 88.34 19.94
N ASN E 67 -48.49 87.51 19.83
CA ASN E 67 -48.76 86.76 18.60
C ASN E 67 -49.53 87.57 17.54
N TYR E 68 -49.98 88.77 17.87
CA TYR E 68 -50.62 89.63 16.90
C TYR E 68 -49.64 90.02 15.80
N SER E 69 -49.92 89.57 14.57
CA SER E 69 -49.29 90.07 13.36
C SER E 69 -50.38 90.75 12.53
N HIS E 70 -50.10 91.97 12.07
CA HIS E 70 -51.14 92.80 11.44
C HIS E 70 -51.56 92.30 10.06
N ASN E 71 -52.87 92.11 9.89
CA ASN E 71 -53.47 91.52 8.69
C ASN E 71 -52.79 90.23 8.24
N ALA E 72 -52.55 89.34 9.21
CA ALA E 72 -51.98 88.02 8.95
C ALA E 72 -53.08 87.12 8.40
N ALA E 73 -52.85 86.55 7.22
CA ALA E 73 -53.77 85.59 6.61
C ALA E 73 -53.32 84.18 6.95
N VAL E 74 -54.18 83.21 6.63
CA VAL E 74 -53.89 81.79 6.89
C VAL E 74 -52.77 81.29 5.98
N VAL E 75 -51.87 80.50 6.56
CA VAL E 75 -50.82 79.82 5.81
C VAL E 75 -51.26 78.38 5.66
N LYS E 76 -51.67 78.00 4.44
CA LYS E 76 -52.08 76.63 4.16
C LYS E 76 -50.88 75.69 4.21
N GLY E 77 -51.09 74.51 4.77
CA GLY E 77 -50.04 73.50 4.86
C GLY E 77 -49.81 72.78 3.54
N LEU E 78 -48.87 71.84 3.55
CA LEU E 78 -48.68 70.93 2.42
C LEU E 78 -49.83 69.94 2.39
N LYS E 79 -50.52 69.86 1.25
CA LYS E 79 -51.68 69.00 1.08
C LYS E 79 -51.47 68.09 -0.13
N GLN E 80 -52.36 67.12 -0.27
CA GLN E 80 -52.40 66.25 -1.43
C GLN E 80 -52.79 67.08 -2.65
N ARG E 81 -51.93 67.07 -3.66
CA ARG E 81 -52.19 67.83 -4.90
C ARG E 81 -53.04 67.01 -5.84
N ALA E 82 -54.01 67.64 -6.48
CA ALA E 82 -54.80 67.00 -7.54
C ALA E 82 -53.99 67.01 -8.83
N TRP E 83 -54.35 66.10 -9.73
CA TRP E 83 -53.76 66.05 -11.06
C TRP E 83 -54.43 67.07 -11.95
N SER E 84 -53.65 67.70 -12.83
CA SER E 84 -54.21 68.45 -13.95
C SER E 84 -54.84 67.43 -14.89
N GLY E 85 -56.01 67.76 -15.42
CA GLY E 85 -56.73 66.84 -16.32
C GLY E 85 -56.24 66.91 -17.77
N ASP E 86 -54.92 66.87 -17.96
CA ASP E 86 -54.30 66.94 -19.29
C ASP E 86 -54.09 65.55 -19.95
N SER E 87 -54.84 64.56 -19.48
CA SER E 87 -54.74 63.19 -19.94
C SER E 87 -55.94 62.43 -19.36
N PRO E 88 -56.54 61.51 -20.15
CA PRO E 88 -57.73 60.81 -19.66
C PRO E 88 -57.45 59.76 -18.57
N TYR E 89 -56.18 59.51 -18.28
CA TYR E 89 -55.75 58.63 -17.19
C TYR E 89 -55.80 59.33 -15.81
N HIS E 90 -55.97 60.64 -15.80
CA HIS E 90 -56.11 61.41 -14.56
C HIS E 90 -57.53 61.31 -13.96
N LEU E 91 -58.44 60.59 -14.63
CA LEU E 91 -59.87 60.79 -14.45
C LEU E 91 -60.45 60.19 -13.16
N ASN E 92 -59.92 59.06 -12.72
CA ASN E 92 -60.25 58.48 -11.40
C ASN E 92 -58.97 58.19 -10.61
N ARG E 93 -57.94 59.00 -10.86
CA ARG E 93 -56.62 58.77 -10.29
C ARG E 93 -56.60 59.35 -8.87
N PRO E 94 -56.00 58.64 -7.90
CA PRO E 94 -55.77 59.24 -6.58
C PRO E 94 -54.85 60.47 -6.65
N PRO E 95 -55.04 61.45 -5.76
CA PRO E 95 -54.26 62.67 -5.83
C PRO E 95 -52.78 62.44 -5.50
N LYS E 96 -51.91 63.25 -6.10
CA LYS E 96 -50.48 63.23 -5.80
C LYS E 96 -50.30 63.54 -4.33
N ASN E 97 -49.43 62.78 -3.67
CA ASN E 97 -49.08 63.03 -2.27
C ASN E 97 -48.45 64.43 -2.13
N PRO E 98 -48.38 64.98 -0.90
CA PRO E 98 -47.81 66.33 -0.72
C PRO E 98 -46.40 66.52 -1.24
N ARG E 99 -46.00 67.78 -1.37
CA ARG E 99 -44.74 68.15 -2.04
C ARG E 99 -43.52 67.49 -1.37
N GLY E 100 -43.11 67.97 -0.20
CA GLY E 100 -42.00 67.37 0.53
C GLY E 100 -42.39 66.09 1.25
N SER E 101 -43.47 66.18 2.03
CA SER E 101 -43.90 65.09 2.91
C SER E 101 -44.75 64.03 2.20
N LYS E 102 -44.84 62.85 2.82
CA LYS E 102 -45.77 61.81 2.41
C LYS E 102 -47.15 62.01 3.03
N ALA E 103 -47.18 62.48 4.28
CA ALA E 103 -48.41 62.82 4.98
C ALA E 103 -48.73 64.32 4.85
N GLN E 104 -50.02 64.64 4.87
CA GLN E 104 -50.49 66.02 4.77
C GLN E 104 -50.20 66.78 6.06
N LEU E 105 -49.92 68.08 5.93
CA LEU E 105 -49.64 68.95 7.08
C LEU E 105 -50.76 69.97 7.28
N PRO E 106 -50.99 70.41 8.53
CA PRO E 106 -52.10 71.31 8.83
C PRO E 106 -51.87 72.76 8.45
N ASP E 107 -52.96 73.51 8.32
CA ASP E 107 -52.91 74.95 8.08
C ASP E 107 -52.56 75.68 9.36
N ILE E 108 -51.71 76.69 9.24
CA ILE E 108 -51.30 77.53 10.37
C ILE E 108 -52.16 78.78 10.36
N HIS E 109 -52.95 78.96 11.41
CA HIS E 109 -53.90 80.06 11.50
C HIS E 109 -53.27 81.26 12.22
N PRO E 110 -53.75 82.49 11.94
CA PRO E 110 -53.36 83.63 12.77
C PRO E 110 -53.94 83.53 14.17
N ILE E 111 -53.17 83.96 15.18
CA ILE E 111 -53.62 83.87 16.56
C ILE E 111 -54.55 85.03 16.86
N LYS E 112 -55.76 84.70 17.31
CA LYS E 112 -56.77 85.66 17.74
C LYS E 112 -57.29 85.22 19.11
N TRP E 113 -58.23 85.98 19.66
CA TRP E 113 -58.85 85.70 20.97
C TRP E 113 -59.31 84.25 21.20
N SER E 114 -59.76 83.57 20.14
CA SER E 114 -60.19 82.17 20.23
C SER E 114 -59.02 81.20 20.39
N ASN E 115 -58.08 81.24 19.44
CA ASN E 115 -57.02 80.23 19.30
C ASN E 115 -55.66 80.64 19.89
N ILE E 116 -55.68 81.15 21.13
CA ILE E 116 -54.44 81.48 21.86
C ILE E 116 -53.82 80.16 22.32
N PRO E 117 -52.47 80.02 22.22
CA PRO E 117 -51.85 78.78 22.69
C PRO E 117 -51.97 78.58 24.21
N GLY E 118 -52.15 77.32 24.61
CA GLY E 118 -52.30 76.93 26.02
C GLY E 118 -51.94 75.47 26.21
N LEU E 119 -51.76 75.04 27.45
CA LEU E 119 -51.41 73.64 27.74
C LEU E 119 -52.60 72.74 27.44
N GLU E 120 -52.36 71.65 26.72
CA GLU E 120 -53.40 70.70 26.35
C GLU E 120 -53.30 69.40 27.14
N SER E 121 -52.09 68.82 27.15
CA SER E 121 -51.87 67.53 27.81
C SER E 121 -50.39 67.27 28.04
N VAL E 122 -50.07 66.55 29.12
CA VAL E 122 -48.72 66.06 29.39
C VAL E 122 -48.77 64.55 29.36
N VAL E 123 -47.72 63.94 28.78
CA VAL E 123 -47.60 62.49 28.74
C VAL E 123 -46.21 62.12 29.25
N ILE E 124 -46.15 61.16 30.16
CA ILE E 124 -44.90 60.79 30.82
C ILE E 124 -44.53 59.34 30.47
N ASN E 125 -43.84 59.19 29.34
CA ASN E 125 -43.44 57.89 28.83
C ASN E 125 -42.17 57.39 29.52
N CYS E 126 -42.29 56.29 30.25
CA CYS E 126 -41.17 55.64 30.92
C CYS E 126 -41.05 54.21 30.40
N PHE E 127 -40.06 53.97 29.53
CA PHE E 127 -39.76 52.65 29.01
C PHE E 127 -38.45 52.17 29.62
N VAL E 128 -38.54 51.26 30.60
CA VAL E 128 -37.35 50.77 31.29
C VAL E 128 -36.82 49.57 30.49
N ARG E 129 -35.58 49.68 30.00
CA ARG E 129 -35.02 48.67 29.09
C ARG E 129 -34.38 47.48 29.79
N GLU E 130 -34.09 47.60 31.09
CA GLU E 130 -33.67 46.46 31.91
C GLU E 130 -34.83 45.48 32.14
N ALA E 131 -36.08 45.94 32.00
CA ALA E 131 -37.26 45.08 32.14
C ALA E 131 -37.44 44.00 31.06
N ARG E 132 -36.59 43.99 30.04
CA ARG E 132 -36.48 42.84 29.15
C ARG E 132 -35.99 41.60 29.91
N GLU E 133 -35.17 41.83 30.94
CA GLU E 133 -34.73 40.78 31.87
C GLU E 133 -35.74 40.58 33.01
N ASN E 134 -36.17 41.67 33.65
CA ASN E 134 -36.98 41.63 34.88
C ASN E 134 -38.32 42.37 34.75
N GLN E 135 -39.41 41.62 34.73
CA GLN E 135 -40.78 42.19 34.62
C GLN E 135 -41.15 43.08 35.82
N LEU E 136 -40.60 42.76 36.99
CA LEU E 136 -40.87 43.48 38.24
C LEU E 136 -40.41 44.96 38.18
N LEU E 137 -39.37 45.22 37.39
CA LEU E 137 -38.87 46.58 37.15
C LEU E 137 -39.90 47.49 36.48
N ALA E 138 -40.68 46.93 35.56
CA ALA E 138 -41.78 47.65 34.92
C ALA E 138 -42.84 48.09 35.91
N ILE E 139 -43.12 47.21 36.87
CA ILE E 139 -44.11 47.44 37.93
C ILE E 139 -43.66 48.59 38.83
N THR E 140 -42.39 48.52 39.24
CA THR E 140 -41.77 49.56 40.07
C THR E 140 -41.78 50.93 39.39
N ALA E 141 -41.48 50.94 38.09
CA ALA E 141 -41.53 52.14 37.26
C ALA E 141 -42.93 52.75 37.21
N ALA E 142 -43.92 51.88 37.03
CA ALA E 142 -45.33 52.28 37.01
C ALA E 142 -45.75 52.89 38.35
N LEU E 143 -45.35 52.26 39.45
CA LEU E 143 -45.61 52.79 40.80
C LEU E 143 -45.01 54.17 40.98
N GLN E 144 -43.75 54.31 40.60
CA GLN E 144 -43.03 55.59 40.65
C GLN E 144 -43.80 56.68 39.92
N LEU E 145 -44.21 56.37 38.70
CA LEU E 145 -45.03 57.26 37.88
C LEU E 145 -46.31 57.70 38.58
N GLN E 146 -47.02 56.72 39.13
CA GLN E 146 -48.23 56.96 39.90
C GLN E 146 -47.98 57.91 41.07
N GLN E 147 -46.91 57.63 41.82
CA GLN E 147 -46.49 58.45 42.96
C GLN E 147 -46.27 59.90 42.54
N ILE E 148 -45.52 60.06 41.46
CA ILE E 148 -45.17 61.37 40.91
C ILE E 148 -46.42 62.17 40.52
N THR E 149 -47.37 61.49 39.87
CA THR E 149 -48.49 62.16 39.20
C THR E 149 -49.71 62.30 40.11
N GLY E 150 -50.04 61.21 40.81
CA GLY E 150 -51.34 61.07 41.46
C GLY E 150 -52.40 60.64 40.45
N CYS E 151 -51.94 59.96 39.39
CA CYS E 151 -52.79 59.51 38.30
C CYS E 151 -52.41 58.09 37.92
N LYS E 152 -53.39 57.34 37.43
CA LYS E 152 -53.21 55.92 37.14
C LYS E 152 -52.38 55.72 35.88
N PRO E 153 -51.23 55.01 35.99
CA PRO E 153 -50.43 54.74 34.82
C PRO E 153 -50.98 53.59 33.99
N HIS E 154 -50.56 53.53 32.73
CA HIS E 154 -50.93 52.46 31.81
C HIS E 154 -49.65 51.74 31.39
N PRO E 155 -49.67 50.39 31.38
CA PRO E 155 -48.45 49.63 31.09
C PRO E 155 -48.04 49.71 29.62
N ILE E 156 -46.76 49.92 29.39
CA ILE E 156 -46.18 49.87 28.05
C ILE E 156 -45.72 48.43 27.83
N PHE E 157 -45.98 47.92 26.63
CA PHE E 157 -45.50 46.61 26.20
C PHE E 157 -44.58 46.78 25.00
N SER E 158 -43.65 45.85 24.85
CA SER E 158 -42.75 45.82 23.68
C SER E 158 -43.54 45.51 22.41
N LYS E 159 -43.75 46.53 21.59
CA LYS E 159 -44.47 46.39 20.32
C LYS E 159 -43.68 45.68 19.22
N ASN E 160 -42.35 45.82 19.27
CA ASN E 160 -41.45 45.28 18.24
C ASN E 160 -40.57 44.14 18.76
N ASP E 161 -39.85 43.51 17.84
CA ASP E 161 -38.85 42.49 18.15
C ASP E 161 -37.53 42.89 17.48
N VAL E 162 -36.42 42.57 18.15
CA VAL E 162 -35.09 42.92 17.68
C VAL E 162 -34.05 42.04 18.41
N PRO E 163 -33.04 41.52 17.69
CA PRO E 163 -32.04 40.66 18.33
C PRO E 163 -30.88 41.40 19.03
N THR E 164 -30.40 42.49 18.44
CA THR E 164 -29.23 43.23 18.94
C THR E 164 -29.45 43.68 20.39
N TRP E 165 -30.57 44.37 20.60
CA TRP E 165 -31.06 44.66 21.94
C TRP E 165 -31.91 43.46 22.33
N LYS E 166 -31.69 42.90 23.52
CA LYS E 166 -32.30 41.62 23.90
C LYS E 166 -33.80 41.77 24.20
N LEU E 167 -34.57 42.05 23.15
CA LEU E 167 -35.95 42.51 23.26
C LEU E 167 -36.93 41.58 22.52
N ARG E 168 -37.88 41.02 23.26
CA ARG E 168 -38.95 40.21 22.71
C ARG E 168 -40.14 41.11 22.33
N LYS E 169 -41.16 40.50 21.72
CA LYS E 169 -42.41 41.18 21.38
C LYS E 169 -43.50 40.74 22.35
N GLY E 170 -44.21 41.73 22.91
CA GLY E 170 -45.32 41.47 23.83
C GLY E 170 -44.88 41.26 25.27
N HIS E 171 -43.96 42.11 25.72
CA HIS E 171 -43.36 42.03 27.06
C HIS E 171 -43.54 43.37 27.77
N GLN E 172 -44.08 43.33 29.00
CA GLN E 172 -44.36 44.55 29.77
C GLN E 172 -43.06 45.24 30.18
N MET E 173 -42.93 46.51 29.78
CA MET E 173 -41.67 47.24 29.91
C MET E 173 -41.96 48.72 30.18
N GLY E 174 -41.89 49.10 31.45
CA GLY E 174 -42.25 50.44 31.90
C GLY E 174 -43.73 50.76 31.81
N ALA E 175 -44.03 52.07 31.84
CA ALA E 175 -45.41 52.56 31.81
C ALA E 175 -45.48 54.00 31.33
N LYS E 176 -46.70 54.43 31.01
CA LYS E 176 -47.01 55.80 30.59
C LYS E 176 -48.21 56.33 31.35
N VAL E 177 -48.41 57.65 31.28
CA VAL E 177 -49.57 58.28 31.92
C VAL E 177 -49.86 59.65 31.29
N GLU E 178 -51.04 59.78 30.68
CA GLU E 178 -51.48 61.05 30.10
C GLU E 178 -52.17 61.87 31.18
N LEU E 179 -51.53 62.96 31.59
CA LEU E 179 -52.11 63.90 32.54
C LEU E 179 -52.86 64.97 31.78
N LYS E 180 -54.00 65.38 32.32
CA LYS E 180 -54.86 66.39 31.71
C LYS E 180 -55.58 67.19 32.80
N GLY E 181 -55.73 68.49 32.55
CA GLY E 181 -56.41 69.39 33.47
C GLY E 181 -55.56 69.77 34.67
N LYS E 182 -56.06 69.45 35.87
CA LYS E 182 -55.51 69.99 37.12
C LYS E 182 -54.28 69.22 37.62
N GLU E 183 -54.33 67.89 37.47
CA GLU E 183 -53.21 67.01 37.85
C GLU E 183 -51.96 67.31 37.03
N MET E 184 -52.18 67.48 35.73
CA MET E 184 -51.13 67.86 34.78
C MET E 184 -50.50 69.19 35.17
N SER E 185 -51.35 70.18 35.44
CA SER E 185 -50.92 71.50 35.90
C SER E 185 -50.06 71.44 37.16
N GLN E 186 -50.52 70.65 38.12
CA GLN E 186 -49.78 70.41 39.37
C GLN E 186 -48.40 69.83 39.08
N PHE E 187 -48.37 68.79 38.25
CA PHE E 187 -47.13 68.14 37.83
C PHE E 187 -46.15 69.11 37.18
N LEU E 188 -46.67 69.99 36.33
CA LEU E 188 -45.85 71.03 35.70
C LEU E 188 -45.25 71.97 36.74
N SER E 189 -46.11 72.44 37.66
CA SER E 189 -45.70 73.32 38.76
C SER E 189 -44.60 72.70 39.64
N THR E 190 -44.73 71.40 39.91
CA THR E 190 -43.73 70.66 40.69
C THR E 190 -42.40 70.61 39.95
N LEU E 191 -42.49 70.33 38.65
CA LEU E 191 -41.32 70.28 37.76
C LEU E 191 -40.57 71.62 37.76
N THR E 192 -41.33 72.71 37.62
CA THR E 192 -40.76 74.04 37.58
C THR E 192 -40.06 74.41 38.88
N GLU E 193 -40.68 74.05 40.01
CA GLU E 193 -40.29 74.60 41.32
C GLU E 193 -39.35 73.66 42.08
N ILE E 194 -39.75 72.41 42.23
CA ILE E 194 -39.01 71.44 43.05
C ILE E 194 -37.87 70.77 42.27
N VAL E 195 -38.23 70.08 41.19
CA VAL E 195 -37.34 69.09 40.57
C VAL E 195 -36.24 69.70 39.71
N LEU E 196 -36.61 70.50 38.70
CA LEU E 196 -35.64 70.99 37.70
C LEU E 196 -34.54 71.91 38.25
N PRO E 197 -34.84 72.72 39.29
CA PRO E 197 -33.76 73.45 39.98
C PRO E 197 -32.75 72.57 40.72
N ARG E 198 -33.19 71.42 41.25
CA ARG E 198 -32.27 70.46 41.90
C ARG E 198 -31.39 69.66 40.94
N ILE E 199 -31.66 69.75 39.64
CA ILE E 199 -30.76 69.18 38.62
C ILE E 199 -29.57 70.13 38.51
N ARG E 200 -28.35 69.59 38.61
CA ARG E 200 -27.13 70.39 38.76
C ARG E 200 -26.83 71.32 37.59
N GLU E 201 -26.29 70.78 36.49
CA GLU E 201 -25.97 71.58 35.31
C GLU E 201 -27.14 71.55 34.35
N TYR E 202 -28.22 72.22 34.77
CA TYR E 202 -29.46 72.28 34.01
C TYR E 202 -29.57 73.65 33.36
N LYS E 203 -29.36 73.68 32.04
CA LYS E 203 -29.46 74.91 31.26
C LYS E 203 -30.92 75.21 30.95
N GLY E 204 -31.65 74.16 30.56
CA GLY E 204 -33.08 74.25 30.29
C GLY E 204 -33.55 73.21 29.29
N ILE E 205 -34.70 73.49 28.68
CA ILE E 205 -35.21 72.70 27.55
C ILE E 205 -34.56 73.27 26.30
N SER E 206 -34.20 72.39 25.36
CA SER E 206 -33.58 72.83 24.11
C SER E 206 -34.59 73.58 23.24
N ASN E 207 -34.11 74.60 22.52
CA ASN E 207 -34.95 75.32 21.56
C ASN E 207 -35.10 74.54 20.25
N GLN E 208 -34.20 73.60 20.00
CA GLN E 208 -34.33 72.69 18.85
C GLN E 208 -35.27 71.51 19.12
N SER E 209 -35.66 71.31 20.39
CA SER E 209 -36.66 70.32 20.76
C SER E 209 -38.04 70.71 20.26
N GLY E 210 -38.85 69.69 19.95
CA GLY E 210 -40.27 69.84 19.70
C GLY E 210 -40.78 69.24 18.41
N ASN E 211 -42.10 69.20 18.31
CA ASN E 211 -42.80 68.87 17.08
C ASN E 211 -42.69 70.08 16.15
N ARG E 212 -43.20 69.93 14.93
CA ARG E 212 -43.36 71.07 14.03
C ARG E 212 -44.57 71.90 14.47
N PHE E 213 -45.55 71.25 15.10
CA PHE E 213 -46.81 71.87 15.51
C PHE E 213 -47.10 71.66 17.00
N GLY E 214 -46.77 72.67 17.81
CA GLY E 214 -47.23 72.79 19.19
C GLY E 214 -47.08 71.57 20.07
N GLY E 215 -45.85 71.07 20.17
CA GLY E 215 -45.52 69.98 21.08
C GLY E 215 -44.05 70.03 21.42
N ILE E 216 -43.74 70.04 22.71
CA ILE E 216 -42.37 70.19 23.20
C ILE E 216 -42.08 69.06 24.18
N SER E 217 -40.83 68.62 24.21
CA SER E 217 -40.46 67.49 25.06
C SER E 217 -39.04 67.53 25.58
N PHE E 218 -38.82 66.74 26.61
CA PHE E 218 -37.54 66.59 27.29
C PHE E 218 -37.64 65.37 28.20
N GLY E 219 -36.53 65.00 28.83
CA GLY E 219 -36.47 63.81 29.65
C GLY E 219 -35.65 63.96 30.91
N LEU E 220 -36.00 63.15 31.91
CA LEU E 220 -35.36 63.18 33.22
C LEU E 220 -34.63 61.86 33.42
N THR E 221 -33.42 61.92 33.97
CA THR E 221 -32.65 60.73 34.31
C THR E 221 -33.16 60.13 35.62
N ALA E 222 -32.67 58.93 35.95
CA ALA E 222 -32.97 58.29 37.24
C ALA E 222 -32.47 59.10 38.44
N GLU E 223 -31.39 59.86 38.24
CA GLU E 223 -30.88 60.80 39.25
C GLU E 223 -31.87 61.92 39.55
N ASP E 224 -32.54 62.41 38.51
CA ASP E 224 -33.48 63.53 38.62
C ASP E 224 -34.80 63.20 39.33
N ILE E 225 -35.21 61.93 39.29
CA ILE E 225 -36.51 61.51 39.84
C ILE E 225 -36.52 61.49 41.37
N LYS E 226 -35.35 61.32 41.99
CA LYS E 226 -35.25 61.34 43.46
C LYS E 226 -35.51 62.72 44.10
N PHE E 227 -35.66 63.77 43.28
CA PHE E 227 -36.03 65.11 43.75
C PHE E 227 -37.53 65.31 43.90
N PHE E 228 -38.35 64.45 43.28
CA PHE E 228 -39.80 64.47 43.48
C PHE E 228 -40.11 64.19 44.95
N PRO E 229 -40.98 65.00 45.57
CA PRO E 229 -41.22 64.92 47.03
C PRO E 229 -41.80 63.58 47.51
N GLU E 230 -42.56 62.90 46.65
CA GLU E 230 -43.13 61.59 46.98
C GLU E 230 -42.07 60.50 47.02
N ILE E 231 -41.08 60.61 46.13
CA ILE E 231 -39.95 59.67 46.07
C ILE E 231 -38.90 60.05 47.12
N ASP E 232 -38.63 61.35 47.25
CA ASP E 232 -37.62 61.88 48.18
C ASP E 232 -37.89 61.54 49.66
N ALA E 233 -39.18 61.56 50.05
CA ALA E 233 -39.58 61.35 51.44
C ALA E 233 -39.34 59.92 51.97
N ASN E 234 -39.19 58.95 51.07
CA ASN E 234 -38.82 57.58 51.44
C ASN E 234 -37.78 56.97 50.49
N GLN E 235 -36.52 57.41 50.66
CA GLN E 235 -35.40 56.90 49.85
C GLN E 235 -35.06 55.43 50.16
N ASP E 236 -35.44 54.96 51.36
CA ASP E 236 -35.36 53.52 51.69
C ASP E 236 -36.32 52.68 50.85
N SER E 237 -37.54 53.20 50.65
CA SER E 237 -38.55 52.51 49.84
C SER E 237 -38.27 52.53 48.33
N TRP E 238 -37.44 53.47 47.88
CA TRP E 238 -37.05 53.60 46.46
C TRP E 238 -35.54 53.37 46.27
N PRO E 239 -35.10 52.10 46.25
CA PRO E 239 -33.70 51.80 45.93
C PRO E 239 -33.39 52.03 44.44
N LYS E 240 -34.18 51.40 43.57
CA LYS E 240 -34.10 51.64 42.13
C LYS E 240 -35.06 52.75 41.72
N THR E 241 -34.77 53.35 40.58
CA THR E 241 -35.52 54.49 40.06
C THR E 241 -35.19 54.62 38.58
N PHE E 242 -36.18 55.05 37.79
CA PHE E 242 -36.12 54.95 36.34
C PHE E 242 -36.32 56.33 35.72
N GLY E 243 -35.59 56.60 34.64
CA GLY E 243 -35.76 57.85 33.89
C GLY E 243 -37.10 57.90 33.18
N MET E 244 -37.38 59.03 32.53
CA MET E 244 -38.65 59.20 31.84
C MET E 244 -38.60 60.30 30.78
N HIS E 245 -39.40 60.12 29.73
CA HIS E 245 -39.65 61.14 28.73
C HIS E 245 -40.91 61.90 29.11
N ILE E 246 -40.93 63.19 28.82
CA ILE E 246 -42.05 64.08 29.20
C ILE E 246 -42.50 64.86 27.96
N ASN E 247 -43.57 64.36 27.32
CA ASN E 247 -44.14 64.99 26.13
C ASN E 247 -45.21 66.01 26.53
N ILE E 248 -44.90 67.29 26.38
CA ILE E 248 -45.87 68.36 26.62
C ILE E 248 -46.56 68.70 25.30
N ASN E 249 -47.89 68.63 25.30
CA ASN E 249 -48.71 68.89 24.13
C ASN E 249 -49.47 70.19 24.37
N THR E 250 -49.27 71.18 23.50
CA THR E 250 -49.92 72.48 23.62
C THR E 250 -51.03 72.61 22.59
N SER E 251 -51.82 73.68 22.72
CA SER E 251 -52.78 74.10 21.70
C SER E 251 -52.16 75.17 20.79
N ALA E 252 -50.85 75.08 20.55
CA ALA E 252 -50.10 76.05 19.78
C ALA E 252 -50.12 75.64 18.31
N GLN E 253 -50.20 76.64 17.44
CA GLN E 253 -50.16 76.41 15.99
C GLN E 253 -48.76 75.96 15.55
N LEU E 254 -47.75 76.66 16.06
CA LEU E 254 -46.35 76.34 15.79
C LEU E 254 -45.57 76.17 17.09
N ASP E 255 -44.31 75.75 16.97
CA ASP E 255 -43.53 75.32 18.12
C ASP E 255 -42.94 76.48 18.93
N TYR E 256 -42.56 77.57 18.26
CA TYR E 256 -42.05 78.77 18.96
C TYR E 256 -43.10 79.40 19.90
N GLN E 257 -44.37 79.30 19.50
CA GLN E 257 -45.49 79.78 20.29
C GLN E 257 -45.63 78.93 21.56
N ALA E 258 -45.52 77.62 21.36
CA ALA E 258 -45.54 76.64 22.46
C ALA E 258 -44.40 76.87 23.45
N ARG E 259 -43.21 77.12 22.93
CA ARG E 259 -42.03 77.42 23.75
C ARG E 259 -42.24 78.67 24.60
N THR E 260 -42.78 79.71 23.97
CA THR E 260 -43.12 80.97 24.63
C THR E 260 -44.12 80.76 25.77
N LEU E 261 -45.15 79.97 25.48
CA LEU E 261 -46.16 79.59 26.48
C LEU E 261 -45.53 78.90 27.69
N LEU E 262 -44.68 77.92 27.42
CA LEU E 262 -44.00 77.18 28.47
C LEU E 262 -43.08 78.06 29.31
N SER E 263 -42.39 78.98 28.65
CA SER E 263 -41.60 80.01 29.33
C SER E 263 -42.43 80.84 30.31
N GLY E 264 -43.64 81.21 29.90
CA GLY E 264 -44.61 81.87 30.77
C GLY E 264 -44.89 81.14 32.08
N PHE E 265 -44.87 79.81 32.02
CA PHE E 265 -44.95 78.94 33.21
C PHE E 265 -43.59 78.58 33.84
N GLN E 266 -42.57 79.42 33.67
CA GLN E 266 -41.26 79.26 34.30
C GLN E 266 -40.50 77.99 33.87
N PHE E 267 -40.45 77.76 32.56
CA PHE E 267 -39.57 76.74 31.98
C PHE E 267 -38.43 77.44 31.23
N PRO E 268 -37.16 77.17 31.62
CA PRO E 268 -36.04 77.82 30.95
C PRO E 268 -35.70 77.16 29.61
N PHE E 269 -35.30 77.98 28.64
CA PHE E 269 -35.00 77.52 27.28
C PHE E 269 -33.62 78.06 26.89
N PHE E 270 -32.72 77.17 26.47
CA PHE E 270 -31.27 77.50 26.35
C PHE E 270 -30.69 77.53 24.92
N GLY E 271 -30.98 76.49 24.12
CA GLY E 271 -30.37 76.33 22.80
C GLY E 271 -30.69 77.38 21.75
N GLU E 272 -30.02 77.28 20.61
CA GLU E 272 -30.24 78.18 19.48
C GLU E 272 -31.51 77.75 18.75
N GLU E 273 -32.47 78.67 18.64
CA GLU E 273 -33.79 78.36 18.08
C GLU E 273 -33.73 78.23 16.56
N LYS E 274 -34.65 77.44 16.01
CA LYS E 274 -34.65 77.08 14.59
C LYS E 274 -34.98 78.29 13.71
N SER F 1 -22.84 73.11 -74.79
CA SER F 1 -23.73 74.29 -74.50
C SER F 1 -22.91 75.58 -74.37
N GLN F 2 -22.11 75.66 -73.31
CA GLN F 2 -21.21 76.79 -73.09
C GLN F 2 -20.03 76.74 -74.07
N VAL F 3 -19.64 75.53 -74.46
CA VAL F 3 -18.57 75.31 -75.44
C VAL F 3 -19.12 75.53 -76.86
N GLY F 4 -20.21 74.86 -77.18
CA GLY F 4 -20.85 74.97 -78.50
C GLY F 4 -21.33 76.36 -78.88
N SER F 5 -21.71 77.16 -77.89
CA SER F 5 -22.10 78.56 -78.11
C SER F 5 -20.94 79.46 -78.57
N LEU F 6 -19.71 79.07 -78.27
CA LEU F 6 -18.53 79.86 -78.63
C LEU F 6 -18.31 79.82 -80.16
N PRO F 7 -18.30 81.00 -80.82
CA PRO F 7 -18.20 81.04 -82.28
C PRO F 7 -16.78 80.81 -82.79
N LEU F 8 -16.66 80.14 -83.94
CA LEU F 8 -15.37 79.79 -84.53
C LEU F 8 -14.90 80.80 -85.55
N TYR F 9 -13.69 81.31 -85.37
CA TYR F 9 -13.07 82.26 -86.30
C TYR F 9 -12.37 81.51 -87.43
N ILE F 10 -12.53 82.01 -88.66
CA ILE F 10 -11.93 81.41 -89.86
C ILE F 10 -11.13 82.47 -90.63
N SER F 11 -9.96 82.05 -91.12
CA SER F 11 -9.13 82.86 -92.02
C SER F 11 -9.47 82.48 -93.47
N PRO F 12 -9.48 83.48 -94.41
CA PRO F 12 -9.92 83.25 -95.81
C PRO F 12 -9.40 81.99 -96.52
N GLU F 13 -8.17 81.58 -96.21
CA GLU F 13 -7.58 80.36 -96.80
C GLU F 13 -8.31 79.06 -96.46
N VAL F 14 -8.96 79.02 -95.28
CA VAL F 14 -9.66 77.83 -94.80
C VAL F 14 -11.17 77.95 -95.10
N GLN F 15 -11.79 76.82 -95.43
CA GLN F 15 -13.22 76.76 -95.76
C GLN F 15 -13.91 75.65 -94.97
N VAL F 16 -14.90 76.01 -94.16
CA VAL F 16 -15.71 75.05 -93.41
C VAL F 16 -17.04 74.84 -94.13
N SER F 17 -17.14 73.76 -94.89
CA SER F 17 -18.37 73.39 -95.61
C SER F 17 -19.17 72.36 -94.82
N ILE F 18 -20.37 72.06 -95.32
CA ILE F 18 -21.18 70.96 -94.80
C ILE F 18 -22.13 70.44 -95.89
N ASN F 19 -22.36 69.13 -95.88
CA ASN F 19 -23.23 68.47 -96.84
C ASN F 19 -23.62 67.07 -96.38
N ALA F 20 -24.73 66.56 -96.92
CA ALA F 20 -25.25 65.24 -96.55
C ALA F 20 -24.36 64.11 -97.02
N LEU F 21 -24.39 63.00 -96.30
CA LEU F 21 -23.57 61.82 -96.63
C LEU F 21 -24.19 61.06 -97.80
N SER F 22 -23.39 60.18 -98.41
CA SER F 22 -23.86 59.30 -99.48
C SER F 22 -24.82 58.25 -98.94
N MET F 23 -24.43 57.62 -97.83
CA MET F 23 -25.26 56.62 -97.13
C MET F 23 -25.25 56.91 -95.62
N PRO F 24 -26.18 57.77 -95.15
CA PRO F 24 -26.33 58.08 -93.72
C PRO F 24 -26.57 56.85 -92.84
N ARG F 25 -25.85 56.77 -91.72
CA ARG F 25 -25.98 55.68 -90.74
C ARG F 25 -26.64 56.19 -89.45
N ILE F 26 -27.37 55.31 -88.78
CA ILE F 26 -28.12 55.65 -87.57
C ILE F 26 -27.57 54.89 -86.36
N ILE F 27 -27.14 55.64 -85.35
CA ILE F 27 -26.71 55.09 -84.07
C ILE F 27 -27.95 54.90 -83.20
N ARG F 28 -28.18 53.66 -82.77
CA ARG F 28 -29.37 53.31 -82.01
C ARG F 28 -28.96 53.01 -80.57
N LYS F 29 -29.42 53.85 -79.63
CA LYS F 29 -29.18 53.64 -78.19
C LYS F 29 -30.30 52.73 -77.65
N GLY F 30 -30.44 52.64 -76.34
CA GLY F 30 -31.52 51.87 -75.72
C GLY F 30 -32.89 52.48 -76.02
N ARG F 31 -33.06 53.75 -75.64
CA ARG F 31 -34.31 54.49 -75.85
C ARG F 31 -34.15 55.53 -76.96
N THR F 32 -33.14 56.38 -76.84
CA THR F 32 -32.86 57.46 -77.79
C THR F 32 -32.18 56.93 -79.05
N SER F 33 -32.16 57.73 -80.12
CA SER F 33 -31.42 57.44 -81.34
C SER F 33 -30.62 58.66 -81.81
N MET F 34 -29.77 58.46 -82.81
CA MET F 34 -28.90 59.52 -83.34
C MET F 34 -28.50 59.24 -84.80
N ASN F 35 -29.13 59.95 -85.74
CA ASN F 35 -28.90 59.72 -87.18
C ASN F 35 -27.77 60.60 -87.77
N ILE F 36 -26.64 59.97 -88.08
CA ILE F 36 -25.51 60.67 -88.71
C ILE F 36 -25.81 60.87 -90.20
N SER F 37 -26.14 62.11 -90.56
CA SER F 37 -26.47 62.50 -91.93
C SER F 37 -25.38 63.38 -92.54
N GLN F 38 -25.13 64.53 -91.91
CA GLN F 38 -24.21 65.53 -92.45
C GLN F 38 -22.75 65.13 -92.30
N ASN F 39 -21.89 65.82 -93.07
CA ASN F 39 -20.46 65.54 -93.11
C ASN F 39 -19.68 66.85 -93.28
N ILE F 40 -19.25 67.42 -92.16
CA ILE F 40 -18.48 68.67 -92.15
C ILE F 40 -17.07 68.38 -92.65
N THR F 41 -16.49 69.33 -93.38
CA THR F 41 -15.10 69.24 -93.84
C THR F 41 -14.36 70.55 -93.54
N VAL F 42 -13.07 70.43 -93.22
CA VAL F 42 -12.21 71.57 -92.94
C VAL F 42 -11.00 71.49 -93.89
N LYS F 43 -11.12 72.15 -95.03
CA LYS F 43 -10.05 72.22 -96.03
C LYS F 43 -9.16 73.43 -95.75
N GLY F 44 -7.85 73.26 -95.88
CA GLY F 44 -6.89 74.33 -95.60
C GLY F 44 -5.53 74.14 -96.25
N PRO F 45 -4.53 74.98 -95.88
CA PRO F 45 -3.19 74.92 -96.47
C PRO F 45 -2.44 73.60 -96.30
N LYS F 46 -2.31 73.14 -95.04
CA LYS F 46 -1.53 71.92 -94.75
C LYS F 46 -2.22 70.64 -95.21
N GLY F 47 -3.55 70.60 -95.13
CA GLY F 47 -4.32 69.47 -95.61
C GLY F 47 -5.82 69.67 -95.56
N GLU F 48 -6.56 68.57 -95.64
CA GLU F 48 -8.02 68.57 -95.52
C GLU F 48 -8.49 67.33 -94.78
N LEU F 49 -9.55 67.50 -93.97
CA LEU F 49 -10.09 66.41 -93.15
C LEU F 49 -11.52 66.72 -92.72
N SER F 50 -12.26 65.66 -92.38
CA SER F 50 -13.71 65.72 -92.25
C SER F 50 -14.25 65.12 -90.94
N VAL F 51 -15.47 65.53 -90.59
CA VAL F 51 -16.20 65.03 -89.44
C VAL F 51 -17.60 64.61 -89.87
N GLU F 52 -17.94 63.33 -89.68
CA GLU F 52 -19.31 62.84 -89.89
C GLU F 52 -20.12 63.26 -88.67
N VAL F 53 -21.28 63.88 -88.90
CA VAL F 53 -22.04 64.54 -87.82
C VAL F 53 -23.56 64.31 -87.96
N PRO F 54 -24.30 64.26 -86.83
CA PRO F 54 -25.77 64.17 -86.83
C PRO F 54 -26.56 65.21 -87.63
N ASP F 55 -27.84 64.91 -87.82
CA ASP F 55 -28.75 65.76 -88.61
C ASP F 55 -29.18 67.01 -87.83
N PHE F 56 -29.48 66.85 -86.54
CA PHE F 56 -29.93 67.97 -85.70
C PHE F 56 -28.96 69.17 -85.65
N LEU F 57 -27.67 68.89 -85.76
CA LEU F 57 -26.66 69.96 -85.81
C LEU F 57 -26.62 70.60 -87.20
N HIS F 58 -26.33 71.90 -87.23
CA HIS F 58 -26.07 72.62 -88.48
C HIS F 58 -25.28 73.90 -88.23
N LEU F 59 -24.47 74.30 -89.21
CA LEU F 59 -23.63 75.49 -89.11
C LEU F 59 -24.45 76.76 -89.36
N ASP F 60 -23.82 77.90 -89.09
CA ASP F 60 -24.37 79.22 -89.42
C ASP F 60 -23.22 80.13 -89.87
N LYS F 61 -22.92 80.07 -91.16
CA LYS F 61 -21.77 80.77 -91.74
C LYS F 61 -22.08 82.25 -91.97
N ASP F 62 -21.30 83.12 -91.33
CA ASP F 62 -21.40 84.57 -91.49
C ASP F 62 -20.25 85.09 -92.34
N GLU F 63 -20.56 85.99 -93.29
CA GLU F 63 -19.53 86.64 -94.12
C GLU F 63 -18.70 87.65 -93.34
N LYS F 64 -19.34 88.41 -92.46
CA LYS F 64 -18.69 89.48 -91.69
C LYS F 64 -17.85 88.93 -90.54
N HIS F 65 -16.63 89.48 -90.38
CA HIS F 65 -15.70 89.15 -89.28
C HIS F 65 -15.16 87.71 -89.25
N GLY F 66 -15.40 86.93 -90.31
CA GLY F 66 -14.93 85.53 -90.39
C GLY F 66 -15.44 84.53 -89.37
N LYS F 67 -16.55 84.86 -88.69
CA LYS F 67 -17.13 83.98 -87.67
C LYS F 67 -18.04 82.94 -88.31
N ILE F 68 -18.08 81.74 -87.72
CA ILE F 68 -19.15 80.78 -87.97
C ILE F 68 -19.65 80.23 -86.64
N ASN F 69 -20.95 79.94 -86.57
CA ASN F 69 -21.57 79.41 -85.37
C ASN F 69 -22.09 78.00 -85.64
N VAL F 70 -22.36 77.27 -84.55
CA VAL F 70 -22.93 75.93 -84.60
C VAL F 70 -24.07 75.84 -83.60
N THR F 71 -25.19 75.26 -84.04
CA THR F 71 -26.39 75.15 -83.21
C THR F 71 -27.11 73.84 -83.48
N VAL F 72 -27.86 73.37 -82.48
CA VAL F 72 -28.68 72.16 -82.60
C VAL F 72 -30.16 72.53 -82.57
N GLN F 73 -30.99 71.65 -83.13
CA GLN F 73 -32.45 71.87 -83.20
C GLN F 73 -33.12 71.89 -81.82
N ASN F 74 -32.54 71.19 -80.85
CA ASN F 74 -33.06 71.18 -79.48
C ASN F 74 -31.92 71.10 -78.45
N SER F 75 -31.57 72.24 -77.87
CA SER F 75 -30.55 72.33 -76.83
C SER F 75 -30.99 71.69 -75.51
N GLU F 76 -32.31 71.68 -75.26
CA GLU F 76 -32.88 71.05 -74.07
C GLU F 76 -32.82 69.51 -74.13
N ASP F 77 -32.71 68.96 -75.33
CA ASP F 77 -32.41 67.54 -75.52
C ASP F 77 -30.95 67.33 -75.09
N LYS F 78 -30.75 66.42 -74.15
CA LYS F 78 -29.46 66.24 -73.47
C LYS F 78 -28.37 65.73 -74.40
N HIS F 79 -28.70 64.69 -75.16
CA HIS F 79 -27.77 64.05 -76.10
C HIS F 79 -27.28 65.02 -77.18
N GLN F 80 -28.23 65.78 -77.72
CA GLN F 80 -27.93 66.82 -78.71
C GLN F 80 -26.99 67.89 -78.15
N ARG F 81 -27.28 68.32 -76.93
CA ARG F 81 -26.49 69.34 -76.23
C ARG F 81 -25.06 68.84 -76.00
N SER F 82 -24.94 67.58 -75.62
CA SER F 82 -23.64 66.92 -75.43
C SER F 82 -22.83 66.83 -76.72
N MET F 83 -23.54 66.51 -77.80
CA MET F 83 -22.94 66.43 -79.13
C MET F 83 -22.42 67.79 -79.60
N TRP F 84 -23.23 68.82 -79.37
CA TRP F 84 -22.95 70.20 -79.80
C TRP F 84 -21.59 70.70 -79.34
N GLY F 85 -21.30 70.54 -78.05
CA GLY F 85 -20.01 70.95 -77.48
C GLY F 85 -18.84 70.16 -78.05
N THR F 86 -19.06 68.88 -78.32
CA THR F 86 -18.06 68.01 -78.95
C THR F 86 -17.70 68.45 -80.36
N VAL F 87 -18.74 68.62 -81.18
CA VAL F 87 -18.56 68.86 -82.63
C VAL F 87 -17.83 70.17 -82.89
N ARG F 88 -18.27 71.22 -82.19
CA ARG F 88 -17.64 72.53 -82.27
C ARG F 88 -16.15 72.46 -81.95
N SER F 89 -15.84 71.78 -80.84
CA SER F 89 -14.46 71.57 -80.39
C SER F 89 -13.63 70.82 -81.43
N LEU F 90 -14.24 69.80 -82.03
CA LEU F 90 -13.61 69.00 -83.07
C LEU F 90 -13.25 69.84 -84.29
N ILE F 91 -14.20 70.64 -84.75
CA ILE F 91 -13.98 71.49 -85.93
C ILE F 91 -12.97 72.62 -85.63
N ASN F 92 -12.94 73.12 -84.39
CA ASN F 92 -11.89 74.05 -83.95
C ASN F 92 -10.50 73.41 -84.04
N ASN F 93 -10.39 72.19 -83.51
CA ASN F 93 -9.15 71.41 -83.59
C ASN F 93 -8.68 71.19 -85.02
N HIS F 94 -9.62 70.87 -85.90
CA HIS F 94 -9.36 70.72 -87.33
C HIS F 94 -8.82 71.99 -87.96
N ILE F 95 -9.49 73.10 -87.66
CA ILE F 95 -9.09 74.44 -88.11
C ILE F 95 -7.65 74.72 -87.71
N ILE F 96 -7.35 74.47 -86.44
CA ILE F 96 -6.01 74.66 -85.87
C ILE F 96 -4.97 73.84 -86.63
N GLY F 97 -5.31 72.57 -86.87
CA GLY F 97 -4.43 71.65 -87.59
C GLY F 97 -4.14 72.07 -89.02
N VAL F 98 -5.19 72.41 -89.77
CA VAL F 98 -5.03 72.80 -91.18
C VAL F 98 -4.24 74.11 -91.34
N THR F 99 -4.50 75.08 -90.46
CA THR F 99 -3.77 76.36 -90.49
C THR F 99 -2.37 76.28 -89.89
N GLU F 100 -2.23 75.71 -88.69
CA GLU F 100 -0.94 75.67 -87.97
C GLU F 100 -0.30 74.28 -87.95
N GLY F 101 -1.09 73.27 -87.59
CA GLY F 101 -0.59 71.90 -87.48
C GLY F 101 -0.38 71.50 -86.03
N HIS F 102 -0.81 70.29 -85.69
CA HIS F 102 -0.67 69.75 -84.34
C HIS F 102 0.69 69.09 -84.18
N LEU F 103 1.21 69.14 -82.96
CA LEU F 103 2.57 68.70 -82.65
C LEU F 103 2.58 67.85 -81.38
N ALA F 104 3.50 66.89 -81.33
CA ALA F 104 3.68 66.03 -80.16
C ALA F 104 5.15 65.64 -79.99
N VAL F 105 5.81 66.28 -79.04
CA VAL F 105 7.21 66.02 -78.73
C VAL F 105 7.30 64.88 -77.73
N LEU F 106 8.09 63.87 -78.05
CA LEU F 106 8.41 62.78 -77.11
C LEU F 106 9.89 62.87 -76.75
N ARG F 107 10.19 63.11 -75.47
CA ARG F 107 11.56 63.10 -74.97
C ARG F 107 11.82 61.77 -74.25
N PHE F 108 12.87 61.06 -74.68
CA PHE F 108 13.26 59.78 -74.09
C PHE F 108 14.24 60.04 -72.96
N VAL F 109 14.05 59.32 -71.85
CA VAL F 109 14.87 59.53 -70.65
C VAL F 109 15.39 58.17 -70.16
N GLY F 110 16.71 58.02 -70.15
CA GLY F 110 17.36 56.78 -69.72
C GLY F 110 18.65 56.52 -70.46
N THR F 111 19.48 55.64 -69.89
CA THR F 111 20.74 55.24 -70.52
C THR F 111 20.46 54.33 -71.72
N GLY F 112 20.75 54.84 -72.91
CA GLY F 112 20.46 54.12 -74.16
C GLY F 112 18.98 54.08 -74.52
N TYR F 113 18.23 55.10 -74.09
CA TYR F 113 16.81 55.24 -74.40
C TYR F 113 16.68 56.28 -75.50
N ARG F 114 16.28 55.84 -76.70
CA ARG F 114 16.20 56.72 -77.87
C ARG F 114 15.33 56.14 -78.99
N ALA F 115 14.92 57.01 -79.92
CA ALA F 115 14.14 56.64 -81.09
C ALA F 115 14.98 56.73 -82.36
N GLN F 116 14.47 56.12 -83.43
CA GLN F 116 15.14 56.13 -84.73
C GLN F 116 14.14 55.88 -85.86
N LEU F 117 14.26 56.65 -86.94
CA LEU F 117 13.43 56.46 -88.13
C LEU F 117 14.07 55.42 -89.04
N GLU F 118 13.45 54.24 -89.10
CA GLU F 118 14.06 53.04 -89.68
C GLU F 118 13.74 52.89 -91.18
N ASN F 119 12.45 53.01 -91.52
CA ASN F 119 11.98 52.79 -92.90
C ASN F 119 11.74 54.12 -93.65
N ASP F 120 12.72 55.01 -93.58
CA ASP F 120 12.66 56.34 -94.20
C ASP F 120 11.43 57.15 -93.74
N GLY F 121 11.20 57.16 -92.43
CA GLY F 121 10.05 57.85 -91.83
C GLY F 121 8.82 56.99 -91.58
N LYS F 122 8.69 55.87 -92.31
CA LYS F 122 7.47 55.06 -92.30
C LYS F 122 7.38 54.07 -91.13
N PHE F 123 8.46 53.94 -90.35
CA PHE F 123 8.46 53.08 -89.15
C PHE F 123 9.36 53.68 -88.07
N VAL F 124 8.75 54.14 -86.97
CA VAL F 124 9.49 54.67 -85.83
C VAL F 124 10.01 53.51 -84.99
N ASN F 125 11.28 53.16 -85.19
CA ASN F 125 11.97 52.21 -84.32
C ASN F 125 12.23 52.87 -82.98
N VAL F 126 11.90 52.16 -81.90
CA VAL F 126 12.08 52.68 -80.54
C VAL F 126 12.85 51.65 -79.71
N LYS F 127 13.95 52.11 -79.12
CA LYS F 127 14.85 51.28 -78.32
C LYS F 127 14.80 51.80 -76.90
N VAL F 128 14.20 51.02 -76.00
CA VAL F 128 13.83 51.50 -74.67
C VAL F 128 14.05 50.42 -73.58
N GLY F 129 15.10 49.62 -73.75
CA GLY F 129 15.43 48.53 -72.83
C GLY F 129 14.65 47.27 -73.14
N ALA F 130 15.03 46.61 -74.23
CA ALA F 130 14.42 45.35 -74.66
C ALA F 130 15.35 44.62 -75.62
N SER F 131 15.45 43.29 -75.46
CA SER F 131 16.27 42.46 -76.34
C SER F 131 15.67 42.42 -77.75
N ILE F 132 14.36 42.14 -77.80
CA ILE F 132 13.57 42.28 -79.03
C ILE F 132 13.49 43.75 -79.46
N LYS F 133 13.44 43.98 -80.77
CA LYS F 133 13.26 45.34 -81.31
C LYS F 133 11.79 45.74 -81.15
N GLN F 134 11.57 47.03 -80.86
CA GLN F 134 10.23 47.58 -80.69
C GLN F 134 10.03 48.78 -81.61
N GLY F 135 8.77 49.01 -81.96
CA GLY F 135 8.40 50.10 -82.87
C GLY F 135 7.04 49.88 -83.50
N LEU F 136 6.59 50.88 -84.25
CA LEU F 136 5.31 50.79 -84.96
C LEU F 136 5.28 51.74 -86.16
N ASP F 137 4.49 51.37 -87.17
CA ASP F 137 4.40 52.15 -88.42
C ASP F 137 3.66 53.46 -88.17
N VAL F 138 4.11 54.52 -88.85
CA VAL F 138 3.42 55.82 -88.78
C VAL F 138 2.14 55.73 -89.63
N PRO F 139 1.01 56.27 -89.12
CA PRO F 139 -0.20 56.27 -89.95
C PRO F 139 -0.16 57.34 -91.05
N GLU F 140 -1.14 57.27 -91.96
CA GLU F 140 -1.32 58.30 -92.99
C GLU F 140 -1.74 59.64 -92.36
N GLY F 141 -1.12 60.72 -92.82
CA GLY F 141 -1.31 62.06 -92.23
C GLY F 141 -0.21 62.45 -91.26
N ILE F 142 0.25 61.48 -90.45
CA ILE F 142 1.30 61.71 -89.46
C ILE F 142 2.66 61.76 -90.16
N VAL F 143 3.44 62.78 -89.81
CA VAL F 143 4.84 62.91 -90.23
C VAL F 143 5.68 63.00 -88.97
N VAL F 144 6.69 62.12 -88.88
CA VAL F 144 7.59 62.05 -87.74
C VAL F 144 8.97 62.58 -88.13
N LYS F 145 9.63 63.24 -87.18
CA LYS F 145 10.99 63.73 -87.36
C LYS F 145 11.76 63.78 -86.04
N THR F 146 13.06 63.49 -86.12
CA THR F 146 13.91 63.30 -84.95
C THR F 146 15.08 64.31 -84.94
N PRO F 147 14.87 65.49 -84.33
CA PRO F 147 15.96 66.47 -84.09
C PRO F 147 17.16 65.88 -83.36
N ALA F 148 16.88 65.11 -82.31
CA ALA F 148 17.90 64.33 -81.59
C ALA F 148 17.48 62.85 -81.60
N PRO F 149 18.41 61.94 -81.22
CA PRO F 149 18.00 60.54 -81.04
C PRO F 149 17.03 60.38 -79.87
N THR F 150 17.31 61.08 -78.77
CA THR F 150 16.51 61.03 -77.55
C THR F 150 15.32 62.01 -77.49
N SER F 151 15.02 62.69 -78.60
CA SER F 151 13.91 63.65 -78.66
C SER F 151 13.19 63.59 -80.02
N LEU F 152 12.12 62.81 -80.08
CA LEU F 152 11.32 62.62 -81.29
C LEU F 152 10.16 63.61 -81.35
N ILE F 153 9.75 63.97 -82.57
CA ILE F 153 8.60 64.85 -82.80
C ILE F 153 7.63 64.19 -83.79
N ILE F 154 6.35 64.14 -83.41
CA ILE F 154 5.26 63.67 -84.26
C ILE F 154 4.45 64.90 -84.66
N GLU F 155 4.01 64.95 -85.91
CA GLU F 155 3.33 66.12 -86.47
C GLU F 155 2.21 65.70 -87.42
N GLY F 156 1.06 66.38 -87.33
CA GLY F 156 -0.11 66.04 -88.14
C GLY F 156 -1.22 67.06 -88.13
N CYS F 157 -2.19 66.86 -89.02
CA CYS F 157 -3.37 67.72 -89.16
C CYS F 157 -4.49 67.36 -88.18
N ASN F 158 -4.59 66.08 -87.84
CA ASN F 158 -5.59 65.58 -86.89
C ASN F 158 -5.00 65.52 -85.49
N LYS F 159 -5.55 66.32 -84.57
CA LYS F 159 -5.14 66.33 -83.16
C LYS F 159 -5.36 64.98 -82.49
N GLN F 160 -6.48 64.34 -82.83
CA GLN F 160 -6.80 63.00 -82.31
C GLN F 160 -5.70 61.99 -82.65
N GLN F 161 -5.32 61.95 -83.93
CA GLN F 161 -4.50 60.87 -84.46
C GLN F 161 -3.07 60.95 -83.96
N VAL F 162 -2.50 62.15 -84.04
CA VAL F 162 -1.14 62.43 -83.57
C VAL F 162 -0.93 62.08 -82.10
N LEU F 163 -1.88 62.48 -81.26
CA LEU F 163 -1.75 62.31 -79.81
C LEU F 163 -2.00 60.85 -79.41
N LEU F 164 -2.84 60.15 -80.17
CA LEU F 164 -3.01 58.70 -80.05
C LEU F 164 -1.71 57.97 -80.37
N PHE F 165 -1.08 58.36 -81.46
CA PHE F 165 0.20 57.79 -81.90
C PHE F 165 1.30 57.99 -80.84
N ALA F 166 1.35 59.21 -80.30
CA ALA F 166 2.28 59.56 -79.23
C ALA F 166 2.08 58.68 -78.00
N ALA F 167 0.82 58.50 -77.62
CA ALA F 167 0.45 57.64 -76.50
C ALA F 167 0.87 56.19 -76.71
N LYS F 168 0.64 55.70 -77.93
CA LYS F 168 1.08 54.36 -78.35
C LYS F 168 2.59 54.18 -78.22
N LEU F 169 3.32 55.16 -78.73
CA LEU F 169 4.79 55.23 -78.61
C LEU F 169 5.27 55.17 -77.17
N ARG F 170 4.63 55.98 -76.33
CA ARG F 170 4.91 56.02 -74.90
C ARG F 170 4.69 54.67 -74.23
N LYS F 171 3.60 54.01 -74.61
CA LYS F 171 3.16 52.74 -73.99
C LYS F 171 4.23 51.64 -73.93
N PHE F 172 5.23 51.69 -74.81
CA PHE F 172 6.40 50.80 -74.72
C PHE F 172 7.16 50.95 -73.40
N HIS F 173 7.29 52.19 -72.91
CA HIS F 173 7.90 52.46 -71.60
C HIS F 173 7.42 53.81 -71.05
N PRO F 174 6.30 53.80 -70.29
CA PRO F 174 5.90 55.01 -69.57
C PRO F 174 6.91 55.39 -68.47
N PRO F 175 6.93 56.67 -68.05
CA PRO F 175 7.87 57.11 -67.02
C PRO F 175 7.77 56.34 -65.71
N GLU F 176 8.90 55.82 -65.23
CA GLU F 176 8.98 55.15 -63.94
C GLU F 176 9.11 56.22 -62.86
N PRO F 177 8.59 55.95 -61.64
CA PRO F 177 8.70 56.93 -60.55
C PRO F 177 10.08 57.00 -59.88
N TYR F 178 10.77 55.86 -59.77
CA TYR F 178 12.00 55.75 -58.99
C TYR F 178 13.15 56.54 -59.60
N LYS F 179 13.35 56.34 -60.89
CA LYS F 179 14.12 57.23 -61.73
C LYS F 179 13.16 57.75 -62.78
N GLY F 180 13.09 59.07 -62.94
CA GLY F 180 12.34 59.66 -64.04
C GLY F 180 12.92 59.13 -65.33
N LYS F 181 12.32 58.06 -65.85
CA LYS F 181 12.93 57.24 -66.90
C LYS F 181 11.87 56.59 -67.77
N GLY F 182 11.89 56.89 -69.06
CA GLY F 182 10.89 56.40 -70.01
C GLY F 182 10.67 57.34 -71.18
N ILE F 183 9.40 57.54 -71.53
CA ILE F 183 9.00 58.34 -72.69
C ILE F 183 7.93 59.35 -72.25
N TYR F 184 8.24 60.64 -72.39
CA TYR F 184 7.39 61.73 -71.88
C TYR F 184 6.75 62.46 -73.05
N VAL F 185 5.42 62.39 -73.17
CA VAL F 185 4.69 63.06 -74.27
C VAL F 185 4.33 64.49 -73.88
N ASN F 186 4.82 65.45 -74.65
CA ASN F 186 4.56 66.89 -74.44
C ASN F 186 4.99 67.33 -73.02
N ASP F 187 4.23 68.21 -72.38
CA ASP F 187 4.45 68.52 -70.96
C ASP F 187 3.83 67.41 -70.11
N GLU F 188 4.62 66.35 -69.91
CA GLU F 188 4.28 65.28 -68.98
C GLU F 188 5.26 65.37 -67.80
N THR F 189 4.73 65.14 -66.61
CA THR F 189 5.52 65.22 -65.37
C THR F 189 5.33 63.93 -64.59
N ILE F 190 6.17 63.73 -63.59
CA ILE F 190 6.06 62.59 -62.68
C ILE F 190 6.74 62.92 -61.35
N LYS F 191 6.04 62.65 -60.26
CA LYS F 191 6.56 62.87 -58.91
C LYS F 191 7.56 61.77 -58.58
N LEU F 192 8.84 62.14 -58.48
CA LEU F 192 9.91 61.17 -58.22
C LEU F 192 9.92 60.78 -56.74
N LYS F 193 9.95 59.48 -56.48
CA LYS F 193 10.02 58.96 -55.12
C LYS F 193 11.42 59.13 -54.54
N ASP F 194 11.50 59.15 -53.21
CA ASP F 194 12.77 59.19 -52.51
C ASP F 194 13.48 57.86 -52.70
N LYS F 195 14.82 57.90 -52.84
CA LYS F 195 15.60 56.72 -53.22
C LYS F 195 15.62 55.66 -52.11
N LYS F 196 16.22 56.02 -50.96
CA LYS F 196 16.31 55.16 -49.78
C LYS F 196 17.02 53.83 -50.05
N SER G 1 -51.63 -42.44 21.79
CA SER G 1 -51.33 -41.36 22.78
C SER G 1 -50.78 -41.91 24.09
N ALA G 2 -50.33 -41.01 24.96
CA ALA G 2 -49.82 -41.38 26.30
C ALA G 2 -50.94 -41.90 27.19
N LEU G 3 -52.08 -41.20 27.16
CA LEU G 3 -53.31 -41.61 27.86
C LEU G 3 -53.75 -42.99 27.41
N THR G 4 -53.81 -43.16 26.09
CA THR G 4 -54.18 -44.44 25.46
C THR G 4 -53.28 -45.56 25.94
N LYS G 5 -51.97 -45.31 25.90
CA LYS G 5 -50.95 -46.26 26.35
C LYS G 5 -51.18 -46.70 27.80
N ARG G 6 -51.43 -45.71 28.67
CA ARG G 6 -51.78 -45.95 30.07
C ARG G 6 -52.99 -46.86 30.26
N THR G 7 -54.08 -46.54 29.55
CA THR G 7 -55.39 -47.13 29.85
C THR G 7 -55.81 -48.31 28.96
N HIS G 8 -55.30 -48.38 27.73
CA HIS G 8 -55.64 -49.50 26.83
C HIS G 8 -55.07 -50.80 27.34
N ARG G 9 -55.96 -51.76 27.57
CA ARG G 9 -55.59 -53.11 27.98
C ARG G 9 -56.35 -54.12 27.14
N VAL G 10 -55.85 -55.35 27.13
CA VAL G 10 -56.46 -56.47 26.44
C VAL G 10 -56.51 -57.65 27.41
N LYS G 11 -57.71 -58.19 27.60
CA LYS G 11 -57.91 -59.32 28.51
C LYS G 11 -57.46 -60.60 27.81
N VAL G 12 -56.45 -61.25 28.37
CA VAL G 12 -55.91 -62.50 27.82
C VAL G 12 -55.87 -63.57 28.91
N GLN G 13 -55.71 -64.82 28.50
CA GLN G 13 -55.34 -65.91 29.40
C GLN G 13 -54.00 -66.46 28.94
N VAL G 14 -53.01 -66.45 29.83
CA VAL G 14 -51.71 -67.06 29.55
C VAL G 14 -51.82 -68.57 29.72
N LEU G 15 -51.13 -69.30 28.85
CA LEU G 15 -51.13 -70.76 28.85
C LEU G 15 -49.69 -71.27 29.04
N LYS G 16 -48.87 -70.46 29.73
CA LYS G 16 -47.43 -70.68 29.79
C LYS G 16 -46.82 -69.75 30.84
N ASP G 17 -45.72 -70.17 31.43
CA ASP G 17 -44.96 -69.32 32.35
C ASP G 17 -44.23 -68.20 31.60
N PHE G 18 -44.27 -67.00 32.17
CA PHE G 18 -43.64 -65.81 31.60
C PHE G 18 -42.98 -65.02 32.75
N PRO G 19 -41.78 -65.48 33.19
CA PRO G 19 -41.08 -64.86 34.34
C PRO G 19 -40.73 -63.38 34.21
N ARG G 20 -40.39 -62.92 33.00
CA ARG G 20 -40.07 -61.51 32.78
C ARG G 20 -41.28 -60.60 32.99
N PHE G 21 -42.41 -61.01 32.41
CA PHE G 21 -43.66 -60.24 32.46
C PHE G 21 -44.53 -60.54 33.69
N GLN G 22 -44.06 -61.42 34.58
CA GLN G 22 -44.72 -61.74 35.86
C GLN G 22 -46.11 -62.36 35.66
N LEU G 23 -46.19 -63.31 34.73
CA LEU G 23 -47.46 -63.95 34.38
C LEU G 23 -47.27 -65.47 34.41
N TYR G 24 -48.03 -66.15 35.27
CA TYR G 24 -47.87 -67.59 35.50
C TYR G 24 -49.01 -68.36 34.83
N LYS G 25 -48.70 -69.57 34.35
CA LYS G 25 -49.61 -70.39 33.54
C LYS G 25 -51.04 -70.42 34.06
N GLY G 26 -51.99 -70.17 33.16
CA GLY G 26 -53.42 -70.16 33.48
C GLY G 26 -53.99 -68.82 33.92
N GLN G 27 -53.13 -67.88 34.31
CA GLN G 27 -53.56 -66.55 34.75
C GLN G 27 -54.33 -65.82 33.66
N VAL G 28 -55.38 -65.12 34.09
CA VAL G 28 -56.19 -64.28 33.22
C VAL G 28 -55.85 -62.83 33.56
N ALA G 29 -55.26 -62.12 32.59
CA ALA G 29 -54.65 -60.82 32.84
C ALA G 29 -55.06 -59.79 31.78
N ASN G 30 -55.21 -58.55 32.22
CA ASN G 30 -55.43 -57.42 31.33
C ASN G 30 -54.09 -56.81 30.93
N VAL G 31 -53.47 -57.39 29.91
CA VAL G 31 -52.13 -57.01 29.47
C VAL G 31 -52.16 -55.88 28.43
N LYS G 32 -50.99 -55.32 28.14
CA LYS G 32 -50.85 -54.36 27.04
C LYS G 32 -51.04 -55.10 25.70
N PRO G 33 -51.75 -54.48 24.72
CA PRO G 33 -52.01 -55.15 23.45
C PRO G 33 -50.73 -55.51 22.68
N SER G 34 -49.79 -54.56 22.67
CA SER G 34 -48.46 -54.74 22.07
C SER G 34 -47.75 -55.98 22.59
N LEU G 35 -47.68 -56.07 23.92
CA LEU G 35 -47.07 -57.21 24.63
C LEU G 35 -47.70 -58.53 24.20
N MET G 36 -49.03 -58.55 24.16
CA MET G 36 -49.79 -59.73 23.77
C MET G 36 -49.44 -60.19 22.35
N ARG G 37 -49.54 -59.28 21.39
CA ARG G 37 -49.28 -59.62 19.99
C ARG G 37 -47.82 -60.01 19.72
N ASN G 38 -46.88 -59.42 20.47
CA ASN G 38 -45.45 -59.63 20.25
C ASN G 38 -44.88 -60.84 20.99
N TYR G 39 -45.15 -60.92 22.29
CA TYR G 39 -44.50 -61.90 23.16
C TYR G 39 -45.40 -63.08 23.55
N LEU G 40 -46.54 -62.77 24.17
CA LEU G 40 -47.41 -63.78 24.80
C LEU G 40 -48.10 -64.72 23.82
N HIS G 41 -48.73 -64.16 22.78
CA HIS G 41 -49.56 -64.94 21.86
C HIS G 41 -48.79 -65.93 20.99
N ASN G 42 -47.51 -65.66 20.75
CA ASN G 42 -46.66 -66.54 19.95
C ASN G 42 -46.53 -67.94 20.56
N PHE G 43 -46.52 -68.96 19.70
CA PHE G 43 -46.35 -70.37 20.08
C PHE G 43 -47.41 -70.88 21.06
N ASN G 44 -48.65 -70.43 20.86
CA ASN G 44 -49.79 -70.77 21.74
C ASN G 44 -49.52 -70.44 23.22
N GLY G 45 -48.74 -69.39 23.46
CA GLY G 45 -48.28 -69.03 24.79
C GLY G 45 -49.36 -68.39 25.63
N ALA G 46 -50.22 -67.61 24.98
CA ALA G 46 -51.41 -67.04 25.60
C ALA G 46 -52.60 -67.14 24.64
N LYS G 47 -53.74 -66.58 25.06
CA LYS G 47 -54.95 -66.60 24.26
C LYS G 47 -55.81 -65.38 24.57
N TYR G 48 -56.36 -64.76 23.52
CA TYR G 48 -57.31 -63.65 23.67
C TYR G 48 -58.65 -64.21 24.17
N ILE G 49 -59.28 -63.50 25.11
CA ILE G 49 -60.59 -63.90 25.65
C ILE G 49 -61.62 -62.78 25.53
N LEU G 50 -62.42 -62.84 24.47
CA LEU G 50 -63.49 -61.85 24.23
C LEU G 50 -64.72 -62.22 25.04
N SER G 51 -65.25 -63.42 24.78
CA SER G 51 -66.38 -63.98 25.53
C SER G 51 -65.83 -64.83 26.66
N GLU G 52 -66.08 -64.40 27.91
CA GLU G 52 -65.54 -65.09 29.10
C GLU G 52 -66.07 -66.52 29.26
N GLU G 53 -67.31 -66.77 28.85
CA GLU G 53 -67.91 -68.10 28.95
C GLU G 53 -67.24 -69.11 28.00
N HIS G 54 -67.23 -68.77 26.72
CA HIS G 54 -66.79 -69.69 25.66
C HIS G 54 -65.28 -69.81 25.54
N ASP G 55 -64.58 -68.68 25.53
CA ASP G 55 -63.14 -68.65 25.21
C ASP G 55 -62.30 -69.23 26.35
N ILE G 56 -62.50 -68.69 27.55
CA ILE G 56 -61.62 -68.96 28.70
C ILE G 56 -61.48 -70.45 29.05
N ASN G 57 -60.28 -70.84 29.46
CA ASN G 57 -60.04 -72.16 30.07
C ASN G 57 -60.23 -72.03 31.58
N THR G 58 -61.01 -72.94 32.16
CA THR G 58 -61.43 -72.83 33.56
C THR G 58 -60.44 -73.49 34.51
N GLU G 59 -60.01 -74.70 34.16
CA GLU G 59 -59.12 -75.52 34.99
C GLU G 59 -57.79 -74.83 35.26
N LEU G 60 -57.20 -74.31 34.19
CA LEU G 60 -55.95 -73.54 34.25
C LEU G 60 -56.05 -72.32 35.17
N LEU G 61 -57.15 -71.60 35.03
CA LEU G 61 -57.45 -70.44 35.88
C LEU G 61 -57.55 -70.83 37.36
N LYS G 62 -58.24 -71.94 37.61
CA LYS G 62 -58.39 -72.49 38.97
C LYS G 62 -57.04 -72.86 39.58
N GLN G 63 -56.20 -73.51 38.78
CA GLN G 63 -54.83 -73.86 39.18
C GLN G 63 -54.00 -72.64 39.54
N TYR G 64 -54.09 -71.62 38.70
CA TYR G 64 -53.41 -70.33 38.94
C TYR G 64 -53.86 -69.70 40.27
N GLN G 65 -55.16 -69.67 40.49
CA GLN G 65 -55.75 -69.16 41.73
C GLN G 65 -55.24 -69.90 42.96
N THR G 66 -55.17 -71.22 42.85
CA THR G 66 -54.64 -72.10 43.90
C THR G 66 -53.17 -71.78 44.21
N LEU G 67 -52.38 -71.62 43.15
CA LEU G 67 -50.96 -71.23 43.26
C LEU G 67 -50.79 -69.89 43.98
N GLU G 68 -51.62 -68.92 43.57
CA GLU G 68 -51.64 -67.58 44.18
C GLU G 68 -51.96 -67.64 45.68
N ALA G 69 -52.97 -68.44 46.02
CA ALA G 69 -53.35 -68.69 47.41
C ALA G 69 -52.21 -69.29 48.22
N LYS G 70 -51.54 -70.27 47.63
CA LYS G 70 -50.37 -70.93 48.24
C LYS G 70 -49.24 -69.94 48.51
N LEU G 71 -48.97 -69.09 47.52
CA LEU G 71 -47.98 -68.00 47.63
C LEU G 71 -48.31 -67.05 48.78
N GLU G 72 -49.57 -66.64 48.84
CA GLU G 72 -50.08 -65.77 49.92
C GLU G 72 -49.89 -66.38 51.31
N GLU G 73 -50.23 -67.67 51.42
CA GLU G 73 -50.02 -68.44 52.65
C GLU G 73 -48.56 -68.45 53.08
N ASP G 74 -47.69 -68.75 52.11
CA ASP G 74 -46.24 -68.78 52.34
C ASP G 74 -45.66 -67.37 52.29
N SER H 1 -74.31 22.20 -93.90
CA SER H 1 -74.61 22.95 -95.16
C SER H 1 -73.51 23.92 -95.58
N GLN H 2 -72.96 24.65 -94.61
CA GLN H 2 -71.90 25.63 -94.85
C GLN H 2 -70.61 24.97 -95.37
N LYS H 3 -70.31 23.80 -94.81
CA LYS H 3 -69.13 23.02 -95.18
C LYS H 3 -69.18 22.41 -96.59
N ILE H 4 -70.38 22.17 -97.12
CA ILE H 4 -70.54 21.43 -98.38
C ILE H 4 -70.20 22.33 -99.58
N GLY H 5 -69.33 21.81 -100.45
CA GLY H 5 -68.82 22.54 -101.62
C GLY H 5 -67.42 22.10 -101.98
N HIS H 6 -66.79 22.84 -102.88
CA HIS H 6 -65.39 22.59 -103.26
C HIS H 6 -64.46 23.28 -102.27
N SER H 7 -63.73 22.48 -101.50
CA SER H 7 -62.86 22.96 -100.42
C SER H 7 -61.38 23.07 -100.79
N GLY H 8 -61.03 22.68 -102.03
CA GLY H 8 -59.64 22.66 -102.49
C GLY H 8 -58.90 23.97 -102.35
N LEU H 9 -59.58 25.07 -102.69
CA LEU H 9 -59.01 26.42 -102.55
C LEU H 9 -58.79 26.85 -101.11
N ALA H 10 -59.72 26.49 -100.22
CA ALA H 10 -59.60 26.80 -98.79
C ALA H 10 -58.34 26.20 -98.18
N PHE H 11 -58.11 24.92 -98.48
CA PHE H 11 -56.92 24.19 -98.00
C PHE H 11 -55.66 24.37 -98.85
N ALA H 12 -55.70 25.27 -99.83
CA ALA H 12 -54.53 25.58 -100.66
C ALA H 12 -53.44 26.24 -99.84
N ARG H 13 -52.22 25.73 -99.97
CA ARG H 13 -51.04 26.32 -99.35
C ARG H 13 -50.57 27.51 -100.17
N LEU H 14 -50.84 28.72 -99.66
CA LEU H 14 -50.36 29.93 -100.32
C LEU H 14 -48.92 30.20 -99.88
N TRP H 15 -48.27 31.12 -100.58
CA TRP H 15 -46.91 31.54 -100.26
C TRP H 15 -46.93 33.02 -99.92
N HIS H 16 -46.47 33.34 -98.71
CA HIS H 16 -46.52 34.70 -98.18
C HIS H 16 -45.13 35.29 -98.08
N HIS H 17 -44.91 36.37 -98.83
CA HIS H 17 -43.66 37.11 -98.74
C HIS H 17 -43.68 38.06 -97.55
N VAL H 18 -42.51 38.31 -96.98
CA VAL H 18 -42.32 39.42 -96.04
C VAL H 18 -40.91 40.00 -96.21
N ASP H 19 -40.85 41.17 -96.83
CA ASP H 19 -39.62 41.93 -97.00
C ASP H 19 -39.31 42.59 -95.65
N VAL H 20 -38.34 42.03 -94.93
CA VAL H 20 -37.98 42.47 -93.57
C VAL H 20 -37.46 43.92 -93.56
N ALA H 21 -36.82 44.34 -94.66
CA ALA H 21 -36.39 45.73 -94.83
C ALA H 21 -37.55 46.72 -94.74
N ARG H 22 -38.69 46.35 -95.32
CA ARG H 22 -39.91 47.16 -95.26
C ARG H 22 -40.63 47.05 -93.91
N ASP H 23 -40.73 45.84 -93.38
CA ASP H 23 -41.50 45.59 -92.14
C ASP H 23 -40.83 46.27 -90.94
N LYS H 24 -41.65 46.96 -90.15
CA LYS H 24 -41.20 47.79 -89.04
C LYS H 24 -41.30 47.10 -87.68
N ARG H 25 -41.82 45.87 -87.65
CA ARG H 25 -41.91 45.10 -86.41
C ARG H 25 -40.53 44.66 -85.93
N THR H 26 -40.40 44.49 -84.62
CA THR H 26 -39.21 43.91 -84.03
C THR H 26 -39.20 42.40 -84.31
N LEU H 27 -38.09 41.75 -83.98
CA LEU H 27 -37.89 40.32 -84.27
C LEU H 27 -38.99 39.42 -83.72
N GLY H 28 -39.20 39.49 -82.42
CA GLY H 28 -40.12 38.59 -81.71
C GLY H 28 -41.57 38.72 -82.14
N ARG H 29 -41.99 39.97 -82.34
CA ARG H 29 -43.34 40.28 -82.80
C ARG H 29 -43.57 39.75 -84.21
N LEU H 30 -42.57 39.92 -85.07
CA LEU H 30 -42.57 39.37 -86.42
C LEU H 30 -42.67 37.85 -86.41
N ALA H 31 -41.86 37.21 -85.56
CA ALA H 31 -41.87 35.76 -85.40
C ALA H 31 -43.23 35.24 -84.95
N SER H 32 -43.84 35.94 -84.00
CA SER H 32 -45.18 35.62 -83.50
C SER H 32 -46.23 35.71 -84.61
N ALA H 33 -46.15 36.77 -85.40
CA ALA H 33 -47.02 36.97 -86.56
C ALA H 33 -46.90 35.84 -87.58
N ILE H 34 -45.66 35.47 -87.87
CA ILE H 34 -45.33 34.35 -88.77
C ILE H 34 -45.92 33.03 -88.27
N ALA H 35 -45.79 32.78 -86.98
CA ALA H 35 -46.22 31.52 -86.35
C ALA H 35 -47.67 31.18 -86.65
N ILE H 36 -48.54 32.16 -86.44
CA ILE H 36 -49.97 32.06 -86.77
C ILE H 36 -50.21 31.62 -88.21
N THR H 37 -49.54 32.32 -89.13
CA THR H 37 -49.60 32.02 -90.56
C THR H 37 -49.20 30.57 -90.83
N LEU H 38 -48.08 30.17 -90.23
CA LEU H 38 -47.53 28.82 -90.35
C LEU H 38 -48.49 27.75 -89.84
N ILE H 39 -49.15 28.04 -88.73
CA ILE H 39 -50.15 27.15 -88.15
C ILE H 39 -51.36 27.05 -89.08
N GLY H 40 -51.80 28.21 -89.57
CA GLY H 40 -53.03 28.34 -90.34
C GLY H 40 -54.19 28.85 -89.52
N ARG H 41 -53.92 29.68 -88.51
CA ARG H 41 -54.97 30.25 -87.66
C ARG H 41 -55.70 31.38 -88.37
N HIS H 42 -54.98 32.11 -89.22
CA HIS H 42 -55.57 33.15 -90.10
C HIS H 42 -56.77 32.71 -90.92
N LYS H 43 -56.78 31.46 -91.37
CA LYS H 43 -57.86 30.94 -92.22
C LYS H 43 -58.99 30.24 -91.42
N PRO H 44 -60.27 30.57 -91.74
CA PRO H 44 -61.43 30.10 -90.97
C PRO H 44 -61.72 28.60 -91.09
N VAL H 45 -61.21 27.98 -92.14
CA VAL H 45 -61.36 26.55 -92.37
C VAL H 45 -60.51 25.72 -91.38
N TYR H 46 -59.54 26.36 -90.71
CA TYR H 46 -58.67 25.71 -89.71
C TYR H 46 -59.36 24.78 -88.72
N HIS H 47 -58.67 23.69 -88.41
CA HIS H 47 -59.04 22.79 -87.34
C HIS H 47 -57.74 22.31 -86.68
N PRO H 48 -57.71 22.14 -85.33
CA PRO H 48 -56.49 21.69 -84.66
C PRO H 48 -55.93 20.34 -85.16
N SER H 49 -56.82 19.43 -85.54
CA SER H 49 -56.44 18.10 -86.01
C SER H 49 -55.72 18.07 -87.37
N GLN H 50 -55.85 19.13 -88.15
CA GLN H 50 -55.35 19.19 -89.53
C GLN H 50 -54.34 20.32 -89.69
N ASP H 51 -53.16 19.99 -90.22
CA ASP H 51 -52.18 20.99 -90.62
C ASP H 51 -52.67 21.62 -91.92
N CYS H 52 -52.89 22.93 -91.89
CA CYS H 52 -53.41 23.66 -93.04
C CYS H 52 -52.88 25.10 -93.05
N GLY H 53 -51.57 25.23 -92.81
CA GLY H 53 -50.91 26.53 -92.75
C GLY H 53 -50.04 26.78 -93.97
N ASP H 54 -49.83 28.06 -94.26
CA ASP H 54 -49.22 28.51 -95.51
C ASP H 54 -47.70 28.58 -95.43
N TYR H 55 -47.07 28.75 -96.60
CA TYR H 55 -45.63 29.01 -96.67
C TYR H 55 -45.38 30.48 -96.37
N VAL H 56 -44.24 30.75 -95.73
CA VAL H 56 -43.82 32.12 -95.45
C VAL H 56 -42.37 32.28 -95.90
N VAL H 57 -42.16 33.05 -96.96
CA VAL H 57 -40.82 33.41 -97.40
C VAL H 57 -40.43 34.75 -96.79
N VAL H 58 -39.41 34.73 -95.94
CA VAL H 58 -38.84 35.94 -95.37
C VAL H 58 -37.59 36.30 -96.17
N THR H 59 -37.41 37.60 -96.42
CA THR H 59 -36.34 38.10 -97.28
C THR H 59 -35.83 39.45 -96.77
N ASN H 60 -34.58 39.75 -97.10
CA ASN H 60 -33.82 40.87 -96.55
C ASN H 60 -33.79 40.80 -95.01
N CYS H 61 -33.52 39.60 -94.52
CA CYS H 61 -33.56 39.31 -93.08
C CYS H 61 -32.40 39.92 -92.32
N GLN H 62 -31.35 40.35 -93.03
CA GLN H 62 -30.24 41.12 -92.43
C GLN H 62 -30.68 42.45 -91.78
N LYS H 63 -31.78 43.02 -92.27
CA LYS H 63 -32.30 44.30 -91.76
C LYS H 63 -33.40 44.09 -90.70
N ILE H 64 -33.29 43.02 -89.92
CA ILE H 64 -34.29 42.71 -88.89
C ILE H 64 -34.00 43.55 -87.64
N ARG H 65 -35.08 44.03 -87.02
CA ARG H 65 -34.98 44.92 -85.87
C ARG H 65 -34.89 44.10 -84.58
N VAL H 66 -33.91 44.44 -83.74
CA VAL H 66 -33.75 43.85 -82.42
C VAL H 66 -33.49 44.97 -81.43
N THR H 67 -34.36 45.08 -80.42
CA THR H 67 -34.29 46.17 -79.44
C THR H 67 -33.23 45.93 -78.38
N GLY H 68 -32.97 46.96 -77.57
CA GLY H 68 -32.05 46.89 -76.44
C GLY H 68 -30.62 46.61 -76.88
N LYS H 69 -29.91 45.84 -76.05
CA LYS H 69 -28.57 45.33 -76.39
C LYS H 69 -28.61 43.82 -76.59
N LYS H 70 -29.72 43.29 -77.11
CA LYS H 70 -29.89 41.85 -77.30
C LYS H 70 -28.96 41.27 -78.34
N PHE H 71 -28.56 42.08 -79.33
CA PHE H 71 -27.66 41.61 -80.37
C PHE H 71 -26.29 41.18 -79.86
N GLU H 72 -25.81 41.83 -78.79
CA GLU H 72 -24.53 41.48 -78.16
C GLU H 72 -24.65 40.80 -76.79
N GLN H 73 -25.87 40.72 -76.23
CA GLN H 73 -26.11 40.06 -74.94
C GLN H 73 -26.84 38.72 -75.07
N LYS H 74 -27.97 38.72 -75.76
CA LYS H 74 -28.87 37.55 -75.84
C LYS H 74 -28.13 36.27 -76.23
N THR H 75 -28.15 35.28 -75.33
CA THR H 75 -27.41 34.04 -75.52
C THR H 75 -28.34 32.88 -75.90
N TYR H 76 -27.98 32.19 -76.98
CA TYR H 76 -28.66 30.98 -77.43
C TYR H 76 -27.91 29.76 -76.90
N TRP H 77 -28.65 28.87 -76.24
CA TRP H 77 -28.04 27.72 -75.57
C TRP H 77 -28.16 26.45 -76.41
N SER H 78 -27.35 25.45 -76.04
CA SER H 78 -27.42 24.12 -76.64
C SER H 78 -26.70 23.13 -75.73
N HIS H 79 -27.14 21.87 -75.77
CA HIS H 79 -26.55 20.83 -74.93
C HIS H 79 -26.79 19.44 -75.53
N SER H 80 -25.71 18.67 -75.67
CA SER H 80 -25.78 17.31 -76.22
C SER H 80 -26.40 16.34 -75.23
N GLY H 81 -25.81 16.31 -74.03
CA GLY H 81 -26.25 15.45 -72.93
C GLY H 81 -25.10 15.13 -72.01
N ARG H 82 -23.94 14.87 -72.61
CA ARG H 82 -22.67 14.77 -71.90
C ARG H 82 -22.44 16.07 -71.11
N PRO H 83 -22.26 15.97 -69.78
CA PRO H 83 -22.00 17.19 -68.97
C PRO H 83 -20.71 17.91 -69.34
N GLY H 84 -20.69 19.22 -69.05
CA GLY H 84 -19.59 20.09 -69.45
C GLY H 84 -19.55 20.37 -70.94
N GLN H 85 -20.71 20.28 -71.59
CA GLN H 85 -20.85 20.54 -73.03
C GLN H 85 -22.01 21.51 -73.31
N LEU H 86 -22.27 22.42 -72.37
CA LEU H 86 -23.26 23.46 -72.59
C LEU H 86 -22.65 24.49 -73.54
N LYS H 87 -23.26 24.62 -74.72
CA LYS H 87 -22.81 25.53 -75.75
C LYS H 87 -23.68 26.78 -75.72
N LEU H 88 -23.10 27.90 -75.29
CA LEU H 88 -23.81 29.18 -75.19
C LEU H 88 -23.21 30.14 -76.22
N GLN H 89 -24.03 30.57 -77.18
CA GLN H 89 -23.61 31.50 -78.24
C GLN H 89 -24.44 32.77 -78.14
N THR H 90 -23.78 33.93 -78.19
CA THR H 90 -24.50 35.21 -78.27
C THR H 90 -25.13 35.38 -79.65
N MET H 91 -26.14 36.25 -79.72
CA MET H 91 -26.96 36.46 -80.94
C MET H 91 -26.10 36.84 -82.14
N ASN H 92 -25.21 37.80 -81.94
CA ASN H 92 -24.25 38.24 -82.98
C ASN H 92 -23.37 37.11 -83.50
N LYS H 93 -22.94 36.22 -82.60
CA LYS H 93 -22.12 35.07 -82.95
C LYS H 93 -22.92 34.11 -83.83
N VAL H 94 -24.15 33.84 -83.40
CA VAL H 94 -25.09 32.98 -84.14
C VAL H 94 -25.32 33.51 -85.56
N VAL H 95 -25.55 34.82 -85.65
CA VAL H 95 -25.69 35.52 -86.93
C VAL H 95 -24.47 35.32 -87.83
N ALA H 96 -23.29 35.53 -87.26
CA ALA H 96 -22.02 35.35 -87.96
C ALA H 96 -21.87 33.93 -88.51
N ASP H 97 -22.22 32.96 -87.66
CA ASP H 97 -22.22 31.54 -88.05
C ASP H 97 -23.16 31.25 -89.23
N LYS H 98 -24.44 31.59 -89.04
CA LYS H 98 -25.50 31.23 -89.98
C LYS H 98 -26.14 32.44 -90.65
N GLY H 99 -26.67 33.35 -89.84
CA GLY H 99 -27.38 34.53 -90.35
C GLY H 99 -28.49 34.98 -89.44
N PHE H 100 -29.09 36.10 -89.83
CA PHE H 100 -30.26 36.66 -89.15
C PHE H 100 -31.50 35.80 -89.37
N GLY H 101 -31.51 35.08 -90.49
CA GLY H 101 -32.58 34.16 -90.82
C GLY H 101 -32.69 32.97 -89.87
N GLU H 102 -31.55 32.46 -89.45
CA GLU H 102 -31.46 31.41 -88.43
C GLU H 102 -32.11 31.84 -87.12
N ILE H 103 -31.76 33.06 -86.71
CA ILE H 103 -32.29 33.70 -85.49
C ILE H 103 -33.81 33.77 -85.54
N LEU H 104 -34.32 34.26 -86.67
CA LEU H 104 -35.75 34.36 -86.92
C LEU H 104 -36.44 33.00 -86.82
N LYS H 105 -35.82 32.01 -87.47
CA LYS H 105 -36.31 30.64 -87.48
C LYS H 105 -36.47 30.07 -86.07
N LYS H 106 -35.46 30.31 -85.23
CA LYS H 106 -35.48 29.88 -83.82
C LYS H 106 -36.65 30.46 -83.06
N ALA H 107 -36.87 31.77 -83.24
CA ALA H 107 -38.02 32.46 -82.66
C ALA H 107 -39.30 31.80 -83.11
N VAL H 108 -39.44 31.63 -84.43
CA VAL H 108 -40.64 31.03 -85.04
C VAL H 108 -40.89 29.61 -84.50
N SER H 109 -39.82 28.82 -84.36
CA SER H 109 -39.89 27.48 -83.78
C SER H 109 -40.46 27.50 -82.36
N GLY H 110 -39.94 28.41 -81.55
CA GLY H 110 -40.40 28.60 -80.18
C GLY H 110 -41.85 29.05 -80.09
N MET H 111 -42.29 29.86 -81.05
CA MET H 111 -43.69 30.30 -81.14
C MET H 111 -44.64 29.14 -81.44
N LEU H 112 -44.20 28.21 -82.30
CA LEU H 112 -45.08 27.13 -82.82
C LEU H 112 -45.53 26.12 -81.75
N PRO H 113 -46.64 25.40 -82.02
CA PRO H 113 -47.15 24.40 -81.06
C PRO H 113 -46.32 23.12 -81.05
N LYS H 114 -46.04 22.58 -79.85
CA LYS H 114 -45.08 21.49 -79.69
C LYS H 114 -45.74 20.13 -79.95
N ASN H 115 -45.70 19.69 -81.20
CA ASN H 115 -46.27 18.41 -81.60
C ASN H 115 -45.67 17.91 -82.93
N LYS H 116 -46.22 16.83 -83.50
CA LYS H 116 -45.65 16.21 -84.72
C LYS H 116 -45.63 17.10 -85.98
N LEU H 117 -46.49 18.12 -86.02
CA LEU H 117 -46.60 19.02 -87.17
C LEU H 117 -45.65 20.22 -87.09
N ARG H 118 -45.08 20.46 -85.90
CA ARG H 118 -44.20 21.60 -85.63
C ARG H 118 -43.04 21.70 -86.62
N LYS H 119 -42.38 20.58 -86.84
CA LYS H 119 -41.24 20.48 -87.76
C LYS H 119 -41.64 20.88 -89.18
N GLN H 120 -42.79 20.37 -89.61
CA GLN H 120 -43.36 20.67 -90.94
C GLN H 120 -43.60 22.16 -91.09
N ARG H 121 -44.22 22.76 -90.07
CA ARG H 121 -44.50 24.19 -90.03
C ARG H 121 -43.22 25.02 -90.13
N LEU H 122 -42.21 24.59 -89.39
CA LEU H 122 -40.89 25.24 -89.39
C LEU H 122 -40.25 25.17 -90.77
N ASP H 123 -40.33 24.00 -91.40
CA ASP H 123 -39.85 23.79 -92.77
C ASP H 123 -40.49 24.76 -93.77
N ARG H 124 -41.81 24.93 -93.67
CA ARG H 124 -42.53 25.89 -94.54
C ARG H 124 -42.03 27.33 -94.48
N LEU H 125 -41.46 27.75 -93.36
CA LEU H 125 -40.77 29.04 -93.26
C LEU H 125 -39.46 28.99 -94.07
N LYS H 126 -39.31 29.93 -95.00
CA LYS H 126 -38.13 30.01 -95.87
C LYS H 126 -37.48 31.39 -95.71
N VAL H 127 -36.37 31.45 -94.97
CA VAL H 127 -35.76 32.75 -94.63
C VAL H 127 -34.48 33.00 -95.44
N PHE H 128 -34.24 34.27 -95.77
CA PHE H 128 -33.10 34.68 -96.59
C PHE H 128 -32.51 36.00 -96.08
N ASP H 129 -31.20 35.99 -95.82
CA ASP H 129 -30.50 37.15 -95.27
C ASP H 129 -30.58 38.37 -96.19
N GLY H 130 -30.33 38.15 -97.47
CA GLY H 130 -30.41 39.20 -98.51
C GLY H 130 -31.71 39.14 -99.28
N SER H 131 -31.71 39.69 -100.48
CA SER H 131 -32.91 39.81 -101.31
C SER H 131 -33.17 38.58 -102.16
N GLU H 132 -32.16 38.14 -102.91
CA GLU H 132 -32.34 37.09 -103.91
C GLU H 132 -32.65 35.72 -103.30
N ASN H 133 -33.62 35.03 -103.91
CA ASN H 133 -34.15 33.77 -103.40
C ASN H 133 -34.87 33.01 -104.52
N PRO H 134 -34.97 31.68 -104.41
CA PRO H 134 -35.60 30.88 -105.47
C PRO H 134 -37.12 31.00 -105.55
N TYR H 135 -37.76 31.29 -104.41
CA TYR H 135 -39.23 31.30 -104.31
C TYR H 135 -39.86 32.62 -104.80
N LYS H 136 -39.03 33.59 -105.16
CA LYS H 136 -39.45 34.82 -105.87
C LYS H 136 -40.65 34.63 -106.81
N GLN H 137 -40.60 33.57 -107.60
CA GLN H 137 -41.57 33.30 -108.65
C GLN H 137 -42.92 32.74 -108.16
N ASN H 138 -43.01 32.32 -106.90
CA ASN H 138 -44.21 31.63 -106.39
C ASN H 138 -45.01 32.31 -105.26
N ILE H 139 -44.65 33.55 -104.95
CA ILE H 139 -45.42 34.36 -104.00
C ILE H 139 -46.76 34.69 -104.66
N THR H 140 -47.82 34.70 -103.85
CA THR H 140 -49.17 34.97 -104.37
C THR H 140 -49.26 36.35 -105.03
N ALA H 141 -49.89 36.38 -106.20
CA ALA H 141 -49.97 37.58 -107.02
C ALA H 141 -51.33 37.68 -107.69
N PHE H 142 -51.67 38.88 -108.11
CA PHE H 142 -52.97 39.18 -108.74
C PHE H 142 -52.78 40.05 -109.97
N ALA H 143 -53.71 39.94 -110.91
CA ALA H 143 -53.67 40.71 -112.17
C ALA H 143 -53.87 42.21 -111.95
N HIS H 144 -54.73 42.56 -111.00
CA HIS H 144 -54.97 43.96 -110.62
C HIS H 144 -53.75 44.69 -110.01
N GLU H 145 -52.80 43.93 -109.46
CA GLU H 145 -51.57 44.50 -108.89
C GLU H 145 -50.52 44.86 -109.96
N GLN H 146 -50.67 44.35 -111.18
CA GLN H 146 -49.61 44.40 -112.19
C GLN H 146 -49.29 45.82 -112.70
N SER H 147 -50.29 46.70 -112.69
CA SER H 147 -50.10 48.09 -113.14
C SER H 147 -49.12 48.89 -112.27
N SER H 148 -49.12 48.60 -110.97
CA SER H 148 -48.18 49.21 -110.02
C SER H 148 -46.70 48.96 -110.37
N ILE H 149 -46.41 47.73 -110.80
CA ILE H 149 -45.04 47.31 -111.10
C ILE H 149 -44.67 47.79 -112.53
N PRO H 150 -43.46 48.38 -112.70
CA PRO H 150 -42.93 48.71 -114.04
C PRO H 150 -42.77 47.50 -114.98
N GLU H 151 -42.70 47.77 -116.28
CA GLU H 151 -42.71 46.72 -117.31
C GLU H 151 -41.51 45.76 -117.31
N PRO H 152 -40.27 46.29 -117.37
CA PRO H 152 -39.10 45.40 -117.52
C PRO H 152 -38.71 44.63 -116.25
N LEU H 153 -39.03 45.17 -115.08
CA LEU H 153 -38.76 44.52 -113.80
C LEU H 153 -39.40 43.14 -113.69
N LYS H 154 -40.66 43.06 -114.14
CA LYS H 154 -41.42 41.81 -114.13
C LYS H 154 -40.74 40.75 -114.99
N GLU H 155 -40.32 41.15 -116.19
CA GLU H 155 -39.59 40.30 -117.13
C GLU H 155 -38.29 39.78 -116.53
N SER H 156 -37.55 40.67 -115.88
CA SER H 156 -36.28 40.34 -115.21
C SER H 156 -36.49 39.30 -114.10
N ILE H 157 -37.54 39.51 -113.31
CA ILE H 157 -37.95 38.58 -112.25
C ILE H 157 -38.28 37.20 -112.80
N PHE H 158 -39.04 37.18 -113.89
CA PHE H 158 -39.44 35.95 -114.59
C PHE H 158 -38.22 35.19 -115.10
N ASN H 159 -37.29 35.93 -115.70
CA ASN H 159 -36.00 35.39 -116.17
C ASN H 159 -35.22 34.74 -115.04
N GLN H 160 -35.17 35.44 -113.91
CA GLN H 160 -34.46 34.99 -112.70
C GLN H 160 -35.03 33.67 -112.19
N MET I 1 18.23 1.00 -65.51
CA MET I 1 16.96 1.55 -64.96
C MET I 1 16.92 1.50 -63.43
N ILE I 2 17.32 2.61 -62.82
CA ILE I 2 17.26 2.78 -61.37
C ILE I 2 15.85 3.25 -61.00
N PHE I 3 15.31 2.70 -59.91
CA PHE I 3 14.01 3.08 -59.36
C PHE I 3 14.15 3.38 -57.87
N LEU I 4 13.02 3.69 -57.22
CA LEU I 4 12.92 3.73 -55.76
C LEU I 4 13.43 2.42 -55.16
N LYS I 5 14.16 2.51 -54.05
CA LYS I 5 14.62 1.35 -53.27
C LYS I 5 15.65 0.46 -53.99
N SER I 6 16.21 0.96 -55.09
CA SER I 6 17.18 0.23 -55.89
C SER I 6 18.56 0.61 -55.41
N VAL I 7 19.31 -0.37 -54.90
CA VAL I 7 20.67 -0.11 -54.41
C VAL I 7 21.68 -0.30 -55.53
N ILE I 8 22.69 0.57 -55.56
CA ILE I 8 23.72 0.56 -56.60
C ILE I 8 25.10 0.87 -56.04
N LYS I 9 26.12 0.48 -56.79
CA LYS I 9 27.51 0.76 -56.43
C LYS I 9 27.84 2.23 -56.62
N VAL I 10 28.64 2.76 -55.68
CA VAL I 10 29.26 4.08 -55.83
C VAL I 10 30.72 3.80 -56.18
N ILE I 11 31.23 4.45 -57.22
CA ILE I 11 32.58 4.16 -57.74
C ILE I 11 33.49 5.39 -57.63
N ASP I 12 33.47 6.02 -56.45
CA ASP I 12 34.30 7.20 -56.16
C ASP I 12 35.14 6.96 -54.92
N ASN I 13 36.10 7.85 -54.71
CA ASN I 13 36.84 7.92 -53.45
C ASN I 13 36.16 8.82 -52.39
N SER I 14 34.83 8.93 -52.47
CA SER I 14 34.02 9.72 -51.52
C SER I 14 33.90 8.99 -50.18
N GLY I 15 33.84 7.66 -50.23
CA GLY I 15 33.66 6.83 -49.04
C GLY I 15 32.52 5.82 -49.21
N ALA I 16 31.49 6.21 -49.95
CA ALA I 16 30.32 5.35 -50.18
C ALA I 16 30.68 4.10 -50.96
N GLN I 17 30.16 2.97 -50.49
CA GLN I 17 30.25 1.68 -51.17
C GLN I 17 28.98 1.39 -51.96
N LEU I 18 27.83 1.76 -51.39
CA LEU I 18 26.53 1.30 -51.85
C LEU I 18 25.46 2.35 -51.51
N ALA I 19 24.55 2.61 -52.44
CA ALA I 19 23.57 3.69 -52.31
C ALA I 19 22.19 3.30 -52.83
N GLU I 20 21.19 3.34 -51.94
CA GLU I 20 19.80 3.10 -52.30
C GLU I 20 19.23 4.38 -52.89
N CYS I 21 18.76 4.30 -54.14
CA CYS I 21 18.13 5.45 -54.80
C CYS I 21 16.75 5.70 -54.21
N ILE I 22 16.51 6.94 -53.76
CA ILE I 22 15.20 7.34 -53.23
C ILE I 22 14.44 8.33 -54.12
N LYS I 23 15.11 9.01 -55.05
CA LYS I 23 14.43 9.84 -56.04
C LYS I 23 15.24 10.10 -57.31
N VAL I 24 14.53 10.41 -58.38
CA VAL I 24 15.11 10.82 -59.66
C VAL I 24 14.71 12.28 -59.86
N ILE I 25 15.65 13.11 -60.32
CA ILE I 25 15.51 14.57 -60.20
C ILE I 25 14.58 15.22 -61.25
N ARG I 26 15.03 15.33 -62.50
CA ARG I 26 14.24 16.03 -63.54
C ARG I 26 12.96 15.31 -63.97
N LYS I 27 12.85 14.01 -63.65
CA LYS I 27 11.66 13.24 -64.00
C LYS I 27 10.47 13.56 -63.09
N GLY I 28 9.34 13.90 -63.71
CA GLY I 28 8.17 14.43 -63.02
C GLY I 28 7.39 13.40 -62.22
N SER I 29 7.12 12.26 -62.84
CA SER I 29 6.48 11.15 -62.14
C SER I 29 7.55 10.48 -61.30
N PRO I 30 7.31 10.32 -59.98
CA PRO I 30 8.27 9.59 -59.14
C PRO I 30 8.42 8.10 -59.48
N LYS I 31 7.49 7.55 -60.29
CA LYS I 31 7.60 6.19 -60.79
C LYS I 31 8.71 6.08 -61.85
N SER I 32 8.89 7.14 -62.64
CA SER I 32 9.82 7.15 -63.79
C SER I 32 11.25 6.81 -63.38
N PRO I 33 11.91 5.88 -64.12
CA PRO I 33 13.24 5.42 -63.74
C PRO I 33 14.37 6.39 -64.06
N ALA I 34 15.43 6.35 -63.24
CA ALA I 34 16.67 7.05 -63.53
C ALA I 34 17.52 6.19 -64.46
N MET I 35 17.93 6.77 -65.58
CA MET I 35 18.79 6.08 -66.56
C MET I 35 20.06 6.88 -66.78
N VAL I 36 21.11 6.20 -67.25
CA VAL I 36 22.46 6.76 -67.36
C VAL I 36 22.51 8.25 -67.71
N GLY I 37 23.22 9.01 -66.89
CA GLY I 37 23.25 10.46 -66.99
C GLY I 37 22.02 11.14 -66.43
N ASP I 38 21.50 10.61 -65.31
CA ASP I 38 20.39 11.22 -64.57
C ASP I 38 20.81 11.40 -63.12
N ARG I 39 20.59 12.61 -62.60
CA ARG I 39 20.95 12.94 -61.23
C ARG I 39 19.87 12.33 -60.33
N ILE I 40 20.29 11.55 -59.33
CA ILE I 40 19.38 10.90 -58.38
C ILE I 40 19.72 11.32 -56.96
N VAL I 41 18.71 11.32 -56.09
CA VAL I 41 18.91 11.45 -54.65
C VAL I 41 18.97 10.03 -54.10
N CYS I 42 19.99 9.76 -53.29
CA CYS I 42 20.22 8.42 -52.75
C CYS I 42 20.67 8.43 -51.30
N VAL I 43 20.25 7.40 -50.58
CA VAL I 43 20.62 7.17 -49.19
C VAL I 43 21.74 6.14 -49.20
N ILE I 44 22.88 6.48 -48.58
CA ILE I 44 24.04 5.60 -48.57
C ILE I 44 23.81 4.45 -47.59
N GLN I 45 23.84 3.23 -48.12
CA GLN I 45 23.54 2.02 -47.34
C GLN I 45 24.79 1.48 -46.67
N LYS I 46 25.91 1.52 -47.39
CA LYS I 46 27.20 1.03 -46.90
C LYS I 46 28.30 2.02 -47.27
N ALA I 47 29.21 2.26 -46.33
CA ALA I 47 30.28 3.25 -46.49
C ALA I 47 31.59 2.73 -45.92
N LYS I 48 32.67 3.44 -46.24
CA LYS I 48 34.00 3.11 -45.75
C LYS I 48 34.25 3.88 -44.44
N PRO I 49 34.53 3.16 -43.34
CA PRO I 49 34.75 3.82 -42.05
C PRO I 49 36.13 4.51 -41.94
N LEU I 50 37.15 3.91 -42.55
CA LEU I 50 38.53 4.42 -42.48
C LEU I 50 39.09 4.58 -43.89
N ARG I 62 34.04 13.53 -46.43
CA ARG I 62 33.66 12.16 -46.80
C ARG I 62 32.33 11.74 -46.18
N VAL I 63 31.66 10.82 -46.87
CA VAL I 63 30.27 10.46 -46.53
C VAL I 63 30.17 9.35 -45.47
N LYS I 64 28.97 9.28 -44.87
CA LYS I 64 28.65 8.28 -43.84
C LYS I 64 27.56 7.33 -44.37
N LYS I 65 27.22 6.32 -43.55
CA LYS I 65 26.01 5.54 -43.78
C LYS I 65 24.79 6.36 -43.36
N GLY I 66 23.67 6.14 -44.03
CA GLY I 66 22.43 6.86 -43.75
C GLY I 66 22.48 8.33 -44.13
N ASP I 67 23.39 8.65 -45.07
CA ASP I 67 23.67 10.03 -45.45
C ASP I 67 22.98 10.26 -46.80
N ILE I 68 22.00 11.16 -46.81
CA ILE I 68 21.25 11.49 -48.02
C ILE I 68 22.14 12.37 -48.89
N CYS I 69 22.35 11.94 -50.14
CA CYS I 69 23.25 12.64 -51.05
C CYS I 69 22.84 12.45 -52.51
N HIS I 70 23.32 13.36 -53.35
CA HIS I 70 23.02 13.34 -54.79
C HIS I 70 24.08 12.55 -55.54
N ALA I 71 23.64 11.78 -56.53
CA ALA I 71 24.53 10.97 -57.36
C ALA I 71 24.11 11.09 -58.82
N ILE I 72 25.04 10.76 -59.71
CA ILE I 72 24.75 10.65 -61.14
C ILE I 72 24.99 9.21 -61.56
N VAL I 73 24.05 8.65 -62.31
CA VAL I 73 24.11 7.28 -62.78
C VAL I 73 25.07 7.27 -63.98
N VAL I 74 26.11 6.44 -63.90
CA VAL I 74 27.18 6.42 -64.92
C VAL I 74 27.21 5.16 -65.78
N ARG I 75 26.68 4.05 -65.27
CA ARG I 75 26.48 2.85 -66.09
C ARG I 75 25.32 2.02 -65.56
N SER I 76 24.74 1.19 -66.43
CA SER I 76 23.57 0.37 -66.11
C SER I 76 23.60 -1.00 -66.78
N LYS I 77 22.93 -1.96 -66.15
CA LYS I 77 22.79 -3.32 -66.68
C LYS I 77 21.78 -3.42 -67.82
N GLN I 78 20.83 -2.48 -67.89
CA GLN I 78 19.74 -2.57 -68.87
C GLN I 78 20.31 -2.60 -70.29
N ARG I 79 19.88 -3.61 -71.05
CA ARG I 79 20.49 -3.92 -72.35
C ARG I 79 20.03 -2.96 -73.43
N ASN I 80 18.71 -2.81 -73.56
CA ASN I 80 18.11 -2.21 -74.74
C ASN I 80 18.08 -0.68 -74.87
N MET I 81 18.82 0.04 -74.02
CA MET I 81 19.00 1.48 -74.20
C MET I 81 19.77 1.73 -75.50
N CYS I 82 19.03 2.15 -76.54
CA CYS I 82 19.57 2.26 -77.89
C CYS I 82 20.30 3.58 -78.10
N ARG I 83 21.41 3.52 -78.84
CA ARG I 83 22.20 4.70 -79.21
C ARG I 83 21.85 5.14 -80.64
N LYS I 84 22.36 6.31 -81.02
CA LYS I 84 22.16 6.86 -82.38
C LYS I 84 22.78 5.99 -83.46
N ASP I 85 24.02 5.54 -83.23
CA ASP I 85 24.76 4.73 -84.20
C ASP I 85 24.29 3.28 -84.36
N GLY I 86 23.36 2.83 -83.51
CA GLY I 86 22.77 1.49 -83.62
C GLY I 86 23.30 0.49 -82.60
N SER I 87 24.47 0.77 -82.01
CA SER I 87 25.08 -0.10 -81.01
C SER I 87 24.36 0.00 -79.67
N THR I 88 24.55 -1.02 -78.83
CA THR I 88 24.13 -0.98 -77.43
C THR I 88 25.29 -1.38 -76.53
N VAL I 89 25.24 -0.92 -75.28
CA VAL I 89 26.21 -1.24 -74.26
C VAL I 89 25.44 -1.71 -73.02
N ALA I 90 25.99 -2.70 -72.32
CA ALA I 90 25.31 -3.32 -71.19
C ALA I 90 26.32 -3.85 -70.18
N PHE I 91 26.56 -3.06 -69.14
CA PHE I 91 27.57 -3.36 -68.13
C PHE I 91 27.10 -4.44 -67.15
N GLY I 92 28.05 -4.97 -66.38
CA GLY I 92 27.79 -6.01 -65.41
C GLY I 92 27.10 -5.54 -64.13
N ASP I 93 27.15 -4.24 -63.85
CA ASP I 93 26.47 -3.66 -62.70
C ASP I 93 26.10 -2.21 -62.96
N THR I 94 25.02 -1.77 -62.31
CA THR I 94 24.63 -0.37 -62.32
C THR I 94 25.51 0.37 -61.31
N ALA I 95 26.04 1.51 -61.72
CA ALA I 95 26.95 2.30 -60.86
C ALA I 95 26.66 3.79 -60.95
N CYS I 96 26.97 4.50 -59.86
CA CYS I 96 26.78 5.94 -59.79
C CYS I 96 28.01 6.65 -59.24
N VAL I 97 27.99 7.97 -59.36
CA VAL I 97 29.08 8.84 -58.93
C VAL I 97 28.46 9.98 -58.11
N LEU I 98 28.81 10.05 -56.83
CA LEU I 98 28.29 11.08 -55.93
C LEU I 98 28.74 12.48 -56.35
N ILE I 99 27.85 13.46 -56.19
CA ILE I 99 28.10 14.84 -56.60
C ILE I 99 27.68 15.83 -55.53
N ASN I 100 28.17 17.05 -55.67
CA ASN I 100 27.70 18.18 -54.87
C ASN I 100 26.27 18.50 -55.27
N LYS I 101 25.46 18.91 -54.29
CA LYS I 101 24.03 19.15 -54.51
C LYS I 101 23.80 20.40 -55.35
N ASN I 102 24.37 21.52 -54.89
CA ASN I 102 24.20 22.81 -55.56
C ASN I 102 25.10 23.00 -56.79
N THR I 103 26.35 22.55 -56.70
CA THR I 103 27.34 22.74 -57.76
C THR I 103 27.10 21.79 -58.94
N GLY I 104 26.93 20.50 -58.63
CA GLY I 104 26.78 19.45 -59.64
C GLY I 104 28.06 18.73 -60.03
N GLU I 105 29.21 19.23 -59.56
CA GLU I 105 30.50 18.59 -59.82
C GLU I 105 30.67 17.33 -58.98
N PRO I 106 31.59 16.42 -59.38
CA PRO I 106 31.82 15.19 -58.59
C PRO I 106 32.29 15.45 -57.17
N LEU I 107 31.79 14.64 -56.24
CA LEU I 107 32.09 14.75 -54.82
C LEU I 107 33.48 14.18 -54.58
N GLY I 108 33.69 12.95 -55.04
CA GLY I 108 35.00 12.30 -54.99
C GLY I 108 35.97 12.88 -56.00
N THR I 109 37.25 12.92 -55.64
CA THR I 109 38.31 13.50 -56.47
C THR I 109 38.73 12.57 -57.62
N ARG I 110 38.42 11.27 -57.51
CA ARG I 110 38.75 10.29 -58.56
C ARG I 110 37.78 9.10 -58.57
N ILE I 111 37.58 8.54 -59.75
CA ILE I 111 36.84 7.28 -59.93
C ILE I 111 37.84 6.13 -59.75
N MET I 112 37.35 5.01 -59.24
CA MET I 112 38.20 3.84 -58.99
C MET I 112 38.60 3.22 -60.32
N ALA I 113 39.90 3.06 -60.53
CA ALA I 113 40.44 2.43 -61.75
C ALA I 113 40.10 0.94 -61.85
N ASN I 114 39.85 0.31 -60.71
CA ASN I 114 39.42 -1.10 -60.64
C ASN I 114 38.05 -1.32 -61.32
N ASP I 115 37.14 -0.36 -61.18
CA ASP I 115 35.82 -0.45 -61.82
C ASP I 115 35.31 0.95 -62.25
N GLY I 116 36.12 1.63 -63.05
CA GLY I 116 35.82 2.97 -63.56
C GLY I 116 35.47 2.95 -65.04
N CYS I 117 34.48 2.12 -65.38
CA CYS I 117 33.97 2.01 -66.75
C CYS I 117 32.61 2.69 -66.80
N VAL I 118 32.44 3.63 -67.73
CA VAL I 118 31.20 4.40 -67.85
C VAL I 118 30.69 4.43 -69.28
N ASP I 119 29.43 4.86 -69.43
CA ASP I 119 28.81 4.98 -70.75
C ASP I 119 29.31 6.25 -71.43
N ARG I 120 29.42 6.21 -72.76
CA ARG I 120 29.76 7.40 -73.55
C ARG I 120 28.56 8.31 -73.87
N THR I 121 27.37 7.93 -73.39
CA THR I 121 26.21 8.82 -73.38
C THR I 121 26.41 9.98 -72.38
N LEU I 122 27.25 9.78 -71.37
CA LEU I 122 27.59 10.84 -70.40
C LEU I 122 28.22 12.06 -71.06
N LYS I 123 29.13 11.81 -72.00
CA LYS I 123 29.73 12.88 -72.81
C LYS I 123 28.69 13.69 -73.57
N ASP I 124 27.76 12.98 -74.20
CA ASP I 124 26.65 13.59 -74.94
C ASP I 124 25.78 14.46 -74.06
N LYS I 125 25.47 13.94 -72.86
CA LYS I 125 24.70 14.66 -71.84
C LYS I 125 25.38 15.96 -71.42
N GLY I 126 26.70 15.87 -71.24
CA GLY I 126 27.52 16.98 -70.74
C GLY I 126 28.11 16.73 -69.35
N TYR I 127 28.49 15.49 -69.07
CA TYR I 127 29.11 15.11 -67.81
C TYR I 127 30.58 14.86 -68.13
N ASN I 128 31.30 15.96 -68.37
CA ASN I 128 32.67 15.92 -68.88
C ASN I 128 33.68 15.54 -67.81
N LYS I 129 33.54 16.16 -66.64
CA LYS I 129 34.43 15.93 -65.50
C LYS I 129 34.42 14.46 -65.06
N ILE I 130 33.21 13.92 -64.95
CA ILE I 130 32.98 12.52 -64.58
C ILE I 130 33.67 11.58 -65.57
N CYS I 131 33.47 11.84 -66.86
CA CYS I 131 34.11 11.07 -67.94
C CYS I 131 35.62 11.11 -67.86
N SER I 132 36.17 12.29 -67.58
CA SER I 132 37.61 12.49 -67.42
C SER I 132 38.15 11.67 -66.25
N LEU I 133 37.43 11.69 -65.13
CA LEU I 133 37.77 10.88 -63.96
C LEU I 133 37.78 9.38 -64.26
N ALA I 134 36.79 8.94 -65.03
CA ALA I 134 36.62 7.52 -65.36
C ALA I 134 37.78 6.97 -66.18
N SER I 135 38.00 5.66 -66.04
CA SER I 135 39.13 4.97 -66.68
C SER I 135 38.91 4.81 -68.17
N ARG I 136 37.73 4.27 -68.53
CA ARG I 136 37.38 3.96 -69.92
C ARG I 136 35.93 4.33 -70.21
N VAL I 137 35.75 5.36 -71.03
CA VAL I 137 34.43 5.79 -71.48
C VAL I 137 34.02 4.94 -72.68
N ILE I 138 33.13 3.98 -72.43
CA ILE I 138 32.65 3.06 -73.47
C ILE I 138 31.38 3.62 -74.11
N VAL J 1 -105.27 -21.49 -60.74
CA VAL J 1 -104.04 -22.03 -60.08
C VAL J 1 -104.20 -21.99 -58.57
N SER J 2 -103.44 -22.85 -57.87
CA SER J 2 -103.42 -22.84 -56.41
C SER J 2 -102.87 -21.53 -55.87
N ILE J 3 -103.39 -21.11 -54.72
CA ILE J 3 -102.91 -19.90 -54.03
C ILE J 3 -101.45 -20.04 -53.56
N LEU J 4 -101.00 -21.28 -53.36
CA LEU J 4 -99.68 -21.61 -52.80
C LEU J 4 -98.46 -20.95 -53.47
N GLY J 5 -98.60 -20.58 -54.74
CA GLY J 5 -97.57 -19.83 -55.47
C GLY J 5 -97.83 -18.34 -55.61
N GLN J 6 -98.56 -17.76 -54.66
CA GLN J 6 -98.88 -16.33 -54.68
C GLN J 6 -99.29 -15.84 -53.28
N LEU J 7 -98.44 -16.16 -52.30
CA LEU J 7 -98.64 -15.75 -50.91
C LEU J 7 -97.49 -14.84 -50.50
N LYS J 8 -97.83 -13.70 -49.90
CA LYS J 8 -96.84 -12.76 -49.38
C LYS J 8 -97.04 -12.56 -47.89
N PRO J 9 -96.00 -12.10 -47.18
CA PRO J 9 -96.21 -11.61 -45.81
C PRO J 9 -96.95 -10.27 -45.82
N SER J 10 -97.54 -9.92 -44.68
CA SER J 10 -98.20 -8.62 -44.52
C SER J 10 -97.16 -7.50 -44.61
N ASP J 11 -97.57 -6.36 -45.18
CA ASP J 11 -96.65 -5.24 -45.41
C ASP J 11 -96.18 -4.65 -44.09
N GLY J 12 -94.86 -4.59 -43.91
CA GLY J 12 -94.24 -4.17 -42.66
C GLY J 12 -93.73 -5.30 -41.79
N SER J 13 -94.05 -6.55 -42.14
CA SER J 13 -93.61 -7.72 -41.38
C SER J 13 -92.13 -8.00 -41.57
N THR J 14 -91.74 -8.28 -42.82
CA THR J 14 -90.38 -8.74 -43.13
C THR J 14 -89.44 -7.58 -43.46
N LYS J 15 -88.14 -7.92 -43.45
CA LYS J 15 -87.07 -7.00 -43.82
C LYS J 15 -85.94 -7.78 -44.49
N SER J 16 -85.09 -7.06 -45.22
CA SER J 16 -83.83 -7.60 -45.72
C SER J 16 -82.78 -7.44 -44.63
N PHE J 17 -82.07 -8.52 -44.29
CA PHE J 17 -81.01 -8.46 -43.29
C PHE J 17 -79.77 -7.78 -43.89
N LYS J 18 -79.08 -6.97 -43.09
CA LYS J 18 -77.91 -6.24 -43.57
C LYS J 18 -76.75 -7.22 -43.81
N ARG J 19 -76.35 -7.31 -45.07
CA ARG J 19 -75.42 -8.32 -45.55
C ARG J 19 -74.08 -7.65 -45.80
N LEU J 20 -73.07 -8.04 -45.03
CA LEU J 20 -71.78 -7.34 -45.00
C LEU J 20 -70.77 -7.98 -45.93
N GLY J 21 -69.68 -7.26 -46.15
CA GLY J 21 -68.49 -7.79 -46.84
C GLY J 21 -68.77 -8.33 -48.22
N ARG J 22 -69.51 -7.54 -49.00
CA ARG J 22 -70.02 -8.02 -50.29
C ARG J 22 -70.09 -6.90 -51.35
N GLY J 23 -69.00 -6.15 -51.45
CA GLY J 23 -68.81 -5.14 -52.50
C GLY J 23 -68.99 -3.71 -52.00
N PRO J 24 -68.35 -2.74 -52.68
CA PRO J 24 -68.34 -1.35 -52.21
C PRO J 24 -69.69 -0.63 -52.26
N SER J 25 -70.39 -0.75 -53.39
CA SER J 25 -71.66 -0.02 -53.58
C SER J 25 -72.80 -0.56 -52.73
N SER J 26 -72.67 -1.79 -52.23
CA SER J 26 -73.56 -2.35 -51.21
C SER J 26 -73.73 -1.43 -50.01
N GLY J 27 -72.64 -0.76 -49.62
CA GLY J 27 -72.60 0.13 -48.46
C GLY J 27 -71.76 -0.48 -47.36
N LEU J 28 -72.03 -1.76 -47.08
CA LEU J 28 -71.28 -2.55 -46.12
C LEU J 28 -70.19 -3.30 -46.87
N GLY J 29 -69.20 -2.55 -47.33
CA GLY J 29 -68.14 -3.06 -48.21
C GLY J 29 -67.05 -3.78 -47.46
N LYS J 30 -65.79 -3.41 -47.75
CA LYS J 30 -64.64 -4.15 -47.24
C LYS J 30 -64.58 -4.25 -45.71
N THR J 31 -64.69 -3.12 -45.02
CA THR J 31 -64.57 -3.09 -43.56
C THR J 31 -65.80 -3.70 -42.88
N SER J 32 -66.92 -3.75 -43.60
CA SER J 32 -68.12 -4.47 -43.18
C SER J 32 -68.75 -3.87 -41.92
N GLY J 33 -68.74 -2.53 -41.83
CA GLY J 33 -69.28 -1.81 -40.68
C GLY J 33 -68.42 -1.78 -39.42
N ARG J 34 -67.25 -2.42 -39.45
CA ARG J 34 -66.40 -2.54 -38.25
C ARG J 34 -65.66 -1.24 -37.90
N GLY J 35 -65.48 -0.36 -38.88
CA GLY J 35 -64.73 0.88 -38.69
C GLY J 35 -63.36 0.75 -39.33
N GLN J 36 -62.30 0.82 -38.52
CA GLN J 36 -60.94 0.67 -39.03
C GLN J 36 -59.91 0.30 -37.97
N LYS J 37 -59.47 -0.97 -38.01
CA LYS J 37 -58.17 -1.44 -37.47
C LYS J 37 -58.04 -1.71 -35.96
N GLY J 38 -59.03 -1.33 -35.14
CA GLY J 38 -58.92 -1.50 -33.68
C GLY J 38 -59.09 -2.92 -33.18
N GLN J 39 -59.29 -3.04 -31.87
CA GLN J 39 -59.68 -4.30 -31.23
C GLN J 39 -61.07 -4.75 -31.67
N LYS J 40 -62.01 -3.80 -31.75
CA LYS J 40 -63.36 -4.10 -32.23
C LYS J 40 -63.41 -4.45 -33.72
N ALA J 41 -62.44 -3.95 -34.48
CA ALA J 41 -62.33 -4.25 -35.91
C ALA J 41 -62.11 -5.73 -36.21
N ARG J 42 -61.20 -6.34 -35.45
CA ARG J 42 -60.83 -7.75 -35.65
C ARG J 42 -60.57 -8.43 -34.30
N GLY J 43 -61.67 -8.80 -33.65
CA GLY J 43 -61.62 -9.41 -32.32
C GLY J 43 -62.88 -9.12 -31.53
N LYS J 44 -62.76 -9.21 -30.21
CA LYS J 44 -63.89 -8.96 -29.31
C LYS J 44 -63.45 -8.30 -28.00
N VAL J 45 -63.85 -7.05 -27.82
CA VAL J 45 -63.89 -6.43 -26.50
C VAL J 45 -65.34 -6.51 -26.03
N LYS J 46 -65.53 -6.62 -24.72
CA LYS J 46 -66.87 -6.72 -24.14
C LYS J 46 -67.61 -5.39 -24.26
N SER J 47 -68.93 -5.47 -24.42
CA SER J 47 -69.78 -4.27 -24.58
C SER J 47 -69.65 -3.30 -23.42
N TRP J 48 -69.71 -3.82 -22.19
CA TRP J 48 -69.63 -2.99 -20.98
C TRP J 48 -68.23 -2.85 -20.38
N PHE J 49 -67.18 -3.19 -21.15
CA PHE J 49 -65.81 -2.94 -20.72
C PHE J 49 -65.52 -1.45 -20.77
N GLU J 50 -65.31 -0.85 -19.59
CA GLU J 50 -65.22 0.60 -19.43
C GLU J 50 -63.80 1.16 -19.64
N GLY J 51 -62.85 0.32 -20.06
CA GLY J 51 -61.51 0.76 -20.46
C GLY J 51 -60.41 0.48 -19.46
N GLY J 52 -60.76 0.38 -18.18
CA GLY J 52 -59.78 0.30 -17.09
C GLY J 52 -60.11 1.20 -15.92
N GLN J 53 -60.91 2.23 -16.17
CA GLN J 53 -61.60 3.00 -15.12
C GLN J 53 -62.44 2.05 -14.26
N THR J 54 -62.62 2.40 -12.99
CA THR J 54 -63.50 1.64 -12.11
C THR J 54 -64.91 1.64 -12.68
N PRO J 55 -65.44 0.45 -13.01
CA PRO J 55 -66.71 0.42 -13.74
C PRO J 55 -67.92 0.80 -12.90
N ILE J 56 -69.05 0.97 -13.59
CA ILE J 56 -70.35 1.26 -12.95
C ILE J 56 -70.97 0.05 -12.20
N TYR J 57 -70.26 -1.08 -12.17
CA TYR J 57 -70.61 -2.22 -11.32
C TYR J 57 -69.48 -2.48 -10.32
N LYS J 58 -68.93 -1.39 -9.77
CA LYS J 58 -67.80 -1.46 -8.85
C LYS J 58 -67.63 -0.18 -8.02
N LEU J 59 -67.71 0.99 -8.66
CA LEU J 59 -67.73 2.26 -7.93
C LEU J 59 -68.69 2.29 -6.75
N PHE J 60 -69.90 1.78 -6.97
CA PHE J 60 -71.01 1.98 -6.05
C PHE J 60 -71.07 0.83 -5.05
N PRO J 61 -71.53 1.11 -3.81
CA PRO J 61 -71.57 0.07 -2.79
C PRO J 61 -72.74 -0.87 -3.04
N LYS J 62 -72.62 -2.12 -2.61
CA LYS J 62 -73.71 -3.08 -2.77
C LYS J 62 -74.76 -2.87 -1.69
N ILE J 63 -76.02 -2.88 -2.12
CA ILE J 63 -77.14 -2.42 -1.28
C ILE J 63 -78.17 -3.52 -1.04
N GLY J 64 -78.65 -3.59 0.19
CA GLY J 64 -79.76 -4.45 0.56
C GLY J 64 -79.48 -5.94 0.57
N PHE J 65 -80.53 -6.69 0.86
CA PHE J 65 -80.50 -8.15 0.93
C PHE J 65 -81.77 -8.71 0.29
N THR J 66 -81.69 -9.96 -0.14
CA THR J 66 -82.83 -10.66 -0.71
C THR J 66 -83.53 -11.41 0.41
N ASN J 67 -84.73 -10.96 0.78
CA ASN J 67 -85.54 -11.69 1.76
C ASN J 67 -86.09 -12.96 1.11
N VAL J 68 -85.42 -14.08 1.36
CA VAL J 68 -85.86 -15.40 0.88
C VAL J 68 -87.15 -15.87 1.55
N GLY J 69 -87.37 -15.44 2.78
CA GLY J 69 -88.62 -15.71 3.49
C GLY J 69 -89.83 -14.97 2.95
N ALA J 70 -89.61 -13.96 2.12
CA ALA J 70 -90.69 -13.22 1.45
C ALA J 70 -91.52 -14.12 0.56
N LYS J 71 -92.81 -13.81 0.51
CA LYS J 71 -93.79 -14.54 -0.29
C LYS J 71 -94.76 -13.51 -0.87
N PRO J 72 -94.44 -12.95 -2.06
CA PRO J 72 -95.23 -11.83 -2.59
C PRO J 72 -96.63 -12.25 -3.04
N LEU J 73 -97.64 -11.63 -2.44
CA LEU J 73 -99.03 -11.84 -2.83
C LEU J 73 -99.33 -11.12 -4.14
N LYS J 74 -100.23 -11.71 -4.93
CA LYS J 74 -100.76 -11.06 -6.13
C LYS J 74 -101.85 -10.09 -5.69
N GLU J 75 -101.79 -8.85 -6.17
CA GLU J 75 -102.76 -7.84 -5.76
C GLU J 75 -104.01 -7.78 -6.66
N LEU J 76 -105.18 -7.80 -6.02
CA LEU J 76 -106.47 -7.70 -6.69
C LEU J 76 -107.17 -6.46 -6.15
N ASN J 77 -107.48 -5.51 -7.04
CA ASN J 77 -108.17 -4.29 -6.62
C ASN J 77 -109.69 -4.50 -6.61
N LEU J 78 -110.37 -3.83 -5.69
CA LEU J 78 -111.85 -3.85 -5.60
C LEU J 78 -112.51 -3.43 -6.91
N LYS J 79 -111.88 -2.47 -7.58
CA LYS J 79 -112.30 -1.94 -8.88
C LYS J 79 -112.52 -3.04 -9.92
N ARG J 80 -111.57 -3.96 -10.01
CA ARG J 80 -111.62 -5.07 -10.97
C ARG J 80 -112.80 -5.99 -10.68
N ILE J 81 -113.05 -6.24 -9.39
CA ILE J 81 -114.17 -7.07 -8.94
C ILE J 81 -115.49 -6.41 -9.35
N GLN J 82 -115.58 -5.10 -9.11
CA GLN J 82 -116.75 -4.30 -9.47
C GLN J 82 -117.03 -4.36 -10.96
N TRP J 83 -115.98 -4.14 -11.75
CA TRP J 83 -116.03 -4.24 -13.21
C TRP J 83 -116.55 -5.60 -13.68
N PHE J 84 -116.04 -6.66 -13.06
CA PHE J 84 -116.45 -8.04 -13.33
C PHE J 84 -117.95 -8.23 -13.07
N HIS J 85 -118.38 -7.71 -11.92
CA HIS J 85 -119.79 -7.75 -11.52
C HIS J 85 -120.70 -7.02 -12.50
N ASP J 86 -120.27 -5.84 -12.93
CA ASP J 86 -120.98 -5.04 -13.94
C ASP J 86 -121.12 -5.81 -15.26
N LYS J 87 -120.05 -6.47 -15.65
CA LYS J 87 -120.01 -7.28 -16.88
C LYS J 87 -120.83 -8.57 -16.80
N ASN J 88 -121.27 -8.95 -15.59
CA ASN J 88 -122.02 -10.19 -15.32
C ASN J 88 -121.14 -11.42 -15.57
N ARG J 89 -119.87 -11.30 -15.16
CA ARG J 89 -118.92 -12.41 -15.11
C ARG J 89 -118.69 -12.94 -13.70
N LEU J 90 -119.14 -12.21 -12.68
CA LEU J 90 -118.91 -12.55 -11.28
C LEU J 90 -120.00 -13.51 -10.79
N HIS J 91 -119.93 -14.75 -11.27
CA HIS J 91 -120.97 -15.75 -11.02
C HIS J 91 -120.82 -16.34 -9.62
N LEU J 92 -121.73 -15.94 -8.72
CA LEU J 92 -121.74 -16.43 -7.34
C LEU J 92 -123.17 -16.73 -6.89
N GLN J 93 -123.37 -17.93 -6.36
CA GLN J 93 -124.64 -18.32 -5.75
C GLN J 93 -124.73 -17.66 -4.36
N PRO J 94 -125.96 -17.44 -3.85
CA PRO J 94 -126.09 -16.75 -2.56
C PRO J 94 -125.59 -17.57 -1.37
N GLY J 95 -124.65 -17.02 -0.62
CA GLY J 95 -123.98 -17.73 0.49
C GLY J 95 -122.55 -18.11 0.16
N GLU J 96 -122.31 -18.52 -1.09
CA GLU J 96 -120.97 -18.86 -1.58
C GLU J 96 -120.06 -17.63 -1.57
N VAL J 97 -118.91 -17.75 -0.89
CA VAL J 97 -117.96 -16.64 -0.77
C VAL J 97 -117.01 -16.61 -1.97
N LEU J 98 -116.54 -15.42 -2.31
CA LEU J 98 -115.58 -15.22 -3.39
C LEU J 98 -114.17 -15.45 -2.83
N ASP J 99 -113.78 -16.73 -2.79
CA ASP J 99 -112.48 -17.15 -2.27
C ASP J 99 -111.42 -17.07 -3.38
N MET J 100 -110.16 -17.34 -3.02
CA MET J 100 -109.03 -17.20 -3.97
C MET J 100 -109.15 -18.19 -5.15
N ASN J 101 -109.56 -19.41 -4.84
CA ASN J 101 -109.95 -20.42 -5.83
C ASN J 101 -111.05 -19.93 -6.75
N LYS J 102 -112.09 -19.36 -6.13
CA LYS J 102 -113.23 -18.82 -6.86
C LYS J 102 -112.81 -17.70 -7.80
N MET J 103 -111.96 -16.80 -7.29
CA MET J 103 -111.39 -15.71 -8.09
C MET J 103 -110.65 -16.23 -9.32
N ARG J 104 -109.80 -17.24 -9.11
CA ARG J 104 -109.05 -17.89 -10.17
C ARG J 104 -109.97 -18.48 -11.24
N LYS J 105 -110.99 -19.18 -10.77
CA LYS J 105 -112.01 -19.80 -11.63
C LYS J 105 -112.67 -18.77 -12.54
N LEU J 106 -113.05 -17.65 -11.93
CA LEU J 106 -113.75 -16.56 -12.62
C LEU J 106 -112.85 -15.87 -13.63
N GLY J 107 -111.56 -15.75 -13.29
CA GLY J 107 -110.60 -14.98 -14.07
C GLY J 107 -110.38 -13.59 -13.51
N LEU J 108 -110.71 -13.39 -12.22
CA LEU J 108 -110.41 -12.14 -11.51
C LEU J 108 -108.91 -12.04 -11.37
N VAL J 109 -108.33 -13.05 -10.75
CA VAL J 109 -106.88 -13.25 -10.72
C VAL J 109 -106.57 -14.27 -11.80
N THR J 110 -105.44 -14.07 -12.47
CA THR J 110 -105.06 -14.85 -13.64
C THR J 110 -103.54 -14.94 -13.71
N GLY J 111 -103.04 -16.06 -14.21
CA GLY J 111 -101.65 -16.45 -14.03
C GLY J 111 -101.49 -17.20 -12.72
N PRO J 112 -100.26 -17.61 -12.40
CA PRO J 112 -100.02 -18.45 -11.22
C PRO J 112 -100.08 -17.70 -9.89
N ILE J 113 -101.00 -18.11 -9.01
CA ILE J 113 -101.06 -17.61 -7.64
C ILE J 113 -100.20 -18.53 -6.78
N LYS J 114 -98.96 -18.10 -6.54
CA LYS J 114 -97.95 -18.90 -5.85
C LYS J 114 -98.11 -18.84 -4.33
N TYR J 115 -98.25 -17.62 -3.81
CA TYR J 115 -98.25 -17.35 -2.37
C TYR J 115 -99.56 -16.82 -1.79
N GLY J 116 -100.31 -16.08 -2.60
CA GLY J 116 -101.65 -15.65 -2.20
C GLY J 116 -102.12 -14.41 -2.94
N VAL J 117 -103.26 -13.88 -2.49
CA VAL J 117 -103.83 -12.66 -3.03
C VAL J 117 -104.02 -11.63 -1.92
N LYS J 118 -103.63 -10.39 -2.19
CA LYS J 118 -103.98 -9.24 -1.35
C LYS J 118 -105.04 -8.41 -2.06
N ILE J 119 -106.09 -8.04 -1.33
CA ILE J 119 -107.16 -7.19 -1.88
C ILE J 119 -106.90 -5.70 -1.58
N LEU J 120 -106.60 -4.94 -2.64
CA LEU J 120 -106.34 -3.50 -2.53
C LEU J 120 -107.57 -2.69 -2.97
N ALA J 121 -107.50 -1.36 -2.80
CA ALA J 121 -108.69 -0.50 -2.79
C ALA J 121 -108.76 0.55 -3.91
N SER J 122 -108.30 0.22 -5.11
CA SER J 122 -108.18 1.22 -6.19
C SER J 122 -109.51 1.71 -6.79
N GLY J 123 -110.62 1.02 -6.51
CA GLY J 123 -111.96 1.49 -6.88
C GLY J 123 -112.92 1.37 -5.72
N LYS J 124 -112.50 1.86 -4.55
CA LYS J 124 -113.30 1.78 -3.32
C LYS J 124 -114.56 2.66 -3.30
N PHE J 125 -114.56 3.72 -4.11
CA PHE J 125 -115.72 4.61 -4.22
C PHE J 125 -116.92 3.91 -4.86
N HIS J 126 -116.70 3.35 -6.04
CA HIS J 126 -117.77 2.70 -6.82
C HIS J 126 -117.98 1.23 -6.46
N TYR J 127 -117.22 0.70 -5.50
CA TYR J 127 -117.46 -0.64 -4.97
C TYR J 127 -118.76 -0.62 -4.15
N ASN J 128 -119.69 -1.51 -4.49
CA ASN J 128 -120.98 -1.62 -3.78
C ASN J 128 -121.48 -3.07 -3.62
N LEU J 129 -120.57 -4.03 -3.58
CA LEU J 129 -120.91 -5.45 -3.57
C LEU J 129 -121.06 -5.97 -2.13
N PRO J 130 -122.24 -6.54 -1.79
CA PRO J 130 -122.45 -7.13 -0.47
C PRO J 130 -121.95 -8.57 -0.31
N ILE J 131 -121.33 -9.14 -1.35
CA ILE J 131 -120.69 -10.46 -1.27
C ILE J 131 -119.54 -10.49 -0.26
N ALA J 132 -119.26 -11.68 0.26
CA ALA J 132 -118.18 -11.90 1.21
C ALA J 132 -116.91 -12.32 0.50
N LEU J 133 -115.78 -11.70 0.86
CA LEU J 133 -114.49 -11.99 0.27
C LEU J 133 -113.60 -12.77 1.23
N GLU J 134 -112.58 -13.42 0.68
CA GLU J 134 -111.60 -14.17 1.46
C GLU J 134 -110.30 -14.29 0.67
N ALA J 135 -109.22 -13.75 1.23
CA ALA J 135 -107.92 -13.71 0.56
C ALA J 135 -106.79 -13.88 1.60
N SER J 136 -105.54 -13.74 1.15
CA SER J 136 -104.39 -13.80 2.07
C SER J 136 -104.43 -12.60 3.03
N ARG J 137 -104.72 -11.42 2.48
CA ARG J 137 -105.00 -10.23 3.28
C ARG J 137 -105.65 -9.14 2.43
N ALA J 138 -106.01 -8.03 3.07
CA ALA J 138 -106.58 -6.88 2.37
C ALA J 138 -106.03 -5.58 2.93
N SER J 139 -106.07 -4.54 2.10
CA SER J 139 -105.73 -3.21 2.55
C SER J 139 -106.82 -2.70 3.49
N ALA J 140 -106.42 -1.87 4.45
CA ALA J 140 -107.35 -1.34 5.46
C ALA J 140 -108.51 -0.57 4.83
N LYS J 141 -108.16 0.26 3.85
CA LYS J 141 -109.13 1.04 3.08
C LYS J 141 -110.08 0.13 2.30
N ALA J 142 -109.52 -0.91 1.69
CA ALA J 142 -110.29 -1.91 0.94
C ALA J 142 -111.29 -2.62 1.84
N ILE J 143 -110.82 -3.04 3.00
CA ILE J 143 -111.65 -3.65 4.05
C ILE J 143 -112.81 -2.74 4.44
N ALA J 144 -112.51 -1.47 4.70
CA ALA J 144 -113.50 -0.47 5.06
C ALA J 144 -114.58 -0.30 3.97
N ALA J 145 -114.14 -0.28 2.73
CA ALA J 145 -115.03 -0.21 1.56
C ALA J 145 -115.95 -1.42 1.46
N ILE J 146 -115.39 -2.60 1.71
CA ILE J 146 -116.14 -3.86 1.73
C ILE J 146 -117.22 -3.84 2.81
N GLU J 147 -116.83 -3.41 4.02
CA GLU J 147 -117.74 -3.25 5.15
C GLU J 147 -118.90 -2.30 4.84
N LYS J 148 -118.55 -1.17 4.21
CA LYS J 148 -119.53 -0.16 3.79
C LYS J 148 -120.53 -0.72 2.79
N ALA J 149 -120.03 -1.51 1.84
CA ALA J 149 -120.86 -2.20 0.84
C ALA J 149 -121.86 -3.21 1.44
N GLY J 150 -121.64 -3.62 2.69
CA GLY J 150 -122.41 -4.68 3.33
C GLY J 150 -121.77 -6.04 3.11
N GLY J 151 -120.45 -6.05 2.89
CA GLY J 151 -119.70 -7.27 2.62
C GLY J 151 -119.09 -7.82 3.89
N LYS J 152 -118.12 -8.72 3.72
CA LYS J 152 -117.46 -9.39 4.84
C LYS J 152 -116.15 -10.03 4.38
N PHE J 153 -115.04 -9.44 4.82
CA PHE J 153 -113.70 -9.95 4.49
C PHE J 153 -113.15 -10.83 5.61
N THR J 154 -112.29 -11.78 5.23
CA THR J 154 -111.54 -12.62 6.18
C THR J 154 -110.16 -12.93 5.59
N ALA J 155 -109.11 -12.47 6.26
CA ALA J 155 -107.73 -12.81 5.89
C ALA J 155 -107.44 -14.24 6.33
N ARG J 156 -107.11 -15.11 5.37
CA ARG J 156 -106.99 -16.54 5.60
C ARG J 156 -105.56 -16.99 5.32
N TYR J 157 -104.99 -17.80 6.22
CA TYR J 157 -103.63 -18.30 6.08
C TYR J 157 -103.61 -19.48 5.11
N TYR J 158 -102.59 -19.50 4.26
CA TYR J 158 -102.38 -20.59 3.31
C TYR J 158 -100.88 -20.79 3.10
N THR J 159 -100.36 -21.95 3.51
CA THR J 159 -99.03 -22.39 3.12
C THR J 159 -99.08 -22.69 1.62
N PRO J 160 -97.92 -22.74 0.94
CA PRO J 160 -97.97 -22.89 -0.54
C PRO J 160 -98.72 -24.13 -1.01
N LEU J 161 -98.51 -25.26 -0.32
CA LEU J 161 -99.22 -26.49 -0.62
C LEU J 161 -100.71 -26.35 -0.33
N GLY J 162 -101.03 -25.79 0.83
CA GLY J 162 -102.41 -25.53 1.24
C GLY J 162 -103.15 -24.61 0.27
N LEU J 163 -102.46 -23.59 -0.20
CA LEU J 163 -102.98 -22.68 -1.22
C LEU J 163 -103.28 -23.42 -2.52
N ARG J 164 -102.32 -24.22 -2.96
CA ARG J 164 -102.45 -25.04 -4.16
C ARG J 164 -103.68 -25.97 -4.08
N ALA J 165 -103.82 -26.63 -2.93
CA ALA J 165 -104.96 -27.50 -2.65
C ALA J 165 -106.29 -26.76 -2.74
N HIS J 166 -106.32 -25.57 -2.16
CA HIS J 166 -107.48 -24.68 -2.20
C HIS J 166 -107.85 -24.33 -3.62
N LEU J 167 -106.86 -23.95 -4.41
CA LEU J 167 -107.05 -23.57 -5.82
C LEU J 167 -107.56 -24.71 -6.68
N ASN J 168 -106.99 -25.90 -6.49
CA ASN J 168 -107.26 -27.06 -7.35
C ASN J 168 -107.43 -28.33 -6.52
N PRO J 169 -108.56 -28.44 -5.78
CA PRO J 169 -108.83 -29.59 -4.92
C PRO J 169 -109.07 -30.89 -5.69
N GLN J 170 -109.67 -30.77 -6.87
CA GLN J 170 -109.97 -31.94 -7.72
C GLN J 170 -108.72 -32.72 -8.16
N TRP J 171 -107.63 -32.00 -8.44
CA TRP J 171 -106.36 -32.62 -8.81
C TRP J 171 -105.86 -33.59 -7.74
N PHE J 172 -105.87 -33.11 -6.50
CA PHE J 172 -105.45 -33.91 -5.34
C PHE J 172 -106.30 -35.16 -5.16
N LEU J 173 -107.61 -35.00 -5.35
CA LEU J 173 -108.58 -36.09 -5.30
C LEU J 173 -108.29 -37.14 -6.37
N GLU J 174 -108.03 -36.67 -7.59
CA GLU J 174 -107.66 -37.52 -8.72
C GLU J 174 -106.41 -38.34 -8.44
N LYS J 175 -105.38 -37.67 -7.93
CA LYS J 175 -104.10 -38.31 -7.66
C LYS J 175 -104.15 -39.28 -6.50
N ARG J 176 -104.71 -38.81 -5.38
CA ARG J 176 -104.55 -39.49 -4.08
C ARG J 176 -105.85 -39.90 -3.37
N GLY J 177 -107.00 -39.61 -3.97
CA GLY J 177 -108.30 -39.88 -3.34
C GLY J 177 -108.60 -39.07 -2.09
N ARG J 178 -107.91 -37.93 -1.91
CA ARG J 178 -107.98 -37.18 -0.66
C ARG J 178 -107.29 -35.82 -0.82
N VAL J 179 -108.04 -34.74 -0.58
CA VAL J 179 -107.45 -33.39 -0.54
C VAL J 179 -106.68 -33.21 0.77
N PRO J 180 -105.49 -32.57 0.73
CA PRO J 180 -104.72 -32.42 1.97
C PRO J 180 -105.33 -31.43 2.95
N LEU J 181 -105.06 -31.63 4.24
CA LEU J 181 -105.57 -30.74 5.29
C LEU J 181 -104.84 -29.41 5.27
N GLN J 182 -105.53 -28.36 5.70
CA GLN J 182 -104.98 -27.02 5.71
C GLN J 182 -104.12 -26.85 6.95
N ALA J 183 -102.88 -26.40 6.76
CA ALA J 183 -101.91 -26.27 7.85
C ALA J 183 -102.24 -25.13 8.80
N ARG J 184 -101.70 -25.23 10.02
CA ARG J 184 -101.74 -24.14 10.99
C ARG J 184 -100.56 -23.22 10.69
N PRO J 185 -100.66 -21.93 11.09
CA PRO J 185 -99.49 -21.05 11.04
C PRO J 185 -98.48 -21.44 12.11
N THR J 186 -97.32 -21.89 11.67
CA THR J 186 -96.22 -22.28 12.54
C THR J 186 -95.40 -21.06 12.94
N LYS J 187 -95.12 -20.20 11.96
CA LYS J 187 -94.36 -18.96 12.17
C LYS J 187 -95.04 -18.02 13.17
N ARG J 188 -94.21 -17.25 13.87
CA ARG J 188 -94.66 -16.30 14.89
C ARG J 188 -95.35 -15.10 14.26
N ARG J 189 -94.68 -14.52 13.27
CA ARG J 189 -95.20 -13.38 12.48
C ARG J 189 -96.57 -13.65 11.86
N ASP J 190 -96.74 -14.85 11.30
CA ASP J 190 -98.00 -15.27 10.70
C ASP J 190 -99.09 -15.34 11.76
N ILE J 191 -98.79 -16.02 12.86
CA ILE J 191 -99.71 -16.13 14.00
C ILE J 191 -100.16 -14.75 14.48
N ASP J 192 -99.21 -13.84 14.64
CA ASP J 192 -99.48 -12.46 15.06
C ASP J 192 -100.42 -11.75 14.09
N PHE J 193 -100.17 -11.92 12.80
CA PHE J 193 -100.95 -11.24 11.76
C PHE J 193 -102.41 -11.68 11.78
N TYR J 194 -102.64 -13.00 11.78
CA TYR J 194 -103.99 -13.54 11.78
C TYR J 194 -104.70 -13.43 13.14
N SER J 195 -103.93 -13.20 14.22
CA SER J 195 -104.51 -12.86 15.52
C SER J 195 -105.01 -11.40 15.63
N LYS J 196 -104.73 -10.56 14.63
CA LYS J 196 -105.20 -9.17 14.63
C LYS J 196 -106.64 -9.06 14.12
N GLU J 197 -107.49 -8.40 14.91
CA GLU J 197 -108.87 -8.08 14.53
C GLU J 197 -108.90 -6.99 13.45
N GLU J 198 -107.94 -6.05 13.51
CA GLU J 198 -107.82 -4.99 12.49
C GLU J 198 -107.53 -5.51 11.08
N LYS J 199 -106.79 -6.61 10.99
CA LYS J 199 -106.51 -7.25 9.70
C LYS J 199 -107.64 -8.16 9.22
N ARG J 200 -108.63 -8.41 10.08
CA ARG J 200 -109.69 -9.40 9.88
C ARG J 200 -109.11 -10.80 9.65
N GLY J 201 -108.13 -11.15 10.48
CA GLY J 201 -107.50 -12.45 10.42
C GLY J 201 -108.42 -13.55 10.89
N TYR J 202 -108.31 -14.71 10.24
CA TYR J 202 -109.22 -15.84 10.50
C TYR J 202 -109.13 -16.43 11.92
N LEU J 203 -107.96 -16.35 12.56
CA LEU J 203 -107.77 -16.94 13.89
C LEU J 203 -108.61 -16.27 14.97
N VAL J 204 -108.79 -14.94 14.86
CA VAL J 204 -109.62 -14.19 15.81
C VAL J 204 -111.08 -14.20 15.36
N MET J 205 -111.31 -13.97 14.07
CA MET J 205 -112.67 -13.84 13.51
C MET J 205 -113.48 -15.15 13.61
N GLU J 206 -112.84 -16.28 13.37
CA GLU J 206 -113.46 -17.60 13.53
C GLU J 206 -113.28 -18.19 14.94
N LYS J 207 -112.45 -17.55 15.76
CA LYS J 207 -112.12 -17.99 17.13
C LYS J 207 -111.50 -19.39 17.10
N ASP J 208 -110.26 -19.43 16.59
CA ASP J 208 -109.58 -20.70 16.33
C ASP J 208 -109.05 -21.38 17.60
N LYS J 209 -108.78 -22.67 17.44
CA LYS J 209 -108.30 -23.55 18.50
C LYS J 209 -106.84 -23.28 18.86
N LEU J 210 -106.03 -23.02 17.82
CA LEU J 210 -104.59 -22.74 17.97
C LEU J 210 -104.32 -21.57 18.92
N LEU J 211 -105.06 -20.48 18.70
CA LEU J 211 -104.95 -19.26 19.50
C LEU J 211 -105.27 -19.54 20.97
N GLN J 212 -106.34 -20.29 21.20
CA GLN J 212 -106.76 -20.72 22.53
C GLN J 212 -105.69 -21.56 23.23
N ASP J 213 -105.11 -22.49 22.48
CA ASP J 213 -104.04 -23.37 22.96
C ASP J 213 -102.81 -22.56 23.38
N ILE J 214 -102.46 -21.57 22.57
CA ILE J 214 -101.36 -20.64 22.85
C ILE J 214 -101.62 -19.87 24.14
N LYS J 215 -102.83 -19.33 24.27
CA LYS J 215 -103.26 -18.62 25.49
C LYS J 215 -103.17 -19.48 26.75
N GLU J 216 -103.58 -20.73 26.62
CA GLU J 216 -103.50 -21.73 27.71
C GLU J 216 -102.05 -21.99 28.12
N ALA J 217 -101.18 -22.13 27.12
CA ALA J 217 -99.74 -22.32 27.34
C ALA J 217 -99.12 -21.14 28.07
N GLN J 218 -99.46 -19.94 27.61
CA GLN J 218 -99.02 -18.68 28.24
C GLN J 218 -99.43 -18.59 29.71
N ASN J 219 -100.70 -18.91 29.96
CA ASN J 219 -101.23 -18.98 31.33
C ASN J 219 -100.44 -19.95 32.21
N LYS J 220 -100.17 -21.13 31.66
CA LYS J 220 -99.46 -22.19 32.37
C LYS J 220 -97.96 -22.01 32.21
N LYS K 1 -25.97 54.56 -15.38
CA LYS K 1 -25.24 53.62 -14.48
C LYS K 1 -25.76 52.18 -14.58
N HIS K 2 -27.07 52.03 -14.36
CA HIS K 2 -27.75 50.73 -14.34
C HIS K 2 -28.66 50.49 -15.55
N GLU K 3 -28.55 51.32 -16.58
CA GLU K 3 -29.40 51.21 -17.78
C GLU K 3 -29.20 49.90 -18.57
N TYR K 4 -27.98 49.37 -18.55
CA TYR K 4 -27.65 48.12 -19.26
C TYR K 4 -27.67 46.87 -18.37
N ALA K 5 -27.96 47.06 -17.08
CA ALA K 5 -28.08 45.96 -16.13
C ALA K 5 -29.01 46.37 -14.99
N PRO K 6 -30.34 46.24 -15.21
CA PRO K 6 -31.32 46.50 -14.15
C PRO K 6 -31.11 45.63 -12.92
N ARG K 7 -31.48 46.18 -11.75
CA ARG K 7 -31.29 45.51 -10.47
C ARG K 7 -32.67 45.21 -9.88
N PHE K 8 -33.37 44.34 -10.60
CA PHE K 8 -34.59 43.72 -10.12
C PHE K 8 -34.18 42.79 -8.97
N LYS K 9 -34.79 42.98 -7.81
CA LYS K 9 -34.46 42.16 -6.63
C LYS K 9 -34.75 40.69 -6.90
N ILE K 10 -35.99 40.43 -7.32
CA ILE K 10 -36.45 39.09 -7.67
C ILE K 10 -36.17 38.89 -9.17
N VAL K 11 -34.97 38.42 -9.48
CA VAL K 11 -34.60 38.13 -10.88
C VAL K 11 -35.38 36.92 -11.38
N GLN K 12 -35.90 37.02 -12.60
CA GLN K 12 -36.80 36.00 -13.14
C GLN K 12 -36.79 35.95 -14.67
N LYS K 13 -37.06 34.76 -15.20
CA LYS K 13 -37.10 34.53 -16.65
C LYS K 13 -38.33 35.22 -17.23
N LYS K 14 -38.24 35.56 -18.52
CA LYS K 14 -39.33 36.26 -19.20
C LYS K 14 -39.67 35.64 -20.54
N GLN K 15 -40.95 35.73 -20.90
CA GLN K 15 -41.43 35.31 -22.23
C GLN K 15 -40.88 36.24 -23.28
N LYS K 16 -40.93 35.78 -24.53
CA LYS K 16 -40.30 36.48 -25.63
C LYS K 16 -41.01 37.79 -25.95
N GLY K 17 -42.33 37.73 -26.07
CA GLY K 17 -43.14 38.89 -26.44
C GLY K 17 -42.86 39.35 -27.87
N ARG K 18 -43.38 40.54 -28.19
CA ARG K 18 -43.13 41.19 -29.48
C ARG K 18 -42.82 42.66 -29.31
N VAL K 19 -42.09 43.22 -30.28
CA VAL K 19 -41.75 44.64 -30.26
C VAL K 19 -43.00 45.42 -30.64
N PRO K 20 -43.42 46.39 -29.79
CA PRO K 20 -44.68 47.09 -30.04
C PRO K 20 -44.65 48.00 -31.28
N VAL K 21 -45.39 47.61 -32.30
CA VAL K 21 -45.70 48.51 -33.43
C VAL K 21 -46.79 49.46 -32.94
N ARG K 22 -46.44 50.73 -32.78
CA ARG K 22 -47.30 51.68 -32.07
C ARG K 22 -48.33 52.27 -33.03
N THR K 23 -49.36 51.46 -33.26
CA THR K 23 -50.42 51.74 -34.23
C THR K 23 -51.23 53.00 -33.91
N GLY K 24 -51.38 53.29 -32.62
CA GLY K 24 -52.09 54.48 -32.15
C GLY K 24 -51.38 55.83 -32.27
N GLY K 25 -50.10 55.82 -32.65
CA GLY K 25 -49.33 57.07 -32.82
C GLY K 25 -48.88 57.61 -31.48
N SER K 26 -47.91 56.91 -30.89
CA SER K 26 -47.51 57.12 -29.49
C SER K 26 -46.63 58.35 -29.25
N ILE K 27 -45.59 58.48 -30.07
CA ILE K 27 -44.51 59.49 -29.92
C ILE K 27 -43.86 59.59 -28.52
N LYS K 28 -43.87 58.49 -27.76
CA LYS K 28 -43.35 58.48 -26.40
C LYS K 28 -41.92 57.94 -26.44
N GLY K 29 -40.97 58.78 -26.03
CA GLY K 29 -39.55 58.48 -26.20
C GLY K 29 -39.10 58.68 -27.65
N SER K 30 -39.87 59.44 -28.42
CA SER K 30 -39.60 59.73 -29.82
C SER K 30 -39.37 61.23 -30.02
N THR K 31 -38.83 61.89 -28.99
CA THR K 31 -38.67 63.34 -28.96
C THR K 31 -37.41 63.70 -28.18
N LEU K 32 -36.73 64.76 -28.62
CA LEU K 32 -35.53 65.24 -27.94
C LEU K 32 -35.91 65.96 -26.66
N GLN K 33 -35.49 65.42 -25.52
CA GLN K 33 -35.85 65.94 -24.21
C GLN K 33 -34.69 66.57 -23.46
N PHE K 34 -33.55 65.88 -23.46
CA PHE K 34 -32.38 66.28 -22.65
C PHE K 34 -31.34 67.08 -23.42
N GLY K 35 -31.07 66.70 -24.67
CA GLY K 35 -29.96 67.22 -25.46
C GLY K 35 -30.36 68.06 -26.64
N LYS K 36 -29.37 68.35 -27.47
CA LYS K 36 -29.53 69.19 -28.66
C LYS K 36 -29.67 68.32 -29.90
N TYR K 37 -28.78 67.35 -30.05
CA TYR K 37 -28.79 66.41 -31.17
C TYR K 37 -29.04 65.01 -30.62
N GLY K 38 -29.69 64.17 -31.41
CA GLY K 38 -29.96 62.78 -31.02
C GLY K 38 -29.89 61.80 -32.16
N LEU K 39 -30.02 60.53 -31.82
CA LEU K 39 -30.02 59.41 -32.77
C LEU K 39 -31.30 58.63 -32.58
N ARG K 40 -32.14 58.59 -33.61
CA ARG K 40 -33.40 57.85 -33.55
C ARG K 40 -33.39 56.66 -34.50
N LEU K 41 -34.20 55.66 -34.17
CA LEU K 41 -34.44 54.54 -35.08
C LEU K 41 -35.29 55.05 -36.24
N LYS K 42 -34.99 54.56 -37.43
CA LYS K 42 -35.71 54.91 -38.66
C LYS K 42 -36.46 53.72 -39.28
N SER K 43 -35.99 52.50 -38.98
CA SER K 43 -36.49 51.29 -39.60
C SER K 43 -37.69 50.72 -38.84
N GLU K 44 -37.98 49.44 -39.07
CA GLU K 44 -39.04 48.73 -38.37
C GLU K 44 -38.59 48.46 -36.95
N GLY K 45 -39.55 48.33 -36.04
CA GLY K 45 -39.29 48.12 -34.62
C GLY K 45 -38.40 46.91 -34.39
N ILE K 46 -37.42 47.05 -33.49
CA ILE K 46 -36.35 46.07 -33.35
C ILE K 46 -35.90 45.91 -31.90
N ARG K 47 -35.37 44.73 -31.58
CA ARG K 47 -34.72 44.47 -30.29
C ARG K 47 -33.23 44.78 -30.37
N ILE K 48 -32.77 45.61 -29.45
CA ILE K 48 -31.36 45.94 -29.31
C ILE K 48 -30.87 45.33 -28.00
N SER K 49 -29.84 44.49 -28.10
CA SER K 49 -29.21 43.88 -26.92
C SER K 49 -28.44 44.91 -26.10
N ALA K 50 -28.06 44.50 -24.89
CA ALA K 50 -27.31 45.35 -23.97
C ALA K 50 -25.91 45.66 -24.49
N GLN K 51 -25.24 44.63 -24.97
CA GLN K 51 -23.88 44.73 -25.49
C GLN K 51 -23.78 45.73 -26.65
N GLN K 52 -24.70 45.59 -27.60
CA GLN K 52 -24.78 46.47 -28.76
C GLN K 52 -24.93 47.94 -28.35
N LEU K 53 -25.84 48.17 -27.41
CA LEU K 53 -26.07 49.51 -26.85
C LEU K 53 -24.84 50.10 -26.17
N LYS K 54 -24.18 49.27 -25.37
CA LYS K 54 -22.91 49.63 -24.73
C LYS K 54 -21.86 50.06 -25.75
N GLU K 55 -21.75 49.29 -26.83
CA GLU K 55 -20.81 49.59 -27.91
C GLU K 55 -21.13 50.89 -28.62
N ALA K 56 -22.41 51.12 -28.86
CA ALA K 56 -22.89 52.38 -29.43
C ALA K 56 -22.54 53.57 -28.54
N ASP K 57 -22.81 53.41 -27.24
CA ASP K 57 -22.45 54.41 -26.22
C ASP K 57 -20.95 54.74 -26.25
N ASN K 58 -20.13 53.70 -26.27
CA ASN K 58 -18.67 53.84 -26.34
C ASN K 58 -18.21 54.60 -27.56
N ALA K 59 -18.80 54.26 -28.70
CA ALA K 59 -18.53 54.92 -29.99
C ALA K 59 -18.85 56.41 -29.94
N ILE K 60 -20.01 56.73 -29.37
CA ILE K 60 -20.45 58.12 -29.19
C ILE K 60 -19.49 58.88 -28.27
N MET K 61 -19.07 58.22 -27.20
CA MET K 61 -18.21 58.82 -26.16
C MET K 61 -16.91 59.40 -26.69
N ARG K 62 -16.26 58.66 -27.59
CA ARG K 62 -15.04 59.14 -28.29
C ARG K 62 -15.14 60.59 -28.79
N TYR K 63 -16.34 60.98 -29.24
CA TYR K 63 -16.61 62.36 -29.65
C TYR K 63 -17.05 63.26 -28.49
N VAL K 64 -17.77 62.70 -27.51
CA VAL K 64 -18.30 63.46 -26.37
C VAL K 64 -17.23 63.88 -25.35
N ARG K 65 -16.29 62.99 -25.00
CA ARG K 65 -15.31 63.30 -23.93
C ARG K 65 -14.38 64.49 -24.22
N PRO K 66 -13.88 64.64 -25.48
CA PRO K 66 -13.12 65.83 -25.85
C PRO K 66 -13.82 67.18 -25.67
N LEU K 67 -15.14 67.20 -25.83
CA LEU K 67 -15.93 68.43 -25.68
C LEU K 67 -15.88 69.01 -24.28
N ASN K 68 -15.99 70.34 -24.20
CA ASN K 68 -16.16 71.05 -22.95
C ASN K 68 -17.63 70.92 -22.54
N ASN K 69 -17.86 70.45 -21.31
CA ASN K 69 -19.22 70.23 -20.79
C ASN K 69 -20.04 69.27 -21.66
N GLY K 70 -19.37 68.28 -22.23
CA GLY K 70 -20.00 67.30 -23.12
C GLY K 70 -20.82 66.31 -22.31
N HIS K 71 -21.94 65.89 -22.87
CA HIS K 71 -22.89 65.01 -22.18
C HIS K 71 -23.53 64.03 -23.16
N LEU K 72 -23.78 62.82 -22.67
CA LEU K 72 -24.51 61.80 -23.41
C LEU K 72 -25.66 61.28 -22.55
N TRP K 73 -26.89 61.47 -23.03
CA TRP K 73 -28.10 60.98 -22.36
C TRP K 73 -28.55 59.67 -23.01
N ARG K 74 -28.39 58.57 -22.29
CA ARG K 74 -28.85 57.26 -22.76
C ARG K 74 -30.35 57.14 -22.49
N ARG K 75 -31.16 57.26 -23.55
CA ARG K 75 -32.62 57.34 -23.39
C ARG K 75 -33.36 56.05 -23.02
N LEU K 76 -32.83 54.90 -23.42
CA LEU K 76 -33.52 53.62 -23.14
C LEU K 76 -32.68 52.64 -22.33
N CYS K 77 -33.38 51.85 -21.50
CA CYS K 77 -32.77 50.86 -20.62
C CYS K 77 -33.11 49.45 -21.10
N THR K 78 -32.16 48.52 -20.97
CA THR K 78 -32.37 47.13 -21.36
C THR K 78 -33.10 46.42 -20.23
N ASN K 79 -34.42 46.56 -20.23
CA ASN K 79 -35.27 46.03 -19.17
C ASN K 79 -35.72 44.57 -19.31
N VAL K 80 -35.79 44.07 -20.54
CA VAL K 80 -36.23 42.69 -20.79
C VAL K 80 -35.07 41.70 -20.64
N ALA K 81 -35.20 40.79 -19.68
CA ALA K 81 -34.23 39.72 -19.48
C ALA K 81 -34.45 38.62 -20.51
N VAL K 82 -33.44 38.35 -21.33
CA VAL K 82 -33.49 37.28 -22.32
C VAL K 82 -32.72 36.08 -21.81
N CYS K 83 -33.38 34.92 -21.81
CA CYS K 83 -32.74 33.64 -21.57
C CYS K 83 -32.51 32.96 -22.92
N ILE K 84 -31.50 32.10 -22.99
CA ILE K 84 -31.30 31.25 -24.16
C ILE K 84 -30.93 29.83 -23.76
N LYS K 85 -31.50 28.87 -24.49
CA LYS K 85 -30.98 27.51 -24.53
C LYS K 85 -29.78 27.52 -25.47
N GLY K 86 -28.91 26.51 -25.36
CA GLY K 86 -27.79 26.35 -26.28
C GLY K 86 -28.24 25.80 -27.62
N ASN K 87 -27.43 26.04 -28.65
CA ASN K 87 -27.59 25.35 -29.93
C ASN K 87 -27.29 23.85 -29.82
N GLU K 88 -26.43 23.49 -28.85
CA GLU K 88 -26.06 22.09 -28.56
C GLU K 88 -27.24 21.21 -28.10
N THR K 89 -28.18 21.79 -27.36
CA THR K 89 -29.22 21.03 -26.65
C THR K 89 -30.42 20.70 -27.55
N ARG K 90 -31.13 19.62 -27.21
CA ARG K 90 -32.39 19.27 -27.87
C ARG K 90 -33.53 20.21 -27.46
N MET K 91 -34.63 20.14 -28.21
CA MET K 91 -35.82 20.95 -27.95
C MET K 91 -36.61 20.37 -26.78
N GLY K 92 -37.41 21.23 -26.14
CA GLY K 92 -38.15 20.86 -24.94
C GLY K 92 -37.24 20.84 -23.73
N LYS K 93 -37.71 20.17 -22.66
CA LYS K 93 -36.95 19.99 -21.43
C LYS K 93 -36.64 21.32 -20.74
N GLY K 94 -37.70 22.06 -20.45
CA GLY K 94 -37.60 23.34 -19.74
C GLY K 94 -37.15 24.49 -20.60
N LYS K 95 -36.94 25.63 -19.95
CA LYS K 95 -36.49 26.86 -20.59
C LYS K 95 -35.00 27.09 -20.29
N GLY K 96 -34.30 27.76 -21.20
CA GLY K 96 -32.88 28.05 -21.04
C GLY K 96 -32.58 29.08 -19.96
N GLY K 97 -31.30 29.19 -19.61
CA GLY K 97 -30.84 30.12 -18.57
C GLY K 97 -30.62 31.53 -19.09
N PHE K 98 -30.53 32.49 -18.17
CA PHE K 98 -30.34 33.90 -18.49
C PHE K 98 -29.09 34.12 -19.34
N ASP K 99 -29.21 34.99 -20.35
CA ASP K 99 -28.11 35.27 -21.27
C ASP K 99 -27.73 36.75 -21.26
N HIS K 100 -28.69 37.62 -21.60
CA HIS K 100 -28.44 39.06 -21.71
C HIS K 100 -29.71 39.88 -21.50
N TRP K 101 -29.50 41.18 -21.33
CA TRP K 101 -30.60 42.15 -21.21
C TRP K 101 -30.83 42.77 -22.59
N MET K 102 -32.09 43.12 -22.87
CA MET K 102 -32.46 43.69 -24.16
C MET K 102 -33.65 44.65 -24.02
N VAL K 103 -33.78 45.55 -25.00
CA VAL K 103 -34.85 46.55 -25.04
C VAL K 103 -35.62 46.45 -26.36
N ARG K 104 -36.95 46.50 -26.28
CA ARG K 104 -37.81 46.59 -27.46
C ARG K 104 -37.92 48.04 -27.91
N VAL K 105 -37.47 48.30 -29.13
CA VAL K 105 -37.36 49.67 -29.65
C VAL K 105 -38.34 49.84 -30.81
N PRO K 106 -39.47 50.54 -30.58
CA PRO K 106 -40.35 51.03 -31.64
C PRO K 106 -39.68 51.85 -32.73
N THR K 107 -40.35 51.95 -33.88
CA THR K 107 -39.82 52.58 -35.10
C THR K 107 -39.24 53.98 -34.88
N GLY K 108 -39.99 54.86 -34.21
CA GLY K 108 -39.61 56.28 -34.10
C GLY K 108 -38.70 56.68 -32.93
N LYS K 109 -38.43 55.76 -32.02
CA LYS K 109 -37.80 56.10 -30.73
C LYS K 109 -36.37 56.62 -30.82
N ILE K 110 -36.04 57.54 -29.90
CA ILE K 110 -34.69 58.08 -29.76
C ILE K 110 -33.89 57.20 -28.81
N LEU K 111 -32.66 56.88 -29.22
CA LEU K 111 -31.75 56.04 -28.44
C LEU K 111 -30.82 56.86 -27.56
N PHE K 112 -30.19 57.88 -28.17
CA PHE K 112 -29.17 58.70 -27.50
C PHE K 112 -29.44 60.18 -27.68
N GLU K 113 -28.65 60.98 -26.98
CA GLU K 113 -28.76 62.44 -27.04
C GLU K 113 -27.46 63.05 -26.57
N ILE K 114 -27.01 64.12 -27.23
CA ILE K 114 -25.77 64.79 -26.84
C ILE K 114 -25.89 66.31 -26.92
N ASN K 115 -25.07 66.98 -26.10
CA ASN K 115 -24.96 68.43 -26.11
C ASN K 115 -23.68 68.87 -25.39
N GLY K 116 -22.75 69.44 -26.16
CA GLY K 116 -21.53 70.02 -25.61
C GLY K 116 -21.59 71.53 -25.65
N ASP K 117 -20.62 72.16 -24.98
CA ASP K 117 -20.48 73.61 -25.00
C ASP K 117 -19.96 74.06 -26.37
N ASP K 118 -18.92 73.38 -26.84
CA ASP K 118 -18.29 73.67 -28.13
C ASP K 118 -18.50 72.51 -29.11
N LEU K 119 -19.76 72.09 -29.27
CA LEU K 119 -20.13 71.00 -30.18
C LEU K 119 -20.74 71.56 -31.47
N HIS K 120 -20.02 71.44 -32.58
CA HIS K 120 -20.56 71.70 -33.90
C HIS K 120 -21.39 70.50 -34.36
N GLU K 121 -22.45 70.75 -35.12
CA GLU K 121 -23.45 69.72 -35.42
C GLU K 121 -22.94 68.60 -36.34
N LYS K 122 -22.00 68.94 -37.21
CA LYS K 122 -21.41 67.97 -38.16
C LYS K 122 -20.71 66.83 -37.43
N VAL K 123 -19.96 67.20 -36.40
CA VAL K 123 -19.22 66.24 -35.55
C VAL K 123 -20.21 65.30 -34.86
N ALA K 124 -21.26 65.90 -34.27
CA ALA K 124 -22.35 65.16 -33.61
C ALA K 124 -23.01 64.15 -34.55
N ARG K 125 -23.30 64.61 -35.76
CA ARG K 125 -23.87 63.79 -36.83
C ARG K 125 -23.00 62.60 -37.17
N GLU K 126 -21.70 62.87 -37.30
CA GLU K 126 -20.68 61.85 -37.59
C GLU K 126 -20.64 60.79 -36.49
N ALA K 127 -20.64 61.26 -35.24
CA ALA K 127 -20.63 60.40 -34.05
C ALA K 127 -21.84 59.48 -34.03
N PHE K 128 -23.01 60.05 -34.29
CA PHE K 128 -24.26 59.29 -34.31
C PHE K 128 -24.34 58.29 -35.46
N ARG K 129 -23.73 58.62 -36.60
CA ARG K 129 -23.63 57.70 -37.72
C ARG K 129 -22.77 56.49 -37.32
N LYS K 130 -21.63 56.78 -36.70
CA LYS K 130 -20.72 55.75 -36.18
C LYS K 130 -21.33 54.87 -35.09
N ALA K 131 -22.19 55.46 -34.26
CA ALA K 131 -22.97 54.70 -33.28
C ALA K 131 -23.93 53.73 -33.96
N GLY K 132 -24.63 54.25 -34.97
CA GLY K 132 -25.56 53.48 -35.78
C GLY K 132 -24.94 52.30 -36.52
N THR K 133 -23.69 52.46 -36.95
CA THR K 133 -22.94 51.35 -37.58
C THR K 133 -22.83 50.10 -36.69
N LYS K 134 -22.89 50.27 -35.37
CA LYS K 134 -22.83 49.15 -34.41
C LYS K 134 -24.16 48.55 -33.96
N LEU K 135 -25.28 49.20 -34.26
CA LEU K 135 -26.61 48.74 -33.82
C LEU K 135 -27.38 48.03 -34.94
N PRO K 136 -28.32 47.12 -34.58
CA PRO K 136 -29.00 46.29 -35.60
C PRO K 136 -30.04 46.97 -36.48
N GLY K 137 -30.59 48.10 -36.07
CA GLY K 137 -31.55 48.85 -36.89
C GLY K 137 -30.88 49.71 -37.96
N VAL K 138 -31.68 50.57 -38.59
CA VAL K 138 -31.18 51.65 -39.45
C VAL K 138 -31.62 52.94 -38.74
N TYR K 139 -30.68 53.86 -38.58
CA TYR K 139 -30.87 55.01 -37.69
C TYR K 139 -30.77 56.35 -38.40
N GLU K 140 -31.11 57.41 -37.67
CA GLU K 140 -31.31 58.73 -38.25
C GLU K 140 -30.94 59.82 -37.25
N PHE K 141 -30.25 60.85 -37.74
CA PHE K 141 -29.88 62.02 -36.96
C PHE K 141 -31.11 62.90 -36.74
N VAL K 142 -31.33 63.32 -35.51
CA VAL K 142 -32.50 64.13 -35.14
C VAL K 142 -32.05 65.38 -34.39
N SER K 143 -32.44 66.54 -34.91
CA SER K 143 -32.21 67.84 -34.27
C SER K 143 -33.53 68.33 -33.65
N LEU K 144 -33.45 69.41 -32.88
CA LEU K 144 -34.62 69.96 -32.19
C LEU K 144 -35.68 70.49 -33.16
N ASP K 145 -35.26 71.02 -34.30
CA ASP K 145 -36.18 71.49 -35.34
C ASP K 145 -36.75 70.33 -36.17
N SER K 146 -35.96 69.28 -36.36
CA SER K 146 -36.44 68.08 -37.08
C SER K 146 -37.57 67.40 -36.33
N LEU K 147 -38.61 67.01 -37.07
CA LEU K 147 -39.91 66.66 -36.50
C LEU K 147 -40.08 65.16 -36.27
N VAL K 148 -41.06 64.83 -35.43
CA VAL K 148 -41.18 63.50 -34.83
C VAL K 148 -41.61 62.44 -35.84
N ARG K 149 -40.82 61.37 -35.92
CA ARG K 149 -41.15 60.20 -36.72
C ARG K 149 -42.16 59.34 -35.98
N VAL K 150 -43.15 58.83 -36.71
CA VAL K 150 -44.21 58.00 -36.15
C VAL K 150 -44.21 56.64 -36.83
N GLY K 151 -44.53 56.63 -38.13
CA GLY K 151 -44.45 55.42 -38.94
C GLY K 151 -43.08 55.28 -39.57
N LEU K 152 -42.99 54.42 -40.58
CA LEU K 152 -41.75 54.24 -41.34
C LEU K 152 -41.54 55.41 -42.29
N HIS K 153 -42.63 55.88 -42.88
CA HIS K 153 -42.62 56.95 -43.88
C HIS K 153 -43.52 58.12 -43.50
N SER K 154 -43.75 58.31 -42.19
CA SER K 154 -44.71 59.30 -41.71
C SER K 154 -44.12 60.13 -40.58
N PHE K 155 -44.66 61.33 -40.42
CA PHE K 155 -44.10 62.36 -39.55
C PHE K 155 -45.17 63.17 -38.84
N LYS K 156 -44.74 63.92 -37.83
CA LYS K 156 -45.64 64.64 -36.94
C LYS K 156 -44.89 65.71 -36.15
N ASN K 157 -45.58 66.83 -35.90
CA ASN K 157 -45.11 67.84 -34.96
C ASN K 157 -45.99 67.76 -33.70
N PRO K 158 -45.38 67.53 -32.51
CA PRO K 158 -46.14 67.53 -31.25
C PRO K 158 -46.82 68.85 -30.91
N LYS K 159 -46.19 69.97 -31.30
CA LYS K 159 -46.79 71.32 -31.18
C LYS K 159 -48.22 71.41 -31.76
N ASP K 160 -48.49 70.66 -32.82
CA ASP K 160 -49.80 70.68 -33.48
C ASP K 160 -50.91 70.00 -32.67
N ASP K 161 -50.66 68.80 -32.14
CA ASP K 161 -51.73 68.00 -31.50
C ASP K 161 -52.41 68.73 -30.34
N PRO K 162 -53.73 68.55 -30.17
CA PRO K 162 -54.52 69.45 -29.34
C PRO K 162 -54.40 69.22 -27.84
N VAL K 163 -54.57 70.30 -27.08
CA VAL K 163 -54.61 70.26 -25.62
C VAL K 163 -56.07 70.13 -25.19
N LYS K 164 -56.30 69.31 -24.16
CA LYS K 164 -57.65 68.98 -23.70
C LYS K 164 -57.69 68.83 -22.18
N ASN K 165 -58.63 69.52 -21.54
CA ASN K 165 -58.97 69.24 -20.14
C ASN K 165 -60.00 68.11 -20.14
N PHE K 166 -59.58 66.94 -19.65
CA PHE K 166 -60.39 65.72 -19.73
C PHE K 166 -61.49 65.62 -18.68
N TYR K 167 -61.32 66.32 -17.55
CA TYR K 167 -62.37 66.42 -16.54
C TYR K 167 -63.62 67.11 -17.11
N ASP K 168 -63.38 68.18 -17.86
CA ASP K 168 -64.44 68.95 -18.52
C ASP K 168 -65.18 68.09 -19.53
N GLU K 169 -64.41 67.36 -20.34
CA GLU K 169 -64.95 66.41 -21.32
C GLU K 169 -65.81 65.32 -20.68
N ASN K 170 -65.32 64.79 -19.58
CA ASN K 170 -66.06 63.81 -18.78
C ASN K 170 -67.38 64.37 -18.28
N ALA K 171 -67.33 65.58 -17.73
CA ALA K 171 -68.52 66.29 -17.27
C ALA K 171 -69.56 66.47 -18.38
N LYS K 172 -69.08 66.87 -19.56
CA LYS K 172 -69.93 67.03 -20.76
C LYS K 172 -70.66 65.74 -21.14
N LYS K 173 -69.91 64.63 -21.21
CA LYS K 173 -70.44 63.33 -21.64
C LYS K 173 -70.12 62.28 -20.57
N PRO K 174 -70.90 62.26 -19.47
CA PRO K 174 -70.51 61.52 -18.27
C PRO K 174 -70.75 60.02 -18.33
N SER K 175 -69.87 59.28 -17.64
CA SER K 175 -70.03 57.85 -17.41
C SER K 175 -71.12 57.59 -16.38
N LYS K 176 -71.56 56.34 -16.30
CA LYS K 176 -72.64 55.92 -15.40
C LYS K 176 -72.22 55.99 -13.93
N LYS K 177 -70.98 55.58 -13.66
CA LYS K 177 -70.41 55.63 -12.32
C LYS K 177 -70.36 57.05 -11.76
N TYR K 178 -69.88 57.98 -12.60
CA TYR K 178 -69.81 59.40 -12.27
C TYR K 178 -71.18 59.98 -11.92
N LEU K 179 -72.18 59.64 -12.73
CA LEU K 179 -73.57 60.04 -12.50
C LEU K 179 -74.12 59.51 -11.18
N ASN K 180 -73.81 58.25 -10.89
CA ASN K 180 -74.20 57.59 -9.65
C ASN K 180 -73.60 58.28 -8.42
N ILE K 181 -72.32 58.62 -8.54
CA ILE K 181 -71.59 59.38 -7.51
C ILE K 181 -72.25 60.73 -7.26
N LEU K 182 -72.56 61.44 -8.34
CA LEU K 182 -73.21 62.74 -8.29
C LEU K 182 -74.57 62.66 -7.58
N LYS K 183 -75.33 61.62 -7.92
CA LYS K 183 -76.61 61.32 -7.26
C LYS K 183 -76.44 61.08 -5.77
N SER K 184 -75.44 60.28 -5.41
CA SER K 184 -75.11 60.00 -4.01
C SER K 184 -74.81 61.27 -3.23
N GLN K 185 -74.03 62.16 -3.85
CA GLN K 185 -73.67 63.46 -3.29
C GLN K 185 -74.89 64.34 -3.00
N GLU K 186 -75.91 64.25 -3.87
CA GLU K 186 -77.22 64.91 -3.66
C GLU K 186 -77.91 64.52 -2.33
N PRO K 187 -78.77 65.39 -1.79
CA PRO K 187 -79.24 65.28 -0.40
C PRO K 187 -80.28 64.20 -0.11
N GLN K 188 -81.15 63.87 -1.07
CA GLN K 188 -82.17 62.82 -0.88
C GLN K 188 -81.60 61.40 -0.71
N TYR K 189 -80.33 61.22 -1.08
CA TYR K 189 -79.58 59.98 -0.83
C TYR K 189 -78.57 60.09 0.32
N LYS K 190 -77.87 61.22 0.42
CA LYS K 190 -76.82 61.41 1.43
C LYS K 190 -77.36 61.42 2.87
N LEU K 191 -78.56 61.98 3.05
CA LEU K 191 -79.23 61.99 4.35
C LEU K 191 -79.75 60.62 4.79
N PHE K 192 -80.26 59.84 3.82
CA PHE K 192 -80.95 58.58 4.12
C PHE K 192 -80.12 57.31 3.88
N ARG K 193 -78.81 57.45 3.68
CA ARG K 193 -77.93 56.28 3.49
C ARG K 193 -77.76 55.46 4.78
N GLY K 194 -77.85 56.13 5.92
CA GLY K 194 -78.01 55.48 7.23
C GLY K 194 -76.88 54.56 7.66
N ARG K 195 -75.65 55.00 7.46
CA ARG K 195 -74.48 54.21 7.87
C ARG K 195 -74.17 54.44 9.34
N THR L 1 3.62 -20.02 -82.94
CA THR L 1 2.76 -20.65 -81.87
C THR L 1 1.28 -20.24 -81.93
N VAL L 2 1.00 -19.00 -82.35
CA VAL L 2 -0.34 -18.59 -82.76
C VAL L 2 -0.30 -18.28 -84.26
N GLY L 3 -1.16 -18.95 -85.01
CA GLY L 3 -1.29 -18.72 -86.46
C GLY L 3 -0.56 -19.71 -87.36
N ILE L 4 0.35 -20.49 -86.79
CA ILE L 4 1.12 -21.48 -87.57
C ILE L 4 0.29 -22.69 -88.03
N ALA L 5 -0.75 -23.05 -87.27
CA ALA L 5 -1.60 -24.20 -87.58
C ALA L 5 -2.93 -24.15 -86.83
N ARG L 6 -3.85 -25.04 -87.22
CA ARG L 6 -5.10 -25.23 -86.48
C ARG L 6 -4.78 -25.82 -85.11
N LYS L 7 -5.48 -25.35 -84.10
CA LYS L 7 -5.32 -25.84 -82.72
C LYS L 7 -6.20 -27.07 -82.49
N LEU L 8 -7.38 -27.07 -83.10
CA LEU L 8 -8.33 -28.20 -83.08
C LEU L 8 -8.85 -28.60 -81.69
N SER L 9 -8.88 -27.64 -80.77
CA SER L 9 -9.37 -27.84 -79.40
C SER L 9 -8.71 -29.03 -78.68
N ARG L 10 -7.40 -29.20 -78.91
CA ARG L 10 -6.62 -30.27 -78.29
C ARG L 10 -5.29 -29.72 -77.79
N ASP L 11 -4.78 -30.30 -76.71
CA ASP L 11 -3.44 -30.00 -76.22
C ASP L 11 -2.40 -30.48 -77.24
N LYS L 12 -1.26 -29.77 -77.29
CA LYS L 12 -0.24 -29.94 -78.34
C LYS L 12 0.12 -31.39 -78.62
N ALA L 13 0.44 -32.12 -77.56
CA ALA L 13 0.85 -33.53 -77.64
C ALA L 13 -0.23 -34.41 -78.27
N HIS L 14 -1.45 -34.23 -77.80
CA HIS L 14 -2.63 -34.92 -78.34
C HIS L 14 -2.86 -34.58 -79.80
N ARG L 15 -2.83 -33.29 -80.12
CA ARG L 15 -3.08 -32.79 -81.47
C ARG L 15 -2.16 -33.42 -82.50
N ASP L 16 -0.86 -33.38 -82.21
CA ASP L 16 0.18 -33.98 -83.08
C ASP L 16 -0.06 -35.46 -83.31
N ALA L 17 -0.36 -36.18 -82.24
CA ALA L 17 -0.67 -37.62 -82.29
C ALA L 17 -1.87 -37.90 -83.20
N LEU L 18 -2.93 -37.10 -83.02
CA LEU L 18 -4.12 -37.16 -83.87
C LEU L 18 -3.76 -37.01 -85.35
N LEU L 19 -2.97 -35.98 -85.64
CA LEU L 19 -2.53 -35.69 -87.01
C LEU L 19 -1.74 -36.83 -87.63
N LYS L 20 -0.82 -37.41 -86.84
CA LYS L 20 -0.07 -38.59 -87.25
C LYS L 20 -0.99 -39.75 -87.60
N ASN L 21 -1.95 -40.01 -86.70
CA ASN L 21 -2.98 -41.04 -86.91
C ASN L 21 -3.73 -40.85 -88.22
N LEU L 22 -4.19 -39.62 -88.45
CA LEU L 22 -4.89 -39.25 -89.68
C LEU L 22 -4.04 -39.49 -90.93
N ALA L 23 -2.77 -39.11 -90.85
CA ALA L 23 -1.80 -39.34 -91.93
C ALA L 23 -1.64 -40.82 -92.24
N CYS L 24 -1.46 -41.62 -91.19
CA CYS L 24 -1.35 -43.08 -91.29
C CYS L 24 -2.57 -43.72 -91.95
N GLN L 25 -3.75 -43.25 -91.53
CA GLN L 25 -5.03 -43.75 -92.06
C GLN L 25 -5.21 -43.37 -93.53
N LEU L 26 -4.75 -42.18 -93.90
CA LEU L 26 -4.74 -41.73 -95.29
C LEU L 26 -3.85 -42.61 -96.17
N PHE L 27 -2.66 -42.92 -95.67
CA PHE L 27 -1.72 -43.77 -96.40
C PHE L 27 -2.24 -45.20 -96.55
N GLN L 28 -2.87 -45.72 -95.50
CA GLN L 28 -3.44 -47.07 -95.52
C GLN L 28 -4.64 -47.14 -96.45
N HIS L 29 -5.67 -46.37 -96.12
CA HIS L 29 -6.89 -46.26 -96.93
C HIS L 29 -6.74 -45.00 -97.76
N GLU L 30 -6.55 -45.16 -99.07
CA GLU L 30 -6.15 -44.03 -99.94
C GLU L 30 -7.13 -42.84 -100.03
N SER L 31 -8.32 -43.01 -99.46
CA SER L 31 -9.21 -41.90 -99.08
C SER L 31 -9.77 -42.12 -97.67
N ILE L 32 -10.00 -41.02 -96.94
CA ILE L 32 -10.69 -41.07 -95.64
C ILE L 32 -11.62 -39.88 -95.45
N VAL L 33 -12.74 -40.12 -94.77
CA VAL L 33 -13.71 -39.08 -94.43
C VAL L 33 -13.47 -38.60 -93.00
N SER L 34 -13.47 -37.28 -92.81
CA SER L 34 -13.37 -36.68 -91.48
C SER L 34 -13.93 -35.26 -91.50
N THR L 35 -13.86 -34.59 -90.35
CA THR L 35 -14.24 -33.17 -90.26
C THR L 35 -13.29 -32.33 -91.10
N HIS L 36 -13.76 -31.17 -91.53
CA HIS L 36 -13.03 -30.37 -92.52
C HIS L 36 -11.70 -29.85 -92.01
N ALA L 37 -11.71 -29.28 -90.81
CA ALA L 37 -10.52 -28.71 -90.18
C ALA L 37 -9.42 -29.74 -89.96
N LYS L 38 -9.82 -30.90 -89.44
CA LYS L 38 -8.92 -32.05 -89.26
C LYS L 38 -8.28 -32.51 -90.57
N CYS L 39 -9.14 -32.65 -91.59
CA CYS L 39 -8.72 -33.05 -92.94
C CYS L 39 -7.66 -32.09 -93.51
N LYS L 40 -7.91 -30.79 -93.33
CA LYS L 40 -7.05 -29.73 -93.85
C LYS L 40 -5.65 -29.78 -93.26
N GLU L 41 -5.60 -29.98 -91.94
CA GLU L 41 -4.34 -30.11 -91.19
C GLU L 41 -3.62 -31.40 -91.55
N ALA L 42 -4.40 -32.49 -91.63
CA ALA L 42 -3.88 -33.82 -91.97
C ALA L 42 -3.20 -33.85 -93.33
N SER L 43 -3.81 -33.14 -94.29
CA SER L 43 -3.25 -32.97 -95.63
C SER L 43 -1.85 -32.36 -95.60
N ARG L 44 -1.71 -31.26 -94.85
CA ARG L 44 -0.41 -30.61 -94.65
C ARG L 44 0.67 -31.58 -94.18
N VAL L 45 0.34 -32.42 -93.21
CA VAL L 45 1.29 -33.40 -92.66
C VAL L 45 1.63 -34.46 -93.72
N ALA L 46 0.60 -35.06 -94.28
CA ALA L 46 0.74 -36.17 -95.24
C ALA L 46 1.58 -35.75 -96.44
N GLU L 47 1.22 -34.60 -97.02
CA GLU L 47 1.95 -34.01 -98.15
C GLU L 47 3.43 -33.81 -97.80
N ARG L 48 3.70 -33.15 -96.67
CA ARG L 48 5.07 -33.01 -96.14
C ARG L 48 5.84 -34.32 -96.07
N ILE L 49 5.19 -35.35 -95.53
CA ILE L 49 5.78 -36.69 -95.41
C ILE L 49 6.14 -37.26 -96.78
N ILE L 50 5.22 -37.13 -97.73
CA ILE L 50 5.41 -37.59 -99.12
C ILE L 50 6.62 -36.91 -99.76
N THR L 51 6.76 -35.61 -99.53
CA THR L 51 7.85 -34.83 -100.10
C THR L 51 9.20 -35.28 -99.54
N TRP L 52 9.21 -35.51 -98.23
CA TRP L 52 10.40 -36.00 -97.53
C TRP L 52 10.85 -37.35 -98.10
N THR L 53 9.86 -38.23 -98.31
CA THR L 53 10.08 -39.55 -98.91
C THR L 53 10.68 -39.42 -100.31
N LYS L 54 10.09 -38.54 -101.12
CA LYS L 54 10.60 -38.21 -102.45
C LYS L 54 12.05 -37.73 -102.41
N ARG L 55 12.32 -36.79 -101.51
CA ARG L 55 13.66 -36.26 -101.29
C ARG L 55 14.67 -37.34 -100.93
N ALA L 56 14.26 -38.23 -100.03
CA ALA L 56 15.07 -39.40 -99.62
C ALA L 56 15.40 -40.30 -100.81
N ILE L 57 14.37 -40.61 -101.58
CA ILE L 57 14.51 -41.41 -102.81
C ILE L 57 15.52 -40.80 -103.78
N THR L 58 15.37 -39.51 -104.03
CA THR L 58 16.16 -38.82 -105.07
C THR L 58 17.61 -38.52 -104.67
N THR L 59 17.78 -37.90 -103.50
CA THR L 59 19.08 -37.32 -103.10
C THR L 59 20.27 -38.27 -103.20
N SER L 60 21.38 -37.74 -103.71
CA SER L 60 22.66 -38.45 -103.76
C SER L 60 23.36 -38.40 -102.39
N ASN L 61 23.24 -37.25 -101.71
CA ASN L 61 23.75 -37.09 -100.33
C ASN L 61 23.18 -38.17 -99.41
N SER L 62 24.07 -39.00 -98.87
CA SER L 62 23.69 -40.14 -98.02
C SER L 62 23.17 -39.70 -96.65
N VAL L 63 23.88 -38.74 -96.05
CA VAL L 63 23.53 -38.17 -94.75
C VAL L 63 22.14 -37.53 -94.78
N ALA L 64 21.92 -36.72 -95.82
CA ALA L 64 20.62 -36.07 -96.05
C ALA L 64 19.50 -37.10 -96.11
N GLN L 65 19.70 -38.11 -96.95
CA GLN L 65 18.75 -39.21 -97.13
C GLN L 65 18.40 -39.90 -95.82
N ALA L 66 19.43 -40.19 -95.02
CA ALA L 66 19.28 -40.78 -93.69
C ALA L 66 18.44 -39.90 -92.76
N GLU L 67 18.73 -38.61 -92.79
CA GLU L 67 17.97 -37.59 -92.05
C GLU L 67 16.50 -37.54 -92.44
N LEU L 68 16.26 -37.55 -93.76
CA LEU L 68 14.89 -37.62 -94.29
C LEU L 68 14.14 -38.85 -93.80
N LYS L 69 14.80 -40.01 -93.92
CA LYS L 69 14.28 -41.28 -93.41
C LYS L 69 13.89 -41.22 -91.94
N SER L 70 14.80 -40.69 -91.11
CA SER L 70 14.56 -40.51 -89.68
C SER L 70 13.35 -39.62 -89.40
N GLN L 71 13.24 -38.55 -90.17
CA GLN L 71 12.12 -37.61 -90.08
C GLN L 71 10.79 -38.27 -90.42
N ILE L 72 10.80 -39.07 -91.47
CA ILE L 72 9.63 -39.84 -91.92
C ILE L 72 9.20 -40.82 -90.82
N GLN L 73 10.18 -41.49 -90.23
CA GLN L 73 9.94 -42.46 -89.15
C GLN L 73 9.28 -41.79 -87.95
N SER L 74 9.81 -40.62 -87.58
CA SER L 74 9.27 -39.79 -86.51
C SER L 74 7.81 -39.41 -86.74
N GLN L 75 7.49 -39.08 -87.98
CA GLN L 75 6.15 -38.59 -88.34
C GLN L 75 5.04 -39.65 -88.50
N LEU L 76 5.35 -40.93 -88.29
CA LEU L 76 4.37 -42.02 -88.39
C LEU L 76 4.30 -42.85 -87.11
N PHE L 77 3.15 -43.49 -86.90
CA PHE L 77 3.00 -44.54 -85.88
C PHE L 77 3.09 -45.87 -86.61
N LEU L 78 4.22 -46.56 -86.49
CA LEU L 78 4.44 -47.82 -87.18
C LEU L 78 4.12 -49.02 -86.29
N ALA L 79 2.84 -49.42 -86.29
CA ALA L 79 2.39 -50.55 -85.46
C ALA L 79 1.06 -51.11 -85.96
N GLY L 80 0.86 -52.40 -85.71
CA GLY L 80 -0.39 -53.08 -86.07
C GLY L 80 -0.62 -53.15 -87.57
N ASP L 81 -1.58 -52.38 -88.05
CA ASP L 81 -1.87 -52.31 -89.49
C ASP L 81 -0.85 -51.46 -90.25
N ASN L 82 -0.14 -50.57 -89.54
CA ASN L 82 0.89 -49.72 -90.15
C ASN L 82 2.35 -50.16 -89.87
N ARG L 83 2.54 -51.43 -89.55
CA ARG L 83 3.90 -52.01 -89.36
C ARG L 83 4.81 -51.75 -90.56
N LYS L 84 4.31 -52.12 -91.74
CA LYS L 84 5.04 -52.02 -93.01
C LYS L 84 4.61 -50.76 -93.80
N LEU L 85 4.30 -49.68 -93.07
CA LEU L 85 3.85 -48.43 -93.67
C LEU L 85 5.01 -47.67 -94.31
N MET L 86 6.17 -47.71 -93.66
CA MET L 86 7.39 -47.08 -94.16
C MET L 86 7.78 -47.64 -95.53
N LYS L 87 7.76 -48.97 -95.63
CA LYS L 87 8.02 -49.69 -96.86
C LYS L 87 7.07 -49.28 -97.98
N ARG L 88 5.77 -49.25 -97.64
CA ARG L 88 4.73 -48.83 -98.57
C ARG L 88 4.98 -47.41 -99.09
N LEU L 89 5.32 -46.51 -98.16
CA LEU L 89 5.62 -45.12 -98.48
C LEU L 89 6.74 -45.00 -99.50
N PHE L 90 7.83 -45.73 -99.25
CA PHE L 90 9.00 -45.70 -100.14
C PHE L 90 8.75 -46.40 -101.49
N SER L 91 8.04 -47.53 -101.46
CA SER L 91 7.90 -48.41 -102.62
C SER L 91 6.62 -48.20 -103.44
N GLU L 92 5.51 -47.88 -102.77
CA GLU L 92 4.19 -47.80 -103.39
C GLU L 92 3.69 -46.36 -103.57
N ILE L 93 3.67 -45.60 -102.49
CA ILE L 93 3.01 -44.27 -102.47
C ILE L 93 3.87 -43.16 -103.10
N ALA L 94 5.10 -42.99 -102.61
CA ALA L 94 5.95 -41.87 -103.03
C ALA L 94 6.39 -41.89 -104.51
N PRO L 95 6.60 -43.09 -105.10
CA PRO L 95 6.91 -43.17 -106.54
C PRO L 95 5.81 -42.67 -107.51
N ARG L 96 4.56 -42.61 -107.05
CA ARG L 96 3.48 -41.96 -107.82
C ARG L 96 3.73 -40.47 -108.06
N TYR L 97 4.35 -39.80 -107.09
CA TYR L 97 4.43 -38.34 -107.05
C TYR L 97 5.78 -37.73 -107.42
N LEU L 98 6.63 -38.48 -108.10
CA LEU L 98 7.99 -38.02 -108.44
C LEU L 98 8.02 -36.82 -109.40
N GLU L 99 7.10 -36.81 -110.36
CA GLU L 99 6.97 -35.72 -111.34
C GLU L 99 6.08 -34.57 -110.85
N ARG L 100 5.12 -34.91 -110.00
CA ARG L 100 4.14 -33.95 -109.48
C ARG L 100 4.80 -33.00 -108.47
N PRO L 101 4.79 -31.67 -108.73
CA PRO L 101 5.38 -30.72 -107.78
C PRO L 101 4.38 -30.25 -106.72
N GLY L 102 4.28 -31.01 -105.64
CA GLY L 102 3.33 -30.73 -104.55
C GLY L 102 1.91 -31.14 -104.91
N GLY L 103 0.97 -30.85 -104.02
CA GLY L 103 -0.46 -31.12 -104.25
C GLY L 103 -0.79 -32.59 -104.41
N TYR L 104 -0.39 -33.39 -103.42
CA TYR L 104 -0.53 -34.85 -103.49
C TYR L 104 -1.87 -35.32 -102.93
N THR L 105 -2.51 -34.47 -102.13
CA THR L 105 -3.82 -34.76 -101.55
C THR L 105 -4.88 -33.88 -102.19
N ARG L 106 -6.14 -34.25 -101.96
CA ARG L 106 -7.26 -33.35 -102.25
C ARG L 106 -8.34 -33.48 -101.17
N VAL L 107 -8.64 -32.35 -100.54
CA VAL L 107 -9.72 -32.25 -99.56
C VAL L 107 -10.97 -31.82 -100.30
N LEU L 108 -11.94 -32.75 -100.38
CA LEU L 108 -13.19 -32.52 -101.10
C LEU L 108 -14.30 -32.35 -100.08
N ARG L 109 -15.00 -31.22 -100.15
CA ARG L 109 -16.05 -30.91 -99.18
C ARG L 109 -17.29 -31.77 -99.40
N LEU L 110 -17.91 -32.16 -98.29
CA LEU L 110 -19.13 -32.93 -98.28
C LEU L 110 -20.21 -32.08 -97.61
N GLU L 111 -21.44 -32.60 -97.59
CA GLU L 111 -22.54 -31.97 -96.88
C GLU L 111 -22.29 -32.20 -95.38
N PRO L 112 -22.47 -31.15 -94.54
CA PRO L 112 -22.15 -31.29 -93.10
C PRO L 112 -22.98 -32.37 -92.41
N ARG L 113 -22.38 -33.06 -91.44
CA ARG L 113 -23.04 -34.21 -90.81
C ARG L 113 -24.25 -33.76 -89.98
N ALA L 114 -25.30 -34.59 -90.01
CA ALA L 114 -26.64 -34.17 -89.56
C ALA L 114 -26.77 -33.97 -88.06
N ASN L 115 -26.30 -34.96 -87.30
CA ASN L 115 -26.33 -34.92 -85.83
C ASN L 115 -25.61 -33.70 -85.25
N ASP L 116 -24.51 -33.32 -85.88
CA ASP L 116 -23.58 -32.34 -85.34
C ASP L 116 -23.49 -31.00 -86.07
N SER L 117 -23.96 -30.96 -87.32
CA SER L 117 -23.72 -29.84 -88.24
C SER L 117 -22.24 -29.52 -88.45
N ALA L 118 -21.38 -30.53 -88.30
CA ALA L 118 -19.94 -30.35 -88.42
C ALA L 118 -19.60 -30.43 -89.91
N PRO L 119 -18.81 -29.46 -90.42
CA PRO L 119 -18.45 -29.49 -91.83
C PRO L 119 -17.55 -30.68 -92.15
N GLN L 120 -18.00 -31.50 -93.09
CA GLN L 120 -17.43 -32.82 -93.36
C GLN L 120 -16.67 -32.79 -94.68
N SER L 121 -15.58 -33.55 -94.76
CA SER L 121 -14.70 -33.55 -95.94
C SER L 121 -14.10 -34.93 -96.22
N VAL L 122 -13.51 -35.06 -97.40
CA VAL L 122 -12.84 -36.30 -97.82
C VAL L 122 -11.40 -35.98 -98.17
N LEU L 123 -10.50 -36.24 -97.23
CA LEU L 123 -9.06 -36.20 -97.51
C LEU L 123 -8.72 -37.47 -98.27
N GLU L 124 -8.10 -37.32 -99.44
CA GLU L 124 -7.72 -38.47 -100.26
C GLU L 124 -6.48 -38.21 -101.09
N LEU L 125 -5.81 -39.30 -101.47
CA LEU L 125 -4.55 -39.24 -102.19
C LEU L 125 -4.83 -39.07 -103.68
N VAL L 126 -4.11 -38.16 -104.31
CA VAL L 126 -4.26 -37.86 -105.74
C VAL L 126 -3.66 -39.00 -106.57
N ASP L 127 -4.31 -39.32 -107.70
CA ASP L 127 -3.82 -40.33 -108.65
C ASP L 127 -3.51 -41.69 -108.00
N SER L 128 -4.40 -42.13 -107.11
CA SER L 128 -4.34 -43.47 -106.55
C SER L 128 -4.77 -44.46 -107.64
N PRO L 129 -4.09 -45.63 -107.73
CA PRO L 129 -4.43 -46.59 -108.78
C PRO L 129 -5.78 -47.24 -108.53
N VAL L 130 -6.68 -47.16 -109.51
CA VAL L 130 -8.04 -47.70 -109.37
C VAL L 130 -8.08 -49.22 -109.46
N MET L 131 -7.09 -49.82 -110.14
CA MET L 131 -7.01 -51.25 -110.36
C MET L 131 -5.63 -51.78 -109.98
N SER L 132 -5.61 -52.74 -109.06
CA SER L 132 -4.38 -53.45 -108.68
C SER L 132 -4.06 -54.54 -109.71
N GLU L 133 -2.93 -55.23 -109.51
CA GLU L 133 -2.53 -56.30 -110.43
C GLU L 133 -3.51 -57.49 -110.41
N SER L 134 -4.11 -57.74 -109.25
CA SER L 134 -5.23 -58.69 -109.14
C SER L 134 -6.49 -58.09 -109.75
N HIS L 135 -7.34 -58.94 -110.32
CA HIS L 135 -8.58 -58.50 -110.97
C HIS L 135 -9.63 -58.08 -109.93
N THR L 136 -9.48 -56.85 -109.44
CA THR L 136 -10.37 -56.24 -108.45
C THR L 136 -10.45 -54.75 -108.76
N VAL L 137 -11.11 -53.97 -107.90
CA VAL L 137 -10.99 -52.52 -107.91
C VAL L 137 -10.51 -52.04 -106.54
N ASN L 138 -9.76 -50.94 -106.54
CA ASN L 138 -9.10 -50.43 -105.34
C ASN L 138 -9.87 -49.30 -104.69
N ARG L 139 -9.82 -49.25 -103.37
CA ARG L 139 -10.45 -48.19 -102.60
C ARG L 139 -9.62 -46.91 -102.70
N GLY L 140 -10.17 -45.92 -103.40
CA GLY L 140 -9.57 -44.59 -103.49
C GLY L 140 -9.80 -43.93 -104.82
N ASN L 141 -9.30 -42.69 -104.94
CA ASN L 141 -9.42 -41.87 -106.14
C ASN L 141 -10.88 -41.53 -106.48
N LEU L 142 -11.62 -41.10 -105.45
CA LEU L 142 -13.05 -40.79 -105.53
C LEU L 142 -13.39 -39.81 -106.65
N LYS L 143 -12.56 -38.78 -106.79
CA LYS L 143 -12.79 -37.72 -107.78
C LYS L 143 -12.87 -38.27 -109.20
N MET L 144 -11.92 -39.15 -109.53
CA MET L 144 -11.89 -39.84 -110.82
C MET L 144 -13.18 -40.60 -111.07
N TRP L 145 -13.59 -41.39 -110.07
CA TRP L 145 -14.85 -42.15 -110.14
C TRP L 145 -16.05 -41.25 -110.42
N LEU L 146 -16.13 -40.14 -109.69
CA LEU L 146 -17.19 -39.15 -109.86
C LEU L 146 -17.20 -38.56 -111.27
N LEU L 147 -16.02 -38.22 -111.76
CA LEU L 147 -15.83 -37.73 -113.13
C LEU L 147 -16.38 -38.71 -114.16
N VAL L 148 -16.02 -39.98 -114.01
CA VAL L 148 -16.43 -41.02 -114.95
C VAL L 148 -17.96 -41.22 -114.88
N LYS L 149 -18.51 -41.15 -113.68
CA LYS L 149 -19.97 -41.21 -113.48
C LYS L 149 -20.69 -40.06 -114.19
N SER L 150 -20.12 -38.86 -114.09
CA SER L 150 -20.64 -37.66 -114.77
C SER L 150 -20.61 -37.83 -116.29
N VAL L 151 -19.49 -38.34 -116.79
CA VAL L 151 -19.30 -38.66 -118.21
C VAL L 151 -20.38 -39.63 -118.70
N ILE L 152 -20.58 -40.70 -117.93
CA ILE L 152 -21.60 -41.72 -118.22
C ILE L 152 -22.99 -41.11 -118.31
N ASN L 153 -23.31 -40.26 -117.34
CA ASN L 153 -24.58 -39.53 -117.30
C ASN L 153 -24.79 -38.65 -118.52
N ASP L 154 -23.74 -37.92 -118.90
CA ASP L 154 -23.75 -37.08 -120.10
C ASP L 154 -24.00 -37.90 -121.36
N ASP L 155 -23.33 -39.05 -121.46
CA ASP L 155 -23.50 -40.00 -122.57
C ASP L 155 -24.93 -40.53 -122.66
N ALA L 156 -25.49 -40.88 -121.50
CA ALA L 156 -26.89 -41.33 -121.40
C ALA L 156 -27.88 -40.28 -121.88
N ASN L 157 -27.65 -39.04 -121.44
CA ASN L 157 -28.47 -37.89 -121.83
C ASN L 157 -28.24 -37.42 -123.27
N GLN L 158 -27.16 -37.89 -123.90
CA GLN L 158 -26.76 -37.47 -125.27
C GLN L 158 -26.52 -35.97 -125.31
N LEU L 159 -25.81 -35.49 -124.29
CA LEU L 159 -25.46 -34.08 -124.11
C LEU L 159 -23.96 -33.94 -124.30
N PRO L 160 -23.49 -32.69 -124.56
CA PRO L 160 -22.06 -32.45 -124.56
C PRO L 160 -21.51 -32.41 -123.14
N HIS L 161 -20.23 -32.74 -122.99
CA HIS L 161 -19.58 -32.68 -121.68
C HIS L 161 -19.40 -31.24 -121.24
N ASN L 162 -19.57 -31.00 -119.95
CA ASN L 162 -19.41 -29.66 -119.39
C ASN L 162 -17.94 -29.24 -119.42
N PRO L 163 -17.67 -27.94 -119.67
CA PRO L 163 -16.29 -27.41 -119.65
C PRO L 163 -15.50 -27.75 -118.40
N LEU L 164 -16.17 -27.66 -117.24
CA LEU L 164 -15.55 -28.00 -115.95
C LEU L 164 -15.12 -29.46 -115.88
N THR L 165 -15.99 -30.36 -116.33
CA THR L 165 -15.69 -31.79 -116.42
C THR L 165 -14.46 -32.07 -117.27
N LEU L 166 -14.42 -31.42 -118.44
CA LEU L 166 -13.28 -31.52 -119.35
C LEU L 166 -11.97 -31.04 -118.73
N GLN L 167 -12.05 -29.91 -118.03
CA GLN L 167 -10.91 -29.33 -117.31
C GLN L 167 -10.38 -30.29 -116.24
N ASN L 168 -11.29 -30.88 -115.49
CA ASN L 168 -10.97 -31.89 -114.47
C ASN L 168 -10.28 -33.11 -115.07
N LEU L 169 -10.82 -33.60 -116.18
CA LEU L 169 -10.24 -34.72 -116.94
C LEU L 169 -8.82 -34.42 -117.41
N HIS L 170 -8.64 -33.20 -117.92
CA HIS L 170 -7.33 -32.73 -118.35
C HIS L 170 -6.32 -32.70 -117.20
N LYS L 171 -6.76 -32.18 -116.07
CA LYS L 171 -5.95 -32.16 -114.83
C LYS L 171 -5.51 -33.55 -114.40
N VAL L 172 -6.47 -34.47 -114.41
CA VAL L 172 -6.23 -35.89 -114.09
C VAL L 172 -5.17 -36.48 -115.02
N ALA L 173 -5.32 -36.20 -116.32
CA ALA L 173 -4.39 -36.69 -117.35
C ALA L 173 -2.95 -36.21 -117.18
N LYS L 174 -2.76 -34.94 -116.81
CA LYS L 174 -1.42 -34.30 -116.80
C LYS L 174 -0.25 -35.15 -116.30
N PHE L 175 -0.49 -35.99 -115.30
CA PHE L 175 0.51 -36.95 -114.80
C PHE L 175 -0.01 -38.38 -114.97
N LYS L 176 -0.36 -38.70 -116.21
CA LYS L 176 -0.91 -40.02 -116.55
C LYS L 176 -0.58 -40.33 -118.02
N ALA L 177 -0.10 -41.55 -118.28
CA ALA L 177 0.01 -42.05 -119.64
C ALA L 177 -1.40 -42.21 -120.21
N GLU L 178 -1.59 -41.83 -121.48
CA GLU L 178 -2.92 -41.73 -122.07
C GLU L 178 -3.65 -43.09 -122.14
N ALA L 179 -2.94 -44.10 -122.60
CA ALA L 179 -3.46 -45.47 -122.70
C ALA L 179 -3.88 -46.03 -121.35
N GLN L 180 -3.04 -45.81 -120.35
CA GLN L 180 -3.31 -46.22 -118.97
C GLN L 180 -4.58 -45.56 -118.43
N LEU L 181 -4.65 -44.24 -118.60
CA LEU L 181 -5.83 -43.44 -118.23
C LEU L 181 -7.11 -43.97 -118.86
N HIS L 182 -7.04 -44.22 -120.17
CA HIS L 182 -8.14 -44.81 -120.93
C HIS L 182 -8.60 -46.14 -120.33
N GLY L 183 -7.64 -47.02 -120.07
CA GLY L 183 -7.90 -48.33 -119.47
C GLY L 183 -8.55 -48.24 -118.10
N GLU L 184 -8.10 -47.29 -117.29
CA GLU L 184 -8.70 -46.99 -115.99
C GLU L 184 -10.15 -46.55 -116.12
N ILE L 185 -10.39 -45.64 -117.05
CA ILE L 185 -11.74 -45.13 -117.35
C ILE L 185 -12.68 -46.28 -117.73
N MET L 186 -12.21 -47.13 -118.63
CA MET L 186 -12.94 -48.32 -119.08
C MET L 186 -13.30 -49.24 -117.92
N LEU L 187 -12.34 -49.45 -117.04
CA LEU L 187 -12.53 -50.28 -115.85
C LEU L 187 -13.59 -49.70 -114.92
N ILE L 188 -13.52 -48.39 -114.71
CA ILE L 188 -14.49 -47.67 -113.90
C ILE L 188 -15.90 -47.79 -114.48
N LYS L 189 -16.00 -47.61 -115.81
CA LYS L 189 -17.28 -47.72 -116.52
C LYS L 189 -17.99 -49.05 -116.26
N GLN L 190 -17.24 -50.14 -116.41
CA GLN L 190 -17.77 -51.50 -116.18
C GLN L 190 -18.48 -51.65 -114.84
N VAL L 191 -17.86 -51.15 -113.79
CA VAL L 191 -18.43 -51.21 -112.44
C VAL L 191 -19.62 -50.26 -112.33
N LEU L 192 -19.39 -49.01 -112.73
CA LEU L 192 -20.38 -47.94 -112.60
C LEU L 192 -21.69 -48.21 -113.33
N LEU L 193 -21.57 -48.63 -114.59
CA LEU L 193 -22.74 -48.96 -115.42
C LEU L 193 -23.61 -50.07 -114.82
N LYS L 194 -22.94 -51.10 -114.30
CA LYS L 194 -23.61 -52.22 -113.65
C LYS L 194 -24.36 -51.79 -112.39
N GLU L 195 -23.70 -50.95 -111.59
CA GLU L 195 -24.30 -50.36 -110.39
C GLU L 195 -25.56 -49.55 -110.73
N MET L 196 -25.42 -48.70 -111.74
CA MET L 196 -26.51 -47.85 -112.22
C MET L 196 -27.53 -48.61 -113.08
N SER L 197 -27.12 -49.78 -113.59
CA SER L 197 -27.95 -50.69 -114.38
C SER L 197 -28.24 -50.13 -115.79
N LEU L 198 -27.20 -49.63 -116.44
CA LEU L 198 -27.24 -49.27 -117.86
C LEU L 198 -26.44 -50.32 -118.65
N PRO L 199 -26.80 -50.55 -119.93
CA PRO L 199 -26.18 -51.63 -120.68
C PRO L 199 -24.76 -51.32 -121.14
N TYR L 200 -23.88 -52.32 -121.04
CA TYR L 200 -22.46 -52.17 -121.35
C TYR L 200 -22.12 -52.88 -122.67
N ASP L 201 -22.41 -52.21 -123.78
CA ASP L 201 -21.87 -52.60 -125.08
C ASP L 201 -20.45 -52.04 -125.11
N GLU L 202 -19.48 -52.95 -125.22
CA GLU L 202 -18.09 -52.65 -124.85
C GLU L 202 -17.37 -51.77 -125.86
N ALA L 203 -17.48 -52.15 -127.14
CA ALA L 203 -16.81 -51.45 -128.24
C ALA L 203 -17.23 -49.98 -128.34
N LEU L 204 -18.53 -49.74 -128.18
CA LEU L 204 -19.10 -48.39 -128.20
C LEU L 204 -18.56 -47.54 -127.05
N GLU L 205 -18.52 -48.13 -125.87
CA GLU L 205 -17.96 -47.48 -124.67
C GLU L 205 -16.48 -47.11 -124.86
N ASN L 206 -15.71 -48.06 -125.40
CA ASN L 206 -14.29 -47.83 -125.75
C ASN L 206 -14.10 -46.65 -126.70
N GLU L 207 -14.94 -46.61 -127.73
CA GLU L 207 -14.94 -45.53 -128.72
C GLU L 207 -15.23 -44.18 -128.08
N ARG L 208 -16.25 -44.16 -127.22
CA ARG L 208 -16.62 -42.96 -126.45
C ARG L 208 -15.48 -42.46 -125.57
N THR L 209 -14.83 -43.39 -124.89
CA THR L 209 -13.66 -43.10 -124.05
C THR L 209 -12.55 -42.48 -124.88
N GLN L 210 -12.26 -43.10 -126.02
CA GLN L 210 -11.25 -42.62 -126.96
C GLN L 210 -11.53 -41.18 -127.41
N ALA L 211 -12.79 -40.93 -127.77
CA ALA L 211 -13.27 -39.60 -128.18
C ALA L 211 -13.06 -38.56 -127.07
N LEU L 212 -13.41 -38.95 -125.84
CA LEU L 212 -13.22 -38.11 -124.66
C LEU L 212 -11.75 -37.77 -124.45
N LEU L 213 -10.89 -38.78 -124.56
CA LEU L 213 -9.44 -38.60 -124.46
C LEU L 213 -8.88 -37.63 -125.50
N LYS L 214 -9.34 -37.78 -126.75
CA LYS L 214 -8.84 -36.97 -127.87
C LYS L 214 -9.07 -35.48 -127.66
N GLU L 215 -10.30 -35.12 -127.29
CA GLU L 215 -10.66 -33.73 -127.05
C GLU L 215 -9.91 -33.12 -125.85
N VAL L 216 -9.67 -33.94 -124.82
CA VAL L 216 -8.85 -33.55 -123.67
C VAL L 216 -7.42 -33.22 -124.10
N TYR L 217 -6.82 -34.11 -124.89
CA TYR L 217 -5.37 -34.05 -125.18
C TYR L 217 -4.99 -32.97 -126.18
N SER L 218 -5.59 -33.01 -127.37
CA SER L 218 -5.28 -32.04 -128.42
C SER L 218 -5.84 -30.65 -128.08
N SER L 219 -4.95 -29.74 -127.70
CA SER L 219 -5.32 -28.38 -127.33
C SER L 219 -5.63 -27.54 -128.57
N SER L 220 -6.68 -26.72 -128.48
CA SER L 220 -7.11 -25.87 -129.59
C SER L 220 -8.03 -24.75 -129.10
N SER L 229 -16.35 -8.91 -126.64
CA SER L 229 -15.87 -8.34 -125.39
C SER L 229 -16.57 -7.02 -125.06
N SER L 230 -16.75 -6.76 -123.76
CA SER L 230 -17.41 -5.55 -123.28
C SER L 230 -16.48 -4.34 -123.37
N TYR L 231 -15.28 -4.50 -122.82
CA TYR L 231 -14.27 -3.44 -122.77
C TYR L 231 -13.14 -3.71 -123.76
N VAL L 232 -12.60 -2.64 -124.35
CA VAL L 232 -11.53 -2.75 -125.36
C VAL L 232 -10.21 -2.22 -124.80
N MET L 233 -9.14 -2.96 -125.03
CA MET L 233 -7.81 -2.60 -124.55
C MET L 233 -7.15 -1.74 -125.63
N VAL L 234 -6.94 -0.46 -125.32
CA VAL L 234 -6.38 0.50 -126.29
C VAL L 234 -5.28 1.34 -125.64
N PRO L 235 -4.22 1.69 -126.41
CA PRO L 235 -3.09 2.43 -125.83
C PRO L 235 -3.43 3.90 -125.55
N ARG L 236 -2.62 4.52 -124.69
CA ARG L 236 -2.79 5.93 -124.33
C ARG L 236 -2.53 6.85 -125.52
N PRO L 237 -3.41 7.86 -125.75
CA PRO L 237 -3.15 8.85 -126.79
C PRO L 237 -2.16 9.93 -126.31
N TYR M 1 -44.24 9.69 -131.90
CA TYR M 1 -43.64 9.01 -130.70
C TYR M 1 -42.23 8.48 -130.98
N MET M 2 -41.21 9.21 -130.53
CA MET M 2 -39.83 8.77 -130.65
C MET M 2 -39.47 7.86 -129.49
N VAL M 3 -39.26 6.57 -129.76
CA VAL M 3 -38.80 5.62 -128.73
C VAL M 3 -37.32 5.86 -128.42
N PRO M 4 -36.91 5.65 -127.16
CA PRO M 4 -35.50 5.85 -126.79
C PRO M 4 -34.62 4.70 -127.28
N ALA M 5 -33.98 4.89 -128.43
CA ALA M 5 -33.05 3.91 -128.99
C ALA M 5 -31.73 3.97 -128.22
N THR M 6 -31.69 3.28 -127.08
CA THR M 6 -30.52 3.27 -126.20
C THR M 6 -29.33 2.56 -126.85
N LYS M 7 -28.13 3.09 -126.61
CA LYS M 7 -26.89 2.53 -127.13
C LYS M 7 -25.90 2.30 -125.99
N ARG M 8 -25.60 1.02 -125.74
CA ARG M 8 -24.61 0.66 -124.71
C ARG M 8 -23.21 0.94 -125.24
N LYS M 9 -22.45 1.71 -124.46
CA LYS M 9 -21.11 2.17 -124.88
C LYS M 9 -20.08 1.05 -124.79
N THR M 10 -19.08 1.12 -125.69
CA THR M 10 -17.89 0.29 -125.60
C THR M 10 -16.82 1.12 -124.89
N ILE M 11 -16.72 0.93 -123.58
CA ILE M 11 -15.81 1.71 -122.74
C ILE M 11 -14.38 1.22 -122.95
N PRO M 12 -13.44 2.12 -123.31
CA PRO M 12 -12.05 1.71 -123.45
C PRO M 12 -11.38 1.59 -122.08
N VAL M 13 -10.27 0.86 -122.03
CA VAL M 13 -9.50 0.67 -120.80
C VAL M 13 -8.01 0.79 -121.12
N TYR M 14 -7.42 1.89 -120.68
CA TYR M 14 -6.03 2.23 -121.00
C TYR M 14 -5.05 1.45 -120.12
N PRO M 15 -3.81 1.24 -120.61
CA PRO M 15 -2.82 0.51 -119.84
C PRO M 15 -2.01 1.44 -118.93
N PRO M 16 -1.22 0.87 -117.99
CA PRO M 16 -0.42 1.73 -117.10
C PRO M 16 0.83 2.30 -117.79
N VAL M 17 1.28 3.46 -117.30
CA VAL M 17 2.49 4.11 -117.81
C VAL M 17 3.73 3.34 -117.35
N GLN M 18 4.01 3.38 -116.04
CA GLN M 18 5.08 2.58 -115.43
C GLN M 18 4.71 1.10 -115.38
N ARG M 19 5.74 0.25 -115.43
CA ARG M 19 5.60 -1.19 -115.21
C ARG M 19 6.53 -1.57 -114.06
N ILE M 20 5.94 -1.74 -112.87
CA ILE M 20 6.69 -1.97 -111.63
C ILE M 20 6.25 -3.29 -111.00
N ALA M 21 7.22 -4.15 -110.69
CA ALA M 21 6.97 -5.38 -109.93
C ALA M 21 6.97 -5.05 -108.44
N SER M 22 5.77 -4.81 -107.90
CA SER M 22 5.61 -4.37 -106.51
C SER M 22 6.01 -5.40 -105.46
N SER M 23 5.88 -6.68 -105.80
CA SER M 23 6.31 -7.78 -104.92
C SER M 23 7.82 -7.81 -104.70
N GLN M 24 8.58 -7.46 -105.74
CA GLN M 24 10.05 -7.54 -105.72
C GLN M 24 10.74 -6.27 -105.20
N ILE M 25 9.97 -5.22 -104.89
CA ILE M 25 10.54 -3.90 -104.54
C ILE M 25 11.47 -3.98 -103.32
N MET M 26 10.95 -4.52 -102.23
CA MET M 26 11.66 -4.58 -100.95
C MET M 26 13.03 -5.26 -101.06
N LYS M 27 13.05 -6.38 -101.77
CA LYS M 27 14.28 -7.14 -102.03
C LYS M 27 15.30 -6.30 -102.81
N GLN M 28 14.83 -5.63 -103.85
CA GLN M 28 15.65 -4.74 -104.68
C GLN M 28 16.26 -3.60 -103.86
N VAL M 29 15.43 -3.02 -102.99
CA VAL M 29 15.85 -1.96 -102.08
C VAL M 29 16.94 -2.44 -101.13
N ALA M 30 16.72 -3.63 -100.56
CA ALA M 30 17.69 -4.26 -99.66
C ALA M 30 19.03 -4.49 -100.35
N LEU M 31 18.97 -5.02 -101.57
CA LEU M 31 20.14 -5.22 -102.44
C LEU M 31 20.92 -3.93 -102.69
N SER M 32 20.18 -2.87 -103.01
CA SER M 32 20.76 -1.55 -103.26
C SER M 32 21.48 -1.01 -102.01
N GLU M 33 20.84 -1.18 -100.86
CA GLU M 33 21.40 -0.73 -99.59
C GLU M 33 22.63 -1.52 -99.19
N ILE M 34 22.51 -2.86 -99.22
CA ILE M 34 23.62 -3.73 -98.80
C ILE M 34 24.86 -3.53 -99.66
N GLU M 35 24.65 -3.38 -100.98
CA GLU M 35 25.75 -3.15 -101.92
C GLU M 35 26.49 -1.85 -101.61
N SER M 36 25.71 -0.80 -101.34
CA SER M 36 26.25 0.51 -100.92
C SER M 36 27.07 0.39 -99.64
N LEU M 37 26.55 -0.34 -98.68
CA LEU M 37 27.18 -0.47 -97.36
C LEU M 37 28.52 -1.21 -97.36
N ASP M 38 28.56 -2.43 -97.89
CA ASP M 38 29.83 -3.16 -98.04
C ASP M 38 30.14 -3.48 -99.51
N PRO M 39 30.98 -2.64 -100.16
CA PRO M 39 31.42 -2.94 -101.52
C PRO M 39 32.45 -4.06 -101.55
N GLY M 40 32.26 -5.02 -102.46
CA GLY M 40 33.16 -6.17 -102.60
C GLY M 40 32.97 -7.29 -101.57
N ALA M 41 31.90 -7.19 -100.76
CA ALA M 41 31.56 -8.21 -99.75
C ALA M 41 32.71 -8.60 -98.81
N VAL M 42 33.20 -7.61 -98.08
CA VAL M 42 34.25 -7.83 -97.07
C VAL M 42 33.61 -8.33 -95.79
N LYS M 43 32.67 -7.54 -95.28
CA LYS M 43 31.97 -7.86 -94.02
C LYS M 43 30.94 -8.98 -94.19
N ARG M 44 30.32 -9.08 -95.37
CA ARG M 44 29.39 -10.18 -95.67
C ARG M 44 30.04 -11.57 -95.55
N LYS M 45 31.28 -11.68 -95.99
CA LYS M 45 32.02 -12.95 -95.94
C LYS M 45 32.42 -13.39 -94.52
N LEU M 46 32.53 -12.43 -93.60
CA LEU M 46 32.84 -12.72 -92.19
C LEU M 46 31.72 -13.48 -91.48
N ILE M 47 30.48 -13.23 -91.88
CA ILE M 47 29.29 -13.87 -91.29
C ILE M 47 28.51 -14.70 -92.31
N SER M 48 29.15 -15.08 -93.41
CA SER M 48 28.54 -15.93 -94.42
C SER M 48 28.55 -17.36 -93.93
N LYS M 49 27.38 -18.01 -93.90
CA LYS M 49 27.29 -19.42 -93.48
C LYS M 49 28.00 -20.37 -94.44
N LYS M 50 28.12 -19.97 -95.70
CA LYS M 50 28.93 -20.70 -96.67
C LYS M 50 30.44 -20.56 -96.46
N ASN M 51 30.88 -19.46 -95.83
CA ASN M 51 32.27 -19.32 -95.43
C ASN M 51 32.60 -20.27 -94.27
N LYS M 52 33.46 -21.25 -94.56
CA LYS M 52 34.01 -22.17 -93.55
C LYS M 52 34.69 -21.42 -92.41
N ASP M 53 35.54 -20.44 -92.77
CA ASP M 53 36.32 -19.67 -91.80
C ASP M 53 35.60 -18.39 -91.36
N ARG M 54 34.33 -18.54 -90.98
CA ARG M 54 33.49 -17.41 -90.58
C ARG M 54 33.67 -17.11 -89.10
N LEU M 55 33.12 -15.97 -88.67
CA LEU M 55 33.06 -15.64 -87.25
C LEU M 55 32.00 -16.51 -86.59
N LYS M 56 32.36 -17.05 -85.43
CA LYS M 56 31.46 -17.87 -84.62
C LYS M 56 31.49 -17.35 -83.19
N ALA M 57 30.53 -17.82 -82.40
CA ALA M 57 30.56 -17.57 -80.96
C ALA M 57 31.78 -18.31 -80.41
N GLY M 58 32.57 -17.62 -79.59
CA GLY M 58 33.85 -18.17 -79.12
C GLY M 58 35.05 -17.35 -79.55
N ASP M 59 34.99 -16.78 -80.75
CA ASP M 59 36.09 -15.95 -81.29
C ASP M 59 36.25 -14.66 -80.48
N VAL M 60 37.49 -14.35 -80.15
CA VAL M 60 37.85 -13.02 -79.65
C VAL M 60 38.16 -12.15 -80.86
N VAL M 61 37.60 -10.95 -80.87
CA VAL M 61 37.63 -10.07 -82.03
C VAL M 61 37.82 -8.62 -81.57
N ARG M 62 38.62 -7.87 -82.34
CA ARG M 62 38.77 -6.44 -82.12
C ARG M 62 37.97 -5.68 -83.17
N ILE M 63 36.96 -4.93 -82.70
CA ILE M 63 36.24 -3.97 -83.54
C ILE M 63 37.12 -2.74 -83.68
N VAL M 64 37.20 -2.20 -84.90
CA VAL M 64 38.02 -1.03 -85.19
C VAL M 64 37.15 0.04 -85.86
N TYR M 65 36.89 1.10 -85.12
CA TYR M 65 36.03 2.18 -85.61
C TYR M 65 36.79 3.14 -86.54
N ASP M 66 36.08 3.71 -87.50
CA ASP M 66 36.63 4.65 -88.47
C ASP M 66 36.88 5.99 -87.76
N SER M 67 38.14 6.45 -87.82
CA SER M 67 38.55 7.68 -87.14
C SER M 67 37.95 8.94 -87.76
N SER M 68 37.77 8.94 -89.08
CA SER M 68 37.14 10.05 -89.80
C SER M 68 35.67 10.26 -89.40
N LYS M 69 34.96 9.16 -89.18
CA LYS M 69 33.53 9.22 -88.87
C LYS M 69 33.28 9.53 -87.39
N CYS M 70 33.95 8.79 -86.51
CA CYS M 70 33.78 8.91 -85.06
C CYS M 70 35.10 8.77 -84.32
N SER M 71 35.08 9.05 -83.02
CA SER M 71 36.27 9.01 -82.17
C SER M 71 36.17 7.92 -81.08
N TYR M 72 35.59 6.78 -81.42
CA TYR M 72 35.46 5.67 -80.46
C TYR M 72 36.72 4.81 -80.50
N ASP M 73 37.15 4.35 -79.32
CA ASP M 73 38.32 3.48 -79.19
C ASP M 73 37.98 2.07 -79.66
N THR M 74 39.00 1.33 -80.10
CA THR M 74 38.88 -0.08 -80.44
C THR M 74 38.36 -0.90 -79.26
N PHE M 75 37.45 -1.84 -79.53
CA PHE M 75 36.92 -2.73 -78.51
C PHE M 75 37.24 -4.18 -78.84
N VAL M 76 38.00 -4.83 -77.95
CA VAL M 76 38.26 -6.26 -78.04
C VAL M 76 37.18 -6.98 -77.25
N GLY M 77 36.69 -8.10 -77.77
CA GLY M 77 35.63 -8.84 -77.11
C GLY M 77 35.38 -10.25 -77.63
N TYR M 78 35.06 -11.15 -76.71
CA TYR M 78 34.65 -12.53 -77.01
C TYR M 78 33.24 -12.49 -77.56
N ILE M 79 33.05 -13.07 -78.74
CA ILE M 79 31.73 -13.10 -79.39
C ILE M 79 30.84 -14.11 -78.66
N LEU M 80 29.73 -13.62 -78.12
CA LEU M 80 28.70 -14.47 -77.53
C LEU M 80 27.72 -14.94 -78.60
N SER M 81 27.38 -14.06 -79.54
CA SER M 81 26.42 -14.38 -80.59
C SER M 81 26.58 -13.49 -81.83
N ILE M 82 26.43 -14.10 -83.01
CA ILE M 82 26.23 -13.37 -84.25
C ILE M 82 24.74 -13.39 -84.52
N ASP M 83 24.12 -12.21 -84.53
CA ASP M 83 22.70 -12.06 -84.80
C ASP M 83 22.53 -11.82 -86.29
N ARG M 84 21.80 -12.72 -86.95
CA ARG M 84 21.52 -12.61 -88.39
C ARG M 84 20.01 -12.50 -88.60
N LYS M 85 19.63 -11.72 -89.61
CA LYS M 85 18.24 -11.25 -89.77
C LYS M 85 17.73 -11.43 -91.20
N GLN M 86 16.44 -11.08 -91.38
CA GLN M 86 15.75 -11.20 -92.67
C GLN M 86 16.48 -10.48 -93.81
N LEU M 87 17.02 -9.30 -93.53
CA LEU M 87 17.95 -8.61 -94.45
C LEU M 87 19.34 -8.58 -93.83
N VAL M 88 20.35 -8.25 -94.64
CA VAL M 88 21.75 -8.44 -94.26
C VAL M 88 22.26 -7.29 -93.40
N GLN M 89 22.10 -6.07 -93.89
CA GLN M 89 22.57 -4.83 -93.24
C GLN M 89 22.30 -4.69 -91.72
N ASP M 90 21.23 -5.31 -91.23
CA ASP M 90 20.91 -5.32 -89.79
C ASP M 90 21.43 -6.57 -89.03
N ALA M 91 22.60 -7.08 -89.45
CA ALA M 91 23.30 -8.13 -88.70
C ALA M 91 24.15 -7.47 -87.62
N SER M 92 24.40 -8.19 -86.53
CA SER M 92 25.12 -7.62 -85.40
C SER M 92 25.81 -8.66 -84.51
N LEU M 93 27.05 -8.36 -84.14
CA LEU M 93 27.80 -9.15 -83.17
C LEU M 93 27.43 -8.69 -81.78
N LEU M 94 27.19 -9.64 -80.88
CA LEU M 94 27.12 -9.37 -79.44
C LEU M 94 28.40 -9.95 -78.86
N LEU M 95 29.22 -9.10 -78.26
CA LEU M 95 30.52 -9.51 -77.73
C LEU M 95 30.79 -8.91 -76.35
N ARG M 96 31.28 -9.75 -75.43
CA ARG M 96 31.54 -9.36 -74.05
C ARG M 96 33.03 -9.33 -73.75
N ASN M 97 33.36 -8.71 -72.61
CA ASN M 97 34.73 -8.47 -72.20
C ASN M 97 34.72 -7.93 -70.77
N GLN M 98 35.49 -8.56 -69.89
CA GLN M 98 35.57 -8.14 -68.48
C GLN M 98 36.74 -7.19 -68.26
N ILE M 99 36.44 -5.89 -68.34
CA ILE M 99 37.46 -4.85 -68.19
C ILE M 99 37.69 -4.65 -66.69
N ALA M 100 38.88 -5.05 -66.23
CA ALA M 100 39.25 -5.06 -64.81
C ALA M 100 38.31 -5.98 -63.99
N LYS M 101 37.44 -5.42 -63.13
CA LYS M 101 36.43 -6.24 -62.41
C LYS M 101 34.98 -5.84 -62.77
N THR M 102 34.78 -5.31 -63.98
CA THR M 102 33.46 -5.03 -64.52
C THR M 102 33.30 -5.66 -65.89
N ALA M 103 32.25 -6.45 -66.05
CA ALA M 103 31.87 -6.99 -67.36
C ALA M 103 31.28 -5.90 -68.23
N VAL M 104 31.37 -6.07 -69.55
CA VAL M 104 30.70 -5.18 -70.50
C VAL M 104 30.36 -5.89 -71.81
N GLU M 105 29.11 -6.31 -71.94
CA GLU M 105 28.57 -6.76 -73.23
C GLU M 105 28.38 -5.55 -74.13
N ILE M 106 28.68 -5.75 -75.42
CA ILE M 106 28.46 -4.73 -76.44
C ILE M 106 27.88 -5.40 -77.67
N ARG M 107 26.73 -4.91 -78.14
CA ARG M 107 26.26 -5.22 -79.47
C ARG M 107 26.65 -4.09 -80.41
N VAL M 108 27.13 -4.46 -81.59
CA VAL M 108 27.47 -3.51 -82.65
C VAL M 108 26.88 -3.99 -83.97
N PRO M 109 26.27 -3.07 -84.77
CA PRO M 109 25.81 -3.50 -86.09
C PRO M 109 27.00 -3.73 -87.00
N LEU M 110 27.07 -4.91 -87.60
CA LEU M 110 28.21 -5.30 -88.43
C LEU M 110 28.40 -4.37 -89.62
N PHE M 111 27.31 -4.02 -90.29
CA PHE M 111 27.33 -3.16 -91.47
C PHE M 111 27.07 -1.68 -91.17
N SER M 112 27.39 -1.25 -89.94
CA SER M 112 27.42 0.16 -89.62
C SER M 112 28.60 0.80 -90.36
N PRO M 113 28.42 2.01 -90.91
CA PRO M 113 29.56 2.70 -91.54
C PRO M 113 30.66 3.12 -90.56
N LEU M 114 30.34 3.23 -89.27
CA LEU M 114 31.32 3.60 -88.24
C LEU M 114 32.45 2.58 -88.01
N ILE M 115 32.25 1.31 -88.37
CA ILE M 115 33.31 0.30 -88.19
C ILE M 115 34.10 0.08 -89.48
N GLU M 116 35.42 0.25 -89.39
CA GLU M 116 36.33 0.04 -90.53
C GLU M 116 36.47 -1.44 -90.82
N ARG M 117 36.95 -2.17 -89.81
CA ARG M 117 37.23 -3.60 -89.92
C ARG M 117 37.01 -4.26 -88.56
N ILE M 118 36.87 -5.58 -88.58
CA ILE M 118 36.88 -6.37 -87.34
C ILE M 118 37.96 -7.47 -87.46
N ASP M 119 39.03 -7.28 -86.69
CA ASP M 119 40.20 -8.18 -86.74
C ASP M 119 40.01 -9.32 -85.75
N LEU M 120 40.23 -10.55 -86.22
CA LEU M 120 40.14 -11.73 -85.37
C LEU M 120 41.43 -11.88 -84.56
N LEU M 121 41.35 -11.58 -83.26
CA LEU M 121 42.51 -11.65 -82.36
C LEU M 121 42.82 -13.10 -81.96
N THR M 122 41.78 -13.82 -81.53
CA THR M 122 41.91 -15.23 -81.14
C THR M 122 40.75 -16.04 -81.72
N PRO M 123 41.06 -17.17 -82.39
CA PRO M 123 40.00 -18.01 -82.93
C PRO M 123 39.34 -18.88 -81.86
N HIS M 124 38.12 -19.32 -82.16
CA HIS M 124 37.31 -20.08 -81.20
C HIS M 124 37.88 -21.47 -80.93
N VAL M 125 37.69 -21.95 -79.70
CA VAL M 125 38.10 -23.30 -79.30
C VAL M 125 36.96 -24.29 -79.55
N SER M 126 37.32 -25.56 -79.76
CA SER M 126 36.35 -26.60 -80.11
C SER M 126 35.56 -27.18 -78.92
N SER M 127 35.97 -26.85 -77.69
CA SER M 127 35.31 -27.38 -76.48
C SER M 127 33.89 -26.86 -76.28
N ARG M 128 33.74 -25.54 -76.34
CA ARG M 128 32.43 -24.90 -76.14
C ARG M 128 31.49 -25.21 -77.31
N GLN M 129 30.22 -25.48 -77.01
CA GLN M 129 29.32 -26.16 -77.95
C GLN M 129 27.84 -25.76 -77.91
N ARG M 130 27.57 -24.55 -78.39
CA ARG M 130 26.25 -24.12 -78.87
C ARG M 130 26.48 -23.15 -80.02
N ASN M 131 25.40 -22.67 -80.66
CA ASN M 131 25.53 -21.56 -81.61
C ASN M 131 25.89 -20.26 -80.90
N LYS M 132 25.22 -20.00 -79.79
CA LYS M 132 25.44 -18.80 -78.98
C LYS M 132 25.92 -19.19 -77.60
N HIS M 133 26.90 -18.46 -77.07
CA HIS M 133 27.47 -18.71 -75.75
C HIS M 133 26.98 -17.68 -74.73
N TYR M 134 25.66 -17.62 -74.55
CA TYR M 134 25.08 -16.85 -73.45
C TYR M 134 25.33 -17.53 -72.10
N TYR M 135 25.42 -18.86 -72.12
CA TYR M 135 25.64 -19.63 -70.89
C TYR M 135 26.97 -19.35 -70.18
N ILE M 136 27.99 -18.94 -70.92
CA ILE M 136 29.33 -18.69 -70.34
C ILE M 136 29.42 -17.46 -69.43
N ARG M 137 28.46 -16.54 -69.50
CA ARG M 137 28.47 -15.39 -68.58
C ARG M 137 28.04 -15.84 -67.18
N GLY M 138 28.87 -15.51 -66.18
CA GLY M 138 28.64 -15.90 -64.80
C GLY M 138 28.92 -17.36 -64.50
N THR M 139 30.10 -17.83 -64.90
CA THR M 139 30.54 -19.21 -64.64
C THR M 139 32.06 -19.37 -64.82
N ARG M 140 32.54 -20.62 -64.72
CA ARG M 140 33.94 -20.97 -64.92
C ARG M 140 34.45 -20.67 -66.34
N LEU M 141 33.55 -20.77 -67.32
CA LEU M 141 33.85 -20.50 -68.73
C LEU M 141 33.90 -19.02 -69.13
N ASP M 142 33.58 -18.10 -68.22
CA ASP M 142 33.47 -16.67 -68.57
C ASP M 142 34.81 -16.08 -69.04
N VAL M 143 34.72 -14.96 -69.74
CA VAL M 143 35.78 -14.51 -70.66
C VAL M 143 37.06 -13.98 -69.99
N GLY M 144 36.92 -13.31 -68.85
CA GLY M 144 38.05 -12.68 -68.17
C GLY M 144 38.53 -11.43 -68.89
N ASP M 145 39.67 -10.90 -68.47
CA ASP M 145 40.24 -9.70 -69.10
C ASP M 145 40.96 -10.11 -70.39
N LEU M 146 40.34 -9.80 -71.53
CA LEU M 146 40.86 -10.17 -72.85
C LEU M 146 42.08 -9.34 -73.22
N GLU M 147 41.94 -8.03 -73.08
CA GLU M 147 43.01 -7.07 -73.38
C GLU M 147 44.29 -7.37 -72.59
N ALA M 148 44.12 -7.66 -71.30
CA ALA M 148 45.22 -8.04 -70.41
C ALA M 148 45.91 -9.31 -70.88
N GLY M 149 45.12 -10.31 -71.25
CA GLY M 149 45.63 -11.58 -71.78
C GLY M 149 46.43 -11.42 -73.06
N LEU M 150 45.90 -10.60 -73.97
CA LEU M 150 46.60 -10.21 -75.21
C LEU M 150 47.96 -9.57 -74.93
N ARG M 151 47.95 -8.64 -73.99
CA ARG M 151 49.14 -7.88 -73.59
C ARG M 151 50.18 -8.77 -72.91
N THR N 1 -87.38 48.17 -95.89
CA THR N 1 -86.48 47.00 -96.16
C THR N 1 -86.70 46.45 -97.57
N ASP N 2 -85.84 46.87 -98.50
CA ASP N 2 -85.88 46.38 -99.88
C ASP N 2 -85.32 44.95 -99.92
N THR N 3 -86.23 43.98 -99.86
CA THR N 3 -85.86 42.56 -99.76
C THR N 3 -85.93 41.85 -101.12
N THR N 4 -85.64 42.59 -102.20
CA THR N 4 -85.80 42.10 -103.56
C THR N 4 -84.73 41.08 -104.01
N PRO N 5 -83.43 41.30 -103.68
CA PRO N 5 -82.41 40.33 -104.11
C PRO N 5 -82.59 38.94 -103.48
N LEU N 6 -82.93 38.93 -102.20
CA LEU N 6 -83.23 37.70 -101.45
C LEU N 6 -84.38 36.94 -102.10
N LYS N 7 -85.45 37.68 -102.40
CA LYS N 7 -86.63 37.13 -103.05
C LYS N 7 -86.30 36.49 -104.39
N LEU N 8 -85.46 37.17 -105.16
CA LEU N 8 -85.01 36.70 -106.46
C LEU N 8 -84.17 35.42 -106.41
N SER N 9 -83.26 35.33 -105.44
CA SER N 9 -82.24 34.28 -105.43
C SER N 9 -82.80 32.85 -105.33
N ASN N 10 -82.23 31.94 -106.10
CA ASN N 10 -82.64 30.52 -106.09
C ASN N 10 -82.21 29.79 -104.80
N GLU N 11 -80.99 30.05 -104.35
CA GLU N 11 -80.48 29.52 -103.09
C GLU N 11 -80.66 30.57 -102.00
N LEU N 12 -80.95 30.10 -100.79
CA LEU N 12 -81.32 30.97 -99.67
C LEU N 12 -81.18 30.22 -98.36
N TYR N 13 -80.52 30.83 -97.38
CA TYR N 13 -80.35 30.24 -96.06
C TYR N 13 -81.00 31.08 -94.96
N ALA N 14 -81.25 30.44 -93.82
CA ALA N 14 -81.82 31.08 -92.64
C ALA N 14 -80.99 30.71 -91.42
N ILE N 15 -81.02 31.56 -90.40
CA ILE N 15 -80.37 31.30 -89.11
C ILE N 15 -81.40 31.52 -87.98
N PHE N 16 -82.44 30.71 -88.00
CA PHE N 16 -83.48 30.74 -86.96
C PHE N 16 -82.95 30.24 -85.62
N LYS N 17 -83.51 30.77 -84.53
CA LYS N 17 -83.09 30.42 -83.17
C LYS N 17 -84.23 29.81 -82.36
N ILE N 18 -84.04 28.57 -81.90
CA ILE N 18 -84.93 27.93 -80.93
C ILE N 18 -84.27 27.99 -79.56
N HIS N 19 -84.91 28.69 -78.62
CA HIS N 19 -84.37 28.94 -77.27
C HIS N 19 -82.96 29.56 -77.32
N ASN N 20 -82.81 30.56 -78.18
CA ASN N 20 -81.53 31.25 -78.42
C ASN N 20 -80.38 30.35 -78.97
N ARG N 21 -80.70 29.13 -79.39
CA ARG N 21 -79.73 28.23 -80.02
C ARG N 21 -79.87 28.45 -81.53
N PRO N 22 -78.83 29.00 -82.20
CA PRO N 22 -78.95 29.21 -83.65
C PRO N 22 -78.77 27.93 -84.45
N TYR N 23 -79.52 27.82 -85.54
CA TYR N 23 -79.40 26.71 -86.49
C TYR N 23 -79.43 27.26 -87.91
N LEU N 24 -78.32 27.15 -88.62
CA LEU N 24 -78.21 27.65 -89.99
C LEU N 24 -78.74 26.61 -90.96
N VAL N 25 -79.79 26.95 -91.71
CA VAL N 25 -80.49 25.97 -92.55
C VAL N 25 -80.87 26.48 -93.94
N THR N 26 -81.02 25.52 -94.85
CA THR N 26 -81.66 25.69 -96.15
C THR N 26 -82.90 24.79 -96.15
N GLU N 27 -83.65 24.75 -97.25
CA GLU N 27 -84.79 23.84 -97.37
C GLU N 27 -84.28 22.42 -97.60
N GLY N 28 -84.91 21.45 -96.94
CA GLY N 28 -84.45 20.06 -96.96
C GLY N 28 -83.52 19.69 -95.82
N ASP N 29 -82.91 20.69 -95.16
CA ASP N 29 -82.01 20.43 -94.04
C ASP N 29 -82.76 19.86 -92.85
N ARG N 30 -82.02 19.06 -92.09
CA ARG N 30 -82.57 18.15 -91.09
C ARG N 30 -81.97 18.51 -89.74
N VAL N 31 -82.67 19.35 -89.00
CA VAL N 31 -82.17 19.88 -87.73
C VAL N 31 -82.37 18.83 -86.65
N ILE N 32 -81.42 18.73 -85.72
CA ILE N 32 -81.47 17.77 -84.62
C ILE N 32 -81.37 18.54 -83.31
N LEU N 33 -82.53 18.88 -82.76
CA LEU N 33 -82.61 19.64 -81.50
C LEU N 33 -82.24 18.72 -80.34
N PRO N 34 -81.42 19.20 -79.38
CA PRO N 34 -80.94 18.35 -78.30
C PRO N 34 -81.84 18.35 -77.06
N PHE N 35 -83.14 18.18 -77.27
CA PHE N 35 -84.12 18.10 -76.19
C PHE N 35 -85.43 17.49 -76.65
N LYS N 36 -86.25 17.10 -75.68
CA LYS N 36 -87.56 16.52 -75.94
C LYS N 36 -88.59 17.63 -76.12
N LEU N 37 -89.16 17.72 -77.32
CA LEU N 37 -90.27 18.64 -77.58
C LEU N 37 -91.56 18.10 -76.95
N LYS N 38 -92.19 18.90 -76.10
CA LYS N 38 -93.47 18.54 -75.48
C LYS N 38 -94.68 19.08 -76.23
N GLN N 39 -94.54 20.25 -76.84
CA GLN N 39 -95.66 20.97 -77.45
C GLN N 39 -96.11 20.27 -78.72
N ALA N 40 -95.16 20.04 -79.63
CA ALA N 40 -95.42 19.41 -80.91
C ALA N 40 -95.25 17.90 -80.82
N GLU N 41 -96.20 17.18 -81.42
CA GLU N 41 -96.07 15.74 -81.68
C GLU N 41 -95.31 15.52 -82.99
N VAL N 42 -95.05 14.26 -83.31
CA VAL N 42 -94.45 13.88 -84.60
C VAL N 42 -95.49 14.09 -85.70
N GLY N 43 -95.06 14.71 -86.79
CA GLY N 43 -95.95 15.11 -87.88
C GLY N 43 -96.39 16.57 -87.84
N ASP N 44 -96.31 17.20 -86.66
CA ASP N 44 -96.70 18.60 -86.50
C ASP N 44 -95.68 19.53 -87.15
N ILE N 45 -96.19 20.67 -87.60
CA ILE N 45 -95.41 21.68 -88.32
C ILE N 45 -95.09 22.82 -87.36
N LEU N 46 -93.86 23.32 -87.42
CA LEU N 46 -93.39 24.43 -86.61
C LEU N 46 -93.11 25.64 -87.49
N ASN N 47 -93.83 26.74 -87.26
CA ASN N 47 -93.58 28.02 -87.94
C ASN N 47 -92.53 28.80 -87.16
N MET N 48 -91.32 28.87 -87.70
CA MET N 48 -90.20 29.52 -87.01
C MET N 48 -90.41 31.04 -86.94
N THR N 49 -90.12 31.60 -85.77
CA THR N 49 -90.51 32.96 -85.41
C THR N 49 -89.28 33.85 -85.13
N ASP N 50 -88.40 33.39 -84.25
CA ASP N 50 -87.15 34.12 -83.96
C ASP N 50 -86.09 33.80 -85.01
N VAL N 51 -86.27 34.39 -86.20
CA VAL N 51 -85.33 34.24 -87.30
C VAL N 51 -84.42 35.45 -87.30
N THR N 52 -83.14 35.21 -87.00
CA THR N 52 -82.14 36.27 -86.87
C THR N 52 -81.72 36.79 -88.23
N THR N 53 -81.30 35.87 -89.11
CA THR N 53 -80.69 36.21 -90.38
C THR N 53 -81.30 35.40 -91.51
N LEU N 54 -81.55 36.05 -92.64
CA LEU N 54 -82.02 35.42 -93.87
C LEU N 54 -81.09 35.87 -94.98
N GLY N 55 -80.34 34.92 -95.55
CA GLY N 55 -79.22 35.24 -96.42
C GLY N 55 -79.24 34.57 -97.78
N SER N 56 -78.86 35.34 -98.80
CA SER N 56 -78.55 34.83 -100.13
C SER N 56 -77.04 34.56 -100.19
N ARG N 57 -76.49 34.39 -101.39
CA ARG N 57 -75.03 34.25 -101.55
C ARG N 57 -74.28 35.53 -101.20
N ASN N 58 -74.83 36.68 -101.60
CA ASN N 58 -74.18 37.98 -101.39
C ASN N 58 -74.92 39.01 -100.52
N TYR N 59 -76.16 38.73 -100.16
CA TYR N 59 -76.93 39.64 -99.30
C TYR N 59 -77.46 38.88 -98.10
N LYS N 60 -77.81 39.64 -97.06
CA LYS N 60 -78.55 39.07 -95.94
C LYS N 60 -79.41 40.11 -95.24
N LEU N 61 -80.68 39.75 -95.06
CA LEU N 61 -81.56 40.47 -94.17
C LEU N 61 -81.27 39.98 -92.76
N VAL N 62 -81.27 40.90 -91.80
CA VAL N 62 -81.05 40.58 -90.39
C VAL N 62 -82.04 41.35 -89.53
N GLY N 63 -82.53 40.68 -88.49
CA GLY N 63 -83.44 41.28 -87.51
C GLY N 63 -83.22 40.67 -86.14
N HIS N 64 -83.90 41.22 -85.15
CA HIS N 64 -83.84 40.71 -83.77
C HIS N 64 -85.25 40.65 -83.16
N PRO N 65 -86.15 39.85 -83.75
CA PRO N 65 -85.97 39.01 -84.94
C PRO N 65 -86.41 39.71 -86.22
N ILE N 66 -86.31 39.02 -87.35
CA ILE N 66 -86.80 39.53 -88.64
C ILE N 66 -88.34 39.51 -88.60
N ASN N 67 -88.95 40.48 -89.29
CA ASN N 67 -90.41 40.53 -89.44
C ASN N 67 -90.98 39.21 -89.95
N THR N 68 -91.93 38.65 -89.21
CA THR N 68 -92.61 37.40 -89.57
C THR N 68 -93.30 37.48 -90.94
N SER N 69 -93.78 38.67 -91.29
CA SER N 69 -94.43 38.91 -92.59
C SER N 69 -93.52 38.71 -93.81
N LEU N 70 -92.23 38.99 -93.65
CA LEU N 70 -91.28 38.99 -94.78
C LEU N 70 -90.94 37.61 -95.35
N TYR N 71 -91.05 36.57 -94.52
CA TYR N 71 -90.60 35.22 -94.89
C TYR N 71 -91.57 34.13 -94.47
N THR N 72 -91.23 32.91 -94.86
CA THR N 72 -91.81 31.70 -94.29
C THR N 72 -90.65 30.77 -93.93
N LEU N 73 -90.85 29.95 -92.90
CA LEU N 73 -89.87 28.93 -92.51
C LEU N 73 -90.56 27.83 -91.72
N LYS N 74 -91.09 26.84 -92.43
CA LYS N 74 -91.82 25.72 -91.84
C LYS N 74 -90.90 24.53 -91.62
N ALA N 75 -90.74 24.15 -90.35
CA ALA N 75 -90.13 22.87 -90.01
C ALA N 75 -91.23 21.84 -89.76
N THR N 76 -90.90 20.57 -89.95
CA THR N 76 -91.79 19.46 -89.60
C THR N 76 -91.08 18.63 -88.55
N VAL N 77 -91.82 18.19 -87.53
CA VAL N 77 -91.27 17.34 -86.47
C VAL N 77 -91.26 15.91 -86.99
N VAL N 78 -90.06 15.42 -87.32
CA VAL N 78 -89.86 14.14 -87.99
C VAL N 78 -89.10 13.23 -87.03
N GLY N 79 -89.76 12.90 -85.92
CA GLY N 79 -89.24 11.92 -84.96
C GLY N 79 -88.55 12.50 -83.73
N LYS N 80 -89.19 12.32 -82.57
CA LYS N 80 -88.51 12.42 -81.28
C LYS N 80 -87.71 11.14 -81.09
N THR N 81 -86.50 11.26 -80.54
CA THR N 81 -85.64 10.10 -80.31
C THR N 81 -84.63 10.39 -79.19
N LYS N 82 -83.57 9.59 -79.10
CA LYS N 82 -82.53 9.78 -78.09
C LYS N 82 -81.13 9.61 -78.67
N ARG N 83 -80.14 10.11 -77.92
CA ARG N 83 -78.73 9.82 -78.16
C ARG N 83 -78.44 8.39 -77.72
N ALA N 84 -77.27 7.89 -78.10
CA ALA N 84 -76.82 6.57 -77.68
C ALA N 84 -76.56 6.56 -76.18
N PHE N 85 -76.90 5.44 -75.54
CA PHE N 85 -76.74 5.27 -74.09
C PHE N 85 -75.26 5.15 -73.74
N GLN N 86 -74.84 5.93 -72.76
CA GLN N 86 -73.45 5.93 -72.29
C GLN N 86 -73.41 5.83 -70.76
N THR N 87 -72.36 5.18 -70.26
CA THR N 87 -72.14 5.03 -68.82
C THR N 87 -70.67 5.31 -68.49
N ARG N 88 -70.37 6.58 -68.26
CA ARG N 88 -69.07 6.98 -67.70
C ARG N 88 -69.05 6.63 -66.21
N GLU N 89 -67.90 6.18 -65.72
CA GLU N 89 -67.76 5.81 -64.31
C GLU N 89 -67.06 6.92 -63.53
N VAL N 90 -67.58 7.19 -62.34
CA VAL N 90 -67.12 8.26 -61.46
C VAL N 90 -66.53 7.60 -60.23
N THR N 91 -65.26 7.90 -59.95
CA THR N 91 -64.58 7.34 -58.78
C THR N 91 -63.35 8.14 -58.37
N LYS N 92 -63.03 8.07 -57.08
CA LYS N 92 -61.84 8.70 -56.52
C LYS N 92 -60.70 7.68 -56.52
N ARG N 93 -59.50 8.13 -56.16
CA ARG N 93 -58.27 7.45 -56.55
C ARG N 93 -57.78 6.31 -55.64
N ARG N 94 -58.32 6.18 -54.44
CA ARG N 94 -58.10 5.01 -53.59
C ARG N 94 -59.42 4.68 -52.91
N ASN N 95 -60.40 4.33 -53.74
CA ASN N 95 -61.77 4.10 -53.31
C ASN N 95 -62.41 3.09 -54.26
N ARG N 96 -62.82 1.96 -53.71
CA ARG N 96 -63.38 0.87 -54.52
C ARG N 96 -64.79 1.13 -55.02
N ARG N 97 -65.52 2.07 -54.40
CA ARG N 97 -66.84 2.47 -54.87
C ARG N 97 -66.71 3.29 -56.14
N VAL N 98 -67.38 2.81 -57.20
CA VAL N 98 -67.30 3.40 -58.53
C VAL N 98 -68.72 3.65 -59.02
N ARG N 99 -69.18 4.89 -58.88
CA ARG N 99 -70.55 5.25 -59.25
C ARG N 99 -70.68 5.39 -60.77
N HIS N 100 -71.63 4.66 -61.35
CA HIS N 100 -71.88 4.70 -62.78
C HIS N 100 -72.86 5.82 -63.11
N ALA N 101 -72.40 6.77 -63.91
CA ALA N 101 -73.21 7.92 -64.31
C ALA N 101 -73.82 7.66 -65.69
N LYS N 102 -74.95 6.94 -65.68
CA LYS N 102 -75.65 6.58 -66.93
C LYS N 102 -76.29 7.80 -67.56
N SER N 103 -76.29 7.85 -68.89
CA SER N 103 -76.77 9.00 -69.65
C SER N 103 -77.32 8.59 -71.01
N LYS N 104 -78.44 9.19 -71.39
CA LYS N 104 -79.11 8.91 -72.65
C LYS N 104 -80.06 10.05 -72.98
N GLY N 105 -79.49 11.16 -73.44
CA GLY N 105 -80.23 12.40 -73.67
C GLY N 105 -81.21 12.31 -74.82
N ASP N 106 -82.23 13.18 -74.78
CA ASP N 106 -83.29 13.19 -75.78
C ASP N 106 -82.92 14.06 -76.98
N LEU N 107 -83.48 13.70 -78.13
CA LEU N 107 -83.30 14.44 -79.38
C LEU N 107 -84.66 14.64 -80.05
N THR N 108 -84.76 15.68 -80.85
CA THR N 108 -85.93 15.91 -81.70
C THR N 108 -85.46 16.26 -83.11
N ILE N 109 -85.74 15.37 -84.06
CA ILE N 109 -85.36 15.57 -85.45
C ILE N 109 -86.44 16.42 -86.11
N LEU N 110 -86.06 17.64 -86.50
CA LEU N 110 -86.89 18.48 -87.35
C LEU N 110 -86.39 18.38 -88.79
N ARG N 111 -87.28 18.68 -89.74
CA ARG N 111 -86.90 18.84 -91.14
C ARG N 111 -87.47 20.15 -91.67
N ILE N 112 -86.59 21.00 -92.20
CA ILE N 112 -86.97 22.29 -92.75
C ILE N 112 -87.65 22.06 -94.10
N SER N 113 -88.98 22.12 -94.10
CA SER N 113 -89.78 21.82 -95.30
C SER N 113 -89.88 23.01 -96.25
N GLU N 114 -90.15 24.19 -95.70
CA GLU N 114 -90.33 25.40 -96.49
C GLU N 114 -89.44 26.51 -95.96
N LEU N 115 -88.79 27.24 -96.87
CA LEU N 115 -88.01 28.44 -96.54
C LEU N 115 -87.98 29.36 -97.76
N SER N 116 -88.71 30.47 -97.68
CA SER N 116 -88.86 31.38 -98.81
C SER N 116 -89.25 32.80 -98.38
N MET N 117 -88.96 33.76 -99.25
CA MET N 117 -89.31 35.17 -99.02
C MET N 117 -90.74 35.36 -99.50
N ASN N 118 -91.60 35.83 -98.60
CA ASN N 118 -93.03 35.93 -98.84
C ASN N 118 -93.37 37.17 -99.66
N SER O 1 -47.49 -60.67 -101.77
CA SER O 1 -48.71 -60.08 -102.39
C SER O 1 -49.81 -59.77 -101.37
N ILE O 2 -50.78 -58.99 -101.80
CA ILE O 2 -51.93 -58.57 -100.97
C ILE O 2 -51.43 -57.75 -99.77
N THR O 3 -50.98 -56.54 -100.06
CA THR O 3 -50.55 -55.58 -99.05
C THR O 3 -51.73 -54.73 -98.58
N ILE O 4 -51.47 -53.87 -97.60
CA ILE O 4 -52.41 -52.83 -97.18
C ILE O 4 -52.79 -51.88 -98.34
N GLU O 5 -51.83 -51.63 -99.25
CA GLU O 5 -52.04 -50.75 -100.39
C GLU O 5 -52.87 -51.40 -101.50
N ASN O 6 -52.54 -52.65 -101.84
CA ASN O 6 -53.19 -53.37 -102.95
C ASN O 6 -54.65 -53.74 -102.68
N ASP O 7 -54.97 -54.07 -101.44
CA ASP O 7 -56.33 -54.46 -101.06
C ASP O 7 -57.29 -53.28 -101.19
N LYS O 8 -58.33 -53.45 -102.01
CA LYS O 8 -59.27 -52.38 -102.34
C LYS O 8 -60.35 -52.22 -101.28
N LEU O 9 -60.88 -53.34 -100.80
CA LEU O 9 -61.91 -53.37 -99.74
C LEU O 9 -61.43 -52.67 -98.48
N LEU O 10 -60.20 -52.97 -98.08
CA LEU O 10 -59.55 -52.34 -96.93
C LEU O 10 -59.42 -50.83 -97.12
N GLN O 11 -59.02 -50.43 -98.31
CA GLN O 11 -58.88 -49.01 -98.68
C GLN O 11 -60.22 -48.28 -98.57
N GLN O 12 -61.27 -48.90 -99.10
CA GLN O 12 -62.64 -48.38 -99.01
C GLN O 12 -63.11 -48.19 -97.58
N HIS O 13 -62.83 -49.20 -96.75
CA HIS O 13 -63.14 -49.17 -95.32
C HIS O 13 -62.44 -47.99 -94.62
N ILE O 14 -61.15 -47.83 -94.92
CA ILE O 14 -60.34 -46.73 -94.39
C ILE O 14 -60.93 -45.38 -94.78
N ILE O 15 -61.30 -45.25 -96.05
CA ILE O 15 -61.95 -44.04 -96.58
C ILE O 15 -63.25 -43.74 -95.84
N SER O 16 -64.06 -44.77 -95.62
CA SER O 16 -65.34 -44.65 -94.91
C SER O 16 -65.14 -44.16 -93.47
N LEU O 17 -64.15 -44.75 -92.80
CA LEU O 17 -63.75 -44.33 -91.45
C LEU O 17 -63.39 -42.84 -91.36
N GLN O 18 -62.65 -42.36 -92.36
CA GLN O 18 -62.26 -40.95 -92.45
C GLN O 18 -63.23 -40.22 -93.41
N GLN O 19 -62.82 -39.07 -93.95
CA GLN O 19 -63.59 -38.39 -95.02
C GLN O 19 -63.06 -38.79 -96.40
N PRO O 20 -63.89 -38.67 -97.47
CA PRO O 20 -63.42 -39.07 -98.81
C PRO O 20 -62.37 -38.15 -99.43
N GLU O 21 -61.60 -38.69 -100.38
CA GLU O 21 -60.56 -37.94 -101.08
C GLU O 21 -61.14 -37.17 -102.27
N GLN O 22 -61.49 -35.91 -101.99
CA GLN O 22 -62.05 -35.02 -103.01
C GLN O 22 -61.93 -33.57 -102.54
N LEU O 23 -61.80 -32.66 -103.50
CA LEU O 23 -61.67 -31.23 -103.20
C LEU O 23 -62.92 -30.66 -102.54
N ALA O 24 -62.72 -29.50 -101.88
CA ALA O 24 -63.79 -28.80 -101.16
C ALA O 24 -65.00 -28.48 -102.04
N SER O 25 -64.74 -28.14 -103.30
CA SER O 25 -65.80 -27.87 -104.28
C SER O 25 -66.73 -29.08 -104.49
N GLN O 26 -66.13 -30.27 -104.56
CA GLN O 26 -66.90 -31.52 -104.69
C GLN O 26 -67.53 -31.91 -103.35
N SER O 27 -66.74 -31.83 -102.28
CA SER O 27 -67.17 -32.24 -100.94
C SER O 27 -68.34 -31.43 -100.37
N LEU O 28 -68.13 -30.12 -100.23
CA LEU O 28 -69.14 -29.25 -99.61
C LEU O 28 -70.41 -29.12 -100.44
N LEU O 29 -70.26 -28.62 -101.66
CA LEU O 29 -71.39 -28.10 -102.44
C LEU O 29 -72.39 -29.17 -102.90
N SER O 30 -73.65 -28.74 -102.99
CA SER O 30 -74.70 -29.52 -103.66
C SER O 30 -74.45 -29.51 -105.17
N PRO O 31 -74.99 -30.50 -105.92
CA PRO O 31 -74.64 -30.64 -107.34
C PRO O 31 -74.87 -29.42 -108.24
N LEU O 32 -76.09 -28.88 -108.23
CA LEU O 32 -76.41 -27.70 -109.06
C LEU O 32 -75.51 -26.52 -108.74
N LYS O 33 -75.39 -26.22 -107.45
CA LYS O 33 -74.53 -25.14 -106.96
C LYS O 33 -73.08 -25.31 -107.41
N ARG O 34 -72.59 -26.53 -107.24
CA ARG O 34 -71.25 -26.93 -107.67
C ARG O 34 -71.03 -26.69 -109.16
N GLU O 35 -72.00 -27.11 -109.97
CA GLU O 35 -71.96 -26.91 -111.43
C GLU O 35 -71.89 -25.43 -111.79
N ILE O 36 -72.71 -24.63 -111.10
CA ILE O 36 -72.74 -23.17 -111.27
C ILE O 36 -71.38 -22.55 -110.96
N TYR O 37 -70.81 -22.96 -109.82
CA TYR O 37 -69.48 -22.53 -109.40
C TYR O 37 -68.40 -22.84 -110.44
N GLU O 38 -68.45 -24.07 -110.95
CA GLU O 38 -67.54 -24.52 -112.01
C GLU O 38 -67.66 -23.69 -113.28
N ALA O 39 -68.89 -23.40 -113.67
CA ALA O 39 -69.19 -22.53 -114.82
C ALA O 39 -68.61 -21.14 -114.63
N ASN O 40 -68.81 -20.58 -113.44
CA ASN O 40 -68.28 -19.26 -113.05
C ASN O 40 -66.76 -19.22 -113.17
N CYS O 41 -66.11 -20.24 -112.61
CA CYS O 41 -64.66 -20.40 -112.68
C CYS O 41 -64.16 -20.45 -114.12
N LYS O 42 -64.84 -21.26 -114.95
CA LYS O 42 -64.54 -21.36 -116.38
C LYS O 42 -64.59 -20.00 -117.09
N ILE O 43 -65.67 -19.26 -116.82
CA ILE O 43 -65.90 -17.96 -117.42
C ILE O 43 -64.80 -16.96 -117.04
N ASN O 44 -64.41 -16.95 -115.76
CA ASN O 44 -63.53 -15.91 -115.22
C ASN O 44 -62.08 -16.36 -114.97
N GLY O 45 -61.57 -17.22 -115.84
CA GLY O 45 -60.15 -17.62 -115.81
C GLY O 45 -59.73 -18.44 -114.61
N GLY O 46 -60.52 -19.46 -114.27
CA GLY O 46 -60.17 -20.41 -113.21
C GLY O 46 -60.43 -19.97 -111.78
N PHE O 47 -61.24 -18.93 -111.58
CA PHE O 47 -61.66 -18.52 -110.23
C PHE O 47 -63.00 -17.78 -110.24
N TYR O 48 -63.64 -17.74 -109.09
CA TYR O 48 -64.98 -17.14 -108.94
C TYR O 48 -64.93 -15.61 -108.97
N LYS O 49 -65.92 -15.02 -109.64
CA LYS O 49 -66.18 -13.57 -109.56
C LYS O 49 -67.66 -13.36 -109.24
N LYS O 50 -67.97 -12.16 -108.73
CA LYS O 50 -69.29 -11.89 -108.12
C LYS O 50 -70.45 -11.92 -109.12
N ASP O 51 -70.52 -10.92 -109.99
CA ASP O 51 -71.67 -10.72 -110.87
C ASP O 51 -71.44 -11.34 -112.25
N THR O 52 -71.25 -12.66 -112.25
CA THR O 52 -71.14 -13.45 -113.48
C THR O 52 -72.40 -14.28 -113.62
N ILE O 53 -73.18 -13.99 -114.65
CA ILE O 53 -74.45 -14.69 -114.91
C ILE O 53 -74.15 -15.90 -115.78
N VAL O 54 -73.97 -17.06 -115.15
CA VAL O 54 -73.51 -18.26 -115.84
C VAL O 54 -74.65 -19.04 -116.49
N LYS O 55 -74.32 -19.75 -117.57
CA LYS O 55 -75.21 -20.71 -118.20
C LYS O 55 -74.50 -22.07 -118.17
N LEU O 56 -75.28 -23.15 -118.28
CA LEU O 56 -74.74 -24.51 -118.21
C LEU O 56 -75.17 -25.31 -119.44
N PRO O 57 -74.44 -26.39 -119.79
CA PRO O 57 -74.75 -27.16 -120.99
C PRO O 57 -75.99 -28.03 -120.86
N ASN O 58 -76.64 -28.30 -122.00
CA ASN O 58 -77.88 -29.08 -122.07
C ASN O 58 -79.05 -28.45 -121.29
N SER O 59 -79.07 -27.12 -121.21
CA SER O 59 -80.10 -26.38 -120.47
C SER O 59 -80.05 -24.89 -120.83
N SER O 60 -81.21 -24.24 -120.77
CA SER O 60 -81.35 -22.81 -121.06
C SER O 60 -81.58 -21.96 -119.80
N GLU O 61 -81.20 -22.49 -118.63
CA GLU O 61 -81.41 -21.81 -117.36
C GLU O 61 -80.14 -21.07 -116.97
N ARG O 62 -80.22 -19.74 -116.88
CA ARG O 62 -79.10 -18.93 -116.40
C ARG O 62 -79.09 -18.92 -114.87
N TYR O 63 -77.94 -18.60 -114.28
CA TYR O 63 -77.78 -18.53 -112.83
C TYR O 63 -76.80 -17.44 -112.42
N LYS O 64 -76.94 -16.99 -111.16
CA LYS O 64 -75.99 -16.06 -110.54
C LYS O 64 -75.69 -16.57 -109.13
N LEU O 65 -74.42 -16.74 -108.84
CA LEU O 65 -73.95 -17.36 -107.60
C LEU O 65 -73.52 -16.29 -106.59
N LYS O 66 -73.95 -16.41 -105.35
CA LYS O 66 -73.56 -15.43 -104.34
C LYS O 66 -72.79 -16.13 -103.24
N LEU O 67 -71.53 -15.77 -103.07
CA LEU O 67 -70.73 -16.43 -102.04
C LEU O 67 -69.94 -15.47 -101.17
N THR O 68 -69.88 -15.78 -99.88
CA THR O 68 -69.16 -14.98 -98.89
C THR O 68 -67.67 -15.02 -99.22
N LYS O 69 -66.90 -14.17 -98.56
CA LYS O 69 -65.44 -14.16 -98.68
C LYS O 69 -64.83 -15.47 -98.18
N ARG O 70 -65.36 -15.95 -97.06
CA ARG O 70 -64.93 -17.19 -96.44
C ARG O 70 -65.21 -18.40 -97.34
N GLU O 71 -66.41 -18.44 -97.90
CA GLU O 71 -66.83 -19.47 -98.87
C GLU O 71 -65.92 -19.52 -100.10
N ILE O 72 -65.60 -18.34 -100.62
CA ILE O 72 -64.67 -18.20 -101.76
C ILE O 72 -63.30 -18.80 -101.41
N GLU O 73 -62.80 -18.43 -100.23
CA GLU O 73 -61.51 -18.89 -99.73
C GLU O 73 -61.45 -20.41 -99.63
N VAL O 74 -62.48 -21.00 -99.04
CA VAL O 74 -62.48 -22.43 -98.74
C VAL O 74 -62.59 -23.31 -100.00
N LEU O 75 -63.37 -22.85 -100.98
CA LEU O 75 -63.67 -23.66 -102.18
C LEU O 75 -62.56 -23.73 -103.21
N GLU O 76 -61.61 -22.78 -103.16
CA GLU O 76 -60.41 -22.86 -104.01
C GLU O 76 -59.63 -24.14 -103.67
N PRO O 77 -59.09 -24.83 -104.71
CA PRO O 77 -58.40 -26.10 -104.45
C PRO O 77 -57.18 -25.94 -103.55
N SER O 78 -57.20 -26.65 -102.42
CA SER O 78 -56.08 -26.67 -101.47
C SER O 78 -55.81 -28.09 -101.01
N VAL O 79 -54.75 -28.25 -100.21
CA VAL O 79 -54.43 -29.53 -99.58
C VAL O 79 -53.76 -29.30 -98.23
N TYR O 80 -54.21 -30.07 -97.23
CA TYR O 80 -53.91 -29.82 -95.82
C TYR O 80 -52.98 -30.90 -95.26
N ALA O 81 -51.68 -30.58 -95.25
CA ALA O 81 -50.67 -31.47 -94.68
C ALA O 81 -50.66 -31.33 -93.16
N GLN O 82 -50.31 -32.42 -92.48
CA GLN O 82 -50.16 -32.44 -91.02
C GLN O 82 -49.03 -33.37 -90.64
N SER O 83 -48.19 -32.93 -89.69
CA SER O 83 -47.10 -33.75 -89.18
C SER O 83 -47.63 -34.69 -88.11
N TYR O 84 -46.76 -35.58 -87.66
CA TYR O 84 -47.00 -36.40 -86.47
C TYR O 84 -46.40 -35.64 -85.28
N ARG O 85 -46.42 -36.27 -84.11
CA ARG O 85 -45.90 -35.65 -82.89
C ARG O 85 -44.38 -35.43 -82.98
N ILE O 86 -44.00 -34.27 -83.49
CA ILE O 86 -42.59 -33.87 -83.62
C ILE O 86 -42.02 -33.54 -82.24
N LYS O 87 -40.79 -33.99 -81.98
CA LYS O 87 -40.06 -33.66 -80.76
C LYS O 87 -39.28 -32.36 -80.99
N SER O 88 -39.88 -31.24 -80.62
CA SER O 88 -39.22 -29.93 -80.67
C SER O 88 -40.01 -28.87 -79.92
N SER O 89 -39.39 -27.70 -79.81
CA SER O 89 -40.05 -26.51 -79.32
C SER O 89 -40.80 -25.85 -80.47
N MET O 90 -41.83 -25.09 -80.13
CA MET O 90 -42.59 -24.30 -81.10
C MET O 90 -41.73 -23.17 -81.67
N LYS O 91 -40.92 -22.58 -80.79
CA LYS O 91 -40.00 -21.48 -81.13
C LYS O 91 -38.97 -21.92 -82.18
N LYS O 92 -38.41 -23.11 -81.97
CA LYS O 92 -37.46 -23.73 -82.89
C LYS O 92 -38.05 -24.01 -84.26
N ALA O 93 -39.29 -24.49 -84.26
CA ALA O 93 -40.04 -24.72 -85.50
C ALA O 93 -40.26 -23.43 -86.26
N THR O 94 -40.72 -22.40 -85.53
CA THR O 94 -40.92 -21.05 -86.08
C THR O 94 -39.68 -20.53 -86.76
N LEU O 95 -38.54 -20.68 -86.07
CA LEU O 95 -37.23 -20.25 -86.58
C LEU O 95 -36.95 -20.78 -88.00
N LEU O 96 -37.39 -22.01 -88.31
CA LEU O 96 -37.35 -22.52 -89.69
C LEU O 96 -38.56 -22.08 -90.53
N LEU O 97 -39.76 -22.39 -90.03
CA LEU O 97 -41.01 -22.25 -90.81
C LEU O 97 -41.28 -20.86 -91.40
N ARG O 98 -40.77 -19.81 -90.75
CA ARG O 98 -40.86 -18.45 -91.28
C ARG O 98 -40.16 -18.27 -92.64
N LEU O 99 -39.09 -19.04 -92.87
CA LEU O 99 -38.41 -19.07 -94.17
C LEU O 99 -39.29 -19.67 -95.29
N LEU O 100 -40.09 -20.67 -94.94
CA LEU O 100 -40.97 -21.37 -95.91
C LEU O 100 -42.37 -20.75 -95.96
N GLY O 101 -42.45 -19.42 -96.00
CA GLY O 101 -43.72 -18.72 -95.91
C GLY O 101 -44.62 -18.95 -97.11
N GLY O 102 -44.31 -18.27 -98.21
CA GLY O 102 -45.10 -18.35 -99.44
C GLY O 102 -44.38 -19.00 -100.61
N LEU O 103 -43.52 -19.98 -100.32
CA LEU O 103 -42.70 -20.64 -101.34
C LEU O 103 -43.51 -21.64 -102.15
N ASP O 104 -43.00 -21.94 -103.35
CA ASP O 104 -43.47 -23.11 -104.11
C ASP O 104 -43.04 -24.34 -103.31
N VAL O 105 -43.88 -25.37 -103.29
CA VAL O 105 -43.62 -26.54 -102.42
C VAL O 105 -42.26 -27.20 -102.68
N MET O 106 -41.90 -27.32 -103.96
CA MET O 106 -40.63 -27.93 -104.37
C MET O 106 -39.43 -27.15 -103.85
N LYS O 107 -39.51 -25.82 -103.94
CA LYS O 107 -38.48 -24.92 -103.42
C LYS O 107 -38.33 -25.11 -101.91
N ALA O 108 -39.46 -25.11 -101.21
CA ALA O 108 -39.49 -25.32 -99.77
C ALA O 108 -38.87 -26.65 -99.35
N ILE O 109 -39.24 -27.70 -100.07
CA ILE O 109 -38.67 -29.05 -99.87
C ILE O 109 -37.15 -29.04 -100.02
N SER O 110 -36.69 -28.40 -101.09
CA SER O 110 -35.26 -28.24 -101.36
C SER O 110 -34.53 -27.51 -100.22
N GLN O 111 -35.13 -26.41 -99.76
CA GLN O 111 -34.61 -25.66 -98.62
C GLN O 111 -34.47 -26.51 -97.36
N CYS O 112 -35.52 -27.28 -97.09
CA CYS O 112 -35.54 -28.20 -95.94
C CYS O 112 -34.45 -29.26 -96.03
N HIS O 113 -34.27 -29.82 -97.23
CA HIS O 113 -33.22 -30.81 -97.49
C HIS O 113 -31.83 -30.28 -97.13
N PHE O 114 -31.54 -29.04 -97.52
CA PHE O 114 -30.22 -28.44 -97.28
C PHE O 114 -30.14 -27.55 -96.03
N SER O 115 -31.18 -27.59 -95.19
CA SER O 115 -31.15 -26.91 -93.90
C SER O 115 -30.34 -27.73 -92.88
N ASN O 116 -29.68 -27.03 -91.97
CA ASN O 116 -28.90 -27.66 -90.90
C ASN O 116 -29.74 -28.15 -89.71
N LYS O 117 -31.01 -27.75 -89.65
CA LYS O 117 -31.86 -27.99 -88.48
C LYS O 117 -32.48 -29.39 -88.50
N LYS O 118 -32.88 -29.85 -87.32
CA LYS O 118 -33.40 -31.22 -87.15
C LYS O 118 -34.87 -31.34 -87.55
N ILE O 119 -35.66 -30.34 -87.15
CA ILE O 119 -37.08 -30.23 -87.57
C ILE O 119 -37.21 -30.16 -89.11
N ALA O 120 -36.19 -29.63 -89.77
CA ALA O 120 -36.15 -29.46 -91.23
C ALA O 120 -36.55 -30.70 -92.02
N ARG O 121 -35.94 -31.82 -91.66
CA ARG O 121 -36.24 -33.12 -92.29
C ARG O 121 -37.73 -33.47 -92.16
N GLU O 122 -38.27 -33.27 -90.97
CA GLU O 122 -39.69 -33.52 -90.69
C GLU O 122 -40.60 -32.64 -91.53
N VAL O 123 -40.21 -31.37 -91.64
CA VAL O 123 -40.93 -30.39 -92.45
C VAL O 123 -40.93 -30.79 -93.92
N ALA O 124 -39.75 -31.19 -94.42
CA ALA O 124 -39.59 -31.70 -95.79
C ALA O 124 -40.51 -32.87 -96.08
N GLU O 125 -40.54 -33.81 -95.14
CA GLU O 125 -41.37 -35.02 -95.22
C GLU O 125 -42.86 -34.66 -95.29
N LEU O 126 -43.26 -33.73 -94.44
CA LEU O 126 -44.62 -33.19 -94.42
C LEU O 126 -45.02 -32.58 -95.76
N LEU O 127 -44.13 -31.74 -96.29
CA LEU O 127 -44.33 -31.10 -97.59
C LEU O 127 -44.51 -32.14 -98.70
N GLN O 128 -43.64 -33.15 -98.68
CA GLN O 128 -43.70 -34.27 -99.63
C GLN O 128 -45.05 -34.99 -99.56
N LYS O 129 -45.52 -35.22 -98.34
CA LYS O 129 -46.82 -35.84 -98.09
C LYS O 129 -47.97 -35.01 -98.64
N GLY O 130 -47.92 -33.70 -98.38
CA GLY O 130 -48.91 -32.76 -98.90
C GLY O 130 -48.96 -32.68 -100.42
N VAL O 131 -47.77 -32.73 -101.04
CA VAL O 131 -47.63 -32.83 -102.50
C VAL O 131 -48.32 -34.09 -103.04
N LYS O 132 -48.01 -35.21 -102.41
CA LYS O 132 -48.58 -36.52 -102.77
C LYS O 132 -50.11 -36.52 -102.67
N ASP O 133 -50.61 -35.93 -101.60
CA ASP O 133 -52.05 -35.75 -101.37
C ASP O 133 -52.68 -34.91 -102.49
N GLY O 134 -52.04 -33.80 -102.82
CA GLY O 134 -52.47 -32.92 -103.91
C GLY O 134 -52.53 -33.61 -105.26
N GLN O 135 -51.51 -34.41 -105.53
CA GLN O 135 -51.45 -35.24 -106.74
C GLN O 135 -52.61 -36.23 -106.82
N LYS O 136 -52.87 -36.89 -105.69
CA LYS O 136 -53.97 -37.85 -105.56
C LYS O 136 -55.32 -37.22 -105.83
N LEU O 137 -55.51 -36.02 -105.26
CA LEU O 137 -56.71 -35.22 -105.47
C LEU O 137 -56.94 -34.85 -106.93
N GLY O 138 -55.85 -34.49 -107.62
CA GLY O 138 -55.91 -33.96 -108.99
C GLY O 138 -54.94 -32.82 -109.31
N LEU O 139 -54.36 -32.22 -108.27
CA LEU O 139 -53.48 -31.04 -108.43
C LEU O 139 -52.10 -31.45 -108.95
N LYS O 140 -51.29 -30.44 -109.27
CA LYS O 140 -49.91 -30.66 -109.74
C LYS O 140 -48.91 -30.19 -108.68
N PRO O 141 -47.72 -30.82 -108.63
CA PRO O 141 -46.70 -30.43 -107.66
C PRO O 141 -45.99 -29.11 -108.00
N GLU O 142 -45.87 -28.79 -109.29
CA GLU O 142 -45.27 -27.53 -109.74
C GLU O 142 -46.25 -26.36 -109.69
N ASP O 143 -47.54 -26.65 -109.43
CA ASP O 143 -48.57 -25.65 -109.21
C ASP O 143 -48.69 -25.24 -107.73
N LEU O 144 -48.36 -26.17 -106.83
CA LEU O 144 -48.55 -25.97 -105.39
C LEU O 144 -47.54 -25.02 -104.75
N TYR O 145 -48.07 -24.06 -103.99
CA TYR O 145 -47.27 -23.19 -103.12
C TYR O 145 -47.82 -23.32 -101.70
N ILE O 146 -46.94 -23.13 -100.72
CA ILE O 146 -47.34 -23.17 -99.30
C ILE O 146 -48.05 -21.85 -99.01
N SER O 147 -49.37 -21.92 -98.81
CA SER O 147 -50.16 -20.74 -98.49
C SER O 147 -49.95 -20.36 -97.02
N GLN O 148 -50.18 -21.34 -96.15
CA GLN O 148 -49.95 -21.20 -94.72
C GLN O 148 -49.15 -22.38 -94.20
N ILE O 149 -48.29 -22.11 -93.23
CA ILE O 149 -47.58 -23.13 -92.49
C ILE O 149 -47.28 -22.60 -91.09
N TRP O 150 -47.79 -23.30 -90.08
CA TRP O 150 -47.67 -22.88 -88.70
C TRP O 150 -47.29 -24.09 -87.86
N THR O 151 -47.13 -23.85 -86.57
CA THR O 151 -46.88 -24.93 -85.60
C THR O 151 -47.77 -24.74 -84.39
N GLY O 152 -47.84 -25.78 -83.57
CA GLY O 152 -48.58 -25.72 -82.31
C GLY O 152 -48.04 -26.74 -81.33
N SER O 153 -48.35 -26.52 -80.06
CA SER O 153 -48.05 -27.50 -79.02
C SER O 153 -48.89 -28.75 -79.29
N ASP O 154 -48.31 -29.93 -79.09
CA ASP O 154 -49.04 -31.18 -79.27
C ASP O 154 -49.55 -31.76 -77.94
N GLY O 155 -49.35 -31.03 -76.85
CA GLY O 155 -49.91 -31.40 -75.55
C GLY O 155 -49.16 -32.53 -74.87
N PHE O 156 -49.49 -32.72 -73.60
CA PHE O 156 -48.93 -33.79 -72.76
C PHE O 156 -47.40 -33.70 -72.67
N TRP O 157 -46.92 -32.47 -72.52
CA TRP O 157 -45.51 -32.21 -72.27
C TRP O 157 -45.24 -32.67 -70.85
N ARG O 158 -44.27 -33.57 -70.68
CA ARG O 158 -44.00 -34.13 -69.35
C ARG O 158 -42.97 -33.28 -68.60
N LYS O 159 -43.43 -32.64 -67.52
CA LYS O 159 -42.56 -31.88 -66.62
C LYS O 159 -41.71 -32.84 -65.81
N ARG O 160 -40.53 -32.36 -65.40
CA ARG O 160 -39.52 -33.19 -64.75
C ARG O 160 -38.55 -32.29 -64.01
N VAL O 161 -38.49 -32.41 -62.68
CA VAL O 161 -37.69 -31.48 -61.86
C VAL O 161 -36.19 -31.55 -62.14
N GLU O 162 -35.56 -30.38 -62.27
CA GLU O 162 -34.11 -30.26 -62.33
C GLU O 162 -33.63 -29.86 -60.94
N PHE O 163 -32.82 -30.72 -60.33
CA PHE O 163 -32.26 -30.45 -59.01
C PHE O 163 -31.01 -29.61 -59.16
N LYS O 164 -30.96 -28.51 -58.40
CA LYS O 164 -29.86 -27.56 -58.46
C LYS O 164 -29.07 -27.59 -57.17
N ALA O 165 -27.94 -26.87 -57.17
CA ALA O 165 -27.11 -26.74 -55.98
C ALA O 165 -27.82 -25.94 -54.89
N ARG O 166 -27.44 -26.22 -53.65
CA ARG O 166 -27.92 -25.49 -52.47
C ARG O 166 -29.44 -25.51 -52.34
N THR O 167 -30.00 -26.72 -52.33
CA THR O 167 -31.43 -27.01 -52.16
C THR O 167 -32.38 -26.11 -52.99
N ARG O 168 -32.00 -25.88 -54.25
CA ARG O 168 -32.83 -25.16 -55.22
C ARG O 168 -33.29 -26.13 -56.31
N ILE O 169 -34.32 -25.73 -57.04
CA ILE O 169 -34.88 -26.56 -58.11
C ILE O 169 -35.42 -25.73 -59.27
N GLY O 170 -35.51 -26.38 -60.43
CA GLY O 170 -36.31 -25.91 -61.55
C GLY O 170 -37.18 -27.04 -62.03
N ILE O 171 -38.03 -26.75 -63.02
CA ILE O 171 -38.81 -27.80 -63.69
C ILE O 171 -38.48 -27.79 -65.18
N ILE O 172 -38.03 -28.94 -65.68
CA ILE O 172 -37.72 -29.12 -67.09
C ILE O 172 -38.93 -29.74 -67.78
N SER O 173 -39.54 -28.96 -68.66
CA SER O 173 -40.56 -29.46 -69.58
C SER O 173 -39.85 -30.06 -70.80
N HIS O 174 -40.57 -30.90 -71.54
CA HIS O 174 -40.06 -31.53 -72.75
C HIS O 174 -41.07 -31.36 -73.88
N PRO O 175 -40.90 -30.29 -74.68
CA PRO O 175 -41.95 -29.90 -75.61
C PRO O 175 -42.04 -30.80 -76.84
N TYR O 176 -43.28 -31.15 -77.18
CA TYR O 176 -43.62 -31.80 -78.43
C TYR O 176 -44.56 -30.90 -79.20
N ILE O 177 -44.36 -30.85 -80.51
CA ILE O 177 -45.12 -29.98 -81.39
C ILE O 177 -45.64 -30.74 -82.58
N HIS O 178 -46.45 -30.05 -83.37
CA HIS O 178 -46.83 -30.49 -84.70
C HIS O 178 -46.73 -29.31 -85.64
N VAL O 179 -46.34 -29.58 -86.88
CA VAL O 179 -46.42 -28.62 -87.96
C VAL O 179 -47.57 -29.06 -88.85
N ARG O 180 -48.50 -28.14 -89.09
CA ARG O 180 -49.49 -28.29 -90.16
C ARG O 180 -49.15 -27.28 -91.25
N CYS O 181 -49.61 -27.55 -92.46
CA CYS O 181 -49.50 -26.58 -93.55
C CYS O 181 -50.62 -26.75 -94.57
N ILE O 182 -51.00 -25.63 -95.18
CA ILE O 182 -52.03 -25.60 -96.23
C ILE O 182 -51.34 -25.21 -97.53
N LEU O 183 -51.35 -26.13 -98.48
CA LEU O 183 -50.85 -25.86 -99.82
C LEU O 183 -52.02 -25.41 -100.68
N ARG O 184 -51.84 -24.30 -101.41
CA ARG O 184 -52.82 -23.82 -102.37
C ARG O 184 -52.17 -23.74 -103.74
N THR O 185 -52.97 -23.46 -104.77
CA THR O 185 -52.53 -23.51 -106.16
C THR O 185 -52.15 -22.12 -106.70
N LYS O 186 -51.03 -22.07 -107.42
CA LYS O 186 -50.66 -20.89 -108.22
C LYS O 186 -51.65 -20.63 -109.35
N SER O 187 -52.27 -21.70 -109.86
CA SER O 187 -53.22 -21.63 -110.97
C SER O 187 -54.53 -20.90 -110.62
N VAL O 188 -54.93 -20.89 -109.35
CA VAL O 188 -56.21 -20.29 -108.94
C VAL O 188 -56.11 -19.21 -107.86
N THR O 189 -55.70 -19.59 -106.65
CA THR O 189 -55.73 -18.68 -105.49
C THR O 189 -54.91 -17.42 -105.73
N LYS O 190 -53.68 -17.62 -106.20
CA LYS O 190 -52.76 -16.52 -106.50
C LYS O 190 -53.29 -15.59 -107.59
N ARG O 191 -53.87 -16.19 -108.62
CA ARG O 191 -54.57 -15.45 -109.68
C ARG O 191 -55.72 -14.60 -109.16
N ARG O 192 -56.50 -15.20 -108.26
CA ARG O 192 -57.64 -14.53 -107.64
C ARG O 192 -57.21 -13.30 -106.85
N LEU O 193 -56.17 -13.46 -106.03
CA LEU O 193 -55.67 -12.34 -105.21
C LEU O 193 -54.96 -11.27 -106.05
N ALA O 194 -54.38 -11.66 -107.19
CA ALA O 194 -53.85 -10.70 -108.17
C ALA O 194 -54.98 -9.86 -108.78
N TYR O 195 -56.07 -10.53 -109.13
CA TYR O 195 -57.28 -9.88 -109.65
C TYR O 195 -57.87 -8.89 -108.64
N GLU O 196 -57.98 -9.33 -107.39
CA GLU O 196 -58.44 -8.49 -106.28
C GLU O 196 -57.59 -7.23 -106.11
N ALA O 197 -56.28 -7.41 -106.17
CA ALA O 197 -55.30 -6.31 -106.09
C ALA O 197 -55.48 -5.31 -107.23
N HIS O 198 -55.72 -5.84 -108.42
CA HIS O 198 -55.99 -5.04 -109.62
C HIS O 198 -57.26 -4.20 -109.47
N LEU O 199 -58.32 -4.85 -109.00
CA LEU O 199 -59.59 -4.18 -108.70
C LEU O 199 -59.46 -3.05 -107.69
N LYS O 200 -58.71 -3.33 -106.63
CA LYS O 200 -58.41 -2.34 -105.58
C LYS O 200 -57.67 -1.13 -106.14
N GLU O 201 -56.69 -1.41 -107.00
CA GLU O 201 -55.91 -0.37 -107.69
C GLU O 201 -56.79 0.51 -108.57
N GLN O 202 -57.68 -0.13 -109.33
CA GLN O 202 -58.67 0.57 -110.17
C GLN O 202 -59.58 1.48 -109.35
N LYS O 203 -60.07 0.94 -108.24
CA LYS O 203 -60.93 1.68 -107.31
C LYS O 203 -60.25 2.92 -106.73
N ARG O 204 -58.99 2.75 -106.32
CA ARG O 204 -58.21 3.77 -105.62
C ARG O 204 -58.34 5.16 -106.23
N ALA O 205 -58.89 6.09 -105.45
CA ALA O 205 -59.00 7.49 -105.85
C ALA O 205 -57.60 8.11 -105.89
N PRO O 206 -57.33 8.97 -106.89
CA PRO O 206 -55.98 9.49 -107.08
C PRO O 206 -55.63 10.59 -106.08
N TRP O 207 -54.35 10.93 -106.01
CA TRP O 207 -53.91 12.11 -105.30
C TRP O 207 -54.22 13.34 -106.14
N VAL O 208 -55.14 14.16 -105.65
CA VAL O 208 -55.44 15.46 -106.25
C VAL O 208 -54.70 16.52 -105.44
N GLN O 209 -54.07 17.46 -106.16
CA GLN O 209 -53.17 18.44 -105.56
C GLN O 209 -53.95 19.49 -104.77
N LEU O 210 -54.93 20.09 -105.46
CA LEU O 210 -55.81 21.10 -104.88
C LEU O 210 -57.19 20.46 -104.73
N GLY O 211 -57.21 19.33 -104.04
CA GLY O 211 -58.38 18.44 -103.98
C GLY O 211 -59.34 18.76 -102.84
N ASP O 212 -60.58 18.28 -103.00
CA ASP O 212 -61.65 18.55 -102.05
C ASP O 212 -61.50 17.70 -100.79
N LYS O 213 -60.90 18.30 -99.76
CA LYS O 213 -60.79 17.69 -98.43
C LYS O 213 -61.95 18.19 -97.57
N PRO O 214 -62.51 17.32 -96.71
CA PRO O 214 -63.66 17.76 -95.90
C PRO O 214 -63.27 18.84 -94.89
N ILE O 215 -64.06 19.91 -94.82
CA ILE O 215 -63.86 20.98 -93.83
C ILE O 215 -64.24 20.41 -92.47
N ARG O 216 -63.27 19.75 -91.85
CA ARG O 216 -63.48 19.08 -90.57
C ARG O 216 -63.69 20.08 -89.44
N GLY O 217 -64.51 19.68 -88.48
CA GLY O 217 -65.04 20.57 -87.46
C GLY O 217 -66.52 20.77 -87.70
N VAL O 218 -67.22 21.21 -86.66
CA VAL O 218 -68.65 21.48 -86.70
C VAL O 218 -68.86 22.96 -87.05
N THR O 219 -69.98 23.25 -87.71
CA THR O 219 -70.26 24.58 -88.24
C THR O 219 -70.50 25.64 -87.16
N GLY O 220 -71.32 25.29 -86.16
CA GLY O 220 -71.62 26.19 -85.05
C GLY O 220 -72.75 27.17 -85.30
N GLY O 221 -73.67 26.82 -86.22
CA GLY O 221 -74.86 27.63 -86.52
C GLY O 221 -74.56 29.04 -87.01
N VAL O 222 -73.50 29.18 -87.81
CA VAL O 222 -73.02 30.49 -88.22
C VAL O 222 -72.05 30.37 -89.40
N TYR O 223 -72.14 31.30 -90.35
CA TYR O 223 -71.17 31.38 -91.45
C TYR O 223 -69.90 32.06 -90.95
N LYS O 224 -68.77 31.41 -91.17
CA LYS O 224 -67.45 32.00 -90.95
C LYS O 224 -66.86 32.57 -92.24
N TRP O 225 -67.64 32.52 -93.32
CA TRP O 225 -67.27 33.11 -94.60
C TRP O 225 -68.51 33.41 -95.44
N ASP P 1 -13.32 -100.61 -41.70
CA ASP P 1 -13.04 -101.41 -42.94
C ASP P 1 -12.77 -100.51 -44.14
N ILE P 2 -13.73 -99.62 -44.43
CA ILE P 2 -13.64 -98.67 -45.52
C ILE P 2 -14.22 -97.30 -45.13
N ASN P 3 -13.80 -96.26 -45.86
CA ASN P 3 -14.26 -94.89 -45.60
C ASN P 3 -15.74 -94.65 -45.97
N VAL P 4 -16.25 -93.47 -45.61
CA VAL P 4 -17.69 -93.20 -45.63
C VAL P 4 -18.20 -93.01 -47.06
N SER P 5 -17.50 -92.17 -47.82
CA SER P 5 -17.84 -91.89 -49.22
C SER P 5 -17.85 -93.16 -50.08
N GLU P 6 -16.86 -94.02 -49.84
CA GLU P 6 -16.75 -95.32 -50.52
C GLU P 6 -17.93 -96.23 -50.18
N LYS P 7 -18.27 -96.30 -48.89
CA LYS P 7 -19.45 -97.03 -48.41
C LYS P 7 -20.74 -96.57 -49.09
N ILE P 8 -20.91 -95.26 -49.18
CA ILE P 8 -22.06 -94.63 -49.83
C ILE P 8 -22.15 -95.03 -51.30
N TYR P 9 -21.02 -94.94 -51.99
CA TYR P 9 -20.91 -95.36 -53.38
C TYR P 9 -21.30 -96.81 -53.58
N LYS P 10 -20.77 -97.67 -52.71
CA LYS P 10 -21.10 -99.11 -52.70
C LYS P 10 -22.59 -99.36 -52.53
N TRP P 11 -23.19 -98.68 -51.55
CA TRP P 11 -24.64 -98.74 -51.30
C TRP P 11 -25.45 -98.36 -52.54
N THR P 12 -25.05 -97.25 -53.16
CA THR P 12 -25.69 -96.75 -54.38
C THR P 12 -25.64 -97.77 -55.51
N LYS P 13 -24.45 -98.36 -55.70
CA LYS P 13 -24.24 -99.43 -56.67
C LYS P 13 -25.14 -100.64 -56.42
N ALA P 14 -25.22 -101.03 -55.16
CA ALA P 14 -26.07 -102.16 -54.72
C ALA P 14 -27.53 -101.89 -55.05
N GLY P 15 -28.00 -100.68 -54.74
CA GLY P 15 -29.38 -100.26 -55.03
C GLY P 15 -29.70 -100.28 -56.52
N ILE P 16 -28.74 -99.83 -57.32
CA ILE P 16 -28.84 -99.88 -58.79
C ILE P 16 -28.96 -101.31 -59.30
N GLU P 17 -28.10 -102.18 -58.77
CA GLU P 17 -28.10 -103.61 -59.11
C GLU P 17 -29.45 -104.25 -58.81
N GLN P 18 -29.96 -103.97 -57.62
CA GLN P 18 -31.28 -104.44 -57.19
C GLN P 18 -32.43 -104.05 -58.13
N GLY P 19 -32.40 -102.81 -58.62
CA GLY P 19 -33.59 -102.18 -59.18
C GLY P 19 -34.49 -101.67 -58.07
N LYS P 20 -33.88 -101.44 -56.90
CA LYS P 20 -34.53 -100.83 -55.75
C LYS P 20 -34.02 -99.40 -55.74
N GLU P 21 -34.37 -98.63 -54.71
CA GLU P 21 -33.89 -97.26 -54.61
C GLU P 21 -32.37 -97.25 -54.43
N HIS P 22 -31.70 -96.32 -55.12
CA HIS P 22 -30.25 -96.16 -55.03
C HIS P 22 -29.87 -95.21 -53.87
N PHE P 23 -30.70 -95.20 -52.83
CA PHE P 23 -30.67 -94.19 -51.77
C PHE P 23 -31.56 -94.69 -50.63
N LYS P 24 -31.25 -94.26 -49.41
CA LYS P 24 -32.07 -94.66 -48.25
C LYS P 24 -33.43 -93.97 -48.30
N VAL P 25 -34.49 -94.78 -48.40
CA VAL P 25 -35.86 -94.26 -48.39
C VAL P 25 -36.25 -93.82 -46.97
N GLY P 26 -36.89 -92.66 -46.89
CA GLY P 26 -37.40 -92.14 -45.63
C GLY P 26 -38.62 -92.86 -45.08
N GLY P 27 -39.04 -92.46 -43.88
CA GLY P 27 -40.20 -93.03 -43.20
C GLY P 27 -41.47 -92.20 -43.26
N ASN P 28 -41.35 -90.91 -43.59
CA ASN P 28 -42.50 -90.00 -43.65
C ASN P 28 -43.29 -90.20 -44.95
N LYS P 29 -44.18 -91.19 -44.94
CA LYS P 29 -44.88 -91.63 -46.16
C LYS P 29 -45.99 -90.69 -46.61
N VAL P 30 -45.74 -90.00 -47.74
CA VAL P 30 -46.73 -89.15 -48.39
C VAL P 30 -47.42 -89.97 -49.47
N TYR P 31 -48.68 -90.33 -49.23
CA TYR P 31 -49.45 -91.12 -50.20
C TYR P 31 -49.97 -90.28 -51.35
N PHE P 32 -50.49 -89.10 -51.05
CA PHE P 32 -51.16 -88.26 -52.04
C PHE P 32 -50.44 -86.92 -52.19
N PRO P 33 -49.27 -86.91 -52.88
CA PRO P 33 -48.53 -85.68 -53.08
C PRO P 33 -49.19 -84.77 -54.10
N LYS P 34 -49.20 -83.49 -53.80
CA LYS P 34 -49.83 -82.46 -54.63
C LYS P 34 -48.79 -81.66 -55.43
N ALA P 35 -47.50 -81.96 -55.22
CA ALA P 35 -46.42 -81.23 -55.88
C ALA P 35 -46.30 -81.59 -57.36
N ARG P 36 -46.19 -80.56 -58.19
CA ARG P 36 -45.90 -80.71 -59.61
C ARG P 36 -44.50 -80.18 -59.89
N ILE P 37 -43.89 -80.70 -60.96
CA ILE P 37 -42.58 -80.23 -61.42
C ILE P 37 -42.62 -79.91 -62.91
N ILE P 38 -41.90 -78.85 -63.29
CA ILE P 38 -41.86 -78.36 -64.66
C ILE P 38 -40.50 -78.74 -65.26
N LEU P 39 -40.51 -79.69 -66.18
CA LEU P 39 -39.30 -80.08 -66.91
C LEU P 39 -38.89 -78.94 -67.86
N LEU P 40 -37.70 -78.37 -67.64
CA LEU P 40 -37.21 -77.24 -68.43
C LEU P 40 -36.38 -77.68 -69.61
N ARG P 41 -36.24 -76.79 -70.60
CA ARG P 41 -35.32 -77.00 -71.71
C ARG P 41 -33.87 -76.87 -71.21
N PRO P 42 -32.92 -77.56 -71.85
CA PRO P 42 -31.52 -77.52 -71.39
C PRO P 42 -30.77 -76.26 -71.85
N ASN P 43 -30.03 -75.66 -70.92
CA ASN P 43 -29.10 -74.58 -71.23
C ASN P 43 -27.81 -75.09 -71.87
N ALA P 44 -27.09 -74.17 -72.53
CA ALA P 44 -25.76 -74.42 -73.08
C ALA P 44 -24.77 -75.03 -72.08
N LYS P 45 -24.85 -74.62 -70.81
CA LYS P 45 -23.92 -75.12 -69.78
C LYS P 45 -24.13 -76.58 -69.39
N HIS P 46 -25.32 -77.12 -69.66
CA HIS P 46 -25.63 -78.53 -69.35
C HIS P 46 -25.32 -79.47 -70.51
N THR P 47 -25.23 -80.75 -70.17
CA THR P 47 -24.97 -81.83 -71.11
C THR P 47 -26.30 -82.47 -71.55
N PRO P 48 -26.26 -83.44 -72.48
CA PRO P 48 -27.42 -84.31 -72.73
C PRO P 48 -27.77 -85.26 -71.58
N TYR P 49 -26.80 -85.53 -70.70
CA TYR P 49 -27.03 -86.37 -69.51
C TYR P 49 -27.57 -85.61 -68.28
N GLN P 50 -28.00 -84.36 -68.47
CA GLN P 50 -28.65 -83.58 -67.42
C GLN P 50 -30.06 -83.18 -67.82
N ALA P 51 -30.88 -82.91 -66.79
CA ALA P 51 -32.23 -82.39 -66.96
C ALA P 51 -32.52 -81.47 -65.79
N LYS P 52 -33.13 -80.31 -66.07
CA LYS P 52 -33.44 -79.34 -65.01
C LYS P 52 -34.94 -79.12 -64.90
N PHE P 53 -35.40 -78.99 -63.65
CA PHE P 53 -36.82 -78.82 -63.34
C PHE P 53 -37.04 -77.57 -62.52
N ILE P 54 -38.15 -76.88 -62.75
CA ILE P 54 -38.74 -76.01 -61.74
C ILE P 54 -39.51 -76.94 -60.79
N VAL P 55 -39.27 -76.76 -59.50
CA VAL P 55 -39.85 -77.62 -58.45
C VAL P 55 -40.54 -76.72 -57.42
N PRO P 56 -41.22 -77.31 -56.43
CA PRO P 56 -41.73 -76.50 -55.32
C PRO P 56 -40.64 -75.76 -54.55
N LYS P 57 -40.96 -74.58 -54.02
CA LYS P 57 -40.02 -73.80 -53.21
C LYS P 57 -39.68 -74.51 -51.90
N SER P 58 -40.62 -75.31 -51.39
CA SER P 58 -40.39 -76.15 -50.20
C SER P 58 -40.00 -77.59 -50.55
N PHE P 59 -39.46 -77.81 -51.74
CA PHE P 59 -39.05 -79.14 -52.18
C PHE P 59 -37.60 -79.34 -51.81
N ASN P 60 -37.34 -80.48 -51.19
CA ASN P 60 -36.00 -80.89 -50.80
C ASN P 60 -35.32 -81.58 -51.98
N LYS P 61 -34.00 -81.66 -51.92
CA LYS P 61 -33.18 -82.34 -52.93
C LYS P 61 -33.45 -83.85 -52.92
N LEU P 62 -33.51 -84.39 -51.70
CA LEU P 62 -33.82 -85.79 -51.43
C LEU P 62 -35.25 -86.12 -51.87
N ASP P 63 -36.17 -85.24 -51.48
CA ASP P 63 -37.58 -85.33 -51.86
C ASP P 63 -37.77 -85.39 -53.37
N LEU P 64 -37.09 -84.49 -54.08
CA LEU P 64 -37.11 -84.47 -55.54
C LEU P 64 -36.66 -85.79 -56.14
N ARG P 65 -35.56 -86.30 -55.61
CA ARG P 65 -34.99 -87.57 -56.05
C ARG P 65 -35.99 -88.71 -55.87
N ASP P 66 -36.64 -88.72 -54.71
CA ASP P 66 -37.69 -89.70 -54.36
C ASP P 66 -38.87 -89.63 -55.33
N TYR P 67 -39.31 -88.40 -55.59
CA TYR P 67 -40.38 -88.10 -56.55
C TYR P 67 -40.04 -88.63 -57.93
N LEU P 68 -38.84 -88.33 -58.40
CA LEU P 68 -38.36 -88.82 -59.70
C LEU P 68 -38.31 -90.33 -59.77
N TYR P 69 -37.90 -90.97 -58.69
CA TYR P 69 -37.84 -92.43 -58.64
C TYR P 69 -39.22 -93.09 -58.70
N HIS P 70 -40.10 -92.68 -57.79
CA HIS P 70 -41.37 -93.38 -57.56
C HIS P 70 -42.48 -93.00 -58.54
N ILE P 71 -42.60 -91.71 -58.82
CA ILE P 71 -43.62 -91.21 -59.75
C ILE P 71 -43.27 -91.66 -61.17
N TYR P 72 -42.03 -91.38 -61.60
CA TYR P 72 -41.62 -91.49 -63.00
C TYR P 72 -40.74 -92.69 -63.36
N GLY P 73 -40.02 -93.27 -62.40
CA GLY P 73 -39.09 -94.37 -62.66
C GLY P 73 -37.68 -93.95 -63.06
N LEU P 74 -37.41 -92.64 -63.03
CA LEU P 74 -36.09 -92.09 -63.37
C LEU P 74 -35.26 -91.98 -62.11
N ARG P 75 -33.98 -92.34 -62.18
CA ARG P 75 -33.06 -92.24 -61.04
C ARG P 75 -32.02 -91.13 -61.24
N ALA P 76 -32.21 -90.01 -60.54
CA ALA P 76 -31.26 -88.90 -60.54
C ALA P 76 -30.10 -89.23 -59.60
N MET P 77 -28.89 -89.33 -60.15
CA MET P 77 -27.71 -89.71 -59.38
C MET P 77 -27.20 -88.53 -58.55
N ASN P 78 -26.93 -87.41 -59.23
CA ASN P 78 -26.56 -86.16 -58.57
C ASN P 78 -27.66 -85.13 -58.79
N ILE P 79 -27.91 -84.32 -57.75
CA ILE P 79 -28.87 -83.23 -57.83
C ILE P 79 -28.25 -81.95 -57.25
N THR P 80 -28.43 -80.85 -57.96
CA THR P 80 -28.09 -79.51 -57.46
C THR P 80 -29.38 -78.70 -57.33
N THR P 81 -29.31 -77.58 -56.62
CA THR P 81 -30.46 -76.74 -56.33
C THR P 81 -30.11 -75.28 -56.54
N GLN P 82 -30.96 -74.60 -57.33
CA GLN P 82 -30.76 -73.19 -57.68
C GLN P 82 -32.02 -72.39 -57.37
N LEU P 83 -32.07 -71.83 -56.16
CA LEU P 83 -33.16 -70.95 -55.76
C LEU P 83 -32.90 -69.57 -56.34
N LEU P 84 -33.78 -69.13 -57.25
CA LEU P 84 -33.61 -67.86 -57.94
C LEU P 84 -34.04 -66.67 -57.10
N HIS P 85 -33.56 -65.50 -57.49
CA HIS P 85 -33.94 -64.24 -56.85
C HIS P 85 -35.31 -63.80 -57.37
N GLY P 86 -35.99 -62.98 -56.58
CA GLY P 86 -37.29 -62.41 -56.94
C GLY P 86 -37.15 -60.92 -57.18
N LYS P 87 -37.04 -60.52 -58.45
CA LYS P 87 -36.90 -59.10 -58.80
C LYS P 87 -38.21 -58.34 -58.55
N PHE P 88 -38.08 -57.07 -58.19
CA PHE P 88 -39.26 -56.21 -57.98
C PHE P 88 -39.99 -55.97 -59.29
N ASN P 89 -41.32 -56.08 -59.23
CA ASN P 89 -42.18 -55.72 -60.35
C ASN P 89 -43.41 -54.96 -59.86
N ARG P 90 -43.99 -54.17 -60.76
CA ARG P 90 -45.20 -53.41 -60.47
C ARG P 90 -45.98 -53.19 -61.76
N MET P 91 -47.31 -53.18 -61.64
CA MET P 91 -48.21 -53.12 -62.80
C MET P 91 -48.02 -51.78 -63.48
N ASN P 92 -48.04 -50.73 -62.67
CA ASN P 92 -47.71 -49.37 -63.07
C ASN P 92 -47.11 -48.64 -61.87
N LEU P 93 -46.56 -47.44 -62.09
CA LEU P 93 -45.92 -46.68 -61.01
C LEU P 93 -46.89 -46.17 -59.95
N GLN P 94 -48.18 -46.11 -60.26
CA GLN P 94 -49.23 -45.82 -59.27
C GLN P 94 -49.44 -46.95 -58.26
N THR P 95 -49.19 -48.19 -58.67
CA THR P 95 -49.35 -49.36 -57.79
C THR P 95 -48.14 -49.57 -56.87
N THR P 96 -48.36 -50.37 -55.83
CA THR P 96 -47.33 -50.80 -54.90
C THR P 96 -46.39 -51.78 -55.59
N ARG P 97 -45.10 -51.66 -55.30
CA ARG P 97 -44.10 -52.62 -55.79
C ARG P 97 -44.04 -53.85 -54.89
N PHE P 98 -43.75 -54.99 -55.51
CA PHE P 98 -43.54 -56.25 -54.79
C PHE P 98 -42.63 -57.14 -55.63
N ARG P 99 -42.01 -58.10 -54.97
CA ARG P 99 -41.09 -59.02 -55.65
C ARG P 99 -41.86 -60.09 -56.42
N GLU P 100 -41.30 -60.49 -57.56
CA GLU P 100 -41.75 -61.69 -58.27
C GLU P 100 -41.30 -62.92 -57.46
N PRO P 101 -41.89 -64.10 -57.73
CA PRO P 101 -41.65 -65.21 -56.82
C PRO P 101 -40.24 -65.80 -56.92
N GLN P 102 -39.64 -66.09 -55.76
CA GLN P 102 -38.42 -66.89 -55.73
C GLN P 102 -38.77 -68.28 -56.22
N ILE P 103 -38.05 -68.74 -57.23
CA ILE P 103 -38.36 -69.99 -57.89
C ILE P 103 -37.19 -70.95 -57.85
N LYS P 104 -37.47 -72.18 -57.41
CA LYS P 104 -36.49 -73.20 -57.16
C LYS P 104 -36.32 -74.03 -58.42
N LYS P 105 -35.09 -74.20 -58.88
CA LYS P 105 -34.79 -74.99 -60.07
C LYS P 105 -33.68 -75.98 -59.75
N MET P 106 -33.98 -77.27 -59.91
CA MET P 106 -33.05 -78.33 -59.56
C MET P 106 -32.58 -79.09 -60.79
N THR P 107 -31.27 -79.04 -61.04
CA THR P 107 -30.63 -79.83 -62.09
C THR P 107 -30.45 -81.24 -61.56
N ILE P 108 -30.57 -82.24 -62.43
CA ILE P 108 -30.24 -83.62 -62.09
C ILE P 108 -29.27 -84.20 -63.10
N GLU P 109 -28.42 -85.13 -62.64
CA GLU P 109 -27.58 -85.93 -63.52
C GLU P 109 -28.13 -87.35 -63.54
N MET P 110 -28.17 -87.94 -64.73
CA MET P 110 -28.81 -89.23 -64.96
C MET P 110 -27.95 -90.08 -65.88
N GLU P 111 -28.07 -91.40 -65.74
CA GLU P 111 -27.15 -92.34 -66.41
C GLU P 111 -27.39 -92.54 -67.90
N GLU P 112 -28.59 -92.21 -68.38
CA GLU P 112 -28.89 -92.21 -69.82
C GLU P 112 -29.13 -90.78 -70.30
N PRO P 113 -28.73 -90.47 -71.55
CA PRO P 113 -28.92 -89.11 -72.06
C PRO P 113 -30.34 -88.83 -72.52
N PHE P 114 -30.59 -87.57 -72.84
CA PHE P 114 -31.88 -87.13 -73.34
C PHE P 114 -31.74 -85.79 -74.05
N ILE P 115 -32.38 -85.67 -75.20
CA ILE P 115 -32.46 -84.41 -75.94
C ILE P 115 -33.93 -84.15 -76.26
N TRP P 116 -34.37 -82.91 -76.06
CA TRP P 116 -35.76 -82.51 -76.29
C TRP P 116 -36.18 -82.71 -77.74
N PRO P 117 -37.51 -82.84 -77.99
CA PRO P 117 -37.99 -82.79 -79.36
C PRO P 117 -37.88 -81.37 -79.92
N GLU P 118 -37.71 -81.26 -81.24
CA GLU P 118 -37.49 -79.96 -81.87
C GLU P 118 -38.78 -79.14 -81.86
N GLU P 119 -38.66 -77.86 -81.48
CA GLU P 119 -39.82 -76.97 -81.37
C GLU P 119 -40.49 -76.76 -82.73
N PRO P 120 -41.84 -76.64 -82.74
CA PRO P 120 -42.57 -76.67 -84.01
C PRO P 120 -42.45 -75.37 -84.80
N ARG P 121 -42.81 -75.45 -86.08
CA ARG P 121 -42.81 -74.28 -86.96
C ARG P 121 -44.03 -73.39 -86.67
N PRO P 122 -43.97 -72.10 -87.07
CA PRO P 122 -45.12 -71.19 -86.89
C PRO P 122 -46.43 -71.68 -87.53
N ASP P 123 -46.32 -72.24 -88.73
CA ASP P 123 -47.49 -72.77 -89.46
C ASP P 123 -48.07 -74.04 -88.82
N GLU P 124 -47.20 -74.89 -88.26
CA GLU P 124 -47.62 -76.18 -87.71
C GLU P 124 -48.51 -76.05 -86.48
N ASN P 125 -47.94 -75.56 -85.37
CA ASN P 125 -48.66 -75.46 -84.10
C ASN P 125 -49.37 -74.11 -83.96
N SER P 126 -50.55 -74.15 -83.36
CA SER P 126 -51.37 -72.96 -83.14
C SER P 126 -50.82 -72.11 -82.00
N PHE P 127 -50.52 -72.77 -80.88
CA PHE P 127 -50.14 -72.08 -79.64
C PHE P 127 -48.72 -71.55 -79.69
N TRP P 128 -47.77 -72.42 -80.03
CA TRP P 128 -46.36 -72.02 -80.15
C TRP P 128 -46.16 -71.21 -81.43
N ASP P 129 -46.51 -69.93 -81.34
CA ASP P 129 -46.44 -69.00 -82.45
C ASP P 129 -46.50 -67.59 -81.88
N SER P 130 -45.33 -67.05 -81.55
CA SER P 130 -45.21 -65.81 -80.79
C SER P 130 -45.58 -64.53 -81.54
N THR P 131 -45.76 -64.60 -82.86
CA THR P 131 -46.12 -63.42 -83.68
C THR P 131 -47.38 -62.67 -83.21
N THR P 132 -48.46 -63.41 -82.99
CA THR P 132 -49.76 -62.82 -82.64
C THR P 132 -49.78 -62.08 -81.30
N PRO P 133 -49.42 -62.75 -80.19
CA PRO P 133 -49.44 -62.08 -78.88
C PRO P 133 -48.50 -60.87 -78.80
N ASP P 134 -47.33 -61.02 -79.40
CA ASP P 134 -46.33 -59.94 -79.48
C ASP P 134 -46.87 -58.73 -80.26
N ASN P 135 -47.51 -59.02 -81.41
CA ASN P 135 -48.18 -57.99 -82.21
C ASN P 135 -49.27 -57.25 -81.43
N MET P 136 -50.08 -58.03 -80.72
CA MET P 136 -51.15 -57.50 -79.87
C MET P 136 -50.59 -56.56 -78.79
N GLU P 137 -49.53 -57.03 -78.13
CA GLU P 137 -48.80 -56.24 -77.12
C GLU P 137 -48.30 -54.93 -77.69
N LYS P 138 -47.67 -55.02 -78.86
CA LYS P 138 -47.17 -53.84 -79.58
C LYS P 138 -48.28 -52.84 -79.87
N TYR P 139 -49.41 -53.36 -80.35
CA TYR P 139 -50.58 -52.54 -80.64
C TYR P 139 -51.12 -51.82 -79.40
N ARG P 140 -51.19 -52.55 -78.29
CA ARG P 140 -51.58 -51.98 -76.99
C ARG P 140 -50.66 -50.85 -76.56
N GLU P 141 -49.35 -51.10 -76.66
CA GLU P 141 -48.31 -50.10 -76.36
C GLU P 141 -48.50 -48.84 -77.19
N GLU P 142 -48.68 -49.03 -78.49
CA GLU P 142 -48.94 -47.93 -79.43
C GLU P 142 -50.14 -47.09 -79.01
N ARG P 143 -51.24 -47.76 -78.68
CA ARG P 143 -52.53 -47.08 -78.48
C ARG P 143 -52.60 -46.35 -77.15
N LEU P 144 -52.11 -46.98 -76.09
CA LEU P 144 -52.07 -46.34 -74.77
C LEU P 144 -51.03 -45.22 -74.73
N ASN P 145 -49.84 -45.46 -75.29
CA ASN P 145 -48.76 -44.46 -75.30
C ASN P 145 -48.83 -43.45 -76.45
N CYS P 146 -49.79 -43.62 -77.37
CA CYS P 146 -50.10 -42.57 -78.36
C CYS P 146 -50.72 -41.38 -77.65
N LEU P 147 -50.22 -40.19 -77.96
CA LEU P 147 -50.56 -38.97 -77.22
C LEU P 147 -51.37 -37.98 -78.05
N GLY P 148 -50.73 -37.34 -79.04
CA GLY P 148 -51.35 -36.25 -79.79
C GLY P 148 -51.51 -36.57 -81.26
N SER P 149 -50.55 -36.12 -82.06
CA SER P 149 -50.58 -36.28 -83.52
C SER P 149 -50.04 -37.64 -83.97
N ASP P 150 -49.52 -38.44 -83.04
CA ASP P 150 -49.21 -39.86 -83.29
C ASP P 150 -50.45 -40.77 -83.38
N ALA P 151 -51.63 -40.22 -83.09
CA ALA P 151 -52.91 -40.90 -83.43
C ALA P 151 -53.09 -41.04 -84.94
N ASN P 152 -52.69 -40.00 -85.68
CA ASN P 152 -52.71 -40.01 -87.14
C ASN P 152 -51.60 -40.91 -87.73
N LYS P 153 -50.48 -41.01 -87.02
CA LYS P 153 -49.33 -41.83 -87.43
C LYS P 153 -49.74 -43.29 -87.65
N PRO P 154 -49.40 -43.86 -88.82
CA PRO P 154 -49.90 -45.20 -89.17
C PRO P 154 -49.31 -46.31 -88.29
N GLY P 155 -50.10 -47.36 -88.09
CA GLY P 155 -49.76 -48.42 -87.16
C GLY P 155 -48.66 -49.34 -87.67
N THR P 156 -47.90 -49.89 -86.73
CA THR P 156 -46.81 -50.83 -87.02
C THR P 156 -47.29 -52.28 -86.85
N ALA P 157 -48.04 -52.54 -85.78
CA ALA P 157 -48.51 -53.89 -85.42
C ALA P 157 -49.47 -54.47 -86.46
N PHE P 158 -49.42 -55.80 -86.61
CA PHE P 158 -50.21 -56.56 -87.59
C PHE P 158 -50.04 -56.08 -89.04
N ASP P 159 -48.85 -55.61 -89.37
CA ASP P 159 -48.55 -55.01 -90.69
C ASP P 159 -49.42 -53.77 -91.01
N GLY P 160 -49.86 -53.07 -89.97
CA GLY P 160 -50.73 -51.90 -90.10
C GLY P 160 -52.14 -52.11 -90.66
N VAL P 161 -52.57 -53.36 -90.80
CA VAL P 161 -53.84 -53.68 -91.49
C VAL P 161 -55.03 -53.42 -90.57
N VAL P 162 -54.83 -53.69 -89.28
CA VAL P 162 -55.68 -53.16 -88.22
C VAL P 162 -54.90 -52.02 -87.58
N GLY P 163 -55.61 -51.09 -86.95
CA GLY P 163 -54.99 -50.00 -86.22
C GLY P 163 -54.77 -48.77 -87.10
N PRO P 164 -54.15 -47.72 -86.53
CA PRO P 164 -53.99 -46.40 -87.16
C PRO P 164 -53.65 -46.45 -88.65
N TYR P 165 -54.44 -45.77 -89.46
CA TYR P 165 -54.22 -45.64 -90.89
C TYR P 165 -53.78 -44.21 -91.18
N GLU P 166 -53.08 -44.02 -92.30
CA GLU P 166 -52.63 -42.69 -92.71
C GLU P 166 -53.85 -41.81 -93.03
N ARG P 167 -53.76 -40.54 -92.64
CA ARG P 167 -54.79 -39.57 -93.01
C ARG P 167 -54.83 -39.44 -94.53
N VAL P 168 -56.03 -39.57 -95.10
CA VAL P 168 -56.23 -39.43 -96.54
C VAL P 168 -55.87 -38.04 -97.06
N ALA P 169 -55.84 -37.89 -98.38
CA ALA P 169 -55.67 -36.60 -99.02
C ALA P 169 -56.90 -35.71 -98.77
N GLN P 170 -56.72 -34.66 -97.99
CA GLN P 170 -57.81 -33.73 -97.66
C GLN P 170 -57.47 -32.33 -98.18
N PRO P 171 -58.49 -31.56 -98.60
CA PRO P 171 -58.33 -30.12 -98.71
C PRO P 171 -58.59 -29.48 -97.35
N PHE P 172 -58.00 -28.32 -97.11
CA PHE P 172 -58.24 -27.61 -95.85
C PHE P 172 -59.66 -27.03 -95.86
N ILE P 173 -60.49 -27.50 -94.92
CA ILE P 173 -61.82 -26.95 -94.69
C ILE P 173 -61.95 -26.68 -93.19
N PRO P 174 -62.03 -25.40 -92.78
CA PRO P 174 -62.10 -25.08 -91.35
C PRO P 174 -63.44 -25.47 -90.73
N ARG P 175 -63.41 -25.86 -89.45
CA ARG P 175 -64.52 -26.56 -88.78
C ARG P 175 -65.87 -25.86 -88.82
N PHE P 176 -65.95 -24.69 -88.19
CA PHE P 176 -67.23 -24.04 -87.93
C PHE P 176 -67.89 -23.52 -89.20
N LEU P 177 -67.06 -23.02 -90.12
CA LEU P 177 -67.49 -22.67 -91.47
C LEU P 177 -68.07 -23.89 -92.21
N LYS P 178 -67.34 -25.00 -92.14
CA LYS P 178 -67.74 -26.25 -92.77
C LYS P 178 -69.10 -26.72 -92.26
N ARG P 179 -69.23 -26.74 -90.93
CA ARG P 179 -70.50 -27.05 -90.26
C ARG P 179 -71.65 -26.21 -90.80
N GLU P 180 -71.40 -24.91 -90.86
CA GLU P 180 -72.38 -23.91 -91.33
C GLU P 180 -72.83 -24.20 -92.76
N ILE P 181 -71.85 -24.51 -93.62
CA ILE P 181 -72.08 -24.91 -95.01
C ILE P 181 -72.94 -26.18 -95.08
N ASP P 182 -72.58 -27.18 -94.28
CA ASP P 182 -73.26 -28.48 -94.27
C ASP P 182 -74.72 -28.34 -93.85
N ASN P 183 -74.96 -27.59 -92.78
CA ASN P 183 -76.31 -27.26 -92.32
C ASN P 183 -77.10 -26.56 -93.42
N LYS P 184 -76.50 -25.51 -93.99
CA LYS P 184 -77.13 -24.68 -95.03
C LYS P 184 -77.59 -25.50 -96.22
N ARG P 185 -76.73 -26.41 -96.68
CA ARG P 185 -77.04 -27.31 -97.79
C ARG P 185 -78.23 -28.21 -97.47
N GLU P 186 -78.22 -28.78 -96.27
CA GLU P 186 -79.33 -29.62 -95.77
C GLU P 186 -80.66 -28.85 -95.72
N ARG P 187 -80.58 -27.61 -95.25
CA ARG P 187 -81.76 -26.72 -95.17
C ARG P 187 -82.32 -26.45 -96.56
N HIS P 188 -81.42 -26.15 -97.49
CA HIS P 188 -81.78 -25.93 -98.89
C HIS P 188 -82.48 -27.15 -99.49
N ALA P 189 -81.89 -28.32 -99.27
CA ALA P 189 -82.45 -29.60 -99.72
C ALA P 189 -83.85 -29.84 -99.19
N ALA P 190 -84.02 -29.57 -97.90
CA ALA P 190 -85.34 -29.64 -97.24
C ALA P 190 -86.35 -28.70 -97.88
N GLU P 191 -85.92 -27.47 -98.13
CA GLU P 191 -86.75 -26.45 -98.80
C GLU P 191 -87.21 -26.86 -100.20
N LEU P 192 -86.30 -27.49 -100.97
CA LEU P 192 -86.63 -27.98 -102.30
C LEU P 192 -87.77 -29.01 -102.24
N GLN P 193 -87.64 -29.95 -101.31
CA GLN P 193 -88.66 -30.98 -101.07
C GLN P 193 -90.00 -30.39 -100.67
N ARG P 194 -89.95 -29.43 -99.74
CA ARG P 194 -91.13 -28.69 -99.31
C ARG P 194 -91.82 -28.00 -100.47
N ALA P 195 -91.03 -27.31 -101.28
CA ALA P 195 -91.52 -26.62 -102.48
C ALA P 195 -92.23 -27.59 -103.42
N ASP P 196 -91.56 -28.71 -103.71
CA ASP P 196 -92.12 -29.79 -104.54
C ASP P 196 -93.47 -30.28 -104.03
N LYS P 197 -93.54 -30.52 -102.72
CA LYS P 197 -94.78 -30.91 -102.03
C LYS P 197 -95.90 -29.89 -102.23
N LEU P 198 -95.55 -28.62 -102.03
CA LEU P 198 -96.50 -27.50 -102.24
C LEU P 198 -97.02 -27.43 -103.66
N ILE P 199 -96.13 -27.63 -104.63
CA ILE P 199 -96.47 -27.68 -106.05
C ILE P 199 -97.45 -28.81 -106.34
N ALA P 200 -97.14 -29.99 -105.81
CA ALA P 200 -98.00 -31.19 -105.95
C ALA P 200 -99.39 -30.95 -105.39
N LEU P 201 -99.45 -30.35 -104.21
CA LEU P 201 -100.69 -29.96 -103.56
C LEU P 201 -101.52 -29.02 -104.43
N ASN P 202 -100.87 -27.97 -104.93
CA ASN P 202 -101.51 -26.98 -105.80
C ASN P 202 -102.06 -27.57 -107.10
N ARG P 203 -101.30 -28.50 -107.69
CA ARG P 203 -101.64 -29.12 -108.98
C ARG P 203 -103.00 -29.81 -108.97
N TYR P 204 -103.23 -30.61 -107.93
CA TYR P 204 -104.50 -31.31 -107.73
C TYR P 204 -105.67 -30.34 -107.64
N ILE P 205 -105.49 -29.28 -106.85
CA ILE P 205 -106.49 -28.24 -106.66
C ILE P 205 -106.82 -27.52 -107.98
N GLU P 206 -105.78 -27.20 -108.73
CA GLU P 206 -105.93 -26.60 -110.07
C GLU P 206 -106.79 -27.46 -110.99
N ASP P 207 -106.50 -28.76 -111.03
CA ASP P 207 -107.26 -29.71 -111.83
C ASP P 207 -108.55 -30.12 -111.11
N SER Q 1 -43.57 -63.07 -72.56
CA SER Q 1 -43.72 -62.36 -71.25
C SER Q 1 -42.44 -62.37 -70.42
N GLY Q 2 -41.92 -63.56 -70.16
CA GLY Q 2 -40.77 -63.74 -69.27
C GLY Q 2 -41.16 -63.41 -67.85
N SER Q 3 -42.25 -64.02 -67.39
CA SER Q 3 -42.97 -63.58 -66.20
C SER Q 3 -42.60 -64.33 -64.92
N TYR Q 4 -42.90 -65.62 -64.87
CA TYR Q 4 -42.86 -66.46 -63.65
C TYR Q 4 -43.98 -66.17 -62.62
N GLN Q 5 -44.82 -65.16 -62.87
CA GLN Q 5 -45.95 -64.81 -61.99
C GLN Q 5 -46.94 -65.96 -61.87
N HIS Q 6 -47.14 -66.66 -62.97
CA HIS Q 6 -48.08 -67.78 -63.06
C HIS Q 6 -47.77 -69.02 -62.20
N LEU Q 7 -46.55 -69.13 -61.66
CA LEU Q 7 -46.17 -70.23 -60.75
C LEU Q 7 -46.25 -69.88 -59.26
N SER Q 8 -47.13 -68.95 -58.89
CA SER Q 8 -47.19 -68.41 -57.53
C SER Q 8 -48.42 -67.49 -57.36
N ASN Q 9 -48.55 -66.86 -56.19
CA ASN Q 9 -49.64 -65.93 -55.93
C ASN Q 9 -49.14 -64.65 -55.25
N VAL Q 10 -48.10 -64.06 -55.83
CA VAL Q 10 -47.32 -63.01 -55.16
C VAL Q 10 -47.94 -61.63 -55.38
N GLY Q 11 -47.86 -60.78 -54.37
CA GLY Q 11 -48.49 -59.46 -54.39
C GLY Q 11 -50.00 -59.59 -54.37
N SER Q 12 -50.49 -60.44 -53.45
CA SER Q 12 -51.88 -60.92 -53.49
C SER Q 12 -52.90 -59.83 -53.26
N ARG Q 13 -52.65 -59.00 -52.25
CA ARG Q 13 -53.51 -57.87 -51.91
C ARG Q 13 -53.68 -56.91 -53.08
N VAL Q 14 -52.57 -56.58 -53.72
CA VAL Q 14 -52.53 -55.69 -54.88
C VAL Q 14 -53.38 -56.26 -56.03
N MET Q 15 -53.21 -57.56 -56.28
CA MET Q 15 -53.99 -58.27 -57.30
C MET Q 15 -55.48 -58.23 -57.01
N LYS Q 16 -55.85 -58.47 -55.76
CA LYS Q 16 -57.24 -58.40 -55.30
C LYS Q 16 -57.85 -57.02 -55.56
N ARG Q 17 -57.10 -55.98 -55.18
CA ARG Q 17 -57.51 -54.58 -55.40
C ARG Q 17 -57.77 -54.28 -56.87
N LEU Q 18 -56.83 -54.71 -57.71
CA LEU Q 18 -56.95 -54.56 -59.16
C LEU Q 18 -58.11 -55.34 -59.73
N GLY Q 19 -58.22 -56.60 -59.32
CA GLY Q 19 -59.28 -57.50 -59.78
C GLY Q 19 -60.66 -57.03 -59.40
N ASN Q 20 -60.83 -56.69 -58.12
CA ASN Q 20 -62.11 -56.20 -57.60
C ASN Q 20 -62.12 -54.67 -57.58
N ARG Q 21 -62.19 -54.10 -58.77
CA ARG Q 21 -62.26 -52.66 -58.98
C ARG Q 21 -63.67 -52.22 -58.58
N PRO Q 22 -63.82 -51.01 -57.98
CA PRO Q 22 -65.19 -50.57 -57.70
C PRO Q 22 -66.02 -50.38 -58.97
N LYS Q 23 -67.32 -50.67 -58.86
CA LYS Q 23 -68.20 -50.72 -60.02
C LYS Q 23 -68.51 -49.33 -60.60
N ASN Q 24 -68.47 -48.31 -59.75
CA ASN Q 24 -68.68 -46.93 -60.20
C ASN Q 24 -67.48 -46.33 -60.98
N PHE Q 25 -66.30 -46.94 -60.87
CA PHE Q 25 -65.15 -46.64 -61.73
C PHE Q 25 -64.89 -47.73 -62.77
N LEU Q 26 -65.93 -48.47 -63.14
CA LEU Q 26 -65.85 -49.51 -64.17
C LEU Q 26 -65.70 -48.92 -65.58
N PRO Q 27 -66.40 -47.80 -65.89
CA PRO Q 27 -66.18 -47.13 -67.18
C PRO Q 27 -64.75 -46.65 -67.39
N HIS Q 28 -64.17 -46.08 -66.32
CA HIS Q 28 -62.76 -45.68 -66.31
C HIS Q 28 -61.83 -46.83 -66.64
N SER Q 29 -62.06 -47.96 -65.98
CA SER Q 29 -61.26 -49.17 -66.16
C SER Q 29 -61.32 -49.67 -67.61
N GLU Q 30 -62.53 -49.73 -68.16
CA GLU Q 30 -62.78 -50.33 -69.47
C GLU Q 30 -62.52 -49.41 -70.68
N LYS Q 31 -62.54 -48.10 -70.45
CA LYS Q 31 -62.23 -47.10 -71.50
C LYS Q 31 -60.88 -47.38 -72.15
N PHE Q 32 -59.87 -47.57 -71.31
CA PHE Q 32 -58.50 -47.84 -71.77
C PHE Q 32 -58.35 -49.24 -72.39
N ILE Q 33 -59.10 -50.21 -71.86
CA ILE Q 33 -59.15 -51.56 -72.43
C ILE Q 33 -59.69 -51.53 -73.85
N LYS Q 34 -60.80 -50.82 -74.03
CA LYS Q 34 -61.42 -50.61 -75.35
C LYS Q 34 -60.45 -50.02 -76.36
N LYS Q 35 -59.76 -48.97 -75.93
CA LYS Q 35 -58.73 -48.30 -76.72
C LYS Q 35 -57.66 -49.30 -77.16
N SER Q 36 -57.17 -50.07 -76.20
CA SER Q 36 -56.12 -51.07 -76.42
C SER Q 36 -56.49 -52.12 -77.47
N THR Q 37 -57.72 -52.64 -77.38
CA THR Q 37 -58.16 -53.74 -78.26
C THR Q 37 -58.37 -53.28 -79.71
N PRO Q 38 -57.98 -54.12 -80.70
CA PRO Q 38 -58.31 -53.80 -82.10
C PRO Q 38 -59.80 -53.94 -82.40
N GLU Q 39 -60.24 -53.41 -83.54
CA GLU Q 39 -61.67 -53.39 -83.90
C GLU Q 39 -62.26 -54.80 -84.04
N PHE Q 40 -61.50 -55.71 -84.64
CA PHE Q 40 -61.95 -57.10 -84.84
C PHE Q 40 -62.07 -57.91 -83.55
N MET Q 41 -61.38 -57.50 -82.50
CA MET Q 41 -61.45 -58.15 -81.18
C MET Q 41 -62.58 -57.59 -80.32
N LYS Q 42 -62.68 -56.27 -80.23
CA LYS Q 42 -63.58 -55.62 -79.26
C LYS Q 42 -65.07 -55.86 -79.55
N SER Q 43 -65.85 -55.96 -78.47
CA SER Q 43 -67.29 -56.16 -78.54
C SER Q 43 -68.02 -54.99 -77.90
N ASP Q 44 -69.22 -54.71 -78.40
CA ASP Q 44 -70.04 -53.60 -77.90
C ASP Q 44 -70.71 -53.91 -76.56
N LEU Q 45 -71.01 -55.18 -76.32
CA LEU Q 45 -71.78 -55.61 -75.14
C LEU Q 45 -70.95 -55.57 -73.85
N LYS Q 46 -71.63 -55.37 -72.73
CA LYS Q 46 -70.98 -55.22 -71.43
C LYS Q 46 -70.53 -56.57 -70.87
N GLU Q 47 -69.26 -56.65 -70.47
CA GLU Q 47 -68.71 -57.86 -69.86
C GLU Q 47 -69.20 -57.98 -68.41
N VAL Q 48 -70.26 -58.77 -68.22
CA VAL Q 48 -70.88 -58.94 -66.90
C VAL Q 48 -70.02 -59.80 -65.96
N ASP Q 49 -70.19 -59.57 -64.66
CA ASP Q 49 -69.43 -60.27 -63.61
C ASP Q 49 -69.94 -61.70 -63.45
N GLU Q 50 -69.07 -62.58 -62.94
CA GLU Q 50 -69.40 -64.01 -62.75
C GLU Q 50 -70.58 -64.29 -61.81
N LYS Q 51 -70.89 -63.34 -60.92
CA LYS Q 51 -72.09 -63.41 -60.08
C LYS Q 51 -73.34 -63.36 -60.96
N THR Q 52 -73.44 -62.31 -61.77
CA THR Q 52 -74.56 -62.13 -62.71
C THR Q 52 -74.18 -62.77 -64.05
N SER Q 53 -74.14 -64.10 -64.05
CA SER Q 53 -73.81 -64.89 -65.22
C SER Q 53 -74.75 -66.09 -65.31
N PHE Q 54 -75.31 -66.33 -66.50
CA PHE Q 54 -76.28 -67.39 -66.69
C PHE Q 54 -75.57 -68.75 -66.75
N LYS Q 55 -75.46 -69.40 -65.59
CA LYS Q 55 -74.81 -70.71 -65.49
C LYS Q 55 -75.77 -71.86 -65.82
N SER Q 56 -77.00 -71.77 -65.32
CA SER Q 56 -78.03 -72.78 -65.58
C SER Q 56 -78.64 -72.62 -66.98
N GLU Q 57 -79.23 -73.71 -67.48
CA GLU Q 57 -79.94 -73.71 -68.77
C GLU Q 57 -81.36 -73.12 -68.66
N LYS Q 58 -81.80 -72.84 -67.43
CA LYS Q 58 -83.01 -72.04 -67.19
C LYS Q 58 -82.69 -70.54 -67.32
N GLU Q 59 -81.53 -70.14 -66.81
CA GLU Q 59 -81.09 -68.73 -66.86
C GLU Q 59 -80.86 -68.25 -68.30
N TRP Q 60 -80.15 -69.06 -69.09
CA TRP Q 60 -80.19 -68.92 -70.55
C TRP Q 60 -81.58 -69.35 -70.98
N LYS Q 61 -82.27 -68.52 -71.76
CA LYS Q 61 -83.57 -68.92 -72.32
C LYS Q 61 -83.40 -69.79 -73.57
N PHE Q 62 -82.21 -69.77 -74.18
CA PHE Q 62 -81.91 -70.51 -75.42
C PHE Q 62 -80.58 -71.26 -75.32
N ILE Q 63 -80.49 -72.41 -75.99
CA ILE Q 63 -79.28 -73.25 -76.03
C ILE Q 63 -78.67 -73.22 -77.44
N PRO Q 64 -77.33 -73.29 -77.54
CA PRO Q 64 -76.67 -73.50 -78.83
C PRO Q 64 -77.25 -74.66 -79.62
N GLY Q 65 -77.82 -74.36 -80.79
CA GLY Q 65 -78.48 -75.35 -81.64
C GLY Q 65 -79.91 -74.99 -82.00
N ASP Q 66 -80.62 -74.30 -81.11
CA ASP Q 66 -82.02 -73.90 -81.38
C ASP Q 66 -82.11 -72.74 -82.36
N ARG Q 67 -83.28 -72.63 -82.99
CA ARG Q 67 -83.55 -71.67 -84.04
C ARG Q 67 -84.25 -70.46 -83.43
N VAL Q 68 -83.78 -69.25 -83.77
CA VAL Q 68 -84.24 -68.02 -83.12
C VAL Q 68 -84.42 -66.89 -84.15
N VAL Q 69 -85.47 -66.09 -83.99
CA VAL Q 69 -85.69 -64.89 -84.83
C VAL Q 69 -85.04 -63.68 -84.16
N VAL Q 70 -84.32 -62.89 -84.95
CA VAL Q 70 -83.63 -61.69 -84.46
C VAL Q 70 -84.57 -60.48 -84.59
N MET Q 71 -84.44 -59.54 -83.65
CA MET Q 71 -85.18 -58.29 -83.68
C MET Q 71 -84.44 -57.22 -82.88
N SER Q 72 -84.93 -55.98 -82.93
CA SER Q 72 -84.28 -54.81 -82.30
C SER Q 72 -82.85 -54.63 -82.79
N GLY Q 73 -82.68 -54.63 -84.11
CA GLY Q 73 -81.37 -54.52 -84.74
C GLY Q 73 -81.42 -54.26 -86.23
N ALA Q 74 -80.25 -54.29 -86.87
CA ALA Q 74 -80.12 -54.06 -88.31
C ALA Q 74 -80.67 -55.24 -89.11
N SER Q 75 -80.24 -56.45 -88.75
CA SER Q 75 -80.74 -57.68 -89.35
C SER Q 75 -81.91 -58.22 -88.52
N LYS Q 76 -83.00 -57.45 -88.51
CA LYS Q 76 -84.21 -57.80 -87.75
C LYS Q 76 -85.23 -58.53 -88.62
N GLY Q 77 -86.02 -59.38 -87.98
CA GLY Q 77 -86.91 -60.30 -88.69
C GLY Q 77 -86.16 -61.38 -89.45
N ASN Q 78 -85.00 -61.78 -88.92
CA ASN Q 78 -84.14 -62.79 -89.55
C ASN Q 78 -84.05 -64.03 -88.67
N ILE Q 79 -84.34 -65.19 -89.24
CA ILE Q 79 -84.18 -66.47 -88.54
C ILE Q 79 -82.69 -66.81 -88.51
N ALA Q 80 -82.26 -67.40 -87.40
CA ALA Q 80 -80.86 -67.76 -87.20
C ALA Q 80 -80.74 -68.89 -86.18
N VAL Q 81 -79.94 -69.90 -86.50
CA VAL Q 81 -79.62 -70.97 -85.56
C VAL Q 81 -78.44 -70.48 -84.72
N ILE Q 82 -78.60 -70.46 -83.40
CA ILE Q 82 -77.59 -69.87 -82.52
C ILE Q 82 -76.45 -70.89 -82.33
N LYS Q 83 -75.22 -70.42 -82.51
CA LYS Q 83 -74.05 -71.29 -82.70
C LYS Q 83 -73.36 -71.62 -81.38
N SER Q 84 -73.10 -70.59 -80.58
CA SER Q 84 -72.47 -70.76 -79.26
C SER Q 84 -72.62 -69.48 -78.44
N PHE Q 85 -72.87 -69.62 -77.14
CA PHE Q 85 -72.94 -68.43 -76.26
C PHE Q 85 -71.57 -68.03 -75.73
N ASP Q 86 -71.45 -66.74 -75.39
CA ASP Q 86 -70.28 -66.21 -74.72
C ASP Q 86 -70.60 -66.09 -73.23
N LYS Q 87 -69.72 -66.61 -72.39
CA LYS Q 87 -69.99 -66.78 -70.96
C LYS Q 87 -69.81 -65.48 -70.19
N ARG Q 88 -68.72 -64.76 -70.48
CA ARG Q 88 -68.41 -63.49 -69.81
C ARG Q 88 -69.39 -62.36 -70.11
N THR Q 89 -69.91 -62.32 -71.34
CA THR Q 89 -70.77 -61.24 -71.82
C THR Q 89 -72.28 -61.50 -71.58
N ASN Q 90 -72.66 -62.77 -71.47
CA ASN Q 90 -74.08 -63.20 -71.39
C ASN Q 90 -74.79 -62.86 -72.70
N SER Q 91 -74.37 -63.56 -73.75
CA SER Q 91 -74.84 -63.29 -75.11
C SER Q 91 -74.59 -64.48 -76.02
N PHE Q 92 -75.20 -64.44 -77.20
CA PHE Q 92 -75.13 -65.54 -78.18
C PHE Q 92 -74.42 -65.11 -79.46
N ILE Q 93 -73.70 -66.05 -80.07
CA ILE Q 93 -73.11 -65.88 -81.38
C ILE Q 93 -73.97 -66.66 -82.38
N LEU Q 94 -74.62 -65.93 -83.29
CA LEU Q 94 -75.53 -66.55 -84.27
C LEU Q 94 -74.77 -66.97 -85.52
N ASP Q 95 -75.46 -67.70 -86.39
CA ASP Q 95 -74.90 -68.15 -87.67
C ASP Q 95 -74.85 -66.98 -88.69
N GLU Q 96 -74.57 -67.31 -89.95
CA GLU Q 96 -74.45 -66.31 -91.04
C GLU Q 96 -75.63 -65.32 -91.14
N ASN Q 97 -76.84 -65.79 -90.91
CA ASN Q 97 -78.05 -64.96 -91.01
C ASN Q 97 -78.21 -63.89 -89.93
N GLY Q 98 -77.54 -64.09 -88.78
CA GLY Q 98 -77.60 -63.13 -87.67
C GLY Q 98 -76.85 -61.82 -87.92
N PRO Q 99 -76.74 -60.98 -86.87
CA PRO Q 99 -76.06 -59.68 -87.03
C PRO Q 99 -74.55 -59.84 -87.14
N THR Q 100 -73.94 -59.08 -88.05
CA THR Q 100 -72.51 -59.16 -88.33
C THR Q 100 -71.88 -57.78 -88.42
N LYS Q 101 -70.54 -57.77 -88.48
CA LYS Q 101 -69.76 -56.56 -88.77
C LYS Q 101 -68.58 -56.92 -89.65
N THR Q 102 -68.33 -56.08 -90.66
CA THR Q 102 -67.19 -56.26 -91.57
C THR Q 102 -66.01 -55.48 -91.01
N VAL Q 103 -64.92 -56.18 -90.73
CA VAL Q 103 -63.76 -55.60 -90.04
C VAL Q 103 -62.45 -56.13 -90.67
N PRO Q 104 -61.41 -55.27 -90.77
CA PRO Q 104 -60.12 -55.78 -91.25
C PRO Q 104 -59.45 -56.73 -90.26
N VAL Q 105 -58.79 -57.76 -90.79
CA VAL Q 105 -58.21 -58.84 -89.99
C VAL Q 105 -56.81 -59.17 -90.51
N PRO Q 106 -55.83 -59.39 -89.59
CA PRO Q 106 -54.47 -59.75 -90.04
C PRO Q 106 -54.36 -61.17 -90.57
N LYS Q 107 -53.29 -61.41 -91.34
CA LYS Q 107 -53.04 -62.72 -91.98
C LYS Q 107 -52.75 -63.89 -91.02
N GLN Q 108 -52.53 -63.59 -89.74
CA GLN Q 108 -52.49 -64.62 -88.70
C GLN Q 108 -53.86 -65.29 -88.56
N PHE Q 109 -54.93 -64.51 -88.68
CA PHE Q 109 -56.32 -65.00 -88.52
C PHE Q 109 -57.10 -65.07 -89.84
N TRP Q 110 -56.41 -65.40 -90.94
CA TRP Q 110 -57.07 -65.52 -92.24
C TRP Q 110 -57.64 -66.92 -92.44
N LEU Q 111 -58.87 -66.98 -92.94
CA LEU Q 111 -59.51 -68.25 -93.31
C LEU Q 111 -59.05 -68.64 -94.71
N GLU Q 112 -59.05 -69.93 -94.99
CA GLU Q 112 -58.63 -70.45 -96.29
C GLU Q 112 -59.68 -70.13 -97.37
N GLY Q 113 -59.27 -69.30 -98.34
CA GLY Q 113 -60.17 -68.77 -99.36
C GLY Q 113 -60.56 -67.33 -99.04
N GLN Q 114 -59.55 -66.47 -98.91
CA GLN Q 114 -59.74 -65.04 -98.65
C GLN Q 114 -58.88 -64.20 -99.59
N THR Q 115 -59.49 -63.20 -100.21
CA THR Q 115 -58.80 -62.25 -101.09
C THR Q 115 -58.36 -61.01 -100.32
N SER Q 116 -59.28 -60.44 -99.54
CA SER Q 116 -59.06 -59.19 -98.81
C SER Q 116 -58.83 -59.42 -97.31
N HIS Q 117 -58.25 -58.41 -96.67
CA HIS Q 117 -58.13 -58.38 -95.20
C HIS Q 117 -59.48 -58.20 -94.53
N MET Q 118 -60.40 -57.56 -95.25
CA MET Q 118 -61.77 -57.33 -94.78
C MET Q 118 -62.53 -58.66 -94.69
N ILE Q 119 -63.11 -58.92 -93.52
CA ILE Q 119 -63.91 -60.14 -93.30
C ILE Q 119 -65.13 -59.81 -92.43
N THR Q 120 -66.29 -60.35 -92.81
CA THR Q 120 -67.50 -60.21 -92.01
C THR Q 120 -67.49 -61.24 -90.87
N ILE Q 121 -67.73 -60.77 -89.65
CA ILE Q 121 -67.72 -61.61 -88.45
C ILE Q 121 -68.98 -61.34 -87.62
N PRO Q 122 -69.48 -62.37 -86.90
CA PRO Q 122 -70.74 -62.21 -86.19
C PRO Q 122 -70.57 -61.48 -84.85
N VAL Q 123 -71.36 -60.43 -84.65
CA VAL Q 123 -71.39 -59.73 -83.37
C VAL Q 123 -72.23 -60.52 -82.37
N SER Q 124 -71.91 -60.36 -81.09
CA SER Q 124 -72.70 -60.97 -80.02
C SER Q 124 -74.02 -60.22 -79.84
N ILE Q 125 -75.02 -60.94 -79.32
CA ILE Q 125 -76.37 -60.40 -79.12
C ILE Q 125 -77.01 -61.03 -77.87
N LEU Q 126 -77.79 -60.23 -77.15
CA LEU Q 126 -78.37 -60.65 -75.87
C LEU Q 126 -79.61 -61.51 -76.11
N GLY Q 127 -80.01 -62.24 -75.09
CA GLY Q 127 -81.26 -63.01 -75.10
C GLY Q 127 -82.52 -62.15 -75.15
N LYS Q 128 -82.40 -60.92 -74.66
CA LYS Q 128 -83.50 -59.94 -74.68
C LYS Q 128 -83.84 -59.52 -76.11
N ASP Q 129 -82.82 -59.36 -76.94
CA ASP Q 129 -82.97 -58.86 -78.31
C ASP Q 129 -83.58 -59.86 -79.31
N LEU Q 130 -83.54 -61.15 -79.02
CA LEU Q 130 -84.04 -62.19 -79.94
C LEU Q 130 -85.05 -63.13 -79.29
N ARG Q 131 -86.02 -63.58 -80.09
CA ARG Q 131 -87.15 -64.39 -79.64
C ARG Q 131 -87.15 -65.74 -80.36
N LEU Q 132 -87.61 -66.79 -79.68
CA LEU Q 132 -87.66 -68.15 -80.25
C LEU Q 132 -88.55 -68.29 -81.48
N VAL Q 133 -88.39 -69.40 -82.19
CA VAL Q 133 -89.28 -69.79 -83.29
C VAL Q 133 -89.58 -71.29 -83.27
N ALA Q 134 -90.72 -71.66 -83.87
CA ALA Q 134 -91.21 -73.04 -83.86
C ALA Q 134 -92.01 -73.35 -85.13
N THR Q 147 -94.46 -71.22 -89.82
CA THR Q 147 -93.50 -70.86 -88.78
C THR Q 147 -94.07 -69.79 -87.85
N VAL Q 148 -93.78 -69.92 -86.56
CA VAL Q 148 -94.36 -69.08 -85.50
C VAL Q 148 -93.28 -68.71 -84.49
N ALA Q 149 -93.12 -67.41 -84.24
CA ALA Q 149 -92.22 -66.91 -83.20
C ALA Q 149 -92.90 -66.94 -81.83
N VAL Q 150 -92.09 -67.06 -80.78
CA VAL Q 150 -92.58 -67.13 -79.40
C VAL Q 150 -92.25 -65.81 -78.69
N ARG Q 151 -93.22 -65.23 -78.01
CA ARG Q 151 -93.05 -63.96 -77.30
C ARG Q 151 -92.18 -64.15 -76.06
N ASP Q 152 -92.58 -65.10 -75.22
CA ASP Q 152 -91.81 -65.44 -74.01
C ASP Q 152 -92.01 -66.90 -73.63
N VAL Q 153 -90.99 -67.48 -73.00
CA VAL Q 153 -90.98 -68.89 -72.59
C VAL Q 153 -90.85 -68.97 -71.08
N SER Q 154 -91.55 -69.95 -70.49
CA SER Q 154 -91.52 -70.20 -69.05
C SER Q 154 -91.19 -71.68 -68.78
N PHE Q 155 -90.64 -71.93 -67.60
CA PHE Q 155 -90.21 -73.27 -67.19
C PHE Q 155 -91.03 -73.69 -65.98
N ASN Q 156 -91.68 -74.85 -66.06
CA ASN Q 156 -92.55 -75.36 -64.98
C ASN Q 156 -92.22 -76.78 -64.50
N GLY Q 157 -91.89 -77.69 -65.43
CA GLY Q 157 -91.46 -79.05 -65.10
C GLY Q 157 -89.99 -79.29 -65.42
N SER Q 158 -89.52 -80.50 -65.09
CA SER Q 158 -88.15 -80.93 -65.37
C SER Q 158 -88.06 -82.43 -65.62
N TYR Q 159 -86.99 -82.84 -66.31
CA TYR Q 159 -86.79 -84.24 -66.69
C TYR Q 159 -85.34 -84.53 -67.10
N TYR Q 160 -84.96 -85.80 -67.01
CA TYR Q 160 -83.64 -86.25 -67.46
C TYR Q 160 -83.61 -86.37 -68.99
N ASP Q 161 -82.71 -85.64 -69.62
CA ASP Q 161 -82.50 -85.73 -71.07
C ASP Q 161 -81.54 -86.88 -71.39
N ALA Q 162 -81.83 -87.61 -72.47
CA ALA Q 162 -81.01 -88.72 -72.92
C ALA Q 162 -79.72 -88.24 -73.58
N ASP Q 163 -79.84 -87.23 -74.45
CA ASP Q 163 -78.70 -86.72 -75.23
C ASP Q 163 -77.85 -85.76 -74.41
N TYR Q 164 -78.49 -84.76 -73.80
CA TYR Q 164 -77.80 -83.77 -72.95
C TYR Q 164 -77.18 -84.36 -71.67
N LYS Q 165 -77.81 -85.42 -71.14
CA LYS Q 165 -77.37 -86.07 -69.89
C LYS Q 165 -77.41 -85.11 -68.70
N LYS Q 166 -78.56 -84.46 -68.55
CA LYS Q 166 -78.83 -83.52 -67.46
C LYS Q 166 -80.32 -83.53 -67.13
N VAL Q 167 -80.66 -83.16 -65.89
CA VAL Q 167 -82.05 -82.98 -65.48
C VAL Q 167 -82.48 -81.57 -65.91
N MET Q 168 -82.84 -81.45 -67.19
CA MET Q 168 -83.18 -80.16 -67.79
C MET Q 168 -84.66 -79.84 -67.58
N PRO Q 169 -85.01 -78.53 -67.60
CA PRO Q 169 -86.43 -78.15 -67.46
C PRO Q 169 -87.20 -78.29 -68.79
N TYR Q 170 -88.51 -78.13 -68.72
CA TYR Q 170 -89.36 -78.12 -69.91
C TYR Q 170 -89.61 -76.67 -70.35
N ARG Q 171 -89.10 -76.30 -71.52
CA ARG Q 171 -89.40 -74.99 -72.11
C ARG Q 171 -90.85 -74.97 -72.59
N CYS Q 172 -91.69 -74.21 -71.89
CA CYS Q 172 -93.10 -74.07 -72.22
C CYS Q 172 -93.38 -72.62 -72.61
N VAL Q 173 -94.23 -72.43 -73.61
CA VAL Q 173 -94.60 -71.08 -74.05
C VAL Q 173 -95.36 -70.39 -72.92
N LYS Q 174 -95.09 -69.11 -72.70
CA LYS Q 174 -95.73 -68.35 -71.63
C LYS Q 174 -97.23 -68.26 -71.88
N GLY Q 175 -98.02 -68.43 -70.81
CA GLY Q 175 -99.48 -68.55 -70.90
C GLY Q 175 -99.88 -70.00 -70.93
N GLN Q 176 -100.03 -70.55 -72.14
CA GLN Q 176 -100.40 -71.97 -72.32
C GLN Q 176 -99.19 -72.89 -72.05
N PRO Q 177 -99.22 -73.66 -70.94
CA PRO Q 177 -98.03 -74.45 -70.56
C PRO Q 177 -97.85 -75.77 -71.33
N ASP Q 178 -98.91 -76.29 -71.94
CA ASP Q 178 -98.83 -77.57 -72.67
C ASP Q 178 -98.06 -77.48 -73.99
N LEU Q 179 -98.01 -76.29 -74.59
CA LEU Q 179 -97.24 -76.08 -75.82
C LEU Q 179 -95.74 -76.03 -75.48
N ILE Q 180 -95.09 -77.19 -75.56
CA ILE Q 180 -93.68 -77.34 -75.20
C ILE Q 180 -92.80 -77.00 -76.41
N ILE Q 181 -91.86 -76.08 -76.19
CA ILE Q 181 -90.78 -75.82 -77.14
C ILE Q 181 -89.64 -76.77 -76.77
N PRO Q 182 -89.37 -77.79 -77.61
CA PRO Q 182 -88.38 -78.79 -77.23
C PRO Q 182 -86.93 -78.28 -77.38
N TRP Q 183 -86.02 -78.88 -76.61
CA TRP Q 183 -84.60 -78.52 -76.68
C TRP Q 183 -83.99 -79.07 -77.97
N PRO Q 184 -82.97 -78.39 -78.52
CA PRO Q 184 -82.30 -78.89 -79.71
C PRO Q 184 -81.35 -80.04 -79.36
N LYS Q 185 -81.52 -81.18 -80.02
CA LYS Q 185 -80.65 -82.34 -79.79
C LYS Q 185 -79.21 -82.03 -80.27
N PRO Q 186 -78.23 -82.07 -79.34
CA PRO Q 186 -76.86 -81.68 -79.70
C PRO Q 186 -76.12 -82.68 -80.57
N ASP Q 187 -74.95 -82.28 -81.04
CA ASP Q 187 -74.11 -83.12 -81.91
C ASP Q 187 -73.48 -84.25 -81.09
N PRO Q 188 -73.30 -85.44 -81.72
CA PRO Q 188 -72.74 -86.57 -80.98
C PRO Q 188 -71.24 -86.43 -80.72
N ILE Q 189 -70.88 -86.27 -79.44
CA ILE Q 189 -69.47 -86.17 -79.04
C ILE Q 189 -68.74 -87.51 -79.18
N ASP Q 190 -68.13 -87.72 -80.35
CA ASP Q 190 -67.34 -88.93 -80.62
C ASP Q 190 -65.98 -88.84 -79.92
N VAL Q 191 -65.93 -89.36 -78.70
CA VAL Q 191 -64.75 -89.21 -77.84
C VAL Q 191 -63.70 -90.27 -78.17
N GLN Q 192 -62.51 -89.81 -78.56
CA GLN Q 192 -61.35 -90.67 -78.75
C GLN Q 192 -60.10 -89.96 -78.25
N THR Q 193 -59.95 -89.95 -76.92
CA THR Q 193 -58.82 -89.32 -76.24
C THR Q 193 -58.20 -90.29 -75.24
N ASN Q 194 -56.88 -90.20 -75.08
CA ASN Q 194 -56.15 -91.02 -74.12
C ASN Q 194 -56.31 -90.59 -72.67
N LEU Q 195 -56.78 -89.36 -72.44
CA LEU Q 195 -56.93 -88.80 -71.09
C LEU Q 195 -58.36 -88.91 -70.53
N ALA Q 196 -59.28 -89.54 -71.29
CA ALA Q 196 -60.64 -89.79 -70.82
C ALA Q 196 -60.88 -91.28 -70.66
N THR Q 197 -61.16 -91.72 -69.43
CA THR Q 197 -61.50 -93.12 -69.16
C THR Q 197 -62.88 -93.47 -69.72
N ASP Q 198 -63.00 -94.68 -70.27
CA ASP Q 198 -64.24 -95.13 -70.92
C ASP Q 198 -65.37 -95.38 -69.89
N PRO Q 199 -66.64 -95.44 -70.35
CA PRO Q 199 -67.78 -95.60 -69.43
C PRO Q 199 -67.76 -96.82 -68.49
N VAL Q 200 -67.27 -97.95 -68.98
CA VAL Q 200 -67.30 -99.20 -68.23
C VAL Q 200 -66.35 -99.15 -67.03
N ILE Q 201 -65.12 -98.68 -67.26
CA ILE Q 201 -64.08 -98.62 -66.22
C ILE Q 201 -64.33 -97.43 -65.28
N ALA Q 202 -64.78 -96.30 -65.83
CA ALA Q 202 -65.08 -95.10 -65.04
C ALA Q 202 -66.05 -95.36 -63.88
N ARG Q 203 -67.04 -96.21 -64.11
CA ARG Q 203 -68.09 -96.48 -63.12
C ARG Q 203 -67.99 -97.82 -62.39
N GLU Q 204 -67.14 -98.75 -62.84
CA GLU Q 204 -67.06 -100.07 -62.20
C GLU Q 204 -66.71 -99.94 -60.71
N GLN Q 205 -67.51 -100.60 -59.88
CA GLN Q 205 -67.37 -100.53 -58.43
C GLN Q 205 -66.29 -101.50 -57.97
N THR Q 206 -65.22 -100.95 -57.40
CA THR Q 206 -64.14 -101.75 -56.79
C THR Q 206 -64.11 -101.70 -55.24
N PHE Q 207 -64.89 -100.80 -54.65
CA PHE Q 207 -65.00 -100.70 -53.19
C PHE Q 207 -66.37 -101.14 -52.69
N TRP Q 208 -66.38 -101.78 -51.52
CA TRP Q 208 -67.59 -102.04 -50.76
C TRP Q 208 -67.33 -101.82 -49.27
N VAL Q 209 -68.29 -101.21 -48.57
CA VAL Q 209 -68.20 -101.06 -47.11
C VAL Q 209 -68.45 -102.44 -46.52
N ASP Q 210 -67.39 -103.09 -46.06
CA ASP Q 210 -67.47 -104.44 -45.49
C ASP Q 210 -67.00 -104.50 -44.03
N SER Q 211 -65.77 -104.07 -43.78
CA SER Q 211 -65.13 -104.23 -42.48
C SER Q 211 -65.48 -103.10 -41.52
N VAL Q 212 -65.73 -103.47 -40.27
CA VAL Q 212 -65.76 -102.55 -39.14
C VAL Q 212 -64.42 -102.60 -38.38
N VAL Q 213 -63.69 -103.72 -38.50
CA VAL Q 213 -62.45 -103.93 -37.75
C VAL Q 213 -61.27 -103.28 -38.46
N ARG Q 214 -61.05 -103.65 -39.72
CA ARG Q 214 -60.01 -103.04 -40.55
C ARG Q 214 -60.55 -101.76 -41.16
N ASN Q 215 -59.81 -100.65 -41.00
CA ASN Q 215 -60.21 -99.38 -41.63
C ASN Q 215 -59.81 -99.40 -43.11
N PRO Q 216 -60.60 -98.74 -43.98
CA PRO Q 216 -60.44 -98.98 -45.42
C PRO Q 216 -59.14 -98.46 -46.02
N ILE Q 217 -58.72 -97.25 -45.63
CA ILE Q 217 -57.51 -96.62 -46.16
C ILE Q 217 -56.48 -96.46 -45.02
N PRO Q 218 -55.20 -96.81 -45.29
CA PRO Q 218 -54.20 -97.04 -44.23
C PRO Q 218 -53.88 -95.84 -43.35
N LYS Q 219 -53.27 -96.13 -42.20
CA LYS Q 219 -52.99 -95.12 -41.17
C LYS Q 219 -51.92 -94.11 -41.62
N LYS Q 220 -50.93 -94.58 -42.38
CA LYS Q 220 -49.88 -93.72 -42.92
C LYS Q 220 -50.36 -92.75 -44.03
N ALA Q 221 -51.50 -93.05 -44.63
CA ALA Q 221 -52.11 -92.16 -45.64
C ALA Q 221 -52.91 -90.99 -45.06
N ILE Q 222 -53.33 -91.09 -43.79
CA ILE Q 222 -54.21 -90.09 -43.16
C ILE Q 222 -53.68 -88.64 -43.23
N PRO Q 223 -52.38 -88.42 -42.92
CA PRO Q 223 -51.80 -87.06 -42.96
C PRO Q 223 -51.97 -86.30 -44.29
N SER Q 224 -51.97 -87.03 -45.41
CA SER Q 224 -52.27 -86.46 -46.72
C SER Q 224 -53.75 -86.08 -46.85
N ILE Q 225 -54.60 -86.97 -46.34
CA ILE Q 225 -56.05 -86.83 -46.39
C ILE Q 225 -56.59 -85.68 -45.55
N ARG Q 226 -56.05 -85.50 -44.35
CA ARG Q 226 -56.44 -84.40 -43.45
C ARG Q 226 -55.26 -83.94 -42.59
N ASN Q 227 -55.32 -82.68 -42.18
CA ASN Q 227 -54.27 -82.08 -41.36
C ASN Q 227 -54.43 -82.56 -39.91
N PRO Q 228 -53.43 -83.32 -39.39
CA PRO Q 228 -53.52 -83.81 -38.01
C PRO Q 228 -53.34 -82.72 -36.95
N HIS Q 229 -52.73 -81.60 -37.32
CA HIS Q 229 -52.51 -80.46 -36.43
C HIS Q 229 -53.42 -79.29 -36.79
N SER Q 230 -54.69 -79.59 -37.04
CA SER Q 230 -55.66 -78.58 -37.47
C SER Q 230 -56.02 -77.69 -36.29
N LYS Q 231 -55.78 -76.38 -36.43
CA LYS Q 231 -56.13 -75.39 -35.41
C LYS Q 231 -57.65 -75.24 -35.20
N TYR Q 232 -58.44 -75.64 -36.20
CA TYR Q 232 -59.90 -75.48 -36.19
C TYR Q 232 -60.57 -76.53 -35.31
N LYS Q 233 -60.11 -77.78 -35.38
CA LYS Q 233 -60.70 -78.90 -34.65
C LYS Q 233 -60.39 -78.82 -33.16
N ARG Q 234 -61.34 -78.26 -32.40
CA ARG Q 234 -61.20 -78.09 -30.95
C ARG Q 234 -61.46 -79.40 -30.22
N GLY Q 235 -60.71 -79.62 -29.14
CA GLY Q 235 -60.88 -80.80 -28.29
C GLY Q 235 -62.09 -80.65 -27.38
N THR Q 236 -62.71 -81.78 -27.04
CA THR Q 236 -63.85 -81.82 -26.12
C THR Q 236 -63.37 -81.83 -24.68
N LEU Q 237 -64.17 -81.25 -23.79
CA LEU Q 237 -63.84 -81.18 -22.37
C LEU Q 237 -64.05 -82.52 -21.66
N THR Q 238 -63.41 -82.66 -20.50
CA THR Q 238 -63.60 -83.80 -19.59
C THR Q 238 -63.94 -83.28 -18.20
N ALA Q 239 -64.24 -84.19 -17.28
CA ALA Q 239 -64.57 -83.83 -15.89
C ALA Q 239 -63.37 -83.25 -15.15
N LYS Q 240 -62.23 -83.91 -15.31
CA LYS Q 240 -60.96 -83.48 -14.71
C LYS Q 240 -60.55 -82.09 -15.18
N ASP Q 241 -60.67 -81.86 -16.49
CA ASP Q 241 -60.38 -80.56 -17.11
C ASP Q 241 -61.26 -79.45 -16.55
N ILE Q 242 -62.56 -79.75 -16.43
CA ILE Q 242 -63.55 -78.85 -15.79
C ILE Q 242 -63.11 -78.48 -14.37
N ALA Q 243 -62.75 -79.51 -13.59
CA ALA Q 243 -62.32 -79.33 -12.21
C ALA Q 243 -61.08 -78.45 -12.11
N LYS Q 244 -60.13 -78.67 -13.01
CA LYS Q 244 -58.93 -77.84 -13.12
C LYS Q 244 -59.26 -76.38 -13.41
N LEU Q 245 -60.18 -76.19 -14.34
CA LEU Q 245 -60.62 -74.85 -14.77
C LEU Q 245 -61.28 -74.07 -13.63
N VAL Q 246 -62.24 -74.72 -12.97
CA VAL Q 246 -63.09 -74.06 -11.97
C VAL Q 246 -62.38 -74.00 -10.62
N ALA Q 247 -62.50 -72.85 -9.95
CA ALA Q 247 -61.90 -72.65 -8.64
C ALA Q 247 -62.68 -73.43 -7.56
N PRO Q 248 -61.96 -73.95 -6.54
CA PRO Q 248 -62.65 -74.64 -5.45
C PRO Q 248 -63.43 -73.66 -4.57
N GLU Q 249 -64.64 -74.04 -4.18
CA GLU Q 249 -65.51 -73.17 -3.38
C GLU Q 249 -64.97 -73.02 -1.96
N MET Q 250 -65.01 -71.79 -1.45
CA MET Q 250 -64.57 -71.51 -0.08
C MET Q 250 -65.60 -72.09 0.90
N PRO Q 251 -65.12 -72.70 2.00
CA PRO Q 251 -66.06 -73.23 2.99
C PRO Q 251 -66.80 -72.13 3.77
N LEU Q 252 -67.93 -72.50 4.38
CA LEU Q 252 -68.78 -71.58 5.11
C LEU Q 252 -68.27 -71.46 6.54
N THR Q 253 -68.10 -70.24 7.03
CA THR Q 253 -67.73 -70.01 8.43
C THR Q 253 -68.93 -70.26 9.35
N GLU Q 254 -68.66 -70.31 10.66
CA GLU Q 254 -69.63 -70.75 11.67
C GLU Q 254 -70.92 -69.94 11.66
N VAL Q 255 -70.77 -68.62 11.60
CA VAL Q 255 -71.88 -67.67 11.56
C VAL Q 255 -72.76 -67.88 10.32
N ARG Q 256 -72.09 -68.08 9.19
CA ARG Q 256 -72.77 -68.33 7.90
C ARG Q 256 -73.59 -69.63 7.95
N LYS Q 257 -72.99 -70.68 8.52
CA LYS Q 257 -73.66 -71.96 8.71
C LYS Q 257 -74.91 -71.85 9.59
N SER Q 258 -74.75 -71.12 10.70
CA SER Q 258 -75.86 -70.87 11.64
C SER Q 258 -77.01 -70.13 10.98
N HIS Q 259 -76.68 -69.12 10.18
CA HIS Q 259 -77.64 -68.37 9.37
C HIS Q 259 -78.41 -69.27 8.39
N LEU Q 260 -77.66 -70.15 7.73
CA LEU Q 260 -78.21 -71.11 6.78
C LEU Q 260 -79.20 -72.04 7.48
N ALA Q 261 -78.78 -72.57 8.63
CA ALA Q 261 -79.63 -73.43 9.47
C ALA Q 261 -80.92 -72.74 9.87
N GLU Q 262 -80.81 -71.48 10.30
CA GLU Q 262 -81.96 -70.65 10.66
C GLU Q 262 -82.94 -70.48 9.50
N LYS Q 263 -82.38 -70.20 8.33
CA LYS Q 263 -83.16 -70.05 7.09
C LYS Q 263 -83.92 -71.34 6.75
N LYS Q 264 -83.23 -72.47 6.90
CA LYS Q 264 -83.81 -73.80 6.68
C LYS Q 264 -84.97 -74.07 7.63
N GLU Q 265 -84.76 -73.76 8.91
CA GLU Q 265 -85.79 -73.87 9.94
C GLU Q 265 -87.04 -73.03 9.61
N LEU Q 266 -86.79 -71.80 9.16
CA LEU Q 266 -87.85 -70.87 8.76
C LEU Q 266 -88.66 -71.44 7.59
N ALA Q 267 -87.95 -71.95 6.58
CA ALA Q 267 -88.56 -72.61 5.43
C ALA Q 267 -89.44 -73.79 5.83
N GLU Q 268 -88.94 -74.59 6.77
CA GLU Q 268 -89.63 -75.78 7.28
C GLU Q 268 -91.00 -75.47 7.89
N ARG Q 269 -91.13 -74.34 8.58
CA ARG Q 269 -92.42 -73.89 9.13
C ARG Q 269 -93.46 -73.66 8.03
N GLU Q 270 -94.73 -73.68 8.43
CA GLU Q 270 -95.84 -73.42 7.51
C GLU Q 270 -95.86 -71.95 7.09
N VAL Q 271 -95.91 -71.72 5.78
CA VAL Q 271 -95.79 -70.37 5.21
C VAL Q 271 -97.14 -69.63 5.32
N PRO Q 272 -97.11 -68.36 5.78
CA PRO Q 272 -98.29 -67.50 5.65
C PRO Q 272 -98.71 -67.26 4.20
N LYS Q 273 -99.93 -67.64 3.86
CA LYS Q 273 -100.48 -67.46 2.52
C LYS Q 273 -101.85 -66.79 2.61
N LEU Q 274 -102.09 -65.84 1.71
CA LEU Q 274 -103.35 -65.11 1.69
C LEU Q 274 -104.48 -66.01 1.18
N THR Q 275 -105.40 -66.33 2.08
CA THR Q 275 -106.52 -67.21 1.78
C THR Q 275 -107.57 -66.47 0.93
N GLU Q 276 -108.36 -67.25 0.20
CA GLU Q 276 -109.52 -66.76 -0.56
C GLU Q 276 -110.50 -65.99 0.33
N GLU Q 277 -110.74 -66.53 1.52
CA GLU Q 277 -111.65 -65.95 2.51
C GLU Q 277 -111.22 -64.55 2.95
N ASP Q 278 -109.92 -64.40 3.20
CA ASP Q 278 -109.33 -63.12 3.58
C ASP Q 278 -109.51 -62.07 2.48
N MET Q 279 -109.26 -62.49 1.23
CA MET Q 279 -109.46 -61.63 0.05
C MET Q 279 -110.91 -61.16 -0.08
N GLU Q 280 -111.83 -62.10 0.09
CA GLU Q 280 -113.28 -61.82 0.07
C GLU Q 280 -113.68 -60.80 1.13
N ALA Q 281 -113.16 -60.99 2.34
CA ALA Q 281 -113.39 -60.08 3.47
C ALA Q 281 -112.90 -58.67 3.18
N ILE Q 282 -111.70 -58.59 2.62
CA ILE Q 282 -111.10 -57.32 2.19
C ILE Q 282 -111.98 -56.66 1.12
N GLY Q 283 -112.31 -57.43 0.09
CA GLY Q 283 -113.11 -56.95 -1.04
C GLY Q 283 -114.47 -56.41 -0.67
N ALA Q 284 -115.13 -57.08 0.27
CA ALA Q 284 -116.41 -56.64 0.83
C ALA Q 284 -116.26 -55.29 1.55
N ARG Q 285 -115.21 -55.18 2.34
CA ARG Q 285 -114.90 -53.95 3.08
C ARG Q 285 -114.64 -52.77 2.15
N VAL Q 286 -113.88 -53.05 1.08
CA VAL Q 286 -113.60 -52.07 0.02
C VAL Q 286 -114.89 -51.58 -0.63
N PHE Q 287 -115.76 -52.52 -0.97
CA PHE Q 287 -117.08 -52.23 -1.56
C PHE Q 287 -117.92 -51.34 -0.66
N GLU Q 288 -117.97 -51.68 0.62
CA GLU Q 288 -118.67 -50.89 1.64
C GLU Q 288 -118.14 -49.46 1.71
N PHE Q 289 -116.82 -49.33 1.68
CA PHE Q 289 -116.14 -48.04 1.69
C PHE Q 289 -116.52 -47.20 0.48
N LEU Q 290 -116.49 -47.82 -0.69
CA LEU Q 290 -116.91 -47.20 -1.95
C LEU Q 290 -118.36 -46.70 -1.90
N GLU Q 291 -119.24 -47.54 -1.38
CA GLU Q 291 -120.66 -47.22 -1.19
C GLU Q 291 -120.85 -46.00 -0.28
N LYS Q 292 -120.09 -45.97 0.80
CA LYS Q 292 -120.10 -44.86 1.76
C LYS Q 292 -119.63 -43.55 1.12
N GLN Q 293 -118.56 -43.65 0.33
CA GLN Q 293 -118.04 -42.52 -0.44
C GLN Q 293 -119.07 -41.95 -1.41
N LYS Q 294 -119.72 -42.85 -2.15
CA LYS Q 294 -120.80 -42.49 -3.08
C LYS Q 294 -121.94 -41.76 -2.38
N ARG Q 295 -122.33 -42.28 -1.22
CA ARG Q 295 -123.38 -41.68 -0.39
C ARG Q 295 -123.03 -40.25 0.03
N GLU Q 296 -121.81 -40.07 0.53
CA GLU Q 296 -121.31 -38.76 0.94
C GLU Q 296 -120.66 -38.06 -0.25
N SER R 1 -32.44 18.37 -15.57
CA SER R 1 -33.51 19.39 -15.80
C SER R 1 -34.60 19.34 -14.72
N ARG R 2 -35.33 20.46 -14.59
CA ARG R 2 -36.47 20.55 -13.67
C ARG R 2 -37.46 21.58 -14.24
N THR R 3 -38.69 21.14 -14.46
CA THR R 3 -39.70 21.92 -15.19
C THR R 3 -40.87 22.29 -14.27
N SER R 4 -41.47 23.46 -14.54
CA SER R 4 -42.59 23.99 -13.75
C SER R 4 -43.92 23.64 -14.43
N MET R 5 -44.20 22.34 -14.51
CA MET R 5 -45.33 21.81 -15.27
C MET R 5 -46.49 21.44 -14.35
N LYS R 6 -47.17 22.46 -13.83
CA LYS R 6 -48.23 22.25 -12.85
C LYS R 6 -49.10 23.49 -12.67
N ASP R 7 -50.41 23.32 -12.76
CA ASP R 7 -51.38 24.41 -12.64
C ASP R 7 -52.78 23.88 -12.44
N SER R 8 -53.58 24.61 -11.66
CA SER R 8 -55.00 24.29 -11.49
C SER R 8 -55.78 24.71 -12.73
N ALA R 9 -56.97 24.12 -12.89
CA ALA R 9 -57.87 24.49 -13.97
C ALA R 9 -58.50 25.84 -13.68
N GLY R 10 -59.17 26.38 -14.69
CA GLY R 10 -59.92 27.62 -14.53
C GLY R 10 -61.18 27.38 -13.70
N ARG R 11 -61.43 28.27 -12.74
CA ARG R 11 -62.69 28.26 -12.02
C ARG R 11 -63.68 29.03 -12.90
N ARG R 12 -64.79 28.39 -13.26
CA ARG R 12 -65.75 29.00 -14.17
C ARG R 12 -66.50 30.12 -13.43
N LEU R 13 -65.93 31.32 -13.46
CA LEU R 13 -66.36 32.43 -12.59
C LEU R 13 -66.87 33.68 -13.33
N GLY R 14 -67.54 33.49 -14.47
CA GLY R 14 -68.24 34.58 -15.14
C GLY R 14 -69.60 34.89 -14.52
N PRO R 15 -70.38 35.77 -15.18
CA PRO R 15 -71.80 35.92 -14.87
C PRO R 15 -72.59 34.79 -15.53
N LYS R 16 -73.36 34.06 -14.73
CA LYS R 16 -74.12 32.91 -15.21
C LYS R 16 -75.52 33.25 -15.68
N LYS R 17 -75.94 34.49 -15.42
CA LYS R 17 -77.24 34.98 -15.85
C LYS R 17 -77.12 36.48 -16.14
N TYR R 18 -77.77 36.91 -17.22
CA TYR R 18 -77.52 38.23 -17.80
C TYR R 18 -78.69 39.19 -17.60
N GLU R 19 -78.43 40.47 -17.91
CA GLU R 19 -79.42 41.54 -17.84
C GLU R 19 -80.64 41.19 -18.67
N GLY R 20 -81.83 41.42 -18.11
CA GLY R 20 -83.09 41.13 -18.78
C GLY R 20 -83.49 39.66 -18.84
N GLN R 21 -82.70 38.77 -18.24
CA GLN R 21 -82.95 37.34 -18.32
C GLN R 21 -83.92 36.91 -17.23
N ASP R 22 -84.90 36.10 -17.60
CA ASP R 22 -85.83 35.50 -16.65
C ASP R 22 -85.06 34.59 -15.68
N VAL R 23 -85.42 34.65 -14.39
CA VAL R 23 -84.85 33.76 -13.37
C VAL R 23 -85.91 33.05 -12.58
N SER R 24 -85.46 32.03 -11.86
CA SER R 24 -86.26 31.28 -10.92
C SER R 24 -85.55 31.33 -9.57
N THR R 25 -86.29 31.02 -8.50
CA THR R 25 -85.74 30.99 -7.16
C THR R 25 -84.63 29.94 -7.06
N GLY R 26 -83.52 30.31 -6.44
CA GLY R 26 -82.36 29.42 -6.27
C GLY R 26 -81.27 29.56 -7.33
N GLU R 27 -81.60 30.11 -8.50
CA GLU R 27 -80.68 30.13 -9.64
C GLU R 27 -79.53 31.11 -9.43
N ILE R 28 -78.35 30.70 -9.87
CA ILE R 28 -77.11 31.45 -9.67
C ILE R 28 -76.96 32.48 -10.79
N ILE R 29 -76.88 33.74 -10.40
CA ILE R 29 -76.73 34.86 -11.34
C ILE R 29 -75.26 35.21 -11.56
N MET R 30 -74.40 34.92 -10.57
CA MET R 30 -72.98 35.25 -10.63
C MET R 30 -72.17 34.27 -9.81
N ARG R 31 -71.04 33.84 -10.36
CA ARG R 31 -70.00 33.17 -9.59
C ARG R 31 -68.78 34.07 -9.59
N GLN R 32 -68.15 34.22 -8.43
CA GLN R 32 -67.11 35.23 -8.24
C GLN R 32 -66.23 34.96 -7.03
N ARG R 33 -65.07 35.61 -7.00
CA ARG R 33 -64.16 35.58 -5.86
C ARG R 33 -64.20 36.95 -5.20
N GLY R 34 -64.98 37.06 -4.13
CA GLY R 34 -65.21 38.34 -3.47
C GLY R 34 -66.26 39.13 -4.22
N THR R 35 -66.88 40.06 -3.51
CA THR R 35 -67.99 40.83 -4.07
C THR R 35 -67.52 41.86 -5.08
N LYS R 36 -67.36 41.42 -6.32
CA LYS R 36 -67.25 42.32 -7.47
C LYS R 36 -68.63 42.91 -7.73
N PHE R 37 -69.65 42.05 -7.65
CA PHE R 37 -71.05 42.47 -7.63
C PHE R 37 -71.65 42.18 -6.26
N TYR R 38 -72.39 43.16 -5.73
CA TYR R 38 -73.08 43.00 -4.45
C TYR R 38 -74.51 42.53 -4.67
N PRO R 39 -75.05 41.77 -3.70
CA PRO R 39 -76.41 41.28 -3.84
C PRO R 39 -77.43 42.40 -3.66
N GLY R 40 -78.19 42.68 -4.72
CA GLY R 40 -79.12 43.79 -4.74
C GLY R 40 -80.51 43.38 -4.27
N GLU R 41 -81.53 43.80 -5.02
CA GLU R 41 -82.92 43.62 -4.64
C GLU R 41 -83.40 42.21 -5.00
N ASN R 42 -84.08 41.57 -4.05
CA ASN R 42 -84.63 40.21 -4.23
C ASN R 42 -83.58 39.16 -4.60
N VAL R 43 -82.38 39.32 -4.04
CA VAL R 43 -81.22 38.51 -4.39
C VAL R 43 -80.39 38.21 -3.14
N GLY R 44 -79.95 36.95 -3.03
CA GLY R 44 -79.12 36.49 -1.91
C GLY R 44 -77.67 36.40 -2.29
N ILE R 45 -76.83 36.06 -1.32
CA ILE R 45 -75.40 35.85 -1.56
C ILE R 45 -74.89 34.68 -0.70
N GLY R 46 -74.09 33.81 -1.32
CA GLY R 46 -73.65 32.57 -0.70
C GLY R 46 -72.29 32.66 -0.04
N LYS R 47 -71.78 31.50 0.38
CA LYS R 47 -70.47 31.38 1.04
C LYS R 47 -69.36 31.81 0.11
N ASP R 48 -69.43 31.33 -1.14
CA ASP R 48 -68.48 31.69 -2.19
C ASP R 48 -68.81 33.03 -2.89
N HIS R 49 -69.53 33.91 -2.20
CA HIS R 49 -70.02 35.18 -2.76
C HIS R 49 -70.84 35.03 -4.04
N SER R 50 -71.52 33.89 -4.19
CA SER R 50 -72.29 33.59 -5.38
C SER R 50 -73.63 34.28 -5.24
N ILE R 51 -73.95 35.19 -6.15
CA ILE R 51 -75.26 35.84 -6.15
C ILE R 51 -76.27 34.86 -6.71
N PHE R 52 -77.38 34.67 -5.99
CA PHE R 52 -78.48 33.81 -6.43
C PHE R 52 -79.81 34.50 -6.23
N ALA R 53 -80.79 34.12 -7.04
CA ALA R 53 -82.12 34.74 -7.01
C ALA R 53 -82.96 34.17 -5.88
N LEU R 54 -83.54 35.07 -5.07
CA LEU R 54 -84.47 34.69 -4.01
C LEU R 54 -85.90 34.52 -4.52
N GLU R 55 -86.21 35.15 -5.65
CA GLU R 55 -87.55 35.13 -6.21
C GLU R 55 -87.52 34.92 -7.73
N PRO R 56 -88.68 34.55 -8.32
CA PRO R 56 -88.78 34.54 -9.78
C PRO R 56 -88.90 35.96 -10.30
N GLY R 57 -88.15 36.28 -11.35
CA GLY R 57 -88.17 37.63 -11.91
C GLY R 57 -87.23 37.83 -13.07
N VAL R 58 -86.70 39.05 -13.17
CA VAL R 58 -85.85 39.48 -14.27
C VAL R 58 -84.53 39.98 -13.69
N VAL R 59 -83.42 39.35 -14.10
CA VAL R 59 -82.10 39.74 -13.63
C VAL R 59 -81.75 41.12 -14.16
N ARG R 60 -81.34 42.01 -13.26
CA ARG R 60 -80.93 43.36 -13.63
C ARG R 60 -79.63 43.74 -12.92
N TYR R 61 -78.69 44.28 -13.70
CA TYR R 61 -77.44 44.82 -13.19
C TYR R 61 -77.62 46.33 -13.06
N TYR R 62 -77.17 46.91 -11.95
CA TYR R 62 -77.36 48.34 -11.71
C TYR R 62 -76.41 48.96 -10.69
N LEU R 63 -76.38 50.29 -10.68
CA LEU R 63 -75.78 51.08 -9.60
C LEU R 63 -76.88 51.71 -8.74
N ASP R 64 -76.61 51.84 -7.46
CA ASP R 64 -77.49 52.50 -6.50
C ASP R 64 -76.73 53.68 -5.91
N PRO R 65 -77.32 54.91 -5.95
CA PRO R 65 -76.68 56.06 -5.31
C PRO R 65 -76.34 55.92 -3.81
N PHE R 66 -77.15 55.16 -3.07
CA PHE R 66 -76.86 54.89 -1.66
C PHE R 66 -75.51 54.19 -1.45
N HIS R 67 -75.14 53.34 -2.40
CA HIS R 67 -73.86 52.63 -2.38
C HIS R 67 -73.05 53.01 -3.62
N PRO R 68 -72.39 54.18 -3.59
CA PRO R 68 -71.53 54.54 -4.71
C PRO R 68 -70.25 53.70 -4.68
N LYS R 69 -69.65 53.50 -5.85
CA LYS R 69 -68.48 52.61 -6.02
C LYS R 69 -68.80 51.15 -5.71
N ARG R 70 -70.04 50.73 -6.00
CA ARG R 70 -70.46 49.34 -5.82
C ARG R 70 -71.47 48.97 -6.90
N LYS R 71 -71.16 47.91 -7.66
CA LYS R 71 -72.07 47.37 -8.66
C LYS R 71 -73.01 46.38 -8.01
N PHE R 72 -74.26 46.38 -8.48
CA PHE R 72 -75.29 45.49 -7.94
C PHE R 72 -75.93 44.63 -9.00
N ILE R 73 -76.35 43.45 -8.56
CA ILE R 73 -77.19 42.56 -9.33
C ILE R 73 -78.43 42.34 -8.48
N GLY R 74 -79.59 42.63 -9.04
CA GLY R 74 -80.86 42.32 -8.38
C GLY R 74 -81.83 41.69 -9.35
N VAL R 75 -82.98 41.28 -8.83
CA VAL R 75 -84.02 40.63 -9.62
C VAL R 75 -85.31 41.44 -9.50
N ALA R 76 -85.71 42.10 -10.59
CA ALA R 76 -86.99 42.80 -10.65
C ALA R 76 -88.11 41.78 -10.82
N LEU R 77 -89.21 41.98 -10.09
CA LEU R 77 -90.34 41.03 -10.12
C LEU R 77 -91.11 41.06 -11.45
N ARG R 78 -90.94 42.13 -12.23
CA ARG R 78 -91.43 42.19 -13.62
C ARG R 78 -90.41 42.90 -14.51
N ARG R 79 -90.66 42.87 -15.82
CA ARG R 79 -89.83 43.59 -16.80
C ARG R 79 -90.07 45.11 -16.79
N ASP R 80 -91.20 45.53 -16.23
CA ASP R 80 -91.60 46.93 -16.20
C ASP R 80 -90.75 47.78 -15.25
N LEU R 81 -90.22 47.15 -14.19
CA LEU R 81 -89.56 47.87 -13.10
C LEU R 81 -88.10 48.18 -13.41
N LYS R 82 -87.71 49.44 -13.20
CA LYS R 82 -86.31 49.84 -13.16
C LYS R 82 -85.79 49.43 -11.79
N LEU R 83 -84.87 48.46 -11.76
CA LEU R 83 -84.58 47.73 -10.52
C LEU R 83 -83.74 48.45 -9.45
N PRO R 84 -83.03 49.56 -9.80
CA PRO R 84 -82.71 50.47 -8.70
C PRO R 84 -84.00 51.22 -8.32
N SER R 85 -84.82 50.57 -7.50
CA SER R 85 -86.21 50.98 -7.30
C SER R 85 -86.27 52.30 -6.51
N PRO R 86 -87.37 53.08 -6.70
CA PRO R 86 -87.47 54.33 -5.95
C PRO R 86 -87.53 54.08 -4.44
N HIS R 87 -86.77 54.86 -3.69
CA HIS R 87 -86.52 54.60 -2.28
C HIS R 87 -87.78 54.70 -1.42
N PHE R 88 -88.46 55.84 -1.54
CA PHE R 88 -89.65 56.13 -0.73
C PHE R 88 -90.97 55.54 -1.25
N GLU R 89 -90.95 54.93 -2.44
CA GLU R 89 -92.09 54.15 -2.92
C GLU R 89 -92.14 52.80 -2.18
N PRO R 90 -93.35 52.19 -2.08
CA PRO R 90 -93.48 50.91 -1.38
C PRO R 90 -92.85 49.76 -2.15
N THR R 91 -92.31 48.79 -1.41
CA THR R 91 -91.58 47.67 -2.00
C THR R 91 -92.51 46.75 -2.78
N VAL R 92 -92.16 46.48 -4.05
CA VAL R 92 -92.89 45.50 -4.85
C VAL R 92 -92.62 44.10 -4.28
N ARG R 93 -93.67 43.50 -3.73
CA ARG R 93 -93.59 42.21 -3.06
C ARG R 93 -94.39 41.16 -3.81
N ARG R 94 -93.95 39.92 -3.68
CA ARG R 94 -94.65 38.76 -4.22
C ARG R 94 -95.28 38.01 -3.05
N PHE R 95 -96.57 37.71 -3.16
CA PHE R 95 -97.26 36.88 -2.17
C PHE R 95 -96.74 35.45 -2.30
N GLY R 96 -96.75 34.93 -3.52
CA GLY R 96 -96.09 33.66 -3.84
C GLY R 96 -96.72 32.39 -3.32
N ARG R 97 -97.91 32.48 -2.73
CA ARG R 97 -98.64 31.33 -2.21
C ARG R 97 -99.96 31.24 -2.96
N PHE R 98 -100.65 30.13 -2.77
CA PHE R 98 -101.96 29.90 -3.39
C PHE R 98 -102.94 29.40 -2.34
N GLU R 99 -104.19 29.88 -2.42
CA GLU R 99 -105.22 29.45 -1.48
C GLU R 99 -105.66 28.02 -1.81
N LEU R 100 -106.02 27.28 -0.77
CA LEU R 100 -106.39 25.88 -0.89
C LEU R 100 -107.90 25.81 -1.12
N THR R 101 -108.28 26.02 -2.39
CA THR R 101 -109.68 25.90 -2.84
C THR R 101 -110.28 24.55 -2.50
N ASN R 102 -109.50 23.49 -2.75
CA ASN R 102 -109.82 22.13 -2.28
C ASN R 102 -110.11 22.15 -0.79
N LYS R 103 -111.23 21.54 -0.40
CA LYS R 103 -111.73 21.62 0.98
C LYS R 103 -110.91 20.77 1.94
N ARG R 104 -110.66 19.54 1.54
CA ARG R 104 -109.86 18.58 2.33
C ARG R 104 -108.47 19.13 2.65
N ALA R 105 -107.79 19.62 1.62
CA ALA R 105 -106.46 20.23 1.75
C ALA R 105 -106.44 21.38 2.75
N ALA R 106 -107.45 22.25 2.63
CA ALA R 106 -107.62 23.39 3.52
C ALA R 106 -107.81 22.94 4.97
N TYR R 107 -108.66 21.93 5.15
CA TYR R 107 -108.90 21.31 6.47
C TYR R 107 -107.62 20.75 7.08
N LYS R 108 -106.85 20.03 6.27
CA LYS R 108 -105.55 19.47 6.70
C LYS R 108 -104.60 20.56 7.16
N GLU R 109 -104.56 21.64 6.39
CA GLU R 109 -103.71 22.79 6.68
C GLU R 109 -104.11 23.48 7.98
N GLU R 110 -105.41 23.63 8.19
CA GLU R 110 -105.97 24.17 9.44
C GLU R 110 -105.57 23.32 10.64
N ASN R 111 -105.70 22.00 10.49
CA ASN R 111 -105.29 21.04 11.52
C ASN R 111 -103.82 21.14 11.89
N SER R 112 -102.96 21.29 10.88
CA SER R 112 -101.51 21.30 11.08
C SER R 112 -101.03 22.53 11.84
N ILE R 113 -100.32 22.29 12.94
CA ILE R 113 -99.75 23.35 13.77
C ILE R 113 -98.29 23.00 14.11
N SER R 114 -97.59 23.94 14.73
CA SER R 114 -96.22 23.72 15.18
C SER R 114 -96.16 22.61 16.24
N ARG R 115 -94.99 22.00 16.40
CA ARG R 115 -94.80 21.00 17.46
C ARG R 115 -94.90 21.63 18.83
N LYS R 116 -94.30 22.81 18.99
CA LYS R 116 -94.36 23.57 20.24
C LYS R 116 -95.81 23.86 20.66
N ASP R 117 -96.58 24.32 19.68
CA ASP R 117 -98.02 24.59 19.87
C ASP R 117 -98.77 23.35 20.31
N TYR R 118 -98.52 22.24 19.60
CA TYR R 118 -99.10 20.94 19.91
C TYR R 118 -98.80 20.48 21.33
N LEU R 119 -97.53 20.63 21.72
CA LEU R 119 -97.06 20.34 23.09
C LEU R 119 -97.76 21.19 24.14
N ALA R 120 -97.84 22.49 23.86
CA ALA R 120 -98.32 23.47 24.83
C ALA R 120 -99.83 23.49 24.96
N LYS R 121 -100.53 23.26 23.85
CA LYS R 121 -101.99 23.40 23.75
C LYS R 121 -102.82 22.83 24.92
N PRO R 122 -102.62 21.56 25.30
CA PRO R 122 -103.45 20.97 26.37
C PRO R 122 -103.34 21.70 27.71
N ASN R 123 -102.11 22.05 28.08
CA ASN R 123 -101.83 22.85 29.28
C ASN R 123 -102.53 24.21 29.25
N ILE R 124 -102.45 24.87 28.09
CA ILE R 124 -103.11 26.16 27.85
C ILE R 124 -104.63 26.03 28.03
N LEU R 125 -105.19 24.99 27.43
CA LEU R 125 -106.62 24.68 27.55
C LEU R 125 -107.06 24.47 29.00
N LYS R 126 -106.26 23.71 29.73
CA LYS R 126 -106.48 23.46 31.15
C LYS R 126 -106.51 24.76 31.95
N GLN R 127 -105.51 25.60 31.71
CA GLN R 127 -105.40 26.92 32.34
C GLN R 127 -106.62 27.80 32.07
N LEU R 128 -107.06 27.81 30.83
CA LEU R 128 -108.27 28.52 30.39
C LEU R 128 -109.50 28.02 31.17
N GLU R 129 -109.66 26.70 31.21
CA GLU R 129 -110.75 26.04 31.94
C GLU R 129 -110.77 26.41 33.42
N VAL R 130 -109.58 26.44 34.03
CA VAL R 130 -109.40 26.86 35.42
C VAL R 130 -109.87 28.30 35.62
N ARG R 131 -109.41 29.18 34.72
CA ARG R 131 -109.78 30.60 34.76
C ARG R 131 -111.28 30.83 34.60
N GLU R 132 -111.89 30.06 33.70
CA GLU R 132 -113.36 30.05 33.52
C GLU R 132 -114.10 29.65 34.78
N SER R 133 -113.59 28.60 35.43
CA SER R 133 -114.16 28.09 36.69
C SER R 133 -114.09 29.15 37.80
N LYS R 134 -112.94 29.81 37.90
CA LYS R 134 -112.72 30.90 38.85
C LYS R 134 -113.69 32.06 38.62
N ARG R 135 -113.85 32.46 37.36
CA ARG R 135 -114.81 33.49 36.96
C ARG R 135 -116.23 33.16 37.36
N LYS R 136 -116.61 31.90 37.12
CA LYS R 136 -117.93 31.38 37.49
C LYS R 136 -118.16 31.45 39.00
N GLU R 137 -117.15 31.01 39.76
CA GLU R 137 -117.18 31.11 41.23
C GLU R 137 -117.36 32.54 41.71
N LEU R 138 -116.62 33.45 41.10
CA LEU R 138 -116.70 34.88 41.41
C LEU R 138 -118.09 35.44 41.15
N GLN R 139 -118.65 35.07 40.00
CA GLN R 139 -120.01 35.49 39.62
C GLN R 139 -121.06 34.97 40.61
N ASP R 140 -120.88 33.72 41.04
CA ASP R 140 -121.75 33.08 42.03
C ASP R 140 -121.69 33.80 43.38
N LYS R 141 -120.47 34.18 43.77
CA LYS R 141 -120.24 34.95 44.99
C LYS R 141 -120.95 36.30 44.93
N LEU R 142 -120.77 37.00 43.80
CA LEU R 142 -121.42 38.29 43.55
C LEU R 142 -122.94 38.19 43.63
N SER R 143 -123.49 37.15 43.02
CA SER R 143 -124.93 36.88 43.06
C SER R 143 -125.42 36.67 44.49
N LYS R 144 -124.68 35.88 45.25
CA LYS R 144 -124.96 35.67 46.68
C LYS R 144 -124.97 36.96 47.48
N VAL R 145 -123.97 37.81 47.23
CA VAL R 145 -123.84 39.12 47.88
C VAL R 145 -125.07 39.99 47.58
N LEU R 146 -125.44 40.04 46.30
CA LEU R 146 -126.63 40.78 45.85
C LEU R 146 -127.90 40.29 46.54
N ARG R 147 -128.04 38.97 46.66
CA ARG R 147 -129.22 38.36 47.29
C ARG R 147 -129.33 38.67 48.79
N ASP R 148 -128.25 38.38 49.52
CA ASP R 148 -128.26 38.44 50.98
C ASP R 148 -128.05 39.85 51.53
N GLU R 149 -127.02 40.53 51.04
CA GLU R 149 -126.57 41.80 51.62
C GLU R 149 -127.33 42.99 51.05
N LEU R 150 -127.26 43.16 49.73
CA LEU R 150 -127.80 44.33 49.04
C LEU R 150 -129.12 44.01 48.34
N LYS R 151 -130.22 44.18 49.07
CA LYS R 151 -131.57 43.82 48.58
C LYS R 151 -131.94 44.63 47.34
N LEU R 152 -131.72 44.04 46.16
CA LEU R 152 -131.81 44.74 44.88
C LEU R 152 -132.82 44.13 43.90
N ASP R 153 -133.40 45.00 43.07
CA ASP R 153 -134.26 44.59 41.96
C ASP R 153 -133.38 44.41 40.72
N ILE R 154 -133.43 43.22 40.14
CA ILE R 154 -132.58 42.86 38.99
C ILE R 154 -133.33 41.90 38.05
N LYS R 155 -133.40 42.26 36.77
CA LYS R 155 -134.16 41.51 35.78
C LYS R 155 -133.29 40.43 35.15
N ASP R 156 -132.17 40.83 34.56
CA ASP R 156 -131.18 39.92 33.99
C ASP R 156 -129.95 39.92 34.90
N ILE R 157 -129.94 38.95 35.84
CA ILE R 157 -128.88 38.87 36.85
C ILE R 157 -127.52 38.47 36.28
N GLU R 158 -127.52 37.54 35.33
CA GLU R 158 -126.29 36.99 34.75
C GLU R 158 -125.43 38.06 34.06
N LEU R 159 -126.10 38.92 33.31
CA LEU R 159 -125.46 40.09 32.67
C LEU R 159 -124.84 41.02 33.71
N ALA R 160 -125.59 41.32 34.76
CA ALA R 160 -125.14 42.16 35.86
C ALA R 160 -123.90 41.58 36.53
N THR R 161 -123.93 40.29 36.80
CA THR R 161 -122.79 39.57 37.40
C THR R 161 -121.55 39.65 36.51
N SER R 162 -121.77 39.46 35.21
CA SER R 162 -120.69 39.53 34.21
C SER R 162 -120.06 40.92 34.14
N TYR R 163 -120.89 41.95 34.24
CA TYR R 163 -120.45 43.33 34.33
C TYR R 163 -119.59 43.55 35.58
N LEU R 164 -120.11 43.09 36.71
CA LEU R 164 -119.40 43.18 38.00
C LEU R 164 -118.01 42.56 37.97
N ILE R 165 -117.91 41.34 37.44
CA ILE R 165 -116.60 40.65 37.33
C ILE R 165 -115.65 41.40 36.40
N ARG R 166 -116.18 42.02 35.35
CA ARG R 166 -115.38 42.82 34.43
C ARG R 166 -114.83 44.08 35.10
N VAL R 167 -115.68 44.74 35.88
CA VAL R 167 -115.29 45.89 36.70
C VAL R 167 -114.19 45.50 37.67
N ARG R 168 -114.38 44.38 38.36
CA ARG R 168 -113.41 43.86 39.32
C ARG R 168 -112.05 43.59 38.68
N ALA R 169 -112.09 42.96 37.51
CA ALA R 169 -110.88 42.69 36.71
C ALA R 169 -110.14 43.97 36.38
N SER R 170 -110.89 44.96 35.89
CA SER R 170 -110.35 46.28 35.55
C SER R 170 -109.70 46.95 36.76
N LEU R 171 -110.39 46.89 37.90
CA LEU R 171 -109.86 47.38 39.19
C LEU R 171 -108.56 46.71 39.60
N LYS R 172 -108.50 45.39 39.42
CA LYS R 172 -107.31 44.58 39.69
C LYS R 172 -106.15 45.06 38.82
N ASN R 173 -106.45 45.29 37.55
CA ASN R 173 -105.53 45.93 36.62
C ASN R 173 -105.45 47.44 36.92
N GLY R 174 -104.63 48.18 36.18
CA GLY R 174 -104.29 49.55 36.57
C GLY R 174 -105.25 50.64 36.08
N TYR R 175 -106.55 50.39 36.21
CA TYR R 175 -107.57 51.33 35.75
C TYR R 175 -108.17 52.12 36.92
N PRO R 176 -108.47 53.42 36.70
CA PRO R 176 -109.32 54.15 37.65
C PRO R 176 -110.72 53.55 37.73
N ILE R 177 -111.45 53.82 38.81
CA ILE R 177 -112.74 53.14 39.04
C ILE R 177 -113.79 53.52 37.98
N GLU R 178 -113.84 54.81 37.65
CA GLU R 178 -114.79 55.34 36.65
C GLU R 178 -114.47 54.79 35.26
N ASP R 179 -113.18 54.84 34.91
CA ASP R 179 -112.66 54.27 33.67
C ASP R 179 -113.01 52.79 33.55
N ALA R 180 -112.73 52.05 34.62
CA ALA R 180 -113.01 50.61 34.71
C ALA R 180 -114.48 50.30 34.43
N ARG R 181 -115.36 51.05 35.11
CA ARG R 181 -116.81 50.93 34.94
C ARG R 181 -117.25 51.22 33.51
N PHE R 182 -116.70 52.29 32.93
CA PHE R 182 -117.02 52.66 31.55
C PHE R 182 -116.64 51.58 30.57
N ASN R 183 -115.42 51.07 30.69
CA ASN R 183 -114.91 49.99 29.83
C ASN R 183 -115.81 48.77 29.85
N SER R 184 -116.22 48.39 31.05
CA SER R 184 -117.16 47.28 31.26
C SER R 184 -118.50 47.52 30.58
N ARG R 185 -119.01 48.75 30.73
CA ARG R 185 -120.27 49.19 30.10
C ARG R 185 -120.17 49.11 28.58
N TYR R 186 -119.06 49.60 28.05
CA TYR R 186 -118.79 49.57 26.61
C TYR R 186 -118.73 48.16 26.04
N TYR R 187 -118.02 47.27 26.72
CA TYR R 187 -117.75 45.92 26.23
C TYR R 187 -119.01 45.13 25.92
N LEU R 188 -119.93 45.13 26.89
CA LEU R 188 -121.22 44.44 26.76
C LEU R 188 -122.07 45.02 25.64
N LYS R 189 -122.09 46.34 25.54
CA LYS R 189 -122.77 47.05 24.47
C LYS R 189 -122.22 46.67 23.10
N GLU R 190 -120.89 46.67 22.99
CA GLU R 190 -120.19 46.23 21.77
C GLU R 190 -120.58 44.81 21.36
N GLU R 191 -120.59 43.90 22.33
CA GLU R 191 -121.00 42.51 22.11
C GLU R 191 -122.43 42.41 21.59
N GLU R 192 -123.32 43.18 22.19
CA GLU R 192 -124.73 43.26 21.76
C GLU R 192 -124.87 43.75 20.32
N ARG R 193 -124.12 44.81 19.99
CA ARG R 193 -124.08 45.36 18.64
C ARG R 193 -123.62 44.33 17.62
N LEU R 194 -122.55 43.61 17.97
CA LEU R 194 -122.02 42.52 17.14
C LEU R 194 -123.04 41.41 16.89
N LYS R 195 -123.74 41.03 17.97
CA LYS R 195 -124.81 40.03 17.90
C LYS R 195 -125.92 40.47 16.96
N ALA R 196 -126.34 41.73 17.11
CA ALA R 196 -127.36 42.34 16.26
C ALA R 196 -126.97 42.33 14.78
N ARG R 197 -125.72 42.70 14.51
CA ARG R 197 -125.14 42.68 13.17
C ARG R 197 -125.18 41.27 12.56
N ARG R 198 -124.78 40.30 13.38
CA ARG R 198 -124.79 38.87 13.00
C ARG R 198 -126.19 38.41 12.59
N GLU R 199 -127.16 38.67 13.46
CA GLU R 199 -128.52 38.15 13.34
C GLU R 199 -129.47 39.08 12.58
N SER R 200 -129.02 40.30 12.28
CA SER R 200 -129.82 41.32 11.58
C SER R 200 -131.12 41.64 12.33
N TRP R 201 -130.99 42.13 13.55
CA TRP R 201 -132.14 42.52 14.38
C TRP R 201 -132.82 43.77 13.82
N THR R 202 -134.08 43.93 14.19
CA THR R 202 -134.77 45.21 14.06
C THR R 202 -134.15 46.12 15.12
N ASN R 203 -133.60 47.25 14.67
CA ASN R 203 -132.79 48.15 15.52
C ASN R 203 -133.45 48.62 16.83
N GLU R 204 -134.78 48.66 16.85
CA GLU R 204 -135.56 48.99 18.06
C GLU R 204 -135.24 48.06 19.22
N LYS R 205 -135.22 46.76 18.93
CA LYS R 205 -134.87 45.72 19.90
C LYS R 205 -133.47 45.92 20.46
N LEU R 206 -132.53 46.18 19.56
CA LEU R 206 -131.13 46.46 19.91
C LEU R 206 -131.04 47.65 20.87
N SER R 207 -131.73 48.73 20.50
CA SER R 207 -131.79 49.96 21.30
C SER R 207 -132.36 49.70 22.71
N GLU R 208 -133.41 48.89 22.77
CA GLU R 208 -134.02 48.46 24.03
C GLU R 208 -133.04 47.69 24.90
N SER R 209 -132.32 46.76 24.27
CA SER R 209 -131.29 45.95 24.95
C SER R 209 -130.16 46.82 25.52
N LEU R 210 -129.72 47.78 24.73
CA LEU R 210 -128.73 48.77 25.16
C LEU R 210 -129.19 49.58 26.36
N SER R 211 -130.44 50.03 26.31
CA SER R 211 -131.08 50.78 27.40
C SER R 211 -131.13 49.96 28.69
N LYS R 212 -131.52 48.70 28.55
CA LYS R 212 -131.52 47.75 29.67
C LYS R 212 -130.15 47.57 30.30
N ILE R 213 -129.14 47.39 29.45
CA ILE R 213 -127.74 47.29 29.87
C ILE R 213 -127.29 48.53 30.66
N ASP R 214 -127.62 49.69 30.12
CA ASP R 214 -127.31 50.98 30.76
C ASP R 214 -127.94 51.07 32.15
N GLU R 215 -129.22 50.71 32.23
CA GLU R 215 -129.97 50.68 33.49
C GLU R 215 -129.31 49.77 34.52
N CYS R 216 -128.94 48.56 34.07
CA CYS R 216 -128.24 47.57 34.91
C CYS R 216 -126.95 48.15 35.46
N SER R 217 -126.14 48.74 34.56
CA SER R 217 -124.87 49.37 34.93
C SER R 217 -125.08 50.51 35.92
N ASP R 218 -126.00 51.42 35.57
CA ASP R 218 -126.35 52.57 36.42
C ASP R 218 -126.81 52.16 37.81
N LEU R 219 -127.67 51.14 37.86
CA LEU R 219 -128.18 50.58 39.12
C LEU R 219 -127.04 50.04 39.99
N LEU R 220 -126.12 49.31 39.36
CA LEU R 220 -124.98 48.73 40.06
C LEU R 220 -124.02 49.81 40.59
N ASN R 221 -123.81 50.85 39.78
CA ASN R 221 -123.05 52.03 40.21
C ASN R 221 -123.66 52.69 41.45
N SER R 222 -124.98 52.85 41.42
CA SER R 222 -125.74 53.43 42.53
C SER R 222 -125.60 52.63 43.82
N SER R 223 -125.78 51.31 43.70
CA SER R 223 -125.91 50.42 44.87
C SER R 223 -124.59 49.85 45.37
N THR R 224 -123.83 49.26 44.44
CA THR R 224 -122.64 48.47 44.79
C THR R 224 -121.35 49.28 44.73
N SER R 225 -120.32 48.74 45.37
CA SER R 225 -118.96 49.25 45.28
C SER R 225 -117.98 48.14 45.61
N PHE R 226 -116.80 48.18 45.00
CA PHE R 226 -115.72 47.24 45.29
C PHE R 226 -114.80 47.84 46.34
N ASN R 227 -114.54 47.09 47.41
CA ASN R 227 -113.66 47.55 48.48
C ASN R 227 -112.19 47.49 48.08
N ASN R 228 -111.33 47.89 49.00
CA ASN R 228 -109.87 47.71 48.92
C ASN R 228 -109.45 46.37 48.30
N LYS R 229 -110.01 45.29 48.83
CA LYS R 229 -109.62 43.91 48.46
C LYS R 229 -110.40 43.29 47.28
N LEU R 230 -111.25 44.08 46.61
CA LEU R 230 -112.09 43.62 45.50
C LEU R 230 -113.19 42.61 45.89
N GLU R 231 -113.72 42.75 47.11
CA GLU R 231 -115.01 42.16 47.49
C GLU R 231 -116.09 43.21 47.29
N LEU R 232 -117.31 42.77 46.98
CA LEU R 232 -118.42 43.68 46.73
C LEU R 232 -119.16 44.02 48.02
N HIS R 233 -119.68 45.25 48.08
CA HIS R 233 -120.40 45.76 49.26
C HIS R 233 -121.23 47.00 48.90
N GLN R 234 -121.89 47.59 49.89
CA GLN R 234 -122.73 48.78 49.69
C GLN R 234 -121.90 50.01 49.28
N TYR R 235 -122.53 50.89 48.50
CA TYR R 235 -121.85 52.03 47.87
C TYR R 235 -121.63 53.18 48.84
N ILE R 236 -120.47 53.84 48.72
CA ILE R 236 -120.14 55.04 49.49
C ILE R 236 -119.65 56.12 48.52
N SER R 237 -120.13 57.35 48.70
CA SER R 237 -119.68 58.50 47.91
C SER R 237 -118.28 58.93 48.33
N GLU R 238 -117.68 59.83 47.56
CA GLU R 238 -116.28 60.23 47.75
C GLU R 238 -116.08 61.07 49.01
N GLN R 239 -116.94 62.07 49.18
CA GLN R 239 -116.92 62.95 50.36
C GLN R 239 -117.14 62.17 51.65
N GLU R 240 -118.14 61.27 51.60
CA GLU R 240 -118.47 60.38 52.72
C GLU R 240 -117.28 59.49 53.10
N LYS R 241 -116.65 58.90 52.09
CA LYS R 241 -115.42 58.10 52.27
C LYS R 241 -114.31 58.88 52.96
N GLN R 242 -114.08 60.10 52.46
CA GLN R 242 -113.10 61.03 53.05
C GLN R 242 -113.38 61.32 54.52
N ALA R 243 -114.66 61.58 54.82
CA ALA R 243 -115.12 61.83 56.19
C ALA R 243 -114.86 60.63 57.10
N LEU R 244 -115.20 59.44 56.61
CA LEU R 244 -114.94 58.18 57.30
C LEU R 244 -113.46 57.97 57.60
N LYS R 245 -112.62 58.24 56.60
CA LYS R 245 -111.17 58.17 56.74
C LYS R 245 -110.66 59.11 57.82
N ALA R 246 -111.15 60.34 57.79
CA ALA R 246 -110.81 61.37 58.78
C ALA R 246 -111.18 60.92 60.20
N LYS R 247 -112.39 60.37 60.34
CA LYS R 247 -112.87 59.81 61.61
C LYS R 247 -111.96 58.69 62.13
N LEU R 248 -111.60 57.79 61.22
CA LEU R 248 -110.69 56.69 61.51
C LEU R 248 -109.35 57.20 62.03
N LEU R 249 -108.78 58.17 61.31
CA LEU R 249 -107.53 58.83 61.71
C LEU R 249 -107.61 59.44 63.11
N GLU R 250 -108.70 60.17 63.37
CA GLU R 250 -108.98 60.75 64.69
C GLU R 250 -109.01 59.70 65.80
N ASP R 251 -109.71 58.60 65.53
CA ASP R 251 -109.80 57.47 66.46
C ASP R 251 -108.42 56.86 66.75
N LEU R 252 -107.62 56.72 65.70
CA LEU R 252 -106.23 56.23 65.84
C LEU R 252 -105.38 57.14 66.70
N GLU R 253 -105.47 58.44 66.44
CA GLU R 253 -104.79 59.48 67.24
C GLU R 253 -105.17 59.40 68.73
N LYS R 254 -106.45 59.24 68.98
CA LYS R 254 -106.99 59.08 70.34
C LYS R 254 -106.38 57.88 71.08
N SER R 255 -106.32 56.73 70.39
CA SER R 255 -105.85 55.48 70.98
C SER R 255 -104.55 55.00 70.30
N GLN R 256 -103.45 55.70 70.58
CA GLN R 256 -102.13 55.37 70.03
C GLN R 256 -101.32 54.41 70.91
N HIS R 257 -101.49 54.53 72.24
CA HIS R 257 -100.55 53.93 73.19
C HIS R 257 -100.58 52.40 73.24
N LEU R 258 -101.78 51.83 73.34
CA LEU R 258 -101.99 50.38 73.39
C LEU R 258 -101.23 49.70 74.54
N GLU R 259 -101.67 50.00 75.76
CA GLU R 259 -101.05 49.45 76.96
C GLU R 259 -101.51 48.00 77.21
N THR R 260 -102.80 47.73 76.96
CA THR R 260 -103.42 46.43 77.25
C THR R 260 -103.78 45.62 76.00
N LYS R 261 -104.14 44.37 76.24
CA LYS R 261 -104.69 43.44 75.23
C LYS R 261 -105.98 43.97 74.63
N LYS R 262 -106.86 44.45 75.50
CA LYS R 262 -108.17 44.98 75.12
C LYS R 262 -108.07 46.12 74.10
N ASP R 263 -107.17 47.06 74.38
CA ASP R 263 -106.91 48.21 73.50
C ASP R 263 -106.45 47.75 72.10
N LYS R 264 -105.52 46.80 72.09
CA LYS R 264 -105.05 46.15 70.86
C LYS R 264 -106.19 45.52 70.07
N ASN R 265 -107.05 44.79 70.77
CA ASN R 265 -108.21 44.13 70.18
C ASN R 265 -109.16 45.14 69.54
N TYR R 266 -109.40 46.23 70.27
CA TYR R 266 -110.22 47.35 69.80
C TYR R 266 -109.66 47.98 68.52
N ILE R 267 -108.35 48.21 68.50
CA ILE R 267 -107.69 48.82 67.33
C ILE R 267 -107.78 47.89 66.12
N LYS R 268 -107.61 46.59 66.34
CA LYS R 268 -107.76 45.56 65.31
C LYS R 268 -109.16 45.57 64.70
N ALA R 269 -110.16 45.62 65.57
CA ALA R 269 -111.58 45.71 65.19
C ALA R 269 -111.86 46.95 64.34
N LEU R 270 -111.27 48.07 64.76
CA LEU R 270 -111.38 49.35 64.06
C LEU R 270 -110.79 49.25 62.65
N PHE R 271 -109.60 48.67 62.57
CA PHE R 271 -108.91 48.44 61.30
C PHE R 271 -109.66 47.53 60.34
N LYS R 272 -110.33 46.52 60.89
CA LYS R 272 -111.06 45.52 60.12
C LYS R 272 -112.12 46.13 59.17
N ASP R 273 -112.85 47.12 59.66
CA ASP R 273 -113.89 47.80 58.87
C ASP R 273 -113.34 48.71 57.75
N ALA R 274 -112.08 49.13 57.88
CA ALA R 274 -111.47 50.16 57.01
C ALA R 274 -111.48 49.88 55.50
N CYS R 275 -111.35 48.61 55.11
CA CYS R 275 -111.20 48.20 53.69
C CYS R 275 -112.21 48.82 52.71
N ASN R 276 -113.43 49.07 53.18
CA ASN R 276 -114.49 49.63 52.33
C ASN R 276 -114.27 51.09 51.90
N PHE R 277 -113.82 51.94 52.82
CA PHE R 277 -113.68 53.39 52.58
C PHE R 277 -112.23 53.88 52.42
N LEU R 278 -111.29 52.94 52.27
CA LEU R 278 -109.85 53.23 52.35
C LEU R 278 -109.11 52.51 51.23
N THR R 279 -108.12 53.17 50.64
CA THR R 279 -107.29 52.54 49.59
C THR R 279 -106.31 51.57 50.25
N LEU R 280 -105.66 50.74 49.43
CA LEU R 280 -104.75 49.71 49.93
C LEU R 280 -103.52 50.31 50.59
N SER R 281 -102.86 51.19 49.85
CA SER R 281 -101.65 51.89 50.29
C SER R 281 -101.84 52.62 51.62
N GLU R 282 -102.94 53.36 51.71
CA GLU R 282 -103.32 54.08 52.93
C GLU R 282 -103.49 53.14 54.12
N GLU R 283 -104.20 52.04 53.88
CA GLU R 283 -104.42 51.01 54.90
C GLU R 283 -103.12 50.40 55.40
N VAL R 284 -102.23 50.09 54.46
CA VAL R 284 -100.90 49.55 54.76
C VAL R 284 -100.11 50.51 55.65
N HIS R 285 -100.12 51.78 55.25
CA HIS R 285 -99.45 52.85 56.00
C HIS R 285 -99.95 52.94 57.43
N LEU R 286 -101.27 52.91 57.58
CA LEU R 286 -101.91 53.05 58.88
C LEU R 286 -101.60 51.87 59.81
N ARG R 287 -101.75 50.65 59.30
CA ARG R 287 -101.42 49.43 60.07
C ARG R 287 -99.98 49.44 60.56
N ARG R 288 -99.06 49.78 59.65
CA ARG R 288 -97.64 49.88 59.96
C ARG R 288 -97.36 50.92 61.04
N LYS R 289 -98.04 52.06 60.92
CA LYS R 289 -97.93 53.16 61.89
C LYS R 289 -98.38 52.77 63.29
N TYR R 290 -99.55 52.14 63.39
CA TYR R 290 -100.24 51.97 64.67
C TYR R 290 -100.20 50.56 65.27
N LEU R 291 -100.15 49.53 64.42
CA LEU R 291 -99.91 48.16 64.88
C LEU R 291 -98.43 47.83 64.65
N LYS R 292 -97.57 48.54 65.38
CA LYS R 292 -96.14 48.28 65.37
C LYS R 292 -95.88 46.95 66.05
N SER R 293 -94.88 46.22 65.57
CA SER R 293 -94.51 44.93 66.17
C SER R 293 -94.07 45.11 67.61
N VAL R 294 -93.23 46.11 67.86
CA VAL R 294 -92.81 46.50 69.21
C VAL R 294 -92.94 48.02 69.35
N PHE R 295 -93.37 48.47 70.53
CA PHE R 295 -93.61 49.91 70.77
C PHE R 295 -92.31 50.62 71.16
N PRO R 296 -92.28 51.98 71.08
CA PRO R 296 -91.09 52.73 71.49
C PRO R 296 -90.69 52.57 72.96
N GLU R 297 -89.46 53.00 73.27
CA GLU R 297 -88.92 52.93 74.62
C GLU R 297 -89.51 54.02 75.51
N THR R 298 -89.87 53.64 76.73
CA THR R 298 -90.38 54.59 77.74
C THR R 298 -90.29 53.97 79.13
N ASP R 299 -90.54 54.79 80.16
CA ASP R 299 -90.44 54.36 81.57
C ASP R 299 -91.24 53.09 81.89
N SER R 300 -92.40 52.94 81.25
CA SER R 300 -93.24 51.74 81.40
C SER R 300 -92.59 50.49 80.80
N THR R 301 -91.97 50.64 79.63
CA THR R 301 -91.45 49.51 78.85
C THR R 301 -89.98 49.19 79.09
N VAL R 302 -89.10 50.19 78.92
CA VAL R 302 -87.66 49.96 78.78
C VAL R 302 -86.92 49.61 80.08
N GLU R 303 -87.34 50.17 81.21
CA GLU R 303 -86.69 49.91 82.50
C GLU R 303 -86.99 48.50 83.02
N THR R 304 -88.28 48.18 83.10
CA THR R 304 -88.73 46.86 83.58
C THR R 304 -88.52 45.80 82.52
N ILE R 311 -86.32 42.38 75.67
CA ILE R 311 -85.97 41.62 76.87
C ILE R 311 -84.46 41.42 76.96
N VAL R 312 -83.87 40.93 75.88
CA VAL R 312 -82.42 40.72 75.77
C VAL R 312 -81.90 41.40 74.49
N SER R 313 -82.42 42.60 74.22
CA SER R 313 -82.02 43.38 73.05
C SER R 313 -80.76 44.16 73.40
N ARG R 314 -79.67 43.89 72.69
CA ARG R 314 -78.40 44.60 72.89
C ARG R 314 -77.93 45.23 71.58
N ARG R 315 -77.88 46.56 71.58
CA ARG R 315 -77.52 47.35 70.39
C ARG R 315 -76.24 48.13 70.63
N PHE R 316 -75.76 48.76 69.56
CA PHE R 316 -74.54 49.57 69.60
C PHE R 316 -74.92 51.05 69.42
N ASP R 317 -74.80 51.83 70.50
CA ASP R 317 -74.98 53.29 70.40
C ASP R 317 -73.66 53.94 69.94
N TYR R 318 -73.76 54.79 68.92
CA TYR R 318 -72.58 55.38 68.26
C TYR R 318 -72.09 56.69 68.88
N THR R 319 -72.82 57.21 69.87
CA THR R 319 -72.39 58.38 70.62
C THR R 319 -71.22 58.03 71.53
N LYS R 320 -71.41 57.00 72.35
CA LYS R 320 -70.41 56.53 73.31
C LYS R 320 -69.57 55.33 72.82
N ASN R 321 -70.00 54.71 71.71
CA ASN R 321 -69.34 53.53 71.12
C ASN R 321 -69.26 52.35 72.08
N LYS R 322 -70.43 51.88 72.50
CA LYS R 322 -70.54 50.77 73.45
C LYS R 322 -71.80 49.93 73.17
N VAL R 323 -71.82 48.71 73.72
CA VAL R 323 -72.94 47.79 73.53
C VAL R 323 -73.97 48.03 74.63
N GLU R 324 -74.96 48.87 74.33
CA GLU R 324 -76.00 49.23 75.29
C GLU R 324 -77.07 48.14 75.37
N VAL R 325 -77.06 47.38 76.46
CA VAL R 325 -78.03 46.31 76.69
C VAL R 325 -79.35 46.92 77.17
N ILE R 326 -80.46 46.41 76.65
CA ILE R 326 -81.80 46.92 76.95
C ILE R 326 -82.68 45.77 77.44
N ALA R 327 -83.44 46.03 78.51
CA ALA R 327 -84.32 45.03 79.13
C ALA R 327 -85.79 45.43 78.97
N ARG R 328 -86.33 45.18 77.78
CA ARG R 328 -87.70 45.58 77.44
C ARG R 328 -88.73 44.71 78.14
N SER R 329 -89.83 45.34 78.56
CA SER R 329 -90.95 44.64 79.19
C SER R 329 -91.80 43.91 78.16
N ARG R 330 -92.62 42.97 78.64
CA ARG R 330 -93.48 42.17 77.77
C ARG R 330 -94.65 42.98 77.20
N ARG R 331 -95.09 44.01 77.94
CA ARG R 331 -96.11 44.95 77.47
C ARG R 331 -95.74 45.75 76.20
N ALA R 332 -94.43 45.94 75.97
CA ALA R 332 -93.93 46.66 74.79
C ALA R 332 -94.16 45.95 73.45
N PHE R 333 -94.32 44.63 73.50
CA PHE R 333 -94.48 43.81 72.28
C PHE R 333 -95.96 43.61 71.99
N LEU R 334 -96.34 43.79 70.72
CA LEU R 334 -97.75 43.77 70.29
C LEU R 334 -98.38 42.39 70.46
N SER R 335 -97.68 41.36 70.00
CA SER R 335 -98.14 39.97 70.13
C SER R 335 -98.26 39.51 71.59
N LYS R 336 -97.39 40.02 72.46
CA LYS R 336 -97.33 39.62 73.87
C LYS R 336 -97.97 40.65 74.83
N LEU R 337 -99.06 41.29 74.40
CA LEU R 337 -99.79 42.23 75.26
C LEU R 337 -100.66 41.48 76.26
N ARG S 1 -67.76 -45.37 6.30
CA ARG S 1 -66.82 -45.45 5.15
C ARG S 1 -67.45 -46.15 3.95
N GLN S 2 -66.73 -46.15 2.84
CA GLN S 2 -67.11 -46.90 1.64
C GLN S 2 -65.91 -47.68 1.11
N TRP S 3 -66.20 -48.61 0.20
CA TRP S 3 -65.17 -49.46 -0.41
C TRP S 3 -65.25 -49.28 -1.92
N ARG S 4 -65.14 -48.03 -2.35
CA ARG S 4 -65.37 -47.65 -3.75
C ARG S 4 -64.30 -48.23 -4.68
N LEU S 5 -63.03 -48.07 -4.31
CA LEU S 5 -61.92 -48.56 -5.13
C LEU S 5 -61.81 -50.09 -5.15
N ILE S 6 -62.53 -50.77 -4.25
CA ILE S 6 -62.63 -52.23 -4.22
C ILE S 6 -63.86 -52.71 -5.00
N GLU S 7 -65.05 -52.27 -4.57
CA GLU S 7 -66.31 -52.77 -5.13
C GLU S 7 -66.67 -52.23 -6.52
N THR S 8 -65.94 -51.22 -6.98
CA THR S 8 -66.01 -50.78 -8.39
C THR S 8 -65.40 -51.83 -9.33
N ARG S 9 -64.36 -52.54 -8.87
CA ARG S 9 -63.63 -53.50 -9.70
C ARG S 9 -64.56 -54.58 -10.26
N LYS S 10 -64.36 -54.88 -11.55
CA LYS S 10 -65.11 -55.94 -12.24
C LYS S 10 -64.13 -56.89 -12.91
N ILE S 11 -64.48 -58.17 -12.93
CA ILE S 11 -63.65 -59.23 -13.52
C ILE S 11 -64.49 -59.94 -14.57
N ALA S 12 -63.81 -60.44 -15.62
CA ALA S 12 -64.49 -61.11 -16.73
C ALA S 12 -65.26 -62.33 -16.24
N LYS S 13 -66.57 -62.32 -16.48
CA LYS S 13 -67.45 -63.40 -16.04
C LYS S 13 -67.15 -64.68 -16.82
N GLN S 14 -66.57 -65.66 -16.12
CA GLN S 14 -66.24 -66.95 -16.71
C GLN S 14 -67.52 -67.73 -17.01
N PRO S 15 -67.64 -68.31 -18.22
CA PRO S 15 -68.82 -69.11 -18.55
C PRO S 15 -68.76 -70.47 -17.88
N ASN S 16 -69.88 -70.92 -17.32
CA ASN S 16 -69.94 -72.23 -16.66
C ASN S 16 -69.70 -73.38 -17.65
N TYR S 17 -68.64 -74.16 -17.41
CA TYR S 17 -68.19 -75.18 -18.34
C TYR S 17 -68.83 -76.54 -18.05
N GLN S 18 -69.66 -77.01 -18.98
CA GLN S 18 -70.26 -78.34 -18.91
C GLN S 18 -69.20 -79.38 -19.31
N VAL S 19 -69.38 -80.61 -18.82
CA VAL S 19 -68.44 -81.70 -19.08
C VAL S 19 -68.35 -82.09 -20.57
N GLY S 20 -69.49 -82.02 -21.28
CA GLY S 20 -69.56 -82.37 -22.70
C GLY S 20 -69.27 -81.26 -23.70
N ASP S 21 -69.07 -80.02 -23.22
CA ASP S 21 -68.87 -78.86 -24.09
C ASP S 21 -67.45 -78.84 -24.68
N ALA S 22 -67.26 -78.03 -25.72
CA ALA S 22 -65.95 -77.85 -26.33
C ALA S 22 -65.00 -77.03 -25.45
N LYS S 23 -63.70 -77.24 -25.64
CA LYS S 23 -62.67 -76.54 -24.85
C LYS S 23 -62.54 -75.07 -25.23
N PRO S 24 -62.01 -74.24 -24.31
CA PRO S 24 -61.53 -72.91 -24.67
C PRO S 24 -60.12 -73.02 -25.25
N LEU S 25 -59.71 -72.00 -26.02
CA LEU S 25 -58.41 -72.04 -26.71
C LEU S 25 -57.21 -72.07 -25.76
N HIS S 26 -57.27 -71.25 -24.70
CA HIS S 26 -56.22 -71.22 -23.67
C HIS S 26 -56.72 -71.72 -22.33
N MET S 27 -56.53 -73.02 -22.10
CA MET S 27 -56.77 -73.66 -20.81
C MET S 27 -55.44 -73.66 -20.04
N PRO S 28 -55.47 -73.30 -18.74
CA PRO S 28 -54.22 -73.19 -17.97
C PRO S 28 -53.58 -74.54 -17.63
N LYS S 29 -52.28 -74.52 -17.33
CA LYS S 29 -51.51 -75.73 -17.05
C LYS S 29 -51.83 -76.27 -15.66
N GLU S 30 -51.50 -75.48 -14.63
CA GLU S 30 -51.79 -75.85 -13.24
C GLU S 30 -53.19 -75.36 -12.87
N ARG S 31 -53.89 -76.14 -12.06
CA ARG S 31 -55.28 -75.84 -11.70
C ARG S 31 -55.39 -74.70 -10.68
N LYS S 32 -56.62 -74.21 -10.51
CA LYS S 32 -56.92 -73.16 -9.53
C LYS S 32 -56.79 -73.72 -8.11
N LYS S 33 -55.86 -73.15 -7.35
CA LYS S 33 -55.61 -73.58 -5.97
C LYS S 33 -56.62 -72.98 -5.00
N PHE S 34 -56.84 -71.67 -5.11
CA PHE S 34 -57.70 -70.92 -4.19
C PHE S 34 -59.05 -70.59 -4.82
N PRO S 35 -60.06 -70.24 -4.00
CA PRO S 35 -61.32 -69.73 -4.54
C PRO S 35 -61.15 -68.35 -5.17
N ASP S 36 -62.07 -68.00 -6.08
CA ASP S 36 -62.05 -66.68 -6.72
C ASP S 36 -62.49 -65.62 -5.71
N TYR S 37 -61.66 -64.59 -5.56
CA TYR S 37 -61.99 -63.43 -4.71
C TYR S 37 -62.95 -62.56 -5.51
N LYS S 38 -64.13 -62.28 -4.93
CA LYS S 38 -65.19 -61.52 -5.60
C LYS S 38 -64.70 -60.24 -6.28
N TYR S 39 -63.83 -59.51 -5.59
CA TYR S 39 -63.36 -58.20 -6.03
C TYR S 39 -61.96 -58.25 -6.66
N GLY S 40 -61.65 -59.35 -7.34
CA GLY S 40 -60.47 -59.46 -8.22
C GLY S 40 -59.11 -59.27 -7.56
N GLU S 41 -58.41 -58.22 -7.99
CA GLU S 41 -57.11 -57.86 -7.44
C GLU S 41 -56.84 -56.41 -7.83
N SER S 42 -56.49 -55.57 -6.86
CA SER S 42 -56.48 -54.12 -7.06
C SER S 42 -55.53 -53.71 -8.19
N ASN S 43 -56.00 -52.78 -9.02
CA ASN S 43 -55.25 -52.31 -10.19
C ASN S 43 -54.77 -50.86 -10.04
N ILE S 44 -54.58 -50.40 -8.80
CA ILE S 44 -54.09 -49.03 -8.55
C ILE S 44 -52.96 -48.95 -7.53
N PHE S 45 -53.18 -49.44 -6.31
CA PHE S 45 -52.19 -49.31 -5.25
C PHE S 45 -51.65 -50.72 -5.06
N LYS S 46 -51.03 -51.25 -6.12
CA LYS S 46 -50.64 -52.68 -6.21
C LYS S 46 -49.68 -53.14 -5.10
N GLN S 47 -49.00 -52.16 -4.50
CA GLN S 47 -48.40 -52.29 -3.17
C GLN S 47 -49.29 -53.04 -2.16
N SER S 48 -50.58 -52.69 -2.14
CA SER S 48 -51.56 -53.26 -1.21
C SER S 48 -52.07 -54.68 -1.51
N ASN S 49 -51.81 -55.19 -2.72
CA ASN S 49 -52.15 -56.59 -3.06
C ASN S 49 -51.34 -57.61 -2.26
N LYS S 50 -50.13 -57.24 -1.86
CA LYS S 50 -49.23 -58.12 -1.09
C LYS S 50 -49.51 -58.16 0.42
N GLY S 51 -50.37 -57.26 0.93
CA GLY S 51 -50.60 -57.16 2.38
C GLY S 51 -52.05 -56.91 2.79
N LEU S 52 -52.24 -56.83 4.11
CA LEU S 52 -53.54 -56.52 4.71
C LEU S 52 -53.65 -55.02 4.96
N TYR S 53 -54.10 -54.29 3.94
CA TYR S 53 -54.14 -52.82 4.00
C TYR S 53 -55.46 -52.28 4.57
N GLY S 54 -56.47 -53.14 4.71
CA GLY S 54 -57.76 -52.74 5.28
C GLY S 54 -58.51 -51.74 4.41
N GLY S 55 -58.48 -51.97 3.11
CA GLY S 55 -59.10 -51.07 2.13
C GLY S 55 -58.61 -49.64 2.18
N SER S 56 -57.35 -49.44 2.57
CA SER S 56 -56.75 -48.10 2.69
C SER S 56 -55.80 -47.87 1.52
N PHE S 57 -56.33 -47.23 0.48
CA PHE S 57 -55.55 -46.90 -0.71
C PHE S 57 -54.81 -45.59 -0.50
N VAL S 58 -53.86 -45.32 -1.38
CA VAL S 58 -53.15 -44.04 -1.38
C VAL S 58 -54.12 -42.95 -1.82
N GLN S 59 -54.06 -41.80 -1.15
CA GLN S 59 -54.78 -40.61 -1.57
C GLN S 59 -53.82 -39.74 -2.38
N PHE S 60 -54.39 -38.96 -3.29
CA PHE S 60 -53.72 -37.81 -3.88
C PHE S 60 -54.59 -36.58 -3.63
N GLY S 61 -53.94 -35.47 -3.29
CA GLY S 61 -54.61 -34.22 -2.98
C GLY S 61 -53.64 -33.07 -3.11
N ASN S 62 -53.97 -31.92 -2.50
CA ASN S 62 -53.19 -30.70 -2.70
C ASN S 62 -52.48 -30.22 -1.44
N ASN S 63 -51.17 -30.03 -1.55
CA ASN S 63 -50.45 -29.18 -0.60
C ASN S 63 -50.88 -27.74 -0.87
N ILE S 64 -51.29 -27.03 0.18
CA ILE S 64 -51.78 -25.66 0.06
C ILE S 64 -50.99 -24.77 1.02
N SER S 65 -50.49 -23.65 0.48
CA SER S 65 -49.66 -22.72 1.24
C SER S 65 -50.49 -21.59 1.87
N GLU S 66 -49.78 -20.63 2.48
CA GLU S 66 -50.41 -19.37 2.95
C GLU S 66 -50.92 -18.53 1.79
N SER S 67 -50.23 -18.60 0.65
CA SER S 67 -50.69 -17.97 -0.60
C SER S 67 -51.78 -18.76 -1.34
N LYS S 68 -52.19 -19.91 -0.79
CA LYS S 68 -53.09 -20.87 -1.42
C LYS S 68 -52.61 -21.41 -2.78
N ALA S 69 -51.28 -21.47 -2.96
CA ALA S 69 -50.69 -22.03 -4.16
C ALA S 69 -50.74 -23.55 -4.07
N LYS S 70 -51.65 -24.15 -4.83
CA LYS S 70 -51.91 -25.58 -4.74
C LYS S 70 -50.82 -26.38 -5.47
N THR S 71 -50.35 -27.44 -4.83
CA THR S 71 -49.34 -28.34 -5.40
C THR S 71 -49.74 -29.77 -5.06
N ARG S 72 -49.62 -30.69 -6.03
CA ARG S 72 -50.09 -32.07 -5.82
C ARG S 72 -49.21 -32.82 -4.82
N LYS S 73 -49.84 -33.43 -3.83
CA LYS S 73 -49.18 -34.31 -2.88
C LYS S 73 -49.95 -35.63 -2.80
N LYS S 74 -49.29 -36.64 -2.24
CA LYS S 74 -49.94 -37.93 -1.99
C LYS S 74 -49.83 -38.26 -0.51
N TRP S 75 -50.79 -39.06 -0.02
CA TRP S 75 -50.94 -39.37 1.39
C TRP S 75 -50.92 -40.89 1.51
N LEU S 76 -49.78 -41.43 1.93
CA LEU S 76 -49.62 -42.88 2.06
C LEU S 76 -50.14 -43.36 3.40
N PRO S 77 -50.65 -44.61 3.45
CA PRO S 77 -51.02 -45.17 4.74
C PRO S 77 -49.83 -45.62 5.57
N ASN S 78 -50.02 -45.69 6.88
CA ASN S 78 -48.97 -46.11 7.80
C ASN S 78 -48.82 -47.63 7.76
N VAL S 79 -48.10 -48.08 6.74
CA VAL S 79 -47.87 -49.50 6.49
C VAL S 79 -46.77 -49.98 7.44
N VAL S 80 -46.85 -51.25 7.83
CA VAL S 80 -45.82 -51.85 8.67
C VAL S 80 -45.74 -53.37 8.50
N LYS S 81 -44.51 -53.88 8.43
CA LYS S 81 -44.25 -55.32 8.33
C LYS S 81 -44.45 -55.91 9.73
N LYS S 82 -45.20 -57.00 9.84
CA LYS S 82 -45.57 -57.54 11.15
C LYS S 82 -45.89 -59.04 11.11
N GLY S 83 -45.02 -59.84 11.76
CA GLY S 83 -45.22 -61.28 11.89
C GLY S 83 -46.13 -61.60 13.05
N LEU S 84 -47.39 -61.90 12.74
CA LEU S 84 -48.41 -62.14 13.76
C LEU S 84 -48.85 -63.61 13.81
N TRP S 85 -49.10 -64.08 15.02
CA TRP S 85 -49.36 -65.51 15.27
C TRP S 85 -50.75 -65.96 14.82
N SER S 86 -50.78 -67.03 14.03
CA SER S 86 -52.01 -67.74 13.68
C SER S 86 -52.12 -68.98 14.54
N GLU S 87 -53.23 -69.10 15.28
CA GLU S 87 -53.51 -70.28 16.10
C GLU S 87 -53.90 -71.47 15.22
N THR S 88 -54.67 -71.19 14.18
CA THR S 88 -55.15 -72.21 13.23
C THR S 88 -54.01 -72.84 12.44
N LEU S 89 -53.14 -72.00 11.87
CA LEU S 89 -52.00 -72.48 11.08
C LEU S 89 -50.83 -72.98 11.94
N ASN S 90 -50.82 -72.59 13.21
CA ASN S 90 -49.74 -72.93 14.16
C ASN S 90 -48.37 -72.39 13.70
N ARG S 91 -48.40 -71.18 13.15
CA ARG S 91 -47.22 -70.46 12.71
C ARG S 91 -47.56 -68.97 12.71
N LYS S 92 -46.55 -68.12 12.81
CA LYS S 92 -46.77 -66.68 12.65
C LYS S 92 -46.68 -66.29 11.18
N ILE S 93 -47.58 -65.42 10.74
CA ILE S 93 -47.65 -64.98 9.34
C ILE S 93 -47.23 -63.51 9.22
N SER S 94 -46.10 -63.29 8.52
CA SER S 94 -45.53 -61.97 8.31
C SER S 94 -46.06 -61.32 7.04
N ILE S 95 -46.64 -60.12 7.20
CA ILE S 95 -47.22 -59.35 6.10
C ILE S 95 -47.15 -57.86 6.39
N LYS S 96 -47.35 -57.08 5.32
CA LYS S 96 -47.53 -55.64 5.43
C LYS S 96 -48.95 -55.35 5.92
N MET S 97 -49.06 -54.54 6.96
CA MET S 97 -50.35 -54.09 7.48
C MET S 97 -50.37 -52.60 7.64
N THR S 98 -51.55 -52.01 7.54
CA THR S 98 -51.78 -50.65 8.02
C THR S 98 -51.82 -50.75 9.56
N ALA S 99 -51.33 -49.70 10.24
CA ALA S 99 -51.41 -49.61 11.70
C ALA S 99 -52.85 -49.77 12.21
N LYS S 100 -53.77 -49.21 11.44
CA LYS S 100 -55.22 -49.38 11.65
C LYS S 100 -55.62 -50.84 11.66
N VAL S 101 -55.18 -51.58 10.64
CA VAL S 101 -55.45 -53.01 10.49
C VAL S 101 -54.90 -53.80 11.69
N LEU S 102 -53.69 -53.48 12.11
CA LEU S 102 -53.07 -54.08 13.29
C LEU S 102 -53.92 -53.86 14.54
N LYS S 103 -54.44 -52.64 14.68
CA LYS S 103 -55.34 -52.26 15.77
C LYS S 103 -56.62 -53.09 15.75
N THR S 104 -57.19 -53.26 14.56
CA THR S 104 -58.42 -54.06 14.38
C THR S 104 -58.20 -55.51 14.77
N ILE S 105 -57.07 -56.05 14.32
CA ILE S 105 -56.64 -57.42 14.64
C ILE S 105 -56.57 -57.61 16.16
N SER S 106 -55.91 -56.67 16.82
CA SER S 106 -55.76 -56.67 18.29
C SER S 106 -57.10 -56.66 19.00
N LYS S 107 -58.00 -55.80 18.50
CA LYS S 107 -59.37 -55.68 19.03
C LYS S 107 -60.13 -57.00 18.91
N GLU S 108 -60.06 -57.61 17.73
CA GLU S 108 -60.80 -58.84 17.44
C GLU S 108 -60.24 -60.09 18.13
N GLY S 109 -58.99 -60.01 18.56
CA GLY S 109 -58.37 -61.08 19.33
C GLY S 109 -57.85 -62.19 18.43
N GLY S 110 -56.92 -61.81 17.57
CA GLY S 110 -56.24 -62.76 16.68
C GLY S 110 -56.35 -62.37 15.22
N ILE S 111 -55.50 -63.03 14.43
CA ILE S 111 -55.33 -62.76 13.01
C ILE S 111 -56.32 -63.61 12.23
N ASP S 112 -56.43 -64.88 12.64
CA ASP S 112 -57.41 -65.82 12.08
C ASP S 112 -58.82 -65.29 12.18
N ASN S 113 -59.17 -64.78 13.37
CA ASN S 113 -60.46 -64.15 13.64
C ASN S 113 -60.76 -62.99 12.71
N TYR S 114 -59.76 -62.12 12.55
CA TYR S 114 -59.83 -60.99 11.63
C TYR S 114 -60.12 -61.45 10.20
N LEU S 115 -59.35 -62.44 9.74
CA LEU S 115 -59.53 -63.02 8.41
C LEU S 115 -60.93 -63.60 8.18
N THR S 116 -61.40 -64.37 9.17
CA THR S 116 -62.64 -65.16 9.03
C THR S 116 -63.96 -64.45 9.35
N LYS S 117 -63.93 -63.17 9.70
CA LYS S 117 -65.17 -62.42 9.99
C LYS S 117 -66.09 -62.40 8.77
N GLU S 118 -67.34 -62.80 8.96
CA GLU S 118 -68.26 -63.09 7.85
C GLU S 118 -68.84 -61.84 7.15
N LYS S 119 -68.76 -60.68 7.79
CA LYS S 119 -69.23 -59.42 7.18
C LYS S 119 -68.61 -59.15 5.81
N SER S 120 -69.41 -58.52 4.94
CA SER S 120 -68.97 -58.17 3.59
C SER S 120 -67.87 -57.11 3.60
N ALA S 121 -67.98 -56.16 4.53
CA ALA S 121 -66.98 -55.09 4.70
C ALA S 121 -65.57 -55.66 4.88
N ARG S 122 -65.46 -56.65 5.77
CA ARG S 122 -64.20 -57.34 6.01
C ARG S 122 -63.66 -57.96 4.73
N ILE S 123 -64.53 -58.70 4.04
CA ILE S 123 -64.19 -59.37 2.78
C ILE S 123 -63.64 -58.37 1.77
N LYS S 124 -64.33 -57.25 1.62
CA LYS S 124 -63.90 -56.15 0.75
C LYS S 124 -62.49 -55.67 1.11
N GLU S 125 -62.27 -55.42 2.40
CA GLU S 125 -61.01 -54.88 2.89
C GLU S 125 -59.93 -55.92 3.25
N LEU S 126 -60.23 -57.20 3.04
CA LEU S 126 -59.17 -58.20 2.82
C LEU S 126 -58.64 -57.99 1.42
N GLY S 127 -57.35 -58.26 1.21
CA GLY S 127 -56.77 -58.21 -0.13
C GLY S 127 -57.09 -59.50 -0.89
N PRO S 128 -56.38 -59.73 -2.00
CA PRO S 128 -56.29 -61.08 -2.58
C PRO S 128 -55.44 -61.99 -1.68
N THR S 129 -54.33 -61.46 -1.18
CA THR S 129 -53.50 -62.14 -0.17
C THR S 129 -54.32 -62.48 1.06
N GLY S 130 -55.04 -61.48 1.59
CA GLY S 130 -55.92 -61.66 2.74
C GLY S 130 -56.97 -62.73 2.54
N TRP S 131 -57.57 -62.74 1.34
CA TRP S 131 -58.53 -63.75 0.92
C TRP S 131 -57.93 -65.16 0.91
N LYS S 132 -56.73 -65.27 0.36
CA LYS S 132 -55.97 -66.54 0.36
C LYS S 132 -55.66 -67.03 1.78
N LEU S 133 -55.25 -66.10 2.64
CA LEU S 133 -55.00 -66.40 4.05
C LEU S 133 -56.25 -66.93 4.75
N ARG S 134 -57.36 -66.22 4.56
CA ARG S 134 -58.67 -66.63 5.07
C ARG S 134 -59.01 -68.05 4.64
N TYR S 135 -58.88 -68.32 3.34
CA TYR S 135 -59.13 -69.65 2.78
C TYR S 135 -58.30 -70.73 3.46
N ARG S 136 -57.00 -70.45 3.57
CA ARG S 136 -56.06 -71.35 4.26
C ARG S 136 -56.50 -71.67 5.68
N VAL S 137 -56.90 -70.63 6.41
CA VAL S 137 -57.33 -70.76 7.80
C VAL S 137 -58.62 -71.56 7.89
N LEU S 138 -59.61 -71.14 7.11
CA LEU S 138 -60.94 -71.78 7.10
C LEU S 138 -60.90 -73.26 6.75
N LYS S 139 -60.13 -73.57 5.70
CA LYS S 139 -59.91 -74.95 5.26
C LYS S 139 -59.30 -75.79 6.38
N ARG S 140 -58.28 -75.22 7.02
CA ARG S 140 -57.60 -75.87 8.15
C ARG S 140 -58.57 -76.14 9.32
N LYS S 141 -59.36 -75.14 9.65
CA LYS S 141 -60.42 -75.27 10.67
C LYS S 141 -61.40 -76.40 10.36
N ASP S 142 -61.83 -76.46 9.11
CA ASP S 142 -62.74 -77.50 8.62
C ASP S 142 -62.13 -78.90 8.76
N GLU S 143 -60.87 -79.02 8.36
CA GLU S 143 -60.09 -80.27 8.52
C GLU S 143 -60.01 -80.72 9.97
N ILE S 144 -59.70 -79.77 10.85
CA ILE S 144 -59.63 -80.01 12.30
C ILE S 144 -60.96 -80.53 12.83
N GLU S 145 -62.04 -79.87 12.44
CA GLU S 145 -63.40 -80.24 12.82
C GLU S 145 -63.76 -81.64 12.35
N ASN S 146 -63.51 -81.89 11.07
CA ASN S 146 -64.07 -83.04 10.36
C ASN S 146 -62.98 -83.80 9.59
N PRO S 147 -62.26 -84.71 10.27
CA PRO S 147 -61.42 -85.66 9.54
C PRO S 147 -62.28 -86.60 8.67
N PRO S 148 -61.72 -87.11 7.55
CA PRO S 148 -62.45 -87.90 6.54
C PRO S 148 -63.53 -88.86 7.06
N HIS S 149 -63.22 -89.58 8.15
CA HIS S 149 -64.17 -90.49 8.78
C HIS S 149 -64.37 -90.13 10.26
N LYS S 150 -65.63 -89.98 10.67
CA LYS S 150 -65.97 -89.56 12.03
C LYS S 150 -67.40 -89.98 12.38
N ARG S 182 -60.85 -96.60 2.19
CA ARG S 182 -61.15 -96.46 0.77
C ARG S 182 -59.89 -96.49 -0.08
N ARG S 183 -58.89 -95.71 0.33
CA ARG S 183 -57.56 -95.69 -0.29
C ARG S 183 -56.93 -97.08 -0.34
N ARG S 184 -56.99 -97.78 0.79
CA ARG S 184 -56.45 -99.14 0.87
C ARG S 184 -57.20 -100.11 -0.04
N LEU S 185 -58.52 -100.00 -0.09
CA LEU S 185 -59.36 -100.79 -0.99
C LEU S 185 -58.97 -100.58 -2.45
N MET S 186 -58.76 -99.30 -2.81
CA MET S 186 -58.30 -98.92 -4.14
C MET S 186 -56.94 -99.55 -4.48
N SER S 187 -56.03 -99.47 -3.51
CA SER S 187 -54.69 -100.05 -3.62
C SER S 187 -54.73 -101.56 -3.81
N PHE S 188 -55.63 -102.22 -3.08
CA PHE S 188 -55.87 -103.66 -3.22
C PHE S 188 -56.39 -104.04 -4.60
N LEU S 189 -57.35 -103.26 -5.09
CA LEU S 189 -58.04 -103.55 -6.36
C LEU S 189 -57.17 -103.24 -7.58
N TYR S 190 -56.38 -102.16 -7.48
CA TYR S 190 -55.50 -101.70 -8.57
C TYR S 190 -54.69 -102.78 -9.31
N PRO S 191 -53.87 -103.58 -8.58
CA PRO S 191 -53.08 -104.63 -9.25
C PRO S 191 -53.94 -105.66 -9.98
N LEU S 192 -55.05 -106.05 -9.35
CA LEU S 192 -56.02 -106.95 -9.96
C LEU S 192 -56.60 -106.36 -11.24
N GLU S 193 -56.95 -105.08 -11.18
CA GLU S 193 -57.47 -104.34 -12.34
C GLU S 193 -56.47 -104.31 -13.49
N LYS S 194 -55.21 -104.02 -13.13
CA LYS S 194 -54.10 -104.01 -14.08
C LYS S 194 -53.94 -105.36 -14.77
N LEU S 195 -53.93 -106.43 -13.97
CA LEU S 195 -53.86 -107.81 -14.46
C LEU S 195 -54.98 -108.15 -15.44
N GLU S 196 -56.20 -107.74 -15.07
CA GLU S 196 -57.39 -107.92 -15.93
C GLU S 196 -57.23 -107.20 -17.27
N TYR S 197 -56.74 -105.97 -17.21
CA TYR S 197 -56.43 -105.18 -18.40
C TYR S 197 -55.41 -105.87 -19.31
N ARG S 198 -54.34 -106.37 -18.70
CA ARG S 198 -53.29 -107.11 -19.41
C ARG S 198 -53.83 -108.35 -20.09
N SER S 199 -54.70 -109.08 -19.38
CA SER S 199 -55.34 -110.28 -19.92
C SER S 199 -56.16 -109.97 -21.18
N VAL S 200 -56.87 -108.84 -21.16
CA VAL S 200 -57.56 -108.35 -22.37
C VAL S 200 -56.53 -107.94 -23.43
N GLY S 201 -55.48 -107.24 -23.01
CA GLY S 201 -54.39 -106.83 -23.91
C GLY S 201 -53.67 -105.51 -23.63
N LYS S 202 -54.30 -104.62 -22.86
CA LYS S 202 -53.80 -103.25 -22.64
C LYS S 202 -53.06 -103.15 -21.31
N ASP S 203 -52.18 -102.16 -21.20
CA ASP S 203 -51.49 -101.86 -19.92
C ASP S 203 -52.24 -100.74 -19.20
N LEU S 204 -52.09 -100.68 -17.87
CA LEU S 204 -52.80 -99.73 -17.03
C LEU S 204 -51.90 -99.18 -15.92
N ASN S 205 -51.91 -97.86 -15.76
CA ASN S 205 -51.07 -97.24 -14.75
C ASN S 205 -51.88 -96.71 -13.59
N TYR S 206 -51.21 -96.57 -12.46
CA TYR S 206 -51.83 -96.07 -11.24
C TYR S 206 -52.62 -94.78 -11.46
N LYS S 207 -51.90 -93.72 -11.81
CA LYS S 207 -52.53 -92.40 -12.01
C LYS S 207 -53.83 -92.51 -12.79
N LYS S 208 -53.80 -93.30 -13.87
CA LYS S 208 -54.97 -93.55 -14.70
C LYS S 208 -56.10 -94.23 -13.92
N PHE S 209 -55.73 -95.24 -13.14
CA PHE S 209 -56.65 -95.95 -12.25
C PHE S 209 -57.32 -95.02 -11.25
N VAL S 210 -56.52 -94.13 -10.65
CA VAL S 210 -56.99 -93.12 -9.71
C VAL S 210 -58.02 -92.20 -10.37
N GLU S 211 -57.67 -91.73 -11.56
CA GLU S 211 -58.54 -90.86 -12.37
C GLU S 211 -59.89 -91.51 -12.66
N LEU S 212 -59.83 -92.79 -13.05
CA LEU S 212 -61.02 -93.60 -13.32
C LEU S 212 -61.94 -93.71 -12.10
N PHE S 213 -61.36 -94.07 -10.95
CA PHE S 213 -62.13 -94.37 -9.74
C PHE S 213 -62.00 -93.27 -8.67
N ALA S 214 -62.29 -92.05 -9.08
CA ALA S 214 -62.40 -90.91 -8.15
C ALA S 214 -63.85 -90.72 -7.73
N ASP S 215 -64.75 -90.66 -8.71
CA ASP S 215 -66.19 -90.49 -8.48
C ASP S 215 -66.89 -91.74 -7.95
N VAL S 216 -66.31 -92.92 -8.20
CA VAL S 216 -66.92 -94.20 -7.81
C VAL S 216 -66.78 -94.42 -6.30
N ALA T 1 15.30 -42.45 -52.22
CA ALA T 1 15.04 -42.07 -53.65
C ALA T 1 16.27 -42.26 -54.51
N ARG T 2 16.06 -42.43 -55.81
CA ARG T 2 17.16 -42.46 -56.77
C ARG T 2 17.62 -41.02 -57.01
N THR T 3 18.94 -40.87 -57.14
CA THR T 3 19.60 -39.56 -57.11
C THR T 3 20.81 -39.60 -58.04
N LYS T 4 21.42 -38.44 -58.27
CA LYS T 4 22.73 -38.35 -58.93
C LYS T 4 23.83 -39.11 -58.17
N PHE T 5 23.72 -39.15 -56.85
CA PHE T 5 24.72 -39.78 -55.97
C PHE T 5 24.58 -41.30 -55.80
N THR T 6 23.46 -41.88 -56.23
CA THR T 6 23.21 -43.31 -56.02
C THR T 6 24.11 -44.19 -56.89
N LYS T 7 25.04 -44.87 -56.23
CA LYS T 7 25.90 -45.87 -56.88
C LYS T 7 25.06 -47.12 -57.16
N PRO T 8 25.28 -47.79 -58.31
CA PRO T 8 24.46 -48.98 -58.60
C PRO T 8 24.74 -50.13 -57.64
N LYS T 9 23.72 -50.96 -57.41
CA LYS T 9 23.82 -52.10 -56.51
C LYS T 9 24.69 -53.20 -57.13
N PRO T 10 25.27 -54.08 -56.29
CA PRO T 10 26.00 -55.22 -56.84
C PRO T 10 25.08 -56.27 -57.45
N LYS T 11 25.62 -57.08 -58.37
CA LYS T 11 24.86 -58.16 -59.00
C LYS T 11 24.65 -59.28 -57.98
N GLN T 12 23.53 -60.01 -58.14
CA GLN T 12 23.17 -61.09 -57.21
C GLN T 12 24.24 -62.20 -57.16
N PRO T 13 24.42 -62.84 -55.99
CA PRO T 13 25.42 -63.90 -55.86
C PRO T 13 24.96 -65.19 -56.55
N VAL T 14 25.54 -65.45 -57.73
CA VAL T 14 25.28 -66.70 -58.47
C VAL T 14 25.99 -67.87 -57.80
N LEU T 15 25.37 -69.04 -57.84
CA LEU T 15 25.98 -70.27 -57.35
C LEU T 15 26.86 -70.84 -58.47
N PRO T 16 28.09 -71.29 -58.16
CA PRO T 16 29.00 -71.82 -59.20
C PRO T 16 28.45 -72.98 -60.03
N LYS T 17 29.01 -73.17 -61.23
CA LYS T 17 28.59 -74.21 -62.18
C LYS T 17 28.65 -75.63 -61.61
N ASP T 18 29.69 -75.90 -60.83
CA ASP T 18 29.90 -77.23 -60.24
C ASP T 18 28.93 -77.52 -59.10
N LYS T 19 28.65 -76.51 -58.27
CA LYS T 19 27.78 -76.67 -57.09
C LYS T 19 26.30 -76.78 -57.40
N ILE T 20 25.83 -76.07 -58.44
CA ILE T 20 24.39 -76.10 -58.80
C ILE T 20 23.90 -77.52 -59.10
N ARG T 21 22.73 -77.86 -58.55
CA ARG T 21 22.12 -79.15 -58.78
C ARG T 21 21.55 -79.23 -60.20
N PRO T 22 21.56 -80.44 -60.80
CA PRO T 22 20.84 -80.62 -62.06
C PRO T 22 19.34 -80.67 -61.77
N PRO T 23 18.51 -80.03 -62.62
CA PRO T 23 17.08 -80.01 -62.35
C PRO T 23 16.44 -81.39 -62.50
N THR T 24 15.41 -81.65 -61.70
CA THR T 24 14.73 -82.94 -61.69
C THR T 24 14.07 -83.25 -63.04
N GLN T 25 13.50 -82.22 -63.66
CA GLN T 25 12.90 -82.33 -64.99
C GLN T 25 13.88 -81.82 -66.04
N LEU T 26 14.09 -82.63 -67.08
CA LEU T 26 15.01 -82.30 -68.17
C LEU T 26 14.27 -82.02 -69.49
N THR T 27 13.43 -82.98 -69.90
CA THR T 27 12.72 -82.92 -71.19
C THR T 27 11.32 -82.31 -71.04
N HIS T 28 11.12 -81.14 -71.62
CA HIS T 28 9.87 -80.37 -71.50
C HIS T 28 8.96 -80.58 -72.71
N HIS T 29 7.88 -79.79 -72.79
CA HIS T 29 6.91 -79.81 -73.90
C HIS T 29 7.51 -79.88 -75.31
N SER T 30 6.73 -80.45 -76.23
CA SER T 30 7.11 -80.53 -77.64
C SER T 30 7.02 -79.14 -78.28
N ASN T 31 8.06 -78.77 -79.03
CA ASN T 31 8.10 -77.48 -79.73
C ASN T 31 7.21 -77.47 -80.98
N ASN T 32 6.90 -78.67 -81.50
CA ASN T 32 6.08 -78.84 -82.70
C ASN T 32 4.58 -78.55 -82.52
N LEU T 33 4.11 -78.46 -81.27
CA LEU T 33 2.69 -78.18 -80.95
C LEU T 33 2.05 -77.08 -81.80
N ARG T 34 0.78 -77.28 -82.14
CA ARG T 34 0.07 -76.41 -83.08
C ARG T 34 -1.37 -76.19 -82.61
N ILE T 35 -1.86 -74.95 -82.76
CA ILE T 35 -3.23 -74.61 -82.38
C ILE T 35 -4.17 -75.10 -83.49
N THR T 36 -4.78 -76.26 -83.25
CA THR T 36 -5.81 -76.81 -84.13
C THR T 36 -7.16 -76.19 -83.74
N GLU T 37 -8.08 -76.14 -84.70
CA GLU T 37 -9.45 -75.68 -84.43
C GLU T 37 -10.16 -76.60 -83.43
N PRO T 38 -11.16 -76.06 -82.68
CA PRO T 38 -11.82 -76.88 -81.67
C PRO T 38 -12.67 -77.99 -82.27
N ILE T 39 -12.97 -79.01 -81.47
CA ILE T 39 -13.73 -80.17 -81.92
C ILE T 39 -15.05 -80.26 -81.13
N PRO T 40 -16.14 -79.69 -81.70
CA PRO T 40 -17.39 -79.53 -80.96
C PRO T 40 -18.15 -80.84 -80.78
N PRO T 41 -18.61 -81.13 -79.55
CA PRO T 41 -19.19 -82.42 -79.20
C PRO T 41 -20.48 -82.70 -79.98
N THR T 42 -20.63 -83.93 -80.46
CA THR T 42 -21.73 -84.27 -81.38
C THR T 42 -22.73 -85.25 -80.76
N THR T 43 -23.99 -85.09 -81.18
CA THR T 43 -25.09 -85.99 -80.78
C THR T 43 -24.94 -87.41 -81.34
N SER T 44 -24.18 -87.58 -82.41
CA SER T 44 -23.95 -88.90 -83.04
C SER T 44 -23.40 -89.96 -82.08
N ASN T 45 -22.54 -89.55 -81.15
CA ASN T 45 -22.00 -90.45 -80.12
C ASN T 45 -23.04 -90.90 -79.09
N LEU T 46 -24.04 -90.06 -78.83
CA LEU T 46 -25.16 -90.42 -77.95
C LEU T 46 -26.01 -91.53 -78.54
N ARG T 47 -26.61 -92.32 -77.65
CA ARG T 47 -27.69 -93.23 -78.01
C ARG T 47 -28.82 -93.01 -77.01
N CYS T 48 -29.53 -91.90 -77.20
CA CYS T 48 -30.67 -91.54 -76.36
C CYS T 48 -31.77 -92.59 -76.52
N PRO T 49 -32.19 -93.24 -75.42
CA PRO T 49 -33.13 -94.35 -75.57
C PRO T 49 -34.54 -93.87 -75.91
N ASP T 50 -35.26 -94.68 -76.68
CA ASP T 50 -36.62 -94.37 -77.11
C ASP T 50 -37.62 -94.42 -75.94
N ASP T 51 -37.28 -95.20 -74.90
CA ASP T 51 -38.07 -95.27 -73.68
C ASP T 51 -37.27 -94.69 -72.49
N HIS T 52 -36.75 -93.48 -72.68
CA HIS T 52 -36.14 -92.73 -71.58
C HIS T 52 -37.28 -92.18 -70.73
N PRO T 53 -37.23 -92.36 -69.39
CA PRO T 53 -38.37 -91.99 -68.54
C PRO T 53 -38.74 -90.49 -68.54
N LEU T 54 -37.84 -89.64 -69.00
CA LEU T 54 -38.11 -88.20 -69.16
C LEU T 54 -39.07 -87.88 -70.32
N TRP T 55 -39.27 -88.82 -71.26
CA TRP T 55 -40.35 -88.71 -72.28
C TRP T 55 -41.75 -88.73 -71.67
N GLN T 56 -41.88 -89.31 -70.49
CA GLN T 56 -43.14 -89.36 -69.75
C GLN T 56 -43.68 -87.96 -69.35
N PHE T 57 -42.81 -86.95 -69.34
CA PHE T 57 -43.21 -85.54 -69.16
C PHE T 57 -43.79 -84.88 -70.42
N PHE T 58 -43.63 -85.55 -71.56
CA PHE T 58 -44.21 -85.11 -72.84
C PHE T 58 -45.45 -85.94 -73.10
N SER T 59 -46.12 -85.67 -74.21
CA SER T 59 -47.30 -86.42 -74.65
C SER T 59 -47.19 -86.72 -76.13
N ASN T 60 -46.96 -88.00 -76.46
CA ASN T 60 -46.67 -88.45 -77.83
C ASN T 60 -45.39 -87.81 -78.41
N LYS T 61 -44.43 -87.54 -77.52
CA LYS T 61 -43.15 -86.89 -77.86
C LYS T 61 -43.29 -85.54 -78.57
N LYS T 62 -44.32 -84.77 -78.22
CA LYS T 62 -44.55 -83.46 -78.81
C LYS T 62 -44.04 -82.37 -77.89
N PHE T 63 -43.24 -81.46 -78.44
CA PHE T 63 -42.80 -80.24 -77.75
C PHE T 63 -44.00 -79.47 -77.17
N ILE T 64 -45.10 -79.49 -77.90
CA ILE T 64 -46.33 -78.83 -77.49
C ILE T 64 -47.53 -79.48 -78.19
N ARG T 65 -48.57 -79.78 -77.43
CA ARG T 65 -49.83 -80.27 -78.00
C ARG T 65 -50.54 -79.12 -78.68
N SER T 66 -50.87 -79.29 -79.96
CA SER T 66 -51.70 -78.32 -80.69
C SER T 66 -53.14 -78.39 -80.18
N ALA T 67 -54.00 -77.50 -80.71
CA ALA T 67 -55.42 -77.49 -80.37
C ALA T 67 -56.10 -78.82 -80.71
N ASP T 68 -55.72 -79.41 -81.84
CA ASP T 68 -56.24 -80.71 -82.28
C ASP T 68 -55.71 -81.86 -81.42
N ASP T 69 -54.44 -81.76 -80.98
CA ASP T 69 -53.81 -82.78 -80.14
C ASP T 69 -54.40 -82.83 -78.73
N LEU T 70 -54.86 -81.68 -78.23
CA LEU T 70 -55.52 -81.60 -76.92
C LEU T 70 -56.88 -82.29 -76.93
N PRO T 71 -57.34 -82.78 -75.76
CA PRO T 71 -58.70 -83.31 -75.65
C PRO T 71 -59.72 -82.17 -75.59
N PRO T 72 -60.78 -82.21 -76.43
CA PRO T 72 -61.75 -81.11 -76.43
C PRO T 72 -62.60 -81.05 -75.17
N SER T 73 -63.10 -79.85 -74.88
CA SER T 73 -63.83 -79.56 -73.62
C SER T 73 -65.18 -80.29 -73.50
N SER T 74 -65.87 -80.45 -74.63
CA SER T 74 -67.16 -81.15 -74.67
C SER T 74 -67.03 -82.66 -74.42
N HIS T 75 -65.95 -83.25 -74.94
CA HIS T 75 -65.69 -84.69 -74.79
C HIS T 75 -65.24 -85.09 -73.38
N ILE T 76 -64.59 -84.15 -72.69
CA ILE T 76 -63.95 -84.40 -71.40
C ILE T 76 -64.81 -83.88 -70.25
N ARG T 77 -64.82 -84.64 -69.15
CA ARG T 77 -65.47 -84.24 -67.91
C ARG T 77 -64.57 -84.64 -66.73
N PRO T 78 -64.55 -83.82 -65.66
CA PRO T 78 -63.90 -84.30 -64.43
C PRO T 78 -64.75 -85.37 -63.73
N TRP T 79 -64.13 -86.07 -62.80
CA TRP T 79 -64.80 -87.14 -62.06
C TRP T 79 -65.88 -86.57 -61.15
N SER T 80 -66.96 -87.31 -60.98
CA SER T 80 -68.00 -86.95 -60.01
C SER T 80 -67.60 -87.54 -58.66
N ILE T 81 -67.92 -86.83 -57.57
CA ILE T 81 -67.64 -87.32 -56.21
C ILE T 81 -68.31 -88.69 -55.94
N PRO T 82 -69.59 -88.83 -56.33
CA PRO T 82 -70.27 -90.13 -56.20
C PRO T 82 -69.59 -91.28 -56.92
N GLU T 83 -69.10 -91.02 -58.14
CA GLU T 83 -68.35 -92.01 -58.93
C GLU T 83 -67.08 -92.46 -58.20
N LEU T 84 -66.36 -91.48 -57.68
CA LEU T 84 -65.15 -91.73 -56.88
C LEU T 84 -65.43 -92.55 -55.64
N ARG T 85 -66.54 -92.24 -54.97
CA ARG T 85 -66.94 -92.92 -53.73
C ARG T 85 -67.00 -94.45 -53.82
N HIS T 86 -67.45 -95.00 -54.95
CA HIS T 86 -67.30 -96.45 -55.17
C HIS T 86 -66.14 -96.77 -56.12
N LYS T 87 -64.95 -96.44 -55.64
CA LYS T 87 -63.68 -96.92 -56.17
C LYS T 87 -62.81 -97.36 -55.00
N SER T 88 -61.99 -98.40 -55.21
CA SER T 88 -61.09 -98.91 -54.17
C SER T 88 -59.96 -97.93 -53.88
N PHE T 89 -59.29 -98.14 -52.75
CA PHE T 89 -58.23 -97.24 -52.31
C PHE T 89 -57.07 -97.20 -53.29
N ASN T 90 -56.62 -98.38 -53.69
CA ASN T 90 -55.49 -98.56 -54.61
C ASN T 90 -55.78 -97.89 -55.96
N ASP T 91 -56.98 -98.14 -56.47
CA ASP T 91 -57.48 -97.50 -57.69
C ASP T 91 -57.48 -95.98 -57.60
N LEU T 92 -58.00 -95.46 -56.50
CA LEU T 92 -58.02 -94.00 -56.23
C LEU T 92 -56.61 -93.40 -56.22
N HIS T 93 -55.70 -94.12 -55.57
CA HIS T 93 -54.29 -93.75 -55.48
C HIS T 93 -53.66 -93.67 -56.87
N SER T 94 -53.93 -94.69 -57.69
CA SER T 94 -53.46 -94.75 -59.07
C SER T 94 -53.98 -93.59 -59.90
N LEU T 95 -55.29 -93.35 -59.79
CA LEU T 95 -55.95 -92.21 -60.44
C LEU T 95 -55.30 -90.88 -60.08
N TRP T 96 -55.07 -90.68 -58.79
CA TRP T 96 -54.41 -89.49 -58.26
C TRP T 96 -53.04 -89.27 -58.90
N TYR T 97 -52.25 -90.34 -58.98
CA TYR T 97 -50.91 -90.26 -59.56
C TYR T 97 -50.93 -90.01 -61.06
N ASN T 98 -51.92 -90.56 -61.75
CA ASN T 98 -52.16 -90.27 -63.17
C ASN T 98 -52.48 -88.78 -63.38
N CYS T 99 -53.36 -88.27 -62.53
CA CYS T 99 -53.73 -86.84 -62.52
C CYS T 99 -52.51 -85.95 -62.35
N LEU T 100 -51.71 -86.26 -61.33
CA LEU T 100 -50.47 -85.56 -61.04
C LEU T 100 -49.50 -85.56 -62.22
N ARG T 101 -49.38 -86.72 -62.87
CA ARG T 101 -48.54 -86.87 -64.06
C ARG T 101 -49.02 -85.96 -65.19
N GLU T 102 -50.34 -85.96 -65.39
CA GLU T 102 -50.98 -85.13 -66.41
C GLU T 102 -50.74 -83.65 -66.16
N GLN T 103 -50.89 -83.24 -64.89
CA GLN T 103 -50.60 -81.87 -64.47
C GLN T 103 -49.18 -81.45 -64.78
N ASN T 104 -48.23 -82.31 -64.43
CA ASN T 104 -46.80 -82.10 -64.73
C ASN T 104 -46.55 -81.84 -66.22
N VAL T 105 -47.17 -82.67 -67.05
CA VAL T 105 -47.08 -82.56 -68.51
C VAL T 105 -47.63 -81.20 -68.96
N LEU T 106 -48.81 -80.87 -68.45
CA LEU T 106 -49.46 -79.59 -68.74
C LEU T 106 -48.67 -78.41 -68.16
N ALA T 107 -48.15 -78.59 -66.95
CA ALA T 107 -47.38 -77.54 -66.25
C ALA T 107 -46.14 -77.13 -67.03
N ARG T 108 -45.41 -78.13 -67.52
CA ARG T 108 -44.27 -77.92 -68.40
C ARG T 108 -44.66 -77.10 -69.62
N GLU T 109 -45.73 -77.55 -70.26
CA GLU T 109 -46.25 -76.91 -71.46
C GLU T 109 -46.78 -75.51 -71.18
N ASN T 110 -47.57 -75.39 -70.12
CA ASN T 110 -48.17 -74.13 -69.72
C ASN T 110 -47.11 -73.06 -69.47
N HIS T 111 -46.08 -73.44 -68.70
CA HIS T 111 -44.94 -72.59 -68.42
C HIS T 111 -44.28 -72.07 -69.70
N LEU T 112 -43.98 -72.99 -70.60
CA LEU T 112 -43.41 -72.66 -71.92
C LEU T 112 -44.26 -71.64 -72.66
N LEU T 113 -45.58 -71.86 -72.63
CA LEU T 113 -46.54 -70.97 -73.29
C LEU T 113 -46.53 -69.57 -72.70
N LYS T 114 -46.53 -69.49 -71.37
CA LYS T 114 -46.64 -68.22 -70.66
C LYS T 114 -45.31 -67.46 -70.71
N ASN T 115 -44.24 -68.16 -70.37
CA ASN T 115 -42.91 -67.55 -70.23
C ASN T 115 -42.30 -67.13 -71.57
N ILE T 116 -42.39 -67.99 -72.58
CA ILE T 116 -41.73 -67.75 -73.88
C ILE T 116 -42.63 -66.98 -74.83
N VAL T 117 -43.75 -67.58 -75.25
CA VAL T 117 -44.57 -66.98 -76.32
C VAL T 117 -45.52 -65.89 -75.80
N GLY T 118 -45.80 -65.90 -74.49
CA GLY T 118 -46.62 -64.87 -73.86
C GLY T 118 -48.09 -64.97 -74.24
N SER T 119 -48.59 -66.19 -74.33
CA SER T 119 -49.96 -66.45 -74.77
C SER T 119 -50.98 -66.19 -73.67
N THR T 120 -52.24 -66.18 -74.08
CA THR T 120 -53.38 -66.14 -73.15
C THR T 120 -54.47 -67.10 -73.65
N HIS T 121 -54.04 -68.26 -74.15
CA HIS T 121 -54.95 -69.26 -74.74
C HIS T 121 -55.55 -70.16 -73.67
N ASP T 122 -54.74 -70.51 -72.68
CA ASP T 122 -55.18 -71.05 -71.37
C ASP T 122 -55.90 -72.42 -71.34
N GLU T 123 -55.93 -73.14 -72.47
CA GLU T 123 -56.54 -74.49 -72.51
C GLU T 123 -55.84 -75.43 -71.54
N PHE T 124 -54.51 -75.39 -71.55
CA PHE T 124 -53.68 -76.20 -70.67
C PHE T 124 -53.97 -75.90 -69.19
N SER T 125 -54.06 -74.61 -68.88
CA SER T 125 -54.38 -74.12 -67.54
C SER T 125 -55.75 -74.63 -67.07
N GLU T 126 -56.73 -74.55 -67.96
CA GLU T 126 -58.09 -75.05 -67.70
C GLU T 126 -58.10 -76.55 -67.40
N LEU T 127 -57.36 -77.30 -68.22
CA LEU T 127 -57.16 -78.74 -68.02
C LEU T 127 -56.53 -79.05 -66.66
N SER T 128 -55.50 -78.30 -66.31
CA SER T 128 -54.81 -78.43 -65.01
C SER T 128 -55.76 -78.18 -63.84
N ASN T 129 -56.55 -77.12 -63.96
CA ASN T 129 -57.57 -76.77 -62.97
C ASN T 129 -58.56 -77.91 -62.79
N SER T 130 -59.10 -78.39 -63.90
CA SER T 130 -60.04 -79.53 -63.92
C SER T 130 -59.48 -80.74 -63.21
N ILE T 131 -58.23 -81.07 -63.50
CA ILE T 131 -57.53 -82.19 -62.85
C ILE T 131 -57.42 -81.97 -61.34
N ARG T 132 -57.05 -80.74 -60.97
CA ARG T 132 -56.96 -80.31 -59.57
C ARG T 132 -58.31 -80.49 -58.85
N THR T 133 -59.39 -80.17 -59.54
CA THR T 133 -60.75 -80.34 -59.00
C THR T 133 -61.00 -81.80 -58.66
N THR T 134 -60.68 -82.69 -59.61
CA THR T 134 -60.87 -84.13 -59.44
C THR T 134 -60.05 -84.65 -58.27
N MET T 135 -58.81 -84.17 -58.18
CA MET T 135 -57.89 -84.53 -57.10
C MET T 135 -58.46 -84.19 -55.73
N TRP T 136 -58.95 -82.96 -55.56
CA TRP T 136 -59.51 -82.58 -54.26
C TRP T 136 -60.78 -83.35 -53.94
N GLN T 137 -61.59 -83.64 -54.95
CA GLN T 137 -62.77 -84.49 -54.79
C GLN T 137 -62.37 -85.88 -54.28
N ILE T 138 -61.34 -86.46 -54.90
CA ILE T 138 -60.75 -87.73 -54.44
C ILE T 138 -60.31 -87.65 -52.99
N ARG T 139 -59.59 -86.58 -52.66
CA ARG T 139 -59.11 -86.34 -51.30
C ARG T 139 -60.26 -86.26 -50.29
N HIS T 140 -61.31 -85.55 -50.69
CA HIS T 140 -62.53 -85.43 -49.89
C HIS T 140 -63.18 -86.79 -49.63
N VAL T 141 -63.33 -87.60 -50.68
CA VAL T 141 -63.98 -88.92 -50.54
C VAL T 141 -63.15 -89.86 -49.65
N LEU T 142 -61.82 -89.74 -49.75
CA LEU T 142 -60.91 -90.49 -48.88
C LEU T 142 -61.08 -90.13 -47.41
N ASN T 143 -61.16 -88.84 -47.13
CA ASN T 143 -61.44 -88.35 -45.77
C ASN T 143 -62.80 -88.81 -45.26
N GLU T 144 -63.78 -88.68 -46.15
CA GLU T 144 -65.18 -88.99 -45.85
C GLU T 144 -65.38 -90.45 -45.47
N ARG T 145 -64.72 -91.33 -46.22
CA ARG T 145 -64.76 -92.77 -45.97
C ARG T 145 -64.20 -93.14 -44.60
N GLU T 146 -63.05 -92.55 -44.26
CA GLU T 146 -62.42 -92.71 -42.94
C GLU T 146 -63.34 -92.27 -41.81
N LEU T 147 -63.93 -91.10 -41.98
CA LEU T 147 -64.90 -90.55 -41.03
C LEU T 147 -66.10 -91.45 -40.82
N ALA T 148 -66.63 -91.98 -41.92
CA ALA T 148 -67.75 -92.93 -41.90
C ALA T 148 -67.39 -94.20 -41.14
N TYR T 149 -66.19 -94.71 -41.39
CA TYR T 149 -65.65 -95.86 -40.67
C TYR T 149 -65.56 -95.60 -39.16
N SER T 150 -64.99 -94.45 -38.82
CA SER T 150 -64.85 -94.01 -37.42
C SER T 150 -66.20 -93.94 -36.71
N ALA T 151 -67.19 -93.37 -37.40
CA ALA T 151 -68.57 -93.28 -36.91
C ALA T 151 -69.18 -94.66 -36.65
N SER T 152 -68.95 -95.58 -37.58
CA SER T 152 -69.40 -96.97 -37.47
C SER T 152 -68.79 -97.66 -36.25
N ARG T 153 -67.49 -97.47 -36.09
CA ARG T 153 -66.74 -97.99 -34.93
C ARG T 153 -67.31 -97.49 -33.61
N GLU T 154 -67.53 -96.17 -33.54
CA GLU T 154 -68.15 -95.51 -32.38
C GLU T 154 -69.51 -96.11 -32.04
N PHE T 155 -70.32 -96.29 -33.09
CA PHE T 155 -71.66 -96.88 -32.98
C PHE T 155 -71.60 -98.30 -32.41
N LEU T 156 -70.65 -99.09 -32.92
CA LEU T 156 -70.45 -100.46 -32.47
C LEU T 156 -69.98 -100.51 -31.01
N GLN T 157 -69.15 -99.55 -30.63
CA GLN T 157 -68.64 -99.43 -29.26
C GLN T 157 -69.76 -99.27 -28.23
N ASP T 158 -70.80 -98.52 -28.58
CA ASP T 158 -72.03 -98.49 -27.79
C ASP T 158 -72.66 -99.88 -27.85
N GLU T 159 -72.75 -100.51 -26.68
CA GLU T 159 -72.95 -101.95 -26.55
C GLU T 159 -74.36 -102.40 -26.95
N SER T 160 -75.35 -101.68 -26.44
CA SER T 160 -76.77 -101.99 -26.69
C SER T 160 -77.11 -101.97 -28.18
N GLU T 161 -76.65 -100.93 -28.86
CA GLU T 161 -76.82 -100.77 -30.31
C GLU T 161 -76.21 -101.92 -31.10
N ARG T 162 -75.00 -102.32 -30.71
CA ARG T 162 -74.31 -103.47 -31.31
C ARG T 162 -75.11 -104.75 -31.13
N LYS T 163 -75.62 -104.96 -29.91
CA LYS T 163 -76.43 -106.12 -29.56
C LYS T 163 -77.69 -106.19 -30.43
N LYS T 164 -78.35 -105.04 -30.57
CA LYS T 164 -79.53 -104.89 -31.43
C LYS T 164 -79.23 -105.26 -32.89
N PHE T 165 -78.10 -104.77 -33.38
CA PHE T 165 -77.62 -105.06 -34.73
C PHE T 165 -77.37 -106.54 -34.96
N LEU T 166 -76.72 -107.18 -33.98
CA LEU T 166 -76.48 -108.63 -33.98
C LEU T 166 -77.79 -109.43 -34.02
N ASP T 167 -78.75 -109.00 -33.20
CA ASP T 167 -80.08 -109.62 -33.15
C ASP T 167 -80.79 -109.53 -34.50
N THR T 168 -80.73 -108.33 -35.09
CA THR T 168 -81.30 -108.07 -36.42
C THR T 168 -80.70 -108.99 -37.49
N LEU T 169 -79.37 -109.09 -37.47
CA LEU T 169 -78.62 -110.00 -38.36
C LEU T 169 -79.08 -111.44 -38.21
N ALA T 170 -79.18 -111.88 -36.96
CA ALA T 170 -79.62 -113.24 -36.61
C ALA T 170 -81.02 -113.55 -37.13
N ASN T 171 -81.92 -112.59 -36.99
CA ASN T 171 -83.34 -112.80 -37.30
C ASN T 171 -83.64 -113.06 -38.78
N ASP T 172 -83.10 -112.21 -39.65
CA ASP T 172 -83.50 -112.19 -41.06
C ASP T 172 -82.80 -113.27 -41.90
N TYR T 173 -81.47 -113.22 -41.93
CA TYR T 173 -80.67 -113.98 -42.90
C TYR T 173 -80.09 -115.26 -42.32
N PHE T 174 -79.51 -115.19 -41.12
CA PHE T 174 -79.07 -116.38 -40.39
C PHE T 174 -80.27 -117.11 -39.80
N LEU T 175 -80.06 -118.38 -39.45
CA LEU T 175 -81.08 -119.21 -38.78
C LEU T 175 -82.42 -119.34 -39.53
N ASN T 176 -82.39 -119.14 -40.86
CA ASN T 176 -83.61 -119.09 -41.68
C ASN T 176 -83.47 -119.94 -42.94
N LYS T 177 -84.62 -120.32 -43.50
CA LYS T 177 -84.69 -121.15 -44.69
C LYS T 177 -85.73 -120.59 -45.66
N ASP T 178 -85.48 -120.78 -46.96
CA ASP T 178 -86.36 -120.31 -48.05
C ASP T 178 -86.55 -118.79 -48.03
N GLU T 183 -74.67 -120.92 -48.84
CA GLU T 183 -75.02 -119.50 -48.73
C GLU T 183 -74.79 -118.97 -47.32
N VAL T 184 -75.33 -119.71 -46.34
CA VAL T 184 -75.22 -119.37 -44.92
C VAL T 184 -73.75 -119.31 -44.50
N ALA T 185 -73.00 -120.33 -44.89
CA ALA T 185 -71.55 -120.41 -44.64
C ALA T 185 -70.79 -119.24 -45.23
N SER T 186 -71.15 -118.87 -46.45
CA SER T 186 -70.56 -117.71 -47.14
C SER T 186 -70.86 -116.41 -46.39
N MET T 187 -72.12 -116.26 -45.97
CA MET T 187 -72.55 -115.12 -45.15
C MET T 187 -71.74 -115.01 -43.85
N LEU T 188 -71.58 -116.15 -43.18
CA LEU T 188 -70.78 -116.23 -41.95
C LEU T 188 -69.33 -115.81 -42.17
N THR T 189 -68.74 -116.28 -43.27
CA THR T 189 -67.34 -115.95 -43.60
C THR T 189 -67.17 -114.44 -43.87
N ARG T 190 -68.15 -113.86 -44.56
CA ARG T 190 -68.19 -112.41 -44.81
C ARG T 190 -68.41 -111.64 -43.51
N PHE T 191 -69.41 -112.08 -42.76
CA PHE T 191 -69.74 -111.52 -41.44
C PHE T 191 -68.55 -111.56 -40.49
N GLN T 192 -67.86 -112.71 -40.45
CA GLN T 192 -66.63 -112.90 -39.69
C GLN T 192 -65.60 -111.80 -39.96
N LEU T 193 -65.30 -111.60 -41.24
CA LEU T 193 -64.37 -110.54 -41.68
C LEU T 193 -64.87 -109.16 -41.31
N ALA T 194 -66.14 -108.91 -41.59
CA ALA T 194 -66.80 -107.63 -41.36
C ALA T 194 -66.69 -107.16 -39.91
N ILE T 195 -67.15 -108.01 -39.00
CA ILE T 195 -67.36 -107.64 -37.60
C ILE T 195 -66.19 -108.00 -36.68
N PHE T 196 -65.42 -109.03 -37.04
CA PHE T 196 -64.32 -109.52 -36.20
C PHE T 196 -63.03 -109.70 -37.01
N GLY T 197 -61.93 -109.96 -36.30
CA GLY T 197 -60.61 -110.10 -36.93
C GLY T 197 -60.27 -111.54 -37.25
N ILE T 198 -61.08 -112.16 -38.10
CA ILE T 198 -60.99 -113.60 -38.37
C ILE T 198 -61.12 -113.88 -39.89
N SER T 199 -59.94 -114.02 -40.52
CA SER T 199 -59.83 -114.42 -41.92
C SER T 199 -59.37 -115.88 -42.00
N GLU T 200 -59.32 -116.41 -43.22
CA GLU T 200 -58.92 -117.80 -43.47
C GLU T 200 -57.76 -117.84 -44.46
N THR T 206 -54.99 -111.06 -35.84
CA THR T 206 -54.97 -112.51 -35.75
C THR T 206 -55.70 -113.02 -34.51
N VAL T 207 -55.27 -112.53 -33.35
CA VAL T 207 -55.89 -112.85 -32.05
C VAL T 207 -56.04 -111.61 -31.18
N ASP T 208 -57.18 -111.50 -30.51
CA ASP T 208 -57.56 -110.30 -29.76
C ASP T 208 -58.84 -110.59 -28.96
N ILE T 209 -59.27 -109.64 -28.13
CA ILE T 209 -60.57 -109.74 -27.43
C ILE T 209 -61.75 -109.75 -28.41
N ASN T 210 -61.66 -108.93 -29.46
CA ASN T 210 -62.70 -108.86 -30.49
C ASN T 210 -62.86 -110.18 -31.24
N PHE T 211 -61.71 -110.75 -31.61
CA PHE T 211 -61.62 -112.07 -32.25
C PHE T 211 -62.28 -113.16 -31.39
N ILE T 212 -61.94 -113.16 -30.11
CA ILE T 212 -62.52 -114.08 -29.12
C ILE T 212 -64.05 -113.95 -29.07
N ASP T 213 -64.52 -112.71 -28.98
CA ASP T 213 -65.96 -112.40 -28.96
C ASP T 213 -66.67 -112.92 -30.20
N GLY T 214 -66.05 -112.73 -31.36
CA GLY T 214 -66.56 -113.25 -32.62
C GLY T 214 -66.65 -114.76 -32.69
N ILE T 215 -65.61 -115.42 -32.17
CA ILE T 215 -65.58 -116.88 -32.02
C ILE T 215 -66.74 -117.37 -31.16
N LYS T 216 -66.92 -116.72 -30.01
CA LYS T 216 -68.01 -117.05 -29.08
C LYS T 216 -69.37 -116.91 -29.73
N PHE T 217 -69.55 -115.83 -30.46
CA PHE T 217 -70.78 -115.57 -31.22
C PHE T 217 -71.05 -116.66 -32.25
N LEU T 218 -70.00 -117.04 -32.96
CA LEU T 218 -70.07 -118.11 -33.97
C LEU T 218 -70.47 -119.43 -33.34
N ALA T 219 -69.85 -119.75 -32.22
CA ALA T 219 -70.16 -120.95 -31.43
C ALA T 219 -71.62 -120.96 -30.99
N ASN T 220 -72.10 -119.81 -30.53
CA ASN T 220 -73.50 -119.64 -30.11
C ASN T 220 -74.47 -119.88 -31.26
N LEU T 221 -74.14 -119.32 -32.42
CA LEU T 221 -74.92 -119.52 -33.66
C LEU T 221 -75.00 -121.00 -34.06
N LYS T 222 -73.86 -121.68 -33.99
CA LYS T 222 -73.77 -123.11 -34.28
C LYS T 222 -74.66 -123.93 -33.35
N LEU T 223 -74.60 -123.61 -32.05
CA LEU T 223 -75.44 -124.25 -31.04
C LEU T 223 -76.92 -124.07 -31.32
N GLN T 224 -77.30 -122.84 -31.65
CA GLN T 224 -78.68 -122.51 -32.03
C GLN T 224 -79.14 -123.34 -33.23
N ARG T 225 -78.29 -123.40 -34.25
CA ARG T 225 -78.56 -124.18 -35.46
C ARG T 225 -78.14 -125.63 -35.27
N VAL U 1 -91.97 48.68 -50.67
CA VAL U 1 -90.58 48.58 -51.24
C VAL U 1 -89.90 47.29 -50.79
N PHE U 2 -89.08 46.70 -51.67
CA PHE U 2 -88.46 45.40 -51.43
C PHE U 2 -87.01 45.38 -51.86
N TYR U 3 -86.14 44.80 -51.01
CA TYR U 3 -84.78 44.45 -51.44
C TYR U 3 -84.84 43.17 -52.25
N LYS U 4 -84.40 43.23 -53.50
CA LYS U 4 -84.14 42.04 -54.29
C LYS U 4 -82.68 41.67 -54.06
N VAL U 5 -82.46 40.68 -53.19
CA VAL U 5 -81.09 40.28 -52.82
C VAL U 5 -80.72 38.97 -53.52
N THR U 6 -79.46 38.90 -53.94
CA THR U 6 -78.93 37.79 -54.72
C THR U 6 -77.63 37.32 -54.08
N LEU U 7 -77.47 36.01 -53.94
CA LEU U 7 -76.27 35.44 -53.32
C LEU U 7 -75.18 35.35 -54.39
N SER U 8 -74.45 36.44 -54.58
CA SER U 8 -73.47 36.56 -55.67
C SER U 8 -72.29 35.61 -55.53
N ARG U 9 -71.69 35.58 -54.34
CA ARG U 9 -70.56 34.69 -54.05
C ARG U 9 -71.00 33.41 -53.37
N SER U 10 -70.07 32.46 -53.33
CA SER U 10 -70.30 31.18 -52.66
C SER U 10 -70.18 31.34 -51.15
N LEU U 11 -70.51 30.26 -50.44
CA LEU U 11 -70.34 30.17 -49.00
C LEU U 11 -69.27 29.14 -48.62
N ILE U 12 -68.29 28.93 -49.50
CA ILE U 12 -67.31 27.86 -49.30
C ILE U 12 -66.19 28.32 -48.36
N GLY U 13 -65.53 29.42 -48.71
CA GLY U 13 -64.49 29.99 -47.84
C GLY U 13 -65.01 30.78 -46.63
N VAL U 14 -66.33 30.83 -46.48
CA VAL U 14 -66.98 31.76 -45.56
C VAL U 14 -67.06 31.13 -44.17
N PRO U 15 -66.81 31.92 -43.09
CA PRO U 15 -66.99 31.40 -41.73
C PRO U 15 -68.44 31.08 -41.38
N HIS U 16 -68.64 30.38 -40.26
CA HIS U 16 -69.96 29.81 -39.95
C HIS U 16 -71.01 30.82 -39.54
N THR U 17 -70.60 31.90 -38.87
CA THR U 17 -71.51 33.00 -38.51
C THR U 17 -72.16 33.64 -39.75
N THR U 18 -71.35 33.87 -40.77
CA THR U 18 -71.78 34.50 -42.01
C THR U 18 -72.70 33.56 -42.80
N LYS U 19 -72.35 32.28 -42.81
CA LYS U 19 -73.22 31.22 -43.37
C LYS U 19 -74.59 31.21 -42.71
N SER U 20 -74.59 31.24 -41.38
CA SER U 20 -75.83 31.25 -40.60
C SER U 20 -76.71 32.46 -40.92
N ILE U 21 -76.07 33.63 -41.06
CA ILE U 21 -76.74 34.87 -41.45
C ILE U 21 -77.40 34.73 -42.83
N VAL U 22 -76.64 34.17 -43.77
CA VAL U 22 -77.13 33.92 -45.13
C VAL U 22 -78.36 33.00 -45.12
N LYS U 23 -78.26 31.92 -44.36
CA LYS U 23 -79.37 30.97 -44.17
C LYS U 23 -80.62 31.62 -43.63
N SER U 24 -80.43 32.46 -42.60
CA SER U 24 -81.52 33.23 -41.98
C SER U 24 -82.20 34.16 -42.97
N LEU U 25 -81.37 34.82 -43.78
CA LEU U 25 -81.82 35.71 -44.86
C LEU U 25 -82.72 34.98 -45.85
N GLY U 26 -82.40 33.71 -46.14
CA GLY U 26 -83.22 32.84 -46.98
C GLY U 26 -82.55 32.36 -48.27
N LEU U 27 -81.31 32.79 -48.50
CA LEU U 27 -80.57 32.46 -49.72
C LEU U 27 -79.95 31.07 -49.57
N GLY U 28 -80.26 30.19 -50.52
CA GLY U 28 -79.70 28.83 -50.53
C GLY U 28 -78.41 28.77 -51.31
N LYS U 29 -78.52 28.48 -52.61
CA LYS U 29 -77.37 28.34 -53.50
C LYS U 29 -76.88 29.70 -54.00
N ARG U 30 -75.80 29.67 -54.79
CA ARG U 30 -75.27 30.87 -55.45
C ARG U 30 -76.26 31.34 -56.53
N GLY U 31 -76.35 32.66 -56.71
CA GLY U 31 -77.33 33.29 -57.62
C GLY U 31 -78.78 32.82 -57.37
N SER U 32 -79.13 32.70 -56.08
CA SER U 32 -80.48 32.34 -55.65
C SER U 32 -81.20 33.62 -55.25
N ILE U 33 -82.08 34.10 -56.11
CA ILE U 33 -82.75 35.39 -55.91
C ILE U 33 -83.85 35.30 -54.85
N VAL U 34 -83.88 36.30 -53.98
CA VAL U 34 -84.87 36.40 -52.90
C VAL U 34 -85.29 37.86 -52.75
N TYR U 35 -86.61 38.08 -52.68
CA TYR U 35 -87.16 39.40 -52.40
C TYR U 35 -87.52 39.50 -50.92
N LYS U 36 -87.16 40.64 -50.31
CA LYS U 36 -87.40 40.90 -48.89
C LYS U 36 -88.05 42.25 -48.71
N LYS U 37 -89.17 42.29 -47.99
CA LYS U 37 -89.79 43.55 -47.57
C LYS U 37 -88.79 44.35 -46.74
N VAL U 38 -88.55 45.60 -47.14
CA VAL U 38 -87.54 46.43 -46.49
C VAL U 38 -87.94 46.76 -45.04
N ASN U 39 -86.94 46.73 -44.17
CA ASN U 39 -87.05 47.16 -42.79
C ASN U 39 -85.63 47.31 -42.23
N PRO U 40 -85.47 47.88 -41.01
CA PRO U 40 -84.13 47.96 -40.42
C PRO U 40 -83.45 46.61 -40.16
N ALA U 41 -84.23 45.64 -39.69
CA ALA U 41 -83.72 44.31 -39.35
C ALA U 41 -83.08 43.59 -40.52
N ILE U 42 -83.79 43.58 -41.65
CA ILE U 42 -83.27 42.90 -42.84
C ILE U 42 -82.08 43.67 -43.44
N ALA U 43 -82.11 45.00 -43.35
CA ALA U 43 -81.03 45.86 -43.83
C ALA U 43 -79.72 45.58 -43.09
N GLY U 44 -79.80 45.50 -41.77
CA GLY U 44 -78.66 45.18 -40.92
C GLY U 44 -78.07 43.81 -41.19
N SER U 45 -78.96 42.84 -41.44
CA SER U 45 -78.56 41.47 -41.81
C SER U 45 -77.82 41.44 -43.14
N LEU U 46 -78.33 42.20 -44.10
CA LEU U 46 -77.70 42.35 -45.41
C LEU U 46 -76.34 43.03 -45.35
N ALA U 47 -76.23 44.05 -44.51
CA ALA U 47 -74.96 44.72 -44.25
C ALA U 47 -73.91 43.77 -43.68
N LYS U 48 -74.36 42.93 -42.74
CA LYS U 48 -73.50 41.88 -42.17
C LYS U 48 -72.89 40.92 -43.21
N VAL U 49 -73.59 40.67 -44.31
CA VAL U 49 -73.08 39.86 -45.45
C VAL U 49 -72.86 40.66 -46.74
N LYS U 50 -72.44 41.91 -46.61
CA LYS U 50 -72.34 42.85 -47.75
C LYS U 50 -71.44 42.44 -48.93
N GLU U 51 -70.49 41.54 -48.71
CA GLU U 51 -69.53 41.15 -49.76
C GLU U 51 -69.90 39.88 -50.52
N LEU U 52 -70.86 39.12 -50.01
CA LEU U 52 -71.35 37.90 -50.66
C LEU U 52 -72.57 38.14 -51.54
N VAL U 53 -73.21 39.29 -51.35
CA VAL U 53 -74.58 39.53 -51.80
C VAL U 53 -74.64 40.74 -52.74
N LYS U 54 -75.60 40.70 -53.68
CA LYS U 54 -75.97 41.88 -54.48
C LYS U 54 -77.42 42.24 -54.19
N VAL U 55 -77.65 43.46 -53.71
CA VAL U 55 -78.98 43.96 -53.35
C VAL U 55 -79.39 45.04 -54.34
N GLU U 56 -80.68 45.12 -54.62
CA GLU U 56 -81.26 46.25 -55.37
C GLU U 56 -82.74 46.43 -55.02
N VAL U 57 -83.15 47.69 -54.85
CA VAL U 57 -84.50 48.01 -54.38
C VAL U 57 -85.52 47.87 -55.52
N THR U 58 -86.77 47.59 -55.16
CA THR U 58 -87.86 47.42 -56.14
C THR U 58 -89.20 47.94 -55.60
N GLU U 59 -90.04 48.42 -56.51
CA GLU U 59 -91.44 48.77 -56.20
C GLU U 59 -92.18 47.56 -55.65
N HIS U 60 -92.22 46.50 -56.45
CA HIS U 60 -92.94 45.27 -56.14
C HIS U 60 -91.98 44.11 -56.00
N GLU U 61 -92.41 43.10 -55.26
CA GLU U 61 -91.71 41.82 -55.19
C GLU U 61 -92.29 40.91 -56.27
N LEU U 62 -91.61 39.80 -56.52
CA LEU U 62 -92.10 38.77 -57.42
C LEU U 62 -92.15 37.43 -56.69
N THR U 63 -93.24 36.69 -56.90
CA THR U 63 -93.35 35.32 -56.42
C THR U 63 -92.43 34.42 -57.26
N PRO U 64 -92.06 33.23 -56.73
CA PRO U 64 -91.18 32.30 -57.47
C PRO U 64 -91.68 31.93 -58.87
N SER U 65 -92.99 31.72 -58.99
CA SER U 65 -93.62 31.37 -60.27
C SER U 65 -93.46 32.48 -61.31
N GLN U 66 -93.68 33.72 -60.88
CA GLN U 66 -93.49 34.90 -61.72
C GLN U 66 -92.06 35.03 -62.21
N GLN U 67 -91.11 34.85 -61.29
CA GLN U 67 -89.68 34.89 -61.59
C GLN U 67 -89.30 33.86 -62.65
N ARG U 68 -89.78 32.64 -62.44
CA ARG U 68 -89.62 31.52 -63.39
C ARG U 68 -90.13 31.89 -64.78
N GLU U 69 -91.34 32.45 -64.82
CA GLU U 69 -91.97 32.87 -66.07
C GLU U 69 -91.11 33.91 -66.80
N LEU U 70 -90.63 34.89 -66.04
CA LEU U 70 -89.70 35.92 -66.55
C LEU U 70 -88.43 35.30 -67.14
N ARG U 71 -87.87 34.35 -66.41
CA ARG U 71 -86.65 33.64 -66.83
C ARG U 71 -86.80 32.90 -68.17
N LYS U 72 -87.91 32.17 -68.33
CA LYS U 72 -88.13 31.30 -69.49
C LYS U 72 -87.80 31.98 -70.83
N SER U 73 -86.93 31.34 -71.61
CA SER U 73 -86.52 31.87 -72.90
C SER U 73 -87.61 31.70 -73.95
N ASN U 74 -87.53 32.51 -74.99
CA ASN U 74 -88.48 32.47 -76.09
C ASN U 74 -88.25 31.25 -76.97
N PRO U 75 -89.26 30.34 -77.06
CA PRO U 75 -89.19 29.30 -78.08
C PRO U 75 -89.54 29.91 -79.42
N GLY U 76 -88.58 29.95 -80.33
CA GLY U 76 -88.79 30.58 -81.63
C GLY U 76 -89.57 29.71 -82.60
N PHE U 77 -90.80 29.34 -82.22
CA PHE U 77 -91.68 28.53 -83.07
C PHE U 77 -93.12 28.53 -82.57
N ILE U 78 -94.04 28.27 -83.49
CA ILE U 78 -95.48 28.17 -83.21
C ILE U 78 -95.97 26.87 -83.81
N VAL U 79 -96.37 25.92 -82.96
CA VAL U 79 -96.85 24.62 -83.43
C VAL U 79 -98.25 24.74 -84.05
N GLU U 80 -98.46 23.99 -85.14
CA GLU U 80 -99.77 23.88 -85.79
C GLU U 80 -100.00 22.42 -86.19
N LYS U 81 -100.90 21.76 -85.46
CA LYS U 81 -101.03 20.31 -85.49
C LYS U 81 -101.92 19.83 -86.64
N ARG U 82 -101.41 18.85 -87.40
CA ARG U 82 -102.17 18.21 -88.48
C ARG U 82 -101.53 16.88 -88.86
N THR V 20 -35.09 32.28 32.98
CA THR V 20 -34.14 33.41 32.73
C THR V 20 -34.79 34.77 33.00
N ARG V 21 -35.93 35.02 32.35
CA ARG V 21 -36.69 36.24 32.54
C ARG V 21 -37.42 36.20 33.88
N ILE V 22 -37.11 37.14 34.76
CA ILE V 22 -37.72 37.23 36.09
C ILE V 22 -39.10 37.86 35.94
N THR V 23 -40.12 37.16 36.47
CA THR V 23 -41.52 37.59 36.33
C THR V 23 -42.35 37.34 37.59
N LEU V 24 -43.51 37.99 37.65
CA LEU V 24 -44.57 37.67 38.60
C LEU V 24 -45.70 37.02 37.79
N PRO V 25 -45.93 35.70 37.97
CA PRO V 25 -46.90 35.00 37.11
C PRO V 25 -48.34 35.33 37.44
N ARG V 26 -49.12 35.69 36.43
CA ARG V 26 -50.47 36.23 36.62
C ARG V 26 -51.49 35.18 37.08
N ARG V 27 -52.35 35.61 38.00
CA ARG V 27 -53.53 34.84 38.41
C ARG V 27 -54.66 35.13 37.43
N PRO V 28 -55.78 34.37 37.52
CA PRO V 28 -56.95 34.74 36.72
C PRO V 28 -57.45 36.15 37.04
N ALA V 29 -57.65 36.96 35.99
CA ALA V 29 -58.07 38.34 36.14
C ALA V 29 -59.51 38.43 36.61
N LYS V 30 -59.80 39.46 37.41
CA LYS V 30 -61.13 39.67 37.98
C LYS V 30 -61.98 40.45 36.96
N LYS V 31 -63.17 39.93 36.65
CA LYS V 31 -64.01 40.52 35.61
C LYS V 31 -64.69 41.81 36.09
N ILE V 32 -64.20 42.95 35.62
CA ILE V 32 -64.92 44.22 35.81
C ILE V 32 -66.04 44.27 34.77
N GLN V 33 -67.29 44.29 35.25
CA GLN V 33 -68.47 44.31 34.39
C GLN V 33 -68.64 45.69 33.78
N LEU V 34 -69.28 45.75 32.62
CA LEU V 34 -69.49 47.01 31.91
C LEU V 34 -70.49 47.89 32.65
N GLY V 35 -70.08 49.12 32.95
CA GLY V 35 -70.85 50.03 33.79
C GLY V 35 -70.38 50.07 35.24
N LYS V 36 -69.85 48.94 35.74
CA LYS V 36 -69.40 48.82 37.13
C LYS V 36 -67.96 49.27 37.36
N SER V 37 -67.23 49.59 36.28
CA SER V 37 -65.85 50.09 36.40
C SER V 37 -65.84 51.43 37.14
N ARG V 38 -65.00 51.52 38.16
CA ARG V 38 -64.90 52.70 39.02
C ARG V 38 -63.54 53.37 38.87
N PRO V 39 -63.50 54.72 38.90
CA PRO V 39 -62.25 55.43 38.66
C PRO V 39 -61.32 55.35 39.87
N ALA V 40 -60.03 55.24 39.60
CA ALA V 40 -59.02 55.10 40.66
C ALA V 40 -58.79 56.42 41.37
N ILE V 41 -59.51 56.64 42.47
CA ILE V 41 -59.31 57.79 43.33
C ILE V 41 -58.37 57.36 44.46
N TYR V 42 -57.09 57.67 44.27
CA TYR V 42 -56.04 57.30 45.24
C TYR V 42 -56.15 58.18 46.48
N HIS V 43 -55.71 57.65 47.62
CA HIS V 43 -55.72 58.39 48.87
C HIS V 43 -54.65 59.47 48.82
N GLN V 44 -55.07 60.73 48.98
CA GLN V 44 -54.17 61.88 48.88
C GLN V 44 -54.38 62.85 50.03
N PHE V 45 -53.27 63.33 50.59
CA PHE V 45 -53.26 64.31 51.67
C PHE V 45 -52.94 65.69 51.09
N ASN V 46 -53.51 66.73 51.68
CA ASN V 46 -53.13 68.11 51.38
C ASN V 46 -51.81 68.44 52.09
N VAL V 47 -50.76 68.66 51.30
CA VAL V 47 -49.40 68.82 51.80
C VAL V 47 -48.93 70.24 51.55
N LYS V 48 -48.44 70.89 52.61
CA LYS V 48 -47.88 72.23 52.52
C LYS V 48 -46.38 72.16 52.21
N MET V 49 -45.98 72.77 51.09
CA MET V 49 -44.57 72.91 50.74
C MET V 49 -44.16 74.35 51.01
N GLU V 50 -43.27 74.55 51.99
CA GLU V 50 -42.59 75.84 52.13
C GLU V 50 -41.34 75.77 51.27
N LEU V 51 -41.20 76.70 50.33
CA LEU V 51 -40.07 76.71 49.40
C LEU V 51 -38.81 77.23 50.12
N SER V 52 -37.74 77.56 49.37
CA SER V 52 -36.51 78.09 49.96
C SER V 52 -36.76 79.33 50.82
N ASP V 53 -37.48 80.30 50.26
CA ASP V 53 -38.02 81.42 51.03
C ASP V 53 -39.36 81.01 51.67
N GLY V 54 -39.95 81.89 52.48
CA GLY V 54 -41.16 81.55 53.24
C GLY V 54 -42.48 81.38 52.49
N SER V 55 -42.45 81.35 51.16
CA SER V 55 -43.66 81.16 50.35
C SER V 55 -44.15 79.72 50.48
N VAL V 56 -45.33 79.54 51.09
CA VAL V 56 -45.94 78.23 51.23
C VAL V 56 -46.88 77.98 50.06
N VAL V 57 -46.93 76.72 49.63
CA VAL V 57 -47.85 76.28 48.58
C VAL V 57 -48.44 74.93 48.94
N ILE V 58 -49.78 74.81 48.82
CA ILE V 58 -50.48 73.57 49.09
C ILE V 58 -50.47 72.72 47.81
N ARG V 59 -50.16 71.44 47.97
CA ARG V 59 -50.27 70.47 46.88
C ARG V 59 -50.77 69.13 47.41
N ARG V 60 -51.63 68.46 46.62
CA ARG V 60 -52.13 67.14 46.98
C ARG V 60 -51.06 66.09 46.70
N SER V 61 -50.86 65.20 47.66
CA SER V 61 -49.76 64.22 47.62
C SER V 61 -50.15 62.91 48.29
N GLN V 62 -49.58 61.82 47.77
CA GLN V 62 -49.95 60.46 48.19
C GLN V 62 -49.19 60.02 49.45
N TYR V 63 -47.98 60.55 49.63
CA TYR V 63 -47.16 60.25 50.82
C TYR V 63 -47.70 61.00 52.05
N PRO V 64 -47.75 60.33 53.23
CA PRO V 64 -48.31 60.97 54.43
C PRO V 64 -47.34 61.92 55.13
N LYS V 65 -47.37 63.19 54.73
CA LYS V 65 -46.60 64.27 55.37
C LYS V 65 -47.29 65.61 55.16
N GLY V 66 -47.94 66.12 56.20
CA GLY V 66 -48.67 67.39 56.12
C GLY V 66 -47.85 68.62 55.77
N GLU V 67 -46.59 68.64 56.22
CA GLU V 67 -45.69 69.78 55.98
C GLU V 67 -44.31 69.31 55.49
N ILE V 68 -43.81 69.97 54.45
CA ILE V 68 -42.43 69.83 54.00
C ILE V 68 -41.86 71.24 53.80
N ARG V 69 -40.58 71.42 54.14
CA ARG V 69 -39.84 72.64 53.81
C ARG V 69 -38.64 72.26 52.93
N LEU V 70 -38.50 72.97 51.82
CA LEU V 70 -37.50 72.66 50.80
C LEU V 70 -36.28 73.56 50.92
N ILE V 71 -35.12 73.01 50.58
CA ILE V 71 -33.84 73.71 50.69
C ILE V 71 -33.44 74.28 49.33
N GLN V 72 -33.35 73.41 48.32
CA GLN V 72 -32.98 73.80 46.95
C GLN V 72 -34.21 73.83 46.05
N ASP V 73 -34.66 75.04 45.72
CA ASP V 73 -35.84 75.27 44.86
C ASP V 73 -35.52 76.26 43.75
N GLN V 74 -36.52 76.55 42.92
CA GLN V 74 -36.42 77.62 41.92
C GLN V 74 -36.28 79.00 42.56
N ARG V 75 -36.84 79.17 43.76
CA ARG V 75 -36.83 80.46 44.46
C ARG V 75 -35.48 80.82 45.11
N ASN V 76 -34.52 79.88 45.12
CA ASN V 76 -33.11 80.19 45.44
C ASN V 76 -32.08 79.77 44.38
N ASN V 77 -32.55 79.35 43.20
CA ASN V 77 -31.67 78.99 42.08
C ASN V 77 -31.41 80.25 41.23
N PRO V 78 -30.15 80.46 40.78
CA PRO V 78 -29.83 81.65 39.98
C PRO V 78 -30.47 81.68 38.58
N LEU V 79 -30.67 80.51 37.97
CA LEU V 79 -31.33 80.42 36.65
C LEU V 79 -32.76 80.96 36.67
N TRP V 80 -33.49 80.67 37.74
CA TRP V 80 -34.89 81.09 37.88
C TRP V 80 -35.07 82.53 38.39
N ASN V 81 -34.02 83.12 38.95
CA ASN V 81 -34.02 84.54 39.34
C ASN V 81 -32.63 85.18 39.12
N PRO V 82 -32.34 85.59 37.86
CA PRO V 82 -31.06 86.23 37.54
C PRO V 82 -30.87 87.62 38.15
N SER V 83 -31.95 88.41 38.18
CA SER V 83 -31.90 89.78 38.71
C SER V 83 -31.61 89.83 40.21
N ARG V 84 -32.25 88.95 40.96
CA ARG V 84 -32.05 88.87 42.41
C ARG V 84 -30.75 88.12 42.74
N GLY V 96 -20.17 67.07 52.70
CA GLY V 96 -19.68 68.31 53.30
C GLY V 96 -18.17 68.32 53.48
N SER V 97 -17.45 68.13 52.37
CA SER V 97 -15.98 68.12 52.36
C SER V 97 -15.40 69.51 52.58
N LEU V 98 -15.97 70.49 51.88
CA LEU V 98 -15.60 71.90 52.00
C LEU V 98 -15.83 72.39 53.44
N ASP V 99 -16.99 72.05 53.98
CA ASP V 99 -17.35 72.39 55.37
C ASP V 99 -16.35 71.82 56.37
N ARG V 100 -16.00 70.54 56.17
CA ARG V 100 -14.98 69.86 56.99
C ARG V 100 -13.64 70.58 56.94
N PHE V 101 -13.21 70.94 55.72
CA PHE V 101 -11.97 71.68 55.50
C PHE V 101 -11.97 73.00 56.27
N ASN V 102 -13.06 73.75 56.12
CA ASN V 102 -13.27 75.01 56.85
C ASN V 102 -13.15 74.84 58.36
N LYS V 103 -13.76 73.77 58.88
CA LYS V 103 -13.71 73.45 60.31
C LYS V 103 -12.30 73.20 60.83
N ARG V 104 -11.54 72.33 60.14
CA ARG V 104 -10.21 71.92 60.62
C ARG V 104 -9.03 72.73 60.04
N TYR V 105 -9.32 73.83 59.35
CA TYR V 105 -8.32 74.85 59.01
C TYR V 105 -8.90 76.23 59.36
N SER V 106 -9.49 76.32 60.55
CA SER V 106 -10.21 77.51 61.02
C SER V 106 -9.31 78.50 61.74
N SER V 107 -8.37 77.97 62.54
CA SER V 107 -7.40 78.81 63.27
C SER V 107 -6.50 79.64 62.35
N LEU V 108 -6.20 79.12 61.16
CA LEU V 108 -5.38 79.81 60.17
C LEU V 108 -6.15 80.88 59.38
N PHE V 109 -7.47 80.69 59.24
CA PHE V 109 -8.35 81.55 58.44
C PHE V 109 -8.00 81.53 56.94
N SER V 110 -7.45 80.41 56.46
CA SER V 110 -7.00 80.23 55.08
C SER V 110 -6.04 81.32 54.59
N THR V 122 -9.30 87.58 47.00
CA THR V 122 -8.90 87.53 48.41
C THR V 122 -7.40 87.74 48.59
N VAL V 123 -6.99 87.96 49.84
CA VAL V 123 -5.59 88.20 50.20
C VAL V 123 -4.74 86.94 50.08
N GLU V 124 -5.26 85.84 50.61
CA GLU V 124 -4.60 84.53 50.56
C GLU V 124 -4.36 84.05 49.13
N LEU V 125 -5.37 84.23 48.28
CA LEU V 125 -5.29 83.91 46.86
C LEU V 125 -4.20 84.70 46.16
N SER V 126 -4.19 86.01 46.42
CA SER V 126 -3.17 86.93 45.88
C SER V 126 -1.75 86.51 46.28
N GLU V 127 -1.59 86.13 47.54
CA GLU V 127 -0.32 85.64 48.07
C GLU V 127 0.18 84.39 47.34
N GLU V 128 -0.72 83.42 47.17
CA GLU V 128 -0.40 82.12 46.57
C GLU V 128 -0.97 81.98 45.16
N ASN V 129 -0.57 82.88 44.26
CA ASN V 129 -0.94 82.80 42.85
C ASN V 129 0.02 83.55 41.93
N LYS V 130 1.19 82.95 41.70
CA LYS V 130 2.16 83.45 40.73
C LYS V 130 1.92 82.74 39.41
N LYS V 131 1.57 83.51 38.37
CA LYS V 131 1.12 82.96 37.08
C LYS V 131 2.22 82.84 36.01
N LYS V 132 3.48 82.77 36.42
CA LYS V 132 4.60 82.58 35.50
C LYS V 132 4.70 81.12 35.07
N THR V 133 4.79 80.22 36.05
CA THR V 133 4.87 78.78 35.80
C THR V 133 3.49 78.21 35.49
N GLN V 134 3.39 77.45 34.41
CA GLN V 134 2.14 76.81 34.00
C GLN V 134 2.39 75.64 33.06
N ALA W 1 -29.24 -8.16 -63.30
CA ALA W 1 -29.20 -9.64 -63.06
C ALA W 1 -30.53 -10.32 -63.36
N VAL W 2 -31.63 -9.66 -63.01
CA VAL W 2 -32.96 -10.25 -63.02
C VAL W 2 -33.91 -9.35 -63.84
N PRO W 3 -34.86 -9.94 -64.60
CA PRO W 3 -35.78 -9.08 -65.34
C PRO W 3 -36.74 -8.33 -64.44
N LYS W 4 -36.84 -7.02 -64.63
CA LYS W 4 -37.67 -6.15 -63.78
C LYS W 4 -39.16 -6.35 -64.06
N LYS W 5 -39.50 -6.70 -65.30
CA LYS W 5 -40.89 -6.92 -65.72
C LYS W 5 -41.05 -8.15 -66.60
N LYS W 6 -42.28 -8.65 -66.65
CA LYS W 6 -42.74 -9.60 -67.67
C LYS W 6 -42.50 -8.97 -69.03
N VAL W 7 -41.61 -9.55 -69.83
CA VAL W 7 -41.34 -9.01 -71.17
C VAL W 7 -42.56 -9.25 -72.04
N SER W 8 -42.98 -8.21 -72.73
CA SER W 8 -44.22 -8.22 -73.51
C SER W 8 -44.10 -9.10 -74.75
N HIS W 9 -45.23 -9.29 -75.42
CA HIS W 9 -45.28 -10.06 -76.65
C HIS W 9 -44.51 -9.37 -77.78
N GLN W 10 -44.78 -8.08 -77.92
CA GLN W 10 -44.08 -7.23 -78.89
C GLN W 10 -42.57 -7.30 -78.76
N LYS W 11 -42.09 -6.99 -77.56
CA LYS W 11 -40.66 -6.79 -77.32
C LYS W 11 -39.82 -8.05 -77.41
N LYS W 12 -40.39 -9.20 -77.03
CA LYS W 12 -39.72 -10.48 -77.23
C LYS W 12 -39.67 -10.87 -78.71
N ARG W 13 -40.72 -10.54 -79.45
CA ARG W 13 -40.83 -10.90 -80.87
C ARG W 13 -39.94 -10.06 -81.78
N GLN W 14 -39.93 -8.75 -81.56
CA GLN W 14 -39.01 -7.86 -82.28
C GLN W 14 -37.55 -8.16 -81.97
N LYS W 15 -37.27 -8.59 -80.74
CA LYS W 15 -35.93 -9.05 -80.35
C LYS W 15 -35.53 -10.29 -81.14
N LEU W 16 -36.43 -11.26 -81.21
CA LEU W 16 -36.13 -12.55 -81.82
C LEU W 16 -36.11 -12.50 -83.35
N TYR W 17 -37.18 -11.96 -83.92
CA TYR W 17 -37.44 -12.04 -85.37
C TYR W 17 -37.11 -10.78 -86.18
N GLY W 18 -37.07 -9.63 -85.51
CA GLY W 18 -36.71 -8.35 -86.14
C GLY W 18 -35.36 -8.29 -86.84
N PRO W 19 -34.29 -8.81 -86.20
CA PRO W 19 -32.98 -8.74 -86.83
C PRO W 19 -32.74 -9.85 -87.86
N GLY W 20 -32.06 -9.51 -88.95
CA GLY W 20 -31.75 -10.45 -90.02
C GLY W 20 -30.72 -11.50 -89.62
N LYS W 21 -29.74 -11.07 -88.81
CA LYS W 21 -28.78 -11.97 -88.15
C LYS W 21 -29.44 -13.22 -87.56
N LYS W 22 -30.53 -13.01 -86.82
CA LYS W 22 -31.23 -14.10 -86.14
C LYS W 22 -32.10 -14.95 -87.06
N GLN W 23 -32.59 -14.38 -88.15
CA GLN W 23 -33.42 -15.11 -89.12
C GLN W 23 -32.63 -16.17 -89.88
N LEU W 24 -33.38 -17.13 -90.45
CA LEU W 24 -32.80 -18.09 -91.40
C LEU W 24 -32.75 -17.48 -92.79
N LYS W 25 -31.73 -17.89 -93.55
CA LYS W 25 -31.51 -17.40 -94.90
C LYS W 25 -31.88 -18.49 -95.90
N MET W 26 -32.33 -18.07 -97.09
CA MET W 26 -32.52 -18.99 -98.21
C MET W 26 -31.16 -19.53 -98.63
N ILE W 27 -31.15 -20.81 -99.02
CA ILE W 27 -29.94 -21.47 -99.50
C ILE W 27 -29.96 -21.32 -101.02
N HIS W 28 -29.54 -20.13 -101.45
CA HIS W 28 -29.44 -19.77 -102.86
C HIS W 28 -28.38 -20.59 -103.60
N HIS W 29 -27.35 -21.01 -102.88
CA HIS W 29 -26.17 -21.66 -103.45
C HIS W 29 -26.31 -23.18 -103.69
N LEU W 30 -27.51 -23.62 -104.07
CA LEU W 30 -27.73 -24.97 -104.59
C LEU W 30 -27.39 -24.97 -106.09
N ASN W 31 -26.95 -26.12 -106.57
CA ASN W 31 -26.76 -26.32 -108.02
C ASN W 31 -26.80 -27.80 -108.40
N LYS W 32 -26.79 -28.07 -109.70
CA LYS W 32 -26.93 -29.44 -110.21
C LYS W 32 -25.66 -30.24 -110.00
N CYS W 33 -25.83 -31.50 -109.60
CA CYS W 33 -24.73 -32.47 -109.57
C CYS W 33 -24.53 -33.00 -110.99
N PRO W 34 -23.26 -33.10 -111.45
CA PRO W 34 -22.98 -33.58 -112.80
C PRO W 34 -23.17 -35.09 -112.99
N SER W 35 -23.00 -35.87 -111.92
CA SER W 35 -23.11 -37.33 -111.97
C SER W 35 -24.56 -37.80 -111.98
N CYS W 36 -25.36 -37.27 -111.07
CA CYS W 36 -26.83 -37.45 -111.09
C CYS W 36 -27.45 -36.06 -111.09
N GLY W 37 -28.40 -35.81 -111.99
CA GLY W 37 -28.95 -34.47 -112.18
C GLY W 37 -29.88 -34.01 -111.07
N HIS W 38 -29.31 -33.84 -109.88
CA HIS W 38 -30.07 -33.52 -108.67
C HIS W 38 -29.45 -32.32 -107.96
N TYR W 39 -30.20 -31.76 -107.03
CA TYR W 39 -29.71 -30.64 -106.22
C TYR W 39 -28.56 -31.08 -105.33
N LYS W 40 -27.58 -30.20 -105.21
CA LYS W 40 -26.49 -30.35 -104.26
C LYS W 40 -25.99 -28.95 -103.91
N ARG W 41 -25.23 -28.83 -102.83
CA ARG W 41 -24.63 -27.54 -102.48
C ARG W 41 -23.51 -27.18 -103.43
N ALA W 42 -23.30 -25.88 -103.63
CA ALA W 42 -22.21 -25.38 -104.45
C ALA W 42 -20.88 -25.60 -103.75
N ASN W 43 -19.85 -25.89 -104.54
CA ASN W 43 -18.52 -26.25 -104.03
C ASN W 43 -18.55 -27.45 -103.08
N THR W 44 -19.46 -28.39 -103.35
CA THR W 44 -19.69 -29.56 -102.49
C THR W 44 -19.95 -30.77 -103.38
N LEU W 45 -19.57 -31.95 -102.89
CA LEU W 45 -19.86 -33.19 -103.61
C LEU W 45 -21.29 -33.63 -103.36
N CYS W 46 -21.85 -34.33 -104.35
CA CYS W 46 -23.17 -34.92 -104.24
C CYS W 46 -23.11 -36.12 -103.29
N MET W 47 -23.88 -36.06 -102.21
CA MET W 47 -23.90 -37.13 -101.21
C MET W 47 -24.44 -38.46 -101.71
N TYR W 48 -25.23 -38.44 -102.79
CA TYR W 48 -25.71 -39.67 -103.39
C TYR W 48 -24.59 -40.39 -104.14
N CYS W 49 -23.95 -39.65 -105.04
CA CYS W 49 -22.90 -40.22 -105.91
C CYS W 49 -21.70 -40.72 -105.15
N VAL W 50 -21.24 -39.92 -104.18
CA VAL W 50 -20.11 -40.32 -103.33
C VAL W 50 -20.46 -41.52 -102.44
N GLY W 51 -21.71 -41.54 -101.96
CA GLY W 51 -22.23 -42.67 -101.20
C GLY W 51 -22.25 -43.95 -102.02
N GLN W 52 -22.74 -43.84 -103.25
CA GLN W 52 -22.75 -44.95 -104.21
C GLN W 52 -21.35 -45.50 -104.47
N ILE W 53 -20.39 -44.60 -104.66
CA ILE W 53 -19.00 -44.96 -104.89
C ILE W 53 -18.39 -45.66 -103.66
N SER W 54 -18.72 -45.15 -102.48
CA SER W 54 -18.31 -45.77 -101.21
C SER W 54 -18.87 -47.18 -101.07
N HIS W 55 -20.14 -47.35 -101.41
CA HIS W 55 -20.80 -48.65 -101.43
C HIS W 55 -20.11 -49.63 -102.39
N ILE W 56 -19.82 -49.15 -103.59
CA ILE W 56 -19.08 -49.92 -104.61
C ILE W 56 -17.74 -50.39 -104.07
N TRP W 57 -17.00 -49.47 -103.46
CA TRP W 57 -15.70 -49.78 -102.84
C TRP W 57 -15.82 -50.86 -101.78
N LYS W 58 -16.81 -50.71 -100.91
CA LYS W 58 -17.10 -51.71 -99.86
C LYS W 58 -17.35 -53.09 -100.44
N THR W 59 -18.18 -53.15 -101.49
CA THR W 59 -18.53 -54.42 -102.14
C THR W 59 -17.30 -55.08 -102.77
N HIS W 60 -16.43 -54.27 -103.36
CA HIS W 60 -15.19 -54.77 -103.97
C HIS W 60 -14.10 -55.01 -102.91
N THR W 61 -13.68 -53.95 -102.22
CA THR W 61 -12.69 -54.04 -101.15
C THR W 61 -13.37 -54.55 -99.86
N ALA W 62 -13.64 -55.85 -99.83
CA ALA W 62 -14.34 -56.50 -98.73
C ALA W 62 -13.44 -57.55 -98.10
N LYS W 63 -13.15 -57.40 -96.80
CA LYS W 63 -12.44 -58.41 -96.04
C LYS W 63 -13.41 -59.58 -95.79
N GLU W 64 -12.99 -60.78 -96.18
CA GLU W 64 -13.85 -61.98 -96.10
C GLU W 64 -14.18 -62.34 -94.67
N GLU W 65 -15.45 -62.66 -94.42
CA GLU W 65 -15.92 -63.07 -93.10
C GLU W 65 -15.31 -64.42 -92.69
N ILE W 66 -14.90 -64.52 -91.43
CA ILE W 66 -14.29 -65.73 -90.91
C ILE W 66 -15.40 -66.64 -90.41
N LYS W 67 -15.65 -67.71 -91.16
CA LYS W 67 -16.56 -68.77 -90.75
C LYS W 67 -15.69 -69.97 -90.33
N PRO W 68 -15.68 -70.29 -89.01
CA PRO W 68 -14.93 -71.48 -88.56
C PRO W 68 -15.50 -72.78 -89.17
N ARG W 69 -14.61 -73.68 -89.56
CA ARG W 69 -14.99 -74.95 -90.19
C ARG W 69 -15.94 -75.76 -89.33
N GLN W 70 -15.52 -76.02 -88.09
CA GLN W 70 -16.26 -76.88 -87.16
C GLN W 70 -17.71 -76.43 -86.90
N GLU W 71 -17.94 -75.11 -86.86
CA GLU W 71 -19.29 -74.55 -86.71
C GLU W 71 -20.08 -74.55 -88.03
N GLU W 72 -19.39 -74.41 -89.15
CA GLU W 72 -20.02 -74.49 -90.48
C GLU W 72 -20.52 -75.90 -90.81
N GLU W 73 -19.81 -76.93 -90.32
CA GLU W 73 -20.17 -78.33 -90.58
C GLU W 73 -20.87 -79.06 -89.41
N LEU W 74 -21.48 -78.29 -88.50
CA LEU W 74 -22.35 -78.88 -87.47
C LEU W 74 -23.67 -79.35 -88.08
N SER W 75 -24.23 -80.41 -87.51
CA SER W 75 -25.61 -80.81 -87.79
C SER W 75 -26.55 -79.81 -87.11
N GLU W 76 -27.79 -79.74 -87.60
CA GLU W 76 -28.77 -78.77 -87.08
C GLU W 76 -29.15 -79.06 -85.64
N LEU W 77 -29.48 -80.33 -85.38
CA LEU W 77 -29.79 -80.83 -84.05
C LEU W 77 -28.64 -80.57 -83.08
N ASP W 78 -27.44 -80.95 -83.51
CA ASP W 78 -26.20 -80.77 -82.74
C ASP W 78 -25.97 -79.29 -82.38
N GLN W 79 -26.19 -78.43 -83.36
CA GLN W 79 -26.07 -76.98 -83.19
C GLN W 79 -27.06 -76.43 -82.15
N ARG W 80 -28.30 -76.92 -82.24
CA ARG W 80 -29.37 -76.58 -81.28
C ARG W 80 -29.02 -77.00 -79.86
N VAL W 81 -28.49 -78.22 -79.73
CA VAL W 81 -28.02 -78.76 -78.45
C VAL W 81 -26.94 -77.88 -77.84
N LEU W 82 -25.96 -77.52 -78.66
CA LEU W 82 -24.81 -76.73 -78.21
C LEU W 82 -25.14 -75.29 -77.87
N TYR W 83 -25.78 -74.62 -78.83
CA TYR W 83 -26.03 -73.18 -78.77
C TYR W 83 -27.54 -72.91 -78.80
N PRO W 84 -28.23 -73.14 -77.66
CA PRO W 84 -29.67 -72.88 -77.60
C PRO W 84 -30.03 -71.40 -77.60
N GLY W 85 -31.30 -71.12 -77.83
CA GLY W 85 -31.82 -69.75 -77.85
C GLY W 85 -31.91 -69.13 -76.47
N ARG W 86 -32.27 -67.86 -76.43
CA ARG W 86 -32.39 -67.11 -75.19
C ARG W 86 -33.35 -65.93 -75.33
N ARG W 87 -33.92 -65.51 -74.20
CA ARG W 87 -34.69 -64.28 -74.14
C ARG W 87 -33.73 -63.10 -74.06
N ASP W 88 -33.83 -62.19 -75.03
CA ASP W 88 -33.07 -60.94 -74.99
C ASP W 88 -33.72 -59.98 -74.02
N THR W 89 -32.90 -59.09 -73.44
CA THR W 89 -33.41 -58.08 -72.50
C THR W 89 -34.17 -56.99 -73.25
N LYS W 90 -34.90 -56.17 -72.51
CA LYS W 90 -35.63 -55.03 -73.09
C LYS W 90 -34.66 -54.09 -73.82
N TYR W 91 -33.56 -53.78 -73.14
CA TYR W 91 -32.49 -52.94 -73.70
C TYR W 91 -31.96 -53.50 -75.01
N THR W 92 -31.65 -54.79 -75.00
CA THR W 92 -31.15 -55.51 -76.18
C THR W 92 -32.13 -55.39 -77.34
N LYS W 93 -33.41 -55.66 -77.05
CA LYS W 93 -34.49 -55.54 -78.04
C LYS W 93 -34.55 -54.14 -78.66
N ASP W 94 -34.49 -53.13 -77.79
CA ASP W 94 -34.47 -51.72 -78.20
C ASP W 94 -33.29 -51.41 -79.12
N LEU W 95 -32.12 -51.92 -78.74
CA LEU W 95 -30.89 -51.78 -79.54
C LEU W 95 -31.05 -52.40 -80.93
N LYS W 96 -31.67 -53.58 -80.96
CA LYS W 96 -31.91 -54.33 -82.19
C LYS W 96 -32.79 -53.57 -83.19
N ASP W 97 -33.89 -52.96 -82.71
CA ASP W 97 -34.72 -52.11 -83.59
C ASP W 97 -34.00 -50.79 -83.90
N LYS W 98 -33.08 -50.86 -84.86
CA LYS W 98 -32.27 -49.70 -85.26
C LYS W 98 -33.07 -48.68 -86.06
N ASP W 99 -33.97 -49.17 -86.91
CA ASP W 99 -34.84 -48.30 -87.73
C ASP W 99 -35.71 -47.33 -86.89
N ASN W 100 -35.94 -47.67 -85.63
CA ASN W 100 -36.57 -46.77 -84.66
C ASN W 100 -35.77 -45.48 -84.41
N TYR W 101 -34.44 -45.59 -84.31
CA TYR W 101 -33.58 -44.47 -83.87
C TYR W 101 -32.40 -44.11 -84.78
N LEU W 102 -32.33 -44.67 -85.98
CA LEU W 102 -31.19 -44.48 -86.88
C LEU W 102 -31.67 -43.91 -88.22
N GLU W 103 -31.12 -42.75 -88.59
CA GLU W 103 -31.60 -41.99 -89.75
C GLU W 103 -30.80 -42.29 -91.02
N ARG W 104 -31.49 -42.84 -92.02
CA ARG W 104 -30.91 -43.08 -93.34
C ARG W 104 -31.00 -41.79 -94.16
N ARG W 105 -30.03 -41.60 -95.06
CA ARG W 105 -29.91 -40.35 -95.82
C ARG W 105 -31.00 -40.22 -96.88
N VAL W 106 -31.62 -39.05 -96.97
CA VAL W 106 -32.68 -38.78 -97.95
C VAL W 106 -32.09 -38.30 -99.28
N ARG W 107 -32.79 -38.63 -100.37
CA ARG W 107 -32.40 -38.21 -101.71
C ARG W 107 -32.98 -36.82 -101.99
N THR W 108 -32.20 -35.99 -102.67
CA THR W 108 -32.62 -34.64 -103.04
C THR W 108 -33.57 -34.67 -104.24
N LEU W 109 -34.14 -33.50 -104.55
CA LEU W 109 -35.02 -33.34 -105.72
C LEU W 109 -34.20 -33.24 -107.00
N LYS W 110 -34.81 -33.65 -108.12
CA LYS W 110 -34.16 -33.57 -109.43
C LYS W 110 -34.22 -32.12 -109.93
N LYS W 111 -33.08 -31.60 -110.37
CA LYS W 111 -32.96 -30.21 -110.82
C LYS W 111 -33.61 -30.03 -112.19
N ASP W 112 -34.12 -28.81 -112.43
CA ASP W 112 -34.73 -28.44 -113.70
C ASP W 112 -33.85 -27.43 -114.45
N SER X 1 -49.51 10.26 14.85
CA SER X 1 -50.92 10.73 14.92
C SER X 1 -51.06 11.95 15.83
N LYS X 2 -51.42 13.08 15.25
CA LYS X 2 -51.59 14.35 15.99
C LYS X 2 -53.04 14.58 16.41
N ASN X 3 -53.96 14.37 15.47
CA ASN X 3 -55.40 14.51 15.72
C ASN X 3 -56.11 13.16 15.68
N SER X 4 -56.68 12.75 16.82
CA SER X 4 -57.40 11.49 16.94
C SER X 4 -58.92 11.68 16.84
N VAL X 5 -59.60 10.59 16.52
CA VAL X 5 -61.07 10.54 16.44
C VAL X 5 -61.62 10.05 17.77
N ILE X 6 -62.80 10.55 18.14
CA ILE X 6 -63.52 10.09 19.34
C ILE X 6 -65.01 9.96 19.08
N LYS X 7 -65.68 9.19 19.96
CA LYS X 7 -67.12 8.98 19.90
C LYS X 7 -67.79 9.69 21.07
N LEU X 8 -68.62 10.69 20.76
CA LEU X 8 -69.46 11.36 21.75
C LEU X 8 -70.80 10.65 21.80
N LEU X 9 -71.13 10.10 22.97
CA LEU X 9 -72.37 9.35 23.19
C LEU X 9 -73.37 10.24 23.91
N SER X 10 -74.61 10.25 23.43
CA SER X 10 -75.68 11.07 24.01
C SER X 10 -75.93 10.73 25.47
N THR X 11 -76.21 11.76 26.27
CA THR X 11 -76.44 11.61 27.70
C THR X 11 -77.85 11.11 27.98
N ALA X 12 -78.83 11.64 27.25
CA ALA X 12 -80.17 11.03 27.19
C ALA X 12 -79.98 9.69 26.51
N ALA X 13 -80.25 8.61 27.24
CA ALA X 13 -79.83 7.25 26.85
C ALA X 13 -80.68 6.70 25.71
N SER X 14 -80.51 7.31 24.55
CA SER X 14 -81.15 6.88 23.31
C SER X 14 -80.31 5.79 22.64
N GLY X 15 -78.99 5.99 22.66
CA GLY X 15 -78.06 5.18 21.88
C GLY X 15 -77.43 5.99 20.77
N TYR X 16 -78.10 7.09 20.38
CA TYR X 16 -77.57 8.06 19.43
C TYR X 16 -76.22 8.59 19.88
N SER X 17 -75.32 8.79 18.92
CA SER X 17 -73.97 9.23 19.18
C SER X 17 -73.39 9.92 17.95
N ARG X 18 -72.55 10.92 18.20
CA ARG X 18 -71.90 11.68 17.13
C ARG X 18 -70.39 11.61 17.32
N TYR X 19 -69.66 11.54 16.21
CA TYR X 19 -68.21 11.39 16.24
C TYR X 19 -67.55 12.70 15.84
N ILE X 20 -66.49 13.07 16.56
CA ILE X 20 -65.70 14.26 16.25
C ILE X 20 -64.20 13.99 16.44
N SER X 21 -63.39 14.89 15.89
CA SER X 21 -61.94 14.81 15.96
C SER X 21 -61.40 15.82 16.97
N ILE X 22 -60.34 15.43 17.69
CA ILE X 22 -59.64 16.31 18.63
C ILE X 22 -58.13 16.05 18.61
N LYS X 23 -57.37 17.02 19.13
CA LYS X 23 -55.94 16.83 19.37
C LYS X 23 -55.72 15.78 20.46
N LYS X 24 -54.59 15.08 20.39
CA LYS X 24 -54.32 13.90 21.23
C LYS X 24 -54.48 14.14 22.74
N GLY X 25 -53.99 15.28 23.22
CA GLY X 25 -54.07 15.64 24.64
C GLY X 25 -55.03 16.78 24.93
N ALA X 26 -56.13 16.85 24.18
CA ALA X 26 -57.12 17.92 24.36
C ALA X 26 -57.98 17.64 25.60
N PRO X 27 -58.54 18.69 26.22
CA PRO X 27 -59.51 18.50 27.32
C PRO X 27 -60.71 17.63 26.93
N LEU X 28 -61.39 17.07 27.93
CA LEU X 28 -62.58 16.25 27.68
C LEU X 28 -63.64 17.09 26.97
N VAL X 29 -64.09 16.60 25.82
CA VAL X 29 -64.96 17.37 24.92
C VAL X 29 -66.39 16.88 25.11
N THR X 30 -67.14 17.71 25.83
CA THR X 30 -68.58 17.56 25.96
C THR X 30 -69.23 18.70 25.18
N GLN X 31 -70.29 18.39 24.45
CA GLN X 31 -71.03 19.39 23.68
C GLN X 31 -72.51 19.07 23.67
N VAL X 32 -73.33 20.12 23.58
CA VAL X 32 -74.79 19.97 23.56
C VAL X 32 -75.24 20.09 22.09
N ARG X 33 -75.83 19.01 21.59
CA ARG X 33 -76.33 18.93 20.23
C ARG X 33 -77.69 18.25 20.23
N TYR X 34 -78.34 18.27 19.08
CA TYR X 34 -79.66 17.66 18.91
C TYR X 34 -79.56 16.13 18.91
N ASP X 35 -80.36 15.50 19.77
CA ASP X 35 -80.56 14.06 19.75
C ASP X 35 -81.90 13.80 19.06
N PRO X 36 -81.89 13.22 17.83
CA PRO X 36 -83.14 13.00 17.10
C PRO X 36 -84.08 11.93 17.64
N VAL X 37 -83.56 11.02 18.47
CA VAL X 37 -84.37 9.98 19.10
C VAL X 37 -85.28 10.62 20.15
N VAL X 38 -84.69 11.54 20.92
CA VAL X 38 -85.38 12.24 22.01
C VAL X 38 -86.07 13.51 21.48
N LYS X 39 -85.57 14.04 20.36
CA LYS X 39 -86.07 15.26 19.70
C LYS X 39 -85.83 16.50 20.55
N ARG X 40 -84.60 16.63 21.05
CA ARG X 40 -84.19 17.80 21.82
C ARG X 40 -82.67 17.90 21.90
N HIS X 41 -82.19 19.04 22.37
CA HIS X 41 -80.77 19.24 22.62
C HIS X 41 -80.40 18.62 23.95
N VAL X 42 -79.41 17.73 23.91
CA VAL X 42 -78.92 17.02 25.09
C VAL X 42 -77.42 17.11 25.13
N LEU X 43 -76.84 16.79 26.28
CA LEU X 43 -75.40 16.73 26.43
C LEU X 43 -74.87 15.46 25.74
N PHE X 44 -73.71 15.60 25.09
CA PHE X 44 -72.94 14.47 24.61
C PHE X 44 -71.64 14.41 25.40
N LYS X 45 -71.17 13.20 25.70
CA LYS X 45 -69.93 12.98 26.46
C LYS X 45 -69.14 11.85 25.81
N GLU X 46 -67.83 11.85 26.05
CA GLU X 46 -66.95 10.83 25.48
C GLU X 46 -67.21 9.47 26.12
N ALA X 47 -67.50 8.48 25.28
CA ALA X 47 -67.81 7.12 25.74
C ALA X 47 -66.56 6.41 26.26
N LYS X 48 -65.46 6.53 25.52
CA LYS X 48 -64.18 5.90 25.89
C LYS X 48 -63.44 6.81 26.88
N LYS X 49 -62.38 6.26 27.47
CA LYS X 49 -61.45 7.04 28.31
C LYS X 49 -60.13 7.23 27.60
N ARG X 50 -59.45 8.32 27.92
CA ARG X 50 -58.16 8.66 27.33
C ARG X 50 -57.41 9.69 28.17
N LYS X 51 -56.10 9.71 28.00
CA LYS X 51 -55.24 10.61 28.76
C LYS X 51 -55.31 12.03 28.22
N VAL X 52 -55.10 12.99 29.13
CA VAL X 52 -55.26 14.40 28.85
C VAL X 52 -54.03 15.17 29.31
N ALA X 53 -53.68 16.22 28.57
CA ALA X 53 -52.62 17.13 28.98
C ALA X 53 -53.08 17.92 30.20
N GLU X 54 -52.55 17.57 31.37
CA GLU X 54 -53.01 18.11 32.64
C GLU X 54 -52.60 19.57 32.82
N ARG X 55 -53.58 20.47 32.68
CA ARG X 55 -53.39 21.88 32.96
C ARG X 55 -53.54 22.13 34.46
N LYS X 56 -52.77 23.08 34.97
CA LYS X 56 -52.88 23.49 36.38
C LYS X 56 -54.19 24.25 36.57
N PRO X 57 -55.04 23.80 37.52
CA PRO X 57 -56.33 24.49 37.72
C PRO X 57 -56.13 25.90 38.30
N LEU X 58 -56.32 26.90 37.44
CA LEU X 58 -56.10 28.30 37.80
C LEU X 58 -56.91 28.73 39.02
N ASP X 59 -56.21 29.26 40.03
CA ASP X 59 -56.81 29.51 41.34
C ASP X 59 -57.29 30.97 41.44
N PHE X 60 -58.59 31.12 41.64
CA PHE X 60 -59.24 32.43 41.82
C PHE X 60 -59.15 32.85 43.29
N LEU X 61 -59.16 31.86 44.18
CA LEU X 61 -58.92 32.07 45.60
C LEU X 61 -57.43 32.36 45.76
N ARG X 62 -57.11 33.54 46.28
CA ARG X 62 -55.73 34.03 46.28
C ARG X 62 -54.91 33.22 47.29
N THR X 63 -54.07 32.32 46.79
CA THR X 63 -53.35 31.36 47.64
C THR X 63 -52.06 31.98 48.19
N ALA X 64 -51.76 31.65 49.46
CA ALA X 64 -50.54 32.08 50.16
C ALA X 64 -50.38 33.60 50.22
N LYS Y 1 -16.87 -31.19 -43.75
CA LYS Y 1 -17.86 -32.27 -43.40
C LYS Y 1 -19.20 -32.02 -44.09
N SER Y 2 -19.45 -32.77 -45.16
CA SER Y 2 -20.69 -32.66 -45.94
C SER Y 2 -21.77 -33.55 -45.33
N ARG Y 3 -22.98 -33.02 -45.22
CA ARG Y 3 -24.11 -33.70 -44.59
C ARG Y 3 -25.00 -34.32 -45.68
N GLY Y 4 -26.19 -34.78 -45.30
CA GLY Y 4 -27.18 -35.32 -46.24
C GLY Y 4 -27.28 -36.83 -46.21
N ASN Y 5 -26.15 -37.50 -46.00
CA ASN Y 5 -26.08 -38.97 -45.97
C ASN Y 5 -26.25 -39.57 -44.56
N THR Y 6 -27.27 -39.08 -43.84
CA THR Y 6 -27.54 -39.54 -42.47
C THR Y 6 -28.09 -40.97 -42.42
N TYR Y 7 -28.83 -41.36 -43.46
CA TYR Y 7 -29.26 -42.76 -43.61
C TYR Y 7 -28.07 -43.59 -44.08
N GLN Y 8 -27.78 -44.67 -43.35
CA GLN Y 8 -26.68 -45.58 -43.69
C GLN Y 8 -27.17 -47.01 -43.50
N PRO Y 9 -27.75 -47.60 -44.57
CA PRO Y 9 -28.50 -48.85 -44.41
C PRO Y 9 -27.67 -50.04 -43.95
N SER Y 10 -28.35 -50.93 -43.23
CA SER Y 10 -27.78 -52.16 -42.70
C SER Y 10 -28.97 -52.98 -42.22
N THR Y 11 -29.37 -53.94 -43.05
CA THR Y 11 -30.66 -54.65 -42.92
C THR Y 11 -30.94 -55.13 -41.51
N LEU Y 12 -29.94 -55.77 -40.92
CA LEU Y 12 -30.00 -56.34 -39.57
C LEU Y 12 -30.46 -55.32 -38.52
N LYS Y 13 -29.81 -54.16 -38.52
CA LYS Y 13 -30.13 -53.08 -37.59
C LYS Y 13 -31.55 -52.59 -37.75
N ARG Y 14 -31.93 -52.36 -39.01
CA ARG Y 14 -33.29 -51.95 -39.38
C ARG Y 14 -34.34 -52.91 -38.84
N LYS Y 15 -34.10 -54.21 -39.01
CA LYS Y 15 -35.03 -55.25 -38.56
C LYS Y 15 -35.12 -55.31 -37.03
N ARG Y 16 -33.98 -55.15 -36.36
CA ARG Y 16 -33.94 -55.03 -34.89
C ARG Y 16 -34.79 -53.88 -34.36
N THR Y 17 -34.62 -52.72 -34.98
CA THR Y 17 -35.23 -51.48 -34.49
C THR Y 17 -36.67 -51.32 -34.95
N PHE Y 18 -36.87 -51.42 -36.26
CA PHE Y 18 -38.15 -51.09 -36.92
C PHE Y 18 -38.89 -52.28 -37.50
N GLY Y 19 -38.41 -53.50 -37.24
CA GLY Y 19 -39.07 -54.70 -37.73
C GLY Y 19 -40.34 -55.00 -36.97
N PHE Y 20 -41.22 -55.78 -37.61
CA PHE Y 20 -42.53 -56.14 -37.08
C PHE Y 20 -42.44 -56.78 -35.69
N LEU Y 21 -41.55 -57.75 -35.55
CA LEU Y 21 -41.43 -58.52 -34.31
C LEU Y 21 -40.96 -57.68 -33.14
N ALA Y 22 -40.07 -56.72 -33.40
CA ALA Y 22 -39.65 -55.76 -32.38
C ALA Y 22 -40.83 -54.95 -31.86
N ARG Y 23 -41.66 -54.48 -32.79
CA ARG Y 23 -42.90 -53.76 -32.45
C ARG Y 23 -43.81 -54.65 -31.62
N ALA Y 24 -44.04 -55.86 -32.10
CA ALA Y 24 -44.89 -56.84 -31.40
C ALA Y 24 -44.44 -57.09 -29.96
N LYS Y 25 -43.13 -57.24 -29.78
CA LYS Y 25 -42.55 -57.63 -28.49
C LYS Y 25 -42.70 -56.57 -27.42
N SER Y 26 -42.46 -55.32 -27.77
CA SER Y 26 -42.68 -54.20 -26.85
C SER Y 26 -44.17 -53.90 -26.75
N LYS Y 27 -44.58 -53.37 -25.60
CA LYS Y 27 -45.95 -52.89 -25.40
C LYS Y 27 -46.20 -51.68 -26.29
N GLN Y 28 -45.25 -50.75 -26.28
CA GLN Y 28 -45.33 -49.51 -27.05
C GLN Y 28 -45.41 -49.80 -28.54
N GLY Y 29 -44.57 -50.72 -29.01
CA GLY Y 29 -44.58 -51.17 -30.39
C GLY Y 29 -45.88 -51.83 -30.81
N SER Y 30 -46.45 -52.63 -29.91
CA SER Y 30 -47.76 -53.26 -30.11
C SER Y 30 -48.87 -52.22 -30.27
N LYS Y 31 -48.79 -51.16 -29.46
CA LYS Y 31 -49.73 -50.04 -29.51
C LYS Y 31 -49.62 -49.30 -30.84
N ILE Y 32 -48.38 -49.08 -31.30
CA ILE Y 32 -48.10 -48.46 -32.61
C ILE Y 32 -48.76 -49.27 -33.72
N LEU Y 33 -48.48 -50.58 -33.72
CA LEU Y 33 -49.02 -51.53 -34.70
C LEU Y 33 -50.54 -51.46 -34.77
N LYS Y 34 -51.17 -51.49 -33.60
CA LYS Y 34 -52.62 -51.37 -33.47
C LYS Y 34 -53.14 -50.07 -34.10
N ARG Y 35 -52.46 -48.98 -33.79
CA ARG Y 35 -52.78 -47.64 -34.32
C ARG Y 35 -52.70 -47.62 -35.85
N ARG Y 36 -51.64 -48.22 -36.39
CA ARG Y 36 -51.45 -48.34 -37.84
C ARG Y 36 -52.55 -49.18 -38.49
N LYS Y 37 -52.91 -50.28 -37.85
CA LYS Y 37 -54.03 -51.13 -38.28
C LYS Y 37 -55.35 -50.36 -38.35
N LEU Y 38 -55.61 -49.60 -37.28
CA LEU Y 38 -56.81 -48.75 -37.20
C LEU Y 38 -56.87 -47.73 -38.32
N LYS Y 39 -55.73 -47.07 -38.57
CA LYS Y 39 -55.61 -46.13 -39.68
C LYS Y 39 -55.96 -46.79 -41.02
N GLY Y 40 -55.50 -48.03 -41.19
CA GLY Y 40 -55.70 -48.80 -42.43
C GLY Y 40 -54.41 -49.19 -43.15
N ARG Y 41 -53.26 -48.97 -42.51
CA ARG Y 41 -51.94 -49.15 -43.11
C ARG Y 41 -51.73 -50.53 -43.74
N TRP Y 42 -51.17 -50.54 -44.94
CA TRP Y 42 -50.79 -51.79 -45.62
C TRP Y 42 -49.51 -52.36 -45.03
N PHE Y 43 -48.57 -51.48 -44.68
CA PHE Y 43 -47.24 -51.88 -44.19
C PHE Y 43 -47.07 -51.36 -42.77
N LEU Y 44 -47.14 -52.28 -41.81
CA LEU Y 44 -47.12 -51.95 -40.39
C LEU Y 44 -45.71 -51.75 -39.84
N SER Y 45 -44.74 -52.45 -40.43
CA SER Y 45 -43.35 -52.38 -39.98
C SER Y 45 -42.38 -52.81 -41.07
N HIS Y 46 -41.09 -52.56 -40.84
CA HIS Y 46 -40.04 -53.01 -41.76
C HIS Y 46 -39.81 -54.51 -41.64
N LEU Z 1 -77.50 -20.03 -22.24
CA LEU Z 1 -78.29 -18.77 -22.11
C LEU Z 1 -77.49 -17.64 -21.44
N MET Z 2 -78.07 -16.45 -21.44
CA MET Z 2 -77.46 -15.25 -20.88
C MET Z 2 -77.67 -15.29 -19.37
N LYS Z 3 -76.81 -14.62 -18.61
CA LYS Z 3 -76.97 -14.55 -17.15
C LYS Z 3 -76.62 -13.20 -16.55
N THR Z 4 -77.19 -12.94 -15.38
CA THR Z 4 -77.06 -11.65 -14.73
C THR Z 4 -75.66 -11.48 -14.15
N HIS Z 5 -75.18 -10.24 -14.21
CA HIS Z 5 -73.91 -9.87 -13.61
C HIS Z 5 -74.21 -9.68 -12.13
N LYS Z 6 -73.68 -10.58 -11.30
CA LYS Z 6 -74.08 -10.66 -9.89
C LYS Z 6 -73.64 -9.44 -9.08
N GLY Z 7 -72.43 -8.96 -9.35
CA GLY Z 7 -71.93 -7.73 -8.74
C GLY Z 7 -72.83 -6.54 -9.06
N THR Z 8 -73.24 -6.44 -10.32
CA THR Z 8 -74.12 -5.38 -10.81
C THR Z 8 -75.49 -5.47 -10.13
N ALA Z 9 -76.01 -6.69 -10.01
CA ALA Z 9 -77.27 -6.96 -9.32
C ALA Z 9 -77.22 -6.52 -7.86
N LYS Z 10 -76.11 -6.82 -7.20
CA LYS Z 10 -75.86 -6.39 -5.83
C LYS Z 10 -75.83 -4.87 -5.69
N ARG Z 11 -75.19 -4.21 -6.66
CA ARG Z 11 -75.09 -2.75 -6.67
C ARG Z 11 -76.41 -2.08 -7.06
N TRP Z 12 -77.04 -2.59 -8.11
CA TRP Z 12 -78.21 -1.96 -8.74
C TRP Z 12 -79.51 -2.74 -8.55
N ARG Z 13 -80.59 -2.03 -8.24
CA ARG Z 13 -81.93 -2.61 -8.15
C ARG Z 13 -82.89 -1.87 -9.08
N ARG Z 14 -83.92 -2.58 -9.54
CA ARG Z 14 -84.87 -2.03 -10.52
C ARG Z 14 -85.82 -1.00 -9.89
N THR Z 15 -86.16 0.03 -10.66
CA THR Z 15 -87.16 1.03 -10.27
C THR Z 15 -88.00 1.43 -11.49
N GLY Z 16 -88.99 0.61 -11.81
CA GLY Z 16 -89.83 0.82 -12.99
C GLY Z 16 -89.06 0.56 -14.28
N ASN Z 17 -88.69 1.64 -14.96
CA ASN Z 17 -87.91 1.57 -16.21
C ASN Z 17 -86.50 2.17 -16.04
N THR Z 18 -85.96 2.07 -14.83
CA THR Z 18 -84.64 2.59 -14.48
C THR Z 18 -84.03 1.68 -13.41
N PHE Z 19 -82.80 1.99 -13.01
CA PHE Z 19 -82.14 1.30 -11.90
C PHE Z 19 -81.72 2.31 -10.83
N LYS Z 20 -81.91 1.94 -9.57
CA LYS Z 20 -81.46 2.75 -8.43
C LYS Z 20 -80.17 2.18 -7.85
N ARG Z 21 -79.34 3.06 -7.27
CA ARG Z 21 -78.06 2.66 -6.69
C ARG Z 21 -77.70 3.52 -5.47
N GLY Z 22 -76.81 2.97 -4.64
CA GLY Z 22 -76.26 3.72 -3.51
C GLY Z 22 -75.22 4.73 -3.96
N ILE Z 23 -74.94 5.69 -3.10
CA ILE Z 23 -73.98 6.76 -3.40
C ILE Z 23 -72.59 6.31 -2.96
N ALA Z 24 -71.56 6.79 -3.67
CA ALA Z 24 -70.17 6.52 -3.33
C ALA Z 24 -69.60 7.67 -2.48
N GLY Z 25 -68.77 7.31 -1.50
CA GLY Z 25 -68.00 8.26 -0.70
C GLY Z 25 -68.61 8.57 0.66
N ARG Z 26 -69.04 7.53 1.35
CA ARG Z 26 -69.69 7.66 2.66
C ARG Z 26 -69.46 6.37 3.49
N LYS Z 27 -68.23 5.84 3.43
CA LYS Z 27 -67.87 4.62 4.15
C LYS Z 27 -66.76 4.82 5.19
N HIS Z 28 -65.85 5.76 4.94
CA HIS Z 28 -64.92 6.23 5.97
C HIS Z 28 -64.40 7.64 5.63
N GLY Z 29 -63.71 8.26 6.57
CA GLY Z 29 -63.21 9.62 6.41
C GLY Z 29 -64.31 10.67 6.38
N ASN Z 30 -65.43 10.38 7.05
CA ASN Z 30 -66.59 11.29 7.12
C ASN Z 30 -66.43 12.43 8.13
N ILE Z 31 -65.65 12.20 9.19
CA ILE Z 31 -65.40 13.21 10.22
C ILE Z 31 -64.60 14.38 9.64
N GLY Z 32 -64.94 15.60 10.07
CA GLY Z 32 -64.34 16.83 9.55
C GLY Z 32 -65.22 17.54 8.54
N TRP Z 33 -65.92 16.76 7.71
CA TRP Z 33 -66.87 17.30 6.74
C TRP Z 33 -68.14 17.76 7.44
N SER Z 34 -68.87 18.66 6.80
CA SER Z 34 -70.16 19.13 7.30
C SER Z 34 -71.20 18.03 7.16
N HIS Z 35 -72.00 17.85 8.20
CA HIS Z 35 -73.00 16.77 8.26
C HIS Z 35 -74.15 17.01 7.28
N ARG Z 36 -74.60 18.26 7.21
CA ARG Z 36 -75.60 18.71 6.22
C ARG Z 36 -75.15 18.44 4.79
N SER Z 37 -73.90 18.77 4.50
CA SER Z 37 -73.29 18.49 3.19
C SER Z 37 -73.25 17.00 2.88
N LEU Z 38 -72.85 16.23 3.88
CA LEU Z 38 -72.81 14.75 3.80
C LEU Z 38 -74.17 14.10 3.57
N LYS Z 39 -75.22 14.69 4.13
CA LYS Z 39 -76.60 14.20 3.96
C LYS Z 39 -77.04 14.07 2.49
N ALA Z 40 -76.41 14.82 1.59
CA ALA Z 40 -76.55 14.60 0.14
C ALA Z 40 -76.24 13.16 -0.30
N LEU Z 41 -75.22 12.56 0.31
CA LEU Z 41 -74.72 11.24 -0.09
C LEU Z 41 -75.37 10.04 0.62
N THR Z 42 -76.30 10.27 1.54
CA THR Z 42 -76.87 9.17 2.34
C THR Z 42 -77.85 8.25 1.58
N GLY Z 43 -78.62 8.83 0.66
CA GLY Z 43 -79.75 8.13 0.04
C GLY Z 43 -79.42 7.23 -1.13
N ARG Z 44 -80.33 7.17 -2.09
CA ARG Z 44 -80.19 6.42 -3.33
C ARG Z 44 -80.07 7.38 -4.52
N LYS Z 45 -79.84 6.82 -5.71
CA LYS Z 45 -79.69 7.61 -6.92
C LYS Z 45 -80.14 6.79 -8.14
N ILE Z 46 -80.87 7.45 -9.05
CA ILE Z 46 -81.33 6.80 -10.28
C ILE Z 46 -80.16 6.77 -11.26
N ALA Z 47 -80.13 5.73 -12.10
CA ALA Z 47 -79.06 5.54 -13.09
C ALA Z 47 -79.03 6.70 -14.08
N HIS Z 48 -77.82 7.14 -14.42
CA HIS Z 48 -77.62 8.16 -15.43
C HIS Z 48 -77.88 7.53 -16.81
N PRO Z 49 -78.55 8.26 -17.74
CA PRO Z 49 -78.88 7.67 -19.04
C PRO Z 49 -77.70 7.21 -19.92
N ALA Z 50 -76.52 7.78 -19.68
CA ALA Z 50 -75.27 7.36 -20.33
C ALA Z 50 -74.99 5.85 -20.25
N TYR Z 51 -75.13 5.31 -19.03
CA TYR Z 51 -74.82 3.89 -18.76
C TYR Z 51 -76.06 2.99 -18.61
N SER Z 52 -77.23 3.50 -19.00
CA SER Z 52 -78.49 2.75 -18.90
C SER Z 52 -78.46 1.48 -19.76
N LYS Z 53 -77.98 1.64 -20.99
CA LYS Z 53 -77.79 0.55 -21.94
C LYS Z 53 -76.85 -0.53 -21.41
N HIS Z 54 -75.73 -0.08 -20.86
CA HIS Z 54 -74.76 -0.98 -20.20
C HIS Z 54 -75.40 -1.78 -19.07
N LEU Z 55 -76.15 -1.09 -18.22
CA LEU Z 55 -76.88 -1.72 -17.11
C LEU Z 55 -77.87 -2.77 -17.57
N LYS Z 56 -78.62 -2.44 -18.61
CA LYS Z 56 -79.56 -3.39 -19.25
C LYS Z 56 -78.86 -4.65 -19.73
N ARG Z 57 -77.72 -4.46 -20.39
CA ARG Z 57 -76.92 -5.59 -20.89
C ARG Z 57 -76.34 -6.45 -19.78
N LEU Z 58 -75.93 -5.80 -18.70
CA LEU Z 58 -75.45 -6.50 -17.49
C LEU Z 58 -76.55 -7.33 -16.82
N LEU Z 59 -77.75 -6.76 -16.74
CA LEU Z 59 -78.90 -7.35 -16.08
C LEU Z 59 -79.98 -7.66 -17.13
N PRO Z 60 -79.86 -8.80 -17.85
CA PRO Z 60 -80.83 -9.07 -18.92
C PRO Z 60 -82.25 -9.41 -18.43
N TYR Z 61 -82.36 -9.92 -17.20
CA TYR Z 61 -83.63 -10.37 -16.63
C TYR Z 61 -84.17 -9.39 -15.58
N HIS Z 62 -84.15 -8.10 -15.93
CA HIS Z 62 -84.62 -7.03 -15.06
C HIS Z 62 -85.40 -6.01 -15.88
N PHE AA 1 -5.56 48.89 -57.47
CA PHE AA 1 -7.05 48.98 -57.36
C PHE AA 1 -7.58 48.31 -56.09
N LYS AA 2 -8.39 49.06 -55.34
CA LYS AA 2 -9.17 48.50 -54.24
C LYS AA 2 -10.59 48.25 -54.74
N VAL AA 3 -10.89 46.98 -55.02
CA VAL AA 3 -12.20 46.57 -55.49
C VAL AA 3 -13.10 46.37 -54.28
N ARG AA 4 -14.16 47.16 -54.21
CA ARG AA 4 -15.04 47.18 -53.02
C ARG AA 4 -16.44 47.70 -53.36
N THR AA 5 -17.38 47.44 -52.46
CA THR AA 5 -18.76 47.88 -52.62
C THR AA 5 -18.86 49.39 -52.43
N SER AA 6 -18.29 49.88 -51.32
CA SER AA 6 -18.21 51.31 -51.04
C SER AA 6 -17.03 51.91 -51.81
N VAL AA 7 -17.27 53.05 -52.48
CA VAL AA 7 -16.28 53.71 -53.33
C VAL AA 7 -16.37 55.22 -53.11
N LYS AA 8 -15.68 55.72 -52.08
CA LYS AA 8 -15.60 57.16 -51.79
C LYS AA 8 -14.29 57.76 -52.30
N LYS AA 9 -14.34 59.01 -52.74
CA LYS AA 9 -13.12 59.73 -53.15
C LYS AA 9 -12.41 60.27 -51.90
N PHE AA 10 -11.13 59.96 -51.76
CA PHE AA 10 -10.37 60.27 -50.55
C PHE AA 10 -9.87 61.70 -50.53
N CYS AA 11 -8.99 62.05 -51.47
CA CYS AA 11 -8.41 63.39 -51.55
C CYS AA 11 -9.10 64.24 -52.60
N SER AA 12 -8.69 65.50 -52.70
CA SER AA 12 -9.19 66.42 -53.74
C SER AA 12 -8.78 65.99 -55.15
N ASP AA 13 -7.59 65.39 -55.28
CA ASP AA 13 -7.08 64.93 -56.57
C ASP AA 13 -7.74 63.65 -57.10
N CYS AA 14 -8.50 62.95 -56.26
CA CYS AA 14 -9.34 61.83 -56.72
C CYS AA 14 -10.45 62.33 -57.64
N TYR AA 15 -10.81 61.54 -58.64
CA TYR AA 15 -11.94 61.84 -59.51
C TYR AA 15 -12.71 60.56 -59.89
N LEU AA 16 -14.02 60.67 -59.87
CA LEU AA 16 -14.91 59.53 -60.12
C LEU AA 16 -15.20 59.43 -61.61
N VAL AA 17 -15.20 58.20 -62.11
CA VAL AA 17 -15.47 57.91 -63.51
C VAL AA 17 -16.47 56.76 -63.60
N ARG AA 18 -17.32 56.82 -64.63
CA ARG AA 18 -18.34 55.80 -64.86
C ARG AA 18 -18.09 55.10 -66.20
N ARG AA 19 -17.43 53.95 -66.16
CA ARG AA 19 -17.10 53.15 -67.35
C ARG AA 19 -17.53 51.71 -67.17
N LYS AA 20 -17.89 51.07 -68.28
CA LYS AA 20 -18.20 49.62 -68.31
C LYS AA 20 -19.28 49.18 -67.31
N GLY AA 21 -20.19 50.08 -66.95
CA GLY AA 21 -21.18 49.82 -65.90
C GLY AA 21 -20.61 49.66 -64.51
N ARG AA 22 -19.46 50.30 -64.24
CA ARG AA 22 -18.81 50.29 -62.93
C ARG AA 22 -18.28 51.66 -62.57
N VAL AA 23 -18.53 52.09 -61.33
CA VAL AA 23 -17.96 53.33 -60.82
C VAL AA 23 -16.50 53.09 -60.45
N TYR AA 24 -15.60 53.76 -61.16
CA TYR AA 24 -14.18 53.79 -60.82
C TYR AA 24 -13.88 55.11 -60.14
N ILE AA 25 -12.98 55.08 -59.16
CA ILE AA 25 -12.36 56.28 -58.63
C ILE AA 25 -10.88 56.19 -58.92
N TYR AA 26 -10.45 56.95 -59.93
CA TYR AA 26 -9.04 57.16 -60.19
C TYR AA 26 -8.58 58.38 -59.42
N CYS AA 27 -7.26 58.57 -59.37
CA CYS AA 27 -6.66 59.71 -58.68
C CYS AA 27 -5.37 60.13 -59.36
N LYS AA 28 -5.19 61.44 -59.48
CA LYS AA 28 -4.03 62.01 -60.17
C LYS AA 28 -2.79 62.09 -59.27
N SER AA 29 -2.97 62.33 -57.97
CA SER AA 29 -1.86 62.43 -57.03
C SER AA 29 -1.45 61.08 -56.45
N ASN AA 30 -2.30 60.52 -55.57
CA ASN AA 30 -1.99 59.28 -54.86
C ASN AA 30 -2.57 58.07 -55.59
N LYS AA 31 -1.68 57.13 -55.94
CA LYS AA 31 -2.06 55.96 -56.71
C LYS AA 31 -2.78 54.89 -55.85
N LYS AA 32 -2.58 54.97 -54.53
CA LYS AA 32 -3.31 54.13 -53.58
C LYS AA 32 -4.83 54.37 -53.56
N HIS AA 33 -5.26 55.56 -53.96
CA HIS AA 33 -6.69 55.92 -53.97
C HIS AA 33 -7.50 55.32 -55.13
N LYS AA 34 -6.89 54.52 -56.00
CA LYS AA 34 -7.61 53.83 -57.06
C LYS AA 34 -8.60 52.81 -56.51
N GLN AA 35 -9.88 53.00 -56.81
CA GLN AA 35 -10.96 52.13 -56.34
C GLN AA 35 -11.89 51.75 -57.48
N ARG AA 36 -12.65 50.68 -57.26
CA ARG AA 36 -13.62 50.19 -58.24
C ARG AA 36 -14.84 49.61 -57.54
N GLN AA 37 -16.02 49.98 -58.03
CA GLN AA 37 -17.28 49.57 -57.41
C GLN AA 37 -17.70 48.17 -57.87
N GLY AA 38 -17.19 47.16 -57.17
CA GLY AA 38 -17.53 45.76 -57.44
C GLY AA 38 -16.92 45.22 -58.73
N HIS BA 1 -87.26 86.70 44.42
CA HIS BA 1 -87.54 85.24 44.56
C HIS BA 1 -88.74 84.83 43.71
N ILE BA 2 -88.49 84.63 42.42
CA ILE BA 2 -89.54 84.33 41.43
C ILE BA 2 -90.16 82.93 41.60
N TRP BA 3 -89.34 81.95 41.97
CA TRP BA 3 -89.80 80.56 42.07
C TRP BA 3 -90.66 80.24 43.31
N SER BA 4 -90.68 81.14 44.30
CA SER BA 4 -91.61 81.04 45.43
C SER BA 4 -92.97 81.69 45.12
N ASP BA 5 -93.00 82.62 44.16
CA ASP BA 5 -94.24 83.30 43.74
C ASP BA 5 -95.12 82.36 42.91
N PHE BA 6 -96.43 82.38 43.20
CA PHE BA 6 -97.43 81.63 42.42
C PHE BA 6 -98.68 82.48 42.17
N THR BA 7 -98.48 83.75 41.84
CA THR BA 7 -99.57 84.67 41.51
C THR BA 7 -99.94 84.45 40.04
N THR BA 8 -98.95 84.63 39.16
CA THR BA 8 -99.10 84.42 37.72
C THR BA 8 -98.67 83.03 37.26
N ARG BA 9 -97.71 82.43 37.98
CA ARG BA 9 -97.14 81.14 37.59
C ARG BA 9 -98.07 80.00 38.01
N PRO BA 10 -98.14 78.91 37.21
CA PRO BA 10 -98.98 77.74 37.55
C PRO BA 10 -98.61 77.04 38.86
N SER BA 11 -99.57 76.28 39.40
CA SER BA 11 -99.38 75.49 40.61
C SER BA 11 -98.46 74.27 40.40
N SER BA 12 -98.41 73.77 39.17
CA SER BA 12 -97.65 72.55 38.84
C SER BA 12 -96.14 72.68 39.02
N LEU BA 13 -95.61 73.91 38.94
CA LEU BA 13 -94.17 74.14 39.10
C LEU BA 13 -93.67 73.86 40.52
N SER BA 14 -94.55 73.97 41.52
CA SER BA 14 -94.23 73.58 42.89
C SER BA 14 -94.28 72.06 43.07
N ILE BA 15 -93.61 71.57 44.10
CA ILE BA 15 -93.78 70.18 44.54
C ILE BA 15 -95.03 70.13 45.41
N GLN BA 16 -95.90 69.16 45.12
CA GLN BA 16 -97.17 69.01 45.84
C GLN BA 16 -96.97 68.35 47.20
N SER BA 17 -96.01 67.44 47.29
CA SER BA 17 -95.56 66.89 48.57
C SER BA 17 -94.93 67.99 49.44
N SER BA 18 -95.39 68.09 50.68
CA SER BA 18 -94.93 69.13 51.61
C SER BA 18 -93.60 68.75 52.25
N LYS BA 19 -93.51 67.50 52.70
CA LYS BA 19 -92.31 66.95 53.35
C LYS BA 19 -91.07 67.03 52.47
N VAL BA 20 -91.25 66.67 51.20
CA VAL BA 20 -90.18 66.71 50.20
C VAL BA 20 -89.67 68.15 50.01
N LYS BA 21 -90.62 69.07 49.88
CA LYS BA 21 -90.32 70.49 49.74
C LYS BA 21 -89.53 71.03 50.94
N ASN BA 22 -89.97 70.64 52.13
CA ASN BA 22 -89.30 71.00 53.38
C ASN BA 22 -87.86 70.50 53.43
N TYR BA 23 -87.68 69.24 53.02
CA TYR BA 23 -86.36 68.62 52.94
C TYR BA 23 -85.44 69.36 51.97
N LEU BA 24 -85.99 69.71 50.81
CA LEU BA 24 -85.26 70.49 49.81
C LEU BA 24 -84.76 71.83 50.37
N PHE BA 25 -85.65 72.56 51.03
CA PHE BA 25 -85.36 73.90 51.54
C PHE BA 25 -85.33 73.93 53.07
N GLN BA 26 -84.16 73.60 53.63
CA GLN BA 26 -83.89 73.78 55.07
C GLN BA 26 -82.54 74.49 55.27
N LYS BA 27 -82.33 74.98 56.49
CA LYS BA 27 -81.12 75.74 56.83
C LYS BA 27 -79.96 74.87 57.33
N LYS BA 28 -80.27 73.64 57.77
CA LYS BA 28 -79.25 72.64 58.12
C LYS BA 28 -79.70 71.25 57.71
N ALA BA 29 -78.73 70.35 57.54
CA ALA BA 29 -79.00 68.94 57.19
C ALA BA 29 -79.42 68.16 58.44
N SER BA 30 -80.61 68.49 58.95
CA SER BA 30 -81.16 67.90 60.17
C SER BA 30 -82.19 66.82 59.85
N LEU BA 31 -83.12 67.15 58.97
CA LEU BA 31 -84.18 66.23 58.54
C LEU BA 31 -83.63 65.07 57.71
N ASP BA 32 -84.49 64.07 57.51
CA ASP BA 32 -84.16 62.86 56.76
C ASP BA 32 -85.09 62.70 55.55
N PRO BA 33 -84.59 62.11 54.45
CA PRO BA 33 -85.30 62.15 53.16
C PRO BA 33 -86.63 61.38 53.16
N PRO BA 34 -87.73 62.04 52.72
CA PRO BA 34 -89.03 61.37 52.56
C PRO BA 34 -89.04 60.16 51.61
N SER BA 35 -88.14 60.14 50.63
CA SER BA 35 -87.99 59.02 49.70
C SER BA 35 -87.73 57.70 50.42
N ILE BA 36 -86.84 57.73 51.41
CA ILE BA 36 -86.55 56.55 52.23
C ILE BA 36 -87.71 56.39 53.23
N SER BA 37 -88.60 55.45 52.92
CA SER BA 37 -89.82 55.25 53.72
C SER BA 37 -89.56 54.57 55.06
N ARG BA 38 -88.55 53.70 55.12
CA ARG BA 38 -88.31 52.85 56.28
C ARG BA 38 -87.38 53.54 57.29
N ARG BA 39 -87.69 53.39 58.58
CA ARG BA 39 -86.97 54.07 59.67
C ARG BA 39 -85.51 53.66 59.75
N SER BA 40 -85.29 52.35 59.76
CA SER BA 40 -83.94 51.77 59.82
C SER BA 40 -83.07 52.23 58.65
N ASN BA 41 -83.65 52.24 57.46
CA ASN BA 41 -82.96 52.71 56.25
C ASN BA 41 -82.60 54.19 56.31
N ARG BA 42 -83.52 55.00 56.85
CA ARG BA 42 -83.27 56.43 57.09
C ARG BA 42 -82.10 56.64 58.05
N ILE BA 43 -82.09 55.87 59.14
CA ILE BA 43 -81.02 55.89 60.14
C ILE BA 43 -79.68 55.58 59.48
N LYS BA 44 -79.66 54.49 58.72
CA LYS BA 44 -78.48 54.06 57.95
C LYS BA 44 -77.95 55.14 57.01
N TYR BA 45 -78.88 55.79 56.31
CA TYR BA 45 -78.54 56.78 55.28
C TYR BA 45 -77.79 57.99 55.84
N SER BA 46 -76.83 58.48 55.07
CA SER BA 46 -76.08 59.68 55.39
C SER BA 46 -75.88 60.48 54.09
N PRO BA 47 -76.48 61.69 54.00
CA PRO BA 47 -76.27 62.49 52.80
C PRO BA 47 -74.87 63.10 52.77
N PRO BA 48 -74.38 63.47 51.57
CA PRO BA 48 -73.03 64.04 51.47
C PRO BA 48 -72.93 65.39 52.17
N GLU BA 49 -71.76 65.66 52.76
CA GLU BA 49 -71.58 66.82 53.64
C GLU BA 49 -71.57 68.13 52.88
N HIS BA 50 -71.88 69.22 53.59
CA HIS BA 50 -71.93 70.60 53.05
C HIS BA 50 -72.96 70.85 51.94
N ILE BA 51 -73.80 69.86 51.62
CA ILE BA 51 -74.66 69.93 50.43
C ILE BA 51 -75.70 71.07 50.49
N ASP BA 52 -76.12 71.45 51.70
CA ASP BA 52 -77.22 72.41 51.87
C ASP BA 52 -76.91 73.85 51.43
N GLU BA 53 -75.86 74.44 52.01
CA GLU BA 53 -75.50 75.84 51.74
C GLU BA 53 -75.21 76.09 50.27
N ILE BA 54 -74.50 75.14 49.65
CA ILE BA 54 -74.14 75.19 48.24
C ILE BA 54 -75.38 75.09 47.37
N PHE BA 55 -76.24 74.14 47.72
CA PHE BA 55 -77.51 73.96 47.06
C PHE BA 55 -78.34 75.25 47.08
N ARG BA 56 -78.43 75.85 48.26
CA ARG BA 56 -79.13 77.13 48.45
C ARG BA 56 -78.58 78.22 47.55
N MET BA 57 -77.25 78.32 47.50
CA MET BA 57 -76.54 79.27 46.62
C MET BA 57 -76.85 79.03 45.15
N SER BA 58 -76.86 77.75 44.76
CA SER BA 58 -77.19 77.35 43.39
C SER BA 58 -78.62 77.73 43.02
N TYR BA 59 -79.53 77.49 43.96
CA TYR BA 59 -80.94 77.85 43.82
C TYR BA 59 -81.10 79.35 43.60
N ASP BA 60 -80.46 80.13 44.46
CA ASP BA 60 -80.46 81.60 44.37
C ASP BA 60 -79.97 82.10 43.00
N PHE BA 61 -78.86 81.51 42.56
CA PHE BA 61 -78.25 81.81 41.25
C PHE BA 61 -79.19 81.54 40.09
N LEU BA 62 -79.77 80.34 40.07
CA LEU BA 62 -80.69 79.92 39.02
C LEU BA 62 -82.06 80.60 39.13
N GLU BA 63 -82.49 80.89 40.36
CA GLU BA 63 -83.70 81.68 40.61
C GLU BA 63 -83.58 83.08 40.02
N GLN BA 64 -82.42 83.70 40.26
CA GLN BA 64 -82.09 85.01 39.69
C GLN BA 64 -82.13 85.00 38.17
N ARG BA 65 -81.50 83.98 37.59
CA ARG BA 65 -81.50 83.76 36.14
C ARG BA 65 -82.92 83.64 35.59
N SER BA 66 -83.75 82.85 36.27
CA SER BA 66 -85.16 82.67 35.91
C SER BA 66 -85.92 84.00 35.91
N SER BA 67 -85.72 84.76 36.98
CA SER BA 67 -86.30 86.10 37.13
C SER BA 67 -85.92 87.04 35.98
N LYS BA 68 -84.63 87.02 35.64
CA LYS BA 68 -84.10 87.79 34.50
C LYS BA 68 -84.75 87.39 33.17
N PHE BA 69 -84.86 86.09 32.96
CA PHE BA 69 -85.57 85.53 31.79
C PHE BA 69 -87.01 86.00 31.71
N TYR BA 70 -87.71 85.94 32.84
CA TYR BA 70 -89.09 86.40 32.95
C TYR BA 70 -89.28 87.87 32.57
N GLU BA 71 -88.31 88.70 32.91
CA GLU BA 71 -88.28 90.10 32.50
C GLU BA 71 -88.38 90.25 30.97
N LEU BA 72 -87.66 89.39 30.25
CA LEU BA 72 -87.77 89.31 28.78
C LEU BA 72 -89.08 88.67 28.32
N ALA BA 73 -89.45 87.55 28.98
CA ALA BA 73 -90.60 86.71 28.58
C ALA BA 73 -91.93 87.45 28.44
N ASN BA 74 -92.20 88.36 29.37
CA ASN BA 74 -93.46 89.13 29.38
C ASN BA 74 -93.51 90.20 28.28
N LYS BA 75 -92.35 90.77 27.95
CA LYS BA 75 -92.24 91.74 26.85
C LYS BA 75 -92.45 91.12 25.47
N THR BA 76 -92.13 89.83 25.34
CA THR BA 76 -92.25 89.11 24.07
C THR BA 76 -93.72 88.94 23.66
N LYS BA 77 -93.98 89.09 22.36
CA LYS BA 77 -95.34 89.04 21.80
C LYS BA 77 -95.63 87.72 21.08
N ASN BA 78 -94.76 87.35 20.14
CA ASN BA 78 -94.93 86.11 19.37
C ASN BA 78 -94.87 84.87 20.27
N PRO BA 79 -95.72 83.85 20.00
CA PRO BA 79 -96.01 82.83 21.01
C PRO BA 79 -94.91 81.80 21.24
N LEU BA 80 -94.32 81.30 20.15
CA LEU BA 80 -93.26 80.30 20.22
C LEU BA 80 -92.02 80.80 20.97
N LYS BA 81 -91.68 82.06 20.75
CA LYS BA 81 -90.56 82.72 21.40
C LYS BA 81 -90.82 82.84 22.90
N LYS BA 82 -92.03 83.29 23.23
CA LYS BA 82 -92.48 83.42 24.61
C LYS BA 82 -92.39 82.09 25.35
N ASP BA 83 -92.92 81.04 24.72
CA ASP BA 83 -92.84 79.67 25.26
C ASP BA 83 -91.40 79.23 25.53
N ALA BA 84 -90.52 79.50 24.56
CA ALA BA 84 -89.09 79.19 24.69
C ALA BA 84 -88.45 79.91 25.87
N LEU BA 85 -88.80 81.19 26.02
CA LEU BA 85 -88.36 82.01 27.16
C LEU BA 85 -88.82 81.43 28.49
N LEU BA 86 -90.11 81.07 28.55
CA LEU BA 86 -90.70 80.41 29.73
C LEU BA 86 -89.97 79.13 30.10
N ILE BA 87 -89.67 78.32 29.08
CA ILE BA 87 -88.92 77.07 29.25
C ILE BA 87 -87.56 77.35 29.87
N LYS BA 88 -86.83 78.28 29.27
CA LYS BA 88 -85.52 78.73 29.76
C LYS BA 88 -85.54 79.18 31.22
N ALA BA 89 -86.58 79.94 31.57
CA ALA BA 89 -86.76 80.43 32.93
C ALA BA 89 -86.89 79.29 33.94
N GLU BA 90 -87.75 78.31 33.63
CA GLU BA 90 -88.16 77.31 34.63
C GLU BA 90 -87.50 75.93 34.51
N ILE BA 91 -86.81 75.64 33.41
CA ILE BA 91 -86.21 74.30 33.22
C ILE BA 91 -85.21 73.88 34.31
N ASN BA 92 -84.45 74.83 34.85
CA ASN BA 92 -83.48 74.56 35.92
C ASN BA 92 -84.06 74.62 37.34
N ASN BA 93 -85.36 74.92 37.46
CA ASN BA 93 -86.07 74.89 38.75
C ASN BA 93 -86.00 73.47 39.33
N PRO BA 94 -85.46 73.31 40.56
CA PRO BA 94 -85.37 71.98 41.17
C PRO BA 94 -86.72 71.27 41.33
N GLU BA 95 -87.72 72.03 41.76
CA GLU BA 95 -89.07 71.52 42.02
C GLU BA 95 -89.71 70.89 40.78
N VAL BA 96 -89.56 71.56 39.63
CA VAL BA 96 -90.16 71.07 38.38
C VAL BA 96 -89.41 69.82 37.91
N GLN BA 97 -88.10 69.80 38.13
CA GLN BA 97 -87.25 68.65 37.83
C GLN BA 97 -87.67 67.44 38.65
N TYR BA 98 -87.87 67.66 39.95
CA TYR BA 98 -88.35 66.62 40.86
C TYR BA 98 -89.68 66.05 40.36
N ASN BA 99 -90.62 66.96 40.10
CA ASN BA 99 -91.94 66.60 39.59
C ASN BA 99 -91.89 65.72 38.37
N PHE BA 100 -91.08 66.14 37.39
CA PHE BA 100 -91.05 65.46 36.12
C PHE BA 100 -90.40 64.09 36.22
N GLN BA 101 -89.19 64.07 36.77
CA GLN BA 101 -88.38 62.85 36.86
C GLN BA 101 -89.07 61.70 37.58
N PHE BA 102 -89.67 62.00 38.74
CA PHE BA 102 -90.10 60.98 39.70
C PHE BA 102 -91.61 60.73 39.78
N ASN BA 103 -92.34 61.15 38.75
CA ASN BA 103 -93.78 60.87 38.62
C ASN BA 103 -94.10 60.53 37.19
N ASN BA 104 -95.16 59.74 36.97
CA ASN BA 104 -95.45 59.19 35.64
C ASN BA 104 -95.77 60.25 34.59
N LYS BA 105 -95.17 60.09 33.40
CA LYS BA 105 -95.37 60.99 32.27
C LYS BA 105 -96.50 60.53 31.35
N LEU BA 106 -96.75 59.22 31.32
CA LEU BA 106 -97.74 58.63 30.41
C LEU BA 106 -99.15 59.02 30.84
N ASN BA 107 -99.51 58.66 32.08
CA ASN BA 107 -100.78 59.04 32.69
C ASN BA 107 -100.52 60.12 33.73
N ASN BA 108 -100.05 61.27 33.25
CA ASN BA 108 -99.72 62.39 34.12
C ASN BA 108 -100.93 62.93 34.87
N VAL BA 109 -100.79 63.08 36.19
CA VAL BA 109 -101.78 63.81 36.99
C VAL BA 109 -101.49 65.30 36.79
N LYS BA 110 -102.55 66.08 36.53
CA LYS BA 110 -102.42 67.47 36.10
C LYS BA 110 -101.71 68.37 37.13
N ASP BA 111 -102.01 68.16 38.41
CA ASP BA 111 -101.38 68.93 39.50
C ASP BA 111 -99.85 68.75 39.63
N ILE BA 112 -99.34 67.58 39.22
CA ILE BA 112 -97.91 67.27 39.33
C ILE BA 112 -97.17 67.65 38.04
N ILE BA 113 -97.51 66.99 36.93
CA ILE BA 113 -96.94 67.28 35.61
C ILE BA 113 -98.08 67.79 34.72
N ASP BA 114 -98.14 69.10 34.51
CA ASP BA 114 -99.12 69.72 33.64
C ASP BA 114 -98.48 69.96 32.27
N TYR BA 115 -98.96 69.25 31.25
CA TYR BA 115 -98.47 69.46 29.88
C TYR BA 115 -99.01 70.74 29.20
N ASP BA 116 -99.97 71.41 29.84
CA ASP BA 116 -100.34 72.78 29.46
C ASP BA 116 -99.19 73.75 29.73
N VAL BA 117 -98.40 73.48 30.78
CA VAL BA 117 -97.22 74.27 31.11
C VAL BA 117 -96.13 73.96 30.08
N PRO BA 118 -95.47 75.00 29.51
CA PRO BA 118 -94.51 74.79 28.42
C PRO BA 118 -93.25 74.00 28.79
N VAL BA 119 -92.76 74.24 30.00
CA VAL BA 119 -91.53 73.64 30.51
C VAL BA 119 -91.69 72.13 30.63
N TYR BA 120 -92.79 71.73 31.29
CA TYR BA 120 -93.13 70.31 31.45
C TYR BA 120 -93.30 69.59 30.12
N ARG BA 121 -93.93 70.28 29.16
CA ARG BA 121 -94.11 69.77 27.81
C ARG BA 121 -92.77 69.54 27.11
N HIS BA 122 -91.88 70.52 27.24
CA HIS BA 122 -90.51 70.43 26.74
C HIS BA 122 -89.75 69.24 27.33
N LEU BA 123 -89.85 69.10 28.66
CA LEU BA 123 -89.27 67.97 29.38
C LEU BA 123 -89.77 66.62 28.85
N GLY BA 124 -91.09 66.52 28.68
CA GLY BA 124 -91.74 65.33 28.13
C GLY BA 124 -91.28 64.97 26.73
N LYS BA 125 -91.11 66.00 25.90
CA LYS BA 125 -90.56 65.86 24.54
C LYS BA 125 -89.15 65.28 24.59
N GLN BA 126 -88.33 65.87 25.44
CA GLN BA 126 -86.93 65.46 25.63
C GLN BA 126 -86.83 64.00 26.06
N HIS BA 127 -87.68 63.63 27.00
CA HIS BA 127 -87.81 62.24 27.49
C HIS BA 127 -88.18 61.27 26.38
N TRP BA 128 -89.15 61.68 25.56
CA TRP BA 128 -89.60 60.90 24.41
C TRP BA 128 -88.48 60.68 23.39
N GLU BA 129 -87.75 61.75 23.09
CA GLU BA 129 -86.60 61.69 22.19
C GLU BA 129 -85.50 60.76 22.69
N SER BA 130 -85.29 60.74 24.00
CA SER BA 130 -84.27 59.91 24.64
C SER BA 130 -84.41 58.40 24.40
N TYR BA 131 -85.65 57.89 24.29
CA TYR BA 131 -85.88 56.44 24.17
C TYR BA 131 -87.06 56.03 23.28
N GLY BA 132 -88.27 56.40 23.69
CA GLY BA 132 -89.50 55.89 23.08
C GLY BA 132 -89.66 56.18 21.60
N GLN BA 133 -89.27 57.41 21.21
CA GLN BA 133 -89.31 57.86 19.82
C GLN BA 133 -88.36 57.07 18.94
N MET BA 134 -87.12 56.91 19.42
CA MET BA 134 -86.08 56.13 18.73
C MET BA 134 -86.54 54.70 18.48
N LEU BA 135 -87.11 54.09 19.52
CA LEU BA 135 -87.63 52.73 19.46
C LEU BA 135 -88.70 52.60 18.37
N LEU BA 136 -89.66 53.53 18.41
CA LEU BA 136 -90.74 53.61 17.42
C LEU BA 136 -90.19 53.68 16.01
N MET BA 137 -89.23 54.57 15.81
CA MET BA 137 -88.54 54.74 14.51
C MET BA 137 -87.89 53.46 14.03
N GLN BA 138 -87.23 52.77 14.95
CA GLN BA 138 -86.58 51.49 14.66
C GLN BA 138 -87.60 50.45 14.20
N ARG BA 139 -88.71 50.35 14.93
CA ARG BA 139 -89.78 49.41 14.60
C ARG BA 139 -90.46 49.71 13.28
N LEU BA 140 -90.60 50.99 12.95
CA LEU BA 140 -91.12 51.40 11.65
C LEU BA 140 -90.18 51.03 10.50
N GLU BA 141 -88.88 51.22 10.70
CA GLU BA 141 -87.87 50.97 9.66
C GLU BA 141 -87.64 49.49 9.43
N THR BA 142 -87.42 48.77 10.53
CA THR BA 142 -87.12 47.32 10.49
C THR BA 142 -88.27 46.51 9.91
N LEU BA 143 -89.48 46.75 10.41
CA LEU BA 143 -90.67 46.06 9.93
C LEU BA 143 -91.12 46.52 8.54
N ALA BA 144 -90.61 47.67 8.09
CA ALA BA 144 -90.93 48.25 6.78
C ALA BA 144 -92.40 48.68 6.74
N ALA BA 145 -92.74 49.54 7.70
CA ALA BA 145 -94.04 50.17 7.78
C ALA BA 145 -94.03 51.58 7.17
N ILE BA 146 -92.84 52.18 7.02
CA ILE BA 146 -92.75 53.54 6.44
C ILE BA 146 -92.93 53.48 4.92
N PRO BA 147 -91.92 53.00 4.17
CA PRO BA 147 -92.06 53.06 2.70
C PRO BA 147 -93.27 52.28 2.17
N ASP BA 148 -93.63 51.16 2.82
CA ASP BA 148 -94.75 50.32 2.40
C ASP BA 148 -96.12 51.00 2.50
N THR BA 149 -96.35 51.78 3.56
CA THR BA 149 -97.58 52.58 3.69
C THR BA 149 -97.35 54.02 3.28
N LEU BA 150 -96.52 54.74 4.05
CA LEU BA 150 -96.45 56.19 4.02
C LEU BA 150 -94.99 56.67 4.12
N PRO BA 151 -94.47 57.33 3.05
CA PRO BA 151 -93.03 57.42 2.74
C PRO BA 151 -92.08 57.52 3.94
N THR BA 152 -92.36 58.51 4.80
CA THR BA 152 -91.47 58.91 5.88
C THR BA 152 -92.33 59.24 7.10
N LEU BA 153 -91.68 59.43 8.25
CA LEU BA 153 -92.31 60.04 9.41
C LEU BA 153 -91.33 61.02 10.05
N VAL BA 154 -91.85 62.18 10.46
CA VAL BA 154 -91.14 63.13 11.32
C VAL BA 154 -91.84 63.13 12.68
N PRO BA 155 -91.44 62.22 13.60
CA PRO BA 155 -92.20 62.05 14.84
C PRO BA 155 -92.31 63.32 15.69
N ARG BA 156 -93.54 63.78 15.87
CA ARG BA 156 -93.83 64.98 16.67
C ARG BA 156 -94.63 64.63 17.91
N ALA BA 157 -95.75 63.95 17.73
CA ALA BA 157 -96.56 63.45 18.85
C ALA BA 157 -96.15 62.03 19.24
N GLU BA 158 -96.16 61.76 20.54
CA GLU BA 158 -95.97 60.41 21.07
C GLU BA 158 -97.33 59.72 21.08
N VAL BA 159 -97.44 58.62 20.33
CA VAL BA 159 -98.69 57.87 20.20
C VAL BA 159 -98.53 56.52 20.92
N ASN BA 160 -99.44 56.26 21.86
CA ASN BA 160 -99.49 54.99 22.58
C ASN BA 160 -100.87 54.39 22.42
N ILE BA 161 -100.94 53.08 22.13
CA ILE BA 161 -102.23 52.39 21.99
C ILE BA 161 -102.46 51.36 23.09
N LYS BA 162 -103.72 50.99 23.25
CA LYS BA 162 -104.15 50.05 24.28
C LYS BA 162 -105.36 49.27 23.76
N PHE BA 163 -105.59 48.08 24.29
CA PHE BA 163 -106.75 47.26 23.94
C PHE BA 163 -107.53 46.90 25.22
N PRO BA 164 -108.23 47.88 25.81
CA PRO BA 164 -108.87 47.66 27.11
C PRO BA 164 -110.15 46.81 27.05
N PHE BA 165 -110.91 46.94 25.96
CA PHE BA 165 -112.28 46.42 25.91
C PHE BA 165 -112.39 44.92 25.66
N SER BA 166 -111.34 44.31 25.10
CA SER BA 166 -111.42 42.92 24.65
C SER BA 166 -111.30 41.92 25.79
N THR BA 167 -110.18 42.01 26.51
CA THR BA 167 -109.80 41.02 27.52
C THR BA 167 -110.14 41.49 28.93
N GLY BA 168 -109.59 42.65 29.29
CA GLY BA 168 -109.70 43.18 30.66
C GLY BA 168 -108.39 43.73 31.20
N VAL BA 169 -107.26 43.22 30.71
CA VAL BA 169 -105.95 43.56 31.26
C VAL BA 169 -105.49 44.94 30.76
N ASN BA 170 -104.73 45.64 31.59
CA ASN BA 170 -104.20 46.95 31.25
C ASN BA 170 -102.76 46.81 30.77
N LYS BA 171 -102.52 47.20 29.53
CA LYS BA 171 -101.16 47.17 28.96
C LYS BA 171 -101.06 48.10 27.76
N TRP BA 172 -100.14 49.06 27.83
CA TRP BA 172 -99.79 49.88 26.67
C TRP BA 172 -98.96 49.00 25.73
N ILE BA 173 -99.32 48.99 24.45
CA ILE BA 173 -98.70 48.11 23.48
C ILE BA 173 -97.33 48.69 23.11
N GLU BA 174 -96.28 47.89 23.27
CA GLU BA 174 -94.94 48.22 22.77
C GLU BA 174 -94.97 48.12 21.25
N PRO BA 175 -94.36 49.09 20.53
CA PRO BA 175 -94.34 49.00 19.06
C PRO BA 175 -93.74 47.70 18.53
N GLY BA 176 -94.39 47.13 17.53
CA GLY BA 176 -93.95 45.89 16.90
C GLY BA 176 -94.18 44.64 17.74
N GLU BA 177 -95.26 44.63 18.51
CA GLU BA 177 -95.63 43.46 19.32
C GLU BA 177 -96.52 42.51 18.54
N PHE BA 178 -96.44 41.23 18.89
CA PHE BA 178 -97.36 40.22 18.40
C PHE BA 178 -98.52 40.08 19.39
N LEU BA 179 -99.70 40.53 18.98
CA LEU BA 179 -100.90 40.44 19.78
C LEU BA 179 -101.79 39.31 19.27
N SER BA 180 -102.46 38.63 20.21
CA SER BA 180 -103.40 37.56 19.88
C SER BA 180 -104.67 38.16 19.26
N SER BA 181 -105.44 37.32 18.58
CA SER BA 181 -106.70 37.75 17.98
C SER BA 181 -107.76 38.07 19.04
N ASN BA 182 -107.67 37.40 20.20
CA ASN BA 182 -108.49 37.72 21.37
C ASN BA 182 -108.20 39.12 21.90
N VAL BA 183 -106.92 39.48 21.99
CA VAL BA 183 -106.47 40.79 22.49
C VAL BA 183 -107.00 41.90 21.60
N THR BA 184 -106.80 41.74 20.29
CA THR BA 184 -107.21 42.75 19.30
C THR BA 184 -108.59 42.47 18.68
N SER BA 185 -109.49 41.85 19.44
CA SER BA 185 -110.83 41.50 18.95
C SER BA 185 -111.71 42.74 18.86
N MET BA 186 -111.76 43.50 19.96
CA MET BA 186 -112.43 44.81 20.00
C MET BA 186 -111.42 45.94 19.78
N ARG BA 187 -111.93 47.16 19.63
CA ARG BA 187 -111.12 48.29 19.17
C ARG BA 187 -110.04 48.73 20.16
N PRO BA 188 -109.02 49.47 19.69
CA PRO BA 188 -108.03 50.02 20.59
C PRO BA 188 -108.35 51.44 21.06
N ILE BA 189 -107.53 51.90 22.02
CA ILE BA 189 -107.59 53.24 22.56
C ILE BA 189 -106.24 53.91 22.30
N PHE BA 190 -106.29 55.11 21.71
CA PHE BA 190 -105.09 55.88 21.42
C PHE BA 190 -104.84 56.91 22.51
N LYS BA 191 -103.59 57.29 22.68
CA LYS BA 191 -103.21 58.49 23.41
C LYS BA 191 -102.18 59.26 22.61
N ILE BA 192 -102.60 60.37 22.02
CA ILE BA 192 -101.75 61.20 21.18
C ILE BA 192 -101.24 62.37 22.03
N GLN BA 193 -100.03 62.20 22.59
CA GLN BA 193 -99.41 63.25 23.40
C GLN BA 193 -98.58 64.17 22.52
N GLU BA 194 -99.00 65.43 22.46
CA GLU BA 194 -98.39 66.44 21.60
C GLU BA 194 -97.44 67.31 22.41
N TYR BA 195 -96.21 67.46 21.91
CA TYR BA 195 -95.16 68.25 22.58
C TYR BA 195 -94.85 69.60 21.93
N GLU BA 196 -95.24 69.80 20.68
CA GLU BA 196 -95.09 71.09 20.03
C GLU BA 196 -96.16 72.07 20.52
N LEU BA 197 -95.85 73.36 20.40
CA LEU BA 197 -96.83 74.41 20.67
C LEU BA 197 -97.83 74.41 19.52
N VAL BA 198 -99.10 74.17 19.85
CA VAL BA 198 -100.16 74.03 18.85
C VAL BA 198 -101.47 74.62 19.39
N ASN BA 199 -102.31 75.12 18.47
CA ASN BA 199 -103.61 75.66 18.83
C ASN BA 199 -104.56 74.53 19.24
N VAL BA 200 -104.77 74.40 20.55
CA VAL BA 200 -105.59 73.32 21.13
C VAL BA 200 -107.06 73.40 20.68
N GLU BA 201 -107.58 74.61 20.61
CA GLU BA 201 -108.99 74.84 20.23
C GLU BA 201 -109.27 74.51 18.76
N LYS BA 202 -108.41 75.00 17.87
CA LYS BA 202 -108.60 74.84 16.42
C LYS BA 202 -108.13 73.48 15.86
N GLN BA 203 -106.95 73.03 16.28
CA GLN BA 203 -106.30 71.86 15.66
C GLN BA 203 -107.09 70.57 15.85
N LEU BA 204 -107.53 70.00 14.73
CA LEU BA 204 -108.14 68.68 14.70
C LEU BA 204 -107.12 67.63 14.27
N TYR BA 205 -107.48 66.36 14.45
CA TYR BA 205 -106.62 65.23 14.09
C TYR BA 205 -107.40 64.10 13.44
N THR BA 206 -106.69 63.28 12.66
CA THR BA 206 -107.23 62.04 12.09
C THR BA 206 -106.33 60.87 12.50
N VAL BA 207 -106.94 59.71 12.68
CA VAL BA 207 -106.24 58.49 13.06
C VAL BA 207 -106.64 57.37 12.10
N LEU BA 208 -105.64 56.74 11.49
CA LEU BA 208 -105.86 55.65 10.52
C LEU BA 208 -105.01 54.43 10.86
N ILE BA 209 -105.67 53.31 11.15
CA ILE BA 209 -105.00 52.02 11.29
C ILE BA 209 -105.09 51.28 9.95
N VAL BA 210 -103.93 50.97 9.38
CA VAL BA 210 -103.83 50.39 8.04
C VAL BA 210 -103.10 49.05 8.09
N ASN BA 211 -103.61 48.08 7.33
CA ASN BA 211 -103.01 46.76 7.18
C ASN BA 211 -102.46 46.59 5.75
N PRO BA 212 -101.17 46.92 5.54
CA PRO BA 212 -100.56 46.72 4.21
C PRO BA 212 -100.43 45.27 3.72
N ASP BA 213 -100.47 44.30 4.63
CA ASP BA 213 -100.16 42.90 4.30
C ASP BA 213 -101.40 42.00 4.27
N VAL BA 214 -102.42 42.37 3.50
CA VAL BA 214 -103.50 41.43 3.15
C VAL BA 214 -103.31 41.00 1.69
N PRO BA 215 -103.35 39.68 1.43
CA PRO BA 215 -102.94 39.17 0.12
C PRO BA 215 -103.99 39.36 -0.98
N ASP BA 216 -103.55 39.87 -2.13
CA ASP BA 216 -104.37 40.01 -3.32
C ASP BA 216 -103.86 39.02 -4.37
N LEU BA 217 -104.69 38.01 -4.67
CA LEU BA 217 -104.28 36.89 -5.51
C LEU BA 217 -104.38 37.16 -7.02
N SER BA 218 -105.16 38.17 -7.40
CA SER BA 218 -105.19 38.65 -8.79
C SER BA 218 -103.86 39.30 -9.16
N ASN BA 219 -103.40 40.23 -8.32
CA ASN BA 219 -102.12 40.91 -8.50
C ASN BA 219 -100.90 40.03 -8.17
N ASP BA 220 -101.12 38.97 -7.38
CA ASP BA 220 -100.05 38.09 -6.84
C ASP BA 220 -99.13 38.87 -5.90
N SER BA 221 -99.72 39.84 -5.19
CA SER BA 221 -99.00 40.71 -4.28
C SER BA 221 -99.91 40.96 -3.07
N PHE BA 222 -99.70 42.06 -2.36
CA PHE BA 222 -100.56 42.46 -1.26
C PHE BA 222 -101.30 43.74 -1.60
N LYS BA 223 -102.30 44.06 -0.77
CA LYS BA 223 -103.00 45.33 -0.84
C LYS BA 223 -103.18 45.87 0.57
N THR BA 224 -103.42 47.17 0.68
CA THR BA 224 -103.70 47.81 1.97
C THR BA 224 -105.14 47.54 2.40
N ALA BA 225 -105.40 47.73 3.68
CA ALA BA 225 -106.74 47.63 4.22
C ALA BA 225 -106.92 48.57 5.42
N LEU BA 226 -107.77 49.58 5.27
CA LEU BA 226 -108.09 50.51 6.35
C LEU BA 226 -108.94 49.79 7.40
N CYS BA 227 -108.30 49.36 8.48
CA CYS BA 227 -108.98 48.58 9.52
C CYS BA 227 -109.76 49.47 10.49
N TYR BA 228 -109.32 50.71 10.67
CA TYR BA 228 -109.97 51.65 11.59
C TYR BA 228 -109.62 53.08 11.20
N GLY BA 229 -110.65 53.92 11.04
CA GLY BA 229 -110.48 55.29 10.53
C GLY BA 229 -111.31 56.31 11.29
N LEU BA 230 -110.63 57.20 12.00
CA LEU BA 230 -111.27 58.32 12.70
C LEU BA 230 -110.82 59.64 12.11
N VAL BA 231 -111.71 60.63 12.12
CA VAL BA 231 -111.39 61.98 11.65
C VAL BA 231 -111.94 63.06 12.59
N ASN BA 232 -111.34 64.23 12.53
CA ASN BA 232 -111.80 65.43 13.25
C ASN BA 232 -111.84 65.25 14.77
N ILE BA 233 -110.77 64.70 15.31
CA ILE BA 233 -110.65 64.46 16.75
C ILE BA 233 -109.96 65.65 17.41
N ASN BA 234 -110.49 66.06 18.57
CA ASN BA 234 -109.95 67.17 19.35
C ASN BA 234 -109.06 66.66 20.47
N LEU BA 235 -107.80 67.10 20.48
CA LEU BA 235 -106.84 66.75 21.52
C LEU BA 235 -106.57 67.96 22.40
N THR BA 236 -106.16 67.69 23.63
CA THR BA 236 -105.69 68.72 24.56
C THR BA 236 -104.50 68.11 25.31
N TYR BA 237 -103.48 68.92 25.60
CA TYR BA 237 -102.21 68.42 26.15
C TYR BA 237 -102.36 67.41 27.29
N ASN BA 238 -103.32 67.68 28.19
CA ASN BA 238 -103.66 66.77 29.29
C ASN BA 238 -104.82 65.82 28.98
N ASP BA 239 -105.80 66.30 28.22
CA ASP BA 239 -106.99 65.53 27.86
C ASP BA 239 -106.82 65.00 26.43
N ASN BA 240 -106.17 63.83 26.32
CA ASN BA 240 -105.69 63.31 25.02
C ASN BA 240 -105.94 61.82 24.72
N LEU BA 241 -106.71 61.14 25.56
CA LEU BA 241 -106.97 59.71 25.38
C LEU BA 241 -108.19 59.54 24.46
N ILE BA 242 -107.96 59.07 23.24
CA ILE BA 242 -109.02 58.92 22.24
C ILE BA 242 -109.80 57.65 22.52
N ASP BA 243 -110.98 57.84 23.09
CA ASP BA 243 -111.84 56.77 23.58
C ASP BA 243 -113.25 57.00 23.02
N PRO BA 244 -114.07 55.93 22.86
CA PRO BA 244 -115.49 56.07 22.53
C PRO BA 244 -116.26 57.17 23.28
N ARG BA 245 -115.80 57.53 24.49
CA ARG BA 245 -116.28 58.71 25.21
C ARG BA 245 -116.16 59.99 24.37
N LYS BA 246 -114.94 60.25 23.89
CA LYS BA 246 -114.63 61.50 23.19
C LYS BA 246 -115.25 61.57 21.79
N PHE BA 247 -114.75 60.76 20.87
CA PHE BA 247 -115.17 60.81 19.46
C PHE BA 247 -116.62 60.32 19.29
N HIS BA 248 -117.33 60.96 18.38
CA HIS BA 248 -118.73 60.64 18.09
C HIS BA 248 -118.79 59.67 16.91
N SER BA 249 -119.98 59.15 16.62
CA SER BA 249 -120.21 58.29 15.45
C SER BA 249 -119.97 58.99 14.11
N SER BA 250 -120.14 60.31 14.07
CA SER BA 250 -119.84 61.13 12.88
C SER BA 250 -118.34 61.13 12.55
N ASN BA 251 -117.49 61.07 13.58
CA ASN BA 251 -116.03 61.05 13.42
C ASN BA 251 -115.47 59.76 12.80
N ILE BA 252 -116.22 58.67 12.87
CA ILE BA 252 -115.75 57.36 12.41
C ILE BA 252 -115.97 57.23 10.90
N ILE BA 253 -114.91 57.47 10.12
CA ILE BA 253 -114.96 57.26 8.66
C ILE BA 253 -114.94 55.78 8.26
N ALA BA 254 -114.38 54.93 9.12
CA ALA BA 254 -114.36 53.48 8.90
C ALA BA 254 -114.21 52.77 10.26
N ASP BA 255 -115.30 52.19 10.75
CA ASP BA 255 -115.34 51.65 12.11
C ASP BA 255 -114.55 50.35 12.23
N TYR BA 256 -113.93 50.16 13.40
CA TYR BA 256 -112.93 49.12 13.63
C TYR BA 256 -113.32 47.71 13.16
N LEU BA 257 -112.57 47.19 12.19
CA LEU BA 257 -112.62 45.78 11.80
C LEU BA 257 -111.35 45.12 12.33
N PRO BA 258 -111.48 43.97 13.02
CA PRO BA 258 -110.34 43.40 13.74
C PRO BA 258 -109.33 42.73 12.82
N PRO BA 259 -108.07 42.59 13.29
CA PRO BA 259 -107.12 41.72 12.62
C PRO BA 259 -107.60 40.27 12.58
N VAL BA 260 -107.78 39.76 11.37
CA VAL BA 260 -108.12 38.35 11.15
C VAL BA 260 -107.19 37.79 10.07
N PRO BA 261 -105.93 37.51 10.45
CA PRO BA 261 -104.96 36.98 9.50
C PRO BA 261 -105.33 35.59 9.04
N GLU BA 262 -105.10 35.29 7.76
CA GLU BA 262 -105.36 33.95 7.23
C GLU BA 262 -104.20 33.01 7.57
N LYS BA 263 -104.52 31.72 7.56
CA LYS BA 263 -103.54 30.66 7.87
C LYS BA 263 -102.51 30.57 6.74
N ASN BA 264 -101.24 30.73 7.10
CA ASN BA 264 -100.09 30.77 6.17
C ASN BA 264 -99.98 32.02 5.27
N ALA BA 265 -100.88 32.99 5.43
CA ALA BA 265 -100.76 34.28 4.73
C ALA BA 265 -99.61 35.11 5.29
N GLY BA 266 -99.22 34.82 6.52
CA GLY BA 266 -98.02 35.38 7.14
C GLY BA 266 -98.35 36.38 8.23
N LYS BA 267 -97.31 37.07 8.68
CA LYS BA 267 -97.44 38.09 9.72
C LYS BA 267 -97.93 39.37 9.07
N GLN BA 268 -98.95 39.99 9.69
CA GLN BA 268 -99.59 41.17 9.15
C GLN BA 268 -99.35 42.37 10.03
N ARG BA 269 -98.69 43.39 9.47
CA ARG BA 269 -98.42 44.63 10.18
C ARG BA 269 -99.68 45.47 10.25
N PHE BA 270 -99.98 45.98 11.44
CA PHE BA 270 -101.05 46.96 11.63
C PHE BA 270 -100.42 48.22 12.20
N VAL BA 271 -100.27 49.21 11.34
CA VAL BA 271 -99.52 50.42 11.65
C VAL BA 271 -100.47 51.61 11.71
N VAL BA 272 -100.83 52.02 12.92
CA VAL BA 272 -101.63 53.23 13.13
C VAL BA 272 -100.81 54.47 12.79
N TRP BA 273 -101.43 55.38 12.05
CA TRP BA 273 -100.87 56.68 11.70
C TRP BA 273 -101.77 57.78 12.27
N VAL BA 274 -101.14 58.81 12.82
CA VAL BA 274 -101.83 59.96 13.40
C VAL BA 274 -101.44 61.20 12.61
N PHE BA 275 -102.42 61.82 11.97
CA PHE BA 275 -102.22 63.06 11.22
C PHE BA 275 -102.92 64.21 11.93
N ARG BA 276 -102.38 65.41 11.75
CA ARG BA 276 -103.05 66.63 12.20
C ARG BA 276 -103.69 67.32 10.99
N GLN BA 277 -104.81 67.99 11.21
CA GLN BA 277 -105.56 68.67 10.15
C GLN BA 277 -104.82 69.91 9.62
N PRO BA 278 -105.13 70.32 8.37
CA PRO BA 278 -104.68 71.63 7.91
C PRO BA 278 -105.50 72.75 8.58
N LEU BA 279 -104.79 73.73 9.15
CA LEU BA 279 -105.42 74.81 9.91
C LEU BA 279 -105.69 76.01 8.99
N ILE BA 280 -106.95 76.44 8.94
CA ILE BA 280 -107.36 77.56 8.08
C ILE BA 280 -107.45 78.85 8.90
N GLU BA 281 -106.92 79.93 8.34
CA GLU BA 281 -106.95 81.26 8.95
C GLU BA 281 -108.26 81.98 8.65
N ASP BA 282 -108.52 83.05 9.42
CA ASP BA 282 -109.73 83.87 9.29
C ASP BA 282 -111.04 83.07 9.50
N LYS BA 283 -110.99 82.08 10.39
CA LYS BA 283 -112.15 81.25 10.73
C LYS BA 283 -112.05 80.78 12.18
N GLN BA 284 -112.88 81.37 13.04
CA GLN BA 284 -112.92 80.99 14.46
C GLN BA 284 -113.56 79.62 14.64
N GLY BA 285 -113.06 78.86 15.60
CA GLY BA 285 -113.54 77.51 15.89
C GLY BA 285 -112.84 76.44 15.07
N PRO BA 286 -113.15 75.15 15.33
CA PRO BA 286 -112.49 74.03 14.65
C PRO BA 286 -113.01 73.83 13.22
N ASN BA 287 -112.10 73.92 12.25
CA ASN BA 287 -112.44 73.70 10.84
C ASN BA 287 -112.54 72.20 10.53
N MET BA 288 -113.78 71.72 10.31
CA MET BA 288 -114.03 70.33 9.99
C MET BA 288 -113.66 70.03 8.53
N LEU BA 289 -113.74 68.76 8.15
CA LEU BA 289 -113.60 68.34 6.75
C LEU BA 289 -114.50 67.13 6.45
N GLU BA 290 -115.11 67.14 5.27
CA GLU BA 290 -115.98 66.06 4.82
C GLU BA 290 -115.19 65.04 4.01
N ILE BA 291 -115.42 63.76 4.29
CA ILE BA 291 -114.79 62.66 3.58
C ILE BA 291 -115.85 62.00 2.70
N ASP BA 292 -115.50 61.79 1.43
CA ASP BA 292 -116.38 61.09 0.49
C ASP BA 292 -116.36 59.60 0.84
N ARG BA 293 -117.39 59.14 1.55
CA ARG BA 293 -117.40 57.79 2.12
C ARG BA 293 -117.59 56.67 1.10
N LYS BA 294 -118.14 57.00 -0.08
CA LYS BA 294 -118.19 56.06 -1.21
C LYS BA 294 -116.85 55.97 -1.94
N GLU BA 295 -116.10 57.07 -1.97
CA GLU BA 295 -114.81 57.13 -2.68
C GLU BA 295 -113.73 56.27 -2.02
N LEU BA 296 -113.52 56.46 -0.72
CA LEU BA 296 -112.51 55.67 0.02
C LEU BA 296 -113.06 54.26 0.25
N SER BA 297 -112.25 53.26 -0.06
CA SER BA 297 -112.61 51.85 0.11
C SER BA 297 -111.73 51.22 1.17
N ARG BA 298 -112.30 50.22 1.87
CA ARG BA 298 -111.62 49.55 2.99
C ARG BA 298 -110.81 48.33 2.54
N ASP BA 299 -111.35 47.56 1.60
CA ASP BA 299 -110.65 46.39 1.06
C ASP BA 299 -109.40 46.73 0.22
N ASP BA 300 -109.34 47.96 -0.30
CA ASP BA 300 -108.12 48.49 -0.94
C ASP BA 300 -108.05 50.01 -0.71
N PHE BA 301 -106.94 50.48 -0.13
CA PHE BA 301 -106.86 51.83 0.43
C PHE BA 301 -105.50 52.50 0.20
N ASP BA 302 -105.45 53.40 -0.78
CA ASP BA 302 -104.27 54.24 -1.01
C ASP BA 302 -104.17 55.29 0.10
N ILE BA 303 -103.36 55.00 1.11
CA ILE BA 303 -103.12 55.92 2.25
C ILE BA 303 -102.50 57.24 1.79
N ARG BA 304 -101.51 57.15 0.91
CA ARG BA 304 -100.76 58.30 0.42
C ARG BA 304 -101.67 59.24 -0.38
N GLN BA 305 -102.50 58.62 -1.22
CA GLN BA 305 -103.49 59.33 -2.03
C GLN BA 305 -104.51 60.07 -1.16
N PHE BA 306 -105.00 59.37 -0.14
CA PHE BA 306 -105.91 59.93 0.86
C PHE BA 306 -105.31 61.15 1.54
N THR BA 307 -104.07 61.02 1.98
CA THR BA 307 -103.31 62.10 2.62
C THR BA 307 -103.19 63.32 1.71
N LYS BA 308 -102.86 63.06 0.44
CA LYS BA 308 -102.75 64.09 -0.59
C LYS BA 308 -104.07 64.83 -0.79
N LYS BA 309 -105.17 64.07 -0.83
CA LYS BA 309 -106.52 64.61 -1.01
C LYS BA 309 -106.90 65.61 0.09
N TYR BA 310 -106.73 65.19 1.35
CA TYR BA 310 -107.18 65.99 2.49
C TYR BA 310 -106.08 66.86 3.12
N ASN BA 311 -104.89 66.85 2.54
CA ASN BA 311 -103.76 67.70 2.95
C ASN BA 311 -103.35 67.48 4.41
N LEU BA 312 -103.11 66.21 4.73
CA LEU BA 312 -102.73 65.78 6.08
C LEU BA 312 -101.21 65.77 6.24
N THR BA 313 -100.76 65.83 7.49
CA THR BA 313 -99.33 65.69 7.82
C THR BA 313 -99.18 64.70 8.97
N ALA BA 314 -98.53 63.57 8.70
CA ALA BA 314 -98.37 62.50 9.70
C ALA BA 314 -97.41 62.91 10.81
N ILE BA 315 -97.96 63.11 12.01
CA ILE BA 315 -97.16 63.53 13.18
C ILE BA 315 -96.71 62.37 14.05
N GLY BA 316 -97.51 61.32 14.12
CA GLY BA 316 -97.25 60.18 15.00
C GLY BA 316 -97.62 58.87 14.37
N ALA BA 317 -97.06 57.80 14.92
CA ALA BA 317 -97.34 56.44 14.47
C ALA BA 317 -97.14 55.45 15.59
N HIS BA 318 -97.78 54.30 15.44
CA HIS BA 318 -97.57 53.15 16.30
C HIS BA 318 -97.88 51.92 15.47
N ILE BA 319 -97.37 50.77 15.89
CA ILE BA 319 -97.53 49.54 15.11
C ILE BA 319 -97.59 48.31 16.01
N TRP BA 320 -98.52 47.41 15.71
CA TRP BA 320 -98.47 46.05 16.20
C TRP BA 320 -98.50 45.14 14.98
N ARG BA 321 -98.40 43.83 15.18
CA ARG BA 321 -98.54 42.91 14.06
C ARG BA 321 -99.10 41.54 14.46
N SER BA 322 -100.17 41.15 13.79
CA SER BA 322 -100.93 39.95 14.10
C SER BA 322 -100.66 38.86 13.06
N GLU BA 323 -100.66 37.61 13.50
CA GLU BA 323 -100.67 36.45 12.61
C GLU BA 323 -101.71 35.45 13.08
N TRP BA 324 -101.99 34.46 12.22
CA TRP BA 324 -103.05 33.48 12.45
C TRP BA 324 -102.88 32.71 13.75
N ASP BA 325 -103.99 32.49 14.43
CA ASP BA 325 -104.08 31.59 15.59
C ASP BA 325 -105.46 30.92 15.57
N ALA BA 326 -105.76 30.11 16.58
CA ALA BA 326 -107.04 29.37 16.62
C ALA BA 326 -108.28 30.26 16.71
N LYS BA 327 -108.17 31.38 17.43
CA LYS BA 327 -109.32 32.23 17.74
C LYS BA 327 -109.74 33.23 16.63
N VAL BA 328 -108.97 33.32 15.54
CA VAL BA 328 -109.31 34.25 14.46
C VAL BA 328 -110.65 33.88 13.80
N ALA BA 329 -110.89 32.57 13.65
CA ALA BA 329 -112.18 32.07 13.14
C ALA BA 329 -113.35 32.49 14.04
N ALA BA 330 -113.14 32.39 15.35
CA ALA BA 330 -114.13 32.82 16.35
C ALA BA 330 -114.41 34.32 16.26
N VAL BA 331 -113.34 35.09 16.10
CA VAL BA 331 -113.41 36.56 15.92
C VAL BA 331 -114.23 36.91 14.67
N ARG BA 332 -113.92 36.23 13.56
CA ARG BA 332 -114.65 36.40 12.30
C ARG BA 332 -116.14 36.13 12.47
N GLU BA 333 -116.44 35.02 13.15
CA GLU BA 333 -117.80 34.59 13.44
C GLU BA 333 -118.56 35.63 14.27
N LYS BA 334 -117.89 36.16 15.29
CA LYS BA 334 -118.43 37.24 16.12
C LYS BA 334 -118.77 38.49 15.30
N TYR BA 335 -117.82 38.88 14.45
CA TYR BA 335 -118.00 40.04 13.57
C TYR BA 335 -118.87 39.76 12.34
N GLY BA 336 -119.15 38.48 12.07
CA GLY BA 336 -119.93 38.09 10.90
C GLY BA 336 -119.16 38.14 9.60
N LEU BA 337 -117.82 38.10 9.70
CA LEU BA 337 -116.95 38.01 8.52
C LEU BA 337 -116.99 36.57 8.00
N PRO BA 338 -116.67 36.35 6.72
CA PRO BA 338 -116.72 34.99 6.16
C PRO BA 338 -115.68 34.03 6.79
N PRO BA 339 -115.82 32.70 6.55
CA PRO BA 339 -114.96 31.67 7.16
C PRO BA 339 -113.47 31.95 7.23
N GLY BA 340 -112.92 32.60 6.20
CA GLY BA 340 -111.52 32.97 6.14
C GLY BA 340 -110.72 31.93 5.37
N ARG BA 341 -109.86 32.40 4.48
CA ARG BA 341 -109.12 31.51 3.57
C ARG BA 341 -107.97 30.80 4.27
N VAL BA 342 -107.46 29.77 3.62
CA VAL BA 342 -106.30 29.01 4.10
C VAL BA 342 -105.34 28.82 2.93
N PHE BA 343 -104.10 29.28 3.09
CA PHE BA 343 -103.10 29.23 2.04
C PHE BA 343 -102.13 28.08 2.23
N SER BA 344 -101.41 27.77 1.15
CA SER BA 344 -100.37 26.74 1.17
C SER BA 344 -99.22 27.17 2.07
N ARG BA 345 -98.69 26.22 2.84
CA ARG BA 345 -97.56 26.48 3.74
C ARG BA 345 -96.31 26.95 2.99
N VAL BA 346 -96.13 26.44 1.78
CA VAL BA 346 -94.99 26.81 0.94
C VAL BA 346 -95.32 28.06 0.14
N ARG BA 347 -94.37 29.00 0.14
CA ARG BA 347 -94.42 30.15 -0.74
C ARG BA 347 -93.73 29.78 -2.06
N ARG BA 348 -94.46 29.05 -2.89
CA ARG BA 348 -93.95 28.52 -4.15
C ARG BA 348 -94.07 29.57 -5.26
N SER CA 1 -41.60 30.12 48.08
CA SER CA 1 -42.76 30.71 47.32
C SER CA 1 -42.40 32.01 46.62
N LEU CA 2 -42.00 33.01 47.42
CA LEU CA 2 -41.61 34.33 46.90
C LEU CA 2 -40.40 34.88 47.66
N SER CA 3 -39.58 35.66 46.95
CA SER CA 3 -38.43 36.33 47.53
C SER CA 3 -38.86 37.64 48.21
N PRO CA 4 -37.96 38.28 49.00
CA PRO CA 4 -38.26 39.60 49.58
C PRO CA 4 -38.50 40.68 48.53
N LEU CA 5 -37.70 40.65 47.46
CA LEU CA 5 -37.88 41.54 46.31
C LEU CA 5 -39.24 41.35 45.65
N ALA CA 6 -39.66 40.09 45.50
CA ALA CA 6 -40.95 39.74 44.92
C ALA CA 6 -42.08 40.27 45.78
N GLN CA 7 -41.95 40.07 47.09
CA GLN CA 7 -42.91 40.58 48.07
C GLN CA 7 -43.05 42.09 47.95
N ARG CA 8 -41.92 42.79 47.93
CA ARG CA 8 -41.93 44.26 47.84
C ARG CA 8 -42.58 44.74 46.54
N VAL CA 9 -42.32 44.04 45.44
CA VAL CA 9 -42.98 44.33 44.14
C VAL CA 9 -44.49 44.18 44.24
N VAL CA 10 -44.93 43.09 44.87
CA VAL CA 10 -46.35 42.82 45.11
C VAL CA 10 -47.00 43.94 45.90
N THR CA 11 -46.30 44.39 46.96
CA THR CA 11 -46.77 45.50 47.80
C THR CA 11 -46.96 46.76 46.98
N GLN CA 12 -45.95 47.06 46.18
CA GLN CA 12 -45.95 48.21 45.27
C GLN CA 12 -47.13 48.16 44.30
N LEU CA 13 -47.34 46.98 43.72
CA LEU CA 13 -48.47 46.72 42.82
C LEU CA 13 -49.80 46.99 43.51
N SER CA 14 -49.92 46.50 44.75
CA SER CA 14 -51.11 46.69 45.58
C SER CA 14 -51.43 48.16 45.80
N VAL CA 15 -50.42 48.96 46.11
CA VAL CA 15 -50.55 50.42 46.27
C VAL CA 15 -51.33 51.04 45.10
N MET CA 16 -51.00 50.62 43.89
CA MET CA 16 -51.66 51.09 42.67
C MET CA 16 -53.03 50.45 42.42
N SER CA 17 -53.17 49.17 42.81
CA SER CA 17 -54.39 48.42 42.52
C SER CA 17 -55.61 48.83 43.35
N ALA CA 18 -56.79 48.60 42.77
CA ALA CA 18 -58.07 48.84 43.44
C ALA CA 18 -58.55 47.64 44.29
N SER CA 19 -57.74 46.59 44.40
CA SER CA 19 -58.11 45.39 45.16
C SER CA 19 -58.31 45.71 46.64
N ARG CA 20 -59.54 45.49 47.11
CA ARG CA 20 -59.95 45.68 48.52
C ARG CA 20 -59.53 46.99 49.22
N LYS CA 21 -59.42 48.07 48.43
CA LYS CA 21 -59.11 49.40 48.95
C LYS CA 21 -60.21 50.44 48.75
N GLN CA 22 -61.25 50.11 48.00
CA GLN CA 22 -62.22 51.13 47.58
C GLN CA 22 -63.54 50.96 48.35
N PRO CA 23 -64.23 52.08 48.63
CA PRO CA 23 -65.41 52.06 49.49
C PRO CA 23 -66.65 51.56 48.75
N LYS CA 24 -67.81 51.69 49.40
CA LYS CA 24 -69.09 51.44 48.74
C LYS CA 24 -69.41 52.56 47.75
N LEU CA 25 -70.37 52.28 46.88
CA LEU CA 25 -70.83 53.26 45.89
C LEU CA 25 -71.59 54.38 46.57
N LEU CA 26 -71.43 55.59 46.04
CA LEU CA 26 -72.11 56.77 46.57
C LEU CA 26 -73.57 56.78 46.12
N LYS CA 27 -74.43 56.19 46.95
CA LYS CA 27 -75.88 56.22 46.71
C LYS CA 27 -76.48 57.48 47.31
N LEU CA 28 -77.50 58.03 46.63
CA LEU CA 28 -78.22 59.22 47.08
C LEU CA 28 -79.73 58.96 47.12
N ALA CA 29 -80.42 59.75 47.94
CA ALA CA 29 -81.89 59.84 47.89
C ALA CA 29 -82.27 60.69 46.68
N ARG CA 30 -83.53 60.64 46.27
CA ARG CA 30 -83.97 61.37 45.06
C ARG CA 30 -83.88 62.89 45.24
N GLU CA 31 -84.29 63.36 46.42
CA GLU CA 31 -84.17 64.78 46.78
C GLU CA 31 -82.71 65.23 46.80
N ASP CA 32 -81.86 64.43 47.45
CA ASP CA 32 -80.42 64.65 47.46
C ASP CA 32 -79.80 64.68 46.06
N LEU CA 33 -80.23 63.73 45.22
CA LEU CA 33 -79.79 63.65 43.82
C LEU CA 33 -80.14 64.91 43.04
N ILE CA 34 -81.36 65.39 43.23
CA ILE CA 34 -81.83 66.65 42.64
C ILE CA 34 -80.98 67.83 43.08
N LYS CA 35 -80.76 67.92 44.39
CA LYS CA 35 -79.93 68.97 44.98
C LYS CA 35 -78.54 68.99 44.35
N HIS CA 36 -77.96 67.80 44.23
CA HIS CA 36 -76.67 67.62 43.57
C HIS CA 36 -76.67 68.12 42.12
N GLN CA 37 -77.69 67.71 41.37
CA GLN CA 37 -77.87 68.14 39.98
C GLN CA 37 -77.93 69.65 39.84
N THR CA 38 -78.69 70.28 40.72
CA THR CA 38 -78.87 71.73 40.73
C THR CA 38 -77.57 72.46 41.07
N ILE CA 39 -76.80 71.89 42.00
CA ILE CA 39 -75.45 72.37 42.35
C ILE CA 39 -74.52 72.35 41.13
N GLU CA 40 -74.51 71.20 40.45
CA GLU CA 40 -73.60 70.96 39.32
C GLU CA 40 -73.92 71.83 38.12
N LYS CA 41 -75.21 71.86 37.77
CA LYS CA 41 -75.72 72.64 36.63
C LYS CA 41 -75.41 74.13 36.78
N CYS CA 42 -75.74 74.67 37.96
CA CYS CA 42 -75.45 76.06 38.30
C CYS CA 42 -73.98 76.39 38.18
N TRP CA 43 -73.15 75.53 38.75
CA TRP CA 43 -71.70 75.65 38.67
C TRP CA 43 -71.21 75.70 37.22
N SER CA 44 -71.69 74.76 36.43
CA SER CA 44 -71.35 74.68 34.99
C SER CA 44 -71.71 75.96 34.25
N ILE CA 45 -72.91 76.47 34.52
CA ILE CA 45 -73.39 77.73 33.96
C ILE CA 45 -72.46 78.89 34.34
N TYR CA 46 -72.12 78.96 35.62
CA TYR CA 46 -71.19 79.98 36.14
C TYR CA 46 -69.84 79.92 35.41
N GLN CA 47 -69.31 78.72 35.25
CA GLN CA 47 -68.05 78.49 34.53
C GLN CA 47 -68.11 78.96 33.09
N GLN CA 48 -69.23 78.64 32.42
CA GLN CA 48 -69.48 79.09 31.05
C GLN CA 48 -69.48 80.62 30.96
N GLN CA 49 -70.23 81.26 31.87
CA GLN CA 49 -70.27 82.72 31.96
C GLN CA 49 -68.89 83.34 32.10
N GLN CA 50 -68.10 82.78 33.00
CA GLN CA 50 -66.72 83.21 33.24
C GLN CA 50 -65.87 83.11 31.98
N ARG CA 51 -66.00 81.98 31.29
CA ARG CA 51 -65.30 81.73 30.03
C ARG CA 51 -65.66 82.78 28.98
N GLU CA 52 -66.95 83.07 28.87
CA GLU CA 52 -67.46 84.09 27.94
C GLU CA 52 -66.91 85.47 28.26
N ARG CA 53 -66.94 85.82 29.55
CA ARG CA 53 -66.37 87.09 30.04
C ARG CA 53 -64.92 87.26 29.63
N ARG CA 54 -64.11 86.25 29.93
CA ARG CA 54 -62.69 86.22 29.58
C ARG CA 54 -62.49 86.27 28.07
N ASN CA 55 -63.23 85.43 27.36
CA ASN CA 55 -63.21 85.38 25.89
C ASN CA 55 -63.58 86.71 25.25
N LEU CA 56 -64.64 87.31 25.78
CA LEU CA 56 -65.11 88.63 25.35
C LEU CA 56 -64.03 89.68 25.54
N GLN CA 57 -63.44 89.68 26.73
CA GLN CA 57 -62.34 90.59 27.08
C GLN CA 57 -61.18 90.47 26.09
N LEU CA 58 -60.79 89.23 25.81
CA LEU CA 58 -59.73 88.92 24.85
C LEU CA 58 -60.05 89.46 23.45
N GLU CA 59 -61.29 89.24 23.02
CA GLU CA 59 -61.78 89.76 21.74
C GLU CA 59 -61.69 91.28 21.69
N LEU CA 60 -62.14 91.93 22.76
CA LEU CA 60 -62.05 93.39 22.91
C LEU CA 60 -60.62 93.91 22.79
N GLN CA 61 -59.71 93.24 23.50
CA GLN CA 61 -58.28 93.55 23.44
C GLN CA 61 -57.73 93.44 22.02
N TYR CA 62 -58.08 92.34 21.35
CA TYR CA 62 -57.68 92.10 19.96
C TYR CA 62 -58.16 93.21 19.02
N LYS CA 63 -59.41 93.61 19.20
CA LYS CA 63 -60.02 94.69 18.42
C LYS CA 63 -59.28 96.02 18.62
N SER CA 64 -58.94 96.30 19.88
CA SER CA 64 -58.19 97.50 20.26
C SER CA 64 -56.81 97.53 19.62
N ILE CA 65 -56.13 96.38 19.64
CA ILE CA 65 -54.82 96.20 19.01
C ILE CA 65 -54.90 96.47 17.51
N GLU CA 66 -55.90 95.88 16.87
CA GLU CA 66 -56.17 96.07 15.43
C GLU CA 66 -56.37 97.54 15.09
N ARG CA 67 -57.17 98.21 15.91
CA ARG CA 67 -57.47 99.63 15.78
C ARG CA 67 -56.20 100.48 15.89
N SER CA 68 -55.37 100.13 16.87
CA SER CA 68 -54.09 100.79 17.10
C SER CA 68 -53.15 100.65 15.92
N MET CA 69 -53.02 99.43 15.42
CA MET CA 69 -52.02 99.11 14.39
C MET CA 69 -52.36 99.75 13.05
N ASN CA 70 -53.64 99.78 12.70
CA ASN CA 70 -54.13 100.51 11.52
C ASN CA 70 -53.79 101.99 11.59
N LEU CA 71 -54.02 102.58 12.76
CA LEU CA 71 -53.72 103.99 13.01
C LEU CA 71 -52.22 104.28 12.86
N LEU CA 72 -51.41 103.39 13.43
CA LEU CA 72 -49.96 103.48 13.36
C LEU CA 72 -49.46 103.41 11.92
N GLN CA 73 -50.04 102.49 11.15
CA GLN CA 73 -49.75 102.32 9.73
C GLN CA 73 -50.08 103.59 8.93
N GLU CA 74 -51.23 104.17 9.23
CA GLU CA 74 -51.68 105.43 8.62
C GLU CA 74 -50.72 106.58 8.88
N LEU CA 75 -50.28 106.71 10.14
CA LEU CA 75 -49.49 107.87 10.58
C LEU CA 75 -47.99 107.72 10.28
N SER CA 76 -47.32 106.85 11.04
CA SER CA 76 -45.86 106.72 11.00
C SER CA 76 -45.51 105.29 10.55
N PRO CA 77 -45.04 105.13 9.29
CA PRO CA 77 -44.73 103.79 8.76
C PRO CA 77 -43.62 103.06 9.52
N ARG CA 78 -42.57 103.79 9.89
CA ARG CA 78 -41.43 103.24 10.62
C ARG CA 78 -41.84 102.67 11.98
N LEU CA 79 -42.66 103.43 12.70
CA LEU CA 79 -43.20 103.00 13.99
C LEU CA 79 -44.05 101.75 13.87
N PHE CA 80 -44.88 101.71 12.84
CA PHE CA 80 -45.71 100.54 12.53
C PHE CA 80 -44.85 99.29 12.27
N GLU CA 81 -43.81 99.47 11.45
CA GLU CA 81 -42.85 98.40 11.14
C GLU CA 81 -42.19 97.87 12.40
N ALA CA 82 -41.74 98.78 13.26
CA ALA CA 82 -41.13 98.45 14.55
C ALA CA 82 -42.06 97.63 15.45
N ALA CA 83 -43.32 98.07 15.51
CA ALA CA 83 -44.37 97.38 16.26
C ALA CA 83 -44.59 95.96 15.74
N ASN CA 84 -44.81 95.87 14.43
CA ASN CA 84 -45.10 94.60 13.77
C ASN CA 84 -43.81 93.89 13.35
N ALA CA 85 -43.18 93.25 14.33
CA ALA CA 85 -42.00 92.40 14.10
C ALA CA 85 -42.33 90.98 14.54
N SER CA 86 -41.56 90.03 14.03
CA SER CA 86 -41.67 88.64 14.45
C SER CA 86 -41.07 88.50 15.85
N GLU CA 87 -41.90 88.05 16.80
CA GLU CA 87 -41.49 87.85 18.18
C GLU CA 87 -41.43 86.35 18.43
N LYS CA 88 -40.56 85.70 17.66
CA LYS CA 88 -40.45 84.25 17.62
C LYS CA 88 -39.85 83.70 18.89
N GLY CA 89 -38.68 84.21 19.26
CA GLY CA 89 -37.97 83.78 20.45
C GLY CA 89 -38.26 84.58 21.70
N LYS CA 90 -39.45 85.19 21.78
CA LYS CA 90 -39.83 85.99 22.94
C LYS CA 90 -40.07 85.06 24.13
N ARG CA 91 -39.44 85.40 25.25
CA ARG CA 91 -39.45 84.59 26.44
C ARG CA 91 -40.01 85.45 27.57
N PHE CA 92 -40.95 84.92 28.34
CA PHE CA 92 -41.44 85.60 29.54
C PHE CA 92 -40.32 85.69 30.56
N PRO CA 93 -40.25 86.80 31.32
CA PRO CA 93 -39.15 86.97 32.24
C PRO CA 93 -39.31 86.04 33.44
N MET CA 94 -38.19 85.57 33.97
CA MET CA 94 -38.19 84.53 35.01
C MET CA 94 -38.65 85.06 36.38
N GLU CA 95 -38.69 86.39 36.52
CA GLU CA 95 -39.27 87.03 37.71
C GLU CA 95 -40.80 86.91 37.78
N MET CA 96 -41.48 86.94 36.63
CA MET CA 96 -42.94 86.76 36.58
C MET CA 96 -43.32 85.31 36.90
N LYS CA 97 -43.27 84.97 38.18
CA LYS CA 97 -43.49 83.59 38.64
C LYS CA 97 -44.97 83.29 38.83
N VAL CA 98 -45.29 82.00 38.89
CA VAL CA 98 -46.66 81.54 39.05
C VAL CA 98 -47.06 81.77 40.52
N PRO CA 99 -48.10 82.62 40.75
CA PRO CA 99 -48.48 83.04 42.12
C PRO CA 99 -48.73 81.86 43.07
N THR CA 100 -48.02 81.85 44.20
CA THR CA 100 -48.10 80.76 45.18
C THR CA 100 -49.42 80.79 45.98
N ASP CA 101 -49.59 79.85 46.90
CA ASP CA 101 -50.76 79.83 47.78
C ASP CA 101 -50.67 80.93 48.84
N PHE CA 102 -49.52 81.01 49.50
CA PHE CA 102 -49.21 82.06 50.48
C PHE CA 102 -47.93 82.79 50.08
N PRO CA 103 -47.79 84.08 50.48
CA PRO CA 103 -46.66 84.87 50.00
C PRO CA 103 -45.36 84.55 50.76
N PRO CA 104 -44.21 84.97 50.19
CA PRO CA 104 -42.91 84.75 50.82
C PRO CA 104 -42.64 85.66 52.03
N ASN CA 105 -41.45 85.55 52.61
CA ASN CA 105 -41.04 86.42 53.72
C ASN CA 105 -40.77 87.83 53.23
N THR CA 106 -39.93 87.95 52.20
CA THR CA 106 -39.70 89.20 51.48
C THR CA 106 -40.66 89.26 50.30
N LEU CA 107 -41.71 90.08 50.43
CA LEU CA 107 -42.78 90.18 49.42
C LEU CA 107 -42.29 90.74 48.09
N TRP CA 108 -41.51 91.81 48.14
CA TRP CA 108 -41.04 92.51 46.95
C TRP CA 108 -39.58 92.92 47.06
N HIS CA 109 -38.83 92.71 45.98
CA HIS CA 109 -37.42 93.11 45.90
C HIS CA 109 -37.33 94.48 45.22
N TYR CA 110 -36.81 95.46 45.96
CA TYR CA 110 -36.64 96.83 45.45
C TYR CA 110 -35.34 97.05 44.68
N ASN CA 111 -34.33 96.21 44.92
CA ASN CA 111 -33.06 96.26 44.19
C ASN CA 111 -32.85 95.00 43.35
N PHE CA 112 -32.03 95.12 42.31
CA PHE CA 112 -31.93 94.12 41.24
C PHE CA 112 -30.57 94.17 40.53
N ARG CA 113 -30.37 93.26 39.57
CA ARG CA 113 -29.10 93.10 38.84
C ARG CA 113 -27.93 92.76 39.77
N LEU DA 1 -23.08 -42.82 -74.72
CA LEU DA 1 -24.50 -42.93 -74.23
C LEU DA 1 -24.74 -44.28 -73.54
N THR DA 2 -25.55 -44.23 -72.47
CA THR DA 2 -26.01 -45.45 -71.79
C THR DA 2 -26.89 -46.27 -72.73
N ARG DA 3 -27.76 -45.59 -73.47
CA ARG DA 3 -28.56 -46.19 -74.53
C ARG DA 3 -28.63 -45.23 -75.73
N PRO DA 4 -28.17 -45.70 -76.92
CA PRO DA 4 -27.94 -44.82 -78.08
C PRO DA 4 -29.16 -44.10 -78.68
N TRP DA 5 -30.35 -44.64 -78.46
CA TRP DA 5 -31.61 -44.02 -78.91
C TRP DA 5 -31.99 -42.79 -78.07
N LYS DA 6 -31.51 -42.75 -76.82
CA LYS DA 6 -31.71 -41.59 -75.95
C LYS DA 6 -30.44 -40.75 -75.89
N LYS DA 7 -30.31 -39.83 -76.84
CA LYS DA 7 -29.18 -38.91 -76.91
C LYS DA 7 -29.23 -37.83 -75.84
N TYR DA 8 -30.43 -37.29 -75.60
CA TYR DA 8 -30.61 -36.18 -74.67
C TYR DA 8 -31.15 -36.63 -73.32
N ARG DA 9 -31.09 -35.70 -72.36
CA ARG DA 9 -31.41 -35.99 -70.96
C ARG DA 9 -32.92 -35.93 -70.75
N ASP DA 10 -33.57 -37.07 -70.93
CA ASP DA 10 -34.90 -37.31 -70.38
C ASP DA 10 -34.67 -37.72 -68.93
N GLY DA 11 -35.70 -37.61 -68.10
CA GLY DA 11 -35.64 -38.11 -66.73
C GLY DA 11 -35.71 -39.63 -66.59
N GLU DA 12 -35.01 -40.36 -67.47
CA GLU DA 12 -34.96 -41.83 -67.41
C GLU DA 12 -33.76 -42.26 -66.58
N LEU DA 13 -33.95 -43.34 -65.83
CA LEU DA 13 -32.93 -43.86 -64.93
C LEU DA 13 -31.89 -44.67 -65.67
N PHE DA 14 -30.78 -44.94 -64.97
CA PHE DA 14 -29.72 -45.80 -65.47
C PHE DA 14 -30.22 -47.26 -65.58
N TYR DA 15 -31.01 -47.68 -64.59
CA TYR DA 15 -31.74 -48.96 -64.68
C TYR DA 15 -33.11 -48.84 -64.01
N GLY DA 16 -34.10 -49.52 -64.58
CA GLY DA 16 -35.46 -49.53 -64.07
C GLY DA 16 -36.21 -48.23 -64.31
N LEU DA 17 -37.38 -48.12 -63.68
CA LEU DA 17 -38.29 -47.00 -63.89
C LEU DA 17 -38.28 -45.98 -62.75
N SER DA 18 -38.32 -46.49 -61.50
CA SER DA 18 -38.28 -45.64 -60.32
C SER DA 18 -37.27 -46.18 -59.31
N LYS DA 19 -36.47 -45.28 -58.73
CA LYS DA 19 -35.54 -45.63 -57.66
C LYS DA 19 -36.32 -45.93 -56.37
N VAL DA 20 -37.26 -45.04 -56.06
CA VAL DA 20 -38.03 -45.13 -54.82
C VAL DA 20 -39.09 -46.23 -54.87
N GLY DA 21 -39.63 -46.54 -53.69
CA GLY DA 21 -40.65 -47.59 -53.56
C GLY DA 21 -40.82 -48.01 -52.11
N ASN DA 22 -41.80 -48.87 -51.87
CA ASN DA 22 -42.09 -49.38 -50.53
C ASN DA 22 -40.95 -50.28 -50.02
N LYS DA 23 -40.19 -49.76 -49.07
CA LYS DA 23 -39.08 -50.50 -48.44
C LYS DA 23 -39.61 -51.61 -47.53
N ARG DA 24 -40.77 -51.38 -46.94
CA ARG DA 24 -41.40 -52.33 -46.00
C ARG DA 24 -42.13 -53.44 -46.75
N VAL DA 25 -41.36 -54.47 -47.10
CA VAL DA 25 -41.86 -55.61 -47.87
C VAL DA 25 -41.02 -56.82 -47.44
N PRO DA 26 -41.66 -58.00 -47.20
CA PRO DA 26 -40.95 -59.09 -46.52
C PRO DA 26 -39.63 -59.53 -47.16
N LEU DA 27 -38.68 -59.90 -46.32
CA LEU DA 27 -37.37 -60.35 -46.79
C LEU DA 27 -37.47 -61.70 -47.51
N THR DA 28 -36.48 -61.95 -48.36
CA THR DA 28 -36.36 -63.19 -49.10
C THR DA 28 -35.08 -63.87 -48.64
N THR DA 29 -34.72 -64.98 -49.29
CA THR DA 29 -33.47 -65.69 -48.97
C THR DA 29 -32.23 -64.91 -49.41
N LYS DA 30 -32.36 -64.15 -50.50
CA LYS DA 30 -31.21 -63.44 -51.10
C LYS DA 30 -30.75 -62.25 -50.26
N GLN DA 31 -31.67 -61.62 -49.54
CA GLN DA 31 -31.40 -60.37 -48.82
C GLN DA 31 -30.74 -60.58 -47.46
N GLY DA 32 -30.24 -59.48 -46.91
CA GLY DA 32 -29.67 -59.45 -45.57
C GLY DA 32 -28.19 -59.75 -45.51
N ASN DA 33 -27.72 -60.00 -44.30
CA ASN DA 33 -26.30 -60.23 -44.00
C ASN DA 33 -25.86 -61.65 -44.42
N LYS DA 34 -24.59 -61.98 -44.19
CA LYS DA 34 -24.14 -63.37 -44.26
C LYS DA 34 -24.86 -64.25 -43.23
N THR DA 35 -25.08 -63.69 -42.03
CA THR DA 35 -25.75 -64.40 -40.93
C THR DA 35 -27.26 -64.56 -41.11
N MET DA 36 -27.88 -63.71 -41.93
CA MET DA 36 -29.32 -63.78 -42.19
C MET DA 36 -29.67 -65.06 -42.96
N TYR DA 37 -30.42 -65.94 -42.28
CA TYR DA 37 -30.89 -67.20 -42.85
C TYR DA 37 -32.42 -67.24 -42.77
N LYS DA 38 -33.07 -67.16 -43.94
CA LYS DA 38 -34.53 -67.21 -44.03
C LYS DA 38 -35.01 -68.66 -44.06
N GLY DA 39 -34.59 -69.41 -45.07
CA GLY DA 39 -35.05 -70.79 -45.26
C GLY DA 39 -36.40 -70.85 -45.97
N THR DA 40 -36.71 -72.00 -46.54
CA THR DA 40 -37.85 -72.17 -47.47
C THR DA 40 -38.75 -73.37 -47.14
N ARG DA 41 -38.87 -73.68 -45.85
CA ARG DA 41 -39.70 -74.81 -45.35
C ARG DA 41 -39.34 -76.17 -45.95
N ALA DA 42 -38.06 -76.35 -46.28
CA ALA DA 42 -37.62 -77.50 -47.05
C ALA DA 42 -36.95 -78.60 -46.21
N SER DA 43 -36.41 -78.25 -45.05
CA SER DA 43 -35.51 -79.15 -44.31
C SER DA 43 -35.62 -79.08 -42.79
N GLY DA 44 -36.73 -79.60 -42.28
CA GLY DA 44 -36.83 -80.04 -40.89
C GLY DA 44 -36.70 -81.55 -40.93
N ILE DA 45 -35.53 -82.00 -41.38
CA ILE DA 45 -35.29 -83.38 -41.79
C ILE DA 45 -34.53 -84.13 -40.70
N GLY DA 46 -33.32 -83.65 -40.41
CA GLY DA 46 -32.41 -84.32 -39.50
C GLY DA 46 -32.14 -83.47 -38.27
N ARG DA 47 -30.86 -83.35 -37.91
CA ARG DA 47 -30.44 -82.57 -36.76
C ARG DA 47 -29.08 -81.93 -36.97
N HIS DA 48 -28.95 -80.69 -36.53
CA HIS DA 48 -27.68 -79.97 -36.59
C HIS DA 48 -26.71 -80.54 -35.59
N THR DA 49 -25.46 -80.68 -36.02
CA THR DA 49 -24.41 -81.26 -35.21
C THR DA 49 -23.80 -80.18 -34.33
N LYS DA 50 -23.17 -80.61 -33.23
CA LYS DA 50 -22.39 -79.74 -32.35
C LYS DA 50 -21.30 -78.96 -33.08
N PHE DA 51 -20.67 -79.58 -34.07
CA PHE DA 51 -19.55 -78.99 -34.82
C PHE DA 51 -19.95 -78.12 -36.02
N GLY DA 52 -21.24 -78.11 -36.38
CA GLY DA 52 -21.74 -77.33 -37.52
C GLY DA 52 -22.21 -78.18 -38.70
N GLY DA 53 -22.00 -79.49 -38.63
CA GLY DA 53 -22.50 -80.40 -39.65
C GLY DA 53 -24.00 -80.63 -39.58
N TYR DA 54 -24.44 -81.72 -40.18
CA TYR DA 54 -25.85 -82.11 -40.18
C TYR DA 54 -25.99 -83.62 -40.31
N VAL DA 55 -26.97 -84.18 -39.61
CA VAL DA 55 -27.20 -85.63 -39.59
C VAL DA 55 -28.67 -85.90 -39.89
N ILE DA 56 -28.93 -86.47 -41.06
CA ILE DA 56 -30.30 -86.78 -41.51
C ILE DA 56 -30.93 -87.85 -40.60
N ASN DA 57 -32.21 -87.66 -40.33
CA ASN DA 57 -33.02 -88.59 -39.53
C ASN DA 57 -34.08 -89.16 -40.46
N TRP DA 58 -33.80 -90.36 -40.98
CA TRP DA 58 -34.56 -90.92 -42.11
C TRP DA 58 -36.01 -91.25 -41.82
N LYS DA 59 -36.35 -91.50 -40.56
CA LYS DA 59 -37.75 -91.67 -40.15
C LYS DA 59 -38.56 -90.37 -40.28
N LYS DA 60 -37.85 -89.24 -40.39
CA LYS DA 60 -38.44 -87.91 -40.60
C LYS DA 60 -38.07 -87.34 -42.00
N VAL DA 61 -38.01 -88.21 -43.01
CA VAL DA 61 -37.72 -87.82 -44.40
C VAL DA 61 -38.90 -88.23 -45.28
N ARG DA 62 -39.32 -87.33 -46.17
CA ARG DA 62 -40.49 -87.56 -47.02
C ARG DA 62 -40.21 -88.54 -48.17
N THR DA 63 -40.91 -89.67 -48.15
CA THR DA 63 -41.05 -90.54 -49.32
C THR DA 63 -42.40 -90.26 -49.98
N TYR DA 64 -42.47 -90.54 -51.27
CA TYR DA 64 -43.70 -90.40 -52.05
C TYR DA 64 -44.13 -91.78 -52.53
N VAL DA 65 -44.98 -92.42 -51.73
CA VAL DA 65 -45.37 -93.81 -51.96
C VAL DA 65 -46.39 -93.95 -53.10
N THR DA 66 -46.03 -94.73 -54.10
CA THR DA 66 -46.80 -94.93 -55.33
C THR DA 66 -47.37 -96.35 -55.28
N PRO DA 67 -48.60 -96.57 -55.79
CA PRO DA 67 -49.16 -97.93 -55.75
C PRO DA 67 -48.36 -98.93 -56.59
N ASP DA 68 -48.16 -100.12 -56.04
CA ASP DA 68 -47.35 -101.17 -56.69
C ASP DA 68 -47.95 -101.69 -57.99
N MET DA 69 -49.27 -101.78 -58.05
CA MET DA 69 -50.00 -102.18 -59.25
C MET DA 69 -50.83 -101.00 -59.73
N VAL DA 70 -50.28 -100.25 -60.68
CA VAL DA 70 -50.88 -99.01 -61.17
C VAL DA 70 -52.01 -99.33 -62.16
N ASN DA 71 -53.23 -98.95 -61.80
CA ASN DA 71 -54.36 -99.01 -62.71
C ASN DA 71 -54.26 -97.86 -63.72
N PHE DA 72 -53.66 -98.14 -64.87
CA PHE DA 72 -53.48 -97.15 -65.93
C PHE DA 72 -54.77 -96.80 -66.66
N GLU DA 73 -55.74 -97.70 -66.66
CA GLU DA 73 -57.04 -97.48 -67.32
C GLU DA 73 -57.90 -96.38 -66.66
N LEU DA 74 -57.62 -96.06 -65.40
CA LEU DA 74 -58.19 -94.85 -64.78
C LEU DA 74 -57.41 -93.65 -65.29
N LYS DA 75 -58.14 -92.64 -65.76
CA LYS DA 75 -57.58 -91.46 -66.41
C LYS DA 75 -58.00 -90.21 -65.62
N PRO DA 76 -57.25 -89.10 -65.79
CA PRO DA 76 -57.59 -87.86 -65.08
C PRO DA 76 -59.00 -87.31 -65.38
N TYR DA 77 -59.50 -87.56 -66.59
CA TYR DA 77 -60.87 -87.19 -66.97
C TYR DA 77 -61.72 -88.42 -67.21
N VAL DA 78 -63.03 -88.22 -67.16
CA VAL DA 78 -64.00 -89.25 -67.54
C VAL DA 78 -64.56 -88.88 -68.91
N ASN DA 79 -64.97 -89.88 -69.67
CA ASN DA 79 -65.67 -89.67 -70.95
C ASN DA 79 -66.98 -88.95 -70.67
N ALA DA 80 -67.22 -87.84 -71.37
CA ALA DA 80 -68.40 -86.99 -71.13
C ALA DA 80 -69.73 -87.64 -71.53
N ASN DA 81 -69.68 -88.70 -72.35
CA ASN DA 81 -70.85 -89.54 -72.62
C ASN DA 81 -71.43 -90.19 -71.35
N VAL DA 82 -70.57 -90.43 -70.36
CA VAL DA 82 -71.01 -90.85 -69.03
C VAL DA 82 -71.63 -89.62 -68.34
N PRO DA 83 -72.84 -89.76 -67.77
CA PRO DA 83 -73.38 -88.63 -67.00
C PRO DA 83 -72.69 -88.48 -65.64
N PRO DA 84 -72.75 -87.29 -65.03
CA PRO DA 84 -72.26 -87.16 -63.65
C PRO DA 84 -73.24 -87.82 -62.68
N LEU DA 85 -72.74 -88.78 -61.89
CA LEU DA 85 -73.58 -89.53 -60.94
C LEU DA 85 -74.05 -88.65 -59.77
N LYS DA 86 -75.14 -89.06 -59.14
CA LYS DA 86 -75.71 -88.34 -57.99
C LYS DA 86 -76.22 -89.33 -56.93
N HIS DA 87 -75.65 -89.28 -55.73
CA HIS DA 87 -76.12 -90.11 -54.61
C HIS DA 87 -77.27 -89.46 -53.86
N GLU DA 88 -78.13 -90.30 -53.29
CA GLU DA 88 -79.27 -89.87 -52.46
C GLU DA 88 -79.25 -90.62 -51.14
N PHE DA 89 -79.37 -89.89 -50.03
CA PHE DA 89 -79.28 -90.47 -48.69
C PHE DA 89 -80.55 -90.24 -47.87
N LYS DA 90 -81.72 -90.44 -48.49
CA LYS DA 90 -83.00 -90.23 -47.81
C LYS DA 90 -83.21 -91.25 -46.69
N GLY DA 91 -83.68 -90.76 -45.53
CA GLY DA 91 -83.77 -91.56 -44.32
C GLY DA 91 -82.46 -91.72 -43.57
N PHE DA 92 -81.51 -90.81 -43.82
CA PHE DA 92 -80.21 -90.80 -43.13
C PHE DA 92 -79.75 -89.36 -42.90
N SER DA 93 -79.98 -88.84 -41.68
CA SER DA 93 -79.63 -87.46 -41.33
C SER DA 93 -78.13 -87.16 -41.44
N GLY DA 94 -77.31 -88.13 -41.04
CA GLY DA 94 -75.85 -88.03 -41.15
C GLY DA 94 -75.29 -88.02 -42.56
N GLY DA 95 -76.06 -88.52 -43.53
CA GLY DA 95 -75.64 -88.54 -44.94
C GLY DA 95 -74.69 -89.69 -45.22
N PRO DA 96 -73.59 -89.44 -45.94
CA PRO DA 96 -72.58 -90.49 -46.14
C PRO DA 96 -71.77 -90.83 -44.87
N LEU DA 97 -71.71 -89.90 -43.92
CA LEU DA 97 -71.07 -90.13 -42.61
C LEU DA 97 -72.03 -90.77 -41.59
N ASP DA 98 -73.26 -91.10 -41.99
CA ASP DA 98 -74.26 -91.69 -41.10
C ASP DA 98 -73.82 -93.12 -40.72
N PRO DA 99 -73.73 -93.43 -39.41
CA PRO DA 99 -73.34 -94.78 -39.00
C PRO DA 99 -74.39 -95.84 -39.35
N ARG DA 100 -75.67 -95.47 -39.30
CA ARG DA 100 -76.78 -96.36 -39.66
C ARG DA 100 -76.68 -96.84 -41.10
N LEU DA 101 -76.37 -95.90 -42.00
CA LEU DA 101 -76.16 -96.17 -43.42
C LEU DA 101 -75.02 -97.15 -43.62
N GLN DA 102 -73.90 -96.89 -42.95
CA GLN DA 102 -72.72 -97.76 -42.98
C GLN DA 102 -73.05 -99.18 -42.55
N LEU DA 103 -73.78 -99.30 -41.43
CA LEU DA 103 -74.25 -100.59 -40.91
C LEU DA 103 -75.10 -101.35 -41.93
N LEU DA 104 -76.01 -100.60 -42.57
CA LEU DA 104 -76.87 -101.15 -43.63
C LEU DA 104 -76.04 -101.70 -44.78
N LYS DA 105 -75.07 -100.90 -45.23
CA LYS DA 105 -74.14 -101.30 -46.31
C LYS DA 105 -73.36 -102.57 -45.96
N ILE DA 106 -72.88 -102.63 -44.72
CA ILE DA 106 -72.16 -103.81 -44.20
C ILE DA 106 -73.06 -105.05 -44.25
N LYS DA 107 -74.29 -104.88 -43.78
CA LYS DA 107 -75.30 -105.94 -43.78
C LYS DA 107 -75.56 -106.46 -45.19
N GLU DA 108 -75.75 -105.52 -46.12
CA GLU DA 108 -75.93 -105.84 -47.55
C GLU DA 108 -74.76 -106.65 -48.11
N TYR DA 109 -73.54 -106.19 -47.82
CA TYR DA 109 -72.31 -106.88 -48.22
C TYR DA 109 -72.29 -108.32 -47.70
N ILE DA 110 -72.57 -108.47 -46.41
CA ILE DA 110 -72.63 -109.78 -45.75
C ILE DA 110 -73.59 -110.72 -46.46
N VAL DA 111 -74.79 -110.20 -46.75
CA VAL DA 111 -75.85 -110.98 -47.39
C VAL DA 111 -75.45 -111.41 -48.80
N ASN DA 112 -74.99 -110.44 -49.60
CA ASN DA 112 -74.85 -110.60 -51.05
C ASN DA 112 -73.42 -110.87 -51.51
N GLY DA 113 -72.48 -110.05 -51.04
CA GLY DA 113 -71.05 -110.23 -51.33
C GLY DA 113 -70.58 -109.52 -52.58
N ARG DA 114 -70.36 -108.21 -52.45
CA ARG DA 114 -69.74 -107.37 -53.49
C ARG DA 114 -70.54 -107.31 -54.79
N VAL DA 115 -71.81 -106.91 -54.67
CA VAL DA 115 -72.69 -106.68 -55.82
C VAL DA 115 -72.59 -105.20 -56.22
N GLN DA 116 -72.39 -104.96 -57.51
CA GLN DA 116 -72.22 -103.59 -58.02
C GLN DA 116 -73.55 -102.83 -58.05
N SER DA 117 -73.47 -101.52 -57.80
CA SER DA 117 -74.66 -100.68 -57.67
C SER DA 117 -75.28 -100.32 -59.03
N GLU DA 118 -76.39 -99.60 -59.00
CA GLU DA 118 -77.11 -99.16 -60.21
C GLU DA 118 -76.21 -98.40 -61.17
N GLY DA 119 -75.53 -97.38 -60.65
CA GLY DA 119 -74.58 -96.57 -61.42
C GLY DA 119 -73.39 -97.36 -61.94
N ALA DA 120 -72.88 -98.28 -61.12
CA ALA DA 120 -71.74 -99.11 -61.49
C ALA DA 120 -72.06 -100.11 -62.59
N THR DA 121 -73.25 -100.71 -62.52
CA THR DA 121 -73.71 -101.66 -63.55
C THR DA 121 -74.10 -100.95 -64.83
N ASP DA 122 -75.05 -100.02 -64.72
CA ASP DA 122 -75.60 -99.28 -65.86
C ASP DA 122 -74.99 -97.88 -65.95
N THR DA 123 -74.29 -97.61 -67.05
CA THR DA 123 -73.66 -96.29 -67.29
C THR DA 123 -74.70 -95.21 -67.62
N SER DA 124 -75.84 -95.61 -68.19
CA SER DA 124 -76.95 -94.69 -68.48
C SER DA 124 -77.62 -94.11 -67.23
N CYS DA 125 -77.49 -94.81 -66.10
CA CYS DA 125 -78.02 -94.35 -64.81
C CYS DA 125 -77.35 -93.04 -64.36
N TYR DA 126 -78.12 -92.18 -63.70
CA TYR DA 126 -77.62 -90.91 -63.17
C TYR DA 126 -77.77 -90.72 -61.65
N LYS DA 127 -78.74 -91.41 -61.02
CA LYS DA 127 -78.94 -91.32 -59.56
C LYS DA 127 -78.97 -92.68 -58.87
N GLU DA 128 -78.56 -92.69 -57.61
CA GLU DA 128 -78.20 -93.92 -56.90
C GLU DA 128 -78.35 -93.74 -55.38
N ARG DA 129 -78.49 -94.86 -54.66
CA ARG DA 129 -78.56 -94.84 -53.20
C ARG DA 129 -77.17 -94.62 -52.58
N GLY DA 130 -76.26 -95.55 -52.83
CA GLY DA 130 -74.95 -95.57 -52.17
C GLY DA 130 -74.01 -94.47 -52.62
N VAL EA 1 -68.45 18.53 -125.97
CA VAL EA 1 -69.38 17.36 -125.84
C VAL EA 1 -69.73 17.15 -124.37
N VAL EA 2 -70.97 16.73 -124.10
CA VAL EA 2 -71.47 16.53 -122.74
C VAL EA 2 -72.07 15.13 -122.59
N LYS EA 3 -71.82 14.52 -121.43
CA LYS EA 3 -72.31 13.18 -121.11
C LYS EA 3 -72.86 13.16 -119.70
N ALA EA 4 -73.91 12.37 -119.48
CA ALA EA 4 -74.51 12.25 -118.15
C ALA EA 4 -73.76 11.25 -117.28
N ILE EA 5 -73.87 11.44 -115.97
CA ILE EA 5 -73.42 10.47 -114.98
C ILE EA 5 -74.71 9.96 -114.33
N ALA EA 6 -74.94 8.65 -114.44
CA ALA EA 6 -76.11 8.01 -113.82
C ALA EA 6 -76.06 8.20 -112.31
N ARG EA 7 -77.12 8.80 -111.77
CA ARG EA 7 -77.17 9.18 -110.36
C ARG EA 7 -78.62 9.11 -109.91
N ASN EA 8 -78.85 8.83 -108.63
CA ASN EA 8 -80.20 8.70 -108.08
C ASN EA 8 -80.53 9.77 -107.03
N SER EA 9 -81.81 10.06 -106.90
CA SER EA 9 -82.30 11.10 -106.00
C SER EA 9 -82.31 10.63 -104.54
N ILE EA 10 -82.32 11.60 -103.62
CA ILE EA 10 -82.33 11.33 -102.17
C ILE EA 10 -83.67 11.80 -101.61
N GLY EA 11 -84.41 10.91 -100.96
CA GLY EA 11 -85.70 11.25 -100.37
C GLY EA 11 -85.57 12.01 -99.06
N ARG EA 12 -86.11 13.23 -99.03
CA ARG EA 12 -86.28 13.96 -97.77
C ARG EA 12 -87.74 13.81 -97.37
N ASN EA 13 -87.98 13.02 -96.33
CA ASN EA 13 -89.33 12.63 -95.90
C ASN EA 13 -90.25 13.83 -95.63
N GLY EA 14 -89.74 14.82 -94.92
CA GLY EA 14 -90.53 15.95 -94.47
C GLY EA 14 -91.03 16.94 -95.52
N VAL EA 15 -90.20 17.25 -96.52
CA VAL EA 15 -90.36 18.50 -97.29
C VAL EA 15 -91.64 18.59 -98.15
N GLY EA 16 -91.97 17.50 -98.85
CA GLY EA 16 -93.16 17.46 -99.70
C GLY EA 16 -94.35 16.89 -98.95
N ALA EA 17 -94.33 15.57 -98.74
CA ALA EA 17 -95.35 14.85 -97.97
C ALA EA 17 -94.69 14.04 -96.87
N PHE EA 18 -95.07 14.31 -95.62
CA PHE EA 18 -94.58 13.56 -94.48
C PHE EA 18 -95.22 12.19 -94.39
N VAL EA 19 -94.41 11.15 -94.61
CA VAL EA 19 -94.79 9.76 -94.34
C VAL EA 19 -94.40 9.49 -92.89
N PHE EA 20 -95.34 8.99 -92.10
CA PHE EA 20 -95.13 8.80 -90.66
C PHE EA 20 -94.17 7.62 -90.43
N PRO EA 21 -93.07 7.84 -89.67
CA PRO EA 21 -92.01 6.82 -89.54
C PRO EA 21 -92.47 5.47 -89.01
N CYS EA 22 -93.23 5.46 -87.93
CA CYS EA 22 -93.75 4.22 -87.35
C CYS EA 22 -94.91 3.68 -88.20
N ARG EA 23 -94.74 2.47 -88.73
CA ARG EA 23 -95.73 1.83 -89.60
C ARG EA 23 -96.55 0.72 -88.95
N LYS EA 24 -95.95 -0.01 -88.00
CA LYS EA 24 -96.60 -1.15 -87.38
C LYS EA 24 -96.03 -1.41 -85.99
N ILE EA 25 -96.90 -1.77 -85.05
CA ILE EA 25 -96.52 -2.14 -83.69
C ILE EA 25 -97.15 -3.49 -83.36
N THR EA 26 -96.36 -4.39 -82.78
CA THR EA 26 -96.84 -5.70 -82.35
C THR EA 26 -96.83 -5.78 -80.83
N LEU EA 27 -98.02 -5.93 -80.24
CA LEU EA 27 -98.17 -6.19 -78.81
C LEU EA 27 -98.07 -7.69 -78.64
N GLN EA 28 -97.10 -8.16 -77.87
CA GLN EA 28 -96.93 -9.60 -77.62
C GLN EA 28 -97.04 -9.87 -76.13
N PHE EA 29 -97.80 -10.92 -75.79
CA PHE EA 29 -98.06 -11.27 -74.39
C PHE EA 29 -98.10 -12.78 -74.18
N CYS EA 30 -98.33 -13.17 -72.93
CA CYS EA 30 -98.47 -14.58 -72.54
C CYS EA 30 -99.65 -14.69 -71.56
N ASN EA 31 -100.47 -15.73 -71.71
CA ASN EA 31 -101.60 -15.98 -70.82
C ASN EA 31 -101.14 -16.49 -69.46
N TRP EA 32 -100.22 -17.44 -69.49
CA TRP EA 32 -99.40 -17.80 -68.33
C TRP EA 32 -98.34 -16.69 -68.19
N GLY EA 33 -97.49 -16.79 -67.19
CA GLY EA 33 -96.33 -15.90 -67.11
C GLY EA 33 -96.66 -14.60 -66.43
N GLY EA 34 -96.25 -14.47 -65.17
CA GLY EA 34 -96.57 -13.30 -64.36
C GLY EA 34 -95.95 -11.99 -64.81
N SER EA 35 -94.88 -12.07 -65.60
CA SER EA 35 -94.25 -10.88 -66.19
C SER EA 35 -95.14 -10.17 -67.24
N SER EA 36 -96.09 -10.89 -67.82
CA SER EA 36 -96.99 -10.33 -68.84
C SER EA 36 -98.31 -9.77 -68.30
N GLU EA 37 -98.38 -9.47 -66.99
CA GLU EA 37 -99.64 -9.05 -66.37
C GLU EA 37 -100.07 -7.66 -66.84
N GLY EA 38 -99.15 -6.70 -66.73
CA GLY EA 38 -99.41 -5.32 -67.14
C GLY EA 38 -99.76 -5.17 -68.61
N MET EA 39 -99.07 -5.93 -69.45
CA MET EA 39 -99.37 -6.02 -70.88
C MET EA 39 -100.79 -6.52 -71.11
N ARG EA 40 -101.13 -7.63 -70.46
CA ARG EA 40 -102.47 -8.21 -70.52
C ARG EA 40 -103.56 -7.23 -70.11
N LYS EA 41 -103.31 -6.51 -69.03
CA LYS EA 41 -104.21 -5.47 -68.52
C LYS EA 41 -104.42 -4.35 -69.54
N PHE EA 42 -103.32 -3.91 -70.14
CA PHE EA 42 -103.33 -2.89 -71.19
C PHE EA 42 -104.18 -3.33 -72.39
N LEU EA 43 -103.97 -4.57 -72.82
CA LEU EA 43 -104.73 -5.17 -73.92
C LEU EA 43 -106.22 -5.21 -73.63
N THR EA 44 -106.56 -5.57 -72.40
CA THR EA 44 -107.95 -5.62 -71.93
C THR EA 44 -108.65 -4.25 -71.96
N SER EA 45 -107.97 -3.21 -71.48
CA SER EA 45 -108.64 -2.06 -70.86
C SER EA 45 -108.82 -0.78 -71.70
N LYS EA 46 -109.36 -0.92 -72.92
CA LYS EA 46 -109.84 0.23 -73.72
C LYS EA 46 -108.79 1.29 -74.15
N ARG EA 47 -107.53 1.11 -73.74
CA ARG EA 47 -106.46 2.04 -74.05
C ARG EA 47 -105.96 1.81 -75.47
N LEU EA 48 -105.84 0.53 -75.83
CA LEU EA 48 -105.38 0.10 -77.15
C LEU EA 48 -106.29 0.60 -78.27
N ASP EA 49 -107.61 0.49 -78.05
CA ASP EA 49 -108.62 1.01 -78.98
C ASP EA 49 -108.43 2.52 -79.21
N LYS EA 50 -108.33 3.26 -78.11
CA LYS EA 50 -108.09 4.71 -78.15
C LYS EA 50 -106.84 5.05 -78.95
N TRP EA 51 -105.77 4.33 -78.65
CA TRP EA 51 -104.49 4.44 -79.38
C TRP EA 51 -104.65 4.25 -80.89
N GLY EA 52 -105.33 3.17 -81.26
CA GLY EA 52 -105.59 2.86 -82.67
C GLY EA 52 -106.42 3.94 -83.36
N GLN EA 53 -107.40 4.47 -82.63
CA GLN EA 53 -108.23 5.58 -83.11
C GLN EA 53 -107.39 6.83 -83.38
N GLU EA 54 -106.48 7.12 -82.46
CA GLU EA 54 -105.55 8.26 -82.56
C GLU EA 54 -104.61 8.13 -83.75
N PHE EA 55 -104.06 6.94 -83.94
CA PHE EA 55 -103.02 6.67 -84.95
C PHE EA 55 -103.47 5.60 -85.95
N PRO EA 56 -104.31 5.99 -86.93
CA PRO EA 56 -104.81 5.02 -87.91
C PRO EA 56 -103.82 4.66 -89.04
N TRP EA 57 -102.67 5.32 -89.09
CA TRP EA 57 -101.58 4.98 -90.04
C TRP EA 57 -100.66 3.86 -89.52
N ILE EA 58 -100.66 3.64 -88.21
CA ILE EA 58 -99.99 2.48 -87.61
C ILE EA 58 -100.98 1.32 -87.54
N GLN EA 59 -100.53 0.12 -87.89
CA GLN EA 59 -101.30 -1.11 -87.61
C GLN EA 59 -100.82 -1.76 -86.32
N PHE EA 60 -101.76 -2.24 -85.52
CA PHE EA 60 -101.49 -2.76 -84.18
C PHE EA 60 -101.78 -4.24 -84.10
N GLU EA 61 -100.75 -5.04 -84.33
CA GLU EA 61 -100.84 -6.49 -84.21
C GLU EA 61 -100.83 -6.90 -82.74
N VAL EA 62 -101.60 -7.93 -82.39
CA VAL EA 62 -101.66 -8.46 -81.02
C VAL EA 62 -101.44 -9.97 -81.08
N MET EA 63 -100.31 -10.42 -80.52
CA MET EA 63 -99.85 -11.81 -80.62
C MET EA 63 -99.71 -12.42 -79.23
N ARG EA 64 -99.84 -13.74 -79.16
CA ARG EA 64 -99.62 -14.50 -77.93
C ARG EA 64 -98.42 -15.44 -78.12
N LYS EA 65 -97.47 -15.37 -77.18
CA LYS EA 65 -96.29 -16.26 -77.15
C LYS EA 65 -95.96 -16.63 -75.71
N SER EA 66 -95.18 -17.69 -75.55
CA SER EA 66 -94.86 -18.24 -74.22
C SER EA 66 -93.92 -17.38 -73.38
N GLY EA 67 -93.06 -16.60 -74.04
CA GLY EA 67 -92.01 -15.84 -73.36
C GLY EA 67 -92.47 -14.56 -72.67
N HIS EA 68 -91.53 -13.65 -72.48
CA HIS EA 68 -91.79 -12.34 -71.88
C HIS EA 68 -92.63 -11.45 -72.80
N PRO EA 69 -93.30 -10.42 -72.25
CA PRO EA 69 -94.13 -9.56 -73.09
C PRO EA 69 -93.26 -8.58 -73.89
N LEU EA 70 -93.65 -8.37 -75.14
CA LEU EA 70 -92.82 -7.66 -76.12
C LEU EA 70 -93.60 -6.55 -76.83
N LEU EA 71 -92.88 -5.46 -77.11
CA LEU EA 71 -93.37 -4.36 -77.95
C LEU EA 71 -92.38 -4.17 -79.08
N ARG EA 72 -92.66 -4.77 -80.24
CA ARG EA 72 -91.81 -4.54 -81.43
C ARG EA 72 -92.46 -3.59 -82.42
N ALA EA 73 -91.82 -2.45 -82.62
CA ALA EA 73 -92.24 -1.46 -83.62
C ALA EA 73 -91.58 -1.79 -84.95
N GLU EA 74 -92.08 -1.15 -86.00
CA GLU EA 74 -91.59 -1.37 -87.36
C GLU EA 74 -91.70 -0.06 -88.13
N TYR EA 75 -90.57 0.42 -88.65
CA TYR EA 75 -90.48 1.77 -89.20
C TYR EA 75 -90.32 1.80 -90.71
N THR EA 76 -90.45 2.99 -91.28
CA THR EA 76 -90.38 3.20 -92.73
C THR EA 76 -89.01 2.87 -93.31
N ASN EA 77 -87.94 3.19 -92.57
CA ASN EA 77 -86.57 2.87 -93.00
C ASN EA 77 -86.20 1.37 -92.99
N GLY EA 78 -87.05 0.54 -92.37
CA GLY EA 78 -86.88 -0.92 -92.38
C GLY EA 78 -86.33 -1.49 -91.09
N ARG EA 79 -85.89 -0.61 -90.18
CA ARG EA 79 -85.38 -1.04 -88.87
C ARG EA 79 -86.53 -1.43 -87.96
N GLU EA 80 -86.20 -2.22 -86.93
CA GLU EA 80 -87.18 -2.76 -86.00
C GLU EA 80 -86.66 -2.62 -84.57
N LYS EA 81 -87.32 -1.76 -83.80
CA LYS EA 81 -87.11 -1.71 -82.34
C LYS EA 81 -87.95 -2.81 -81.70
N VAL EA 82 -87.37 -3.47 -80.69
CA VAL EA 82 -88.09 -4.45 -79.87
C VAL EA 82 -87.81 -4.14 -78.41
N ILE EA 83 -88.85 -3.73 -77.68
CA ILE EA 83 -88.75 -3.46 -76.25
C ILE EA 83 -89.43 -4.59 -75.48
N CYS EA 84 -88.67 -5.25 -74.61
CA CYS EA 84 -89.24 -6.21 -73.67
C CYS EA 84 -89.85 -5.43 -72.52
N VAL EA 85 -91.14 -5.65 -72.26
CA VAL EA 85 -91.87 -4.91 -71.22
C VAL EA 85 -92.18 -5.80 -70.01
N ARG EA 86 -91.22 -6.67 -69.65
CA ARG EA 86 -91.40 -7.63 -68.57
C ARG EA 86 -91.64 -6.92 -67.23
N ASN EA 87 -92.68 -7.37 -66.52
CA ASN EA 87 -93.03 -6.86 -65.18
C ASN EA 87 -93.38 -5.37 -65.08
N LEU EA 88 -93.66 -4.72 -66.21
CA LEU EA 88 -94.07 -3.31 -66.22
C LEU EA 88 -95.57 -3.23 -66.03
N ASN EA 89 -96.02 -2.21 -65.30
CA ASN EA 89 -97.46 -1.93 -65.14
C ASN EA 89 -98.07 -1.39 -66.45
N ILE EA 90 -99.39 -1.18 -66.45
CA ILE EA 90 -100.12 -0.73 -67.65
C ILE EA 90 -99.57 0.59 -68.16
N ASP EA 91 -99.38 1.53 -67.22
CA ASP EA 91 -98.97 2.89 -67.55
C ASP EA 91 -97.57 2.95 -68.13
N ASN EA 92 -96.66 2.16 -67.56
CA ASN EA 92 -95.29 2.01 -68.07
C ASN EA 92 -95.25 1.44 -69.49
N VAL EA 93 -96.08 0.43 -69.73
CA VAL EA 93 -96.24 -0.16 -71.06
C VAL EA 93 -96.70 0.88 -72.07
N GLU EA 94 -97.71 1.66 -71.68
CA GLU EA 94 -98.27 2.73 -72.51
C GLU EA 94 -97.22 3.79 -72.86
N ASN EA 95 -96.43 4.17 -71.86
CA ASN EA 95 -95.30 5.10 -72.04
C ASN EA 95 -94.27 4.58 -73.03
N LYS EA 96 -93.93 3.30 -72.88
CA LYS EA 96 -93.03 2.59 -73.81
C LYS EA 96 -93.55 2.60 -75.25
N LEU EA 97 -94.86 2.35 -75.38
CA LEU EA 97 -95.54 2.37 -76.68
C LEU EA 97 -95.48 3.75 -77.32
N LYS EA 98 -95.72 4.77 -76.50
CA LYS EA 98 -95.60 6.18 -76.90
C LYS EA 98 -94.21 6.54 -77.39
N LEU EA 99 -93.22 6.12 -76.62
CA LEU EA 99 -91.80 6.28 -76.99
C LEU EA 99 -91.51 5.66 -78.36
N LEU EA 100 -91.98 4.42 -78.54
CA LEU EA 100 -91.80 3.70 -79.81
C LEU EA 100 -92.41 4.44 -81.00
N LYS EA 101 -93.65 4.91 -80.83
CA LYS EA 101 -94.35 5.64 -81.89
C LYS EA 101 -93.64 6.95 -82.24
N ASP EA 102 -93.06 7.61 -81.21
CA ASP EA 102 -92.31 8.84 -81.38
C ASP EA 102 -91.08 8.65 -82.24
N SER EA 103 -90.39 7.52 -82.05
CA SER EA 103 -89.12 7.25 -82.74
C SER EA 103 -89.24 7.29 -84.26
N ASP EA 104 -88.32 8.01 -84.90
CA ASP EA 104 -87.94 7.71 -86.26
C ASP EA 104 -87.05 6.48 -86.15
N GLY EA 105 -87.22 5.52 -87.06
CA GLY EA 105 -86.64 4.18 -86.91
C GLY EA 105 -85.14 4.06 -86.77
N ASP EA 106 -84.39 5.11 -87.13
CA ASP EA 106 -82.93 5.09 -87.20
C ASP EA 106 -82.25 4.63 -85.90
N ILE EA 107 -81.11 3.94 -86.09
CA ILE EA 107 -80.23 3.49 -85.01
C ILE EA 107 -79.79 4.63 -84.07
N LEU EA 108 -79.60 4.30 -82.80
CA LEU EA 108 -79.08 5.26 -81.81
C LEU EA 108 -77.59 5.46 -81.99
N ARG EA 109 -77.13 6.67 -81.67
CA ARG EA 109 -75.87 7.19 -82.19
C ARG EA 109 -75.36 8.34 -81.32
N ARG EA 110 -74.05 8.36 -81.07
CA ARG EA 110 -73.42 9.47 -80.36
C ARG EA 110 -73.27 10.67 -81.30
N ARG EA 111 -73.69 11.84 -80.82
CA ARG EA 111 -73.52 13.09 -81.55
C ARG EA 111 -72.43 13.89 -80.86
N THR EA 112 -71.57 14.54 -81.64
CA THR EA 112 -70.60 15.51 -81.09
C THR EA 112 -71.30 16.84 -80.79
N LYS EA 113 -70.57 17.76 -80.16
CA LYS EA 113 -71.10 19.08 -79.78
C LYS EA 113 -71.50 19.87 -81.03
N ASN EA 114 -72.72 20.41 -80.98
CA ASN EA 114 -73.30 21.24 -82.06
C ASN EA 114 -73.45 20.57 -83.43
N ASP EA 115 -73.48 19.24 -83.46
CA ASP EA 115 -73.70 18.48 -84.70
C ASP EA 115 -75.21 18.45 -84.95
N ASN EA 116 -75.74 19.61 -85.34
CA ASN EA 116 -77.18 19.86 -85.33
C ASN EA 116 -77.83 19.53 -86.67
N VAL EA 117 -77.46 20.28 -87.70
CA VAL EA 117 -78.12 20.19 -89.00
C VAL EA 117 -77.39 19.23 -89.95
N GLU EA 118 -78.16 18.52 -90.76
CA GLU EA 118 -77.65 17.53 -91.70
C GLU EA 118 -78.17 17.84 -93.10
N SER EA 119 -77.32 18.49 -93.91
CA SER EA 119 -77.69 18.98 -95.22
C SER EA 119 -77.18 18.09 -96.36
N LEU EA 120 -78.00 17.93 -97.38
CA LEU EA 120 -77.58 17.43 -98.69
C LEU EA 120 -77.15 18.58 -99.61
N ASN EA 121 -77.55 19.80 -99.24
CA ASN EA 121 -77.43 20.95 -100.14
C ASN EA 121 -76.04 21.57 -100.09
N SER EA 122 -75.56 22.01 -101.25
CA SER EA 122 -74.33 22.78 -101.33
C SER EA 122 -74.54 24.13 -100.65
N SER EA 123 -73.46 24.67 -100.08
CA SER EA 123 -73.51 25.91 -99.32
C SER EA 123 -74.08 27.06 -100.19
N VAL EA 124 -74.92 27.90 -99.59
CA VAL EA 124 -75.59 29.00 -100.32
C VAL EA 124 -74.56 30.07 -100.67
N ARG EA 125 -73.82 30.49 -99.64
CA ARG EA 125 -72.56 31.21 -99.84
C ARG EA 125 -71.58 30.10 -100.23
N GLY EA 126 -70.47 30.43 -100.87
CA GLY EA 126 -69.52 29.39 -101.29
C GLY EA 126 -68.75 28.78 -100.13
N ILE EA 127 -67.70 28.03 -100.48
CA ILE EA 127 -66.67 27.68 -99.51
C ILE EA 127 -65.63 28.78 -99.61
N TRP EA 128 -65.06 29.15 -98.45
CA TRP EA 128 -64.05 30.19 -98.36
C TRP EA 128 -62.85 29.90 -99.26
N SER EA 129 -62.20 30.96 -99.72
CA SER EA 129 -60.98 30.86 -100.51
C SER EA 129 -60.07 32.03 -100.12
N PRO EA 130 -58.76 31.76 -99.93
CA PRO EA 130 -57.83 32.82 -99.52
C PRO EA 130 -57.57 33.87 -100.61
N LEU EA 131 -57.61 33.44 -101.87
CA LEU EA 131 -57.48 34.38 -103.01
C LEU EA 131 -58.70 35.30 -103.13
N HIS EA 132 -59.88 34.78 -102.80
CA HIS EA 132 -61.15 35.51 -102.97
C HIS EA 132 -61.69 36.17 -101.69
N ALA EA 133 -60.90 36.18 -100.62
CA ALA EA 133 -61.32 36.78 -99.35
C ALA EA 133 -61.41 38.30 -99.47
N ALA EA 134 -62.23 38.89 -98.61
CA ALA EA 134 -62.43 40.34 -98.58
C ALA EA 134 -61.19 41.05 -98.07
N LYS EA 135 -60.75 40.66 -96.87
CA LYS EA 135 -59.50 41.13 -96.30
C LYS EA 135 -58.41 40.15 -96.70
N ARG EA 136 -57.44 40.62 -97.49
CA ARG EA 136 -56.28 39.80 -97.86
C ARG EA 136 -55.35 39.67 -96.66
N HIS EA 137 -54.75 38.49 -96.52
CA HIS EA 137 -53.86 38.20 -95.39
C HIS EA 137 -52.50 38.89 -95.58
N ARG EA 138 -52.26 39.94 -94.79
CA ARG EA 138 -51.06 40.78 -94.87
C ARG EA 138 -50.85 41.40 -96.26
N GLU FA 1 -114.89 -36.21 -92.68
CA GLU FA 1 -114.25 -35.03 -93.35
C GLU FA 1 -112.80 -35.29 -93.76
N SER FA 2 -112.25 -34.37 -94.55
CA SER FA 2 -110.85 -34.41 -94.97
C SER FA 2 -110.24 -33.02 -94.92
N GLU FA 3 -109.00 -32.92 -94.43
CA GLU FA 3 -108.27 -31.66 -94.34
C GLU FA 3 -107.88 -31.08 -95.71
N LEU FA 4 -107.65 -31.96 -96.68
CA LEU FA 4 -107.36 -31.55 -98.06
C LEU FA 4 -108.53 -30.76 -98.65
N ALA FA 5 -109.74 -31.29 -98.47
CA ALA FA 5 -110.97 -30.63 -98.90
C ALA FA 5 -111.15 -29.25 -98.28
N LYS FA 6 -110.89 -29.17 -96.97
CA LYS FA 6 -110.93 -27.91 -96.22
C LYS FA 6 -109.94 -26.87 -96.77
N TYR FA 7 -108.72 -27.34 -97.04
CA TYR FA 7 -107.69 -26.50 -97.64
C TYR FA 7 -108.09 -26.03 -99.03
N LYS FA 8 -108.60 -26.96 -99.83
CA LYS FA 8 -109.03 -26.69 -101.20
C LYS FA 8 -110.12 -25.61 -101.28
N GLU FA 9 -111.11 -25.71 -100.39
CA GLU FA 9 -112.20 -24.74 -100.35
C GLU FA 9 -111.72 -23.35 -99.93
N TYR FA 10 -110.77 -23.32 -98.99
CA TYR FA 10 -110.11 -22.08 -98.56
C TYR FA 10 -109.38 -21.41 -99.72
N TYR FA 11 -108.61 -22.21 -100.44
CA TYR FA 11 -107.89 -21.77 -101.65
C TYR FA 11 -108.84 -21.18 -102.68
N GLN FA 12 -109.94 -21.89 -102.93
CA GLN FA 12 -110.99 -21.44 -103.85
C GLN FA 12 -111.60 -20.10 -103.44
N GLY FA 13 -111.89 -19.98 -102.14
CA GLY FA 13 -112.39 -18.73 -101.56
C GLY FA 13 -111.42 -17.58 -101.75
N LEU FA 14 -110.15 -17.85 -101.48
CA LEU FA 14 -109.07 -16.88 -101.69
C LEU FA 14 -108.99 -16.41 -103.15
N LYS FA 15 -109.05 -17.38 -104.07
CA LYS FA 15 -109.06 -17.09 -105.51
C LYS FA 15 -110.23 -16.20 -105.91
N SER FA 16 -111.41 -16.53 -105.39
CA SER FA 16 -112.63 -15.75 -105.62
C SER FA 16 -112.50 -14.32 -105.12
N THR FA 17 -111.91 -14.16 -103.94
CA THR FA 17 -111.68 -12.83 -103.34
C THR FA 17 -110.69 -12.01 -104.18
N VAL FA 18 -109.66 -12.68 -104.69
CA VAL FA 18 -108.67 -12.04 -105.57
C VAL FA 18 -109.33 -11.55 -106.86
N ASN FA 19 -110.16 -12.41 -107.46
CA ASN FA 19 -110.90 -12.08 -108.67
C ASN FA 19 -111.80 -10.87 -108.49
N GLU FA 20 -112.55 -10.86 -107.39
CA GLU FA 20 -113.45 -9.77 -107.05
C GLU FA 20 -112.73 -8.55 -106.53
N ILE FA 21 -111.90 -8.78 -105.52
CA ILE FA 21 -111.53 -7.76 -104.54
C ILE FA 21 -112.84 -7.12 -104.06
N PRO FA 22 -113.62 -7.87 -103.24
CA PRO FA 22 -114.87 -7.31 -102.74
C PRO FA 22 -114.58 -6.18 -101.75
N GLU FA 23 -115.40 -5.14 -101.79
CA GLU FA 23 -115.08 -3.88 -101.11
C GLU FA 23 -115.03 -4.04 -99.58
N SER FA 24 -115.99 -4.78 -99.03
CA SER FA 24 -116.07 -5.03 -97.59
C SER FA 24 -114.81 -5.72 -97.06
N VAL FA 25 -114.35 -6.72 -97.80
CA VAL FA 25 -113.14 -7.49 -97.47
C VAL FA 25 -111.91 -6.57 -97.47
N ALA FA 26 -111.81 -5.76 -98.51
CA ALA FA 26 -110.73 -4.77 -98.66
C ALA FA 26 -110.72 -3.76 -97.51
N SER FA 27 -111.90 -3.29 -97.14
CA SER FA 27 -112.08 -2.39 -95.99
C SER FA 27 -111.60 -3.03 -94.70
N LYS FA 28 -111.98 -4.28 -94.48
CA LYS FA 28 -111.55 -5.05 -93.31
C LYS FA 28 -110.02 -5.20 -93.19
N SER FA 29 -109.33 -5.28 -94.33
CA SER FA 29 -107.86 -5.40 -94.36
C SER FA 29 -107.13 -4.24 -93.69
N PRO FA 30 -106.50 -4.48 -92.53
CA PRO FA 30 -105.87 -3.41 -91.73
C PRO FA 30 -104.69 -2.73 -92.44
N SER FA 31 -103.87 -3.53 -93.12
CA SER FA 31 -102.68 -3.05 -93.82
C SER FA 31 -103.02 -2.02 -94.89
N LEU FA 32 -104.06 -2.32 -95.67
CA LEU FA 32 -104.58 -1.39 -96.70
C LEU FA 32 -105.01 -0.07 -96.10
N ARG FA 33 -105.76 -0.16 -95.00
CA ARG FA 33 -106.27 1.02 -94.29
C ARG FA 33 -105.13 1.91 -93.83
N THR FA 34 -104.14 1.29 -93.20
CA THR FA 34 -102.97 2.01 -92.70
C THR FA 34 -102.18 2.67 -93.82
N LEU FA 35 -102.05 1.97 -94.95
CA LEU FA 35 -101.41 2.52 -96.15
C LEU FA 35 -102.16 3.76 -96.64
N HIS FA 36 -103.49 3.64 -96.71
CA HIS FA 36 -104.39 4.73 -97.10
C HIS FA 36 -104.22 5.96 -96.22
N LYS FA 37 -104.19 5.73 -94.91
CA LYS FA 37 -104.01 6.81 -93.93
C LYS FA 37 -102.63 7.46 -94.01
N ARG FA 38 -101.62 6.63 -94.27
CA ARG FA 38 -100.23 7.05 -94.32
C ARG FA 38 -99.98 8.05 -95.46
N LEU FA 39 -100.46 7.70 -96.64
CA LEU FA 39 -100.26 8.49 -97.85
C LEU FA 39 -101.25 9.64 -98.00
N GLN FA 40 -102.30 9.65 -97.18
CA GLN FA 40 -103.38 10.64 -97.24
C GLN FA 40 -104.03 10.60 -98.63
N LEU FA 41 -104.40 9.39 -99.03
CA LEU FA 41 -105.05 9.15 -100.32
C LEU FA 41 -106.47 9.68 -100.25
N PRO FA 42 -107.06 10.05 -101.41
CA PRO FA 42 -108.42 10.58 -101.39
C PRO FA 42 -109.46 9.56 -100.89
N ASN FA 43 -110.53 10.07 -100.30
CA ASN FA 43 -111.62 9.23 -99.80
C ASN FA 43 -112.42 8.57 -100.94
N GLU FA 44 -112.36 9.17 -102.13
CA GLU FA 44 -112.99 8.61 -103.33
C GLU FA 44 -112.25 7.35 -103.81
N LEU FA 45 -110.94 7.29 -103.57
CA LEU FA 45 -110.16 6.08 -103.85
C LEU FA 45 -110.55 4.99 -102.85
N THR FA 46 -111.33 4.02 -103.33
CA THR FA 46 -111.80 2.92 -102.50
C THR FA 46 -110.68 1.95 -102.15
N TYR FA 47 -110.95 1.11 -101.16
CA TYR FA 47 -109.97 0.19 -100.62
C TYR FA 47 -109.76 -1.00 -101.57
N SER FA 48 -110.80 -1.34 -102.32
CA SER FA 48 -110.73 -2.33 -103.39
C SER FA 48 -109.74 -1.94 -104.48
N THR FA 49 -109.80 -0.67 -104.88
CA THR FA 49 -108.88 -0.10 -105.87
C THR FA 49 -107.42 -0.21 -105.40
N LEU FA 50 -107.20 0.09 -104.12
CA LEU FA 50 -105.88 0.01 -103.50
C LEU FA 50 -105.34 -1.42 -103.51
N SER FA 51 -106.21 -2.37 -103.16
CA SER FA 51 -105.89 -3.80 -103.21
C SER FA 51 -105.49 -4.26 -104.60
N ARG FA 52 -106.28 -3.82 -105.59
CA ARG FA 52 -106.02 -4.09 -107.01
C ARG FA 52 -104.66 -3.58 -107.45
N CYS FA 53 -104.33 -2.36 -107.04
CA CYS FA 53 -103.03 -1.76 -107.33
C CYS FA 53 -101.85 -2.61 -106.86
N LEU FA 54 -102.03 -3.26 -105.72
CA LEU FA 54 -101.04 -4.21 -105.18
C LEU FA 54 -101.03 -5.58 -105.89
N THR FA 55 -102.11 -5.89 -106.60
CA THR FA 55 -102.23 -7.13 -107.38
C THR FA 55 -101.56 -6.97 -108.75
N CYS FA 56 -100.41 -7.61 -108.91
CA CYS FA 56 -99.74 -7.68 -110.22
C CYS FA 56 -100.40 -8.74 -111.10
N PRO FA 57 -100.20 -8.67 -112.44
CA PRO FA 57 -100.73 -9.70 -113.33
C PRO FA 57 -100.11 -11.08 -113.06
N SER FA 58 -100.97 -12.09 -113.03
CA SER FA 58 -100.56 -13.47 -112.78
C SER FA 58 -101.70 -14.39 -113.20
N ALA FA 59 -101.83 -14.56 -114.51
CA ALA FA 59 -102.93 -15.32 -115.10
C ALA FA 59 -102.69 -16.81 -114.98
N LYS FA 60 -101.55 -17.25 -115.51
CA LYS FA 60 -101.16 -18.67 -115.53
C LYS FA 60 -99.85 -18.89 -114.76
N LEU FA 61 -99.79 -20.01 -114.04
CA LEU FA 61 -98.58 -20.40 -113.30
C LEU FA 61 -97.54 -20.89 -114.31
N PRO FA 62 -96.27 -20.45 -114.18
CA PRO FA 62 -95.28 -20.72 -115.23
C PRO FA 62 -94.75 -22.15 -115.23
N ASP FA 63 -93.93 -22.46 -116.25
CA ASP FA 63 -93.34 -23.79 -116.42
C ASP FA 63 -92.23 -24.10 -115.39
N LYS FA 64 -91.62 -23.06 -114.84
CA LYS FA 64 -90.50 -23.21 -113.89
C LYS FA 64 -90.89 -23.79 -112.52
N ILE FA 65 -92.18 -23.82 -112.20
CA ILE FA 65 -92.67 -24.53 -111.00
C ILE FA 65 -92.37 -26.02 -111.03
N ASN FA 66 -92.40 -26.61 -112.23
CA ASN FA 66 -92.19 -28.06 -112.43
C ASN FA 66 -90.92 -28.62 -111.75
N ASN FA 67 -89.88 -27.78 -111.64
CA ASN FA 67 -88.62 -28.18 -111.03
C ASN FA 67 -88.05 -27.15 -110.04
N PRO FA 68 -88.24 -27.40 -108.73
CA PRO FA 68 -87.42 -26.77 -107.69
C PRO FA 68 -85.94 -27.18 -107.73
N THR FA 69 -85.64 -28.30 -108.37
CA THR FA 69 -84.24 -28.72 -108.62
C THR FA 69 -83.44 -27.73 -109.47
N LYS FA 70 -84.11 -26.98 -110.35
CA LYS FA 70 -83.49 -25.93 -111.16
C LYS FA 70 -83.46 -24.55 -110.46
N GLY FA 71 -83.93 -24.49 -109.21
CA GLY FA 71 -83.77 -23.31 -108.37
C GLY FA 71 -84.91 -22.32 -108.44
N ALA FA 72 -86.14 -22.82 -108.44
CA ALA FA 72 -87.34 -21.97 -108.39
C ALA FA 72 -88.62 -22.71 -108.03
N ALA FA 73 -89.43 -22.07 -107.19
CA ALA FA 73 -90.75 -22.58 -106.82
C ALA FA 73 -91.69 -21.40 -106.57
N PHE FA 74 -92.79 -21.37 -107.30
CA PHE FA 74 -93.78 -20.30 -107.22
C PHE FA 74 -95.03 -20.85 -106.55
N VAL FA 75 -95.08 -20.71 -105.24
CA VAL FA 75 -96.11 -21.32 -104.38
C VAL FA 75 -96.83 -20.33 -103.46
N ASN FA 76 -96.56 -19.03 -103.62
CA ASN FA 76 -97.10 -18.00 -102.74
C ASN FA 76 -98.38 -17.42 -103.31
N THR FA 77 -98.31 -16.91 -104.53
CA THR FA 77 -99.47 -16.25 -105.15
C THR FA 77 -100.51 -17.25 -105.68
N VAL FA 78 -101.66 -16.70 -106.04
CA VAL FA 78 -102.80 -17.44 -106.60
C VAL FA 78 -103.22 -16.71 -107.88
N PRO FA 79 -103.68 -17.44 -108.92
CA PRO FA 79 -104.07 -16.79 -110.18
C PRO FA 79 -105.06 -15.63 -110.07
N THR FA 80 -104.84 -14.59 -110.88
CA THR FA 80 -105.63 -13.36 -110.84
C THR FA 80 -106.61 -13.27 -112.00
N ASN FA 81 -107.56 -12.35 -111.86
CA ASN FA 81 -108.51 -12.01 -112.92
C ASN FA 81 -107.79 -11.24 -114.02
N LYS FA 82 -108.14 -11.52 -115.27
CA LYS FA 82 -107.54 -10.86 -116.44
C LYS FA 82 -107.85 -9.35 -116.47
N TYR FA 83 -109.05 -8.98 -116.07
CA TYR FA 83 -109.52 -7.58 -116.11
C TYR FA 83 -109.61 -6.92 -114.72
N LEU FA 84 -108.82 -7.41 -113.77
CA LEU FA 84 -108.70 -6.77 -112.45
C LEU FA 84 -107.32 -7.03 -111.86
N ASP FA 85 -106.34 -6.36 -112.46
CA ASP FA 85 -104.95 -6.37 -112.01
C ASP FA 85 -104.44 -4.93 -112.07
N ASN FA 86 -103.18 -4.72 -111.70
CA ASN FA 86 -102.58 -3.37 -111.72
C ASN FA 86 -101.95 -2.94 -113.05
N HIS FA 87 -102.19 -3.70 -114.12
CA HIS FA 87 -101.39 -3.62 -115.34
C HIS FA 87 -101.68 -2.36 -116.16
N GLY FA 88 -102.96 -2.13 -116.42
CA GLY FA 88 -103.42 -0.93 -117.11
C GLY FA 88 -103.12 0.32 -116.30
N LEU FA 89 -103.48 0.26 -115.03
CA LEU FA 89 -103.15 1.31 -114.04
C LEU FA 89 -101.67 1.67 -114.08
N ASN FA 90 -100.82 0.63 -113.97
CA ASN FA 90 -99.37 0.79 -113.95
C ASN FA 90 -98.83 1.61 -115.11
N ILE FA 91 -99.29 1.27 -116.32
CA ILE FA 91 -98.91 1.97 -117.56
C ILE FA 91 -99.27 3.44 -117.47
N MET FA 92 -100.49 3.71 -117.01
CA MET FA 92 -100.99 5.08 -116.84
C MET FA 92 -100.15 5.88 -115.86
N GLY FA 93 -99.82 5.25 -114.73
CA GLY FA 93 -98.93 5.83 -113.73
C GLY FA 93 -97.55 6.16 -114.27
N LYS FA 94 -97.01 5.24 -115.06
CA LYS FA 94 -95.72 5.42 -115.73
C LYS FA 94 -95.72 6.61 -116.68
N ASN FA 95 -96.79 6.70 -117.48
CA ASN FA 95 -97.00 7.83 -118.39
C ASN FA 95 -97.05 9.16 -117.65
N LEU FA 96 -97.81 9.19 -116.57
CA LEU FA 96 -97.93 10.37 -115.70
C LEU FA 96 -96.59 10.82 -115.15
N LEU FA 97 -95.84 9.85 -114.62
CA LEU FA 97 -94.49 10.08 -114.12
C LEU FA 97 -93.56 10.63 -115.19
N SER FA 98 -93.61 10.03 -116.37
CA SER FA 98 -92.79 10.45 -117.50
C SER FA 98 -93.13 11.87 -117.98
N TYR FA 99 -94.41 12.22 -117.96
CA TYR FA 99 -94.86 13.56 -118.34
C TYR FA 99 -94.42 14.57 -117.28
N HIS FA 100 -94.94 14.38 -116.07
CA HIS FA 100 -94.91 15.43 -115.06
C HIS FA 100 -93.52 15.76 -114.55
N VAL FA 101 -92.77 14.71 -114.21
CA VAL FA 101 -91.39 14.83 -113.73
C VAL FA 101 -90.53 15.57 -114.75
N THR FA 102 -90.60 15.10 -116.00
CA THR FA 102 -89.88 15.69 -117.13
C THR FA 102 -90.21 17.17 -117.29
N LYS FA 103 -91.50 17.48 -117.23
CA LYS FA 103 -91.99 18.85 -117.32
C LYS FA 103 -91.42 19.74 -116.21
N SER FA 104 -91.44 19.22 -114.99
CA SER FA 104 -90.89 19.90 -113.81
C SER FA 104 -89.39 20.18 -113.96
N ILE FA 105 -88.67 19.19 -114.47
CA ILE FA 105 -87.23 19.31 -114.74
C ILE FA 105 -86.95 20.40 -115.77
N ILE FA 106 -87.74 20.41 -116.85
CA ILE FA 106 -87.62 21.40 -117.92
C ILE FA 106 -87.90 22.81 -117.39
N GLN FA 107 -88.95 22.94 -116.58
CA GLN FA 107 -89.27 24.20 -115.89
C GLN FA 107 -88.11 24.71 -115.05
N LYS FA 108 -87.51 23.79 -114.30
CA LYS FA 108 -86.38 24.11 -113.44
C LYS FA 108 -85.16 24.52 -114.25
N TYR FA 109 -84.80 23.70 -115.23
CA TYR FA 109 -83.58 23.87 -116.03
C TYR FA 109 -83.93 23.84 -117.51
N PRO FA 110 -84.33 25.00 -118.08
CA PRO FA 110 -84.81 25.01 -119.47
C PRO FA 110 -83.77 24.77 -120.56
N ARG FA 111 -82.48 24.89 -120.26
CA ARG FA 111 -81.41 24.59 -121.23
C ARG FA 111 -80.71 23.25 -121.01
N LEU FA 112 -81.03 22.55 -119.92
CA LEU FA 112 -80.43 21.26 -119.57
C LEU FA 112 -80.22 20.36 -120.80
N PRO FA 113 -78.99 19.82 -121.02
CA PRO FA 113 -78.80 18.93 -122.18
C PRO FA 113 -79.72 17.73 -122.16
N THR FA 114 -79.98 17.16 -123.34
CA THR FA 114 -81.01 16.11 -123.49
C THR FA 114 -80.67 14.86 -122.69
N VAL FA 115 -79.43 14.42 -122.82
CA VAL FA 115 -78.92 13.23 -122.10
C VAL FA 115 -78.97 13.45 -120.59
N VAL FA 116 -78.55 14.64 -120.17
CA VAL FA 116 -78.54 15.03 -118.75
C VAL FA 116 -79.97 15.04 -118.20
N LEU FA 117 -80.88 15.64 -118.96
CA LEU FA 117 -82.30 15.67 -118.62
C LEU FA 117 -82.87 14.27 -118.43
N ASN FA 118 -82.58 13.39 -119.39
CA ASN FA 118 -83.01 11.99 -119.35
C ASN FA 118 -82.52 11.28 -118.09
N ALA FA 119 -81.26 11.52 -117.75
CA ALA FA 119 -80.63 10.97 -116.55
C ALA FA 119 -81.32 11.46 -115.28
N ALA FA 120 -81.62 12.76 -115.24
CA ALA FA 120 -82.35 13.38 -114.13
C ALA FA 120 -83.73 12.77 -113.97
N VAL FA 121 -84.45 12.63 -115.08
CA VAL FA 121 -85.76 11.98 -115.11
C VAL FA 121 -85.68 10.58 -114.53
N ASN FA 122 -84.72 9.80 -115.02
CA ASN FA 122 -84.46 8.44 -114.54
C ASN FA 122 -84.26 8.43 -113.04
N ALA FA 123 -83.38 9.29 -112.56
CA ALA FA 123 -83.09 9.45 -111.13
C ALA FA 123 -84.35 9.68 -110.30
N TYR FA 124 -85.20 10.58 -110.79
CA TYR FA 124 -86.47 10.90 -110.14
C TYR FA 124 -87.44 9.72 -110.11
N ILE FA 125 -87.51 8.96 -111.21
CA ILE FA 125 -88.50 7.88 -111.35
C ILE FA 125 -87.94 6.57 -111.94
N SER FA 126 -86.72 6.20 -111.56
CA SER FA 126 -86.15 4.90 -111.95
C SER FA 126 -86.86 3.80 -111.17
N GLU FA 127 -86.78 2.59 -111.71
CA GLU FA 127 -87.49 1.44 -111.15
C GLU FA 127 -87.05 1.14 -109.71
N ALA FA 128 -85.74 1.20 -109.47
CA ALA FA 128 -85.15 0.99 -108.16
C ALA FA 128 -85.63 2.01 -107.13
N VAL FA 129 -85.63 3.28 -107.54
CA VAL FA 129 -86.12 4.38 -106.71
C VAL FA 129 -87.58 4.21 -106.34
N LEU FA 130 -88.40 3.88 -107.34
CA LEU FA 130 -89.82 3.59 -107.15
C LEU FA 130 -90.07 2.44 -106.17
N ALA FA 131 -89.26 1.38 -106.30
CA ALA FA 131 -89.32 0.23 -105.40
C ALA FA 131 -89.00 0.62 -103.97
N HIS FA 132 -87.94 1.41 -103.82
CA HIS FA 132 -87.54 1.95 -102.52
C HIS FA 132 -88.65 2.76 -101.85
N ILE FA 133 -89.27 3.64 -102.65
CA ILE FA 133 -90.40 4.47 -102.20
C ILE FA 133 -91.55 3.59 -101.69
N ALA FA 134 -91.87 2.56 -102.47
CA ALA FA 134 -92.92 1.60 -102.12
C ALA FA 134 -92.63 0.88 -100.80
N LYS FA 135 -91.39 0.45 -100.63
CA LYS FA 135 -90.91 -0.15 -99.38
C LYS FA 135 -91.06 0.78 -98.19
N TYR FA 136 -90.66 2.03 -98.40
CA TYR FA 136 -90.76 3.10 -97.40
C TYR FA 136 -92.21 3.31 -96.96
N TRP FA 137 -93.10 3.37 -97.94
CA TRP FA 137 -94.55 3.45 -97.70
C TRP FA 137 -95.09 2.28 -96.89
N GLY FA 138 -94.54 1.10 -97.10
CA GLY FA 138 -94.92 -0.11 -96.37
C GLY FA 138 -95.63 -1.17 -97.20
N ILE FA 139 -95.46 -1.12 -98.52
CA ILE FA 139 -96.00 -2.12 -99.43
C ILE FA 139 -95.16 -3.39 -99.27
N GLU FA 140 -95.65 -4.30 -98.42
CA GLU FA 140 -94.96 -5.56 -98.14
C GLU FA 140 -95.41 -6.66 -99.10
N VAL FA 141 -94.49 -7.57 -99.41
CA VAL FA 141 -94.71 -8.63 -100.41
C VAL FA 141 -95.30 -9.87 -99.73
N GLU FA 142 -96.19 -10.55 -100.44
CA GLU FA 142 -96.78 -11.81 -99.96
C GLU FA 142 -95.77 -12.95 -100.12
N THR FA 143 -94.86 -13.05 -99.14
CA THR FA 143 -93.80 -14.06 -99.13
C THR FA 143 -94.30 -15.41 -98.62
N THR FA 144 -95.21 -15.37 -97.65
CA THR FA 144 -95.80 -16.58 -97.05
C THR FA 144 -96.60 -17.38 -98.09
N SER FA 145 -96.55 -18.71 -97.97
CA SER FA 145 -97.28 -19.61 -98.85
C SER FA 145 -98.78 -19.61 -98.56
N VAL FA 146 -99.54 -20.19 -99.49
CA VAL FA 146 -101.00 -20.30 -99.36
C VAL FA 146 -101.33 -21.34 -98.30
N LEU FA 147 -100.66 -22.48 -98.40
CA LEU FA 147 -100.80 -23.59 -97.44
C LEU FA 147 -100.49 -23.15 -96.01
N SER FA 148 -99.37 -22.45 -95.86
CA SER FA 148 -98.95 -21.91 -94.57
C SER FA 148 -100.01 -20.98 -93.97
N ARG FA 149 -100.53 -20.09 -94.80
CA ARG FA 149 -101.61 -19.18 -94.41
C ARG FA 149 -102.86 -19.93 -93.94
N TYR FA 150 -103.23 -20.95 -94.71
CA TYR FA 150 -104.36 -21.83 -94.35
C TYR FA 150 -104.18 -22.48 -92.99
N LEU FA 151 -102.98 -23.02 -92.77
CA LEU FA 151 -102.61 -23.67 -91.50
C LEU FA 151 -102.72 -22.70 -90.33
N LYS FA 152 -102.17 -21.50 -90.51
CA LYS FA 152 -102.33 -20.41 -89.55
C LYS FA 152 -103.80 -19.99 -89.43
N MET FA 153 -104.52 -20.11 -90.54
CA MET FA 153 -105.95 -19.85 -90.66
C MET FA 153 -106.18 -18.34 -90.61
N GLU FA 154 -105.35 -17.61 -91.36
CA GLU FA 154 -105.47 -16.15 -91.44
C GLU FA 154 -106.52 -15.79 -92.50
N PRO FA 155 -107.22 -14.65 -92.30
CA PRO FA 155 -108.17 -14.16 -93.31
C PRO FA 155 -107.55 -13.80 -94.66
N PHE FA 156 -108.41 -13.62 -95.66
CA PHE FA 156 -108.00 -13.21 -97.01
C PHE FA 156 -107.69 -11.71 -97.09
N GLU FA 157 -108.17 -10.96 -96.11
CA GLU FA 157 -107.98 -9.51 -96.01
C GLU FA 157 -106.50 -9.15 -96.02
N PHE FA 158 -105.75 -9.86 -95.19
CA PHE FA 158 -104.29 -9.67 -95.09
C PHE FA 158 -103.60 -9.91 -96.42
N THR FA 159 -103.99 -10.99 -97.10
CA THR FA 159 -103.48 -11.32 -98.43
C THR FA 159 -103.74 -10.20 -99.43
N LEU FA 160 -104.98 -9.71 -99.44
CA LEU FA 160 -105.38 -8.57 -100.28
C LEU FA 160 -104.50 -7.35 -100.03
N GLY FA 161 -104.25 -7.06 -98.76
CA GLY FA 161 -103.42 -5.94 -98.34
C GLY FA 161 -101.96 -6.00 -98.78
N ARG FA 162 -101.41 -7.20 -98.91
CA ARG FA 162 -100.03 -7.37 -99.36
C ARG FA 162 -99.90 -7.30 -100.88
N LEU FA 163 -98.65 -7.09 -101.33
CA LEU FA 163 -98.32 -7.05 -102.76
C LEU FA 163 -98.28 -8.47 -103.31
N LYS FA 164 -98.88 -8.67 -104.49
CA LYS FA 164 -99.12 -10.01 -105.03
C LYS FA 164 -98.62 -10.16 -106.46
N PHE FA 165 -97.51 -10.89 -106.61
CA PHE FA 165 -96.98 -11.29 -107.93
C PHE FA 165 -96.35 -12.68 -107.83
N PHE FA 166 -95.89 -13.21 -108.96
CA PHE FA 166 -95.18 -14.50 -108.96
C PHE FA 166 -93.78 -14.33 -108.36
N ASN FA 167 -93.74 -14.20 -107.04
CA ASN FA 167 -92.47 -14.11 -106.32
C ASN FA 167 -91.92 -15.51 -106.12
N ASN FA 168 -90.70 -15.73 -106.61
CA ASN FA 168 -90.07 -17.03 -106.52
C ASN FA 168 -89.68 -17.33 -105.08
N SER FA 169 -90.30 -18.35 -104.49
CA SER FA 169 -89.81 -18.93 -103.23
C SER FA 169 -88.48 -19.59 -103.52
N LEU FA 170 -87.62 -19.63 -102.50
CA LEU FA 170 -86.20 -19.99 -102.65
C LEU FA 170 -85.50 -19.25 -103.81
N ASN FA 171 -85.60 -17.93 -103.79
CA ASN FA 171 -85.00 -17.07 -104.82
C ASN FA 171 -83.48 -17.06 -104.75
N SER FA 172 -82.94 -16.84 -103.54
CA SER FA 172 -81.49 -16.77 -103.32
C SER FA 172 -81.03 -17.67 -102.17
N LYS FA 173 -81.64 -18.85 -102.06
CA LYS FA 173 -81.27 -19.83 -101.03
C LYS FA 173 -80.04 -20.60 -101.49
N ASP FA 174 -79.13 -20.86 -100.55
CA ASP FA 174 -77.81 -21.42 -100.82
C ASP FA 174 -76.98 -20.52 -101.76
N GLY FA 175 -77.31 -19.23 -101.80
CA GLY FA 175 -76.67 -18.27 -102.71
C GLY FA 175 -76.79 -18.60 -104.19
N ILE FA 176 -78.01 -18.95 -104.64
CA ILE FA 176 -78.26 -19.29 -106.05
C ILE FA 176 -79.50 -18.55 -106.56
N GLU FA 177 -79.28 -17.54 -107.41
CA GLU FA 177 -80.37 -16.89 -108.16
C GLU FA 177 -80.57 -17.61 -109.49
N LEU FA 178 -81.78 -17.52 -110.05
CA LEU FA 178 -82.12 -18.18 -111.31
C LEU FA 178 -82.14 -17.23 -112.53
N ILE FA 179 -82.12 -15.92 -112.31
CA ILE FA 179 -82.13 -14.93 -113.40
C ILE FA 179 -83.34 -15.14 -114.31
N THR FA 180 -84.50 -14.82 -113.76
CA THR FA 180 -85.77 -14.88 -114.47
C THR FA 180 -86.07 -13.50 -115.05
N GLY FA 181 -87.20 -13.35 -115.74
CA GLY FA 181 -87.58 -12.08 -116.36
C GLY FA 181 -88.02 -11.00 -115.38
N LYS FA 182 -88.50 -9.89 -115.94
CA LYS FA 182 -89.02 -8.76 -115.16
C LYS FA 182 -90.34 -9.10 -114.46
N ASN FA 183 -91.08 -10.08 -114.98
CA ASN FA 183 -92.37 -10.49 -114.41
C ASN FA 183 -92.28 -11.32 -113.11
N PHE FA 184 -91.06 -11.61 -112.65
CA PHE FA 184 -90.84 -12.28 -111.35
C PHE FA 184 -89.92 -11.51 -110.39
N SER FA 185 -89.61 -10.25 -110.71
CA SER FA 185 -88.73 -9.43 -109.87
C SER FA 185 -89.53 -8.61 -108.86
N GLU FA 186 -88.99 -8.49 -107.66
CA GLU FA 186 -89.64 -7.79 -106.54
C GLU FA 186 -89.64 -6.28 -106.75
N THR FA 187 -88.47 -5.76 -107.10
CA THR FA 187 -88.27 -4.34 -107.43
C THR FA 187 -89.27 -3.83 -108.47
N SER FA 188 -89.40 -4.59 -109.55
CA SER FA 188 -90.34 -4.27 -110.64
C SER FA 188 -91.78 -4.21 -110.14
N ALA FA 189 -92.16 -5.22 -109.35
CA ALA FA 189 -93.50 -5.30 -108.74
C ALA FA 189 -93.81 -4.10 -107.86
N LEU FA 190 -92.82 -3.71 -107.06
CA LEU FA 190 -92.92 -2.54 -106.18
C LEU FA 190 -93.06 -1.25 -106.98
N ALA FA 191 -92.30 -1.14 -108.07
CA ALA FA 191 -92.40 -0.02 -108.99
C ALA FA 191 -93.80 0.07 -109.60
N MET FA 192 -94.29 -1.06 -110.08
CA MET FA 192 -95.65 -1.15 -110.62
C MET FA 192 -96.71 -0.70 -109.63
N SER FA 193 -96.55 -1.14 -108.38
CA SER FA 193 -97.46 -0.79 -107.29
C SER FA 193 -97.52 0.72 -107.06
N VAL FA 194 -96.36 1.35 -106.97
CA VAL FA 194 -96.30 2.81 -106.77
C VAL FA 194 -96.88 3.58 -107.97
N ARG FA 195 -96.64 3.09 -109.18
CA ARG FA 195 -97.25 3.67 -110.39
C ARG FA 195 -98.75 3.44 -110.41
N SER FA 196 -99.18 2.25 -110.00
CA SER FA 196 -100.60 1.89 -109.96
C SER FA 196 -101.40 2.75 -108.98
N ILE FA 197 -100.82 3.01 -107.81
CA ILE FA 197 -101.42 3.91 -106.82
C ILE FA 197 -101.66 5.31 -107.40
N ILE FA 198 -100.63 5.83 -108.06
CA ILE FA 198 -100.67 7.14 -108.73
C ILE FA 198 -101.79 7.18 -109.76
N ALA FA 199 -101.87 6.13 -110.56
CA ALA FA 199 -102.91 5.98 -111.60
C ALA FA 199 -104.32 5.94 -111.00
N ALA FA 200 -104.45 5.21 -109.91
CA ALA FA 200 -105.71 5.13 -109.17
C ALA FA 200 -106.14 6.49 -108.63
N ILE FA 201 -105.18 7.21 -108.04
CA ILE FA 201 -105.39 8.58 -107.56
C ILE FA 201 -105.89 9.49 -108.69
N TRP FA 202 -105.22 9.39 -109.83
CA TRP FA 202 -105.59 10.16 -111.02
C TRP FA 202 -107.02 9.87 -111.44
N ALA FA 203 -107.34 8.59 -111.52
CA ALA FA 203 -108.67 8.12 -111.93
C ALA FA 203 -109.76 8.72 -111.06
N VAL FA 204 -109.54 8.70 -109.74
CA VAL FA 204 -110.55 9.17 -108.80
C VAL FA 204 -110.68 10.70 -108.78
N THR FA 205 -109.58 11.43 -108.92
CA THR FA 205 -109.60 12.89 -108.73
C THR FA 205 -109.76 13.73 -110.01
N GLU FA 206 -109.46 13.16 -111.19
CA GLU FA 206 -109.35 13.92 -112.44
C GLU FA 206 -110.48 14.91 -112.75
N GLN FA 207 -111.72 14.49 -112.53
CA GLN FA 207 -112.89 15.32 -112.83
C GLN FA 207 -113.10 16.43 -111.80
N LYS FA 208 -112.90 16.11 -110.53
CA LYS FA 208 -113.06 17.07 -109.43
C LYS FA 208 -111.86 18.02 -109.34
N ASP FA 209 -110.68 17.45 -109.06
CA ASP FA 209 -109.42 18.20 -108.98
C ASP FA 209 -108.39 17.58 -109.92
N SER FA 210 -108.22 18.18 -111.09
CA SER FA 210 -107.34 17.65 -112.13
C SER FA 210 -105.86 17.58 -111.73
N GLN FA 211 -105.41 18.56 -110.94
CA GLN FA 211 -104.00 18.67 -110.55
C GLN FA 211 -103.64 17.98 -109.22
N ALA FA 212 -104.60 17.29 -108.61
CA ALA FA 212 -104.38 16.55 -107.35
C ALA FA 212 -103.28 15.50 -107.46
N VAL FA 213 -103.28 14.79 -108.58
CA VAL FA 213 -102.29 13.75 -108.88
C VAL FA 213 -100.90 14.36 -108.96
N TYR FA 214 -100.80 15.48 -109.66
CA TYR FA 214 -99.53 16.15 -109.90
C TYR FA 214 -98.96 16.76 -108.63
N ARG FA 215 -99.82 17.26 -107.75
CA ARG FA 215 -99.36 17.75 -106.43
C ARG FA 215 -98.94 16.59 -105.50
N PHE FA 216 -99.61 15.44 -105.62
CA PHE FA 216 -99.20 14.21 -104.92
C PHE FA 216 -97.80 13.76 -105.37
N ILE FA 217 -97.60 13.75 -106.69
CA ILE FA 217 -96.30 13.45 -107.29
C ILE FA 217 -95.22 14.39 -106.80
N ASP FA 218 -95.53 15.68 -106.80
CA ASP FA 218 -94.61 16.72 -106.33
C ASP FA 218 -94.19 16.48 -104.88
N ASP FA 219 -95.18 16.17 -104.05
CA ASP FA 219 -94.99 15.82 -102.65
C ASP FA 219 -94.07 14.62 -102.42
N HIS FA 220 -94.26 13.58 -103.23
CA HIS FA 220 -93.57 12.30 -103.03
C HIS FA 220 -92.33 12.13 -103.92
N ILE FA 221 -92.50 12.33 -105.22
CA ILE FA 221 -91.42 12.12 -106.21
C ILE FA 221 -90.53 13.36 -106.40
N MET FA 222 -91.14 14.52 -106.64
CA MET FA 222 -90.37 15.72 -106.97
C MET FA 222 -89.78 16.44 -105.75
N SER FA 223 -90.19 16.01 -104.56
CA SER FA 223 -89.60 16.49 -103.31
C SER FA 223 -88.20 15.96 -103.02
N ARG FA 224 -87.74 14.95 -103.78
CA ARG FA 224 -86.47 14.28 -103.49
C ARG FA 224 -85.30 15.11 -104.02
N LYS FA 225 -84.19 15.08 -103.29
CA LYS FA 225 -82.99 15.87 -103.63
C LYS FA 225 -82.29 15.28 -104.84
N LEU FA 226 -81.95 16.15 -105.79
CA LEU FA 226 -81.04 15.80 -106.87
C LEU FA 226 -80.26 17.03 -107.29
N ASP FA 227 -78.96 17.03 -107.01
CA ASP FA 227 -78.08 18.09 -107.46
C ASP FA 227 -77.76 17.83 -108.92
N ILE FA 228 -78.30 18.68 -109.80
CA ILE FA 228 -78.14 18.52 -111.26
C ILE FA 228 -76.70 18.75 -111.72
N THR FA 229 -75.95 19.55 -110.95
CA THR FA 229 -74.52 19.81 -111.20
C THR FA 229 -73.65 18.54 -111.15
N LYS FA 230 -74.03 17.58 -110.31
CA LYS FA 230 -73.32 16.29 -110.25
C LYS FA 230 -73.58 15.35 -111.45
N MET FA 231 -74.55 15.70 -112.30
CA MET FA 231 -74.94 14.85 -113.43
C MET FA 231 -74.01 14.97 -114.64
N PHE FA 232 -73.29 16.08 -114.77
CA PHE FA 232 -72.55 16.40 -116.00
C PHE FA 232 -71.17 15.77 -116.06
N GLN FA 233 -70.72 15.51 -117.29
CA GLN FA 233 -69.35 15.07 -117.57
C GLN FA 233 -68.96 15.57 -118.96
N PHE FA 234 -68.18 16.64 -119.01
CA PHE FA 234 -67.74 17.24 -120.28
C PHE FA 234 -66.51 16.53 -120.85
N GLU FA 235 -66.20 16.81 -122.11
CA GLU FA 235 -65.06 16.21 -122.82
C GLU FA 235 -64.02 17.26 -123.22
N GLN FA 236 -64.39 18.13 -124.17
CA GLN FA 236 -63.51 19.22 -124.62
C GLN FA 236 -64.30 20.53 -124.48
N PRO FA 237 -64.52 20.98 -123.24
CA PRO FA 237 -65.50 22.02 -122.92
C PRO FA 237 -65.19 23.41 -123.48
N THR FA 238 -63.90 23.71 -123.68
CA THR FA 238 -63.48 25.00 -124.23
C THR FA 238 -64.05 25.22 -125.62
N ARG FA 239 -63.91 24.19 -126.46
CA ARG FA 239 -64.46 24.17 -127.82
C ARG FA 239 -65.97 24.37 -127.83
N GLU FA 240 -66.65 23.66 -126.93
CA GLU FA 240 -68.10 23.75 -126.77
C GLU FA 240 -68.54 25.16 -126.36
N LEU FA 241 -67.81 25.74 -125.42
CA LEU FA 241 -68.04 27.12 -124.97
C LEU FA 241 -67.88 28.12 -126.11
N ALA FA 242 -66.81 27.95 -126.89
CA ALA FA 242 -66.54 28.79 -128.06
C ALA FA 242 -67.68 28.72 -129.09
N MET FA 243 -68.18 27.50 -129.31
CA MET FA 243 -69.31 27.25 -130.21
C MET FA 243 -70.57 27.97 -129.72
N LEU FA 244 -70.82 27.85 -128.42
CA LEU FA 244 -71.94 28.53 -127.75
C LEU FA 244 -71.87 30.04 -127.92
N CYS FA 245 -70.69 30.59 -127.67
CA CYS FA 245 -70.42 32.03 -127.85
C CYS FA 245 -70.68 32.50 -129.29
N ARG FA 246 -70.21 31.70 -130.25
CA ARG FA 246 -70.47 31.94 -131.68
C ARG FA 246 -71.96 31.98 -132.00
N ARG FA 247 -72.69 31.01 -131.46
CA ARG FA 247 -74.13 30.88 -131.67
C ARG FA 247 -74.89 32.11 -131.16
N GLU FA 248 -74.60 32.50 -129.94
CA GLU FA 248 -75.16 33.72 -129.35
C GLU FA 248 -74.41 34.95 -129.87
N GLY FA 249 -74.86 36.14 -129.47
CA GLY FA 249 -74.20 37.39 -129.83
C GLY FA 249 -73.11 37.77 -128.84
N LEU FA 250 -72.11 36.91 -128.71
CA LEU FA 250 -71.02 37.08 -127.73
C LEU FA 250 -69.67 37.10 -128.43
N GLU FA 251 -68.72 37.83 -127.85
CA GLU FA 251 -67.34 37.86 -128.33
C GLU FA 251 -66.65 36.53 -128.03
N LYS FA 252 -65.60 36.23 -128.79
CA LYS FA 252 -64.86 34.97 -128.64
C LYS FA 252 -64.31 34.84 -127.21
N PRO FA 253 -64.50 33.66 -126.57
CA PRO FA 253 -64.03 33.49 -125.21
C PRO FA 253 -62.52 33.25 -125.17
N VAL FA 254 -61.81 33.99 -124.32
CA VAL FA 254 -60.40 33.71 -124.04
C VAL FA 254 -60.19 33.60 -122.53
N SER FA 255 -59.31 32.67 -122.15
CA SER FA 255 -58.98 32.41 -120.75
C SER FA 255 -57.78 33.27 -120.35
N LYS FA 256 -57.83 33.85 -119.16
CA LYS FA 256 -56.78 34.73 -118.66
C LYS FA 256 -56.50 34.50 -117.17
N LEU FA 257 -55.22 34.54 -116.78
CA LEU FA 257 -54.82 34.44 -115.36
C LEU FA 257 -55.33 35.63 -114.54
N VAL FA 258 -56.16 35.37 -113.55
CA VAL FA 258 -56.59 36.41 -112.61
C VAL FA 258 -55.61 36.48 -111.44
N ALA FA 259 -55.35 35.31 -110.85
CA ALA FA 259 -54.47 35.20 -109.69
C ALA FA 259 -53.70 33.90 -109.76
N GLU FA 260 -52.55 33.89 -109.09
CA GLU FA 260 -51.60 32.78 -109.16
C GLU FA 260 -50.77 32.72 -107.88
N SER FA 261 -50.55 31.51 -107.39
CA SER FA 261 -49.69 31.30 -106.22
C SER FA 261 -49.14 29.89 -106.19
N GLY FA 262 -47.89 29.75 -105.76
CA GLY FA 262 -47.25 28.46 -105.60
C GLY FA 262 -46.81 27.78 -106.88
N ARG FA 263 -46.63 28.55 -107.97
CA ARG FA 263 -45.95 28.07 -109.17
C ARG FA 263 -44.56 27.59 -108.76
N LEU FA 264 -44.08 26.49 -109.33
CA LEU FA 264 -42.85 25.83 -108.85
C LEU FA 264 -43.06 25.19 -107.45
N SER FA 265 -44.22 24.56 -107.25
CA SER FA 265 -44.49 23.74 -106.06
C SER FA 265 -45.27 22.48 -106.42
N LYS FA 266 -45.43 21.60 -105.44
CA LYS FA 266 -46.16 20.33 -105.60
C LYS FA 266 -47.62 20.58 -105.94
N SER FA 267 -48.20 21.61 -105.30
CA SER FA 267 -49.61 21.95 -105.44
C SER FA 267 -49.78 23.47 -105.56
N PRO FA 268 -49.61 24.02 -106.77
CA PRO FA 268 -49.90 25.45 -106.99
C PRO FA 268 -51.40 25.74 -106.96
N VAL FA 269 -51.73 27.01 -107.14
CA VAL FA 269 -53.11 27.44 -107.37
C VAL FA 269 -53.11 28.51 -108.46
N PHE FA 270 -53.81 28.21 -109.55
CA PHE FA 270 -53.97 29.12 -110.67
C PHE FA 270 -55.45 29.42 -110.82
N ILE FA 271 -55.83 30.69 -110.67
CA ILE FA 271 -57.19 31.15 -110.94
C ILE FA 271 -57.18 31.74 -112.34
N VAL FA 272 -57.99 31.17 -113.23
CA VAL FA 272 -58.19 31.74 -114.57
C VAL FA 272 -59.68 31.97 -114.82
N HIS FA 273 -59.98 33.04 -115.55
CA HIS FA 273 -61.34 33.43 -115.90
C HIS FA 273 -61.48 33.42 -117.41
N VAL FA 274 -62.51 32.75 -117.91
CA VAL FA 274 -62.83 32.81 -119.33
C VAL FA 274 -63.67 34.06 -119.59
N PHE FA 275 -63.03 35.07 -120.17
CA PHE FA 275 -63.70 36.31 -120.55
C PHE FA 275 -64.24 36.22 -121.96
N SER FA 276 -65.43 36.77 -122.16
CA SER FA 276 -65.94 37.13 -123.49
C SER FA 276 -66.14 38.64 -123.48
N GLY FA 277 -65.18 39.35 -124.08
CA GLY FA 277 -65.09 40.80 -123.94
C GLY FA 277 -64.55 41.15 -122.57
N GLU FA 278 -65.20 42.09 -121.89
CA GLU FA 278 -64.88 42.43 -120.51
C GLU FA 278 -65.66 41.57 -119.50
N GLU FA 279 -66.80 41.04 -119.91
CA GLU FA 279 -67.59 40.12 -119.09
C GLU FA 279 -66.86 38.80 -118.89
N THR FA 280 -66.83 38.32 -117.64
CA THR FA 280 -66.35 36.97 -117.32
C THR FA 280 -67.52 36.00 -117.41
N LEU FA 281 -67.30 34.86 -118.05
CA LEU FA 281 -68.32 33.82 -118.18
C LEU FA 281 -68.14 32.75 -117.12
N GLY FA 282 -66.94 32.18 -117.06
CA GLY FA 282 -66.60 31.13 -116.11
C GLY FA 282 -65.32 31.41 -115.34
N GLU FA 283 -65.32 31.07 -114.06
CA GLU FA 283 -64.16 31.18 -113.19
C GLU FA 283 -63.64 29.77 -112.93
N GLY FA 284 -62.33 29.58 -113.03
CA GLY FA 284 -61.71 28.26 -112.93
C GLY FA 284 -60.42 28.27 -112.14
N TYR FA 285 -60.43 27.56 -111.01
CA TYR FA 285 -59.23 27.33 -110.21
C TYR FA 285 -58.58 26.02 -110.66
N GLY FA 286 -57.28 25.88 -110.42
CA GLY FA 286 -56.58 24.64 -110.75
C GLY FA 286 -55.15 24.55 -110.26
N SER FA 287 -54.68 23.32 -110.10
CA SER FA 287 -53.29 23.04 -109.75
C SER FA 287 -52.33 23.41 -110.89
N SER FA 288 -52.71 23.04 -112.12
CA SER FA 288 -52.00 23.48 -113.33
C SER FA 288 -52.78 24.62 -114.00
N LEU FA 289 -52.12 25.28 -114.96
CA LEU FA 289 -52.77 26.32 -115.78
C LEU FA 289 -53.86 25.71 -116.66
N LYS FA 290 -53.49 24.63 -117.34
CA LYS FA 290 -54.39 23.85 -118.20
C LYS FA 290 -55.66 23.43 -117.47
N GLU FA 291 -55.47 22.84 -116.30
CA GLU FA 291 -56.58 22.40 -115.44
C GLU FA 291 -57.52 23.55 -115.11
N ALA FA 292 -56.94 24.67 -114.71
CA ALA FA 292 -57.69 25.88 -114.37
C ALA FA 292 -58.52 26.37 -115.55
N LYS FA 293 -57.90 26.39 -116.73
CA LYS FA 293 -58.55 26.75 -117.99
C LYS FA 293 -59.74 25.85 -118.29
N ALA FA 294 -59.52 24.54 -118.16
CA ALA FA 294 -60.56 23.54 -118.33
C ALA FA 294 -61.73 23.80 -117.40
N ARG FA 295 -61.41 23.99 -116.12
CA ARG FA 295 -62.41 24.27 -115.08
C ARG FA 295 -63.24 25.53 -115.33
N ALA FA 296 -62.61 26.57 -115.87
CA ALA FA 296 -63.31 27.81 -116.22
C ALA FA 296 -64.35 27.56 -117.32
N ALA FA 297 -63.94 26.79 -118.32
CA ALA FA 297 -64.82 26.39 -119.43
C ALA FA 297 -66.00 25.55 -118.94
N THR FA 298 -65.73 24.61 -118.04
CA THR FA 298 -66.77 23.75 -117.48
C THR FA 298 -67.77 24.55 -116.64
N ASP FA 299 -67.24 25.49 -115.86
CA ASP FA 299 -68.05 26.41 -115.07
C ASP FA 299 -68.99 27.23 -115.96
N ALA FA 300 -68.44 27.78 -117.04
CA ALA FA 300 -69.21 28.54 -118.02
C ALA FA 300 -70.36 27.71 -118.60
N LEU FA 301 -70.03 26.48 -118.98
CA LEU FA 301 -71.03 25.55 -119.52
C LEU FA 301 -72.12 25.21 -118.51
N MET FA 302 -71.72 25.00 -117.26
CA MET FA 302 -72.68 24.79 -116.15
C MET FA 302 -73.65 25.95 -116.00
N LYS FA 303 -73.09 27.16 -116.01
CA LYS FA 303 -73.88 28.39 -115.93
C LYS FA 303 -74.84 28.57 -117.08
N TRP FA 304 -74.38 28.18 -118.28
CA TRP FA 304 -75.24 28.18 -119.45
C TRP FA 304 -76.42 27.22 -119.27
N TYR FA 305 -76.10 25.97 -118.94
CA TYR FA 305 -77.09 24.88 -118.95
C TYR FA 305 -78.00 24.91 -117.74
N CYS FA 306 -77.40 24.90 -116.55
CA CYS FA 306 -78.15 24.85 -115.29
C CYS FA 306 -78.78 26.19 -114.87
N TYR FA 307 -78.77 27.19 -115.75
CA TYR FA 307 -79.56 28.42 -115.56
C TYR FA 307 -81.01 28.07 -115.25
N GLU FA 308 -81.46 28.46 -114.05
CA GLU FA 308 -82.86 28.26 -113.66
C GLU FA 308 -83.56 29.61 -113.55
N PRO FA 309 -84.53 29.89 -114.45
CA PRO FA 309 -85.24 31.16 -114.39
C PRO FA 309 -86.29 31.17 -113.30
N LEU FA 310 -86.78 32.36 -112.96
CA LEU FA 310 -87.83 32.51 -111.97
C LEU FA 310 -89.17 32.09 -112.55
N ALA FA 311 -90.11 31.79 -111.66
CA ALA FA 311 -91.50 31.50 -112.06
C ALA FA 311 -92.20 32.75 -112.63
N GLN FA 312 -91.82 33.93 -112.14
CA GLN FA 312 -92.36 35.20 -112.64
C GLN FA 312 -91.99 35.52 -114.09
N GLN FA 313 -90.85 35.00 -114.56
CA GLN FA 313 -90.42 35.16 -115.95
C GLN FA 313 -91.37 34.44 -116.91
N GLU FA 314 -91.48 34.98 -118.13
CA GLU FA 314 -92.17 34.28 -119.22
C GLU FA 314 -91.32 33.08 -119.67
N PRO FA 315 -91.96 32.02 -120.20
CA PRO FA 315 -91.26 30.74 -120.43
C PRO FA 315 -89.99 30.85 -121.28
N VAL FA 316 -88.92 30.22 -120.81
CA VAL FA 316 -87.64 30.17 -121.51
C VAL FA 316 -87.58 28.84 -122.28
N ILE FA 317 -87.73 28.91 -123.59
CA ILE FA 317 -87.47 27.75 -124.45
C ILE FA 317 -86.06 27.91 -125.00
N ASP FA 318 -85.17 26.98 -124.66
CA ASP FA 318 -83.77 27.02 -125.10
C ASP FA 318 -83.66 26.75 -126.61
N PRO FA 319 -82.50 27.11 -127.22
CA PRO FA 319 -82.31 26.87 -128.65
C PRO FA 319 -81.53 25.57 -128.95
N GLY FA 320 -81.84 24.50 -128.21
CA GLY FA 320 -81.17 23.22 -128.37
C GLY FA 320 -79.80 23.14 -127.73
N THR FA 321 -79.26 21.92 -127.70
CA THR FA 321 -77.93 21.64 -127.17
C THR FA 321 -76.86 22.19 -128.12
N VAL FA 322 -75.72 22.60 -127.57
CA VAL FA 322 -74.63 23.18 -128.36
C VAL FA 322 -73.92 22.05 -129.13
N VAL FA 323 -74.29 21.91 -130.39
CA VAL FA 323 -73.73 20.85 -131.24
C VAL FA 323 -72.35 21.30 -131.71
N VAL FA 324 -71.31 20.78 -131.07
CA VAL FA 324 -69.92 21.11 -131.40
C VAL FA 324 -69.48 20.52 -132.75
N PRO GA 23 -51.12 114.70 13.01
CA PRO GA 23 -51.39 114.47 14.43
C PRO GA 23 -50.14 114.08 15.23
N LYS GA 24 -50.10 114.48 16.49
CA LYS GA 24 -48.95 114.21 17.36
C LYS GA 24 -49.00 112.77 17.86
N ILE GA 25 -47.87 112.08 17.80
CA ILE GA 25 -47.75 110.72 18.31
C ILE GA 25 -47.31 110.80 19.77
N LYS GA 26 -48.10 110.18 20.66
CA LYS GA 26 -47.81 110.15 22.09
C LYS GA 26 -47.75 108.68 22.55
N VAL GA 27 -47.05 108.46 23.65
CA VAL GA 27 -46.80 107.12 24.17
C VAL GA 27 -47.46 106.92 25.53
N GLY GA 28 -48.58 106.18 25.52
CA GLY GA 28 -49.21 105.70 26.74
C GLY GA 28 -48.48 104.49 27.28
N VAL GA 29 -48.39 104.38 28.60
CA VAL GA 29 -47.76 103.24 29.27
C VAL GA 29 -48.59 102.86 30.48
N LEU GA 30 -48.96 101.58 30.58
CA LEU GA 30 -49.57 101.04 31.80
C LEU GA 30 -48.71 99.90 32.33
N LEU GA 31 -48.16 100.09 33.53
CA LEU GA 31 -47.30 99.11 34.17
C LEU GA 31 -48.13 98.14 35.00
N SER GA 32 -47.99 96.84 34.69
CA SER GA 32 -48.78 95.78 35.31
C SER GA 32 -47.93 94.95 36.28
N ARG GA 33 -48.11 95.23 37.58
CA ARG GA 33 -47.58 94.36 38.62
C ARG GA 33 -48.55 93.18 38.75
N ILE GA 34 -48.07 91.98 38.44
CA ILE GA 34 -48.91 90.76 38.46
C ILE GA 34 -49.04 90.21 39.89
N PRO GA 35 -50.13 89.47 40.18
CA PRO GA 35 -50.35 88.99 41.56
C PRO GA 35 -49.29 87.98 41.99
N ILE GA 36 -48.89 88.05 43.26
CA ILE GA 36 -47.83 87.18 43.80
C ILE GA 36 -48.36 85.95 44.54
N ILE GA 37 -49.68 85.89 44.77
CA ILE GA 37 -50.34 84.71 45.36
C ILE GA 37 -51.65 84.39 44.64
N LYS GA 38 -52.26 83.26 45.01
CA LYS GA 38 -53.56 82.82 44.48
C LYS GA 38 -54.63 83.89 44.61
N SER GA 39 -55.57 83.87 43.65
CA SER GA 39 -56.76 84.73 43.71
C SER GA 39 -57.70 84.25 44.81
N GLU GA 40 -58.40 85.19 45.43
CA GLU GA 40 -59.35 84.87 46.50
C GLU GA 40 -60.61 84.25 45.88
N LEU GA 41 -61.07 83.16 46.48
CA LEU GA 41 -62.21 82.41 45.96
C LEU GA 41 -63.53 83.13 46.28
N ASN GA 42 -64.48 83.05 45.36
CA ASN GA 42 -65.83 83.57 45.56
C ASN GA 42 -66.57 82.71 46.58
N GLU GA 43 -67.53 83.31 47.30
CA GLU GA 43 -68.32 82.60 48.32
C GLU GA 43 -68.97 81.33 47.77
N LEU GA 44 -69.59 81.47 46.60
CA LEU GA 44 -70.15 80.35 45.85
C LEU GA 44 -69.11 79.27 45.56
N GLU GA 45 -67.97 79.70 45.02
CA GLU GA 45 -66.88 78.80 44.61
C GLU GA 45 -66.34 77.94 45.74
N LYS GA 46 -66.04 78.59 46.87
CA LYS GA 46 -65.42 77.95 48.03
C LYS GA 46 -66.23 76.76 48.52
N LYS GA 47 -67.51 77.03 48.76
CA LYS GA 47 -68.45 76.03 49.25
C LYS GA 47 -68.52 74.83 48.31
N TYR GA 48 -68.68 75.12 47.02
CA TYR GA 48 -68.69 74.09 45.96
C TYR GA 48 -67.44 73.22 46.01
N TYR GA 49 -66.28 73.86 46.11
CA TYR GA 49 -65.00 73.15 46.19
C TYR GA 49 -64.91 72.24 47.41
N GLU GA 50 -65.38 72.74 48.56
CA GLU GA 50 -65.46 71.95 49.80
C GLU GA 50 -66.30 70.69 49.64
N TYR GA 51 -67.47 70.86 49.00
CA TYR GA 51 -68.38 69.75 48.70
C TYR GA 51 -67.74 68.69 47.82
N GLN GA 52 -67.06 69.15 46.77
CA GLN GA 52 -66.35 68.26 45.85
C GLN GA 52 -65.22 67.50 46.55
N SER GA 53 -64.52 68.19 47.46
CA SER GA 53 -63.49 67.57 48.28
C SER GA 53 -64.06 66.48 49.18
N GLU GA 54 -65.19 66.78 49.81
CA GLU GA 54 -65.89 65.82 50.67
C GLU GA 54 -66.45 64.61 49.92
N LEU GA 55 -66.92 64.85 48.69
CA LEU GA 55 -67.34 63.78 47.78
C LEU GA 55 -66.16 62.88 47.41
N GLU GA 56 -65.02 63.50 47.11
CA GLU GA 56 -63.79 62.78 46.80
C GLU GA 56 -63.40 61.89 47.97
N LYS GA 57 -63.33 62.48 49.16
CA LYS GA 57 -63.01 61.77 50.41
C LYS GA 57 -63.90 60.56 50.65
N ARG GA 58 -65.21 60.75 50.45
CA ARG GA 58 -66.19 59.67 50.54
C ARG GA 58 -65.85 58.54 49.57
N LEU GA 59 -65.55 58.91 48.33
CA LEU GA 59 -65.17 57.96 47.28
C LEU GA 59 -63.71 57.52 47.28
N MET GA 60 -62.83 58.24 48.00
CA MET GA 60 -61.40 57.92 48.03
C MET GA 60 -61.14 56.49 48.49
N TRP GA 61 -60.03 55.93 48.04
CA TRP GA 61 -59.59 54.60 48.46
C TRP GA 61 -59.12 54.61 49.91
N THR GA 62 -58.83 53.42 50.44
CA THR GA 62 -58.18 53.27 51.74
C THR GA 62 -56.75 53.73 51.58
N PHE GA 63 -56.21 54.35 52.64
CA PHE GA 63 -54.78 54.66 52.68
C PHE GA 63 -54.02 53.36 52.88
N PRO GA 64 -53.14 52.99 51.92
CA PRO GA 64 -52.36 51.76 52.07
C PRO GA 64 -51.18 51.99 53.03
N ALA GA 65 -51.47 51.94 54.32
CA ALA GA 65 -50.48 52.20 55.37
C ALA GA 65 -49.37 51.15 55.40
N TYR GA 66 -49.73 49.91 55.09
CA TYR GA 66 -48.77 48.80 54.99
C TYR GA 66 -47.57 49.07 54.06
N PHE GA 67 -47.78 49.88 53.02
CA PHE GA 67 -46.70 50.30 52.12
C PHE GA 67 -45.82 51.37 52.74
N TYR GA 68 -46.43 52.50 53.09
CA TYR GA 68 -45.70 53.68 53.58
C TYR GA 68 -45.07 53.47 54.96
N PHE GA 69 -45.68 52.60 55.76
CA PHE GA 69 -45.18 52.27 57.11
C PHE GA 69 -44.93 50.77 57.19
N LYS GA 70 -43.68 50.40 57.49
CA LYS GA 70 -43.27 48.99 57.58
C LYS GA 70 -43.72 48.42 58.93
N LYS GA 71 -44.13 47.15 58.93
CA LYS GA 71 -44.60 46.49 60.15
C LYS GA 71 -43.46 46.27 61.15
N GLY GA 72 -43.71 46.60 62.42
CA GLY GA 72 -42.71 46.50 63.47
C GLY GA 72 -41.62 47.55 63.34
N THR GA 73 -42.03 48.82 63.27
CA THR GA 73 -41.12 49.96 63.14
C THR GA 73 -41.62 51.12 64.01
N VAL GA 74 -40.69 51.93 64.51
CA VAL GA 74 -41.03 53.09 65.38
C VAL GA 74 -41.91 54.15 64.73
N ALA GA 75 -41.71 54.37 63.43
CA ALA GA 75 -42.50 55.34 62.65
C ALA GA 75 -43.96 54.90 62.49
N GLU GA 76 -44.16 53.61 62.21
CA GLU GA 76 -45.50 53.02 62.11
C GLU GA 76 -46.29 53.20 63.40
N HIS GA 77 -45.64 52.92 64.52
CA HIS GA 77 -46.27 52.95 65.85
C HIS GA 77 -46.92 54.29 66.18
N LYS GA 78 -46.19 55.36 65.87
CA LYS GA 78 -46.67 56.74 66.04
C LYS GA 78 -47.92 57.02 65.21
N PHE GA 79 -47.87 56.59 63.95
CA PHE GA 79 -48.99 56.70 63.02
C PHE GA 79 -50.23 55.98 63.54
N LEU GA 80 -50.03 54.74 64.00
CA LEU GA 80 -51.09 53.94 64.64
C LEU GA 80 -51.72 54.63 65.84
N SER GA 81 -50.88 55.21 66.68
CA SER GA 81 -51.32 55.96 67.88
C SER GA 81 -52.18 57.16 67.50
N LEU GA 82 -51.73 57.90 66.48
CA LEU GA 82 -52.47 59.03 65.92
C LEU GA 82 -53.85 58.60 65.40
N GLN GA 83 -53.90 57.49 64.70
CA GLN GA 83 -55.16 56.93 64.16
C GLN GA 83 -56.08 56.36 65.23
N LYS GA 84 -57.35 56.22 64.86
CA LYS GA 84 -58.34 55.45 65.62
C LYS GA 84 -59.04 54.47 64.68
N GLY GA 85 -59.20 53.22 65.12
CA GLY GA 85 -59.69 52.15 64.26
C GLY GA 85 -61.20 52.17 64.06
N PRO GA 86 -61.71 51.38 63.10
CA PRO GA 86 -63.14 51.24 62.85
C PRO GA 86 -63.78 50.16 63.73
N ILE GA 87 -65.06 50.34 64.04
CA ILE GA 87 -65.81 49.36 64.84
C ILE GA 87 -66.16 48.12 64.01
N SER GA 88 -65.63 46.97 64.42
CA SER GA 88 -65.84 45.72 63.71
C SER GA 88 -67.21 45.11 64.01
N LYS GA 89 -67.65 44.22 63.13
CA LYS GA 89 -68.89 43.47 63.37
C LYS GA 89 -68.63 42.37 64.40
N LYS GA 90 -69.62 42.14 65.25
CA LYS GA 90 -69.53 41.21 66.36
C LYS GA 90 -70.90 40.55 66.54
N ASN GA 91 -70.92 39.23 66.66
CA ASN GA 91 -72.16 38.45 66.65
C ASN GA 91 -72.99 38.67 67.90
N GLY GA 92 -74.31 38.69 67.74
CA GLY GA 92 -75.24 38.91 68.84
C GLY GA 92 -75.44 40.36 69.23
N ILE GA 93 -75.18 41.29 68.31
CA ILE GA 93 -75.33 42.73 68.54
C ILE GA 93 -76.03 43.40 67.37
N TRP GA 94 -76.89 44.37 67.67
CA TRP GA 94 -77.53 45.21 66.66
C TRP GA 94 -76.65 46.40 66.34
N PHE GA 95 -76.31 46.56 65.07
CA PHE GA 95 -75.67 47.77 64.54
C PHE GA 95 -76.71 48.52 63.71
N PRO GA 96 -77.42 49.49 64.33
CA PRO GA 96 -78.48 50.21 63.58
C PRO GA 96 -78.05 51.08 62.39
N ARG GA 97 -76.74 51.29 62.20
CA ARG GA 97 -76.21 51.91 60.97
C ARG GA 97 -75.62 50.84 60.03
N GLY GA 98 -76.29 49.70 59.92
CA GLY GA 98 -75.80 48.58 59.12
C GLY GA 98 -74.63 47.85 59.75
N ILE GA 99 -74.33 46.66 59.22
CA ILE GA 99 -73.21 45.85 59.71
C ILE GA 99 -71.92 46.44 59.12
N PRO GA 100 -70.85 46.55 59.94
CA PRO GA 100 -69.58 47.08 59.42
C PRO GA 100 -68.97 46.28 58.27
N ASP GA 101 -68.77 46.96 57.13
CA ASP GA 101 -68.01 46.42 55.99
C ASP GA 101 -66.59 46.94 56.07
N ILE GA 102 -65.65 46.06 56.43
CA ILE GA 102 -64.25 46.44 56.68
C ILE GA 102 -63.28 45.64 55.80
N LYS GA 103 -62.32 46.36 55.21
CA LYS GA 103 -61.22 45.78 54.45
C LYS GA 103 -60.01 46.73 54.51
N HIS GA 104 -58.84 46.17 54.85
CA HIS GA 104 -57.64 46.95 55.23
C HIS GA 104 -57.89 47.93 56.40
N GLY GA 105 -58.85 47.61 57.27
CA GLY GA 105 -59.21 48.47 58.39
C GLY GA 105 -59.83 49.80 58.00
N ARG GA 106 -60.91 49.74 57.23
CA ARG GA 106 -61.72 50.92 56.92
C ARG GA 106 -63.19 50.53 56.77
N GLU GA 107 -64.08 51.33 57.36
CA GLU GA 107 -65.50 51.25 57.08
C GLU GA 107 -65.75 51.67 55.63
N ARG GA 108 -66.00 50.69 54.76
CA ARG GA 108 -66.31 50.93 53.34
C ARG GA 108 -67.51 51.87 53.13
N SER GA 109 -68.49 51.80 54.03
CA SER GA 109 -69.71 52.61 53.93
C SER GA 109 -69.52 54.12 54.18
N THR GA 110 -68.35 54.53 54.70
CA THR GA 110 -68.10 55.93 55.03
C THR GA 110 -66.74 56.47 54.57
N LYS GA 111 -66.60 57.79 54.65
CA LYS GA 111 -65.34 58.50 54.45
C LYS GA 111 -64.33 58.08 55.52
N GLN GA 112 -63.06 57.98 55.11
CA GLN GA 112 -61.95 57.69 56.02
C GLN GA 112 -61.20 58.98 56.31
N GLU GA 113 -60.84 59.18 57.58
CA GLU GA 113 -59.93 60.27 57.98
C GLU GA 113 -58.63 59.65 58.50
N VAL GA 114 -57.51 60.21 58.06
CA VAL GA 114 -56.18 59.72 58.40
C VAL GA 114 -55.36 60.89 58.96
N LYS GA 115 -55.24 60.93 60.28
CA LYS GA 115 -54.53 62.00 60.98
C LYS GA 115 -53.02 61.75 61.01
N LEU GA 116 -52.25 62.81 60.79
CA LEU GA 116 -50.79 62.74 60.70
C LEU GA 116 -50.16 63.51 61.85
N VAL GA 136 -34.59 71.38 58.67
CA VAL GA 136 -34.77 71.38 60.12
C VAL GA 136 -36.20 70.98 60.50
N ASN GA 137 -36.35 70.33 61.66
CA ASN GA 137 -37.67 69.98 62.19
C ASN GA 137 -38.37 71.24 62.73
N ARG GA 138 -39.33 71.74 61.97
CA ARG GA 138 -40.06 72.97 62.29
C ARG GA 138 -41.45 72.93 61.68
N PRO GA 139 -42.49 73.43 62.39
CA PRO GA 139 -43.81 73.53 61.76
C PRO GA 139 -43.86 74.58 60.64
N VAL GA 140 -44.37 74.19 59.48
CA VAL GA 140 -44.52 75.11 58.34
C VAL GA 140 -45.69 76.04 58.62
N ILE GA 141 -45.37 77.29 58.96
CA ILE GA 141 -46.35 78.32 59.27
C ILE GA 141 -46.36 79.32 58.10
N PRO GA 142 -47.47 79.37 57.34
CA PRO GA 142 -47.54 80.31 56.21
C PRO GA 142 -47.76 81.76 56.66
N ASN GA 143 -47.30 82.69 55.85
CA ASN GA 143 -47.44 84.13 56.14
C ASN GA 143 -48.85 84.60 55.81
N ASP GA 144 -49.26 85.70 56.45
CA ASP GA 144 -50.60 86.26 56.23
C ASP GA 144 -50.70 86.86 54.83
N ARG GA 145 -51.82 86.59 54.16
CA ARG GA 145 -52.03 87.04 52.78
C ARG GA 145 -52.32 88.54 52.72
N ILE GA 146 -53.08 89.05 53.69
CA ILE GA 146 -53.20 90.49 53.91
C ILE GA 146 -51.88 91.02 54.50
N THR GA 147 -51.52 92.24 54.12
CA THR GA 147 -50.24 92.84 54.47
C THR GA 147 -50.40 94.09 55.34
N GLU GA 148 -49.27 94.59 55.83
CA GLU GA 148 -49.20 95.85 56.58
C GLU GA 148 -49.67 97.03 55.73
N ALA GA 149 -49.18 97.06 54.49
CA ALA GA 149 -49.54 98.07 53.50
C ALA GA 149 -51.05 98.09 53.21
N ASP GA 150 -51.61 96.89 53.04
CA ASP GA 150 -53.05 96.70 52.81
C ASP GA 150 -53.87 97.26 53.98
N ARG GA 151 -53.44 96.92 55.19
CA ARG GA 151 -54.08 97.42 56.42
C ARG GA 151 -54.07 98.94 56.51
N SER GA 152 -52.92 99.53 56.18
CA SER GA 152 -52.77 100.98 56.17
C SER GA 152 -53.42 101.68 54.96
N ASN GA 153 -53.65 100.91 53.89
CA ASN GA 153 -54.17 101.43 52.60
C ASN GA 153 -53.19 102.38 51.91
N ASP GA 154 -51.93 101.96 51.82
CA ASP GA 154 -50.89 102.73 51.15
C ASP GA 154 -50.95 102.43 49.65
N MET GA 155 -51.38 103.42 48.86
CA MET GA 155 -51.61 103.23 47.43
C MET GA 155 -50.31 103.21 46.61
N LYS GA 156 -49.27 103.88 47.10
CA LYS GA 156 -47.97 103.90 46.44
C LYS GA 156 -47.16 102.60 46.58
N SER GA 157 -47.51 101.76 47.54
CA SER GA 157 -46.80 100.50 47.78
C SER GA 157 -47.17 99.40 46.79
N LEU GA 158 -46.21 98.52 46.50
CA LEU GA 158 -46.41 97.37 45.62
C LEU GA 158 -46.87 96.10 46.35
N GLU GA 159 -46.72 96.06 47.68
CA GLU GA 159 -47.06 94.88 48.48
C GLU GA 159 -48.48 94.96 49.04
N ARG GA 160 -49.28 95.90 48.54
CA ARG GA 160 -50.56 96.26 49.16
C ARG GA 160 -51.69 95.29 48.80
N GLN GA 161 -51.68 94.79 47.56
CA GLN GA 161 -52.55 93.68 47.16
C GLN GA 161 -51.69 92.59 46.57
N LEU GA 162 -51.79 91.38 47.11
CA LEU GA 162 -50.98 90.25 46.65
C LEU GA 162 -51.73 89.28 45.72
N SER GA 163 -53.07 89.27 45.80
CA SER GA 163 -53.92 88.39 44.99
C SER GA 163 -54.50 89.06 43.72
N ARG GA 164 -54.16 90.34 43.49
CA ARG GA 164 -54.72 91.10 42.37
C ARG GA 164 -53.62 91.66 41.47
N THR GA 165 -54.02 92.11 40.28
CA THR GA 165 -53.11 92.71 39.31
C THR GA 165 -53.14 94.23 39.50
N LEU GA 166 -52.02 94.80 39.94
CA LEU GA 166 -51.90 96.24 40.17
C LEU GA 166 -51.40 96.95 38.91
N TYR GA 167 -51.97 98.12 38.65
CA TYR GA 167 -51.63 98.95 37.50
C TYR GA 167 -51.16 100.33 37.95
N LEU GA 168 -50.05 100.79 37.37
CA LEU GA 168 -49.49 102.10 37.73
C LEU GA 168 -50.35 103.21 37.11
N LEU GA 169 -50.93 104.05 37.96
CA LEU GA 169 -51.62 105.27 37.54
C LEU GA 169 -50.86 106.51 37.99
N VAL GA 170 -51.11 107.61 37.29
CA VAL GA 170 -50.37 108.86 37.49
C VAL GA 170 -51.32 110.06 37.40
N LYS GA 171 -51.08 111.06 38.25
CA LYS GA 171 -51.87 112.28 38.32
C LYS GA 171 -51.06 113.44 37.75
N ASP GA 172 -51.62 114.13 36.76
CA ASP GA 172 -50.92 115.22 36.04
C ASP GA 172 -51.03 116.56 36.81
N LYS GA 173 -50.69 117.67 36.14
CA LYS GA 173 -50.84 119.02 36.72
C LYS GA 173 -52.28 119.32 37.13
N SER GA 174 -53.22 118.97 36.26
CA SER GA 174 -54.65 119.04 36.56
C SER GA 174 -55.06 117.93 37.55
N GLY GA 175 -56.33 117.97 37.97
CA GLY GA 175 -56.88 116.98 38.90
C GLY GA 175 -57.11 115.57 38.37
N THR GA 176 -57.00 115.38 37.05
CA THR GA 176 -57.24 114.09 36.41
C THR GA 176 -56.15 113.06 36.69
N TRP GA 177 -56.55 111.79 36.75
CA TRP GA 177 -55.62 110.65 36.78
C TRP GA 177 -55.59 110.02 35.39
N LYS GA 178 -54.49 109.33 35.09
CA LYS GA 178 -54.33 108.60 33.82
C LYS GA 178 -53.09 107.71 33.82
N PHE GA 179 -53.00 106.85 32.81
CA PHE GA 179 -51.82 106.02 32.57
C PHE GA 179 -50.71 106.92 32.01
N PRO GA 180 -49.45 106.77 32.49
CA PRO GA 180 -48.31 107.59 32.05
C PRO GA 180 -48.23 107.90 30.54
N ASN GA 181 -48.32 109.18 30.21
CA ASN GA 181 -48.19 109.69 28.83
C ASN GA 181 -46.79 110.22 28.61
N PHE GA 182 -46.25 110.06 27.40
CA PHE GA 182 -44.94 110.62 27.03
C PHE GA 182 -44.92 111.11 25.58
N ASP GA 183 -44.34 112.29 25.36
CA ASP GA 183 -44.23 112.89 24.02
C ASP GA 183 -43.14 112.21 23.20
N LEU GA 184 -43.52 111.70 22.02
CA LEU GA 184 -42.59 111.04 21.10
C LEU GA 184 -42.20 112.01 19.98
N SER GA 185 -41.23 112.88 20.28
CA SER GA 185 -40.75 113.90 19.34
C SER GA 185 -39.75 113.34 18.32
N ASP GA 186 -38.89 112.43 18.76
CA ASP GA 186 -37.79 111.90 17.94
C ASP GA 186 -38.29 110.98 16.83
N GLU GA 187 -39.03 109.95 17.23
CA GLU GA 187 -39.58 108.94 16.30
C GLU GA 187 -38.50 108.10 15.57
N SER GA 188 -37.32 108.00 16.17
CA SER GA 188 -36.20 107.21 15.62
C SER GA 188 -36.24 105.81 16.20
N LYS GA 189 -36.24 105.74 17.53
CA LYS GA 189 -36.34 104.46 18.24
C LYS GA 189 -37.75 103.88 18.15
N PRO GA 190 -37.89 102.57 18.43
CA PRO GA 190 -39.23 101.99 18.57
C PRO GA 190 -40.01 102.56 19.77
N LEU GA 191 -41.32 102.32 19.78
CA LEU GA 191 -42.24 103.02 20.67
C LEU GA 191 -42.18 102.48 22.10
N HIS GA 192 -42.26 101.17 22.22
CA HIS GA 192 -42.16 100.47 23.52
C HIS GA 192 -40.83 100.71 24.24
N VAL GA 193 -39.74 100.76 23.48
CA VAL GA 193 -38.40 101.02 24.00
C VAL GA 193 -38.33 102.45 24.56
N HIS GA 194 -38.84 103.39 23.77
CA HIS GA 194 -38.94 104.79 24.16
C HIS GA 194 -39.72 104.95 25.47
N ALA GA 195 -40.87 104.28 25.54
CA ALA GA 195 -41.72 104.26 26.74
C ALA GA 195 -40.95 103.81 27.97
N GLU GA 196 -40.26 102.68 27.81
CA GLU GA 196 -39.41 102.09 28.86
C GLU GA 196 -38.33 103.07 29.34
N ASN GA 197 -37.66 103.71 28.39
CA ASN GA 197 -36.65 104.73 28.68
C ASN GA 197 -37.20 105.88 29.50
N GLU GA 198 -38.35 106.38 29.07
CA GLU GA 198 -39.09 107.44 29.77
C GLU GA 198 -39.43 107.06 31.21
N LEU GA 199 -39.96 105.84 31.38
CA LEU GA 199 -40.25 105.29 32.71
C LEU GA 199 -39.01 105.25 33.61
N LYS GA 200 -37.91 104.76 33.03
CA LYS GA 200 -36.61 104.67 33.71
C LYS GA 200 -36.11 106.04 34.15
N LEU GA 201 -36.28 107.03 33.27
CA LEU GA 201 -35.92 108.42 33.54
C LEU GA 201 -36.73 109.00 34.70
N LEU GA 202 -38.04 108.77 34.65
CA LEU GA 202 -38.97 109.14 35.73
C LEU GA 202 -38.56 108.56 37.08
N SER GA 203 -38.26 107.26 37.07
CA SER GA 203 -37.85 106.52 38.25
C SER GA 203 -36.57 107.07 38.89
N GLY GA 204 -35.59 107.36 38.05
CA GLY GA 204 -34.20 107.53 38.49
C GLY GA 204 -33.54 106.18 38.63
N ASP GA 205 -33.84 105.28 37.69
CA ASP GA 205 -33.30 103.90 37.65
C ASP GA 205 -33.55 103.06 38.91
N GLN GA 206 -34.72 103.23 39.52
CA GLN GA 206 -35.20 102.34 40.58
C GLN GA 206 -36.03 101.19 39.99
N ILE GA 207 -36.82 101.51 38.95
CA ILE GA 207 -37.73 100.55 38.30
C ILE GA 207 -36.96 99.51 37.46
N TYR GA 208 -37.52 98.30 37.36
CA TYR GA 208 -37.03 97.26 36.45
C TYR GA 208 -38.23 96.64 35.72
N THR GA 209 -38.43 97.09 34.48
CA THR GA 209 -39.61 96.72 33.68
C THR GA 209 -39.29 95.69 32.60
N TRP GA 210 -40.34 95.12 32.02
CA TRP GA 210 -40.24 94.21 30.88
C TRP GA 210 -41.44 94.41 29.96
N SER GA 211 -41.20 94.89 28.74
CA SER GA 211 -42.26 95.04 27.74
C SER GA 211 -42.74 93.66 27.28
N VAL GA 212 -44.06 93.47 27.29
CA VAL GA 212 -44.65 92.20 26.84
C VAL GA 212 -44.47 92.02 25.33
N SER GA 213 -44.63 93.10 24.58
CA SER GA 213 -44.43 93.10 23.12
C SER GA 213 -44.21 94.51 22.58
N ALA GA 214 -43.75 94.56 21.33
CA ALA GA 214 -43.59 95.82 20.60
C ALA GA 214 -44.92 96.39 20.09
N THR GA 215 -45.91 95.52 19.90
CA THR GA 215 -47.25 95.93 19.47
C THR GA 215 -47.94 96.76 20.56
N PRO GA 216 -48.62 97.87 20.16
CA PRO GA 216 -49.43 98.62 21.13
C PRO GA 216 -50.79 97.98 21.40
N ILE GA 217 -51.18 97.91 22.68
CA ILE GA 217 -52.48 97.35 23.09
C ILE GA 217 -53.69 98.15 22.58
N GLY GA 218 -53.57 99.47 22.51
CA GLY GA 218 -54.66 100.34 22.05
C GLY GA 218 -54.23 101.78 21.86
N VAL GA 219 -55.19 102.64 21.52
CA VAL GA 219 -54.95 104.07 21.33
C VAL GA 219 -56.01 104.92 22.05
N LEU GA 220 -55.56 106.02 22.64
CA LEU GA 220 -56.44 107.08 23.13
C LEU GA 220 -56.28 108.28 22.21
N GLN GA 221 -57.40 108.68 21.58
CA GLN GA 221 -57.41 109.69 20.53
C GLN GA 221 -58.51 110.72 20.79
N ASP GA 222 -58.32 111.93 20.26
CA ASP GA 222 -59.27 113.04 20.48
C ASP GA 222 -59.18 114.14 19.43
N GLU GA 223 -60.25 114.93 19.33
CA GLU GA 223 -60.39 116.00 18.33
C GLU GA 223 -59.92 117.37 18.80
N ARG GA 224 -60.13 117.67 20.09
CA ARG GA 224 -59.77 118.98 20.66
C ARG GA 224 -58.26 119.24 20.56
N ASN GA 225 -57.49 118.31 21.10
CA ASN GA 225 -56.04 118.24 20.88
C ASN GA 225 -55.77 117.17 19.84
N ARG GA 226 -55.28 117.58 18.66
CA ARG GA 226 -55.06 116.65 17.54
C ARG GA 226 -53.85 115.76 17.82
N THR GA 227 -54.07 114.73 18.63
CA THR GA 227 -53.03 113.83 19.11
C THR GA 227 -53.48 112.36 19.05
N ALA GA 228 -52.53 111.46 19.29
CA ALA GA 228 -52.80 110.02 19.32
C ALA GA 228 -51.87 109.31 20.31
N GLU GA 229 -52.42 108.89 21.45
CA GLU GA 229 -51.67 108.21 22.49
C GLU GA 229 -51.70 106.69 22.27
N PHE GA 230 -50.61 106.15 21.73
CA PHE GA 230 -50.47 104.71 21.52
C PHE GA 230 -50.03 104.05 22.82
N ILE GA 231 -50.84 103.14 23.33
CA ILE GA 231 -50.62 102.54 24.64
C ILE GA 231 -49.79 101.27 24.51
N VAL GA 232 -48.66 101.23 25.22
CA VAL GA 232 -47.80 100.05 25.33
C VAL GA 232 -48.17 99.30 26.61
N LYS GA 233 -47.92 97.99 26.61
CA LYS GA 233 -48.04 97.18 27.82
C LYS GA 233 -46.64 96.74 28.29
N SER GA 234 -46.43 96.76 29.60
CA SER GA 234 -45.16 96.40 30.20
C SER GA 234 -45.36 95.97 31.66
N HIS GA 235 -44.45 95.14 32.16
CA HIS GA 235 -44.55 94.52 33.49
C HIS GA 235 -43.40 94.94 34.40
N ILE GA 236 -43.75 95.63 35.49
CA ILE GA 236 -42.83 95.86 36.61
C ILE GA 236 -42.40 94.51 37.22
N LEU GA 237 -41.09 94.27 37.24
CA LEU GA 237 -40.53 93.02 37.77
C LEU GA 237 -39.91 93.17 39.17
N ALA GA 238 -39.08 94.18 39.37
CA ALA GA 238 -38.40 94.41 40.66
C ALA GA 238 -37.81 95.81 40.82
N GLY GA 239 -38.62 96.73 41.34
CA GLY GA 239 -38.14 98.06 41.69
C GLY GA 239 -39.19 99.02 42.22
N LYS GA 240 -38.71 100.16 42.70
CA LYS GA 240 -39.59 101.28 43.09
C LYS GA 240 -39.94 102.10 41.86
N PHE GA 241 -40.87 103.04 42.04
CA PHE GA 241 -41.18 104.05 41.04
C PHE GA 241 -40.86 105.41 41.65
N ASP GA 242 -41.73 105.91 42.54
CA ASP GA 242 -41.42 107.02 43.46
C ASP GA 242 -41.03 108.39 42.86
N LEU GA 243 -41.20 108.57 41.54
CA LEU GA 243 -40.76 109.78 40.83
C LEU GA 243 -39.29 110.14 41.08
N ALA GA 250 -44.77 116.32 33.24
CA ALA GA 250 -44.62 116.37 34.70
C ALA GA 250 -45.86 115.82 35.40
N PHE GA 251 -45.64 115.07 36.49
CA PHE GA 251 -46.71 114.42 37.25
C PHE GA 251 -46.57 114.73 38.74
N GLU GA 252 -47.71 114.98 39.39
CA GLU GA 252 -47.75 115.35 40.81
C GLU GA 252 -47.65 114.12 41.71
N ASP GA 253 -48.60 113.21 41.54
CA ASP GA 253 -48.73 112.02 42.38
C ASP GA 253 -48.94 110.76 41.51
N PHE GA 254 -48.69 109.60 42.11
CA PHE GA 254 -48.96 108.31 41.47
C PHE GA 254 -49.63 107.34 42.45
N ALA GA 255 -50.01 106.18 41.93
CA ALA GA 255 -50.58 105.10 42.73
C ALA GA 255 -50.60 103.77 41.98
N TRP GA 256 -50.67 102.68 42.73
CA TRP GA 256 -50.78 101.32 42.18
C TRP GA 256 -52.12 100.73 42.59
N LEU GA 257 -53.01 100.51 41.62
CA LEU GA 257 -54.40 100.16 41.88
C LEU GA 257 -54.90 98.98 41.05
N THR GA 258 -55.93 98.31 41.56
CA THR GA 258 -56.64 97.25 40.84
C THR GA 258 -57.65 97.89 39.87
N LYS GA 259 -58.26 97.06 39.02
CA LYS GA 259 -59.24 97.53 38.03
C LYS GA 259 -60.48 98.20 38.66
N GLY GA 260 -60.93 97.68 39.80
CA GLY GA 260 -62.08 98.24 40.52
C GLY GA 260 -61.85 99.63 41.11
N GLU GA 261 -60.63 99.89 41.54
CA GLU GA 261 -60.24 101.18 42.14
C GLU GA 261 -59.96 102.26 41.09
N ILE GA 262 -59.48 101.84 39.92
CA ILE GA 262 -59.19 102.76 38.80
C ILE GA 262 -60.45 103.49 38.32
N SER GA 263 -61.59 102.79 38.31
CA SER GA 263 -62.89 103.40 37.96
C SER GA 263 -63.22 104.60 38.85
N GLU GA 264 -62.97 104.44 40.15
CA GLU GA 264 -63.17 105.51 41.14
C GLU GA 264 -62.27 106.71 40.88
N TYR GA 265 -60.99 106.42 40.66
CA TYR GA 265 -59.97 107.47 40.44
C TYR GA 265 -60.14 108.20 39.11
N VAL GA 266 -60.15 107.43 38.03
CA VAL GA 266 -60.08 107.96 36.67
C VAL GA 266 -61.47 108.41 36.17
N PRO GA 267 -61.54 109.28 35.13
CA PRO GA 267 -62.84 109.65 34.53
C PRO GA 267 -63.60 108.49 33.89
N LYS GA 268 -64.88 108.70 33.59
CA LYS GA 268 -65.76 107.64 33.11
C LYS GA 268 -65.48 107.25 31.67
N ASP GA 269 -65.37 108.26 30.81
CA ASP GA 269 -65.06 108.10 29.39
C ASP GA 269 -63.72 107.41 29.19
N TYR GA 270 -62.73 107.87 29.94
CA TYR GA 270 -61.37 107.29 29.94
C TYR GA 270 -61.40 105.82 30.33
N PHE GA 271 -62.15 105.53 31.39
CA PHE GA 271 -62.32 104.15 31.87
C PHE GA 271 -62.93 103.25 30.80
N ASN GA 272 -64.01 103.74 30.19
CA ASN GA 272 -64.67 103.04 29.08
C ASN GA 272 -63.72 102.71 27.94
N LYS GA 273 -62.92 103.71 27.55
CA LYS GA 273 -61.87 103.55 26.54
C LYS GA 273 -60.88 102.43 26.89
N THR GA 274 -60.47 102.38 28.16
CA THR GA 274 -59.37 101.49 28.61
C THR GA 274 -59.76 100.46 29.69
N GLU GA 275 -61.02 100.03 29.71
CA GLU GA 275 -61.50 99.04 30.70
C GLU GA 275 -60.97 97.65 30.36
N PHE GA 276 -61.31 97.18 29.16
CA PHE GA 276 -60.96 95.83 28.67
C PHE GA 276 -59.46 95.49 28.67
N LEU GA 277 -58.60 96.50 28.57
CA LEU GA 277 -57.14 96.31 28.64
C LEU GA 277 -56.69 95.74 29.99
N LEU GA 278 -57.38 96.12 31.07
CA LEU GA 278 -57.04 95.71 32.42
C LEU GA 278 -57.64 94.35 32.78
N ALA GA 279 -56.88 93.53 33.48
CA ALA GA 279 -57.34 92.26 34.03
C ALA GA 279 -58.30 92.51 35.19
N ASP GA 280 -59.32 91.66 35.30
CA ASP GA 280 -60.32 91.76 36.37
C ASP GA 280 -59.72 91.35 37.72
N ASN GA 281 -58.91 90.29 37.71
CA ASN GA 281 -58.15 89.85 38.89
C ASN GA 281 -56.65 90.09 38.68
N ALA HA 1 -124.45 -25.67 -29.14
CA ALA HA 1 -123.91 -27.04 -28.87
C ALA HA 1 -123.51 -27.83 -30.13
N PRO HA 2 -124.43 -27.98 -31.11
CA PRO HA 2 -124.02 -28.63 -32.36
C PRO HA 2 -123.30 -27.65 -33.27
N ILE HA 3 -122.17 -28.08 -33.86
CA ILE HA 3 -121.38 -27.21 -34.74
C ILE HA 3 -122.14 -26.85 -36.02
N PHE HA 4 -122.70 -27.86 -36.70
CA PHE HA 4 -123.51 -27.64 -37.90
C PHE HA 4 -124.95 -27.93 -37.51
N PRO HA 5 -125.83 -26.90 -37.51
CA PRO HA 5 -127.23 -27.17 -37.19
C PRO HA 5 -127.96 -27.88 -38.32
N LYS HA 6 -129.16 -28.36 -38.03
CA LYS HA 6 -130.00 -29.04 -39.02
C LYS HA 6 -130.52 -28.05 -40.07
N LEU HA 7 -131.00 -28.59 -41.18
CA LEU HA 7 -131.40 -27.80 -42.34
C LEU HA 7 -132.69 -26.98 -42.10
N GLU HA 8 -133.52 -27.44 -41.15
CA GLU HA 8 -134.83 -26.84 -40.89
C GLU HA 8 -134.72 -25.53 -40.12
N ASP HA 9 -133.97 -25.54 -39.03
CA ASP HA 9 -133.87 -24.38 -38.12
C ASP HA 9 -133.18 -23.15 -38.71
N VAL HA 10 -132.29 -23.34 -39.67
CA VAL HA 10 -131.56 -22.24 -40.30
C VAL HA 10 -132.47 -21.47 -41.27
N LYS HA 11 -132.57 -20.16 -41.06
CA LYS HA 11 -133.39 -19.29 -41.92
C LYS HA 11 -132.61 -18.84 -43.16
N MET HA 12 -133.32 -18.28 -44.13
CA MET HA 12 -132.73 -17.79 -45.38
C MET HA 12 -131.86 -16.55 -45.17
N HIS HA 13 -132.34 -15.62 -44.35
CA HIS HA 13 -131.60 -14.39 -44.01
C HIS HA 13 -130.27 -14.64 -43.26
N GLU HA 14 -130.17 -15.78 -42.58
CA GLU HA 14 -128.92 -16.19 -41.91
C GLU HA 14 -127.80 -16.58 -42.88
N LEU HA 15 -128.14 -16.94 -44.11
CA LEU HA 15 -127.17 -17.41 -45.10
C LEU HA 15 -126.39 -16.27 -45.78
N ILE HA 16 -125.32 -16.65 -46.46
CA ILE HA 16 -124.44 -15.69 -47.16
C ILE HA 16 -125.11 -15.29 -48.48
N GLY HA 17 -124.92 -14.03 -48.85
CA GLY HA 17 -125.57 -13.46 -50.05
C GLY HA 17 -127.01 -13.05 -49.83
N ASN HA 18 -127.39 -12.86 -48.57
CA ASN HA 18 -128.73 -12.41 -48.19
C ASN HA 18 -128.62 -11.24 -47.21
N ASN HA 19 -129.60 -10.34 -47.25
CA ASN HA 19 -129.63 -9.10 -46.44
C ASN HA 19 -128.60 -8.01 -46.80
N ASN HA 20 -127.77 -8.25 -47.82
CA ASN HA 20 -126.87 -7.23 -48.38
C ASN HA 20 -125.87 -6.65 -47.35
N PHE HA 21 -125.09 -7.54 -46.74
CA PHE HA 21 -124.12 -7.15 -45.71
C PHE HA 21 -122.85 -6.50 -46.29
N GLY HA 22 -122.48 -6.88 -47.52
CA GLY HA 22 -121.29 -6.33 -48.17
C GLY HA 22 -121.38 -4.86 -48.53
N LYS HA 23 -122.51 -4.47 -49.12
CA LYS HA 23 -122.67 -3.12 -49.68
C LYS HA 23 -122.91 -2.04 -48.61
N LYS HA 24 -121.86 -1.27 -48.32
CA LYS HA 24 -121.93 -0.08 -47.45
C LYS HA 24 -122.42 -0.32 -46.01
N THR HA 25 -122.28 -1.55 -45.51
CA THR HA 25 -122.64 -1.89 -44.13
C THR HA 25 -121.50 -2.65 -43.46
N TYR HA 26 -121.61 -2.79 -42.13
CA TYR HA 26 -120.52 -3.35 -41.34
C TYR HA 26 -121.00 -3.94 -40.00
N TYR HA 27 -120.07 -4.59 -39.31
CA TYR HA 27 -120.28 -5.10 -37.97
C TYR HA 27 -118.95 -5.00 -37.20
N VAL HA 28 -119.04 -4.85 -35.89
CA VAL HA 28 -117.87 -4.81 -35.01
C VAL HA 28 -118.11 -5.81 -33.88
N GLU HA 29 -117.46 -6.97 -34.00
CA GLU HA 29 -117.63 -8.07 -33.05
C GLU HA 29 -116.89 -7.78 -31.76
N ARG HA 30 -117.53 -8.11 -30.62
CA ARG HA 30 -116.90 -7.94 -29.31
C ARG HA 30 -115.87 -9.04 -29.08
N SER HA 31 -115.01 -8.83 -28.08
CA SER HA 31 -113.97 -9.81 -27.71
C SER HA 31 -114.59 -11.08 -27.10
N ARG HA 32 -113.74 -12.05 -26.75
CA ARG HA 32 -114.20 -13.29 -26.11
C ARG HA 32 -114.87 -13.01 -24.76
N THR HA 33 -114.20 -12.21 -23.93
CA THR HA 33 -114.73 -11.84 -22.62
C THR HA 33 -115.93 -10.88 -22.68
N GLY HA 34 -116.15 -10.24 -23.83
CA GLY HA 34 -117.37 -9.50 -24.12
C GLY HA 34 -117.20 -7.99 -23.97
N ASN HA 35 -116.16 -7.46 -24.62
CA ASN HA 35 -115.84 -6.03 -24.58
C ASN HA 35 -115.57 -5.48 -25.97
N LEU HA 36 -115.61 -4.17 -26.10
CA LEU HA 36 -115.45 -3.50 -27.40
C LEU HA 36 -113.99 -3.49 -27.81
N PRO HA 37 -113.68 -3.96 -29.04
CA PRO HA 37 -112.29 -4.08 -29.48
C PRO HA 37 -111.69 -2.73 -29.89
N VAL HA 38 -111.38 -1.91 -28.88
CA VAL HA 38 -110.77 -0.60 -29.07
C VAL HA 38 -109.64 -0.49 -28.06
N TYR HA 39 -108.43 -0.23 -28.53
CA TYR HA 39 -107.22 -0.35 -27.71
C TYR HA 39 -106.27 0.80 -27.91
N SER HA 40 -105.65 1.25 -26.82
CA SER HA 40 -104.52 2.16 -26.88
C SER HA 40 -103.28 1.36 -27.26
N ALA HA 41 -102.38 1.99 -28.02
CA ALA HA 41 -101.12 1.37 -28.43
C ALA HA 41 -100.03 2.44 -28.43
N TYR HA 42 -98.90 2.11 -27.81
CA TYR HA 42 -97.83 3.07 -27.56
C TYR HA 42 -96.62 2.72 -28.42
N LYS HA 43 -96.64 3.24 -29.64
CA LYS HA 43 -95.64 2.93 -30.66
C LYS HA 43 -94.43 3.86 -30.63
N ASN HA 44 -93.37 3.42 -31.29
CA ASN HA 44 -92.11 4.17 -31.43
C ASN HA 44 -91.42 4.48 -30.08
N GLY HA 45 -91.55 3.55 -29.12
CA GLY HA 45 -90.95 3.71 -27.80
C GLY HA 45 -91.74 4.60 -26.87
N GLY HA 46 -93.06 4.41 -26.84
CA GLY HA 46 -93.96 5.20 -25.99
C GLY HA 46 -94.22 6.62 -26.44
N ASN HA 47 -93.67 6.99 -27.60
CA ASN HA 47 -93.68 8.36 -28.10
C ASN HA 47 -94.96 8.61 -28.89
N LYS HA 48 -95.30 7.65 -29.77
CA LYS HA 48 -96.51 7.70 -30.59
C LYS HA 48 -97.63 6.87 -29.95
N ILE HA 49 -98.60 7.56 -29.35
CA ILE HA 49 -99.85 6.93 -28.92
C ILE HA 49 -100.74 6.80 -30.15
N ILE HA 50 -101.48 5.69 -30.25
CA ILE HA 50 -102.55 5.52 -31.25
C ILE HA 50 -103.68 4.62 -30.73
N THR HA 51 -104.91 4.91 -31.17
CA THR HA 51 -106.08 4.11 -30.84
C THR HA 51 -106.42 3.18 -32.00
N GLU HA 52 -106.42 1.87 -31.74
CA GLU HA 52 -106.71 0.84 -32.73
C GLU HA 52 -108.11 0.29 -32.51
N ILE HA 53 -108.82 -0.02 -33.60
CA ILE HA 53 -110.17 -0.63 -33.54
C ILE HA 53 -110.19 -1.92 -34.36
N ARG HA 54 -110.43 -3.05 -33.70
CA ARG HA 54 -110.33 -4.38 -34.31
C ARG HA 54 -111.67 -5.05 -34.60
N LYS HA 55 -111.59 -6.23 -35.22
CA LYS HA 55 -112.71 -7.17 -35.36
C LYS HA 55 -113.88 -6.60 -36.17
N ILE HA 56 -113.53 -5.88 -37.24
CA ILE HA 56 -114.52 -5.24 -38.09
C ILE HA 56 -114.86 -6.17 -39.25
N GLU HA 57 -116.15 -6.40 -39.45
CA GLU HA 57 -116.67 -7.17 -40.58
C GLU HA 57 -117.32 -6.17 -41.54
N GLY HA 58 -117.20 -6.41 -42.84
CA GLY HA 58 -117.82 -5.57 -43.86
C GLY HA 58 -117.04 -4.31 -44.20
N ASP HA 59 -117.76 -3.26 -44.61
CA ASP HA 59 -117.16 -2.03 -45.12
C ASP HA 59 -116.55 -1.17 -44.00
N VAL HA 60 -115.22 -1.13 -43.95
CA VAL HA 60 -114.48 -0.35 -42.94
C VAL HA 60 -114.51 1.16 -43.20
N ILE HA 61 -114.48 1.56 -44.46
CA ILE HA 61 -114.50 2.97 -44.85
C ILE HA 61 -115.77 3.66 -44.34
N GLN HA 62 -116.90 3.01 -44.57
CA GLN HA 62 -118.20 3.50 -44.10
C GLN HA 62 -118.24 3.68 -42.58
N LEU HA 63 -117.76 2.66 -41.88
CA LEU HA 63 -117.64 2.68 -40.42
C LEU HA 63 -116.81 3.87 -39.94
N ARG HA 64 -115.65 4.06 -40.58
CA ARG HA 64 -114.75 5.18 -40.29
C ARG HA 64 -115.46 6.52 -40.46
N ASN HA 65 -116.16 6.67 -41.60
CA ASN HA 65 -116.94 7.88 -41.90
C ASN HA 65 -117.99 8.17 -40.84
N ASP HA 66 -118.68 7.12 -40.42
CA ASP HA 66 -119.70 7.21 -39.36
C ASP HA 66 -119.10 7.67 -38.04
N LEU HA 67 -117.94 7.11 -37.71
CA LEU HA 67 -117.22 7.48 -36.49
C LEU HA 67 -116.73 8.92 -36.52
N GLN HA 68 -116.25 9.37 -37.67
CA GLN HA 68 -115.87 10.77 -37.89
C GLN HA 68 -117.04 11.72 -37.71
N GLU HA 69 -118.20 11.34 -38.24
CA GLU HA 69 -119.44 12.10 -38.09
C GLU HA 69 -119.85 12.23 -36.63
N GLN HA 70 -119.77 11.10 -35.91
CA GLN HA 70 -120.04 11.05 -34.47
C GLN HA 70 -119.10 11.93 -33.66
N LEU HA 71 -117.80 11.78 -33.94
CA LEU HA 71 -116.73 12.55 -33.28
C LEU HA 71 -116.14 13.61 -34.22
N PRO HA 72 -116.80 14.78 -34.34
CA PRO HA 72 -116.19 15.85 -35.15
C PRO HA 72 -114.96 16.49 -34.52
N PHE HA 73 -114.82 16.39 -33.20
CA PHE HA 73 -113.69 16.99 -32.46
C PHE HA 73 -112.32 16.44 -32.86
N ILE HA 74 -112.26 15.15 -33.24
CA ILE HA 74 -111.04 14.57 -33.80
C ILE HA 74 -110.94 15.05 -35.26
N PRO HA 75 -109.72 15.42 -35.72
CA PRO HA 75 -109.59 15.86 -37.12
C PRO HA 75 -109.89 14.78 -38.16
N LYS HA 76 -109.99 15.21 -39.42
CA LYS HA 76 -110.27 14.31 -40.54
C LYS HA 76 -109.03 13.49 -40.92
N LYS HA 77 -107.87 14.15 -40.90
CA LYS HA 77 -106.58 13.55 -41.25
C LYS HA 77 -106.25 12.29 -40.44
N SER HA 78 -106.47 12.35 -39.14
CA SER HA 78 -106.01 11.31 -38.20
C SER HA 78 -106.96 10.10 -38.11
N TRP HA 79 -107.19 9.44 -39.25
CA TRP HA 79 -108.05 8.24 -39.33
C TRP HA 79 -107.49 7.30 -40.38
N SER HA 80 -106.45 6.55 -40.00
CA SER HA 80 -105.75 5.65 -40.92
C SER HA 80 -106.38 4.26 -40.88
N VAL HA 81 -107.08 3.88 -41.94
CA VAL HA 81 -107.71 2.55 -42.04
C VAL HA 81 -106.83 1.59 -42.84
N VAL HA 82 -106.16 0.68 -42.14
CA VAL HA 82 -105.30 -0.32 -42.80
C VAL HA 82 -106.19 -1.43 -43.37
N MET HA 83 -106.12 -1.61 -44.69
CA MET HA 83 -107.08 -2.44 -45.43
C MET HA 83 -106.80 -3.93 -45.38
N GLN HA 84 -105.54 -4.33 -45.21
CA GLN HA 84 -105.18 -5.76 -45.21
C GLN HA 84 -105.84 -6.52 -44.06
N SER HA 85 -105.76 -5.97 -42.84
CA SER HA 85 -106.38 -6.59 -41.65
C SER HA 85 -107.73 -5.97 -41.27
N LYS HA 86 -108.12 -4.89 -41.95
CA LYS HA 86 -109.36 -4.14 -41.66
C LYS HA 86 -109.43 -3.68 -40.20
N LYS HA 87 -108.62 -2.67 -39.88
CA LYS HA 87 -108.68 -1.98 -38.60
C LYS HA 87 -108.38 -0.51 -38.81
N ILE HA 88 -109.01 0.34 -38.00
CA ILE HA 88 -108.97 1.79 -38.21
C ILE HA 88 -108.24 2.47 -37.04
N ILE HA 89 -107.09 3.07 -37.36
CA ILE HA 89 -106.18 3.66 -36.38
C ILE HA 89 -106.45 5.16 -36.27
N ILE HA 90 -106.48 5.66 -35.03
CA ILE HA 90 -106.68 7.08 -34.74
C ILE HA 90 -105.44 7.56 -33.97
N LYS HA 91 -105.09 8.84 -34.14
CA LYS HA 91 -103.84 9.39 -33.60
C LYS HA 91 -103.76 9.45 -32.07
N GLY HA 92 -104.73 10.09 -31.43
CA GLY HA 92 -104.70 10.28 -29.97
C GLY HA 92 -105.12 9.03 -29.20
N ASN HA 93 -105.10 9.12 -27.88
CA ASN HA 93 -105.79 8.15 -27.03
C ASN HA 93 -107.27 8.54 -27.03
N ALA HA 94 -107.95 8.11 -28.08
CA ALA HA 94 -109.37 8.39 -28.29
C ALA HA 94 -110.17 7.10 -28.16
N VAL HA 95 -109.83 6.29 -27.16
CA VAL HA 95 -110.40 4.95 -26.99
C VAL HA 95 -111.79 5.03 -26.38
N GLU HA 96 -111.89 5.75 -25.27
CA GLU HA 96 -113.12 5.87 -24.48
C GLU HA 96 -114.28 6.47 -25.29
N ALA HA 97 -113.97 7.52 -26.05
CA ALA HA 97 -114.94 8.16 -26.94
C ALA HA 97 -115.45 7.19 -28.00
N VAL HA 98 -114.52 6.46 -28.62
CA VAL HA 98 -114.86 5.44 -29.62
C VAL HA 98 -115.78 4.38 -29.04
N LYS HA 99 -115.43 3.87 -27.86
CA LYS HA 99 -116.24 2.88 -27.15
C LYS HA 99 -117.66 3.38 -26.92
N ARG HA 100 -117.77 4.62 -26.45
CA ARG HA 100 -119.06 5.28 -26.22
C ARG HA 100 -119.91 5.33 -27.48
N VAL HA 101 -119.28 5.72 -28.59
CA VAL HA 101 -119.92 5.78 -29.89
C VAL HA 101 -120.42 4.41 -30.35
N LEU HA 102 -119.60 3.38 -30.15
CA LEU HA 102 -119.92 2.03 -30.63
C LEU HA 102 -120.97 1.31 -29.78
N THR HA 103 -120.81 1.38 -28.45
CA THR HA 103 -121.66 0.66 -27.49
C THR HA 103 -123.14 0.56 -27.88
N LYS HA 104 -123.73 1.69 -28.25
CA LYS HA 104 -125.17 1.76 -28.57
C LYS HA 104 -125.65 0.79 -29.65
N LYS HA 105 -124.79 0.45 -30.61
CA LYS HA 105 -125.13 -0.52 -31.65
C LYS HA 105 -124.42 -1.88 -31.52
N PHE HA 106 -123.15 -1.87 -31.13
CA PHE HA 106 -122.35 -3.10 -31.01
C PHE HA 106 -122.05 -3.42 -29.55
N ASP IA 38 -64.68 -63.68 -77.81
CA ASP IA 38 -65.77 -64.13 -78.73
C ASP IA 38 -65.24 -64.36 -80.14
N PHE IA 39 -64.53 -63.36 -80.66
CA PHE IA 39 -63.95 -63.42 -82.00
C PHE IA 39 -63.02 -64.61 -82.16
N MET IA 40 -62.11 -64.76 -81.20
CA MET IA 40 -61.14 -65.86 -81.18
C MET IA 40 -61.83 -67.21 -81.24
N SER IA 41 -62.88 -67.38 -80.44
CA SER IA 41 -63.68 -68.61 -80.42
C SER IA 41 -64.33 -68.87 -81.78
N TRP IA 42 -64.90 -67.82 -82.36
CA TRP IA 42 -65.48 -67.88 -83.71
C TRP IA 42 -64.46 -68.32 -84.76
N PHE IA 43 -63.29 -67.70 -84.71
CA PHE IA 43 -62.18 -68.03 -85.61
C PHE IA 43 -61.76 -69.50 -85.51
N LYS IA 44 -61.66 -69.97 -84.27
CA LYS IA 44 -61.36 -71.39 -83.99
C LYS IA 44 -62.40 -72.32 -84.59
N ARG IA 45 -63.67 -71.99 -84.38
CA ARG IA 45 -64.80 -72.74 -84.96
C ARG IA 45 -64.73 -72.80 -86.48
N LYS IA 46 -64.44 -71.64 -87.10
CA LYS IA 46 -64.27 -71.55 -88.56
C LYS IA 46 -63.14 -72.44 -89.07
N LYS IA 47 -62.02 -72.41 -88.36
CA LYS IA 47 -60.86 -73.28 -88.66
C LYS IA 47 -61.23 -74.75 -88.60
N GLN IA 48 -61.94 -75.13 -87.53
CA GLN IA 48 -62.42 -76.50 -87.34
C GLN IA 48 -63.32 -76.96 -88.50
N GLU IA 49 -64.26 -76.08 -88.87
CA GLU IA 49 -65.16 -76.32 -90.01
C GLU IA 49 -64.40 -76.53 -91.31
N GLU IA 50 -63.40 -75.67 -91.54
CA GLU IA 50 -62.53 -75.77 -92.71
C GLU IA 50 -61.81 -77.12 -92.75
N HIS IA 51 -61.28 -77.51 -91.60
CA HIS IA 51 -60.57 -78.78 -91.42
C HIS IA 51 -61.45 -79.97 -91.79
N GLN IA 52 -62.67 -79.99 -91.26
CA GLN IA 52 -63.63 -81.06 -91.51
C GLN IA 52 -64.56 -80.70 -92.67
N LYS IA 81 -88.29 -69.81 -97.12
CA LYS IA 81 -87.81 -68.46 -96.82
C LYS IA 81 -87.06 -68.41 -95.48
N ASN IA 82 -85.96 -67.66 -95.46
CA ASN IA 82 -85.16 -67.49 -94.25
C ASN IA 82 -85.84 -66.52 -93.29
N ARG IA 83 -86.11 -65.31 -93.77
CA ARG IA 83 -86.68 -64.24 -92.95
C ARG IA 83 -88.10 -64.54 -92.43
N LEU IA 84 -88.44 -63.92 -91.30
CA LEU IA 84 -89.78 -63.99 -90.70
C LEU IA 84 -90.22 -62.56 -90.38
N GLU IA 85 -91.31 -62.13 -91.01
CA GLU IA 85 -91.82 -60.76 -90.83
C GLU IA 85 -92.39 -60.55 -89.41
N LEU IA 86 -91.94 -59.49 -88.75
CA LEU IA 86 -92.34 -59.18 -87.39
C LEU IA 86 -93.72 -58.52 -87.37
N ILE IA 87 -94.70 -59.26 -86.85
CA ILE IA 87 -96.10 -58.80 -86.78
C ILE IA 87 -96.83 -59.65 -85.72
N PRO IA 88 -97.76 -59.04 -84.93
CA PRO IA 88 -98.48 -59.83 -83.91
C PRO IA 88 -99.23 -61.10 -84.37
N GLU IA 89 -99.50 -61.23 -85.67
CA GLU IA 89 -100.09 -62.46 -86.22
C GLU IA 89 -99.10 -63.64 -86.16
N ASN IA 90 -97.83 -63.37 -86.45
CA ASN IA 90 -96.78 -64.40 -86.43
C ASN IA 90 -96.34 -64.83 -85.03
N PHE IA 91 -96.45 -63.94 -84.05
CA PHE IA 91 -96.11 -64.27 -82.65
C PHE IA 91 -97.17 -65.15 -81.99
N ILE IA 92 -96.82 -65.72 -80.84
CA ILE IA 92 -97.73 -66.58 -80.06
C ILE IA 92 -97.44 -66.53 -78.56
N GLY IA 93 -98.49 -66.78 -77.76
CA GLY IA 93 -98.37 -66.87 -76.31
C GLY IA 93 -98.73 -65.59 -75.58
N GLU IA 94 -98.56 -65.61 -74.26
CA GLU IA 94 -98.79 -64.47 -73.39
C GLU IA 94 -97.66 -63.45 -73.58
N GLY IA 95 -98.03 -62.26 -74.08
CA GLY IA 95 -97.05 -61.20 -74.36
C GLY IA 95 -96.69 -60.41 -73.11
N SER IA 96 -96.70 -59.08 -73.24
CA SER IA 96 -96.37 -58.18 -72.13
C SER IA 96 -97.52 -58.13 -71.12
N ARG IA 97 -97.16 -58.15 -69.83
CA ARG IA 97 -98.13 -58.06 -68.74
C ARG IA 97 -98.74 -56.66 -68.64
N ARG IA 98 -97.86 -55.66 -68.65
CA ARG IA 98 -98.23 -54.26 -68.53
C ARG IA 98 -99.23 -53.84 -69.61
N CYS IA 99 -98.93 -54.20 -70.85
CA CYS IA 99 -99.79 -53.93 -72.00
C CYS IA 99 -101.18 -54.53 -71.83
N LYS IA 100 -101.21 -55.80 -71.42
CA LYS IA 100 -102.44 -56.53 -71.11
C LYS IA 100 -103.28 -55.82 -70.03
N ARG IA 101 -102.60 -55.40 -68.97
CA ARG IA 101 -103.26 -54.77 -67.82
C ARG IA 101 -103.95 -53.45 -68.19
N GLN IA 102 -103.24 -52.64 -68.97
CA GLN IA 102 -103.78 -51.38 -69.51
C GLN IA 102 -105.02 -51.61 -70.37
N LYS IA 103 -104.95 -52.61 -71.25
CA LYS IA 103 -106.07 -53.00 -72.09
C LYS IA 103 -107.29 -53.41 -71.28
N GLU IA 104 -107.05 -54.24 -70.26
CA GLU IA 104 -108.10 -54.67 -69.32
C GLU IA 104 -108.78 -53.49 -68.63
N LEU IA 105 -107.96 -52.56 -68.14
CA LEU IA 105 -108.45 -51.31 -67.52
C LEU IA 105 -109.33 -50.50 -68.47
N LYS IA 106 -108.88 -50.38 -69.71
CA LYS IA 106 -109.61 -49.67 -70.76
C LYS IA 106 -110.96 -50.32 -71.06
N LEU IA 107 -110.94 -51.65 -71.14
CA LEU IA 107 -112.18 -52.45 -71.28
C LEU IA 107 -113.14 -52.21 -70.13
N ALA IA 108 -112.61 -52.21 -68.92
CA ALA IA 108 -113.39 -52.00 -67.70
C ALA IA 108 -114.04 -50.62 -67.67
N VAL IA 109 -113.24 -49.58 -67.89
CA VAL IA 109 -113.70 -48.19 -67.73
C VAL IA 109 -114.80 -47.82 -68.76
N SER IA 110 -114.68 -48.35 -69.97
CA SER IA 110 -115.68 -48.16 -71.03
C SER IA 110 -117.06 -48.71 -70.63
N SER IA 111 -117.07 -49.91 -70.05
CA SER IA 111 -118.30 -50.58 -69.62
C SER IA 111 -118.20 -50.99 -68.14
N ALA IA 112 -118.54 -50.05 -67.26
CA ALA IA 112 -118.55 -50.29 -65.80
C ALA IA 112 -119.80 -49.64 -65.15
N PRO IA 113 -120.20 -50.15 -63.97
CA PRO IA 113 -121.35 -49.56 -63.27
C PRO IA 113 -120.99 -48.24 -62.59
N PHE IA 114 -121.67 -47.17 -63.00
CA PHE IA 114 -121.43 -45.82 -62.49
C PHE IA 114 -122.72 -45.01 -62.61
N ASN IA 115 -122.91 -44.05 -61.71
CA ASN IA 115 -124.20 -43.36 -61.59
C ASN IA 115 -124.49 -42.39 -62.74
N GLN IA 116 -123.61 -41.41 -62.94
CA GLN IA 116 -123.75 -40.37 -63.96
C GLN IA 116 -125.06 -39.58 -63.79
N TRP IA 117 -125.17 -38.94 -62.63
CA TRP IA 117 -126.34 -38.10 -62.30
C TRP IA 117 -126.45 -36.81 -63.13
N LEU IA 118 -125.31 -36.33 -63.65
CA LEU IA 118 -125.29 -35.21 -64.60
C LEU IA 118 -125.75 -35.72 -65.96
N SER IA 119 -126.42 -34.87 -66.73
CA SER IA 119 -126.79 -35.22 -68.11
C SER IA 119 -125.55 -35.31 -68.99
N ARG IA 120 -125.61 -36.19 -69.99
CA ARG IA 120 -124.51 -36.37 -70.93
C ARG IA 120 -124.41 -35.17 -71.86
N ASP IA 121 -125.52 -34.85 -72.53
CA ASP IA 121 -125.60 -33.68 -73.40
C ASP IA 121 -125.75 -32.41 -72.57
N LYS IA 122 -124.98 -31.39 -72.92
CA LYS IA 122 -124.96 -30.11 -72.22
C LYS IA 122 -125.96 -29.15 -72.86
N ILE IA 123 -126.06 -27.92 -72.35
CA ILE IA 123 -127.09 -26.97 -72.82
C ILE IA 123 -126.57 -26.22 -74.05
N THR IA 124 -125.63 -25.28 -73.84
CA THR IA 124 -124.98 -24.52 -74.92
C THR IA 124 -125.99 -23.72 -75.79
N SER IA 125 -127.03 -23.20 -75.14
CA SER IA 125 -128.08 -22.42 -75.81
C SER IA 125 -128.92 -21.67 -74.79
N ASP IA 126 -129.12 -20.37 -74.99
CA ASP IA 126 -129.87 -19.52 -74.05
C ASP IA 126 -131.36 -19.85 -73.98
N ASN IA 127 -131.94 -20.14 -75.15
CA ASN IA 127 -133.34 -20.57 -75.25
C ASN IA 127 -133.57 -21.90 -74.55
N GLN IA 128 -132.67 -22.84 -74.78
CA GLN IA 128 -132.69 -24.16 -74.14
C GLN IA 128 -132.57 -24.05 -72.63
N LEU IA 129 -131.65 -23.19 -72.19
CA LEU IA 129 -131.42 -22.94 -70.76
C LEU IA 129 -132.67 -22.39 -70.07
N ASP IA 130 -133.28 -21.40 -70.71
CA ASP IA 130 -134.54 -20.80 -70.23
C ASP IA 130 -135.65 -21.83 -70.07
N ASP IA 131 -135.77 -22.71 -71.08
CA ASP IA 131 -136.74 -23.80 -71.08
C ASP IA 131 -136.51 -24.77 -69.93
N MET IA 132 -135.24 -25.12 -69.70
CA MET IA 132 -134.83 -25.96 -68.57
C MET IA 132 -135.21 -25.35 -67.23
N ILE IA 133 -134.92 -24.06 -67.09
CA ILE IA 133 -135.24 -23.29 -65.89
C ILE IA 133 -136.75 -23.32 -65.61
N LEU IA 134 -137.53 -23.07 -66.65
CA LEU IA 134 -139.00 -23.12 -66.58
C LEU IA 134 -139.49 -24.50 -66.12
N GLN IA 135 -138.92 -25.54 -66.70
CA GLN IA 135 -139.24 -26.93 -66.35
C GLN IA 135 -138.94 -27.23 -64.88
N ALA IA 136 -137.78 -26.75 -64.42
CA ALA IA 136 -137.37 -26.89 -63.02
C ALA IA 136 -138.35 -26.20 -62.09
N THR IA 137 -138.72 -24.97 -62.44
CA THR IA 137 -139.70 -24.17 -61.70
C THR IA 137 -141.04 -24.90 -61.59
N GLU IA 138 -141.51 -25.43 -62.71
CA GLU IA 138 -142.75 -26.22 -62.77
C GLU IA 138 -142.73 -27.42 -61.82
N LYS IA 139 -141.62 -28.17 -61.86
CA LYS IA 139 -141.52 -29.45 -61.16
C LYS IA 139 -141.28 -29.30 -59.66
N THR IA 140 -140.25 -28.53 -59.30
CA THR IA 140 -139.82 -28.43 -57.89
C THR IA 140 -140.64 -27.42 -57.08
N LEU IA 141 -140.86 -26.22 -57.65
CA LEU IA 141 -141.51 -25.13 -56.94
C LEU IA 141 -143.02 -25.07 -57.19
N GLY IA 142 -143.39 -24.97 -58.47
CA GLY IA 142 -144.77 -24.75 -58.91
C GLY IA 142 -144.85 -23.54 -59.82
N LYS IA 143 -146.07 -23.12 -60.17
CA LYS IA 143 -146.25 -21.94 -61.01
C LYS IA 143 -146.04 -20.65 -60.22
N VAL IA 144 -144.80 -20.17 -60.25
CA VAL IA 144 -144.42 -18.87 -59.65
C VAL IA 144 -143.46 -18.14 -60.59
N ASP IA 145 -143.34 -16.82 -60.38
CA ASP IA 145 -142.43 -16.00 -61.17
C ASP IA 145 -140.97 -16.29 -60.80
N GLN IA 146 -140.08 -16.14 -61.79
CA GLN IA 146 -138.66 -16.38 -61.59
C GLN IA 146 -137.97 -15.29 -60.76
N ASP IA 147 -138.59 -14.11 -60.69
CA ASP IA 147 -138.11 -13.02 -59.82
C ASP IA 147 -138.31 -13.32 -58.33
N VAL IA 148 -139.32 -14.12 -58.00
CA VAL IA 148 -139.65 -14.45 -56.60
C VAL IA 148 -138.63 -15.44 -56.03
N GLN IA 149 -138.28 -15.25 -54.76
CA GLN IA 149 -137.28 -16.07 -54.07
C GLN IA 149 -137.84 -17.45 -53.68
N PHE IA 150 -136.94 -18.35 -53.29
CA PHE IA 150 -137.33 -19.68 -52.83
C PHE IA 150 -137.96 -19.58 -51.43
N SER IA 151 -139.11 -20.23 -51.25
CA SER IA 151 -139.82 -20.21 -49.98
C SER IA 151 -139.13 -21.10 -48.96
N ASP IA 152 -138.98 -22.37 -49.31
CA ASP IA 152 -138.33 -23.38 -48.47
C ASP IA 152 -136.91 -23.62 -48.96
N LEU IA 153 -136.03 -23.97 -48.02
CA LEU IA 153 -134.62 -24.25 -48.32
C LEU IA 153 -134.42 -25.63 -48.93
N VAL IA 154 -135.22 -26.58 -48.49
CA VAL IA 154 -135.27 -27.93 -49.07
C VAL IA 154 -135.73 -27.87 -50.53
N ALA IA 155 -136.76 -27.06 -50.78
CA ALA IA 155 -137.30 -26.84 -52.12
C ALA IA 155 -136.26 -26.23 -53.05
N LYS IA 156 -135.55 -25.23 -52.54
CA LYS IA 156 -134.42 -24.60 -53.24
C LYS IA 156 -133.36 -25.63 -53.64
N PHE IA 157 -132.94 -26.42 -52.66
CA PHE IA 157 -131.98 -27.51 -52.88
C PHE IA 157 -132.41 -28.42 -54.01
N GLN IA 158 -133.68 -28.84 -53.94
CA GLN IA 158 -134.29 -29.73 -54.93
C GLN IA 158 -134.23 -29.13 -56.33
N PHE IA 159 -134.58 -27.85 -56.42
CA PHE IA 159 -134.51 -27.08 -57.66
C PHE IA 159 -133.11 -27.06 -58.24
N THR IA 160 -132.13 -26.76 -57.39
CA THR IA 160 -130.75 -26.62 -57.81
C THR IA 160 -130.15 -27.94 -58.29
N LYS IA 161 -130.45 -29.03 -57.58
CA LYS IA 161 -130.04 -30.38 -57.97
C LYS IA 161 -130.61 -30.75 -59.34
N PHE IA 162 -131.91 -30.48 -59.52
CA PHE IA 162 -132.59 -30.72 -60.79
C PHE IA 162 -131.94 -29.95 -61.92
N LEU IA 163 -131.69 -28.66 -61.68
CA LEU IA 163 -131.03 -27.78 -62.63
C LEU IA 163 -129.68 -28.32 -63.06
N GLN IA 164 -128.88 -28.72 -62.07
CA GLN IA 164 -127.57 -29.35 -62.30
C GLN IA 164 -127.66 -30.59 -63.17
N SER IA 165 -128.61 -31.46 -62.84
CA SER IA 165 -128.80 -32.74 -63.53
C SER IA 165 -129.16 -32.54 -64.99
N LYS IA 166 -130.12 -31.66 -65.24
CA LYS IA 166 -130.55 -31.33 -66.60
C LYS IA 166 -129.42 -30.67 -67.39
N SER IA 167 -128.73 -29.74 -66.73
CA SER IA 167 -127.64 -28.98 -67.34
C SER IA 167 -126.48 -29.87 -67.79
N GLY IA 168 -126.04 -30.76 -66.91
CA GLY IA 168 -124.80 -31.51 -67.09
C GLY IA 168 -123.64 -30.92 -66.30
N TYR IA 169 -123.77 -29.65 -65.89
CA TYR IA 169 -122.71 -28.92 -65.19
C TYR IA 169 -123.00 -28.80 -63.70
N LEU IA 170 -121.94 -28.57 -62.92
CA LEU IA 170 -122.03 -28.38 -61.47
C LEU IA 170 -121.96 -26.91 -61.11
N ILE IA 171 -122.99 -26.42 -60.43
CA ILE IA 171 -123.03 -25.06 -59.89
C ILE IA 171 -122.40 -25.11 -58.50
N PRO IA 172 -121.33 -24.33 -58.24
CA PRO IA 172 -120.63 -24.40 -56.95
C PRO IA 172 -121.47 -24.07 -55.70
N ASP IA 173 -121.03 -24.60 -54.56
CA ASP IA 173 -121.75 -24.49 -53.28
C ASP IA 173 -121.97 -23.05 -52.82
N TYR IA 174 -120.91 -22.26 -52.93
CA TYR IA 174 -120.95 -20.83 -52.62
C TYR IA 174 -121.99 -20.09 -53.46
N GLU IA 175 -121.97 -20.38 -54.76
CA GLU IA 175 -122.96 -19.82 -55.70
C GLU IA 175 -124.38 -20.18 -55.30
N LEU IA 176 -124.61 -21.46 -55.01
CA LEU IA 176 -125.91 -21.96 -54.55
C LEU IA 176 -126.41 -21.20 -53.32
N THR IA 177 -125.51 -21.04 -52.35
CA THR IA 177 -125.78 -20.28 -51.12
C THR IA 177 -126.19 -18.83 -51.43
N THR IA 178 -125.45 -18.21 -52.34
CA THR IA 178 -125.66 -16.81 -52.71
C THR IA 178 -126.98 -16.58 -53.42
N LEU IA 179 -127.19 -17.27 -54.55
CA LEU IA 179 -128.31 -17.00 -55.45
C LEU IA 179 -129.65 -17.40 -54.82
N SER IA 180 -130.54 -16.43 -54.70
CA SER IA 180 -131.83 -16.57 -54.01
C SER IA 180 -133.03 -16.85 -54.93
N THR IA 181 -132.86 -16.69 -56.24
CA THR IA 181 -133.96 -16.88 -57.21
C THR IA 181 -133.53 -17.76 -58.38
N PRO IA 182 -134.50 -18.44 -59.05
CA PRO IA 182 -134.25 -19.13 -60.32
C PRO IA 182 -133.70 -18.22 -61.43
N LEU IA 183 -134.23 -17.00 -61.51
CA LEU IA 183 -133.77 -15.99 -62.45
C LEU IA 183 -132.30 -15.65 -62.28
N GLN IA 184 -131.90 -15.45 -61.03
CA GLN IA 184 -130.50 -15.20 -60.66
C GLN IA 184 -129.58 -16.35 -61.11
N PHE IA 185 -130.02 -17.57 -60.83
CA PHE IA 185 -129.34 -18.79 -61.26
C PHE IA 185 -129.14 -18.84 -62.77
N LYS IA 186 -130.21 -18.57 -63.50
CA LYS IA 186 -130.21 -18.50 -64.96
C LYS IA 186 -129.19 -17.48 -65.48
N ARG IA 187 -129.22 -16.28 -64.88
CA ARG IA 187 -128.30 -15.20 -65.20
C ARG IA 187 -126.85 -15.62 -65.00
N TYR IA 188 -126.59 -16.25 -63.85
CA TYR IA 188 -125.26 -16.78 -63.52
C TYR IA 188 -124.78 -17.78 -64.59
N ILE IA 189 -125.66 -18.71 -64.94
CA ILE IA 189 -125.39 -19.73 -65.96
C ILE IA 189 -125.02 -19.08 -67.30
N LYS IA 190 -125.81 -18.09 -67.70
CA LYS IA 190 -125.59 -17.33 -68.91
C LYS IA 190 -124.23 -16.63 -68.93
N GLU IA 191 -123.88 -16.05 -67.77
CA GLU IA 191 -122.58 -15.40 -67.57
C GLU IA 191 -121.38 -16.34 -67.73
N LYS IA 192 -121.40 -17.47 -67.02
CA LYS IA 192 -120.18 -18.21 -66.70
C LYS IA 192 -119.93 -19.46 -67.54
N ILE IA 193 -120.92 -20.35 -67.59
CA ILE IA 193 -120.77 -21.67 -68.22
C ILE IA 193 -120.98 -21.59 -69.73
N LEU IA 194 -122.09 -20.95 -70.11
CA LEU IA 194 -122.53 -20.83 -71.51
C LEU IA 194 -121.47 -20.41 -72.54
N PRO IA 195 -120.75 -19.30 -72.29
CA PRO IA 195 -119.72 -18.86 -73.25
C PRO IA 195 -118.58 -19.87 -73.42
N SER IA 196 -118.17 -20.48 -72.31
CA SER IA 196 -117.15 -21.53 -72.32
C SER IA 196 -117.60 -22.76 -73.09
N ALA IA 197 -118.85 -23.15 -72.89
CA ALA IA 197 -119.48 -24.25 -73.63
C ALA IA 197 -119.51 -23.99 -75.14
N ASN IA 198 -119.89 -22.76 -75.50
CA ASN IA 198 -119.93 -22.30 -76.89
C ASN IA 198 -118.57 -22.38 -77.58
N ASP IA 199 -117.54 -21.86 -76.91
CA ASP IA 199 -116.18 -21.78 -77.46
C ASP IA 199 -115.17 -22.40 -76.49
N PRO IA 200 -114.61 -23.58 -76.83
CA PRO IA 200 -113.70 -24.28 -75.91
C PRO IA 200 -112.34 -23.59 -75.67
N LYS IA 201 -111.89 -22.79 -76.63
CA LYS IA 201 -110.68 -21.96 -76.45
C LYS IA 201 -110.90 -20.82 -75.45
N LEU IA 202 -112.12 -20.31 -75.39
CA LEU IA 202 -112.50 -19.25 -74.44
C LEU IA 202 -112.58 -19.73 -72.98
N ALA IA 203 -112.71 -21.05 -72.78
CA ALA IA 203 -112.86 -21.65 -71.45
C ALA IA 203 -111.71 -21.35 -70.47
N TYR IA 204 -112.04 -21.38 -69.18
CA TYR IA 204 -111.08 -21.11 -68.11
C TYR IA 204 -110.12 -22.28 -67.94
N LYS IA 205 -108.82 -21.99 -67.95
CA LYS IA 205 -107.78 -22.98 -67.71
C LYS IA 205 -107.17 -22.74 -66.32
N GLU IA 206 -106.84 -23.83 -65.63
CA GLU IA 206 -106.43 -23.78 -64.22
C GLU IA 206 -105.00 -23.27 -64.04
N ALA IA 207 -104.06 -23.81 -64.83
CA ALA IA 207 -102.64 -23.43 -64.75
C ALA IA 207 -102.39 -21.97 -65.14
N GLU IA 208 -103.23 -21.42 -66.02
CA GLU IA 208 -103.15 -20.02 -66.46
C GLU IA 208 -104.49 -19.33 -66.18
N PRO IA 209 -104.75 -18.97 -64.90
CA PRO IA 209 -106.02 -18.39 -64.49
C PRO IA 209 -106.23 -16.94 -64.93
N ASN IA 210 -105.14 -16.22 -65.19
CA ASN IA 210 -105.19 -14.81 -65.61
C ASN IA 210 -105.02 -14.66 -67.13
N ALA IA 211 -105.62 -15.59 -67.87
CA ALA IA 211 -105.54 -15.59 -69.33
C ALA IA 211 -106.51 -14.58 -69.91
N ILE IA 212 -106.18 -14.07 -71.10
CA ILE IA 212 -107.06 -13.19 -71.86
C ILE IA 212 -107.29 -13.78 -73.24
N HIS IA 213 -108.43 -13.46 -73.83
CA HIS IA 213 -108.84 -14.03 -75.12
C HIS IA 213 -109.30 -12.92 -76.05
N PRO IA 214 -108.37 -12.06 -76.49
CA PRO IA 214 -108.72 -10.95 -77.38
C PRO IA 214 -108.99 -11.41 -78.81
N PHE IA 215 -109.74 -10.59 -79.55
CA PHE IA 215 -110.02 -10.83 -80.97
C PHE IA 215 -109.90 -9.52 -81.74
N SER IA 216 -109.90 -9.62 -83.07
CA SER IA 216 -109.83 -8.45 -83.94
C SER IA 216 -111.10 -7.58 -83.85
N ASP IA 217 -112.24 -8.23 -83.66
CA ASP IA 217 -113.54 -7.55 -83.49
C ASP IA 217 -113.64 -6.80 -82.16
N ASN IA 218 -113.00 -7.34 -81.12
CA ASN IA 218 -113.03 -6.77 -79.76
C ASN IA 218 -112.60 -5.29 -79.68
N TYR IA 219 -111.63 -4.90 -80.50
CA TYR IA 219 -111.04 -3.56 -80.41
C TYR IA 219 -111.79 -2.45 -81.17
N ALA IA 220 -112.54 -2.81 -82.21
CA ALA IA 220 -113.44 -1.87 -82.91
C ALA IA 220 -112.74 -0.67 -83.60
N SER IA 221 -111.44 -0.80 -83.87
CA SER IA 221 -110.69 0.18 -84.64
C SER IA 221 -109.89 -0.64 -85.65
N PRO IA 222 -110.15 -0.45 -86.96
CA PRO IA 222 -109.81 -1.49 -87.93
C PRO IA 222 -108.30 -1.68 -88.19
N ASN IA 223 -107.46 -0.75 -87.76
CA ASN IA 223 -106.01 -0.95 -87.77
C ASN IA 223 -105.47 -1.88 -86.67
N ILE IA 224 -106.30 -2.17 -85.66
CA ILE IA 224 -105.95 -3.15 -84.61
C ILE IA 224 -106.48 -4.53 -85.03
N TYR IA 225 -105.68 -5.56 -84.74
CA TYR IA 225 -106.11 -6.95 -84.98
C TYR IA 225 -105.34 -7.93 -84.10
N VAL IA 226 -105.96 -9.10 -83.86
CA VAL IA 226 -105.38 -10.17 -83.05
C VAL IA 226 -105.13 -11.37 -83.96
N VAL IA 227 -103.87 -11.77 -84.07
CA VAL IA 227 -103.48 -12.94 -84.87
C VAL IA 227 -104.04 -14.23 -84.25
N ASN IA 228 -104.38 -15.19 -85.10
CA ASN IA 228 -105.08 -16.40 -84.68
C ASN IA 228 -104.21 -17.37 -83.87
N ASP IA 229 -104.68 -17.71 -82.67
CA ASP IA 229 -103.98 -18.65 -81.78
C ASP IA 229 -104.24 -20.08 -82.24
N VAL IA 230 -103.47 -20.52 -83.23
CA VAL IA 230 -103.43 -21.91 -83.67
C VAL IA 230 -102.10 -22.47 -83.20
N THR IA 231 -102.17 -23.53 -82.39
CA THR IA 231 -100.95 -24.15 -81.85
C THR IA 231 -100.11 -24.75 -82.97
N SER IA 232 -98.80 -24.63 -82.83
CA SER IA 232 -97.82 -25.14 -83.81
C SER IA 232 -98.01 -26.63 -84.10
N LYS IA 233 -98.26 -27.40 -83.04
CA LYS IA 233 -98.51 -28.83 -83.11
C LYS IA 233 -99.70 -29.18 -83.99
N GLU IA 234 -100.81 -28.46 -83.77
CA GLU IA 234 -102.04 -28.63 -84.55
C GLU IA 234 -101.81 -28.36 -86.04
N GLN IA 235 -101.09 -27.28 -86.32
CA GLN IA 235 -100.70 -26.92 -87.69
C GLN IA 235 -99.88 -28.02 -88.36
N LYS IA 236 -98.89 -28.52 -87.63
CA LYS IA 236 -98.05 -29.62 -88.07
C LYS IA 236 -98.87 -30.87 -88.40
N SER IA 237 -99.79 -31.21 -87.49
CA SER IA 237 -100.71 -32.33 -87.69
C SER IA 237 -101.55 -32.16 -88.94
N LYS IA 238 -102.11 -30.97 -89.12
CA LYS IA 238 -102.85 -30.60 -90.33
C LYS IA 238 -102.03 -30.79 -91.60
N TYR IA 239 -100.80 -30.29 -91.58
CA TYR IA 239 -99.87 -30.43 -92.70
C TYR IA 239 -99.63 -31.90 -93.03
N ASP IA 240 -99.34 -32.69 -92.00
CA ASP IA 240 -99.12 -34.13 -92.14
C ASP IA 240 -100.30 -34.82 -92.80
N THR IA 241 -101.50 -34.51 -92.31
CA THR IA 241 -102.73 -35.10 -92.85
C THR IA 241 -102.95 -34.75 -94.32
N ILE IA 242 -102.70 -33.49 -94.68
CA ILE IA 242 -102.93 -33.00 -96.05
C ILE IA 242 -101.95 -33.63 -97.03
N MET IA 243 -100.66 -33.56 -96.72
CA MET IA 243 -99.61 -34.14 -97.57
C MET IA 243 -99.74 -35.66 -97.68
N LYS IA 244 -100.11 -36.31 -96.58
CA LYS IA 244 -100.42 -37.73 -96.55
C LYS IA 244 -101.60 -38.07 -97.47
N GLU IA 245 -102.66 -37.27 -97.36
CA GLU IA 245 -103.87 -37.44 -98.17
C GLU IA 245 -103.59 -37.30 -99.66
N ILE IA 246 -102.76 -36.32 -100.00
CA ILE IA 246 -102.29 -36.11 -101.38
C ILE IA 246 -101.53 -37.32 -101.89
N GLN IA 247 -100.61 -37.80 -101.06
CA GLN IA 247 -99.80 -38.99 -101.37
C GLN IA 247 -100.68 -40.20 -101.65
N LYS IA 248 -101.65 -40.43 -100.77
CA LYS IA 248 -102.66 -41.49 -100.92
C LYS IA 248 -103.40 -41.39 -102.24
N LEU IA 249 -103.85 -40.17 -102.55
CA LEU IA 249 -104.56 -39.87 -103.80
C LEU IA 249 -103.70 -40.20 -105.03
N GLU IA 250 -102.45 -39.77 -104.97
CA GLU IA 250 -101.48 -39.97 -106.05
C GLU IA 250 -101.20 -41.45 -106.27
N ASP IA 251 -100.88 -42.16 -105.18
CA ASP IA 251 -100.56 -43.59 -105.22
C ASP IA 251 -101.67 -44.46 -105.82
N ASP IA 252 -102.91 -44.15 -105.44
CA ASP IA 252 -104.09 -44.82 -105.99
C ASP IA 252 -104.24 -44.60 -107.49
N ALA IA 253 -104.03 -43.35 -107.91
CA ALA IA 253 -104.06 -42.97 -109.33
C ALA IA 253 -102.99 -43.68 -110.14
N THR IA 254 -101.79 -43.79 -109.58
CA THR IA 254 -100.66 -44.47 -110.22
C THR IA 254 -100.95 -45.97 -110.40
N ARG IA 255 -101.50 -46.57 -109.34
CA ARG IA 255 -101.93 -47.97 -109.34
C ARG IA 255 -102.97 -48.23 -110.44
N LYS IA 256 -103.95 -47.34 -110.52
CA LYS IA 256 -105.00 -47.40 -111.54
C LYS IA 256 -104.40 -47.34 -112.94
N ALA IA 257 -103.50 -46.39 -113.15
CA ALA IA 257 -102.77 -46.25 -114.43
C ALA IA 257 -101.98 -47.50 -114.80
N LEU IA 258 -101.37 -48.12 -113.81
CA LEU IA 258 -100.63 -49.38 -113.99
C LEU IA 258 -101.56 -50.51 -114.43
N GLU IA 259 -102.71 -50.61 -113.74
CA GLU IA 259 -103.76 -51.58 -114.07
C GLU IA 259 -104.28 -51.42 -115.50
N THR IA 260 -104.48 -50.17 -115.91
CA THR IA 260 -104.95 -49.84 -117.27
C THR IA 260 -103.93 -50.25 -118.32
N ALA IA 261 -102.66 -49.98 -118.04
CA ALA IA 261 -101.54 -50.37 -118.90
C ALA IA 261 -101.45 -51.88 -119.07
N ARG IA 262 -101.61 -52.59 -117.96
CA ARG IA 262 -101.61 -54.06 -117.93
C ARG IA 262 -102.74 -54.63 -118.78
N SER IA 263 -103.93 -54.05 -118.63
CA SER IA 263 -105.11 -54.42 -119.41
C SER IA 263 -104.88 -54.27 -120.91
N ALA IA 264 -104.37 -53.10 -121.31
CA ALA IA 264 -104.07 -52.80 -122.71
C ALA IA 264 -103.09 -51.64 -122.84
N VAL JA 1 -57.55 36.69 -148.34
CA VAL JA 1 -58.57 35.84 -149.04
C VAL JA 1 -59.49 35.17 -148.02
N ILE JA 2 -60.79 35.31 -148.21
CA ILE JA 2 -61.80 34.67 -147.37
C ILE JA 2 -62.58 33.70 -148.27
N TYR JA 3 -61.99 32.54 -148.52
CA TYR JA 3 -62.62 31.51 -149.33
C TYR JA 3 -63.67 30.75 -148.54
N LEU JA 4 -64.94 31.09 -148.77
CA LEU JA 4 -66.08 30.35 -148.24
C LEU JA 4 -66.50 29.34 -149.30
N HIS JA 5 -66.44 28.05 -148.93
CA HIS JA 5 -66.73 26.97 -149.88
C HIS JA 5 -68.23 26.90 -150.19
N LYS JA 6 -68.55 26.63 -151.46
CA LYS JA 6 -69.92 26.73 -151.95
C LYS JA 6 -70.21 25.68 -153.03
N GLY JA 7 -70.04 24.41 -152.64
CA GLY JA 7 -70.25 23.28 -153.55
C GLY JA 7 -70.38 21.96 -152.81
N PRO JA 8 -69.78 20.87 -153.34
CA PRO JA 8 -69.71 19.61 -152.60
C PRO JA 8 -68.80 19.66 -151.37
N ARG JA 9 -68.74 18.57 -150.61
CA ARG JA 9 -68.00 18.54 -149.35
C ARG JA 9 -66.49 18.44 -149.53
N ILE JA 10 -65.77 19.42 -148.98
CA ILE JA 10 -64.34 19.30 -148.71
C ILE JA 10 -64.24 19.16 -147.19
N ASN JA 11 -63.60 18.09 -146.74
CA ASN JA 11 -63.54 17.74 -145.31
C ASN JA 11 -62.70 18.74 -144.53
N GLY JA 12 -63.33 19.42 -143.56
CA GLY JA 12 -62.64 20.40 -142.70
C GLY JA 12 -62.82 21.85 -143.09
N LEU JA 13 -63.20 22.09 -144.35
CA LEU JA 13 -63.27 23.44 -144.91
C LEU JA 13 -64.63 24.07 -144.62
N ARG JA 14 -64.63 25.34 -144.20
CA ARG JA 14 -65.88 26.01 -143.84
C ARG JA 14 -66.65 26.45 -145.08
N ARG JA 15 -67.98 26.44 -144.95
CA ARG JA 15 -68.88 26.73 -146.06
C ARG JA 15 -69.38 28.18 -146.03
N ASP JA 16 -69.91 28.62 -147.18
CA ASP JA 16 -70.66 29.86 -147.27
C ASP JA 16 -72.01 29.63 -146.59
N PRO JA 17 -72.45 30.55 -145.68
CA PRO JA 17 -73.67 30.31 -144.90
C PRO JA 17 -74.92 29.94 -145.71
N GLU JA 18 -75.11 30.58 -146.87
CA GLU JA 18 -76.28 30.32 -147.72
C GLU JA 18 -76.32 28.92 -148.37
N SER JA 19 -75.19 28.22 -148.41
CA SER JA 19 -75.14 26.85 -148.94
C SER JA 19 -75.79 25.80 -148.04
N TYR JA 20 -75.91 26.09 -146.73
CA TYR JA 20 -76.53 25.16 -145.76
C TYR JA 20 -77.67 25.75 -144.93
N LEU JA 21 -78.21 26.91 -145.33
CA LEU JA 21 -79.36 27.51 -144.64
C LEU JA 21 -80.64 27.44 -145.49
N ARG JA 22 -80.82 26.33 -146.20
CA ARG JA 22 -82.01 26.10 -147.02
C ARG JA 22 -82.55 24.69 -146.81
N ASN JA 23 -83.85 24.58 -146.60
CA ASN JA 23 -84.54 23.28 -146.53
C ASN JA 23 -84.63 22.61 -147.91
N PRO JA 24 -85.04 21.32 -147.96
CA PRO JA 24 -85.32 20.66 -149.24
C PRO JA 24 -86.28 21.41 -150.19
N SER JA 25 -87.22 22.18 -149.62
CA SER JA 25 -88.09 23.07 -150.41
C SER JA 25 -87.29 24.16 -151.12
N GLY JA 26 -86.33 24.73 -150.39
CA GLY JA 26 -85.42 25.74 -150.95
C GLY JA 26 -85.83 27.15 -150.61
N VAL JA 27 -85.96 27.43 -149.30
CA VAL JA 27 -86.16 28.80 -148.79
C VAL JA 27 -85.10 29.11 -147.75
N LEU JA 28 -84.53 30.30 -147.83
CA LEU JA 28 -83.43 30.71 -146.95
C LEU JA 28 -83.97 30.89 -145.53
N PHE JA 29 -83.23 30.42 -144.54
CA PHE JA 29 -83.67 30.46 -143.13
C PHE JA 29 -83.95 31.88 -142.60
N THR JA 30 -83.07 32.83 -142.95
CA THR JA 30 -83.29 34.25 -142.61
C THR JA 30 -84.47 34.87 -143.37
N GLU JA 31 -84.72 34.40 -144.59
CA GLU JA 31 -85.75 34.95 -145.47
C GLU JA 31 -87.19 34.45 -145.20
N VAL JA 32 -87.39 33.61 -144.19
CA VAL JA 32 -88.75 33.17 -143.80
C VAL JA 32 -89.60 34.36 -143.35
N ASN JA 33 -90.89 34.32 -143.71
CA ASN JA 33 -91.81 35.42 -143.44
C ASN JA 33 -93.02 34.94 -142.64
N ALA JA 34 -93.59 35.85 -141.85
CA ALA JA 34 -94.74 35.55 -141.00
C ALA JA 34 -95.99 35.26 -141.81
N LYS JA 35 -96.31 36.20 -142.72
CA LYS JA 35 -97.46 36.08 -143.63
C LYS JA 35 -97.45 34.80 -144.45
N GLU JA 36 -96.27 34.44 -144.98
CA GLU JA 36 -96.13 33.33 -145.92
C GLU JA 36 -95.93 31.94 -145.30
N CYS JA 37 -95.63 31.86 -144.00
CA CYS JA 37 -95.34 30.55 -143.36
C CYS JA 37 -95.95 30.35 -141.97
N GLN JA 38 -95.51 31.13 -140.99
CA GLN JA 38 -95.94 30.93 -139.59
C GLN JA 38 -97.44 31.14 -139.39
N ASP JA 39 -97.98 32.15 -140.07
CA ASP JA 39 -99.43 32.40 -140.10
C ASP JA 39 -100.21 31.23 -140.70
N LYS JA 40 -99.68 30.68 -141.80
CA LYS JA 40 -100.26 29.51 -142.46
C LYS JA 40 -100.26 28.29 -141.53
N VAL JA 41 -99.14 28.08 -140.85
CA VAL JA 41 -98.98 26.99 -139.88
C VAL JA 41 -100.03 27.10 -138.75
N ARG JA 42 -100.18 28.30 -138.22
CA ARG JA 42 -101.18 28.59 -137.18
C ARG JA 42 -102.59 28.24 -137.66
N SER JA 43 -102.92 28.69 -138.88
CA SER JA 43 -104.22 28.44 -139.51
C SER JA 43 -104.50 26.95 -139.67
N ILE JA 44 -103.48 26.22 -140.12
CA ILE JA 44 -103.51 24.76 -140.24
C ILE JA 44 -103.83 24.10 -138.90
N LEU JA 45 -103.10 24.52 -137.86
CA LEU JA 45 -103.24 23.97 -136.51
C LEU JA 45 -104.43 24.51 -135.72
N GLN JA 46 -105.14 25.50 -136.26
CA GLN JA 46 -106.39 26.02 -135.68
C GLN JA 46 -106.15 26.61 -134.28
N LEU JA 47 -105.04 27.33 -134.13
CA LEU JA 47 -104.62 27.86 -132.83
C LEU JA 47 -105.53 28.98 -132.28
N PRO JA 48 -106.19 29.75 -133.16
CA PRO JA 48 -107.24 30.67 -132.69
C PRO JA 48 -108.47 30.02 -132.02
N LYS JA 49 -108.77 28.76 -132.35
CA LYS JA 49 -109.88 28.03 -131.73
C LYS JA 49 -109.67 27.81 -130.23
N TYR JA 50 -108.48 27.31 -129.89
CA TYR JA 50 -108.18 26.84 -128.53
C TYR JA 50 -107.44 27.88 -127.66
N GLY JA 51 -107.59 29.16 -127.99
CA GLY JA 51 -106.94 30.25 -127.25
C GLY JA 51 -105.42 30.21 -127.24
N ILE JA 52 -104.84 29.57 -128.25
CA ILE JA 52 -103.40 29.33 -128.31
C ILE JA 52 -102.68 30.55 -128.87
N ASN JA 53 -101.46 30.77 -128.38
CA ASN JA 53 -100.60 31.86 -128.83
C ASN JA 53 -99.13 31.45 -128.75
N LEU JA 54 -98.57 31.04 -129.89
CA LEU JA 54 -97.14 30.74 -130.02
C LEU JA 54 -96.43 31.90 -130.70
N SER JA 55 -95.17 32.13 -130.34
CA SER JA 55 -94.34 33.13 -131.00
C SER JA 55 -93.85 32.60 -132.34
N ASN JA 56 -93.64 33.52 -133.30
CA ASN JA 56 -93.13 33.18 -134.63
C ASN JA 56 -91.81 32.43 -134.58
N GLU JA 57 -90.92 32.89 -133.71
CA GLU JA 57 -89.62 32.26 -133.45
C GLU JA 57 -89.79 30.85 -132.92
N LEU JA 58 -90.72 30.70 -131.98
CA LEU JA 58 -91.05 29.40 -131.38
C LEU JA 58 -91.57 28.42 -132.43
N ILE JA 59 -92.47 28.89 -133.28
CA ILE JA 59 -93.02 28.12 -134.39
C ILE JA 59 -91.90 27.62 -135.31
N LEU JA 60 -90.99 28.53 -135.64
CA LEU JA 60 -89.83 28.22 -136.50
C LEU JA 60 -88.93 27.15 -135.89
N GLN JA 61 -88.69 27.28 -134.59
CA GLN JA 61 -87.92 26.30 -133.83
C GLN JA 61 -88.57 24.91 -133.88
N CYS JA 62 -89.87 24.88 -133.63
CA CYS JA 62 -90.67 23.64 -133.70
C CYS JA 62 -90.54 22.96 -135.06
N LEU JA 63 -90.65 23.78 -136.11
CA LEU JA 63 -90.50 23.31 -137.49
C LEU JA 63 -89.13 22.69 -137.76
N THR JA 64 -88.06 23.35 -137.31
CA THR JA 64 -86.69 22.95 -137.70
C THR JA 64 -86.08 21.82 -136.88
N HIS JA 65 -85.36 20.94 -137.58
CA HIS JA 65 -84.75 19.72 -137.04
C HIS JA 65 -83.28 19.95 -136.72
N LYS JA 66 -82.74 19.13 -135.80
CA LYS JA 66 -81.32 19.18 -135.39
C LYS JA 66 -80.33 19.03 -136.55
N SER JA 67 -80.69 18.23 -137.55
CA SER JA 67 -79.88 18.02 -138.75
C SER JA 67 -79.71 19.28 -139.62
N PHE JA 68 -80.66 20.21 -139.55
CA PHE JA 68 -80.55 21.48 -140.28
C PHE JA 68 -79.44 22.35 -139.69
N ALA JA 69 -78.52 22.76 -140.54
CA ALA JA 69 -77.46 23.73 -140.20
C ALA JA 69 -76.57 23.31 -139.01
N HIS JA 70 -76.44 22.01 -138.81
CA HIS JA 70 -75.63 21.44 -137.73
C HIS JA 70 -76.02 21.89 -136.32
N GLY JA 71 -77.32 22.04 -136.09
CA GLY JA 71 -77.84 22.53 -134.81
C GLY JA 71 -77.39 23.94 -134.44
N SER JA 72 -77.09 24.76 -135.43
CA SER JA 72 -76.64 26.14 -135.21
C SER JA 72 -77.85 27.01 -134.91
N LYS JA 73 -78.88 26.89 -135.74
CA LYS JA 73 -80.14 27.59 -135.52
C LYS JA 73 -81.02 26.78 -134.56
N PRO JA 74 -81.88 27.44 -133.78
CA PRO JA 74 -82.63 26.77 -132.69
C PRO JA 74 -83.52 25.63 -133.18
N TYR JA 75 -83.28 24.41 -132.70
CA TYR JA 75 -83.87 23.20 -133.25
C TYR JA 75 -84.73 22.43 -132.25
N ASN JA 76 -85.79 21.81 -132.75
CA ASN JA 76 -86.65 20.95 -131.94
C ASN JA 76 -86.02 19.59 -131.55
N GLU JA 77 -85.84 19.39 -130.24
CA GLU JA 77 -85.48 18.07 -129.70
C GLU JA 77 -86.06 17.91 -128.30
N LYS JA 78 -85.69 18.83 -127.43
CA LYS JA 78 -86.22 18.89 -126.07
C LYS JA 78 -87.73 19.10 -126.07
N LEU JA 79 -88.19 20.04 -126.90
CA LEU JA 79 -89.61 20.30 -127.12
C LEU JA 79 -90.33 19.05 -127.61
N ASN JA 80 -89.76 18.45 -128.65
CA ASN JA 80 -90.26 17.18 -129.22
C ASN JA 80 -90.42 16.10 -128.16
N LEU JA 81 -89.38 15.93 -127.35
CA LEU JA 81 -89.37 14.95 -126.26
C LEU JA 81 -90.52 15.21 -125.29
N LEU JA 82 -90.67 16.47 -124.90
CA LEU JA 82 -91.75 16.92 -124.01
C LEU JA 82 -93.12 16.60 -124.61
N GLY JA 83 -93.28 16.95 -125.89
CA GLY JA 83 -94.53 16.73 -126.61
C GLY JA 83 -94.93 15.27 -126.68
N ALA JA 84 -93.97 14.41 -127.01
CA ALA JA 84 -94.15 12.96 -127.03
C ALA JA 84 -94.67 12.44 -125.69
N GLN JA 85 -94.05 12.90 -124.61
CA GLN JA 85 -94.44 12.53 -123.25
C GLN JA 85 -95.87 12.93 -122.93
N PHE JA 86 -96.22 14.17 -123.28
CA PHE JA 86 -97.59 14.65 -123.10
C PHE JA 86 -98.58 13.90 -123.98
N LEU JA 87 -98.17 13.67 -125.23
CA LEU JA 87 -99.02 13.06 -126.25
C LEU JA 87 -99.43 11.65 -125.84
N LYS JA 88 -98.46 10.86 -125.40
CA LYS JA 88 -98.69 9.47 -124.95
C LYS JA 88 -99.69 9.39 -123.80
N LEU JA 89 -99.53 10.30 -122.85
CA LEU JA 89 -100.46 10.44 -121.72
C LEU JA 89 -101.87 10.78 -122.21
N GLN JA 90 -101.93 11.75 -123.12
CA GLN JA 90 -103.19 12.17 -123.77
C GLN JA 90 -103.91 11.04 -124.52
N THR JA 91 -103.12 10.22 -125.21
CA THR JA 91 -103.65 9.05 -125.93
C THR JA 91 -104.21 8.03 -124.94
N CYS JA 92 -103.50 7.84 -123.84
CA CYS JA 92 -103.90 6.92 -122.78
C CYS JA 92 -105.23 7.33 -122.15
N ILE JA 93 -105.33 8.61 -121.76
CA ILE JA 93 -106.59 9.14 -121.20
C ILE JA 93 -107.75 9.00 -122.21
N HIS JA 94 -107.50 9.28 -123.49
CA HIS JA 94 -108.50 9.09 -124.55
C HIS JA 94 -109.01 7.64 -124.62
N SER JA 95 -108.07 6.70 -124.55
CA SER JA 95 -108.37 5.27 -124.56
C SER JA 95 -109.23 4.87 -123.36
N LEU JA 96 -108.84 5.36 -122.18
CA LEU JA 96 -109.59 5.18 -120.93
C LEU JA 96 -111.02 5.69 -121.02
N LYS JA 97 -111.17 6.88 -121.62
CA LYS JA 97 -112.49 7.50 -121.81
C LYS JA 97 -113.38 6.64 -122.72
N ASN JA 98 -112.81 6.22 -123.85
CA ASN JA 98 -113.54 5.48 -124.88
C ASN JA 98 -113.34 3.98 -124.76
N LEU JA 112 -114.72 3.18 -115.65
CA LEU JA 112 -113.51 3.65 -116.34
C LEU JA 112 -112.65 2.46 -116.76
N GLN JA 113 -112.38 2.35 -118.07
CA GLN JA 113 -111.67 1.20 -118.64
C GLN JA 113 -110.16 1.34 -118.43
N PHE JA 114 -109.52 0.21 -118.08
CA PHE JA 114 -108.05 0.11 -118.03
C PHE JA 114 -107.53 -1.10 -118.82
N SER JA 115 -108.35 -1.64 -119.73
CA SER JA 115 -108.02 -2.85 -120.49
C SER JA 115 -107.84 -2.58 -121.99
N ASN JA 116 -107.62 -1.31 -122.36
CA ASN JA 116 -107.45 -0.89 -123.76
C ASN JA 116 -106.17 -0.08 -123.99
N LEU JA 117 -105.14 -0.33 -123.18
CA LEU JA 117 -103.87 0.42 -123.23
C LEU JA 117 -102.82 -0.39 -123.97
N GLY JA 118 -102.56 -1.60 -123.47
CA GLY JA 118 -101.63 -2.53 -124.11
C GLY JA 118 -102.27 -3.15 -125.34
N THR JA 119 -102.29 -2.37 -126.42
CA THR JA 119 -102.96 -2.77 -127.66
C THR JA 119 -102.33 -2.07 -128.88
N LYS JA 120 -102.70 -2.56 -130.06
CA LYS JA 120 -102.07 -2.14 -131.32
C LYS JA 120 -102.49 -0.74 -131.73
N PHE JA 121 -103.81 -0.51 -131.70
CA PHE JA 121 -104.41 0.78 -132.07
C PHE JA 121 -103.82 1.95 -131.27
N ALA JA 122 -103.74 1.77 -129.97
CA ALA JA 122 -103.17 2.76 -129.05
C ALA JA 122 -101.72 3.10 -129.38
N LYS JA 123 -100.94 2.06 -129.67
CA LYS JA 123 -99.54 2.21 -130.11
C LYS JA 123 -99.43 3.02 -131.39
N GLU JA 124 -100.29 2.66 -132.36
CA GLU JA 124 -100.34 3.36 -133.65
C GLU JA 124 -100.68 4.84 -133.48
N LEU JA 125 -101.62 5.11 -132.58
CA LEU JA 125 -102.02 6.48 -132.25
C LEU JA 125 -100.85 7.32 -131.73
N THR JA 126 -100.01 6.73 -130.87
CA THR JA 126 -98.80 7.41 -130.36
C THR JA 126 -97.52 7.13 -131.18
N SER JA 127 -97.68 6.67 -132.43
CA SER JA 127 -96.54 6.26 -133.27
C SER JA 127 -95.96 7.42 -134.08
N LYS JA 128 -94.79 7.16 -134.67
CA LYS JA 128 -94.04 8.14 -135.45
C LYS JA 128 -94.53 8.22 -136.89
N ASN JA 129 -94.87 7.06 -137.46
CA ASN JA 129 -95.42 6.96 -138.82
C ASN JA 129 -96.74 7.71 -138.94
N THR JA 130 -97.63 7.47 -137.97
CA THR JA 130 -98.91 8.16 -137.85
C THR JA 130 -98.75 9.67 -137.79
N ALA JA 131 -97.79 10.11 -136.98
CA ALA JA 131 -97.46 11.53 -136.83
C ALA JA 131 -97.02 12.13 -138.16
N CYS JA 132 -96.13 11.41 -138.85
CA CYS JA 132 -95.66 11.81 -140.19
C CYS JA 132 -96.79 11.97 -141.20
N THR JA 133 -97.68 10.99 -141.23
CA THR JA 133 -98.84 11.01 -142.12
C THR JA 133 -99.71 12.23 -141.85
N PHE JA 134 -99.99 12.47 -140.57
CA PHE JA 134 -100.74 13.65 -140.12
C PHE JA 134 -100.11 14.96 -140.63
N VAL JA 135 -98.79 15.06 -140.46
CA VAL JA 135 -98.01 16.21 -140.94
C VAL JA 135 -98.16 16.42 -142.45
N LYS JA 136 -98.03 15.32 -143.19
CA LYS JA 136 -98.21 15.31 -144.65
C LYS JA 136 -99.59 15.78 -145.09
N LEU JA 137 -100.62 15.27 -144.41
CA LEU JA 137 -102.02 15.62 -144.71
C LEU JA 137 -102.29 17.10 -144.54
N HIS JA 138 -101.82 17.64 -143.42
CA HIS JA 138 -101.96 19.06 -143.09
C HIS JA 138 -101.06 19.99 -143.93
N ASN JA 139 -100.12 19.40 -144.67
CA ASN JA 139 -99.26 20.11 -145.63
C ASN JA 139 -98.26 21.05 -144.94
N LEU JA 140 -97.67 20.56 -143.85
CA LEU JA 140 -96.62 21.27 -143.12
C LEU JA 140 -95.22 20.88 -143.60
N ASP JA 141 -95.12 19.86 -144.46
CA ASP JA 141 -93.83 19.34 -144.94
C ASP JA 141 -92.92 20.32 -145.72
N PRO JA 142 -93.49 21.26 -146.51
CA PRO JA 142 -92.60 22.21 -147.17
C PRO JA 142 -91.98 23.27 -146.23
N PHE JA 143 -92.65 23.54 -145.11
CA PHE JA 143 -92.23 24.58 -144.17
C PHE JA 143 -91.07 24.18 -143.26
N ILE JA 144 -90.95 22.89 -142.95
CA ILE JA 144 -89.95 22.42 -141.98
C ILE JA 144 -88.53 22.49 -142.53
N PHE JA 145 -87.57 22.72 -141.63
CA PHE JA 145 -86.15 22.88 -141.97
C PHE JA 145 -85.33 21.70 -141.49
N TRP JA 146 -84.68 21.03 -142.44
CA TRP JA 146 -83.90 19.82 -142.19
C TRP JA 146 -82.97 19.56 -143.37
N LYS JA 147 -82.09 18.56 -143.23
CA LYS JA 147 -81.20 18.17 -144.32
C LYS JA 147 -81.46 16.72 -144.70
N MET JA 148 -81.73 16.51 -145.98
CA MET JA 148 -81.94 15.16 -146.52
C MET JA 148 -80.63 14.39 -146.57
N ARG JA 149 -80.74 13.07 -146.48
CA ARG JA 149 -79.58 12.18 -146.51
C ARG JA 149 -79.06 12.09 -147.95
N ASP JA 150 -79.97 11.72 -148.86
CA ASP JA 150 -79.73 11.73 -150.30
C ASP JA 150 -80.95 12.39 -150.98
N PRO JA 151 -80.78 13.63 -151.51
CA PRO JA 151 -81.89 14.37 -152.13
C PRO JA 151 -82.75 13.61 -153.16
N ILE JA 152 -82.11 12.75 -153.95
CA ILE JA 152 -82.81 11.95 -154.97
C ILE JA 152 -83.25 10.58 -154.44
N LYS JA 153 -84.22 10.61 -153.53
CA LYS JA 153 -84.80 9.41 -152.90
C LYS JA 153 -86.32 9.58 -152.73
N ASP JA 154 -86.97 8.54 -152.21
CA ASP JA 154 -88.42 8.57 -151.96
C ASP JA 154 -88.80 9.60 -150.90
N GLY JA 155 -88.18 9.49 -149.73
CA GLY JA 155 -88.47 10.35 -148.59
C GLY JA 155 -88.24 9.61 -147.28
N HIS JA 156 -88.84 8.44 -147.17
CA HIS JA 156 -88.64 7.53 -146.02
C HIS JA 156 -87.17 7.11 -145.84
N ILE JA 157 -86.44 7.02 -146.95
CA ILE JA 157 -85.00 6.70 -146.93
C ILE JA 157 -84.20 7.81 -146.22
N ASN JA 158 -84.61 9.07 -146.45
CA ASN JA 158 -83.95 10.23 -145.82
C ASN JA 158 -84.24 10.44 -144.32
N GLY JA 159 -85.18 9.68 -143.76
CA GLY JA 159 -85.59 9.83 -142.37
C GLY JA 159 -86.55 10.99 -142.20
N GLU JA 160 -87.44 11.13 -143.19
CA GLU JA 160 -88.44 12.20 -143.24
C GLU JA 160 -89.49 12.00 -142.15
N THR JA 161 -89.99 10.77 -142.07
CA THR JA 161 -91.06 10.40 -141.14
C THR JA 161 -90.77 10.72 -139.67
N THR JA 162 -89.54 10.45 -139.26
CA THR JA 162 -89.09 10.69 -137.88
C THR JA 162 -89.07 12.18 -137.57
N ILE JA 163 -88.59 12.95 -138.55
CA ILE JA 163 -88.51 14.41 -138.44
C ILE JA 163 -89.90 15.02 -138.35
N PHE JA 164 -90.81 14.53 -139.18
CA PHE JA 164 -92.21 14.96 -139.17
C PHE JA 164 -92.85 14.70 -137.81
N ALA JA 165 -92.62 13.50 -137.29
CA ALA JA 165 -93.09 13.09 -135.96
C ALA JA 165 -92.56 14.02 -134.87
N SER JA 166 -91.27 14.32 -134.95
CA SER JA 166 -90.62 15.25 -134.04
C SER JA 166 -91.26 16.63 -134.08
N VAL JA 167 -91.50 17.12 -135.29
CA VAL JA 167 -92.16 18.41 -135.53
C VAL JA 167 -93.53 18.46 -134.88
N LEU JA 168 -94.33 17.41 -135.12
CA LEU JA 168 -95.67 17.29 -134.55
C LEU JA 168 -95.63 17.36 -133.02
N ASN JA 169 -94.70 16.60 -132.44
CA ASN JA 169 -94.50 16.58 -130.99
C ASN JA 169 -93.86 17.87 -130.47
N ALA JA 170 -92.96 18.45 -131.26
CA ALA JA 170 -92.30 19.71 -130.89
C ALA JA 170 -93.30 20.83 -130.71
N PHE JA 171 -94.24 20.93 -131.64
CA PHE JA 171 -95.35 21.87 -131.55
C PHE JA 171 -96.10 21.70 -130.23
N ILE JA 172 -96.43 20.45 -129.91
CA ILE JA 172 -97.13 20.10 -128.67
C ILE JA 172 -96.33 20.54 -127.45
N GLY JA 173 -95.03 20.23 -127.45
CA GLY JA 173 -94.12 20.63 -126.39
C GLY JA 173 -94.02 22.14 -126.20
N ALA JA 174 -94.02 22.87 -127.31
CA ALA JA 174 -94.04 24.33 -127.30
C ALA JA 174 -95.32 24.89 -126.69
N ILE JA 175 -96.45 24.28 -127.07
CA ILE JA 175 -97.76 24.64 -126.56
C ILE JA 175 -97.80 24.45 -125.04
N LEU JA 176 -97.34 23.28 -124.59
CA LEU JA 176 -97.19 22.95 -123.17
C LEU JA 176 -96.40 24.01 -122.41
N SER JA 177 -95.25 24.37 -122.97
CA SER JA 177 -94.35 25.36 -122.38
C SER JA 177 -95.01 26.72 -122.22
N THR JA 178 -95.70 27.17 -123.27
CA THR JA 178 -96.21 28.53 -123.35
C THR JA 178 -97.60 28.71 -122.77
N ASN JA 179 -98.54 27.90 -123.26
CA ASN JA 179 -99.98 28.12 -123.01
C ASN JA 179 -100.57 27.22 -121.91
N GLY JA 180 -99.71 26.53 -121.15
CA GLY JA 180 -100.17 25.67 -120.06
C GLY JA 180 -100.51 24.26 -120.52
N SER JA 181 -100.97 23.46 -119.56
CA SER JA 181 -101.21 22.03 -119.76
C SER JA 181 -102.63 21.75 -120.25
N GLU JA 182 -103.60 22.36 -119.57
CA GLU JA 182 -105.02 22.22 -119.89
C GLU JA 182 -105.31 22.62 -121.34
N LYS JA 183 -104.76 23.77 -121.73
CA LYS JA 183 -104.91 24.31 -123.09
C LYS JA 183 -104.36 23.34 -124.14
N ALA JA 184 -103.20 22.77 -123.84
CA ALA JA 184 -102.56 21.76 -124.69
C ALA JA 184 -103.42 20.53 -124.84
N ALA JA 185 -103.95 20.05 -123.71
CA ALA JA 185 -104.86 18.90 -123.68
C ALA JA 185 -106.07 19.13 -124.58
N LYS JA 186 -106.70 20.30 -124.40
CA LYS JA 186 -107.84 20.72 -125.23
C LYS JA 186 -107.53 20.71 -126.72
N PHE JA 187 -106.37 21.27 -127.07
CA PHE JA 187 -105.87 21.28 -128.45
C PHE JA 187 -105.71 19.86 -129.01
N ILE JA 188 -105.12 18.99 -128.20
CA ILE JA 188 -104.94 17.58 -128.54
C ILE JA 188 -106.29 16.90 -128.80
N GLN JA 189 -107.25 17.15 -127.93
CA GLN JA 189 -108.62 16.61 -128.08
C GLN JA 189 -109.28 17.08 -129.38
N GLY JA 190 -109.09 18.36 -129.70
CA GLY JA 190 -109.71 18.99 -130.87
C GLY JA 190 -109.14 18.63 -132.23
N SER JA 191 -107.92 19.10 -132.50
CA SER JA 191 -107.30 18.96 -133.84
C SER JA 191 -106.87 17.53 -134.13
N LEU JA 192 -106.12 16.95 -133.19
CA LEU JA 192 -105.80 15.53 -133.21
C LEU JA 192 -106.97 14.82 -132.51
N LEU JA 193 -106.91 13.49 -132.42
CA LEU JA 193 -107.84 12.68 -131.61
C LEU JA 193 -109.32 13.12 -131.74
N ASP JA 194 -109.80 13.22 -132.98
CA ASP JA 194 -111.17 13.66 -133.24
C ASP JA 194 -111.73 13.10 -134.56
N LYS JA 195 -112.94 12.58 -134.51
CA LYS JA 195 -113.54 11.87 -135.65
C LYS JA 195 -114.10 12.80 -136.74
N GLU JA 196 -114.47 14.03 -136.37
CA GLU JA 196 -115.11 14.97 -137.29
C GLU JA 196 -114.17 15.51 -138.38
N ASP JA 197 -112.87 15.58 -138.09
CA ASP JA 197 -111.89 16.13 -139.04
C ASP JA 197 -111.62 15.17 -140.19
N LEU JA 198 -111.44 13.88 -139.85
CA LEU JA 198 -111.20 12.76 -140.79
C LEU JA 198 -109.74 12.62 -141.24
N HIS JA 199 -108.96 13.71 -141.21
CA HIS JA 199 -107.50 13.66 -141.28
C HIS JA 199 -106.87 13.93 -139.91
N SER JA 200 -107.56 13.49 -138.85
CA SER JA 200 -107.04 13.56 -137.49
C SER JA 200 -106.15 12.34 -137.23
N LEU JA 201 -105.62 12.27 -136.01
CA LEU JA 201 -104.68 11.22 -135.62
C LEU JA 201 -105.35 9.86 -135.45
N VAL JA 202 -106.52 9.86 -134.80
CA VAL JA 202 -107.33 8.64 -134.57
C VAL JA 202 -107.69 7.94 -135.88
N ASN JA 203 -108.19 8.72 -136.83
CA ASN JA 203 -108.56 8.23 -138.16
C ASN JA 203 -107.39 7.58 -138.88
N ILE JA 204 -106.24 8.25 -138.82
CA ILE JA 204 -104.99 7.73 -139.38
C ILE JA 204 -104.61 6.40 -138.75
N ALA JA 205 -104.67 6.34 -137.42
CA ALA JA 205 -104.38 5.12 -136.65
C ALA JA 205 -105.28 3.97 -137.08
N ASN JA 206 -106.58 4.25 -137.19
CA ASN JA 206 -107.57 3.29 -137.68
C ASN JA 206 -107.24 2.76 -139.07
N GLU JA 207 -106.87 3.67 -139.97
CA GLU JA 207 -106.45 3.32 -141.33
C GLU JA 207 -105.23 2.41 -141.35
N ASN JA 208 -104.24 2.75 -140.52
CA ASN JA 208 -103.03 1.93 -140.35
C ASN JA 208 -103.35 0.52 -139.85
N VAL JA 209 -104.25 0.44 -138.87
CA VAL JA 209 -104.72 -0.83 -138.32
C VAL JA 209 -105.38 -1.68 -139.41
N ALA JA 210 -106.26 -1.04 -140.19
CA ALA JA 210 -106.95 -1.69 -141.32
C ALA JA 210 -105.97 -2.24 -142.35
N SER JA 211 -104.94 -1.45 -142.66
CA SER JA 211 -103.88 -1.85 -143.58
C SER JA 211 -103.10 -3.06 -143.08
N ALA JA 212 -102.78 -3.03 -141.79
CA ALA JA 212 -102.10 -4.15 -141.11
C ALA JA 212 -102.91 -5.43 -141.17
N LYS JA 213 -104.21 -5.31 -140.89
CA LYS JA 213 -105.16 -6.43 -140.97
C LYS JA 213 -105.21 -7.03 -142.36
N ALA JA 214 -105.29 -6.17 -143.37
CA ALA JA 214 -105.28 -6.57 -144.78
C ALA JA 214 -104.02 -7.35 -145.12
N LYS JA 215 -102.87 -6.81 -144.70
CA LYS JA 215 -101.58 -7.45 -144.90
C LYS JA 215 -101.34 -8.53 -143.85
N LYS KA 1 -74.46 50.15 -109.71
CA LYS KA 1 -75.04 49.99 -108.32
C LYS KA 1 -76.53 50.31 -108.29
N GLN KA 2 -77.36 49.27 -108.36
CA GLN KA 2 -78.80 49.41 -108.17
C GLN KA 2 -79.10 49.62 -106.69
N PHE KA 3 -78.64 48.67 -105.87
CA PHE KA 3 -78.90 48.68 -104.43
C PHE KA 3 -77.79 49.43 -103.71
N GLY KA 4 -78.19 50.23 -102.72
CA GLY KA 4 -77.25 50.97 -101.87
C GLY KA 4 -77.26 50.46 -100.45
N PHE KA 5 -77.17 49.14 -100.30
CA PHE KA 5 -77.11 48.53 -98.96
C PHE KA 5 -75.71 48.76 -98.39
N PRO KA 6 -75.60 48.87 -97.05
CA PRO KA 6 -74.27 48.86 -96.45
C PRO KA 6 -73.62 47.48 -96.59
N LYS KA 7 -72.31 47.46 -96.80
CA LYS KA 7 -71.60 46.20 -97.01
C LYS KA 7 -70.79 45.83 -95.77
N THR KA 8 -70.74 44.53 -95.49
CA THR KA 8 -70.10 44.00 -94.30
C THR KA 8 -69.18 42.84 -94.64
N GLN KA 9 -68.04 42.78 -93.94
CA GLN KA 9 -67.23 41.57 -93.89
C GLN KA 9 -67.95 40.57 -92.97
N VAL KA 10 -67.55 39.31 -93.06
CA VAL KA 10 -68.08 38.27 -92.18
C VAL KA 10 -67.34 38.46 -90.85
N THR KA 11 -67.97 39.24 -89.97
CA THR KA 11 -67.28 39.84 -88.83
C THR KA 11 -67.31 38.96 -87.57
N THR KA 12 -66.13 38.78 -86.98
CA THR KA 12 -66.00 38.23 -85.62
C THR KA 12 -65.87 39.37 -84.63
N ILE KA 13 -66.20 39.09 -83.38
CA ILE KA 13 -65.86 40.00 -82.27
C ILE KA 13 -64.38 39.87 -81.88
N TYR KA 14 -63.81 38.67 -82.08
CA TYR KA 14 -62.39 38.40 -81.80
C TYR KA 14 -61.49 38.88 -82.94
N ASN KA 15 -60.18 38.69 -82.78
CA ASN KA 15 -59.20 38.99 -83.83
C ASN KA 15 -59.31 37.95 -84.92
N LYS KA 16 -59.76 38.38 -86.09
CA LYS KA 16 -60.01 37.48 -87.23
C LYS KA 16 -58.73 36.83 -87.77
N THR KA 17 -57.62 37.57 -87.72
CA THR KA 17 -56.31 37.07 -88.15
C THR KA 17 -55.76 35.94 -87.26
N LYS KA 18 -56.16 35.91 -85.99
CA LYS KA 18 -55.74 34.87 -85.04
C LYS KA 18 -56.81 33.81 -84.75
N SER KA 19 -58.08 34.16 -84.90
CA SER KA 19 -59.18 33.28 -84.53
C SER KA 19 -60.28 33.34 -85.57
N ALA KA 20 -59.91 32.96 -86.79
CA ALA KA 20 -60.86 32.85 -87.90
C ALA KA 20 -61.76 31.63 -87.77
N SER KA 21 -61.24 30.55 -87.20
CA SER KA 21 -61.99 29.31 -87.02
C SER KA 21 -62.95 29.32 -85.82
N ASN KA 22 -62.77 30.28 -84.91
CA ASN KA 22 -63.59 30.36 -83.70
C ASN KA 22 -65.01 30.83 -84.03
N TYR KA 23 -65.94 29.88 -84.13
CA TYR KA 23 -67.37 30.15 -84.42
C TYR KA 23 -68.03 31.03 -83.36
N LYS KA 24 -67.55 30.93 -82.13
CA LYS KA 24 -68.14 31.63 -80.98
C LYS KA 24 -68.15 33.14 -81.18
N GLY KA 25 -67.04 33.66 -81.68
CA GLY KA 25 -66.90 35.09 -81.98
C GLY KA 25 -67.87 35.58 -83.05
N TYR KA 26 -68.08 34.76 -84.07
CA TYR KA 26 -69.06 35.03 -85.12
C TYR KA 26 -70.48 35.07 -84.55
N LEU KA 27 -70.77 34.08 -83.70
CA LEU KA 27 -72.06 33.96 -83.02
C LEU KA 27 -72.36 35.19 -82.17
N LYS KA 28 -71.34 35.65 -81.45
CA LYS KA 28 -71.42 36.86 -80.62
C LYS KA 28 -71.73 38.12 -81.41
N HIS KA 29 -71.06 38.29 -82.56
CA HIS KA 29 -71.18 39.52 -83.35
C HIS KA 29 -72.61 39.75 -83.85
N ARG KA 30 -73.28 40.70 -83.20
CA ARG KA 30 -74.58 41.20 -83.63
C ARG KA 30 -74.34 42.47 -84.45
N ASP KA 31 -75.12 42.63 -85.52
CA ASP KA 31 -75.12 43.86 -86.32
C ASP KA 31 -76.55 44.36 -86.51
N ALA KA 32 -76.69 45.68 -86.66
CA ALA KA 32 -77.99 46.36 -86.63
C ALA KA 32 -78.97 45.82 -87.68
N PRO KA 33 -80.27 45.81 -87.36
CA PRO KA 33 -81.25 45.13 -88.22
C PRO KA 33 -81.48 45.84 -89.56
N GLY KA 34 -81.47 45.08 -90.64
CA GLY KA 34 -81.68 45.60 -91.99
C GLY KA 34 -81.07 44.74 -93.07
N MET KA 35 -80.99 45.30 -94.27
CA MET KA 35 -80.39 44.63 -95.42
C MET KA 35 -78.90 44.96 -95.51
N TYR KA 36 -78.10 43.97 -95.89
CA TYR KA 36 -76.66 44.13 -96.06
C TYR KA 36 -76.19 43.51 -97.37
N TYR KA 37 -74.99 43.92 -97.77
CA TYR KA 37 -74.28 43.32 -98.89
C TYR KA 37 -73.02 42.63 -98.36
N GLN KA 38 -73.10 41.32 -98.18
CA GLN KA 38 -71.94 40.50 -97.82
C GLN KA 38 -71.37 39.84 -99.08
N PRO KA 39 -70.40 40.49 -99.77
CA PRO KA 39 -69.82 39.80 -100.92
C PRO KA 39 -69.20 38.46 -100.55
N SER KA 40 -69.48 37.43 -101.34
CA SER KA 40 -69.00 36.08 -101.05
C SER KA 40 -67.48 36.02 -101.11
N GLU KA 41 -66.90 35.23 -100.22
CA GLU KA 41 -65.44 35.05 -100.12
C GLU KA 41 -65.03 33.76 -100.83
N SER KA 42 -65.58 33.54 -102.02
CA SER KA 42 -65.51 32.25 -102.71
C SER KA 42 -65.38 32.42 -104.21
N ILE KA 43 -64.78 31.43 -104.86
CA ILE KA 43 -64.80 31.31 -106.32
C ILE KA 43 -66.15 30.74 -106.73
N ALA KA 44 -66.60 31.10 -107.94
CA ALA KA 44 -67.92 30.73 -108.43
C ALA KA 44 -67.85 29.61 -109.47
N THR KA 45 -67.10 28.56 -109.15
CA THR KA 45 -66.79 27.48 -110.09
C THR KA 45 -67.89 26.42 -110.14
N GLY KA 46 -68.21 25.86 -108.97
CA GLY KA 46 -69.26 24.84 -108.85
C GLY KA 46 -70.67 25.37 -108.73
N SER KA 47 -70.81 26.69 -108.52
CA SER KA 47 -72.11 27.29 -108.20
C SER KA 47 -73.04 27.41 -109.41
N VAL KA 48 -74.26 26.90 -109.24
CA VAL KA 48 -75.39 27.12 -110.15
C VAL KA 48 -76.23 28.32 -109.64
N ASN KA 49 -75.84 28.88 -108.49
CA ASN KA 49 -76.52 30.04 -107.88
C ASN KA 49 -76.82 31.16 -108.87
N SER KA 50 -77.95 31.81 -108.69
CA SER KA 50 -78.43 32.86 -109.61
C SER KA 50 -77.62 34.16 -109.51
N GLU KA 51 -77.00 34.38 -108.34
CA GLU KA 51 -76.10 35.51 -108.13
C GLU KA 51 -74.70 35.29 -108.73
N THR KA 52 -74.45 34.07 -109.21
CA THR KA 52 -73.16 33.66 -109.79
C THR KA 52 -73.20 33.64 -111.33
N ILE KA 53 -74.34 33.25 -111.92
CA ILE KA 53 -74.52 33.19 -113.38
C ILE KA 53 -74.31 34.57 -114.03
N PRO KA 54 -73.57 34.63 -115.16
CA PRO KA 54 -73.38 35.92 -115.86
C PRO KA 54 -74.63 36.39 -116.60
N ARG KA 55 -74.66 37.69 -116.91
CA ARG KA 55 -75.83 38.34 -117.50
C ARG KA 55 -76.13 37.88 -118.92
N SER KA 56 -75.09 37.62 -119.71
CA SER KA 56 -75.24 37.07 -121.06
C SER KA 56 -75.93 35.71 -121.09
N PHE KA 57 -75.71 34.91 -120.05
CA PHE KA 57 -76.39 33.60 -119.92
C PHE KA 57 -77.77 33.70 -119.28
N MET KA 58 -78.08 34.80 -118.60
CA MET KA 58 -79.47 35.06 -118.19
C MET KA 58 -80.33 35.38 -119.41
N ALA KA 59 -81.62 35.06 -119.33
CA ALA KA 59 -82.57 35.33 -120.41
C ALA KA 59 -82.87 36.83 -120.47
N ALA KA 60 -83.36 37.28 -121.62
CA ALA KA 60 -83.64 38.70 -121.86
C ALA KA 60 -84.74 39.26 -120.94
N SER KA 61 -85.74 38.45 -120.64
CA SER KA 61 -86.84 38.82 -119.74
C SER KA 61 -86.57 38.54 -118.24
N ASP KA 62 -85.33 38.19 -117.90
CA ASP KA 62 -84.94 37.92 -116.52
C ASP KA 62 -84.85 39.24 -115.77
N PRO KA 63 -85.54 39.38 -114.61
CA PRO KA 63 -85.33 40.56 -113.80
C PRO KA 63 -83.89 40.71 -113.26
N ARG KA 64 -83.21 39.58 -113.04
CA ARG KA 64 -81.87 39.56 -112.45
C ARG KA 64 -80.76 40.21 -113.29
N ARG KA 65 -80.97 40.35 -114.60
CA ARG KA 65 -80.01 41.05 -115.49
C ARG KA 65 -79.67 42.45 -114.99
N GLY KA 66 -80.70 43.23 -114.69
CA GLY KA 66 -80.54 44.61 -114.23
C GLY KA 66 -79.86 44.76 -112.89
N LEU KA 67 -80.08 43.81 -111.98
CA LEU KA 67 -79.48 43.84 -110.65
C LEU KA 67 -77.99 43.52 -110.73
N ASP KA 68 -77.22 44.15 -109.85
CA ASP KA 68 -75.76 44.30 -110.04
C ASP KA 68 -74.89 43.18 -109.45
N MET KA 69 -75.43 41.97 -109.30
CA MET KA 69 -74.76 40.94 -108.50
C MET KA 69 -73.69 40.09 -109.20
N PRO KA 70 -73.85 39.79 -110.50
CA PRO KA 70 -72.68 39.19 -111.16
C PRO KA 70 -71.58 40.26 -111.33
N VAL KA 71 -70.78 40.44 -110.28
CA VAL KA 71 -69.86 41.58 -110.19
C VAL KA 71 -68.65 41.31 -111.06
N GLN KA 72 -68.31 42.27 -111.91
CA GLN KA 72 -67.10 42.20 -112.71
C GLN KA 72 -65.95 42.82 -111.92
N SER KA 73 -65.44 42.04 -110.97
CA SER KA 73 -64.32 42.45 -110.11
C SER KA 73 -63.02 42.50 -110.90
N THR KA 74 -62.79 41.47 -111.71
CA THR KA 74 -61.60 41.40 -112.57
C THR KA 74 -61.75 42.29 -113.79
N LYS KA 75 -60.64 42.49 -114.49
CA LYS KA 75 -60.59 43.25 -115.74
C LYS KA 75 -59.74 42.50 -116.76
N ALA KA 76 -60.30 42.28 -117.94
CA ALA KA 76 -59.65 41.49 -119.00
C ALA KA 76 -58.39 42.15 -119.57
N LYS KA 77 -58.33 43.48 -119.48
CA LYS KA 77 -57.14 44.25 -119.86
C LYS KA 77 -55.94 43.90 -118.97
N GLN KA 78 -56.21 43.75 -117.67
CA GLN KA 78 -55.17 43.49 -116.68
C GLN KA 78 -54.67 42.03 -116.68
N CYS KA 79 -55.59 41.09 -116.93
CA CYS KA 79 -55.25 39.66 -116.94
C CYS KA 79 -54.52 39.26 -118.24
N PRO KA 80 -53.49 38.39 -118.14
CA PRO KA 80 -52.78 37.88 -119.32
C PRO KA 80 -53.34 36.56 -119.84
N ASN KA 81 -53.20 36.33 -121.15
CA ASN KA 81 -53.74 35.13 -121.82
C ASN KA 81 -53.06 33.83 -121.40
N VAL KA 82 -53.87 32.80 -121.14
CA VAL KA 82 -53.37 31.48 -120.68
C VAL KA 82 -53.75 30.36 -121.65
N LEU KA 83 -52.74 29.62 -122.13
CA LEU KA 83 -52.91 28.50 -123.07
C LEU KA 83 -53.84 28.83 -124.24
N VAL KA 84 -53.62 30.02 -124.80
CA VAL KA 84 -54.45 30.56 -125.87
C VAL KA 84 -53.80 30.20 -127.19
N GLY KA 85 -54.60 29.73 -128.14
CA GLY KA 85 -54.10 29.40 -129.48
C GLY KA 85 -53.72 30.63 -130.28
N LYS KA 86 -52.84 30.43 -131.26
CA LYS KA 86 -52.35 31.53 -132.11
C LYS KA 86 -53.44 32.17 -132.99
N SER KA 87 -54.51 31.42 -133.26
CA SER KA 87 -55.69 31.92 -133.97
C SER KA 87 -56.47 32.97 -133.16
N THR KA 88 -56.54 32.76 -131.85
CA THR KA 88 -57.26 33.66 -130.95
C THR KA 88 -56.54 35.00 -130.76
N VAL KA 89 -55.20 34.97 -130.77
CA VAL KA 89 -54.38 36.17 -130.58
C VAL KA 89 -54.40 37.02 -131.86
N ASN KA 90 -54.11 36.38 -132.99
CA ASN KA 90 -54.24 37.00 -134.32
C ASN KA 90 -55.20 36.14 -135.14
N GLY KA 91 -56.26 36.78 -135.65
CA GLY KA 91 -57.50 36.10 -136.09
C GLY KA 91 -57.44 34.93 -137.03
N LYS KA 92 -58.55 34.17 -137.07
CA LYS KA 92 -58.70 33.01 -137.96
C LYS KA 92 -58.63 33.42 -139.42
N THR KA 93 -57.96 32.60 -140.23
CA THR KA 93 -57.79 32.86 -141.66
C THR KA 93 -58.35 31.71 -142.49
N TYR KA 94 -59.15 32.05 -143.49
CA TYR KA 94 -59.83 31.06 -144.34
C TYR KA 94 -59.32 31.16 -145.78
N HIS KA 95 -57.99 31.22 -145.91
CA HIS KA 95 -57.34 31.58 -147.18
C HIS KA 95 -57.13 30.42 -148.17
N LEU KA 96 -56.84 29.22 -147.65
CA LEU KA 96 -56.53 28.08 -148.51
C LEU KA 96 -57.73 27.57 -149.29
N GLY KA 97 -57.59 27.52 -150.62
CA GLY KA 97 -58.62 27.00 -151.51
C GLY KA 97 -58.66 25.48 -151.56
N PRO KA 98 -59.52 24.91 -152.42
CA PRO KA 98 -59.67 23.46 -152.57
C PRO KA 98 -58.44 22.75 -153.13
N GLN KA 99 -57.79 23.39 -154.11
CA GLN KA 99 -56.61 22.83 -154.77
C GLN KA 99 -55.46 22.63 -153.78
N GLU KA 100 -55.22 23.64 -152.96
CA GLU KA 100 -54.19 23.62 -151.92
C GLU KA 100 -54.42 22.48 -150.92
N ILE KA 101 -55.67 22.36 -150.49
CA ILE KA 101 -56.12 21.27 -149.61
C ILE KA 101 -55.84 19.90 -150.22
N ASP KA 102 -56.20 19.75 -151.49
CA ASP KA 102 -56.00 18.51 -152.24
C ASP KA 102 -54.51 18.13 -152.32
N GLU KA 103 -53.68 19.15 -152.59
CA GLU KA 103 -52.21 19.01 -152.60
C GLU KA 103 -51.68 18.53 -151.25
N ILE KA 104 -52.16 19.17 -150.19
CA ILE KA 104 -51.79 18.82 -148.80
C ILE KA 104 -52.13 17.36 -148.51
N ARG KA 105 -53.35 16.96 -148.87
CA ARG KA 105 -53.82 15.58 -148.70
C ARG KA 105 -52.94 14.58 -149.42
N LYS KA 106 -52.61 14.89 -150.68
CA LYS KA 106 -51.70 14.09 -151.50
C LYS KA 106 -50.34 13.92 -150.83
N LEU KA 107 -49.78 15.03 -150.37
CA LEU KA 107 -48.50 15.05 -149.66
C LEU KA 107 -48.48 14.17 -148.42
N ARG KA 108 -49.56 14.25 -147.64
CA ARG KA 108 -49.62 13.60 -146.33
C ARG KA 108 -49.66 12.09 -146.46
N LEU KA 109 -50.52 11.61 -147.36
CA LEU KA 109 -50.60 10.19 -147.72
C LEU KA 109 -49.27 9.64 -148.23
N ASP KA 110 -48.64 10.42 -149.12
CA ASP KA 110 -47.37 10.05 -149.74
C ASP KA 110 -46.25 9.80 -148.74
N ASN KA 111 -46.05 10.76 -147.83
CA ASN KA 111 -44.91 10.69 -146.89
C ASN KA 111 -45.17 11.52 -145.62
N PRO KA 112 -45.87 10.92 -144.63
CA PRO KA 112 -46.15 11.64 -143.38
C PRO KA 112 -44.92 11.88 -142.49
N GLN KA 113 -43.88 11.08 -142.66
CA GLN KA 113 -42.61 11.27 -141.94
C GLN KA 113 -41.86 12.50 -142.46
N LYS KA 114 -41.81 12.66 -143.78
CA LYS KA 114 -41.21 13.84 -144.41
C LYS KA 114 -42.16 15.04 -144.28
N TYR KA 115 -43.37 14.87 -144.81
CA TYR KA 115 -44.39 15.92 -144.79
C TYR KA 115 -45.30 15.78 -143.57
N THR KA 116 -44.74 16.09 -142.41
CA THR KA 116 -45.48 16.04 -141.14
C THR KA 116 -46.38 17.27 -140.99
N ARG KA 117 -47.30 17.20 -140.03
CA ARG KA 117 -48.34 18.24 -139.81
C ARG KA 117 -47.74 19.64 -139.64
N LYS KA 118 -46.72 19.72 -138.79
CA LYS KA 118 -46.01 20.96 -138.49
C LYS KA 118 -45.38 21.59 -139.73
N PHE KA 119 -44.76 20.74 -140.56
CA PHE KA 119 -44.16 21.16 -141.82
C PHE KA 119 -45.20 21.73 -142.77
N LEU KA 120 -46.32 21.02 -142.90
CA LEU KA 120 -47.46 21.46 -143.71
C LEU KA 120 -47.97 22.84 -143.25
N ALA KA 121 -48.14 22.97 -141.94
CA ALA KA 121 -48.55 24.22 -141.30
C ALA KA 121 -47.62 25.38 -141.65
N ALA KA 122 -46.32 25.13 -141.53
CA ALA KA 122 -45.27 26.10 -141.88
C ALA KA 122 -45.34 26.52 -143.35
N LYS KA 123 -45.55 25.54 -144.22
CA LYS KA 123 -45.66 25.77 -145.66
C LYS KA 123 -46.83 26.67 -146.03
N TYR KA 124 -48.02 26.32 -145.54
CA TYR KA 124 -49.28 26.93 -145.97
C TYR KA 124 -49.82 28.03 -145.04
N GLY KA 125 -49.07 28.37 -143.99
CA GLY KA 125 -49.45 29.43 -143.05
C GLY KA 125 -50.73 29.13 -142.28
N ILE KA 126 -50.87 27.88 -141.84
CA ILE KA 126 -52.11 27.38 -141.24
C ILE KA 126 -51.77 26.49 -140.04
N SER KA 127 -52.78 26.12 -139.26
CA SER KA 127 -52.57 25.34 -138.03
C SER KA 127 -52.35 23.84 -138.31
N PRO KA 128 -51.55 23.16 -137.48
CA PRO KA 128 -51.45 21.68 -137.47
C PRO KA 128 -52.78 20.97 -137.24
N LEU KA 129 -53.60 21.53 -136.35
CA LEU KA 129 -54.97 21.07 -136.14
C LEU KA 129 -55.79 21.10 -137.43
N PHE KA 130 -55.68 22.21 -138.15
CA PHE KA 130 -56.38 22.35 -139.42
C PHE KA 130 -55.90 21.33 -140.45
N VAL KA 131 -54.58 21.14 -140.53
CA VAL KA 131 -53.97 20.13 -141.40
C VAL KA 131 -54.56 18.75 -141.12
N SER KA 132 -54.63 18.42 -139.83
CA SER KA 132 -55.22 17.16 -139.35
C SER KA 132 -56.68 17.00 -139.78
N MET KA 133 -57.43 18.08 -139.60
CA MET KA 133 -58.85 18.17 -140.00
C MET KA 133 -59.03 17.92 -141.49
N VAL KA 134 -58.16 18.57 -142.27
CA VAL KA 134 -58.12 18.43 -143.72
C VAL KA 134 -57.84 16.99 -144.15
N SER KA 135 -56.72 16.44 -143.68
CA SER KA 135 -56.10 15.27 -144.27
C SER KA 135 -55.80 14.15 -143.27
N LYS KA 136 -56.18 12.93 -143.63
CA LYS KA 136 -55.71 11.74 -142.94
C LYS KA 136 -54.32 11.35 -143.47
N PRO KA 137 -53.46 10.80 -142.60
CA PRO KA 137 -52.24 10.15 -143.08
C PRO KA 137 -52.54 8.73 -143.58
N SER KA 138 -51.51 8.07 -144.11
CA SER KA 138 -51.61 6.65 -144.44
C SER KA 138 -51.81 5.86 -143.14
N GLU KA 139 -52.83 5.01 -143.10
CA GLU KA 139 -53.18 4.23 -141.89
C GLU KA 139 -52.03 3.40 -141.32
N GLN KA 140 -51.13 2.96 -142.21
CA GLN KA 140 -49.90 2.27 -141.82
C GLN KA 140 -49.09 3.10 -140.84
N HIS KA 141 -48.86 4.36 -141.19
CA HIS KA 141 -48.13 5.31 -140.34
C HIS KA 141 -48.76 5.44 -138.95
N VAL KA 142 -50.08 5.52 -138.92
CA VAL KA 142 -50.85 5.60 -137.67
C VAL KA 142 -50.63 4.35 -136.81
N GLN KA 143 -50.74 3.20 -137.45
CA GLN KA 143 -50.49 1.89 -136.82
C GLN KA 143 -49.10 1.80 -136.20
N ILE KA 144 -48.10 2.21 -136.98
CA ILE KA 144 -46.71 2.30 -136.52
C ILE KA 144 -46.58 3.15 -135.26
N MET KA 145 -47.23 4.32 -135.30
CA MET KA 145 -47.22 5.27 -134.20
C MET KA 145 -47.85 4.68 -132.94
N GLU KA 146 -48.97 4.00 -133.13
CA GLU KA 146 -49.66 3.28 -132.05
C GLU KA 146 -48.75 2.23 -131.43
N SER KA 147 -48.07 1.46 -132.28
CA SER KA 147 -47.13 0.42 -131.85
C SER KA 147 -45.96 1.00 -131.04
N ARG KA 148 -45.43 2.12 -131.50
CA ARG KA 148 -44.38 2.87 -130.80
C ARG KA 148 -44.84 3.30 -129.41
N LEU KA 149 -46.05 3.85 -129.35
CA LEU KA 149 -46.68 4.30 -128.10
C LEU KA 149 -46.82 3.14 -127.11
N GLN KA 150 -47.33 2.02 -127.61
CA GLN KA 150 -47.47 0.78 -126.82
C GLN KA 150 -46.13 0.30 -126.25
N GLU KA 151 -45.10 0.35 -127.09
CA GLU KA 151 -43.72 -0.03 -126.71
C GLU KA 151 -43.20 0.86 -125.58
N ILE KA 152 -43.42 2.17 -125.73
CA ILE KA 152 -43.07 3.17 -124.71
C ILE KA 152 -43.75 2.87 -123.39
N GLN KA 153 -45.06 2.63 -123.46
CA GLN KA 153 -45.88 2.26 -122.29
C GLN KA 153 -45.36 1.03 -121.57
N SER KA 154 -45.00 0.01 -122.35
CA SER KA 154 -44.42 -1.23 -121.83
C SER KA 154 -43.09 -0.97 -121.13
N ARG KA 155 -42.29 -0.10 -121.73
CA ARG KA 155 -41.00 0.32 -121.17
C ARG KA 155 -41.10 0.97 -119.78
N TRP KA 156 -42.28 1.47 -119.40
CA TRP KA 156 -42.50 2.02 -118.06
C TRP KA 156 -42.29 1.01 -116.95
N LYS KA 157 -42.07 1.55 -115.75
CA LYS KA 157 -42.15 0.80 -114.51
C LYS KA 157 -43.60 0.75 -114.04
N GLU KA 158 -43.85 0.00 -112.97
CA GLU KA 158 -45.17 -0.07 -112.33
C GLU KA 158 -45.63 1.30 -111.85
N LYS KA 159 -44.73 1.99 -111.14
CA LYS KA 159 -44.99 3.30 -110.55
C LYS KA 159 -45.47 4.34 -111.56
N ARG KA 160 -44.77 4.39 -112.70
CA ARG KA 160 -45.10 5.34 -113.76
C ARG KA 160 -46.50 5.11 -114.31
N ARG KA 161 -46.84 3.83 -114.54
CA ARG KA 161 -48.18 3.46 -115.02
C ARG KA 161 -49.28 3.92 -114.06
N ILE KA 162 -49.03 3.71 -112.76
CA ILE KA 162 -49.95 4.14 -111.70
C ILE KA 162 -50.13 5.67 -111.71
N ALA KA 163 -49.01 6.38 -111.81
CA ALA KA 163 -49.01 7.84 -111.90
C ALA KA 163 -49.81 8.36 -113.09
N ARG KA 164 -49.64 7.71 -114.23
CA ARG KA 164 -50.38 8.02 -115.45
C ARG KA 164 -51.88 7.80 -115.29
N GLU KA 165 -52.22 6.72 -114.60
CA GLU KA 165 -53.61 6.40 -114.27
C GLU KA 165 -54.22 7.49 -113.39
N ASP KA 166 -53.47 7.87 -112.34
CA ASP KA 166 -53.87 8.94 -111.42
C ASP KA 166 -54.12 10.25 -112.15
N ARG KA 167 -53.17 10.62 -113.01
CA ARG KA 167 -53.27 11.80 -113.88
C ARG KA 167 -54.54 11.80 -114.73
N LYS KA 168 -54.83 10.64 -115.31
CA LYS KA 168 -56.03 10.43 -116.13
C LYS KA 168 -57.30 10.63 -115.31
N ARG KA 169 -57.31 10.06 -114.10
CA ARG KA 169 -58.42 10.21 -113.15
C ARG KA 169 -58.65 11.68 -112.77
N ARG KA 170 -57.56 12.38 -112.50
CA ARG KA 170 -57.59 13.82 -112.18
C ARG KA 170 -58.20 14.60 -113.34
N LYS KA 171 -57.73 14.31 -114.55
CA LYS KA 171 -58.24 14.94 -115.78
C LYS KA 171 -59.75 14.77 -115.93
N LEU KA 172 -60.20 13.54 -115.72
CA LEU KA 172 -61.62 13.19 -115.77
C LEU KA 172 -62.42 13.99 -114.73
N LEU KA 173 -61.86 14.08 -113.53
CA LEU KA 173 -62.45 14.84 -112.43
C LEU KA 173 -62.59 16.33 -112.73
N TRP KA 174 -61.61 16.90 -113.44
CA TRP KA 174 -61.64 18.33 -113.83
C TRP KA 174 -62.93 18.70 -114.56
N TYR KA 175 -63.33 17.84 -115.52
CA TYR KA 175 -64.49 18.11 -116.37
C TYR KA 175 -65.87 17.77 -115.74
N GLN KA 176 -65.89 17.39 -114.46
CA GLN KA 176 -67.13 17.03 -113.77
C GLN KA 176 -67.99 18.23 -113.45
N ALA KA 177 -67.42 19.18 -112.69
CA ALA KA 177 -68.12 20.34 -112.12
C ALA KA 177 -69.34 19.93 -111.28
N TYR LA 1 -116.80 -59.02 -5.04
CA TYR LA 1 -115.85 -58.74 -3.91
C TYR LA 1 -114.41 -59.06 -4.31
N LYS LA 2 -114.22 -60.26 -4.86
CA LYS LA 2 -112.92 -60.70 -5.38
C LYS LA 2 -112.39 -59.76 -6.45
N GLN LA 3 -113.27 -59.37 -7.37
CA GLN LA 3 -112.93 -58.40 -8.43
C GLN LA 3 -112.51 -57.04 -7.88
N TYR LA 4 -113.22 -56.59 -6.83
CA TYR LA 4 -112.90 -55.35 -6.14
C TYR LA 4 -111.53 -55.40 -5.46
N PHE LA 5 -111.27 -56.53 -4.81
CA PHE LA 5 -109.96 -56.80 -4.21
C PHE LA 5 -108.84 -56.74 -5.25
N ASP LA 6 -109.06 -57.42 -6.37
CA ASP LA 6 -108.13 -57.44 -7.50
C ASP LA 6 -107.83 -56.03 -8.03
N SER LA 7 -108.89 -55.22 -8.11
CA SER LA 7 -108.80 -53.83 -8.55
C SER LA 7 -107.94 -52.93 -7.65
N LEU LA 8 -107.67 -53.36 -6.41
CA LEU LA 8 -106.75 -52.63 -5.52
C LEU LA 8 -105.39 -52.41 -6.17
N PRO LA 9 -104.72 -51.28 -5.85
CA PRO LA 9 -103.34 -51.01 -6.27
C PRO LA 9 -102.36 -52.14 -5.97
N LEU LA 10 -101.27 -52.16 -6.72
CA LEU LA 10 -100.38 -53.31 -6.80
C LEU LA 10 -99.64 -53.60 -5.50
N LYS LA 11 -99.03 -52.55 -4.95
CA LYS LA 11 -98.22 -52.65 -3.73
C LYS LA 11 -99.01 -53.21 -2.55
N LEU LA 12 -100.21 -52.65 -2.37
CA LEU LA 12 -101.15 -53.08 -1.33
C LEU LA 12 -101.52 -54.55 -1.48
N LYS LA 13 -101.83 -54.94 -2.71
CA LYS LA 13 -102.16 -56.33 -3.07
C LYS LA 13 -101.02 -57.28 -2.73
N SER LA 14 -99.81 -56.88 -3.10
CA SER LA 14 -98.58 -57.63 -2.82
C SER LA 14 -98.38 -57.81 -1.31
N PHE LA 15 -98.57 -56.72 -0.57
CA PHE LA 15 -98.48 -56.75 0.89
C PHE LA 15 -99.45 -57.75 1.51
N PHE LA 16 -100.71 -57.68 1.06
CA PHE LA 16 -101.75 -58.60 1.52
C PHE LA 16 -101.41 -60.05 1.22
N GLN LA 17 -100.86 -60.30 0.04
CA GLN LA 17 -100.39 -61.64 -0.34
C GLN LA 17 -99.33 -62.17 0.63
N ARG LA 18 -98.32 -61.35 0.93
CA ARG LA 18 -97.14 -61.81 1.69
C ARG LA 18 -97.19 -61.60 3.21
N TYR LA 19 -98.12 -60.77 3.68
CA TYR LA 19 -98.46 -60.65 5.11
C TYR LA 19 -99.99 -60.61 5.27
N PRO LA 20 -100.66 -61.78 5.22
CA PRO LA 20 -102.13 -61.79 5.15
C PRO LA 20 -102.83 -61.49 6.49
N PRO LA 21 -104.09 -61.01 6.42
CA PRO LA 21 -104.79 -60.50 7.59
C PRO LA 21 -105.32 -61.54 8.59
N SER LA 22 -105.32 -62.83 8.21
CA SER LA 22 -105.70 -63.91 9.12
C SER LA 22 -104.81 -63.97 10.38
N ILE LA 23 -103.52 -63.69 10.18
CA ILE LA 23 -102.55 -63.62 11.28
C ILE LA 23 -102.68 -62.27 11.95
N LYS LA 24 -102.98 -62.28 13.25
CA LYS LA 24 -102.97 -61.05 14.05
C LYS LA 24 -101.53 -60.77 14.50
N TYR LA 25 -100.87 -59.87 13.77
CA TYR LA 25 -99.48 -59.51 14.04
C TYR LA 25 -99.41 -58.63 15.28
N SER LA 26 -98.26 -58.68 15.96
CA SER LA 26 -98.10 -58.01 17.26
C SER LA 26 -98.06 -56.48 17.12
N PRO LA 27 -98.56 -55.76 18.15
CA PRO LA 27 -98.35 -54.31 18.22
C PRO LA 27 -96.92 -53.94 18.63
N VAL LA 28 -96.34 -54.73 19.54
CA VAL LA 28 -95.00 -54.48 20.10
C VAL LA 28 -93.95 -55.25 19.31
N SER LA 29 -92.70 -54.79 19.41
CA SER LA 29 -91.53 -55.53 18.89
C SER LA 29 -91.46 -56.95 19.46
N THR LA 30 -91.02 -57.89 18.63
CA THR LA 30 -91.08 -59.32 18.95
C THR LA 30 -89.75 -60.00 18.56
N SER LA 31 -89.71 -61.32 18.70
CA SER LA 31 -88.64 -62.14 18.13
C SER LA 31 -88.78 -62.15 16.60
N THR LA 32 -87.66 -62.18 15.89
CA THR LA 32 -87.68 -62.29 14.42
C THR LA 32 -88.21 -63.64 13.94
N LYS LA 33 -87.98 -64.68 14.75
CA LYS LA 33 -88.49 -66.03 14.46
C LYS LA 33 -90.01 -66.18 14.57
N ALA LA 34 -90.66 -65.28 15.32
CA ALA LA 34 -92.10 -65.35 15.55
C ALA LA 34 -92.93 -65.24 14.26
N ILE LA 35 -94.11 -65.88 14.28
CA ILE LA 35 -95.03 -65.87 13.13
C ILE LA 35 -95.77 -64.53 13.10
N ASN LA 36 -96.17 -64.06 14.28
CA ASN LA 36 -96.88 -62.77 14.42
C ASN LA 36 -95.97 -61.53 14.49
N ALA LA 37 -94.77 -61.63 13.94
CA ALA LA 37 -93.81 -60.53 13.95
C ALA LA 37 -94.25 -59.44 12.98
N ASN LA 38 -94.41 -58.21 13.49
CA ASN LA 38 -94.88 -57.09 12.68
C ASN LA 38 -93.77 -56.67 11.70
N PRO LA 39 -94.10 -56.62 10.39
CA PRO LA 39 -93.09 -56.21 9.41
C PRO LA 39 -92.71 -54.72 9.47
N PHE LA 40 -93.58 -53.89 10.04
CA PHE LA 40 -93.32 -52.46 10.19
C PHE LA 40 -92.42 -52.12 11.40
N LEU LA 41 -92.46 -52.96 12.43
CA LEU LA 41 -91.60 -52.76 13.61
C LEU LA 41 -90.22 -53.40 13.45
N PRO LA 42 -89.21 -52.89 14.17
CA PRO LA 42 -87.91 -53.57 14.25
C PRO LA 42 -87.94 -54.67 15.30
N ASN LA 43 -87.94 -55.92 14.83
CA ASN LA 43 -87.98 -57.10 15.69
C ASN LA 43 -86.57 -57.54 16.07
N LYS LA 44 -86.40 -58.01 17.31
CA LYS LA 44 -85.10 -58.47 17.80
C LYS LA 44 -84.88 -59.94 17.47
N HIS LA 45 -83.67 -60.27 17.01
CA HIS LA 45 -83.31 -61.64 16.68
C HIS LA 45 -82.85 -62.33 17.97
N PRO LA 46 -83.42 -63.51 18.29
CA PRO LA 46 -83.26 -64.09 19.64
C PRO LA 46 -81.84 -64.55 20.02
N VAL LA 47 -81.09 -65.08 19.06
CA VAL LA 47 -79.73 -65.56 19.30
C VAL LA 47 -78.76 -64.39 19.49
N THR LA 48 -78.63 -63.58 18.43
CA THR LA 48 -77.70 -62.45 18.39
C THR LA 48 -78.10 -61.28 19.31
N GLN LA 49 -79.40 -61.15 19.58
CA GLN LA 49 -79.97 -60.05 20.37
C GLN LA 49 -79.71 -58.68 19.73
N ARG LA 50 -79.83 -58.64 18.40
CA ARG LA 50 -79.69 -57.42 17.61
C ARG LA 50 -81.04 -57.13 16.97
N PHE LA 51 -81.49 -55.87 17.05
CA PHE LA 51 -82.71 -55.46 16.38
C PHE LA 51 -82.52 -55.46 14.87
N HIS LA 52 -83.24 -56.35 14.18
CA HIS LA 52 -83.32 -56.32 12.71
C HIS LA 52 -84.14 -55.10 12.30
N ASP LA 53 -83.77 -54.51 11.16
CA ASP LA 53 -84.54 -53.42 10.57
C ASP LA 53 -85.89 -53.97 10.07
N PRO LA 54 -86.96 -53.15 10.13
CA PRO LA 54 -88.30 -53.59 9.69
C PRO LA 54 -88.31 -54.21 8.29
N LYS LA 55 -89.09 -55.27 8.12
CA LYS LA 55 -89.17 -55.97 6.83
C LYS LA 55 -89.68 -55.05 5.72
N TYR LA 56 -90.66 -54.22 6.07
CA TYR LA 56 -91.05 -53.09 5.24
C TYR LA 56 -90.40 -51.83 5.79
N SER LA 57 -89.40 -51.32 5.06
CA SER LA 57 -88.76 -50.05 5.40
C SER LA 57 -89.79 -48.92 5.40
N LEU LA 58 -89.47 -47.84 6.10
CA LEU LA 58 -90.48 -46.92 6.61
C LEU LA 58 -91.32 -46.23 5.53
N ARG LA 59 -90.66 -45.84 4.44
CA ARG LA 59 -91.32 -45.25 3.27
C ARG LA 59 -92.38 -46.18 2.68
N ARG LA 60 -91.96 -47.42 2.40
CA ARG LA 60 -92.84 -48.45 1.84
C ARG LA 60 -94.07 -48.70 2.73
N MET LA 61 -93.81 -48.84 4.03
CA MET LA 61 -94.86 -48.96 5.05
C MET LA 61 -95.87 -47.81 4.98
N SER LA 62 -95.34 -46.59 4.90
CA SER LA 62 -96.17 -45.38 4.82
C SER LA 62 -97.06 -45.39 3.58
N ASP LA 63 -96.46 -45.73 2.44
CA ASP LA 63 -97.17 -45.88 1.17
C ASP LA 63 -98.31 -46.89 1.26
N VAL LA 64 -98.00 -48.05 1.84
CA VAL LA 64 -98.98 -49.12 2.07
C VAL LA 64 -100.15 -48.63 2.91
N TYR LA 65 -99.83 -47.89 3.97
CA TYR LA 65 -100.85 -47.35 4.88
C TYR LA 65 -101.76 -46.34 4.19
N LYS LA 66 -101.15 -45.48 3.37
CA LYS LA 66 -101.89 -44.49 2.57
C LYS LA 66 -102.83 -45.14 1.56
N LEU LA 67 -102.35 -46.22 0.93
CA LEU LA 67 -103.16 -47.04 0.03
C LEU LA 67 -104.35 -47.66 0.74
N ALA LA 68 -104.11 -48.20 1.93
CA ALA LA 68 -105.16 -48.78 2.77
C ALA LA 68 -106.21 -47.75 3.14
N LEU LA 69 -105.75 -46.56 3.55
CA LEU LA 69 -106.62 -45.42 3.85
C LEU LA 69 -107.51 -45.03 2.68
N ARG LA 70 -106.90 -44.99 1.49
CA ARG LA 70 -107.61 -44.67 0.26
C ARG LA 70 -108.75 -45.65 -0.04
N TYR LA 71 -108.49 -46.93 0.14
CA TYR LA 71 -109.47 -48.00 -0.16
C TYR LA 71 -110.19 -48.57 1.07
N GLY LA 72 -109.96 -47.98 2.25
CA GLY LA 72 -110.66 -48.36 3.48
C GLY LA 72 -110.31 -49.75 4.00
N VAL LA 73 -109.04 -50.12 3.87
CA VAL LA 73 -108.56 -51.46 4.22
C VAL LA 73 -107.42 -51.35 5.26
N GLU LA 74 -107.63 -50.47 6.25
CA GLU LA 74 -106.60 -50.18 7.27
C GLU LA 74 -106.44 -51.31 8.27
N GLU LA 75 -107.56 -51.76 8.83
CA GLU LA 75 -107.56 -52.74 9.93
C GLU LA 75 -107.06 -54.13 9.51
N PHE LA 76 -107.12 -54.46 8.22
CA PHE LA 76 -106.53 -55.69 7.71
C PHE LA 76 -105.00 -55.66 7.66
N LEU LA 77 -104.40 -54.46 7.53
CA LEU LA 77 -102.95 -54.31 7.70
C LEU LA 77 -102.60 -54.49 9.18
N PRO LA 78 -101.36 -54.92 9.47
CA PRO LA 78 -100.94 -55.02 10.87
C PRO LA 78 -100.70 -53.64 11.50
N PRO LA 79 -100.77 -53.55 12.84
CA PRO LA 79 -100.82 -52.25 13.52
C PRO LA 79 -99.56 -51.40 13.37
N ILE LA 80 -99.75 -50.09 13.20
CA ILE LA 80 -98.65 -49.12 13.09
C ILE LA 80 -98.58 -48.21 14.33
N GLU LA 81 -98.98 -48.74 15.48
CA GLU LA 81 -99.00 -47.98 16.73
C GLU LA 81 -97.59 -47.60 17.17
N ASN LA 82 -96.74 -48.61 17.30
CA ASN LA 82 -95.40 -48.43 17.86
C ASN LA 82 -94.33 -48.01 16.83
N THR LA 83 -94.69 -48.01 15.55
CA THR LA 83 -94.00 -47.17 14.57
C THR LA 83 -94.51 -45.75 14.83
N LYS LA 84 -93.59 -44.79 14.92
CA LYS LA 84 -93.93 -43.43 15.36
C LYS LA 84 -94.82 -42.63 14.38
N LYS LA 85 -94.92 -43.07 13.13
CA LYS LA 85 -95.75 -42.39 12.12
C LYS LA 85 -97.25 -42.42 12.41
N LEU LA 86 -97.85 -41.23 12.43
CA LEU LA 86 -99.29 -41.04 12.33
C LEU LA 86 -99.58 -40.55 10.91
N PHE LA 87 -100.85 -40.53 10.50
CA PHE LA 87 -101.23 -40.17 9.14
C PHE LA 87 -102.51 -39.34 9.05
N PHE LA 88 -102.42 -38.23 8.32
CA PHE LA 88 -103.57 -37.41 7.90
C PHE LA 88 -104.35 -36.78 9.08
N GLU LA 89 -105.62 -37.16 9.26
CA GLU LA 89 -106.50 -36.50 10.24
C GLU LA 89 -106.14 -36.86 11.68
N GLU LA 90 -105.78 -38.12 11.90
CA GLU LA 90 -105.34 -38.61 13.21
C GLU LA 90 -104.07 -37.89 13.67
N LYS LA 91 -103.12 -37.75 12.76
CA LYS LA 91 -101.87 -37.02 12.99
C LYS LA 91 -102.15 -35.56 13.37
N TYR LA 92 -103.00 -34.92 12.59
CA TYR LA 92 -103.43 -33.53 12.79
C TYR LA 92 -104.00 -33.33 14.20
N ASN LA 93 -104.91 -34.23 14.58
CA ASN LA 93 -105.63 -34.12 15.86
C ASN LA 93 -104.76 -34.40 17.07
N LYS LA 94 -104.03 -35.52 17.02
CA LYS LA 94 -103.26 -36.01 18.17
C LYS LA 94 -102.01 -35.20 18.53
N LYS LA 95 -101.46 -34.45 17.59
CA LYS LA 95 -100.16 -33.80 17.79
C LYS LA 95 -100.21 -32.61 18.74
N THR LA 96 -99.14 -32.46 19.51
CA THR LA 96 -98.90 -31.25 20.30
C THR LA 96 -98.19 -30.25 19.40
N LEU LA 97 -98.56 -28.97 19.53
CA LEU LA 97 -97.87 -27.90 18.82
C LEU LA 97 -96.46 -27.76 19.38
N MET LA 98 -95.54 -27.29 18.54
CA MET LA 98 -94.15 -27.11 18.96
C MET LA 98 -94.03 -26.09 20.09
N LYS LA 99 -92.97 -26.24 20.87
CA LYS LA 99 -92.64 -25.31 21.96
C LYS LA 99 -92.50 -23.88 21.46
N GLY LA 100 -91.91 -23.73 20.26
CA GLY LA 100 -91.80 -22.44 19.58
C GLY LA 100 -93.12 -21.78 19.22
N VAL LA 101 -94.12 -22.58 18.86
CA VAL LA 101 -95.46 -22.09 18.50
C VAL LA 101 -96.20 -21.60 19.75
N LEU LA 102 -96.22 -22.44 20.78
CA LEU LA 102 -96.96 -22.16 22.01
C LEU LA 102 -96.23 -21.14 22.89
N LEU LA 103 -94.92 -21.31 23.03
CA LEU LA 103 -94.07 -20.42 23.83
C LEU LA 103 -92.92 -19.84 23.00
N PRO LA 104 -93.19 -18.76 22.24
CA PRO LA 104 -92.09 -18.01 21.62
C PRO LA 104 -91.26 -17.28 22.67
N LYS LA 105 -89.94 -17.30 22.53
CA LYS LA 105 -89.04 -16.69 23.50
C LYS LA 105 -89.03 -15.16 23.41
N GLY LA 106 -89.10 -14.63 22.19
CA GLY LA 106 -88.85 -13.21 21.93
C GLY LA 106 -87.37 -13.02 21.66
N HIS LA 107 -87.05 -12.07 20.77
CA HIS LA 107 -85.66 -11.75 20.44
C HIS LA 107 -85.01 -11.00 21.59
N LYS LA 108 -83.68 -10.94 21.59
CA LYS LA 108 -82.94 -10.29 22.67
C LYS LA 108 -83.22 -8.79 22.72
N HIS LA 109 -83.24 -8.15 21.55
CA HIS LA 109 -83.61 -6.74 21.42
C HIS LA 109 -85.06 -6.48 21.82
N GLU LA 110 -85.93 -7.46 21.54
CA GLU LA 110 -87.35 -7.39 21.86
C GLU LA 110 -87.62 -7.48 23.37
N LEU LA 111 -86.87 -8.34 24.06
CA LEU LA 111 -87.07 -8.57 25.50
C LEU LA 111 -86.58 -7.42 26.37
N LYS LA 112 -85.38 -6.91 26.10
CA LYS LA 112 -84.80 -5.80 26.86
C LYS LA 112 -85.19 -4.40 26.33
N LEU LA 113 -86.41 -4.29 25.79
CA LEU LA 113 -86.91 -3.05 25.20
C LEU LA 113 -87.51 -2.15 26.27
N ASN LA 114 -88.37 -2.73 27.11
CA ASN LA 114 -89.02 -2.02 28.21
C ASN LA 114 -88.03 -1.37 29.17
N GLU LA 115 -87.00 -2.13 29.53
CA GLU LA 115 -85.90 -1.66 30.38
C GLU LA 115 -85.17 -0.48 29.77
N LYS LA 116 -84.85 -0.60 28.49
CA LYS LA 116 -84.21 0.47 27.70
C LYS LA 116 -85.06 1.74 27.71
N LEU LA 117 -86.36 1.57 27.49
CA LEU LA 117 -87.33 2.68 27.48
C LEU LA 117 -87.37 3.39 28.84
N LYS LA 118 -87.39 2.59 29.91
CA LYS LA 118 -87.35 3.09 31.29
C LYS LA 118 -86.08 3.90 31.55
N LYS LA 119 -84.95 3.36 31.11
CA LYS LA 119 -83.64 4.02 31.23
C LYS LA 119 -83.61 5.38 30.52
N ARG LA 120 -84.18 5.40 29.32
CA ARG LA 120 -84.31 6.61 28.52
C ARG LA 120 -85.15 7.67 29.22
N GLU LA 121 -86.27 7.24 29.79
CA GLU LA 121 -87.18 8.09 30.56
C GLU LA 121 -86.47 8.70 31.77
N GLU LA 122 -85.72 7.87 32.47
CA GLU LA 122 -84.91 8.29 33.63
C GLU LA 122 -83.88 9.34 33.26
N ALA LA 123 -83.20 9.10 32.13
CA ALA LA 123 -82.22 10.03 31.60
C ALA LA 123 -82.86 11.38 31.27
N LEU LA 124 -83.98 11.33 30.58
CA LEU LA 124 -84.78 12.52 30.23
C LEU LA 124 -85.08 13.43 31.41
N LYS LA 125 -85.38 12.84 32.57
CA LYS LA 125 -85.55 13.60 33.81
C LYS LA 125 -84.29 14.38 34.22
N LYS LA 126 -83.11 13.82 33.95
CA LYS LA 126 -81.81 14.43 34.33
C LYS LA 126 -81.07 15.24 33.25
N VAL LA 127 -81.60 15.29 32.02
CA VAL LA 127 -80.88 15.93 30.89
C VAL LA 127 -80.62 17.42 31.11
N ASP LA 128 -81.68 18.12 31.51
CA ASP LA 128 -81.65 19.58 31.72
C ASP LA 128 -80.63 19.98 32.77
N GLU LA 129 -80.62 19.23 33.87
CA GLU LA 129 -79.65 19.40 34.96
C GLU LA 129 -78.21 19.25 34.47
N LEU LA 130 -77.98 18.19 33.70
CA LEU LA 130 -76.67 17.90 33.09
C LEU LA 130 -76.19 19.03 32.17
N ILE LA 131 -77.11 19.53 31.35
CA ILE LA 131 -76.85 20.68 30.48
C ILE LA 131 -76.43 21.90 31.29
N ALA LA 132 -77.20 22.19 32.35
CA ALA LA 132 -76.93 23.30 33.25
C ALA LA 132 -75.54 23.20 33.89
N SER LA 133 -75.22 22.00 34.35
CA SER LA 133 -73.90 21.70 34.94
C SER LA 133 -72.76 21.94 33.94
N LYS LA 134 -72.99 21.52 32.71
CA LYS LA 134 -72.02 21.72 31.61
C LYS LA 134 -71.78 23.21 31.34
N LYS LA 135 -72.87 23.97 31.22
CA LYS LA 135 -72.81 25.35 30.77
C LYS LA 135 -72.37 26.30 31.89
N GLY LA 136 -73.05 26.22 33.03
CA GLY LA 136 -72.68 27.00 34.21
C GLY LA 136 -73.85 27.44 35.06
N SER LA 137 -73.55 28.29 36.05
CA SER LA 137 -74.54 28.78 37.01
C SER LA 137 -75.42 29.88 36.43
N LYS LA 138 -74.84 30.74 35.59
CA LYS LA 138 -75.57 31.81 34.91
C LYS LA 138 -76.72 31.26 34.06
N TYR LA 139 -76.41 30.21 33.31
CA TYR LA 139 -77.39 29.49 32.51
C TYR LA 139 -78.53 28.97 33.37
N ALA LA 140 -78.17 28.30 34.48
CA ALA LA 140 -79.13 27.76 35.44
C ALA LA 140 -80.06 28.83 36.00
N LYS LA 141 -79.47 29.96 36.37
CA LYS LA 141 -80.23 31.15 36.84
C LYS LA 141 -81.22 31.64 35.79
N ARG LA 142 -80.77 31.71 34.55
CA ARG LA 142 -81.59 32.12 33.41
C ARG LA 142 -82.78 31.18 33.23
N VAL LA 143 -82.50 29.88 33.29
CA VAL LA 143 -83.53 28.82 33.21
C VAL LA 143 -84.57 28.97 34.31
N GLU LA 144 -84.09 29.17 35.54
CA GLU LA 144 -84.95 29.42 36.70
C GLU LA 144 -85.88 30.63 36.51
N LYS LA 145 -85.29 31.69 35.98
CA LYS LA 145 -86.02 32.93 35.68
C LYS LA 145 -87.12 32.70 34.64
N MET LA 146 -86.77 31.96 33.59
CA MET LA 146 -87.70 31.55 32.54
C MET LA 146 -88.85 30.71 33.10
N LYS LA 147 -88.52 29.78 33.98
CA LYS LA 147 -89.52 28.93 34.65
C LYS LA 147 -90.53 29.74 35.44
N LYS LA 148 -90.05 30.75 36.18
CA LYS LA 148 -90.92 31.74 36.81
C LYS LA 148 -91.26 32.83 35.77
N ASN LA 149 -91.92 32.40 34.69
CA ASN LA 149 -92.30 33.29 33.60
C ASN LA 149 -93.53 34.07 34.00
N GLN LA 150 -94.53 33.32 34.47
CA GLN LA 150 -95.83 33.86 34.85
C GLN LA 150 -96.46 34.47 33.59
N SER LA 151 -96.60 33.61 32.58
CA SER LA 151 -96.98 34.02 31.23
C SER LA 151 -97.65 32.87 30.50
N ILE LA 152 -98.95 33.01 30.23
CA ILE LA 152 -99.67 32.06 29.39
C ILE LA 152 -99.35 32.42 27.94
N GLY LA 153 -99.09 31.41 27.11
CA GLY LA 153 -98.95 31.63 25.67
C GLY LA 153 -100.32 31.72 25.02
N TRP LA 154 -100.39 31.39 23.75
CA TRP LA 154 -101.67 31.14 23.08
C TRP LA 154 -101.46 30.26 21.85
N PHE LA 155 -102.44 29.40 21.58
CA PHE LA 155 -102.42 28.53 20.41
C PHE LA 155 -103.47 29.00 19.40
N GLY MA 1 -38.62 25.63 -46.10
CA GLY MA 1 -39.82 25.83 -46.96
C GLY MA 1 -39.74 25.06 -48.26
N GLY MA 2 -39.80 23.73 -48.15
CA GLY MA 2 -39.68 22.84 -49.31
C GLY MA 2 -40.92 22.80 -50.18
N LEU MA 3 -42.11 22.91 -49.56
CA LEU MA 3 -43.35 23.04 -50.32
C LEU MA 3 -43.43 24.44 -50.92
N LEU MA 4 -43.84 24.50 -52.18
CA LEU MA 4 -43.84 25.75 -52.95
C LEU MA 4 -45.25 26.30 -53.11
N TRP MA 5 -45.59 27.27 -52.26
CA TRP MA 5 -46.77 28.10 -52.43
C TRP MA 5 -46.37 29.31 -53.27
N LYS MA 6 -46.41 29.12 -54.59
CA LYS MA 6 -45.94 30.14 -55.53
C LYS MA 6 -47.00 31.23 -55.71
N ILE MA 7 -47.03 32.13 -54.73
CA ILE MA 7 -47.91 33.31 -54.76
C ILE MA 7 -47.00 34.54 -54.92
N PRO MA 8 -47.26 35.38 -55.94
CA PRO MA 8 -46.41 36.54 -56.13
C PRO MA 8 -46.63 37.60 -55.04
N TRP MA 9 -45.57 38.34 -54.73
CA TRP MA 9 -45.62 39.37 -53.68
C TRP MA 9 -46.53 40.56 -54.02
N ARG MA 10 -46.80 40.78 -55.31
CA ARG MA 10 -47.68 41.85 -55.77
C ARG MA 10 -48.72 41.33 -56.76
N MET MA 11 -49.73 42.15 -57.01
CA MET MA 11 -50.85 41.80 -57.89
C MET MA 11 -50.60 42.25 -59.32
N SER MA 12 -51.27 41.57 -60.26
CA SER MA 12 -51.29 41.97 -61.67
C SER MA 12 -52.26 43.14 -61.86
N THR MA 13 -52.22 43.75 -63.05
CA THR MA 13 -53.13 44.84 -63.41
C THR MA 13 -54.59 44.37 -63.36
N HIS MA 14 -54.83 43.19 -63.93
CA HIS MA 14 -56.17 42.60 -64.02
C HIS MA 14 -56.74 42.27 -62.64
N GLN MA 15 -55.88 41.73 -61.78
CA GLN MA 15 -56.23 41.49 -60.38
C GLN MA 15 -56.65 42.76 -59.66
N LYS MA 16 -55.86 43.82 -59.84
CA LYS MA 16 -56.14 45.13 -59.27
C LYS MA 16 -57.46 45.73 -59.74
N THR MA 17 -57.75 45.57 -61.02
CA THR MA 17 -59.02 46.02 -61.60
C THR MA 17 -60.21 45.29 -61.00
N ARG MA 18 -60.06 43.97 -60.84
CA ARG MA 18 -61.08 43.13 -60.20
C ARG MA 18 -61.34 43.52 -58.76
N GLN MA 19 -60.26 43.73 -58.01
CA GLN MA 19 -60.33 44.22 -56.64
C GLN MA 19 -61.11 45.52 -56.55
N ARG MA 20 -60.73 46.48 -57.40
CA ARG MA 20 -61.42 47.77 -57.51
C ARG MA 20 -62.91 47.62 -57.76
N GLU MA 21 -63.25 46.73 -58.70
CA GLU MA 21 -64.63 46.44 -59.05
C GLU MA 21 -65.40 45.90 -57.85
N ARG MA 22 -64.78 44.94 -57.15
CA ARG MA 22 -65.34 44.37 -55.93
C ARG MA 22 -65.61 45.40 -54.84
N LEU MA 23 -64.63 46.29 -54.63
CA LEU MA 23 -64.76 47.41 -53.68
C LEU MA 23 -65.94 48.30 -54.03
N ARG MA 24 -66.05 48.62 -55.32
CA ARG MA 24 -67.14 49.43 -55.86
C ARG MA 24 -68.51 48.77 -55.63
N ASN MA 25 -68.56 47.46 -55.83
CA ASN MA 25 -69.78 46.67 -55.60
C ASN MA 25 -70.28 46.72 -54.17
N VAL MA 26 -69.38 46.64 -53.19
CA VAL MA 26 -69.76 46.69 -51.78
C VAL MA 26 -70.32 48.07 -51.40
N ASP MA 27 -69.71 49.12 -51.95
CA ASP MA 27 -70.19 50.50 -51.78
C ASP MA 27 -71.59 50.67 -52.36
N GLN MA 28 -71.79 50.11 -53.55
CA GLN MA 28 -73.09 50.09 -54.24
C GLN MA 28 -74.16 49.38 -53.40
N VAL MA 29 -73.81 48.22 -52.86
CA VAL MA 29 -74.70 47.45 -51.97
C VAL MA 29 -75.15 48.29 -50.78
N ILE MA 30 -74.19 48.94 -50.14
CA ILE MA 30 -74.44 49.83 -48.99
C ILE MA 30 -75.40 50.95 -49.37
N LYS MA 31 -75.11 51.60 -50.49
CA LYS MA 31 -75.96 52.67 -51.04
C LYS MA 31 -77.40 52.20 -51.25
N GLN MA 32 -77.55 51.02 -51.86
CA GLN MA 32 -78.85 50.41 -52.08
C GLN MA 32 -79.61 50.15 -50.78
N LEU MA 33 -78.89 49.64 -49.78
CA LEU MA 33 -79.47 49.40 -48.45
C LEU MA 33 -80.00 50.66 -47.80
N THR MA 34 -79.21 51.74 -47.88
CA THR MA 34 -79.62 53.03 -47.31
C THR MA 34 -80.83 53.61 -48.06
N LEU MA 35 -80.77 53.48 -49.38
CA LEU MA 35 -81.80 54.01 -50.28
C LEU MA 35 -83.14 53.34 -50.04
N GLY MA 36 -83.14 52.01 -49.99
CA GLY MA 36 -84.34 51.23 -49.70
C GLY MA 36 -84.99 51.58 -48.37
N LEU MA 37 -84.16 51.74 -47.34
CA LEU MA 37 -84.61 52.17 -46.01
C LEU MA 37 -85.30 53.53 -46.05
N HIS MA 38 -84.66 54.47 -46.73
CA HIS MA 38 -85.20 55.82 -46.97
C HIS MA 38 -86.56 55.76 -47.65
N VAL MA 39 -86.64 54.97 -48.72
CA VAL MA 39 -87.88 54.77 -49.48
C VAL MA 39 -88.99 54.23 -48.57
N GLN MA 40 -88.64 53.23 -47.78
CA GLN MA 40 -89.57 52.62 -46.83
C GLN MA 40 -90.10 53.64 -45.82
N ARG MA 41 -89.21 54.48 -45.32
CA ARG MA 41 -89.56 55.51 -44.34
C ARG MA 41 -90.48 56.57 -44.95
N CYS MA 42 -90.21 56.93 -46.20
CA CYS MA 42 -91.06 57.85 -46.97
C CYS MA 42 -92.47 57.29 -47.14
N GLN MA 43 -92.54 56.01 -47.50
CA GLN MA 43 -93.82 55.28 -47.64
C GLN MA 43 -94.61 55.26 -46.33
N ASP MA 44 -93.91 55.01 -45.23
CA ASP MA 44 -94.51 55.01 -43.89
C ASP MA 44 -95.12 56.37 -43.55
N LYS MA 45 -94.38 57.44 -43.85
CA LYS MA 45 -94.88 58.81 -43.69
C LYS MA 45 -96.07 59.10 -44.62
N GLY MA 46 -96.01 58.55 -45.83
CA GLY MA 46 -97.17 58.49 -46.73
C GLY MA 46 -96.97 59.06 -48.13
N LEU MA 47 -95.82 58.74 -48.73
CA LEU MA 47 -95.52 59.15 -50.11
C LEU MA 47 -95.54 57.91 -50.99
N THR MA 48 -95.73 58.12 -52.29
CA THR MA 48 -95.61 57.03 -53.27
C THR MA 48 -94.13 56.72 -53.47
N TYR MA 49 -93.84 55.60 -54.13
CA TYR MA 49 -92.46 55.18 -54.39
C TYR MA 49 -91.71 56.23 -55.19
N GLN MA 50 -92.31 56.67 -56.28
CA GLN MA 50 -91.74 57.70 -57.16
C GLN MA 50 -91.44 58.99 -56.41
N GLU MA 51 -92.42 59.44 -55.63
CA GLU MA 51 -92.29 60.63 -54.78
C GLU MA 51 -91.12 60.51 -53.79
N ALA MA 52 -91.02 59.34 -53.16
CA ALA MA 52 -89.92 59.03 -52.25
C ALA MA 52 -88.57 59.13 -52.94
N MET MA 53 -88.48 58.52 -54.12
CA MET MA 53 -87.26 58.56 -54.94
C MET MA 53 -86.85 59.99 -55.32
N GLU MA 54 -87.85 60.79 -55.69
CA GLU MA 54 -87.65 62.21 -56.00
C GLU MA 54 -87.12 63.02 -54.83
N SER MA 55 -87.65 62.76 -53.63
CA SER MA 55 -87.43 63.56 -52.42
C SER MA 55 -86.04 64.20 -52.25
N LYS MA 56 -86.04 65.48 -51.91
CA LYS MA 56 -84.80 66.25 -51.72
C LYS MA 56 -84.05 65.76 -50.49
N LYS MA 57 -84.75 65.72 -49.37
CA LYS MA 57 -84.18 65.32 -48.08
C LYS MA 57 -84.22 63.80 -47.92
N LYS MA 58 -83.06 63.17 -48.13
CA LYS MA 58 -82.91 61.72 -47.98
C LYS MA 58 -82.70 61.39 -46.51
N TYR MA 59 -83.38 60.36 -46.02
CA TYR MA 59 -83.27 59.96 -44.62
C TYR MA 59 -82.02 59.11 -44.40
N LYS MA 60 -81.27 59.45 -43.34
CA LYS MA 60 -80.05 58.73 -42.98
C LYS MA 60 -80.43 57.56 -42.08
N PRO MA 61 -79.69 56.44 -42.18
CA PRO MA 61 -80.08 55.23 -41.45
C PRO MA 61 -79.85 55.35 -39.93
N ARG MA 62 -80.81 54.86 -39.16
CA ARG MA 62 -80.82 54.99 -37.70
C ARG MA 62 -80.01 53.89 -37.00
N SER MA 63 -80.03 52.68 -37.57
CA SER MA 63 -79.24 51.57 -37.04
C SER MA 63 -77.75 51.88 -37.16
N LYS MA 64 -76.99 51.31 -36.23
CA LYS MA 64 -75.62 51.74 -35.95
C LYS MA 64 -74.63 51.33 -37.04
N SER MA 65 -74.65 50.05 -37.38
CA SER MA 65 -73.73 49.48 -38.36
C SER MA 65 -73.83 50.16 -39.72
N LEU MA 66 -75.07 50.32 -40.19
CA LEU MA 66 -75.36 51.05 -41.43
C LEU MA 66 -74.83 52.48 -41.43
N ARG MA 67 -75.04 53.17 -40.32
CA ARG MA 67 -74.59 54.55 -40.13
C ARG MA 67 -73.07 54.65 -40.18
N LEU MA 68 -72.39 53.68 -39.56
CA LEU MA 68 -70.93 53.56 -39.61
C LEU MA 68 -70.42 53.32 -41.02
N LEU MA 69 -71.07 52.40 -41.73
CA LEU MA 69 -70.74 52.10 -43.13
C LEU MA 69 -70.86 53.33 -44.03
N ASN MA 70 -71.92 54.10 -43.80
CA ASN MA 70 -72.14 55.37 -44.51
C ASN MA 70 -71.00 56.37 -44.32
N LYS MA 71 -70.44 56.44 -43.11
CA LYS MA 71 -69.31 57.33 -42.83
C LYS MA 71 -68.05 56.91 -43.59
N PRO MA 72 -67.42 57.84 -44.33
CA PRO MA 72 -66.21 57.53 -45.11
C PRO MA 72 -64.95 57.40 -44.25
N SER MA 73 -64.91 58.07 -43.10
CA SER MA 73 -63.81 57.93 -42.13
C SER MA 73 -63.69 56.49 -41.59
N VAL MA 74 -64.83 55.83 -41.42
CA VAL MA 74 -64.88 54.45 -40.95
C VAL MA 74 -64.75 53.49 -42.14
N PHE MA 75 -65.66 53.64 -43.10
CA PHE MA 75 -65.73 52.79 -44.28
C PHE MA 75 -65.70 53.65 -45.55
N PRO MA 76 -64.50 53.89 -46.12
CA PRO MA 76 -64.39 54.73 -47.30
C PRO MA 76 -64.85 54.03 -48.58
N LYS MA 77 -65.25 54.83 -49.56
CA LYS MA 77 -65.63 54.34 -50.89
C LYS MA 77 -64.37 54.09 -51.71
N GLU MA 78 -64.51 53.33 -52.81
CA GLU MA 78 -63.37 53.01 -53.67
C GLU MA 78 -62.74 54.27 -54.28
N ASN MA 79 -63.58 55.18 -54.75
CA ASN MA 79 -63.11 56.49 -55.26
C ASN MA 79 -62.38 57.32 -54.18
N GLN MA 80 -62.86 57.23 -52.94
CA GLN MA 80 -62.22 57.90 -51.80
C GLN MA 80 -60.88 57.26 -51.43
N MET MA 81 -60.87 55.93 -51.31
CA MET MA 81 -59.69 55.15 -50.88
C MET MA 81 -58.37 55.53 -51.57
N SER MA 82 -57.28 55.37 -50.83
CA SER MA 82 -55.94 55.52 -51.39
C SER MA 82 -55.59 54.33 -52.27
N SER MA 83 -54.70 54.55 -53.23
CA SER MA 83 -54.12 53.47 -54.04
C SER MA 83 -53.56 52.34 -53.18
N LYS MA 84 -52.87 52.72 -52.11
CA LYS MA 84 -52.19 51.79 -51.22
C LYS MA 84 -53.16 50.88 -50.46
N ASP MA 85 -54.21 51.46 -49.89
CA ASP MA 85 -55.20 50.70 -49.12
C ASP MA 85 -56.10 49.77 -49.96
N LYS MA 86 -56.19 50.03 -51.27
CA LYS MA 86 -56.85 49.10 -52.20
C LYS MA 86 -56.07 47.80 -52.36
N TYR MA 87 -54.74 47.91 -52.43
CA TYR MA 87 -53.86 46.79 -52.80
C TYR MA 87 -52.89 46.31 -51.71
N TRP MA 88 -52.90 46.96 -50.52
CA TRP MA 88 -51.97 46.61 -49.45
C TRP MA 88 -52.66 46.64 -48.07
N THR MA 89 -52.66 45.50 -47.39
CA THR MA 89 -53.06 45.41 -45.99
C THR MA 89 -51.94 45.85 -45.07
N PHE MA 90 -52.30 46.15 -43.82
CA PHE MA 90 -51.35 46.32 -42.74
C PHE MA 90 -51.00 44.96 -42.16
N ASP MA 91 -49.71 44.66 -42.09
CA ASP MA 91 -49.21 43.43 -41.47
C ASP MA 91 -48.00 43.78 -40.60
N LYS MA 92 -48.20 43.79 -39.28
CA LYS MA 92 -47.17 44.22 -38.32
C LYS MA 92 -45.86 43.42 -38.37
N LYS MA 93 -45.95 42.13 -38.73
CA LYS MA 93 -44.76 41.27 -38.83
C LYS MA 93 -44.02 41.33 -40.17
N ALA MA 94 -44.62 41.97 -41.19
CA ALA MA 94 -43.93 42.20 -42.47
C ALA MA 94 -42.98 43.39 -42.39
N VAL MA 95 -41.96 43.37 -43.25
CA VAL MA 95 -41.08 44.54 -43.44
C VAL MA 95 -41.84 45.57 -44.29
N GLY MA 96 -41.78 46.83 -43.85
CA GLY MA 96 -42.64 47.89 -44.39
C GLY MA 96 -43.98 47.99 -43.68
N TYR MA 97 -44.22 47.10 -42.72
CA TYR MA 97 -45.54 46.91 -42.08
C TYR MA 97 -46.69 46.81 -43.06
N ARG MA 98 -46.43 46.18 -44.21
CA ARG MA 98 -47.39 46.11 -45.30
C ARG MA 98 -47.30 44.77 -46.02
N LYS MA 99 -48.42 44.35 -46.58
CA LYS MA 99 -48.57 43.04 -47.20
C LYS MA 99 -49.65 43.17 -48.26
N GLY MA 100 -49.51 42.48 -49.38
CA GLY MA 100 -50.52 42.50 -50.44
C GLY MA 100 -51.86 41.98 -49.93
N ILE MA 101 -52.96 42.58 -50.39
CA ILE MA 101 -54.31 42.18 -49.94
C ILE MA 101 -54.61 40.76 -50.47
N HIS MA 102 -54.18 40.48 -51.69
CA HIS MA 102 -54.23 39.12 -52.26
C HIS MA 102 -53.60 38.00 -51.39
N LYS MA 103 -52.66 38.35 -50.53
CA LYS MA 103 -52.10 37.41 -49.55
C LYS MA 103 -53.03 37.12 -48.36
N VAL MA 104 -54.03 37.98 -48.12
CA VAL MA 104 -55.04 37.75 -47.08
C VAL MA 104 -55.91 36.57 -47.52
N PRO MA 105 -56.25 35.65 -46.57
CA PRO MA 105 -57.09 34.53 -46.98
C PRO MA 105 -58.54 34.95 -47.17
N LYS MA 106 -59.16 34.47 -48.24
CA LYS MA 106 -60.52 34.87 -48.65
C LYS MA 106 -60.66 36.39 -48.88
N TRP MA 107 -59.62 37.00 -49.47
CA TRP MA 107 -59.63 38.45 -49.74
C TRP MA 107 -60.72 38.89 -50.71
N THR MA 108 -61.16 37.99 -51.58
CA THR MA 108 -62.25 38.25 -52.52
C THR MA 108 -63.59 38.48 -51.79
N LYS MA 109 -63.83 37.76 -50.70
CA LYS MA 109 -65.02 37.99 -49.86
C LYS MA 109 -64.74 39.03 -48.79
N ILE MA 110 -63.78 38.74 -47.91
CA ILE MA 110 -63.45 39.62 -46.78
C ILE MA 110 -63.12 41.05 -47.23
N SER MA 111 -63.70 42.02 -46.54
CA SER MA 111 -63.45 43.44 -46.78
C SER MA 111 -62.43 44.00 -45.80
N ILE MA 112 -61.58 44.91 -46.28
CA ILE MA 112 -60.61 45.60 -45.44
C ILE MA 112 -60.18 46.90 -46.12
N ARG MA 113 -60.85 47.99 -45.76
CA ARG MA 113 -60.64 49.30 -46.38
C ARG MA 113 -59.63 50.13 -45.60
N LYS MA 114 -59.86 50.25 -44.30
CA LYS MA 114 -59.13 51.19 -43.45
C LYS MA 114 -57.87 50.56 -42.85
N ALA MA 115 -56.72 51.17 -43.13
CA ALA MA 115 -55.46 50.87 -42.46
C ALA MA 115 -55.21 51.91 -41.38
N PRO MA 116 -54.27 51.65 -40.44
CA PRO MA 116 -53.90 52.66 -39.45
C PRO MA 116 -53.34 53.95 -40.05
N LYS MA 117 -53.41 55.04 -39.29
CA LYS MA 117 -53.13 56.40 -39.79
C LYS MA 117 -51.74 56.58 -40.41
N PHE MA 118 -50.73 55.93 -39.82
CA PHE MA 118 -49.34 56.08 -40.26
C PHE MA 118 -48.67 54.74 -40.61
N PHE MA 119 -49.46 53.69 -40.84
CA PHE MA 119 -48.94 52.36 -41.19
C PHE MA 119 -49.74 51.78 -42.35
N MET NA 1 6.17 -78.68 -39.13
CA MET NA 1 5.06 -79.22 -39.98
C MET NA 1 5.54 -79.55 -41.39
N LYS NA 2 4.73 -80.33 -42.11
CA LYS NA 2 4.93 -80.58 -43.54
C LYS NA 2 3.96 -79.71 -44.34
N VAL NA 3 4.51 -78.78 -45.12
CA VAL NA 3 3.73 -77.82 -45.90
C VAL NA 3 3.27 -78.47 -47.21
N ASN NA 4 4.22 -78.91 -48.02
CA ASN NA 4 3.91 -79.45 -49.35
C ASN NA 4 3.25 -80.83 -49.31
N HIS NA 5 2.26 -80.99 -50.18
CA HIS NA 5 1.67 -82.29 -50.49
C HIS NA 5 2.15 -82.71 -51.88
N SER NA 6 1.65 -83.83 -52.37
CA SER NA 6 1.91 -84.30 -53.74
C SER NA 6 1.56 -83.25 -54.80
N ILE NA 7 0.43 -82.59 -54.59
CA ILE NA 7 -0.08 -81.56 -55.51
C ILE NA 7 0.74 -80.25 -55.52
N SER NA 8 1.40 -79.94 -54.41
CA SER NA 8 2.05 -78.64 -54.19
C SER NA 8 3.13 -78.23 -55.21
N ARG NA 9 3.73 -79.22 -55.89
CA ARG NA 9 4.69 -78.96 -56.97
C ARG NA 9 4.28 -79.66 -58.26
N PHE NA 10 5.00 -79.32 -59.33
CA PHE NA 10 5.06 -80.16 -60.52
C PHE NA 10 5.88 -81.40 -60.14
N ARG NA 11 5.35 -82.58 -60.48
CA ARG NA 11 6.02 -83.84 -60.19
C ARG NA 11 6.48 -84.52 -61.48
N PRO NA 12 7.80 -84.76 -61.62
CA PRO NA 12 8.28 -85.51 -62.78
C PRO NA 12 8.09 -87.02 -62.61
N ALA NA 13 8.48 -87.77 -63.65
CA ALA NA 13 8.31 -89.23 -63.71
C ALA NA 13 8.97 -89.96 -62.56
N SER NA 14 10.19 -89.53 -62.23
CA SER NA 14 10.99 -90.16 -61.17
C SER NA 14 10.29 -90.12 -59.82
N TRP NA 15 9.71 -88.97 -59.50
CA TRP NA 15 8.93 -88.77 -58.29
C TRP NA 15 7.74 -89.73 -58.22
N PHE NA 16 7.00 -89.82 -59.33
CA PHE NA 16 5.87 -90.73 -59.46
C PHE NA 16 6.26 -92.19 -59.24
N GLU NA 17 7.36 -92.59 -59.87
CA GLU NA 17 7.94 -93.93 -59.72
C GLU NA 17 8.28 -94.24 -58.26
N LYS NA 18 8.88 -93.27 -57.58
CA LYS NA 18 9.21 -93.38 -56.16
C LYS NA 18 7.97 -93.59 -55.30
N THR NA 19 6.94 -92.79 -55.57
CA THR NA 19 5.70 -92.79 -54.78
C THR NA 19 4.69 -93.85 -55.21
N LYS NA 20 4.20 -93.73 -56.44
CA LYS NA 20 3.10 -94.54 -56.99
C LYS NA 20 1.79 -94.35 -56.21
N ILE NA 21 1.33 -93.10 -56.17
CA ILE NA 21 0.02 -92.75 -55.61
C ILE NA 21 -1.04 -93.21 -56.61
N ILE NA 22 -0.87 -92.77 -57.85
CA ILE NA 22 -1.77 -93.10 -58.96
C ILE NA 22 -0.95 -93.73 -60.09
N PRO NA 23 -1.62 -94.35 -61.09
CA PRO NA 23 -0.90 -94.84 -62.26
C PRO NA 23 -0.45 -93.70 -63.18
N PRO NA 24 0.21 -94.03 -64.30
CA PRO NA 24 0.52 -92.99 -65.27
C PRO NA 24 -0.74 -92.45 -65.96
N GLN NA 25 -1.20 -91.28 -65.53
CA GLN NA 25 -2.40 -90.66 -66.10
C GLN NA 25 -2.51 -89.17 -65.80
N VAL NA 26 -3.31 -88.49 -66.62
CA VAL NA 26 -3.58 -87.06 -66.49
C VAL NA 26 -5.09 -86.86 -66.34
N TYR NA 27 -5.47 -85.95 -65.45
CA TYR NA 27 -6.87 -85.63 -65.18
C TYR NA 27 -7.24 -84.30 -65.81
N ILE NA 28 -8.47 -84.20 -66.30
CA ILE NA 28 -9.00 -82.99 -66.94
C ILE NA 28 -10.33 -82.63 -66.29
N PHE NA 29 -10.53 -81.34 -65.99
CA PHE NA 29 -11.67 -80.87 -65.22
C PHE NA 29 -12.43 -79.72 -65.89
N ARG NA 30 -13.70 -79.96 -66.23
CA ARG NA 30 -14.61 -78.90 -66.67
C ARG NA 30 -14.91 -77.94 -65.54
N ASN NA 31 -15.18 -76.68 -65.89
CA ASN NA 31 -15.72 -75.71 -64.97
C ASN NA 31 -17.17 -75.48 -65.34
N LEU NA 32 -18.08 -75.93 -64.48
CA LEU NA 32 -19.53 -75.83 -64.72
C LEU NA 32 -20.03 -74.38 -64.80
N GLU NA 33 -19.33 -73.47 -64.12
CA GLU NA 33 -19.67 -72.05 -64.10
C GLU NA 33 -19.36 -71.37 -65.44
N TYR NA 34 -18.11 -71.47 -65.88
CA TYR NA 34 -17.60 -70.76 -67.07
C TYR NA 34 -17.34 -71.60 -68.31
N GLY NA 35 -17.26 -72.93 -68.16
CA GLY NA 35 -16.90 -73.82 -69.27
C GLY NA 35 -15.41 -73.99 -69.50
N GLN NA 36 -14.58 -73.41 -68.63
CA GLN NA 36 -13.13 -73.51 -68.74
C GLN NA 36 -12.66 -74.88 -68.29
N VAL NA 37 -11.50 -75.30 -68.78
CA VAL NA 37 -10.94 -76.62 -68.50
C VAL NA 37 -9.67 -76.49 -67.66
N LEU NA 38 -9.42 -77.48 -66.80
CA LEU NA 38 -8.27 -77.48 -65.90
C LEU NA 38 -7.58 -78.85 -65.92
N TYR NA 39 -6.35 -78.87 -66.43
CA TYR NA 39 -5.53 -80.08 -66.47
C TYR NA 39 -4.81 -80.25 -65.15
N SER NA 40 -4.55 -81.50 -64.77
CA SER NA 40 -3.77 -81.79 -63.56
C SER NA 40 -3.16 -83.18 -63.59
N GLN NA 41 -1.98 -83.29 -62.97
CA GLN NA 41 -1.29 -84.56 -62.80
C GLN NA 41 -1.97 -85.48 -61.77
N PHE NA 42 -2.82 -84.90 -60.90
CA PHE NA 42 -3.47 -85.63 -59.81
C PHE NA 42 -4.99 -85.46 -59.85
N PRO NA 43 -5.73 -86.37 -59.19
CA PRO NA 43 -7.20 -86.26 -59.15
C PRO NA 43 -7.72 -85.07 -58.32
N ASN NA 44 -6.88 -84.49 -57.47
CA ASN NA 44 -7.15 -83.20 -56.82
C ASN NA 44 -6.31 -82.11 -57.46
N PHE NA 45 -6.57 -80.87 -57.05
CA PHE NA 45 -5.78 -79.72 -57.48
C PHE NA 45 -5.93 -78.57 -56.48
N SER NA 46 -5.08 -77.56 -56.63
CA SER NA 46 -5.05 -76.41 -55.75
C SER NA 46 -5.08 -75.10 -56.55
N GLN NA 47 -5.04 -73.98 -55.83
CA GLN NA 47 -4.95 -72.64 -56.41
C GLN NA 47 -3.71 -72.48 -57.30
N THR NA 48 -2.63 -73.16 -56.95
CA THR NA 48 -1.36 -73.10 -57.69
C THR NA 48 -1.52 -73.53 -59.15
N GLN NA 49 -2.26 -74.62 -59.36
CA GLN NA 49 -2.57 -75.15 -60.69
C GLN NA 49 -3.38 -74.14 -61.51
N VAL NA 50 -4.37 -73.54 -60.86
CA VAL NA 50 -5.23 -72.52 -61.47
C VAL NA 50 -4.39 -71.32 -61.91
N ASP NA 51 -3.53 -70.85 -61.01
CA ASP NA 51 -2.61 -69.73 -61.28
C ASP NA 51 -1.71 -70.01 -62.48
N LYS NA 52 -1.17 -71.23 -62.52
CA LYS NA 52 -0.31 -71.70 -63.61
C LYS NA 52 -1.00 -71.64 -64.97
N LEU NA 53 -2.25 -72.10 -65.02
CA LEU NA 53 -3.00 -72.12 -66.28
C LEU NA 53 -3.59 -70.77 -66.63
N PHE NA 54 -4.33 -70.18 -65.69
CA PHE NA 54 -5.05 -68.93 -65.95
C PHE NA 54 -4.16 -67.74 -65.63
N VAL NA 55 -3.20 -67.50 -66.53
CA VAL NA 55 -2.14 -66.49 -66.37
C VAL NA 55 -2.50 -65.12 -66.91
N ARG NA 56 -3.26 -65.08 -68.02
CA ARG NA 56 -3.71 -63.84 -68.63
C ARG NA 56 -5.24 -63.84 -68.72
N PRO NA 57 -5.91 -63.52 -67.60
CA PRO NA 57 -7.37 -63.50 -67.58
C PRO NA 57 -7.95 -62.16 -68.02
N ASN NA 58 -9.08 -62.22 -68.71
CA ASN NA 58 -9.85 -61.03 -69.12
C ASN NA 58 -11.34 -61.28 -68.87
N TRP NA 59 -12.20 -60.37 -69.31
CA TRP NA 59 -13.65 -60.52 -69.13
C TRP NA 59 -14.19 -61.80 -69.80
N SER NA 60 -13.63 -62.16 -70.94
CA SER NA 60 -14.04 -63.35 -71.69
C SER NA 60 -13.53 -64.65 -71.05
N ASN NA 61 -12.29 -64.63 -70.58
CA ASN NA 61 -11.64 -65.80 -69.99
C ASN NA 61 -11.20 -65.48 -68.57
N ARG NA 62 -12.18 -65.28 -67.69
CA ARG NA 62 -11.92 -64.90 -66.30
C ARG NA 62 -11.22 -66.03 -65.54
N LYS NA 63 -10.35 -65.65 -64.60
CA LYS NA 63 -9.68 -66.61 -63.73
C LYS NA 63 -10.75 -67.28 -62.86
N PRO NA 64 -10.88 -68.61 -62.94
CA PRO NA 64 -11.99 -69.27 -62.28
C PRO NA 64 -11.85 -69.35 -60.78
N SER NA 65 -13.00 -69.47 -60.10
CA SER NA 65 -13.03 -69.73 -58.67
C SER NA 65 -12.51 -71.13 -58.39
N LEU NA 66 -11.93 -71.30 -57.19
CA LEU NA 66 -11.42 -72.61 -56.75
C LEU NA 66 -12.49 -73.41 -55.99
N ARG NA 67 -13.73 -72.93 -55.95
CA ARG NA 67 -14.81 -73.65 -55.26
C ARG NA 67 -15.03 -75.04 -55.86
N ARG NA 68 -15.02 -76.05 -54.99
CA ARG NA 68 -14.95 -77.47 -55.42
C ARG NA 68 -16.15 -77.98 -56.21
N ASP NA 69 -17.33 -77.40 -55.99
CA ASP NA 69 -18.56 -77.90 -56.61
C ASP NA 69 -18.66 -77.67 -58.13
N ILE NA 70 -18.21 -76.49 -58.58
CA ILE NA 70 -18.29 -76.14 -60.01
C ILE NA 70 -17.26 -76.90 -60.86
N TRP NA 71 -16.19 -77.39 -60.25
CA TRP NA 71 -15.22 -78.23 -60.96
C TRP NA 71 -15.70 -79.67 -61.01
N LYS NA 72 -15.66 -80.26 -62.20
CA LYS NA 72 -16.09 -81.64 -62.43
C LYS NA 72 -15.20 -82.28 -63.50
N CYS NA 73 -14.91 -83.57 -63.33
CA CYS NA 73 -13.94 -84.27 -64.19
C CYS NA 73 -14.50 -84.51 -65.59
N MET NA 74 -13.90 -83.86 -66.58
CA MET NA 74 -14.27 -84.00 -68.00
C MET NA 74 -13.77 -85.31 -68.56
N CYS NA 75 -12.56 -85.69 -68.16
CA CYS NA 75 -11.81 -86.71 -68.86
C CYS NA 75 -10.59 -87.14 -68.04
N VAL NA 76 -10.39 -88.46 -67.96
CA VAL NA 76 -9.22 -89.04 -67.30
C VAL NA 76 -8.47 -89.84 -68.36
N VAL NA 77 -7.26 -89.39 -68.69
CA VAL NA 77 -6.48 -89.99 -69.79
C VAL NA 77 -5.28 -90.75 -69.22
N ASN NA 78 -5.26 -92.05 -69.49
CA ASN NA 78 -4.21 -92.95 -69.03
C ASN NA 78 -3.20 -93.20 -70.14
N LEU NA 79 -1.94 -93.37 -69.75
CA LEU NA 79 -0.84 -93.55 -70.70
C LEU NA 79 0.09 -94.70 -70.30
N GLN NA 80 0.99 -95.04 -71.22
CA GLN NA 80 1.84 -96.23 -71.09
C GLN NA 80 2.94 -96.09 -70.02
N ASN NA 81 3.32 -94.85 -69.70
CA ASN NA 81 4.39 -94.59 -68.74
C ASN NA 81 4.20 -93.25 -68.04
N TYR NA 82 4.70 -93.14 -66.81
CA TYR NA 82 4.64 -91.91 -66.01
C TYR NA 82 5.25 -90.73 -66.75
N LYS NA 83 6.44 -90.97 -67.30
CA LYS NA 83 7.16 -89.98 -68.10
C LYS NA 83 6.34 -89.46 -69.28
N GLN NA 84 5.65 -90.37 -69.94
CA GLN NA 84 4.76 -90.05 -71.06
C GLN NA 84 3.59 -89.17 -70.61
N SER NA 85 3.01 -89.50 -69.46
CA SER NA 85 1.92 -88.72 -68.86
C SER NA 85 2.35 -87.32 -68.49
N VAL NA 86 3.55 -87.21 -67.92
CA VAL NA 86 4.17 -85.93 -67.58
C VAL NA 86 4.36 -85.07 -68.83
N HIS NA 87 4.87 -85.69 -69.88
CA HIS NA 87 5.09 -85.02 -71.17
C HIS NA 87 3.79 -84.50 -71.78
N LEU NA 88 2.75 -85.33 -71.74
CA LEU NA 88 1.40 -84.95 -72.17
C LEU NA 88 0.89 -83.72 -71.41
N TYR NA 89 1.02 -83.77 -70.09
CA TYR NA 89 0.63 -82.68 -69.20
C TYR NA 89 1.32 -81.37 -69.55
N GLN NA 90 2.64 -81.46 -69.77
CA GLN NA 90 3.46 -80.32 -70.20
C GLN NA 90 2.99 -79.74 -71.53
N ASN NA 91 2.71 -80.63 -72.49
CA ASN NA 91 2.17 -80.25 -73.80
C ASN NA 91 0.85 -79.49 -73.71
N LEU NA 92 -0.05 -79.98 -72.85
CA LEU NA 92 -1.34 -79.32 -72.60
C LEU NA 92 -1.16 -77.90 -72.06
N CYS NA 93 -0.29 -77.78 -71.07
CA CYS NA 93 0.06 -76.49 -70.47
C CYS NA 93 0.64 -75.52 -71.50
N ARG NA 94 1.52 -76.04 -72.35
CA ARG NA 94 2.11 -75.27 -73.45
C ARG NA 94 1.03 -74.76 -74.40
N LEU NA 95 0.15 -75.65 -74.82
CA LEU NA 95 -0.97 -75.31 -75.69
C LEU NA 95 -1.86 -74.22 -75.11
N ARG NA 96 -2.18 -74.35 -73.82
CA ARG NA 96 -2.94 -73.36 -73.10
C ARG NA 96 -2.27 -72.00 -73.14
N TYR NA 97 -0.97 -71.99 -72.84
CA TYR NA 97 -0.16 -70.78 -72.88
C TYR NA 97 -0.24 -70.11 -74.25
N LEU NA 98 -0.04 -70.91 -75.29
CA LEU NA 98 -0.11 -70.44 -76.69
C LEU NA 98 -1.46 -69.77 -76.98
N ARG NA 99 -2.54 -70.43 -76.57
CA ARG NA 99 -3.89 -69.92 -76.76
C ARG NA 99 -4.17 -68.61 -76.02
N ASP NA 100 -3.63 -68.49 -74.81
CA ASP NA 100 -3.87 -67.30 -73.97
C ASP NA 100 -2.95 -66.12 -74.30
N VAL NA 101 -1.65 -66.40 -74.45
CA VAL NA 101 -0.64 -65.34 -74.54
C VAL NA 101 -0.03 -65.21 -75.95
N ALA NA 102 0.69 -66.24 -76.38
CA ALA NA 102 1.57 -66.15 -77.55
C ALA NA 102 0.83 -66.05 -78.88
N GLN NA 103 0.03 -67.08 -79.17
CA GLN NA 103 -0.73 -67.17 -80.41
C GLN NA 103 -2.23 -67.01 -80.12
N ARG NA 104 -2.56 -65.88 -79.51
CA ARG NA 104 -3.92 -65.62 -79.03
C ARG NA 104 -4.88 -65.20 -80.14
N LYS NA 105 -4.37 -64.42 -81.09
CA LYS NA 105 -5.17 -63.90 -82.21
C LYS NA 105 -5.68 -65.02 -83.12
N GLU NA 106 -4.79 -65.97 -83.38
CA GLU NA 106 -5.11 -67.16 -84.19
C GLU NA 106 -6.20 -67.98 -83.53
N SER NA 107 -6.05 -68.21 -82.22
CA SER NA 107 -7.04 -68.92 -81.41
C SER NA 107 -8.40 -68.25 -81.48
N ASP NA 108 -8.40 -66.92 -81.30
CA ASP NA 108 -9.61 -66.10 -81.36
C ASP NA 108 -10.32 -66.23 -82.72
N LYS NA 109 -9.54 -66.15 -83.78
CA LYS NA 109 -10.04 -66.35 -85.16
C LYS NA 109 -10.71 -67.72 -85.34
N LEU NA 110 -10.06 -68.75 -84.82
CA LEU NA 110 -10.59 -70.12 -84.83
C LEU NA 110 -11.94 -70.29 -84.10
N ARG NA 111 -12.16 -69.52 -83.04
CA ARG NA 111 -13.38 -69.65 -82.21
C ARG NA 111 -14.67 -69.23 -82.92
N LYS NA 112 -15.80 -69.62 -82.33
CA LYS NA 112 -17.12 -69.20 -82.77
C LYS NA 112 -17.46 -67.85 -82.15
N LYS NA 113 -17.85 -66.89 -82.99
CA LYS NA 113 -18.27 -65.56 -82.55
C LYS NA 113 -19.78 -65.40 -82.69
N ASP NA 114 -20.38 -64.61 -81.80
CA ASP NA 114 -21.79 -64.22 -81.91
C ASP NA 114 -21.91 -62.90 -82.68
N SER NA 115 -23.13 -62.41 -82.83
CA SER NA 115 -23.36 -61.04 -83.30
C SER NA 115 -22.85 -60.07 -82.24
N ASN NA 116 -22.26 -58.97 -82.70
CA ASN NA 116 -21.41 -58.08 -81.88
C ASN NA 116 -20.03 -58.67 -81.57
N GLY NA 117 -19.58 -59.62 -82.40
CA GLY NA 117 -18.18 -60.06 -82.46
C GLY NA 117 -17.50 -60.61 -81.22
N HIS NA 118 -18.28 -61.14 -80.27
CA HIS NA 118 -17.73 -61.76 -79.06
C HIS NA 118 -17.74 -63.27 -79.20
N VAL NA 119 -16.81 -63.93 -78.50
CA VAL NA 119 -16.78 -65.39 -78.48
C VAL NA 119 -18.08 -65.88 -77.84
N TRP NA 120 -18.80 -66.75 -78.53
CA TRP NA 120 -20.17 -67.13 -78.16
C TRP NA 120 -20.28 -67.56 -76.70
N TYR NA 121 -21.28 -67.02 -76.00
CA TYR NA 121 -21.52 -67.34 -74.59
C TYR NA 121 -23.01 -67.52 -74.29
N SER NA 122 -23.29 -68.21 -73.19
CA SER NA 122 -24.61 -68.24 -72.57
C SER NA 122 -24.38 -68.01 -71.08
N GLY NA 123 -24.76 -66.83 -70.59
CA GLY NA 123 -24.31 -66.36 -69.29
C GLY NA 123 -22.82 -66.09 -69.40
N GLN NA 124 -22.06 -66.49 -68.38
CA GLN NA 124 -20.60 -66.49 -68.46
C GLN NA 124 -20.03 -67.86 -68.88
N TYR NA 125 -20.89 -68.82 -69.18
CA TYR NA 125 -20.47 -70.10 -69.74
C TYR NA 125 -20.15 -69.94 -71.23
N ARG NA 126 -18.91 -70.26 -71.60
CA ARG NA 126 -18.47 -70.24 -73.00
C ARG NA 126 -18.10 -71.67 -73.42
N PRO NA 127 -18.89 -72.27 -74.35
CA PRO NA 127 -18.64 -73.68 -74.71
C PRO NA 127 -17.45 -73.94 -75.64
N THR NA 128 -16.71 -72.91 -76.05
CA THR NA 128 -15.55 -73.08 -76.94
C THR NA 128 -14.32 -73.62 -76.19
N TYR NA 129 -14.16 -73.22 -74.93
CA TYR NA 129 -12.97 -73.58 -74.13
C TYR NA 129 -12.83 -75.08 -73.94
N CYS NA 130 -13.95 -75.72 -73.60
CA CYS NA 130 -14.03 -77.18 -73.49
C CYS NA 130 -13.61 -77.86 -74.79
N GLN NA 131 -14.19 -77.39 -75.90
CA GLN NA 131 -13.91 -77.92 -77.24
C GLN NA 131 -12.42 -77.82 -77.58
N GLU NA 132 -11.86 -76.64 -77.31
CA GLU NA 132 -10.43 -76.38 -77.48
C GLU NA 132 -9.59 -77.35 -76.69
N ALA NA 133 -9.95 -77.56 -75.42
CA ALA NA 133 -9.27 -78.52 -74.55
C ALA NA 133 -9.27 -79.94 -75.10
N VAL NA 134 -10.41 -80.35 -75.69
CA VAL NA 134 -10.51 -81.68 -76.32
C VAL NA 134 -9.58 -81.73 -77.53
N ALA NA 135 -9.65 -80.70 -78.38
CA ALA NA 135 -8.76 -80.55 -79.53
C ALA NA 135 -7.29 -80.49 -79.12
N ASP NA 136 -7.02 -79.73 -78.06
CA ASP NA 136 -5.67 -79.59 -77.50
C ASP NA 136 -5.15 -80.91 -76.92
N LEU NA 137 -6.02 -81.63 -76.22
CA LEU NA 137 -5.72 -82.96 -75.70
C LEU NA 137 -5.31 -83.91 -76.83
N ARG NA 138 -6.13 -83.94 -77.87
CA ARG NA 138 -5.89 -84.74 -79.07
C ARG NA 138 -4.53 -84.42 -79.67
N GLU NA 139 -4.24 -83.13 -79.79
CA GLU NA 139 -2.98 -82.64 -80.33
C GLU NA 139 -1.78 -83.09 -79.50
N SER NA 140 -1.87 -82.84 -78.19
CA SER NA 140 -0.78 -83.16 -77.26
C SER NA 140 -0.46 -84.65 -77.27
N LEU NA 141 -1.49 -85.47 -77.16
CA LEU NA 141 -1.35 -86.94 -77.26
C LEU NA 141 -0.64 -87.37 -78.53
N LEU NA 142 -1.08 -86.80 -79.64
CA LEU NA 142 -0.50 -87.08 -80.96
C LEU NA 142 0.99 -86.76 -80.99
N LYS NA 143 1.34 -85.59 -80.47
CA LYS NA 143 2.74 -85.14 -80.34
C LYS NA 143 3.58 -86.09 -79.49
N VAL NA 144 3.00 -86.52 -78.37
CA VAL NA 144 3.64 -87.47 -77.45
C VAL NA 144 3.98 -88.77 -78.16
N PHE NA 145 3.02 -89.28 -78.94
CA PHE NA 145 3.19 -90.55 -79.64
C PHE NA 145 4.14 -90.45 -80.84
N GLU NA 146 4.20 -89.26 -81.46
CA GLU NA 146 5.23 -88.95 -82.46
C GLU NA 146 6.62 -88.98 -81.85
N ASN NA 147 6.77 -88.32 -80.70
CA ASN NA 147 8.01 -88.32 -79.91
C ASN NA 147 8.48 -89.72 -79.55
N ALA NA 148 7.53 -90.56 -79.13
CA ALA NA 148 7.79 -91.95 -78.76
C ALA NA 148 8.33 -92.76 -79.94
N ALA NA 158 2.75 -104.74 -73.47
CA ALA NA 158 2.64 -103.33 -73.07
C ALA NA 158 1.20 -102.92 -72.82
N LYS NA 159 1.04 -101.87 -72.02
CA LYS NA 159 -0.28 -101.31 -71.71
C LYS NA 159 -0.84 -100.59 -72.94
N LYS NA 160 -2.11 -100.86 -73.26
CA LYS NA 160 -2.83 -100.09 -74.27
C LYS NA 160 -3.35 -98.82 -73.61
N PRO NA 161 -2.99 -97.63 -74.14
CA PRO NA 161 -3.47 -96.39 -73.54
C PRO NA 161 -4.95 -96.17 -73.78
N SER NA 162 -5.57 -95.35 -72.94
CA SER NA 162 -7.01 -95.14 -72.99
C SER NA 162 -7.40 -93.79 -72.41
N ILE NA 163 -8.55 -93.29 -72.86
CA ILE NA 163 -9.09 -92.03 -72.38
C ILE NA 163 -10.50 -92.27 -71.84
N TYR NA 164 -10.60 -92.36 -70.51
CA TYR NA 164 -11.89 -92.48 -69.84
C TYR NA 164 -12.64 -91.15 -69.86
N TRP NA 165 -13.71 -91.09 -70.65
CA TRP NA 165 -14.54 -89.91 -70.76
C TRP NA 165 -15.62 -89.85 -69.68
N GLU NA 166 -15.93 -88.64 -69.24
CA GLU NA 166 -17.14 -88.35 -68.46
C GLU NA 166 -18.38 -88.76 -69.24
N ASP NA 167 -18.37 -88.44 -70.52
CA ASP NA 167 -19.57 -88.40 -71.35
C ASP NA 167 -19.18 -88.74 -72.80
N PRO NA 168 -19.88 -89.70 -73.45
CA PRO NA 168 -19.53 -90.08 -74.82
C PRO NA 168 -19.80 -88.97 -75.86
N TRP NA 169 -20.81 -88.14 -75.59
CA TRP NA 169 -21.17 -86.97 -76.41
C TRP NA 169 -20.02 -85.99 -76.63
N ARG NA 170 -19.11 -85.87 -75.67
CA ARG NA 170 -18.04 -84.86 -75.73
C ARG NA 170 -17.01 -85.03 -76.86
N MET NA 171 -17.01 -86.18 -77.54
CA MET NA 171 -16.21 -86.38 -78.75
C MET NA 171 -16.80 -85.63 -79.94
N GLY NA 172 -15.92 -84.98 -80.69
CA GLY NA 172 -16.30 -84.22 -81.88
C GLY NA 172 -16.93 -85.12 -82.93
N ASP NA 173 -16.22 -86.21 -83.22
CA ASP NA 173 -16.70 -87.30 -84.08
C ASP NA 173 -15.58 -88.33 -84.16
N LYS NA 174 -15.90 -89.61 -83.98
CA LYS NA 174 -14.90 -90.69 -84.05
C LYS NA 174 -14.32 -90.91 -85.46
N ASP NA 175 -15.02 -90.44 -86.48
CA ASP NA 175 -14.52 -90.48 -87.87
C ASP NA 175 -13.60 -89.29 -88.18
N LYS NA 176 -14.15 -88.08 -88.03
CA LYS NA 176 -13.44 -86.83 -88.41
C LYS NA 176 -12.17 -86.60 -87.60
N HIS NA 177 -12.27 -86.81 -86.29
CA HIS NA 177 -11.13 -86.75 -85.37
C HIS NA 177 -10.97 -88.12 -84.74
N TRP NA 178 -9.94 -88.28 -83.91
CA TRP NA 178 -9.71 -89.51 -83.13
C TRP NA 178 -9.48 -90.81 -83.93
N ASN NA 179 -9.19 -90.69 -85.23
CA ASN NA 179 -8.91 -91.83 -86.09
C ASN NA 179 -7.62 -91.62 -86.87
N TYR NA 180 -6.61 -91.07 -86.19
CA TYR NA 180 -5.26 -91.00 -86.74
C TYR NA 180 -4.64 -92.40 -86.73
N ASP NA 181 -3.64 -92.59 -87.59
CA ASP NA 181 -2.99 -93.89 -87.76
C ASP NA 181 -2.19 -94.28 -86.51
N VAL NA 182 -1.57 -93.29 -85.87
CA VAL NA 182 -0.74 -93.49 -84.68
C VAL NA 182 -1.58 -94.01 -83.51
N PHE NA 183 -2.71 -93.35 -83.28
CA PHE NA 183 -3.66 -93.76 -82.23
C PHE NA 183 -4.14 -95.19 -82.42
N ASN NA 184 -4.51 -95.52 -83.66
CA ASN NA 184 -4.94 -96.87 -84.04
C ASN NA 184 -3.88 -97.93 -83.75
N ALA NA 185 -2.63 -97.61 -84.13
CA ALA NA 185 -1.48 -98.46 -83.87
C ALA NA 185 -1.28 -98.75 -82.39
N LEU NA 186 -1.36 -97.68 -81.60
CA LEU NA 186 -1.30 -97.76 -80.14
C LEU NA 186 -2.39 -98.66 -79.54
N GLY NA 187 -3.61 -98.48 -80.02
CA GLY NA 187 -4.79 -99.11 -79.44
C GLY NA 187 -5.41 -98.18 -78.41
N LEU NA 188 -5.70 -96.96 -78.86
CA LEU NA 188 -6.27 -95.92 -77.98
C LEU NA 188 -7.77 -96.19 -77.76
N GLU NA 189 -8.07 -96.80 -76.63
CA GLU NA 189 -9.45 -97.20 -76.29
C GLU NA 189 -10.19 -96.03 -75.64
N HIS NA 190 -11.25 -95.55 -76.29
CA HIS NA 190 -12.06 -94.45 -75.76
C HIS NA 190 -13.19 -95.01 -74.89
N LYS NA 191 -12.83 -95.30 -73.64
CA LYS NA 191 -13.78 -95.79 -72.64
C LYS NA 191 -14.50 -94.62 -71.98
N LEU NA 192 -15.49 -94.93 -71.14
CA LEU NA 192 -16.17 -93.92 -70.33
C LEU NA 192 -16.28 -94.37 -68.88
N ILE NA 193 -16.34 -93.40 -67.97
CA ILE NA 193 -16.42 -93.68 -66.54
C ILE NA 193 -17.82 -94.21 -66.20
N GLN NA 194 -17.87 -95.21 -65.33
CA GLN NA 194 -19.14 -95.86 -64.98
C GLN NA 194 -19.97 -94.93 -64.11
N ARG NA 195 -21.19 -94.64 -64.55
CA ARG NA 195 -22.11 -93.78 -63.80
C ARG NA 195 -23.19 -94.64 -63.14
N VAL NA 196 -22.74 -95.36 -62.10
CA VAL NA 196 -23.61 -96.15 -61.22
C VAL NA 196 -23.46 -95.60 -59.81
N GLY NA 197 -23.73 -94.31 -59.68
CA GLY NA 197 -23.56 -93.58 -58.43
C GLY NA 197 -23.49 -92.09 -58.65
N ASN NA 198 -23.47 -91.33 -57.55
CA ASN NA 198 -23.31 -89.89 -57.64
C ASN NA 198 -21.93 -89.57 -58.20
N ILE NA 199 -21.91 -89.06 -59.43
CA ILE NA 199 -20.68 -88.89 -60.21
C ILE NA 199 -19.92 -87.69 -59.68
N ALA NA 200 -20.65 -86.61 -59.37
CA ALA NA 200 -20.07 -85.38 -58.83
C ALA NA 200 -19.59 -85.54 -57.38
N ARG NA 201 -20.43 -86.15 -56.54
CA ARG NA 201 -20.18 -86.21 -55.10
C ARG NA 201 -19.14 -87.26 -54.73
N GLU NA 202 -19.32 -88.48 -55.23
CA GLU NA 202 -18.33 -89.56 -55.07
C GLU NA 202 -17.40 -89.65 -56.29
N GLU NA 203 -16.90 -88.50 -56.73
CA GLU NA 203 -16.01 -88.39 -57.89
C GLU NA 203 -14.65 -88.96 -57.57
N SER NA 204 -14.09 -88.51 -56.45
CA SER NA 204 -12.77 -88.93 -55.96
C SER NA 204 -12.65 -90.44 -55.79
N VAL NA 205 -13.71 -91.04 -55.25
CA VAL NA 205 -13.81 -92.49 -55.06
C VAL NA 205 -13.75 -93.22 -56.40
N ILE NA 206 -14.55 -92.73 -57.35
CA ILE NA 206 -14.59 -93.25 -58.73
C ILE NA 206 -13.21 -93.21 -59.38
N LEU NA 207 -12.54 -92.07 -59.25
CA LEU NA 207 -11.19 -91.87 -59.79
C LEU NA 207 -10.18 -92.85 -59.20
N LYS NA 208 -10.27 -93.04 -57.88
CA LYS NA 208 -9.47 -94.04 -57.17
C LYS NA 208 -9.69 -95.45 -57.70
N GLU NA 209 -10.96 -95.79 -57.90
CA GLU NA 209 -11.37 -97.10 -58.43
C GLU NA 209 -10.81 -97.33 -59.83
N LEU NA 210 -10.89 -96.30 -60.67
CA LEU NA 210 -10.31 -96.31 -62.02
C LEU NA 210 -8.80 -96.54 -61.98
N ALA NA 211 -8.13 -95.81 -61.10
CA ALA NA 211 -6.68 -95.92 -60.89
C ALA NA 211 -6.28 -97.33 -60.50
N LYS NA 212 -7.01 -97.89 -59.54
CA LYS NA 212 -6.84 -99.29 -59.11
C LYS NA 212 -6.98 -100.28 -60.26
N LEU NA 213 -8.02 -100.08 -61.07
CA LEU NA 213 -8.34 -100.95 -62.21
C LEU NA 213 -7.17 -101.17 -63.17
N GLU NA 214 -6.48 -100.10 -63.54
CA GLU NA 214 -5.31 -100.20 -64.42
C GLU NA 214 -3.99 -100.14 -63.65
N SER NA 215 -3.71 -101.22 -62.92
CA SER NA 215 -2.45 -101.37 -62.18
C SER NA 215 -2.18 -102.85 -61.86
N THR OA 2 84.13 -40.65 57.16
CA THR OA 2 83.61 -39.55 56.28
C THR OA 2 82.55 -38.72 57.00
N LEU OA 3 82.17 -37.61 56.37
CA LEU OA 3 81.05 -36.76 56.82
C LEU OA 3 79.77 -37.57 56.93
N ALA OA 4 79.51 -38.39 55.91
CA ALA OA 4 78.31 -39.23 55.85
C ALA OA 4 78.14 -40.09 57.10
N GLU OA 5 79.24 -40.73 57.51
CA GLU OA 5 79.26 -41.55 58.73
C GLU OA 5 78.90 -40.74 59.97
N LEU OA 6 79.49 -39.55 60.08
CA LEU OA 6 79.20 -38.63 61.18
C LEU OA 6 77.73 -38.22 61.22
N LEU OA 7 77.19 -37.92 60.04
CA LEU OA 7 75.77 -37.58 59.88
C LEU OA 7 74.87 -38.71 60.36
N GLY OA 8 75.19 -39.93 59.94
CA GLY OA 8 74.46 -41.13 60.35
C GLY OA 8 74.47 -41.34 61.86
N ARG OA 9 75.64 -41.13 62.47
CA ARG OA 9 75.79 -41.17 63.92
C ARG OA 9 74.96 -40.09 64.65
N SER OA 10 74.98 -38.88 64.09
CA SER OA 10 74.58 -37.66 64.80
C SER OA 10 73.11 -37.58 65.24
N ARG OA 11 72.88 -36.69 66.21
CA ARG OA 11 71.64 -36.66 67.01
C ARG OA 11 70.32 -36.43 66.26
N ILE OA 12 70.37 -35.85 65.06
CA ILE OA 12 69.15 -35.72 64.23
C ILE OA 12 68.83 -37.06 63.53
N ALA OA 13 69.86 -37.74 63.04
CA ALA OA 13 69.70 -39.10 62.49
C ALA OA 13 69.21 -40.10 63.54
N GLN OA 14 69.55 -39.84 64.80
CA GLN OA 14 69.15 -40.70 65.93
C GLN OA 14 67.64 -40.65 66.19
N VAL OA 15 67.04 -39.47 66.00
CA VAL OA 15 65.58 -39.32 66.09
C VAL OA 15 64.94 -40.02 64.88
N ALA OA 16 64.28 -41.14 65.13
CA ALA OA 16 63.66 -41.94 64.07
C ALA OA 16 62.49 -41.19 63.47
N ASN OA 17 62.50 -41.04 62.15
CA ASN OA 17 61.52 -40.21 61.44
C ASN OA 17 60.12 -40.79 61.45
N ASN OA 18 59.13 -39.90 61.52
CA ASN OA 18 57.73 -40.27 61.36
C ASN OA 18 56.89 -39.06 60.91
N HIS OA 19 55.83 -39.34 60.15
CA HIS OA 19 54.90 -38.32 59.70
C HIS OA 19 53.50 -38.58 60.26
N LYS OA 20 53.45 -39.02 61.53
CA LYS OA 20 52.19 -39.21 62.23
C LYS OA 20 51.66 -37.82 62.63
N PRO OA 21 50.33 -37.68 62.78
CA PRO OA 21 49.81 -36.36 63.19
C PRO OA 21 50.27 -35.92 64.57
N LEU OA 22 50.62 -34.65 64.71
CA LEU OA 22 50.92 -34.06 66.01
C LEU OA 22 49.61 -33.85 66.76
N THR OA 23 48.58 -33.41 66.03
CA THR OA 23 47.20 -33.42 66.51
C THR OA 23 46.52 -34.72 66.11
N TYR OA 24 46.39 -35.64 67.06
CA TYR OA 24 45.62 -36.87 66.88
C TYR OA 24 44.52 -36.93 67.94
N THR OA 25 43.30 -36.65 67.51
CA THR OA 25 42.14 -36.63 68.41
C THR OA 25 41.57 -38.02 68.73
N GLY OA 26 42.07 -39.06 68.06
CA GLY OA 26 41.71 -40.44 68.38
C GLY OA 26 42.28 -40.93 69.71
N LYS OA 27 42.23 -42.24 69.90
CA LYS OA 27 42.65 -42.86 71.17
C LYS OA 27 44.18 -42.96 71.24
N LYS OA 28 44.76 -42.35 72.28
CA LYS OA 28 46.21 -42.37 72.51
C LYS OA 28 46.56 -43.35 73.63
N PHE OA 29 47.12 -44.50 73.24
CA PHE OA 29 47.51 -45.56 74.17
C PHE OA 29 48.99 -45.52 74.57
N HIS OA 30 49.81 -44.87 73.75
CA HIS OA 30 51.24 -44.68 74.04
C HIS OA 30 51.79 -43.49 73.24
N PRO OA 31 53.00 -43.01 73.60
CA PRO OA 31 53.65 -41.92 72.86
C PRO OA 31 53.75 -42.16 71.37
N THR OA 32 53.49 -41.08 70.62
CA THR OA 32 53.57 -41.08 69.17
C THR OA 32 54.95 -40.61 68.72
N HIS OA 33 55.42 -39.50 69.31
CA HIS OA 33 56.64 -38.83 68.88
C HIS OA 33 57.71 -38.79 69.95
N GLN OA 34 58.97 -38.78 69.50
CA GLN OA 34 60.12 -38.57 70.38
C GLN OA 34 60.01 -37.17 71.00
N ILE OA 35 60.00 -37.11 72.32
CA ILE OA 35 60.07 -35.83 73.04
C ILE OA 35 61.50 -35.32 72.94
N ILE OA 36 61.64 -34.02 72.74
CA ILE OA 36 62.94 -33.38 72.60
C ILE OA 36 63.04 -32.19 73.52
N GLU OA 37 63.97 -32.25 74.49
CA GLU OA 37 64.20 -31.16 75.43
C GLU OA 37 65.37 -30.29 74.99
N THR OA 38 65.41 -29.08 75.52
CA THR OA 38 66.61 -28.25 75.50
C THR OA 38 67.10 -28.10 76.92
N LYS OA 39 68.25 -27.44 77.04
CA LYS OA 39 68.69 -26.87 78.31
C LYS OA 39 68.09 -25.46 78.38
N PRO OA 40 68.09 -24.83 79.57
CA PRO OA 40 67.60 -23.47 79.67
C PRO OA 40 68.43 -22.45 78.89
N SER OA 41 69.75 -22.60 78.92
CA SER OA 41 70.68 -21.73 78.21
C SER OA 41 70.42 -21.75 76.70
N THR OA 42 70.33 -22.95 76.15
CA THR OA 42 70.05 -23.14 74.72
C THR OA 42 68.68 -22.61 74.30
N LEU OA 43 67.69 -22.76 75.17
CA LEU OA 43 66.36 -22.18 74.95
C LEU OA 43 66.45 -20.65 74.87
N TYR OA 44 67.20 -20.07 75.80
CA TYR OA 44 67.40 -18.61 75.85
C TYR OA 44 67.90 -18.02 74.52
N ARG OA 45 68.77 -18.74 73.80
CA ARG OA 45 69.15 -18.36 72.43
C ARG OA 45 68.52 -19.32 71.40
N GLN OA 46 67.24 -19.63 71.64
CA GLN OA 46 66.34 -20.30 70.69
C GLN OA 46 66.85 -21.55 69.95
N GLU OA 47 67.85 -22.23 70.51
CA GLU OA 47 68.48 -23.37 69.81
C GLU OA 47 68.06 -24.70 70.43
N TRP OA 48 67.50 -25.56 69.58
CA TRP OA 48 66.97 -26.86 69.97
C TRP OA 48 67.76 -28.02 69.38
N GLY OA 49 68.81 -27.73 68.61
CA GLY OA 49 69.53 -28.74 67.86
C GLY OA 49 68.77 -29.23 66.63
N LEU OA 50 68.03 -28.33 66.01
CA LEU OA 50 67.28 -28.60 64.77
C LEU OA 50 67.88 -27.73 63.65
N LYS OA 51 67.31 -27.88 62.45
CA LYS OA 51 67.72 -27.09 61.28
C LYS OA 51 67.71 -25.58 61.54
N SER OA 52 66.64 -25.10 62.14
CA SER OA 52 66.39 -23.66 62.30
C SER OA 52 66.29 -23.28 63.77
N ALA OA 53 66.19 -21.97 64.00
CA ALA OA 53 65.81 -21.44 65.31
C ALA OA 53 64.32 -21.68 65.49
N ILE OA 54 63.90 -21.83 66.74
CA ILE OA 54 62.50 -22.04 67.08
C ILE OA 54 61.95 -20.78 67.75
N PRO OA 55 60.68 -20.42 67.47
CA PRO OA 55 60.18 -19.09 67.86
C PRO OA 55 60.35 -18.77 69.35
N SER OA 56 60.65 -17.50 69.64
CA SER OA 56 60.84 -17.03 71.01
C SER OA 56 59.57 -17.07 71.85
N LYS OA 57 58.40 -17.18 71.20
CA LYS OA 57 57.13 -17.44 71.86
C LYS OA 57 57.13 -18.71 72.71
N ILE OA 58 57.82 -19.76 72.24
CA ILE OA 58 57.95 -21.00 73.01
C ILE OA 58 58.88 -20.76 74.19
N LYS OA 59 58.35 -20.94 75.39
CA LYS OA 59 59.11 -20.87 76.64
C LYS OA 59 59.26 -22.23 77.34
N SER OA 60 58.52 -23.25 76.88
CA SER OA 60 58.69 -24.62 77.36
C SER OA 60 59.99 -25.21 76.82
N ARG OA 61 60.64 -26.03 77.65
CA ARG OA 61 61.93 -26.65 77.27
C ARG OA 61 61.76 -27.88 76.38
N TYR OA 62 60.59 -28.51 76.43
CA TYR OA 62 60.31 -29.74 75.66
C TYR OA 62 59.47 -29.46 74.44
N LEU OA 63 59.60 -30.32 73.42
CA LEU OA 63 58.71 -30.29 72.26
C LEU OA 63 58.66 -31.63 71.51
N VAL OA 64 57.84 -31.65 70.46
CA VAL OA 64 57.68 -32.77 69.56
C VAL OA 64 57.72 -32.22 68.14
N TYR OA 65 58.32 -32.94 67.18
CA TYR OA 65 58.34 -32.48 65.79
C TYR OA 65 58.21 -33.60 64.75
N ASN OA 66 57.87 -33.20 63.53
CA ASN OA 66 57.79 -34.10 62.36
C ASN OA 66 58.82 -33.80 61.29
N ASP OA 67 58.88 -32.54 60.86
CA ASP OA 67 59.75 -32.11 59.77
C ASP OA 67 60.72 -31.05 60.26
N LEU OA 68 62.00 -31.20 59.93
CA LEU OA 68 63.03 -30.20 60.23
C LEU OA 68 62.75 -28.88 59.52
N ASP OA 69 62.31 -28.98 58.27
CA ASP OA 69 61.87 -27.82 57.49
C ASP OA 69 60.86 -28.27 56.45
N THR OA 70 59.82 -27.46 56.25
CA THR OA 70 58.76 -27.75 55.29
C THR OA 70 58.75 -26.74 54.15
N LEU OA 71 57.89 -27.01 53.18
CA LEU OA 71 57.62 -26.08 52.06
C LEU OA 71 57.06 -24.73 52.56
N GLU OA 72 56.35 -24.76 53.69
CA GLU OA 72 55.80 -23.54 54.30
C GLU OA 72 56.87 -22.69 55.02
N ARG OA 73 58.14 -23.12 54.98
CA ARG OA 73 59.27 -22.46 55.65
C ARG OA 73 59.09 -22.37 57.17
N ILE OA 74 58.52 -23.42 57.74
CA ILE OA 74 58.37 -23.57 59.20
C ILE OA 74 58.57 -25.04 59.58
N THR OA 75 59.31 -25.29 60.66
CA THR OA 75 59.38 -26.65 61.22
C THR OA 75 58.01 -27.03 61.78
N THR OA 76 57.58 -28.26 61.49
CA THR OA 76 56.31 -28.77 62.01
C THR OA 76 56.55 -29.35 63.39
N PHE OA 77 56.19 -28.57 64.42
CA PHE OA 77 56.37 -29.00 65.80
C PHE OA 77 55.17 -28.66 66.68
N GLU OA 78 55.19 -29.24 67.88
CA GLU OA 78 54.24 -28.91 68.94
C GLU OA 78 55.01 -28.86 70.26
N PRO OA 79 54.96 -27.70 70.96
CA PRO OA 79 55.70 -27.58 72.21
C PRO OA 79 54.99 -28.28 73.39
N ARG OA 80 55.14 -29.59 73.45
CA ARG OA 80 54.64 -30.38 74.58
C ARG OA 80 55.33 -31.74 74.71
N GLY OA 81 55.59 -32.12 75.95
CA GLY OA 81 56.21 -33.41 76.28
C GLY OA 81 55.50 -34.04 77.47
N GLY OA 82 54.18 -34.18 77.34
CA GLY OA 82 53.33 -34.71 78.41
C GLY OA 82 53.56 -36.19 78.71
N THR OA 83 54.00 -36.93 77.68
CA THR OA 83 54.18 -38.38 77.77
C THR OA 83 55.25 -38.82 78.79
N GLN OA 84 56.29 -38.01 78.96
CA GLN OA 84 57.32 -38.28 79.97
C GLN OA 84 56.72 -38.23 81.39
N TRP OA 85 55.80 -37.26 81.60
CA TRP OA 85 55.19 -37.05 82.91
C TRP OA 85 54.23 -38.16 83.27
N ASN OA 86 53.53 -38.68 82.28
CA ASN OA 86 52.68 -39.86 82.45
C ASN OA 86 53.50 -41.06 82.93
N ARG OA 87 54.64 -41.27 82.26
CA ARG OA 87 55.57 -42.34 82.61
C ARG OA 87 56.10 -42.20 84.04
N LEU OA 88 56.49 -40.97 84.38
CA LEU OA 88 56.99 -40.65 85.72
C LEU OA 88 55.94 -40.84 86.81
N ARG OA 89 54.70 -40.45 86.50
CA ARG OA 89 53.56 -40.71 87.38
C ARG OA 89 53.36 -42.19 87.62
N PHE OA 90 53.42 -42.96 86.53
CA PHE OA 90 53.28 -44.41 86.60
C PHE OA 90 54.34 -45.04 87.48
N GLN OA 91 55.58 -44.58 87.31
CA GLN OA 91 56.72 -45.01 88.12
C GLN OA 91 56.49 -44.72 89.60
N GLU OA 92 56.04 -43.50 89.89
CA GLU OA 92 55.71 -43.07 91.25
C GLU OA 92 54.65 -43.97 91.90
N MET OA 93 53.59 -44.25 91.14
CA MET OA 93 52.52 -45.14 91.59
C MET OA 93 53.08 -46.52 91.98
N GLY OA 94 54.05 -47.00 91.20
CA GLY OA 94 54.83 -48.17 91.57
C GLY OA 94 54.10 -49.49 91.47
N VAL OA 95 53.06 -49.53 90.63
CA VAL OA 95 52.30 -50.75 90.39
C VAL OA 95 52.97 -51.42 89.20
N PRO OA 96 53.62 -52.59 89.42
CA PRO OA 96 54.39 -53.22 88.37
C PRO OA 96 53.51 -53.89 87.33
N ILE OA 97 53.77 -53.62 86.05
CA ILE OA 97 53.00 -54.24 84.96
C ILE OA 97 53.46 -55.69 84.77
N VAL OA 98 52.50 -56.60 84.84
CA VAL OA 98 52.72 -58.02 84.57
C VAL OA 98 51.67 -58.46 83.56
N SER OA 99 52.06 -59.38 82.69
CA SER OA 99 51.14 -59.98 81.71
C SER OA 99 50.19 -60.92 82.45
N ASN OA 100 48.90 -60.58 82.43
CA ASN OA 100 47.85 -61.43 83.04
C ASN OA 100 47.76 -62.83 82.41
N ILE OA 101 48.14 -62.95 81.14
CA ILE OA 101 48.26 -64.24 80.46
C ILE OA 101 49.55 -64.92 80.94
N GLY OA 102 49.49 -66.24 81.13
CA GLY OA 102 50.63 -67.01 81.61
C GLY OA 102 51.76 -67.09 80.59
N ARG OA 103 52.65 -66.09 80.64
CA ARG OA 103 53.75 -65.97 79.69
C ARG OA 103 55.03 -65.48 80.38
N GLN OA 104 56.17 -65.81 79.80
CA GLN OA 104 57.48 -65.38 80.31
C GLN OA 104 57.67 -63.88 80.08
N ASN OA 105 58.45 -63.25 80.96
CA ASN OA 105 58.74 -61.82 80.84
C ASN OA 105 59.66 -61.57 79.62
N PRO OA 106 59.17 -60.81 78.61
CA PRO OA 106 59.91 -60.64 77.34
C PRO OA 106 61.35 -60.10 77.44
N PHE OA 107 61.64 -59.32 78.48
CA PHE OA 107 62.98 -58.76 78.67
C PHE OA 107 64.04 -59.81 79.00
N PHE OA 108 63.63 -60.97 79.51
CA PHE OA 108 64.55 -62.09 79.78
C PHE OA 108 64.51 -63.12 78.64
N LYS OA 109 65.44 -64.06 78.68
CA LYS OA 109 65.46 -65.19 77.74
C LYS OA 109 66.04 -66.45 78.39
N LYS OA 195 61.11 -61.78 59.82
CA LYS OA 195 62.33 -61.73 60.62
C LYS OA 195 62.17 -60.84 61.85
N PHE OA 196 61.82 -59.58 61.62
CA PHE OA 196 61.60 -58.61 62.69
C PHE OA 196 60.12 -58.55 63.07
N ASN OA 197 59.84 -58.39 64.37
CA ASN OA 197 58.49 -58.21 64.89
C ASN OA 197 58.27 -56.77 65.34
N THR OA 198 57.41 -56.05 64.63
CA THR OA 198 57.10 -54.65 64.93
C THR OA 198 56.19 -54.44 66.15
N GLU OA 199 55.53 -55.51 66.61
CA GLU OA 199 54.68 -55.43 67.81
C GLU OA 199 55.45 -55.07 69.08
N ILE OA 200 54.74 -54.56 70.06
CA ILE OA 200 55.34 -54.00 71.28
C ILE OA 200 55.89 -55.12 72.17
N ILE OA 201 57.19 -55.06 72.44
CA ILE OA 201 57.88 -56.11 73.21
C ILE OA 201 57.60 -55.93 74.71
N GLY OA 202 56.60 -56.67 75.20
CA GLY OA 202 56.15 -56.57 76.59
C GLY OA 202 55.43 -55.25 76.81
N THR OA 203 55.94 -54.46 77.74
CA THR OA 203 55.56 -53.05 77.84
C THR OA 203 56.40 -52.28 76.84
N GLY OA 204 55.96 -51.08 76.46
CA GLY OA 204 56.72 -50.22 75.55
C GLY OA 204 57.94 -49.56 76.16
N GLY OA 205 58.25 -49.86 77.43
CA GLY OA 205 59.34 -49.24 78.17
C GLY OA 205 58.89 -48.14 79.12
N LEU OA 206 57.60 -48.11 79.47
CA LEU OA 206 57.11 -47.22 80.52
C LEU OA 206 57.49 -47.75 81.90
N SER OA 207 57.63 -49.08 82.00
CA SER OA 207 58.05 -49.73 83.23
C SER OA 207 59.01 -50.88 82.95
N TYR OA 208 60.23 -50.76 83.46
CA TYR OA 208 61.16 -51.88 83.56
C TYR OA 208 61.24 -52.39 85.01
N SER OA 209 60.22 -52.10 85.81
CA SER OA 209 60.13 -52.57 87.18
C SER OA 209 59.72 -54.04 87.22
N LEU OA 210 60.21 -54.75 88.23
CA LEU OA 210 59.89 -56.16 88.43
C LEU OA 210 58.88 -56.32 89.58
N PRO OA 211 58.01 -57.35 89.50
CA PRO OA 211 56.83 -57.40 90.35
C PRO OA 211 57.02 -57.81 91.81
N GLY OA 212 58.15 -58.46 92.12
CA GLY OA 212 58.34 -59.10 93.41
C GLY OA 212 58.69 -58.26 94.62
N LYS OA 213 58.87 -56.95 94.45
CA LYS OA 213 59.37 -56.11 95.55
C LYS OA 213 58.26 -55.55 96.43
N LEU OA 214 58.63 -55.28 97.69
CA LEU OA 214 57.82 -54.48 98.61
C LEU OA 214 58.53 -53.15 98.83
N LYS OA 215 57.78 -52.17 99.36
CA LYS OA 215 58.29 -50.82 99.56
C LYS OA 215 58.05 -50.35 100.99
N ASN OA 216 59.10 -50.40 101.81
CA ASN OA 216 59.02 -49.98 103.21
C ASN OA 216 59.10 -48.47 103.37
N SER OA 217 58.61 -47.99 104.51
CA SER OA 217 58.56 -46.57 104.85
C SER OA 217 58.68 -46.44 106.37
N PRO OA 218 58.75 -45.20 106.90
CA PRO OA 218 58.74 -45.01 108.36
C PRO OA 218 57.53 -45.64 109.04
N ASN OA 219 56.36 -45.43 108.45
CA ASN OA 219 55.10 -45.97 108.94
C ASN OA 219 55.01 -47.50 108.83
N GLY OA 220 55.64 -48.06 107.80
CA GLY OA 220 55.78 -49.51 107.66
C GLY OA 220 55.91 -49.97 106.21
N VAL OA 221 55.56 -51.23 105.96
CA VAL OA 221 55.59 -51.81 104.63
C VAL OA 221 54.24 -51.52 103.98
N ILE OA 222 54.26 -50.83 102.84
CA ILE OA 222 53.04 -50.39 102.18
C ILE OA 222 52.42 -51.59 101.45
N GLN OA 223 51.25 -52.01 101.91
CA GLN OA 223 50.48 -53.08 101.26
C GLN OA 223 49.64 -52.50 100.12
N ARG OA 224 48.87 -51.46 100.44
CA ARG OA 224 47.96 -50.84 99.49
C ARG OA 224 48.49 -49.50 99.00
N THR OA 225 48.60 -49.37 97.68
CA THR OA 225 49.14 -48.16 97.05
C THR OA 225 48.06 -47.09 96.96
N VAL OA 226 48.26 -45.98 97.69
CA VAL OA 226 47.27 -44.91 97.77
C VAL OA 226 47.61 -43.83 96.75
N VAL OA 227 46.66 -43.54 95.85
CA VAL OA 227 46.87 -42.58 94.76
C VAL OA 227 45.62 -41.72 94.59
N PRO OA 228 45.79 -40.38 94.49
CA PRO OA 228 44.62 -39.54 94.23
C PRO OA 228 44.27 -39.49 92.75
N GLY OA 229 42.97 -39.57 92.44
CA GLY OA 229 42.48 -39.51 91.06
C GLY OA 229 41.13 -38.84 90.97
N ARG OA 230 40.63 -38.71 89.74
CA ARG OA 230 39.34 -38.06 89.47
C ARG OA 230 38.41 -39.03 88.77
N ILE OA 231 37.14 -39.04 89.20
CA ILE OA 231 36.10 -39.84 88.55
C ILE OA 231 35.44 -38.98 87.48
N LEU OA 232 35.21 -39.59 86.31
CA LEU OA 232 34.70 -38.89 85.14
C LEU OA 232 33.17 -38.96 85.02
N ASN OA 233 32.60 -40.11 85.36
CA ASN OA 233 31.17 -40.37 85.19
C ASN OA 233 30.61 -41.32 86.25
N LEU OA 244 34.98 -45.47 85.17
CA LEU OA 244 36.26 -44.95 84.69
C LEU OA 244 36.76 -43.81 85.59
N ALA OA 245 38.07 -43.78 85.82
CA ALA OA 245 38.70 -42.72 86.63
C ALA OA 245 40.09 -42.36 86.12
N ALA OA 246 40.35 -41.06 86.01
CA ALA OA 246 41.66 -40.53 85.66
C ALA OA 246 42.57 -40.57 86.87
N ILE OA 247 43.61 -41.41 86.82
CA ILE OA 247 44.51 -41.64 87.95
C ILE OA 247 45.97 -41.46 87.51
N GLY OA 248 46.48 -40.25 87.65
CA GLY OA 248 47.90 -39.94 87.41
C GLY OA 248 48.36 -40.17 85.99
N GLY OA 249 47.73 -39.48 85.05
CA GLY OA 249 48.03 -39.62 83.62
C GLY OA 249 47.57 -40.91 82.94
N PHE OA 250 46.70 -41.68 83.60
CA PHE OA 250 46.09 -42.88 82.99
C PHE OA 250 44.62 -42.97 83.38
N VAL OA 251 43.79 -43.39 82.43
CA VAL OA 251 42.39 -43.71 82.72
C VAL OA 251 42.35 -45.16 83.18
N ALA OA 252 41.54 -45.43 84.19
CA ALA OA 252 41.50 -46.74 84.85
C ALA OA 252 40.09 -47.18 85.20
N ASP OA 253 39.83 -48.47 85.09
CA ASP OA 253 38.56 -49.08 85.51
C ASP OA 253 38.49 -49.08 87.04
N VAL OA 254 37.30 -48.86 87.58
CA VAL OA 254 37.10 -48.69 89.03
C VAL OA 254 36.02 -49.62 89.59
N VAL OA 255 36.20 -50.00 90.85
CA VAL OA 255 35.26 -50.87 91.57
C VAL OA 255 35.13 -50.39 93.02
N PHE OA 256 33.99 -50.69 93.65
CA PHE OA 256 33.74 -50.29 95.04
C PHE OA 256 32.73 -51.20 95.72
N PHE OA 257 32.64 -51.07 97.04
CA PHE OA 257 31.78 -51.92 97.87
C PHE OA 257 30.33 -51.48 97.73
N GLN OA 258 30.10 -50.18 97.93
CA GLN OA 258 28.80 -49.54 97.68
C GLN OA 258 29.03 -48.22 96.95
N SER OA 259 28.17 -47.92 95.98
CA SER OA 259 28.24 -46.68 95.21
C SER OA 259 27.80 -45.50 96.10
N PRO OA 260 28.74 -44.57 96.43
CA PRO OA 260 28.37 -43.50 97.37
C PRO OA 260 27.49 -42.43 96.72
N PRO OA 261 26.25 -42.22 97.24
CA PRO OA 261 25.34 -41.25 96.63
C PRO OA 261 25.65 -39.79 96.97
N SER OA 262 26.10 -39.52 98.20
CA SER OA 262 26.34 -38.15 98.68
C SER OA 262 27.34 -37.37 97.83
N SER OA 263 28.44 -38.01 97.48
CA SER OA 263 29.47 -37.40 96.63
C SER OA 263 29.08 -37.36 95.15
N PHE OA 264 28.47 -38.44 94.66
CA PHE OA 264 28.13 -38.59 93.23
C PHE OA 264 26.92 -37.75 92.84
N ASN OA 265 25.79 -38.00 93.49
CA ASN OA 265 24.50 -37.39 93.10
C ASN OA 265 24.36 -35.90 93.42
N SER OA 266 25.20 -35.38 94.33
CA SER OA 266 25.25 -33.94 94.61
C SER OA 266 25.75 -33.14 93.41
N MET OA 267 26.75 -33.68 92.72
CA MET OA 267 27.29 -33.10 91.49
C MET OA 267 27.49 -34.22 90.46
N GLY OA 268 26.43 -34.49 89.68
CA GLY OA 268 26.36 -35.66 88.80
C GLY OA 268 27.38 -35.71 87.69
N ASP OA 269 27.54 -34.59 86.99
CA ASP OA 269 28.54 -34.46 85.92
C ASP OA 269 29.54 -33.32 86.19
N PHE OA 270 29.83 -33.11 87.47
CA PHE OA 270 30.98 -32.29 87.89
C PHE OA 270 31.76 -33.09 88.95
N ILE OA 271 31.90 -34.39 88.69
CA ILE OA 271 32.62 -35.31 89.60
C ILE OA 271 34.13 -35.13 89.40
N ARG OA 272 34.50 -34.65 88.20
CA ARG OA 272 35.89 -34.35 87.85
C ARG OA 272 36.57 -33.32 88.77
N MET OA 273 35.78 -32.41 89.35
CA MET OA 273 36.31 -31.38 90.26
C MET OA 273 36.92 -32.01 91.50
N LYS OA 274 36.15 -32.85 92.17
CA LYS OA 274 36.56 -33.45 93.43
C LYS OA 274 37.52 -34.62 93.20
N THR OA 275 38.71 -34.51 93.77
CA THR OA 275 39.71 -35.58 93.73
C THR OA 275 39.40 -36.60 94.82
N PHE OA 276 39.33 -37.87 94.43
CA PHE OA 276 39.14 -38.98 95.38
C PHE OA 276 40.39 -39.85 95.44
N LEU OA 277 40.60 -40.51 96.56
CA LEU OA 277 41.70 -41.45 96.73
C LEU OA 277 41.37 -42.78 96.06
N PHE OA 278 42.41 -43.53 95.69
CA PHE OA 278 42.24 -44.82 95.02
C PHE OA 278 43.28 -45.83 95.50
N GLU OA 279 42.88 -47.10 95.47
CA GLU OA 279 43.75 -48.23 95.76
C GLU OA 279 43.92 -49.02 94.47
N ILE OA 280 45.09 -48.92 93.85
CA ILE OA 280 45.35 -49.55 92.56
C ILE OA 280 45.70 -51.01 92.80
N LEU OA 281 44.93 -51.91 92.18
CA LEU OA 281 45.05 -53.34 92.44
C LEU OA 281 46.18 -53.93 91.59
N GLU OA 282 46.05 -53.81 90.28
CA GLU OA 282 47.08 -54.29 89.34
C GLU OA 282 46.97 -53.61 87.98
N ALA OA 283 48.06 -53.67 87.21
CA ALA OA 283 48.14 -53.09 85.87
C ALA OA 283 48.48 -54.18 84.86
N SER OA 284 47.55 -54.44 83.94
CA SER OA 284 47.76 -55.36 82.83
C SER OA 284 47.98 -54.54 81.55
N MET OA 285 48.63 -55.16 80.56
CA MET OA 285 48.92 -54.50 79.29
C MET OA 285 48.50 -55.38 78.11
N GLU OA 286 47.60 -54.85 77.29
CA GLU OA 286 47.01 -55.59 76.16
C GLU OA 286 47.90 -55.50 74.91
N LYS OA 287 47.50 -56.19 73.85
CA LYS OA 287 48.25 -56.24 72.59
C LYS OA 287 48.41 -54.87 71.90
N ASN OA 288 47.37 -54.05 71.95
CA ASN OA 288 47.41 -52.70 71.35
C ASN OA 288 48.33 -51.68 72.05
N GLY OA 289 48.88 -52.05 73.21
CA GLY OA 289 49.80 -51.18 73.95
C GLY OA 289 49.11 -50.28 74.95
N SER OA 290 47.85 -50.55 75.25
CA SER OA 290 47.09 -49.81 76.26
C SER OA 290 47.37 -50.41 77.63
N VAL OA 291 47.60 -49.54 78.61
CA VAL OA 291 47.77 -49.95 80.01
C VAL OA 291 46.38 -49.99 80.66
N SER OA 292 45.90 -51.19 80.93
CA SER OA 292 44.59 -51.40 81.57
C SER OA 292 44.76 -51.53 83.08
N MET OA 293 44.73 -50.37 83.76
CA MET OA 293 44.78 -50.34 85.23
C MET OA 293 43.43 -50.70 85.82
N HIS OA 294 43.46 -51.08 87.10
CA HIS OA 294 42.25 -51.34 87.89
C HIS OA 294 42.40 -50.77 89.29
N ALA OA 295 41.52 -49.83 89.63
CA ALA OA 295 41.57 -49.13 90.91
C ALA OA 295 40.36 -49.44 91.78
N ARG OA 296 40.41 -48.99 93.03
CA ARG OA 296 39.32 -49.15 94.00
C ARG OA 296 39.15 -47.86 94.79
N LEU OA 297 37.92 -47.33 94.81
CA LEU OA 297 37.63 -46.03 95.43
C LEU OA 297 37.63 -46.16 96.96
N LEU OA 298 38.40 -45.29 97.62
CA LEU OA 298 38.50 -45.26 99.09
C LEU OA 298 37.74 -44.07 99.66
N GLU OA 299 37.06 -44.30 100.79
CA GLU OA 299 36.33 -43.25 101.52
C GLU OA 299 36.37 -43.51 103.03
N PRO PA 1 84.32 -1.78 97.19
CA PRO PA 1 83.17 -2.49 96.65
C PRO PA 1 81.98 -2.51 97.61
N TYR PA 2 80.78 -2.28 97.07
CA TYR PA 2 79.55 -2.17 97.86
C TYR PA 2 79.65 -1.08 98.95
N PRO PA 3 79.81 0.19 98.54
CA PRO PA 3 80.00 1.27 99.52
C PRO PA 3 78.76 1.63 100.34
N ASN PA 4 77.57 1.41 99.75
CA ASN PA 4 76.30 1.75 100.40
C ASN PA 4 75.68 0.60 101.20
N LEU PA 5 76.43 -0.48 101.44
CA LEU PA 5 75.92 -1.62 102.19
C LEU PA 5 75.82 -1.25 103.66
N ILE PA 6 74.60 -1.25 104.19
CA ILE PA 6 74.33 -0.99 105.60
C ILE PA 6 74.34 -2.35 106.31
N PRO PA 7 75.43 -2.68 107.04
CA PRO PA 7 75.51 -4.01 107.63
C PRO PA 7 74.66 -4.12 108.90
N SER PA 8 74.03 -5.28 109.08
CA SER PA 8 73.16 -5.51 110.24
C SER PA 8 73.97 -5.64 111.52
N ALA PA 9 73.29 -5.47 112.65
CA ALA PA 9 73.91 -5.57 113.97
C ALA PA 9 74.33 -6.99 114.28
N ASN PA 10 75.36 -7.13 115.13
CA ASN PA 10 75.94 -8.44 115.46
C ASN PA 10 74.96 -9.36 116.20
N ASP PA 11 74.15 -8.79 117.09
CA ASP PA 11 73.08 -9.54 117.76
C ASP PA 11 71.95 -9.96 116.79
N LYS PA 12 71.66 -9.10 115.82
CA LYS PA 12 70.64 -9.37 114.80
C LYS PA 12 71.13 -10.39 113.76
N PRO PA 13 70.20 -10.99 112.98
CA PRO PA 13 70.59 -11.83 111.85
C PRO PA 13 71.13 -11.03 110.66
N TYR PA 14 71.50 -11.73 109.58
CA TYR PA 14 71.93 -11.08 108.34
C TYR PA 14 70.79 -10.28 107.72
N SER PA 15 71.11 -9.16 107.10
CA SER PA 15 70.16 -8.42 106.27
C SER PA 15 69.99 -9.16 104.95
N SER PA 16 69.10 -8.68 104.08
CA SER PA 16 68.87 -9.29 102.77
C SER PA 16 70.07 -9.12 101.85
N GLN PA 17 70.61 -7.90 101.85
CA GLN PA 17 71.76 -7.53 101.02
C GLN PA 17 73.02 -8.28 101.46
N GLU PA 18 73.22 -8.33 102.77
CA GLU PA 18 74.34 -9.03 103.39
C GLU PA 18 74.30 -10.52 103.06
N LEU PA 19 73.11 -11.09 103.13
CA LEU PA 19 72.86 -12.49 102.78
C LEU PA 19 73.19 -12.78 101.32
N PHE PA 20 72.74 -11.88 100.44
CA PHE PA 20 73.04 -11.96 99.01
C PHE PA 20 74.54 -11.95 98.74
N LEU PA 21 75.25 -11.04 99.40
CA LEU PA 21 76.71 -10.95 99.32
C LEU PA 21 77.40 -12.24 99.75
N ARG PA 22 76.92 -12.80 100.85
CA ARG PA 22 77.40 -14.08 101.38
C ARG PA 22 77.22 -15.22 100.38
N GLN PA 23 76.05 -15.24 99.75
CA GLN PA 23 75.73 -16.21 98.70
C GLN PA 23 76.68 -16.08 97.51
N LEU PA 24 76.87 -14.84 97.06
CA LEU PA 24 77.82 -14.53 95.97
C LEU PA 24 79.22 -15.03 96.29
N ASN PA 25 79.67 -14.75 97.50
CA ASN PA 25 80.98 -15.18 98.00
C ASN PA 25 81.12 -16.71 97.99
N HIS PA 26 80.08 -17.38 98.45
CA HIS PA 26 80.00 -18.84 98.41
C HIS PA 26 80.11 -19.38 96.98
N SER PA 27 79.35 -18.75 96.09
CA SER PA 27 79.34 -19.10 94.67
C SER PA 27 80.72 -18.98 94.03
N MET PA 28 81.40 -17.88 94.34
CA MET PA 28 82.74 -17.63 93.80
C MET PA 28 83.77 -18.65 94.29
N ARG PA 29 83.65 -19.06 95.55
CA ARG PA 29 84.69 -19.85 96.21
C ARG PA 29 84.43 -21.36 96.14
N THR PA 30 83.24 -21.78 96.57
CA THR PA 30 82.98 -23.19 96.89
C THR PA 30 81.72 -23.84 96.27
N ALA PA 31 81.00 -23.16 95.38
CA ALA PA 31 79.83 -23.77 94.73
C ALA PA 31 80.28 -24.69 93.59
N LYS PA 32 80.95 -24.10 92.61
CA LYS PA 32 81.65 -24.90 91.58
C LYS PA 32 82.85 -25.59 92.23
N LEU PA 33 82.58 -26.74 92.84
CA LEU PA 33 83.53 -27.42 93.70
C LEU PA 33 83.62 -28.90 93.35
N GLY PA 34 82.57 -29.65 93.64
CA GLY PA 34 82.58 -31.12 93.61
C GLY PA 34 83.25 -31.78 92.41
N ALA PA 35 82.99 -31.25 91.22
CA ALA PA 35 83.53 -31.78 89.97
C ALA PA 35 83.82 -30.66 88.98
N THR PA 36 84.44 -31.03 87.87
CA THR PA 36 84.62 -30.15 86.71
C THR PA 36 83.98 -30.84 85.52
N ILE PA 37 83.34 -30.06 84.65
CA ILE PA 37 82.55 -30.62 83.54
C ILE PA 37 83.21 -30.35 82.18
N SER PA 38 84.05 -31.30 81.76
CA SER PA 38 84.71 -31.26 80.46
C SER PA 38 83.78 -31.76 79.36
N LYS PA 39 84.04 -31.32 78.13
CA LYS PA 39 83.31 -31.76 76.93
C LYS PA 39 81.81 -31.49 77.02
N VAL PA 40 81.44 -30.21 77.07
CA VAL PA 40 80.03 -29.81 77.02
C VAL PA 40 79.88 -28.40 76.46
N TYR PA 41 78.79 -28.20 75.70
CA TYR PA 41 78.55 -26.99 74.94
C TYR PA 41 77.83 -25.96 75.80
N TYR PA 42 78.49 -24.83 76.04
CA TYR PA 42 77.86 -23.63 76.58
C TYR PA 42 77.68 -22.68 75.40
N PRO PA 43 76.44 -22.23 75.14
CA PRO PA 43 76.19 -21.27 74.06
C PRO PA 43 77.07 -20.04 74.07
N HIS PA 44 77.21 -19.40 75.23
CA HIS PA 44 77.99 -18.15 75.35
C HIS PA 44 79.46 -18.31 74.92
N LYS PA 45 80.02 -19.50 75.14
CA LYS PA 45 81.44 -19.76 74.90
C LYS PA 45 81.85 -19.65 73.42
N ASP PA 46 80.91 -19.83 72.48
CA ASP PA 46 81.19 -19.65 71.06
C ASP PA 46 81.38 -18.17 70.65
N ILE PA 47 80.71 -17.27 71.37
CA ILE PA 47 80.82 -15.82 71.14
C ILE PA 47 82.12 -15.28 71.73
N PHE PA 48 82.41 -15.63 72.98
CA PHE PA 48 83.53 -15.08 73.73
C PHE PA 48 84.84 -15.86 73.60
N TYR PA 49 84.77 -17.12 73.16
CA TYR PA 49 85.96 -17.93 72.88
C TYR PA 49 85.79 -18.75 71.59
N PRO PA 50 85.66 -18.06 70.44
CA PRO PA 50 85.60 -18.76 69.17
C PRO PA 50 86.98 -19.31 68.76
N PRO PA 51 87.00 -20.41 67.99
CA PRO PA 51 88.27 -21.01 67.57
C PRO PA 51 88.85 -20.29 66.36
N LEU PA 52 90.16 -20.39 66.19
CA LEU PA 52 90.83 -19.83 65.01
C LEU PA 52 90.43 -20.62 63.76
N PRO PA 53 90.46 -19.97 62.57
CA PRO PA 53 90.12 -20.65 61.31
C PRO PA 53 90.85 -21.97 61.07
N GLU PA 54 92.12 -22.02 61.49
CA GLU PA 54 92.95 -23.23 61.38
C GLU PA 54 92.33 -24.41 62.12
N ASN PA 55 92.05 -24.19 63.41
CA ASN PA 55 91.66 -25.26 64.32
C ASN PA 55 90.24 -25.80 64.15
N ILE PA 56 89.45 -25.16 63.29
CA ILE PA 56 88.10 -25.64 62.96
C ILE PA 56 88.22 -26.92 62.16
N THR PA 57 87.34 -27.87 62.47
CA THR PA 57 87.25 -29.14 61.77
C THR PA 57 85.86 -29.28 61.14
N VAL PA 58 85.68 -30.37 60.40
CA VAL PA 58 84.35 -30.75 59.88
C VAL PA 58 83.43 -31.17 61.03
N GLU PA 59 83.98 -31.85 62.03
CA GLU PA 59 83.22 -32.35 63.18
C GLU PA 59 82.59 -31.21 63.98
N SER PA 60 83.39 -30.17 64.22
CA SER PA 60 82.94 -28.95 64.92
C SER PA 60 81.82 -28.24 64.17
N LEU PA 61 81.98 -28.12 62.86
CA LEU PA 61 80.95 -27.56 61.97
C LEU PA 61 79.65 -28.35 62.04
N MET PA 62 79.76 -29.67 62.02
CA MET PA 62 78.61 -30.57 62.13
C MET PA 62 77.88 -30.40 63.47
N SER PA 63 78.66 -30.29 64.54
CA SER PA 63 78.14 -30.07 65.89
C SER PA 63 77.38 -28.74 65.99
N ALA PA 64 77.96 -27.72 65.39
CA ALA PA 64 77.34 -26.39 65.28
C ALA PA 64 76.00 -26.43 64.56
N GLY PA 65 75.87 -27.36 63.61
CA GLY PA 65 74.66 -27.54 62.82
C GLY PA 65 74.75 -26.83 61.48
N VAL PA 66 75.97 -26.56 61.02
CA VAL PA 66 76.22 -25.81 59.79
C VAL PA 66 75.81 -26.62 58.56
N HIS PA 67 75.93 -27.95 58.67
CA HIS PA 67 75.56 -28.88 57.61
C HIS PA 67 74.08 -28.89 57.19
N LEU PA 68 73.17 -28.45 58.06
CA LEU PA 68 71.73 -28.53 57.80
C LEU PA 68 71.23 -27.43 56.85
N GLY PA 69 71.10 -27.76 55.57
CA GLY PA 69 70.58 -26.83 54.55
C GLY PA 69 69.07 -26.68 54.64
N GLN PA 70 68.52 -25.72 53.88
CA GLN PA 70 67.10 -25.33 53.96
C GLN PA 70 66.09 -26.48 53.88
N SER PA 71 65.81 -26.98 52.69
CA SER PA 71 64.80 -28.02 52.48
C SER PA 71 64.89 -28.53 51.06
N THR PA 72 64.30 -29.70 50.82
CA THR PA 72 64.31 -30.30 49.50
C THR PA 72 63.40 -29.55 48.53
N SER PA 73 62.27 -29.03 49.03
CA SER PA 73 61.32 -28.28 48.22
C SER PA 73 61.62 -26.78 48.07
N LEU PA 74 62.55 -26.27 48.88
CA LEU PA 74 62.95 -24.86 48.82
C LEU PA 74 64.35 -24.75 48.26
N TRP PA 75 64.59 -25.43 47.14
CA TRP PA 75 65.93 -25.58 46.61
C TRP PA 75 66.18 -24.59 45.47
N ARG PA 76 67.21 -23.76 45.64
CA ARG PA 76 67.76 -22.99 44.54
C ARG PA 76 68.85 -23.89 43.95
N SER PA 77 68.65 -24.35 42.72
CA SER PA 77 69.58 -25.31 42.09
C SER PA 77 70.92 -24.66 41.73
N SER PA 78 70.97 -23.33 41.70
CA SER PA 78 72.22 -22.56 41.66
C SER PA 78 73.24 -23.03 42.71
N THR PA 79 72.76 -23.45 43.88
CA THR PA 79 73.61 -23.89 44.99
C THR PA 79 73.99 -25.39 44.95
N GLN PA 80 73.78 -26.07 43.82
CA GLN PA 80 73.92 -27.54 43.72
C GLN PA 80 75.29 -28.08 44.09
N SER PA 81 76.35 -27.41 43.64
CA SER PA 81 77.73 -27.82 43.91
C SER PA 81 78.05 -27.95 45.40
N TYR PA 82 77.48 -27.06 46.22
CA TYR PA 82 77.76 -27.03 47.65
C TYR PA 82 77.13 -28.15 48.46
N ILE PA 83 76.08 -28.78 47.94
CA ILE PA 83 75.28 -29.68 48.76
C ILE PA 83 75.83 -31.12 48.63
N TYR PA 84 75.87 -31.82 49.76
CA TYR PA 84 76.47 -33.15 49.91
C TYR PA 84 75.51 -34.25 49.50
N GLY PA 85 74.32 -34.23 50.10
CA GLY PA 85 73.21 -35.11 49.74
C GLY PA 85 71.94 -34.65 50.43
N GLU PA 86 70.85 -35.40 50.29
CA GLU PA 86 69.63 -35.12 51.04
C GLU PA 86 69.30 -36.22 52.04
N TYR PA 87 68.64 -35.83 53.13
CA TYR PA 87 68.37 -36.71 54.26
C TYR PA 87 67.37 -36.01 55.18
N LYS PA 88 66.38 -36.76 55.68
CA LYS PA 88 65.29 -36.21 56.51
C LYS PA 88 64.49 -35.11 55.81
N GLY PA 89 64.38 -35.21 54.48
CA GLY PA 89 63.74 -34.18 53.68
C GLY PA 89 64.41 -32.83 53.82
N ILE PA 90 65.73 -32.83 53.69
CA ILE PA 90 66.55 -31.63 53.88
C ILE PA 90 67.86 -31.82 53.13
N HIS PA 91 68.27 -30.81 52.35
CA HIS PA 91 69.59 -30.85 51.70
C HIS PA 91 70.65 -30.60 52.76
N ILE PA 92 71.75 -31.35 52.65
CA ILE PA 92 72.82 -31.29 53.62
C ILE PA 92 74.06 -30.76 52.92
N ILE PA 93 74.63 -29.71 53.50
CA ILE PA 93 75.68 -28.93 52.87
C ILE PA 93 77.01 -29.66 53.04
N ASP PA 94 77.74 -29.83 51.94
CA ASP PA 94 79.08 -30.42 51.99
C ASP PA 94 79.94 -29.54 52.86
N LEU PA 95 80.54 -30.15 53.87
CA LEU PA 95 81.10 -29.44 55.01
C LEU PA 95 82.60 -29.20 54.87
N ASN PA 96 83.28 -30.04 54.09
CA ASN PA 96 84.66 -29.77 53.67
C ASN PA 96 84.71 -28.50 52.82
N GLN PA 97 83.77 -28.41 51.88
CA GLN PA 97 83.57 -27.22 51.06
C GLN PA 97 83.32 -25.99 51.92
N THR PA 98 82.36 -26.12 52.84
CA THR PA 98 82.04 -25.07 53.82
C THR PA 98 83.28 -24.57 54.54
N LEU PA 99 84.08 -25.52 55.02
CA LEU PA 99 85.34 -25.24 55.74
C LEU PA 99 86.27 -24.39 54.88
N SER PA 100 86.49 -24.80 53.64
CA SER PA 100 87.43 -24.12 52.74
C SER PA 100 87.00 -22.69 52.44
N TYR PA 101 85.71 -22.52 52.16
CA TYR PA 101 85.11 -21.21 51.94
C TYR PA 101 85.19 -20.31 53.17
N LEU PA 102 84.94 -20.90 54.33
CA LEU PA 102 85.06 -20.19 55.62
C LEU PA 102 86.47 -19.67 55.85
N LYS PA 103 87.46 -20.54 55.60
CA LYS PA 103 88.87 -20.17 55.71
C LYS PA 103 89.23 -19.01 54.79
N ARG PA 104 88.75 -19.09 53.55
CA ARG PA 104 88.95 -18.05 52.55
C ARG PA 104 88.35 -16.73 53.02
N ALA PA 105 87.11 -16.82 53.50
CA ALA PA 105 86.38 -15.68 54.07
C ALA PA 105 87.12 -15.09 55.27
N ALA PA 106 87.55 -15.97 56.17
CA ALA PA 106 88.28 -15.59 57.38
C ALA PA 106 89.57 -14.82 57.06
N LYS PA 107 90.28 -15.29 56.03
CA LYS PA 107 91.51 -14.66 55.58
C LYS PA 107 91.28 -13.25 55.05
N VAL PA 108 90.23 -13.08 54.25
CA VAL PA 108 89.89 -11.75 53.71
C VAL PA 108 89.45 -10.79 54.81
N VAL PA 109 88.72 -11.31 55.81
CA VAL PA 109 88.32 -10.55 56.99
C VAL PA 109 89.54 -10.03 57.76
N GLU PA 110 90.50 -10.94 57.97
CA GLU PA 110 91.76 -10.61 58.62
C GLU PA 110 92.54 -9.55 57.87
N GLY PA 111 92.59 -9.69 56.55
CA GLY PA 111 93.34 -8.78 55.69
C GLY PA 111 92.84 -7.35 55.73
N VAL PA 112 91.52 -7.16 55.65
CA VAL PA 112 90.94 -5.81 55.67
C VAL PA 112 91.10 -5.17 57.06
N SER PA 113 91.01 -5.98 58.11
CA SER PA 113 91.26 -5.53 59.49
C SER PA 113 92.70 -5.05 59.66
N GLU PA 114 93.63 -5.81 59.08
CA GLU PA 114 95.06 -5.47 59.06
C GLU PA 114 95.32 -4.15 58.33
N SER PA 115 94.67 -3.99 57.18
CA SER PA 115 94.76 -2.76 56.39
C SER PA 115 94.01 -1.58 57.02
N GLY PA 116 93.18 -1.84 58.02
CA GLY PA 116 92.46 -0.80 58.75
C GLY PA 116 91.18 -0.41 58.04
N GLY PA 117 90.50 -1.41 57.47
CA GLY PA 117 89.27 -1.20 56.74
C GLY PA 117 88.07 -1.25 57.68
N ILE PA 118 86.95 -0.73 57.20
CA ILE PA 118 85.70 -0.69 57.96
C ILE PA 118 84.92 -1.97 57.66
N ILE PA 119 84.87 -2.88 58.64
CA ILE PA 119 84.11 -4.12 58.53
C ILE PA 119 82.72 -3.89 59.12
N LEU PA 120 81.69 -4.36 58.41
CA LEU PA 120 80.30 -4.15 58.78
C LEU PA 120 79.55 -5.49 58.83
N PHE PA 121 79.09 -5.85 60.03
CA PHE PA 121 78.41 -7.13 60.26
C PHE PA 121 76.88 -6.94 60.27
N LEU PA 122 76.21 -7.52 59.27
CA LEU PA 122 74.77 -7.28 59.04
C LEU PA 122 73.97 -8.54 59.38
N GLY PA 123 73.06 -8.44 60.35
CA GLY PA 123 72.33 -9.62 60.86
C GLY PA 123 70.94 -9.31 61.38
N THR PA 124 69.98 -9.31 60.46
CA THR PA 124 68.59 -8.92 60.76
C THR PA 124 67.74 -9.92 61.54
N ARG PA 125 68.17 -11.18 61.67
CA ARG PA 125 67.39 -12.19 62.42
C ARG PA 125 67.34 -11.88 63.92
N GLN PA 126 66.41 -12.53 64.61
CA GLN PA 126 66.02 -12.17 65.99
C GLN PA 126 67.15 -12.26 67.02
N GLY PA 127 67.69 -13.47 67.21
CA GLY PA 127 68.70 -13.71 68.24
C GLY PA 127 70.12 -13.23 67.97
N GLN PA 128 70.39 -12.80 66.73
CA GLN PA 128 71.75 -12.54 66.27
C GLN PA 128 72.45 -11.30 66.85
N LYS PA 129 71.68 -10.38 67.43
CA LYS PA 129 72.19 -9.03 67.76
C LYS PA 129 73.44 -9.01 68.64
N ARG PA 130 73.35 -9.69 69.79
CA ARG PA 130 74.38 -9.65 70.83
C ARG PA 130 75.72 -10.16 70.31
N GLY PA 131 75.70 -11.31 69.64
CA GLY PA 131 76.89 -11.90 69.02
C GLY PA 131 77.49 -11.03 67.93
N LEU PA 132 76.61 -10.39 67.16
CA LEU PA 132 76.99 -9.44 66.11
C LEU PA 132 77.73 -8.24 66.69
N GLU PA 133 77.19 -7.71 67.80
CA GLU PA 133 77.78 -6.56 68.50
C GLU PA 133 79.16 -6.92 69.06
N GLU PA 134 79.26 -8.13 69.62
CA GLU PA 134 80.53 -8.66 70.14
C GLU PA 134 81.60 -8.76 69.07
N ALA PA 135 81.20 -9.28 67.92
CA ALA PA 135 82.08 -9.39 66.75
C ALA PA 135 82.58 -8.02 66.28
N ALA PA 136 81.65 -7.07 66.24
CA ALA PA 136 81.94 -5.67 65.88
C ALA PA 136 82.91 -5.00 66.85
N LYS PA 137 82.76 -5.33 68.13
CA LYS PA 137 83.66 -4.85 69.18
C LYS PA 137 85.06 -5.44 69.04
N LYS PA 138 85.11 -6.72 68.72
CA LYS PA 138 86.35 -7.51 68.64
C LYS PA 138 87.39 -6.92 67.66
N THR PA 139 87.01 -6.82 66.38
CA THR PA 139 87.71 -5.94 65.43
C THR PA 139 87.10 -4.58 65.68
N HIS PA 140 87.81 -3.49 65.39
CA HIS PA 140 87.23 -2.16 65.60
C HIS PA 140 86.25 -1.87 64.46
N GLY PA 141 85.11 -2.54 64.55
CA GLY PA 141 84.18 -2.70 63.44
C GLY PA 141 82.75 -2.35 63.82
N TYR PA 142 81.85 -2.64 62.89
CA TYR PA 142 80.50 -2.09 62.89
C TYR PA 142 79.48 -3.18 62.69
N TYR PA 143 78.24 -2.91 63.08
CA TYR PA 143 77.18 -3.87 62.91
C TYR PA 143 75.79 -3.27 62.74
N VAL PA 144 74.88 -4.10 62.25
CA VAL PA 144 73.49 -3.73 62.00
C VAL PA 144 72.60 -4.91 62.34
N SER PA 145 71.71 -4.73 63.32
CA SER PA 145 70.71 -5.74 63.71
C SER PA 145 69.31 -5.26 63.38
N THR PA 146 68.98 -4.05 63.86
CA THR PA 146 67.78 -3.34 63.41
C THR PA 146 67.93 -3.05 61.93
N ARG PA 147 66.81 -3.12 61.20
CA ARG PA 147 66.83 -3.25 59.73
C ARG PA 147 67.71 -2.23 58.97
N TRP PA 148 68.21 -2.68 57.83
CA TRP PA 148 69.09 -1.93 56.95
C TRP PA 148 68.25 -1.02 56.08
N ILE PA 149 68.24 0.30 56.37
CA ILE PA 149 67.44 1.25 55.58
C ILE PA 149 67.97 1.33 54.14
N PRO PA 150 67.16 0.89 53.14
CA PRO PA 150 67.64 0.80 51.76
C PRO PA 150 68.29 2.09 51.22
N GLY PA 151 69.58 1.98 50.91
CA GLY PA 151 70.37 3.10 50.41
C GLY PA 151 71.33 3.72 51.42
N THR PA 152 71.90 2.91 52.32
CA THR PA 152 72.90 3.43 53.26
C THR PA 152 74.22 3.74 52.54
N LEU PA 153 74.57 2.94 51.53
CA LEU PA 153 75.77 3.22 50.70
C LEU PA 153 75.42 3.98 49.42
N THR PA 154 74.36 3.56 48.70
CA THR PA 154 73.98 4.23 47.44
C THR PA 154 73.49 5.68 47.66
N ASN PA 155 72.75 5.88 48.75
CA ASN PA 155 72.19 7.19 49.10
C ASN PA 155 72.67 7.60 50.49
N SER PA 156 74.00 7.58 50.66
CA SER PA 156 74.64 7.78 51.97
C SER PA 156 74.43 9.16 52.59
N THR PA 157 74.47 10.19 51.75
CA THR PA 157 74.41 11.58 52.21
C THR PA 157 73.07 11.95 52.85
N GLU PA 158 71.99 11.39 52.33
CA GLU PA 158 70.66 11.58 52.90
C GLU PA 158 70.47 10.79 54.19
N ILE PA 159 70.88 9.53 54.16
CA ILE PA 159 70.66 8.61 55.29
C ILE PA 159 71.68 8.83 56.41
N SER PA 160 72.95 8.66 56.10
CA SER PA 160 74.04 8.75 57.09
C SER PA 160 74.70 10.14 57.06
N GLY PA 161 73.88 11.19 57.08
CA GLY PA 161 74.34 12.57 56.98
C GLY PA 161 74.66 13.23 58.30
N ILE PA 162 73.81 12.99 59.30
CA ILE PA 162 73.83 13.75 60.56
C ILE PA 162 74.43 12.95 61.74
N TRP PA 163 75.28 11.95 61.43
CA TRP PA 163 75.97 11.18 62.46
C TRP PA 163 77.43 11.61 62.53
N GLU PA 164 78.00 11.52 63.72
CA GLU PA 164 79.36 11.99 63.99
C GLU PA 164 80.40 11.08 63.35
N LYS PA 165 81.30 11.68 62.58
CA LYS PA 165 82.53 11.02 62.15
C LYS PA 165 83.65 11.39 63.10
N GLN PA 166 84.79 10.72 62.93
CA GLN PA 166 85.88 10.73 63.89
C GLN PA 166 87.19 10.77 63.11
N GLU PA 167 88.30 10.97 63.82
CA GLU PA 167 89.62 10.68 63.26
C GLU PA 167 90.31 9.62 64.09
N ILE PA 168 91.28 8.95 63.47
CA ILE PA 168 91.92 7.76 64.04
C ILE PA 168 93.42 7.78 63.71
N ASP PA 169 94.23 7.26 64.63
CA ASP PA 169 95.68 7.14 64.43
C ASP PA 169 96.00 5.98 63.46
N SER PA 170 97.28 5.60 63.39
CA SER PA 170 97.65 4.28 62.91
C SER PA 170 97.21 3.23 63.95
N ASN PA 171 97.24 3.62 65.23
CA ASN PA 171 96.51 2.93 66.31
C ASN PA 171 95.02 3.33 66.24
N ASP PA 172 94.22 2.97 67.25
CA ASP PA 172 92.80 3.34 67.29
C ASP PA 172 92.50 4.35 68.40
N ASN PA 173 93.21 5.47 68.36
CA ASN PA 173 93.01 6.58 69.30
C ASN PA 173 92.25 7.71 68.58
N PRO PA 174 91.14 8.20 69.17
CA PRO PA 174 90.31 9.27 68.58
C PRO PA 174 91.00 10.56 68.08
N THR PA 175 92.19 10.89 68.57
CA THR PA 175 92.93 12.11 68.18
C THR PA 175 91.99 13.30 67.92
N GLU PA 176 91.14 13.56 68.91
CA GLU PA 176 89.97 14.43 68.77
C GLU PA 176 90.27 15.87 68.34
N ARG PA 177 90.37 16.05 67.01
CA ARG PA 177 90.39 17.38 66.39
C ARG PA 177 89.05 17.58 65.68
N ALA PA 178 88.71 18.84 65.42
CA ALA PA 178 87.43 19.17 64.79
C ALA PA 178 87.44 18.83 63.30
N LEU PA 179 86.51 17.98 62.88
CA LEU PA 179 86.32 17.66 61.46
C LEU PA 179 85.59 18.83 60.81
N SER PA 180 86.08 19.25 59.64
CA SER PA 180 85.45 20.34 58.88
C SER PA 180 84.11 19.87 58.29
N PRO PA 181 83.16 20.80 58.07
CA PRO PA 181 81.85 20.41 57.53
C PRO PA 181 81.91 19.77 56.13
N ASN PA 182 82.89 20.18 55.32
CA ASN PA 182 83.20 19.49 54.06
C ASN PA 182 83.80 18.10 54.31
N GLU PA 183 84.72 18.03 55.27
CA GLU PA 183 85.37 16.78 55.69
C GLU PA 183 84.39 15.75 56.28
N THR PA 184 83.32 16.23 56.92
CA THR PA 184 82.32 15.38 57.57
C THR PA 184 81.31 14.76 56.58
N SER PA 185 80.87 15.56 55.61
CA SER PA 185 79.74 15.17 54.74
C SER PA 185 80.03 14.06 53.72
N LYS PA 186 81.31 13.74 53.48
CA LYS PA 186 81.68 12.64 52.57
C LYS PA 186 81.18 11.30 53.10
N GLN PA 187 80.85 10.38 52.19
CA GLN PA 187 80.40 9.04 52.60
C GLN PA 187 81.58 8.27 53.20
N VAL PA 188 81.28 7.42 54.17
CA VAL PA 188 82.27 6.50 54.73
C VAL PA 188 81.77 5.09 54.45
N LYS PA 189 82.31 4.51 53.39
CA LYS PA 189 81.85 3.23 52.85
C LYS PA 189 82.56 2.09 53.57
N PRO PA 190 81.87 0.96 53.82
CA PRO PA 190 82.57 -0.20 54.37
C PRO PA 190 83.52 -0.84 53.36
N ASP PA 191 84.59 -1.45 53.87
CA ASP PA 191 85.53 -2.24 53.07
C ASP PA 191 85.25 -3.74 53.16
N LEU PA 192 84.26 -4.12 53.98
CA LEU PA 192 83.75 -5.49 54.01
C LEU PA 192 82.35 -5.52 54.63
N LEU PA 193 81.36 -5.84 53.80
CA LEU PA 193 80.02 -6.14 54.26
C LEU PA 193 79.97 -7.65 54.52
N VAL PA 194 79.62 -8.05 55.73
CA VAL PA 194 79.51 -9.47 56.05
C VAL PA 194 78.13 -9.75 56.65
N VAL PA 195 77.31 -10.48 55.90
CA VAL PA 195 75.90 -10.69 56.26
C VAL PA 195 75.67 -12.10 56.82
N LEU PA 196 74.68 -12.22 57.70
CA LEU PA 196 74.29 -13.49 58.32
C LEU PA 196 72.96 -14.03 57.79
N ASN PA 197 72.29 -13.25 56.93
CA ASN PA 197 71.03 -13.65 56.34
C ASN PA 197 70.85 -12.94 54.98
N PRO PA 198 71.69 -13.33 53.99
CA PRO PA 198 71.69 -12.65 52.69
C PRO PA 198 70.34 -12.76 51.96
N THR PA 199 69.63 -13.85 52.18
CA THR PA 199 68.30 -14.07 51.62
C THR PA 199 67.26 -13.07 52.13
N GLU PA 200 67.43 -12.61 53.38
CA GLU PA 200 66.53 -11.63 54.00
C GLU PA 200 66.86 -10.17 53.64
N ASN PA 201 68.14 -9.87 53.40
CA ASN PA 201 68.55 -8.54 52.91
C ASN PA 201 69.35 -8.61 51.60
N ARG PA 202 68.63 -9.00 50.55
CA ARG PA 202 69.01 -8.83 49.15
C ARG PA 202 69.47 -7.41 48.84
N ASN PA 203 68.71 -6.44 49.34
CA ASN PA 203 68.95 -5.02 49.08
C ASN PA 203 70.36 -4.59 49.45
N ALA PA 204 70.77 -4.92 50.66
CA ALA PA 204 72.12 -4.62 51.17
C ALA PA 204 73.21 -5.18 50.26
N LEU PA 205 73.02 -6.42 49.82
CA LEU PA 205 73.92 -7.08 48.86
C LEU PA 205 74.00 -6.32 47.54
N LEU PA 206 72.83 -6.00 46.98
CA LEU PA 206 72.72 -5.20 45.76
C LEU PA 206 73.43 -3.85 45.86
N GLU PA 207 73.29 -3.06 46.90
CA GLU PA 207 74.10 -1.83 46.84
C GLU PA 207 75.57 -2.18 47.06
N ALA PA 208 75.86 -3.13 47.96
CA ALA PA 208 77.29 -3.44 48.05
C ALA PA 208 77.94 -3.64 46.68
N ILE PA 209 77.28 -4.40 45.81
CA ILE PA 209 77.85 -4.65 44.47
C ILE PA 209 77.79 -3.42 43.56
N LYS PA 210 76.78 -2.58 43.79
CA LYS PA 210 76.68 -1.27 43.11
C LYS PA 210 77.77 -0.34 43.66
N SER PA 211 77.88 -0.30 44.98
CA SER PA 211 78.83 0.54 45.69
C SER PA 211 80.26 0.00 45.68
N ARG PA 212 80.45 -1.21 45.15
CA ARG PA 212 81.78 -1.71 44.78
C ARG PA 212 82.54 -2.15 46.05
N VAL PA 213 81.85 -2.95 46.86
CA VAL PA 213 82.32 -3.39 48.18
C VAL PA 213 82.32 -4.91 48.18
N PRO PA 214 83.45 -5.55 48.55
CA PRO PA 214 83.44 -7.00 48.63
C PRO PA 214 82.60 -7.46 49.82
N THR PA 215 81.91 -8.58 49.67
CA THR PA 215 80.93 -9.02 50.67
C THR PA 215 81.01 -10.52 50.94
N ILE PA 216 80.72 -10.88 52.19
CA ILE PA 216 80.75 -12.27 52.68
C ILE PA 216 79.35 -12.61 53.17
N ALA PA 217 78.90 -13.84 52.90
CA ALA PA 217 77.55 -14.28 53.27
C ALA PA 217 77.44 -15.76 53.56
N ILE PA 218 76.58 -16.11 54.51
CA ILE PA 218 76.29 -17.49 54.84
C ILE PA 218 75.22 -17.98 53.86
N ILE PA 219 75.67 -18.61 52.78
CA ILE PA 219 74.78 -19.10 51.72
C ILE PA 219 74.19 -20.43 52.13
N ASP PA 220 72.88 -20.43 52.38
CA ASP PA 220 72.13 -21.64 52.70
C ASP PA 220 71.75 -22.33 51.39
N THR PA 221 71.05 -23.45 51.48
CA THR PA 221 70.68 -24.24 50.29
C THR PA 221 69.50 -23.63 49.49
N ASP PA 222 68.97 -22.48 49.92
CA ASP PA 222 68.00 -21.69 49.13
C ASP PA 222 68.54 -20.32 48.65
N SER PA 223 69.77 -19.96 49.01
CA SER PA 223 70.32 -18.63 48.71
C SER PA 223 71.16 -18.64 47.43
N GLU PA 224 71.14 -17.52 46.70
CA GLU PA 224 71.94 -17.35 45.48
C GLU PA 224 73.40 -17.07 45.87
N PRO PA 225 74.34 -17.97 45.51
CA PRO PA 225 75.74 -17.74 45.89
C PRO PA 225 76.50 -16.72 45.04
N SER PA 226 76.00 -16.43 43.85
CA SER PA 226 76.64 -15.46 42.96
C SER PA 226 76.47 -14.01 43.41
N LEU PA 227 75.55 -13.75 44.34
CA LEU PA 227 75.25 -12.38 44.79
C LEU PA 227 76.27 -11.73 45.73
N VAL PA 228 77.32 -12.45 46.13
CA VAL PA 228 78.43 -11.82 46.86
C VAL PA 228 79.77 -12.51 46.61
N THR PA 229 80.82 -11.80 47.02
CA THR PA 229 82.21 -12.09 46.64
C THR PA 229 82.79 -13.35 47.27
N TYR PA 230 82.37 -13.66 48.51
CA TYR PA 230 82.94 -14.77 49.28
C TYR PA 230 81.86 -15.53 50.06
N PRO PA 231 81.16 -16.47 49.38
CA PRO PA 231 80.08 -17.19 50.05
C PRO PA 231 80.62 -18.30 50.95
N ILE PA 232 80.00 -18.46 52.11
CA ILE PA 232 80.29 -19.58 53.01
C ILE PA 232 79.03 -20.45 53.00
N PRO PA 233 79.12 -21.66 52.40
CA PRO PA 233 77.97 -22.58 52.47
C PRO PA 233 77.66 -22.97 53.90
N GLY PA 234 76.39 -22.87 54.31
CA GLY PA 234 76.01 -23.24 55.67
C GLY PA 234 74.61 -22.89 56.13
N ASN PA 235 74.34 -23.27 57.38
CA ASN PA 235 73.01 -23.21 57.97
C ASN PA 235 72.74 -21.83 58.60
N ASP PA 236 72.11 -20.95 57.82
CA ASP PA 236 71.84 -19.57 58.29
C ASP PA 236 70.62 -19.44 59.23
N ASP PA 237 69.77 -20.47 59.29
CA ASP PA 237 68.53 -20.40 60.09
C ASP PA 237 68.78 -20.60 61.59
N SER PA 238 69.54 -21.63 61.96
CA SER PA 238 69.86 -21.88 63.37
C SER PA 238 70.79 -20.78 63.87
N LEU PA 239 70.55 -20.35 65.11
CA LEU PA 239 71.27 -19.21 65.66
C LEU PA 239 72.71 -19.54 66.03
N ARG PA 240 72.96 -20.78 66.43
CA ARG PA 240 74.26 -21.17 67.00
C ARG PA 240 75.32 -21.40 65.93
N SER PA 241 74.91 -21.97 64.79
CA SER PA 241 75.79 -22.21 63.64
C SER PA 241 76.29 -20.90 63.03
N VAL PA 242 75.37 -19.94 62.93
CA VAL PA 242 75.67 -18.59 62.46
C VAL PA 242 76.68 -17.93 63.37
N ASN PA 243 76.39 -17.94 64.68
CA ASN PA 243 77.30 -17.42 65.71
C ASN PA 243 78.70 -18.00 65.64
N PHE PA 244 78.77 -19.32 65.45
CA PHE PA 244 80.03 -20.03 65.31
C PHE PA 244 80.85 -19.50 64.13
N LEU PA 245 80.22 -19.41 62.96
CA LEU PA 245 80.87 -18.84 61.77
C LEU PA 245 81.26 -17.39 61.97
N LEU PA 246 80.31 -16.62 62.50
CA LEU PA 246 80.50 -15.19 62.79
C LEU PA 246 81.62 -14.98 63.79
N GLY PA 247 81.60 -15.74 64.88
CA GLY PA 247 82.62 -15.68 65.92
C GLY PA 247 84.02 -16.00 65.40
N VAL PA 248 84.09 -17.00 64.52
CA VAL PA 248 85.34 -17.34 63.82
C VAL PA 248 85.86 -16.16 63.00
N LEU PA 249 84.97 -15.58 62.20
CA LEU PA 249 85.28 -14.39 61.39
C LEU PA 249 85.79 -13.22 62.23
N ALA PA 250 85.10 -12.98 63.35
CA ALA PA 250 85.50 -11.94 64.31
C ALA PA 250 86.90 -12.19 64.85
N ARG PA 251 87.16 -13.45 65.19
CA ARG PA 251 88.48 -13.89 65.70
C ARG PA 251 89.59 -13.68 64.67
N ALA PA 252 89.29 -14.01 63.42
CA ALA PA 252 90.21 -13.80 62.30
C ALA PA 252 90.53 -12.31 62.12
N GLY PA 253 89.48 -11.49 62.15
CA GLY PA 253 89.62 -10.04 62.08
C GLY PA 253 90.35 -9.44 63.27
N GLN PA 254 90.08 -10.00 64.46
CA GLN PA 254 90.76 -9.61 65.70
C GLN PA 254 92.27 -9.81 65.60
N ARG PA 255 92.65 -11.00 65.14
CA ARG PA 255 94.06 -11.35 64.91
C ARG PA 255 94.73 -10.31 64.00
N GLY PA 256 94.10 -10.03 62.86
CA GLY PA 256 94.62 -9.08 61.89
C GLY PA 256 94.76 -7.68 62.46
N LEU PA 257 93.79 -7.27 63.28
CA LEU PA 257 93.85 -6.02 64.03
C LEU PA 257 95.06 -5.98 64.96
N GLN PA 258 95.23 -7.04 65.74
CA GLN PA 258 96.37 -7.19 66.66
C GLN PA 258 97.72 -7.09 65.93
N ASN PA 259 97.80 -7.73 64.77
CA ASN PA 259 99.00 -7.68 63.92
C ASN PA 259 99.31 -6.28 63.44
N ARG PA 260 98.25 -5.57 63.02
CA ARG PA 260 98.35 -4.17 62.59
C ARG PA 260 98.85 -3.27 63.73
N LEU PA 261 98.30 -3.47 64.92
CA LEU PA 261 98.72 -2.74 66.11
C LEU PA 261 100.18 -2.98 66.45
N ALA PA 262 100.60 -4.25 66.34
CA ALA PA 262 101.99 -4.64 66.55
C ALA PA 262 102.94 -3.96 65.58
N ARG PA 263 102.56 -3.92 64.30
CA ARG PA 263 103.41 -3.31 63.26
C ARG PA 263 103.45 -1.78 63.38
N ASN PA 264 102.35 -1.18 63.85
CA ASN PA 264 102.33 0.24 64.20
C ASN PA 264 103.30 0.56 65.34
N ASN PA 265 103.24 -0.26 66.38
CA ASN PA 265 104.14 -0.15 67.53
C ASN PA 265 105.61 -0.24 67.13
N GLU PA 266 105.90 -1.21 66.25
CA GLU PA 266 107.24 -1.39 65.68
C GLU PA 266 107.71 -0.15 64.92
N SER QA 30 72.87 19.67 127.85
CA SER QA 30 74.32 19.37 127.58
C SER QA 30 74.92 20.28 126.52
N LEU QA 31 76.24 20.21 126.37
CA LEU QA 31 76.99 21.04 125.42
C LEU QA 31 76.77 20.59 123.98
N MET QA 32 76.87 19.28 123.76
CA MET QA 32 76.66 18.66 122.46
C MET QA 32 75.27 18.96 121.91
N ASN QA 33 74.26 18.82 122.77
CA ASN QA 33 72.87 19.12 122.44
C ASN QA 33 72.66 20.58 122.01
N LYS QA 34 73.28 21.48 122.78
CA LYS QA 34 73.29 22.92 122.46
C LYS QA 34 73.90 23.21 121.09
N LYS QA 35 75.03 22.57 120.82
CA LYS QA 35 75.74 22.68 119.55
C LYS QA 35 74.88 22.23 118.38
N LEU QA 36 74.22 21.09 118.57
CA LEU QA 36 73.27 20.54 117.59
C LEU QA 36 72.11 21.49 117.30
N LEU QA 37 71.56 22.06 118.37
CA LEU QA 37 70.49 23.05 118.27
C LEU QA 37 70.92 24.28 117.48
N LEU QA 38 72.12 24.77 117.78
CA LEU QA 38 72.73 25.90 117.06
C LEU QA 38 72.85 25.60 115.56
N LYS QA 39 73.43 24.43 115.25
CA LYS QA 39 73.56 23.94 113.87
C LYS QA 39 72.22 23.91 113.12
N ASN QA 40 71.20 23.39 113.80
CA ASN QA 40 69.83 23.33 113.27
C ASN QA 40 69.30 24.73 112.96
N MET QA 41 69.53 25.64 113.89
CA MET QA 41 69.14 27.05 113.75
C MET QA 41 69.81 27.69 112.53
N LEU QA 42 71.11 27.45 112.40
CA LEU QA 42 71.90 27.93 111.25
C LEU QA 42 71.38 27.41 109.93
N LEU QA 43 71.04 26.12 109.90
CA LEU QA 43 70.46 25.46 108.73
C LEU QA 43 69.13 26.09 108.33
N ASP QA 44 68.28 26.34 109.33
CA ASP QA 44 66.99 27.00 109.14
C ASP QA 44 67.16 28.41 108.55
N MET QA 45 68.12 29.14 109.09
CA MET QA 45 68.47 30.49 108.60
C MET QA 45 68.91 30.47 107.14
N ASN QA 46 69.78 29.52 106.81
CA ASN QA 46 70.24 29.29 105.44
C ASN QA 46 69.09 29.01 104.48
N ASN QA 47 68.18 28.14 104.91
CA ASN QA 47 66.99 27.77 104.15
C ASN QA 47 66.09 28.97 103.88
N LYS QA 48 65.88 29.77 104.91
CA LYS QA 48 65.14 31.05 104.81
C LYS QA 48 65.77 32.00 103.80
N LYS QA 49 67.08 32.13 103.87
CA LYS QA 49 67.86 32.97 102.96
C LYS QA 49 67.71 32.52 101.50
N MET QA 50 67.81 31.20 101.30
CA MET QA 50 67.60 30.57 99.99
C MET QA 50 66.21 30.86 99.44
N ASN QA 51 65.21 30.72 100.30
CA ASN QA 51 63.82 31.01 99.95
C ASN QA 51 63.60 32.46 99.52
N ASN QA 52 64.22 33.36 100.28
CA ASN QA 52 64.22 34.80 99.99
C ASN QA 52 64.85 35.08 98.62
N MET QA 53 66.01 34.46 98.38
CA MET QA 53 66.74 34.55 97.12
C MET QA 53 65.89 34.10 95.93
N LYS QA 54 65.21 32.96 96.11
CA LYS QA 54 64.27 32.42 95.11
C LYS QA 54 63.14 33.39 94.79
N ARG QA 55 62.55 33.94 95.84
CA ARG QA 55 61.49 34.95 95.73
C ARG QA 55 61.96 36.17 94.94
N MET QA 56 63.16 36.64 95.26
CA MET QA 56 63.78 37.79 94.57
C MET QA 56 63.96 37.51 93.08
N LEU QA 57 64.45 36.32 92.77
CA LEU QA 57 64.61 35.85 91.39
C LEU QA 57 63.29 35.86 90.64
N ASN QA 58 62.27 35.26 91.26
CA ASN QA 58 60.91 35.21 90.71
C ASN QA 58 60.35 36.58 90.37
N ASN QA 59 60.53 37.52 91.30
CA ASN QA 59 60.17 38.92 91.11
C ASN QA 59 60.85 39.57 89.89
N ASN QA 60 62.14 39.30 89.73
CA ASN QA 60 62.95 39.87 88.64
C ASN QA 60 63.08 39.00 87.37
N ASN QA 61 62.45 37.82 87.37
CA ASN QA 61 62.63 36.85 86.27
C ASN QA 61 61.94 37.28 84.98
N MET QA 62 62.68 38.05 84.16
CA MET QA 62 62.23 38.44 82.82
C MET QA 62 63.39 38.47 81.82
N ASN QA 63 63.06 38.18 80.56
CA ASN QA 63 64.04 37.96 79.49
C ASN QA 63 63.35 37.99 78.12
N PRO QA 64 64.14 37.94 77.03
CA PRO QA 64 63.55 37.68 75.71
C PRO QA 64 62.87 36.32 75.63
N ALA QA 65 61.71 36.27 74.98
CA ALA QA 65 60.98 35.01 74.79
C ALA QA 65 61.70 34.11 73.79
N GLY QA 66 61.68 32.81 74.06
CA GLY QA 66 62.10 31.77 73.11
C GLY QA 66 63.04 30.74 73.68
N ALA QA 67 62.65 30.14 74.81
CA ALA QA 67 63.52 29.25 75.56
C ALA QA 67 63.40 27.79 75.11
N ASN QA 68 62.30 27.13 75.45
CA ASN QA 68 62.15 25.69 75.28
C ASN QA 68 61.99 25.29 73.80
N GLY QA 78 58.48 33.44 82.90
CA GLY QA 78 59.16 34.73 83.08
C GLY QA 78 59.92 35.17 81.85
N ASN QA 79 59.18 35.64 80.85
CA ASN QA 79 59.76 36.10 79.58
C ASN QA 79 58.77 36.93 78.77
N ILE QA 80 59.29 37.75 77.86
CA ILE QA 80 58.48 38.62 77.01
C ILE QA 80 59.05 38.75 75.59
N ASN QA 81 58.16 39.03 74.64
CA ASN QA 81 58.57 39.38 73.28
C ASN QA 81 59.06 40.83 73.24
N ASN QA 82 60.36 41.01 73.05
CA ASN QA 82 60.97 42.33 72.95
C ASN QA 82 60.63 43.00 71.62
N LYS QA 83 60.89 44.30 71.54
CA LYS QA 83 60.59 45.07 70.32
C LYS QA 83 61.44 44.70 69.08
N LEU QA 84 62.47 43.87 69.26
CA LEU QA 84 63.18 43.23 68.13
C LEU QA 84 62.68 41.82 67.80
N GLN QA 85 61.72 41.29 68.56
CA GLN QA 85 61.23 39.92 68.38
C GLN QA 85 59.84 39.80 67.71
N HIS QA 86 59.11 40.90 67.60
CA HIS QA 86 57.80 40.89 66.94
C HIS QA 86 57.43 42.27 66.41
N LEU QA 87 56.47 42.28 65.49
CA LEU QA 87 55.94 43.53 64.95
C LEU QA 87 54.94 44.15 65.92
N ASN QA 88 54.98 45.48 66.00
CA ASN QA 88 53.95 46.25 66.67
C ASN QA 88 52.71 46.15 65.79
N ASN QA 89 51.57 45.79 66.38
CA ASN QA 89 50.30 45.70 65.63
C ASN QA 89 49.88 46.99 64.92
N MET QA 90 50.37 48.14 65.40
CA MET QA 90 50.29 49.40 64.64
C MET QA 90 50.92 49.32 63.25
N ASN QA 91 52.01 48.55 63.12
CA ASN QA 91 52.61 48.27 61.81
C ASN QA 91 51.89 47.16 60.98
N ASN QA 92 50.63 46.87 61.33
CA ASN QA 92 49.72 46.15 60.45
C ASN QA 92 48.91 47.12 59.60
N TRP QA 93 48.46 48.21 60.22
CA TRP QA 93 47.75 49.29 59.52
C TRP QA 93 48.71 50.28 58.87
N ASN QA 94 48.21 51.01 57.88
CA ASN QA 94 48.99 51.99 57.12
C ASN QA 94 48.75 53.45 57.54
N THR QA 95 47.59 53.74 58.12
CA THR QA 95 47.33 55.04 58.76
C THR QA 95 47.31 54.83 60.27
N GLN QA 96 48.49 55.01 60.87
CA GLN QA 96 48.68 54.81 62.31
C GLN QA 96 48.19 56.04 63.06
N ILE QA 97 46.90 56.03 63.40
CA ILE QA 97 46.21 57.20 63.96
C ILE QA 97 45.10 56.79 64.92
N TYR QA 98 44.92 57.58 65.97
CA TYR QA 98 43.65 57.67 66.69
C TYR QA 98 43.30 59.14 66.87
N ASN QA 99 42.07 59.50 66.49
CA ASN QA 99 41.48 60.79 66.83
C ASN QA 99 40.14 60.55 67.54
N TYR QA 100 39.79 61.45 68.45
CA TYR QA 100 38.56 61.34 69.24
C TYR QA 100 37.32 61.66 68.38
N ASN QA 101 37.41 62.69 67.56
CA ASN QA 101 36.40 62.95 66.53
C ASN QA 101 36.66 62.06 65.32
N LYS QA 102 35.76 61.10 65.09
CA LYS QA 102 35.96 60.05 64.08
C LYS QA 102 35.84 60.56 62.64
N ASN QA 103 35.02 61.60 62.43
CA ASN QA 103 34.94 62.32 61.16
C ASN QA 103 36.32 62.82 60.72
N MET QA 104 37.01 63.49 61.66
CA MET QA 104 38.35 64.00 61.44
C MET QA 104 39.35 62.90 61.09
N GLU QA 105 39.26 61.79 61.82
CA GLU QA 105 40.09 60.60 61.58
C GLU QA 105 39.89 60.04 60.17
N ILE QA 106 38.63 59.95 59.76
CA ILE QA 106 38.25 59.52 58.42
C ILE QA 106 38.83 60.44 57.36
N MET QA 107 38.71 61.75 57.58
CA MET QA 107 39.26 62.76 56.68
C MET QA 107 40.77 62.63 56.53
N ASN QA 108 41.45 62.42 57.66
CA ASN QA 108 42.89 62.18 57.70
C ASN QA 108 43.31 60.96 56.89
N THR QA 109 42.60 59.85 57.06
CA THR QA 109 42.92 58.61 56.35
C THR QA 109 42.65 58.72 54.85
N MET QA 110 41.62 59.49 54.48
CA MET QA 110 41.35 59.83 53.07
C MET QA 110 42.52 60.61 52.48
N ASN QA 111 42.92 61.67 53.17
CA ASN QA 111 44.08 62.48 52.80
C ASN QA 111 45.31 61.62 52.55
N ASP QA 112 45.62 60.76 53.53
CA ASP QA 112 46.75 59.83 53.45
C ASP QA 112 46.71 58.96 52.21
N LYS QA 113 45.53 58.40 51.93
CA LYS QA 113 45.30 57.59 50.73
C LYS QA 113 45.55 58.38 49.44
N LEU QA 114 45.05 59.62 49.41
CA LEU QA 114 45.27 60.52 48.27
C LEU QA 114 46.73 60.87 48.06
N ILE QA 115 47.46 61.08 49.15
CA ILE QA 115 48.89 61.37 49.11
C ILE QA 115 49.69 60.19 48.56
N ASN QA 116 49.26 58.97 48.92
CA ASN QA 116 49.91 57.75 48.43
C ASN QA 116 49.91 57.71 46.90
N LYS QA 117 48.75 57.98 46.31
CA LYS QA 117 48.58 58.05 44.86
C LYS QA 117 49.50 59.07 44.23
N LEU QA 118 49.55 60.25 44.84
CA LEU QA 118 50.41 61.35 44.41
C LEU QA 118 51.88 60.93 44.41
N LEU QA 119 52.30 60.29 45.51
CA LEU QA 119 53.66 59.75 45.64
C LEU QA 119 53.99 58.75 44.54
N TYR QA 120 53.08 57.81 44.30
CA TYR QA 120 53.19 56.82 43.21
C TYR QA 120 53.41 57.50 41.86
N LYS QA 121 52.60 58.51 41.58
CA LYS QA 121 52.71 59.32 40.36
C LYS QA 121 54.09 59.96 40.21
N MET QA 122 54.56 60.57 41.30
CA MET QA 122 55.89 61.20 41.36
C MET QA 122 57.02 60.22 41.06
N MET QA 123 56.90 59.01 41.62
CA MET QA 123 57.98 58.00 41.58
C MET QA 123 58.58 57.69 40.20
N THR QA 124 57.80 57.82 39.12
CA THR QA 124 58.32 57.59 37.76
C THR QA 124 58.84 58.89 37.15
N LEU QA 125 60.10 58.88 36.70
CA LEU QA 125 60.75 60.03 36.06
C LEU QA 125 61.05 59.79 34.59
N LYS QA 126 61.44 60.87 33.91
CA LYS QA 126 61.88 60.84 32.50
C LYS QA 126 63.16 61.66 32.37
N LEU QA 127 64.01 61.30 31.40
CA LEU QA 127 65.26 62.02 31.14
C LEU QA 127 65.39 62.40 29.67
N ASN QA 128 64.73 63.49 29.30
CA ASN QA 128 64.74 64.03 27.93
C ASN QA 128 64.20 63.05 26.88
N ASN QA 129 63.19 62.28 27.29
CA ASN QA 129 62.58 61.22 26.46
C ASN QA 129 63.58 60.13 26.00
N MET QA 130 64.60 59.89 26.81
CA MET QA 130 65.65 58.91 26.51
C MET QA 130 65.47 57.69 27.41
N ASN QA 131 65.47 57.93 28.72
CA ASN QA 131 65.34 56.87 29.73
C ASN QA 131 64.19 57.19 30.68
N ILE QA 132 63.37 56.18 30.97
CA ILE QA 132 62.24 56.29 31.90
C ILE QA 132 62.51 55.32 33.05
N ASN QA 133 63.24 55.80 34.05
CA ASN QA 133 63.56 55.00 35.24
C ASN QA 133 62.41 54.97 36.24
N LYS QA 134 61.70 53.84 36.28
CA LYS QA 134 60.52 53.67 37.13
C LYS QA 134 60.97 53.21 38.52
N ILE QA 135 61.12 54.16 39.43
CA ILE QA 135 61.43 53.85 40.84
C ILE QA 135 60.19 53.19 41.44
N ILE QA 136 60.36 51.97 41.94
CA ILE QA 136 59.30 51.27 42.64
C ILE QA 136 59.32 51.70 44.11
N MET QA 137 58.13 51.91 44.65
CA MET QA 137 57.94 52.34 46.03
C MET QA 137 56.97 51.38 46.69
N SER QA 138 57.10 51.20 48.01
CA SER QA 138 56.12 50.44 48.79
C SER QA 138 54.87 51.29 49.01
N LYS QA 139 53.83 50.67 49.56
CA LYS QA 139 52.70 51.43 50.09
C LYS QA 139 53.21 52.24 51.28
N THR QA 140 52.84 53.52 51.35
CA THR QA 140 53.30 54.39 52.41
C THR QA 140 52.66 54.00 53.73
N ILE QA 141 53.37 54.28 54.82
CA ILE QA 141 52.81 54.13 56.17
C ILE QA 141 52.91 55.48 56.88
N ASN QA 142 51.76 55.95 57.34
CA ASN QA 142 51.59 57.29 57.86
C ASN QA 142 51.46 57.21 59.37
N GLN QA 143 52.40 57.82 60.07
CA GLN QA 143 52.47 57.78 61.54
C GLN QA 143 51.94 59.10 62.09
N HIS QA 144 50.74 59.08 62.66
CA HIS QA 144 50.08 60.30 63.16
C HIS QA 144 50.23 60.45 64.66
N SER QA 145 51.36 61.02 65.07
CA SER QA 145 51.53 61.44 66.46
C SER QA 145 50.70 62.71 66.69
N LEU QA 146 50.58 63.09 67.96
CA LEU QA 146 49.86 64.31 68.34
C LEU QA 146 50.51 65.54 67.74
N ASN QA 147 51.82 65.62 67.88
CA ASN QA 147 52.61 66.70 67.29
C ASN QA 147 52.58 66.63 65.78
N LYS QA 148 53.09 65.53 65.23
CA LYS QA 148 53.41 65.49 63.80
C LYS QA 148 52.99 64.20 63.09
N LEU QA 149 52.69 64.35 61.80
CA LEU QA 149 52.62 63.24 60.86
C LEU QA 149 54.04 62.87 60.46
N ASN QA 150 54.24 61.59 60.16
CA ASN QA 150 55.43 61.11 59.44
C ASN QA 150 55.03 60.07 58.42
N ILE QA 151 55.18 60.41 57.14
CA ILE QA 151 54.96 59.46 56.05
C ILE QA 151 56.27 58.72 55.86
N LYS QA 152 56.21 57.42 55.59
CA LYS QA 152 57.41 56.67 55.22
C LYS QA 152 57.15 55.53 54.27
N PHE QA 153 58.12 55.29 53.38
CA PHE QA 153 58.04 54.24 52.38
C PHE QA 153 59.41 53.62 52.10
N TYR QA 154 59.39 52.36 51.69
CA TYR QA 154 60.57 51.68 51.18
C TYR QA 154 60.55 51.80 49.66
N TYR QA 155 61.72 52.00 49.06
CA TYR QA 155 61.81 52.15 47.61
C TYR QA 155 63.00 51.39 47.03
N TYR QA 156 62.88 51.03 45.75
CA TYR QA 156 63.96 50.41 44.99
C TYR QA 156 64.31 51.28 43.78
N ASN QA 157 65.60 51.31 43.44
CA ASN QA 157 66.09 52.01 42.26
C ASN QA 157 67.14 51.13 41.56
N ASN QA 158 67.02 51.01 40.24
CA ASN QA 158 67.85 50.11 39.44
C ASN QA 158 69.06 50.87 38.89
N ASN QA 166 82.88 53.12 40.18
CA ASN QA 166 83.75 54.30 40.18
C ASN QA 166 83.04 55.56 40.68
N ASN QA 167 83.83 56.49 41.25
CA ASN QA 167 83.30 57.70 41.88
C ASN QA 167 83.16 58.87 40.89
N ASN QA 168 82.32 58.66 39.88
CA ASN QA 168 82.02 59.68 38.87
C ASN QA 168 80.78 60.51 39.21
N ASN QA 169 79.85 59.92 39.99
CA ASN QA 169 78.57 60.57 40.34
C ASN QA 169 78.56 61.28 41.71
N ASN QA 170 79.68 61.89 42.07
CA ASN QA 170 79.74 62.84 43.18
C ASN QA 170 79.45 64.26 42.73
N TYR QA 171 79.36 64.46 41.40
CA TYR QA 171 79.37 65.78 40.78
C TYR QA 171 78.13 66.16 39.96
N TYR QA 172 77.12 65.29 39.94
CA TYR QA 172 75.84 65.60 39.33
C TYR QA 172 74.73 64.90 40.11
N MET QA 173 73.57 65.55 40.20
CA MET QA 173 72.44 65.02 40.94
C MET QA 173 71.62 64.12 40.02
N ASN QA 174 71.45 62.87 40.44
CA ASN QA 174 70.64 61.90 39.72
C ASN QA 174 69.16 62.26 39.85
N MET QA 175 68.33 61.77 38.93
CA MET QA 175 66.90 62.06 38.92
C MET QA 175 66.21 61.59 40.21
N MET QA 176 66.56 60.39 40.64
CA MET QA 176 66.07 59.80 41.89
C MET QA 176 66.49 60.64 43.10
N ASN QA 177 67.77 61.03 43.12
CA ASN QA 177 68.32 61.90 44.16
C ASN QA 177 67.58 63.23 44.27
N LYS QA 178 67.34 63.85 43.11
CA LYS QA 178 66.56 65.09 43.02
C LYS QA 178 65.16 64.94 43.59
N LEU QA 179 64.52 63.82 43.24
CA LEU QA 179 63.17 63.48 43.71
C LEU QA 179 63.16 63.37 45.24
N MET QA 180 64.12 62.62 45.78
CA MET QA 180 64.28 62.46 47.23
C MET QA 180 64.54 63.78 47.95
N ASN QA 181 65.30 64.65 47.32
CA ASN QA 181 65.61 65.99 47.86
C ASN QA 181 64.36 66.85 47.94
N ILE QA 182 63.56 66.78 46.87
CA ILE QA 182 62.25 67.43 46.81
C ILE QA 182 61.33 67.09 47.99
N MET QA 183 61.40 65.84 48.46
CA MET QA 183 60.52 65.37 49.54
C MET QA 183 60.66 66.20 50.83
N ASN QA 184 61.89 66.51 51.23
CA ASN QA 184 62.16 67.26 52.47
C ASN QA 184 63.16 68.43 52.44
N ASN QA 185 64.04 68.50 51.44
CA ASN QA 185 65.18 69.43 51.49
C ASN QA 185 65.00 70.80 50.83
N ASN QA 186 64.07 70.92 49.88
CA ASN QA 186 63.82 72.20 49.20
C ASN QA 186 63.16 73.20 50.16
N MET QA 187 63.95 74.17 50.63
CA MET QA 187 63.61 75.00 51.80
C MET QA 187 62.12 75.33 51.98
N ASN QA 188 61.58 76.13 51.05
CA ASN QA 188 60.17 76.53 51.05
C ASN QA 188 59.33 75.59 50.20
N ASN QA 189 59.91 75.16 49.08
CA ASN QA 189 59.20 74.48 48.00
C ASN QA 189 58.86 73.00 48.25
N ASN QA 190 59.56 72.36 49.20
CA ASN QA 190 59.43 70.91 49.44
C ASN QA 190 58.01 70.38 49.65
N LEU QA 191 57.87 69.09 49.33
CA LEU QA 191 56.57 68.41 49.28
C LEU QA 191 55.94 68.28 50.68
N CYS QA 192 56.78 68.05 51.69
CA CYS QA 192 56.34 67.95 53.09
C CYS QA 192 55.62 69.21 53.58
N ASN QA 193 56.17 70.36 53.21
CA ASN QA 193 55.59 71.68 53.51
C ASN QA 193 54.19 71.81 52.92
N ILE QA 194 54.06 71.42 51.66
CA ILE QA 194 52.79 71.50 50.94
C ILE QA 194 51.74 70.55 51.55
N LEU QA 195 52.19 69.36 51.95
CA LEU QA 195 51.34 68.40 52.67
C LEU QA 195 50.82 68.96 53.98
N SER QA 196 51.69 69.66 54.72
CA SER QA 196 51.36 70.23 56.03
C SER QA 196 50.07 71.08 56.05
N TYR QA 197 49.77 71.74 54.93
CA TYR QA 197 48.50 72.48 54.77
C TYR QA 197 47.25 71.59 54.86
N TYR QA 198 47.35 70.37 54.33
CA TYR QA 198 46.22 69.42 54.34
C TYR QA 198 45.96 68.83 55.73
N TYR QA 199 47.02 68.65 56.53
CA TYR QA 199 46.92 68.02 57.86
C TYR QA 199 46.92 68.97 59.06
N LYS QA 200 47.38 70.21 58.86
CA LYS QA 200 47.59 71.18 59.95
C LYS QA 200 48.57 70.68 61.03
N LYS QA 201 49.65 70.06 60.56
CA LYS QA 201 50.76 69.63 61.43
C LYS QA 201 51.98 69.31 60.56
N LYS QA 202 53.16 69.42 61.16
CA LYS QA 202 54.41 69.24 60.40
C LYS QA 202 54.57 67.80 59.90
N VAL QA 203 54.80 67.67 58.60
CA VAL QA 203 54.90 66.38 57.92
C VAL QA 203 56.37 66.08 57.66
N THR QA 204 56.73 64.80 57.72
CA THR QA 204 58.08 64.33 57.44
C THR QA 204 58.01 63.05 56.61
N ILE QA 205 58.41 63.14 55.34
CA ILE QA 205 58.49 61.99 54.46
C ILE QA 205 59.89 61.38 54.60
N GLU QA 206 59.98 60.12 55.04
CA GLU QA 206 61.26 59.41 55.05
C GLU QA 206 61.29 58.26 54.02
N PRO QA 207 62.06 58.42 52.93
CA PRO QA 207 62.35 57.29 52.04
C PRO QA 207 63.36 56.34 52.67
N ILE QA 208 63.19 55.04 52.43
CA ILE QA 208 64.17 54.03 52.85
C ILE QA 208 64.53 53.18 51.64
N LYS QA 209 65.81 53.16 51.29
CA LYS QA 209 66.28 52.42 50.12
C LYS QA 209 66.41 50.93 50.42
N LEU QA 210 65.88 50.10 49.52
CA LEU QA 210 66.11 48.66 49.54
C LEU QA 210 67.00 48.31 48.35
N SER QA 211 68.08 47.56 48.62
CA SER QA 211 69.07 47.20 47.61
C SER QA 211 68.59 46.06 46.71
N TYR QA 212 67.71 45.20 47.25
CA TYR QA 212 67.11 44.09 46.49
C TYR QA 212 65.63 44.34 46.21
N ILE QA 213 65.12 43.62 45.23
CA ILE QA 213 63.72 43.74 44.80
C ILE QA 213 62.75 42.94 45.69
N TYR QA 214 63.29 41.96 46.42
CA TYR QA 214 62.52 40.88 47.03
C TYR QA 214 62.57 40.91 48.58
N LEU QA 215 62.99 42.04 49.14
CA LEU QA 215 63.01 42.23 50.60
C LEU QA 215 61.65 42.73 51.09
N ASN QA 216 61.05 43.63 50.31
CA ASN QA 216 59.66 44.02 50.50
C ASN QA 216 58.79 43.29 49.48
N SER QA 217 57.62 42.84 49.92
CA SER QA 217 56.70 42.06 49.08
C SER QA 217 56.01 42.91 48.02
N ASP QA 218 55.56 44.10 48.42
CA ASP QA 218 54.85 45.03 47.54
C ASP QA 218 55.73 45.46 46.39
N ILE QA 219 56.96 45.87 46.72
CA ILE QA 219 57.97 46.28 45.75
C ILE QA 219 58.25 45.18 44.73
N PHE QA 220 58.43 43.96 45.24
CA PHE QA 220 58.68 42.78 44.42
C PHE QA 220 57.56 42.58 43.40
N SER QA 221 56.32 42.59 43.88
CA SER QA 221 55.14 42.43 43.02
C SER QA 221 54.98 43.57 42.02
N LYS QA 222 55.10 44.79 42.54
CA LYS QA 222 55.02 46.01 41.73
C LYS QA 222 56.05 46.06 40.62
N TYR QA 223 57.30 45.78 40.98
CA TYR QA 223 58.40 45.77 40.02
C TYR QA 223 58.15 44.81 38.87
N ILE QA 224 57.73 43.60 39.21
CA ILE QA 224 57.45 42.57 38.20
C ILE QA 224 56.30 43.02 37.30
N SER QA 225 55.26 43.59 37.90
CA SER QA 225 54.12 44.13 37.14
C SER QA 225 54.54 45.19 36.12
N LEU QA 226 55.39 46.11 36.56
CA LEU QA 226 55.75 47.28 35.74
C LEU QA 226 56.92 47.01 34.79
N ASN QA 227 58.03 46.54 35.34
CA ASN QA 227 59.31 46.51 34.61
C ASN QA 227 59.53 45.30 33.72
N ASP QA 228 59.22 44.11 34.23
CA ASP QA 228 59.55 42.85 33.55
C ASP QA 228 58.41 42.28 32.68
N MET QA 229 57.60 43.17 32.08
CA MET QA 229 56.51 42.79 31.17
C MET QA 229 56.92 41.73 30.15
N ASP QA 230 57.91 42.07 29.33
CA ASP QA 230 58.39 41.22 28.22
C ASP QA 230 58.74 39.78 28.61
N LYS QA 231 59.23 39.58 29.83
CA LYS QA 231 59.60 38.25 30.33
C LYS QA 231 58.43 37.28 30.54
N TYR QA 232 57.20 37.78 30.72
CA TYR QA 232 56.02 36.92 30.95
C TYR QA 232 54.76 37.21 30.09
N ASN QA 233 54.80 38.20 29.20
CA ASN QA 233 53.61 38.61 28.45
C ASN QA 233 53.04 37.52 27.54
N ASN QA 234 53.91 36.80 26.84
CA ASN QA 234 53.51 35.58 26.10
C ASN QA 234 53.60 34.36 26.97
N GLY QA 235 54.72 34.25 27.65
CA GLY QA 235 54.94 33.18 28.61
C GLY QA 235 56.18 33.47 29.41
N ILE QA 236 56.28 32.87 30.59
CA ILE QA 236 57.40 33.12 31.49
C ILE QA 236 58.66 32.55 30.84
N LEU QA 237 59.59 33.44 30.47
CA LEU QA 237 60.84 33.02 29.85
C LEU QA 237 61.65 32.18 30.84
N THR QA 238 62.41 31.23 30.30
CA THR QA 238 63.04 30.18 31.09
C THR QA 238 64.11 30.72 32.04
N ASN QA 239 64.95 31.60 31.50
CA ASN QA 239 66.02 32.26 32.26
C ASN QA 239 65.47 33.07 33.42
N TYR QA 240 64.43 33.86 33.14
CA TYR QA 240 63.75 34.68 34.13
C TYR QA 240 63.17 33.84 35.27
N GLN QA 241 62.54 32.73 34.90
CA GLN QA 241 61.98 31.77 35.85
C GLN QA 241 63.07 31.19 36.76
N ARG QA 242 64.17 30.78 36.14
CA ARG QA 242 65.36 30.28 36.86
C ARG QA 242 65.90 31.29 37.87
N MET QA 243 66.01 32.54 37.43
CA MET QA 243 66.45 33.65 38.28
C MET QA 243 65.53 33.84 39.48
N LEU QA 244 64.22 33.81 39.22
CA LEU QA 244 63.20 33.88 40.27
C LEU QA 244 63.35 32.75 41.29
N ASN QA 245 63.53 31.54 40.78
CA ASN QA 245 63.73 30.34 41.62
C ASN QA 245 64.95 30.44 42.53
N ASN QA 246 66.06 30.90 41.97
CA ASN QA 246 67.35 30.94 42.67
C ASN QA 246 67.76 32.36 43.07
N ILE QA 247 66.84 33.04 43.76
CA ILE QA 247 67.14 34.31 44.42
C ILE QA 247 67.97 34.01 45.67
N MET QA 248 67.40 33.16 46.53
CA MET QA 248 67.95 32.84 47.84
C MET QA 248 68.69 31.50 47.73
N PRO QA 249 69.58 31.17 48.68
CA PRO QA 249 70.44 30.00 48.55
C PRO QA 249 69.93 28.70 49.21
N LYS QA 250 68.61 28.56 49.35
CA LYS QA 250 67.99 27.41 50.03
C LYS QA 250 68.50 27.23 51.46
N LEU QA 251 68.07 28.13 52.34
CA LEU QA 251 68.48 28.14 53.74
C LEU QA 251 67.73 27.08 54.53
N ASN QA 252 68.46 26.25 55.28
CA ASN QA 252 67.85 25.30 56.21
C ASN QA 252 67.17 26.05 57.37
N ASP QA 253 65.89 26.35 57.17
CA ASP QA 253 65.08 27.16 58.10
C ASP QA 253 64.95 26.53 59.49
N HIS QA 254 64.86 25.20 59.53
CA HIS QA 254 64.81 24.44 60.78
C HIS QA 254 66.05 24.69 61.61
N ASN QA 255 67.21 24.56 60.97
CA ASN QA 255 68.50 24.77 61.62
C ASN QA 255 68.64 26.18 62.21
N ILE QA 256 68.23 27.18 61.44
CA ILE QA 256 68.36 28.59 61.82
C ILE QA 256 67.50 28.93 63.04
N SER QA 257 66.23 28.51 62.97
CA SER QA 257 65.28 28.69 64.08
C SER QA 257 65.79 28.04 65.36
N MET QA 258 66.29 26.82 65.23
CA MET QA 258 66.85 26.06 66.36
C MET QA 258 68.05 26.77 66.98
N ASN QA 259 68.94 27.26 66.12
CA ASN QA 259 70.12 28.05 66.55
C ASN QA 259 69.74 29.31 67.31
N TYR QA 260 68.75 30.03 66.78
CA TYR QA 260 68.18 31.21 67.41
C TYR QA 260 67.63 30.92 68.81
N ILE QA 261 66.89 29.81 68.92
CA ILE QA 261 66.34 29.34 70.18
C ILE QA 261 67.44 29.02 71.20
N ASN QA 262 68.47 28.31 70.74
CA ASN QA 262 69.64 27.99 71.56
C ASN QA 262 70.34 29.24 72.09
N ASN QA 263 70.50 30.22 71.20
CA ASN QA 263 71.08 31.52 71.55
C ASN QA 263 70.28 32.25 72.63
N ILE QA 264 68.96 32.23 72.47
CA ILE QA 264 68.03 32.81 73.44
C ILE QA 264 68.16 32.13 74.81
N ASN QA 265 68.18 30.81 74.80
CA ASN QA 265 68.41 30.00 76.01
C ASN QA 265 69.70 30.36 76.72
N ASN QA 266 70.78 30.47 75.94
CA ASN QA 266 72.09 30.86 76.45
C ASN QA 266 72.08 32.24 77.12
N ILE QA 267 71.42 33.18 76.45
CA ILE QA 267 71.21 34.53 76.98
C ILE QA 267 70.49 34.50 78.33
N ASN QA 268 69.38 33.76 78.37
CA ASN QA 268 68.59 33.57 79.59
C ASN QA 268 69.41 33.01 80.74
N ASN QA 269 70.19 31.97 80.43
CA ASN QA 269 71.12 31.35 81.38
C ASN QA 269 72.13 32.34 81.93
N ASN QA 270 72.69 33.14 81.02
CA ASN QA 270 73.65 34.19 81.37
C ASN QA 270 73.06 35.18 82.36
N LYS QA 271 71.86 35.67 82.07
CA LYS QA 271 71.17 36.61 82.95
C LYS QA 271 70.89 35.99 84.32
N TYR QA 272 70.40 34.76 84.29
CA TYR QA 272 70.15 33.97 85.51
C TYR QA 272 71.42 33.78 86.33
N ASN QA 273 72.50 33.39 85.65
CA ASN QA 273 73.83 33.25 86.28
C ASN QA 273 74.29 34.53 86.97
N ASN QA 274 74.13 35.66 86.26
CA ASN QA 274 74.46 36.97 86.81
C ASN QA 274 73.66 37.29 88.07
N MET QA 275 72.36 37.02 88.01
CA MET QA 275 71.46 37.20 89.15
C MET QA 275 71.89 36.38 90.36
N ILE QA 276 72.23 35.12 90.10
CA ILE QA 276 72.78 34.19 91.11
C ILE QA 276 74.04 34.77 91.77
N ASN QA 277 74.96 35.24 90.92
CA ASN QA 277 76.24 35.84 91.38
C ASN QA 277 76.02 37.04 92.29
N LEU QA 278 75.07 37.89 91.89
CA LEU QA 278 74.67 39.06 92.67
C LEU QA 278 74.14 38.66 94.04
N LEU QA 279 73.26 37.66 94.04
CA LEU QA 279 72.67 37.13 95.27
C LEU QA 279 73.66 36.32 96.13
N ASN QA 280 74.73 35.81 95.50
CA ASN QA 280 75.80 35.05 96.18
C ASN QA 280 75.30 33.73 96.75
N ASN QA 295 61.67 42.82 103.40
CA ASN QA 295 60.96 42.37 102.21
C ASN QA 295 61.08 43.40 101.07
N ASN QA 296 62.14 43.26 100.28
CA ASN QA 296 62.39 44.13 99.12
C ASN QA 296 63.12 43.36 98.03
N ASN QA 297 62.71 43.57 96.78
CA ASN QA 297 63.18 42.79 95.63
C ASN QA 297 64.13 43.57 94.72
N TYR QA 298 65.14 44.19 95.34
CA TYR QA 298 66.19 44.89 94.61
C TYR QA 298 67.45 44.03 94.59
N ILE QA 299 67.99 43.83 93.38
CA ILE QA 299 69.21 43.04 93.18
C ILE QA 299 70.40 44.02 93.24
N GLY QA 300 71.59 43.61 92.79
CA GLY QA 300 72.76 44.50 92.74
C GLY QA 300 72.67 45.60 91.69
N ASN QA 301 73.83 46.10 91.28
CA ASN QA 301 73.92 47.19 90.31
C ASN QA 301 73.66 46.67 88.89
N ILE QA 302 73.39 47.58 87.96
CA ILE QA 302 73.00 47.19 86.58
C ILE QA 302 74.17 46.54 85.83
N ASN QA 303 75.35 47.12 85.95
CA ASN QA 303 76.58 46.55 85.38
C ASN QA 303 76.81 45.06 85.66
N ASN QA 304 76.50 44.64 86.89
CA ASN QA 304 76.69 43.25 87.31
C ASN QA 304 75.55 42.30 86.89
N ILE QA 305 74.33 42.84 86.73
CA ILE QA 305 73.18 42.04 86.24
C ILE QA 305 73.40 41.71 84.76
N TYR QA 306 73.71 42.74 83.99
CA TYR QA 306 73.95 42.63 82.55
C TYR QA 306 75.47 42.63 82.34
N ASN QA 307 76.11 41.57 82.82
CA ASN QA 307 77.58 41.48 82.83
C ASN QA 307 78.18 41.33 81.44
N ASN QA 308 77.71 40.33 80.71
CA ASN QA 308 78.18 40.04 79.35
C ASN QA 308 77.22 40.58 78.27
N MET QA 309 76.15 41.25 78.68
CA MET QA 309 75.10 41.72 77.77
C MET QA 309 75.44 43.10 77.22
N THR QA 310 75.49 43.23 75.89
CA THR QA 310 75.95 44.45 75.22
C THR QA 310 75.21 44.68 73.90
N ILE QA 311 75.51 45.80 73.23
CA ILE QA 311 74.91 46.12 71.91
C ILE QA 311 75.53 45.25 70.82
N ASP QA 312 76.80 44.87 71.01
CA ASP QA 312 77.54 44.06 70.05
C ASP QA 312 77.05 42.60 70.00
N ASN QA 313 76.65 42.07 71.16
CA ASN QA 313 76.29 40.65 71.29
C ASN QA 313 74.83 40.36 70.99
N ILE QA 314 73.94 40.98 71.75
CA ILE QA 314 72.53 40.56 71.86
C ILE QA 314 71.61 40.97 70.69
N PRO QA 315 71.44 42.30 70.43
CA PRO QA 315 70.41 42.81 69.50
C PRO QA 315 70.22 42.06 68.19
N MET QA 316 71.33 41.75 67.51
CA MET QA 316 71.28 41.15 66.17
C MET QA 316 70.85 39.68 66.19
N ASP QA 317 71.24 38.94 67.24
CA ASP QA 317 70.77 37.58 67.46
C ASP QA 317 69.27 37.56 67.77
N ILE QA 318 68.84 38.46 68.65
CA ILE QA 318 67.42 38.59 69.03
C ILE QA 318 66.52 39.01 67.87
N LEU QA 319 67.03 39.86 66.96
CA LEU QA 319 66.29 40.31 65.76
C LEU QA 319 65.58 39.11 65.11
N MET QA 320 64.25 39.15 65.07
CA MET QA 320 63.43 37.98 64.71
C MET QA 320 63.55 37.62 63.23
N TYR QA 321 62.92 38.41 62.37
CA TYR QA 321 62.82 38.09 60.94
C TYR QA 321 64.10 38.62 60.30
N LYS QA 322 64.87 37.75 59.66
CA LYS QA 322 66.06 38.15 58.88
C LYS QA 322 66.26 37.43 57.55
N TYR QA 323 65.62 36.28 57.37
CA TYR QA 323 65.99 35.33 56.31
C TYR QA 323 64.77 34.93 55.51
N LEU QA 324 64.72 35.38 54.25
CA LEU QA 324 63.68 34.96 53.31
C LEU QA 324 63.79 33.44 53.12
N VAL QA 325 63.02 32.71 53.90
CA VAL QA 325 63.05 31.24 53.89
C VAL QA 325 62.39 30.70 52.62
N GLY QA 326 61.14 31.10 52.40
CA GLY QA 326 60.35 30.62 51.27
C GLY QA 326 59.49 31.72 50.67
N TRP QA 327 59.22 31.59 49.37
CA TRP QA 327 58.43 32.58 48.64
C TRP QA 327 57.67 31.97 47.47
N SER QA 328 56.48 32.52 47.24
CA SER QA 328 55.64 32.13 46.12
C SER QA 328 55.25 33.37 45.33
N ILE QA 329 55.35 33.27 44.00
CA ILE QA 329 54.97 34.34 43.09
C ILE QA 329 54.03 33.74 42.05
N LYS QA 330 52.86 34.37 41.91
CA LYS QA 330 51.84 33.94 40.95
C LYS QA 330 51.58 35.03 39.93
N PHE QA 331 51.69 34.67 38.64
CA PHE QA 331 51.25 35.51 37.54
C PHE QA 331 49.88 34.98 37.14
N LYS QA 332 48.94 35.88 36.86
CA LYS QA 332 47.58 35.47 36.50
C LYS QA 332 46.92 36.46 35.55
N GLY QA 333 46.11 35.93 34.62
CA GLY QA 333 45.38 36.73 33.64
C GLY QA 333 45.72 36.34 32.22
N ARG QA 334 45.44 37.25 31.29
CA ARG QA 334 45.71 37.02 29.87
C ARG QA 334 47.19 37.27 29.57
N LEU QA 335 48.01 36.28 29.89
CA LEU QA 335 49.44 36.30 29.62
C LEU QA 335 49.76 35.19 28.62
N SER QA 336 49.11 35.28 27.46
CA SER QA 336 49.27 34.33 26.37
C SER QA 336 48.68 34.95 25.10
N ASN QA 337 49.53 35.24 24.12
CA ASN QA 337 49.10 35.93 22.89
C ASN QA 337 48.22 35.09 21.98
N ASN QA 338 48.57 33.81 21.84
CA ASN QA 338 47.80 32.87 21.03
C ASN QA 338 46.48 32.48 21.69
N ASN QA 339 46.54 32.13 22.98
CA ASN QA 339 45.37 31.65 23.71
C ASN QA 339 44.40 32.77 24.10
N GLY QA 340 43.11 32.48 24.01
CA GLY QA 340 42.06 33.39 24.49
C GLY QA 340 41.83 33.28 25.99
N ARG QA 341 42.04 32.08 26.53
CA ARG QA 341 41.85 31.81 27.96
C ARG QA 341 42.96 32.42 28.84
N THR QA 342 42.74 32.38 30.15
CA THR QA 342 43.69 32.88 31.14
C THR QA 342 44.78 31.86 31.44
N SER QA 343 45.77 32.27 32.23
CA SER QA 343 46.88 31.39 32.62
C SER QA 343 47.41 31.71 34.02
N THR QA 344 47.02 30.89 34.99
CA THR QA 344 47.58 30.94 36.34
C THR QA 344 48.93 30.24 36.31
N THR QA 345 50.02 30.96 36.59
CA THR QA 345 51.36 30.37 36.63
C THR QA 345 52.02 30.73 37.95
N ASN QA 346 52.39 29.69 38.72
CA ASN QA 346 52.89 29.84 40.08
C ASN QA 346 54.32 29.34 40.22
N LEU QA 347 55.18 30.17 40.81
CA LEU QA 347 56.53 29.79 41.18
C LEU QA 347 56.57 29.65 42.70
N LEU QA 348 57.04 28.51 43.19
CA LEU QA 348 57.11 28.20 44.63
C LEU QA 348 58.53 27.86 45.03
N ASN QA 349 58.97 28.39 46.18
CA ASN QA 349 60.29 28.08 46.75
C ASN QA 349 60.24 28.04 48.27
N GLY QA 350 61.16 27.29 48.86
CA GLY QA 350 61.31 27.20 50.32
C GLY QA 350 60.07 26.74 51.04
N THR QA 351 59.83 27.31 52.22
CA THR QA 351 58.66 26.98 53.05
C THR QA 351 58.02 28.21 53.67
N PHE QA 352 56.72 28.07 53.96
CA PHE QA 352 55.90 29.15 54.53
C PHE QA 352 55.48 28.91 55.99
N ASN QA 353 55.86 27.76 56.57
CA ASN QA 353 55.73 27.54 58.00
C ASN QA 353 56.98 28.07 58.71
N ASN QA 354 56.80 28.55 59.94
CA ASN QA 354 57.92 29.01 60.76
C ASN QA 354 58.14 28.05 61.92
N LYS QA 355 59.38 27.59 62.07
CA LYS QA 355 59.74 26.58 63.08
C LYS QA 355 60.28 27.20 64.38
N LYS QA 356 60.41 28.53 64.44
CA LYS QA 356 60.69 29.24 65.69
C LYS QA 356 59.50 29.19 66.65
N TYR QA 357 58.28 29.23 66.10
CA TYR QA 357 57.06 29.16 66.90
C TYR QA 357 56.69 27.72 67.30
N LEU QA 358 57.22 26.74 66.57
CA LEU QA 358 56.80 25.33 66.72
C LEU QA 358 57.32 24.71 68.02
N TRP QA 359 58.57 24.97 68.37
CA TRP QA 359 59.18 24.44 69.61
C TRP QA 359 59.90 25.52 70.43
N SER QA 360 59.12 26.48 70.93
CA SER QA 360 59.64 27.51 71.84
C SER QA 360 58.56 28.36 72.50
N ASN QA 361 58.99 29.21 73.42
CA ASN QA 361 58.11 30.14 74.13
C ASN QA 361 57.49 31.21 73.23
N ILE QA 362 58.20 31.61 72.17
CA ILE QA 362 57.68 32.61 71.23
C ILE QA 362 56.50 32.00 70.49
N ASN QA 363 55.39 32.76 70.45
CA ASN QA 363 54.21 32.35 69.71
C ASN QA 363 54.02 33.22 68.46
N ASN QA 364 53.37 32.62 67.46
CA ASN QA 364 52.98 33.30 66.24
C ASN QA 364 51.86 34.31 66.56
N ASN QA 365 51.82 35.41 65.83
CA ASN QA 365 50.72 36.38 65.94
C ASN QA 365 50.17 36.75 64.56
N TYR QA 366 48.93 37.21 64.53
CA TYR QA 366 48.21 37.42 63.27
C TYR QA 366 47.91 38.89 63.01
N LYS QA 367 48.37 39.37 61.85
CA LYS QA 367 48.24 40.77 61.45
C LYS QA 367 46.85 40.96 60.84
N LEU QA 368 46.11 41.92 61.38
CA LEU QA 368 44.67 42.07 61.12
C LEU QA 368 43.87 40.78 61.44
N ASN QA 369 44.37 39.99 62.40
CA ASN QA 369 43.81 38.68 62.76
C ASN QA 369 43.60 37.67 61.61
N TYR QA 370 44.44 37.73 60.58
CA TYR QA 370 44.37 36.74 59.47
C TYR QA 370 45.64 36.47 58.65
N ILE QA 371 46.74 37.16 58.94
CA ILE QA 371 48.00 36.97 58.22
C ILE QA 371 49.08 36.66 59.27
N PRO QA 372 49.64 35.42 59.26
CA PRO QA 372 50.76 35.10 60.14
C PRO QA 372 51.87 36.15 60.05
N SER QA 373 52.33 36.64 61.21
CA SER QA 373 53.22 37.82 61.25
C SER QA 373 54.36 37.72 60.26
N ASN QA 374 55.06 36.60 60.29
CA ASN QA 374 56.17 36.32 59.37
C ASN QA 374 55.82 36.48 57.86
N HIS QA 375 54.62 36.05 57.45
CA HIS QA 375 54.17 36.24 56.06
C HIS QA 375 54.06 37.72 55.70
N ASN QA 376 54.22 38.01 54.40
CA ASN QA 376 53.73 39.28 53.85
C ASN QA 376 53.34 39.14 52.38
N LEU QA 377 52.04 39.35 52.13
CA LEU QA 377 51.41 39.06 50.85
C LEU QA 377 51.11 40.38 50.16
N TYR QA 378 51.20 40.39 48.83
CA TYR QA 378 50.82 41.58 48.05
C TYR QA 378 50.60 41.25 46.59
N ASN QA 379 49.84 42.11 45.92
CA ASN QA 379 49.64 42.04 44.47
C ASN QA 379 49.58 43.41 43.82
N ASN QA 380 49.85 43.43 42.52
CA ASN QA 380 49.84 44.65 41.72
C ASN QA 380 49.42 44.31 40.30
N SER QA 381 48.42 45.02 39.78
CA SER QA 381 47.73 44.63 38.54
C SER QA 381 47.91 45.65 37.41
N ASN QA 382 48.94 45.44 36.59
CA ASN QA 382 49.18 46.27 35.40
C ASN QA 382 48.28 45.80 34.26
N ILE QA 383 47.84 46.74 33.43
CA ILE QA 383 47.06 46.44 32.23
C ILE QA 383 47.98 46.14 31.05
N ASN QA 384 47.60 45.15 30.24
CA ASN QA 384 48.34 44.70 29.06
C ASN QA 384 47.60 45.14 27.78
N LYS QA 385 48.15 44.76 26.62
CA LYS QA 385 47.41 44.89 25.35
C LYS QA 385 46.16 44.02 25.35
N ASN QA 386 46.31 42.78 25.82
CA ASN QA 386 45.21 41.82 25.90
C ASN QA 386 44.15 42.15 26.94
N GLY QA 387 44.54 42.84 28.01
CA GLY QA 387 43.62 43.21 29.09
C GLY QA 387 44.32 43.23 30.44
N LYS QA 388 43.56 42.99 31.51
CA LYS QA 388 44.09 43.09 32.86
C LYS QA 388 44.77 41.79 33.30
N TYR QA 389 45.83 41.94 34.10
CA TYR QA 389 46.53 40.83 34.73
C TYR QA 389 47.08 41.32 36.07
N ASN QA 390 47.50 40.40 36.94
CA ASN QA 390 48.16 40.77 38.20
C ASN QA 390 49.27 39.80 38.59
N ILE QA 391 50.01 40.17 39.63
CA ILE QA 391 51.18 39.42 40.08
C ILE QA 391 51.20 39.34 41.61
N LYS QA 392 50.67 38.24 42.15
CA LYS QA 392 50.76 37.98 43.59
C LYS QA 392 52.20 37.64 43.95
N VAL QA 393 52.66 38.17 45.07
CA VAL QA 393 53.93 37.79 45.68
C VAL QA 393 53.63 37.47 47.15
N LYS QA 394 54.35 36.49 47.69
CA LYS QA 394 54.18 36.06 49.07
C LYS QA 394 55.52 35.53 49.58
N LEU QA 395 56.11 36.23 50.55
CA LEU QA 395 57.40 35.86 51.14
C LEU QA 395 57.16 35.39 52.57
N ASN QA 396 58.10 34.64 53.13
CA ASN QA 396 57.92 34.03 54.46
C ASN QA 396 58.71 34.67 55.60
N PHE QA 397 60.00 34.92 55.40
CA PHE QA 397 60.87 35.53 56.41
C PHE QA 397 60.85 34.83 57.77
N ILE QA 398 61.49 33.65 57.81
CA ILE QA 398 61.66 32.82 59.01
C ILE QA 398 60.78 33.20 60.22
N PRO RA 2 87.76 27.97 -12.46
CA PRO RA 2 87.54 27.58 -11.07
C PRO RA 2 86.55 28.50 -10.35
N ARG RA 3 86.29 28.17 -9.08
CA ARG RA 3 85.35 28.94 -8.26
C ARG RA 3 85.93 30.34 -7.99
N LYS RA 4 85.11 31.36 -8.19
CA LYS RA 4 85.59 32.75 -8.15
C LYS RA 4 85.93 33.20 -6.72
N ALA RA 5 86.97 34.02 -6.61
CA ALA RA 5 87.43 34.54 -5.32
C ALA RA 5 86.50 35.68 -4.90
N ASN RA 6 85.83 35.52 -3.76
CA ASN RA 6 84.87 36.50 -3.27
C ASN RA 6 84.65 36.37 -1.77
N LEU RA 7 85.08 37.38 -1.02
CA LEU RA 7 85.00 37.41 0.44
C LEU RA 7 85.78 36.26 1.09
N LEU RA 8 86.97 36.01 0.56
CA LEU RA 8 87.84 34.94 1.07
C LEU RA 8 88.43 35.28 2.45
N LYS RA 9 88.62 36.58 2.71
CA LYS RA 9 89.28 37.04 3.94
C LYS RA 9 88.43 38.02 4.74
N SER RA 10 87.13 37.71 4.84
CA SER RA 10 86.22 38.44 5.73
C SER RA 10 86.49 38.03 7.17
N LEU RA 11 86.05 38.85 8.11
CA LEU RA 11 86.23 38.59 9.55
C LEU RA 11 85.01 37.95 10.19
N ALA RA 12 83.81 38.29 9.70
CA ALA RA 12 82.56 37.70 10.20
C ALA RA 12 82.43 36.21 9.88
N ARG RA 13 83.16 35.76 8.86
CA ARG RA 13 83.43 34.33 8.65
C ARG RA 13 84.93 34.16 8.87
N GLY RA 14 85.30 33.56 9.99
CA GLY RA 14 86.72 33.38 10.33
C GLY RA 14 87.34 32.24 9.55
N ARG RA 15 87.32 32.35 8.23
CA ARG RA 15 87.80 31.30 7.34
C ARG RA 15 89.29 31.51 7.15
N VAL RA 16 90.06 30.45 7.40
CA VAL RA 16 91.51 30.51 7.33
C VAL RA 16 91.89 29.98 5.94
N ARG RA 17 92.21 30.90 5.03
CA ARG RA 17 92.64 30.56 3.67
C ARG RA 17 94.14 30.30 3.60
N THR RA 18 94.55 29.67 2.49
CA THR RA 18 95.96 29.51 2.14
C THR RA 18 96.49 30.83 1.55
N SER RA 19 97.03 31.67 2.41
CA SER RA 19 97.58 32.96 2.00
C SER RA 19 98.44 33.55 3.12
N PHE RA 20 99.18 34.61 2.81
CA PHE RA 20 99.92 35.38 3.82
C PHE RA 20 99.26 36.73 4.09
N ASN RA 21 97.96 36.84 3.83
CA ASN RA 21 97.28 38.12 3.97
C ASN RA 21 97.10 38.49 5.44
N LYS RA 22 97.13 39.80 5.69
CA LYS RA 22 96.98 40.38 7.01
C LYS RA 22 95.63 40.02 7.65
N TYR RA 23 94.58 40.08 6.83
CA TYR RA 23 93.21 39.73 7.26
C TYR RA 23 93.09 38.24 7.52
N ASN RA 24 93.74 37.45 6.67
CA ASN RA 24 93.83 36.01 6.85
C ASN RA 24 94.56 35.63 8.15
N LEU RA 25 95.67 36.31 8.40
CA LEU RA 25 96.44 36.15 9.64
C LEU RA 25 95.59 36.43 10.88
N PHE RA 26 94.84 37.53 10.82
CA PHE RA 26 93.96 37.90 11.92
C PHE RA 26 92.88 36.85 12.16
N ASN RA 27 92.27 36.38 11.07
CA ASN RA 27 91.29 35.29 11.12
C ASN RA 27 91.84 34.04 11.79
N LEU RA 28 93.05 33.66 11.39
CA LEU RA 28 93.76 32.53 11.99
C LEU RA 28 93.94 32.74 13.49
N TYR RA 29 94.39 33.93 13.85
CA TYR RA 29 94.65 34.32 15.24
C TYR RA 29 93.42 34.19 16.13
N LYS RA 30 92.31 34.80 15.71
CA LYS RA 30 91.14 34.98 16.57
C LYS RA 30 90.11 33.84 16.48
N LYS RA 31 90.39 32.80 15.68
CA LYS RA 31 89.47 31.67 15.54
C LYS RA 31 89.47 30.76 16.76
N GLY RA 32 90.66 30.48 17.30
CA GLY RA 32 90.82 29.49 18.35
C GLY RA 32 90.75 28.11 17.73
N GLY RA 33 89.78 27.30 18.18
CA GLY RA 33 89.47 26.03 17.52
C GLY RA 33 88.29 26.20 16.58
N VAL RA 34 87.76 25.08 16.09
CA VAL RA 34 86.44 25.06 15.47
C VAL RA 34 85.54 24.37 16.51
N ASP RA 35 84.46 25.03 16.89
CA ASP RA 35 83.57 24.51 17.93
C ASP RA 35 82.63 23.48 17.30
N LEU RA 36 82.70 22.25 17.80
CA LEU RA 36 81.84 21.14 17.36
C LEU RA 36 80.88 20.70 18.47
N LYS RA 37 80.84 21.46 19.57
CA LYS RA 37 79.98 21.16 20.71
C LYS RA 37 78.58 21.71 20.45
N SER RA 38 77.59 21.07 21.06
CA SER RA 38 76.17 21.47 20.94
C SER RA 38 75.61 21.39 19.51
N LYS RA 39 76.20 20.51 18.69
CA LYS RA 39 75.80 20.31 17.30
C LYS RA 39 75.38 18.87 17.09
N SER RA 40 74.52 18.66 16.09
CA SER RA 40 74.22 17.31 15.61
C SER RA 40 75.43 16.79 14.84
N LEU RA 41 75.39 15.52 14.46
CA LEU RA 41 76.49 14.94 13.70
C LEU RA 41 76.63 15.66 12.36
N TYR RA 42 75.49 15.81 11.67
CA TYR RA 42 75.45 16.50 10.38
C TYR RA 42 76.00 17.92 10.46
N GLN RA 43 75.54 18.66 11.48
CA GLN RA 43 75.99 20.03 11.71
C GLN RA 43 77.50 20.11 11.91
N GLN RA 44 78.04 19.20 12.71
CA GLN RA 44 79.49 19.06 12.91
C GLN RA 44 80.23 18.82 11.59
N LYS RA 45 79.70 17.90 10.79
CA LYS RA 45 80.27 17.58 9.47
C LYS RA 45 80.28 18.78 8.55
N TRP RA 46 79.19 19.55 8.59
CA TRP RA 46 79.05 20.77 7.81
C TRP RA 46 80.09 21.81 8.19
N THR RA 47 80.25 22.01 9.51
CA THR RA 47 81.21 22.98 10.03
C THR RA 47 82.66 22.59 9.71
N ALA RA 48 82.93 21.30 9.72
CA ALA RA 48 84.22 20.76 9.30
C ALA RA 48 84.49 21.07 7.84
N LYS RA 49 83.51 20.76 7.00
CA LYS RA 49 83.54 21.05 5.57
C LYS RA 49 83.84 22.52 5.30
N GLN RA 50 83.08 23.39 5.98
CA GLN RA 50 83.26 24.83 5.89
C GLN RA 50 84.69 25.27 6.16
N GLU RA 51 85.23 24.83 7.29
CA GLU RA 51 86.55 25.27 7.73
C GLU RA 51 87.65 24.63 6.90
N THR RA 52 87.59 23.31 6.80
CA THR RA 52 88.66 22.55 6.17
C THR RA 52 88.78 22.87 4.67
N ARG RA 53 87.64 22.96 3.97
CA ARG RA 53 87.70 23.27 2.53
C ARG RA 53 88.05 24.73 2.23
N ALA RA 54 87.82 25.64 3.17
CA ALA RA 54 88.22 27.03 3.00
C ALA RA 54 89.74 27.14 2.88
N TYR RA 55 90.46 26.38 3.69
CA TYR RA 55 91.92 26.31 3.58
C TYR RA 55 92.34 25.46 2.39
N HIS RA 56 91.85 24.22 2.32
CA HIS RA 56 92.27 23.26 1.31
C HIS RA 56 91.41 23.33 0.05
N GLY RA 57 91.82 24.19 -0.89
CA GLY RA 57 91.21 24.25 -2.21
C GLY RA 57 89.90 25.00 -2.26
N GLU RA 58 89.94 26.28 -1.91
CA GLU RA 58 88.76 27.16 -2.04
C GLU RA 58 88.45 27.48 -3.50
N HIS RA 59 89.48 27.48 -4.36
CA HIS RA 59 89.30 27.69 -5.80
C HIS RA 59 88.60 26.52 -6.50
N LEU RA 60 88.77 25.32 -5.96
CA LEU RA 60 88.13 24.12 -6.53
C LEU RA 60 86.61 24.15 -6.37
N THR RA 61 85.90 23.76 -7.42
CA THR RA 61 84.45 23.55 -7.32
C THR RA 61 84.19 22.28 -6.52
N GLU RA 62 83.02 22.26 -5.86
CA GLU RA 62 82.65 21.17 -4.96
C GLU RA 62 82.60 19.81 -5.67
N LYS RA 63 81.93 19.77 -6.81
CA LYS RA 63 81.81 18.56 -7.62
C LYS RA 63 83.16 18.06 -8.11
N ARG RA 64 83.98 19.00 -8.57
CA ARG RA 64 85.34 18.72 -9.00
C ARG RA 64 86.14 18.12 -7.87
N TRP RA 65 86.12 18.80 -6.72
CA TRP RA 65 86.79 18.32 -5.51
C TRP RA 65 86.38 16.89 -5.16
N GLN RA 66 85.07 16.66 -5.13
CA GLN RA 66 84.49 15.34 -4.84
C GLN RA 66 85.06 14.26 -5.76
N THR RA 67 85.14 14.59 -7.04
CA THR RA 67 85.71 13.72 -8.07
C THR RA 67 87.18 13.39 -7.76
N VAL RA 68 87.96 14.41 -7.41
CA VAL RA 68 89.40 14.20 -7.11
C VAL RA 68 89.60 13.51 -5.76
N PHE RA 69 88.72 13.80 -4.79
CA PHE RA 69 88.85 13.28 -3.41
C PHE RA 69 89.03 11.76 -3.38
N LYS RA 70 90.14 11.33 -2.76
CA LYS RA 70 90.45 9.91 -2.59
C LYS RA 70 90.07 9.45 -1.18
N PRO RA 71 89.34 8.32 -1.05
CA PRO RA 71 89.14 7.71 0.27
C PRO RA 71 90.40 7.07 0.85
N LYS RA 72 91.13 6.30 0.03
CA LYS RA 72 92.30 5.55 0.51
C LYS RA 72 93.45 6.47 0.92
N LEU RA 73 93.55 6.72 2.22
CA LEU RA 73 94.62 7.53 2.78
C LEU RA 73 95.91 6.71 2.89
N ASP RA 74 97.01 7.41 3.15
CA ASP RA 74 98.35 6.81 3.15
C ASP RA 74 99.09 7.03 4.46
N SER RA 75 100.06 6.17 4.73
CA SER RA 75 100.77 6.16 6.00
C SER RA 75 102.06 5.33 5.90
N VAL RA 76 102.90 5.43 6.94
CA VAL RA 76 104.20 4.77 6.98
C VAL RA 76 104.46 4.10 8.34
N ALA RA 77 104.85 2.82 8.31
CA ALA RA 77 105.18 2.07 9.52
C ALA RA 77 106.68 2.18 9.80
N GLN RA 78 107.03 2.69 10.98
CA GLN RA 78 108.43 2.89 11.37
C GLN RA 78 109.15 1.59 11.75
N LEU RA 79 108.41 0.58 12.20
CA LEU RA 79 108.93 -0.74 12.60
C LEU RA 79 110.17 -0.71 13.54
N ASP RA 80 110.14 0.22 14.50
CA ASP RA 80 111.19 0.37 15.51
C ASP RA 80 110.59 0.19 16.91
N ILE RA 88 104.40 4.56 22.36
CA ILE RA 88 104.62 5.51 21.28
C ILE RA 88 103.38 6.31 20.94
N LYS RA 89 103.56 7.37 20.15
CA LYS RA 89 102.47 8.26 19.73
C LYS RA 89 101.61 7.60 18.65
N GLU RA 90 100.38 8.12 18.52
CA GLU RA 90 99.39 7.59 17.59
C GLU RA 90 99.39 8.42 16.31
N THR RA 91 99.53 7.77 15.16
CA THR RA 91 99.54 8.46 13.86
C THR RA 91 98.20 9.12 13.56
N PRO RA 92 98.20 10.37 13.03
CA PRO RA 92 96.96 11.02 12.68
C PRO RA 92 96.60 10.73 11.23
N PHE RA 93 95.99 9.57 11.01
CA PHE RA 93 95.64 9.11 9.66
C PHE RA 93 94.81 10.14 8.88
N LEU RA 94 93.74 10.62 9.51
CA LEU RA 94 92.72 11.40 8.80
C LEU RA 94 93.09 12.88 8.53
N LEU RA 95 94.26 13.33 9.00
CA LEU RA 95 94.84 14.58 8.49
C LEU RA 95 95.20 14.50 6.98
N GLN RA 96 95.30 13.29 6.45
CA GLN RA 96 95.59 13.03 5.03
C GLN RA 96 94.45 13.29 4.03
N THR RA 97 93.27 13.72 4.48
CA THR RA 97 92.13 13.97 3.57
C THR RA 97 92.43 14.89 2.40
N PHE RA 98 93.28 15.89 2.64
CA PHE RA 98 93.70 16.85 1.61
C PHE RA 98 95.18 16.68 1.23
N ALA RA 99 95.66 15.44 1.29
CA ALA RA 99 97.00 15.07 0.82
C ALA RA 99 97.06 15.12 -0.71
N VAL RA 100 95.95 14.78 -1.34
CA VAL RA 100 95.85 14.68 -2.80
C VAL RA 100 96.04 16.04 -3.49
N LEU RA 101 95.68 17.12 -2.81
CA LEU RA 101 95.85 18.48 -3.34
C LEU RA 101 97.31 18.95 -3.32
N GLU RA 102 98.14 18.45 -2.41
CA GLU RA 102 99.59 18.80 -2.41
C GLU RA 102 100.34 18.29 -3.64
N LYS RA 103 99.85 17.19 -4.20
CA LYS RA 103 100.32 16.64 -5.48
C LYS RA 103 100.16 17.64 -6.64
N ARG RA 104 99.12 18.47 -6.58
CA ARG RA 104 98.90 19.57 -7.54
C ARG RA 104 100.13 20.47 -7.62
N LEU RA 105 100.32 21.09 -8.78
CA LEU RA 105 101.46 21.98 -9.01
C LEU RA 105 101.33 23.26 -8.19
N ASP RA 106 100.13 23.83 -8.24
CA ASP RA 106 99.80 25.08 -7.59
C ASP RA 106 100.04 25.06 -6.08
N PHE RA 107 99.52 24.01 -5.45
CA PHE RA 107 99.69 23.78 -4.01
C PHE RA 107 101.15 23.59 -3.63
N ALA RA 108 101.86 22.78 -4.40
CA ALA RA 108 103.30 22.55 -4.22
C ALA RA 108 104.10 23.84 -4.26
N LEU RA 109 103.76 24.69 -5.23
CA LEU RA 109 104.38 26.02 -5.40
C LEU RA 109 104.14 26.90 -4.18
N PHE RA 110 102.92 26.87 -3.68
CA PHE RA 110 102.53 27.60 -2.46
C PHE RA 110 103.31 27.13 -1.24
N ARG RA 111 103.42 25.81 -1.09
CA ARG RA 111 104.20 25.18 0.00
C ARG RA 111 105.66 25.58 -0.03
N ALA RA 112 106.23 25.60 -1.24
CA ALA RA 112 107.60 26.04 -1.46
C ALA RA 112 107.86 27.50 -1.04
N MET RA 113 106.79 28.30 -1.02
CA MET RA 113 106.82 29.75 -0.72
C MET RA 113 107.37 30.50 -1.92
N PHE RA 114 107.02 30.02 -3.11
CA PHE RA 114 107.23 30.75 -4.34
C PHE RA 114 105.98 31.54 -4.71
N ALA RA 115 104.96 31.49 -3.85
CA ALA RA 115 103.82 32.41 -3.93
C ALA RA 115 103.29 32.75 -2.54
N SER RA 116 102.75 33.97 -2.43
CA SER RA 116 102.07 34.46 -1.23
C SER RA 116 100.84 33.63 -0.88
N SER RA 117 100.13 33.17 -1.91
CA SER RA 117 98.89 32.42 -1.77
C SER RA 117 98.85 31.28 -2.77
N VAL RA 118 97.79 30.48 -2.70
CA VAL RA 118 97.52 29.43 -3.69
C VAL RA 118 96.99 30.05 -4.98
N ARG RA 119 96.07 31.02 -4.84
CA ARG RA 119 95.53 31.79 -5.98
C ARG RA 119 96.64 32.45 -6.80
N GLN RA 120 97.55 33.11 -6.11
CA GLN RA 120 98.70 33.78 -6.74
C GLN RA 120 99.58 32.80 -7.49
N ALA RA 121 99.90 31.69 -6.83
CA ALA RA 121 100.68 30.60 -7.43
C ALA RA 121 100.04 30.13 -8.73
N ARG RA 122 98.73 29.93 -8.67
CA ARG RA 122 97.91 29.52 -9.81
C ARG RA 122 98.04 30.51 -10.97
N GLN RA 123 97.90 31.79 -10.64
CA GLN RA 123 98.07 32.89 -11.60
C GLN RA 123 99.45 32.90 -12.25
N PHE RA 124 100.48 32.73 -11.41
CA PHE RA 124 101.88 32.66 -11.87
C PHE RA 124 102.05 31.59 -12.93
N ILE RA 125 101.55 30.40 -12.64
CA ILE RA 125 101.77 29.26 -13.52
C ILE RA 125 100.94 29.37 -14.79
N LEU RA 126 99.74 29.96 -14.70
CA LEU RA 126 98.96 30.33 -15.90
C LEU RA 126 99.73 31.27 -16.82
N HIS RA 127 100.40 32.25 -16.21
CA HIS RA 127 101.21 33.24 -16.94
C HIS RA 127 102.51 32.65 -17.49
N GLY RA 128 102.83 31.41 -17.12
CA GLY RA 128 103.87 30.62 -17.77
C GLY RA 128 105.25 30.86 -17.20
N ASN RA 129 105.30 31.02 -15.88
CA ASN RA 129 106.54 31.33 -15.16
C ASN RA 129 107.14 30.10 -14.51
N VAL RA 130 106.29 29.23 -13.97
CA VAL RA 130 106.75 27.96 -13.40
C VAL RA 130 107.25 27.05 -14.51
N ARG RA 131 108.25 26.24 -14.19
CA ARG RA 131 108.70 25.13 -15.00
C ARG RA 131 108.70 23.91 -14.11
N VAL RA 132 108.61 22.73 -14.73
CA VAL RA 132 108.76 21.45 -14.01
C VAL RA 132 109.51 20.49 -14.93
N ASN RA 133 110.75 20.20 -14.54
CA ASN RA 133 111.70 19.45 -15.36
C ASN RA 133 111.97 20.16 -16.69
N GLY RA 134 112.29 21.45 -16.61
CA GLY RA 134 112.53 22.30 -17.77
C GLY RA 134 111.25 22.81 -18.41
N VAL RA 135 110.49 21.88 -18.97
CA VAL RA 135 109.24 22.18 -19.63
C VAL RA 135 108.40 23.14 -18.81
N LYS RA 136 107.96 24.22 -19.46
CA LYS RA 136 107.13 25.20 -18.80
C LYS RA 136 105.69 24.69 -18.81
N ILE RA 137 104.94 25.04 -17.78
CA ILE RA 137 103.54 24.61 -17.67
C ILE RA 137 102.62 25.80 -17.47
N LYS RA 138 101.41 25.72 -18.04
CA LYS RA 138 100.36 26.71 -17.83
C LYS RA 138 99.06 26.04 -17.40
N HIS RA 139 99.16 25.23 -16.34
CA HIS RA 139 98.10 24.31 -15.93
C HIS RA 139 98.24 23.91 -14.46
N PRO RA 140 97.54 24.64 -13.56
CA PRO RA 140 97.46 24.33 -12.12
C PRO RA 140 97.04 22.92 -11.73
N SER RA 141 96.21 22.27 -12.54
CA SER RA 141 95.81 20.89 -12.30
C SER RA 141 96.90 19.85 -12.64
N TYR RA 142 98.03 20.29 -13.17
CA TYR RA 142 99.24 19.46 -13.33
C TYR RA 142 99.62 18.86 -11.97
N THR RA 143 99.97 17.58 -11.98
CA THR RA 143 100.31 16.85 -10.76
C THR RA 143 101.78 16.41 -10.77
N LEU RA 144 102.52 16.79 -9.74
CA LEU RA 144 103.93 16.38 -9.60
C LEU RA 144 104.03 14.89 -9.28
N LYS RA 145 105.04 14.25 -9.86
CA LYS RA 145 105.47 12.91 -9.44
C LYS RA 145 106.66 13.09 -8.49
N PRO RA 146 106.97 12.05 -7.68
CA PRO RA 146 108.15 12.16 -6.81
C PRO RA 146 109.45 12.21 -7.62
N GLY RA 147 110.30 13.19 -7.31
CA GLY RA 147 111.52 13.45 -8.07
C GLY RA 147 111.45 14.65 -9.01
N ASP RA 148 110.23 15.11 -9.32
CA ASP RA 148 110.05 16.27 -10.19
C ASP RA 148 110.52 17.57 -9.53
N MET RA 149 111.43 18.27 -10.22
CA MET RA 149 111.73 19.66 -9.89
C MET RA 149 110.56 20.52 -10.32
N PHE RA 150 110.42 21.67 -9.66
CA PHE RA 150 109.63 22.77 -10.21
C PHE RA 150 110.31 24.10 -9.85
N SER RA 151 110.20 25.07 -10.76
CA SER RA 151 111.01 26.28 -10.70
C SER RA 151 110.24 27.51 -11.15
N VAL RA 152 109.98 28.42 -10.21
CA VAL RA 152 109.32 29.69 -10.49
C VAL RA 152 110.36 30.71 -10.92
N LYS RA 153 109.96 31.66 -11.76
CA LYS RA 153 110.81 32.78 -12.13
C LYS RA 153 111.14 33.61 -10.88
N PRO RA 154 112.44 33.85 -10.62
CA PRO RA 154 112.89 34.43 -9.34
C PRO RA 154 112.27 35.79 -9.02
N ASP RA 155 112.05 36.62 -10.03
CA ASP RA 155 111.38 37.91 -9.88
C ASP RA 155 109.99 37.78 -9.26
N LYS RA 156 109.23 36.81 -9.75
CA LYS RA 156 107.88 36.55 -9.24
C LYS RA 156 107.88 36.02 -7.80
N VAL RA 157 108.88 35.21 -7.48
CA VAL RA 157 109.09 34.71 -6.12
C VAL RA 157 109.38 35.88 -5.17
N LEU RA 158 110.27 36.76 -5.62
CA LEU RA 158 110.63 37.97 -4.87
C LEU RA 158 109.42 38.87 -4.63
N GLU RA 159 108.60 39.05 -5.67
CA GLU RA 159 107.36 39.82 -5.58
C GLU RA 159 106.39 39.23 -4.55
N ALA RA 160 106.26 37.91 -4.58
CA ALA RA 160 105.41 37.17 -3.65
C ALA RA 160 105.85 37.38 -2.20
N LEU RA 161 107.14 37.17 -1.94
CA LEU RA 161 107.70 37.29 -0.59
C LEU RA 161 108.17 38.70 -0.21
N GLY RA 162 108.20 39.61 -1.18
CA GLY RA 162 108.62 41.00 -0.93
C GLY RA 162 107.46 41.90 -0.58
N ALA RA 163 107.78 43.12 -0.19
CA ALA RA 163 106.78 44.14 0.13
C ALA RA 163 106.15 44.69 -1.16
N LYS RA 164 105.01 45.37 -1.00
CA LYS RA 164 104.30 45.98 -2.12
C LYS RA 164 105.08 47.22 -2.56
N LYS RA 165 105.42 47.29 -3.85
CA LYS RA 165 106.18 48.42 -4.38
C LYS RA 165 105.30 49.68 -4.37
N PRO RA 166 105.72 50.73 -3.63
CA PRO RA 166 104.89 51.93 -3.57
C PRO RA 166 104.70 52.69 -4.88
N SER RA 167 103.58 53.40 -4.97
CA SER RA 167 103.36 54.39 -6.03
C SER RA 167 104.34 55.54 -5.83
N PHE RA 168 104.63 56.27 -6.90
CA PHE RA 168 105.64 57.33 -6.83
C PHE RA 168 105.26 58.43 -5.84
N GLN RA 169 104.02 58.90 -5.96
CA GLN RA 169 103.49 59.97 -5.11
C GLN RA 169 103.49 59.59 -3.63
N GLU RA 170 103.08 58.35 -3.36
CA GLU RA 170 103.07 57.78 -2.00
C GLU RA 170 104.47 57.74 -1.42
N ALA RA 171 105.41 57.22 -2.21
CA ALA RA 171 106.83 57.15 -1.85
C ALA RA 171 107.43 58.53 -1.53
N LEU RA 172 107.07 59.50 -2.36
CA LEU RA 172 107.51 60.90 -2.18
C LEU RA 172 106.99 61.49 -0.87
N LYS RA 173 105.71 61.21 -0.59
CA LYS RA 173 105.04 61.64 0.64
C LYS RA 173 105.71 61.03 1.88
N ILE RA 174 106.04 59.74 1.79
CA ILE RA 174 106.75 59.02 2.84
C ILE RA 174 108.12 59.65 3.11
N ASP RA 175 108.85 59.92 2.02
CA ASP RA 175 110.15 60.59 2.08
C ASP RA 175 110.09 61.95 2.77
N LYS RA 176 109.08 62.73 2.42
CA LYS RA 176 108.87 64.06 2.98
C LYS RA 176 108.76 64.01 4.51
N THR RA 177 107.95 63.09 4.99
CA THR RA 177 107.75 62.88 6.44
C THR RA 177 109.05 62.44 7.13
N GLN RA 178 109.76 61.51 6.51
CA GLN RA 178 111.07 61.05 6.99
C GLN RA 178 112.09 62.20 7.12
N ILE RA 179 112.14 63.02 6.08
CA ILE RA 179 112.99 64.22 6.05
C ILE RA 179 112.67 65.17 7.20
N VAL RA 180 111.38 65.42 7.40
CA VAL RA 180 110.89 66.27 8.49
C VAL RA 180 111.32 65.72 9.86
N LEU RA 181 111.18 64.41 10.03
CA LEU RA 181 111.59 63.72 11.25
C LEU RA 181 113.09 63.84 11.51
N TRP RA 182 113.87 63.68 10.44
CA TRP RA 182 115.32 63.85 10.48
C TRP RA 182 115.70 65.27 10.92
N ASN RA 183 115.06 66.26 10.29
CA ASN RA 183 115.24 67.68 10.64
C ASN RA 183 114.92 67.99 12.10
N LYS RA 184 113.84 67.37 12.59
CA LYS RA 184 113.43 67.50 13.99
C LYS RA 184 114.47 66.91 14.92
N TYR RA 185 114.99 65.75 14.56
CA TYR RA 185 116.06 65.07 15.29
C TYR RA 185 117.34 65.89 15.39
N VAL RA 186 117.75 66.48 14.26
CA VAL RA 186 118.97 67.31 14.23
C VAL RA 186 118.80 68.58 15.06
N LYS RA 187 117.59 69.14 15.03
CA LYS RA 187 117.23 70.29 15.87
C LYS RA 187 117.36 69.94 17.35
N GLU RA 188 116.80 68.80 17.73
CA GLU RA 188 116.87 68.26 19.10
C GLU RA 188 118.31 68.03 19.56
N ALA RA 189 119.14 67.52 18.65
CA ALA RA 189 120.57 67.31 18.90
C ALA RA 189 121.30 68.63 19.14
N LYS RA 190 120.99 69.62 18.31
CA LYS RA 190 121.53 70.98 18.43
C LYS RA 190 121.17 71.62 19.77
N THR RA 191 119.93 71.44 20.19
CA THR RA 191 119.43 71.98 21.46
C THR RA 191 120.19 71.40 22.65
N GLU RA 192 120.35 70.07 22.66
CA GLU RA 192 121.08 69.36 23.71
C GLU RA 192 121.86 68.17 23.14
N ASP RA 384 116.83 69.77 4.56
CA ASP RA 384 116.75 69.09 3.26
C ASP RA 384 115.29 68.94 2.79
N PRO RA 385 114.54 70.05 2.74
CA PRO RA 385 113.09 69.98 2.55
C PRO RA 385 112.67 69.70 1.10
N ILE RA 386 111.46 69.17 0.94
CA ILE RA 386 110.86 68.89 -0.38
C ILE RA 386 109.45 69.48 -0.44
N LYS RA 387 109.13 70.10 -1.58
CA LYS RA 387 107.77 70.55 -1.88
C LYS RA 387 107.14 69.55 -2.86
N LEU RA 388 106.14 68.82 -2.37
CA LEU RA 388 105.50 67.73 -3.13
C LEU RA 388 104.59 68.24 -4.27
N SER RA 389 103.94 69.38 -4.05
CA SER RA 389 103.04 69.98 -5.04
C SER RA 389 103.75 70.37 -6.35
N GLU RA 390 104.97 70.90 -6.22
CA GLU RA 390 105.81 71.23 -7.37
C GLU RA 390 106.33 69.95 -8.04
N LEU RA 391 107.00 69.12 -7.26
CA LEU RA 391 107.60 67.88 -7.74
C LEU RA 391 106.51 66.82 -7.96
N GLU RA 392 105.88 66.90 -9.13
CA GLU RA 392 104.69 66.08 -9.44
C GLU RA 392 105.06 64.64 -9.81
N GLY RA 393 105.83 64.49 -10.89
CA GLY RA 393 106.17 63.17 -11.44
C GLY RA 393 107.49 63.12 -12.19
N ASP RA 394 108.52 63.76 -11.61
CA ASP RA 394 109.89 63.68 -12.11
C ASP RA 394 110.71 62.86 -11.13
N GLU RA 395 110.82 61.56 -11.41
CA GLU RA 395 111.52 60.62 -10.53
C GLU RA 395 113.02 60.91 -10.38
N PRO RA 396 113.74 61.16 -11.50
CA PRO RA 396 115.16 61.54 -11.40
C PRO RA 396 115.41 62.82 -10.59
N LYS RA 397 114.55 63.81 -10.78
CA LYS RA 397 114.60 65.06 -10.01
C LYS RA 397 114.44 64.79 -8.51
N ALA RA 398 113.46 63.95 -8.17
CA ALA RA 398 113.21 63.54 -6.78
C ALA RA 398 114.42 62.87 -6.15
N ARG RA 399 115.00 61.94 -6.90
CA ARG RA 399 116.22 61.24 -6.50
C ARG RA 399 117.38 62.19 -6.22
N LYS RA 400 117.57 63.13 -7.14
CA LYS RA 400 118.60 64.18 -7.02
C LYS RA 400 118.40 65.02 -5.75
N LEU RA 401 117.15 65.37 -5.49
CA LEU RA 401 116.76 66.16 -4.31
C LEU RA 401 117.10 65.43 -3.01
N ILE RA 402 116.72 64.15 -2.93
CA ILE RA 402 116.77 63.40 -1.67
C ILE RA 402 118.19 62.95 -1.33
N ASN RA 403 118.56 63.12 -0.07
CA ASN RA 403 119.81 62.58 0.48
C ASN RA 403 119.77 62.45 2.00
N LEU RA 404 119.27 61.31 2.47
CA LEU RA 404 119.29 60.94 3.89
C LEU RA 404 120.44 59.93 4.11
N PRO RA 405 120.77 59.63 5.37
CA PRO RA 405 121.77 58.57 5.63
C PRO RA 405 121.31 57.15 5.27
N TRP RA 406 120.03 56.86 5.45
CA TRP RA 406 119.47 55.50 5.22
C TRP RA 406 118.95 55.26 3.79
N GLN RA 407 118.75 56.34 3.02
CA GLN RA 407 118.57 56.24 1.57
C GLN RA 407 119.30 57.39 0.88
N LYS RA 408 120.26 57.03 0.01
CA LYS RA 408 121.20 58.00 -0.57
C LYS RA 408 120.57 58.91 -1.62
N ASN RA 409 119.76 58.33 -2.50
CA ASN RA 409 119.07 59.08 -3.56
C ASN RA 409 117.65 58.60 -3.78
N TYR RA 410 117.52 57.32 -4.13
CA TYR RA 410 116.22 56.66 -4.33
C TYR RA 410 115.15 57.04 -3.30
N VAL RA 411 113.93 57.28 -3.79
CA VAL RA 411 112.77 57.51 -2.92
C VAL RA 411 112.44 56.24 -2.14
N TYR RA 412 111.70 56.40 -1.04
CA TYR RA 412 111.42 55.30 -0.08
C TYR RA 412 111.14 53.95 -0.74
N GLY RA 413 110.28 53.97 -1.75
CA GLY RA 413 109.75 52.76 -2.37
C GLY RA 413 110.26 52.42 -3.77
N ARG RA 414 111.27 53.15 -4.27
CA ARG RA 414 111.70 52.98 -5.66
C ARG RA 414 113.22 53.18 -5.87
N GLN RA 415 114.00 52.14 -5.54
CA GLN RA 415 115.44 52.10 -5.85
C GLN RA 415 115.67 51.58 -7.26
N ASP RA 416 114.91 50.56 -7.64
CA ASP RA 416 114.89 50.06 -9.01
C ASP RA 416 113.42 49.98 -9.45
N PRO RA 417 112.82 51.12 -9.86
CA PRO RA 417 111.44 51.19 -10.33
C PRO RA 417 111.02 50.12 -11.37
N LYS RA 418 111.97 49.72 -12.21
CA LYS RA 418 111.72 48.68 -13.22
C LYS RA 418 111.45 47.29 -12.63
N LYS RA 419 112.04 46.98 -11.47
CA LYS RA 419 111.74 45.74 -10.74
C LYS RA 419 110.32 45.80 -10.16
N PRO RA 420 109.64 44.64 -10.02
CA PRO RA 420 108.24 44.61 -9.58
C PRO RA 420 108.01 44.56 -8.05
N PHE RA 421 109.01 44.93 -7.26
CA PHE RA 421 108.93 44.82 -5.79
C PHE RA 421 109.69 45.96 -5.08
N PHE RA 422 109.62 45.95 -3.75
CA PHE RA 422 110.15 47.02 -2.90
C PHE RA 422 111.70 47.11 -2.85
N THR RA 423 112.26 48.01 -3.66
CA THR RA 423 113.56 48.68 -3.41
C THR RA 423 114.74 47.71 -3.14
N PRO RA 424 115.62 48.00 -2.13
CA PRO RA 424 116.31 46.83 -1.61
C PRO RA 424 115.30 45.86 -1.04
N TRP RA 425 115.22 44.69 -1.67
CA TRP RA 425 114.24 43.68 -1.32
C TRP RA 425 114.27 43.43 0.19
N LYS RA 426 113.11 43.57 0.82
CA LYS RA 426 112.90 43.14 2.20
C LYS RA 426 111.74 42.13 2.18
N PRO RA 427 111.52 41.42 3.29
CA PRO RA 427 110.40 40.46 3.31
C PRO RA 427 109.00 41.08 3.31
N ARG RA 428 108.01 40.19 3.37
CA ARG RA 428 106.60 40.54 3.39
C ARG RA 428 106.18 41.01 4.81
N PRO RA 429 105.23 41.95 4.92
CA PRO RA 429 104.76 42.52 6.20
C PRO RA 429 104.37 41.58 7.35
N PHE RA 430 103.87 40.38 7.08
CA PHE RA 430 103.61 39.38 8.14
C PHE RA 430 104.01 37.99 7.64
N LEU RA 431 105.29 37.83 7.33
CA LEU RA 431 105.79 36.62 6.69
C LEU RA 431 106.06 35.48 7.67
N SER RA 432 106.49 35.84 8.89
CA SER RA 432 106.84 34.87 9.94
C SER RA 432 105.81 33.78 10.28
N PRO RA 433 104.57 34.16 10.64
CA PRO RA 433 103.61 33.15 11.11
C PRO RA 433 103.10 32.14 10.06
N PHE RA 434 103.38 32.38 8.78
CA PHE RA 434 103.04 31.45 7.69
C PHE RA 434 104.23 30.74 7.06
N ALA RA 435 105.46 31.12 7.41
CA ALA RA 435 106.64 30.44 6.89
C ALA RA 435 106.75 29.09 7.60
N ILE RA 436 106.07 28.09 7.04
CA ILE RA 436 106.07 26.72 7.57
C ILE RA 436 106.78 25.88 6.49
N LEU RA 437 108.00 25.45 6.83
CA LEU RA 437 108.88 24.75 5.89
C LEU RA 437 108.39 23.30 5.77
N PRO RA 438 108.02 22.87 4.55
CA PRO RA 438 107.40 21.56 4.38
C PRO RA 438 108.39 20.38 4.34
N HIS RA 439 107.85 19.18 4.53
CA HIS RA 439 108.63 17.94 4.53
C HIS RA 439 108.76 17.30 3.15
N HIS RA 440 107.67 17.30 2.40
CA HIS RA 440 107.60 16.64 1.09
C HIS RA 440 108.28 17.40 -0.05
N LEU RA 441 108.63 18.67 0.17
CA LEU RA 441 109.43 19.44 -0.78
C LEU RA 441 110.84 19.67 -0.25
N GLU RA 442 111.81 19.67 -1.16
CA GLU RA 442 113.15 20.17 -0.88
C GLU RA 442 113.27 21.46 -1.67
N ILE RA 443 113.67 22.53 -1.00
CA ILE RA 443 113.64 23.89 -1.56
C ILE RA 443 115.04 24.49 -1.57
N SER RA 444 115.31 25.31 -2.58
CA SER RA 444 116.49 26.19 -2.60
C SER RA 444 116.04 27.59 -3.06
N PHE RA 445 116.09 28.55 -2.15
CA PHE RA 445 115.55 29.90 -2.38
C PHE RA 445 116.46 30.81 -3.22
N LYS RA 446 117.70 30.40 -3.43
CA LYS RA 446 118.65 31.18 -4.25
C LYS RA 446 118.20 31.17 -5.71
N THR RA 447 118.01 29.97 -6.26
CA THR RA 447 117.57 29.78 -7.64
C THR RA 447 116.04 29.72 -7.77
N CYS RA 448 115.35 29.48 -6.65
CA CYS RA 448 113.90 29.26 -6.59
C CYS RA 448 113.46 27.96 -7.29
N HIS RA 449 114.32 26.94 -7.20
CA HIS RA 449 113.98 25.58 -7.63
C HIS RA 449 113.50 24.80 -6.41
N ALA RA 450 112.72 23.75 -6.66
CA ALA RA 450 112.23 22.90 -5.58
C ALA RA 450 111.87 21.50 -6.07
N VAL RA 451 112.48 20.50 -5.45
CA VAL RA 451 112.21 19.10 -5.76
C VAL RA 451 111.03 18.62 -4.94
N TYR RA 452 109.99 18.17 -5.62
CA TYR RA 452 108.88 17.45 -5.01
C TYR RA 452 109.37 16.02 -4.75
N LEU RA 453 109.77 15.73 -3.51
CA LEU RA 453 110.42 14.43 -3.19
C LEU RA 453 109.49 13.32 -2.70
N ARG RA 454 108.31 13.67 -2.22
CA ARG RA 454 107.36 12.70 -1.66
C ARG RA 454 105.92 13.19 -1.82
N ASP RA 455 104.98 12.24 -1.81
CA ASP RA 455 103.57 12.58 -1.61
C ASP RA 455 103.35 12.63 -0.09
N PRO RA 456 102.78 13.74 0.44
CA PRO RA 456 102.78 13.92 1.90
C PRO RA 456 102.10 12.77 2.62
N VAL RA 457 102.72 12.29 3.70
CA VAL RA 457 102.30 11.06 4.36
C VAL RA 457 102.37 11.19 5.89
N ALA RA 458 101.50 10.44 6.57
CA ALA RA 458 101.37 10.53 8.03
C ALA RA 458 102.26 9.52 8.76
N ARG RA 459 103.06 10.03 9.70
CA ARG RA 459 103.90 9.21 10.58
C ARG RA 459 103.22 9.07 11.94
N PRO RA 460 103.73 8.17 12.81
CA PRO RA 460 103.31 8.07 14.22
C PRO RA 460 103.18 9.40 14.98
N GLY RA 461 104.15 10.29 14.80
CA GLY RA 461 104.10 11.60 15.44
C GLY RA 461 103.15 12.56 14.78
N GLN RA 462 103.34 12.77 13.47
CA GLN RA 462 102.73 13.88 12.74
C GLN RA 462 102.17 13.49 11.37
N SER RA 463 101.48 14.45 10.77
CA SER RA 463 101.13 14.41 9.34
C SER RA 463 101.97 15.46 8.61
N GLU RA 464 102.20 15.22 7.33
CA GLU RA 464 102.94 16.16 6.48
C GLU RA 464 102.02 17.10 5.69
N VAL RA 465 100.70 16.86 5.75
CA VAL RA 465 99.71 17.79 5.21
C VAL RA 465 99.62 18.97 6.18
N ILE RA 466 100.19 20.09 5.78
CA ILE RA 466 100.21 21.31 6.59
C ILE RA 466 98.79 21.89 6.64
N SER RA 467 98.15 21.80 7.80
CA SER RA 467 96.80 22.33 8.00
C SER RA 467 96.66 23.03 9.36
N PRO RA 468 95.82 24.07 9.42
CA PRO RA 468 95.52 24.76 10.68
C PRO RA 468 94.31 24.20 11.46
N PHE RA 469 94.05 22.89 11.34
CA PHE RA 469 92.89 22.27 11.98
C PHE RA 469 93.28 20.98 12.69
N ASP RA 470 92.62 20.75 13.84
CA ASP RA 470 92.85 19.54 14.64
C ASP RA 470 92.28 18.31 13.92
N VAL RA 471 92.66 17.12 14.38
CA VAL RA 471 92.32 15.87 13.71
C VAL RA 471 90.80 15.58 13.68
N PRO RA 472 90.06 15.86 14.78
CA PRO RA 472 88.61 15.66 14.76
C PRO RA 472 87.89 16.34 13.59
N VAL RA 473 88.28 17.59 13.31
CA VAL RA 473 87.73 18.36 12.20
C VAL RA 473 87.97 17.63 10.88
N HIS RA 474 89.20 17.18 10.70
CA HIS RA 474 89.59 16.42 9.50
C HIS RA 474 88.86 15.09 9.38
N GLU RA 475 88.60 14.44 10.51
CA GLU RA 475 87.79 13.21 10.55
C GLU RA 475 86.35 13.49 10.09
N ARG RA 476 85.78 14.57 10.61
CA ARG RA 476 84.42 15.00 10.24
C ARG RA 476 84.31 15.29 8.74
N ALA RA 477 85.32 15.98 8.22
CA ALA RA 477 85.42 16.28 6.79
C ALA RA 477 85.46 15.01 5.95
N TYR RA 478 86.29 14.07 6.37
CA TYR RA 478 86.40 12.76 5.72
C TYR RA 478 85.05 12.05 5.69
N MET RA 479 84.41 11.99 6.85
CA MET RA 479 83.07 11.40 7.00
C MET RA 479 82.07 12.01 6.03
N TYR RA 480 82.09 13.33 5.94
CA TYR RA 480 81.22 14.04 5.00
C TYR RA 480 81.48 13.60 3.57
N TYR RA 481 82.75 13.62 3.17
CA TYR RA 481 83.14 13.43 1.76
C TYR RA 481 83.16 11.99 1.26
N LEU RA 482 83.15 11.03 2.18
CA LEU RA 482 82.94 9.63 1.83
C LEU RA 482 81.57 9.43 1.17
N ARG RA 483 80.55 10.00 1.81
CA ARG RA 483 79.16 9.81 1.39
C ARG RA 483 78.57 10.97 0.57
N ASN RA 484 79.38 11.98 0.28
CA ASN RA 484 78.93 13.23 -0.36
C ASN RA 484 77.86 13.94 0.46
N GLY RA 485 77.95 13.83 1.79
CA GLY RA 485 76.96 14.38 2.70
C GLY RA 485 75.60 13.69 2.64
N LYS RA 486 75.59 12.36 2.57
CA LYS RA 486 74.34 11.58 2.59
C LYS RA 486 73.82 11.53 4.03
N GLN SA 1 72.81 54.01 93.41
CA GLN SA 1 74.27 54.22 93.68
C GLN SA 1 74.69 55.64 93.30
N HIS SA 2 74.96 56.47 94.31
CA HIS SA 2 75.24 57.89 94.11
C HIS SA 2 76.75 58.13 94.04
N TYR SA 3 77.24 58.34 92.81
CA TYR SA 3 78.67 58.53 92.55
C TYR SA 3 79.06 60.00 92.68
N ASP SA 4 80.36 60.23 92.82
CA ASP SA 4 80.92 61.59 92.86
C ASP SA 4 80.93 62.23 91.47
N GLU SA 5 81.04 63.56 91.45
CA GLU SA 5 81.00 64.34 90.21
C GLU SA 5 82.24 64.10 89.33
N SER SA 6 83.40 64.10 89.97
CA SER SA 6 84.68 63.88 89.30
C SER SA 6 84.75 62.53 88.59
N LEU SA 7 84.30 61.49 89.31
CA LEU SA 7 84.22 60.13 88.77
C LEU SA 7 83.33 60.06 87.53
N LEU SA 8 82.16 60.69 87.63
CA LEU SA 8 81.23 60.79 86.50
C LEU SA 8 81.88 61.47 85.29
N SER SA 9 82.53 62.60 85.54
CA SER SA 9 83.23 63.35 84.49
C SER SA 9 84.30 62.52 83.78
N ARG SA 10 85.03 61.72 84.55
CA ARG SA 10 86.04 60.80 84.02
C ARG SA 10 85.46 59.81 82.99
N TYR SA 11 84.30 59.23 83.29
CA TYR SA 11 83.67 58.23 82.41
C TYR SA 11 82.60 58.80 81.45
N TYR SA 12 81.92 59.88 81.84
CA TYR SA 12 80.81 60.45 81.05
C TYR SA 12 81.16 61.85 80.53
N PRO SA 13 80.58 62.25 79.37
CA PRO SA 13 80.90 63.56 78.79
C PRO SA 13 80.34 64.74 79.58
N GLU SA 14 80.79 65.94 79.23
CA GLU SA 14 80.48 67.16 79.99
C GLU SA 14 79.02 67.63 79.85
N SER SA 15 78.35 67.24 78.78
CA SER SA 15 76.96 67.63 78.53
C SER SA 15 75.96 66.97 79.50
N LEU SA 16 76.13 65.66 79.71
CA LEU SA 16 75.19 64.85 80.51
C LEU SA 16 75.44 64.91 82.02
N LEU SA 17 76.56 65.49 82.44
CA LEU SA 17 76.98 65.53 83.84
C LEU SA 17 75.97 66.25 84.74
N LYS SA 18 75.49 67.39 84.24
CA LYS SA 18 74.46 68.18 84.91
C LYS SA 18 73.16 67.40 85.08
N SER SA 19 72.75 66.70 84.02
CA SER SA 19 71.55 65.87 84.03
C SER SA 19 71.65 64.74 85.06
N ILE SA 20 72.82 64.11 85.10
CA ILE SA 20 73.13 63.06 86.07
C ILE SA 20 73.01 63.57 87.51
N LYS SA 21 73.61 64.74 87.76
CA LYS SA 21 73.56 65.41 89.05
C LYS SA 21 72.12 65.68 89.48
N LEU SA 22 71.32 66.20 88.55
CA LEU SA 22 69.90 66.46 88.77
C LEU SA 22 69.14 65.19 89.14
N ALA SA 23 69.40 64.11 88.39
CA ALA SA 23 68.80 62.80 88.65
C ALA SA 23 69.13 62.29 90.05
N GLN SA 24 70.40 62.44 90.44
CA GLN SA 24 70.87 62.09 91.79
C GLN SA 24 70.17 62.88 92.87
N GLN SA 25 70.03 64.18 92.66
CA GLN SA 25 69.31 65.07 93.58
C GLN SA 25 67.85 64.64 93.78
N THR SA 26 67.19 64.33 92.67
CA THR SA 26 65.76 64.01 92.68
C THR SA 26 65.47 62.64 93.28
N ILE SA 27 66.11 61.61 92.72
CA ILE SA 27 65.89 60.23 93.14
C ILE SA 27 66.69 59.98 94.42
N PRO SA 28 66.04 59.48 95.50
CA PRO SA 28 66.75 59.27 96.75
C PRO SA 28 67.69 58.06 96.71
N GLU SA 29 68.54 57.94 97.73
CA GLU SA 29 69.47 56.82 97.85
C GLU SA 29 68.73 55.53 98.18
N ASP SA 30 67.85 55.61 99.16
CA ASP SA 30 66.93 54.52 99.50
C ASP SA 30 65.82 54.45 98.45
N THR SA 31 66.03 53.63 97.43
CA THR SA 31 65.06 53.41 96.34
C THR SA 31 64.87 51.91 96.12
N LYS SA 32 63.62 51.51 95.89
CA LYS SA 32 63.27 50.10 95.71
C LYS SA 32 63.57 49.62 94.30
N PHE SA 33 63.10 50.38 93.31
CA PHE SA 33 63.19 50.02 91.88
C PHE SA 33 62.54 48.68 91.55
N ARG SA 34 61.24 48.71 91.25
CA ARG SA 34 60.50 47.51 90.86
C ARG SA 34 60.82 47.11 89.41
N VAL SA 35 60.55 45.84 89.09
CA VAL SA 35 60.73 45.29 87.76
C VAL SA 35 59.37 45.23 87.07
N SER SA 36 59.17 46.07 86.05
CA SER SA 36 57.91 46.10 85.30
C SER SA 36 57.82 44.88 84.38
N ARG SA 37 57.02 43.90 84.79
CA ARG SA 37 56.84 42.67 84.03
C ARG SA 37 55.90 42.85 82.83
N ASN SA 38 54.79 43.55 83.04
CA ASN SA 38 53.76 43.72 81.99
C ASN SA 38 54.11 44.68 80.84
N VAL SA 39 55.18 45.46 80.99
CA VAL SA 39 55.67 46.33 79.90
C VAL SA 39 57.16 46.61 80.09
N GLU SA 40 57.90 46.60 78.97
CA GLU SA 40 59.35 46.83 78.99
C GLU SA 40 59.72 48.11 78.24
N PHE SA 41 60.08 49.13 79.01
CA PHE SA 41 60.53 50.42 78.51
C PHE SA 41 61.95 50.33 77.93
N ALA SA 42 62.84 49.67 78.68
CA ALA SA 42 64.27 49.60 78.36
C ALA SA 42 64.63 48.36 77.53
N PRO SA 43 65.84 48.32 76.93
CA PRO SA 43 66.22 47.19 76.08
C PRO SA 43 66.65 45.95 76.89
N PRO SA 44 66.84 44.80 76.21
CA PRO SA 44 67.23 43.56 76.89
C PRO SA 44 68.74 43.40 77.17
N TYR SA 45 69.52 44.44 76.85
CA TYR SA 45 70.97 44.47 77.06
C TYR SA 45 71.30 45.77 77.78
N LEU SA 46 72.42 45.76 78.52
CA LEU SA 46 72.88 46.98 79.19
C LEU SA 46 73.54 47.93 78.19
N ASP SA 47 73.16 49.21 78.28
CA ASP SA 47 73.76 50.25 77.48
C ASP SA 47 73.61 51.62 78.14
N ASP SA 48 74.75 52.24 78.44
CA ASP SA 48 74.82 53.66 78.71
C ASP SA 48 74.55 54.37 77.37
N PHE SA 49 73.49 55.16 77.32
CA PHE SA 49 72.98 55.73 76.07
C PHE SA 49 73.73 56.98 75.58
N THR SA 50 74.84 57.33 76.23
CA THR SA 50 75.67 58.48 75.84
C THR SA 50 76.17 58.44 74.38
N LYS SA 51 76.52 57.24 73.90
CA LYS SA 51 76.99 57.05 72.53
C LYS SA 51 75.84 56.69 71.60
N ILE SA 52 75.62 57.50 70.58
CA ILE SA 52 74.64 57.20 69.54
C ILE SA 52 75.25 56.15 68.58
N HIS SA 53 74.53 55.06 68.35
CA HIS SA 53 75.01 53.97 67.49
C HIS SA 53 74.67 54.30 66.03
N PRO SA 54 75.47 53.78 65.06
CA PRO SA 54 75.13 54.05 63.65
C PRO SA 54 73.88 53.33 63.17
N PHE SA 55 73.77 52.04 63.47
CA PHE SA 55 72.67 51.20 62.98
C PHE SA 55 71.47 51.15 63.94
N TRP SA 56 71.74 51.02 65.24
CA TRP SA 56 70.70 50.72 66.23
C TRP SA 56 69.97 51.94 66.76
N ASP SA 57 70.52 53.14 66.56
CA ASP SA 57 69.78 54.39 66.75
C ASP SA 57 69.45 55.00 65.39
N TYR SA 58 68.57 55.99 65.40
CA TYR SA 58 68.23 56.75 64.21
C TYR SA 58 69.45 57.49 63.67
N LYS SA 59 69.54 57.60 62.35
CA LYS SA 59 70.60 58.37 61.70
C LYS SA 59 70.33 59.86 61.96
N PRO SA 60 71.38 60.64 62.33
CA PRO SA 60 71.11 61.98 62.89
C PRO SA 60 70.48 62.97 61.92
N GLY SA 61 71.11 63.14 60.76
CA GLY SA 61 70.63 64.07 59.73
C GLY SA 61 69.39 63.65 58.98
N MET SA 62 69.08 62.35 59.00
CA MET SA 62 67.92 61.80 58.28
C MET SA 62 66.60 62.24 58.91
N PRO SA 63 65.58 62.58 58.08
CA PRO SA 63 64.26 62.88 58.62
C PRO SA 63 63.45 61.62 58.96
N HIS SA 64 62.61 61.73 59.97
CA HIS SA 64 61.78 60.63 60.47
C HIS SA 64 60.81 61.17 61.54
N LEU SA 65 59.99 60.29 62.10
CA LEU SA 65 59.24 60.62 63.32
C LEU SA 65 60.23 60.64 64.48
N HIS SA 66 60.06 61.60 65.40
CA HIS SA 66 61.04 61.89 66.47
C HIS SA 66 62.34 62.50 65.90
N ALA SA 67 62.20 63.41 64.94
CA ALA SA 67 63.36 64.02 64.26
C ALA SA 67 64.18 64.91 65.18
N GLN SA 68 63.49 65.78 65.92
CA GLN SA 68 64.12 66.77 66.81
C GLN SA 68 65.06 67.73 66.07
N GLU SA 69 64.64 68.11 64.86
CA GLU SA 69 65.34 69.08 64.03
C GLU SA 69 64.32 69.98 63.37
N GLU SA 70 64.80 71.04 62.73
CA GLU SA 70 63.93 71.99 62.04
C GLU SA 70 63.51 71.42 60.68
N ASN SA 71 62.41 71.94 60.14
CA ASN SA 71 61.90 71.49 58.84
C ASN SA 71 62.87 71.75 57.68
N ASN SA 72 63.68 72.79 57.81
CA ASN SA 72 64.73 73.12 56.84
C ASN SA 72 65.91 72.15 56.94
N ASN SA 73 66.44 71.98 58.16
CA ASN SA 73 67.67 71.22 58.39
C ASN SA 73 67.48 69.70 58.43
N PHE SA 74 67.93 69.03 57.38
CA PHE SA 74 68.08 67.56 57.35
C PHE SA 74 69.31 67.20 56.53
N SER SA 75 70.40 66.84 57.21
CA SER SA 75 71.68 66.55 56.56
C SER SA 75 71.68 65.18 55.87
N ILE SA 76 71.08 65.13 54.68
CA ILE SA 76 70.95 63.89 53.90
C ILE SA 76 70.52 64.20 52.46
N PHE SA 77 71.51 64.40 51.60
CA PHE SA 77 71.28 64.88 50.22
C PHE SA 77 71.74 63.93 49.12
N ARG SA 78 72.13 62.71 49.50
CA ARG SA 78 72.42 61.64 48.54
C ARG SA 78 71.66 60.41 48.95
N TRP SA 79 70.88 59.87 48.02
CA TRP SA 79 70.01 58.73 48.27
C TRP SA 79 70.34 57.54 47.35
N ASP SA 80 71.55 57.56 46.79
CA ASP SA 80 72.04 56.48 45.92
C ASP SA 80 72.36 55.23 46.73
N GLN SA 81 73.11 55.41 47.81
CA GLN SA 81 73.47 54.32 48.72
C GLN SA 81 72.53 54.26 49.92
N VAL SA 82 72.63 53.15 50.65
CA VAL SA 82 71.79 52.92 51.83
C VAL SA 82 72.32 53.74 53.00
N GLN SA 83 71.40 54.25 53.82
CA GLN SA 83 71.72 55.21 54.87
C GLN SA 83 72.33 54.51 56.09
N GLN SA 84 71.65 53.48 56.57
CA GLN SA 84 72.06 52.74 57.76
C GLN SA 84 72.46 51.30 57.40
N PRO SA 85 73.74 51.08 57.05
CA PRO SA 85 74.22 49.71 56.80
C PRO SA 85 74.42 48.94 58.12
N LEU SA 86 74.64 47.63 57.99
CA LEU SA 86 74.58 46.73 59.15
C LEU SA 86 75.85 46.82 60.02
N PRO SA 87 75.71 46.69 61.35
CA PRO SA 87 76.78 47.04 62.27
C PRO SA 87 77.80 45.92 62.50
N GLY SA 88 79.01 46.31 62.90
CA GLY SA 88 80.09 45.37 63.21
C GLY SA 88 80.56 44.62 61.98
N GLU SA 89 80.17 43.35 61.88
CA GLU SA 89 80.42 42.55 60.69
C GLU SA 89 79.39 42.94 59.63
N GLY SA 90 79.85 43.19 58.41
CA GLY SA 90 78.99 43.65 57.32
C GLY SA 90 77.88 42.68 56.92
N ASN SA 91 78.15 41.38 57.04
CA ASN SA 91 77.20 40.34 56.67
C ASN SA 91 76.22 39.99 57.78
N ILE SA 92 75.19 39.24 57.41
CA ILE SA 92 74.31 38.53 58.34
C ILE SA 92 74.16 37.08 57.88
N LEU SA 93 75.29 36.46 57.54
CA LEU SA 93 75.29 35.08 57.04
C LEU SA 93 75.00 34.12 58.19
N PRO SA 94 74.08 33.16 57.97
CA PRO SA 94 73.90 32.07 58.95
C PRO SA 94 75.14 31.19 59.13
N PRO SA 95 75.11 30.26 60.11
CA PRO SA 95 76.22 29.30 60.24
C PRO SA 95 76.22 28.27 59.11
N GLY SA 96 77.36 28.18 58.41
CA GLY SA 96 77.54 27.20 57.34
C GLY SA 96 76.88 27.56 56.03
N VAL SA 97 77.10 28.79 55.57
CA VAL SA 97 76.70 29.24 54.23
C VAL SA 97 77.79 30.13 53.62
N SER SA 98 77.72 30.30 52.30
CA SER SA 98 78.69 31.10 51.55
C SER SA 98 78.02 31.93 50.47
N LEU SA 99 78.71 32.98 50.03
CA LEU SA 99 78.20 33.89 49.00
C LEU SA 99 78.42 33.28 47.62
N PRO SA 100 77.68 33.77 46.59
CA PRO SA 100 77.85 33.21 45.24
C PRO SA 100 79.19 33.58 44.60
N LYS SA 106 80.92 24.61 32.50
CA LYS SA 106 82.12 24.29 33.27
C LYS SA 106 81.84 24.27 34.78
N SER SA 107 81.22 25.35 35.25
CA SER SA 107 80.82 25.50 36.65
C SER SA 107 79.88 24.39 37.09
N LYS SA 108 78.89 24.10 36.24
CA LYS SA 108 77.94 23.01 36.46
C LYS SA 108 78.63 21.65 36.55
N SER SA 109 79.57 21.41 35.64
CA SER SA 109 80.38 20.19 35.62
C SER SA 109 81.21 20.02 36.90
N ALA SA 110 81.78 21.14 37.37
CA ALA SA 110 82.53 21.18 38.63
C ALA SA 110 81.66 20.85 39.84
N ASP SA 111 80.46 21.43 39.86
CA ASP SA 111 79.46 21.16 40.91
C ASP SA 111 79.03 19.70 40.95
N VAL SA 112 78.78 19.14 39.77
CA VAL SA 112 78.49 17.70 39.60
C VAL SA 112 79.60 16.86 40.22
N ALA SA 113 80.83 17.16 39.80
CA ALA SA 113 82.03 16.45 40.27
C ALA SA 113 82.18 16.48 41.79
N ALA SA 114 81.93 17.65 42.36
CA ALA SA 114 81.94 17.86 43.82
C ALA SA 114 80.90 17.00 44.52
N GLY SA 115 79.68 17.00 43.96
CA GLY SA 115 78.58 16.20 44.49
C GLY SA 115 78.85 14.71 44.45
N LEU SA 116 79.44 14.25 43.34
CA LEU SA 116 79.89 12.85 43.19
C LEU SA 116 80.92 12.46 44.24
N HIS SA 117 81.88 13.36 44.46
CA HIS SA 117 82.93 13.17 45.46
C HIS SA 117 82.37 12.99 46.87
N LYS SA 118 81.35 13.77 47.20
CA LYS SA 118 80.63 13.60 48.47
C LYS SA 118 79.89 12.26 48.54
N GLN SA 119 79.07 12.00 47.53
CA GLN SA 119 78.18 10.83 47.54
C GLN SA 119 78.92 9.50 47.43
N THR SA 120 79.92 9.43 46.54
CA THR SA 120 80.56 8.15 46.18
C THR SA 120 82.10 8.17 46.11
N GLY SA 121 82.75 9.14 46.74
CA GLY SA 121 84.21 9.17 46.88
C GLY SA 121 85.04 9.24 45.60
N VAL SA 122 84.43 9.74 44.53
CA VAL SA 122 85.08 9.80 43.21
C VAL SA 122 85.94 11.07 43.11
N ASP SA 123 87.00 11.00 42.33
CA ASP SA 123 87.95 12.10 42.15
C ASP SA 123 87.29 13.23 41.36
N PRO SA 124 87.11 14.42 41.99
CA PRO SA 124 86.44 15.53 41.31
C PRO SA 124 87.22 16.09 40.11
N ASP SA 125 88.53 16.26 40.31
CA ASP SA 125 89.42 16.83 39.29
C ASP SA 125 89.40 16.04 37.97
N TYR SA 126 89.41 14.72 38.10
CA TYR SA 126 89.29 13.82 36.95
C TYR SA 126 87.97 14.04 36.21
N ILE SA 127 86.87 14.10 36.97
CA ILE SA 127 85.53 14.32 36.43
C ILE SA 127 85.46 15.63 35.66
N THR SA 128 86.03 16.67 36.25
CA THR SA 128 86.05 18.01 35.64
C THR SA 128 86.79 18.03 34.31
N ARG SA 129 87.96 17.40 34.29
CA ARG SA 129 88.91 17.55 33.17
C ARG SA 129 88.78 16.47 32.12
N LYS SA 130 89.10 15.23 32.50
CA LYS SA 130 89.27 14.14 31.54
C LYS SA 130 87.96 13.63 30.95
N LEU SA 131 86.91 13.58 31.77
CA LEU SA 131 85.58 13.22 31.28
C LEU SA 131 85.01 14.36 30.43
N THR SA 132 84.44 14.00 29.29
CA THR SA 132 83.74 14.94 28.42
C THR SA 132 82.40 14.34 28.02
N MET SA 133 81.33 15.11 28.15
CA MET SA 133 79.98 14.60 27.95
C MET SA 133 79.39 14.99 26.59
N LYS SA 134 78.32 14.30 26.24
CA LYS SA 134 77.64 14.46 24.96
C LYS SA 134 76.18 14.03 25.10
N PRO SA 135 75.22 14.97 24.94
CA PRO SA 135 73.81 14.56 24.90
C PRO SA 135 73.45 13.75 23.65
N LEU SA 136 72.77 12.62 23.86
CA LEU SA 136 72.32 11.75 22.77
C LEU SA 136 70.85 11.98 22.42
N VAL SA 137 70.00 12.02 23.45
CA VAL SA 137 68.57 12.35 23.26
C VAL SA 137 68.12 13.36 24.32
N MET SA 138 67.19 14.23 23.90
CA MET SA 138 66.78 15.41 24.65
C MET SA 138 65.27 15.63 24.47
N LYS SA 139 64.47 14.65 24.90
CA LYS SA 139 63.02 14.72 24.78
C LYS SA 139 62.39 15.72 25.73
N ARG SA 140 61.22 16.22 25.34
CA ARG SA 140 60.21 16.67 26.29
C ARG SA 140 59.15 15.58 26.32
N VAL SA 141 58.73 15.24 27.54
CA VAL SA 141 57.95 14.04 27.82
C VAL SA 141 56.85 14.44 28.81
N SER SA 142 55.68 13.80 28.76
CA SER SA 142 54.55 14.23 29.58
C SER SA 142 53.72 13.10 30.18
N ASN SA 143 53.03 13.42 31.28
CA ASN SA 143 52.12 12.50 31.96
C ASN SA 143 50.75 13.13 32.12
N GLN SA 144 49.71 12.37 31.78
CA GLN SA 144 48.34 12.86 31.96
C GLN SA 144 47.90 12.63 33.40
N THR SA 145 47.98 13.70 34.18
CA THR SA 145 47.58 13.73 35.58
C THR SA 145 46.20 14.39 35.66
N GLY SA 146 45.48 14.15 36.75
CA GLY SA 146 44.19 14.81 37.01
C GLY SA 146 44.23 16.33 36.93
N LYS SA 147 45.35 16.91 37.36
CA LYS SA 147 45.55 18.35 37.25
C LYS SA 147 45.60 18.71 35.76
N GLY SA 148 46.34 17.92 34.98
CA GLY SA 148 46.40 18.08 33.54
C GLY SA 148 47.56 17.31 32.95
N LYS SA 149 47.95 17.69 31.74
CA LYS SA 149 49.17 17.16 31.12
C LYS SA 149 50.36 17.82 31.78
N ILE SA 150 51.23 17.00 32.38
CA ILE SA 150 52.39 17.50 33.12
C ILE SA 150 53.65 17.12 32.36
N ALA SA 151 54.31 18.11 31.76
CA ALA SA 151 55.49 17.88 30.93
C ALA SA 151 56.76 17.72 31.78
N SER SA 152 57.74 17.02 31.21
CA SER SA 152 58.97 16.64 31.91
C SER SA 152 60.10 16.47 30.91
N PHE SA 153 61.21 17.16 31.17
CA PHE SA 153 62.35 17.17 30.25
C PHE SA 153 63.25 15.97 30.48
N TYR SA 154 63.36 15.10 29.46
CA TYR SA 154 64.16 13.88 29.54
C TYR SA 154 65.43 14.03 28.73
N ALA SA 155 66.58 13.85 29.38
CA ALA SA 155 67.89 13.85 28.72
C ALA SA 155 68.49 12.45 28.78
N LEU SA 156 69.49 12.22 27.93
CA LEU SA 156 70.21 10.95 27.89
C LEU SA 156 71.61 11.23 27.34
N VAL SA 157 72.60 11.17 28.23
CA VAL SA 157 73.85 11.90 28.05
C VAL SA 157 75.06 10.99 28.29
N VAL SA 158 75.74 10.59 27.21
CA VAL SA 158 76.97 9.81 27.32
C VAL SA 158 78.13 10.69 27.77
N VAL SA 159 78.81 10.24 28.82
CA VAL SA 159 80.04 10.87 29.30
C VAL SA 159 81.16 9.83 29.17
N GLY SA 160 82.38 10.29 28.95
CA GLY SA 160 83.49 9.38 28.77
C GLY SA 160 84.86 10.01 28.62
N ASP SA 161 85.79 9.55 29.45
CA ASP SA 161 87.22 9.77 29.24
C ASP SA 161 87.60 9.00 27.99
N LYS SA 162 88.30 9.65 27.05
CA LYS SA 162 88.59 9.04 25.75
C LYS SA 162 89.78 8.07 25.82
N ASN SA 163 89.69 7.11 26.75
CA ASN SA 163 90.65 6.03 26.91
C ASN SA 163 89.92 4.77 27.40
N GLY SA 164 88.84 4.43 26.71
CA GLY SA 164 88.05 3.23 27.01
C GLY SA 164 87.18 3.25 28.26
N MET SA 165 87.04 4.42 28.89
CA MET SA 165 86.20 4.58 30.08
C MET SA 165 84.99 5.43 29.69
N VAL SA 166 83.81 4.82 29.68
CA VAL SA 166 82.60 5.45 29.17
C VAL SA 166 81.38 5.07 30.01
N GLY SA 167 80.42 6.00 30.10
CA GLY SA 167 79.18 5.80 30.83
C GLY SA 167 77.99 6.53 30.23
N LEU SA 168 76.86 5.83 30.16
CA LEU SA 168 75.57 6.40 29.77
C LEU SA 168 74.81 6.80 31.02
N GLY SA 169 73.98 7.84 30.90
CA GLY SA 169 73.16 8.31 32.01
C GLY SA 169 71.95 9.08 31.53
N GLU SA 170 70.82 8.85 32.18
CA GLU SA 170 69.56 9.54 31.87
C GLU SA 170 69.07 10.26 33.12
N GLY SA 171 68.37 11.37 32.88
CA GLY SA 171 67.92 12.26 33.93
C GLY SA 171 66.67 13.00 33.51
N LYS SA 172 65.96 13.56 34.48
CA LYS SA 172 64.62 14.05 34.26
C LYS SA 172 64.25 15.18 35.21
N SER SA 173 63.62 16.22 34.68
CA SER SA 173 63.17 17.35 35.48
C SER SA 173 61.92 17.98 34.88
N ARG SA 174 60.95 18.26 35.75
CA ARG SA 174 59.77 19.03 35.39
C ARG SA 174 60.16 20.48 35.07
N GLU SA 175 61.07 21.02 35.88
CA GLU SA 175 61.74 22.29 35.58
C GLU SA 175 62.66 22.13 34.37
N GLU SA 176 63.11 23.25 33.83
CA GLU SA 176 63.74 23.28 32.48
C GLU SA 176 64.93 22.34 32.28
N MET SA 177 65.19 22.06 31.00
CA MET SA 177 66.03 20.93 30.54
C MET SA 177 67.46 20.90 31.08
N SER SA 178 68.01 22.08 31.43
CA SER SA 178 69.35 22.17 32.01
C SER SA 178 69.52 21.27 33.24
N LYS SA 179 68.51 21.26 34.10
CA LYS SA 179 68.48 20.41 35.30
C LYS SA 179 68.46 18.92 34.95
N ALA SA 180 67.65 18.57 33.95
CA ALA SA 180 67.56 17.20 33.44
C ALA SA 180 68.90 16.71 32.88
N ILE SA 181 69.55 17.57 32.12
CA ILE SA 181 70.88 17.28 31.55
C ILE SA 181 71.93 17.06 32.65
N PHE SA 182 71.90 17.93 33.66
CA PHE SA 182 72.77 17.81 34.85
C PHE SA 182 72.60 16.44 35.52
N LYS SA 183 71.34 16.06 35.72
CA LYS SA 183 70.99 14.75 36.30
C LYS SA 183 71.49 13.58 35.47
N ALA SA 184 71.32 13.70 34.15
CA ALA SA 184 71.81 12.70 33.20
C ALA SA 184 73.33 12.55 33.27
N HIS SA 185 74.02 13.68 33.35
CA HIS SA 185 75.48 13.73 33.49
C HIS SA 185 75.93 13.04 34.78
N TRP SA 186 75.27 13.38 35.88
CA TRP SA 186 75.49 12.77 37.19
C TRP SA 186 75.38 11.26 37.10
N ASP SA 187 74.27 10.79 36.52
CA ASP SA 187 73.98 9.37 36.33
C ASP SA 187 75.09 8.68 35.51
N ALA SA 188 75.52 9.35 34.45
CA ALA SA 188 76.59 8.85 33.58
C ALA SA 188 77.90 8.64 34.32
N VAL SA 189 78.27 9.62 35.15
CA VAL SA 189 79.50 9.54 35.93
C VAL SA 189 79.42 8.47 37.02
N ARG SA 190 78.23 8.28 37.59
CA ARG SA 190 77.98 7.17 38.52
C ARG SA 190 78.19 5.81 37.83
N ASN SA 191 77.77 5.73 36.56
CA ASN SA 191 77.84 4.50 35.76
C ASN SA 191 79.03 4.43 34.79
N LEU SA 192 80.21 4.90 35.20
CA LEU SA 192 81.40 4.79 34.32
C LEU SA 192 81.87 3.33 34.26
N LYS SA 193 82.38 2.95 33.09
CA LYS SA 193 82.52 1.55 32.70
C LYS SA 193 83.71 1.40 31.75
N GLU SA 194 84.61 0.45 32.06
CA GLU SA 194 85.79 0.21 31.23
C GLU SA 194 85.44 -0.75 30.09
N ILE SA 195 85.35 -0.21 28.86
CA ILE SA 195 85.15 -1.03 27.67
C ILE SA 195 86.50 -1.56 27.18
N PRO SA 196 86.55 -2.84 26.76
CA PRO SA 196 87.77 -3.38 26.16
C PRO SA 196 87.83 -3.01 24.68
N ARG SA 197 89.03 -2.79 24.16
CA ARG SA 197 89.19 -2.43 22.75
C ARG SA 197 90.59 -2.75 22.21
N TYR SA 198 90.60 -3.35 21.02
CA TYR SA 198 91.83 -3.78 20.34
C TYR SA 198 92.65 -2.58 19.86
N GLU SA 199 93.94 -2.58 20.23
CA GLU SA 199 94.90 -1.51 19.87
C GLU SA 199 94.53 -0.09 20.32
N ASN SA 200 93.64 0.02 21.32
CA ASN SA 200 93.08 1.32 21.74
C ASN SA 200 92.54 2.14 20.57
N ARG SA 201 91.67 1.51 19.78
CA ARG SA 201 91.05 2.16 18.60
C ARG SA 201 89.78 1.49 18.05
N THR SA 202 89.65 0.17 18.18
CA THR SA 202 88.47 -0.54 17.71
C THR SA 202 88.13 -1.75 18.59
N ILE SA 203 86.95 -2.28 18.37
CA ILE SA 203 86.50 -3.51 19.06
C ILE SA 203 87.29 -4.72 18.56
N TYR SA 204 87.23 -5.81 19.34
CA TYR SA 204 88.05 -6.99 19.04
C TYR SA 204 87.52 -7.78 17.85
N GLY SA 205 86.33 -8.36 18.00
CA GLY SA 205 85.69 -9.13 16.93
C GLY SA 205 84.52 -8.39 16.31
N ASP SA 206 83.98 -8.97 15.25
CA ASP SA 206 82.75 -8.50 14.64
C ASP SA 206 81.58 -8.93 15.54
N ILE SA 207 81.01 -7.98 16.28
CA ILE SA 207 79.95 -8.29 17.25
C ILE SA 207 78.57 -8.12 16.62
N ASP SA 208 77.62 -8.95 17.07
CA ASP SA 208 76.25 -8.95 16.60
C ASP SA 208 75.33 -9.23 17.78
N PHE SA 209 74.68 -8.16 18.27
CA PHE SA 209 74.07 -8.15 19.60
C PHE SA 209 72.67 -7.54 19.52
N ARG SA 210 71.74 -8.14 20.25
CA ARG SA 210 70.38 -7.63 20.34
C ARG SA 210 70.10 -7.06 21.73
N TYR SA 211 69.70 -5.79 21.76
CA TYR SA 211 69.21 -5.14 22.96
C TYR SA 211 67.77 -4.74 22.72
N HIS SA 212 66.84 -5.50 23.31
CA HIS SA 212 65.39 -5.25 23.18
C HIS SA 212 64.95 -5.23 21.71
N GLY SA 213 64.63 -4.05 21.17
CA GLY SA 213 64.23 -3.94 19.77
C GLY SA 213 65.47 -3.97 18.90
N VAL SA 214 66.33 -2.96 19.06
CA VAL SA 214 67.51 -2.80 18.22
C VAL SA 214 68.34 -4.09 18.08
N LYS SA 215 68.57 -4.46 16.83
CA LYS SA 215 69.57 -5.46 16.46
C LYS SA 215 70.82 -4.71 16.00
N LEU SA 216 71.91 -4.84 16.76
CA LEU SA 216 73.18 -4.20 16.40
C LEU SA 216 74.05 -5.14 15.60
N HIS SA 217 74.86 -4.55 14.73
CA HIS SA 217 75.95 -5.26 14.04
C HIS SA 217 77.11 -4.29 13.97
N LEU SA 218 78.21 -4.62 14.64
CA LEU SA 218 79.39 -3.76 14.66
C LEU SA 218 80.61 -4.57 14.24
N ARG SA 219 81.13 -4.25 13.06
CA ARG SA 219 82.35 -4.85 12.52
C ARG SA 219 83.57 -4.08 13.01
N SER SA 220 84.67 -4.79 13.25
CA SER SA 220 85.96 -4.15 13.51
C SER SA 220 86.46 -3.45 12.25
N ALA SA 221 87.51 -2.65 12.40
CA ALA SA 221 87.99 -1.81 11.31
C ALA SA 221 89.51 -1.71 11.28
N LYS SA 222 90.07 -1.70 10.07
CA LYS SA 222 91.49 -1.41 9.85
C LYS SA 222 91.78 0.04 10.25
N PRO SA 223 93.02 0.31 10.71
CA PRO SA 223 93.29 1.66 11.23
C PRO SA 223 93.29 2.72 10.14
N GLY SA 224 92.61 3.84 10.40
CA GLY SA 224 92.44 4.92 9.43
C GLY SA 224 91.01 4.99 8.90
N PHE SA 225 90.45 3.83 8.59
CA PHE SA 225 89.01 3.69 8.35
C PHE SA 225 88.30 4.21 9.60
N GLY SA 226 87.46 5.23 9.45
CA GLY SA 226 86.91 5.95 10.60
C GLY SA 226 85.74 5.26 11.28
N LEU SA 227 84.94 6.08 11.99
CA LEU SA 227 83.67 5.63 12.55
C LEU SA 227 82.62 5.77 11.45
N ARG SA 228 82.02 4.64 11.07
CA ARG SA 228 81.03 4.58 10.00
C ARG SA 228 79.81 3.84 10.52
N VAL SA 229 79.10 4.52 11.41
CA VAL SA 229 77.99 3.94 12.16
C VAL SA 229 76.92 4.98 12.46
N ASN SA 230 75.77 4.48 12.92
CA ASN SA 230 74.65 5.31 13.39
C ASN SA 230 75.12 6.42 14.34
N HIS SA 231 74.52 7.61 14.21
CA HIS SA 231 75.00 8.83 14.88
C HIS SA 231 75.14 8.69 16.41
N VAL SA 232 74.26 7.92 17.02
CA VAL SA 232 74.30 7.64 18.46
C VAL SA 232 75.54 6.81 18.79
N ILE SA 233 75.79 5.79 17.97
CA ILE SA 233 76.93 4.89 18.13
C ILE SA 233 78.22 5.69 18.03
N PHE SA 234 78.29 6.54 16.99
CA PHE SA 234 79.43 7.43 16.75
C PHE SA 234 79.73 8.29 17.98
N GLU SA 235 78.70 8.95 18.48
CA GLU SA 235 78.78 9.78 19.69
C GLU SA 235 79.36 9.02 20.88
N ILE SA 236 78.86 7.81 21.10
CA ILE SA 236 79.32 6.94 22.18
C ILE SA 236 80.79 6.54 21.99
N CYS SA 237 81.17 6.24 20.75
CA CYS SA 237 82.53 5.85 20.40
C CYS SA 237 83.54 6.98 20.61
N GLU SA 238 83.16 8.19 20.22
CA GLU SA 238 83.98 9.39 20.43
C GLU SA 238 84.36 9.58 21.89
N CYS SA 239 83.36 9.43 22.77
CA CYS SA 239 83.56 9.48 24.22
C CYS SA 239 84.35 8.29 24.76
N ALA SA 240 84.05 7.10 24.25
CA ALA SA 240 84.70 5.85 24.69
C ALA SA 240 86.04 5.52 24.00
N GLY SA 241 86.53 6.40 23.13
CA GLY SA 241 87.87 6.25 22.55
C GLY SA 241 88.02 5.30 21.38
N ILE SA 242 86.91 4.86 20.79
CA ILE SA 242 86.92 4.01 19.60
C ILE SA 242 87.11 4.91 18.38
N LYS SA 243 88.26 4.79 17.71
CA LYS SA 243 88.56 5.54 16.50
C LYS SA 243 87.95 4.91 15.24
N ASP SA 244 88.01 3.59 15.14
CA ASP SA 244 87.66 2.86 13.92
C ASP SA 244 86.51 1.89 14.18
N LEU SA 245 85.43 2.00 13.42
CA LEU SA 245 84.27 1.12 13.59
C LEU SA 245 83.35 1.17 12.37
N SER SA 246 82.94 -0.01 11.91
CA SER SA 246 81.85 -0.13 10.92
C SER SA 246 80.70 -0.83 11.59
N GLY SA 247 79.49 -0.60 11.11
CA GLY SA 247 78.32 -1.24 11.68
C GLY SA 247 77.01 -0.67 11.22
N LYS SA 248 75.94 -1.40 11.52
CA LYS SA 248 74.61 -1.06 11.04
C LYS SA 248 73.53 -1.61 11.97
N VAL SA 249 72.54 -0.77 12.22
CA VAL SA 249 71.43 -1.07 13.12
C VAL SA 249 70.25 -1.59 12.31
N TYR SA 250 69.74 -2.75 12.70
CA TYR SA 250 68.52 -3.32 12.15
C TYR SA 250 67.40 -3.32 13.19
N LYS SA 251 66.18 -3.54 12.70
CA LYS SA 251 64.97 -3.51 13.49
C LYS SA 251 64.73 -2.11 14.10
N SER SA 252 64.51 -1.98 15.40
CA SER SA 252 64.34 -0.66 16.02
C SER SA 252 65.62 0.18 15.90
N ARG SA 253 65.42 1.47 15.70
CA ARG SA 253 66.51 2.45 15.72
C ARG SA 253 66.15 3.53 16.72
N ASN SA 254 65.68 3.09 17.88
CA ASN SA 254 65.28 3.98 18.97
C ASN SA 254 66.54 4.45 19.67
N ASP SA 255 66.79 5.76 19.60
CA ASP SA 255 68.08 6.38 19.96
C ASP SA 255 68.58 5.93 21.33
N MET SA 256 67.69 6.05 22.32
CA MET SA 256 67.98 5.63 23.70
C MET SA 256 68.41 4.17 23.77
N ASN SA 257 67.62 3.30 23.14
CA ASN SA 257 67.89 1.86 23.14
C ASN SA 257 69.17 1.48 22.39
N ILE SA 258 69.50 2.26 21.35
CA ILE SA 258 70.79 2.13 20.65
C ILE SA 258 71.92 2.42 21.62
N ALA SA 259 71.79 3.55 22.32
CA ALA SA 259 72.79 4.01 23.28
C ALA SA 259 73.02 3.01 24.41
N LYS SA 260 71.93 2.47 24.93
CA LYS SA 260 71.97 1.43 25.95
C LYS SA 260 72.52 0.11 25.41
N GLY SA 261 72.06 -0.26 24.22
CA GLY SA 261 72.46 -1.52 23.59
C GLY SA 261 73.91 -1.57 23.20
N THR SA 262 74.44 -0.47 22.68
CA THR SA 262 75.81 -0.44 22.17
C THR SA 262 76.86 -0.53 23.27
N ILE SA 263 76.64 0.16 24.39
CA ILE SA 263 77.55 0.07 25.56
C ILE SA 263 77.51 -1.33 26.19
N GLU SA 264 76.33 -1.95 26.16
CA GLU SA 264 76.15 -3.32 26.65
C GLU SA 264 76.94 -4.28 25.77
N ALA SA 265 76.79 -4.12 24.46
CA ALA SA 265 77.54 -4.90 23.47
C ALA SA 265 79.04 -4.78 23.68
N PHE SA 266 79.50 -3.54 23.87
CA PHE SA 266 80.92 -3.26 24.12
C PHE SA 266 81.44 -3.99 25.36
N THR SA 267 80.70 -3.89 26.45
CA THR SA 267 81.15 -4.44 27.73
C THR SA 267 81.04 -5.98 27.73
N LYS SA 268 80.03 -6.50 27.05
CA LYS SA 268 79.57 -7.89 27.22
C LYS SA 268 79.89 -8.79 26.04
N ALA SA 269 79.52 -8.35 24.83
CA ALA SA 269 79.75 -9.14 23.60
C ALA SA 269 81.23 -9.29 23.26
N GLN SA 270 82.05 -8.29 23.58
CA GLN SA 270 83.48 -8.36 23.35
C GLN SA 270 84.17 -9.34 24.29
N LYS SA 271 85.17 -10.04 23.75
CA LYS SA 271 86.15 -10.76 24.53
C LYS SA 271 87.52 -10.29 24.09
N THR SA 272 88.36 -9.91 25.05
CA THR SA 272 89.75 -9.55 24.75
C THR SA 272 90.49 -10.83 24.37
N LEU SA 273 91.48 -10.72 23.50
CA LEU SA 273 92.27 -11.86 23.03
C LEU SA 273 92.92 -12.63 24.17
N ASP SA 274 93.46 -11.87 25.13
CA ASP SA 274 94.15 -12.44 26.30
C ASP SA 274 93.24 -13.33 27.14
N GLU SA 275 92.02 -12.85 27.38
CA GLU SA 275 90.99 -13.63 28.09
C GLU SA 275 90.64 -14.94 27.38
N VAL SA 276 90.50 -14.86 26.06
CA VAL SA 276 90.21 -16.01 25.21
C VAL SA 276 91.33 -17.04 25.30
N ALA SA 277 92.56 -16.54 25.15
CA ALA SA 277 93.78 -17.35 25.27
C ALA SA 277 93.85 -18.09 26.60
N LEU SA 278 93.57 -17.37 27.68
CA LEU SA 278 93.52 -17.93 29.03
C LEU SA 278 92.48 -19.04 29.18
N GLY SA 279 91.29 -18.78 28.64
CA GLY SA 279 90.20 -19.76 28.66
C GLY SA 279 90.53 -21.04 27.92
N ARG SA 280 91.12 -20.90 26.73
CA ARG SA 280 91.39 -22.04 25.86
C ARG SA 280 92.71 -22.74 26.13
N GLY SA 281 93.68 -21.98 26.66
CA GLY SA 281 95.01 -22.50 26.96
C GLY SA 281 95.92 -22.48 25.74
N LYS SA 282 95.78 -21.42 24.93
CA LYS SA 282 96.50 -21.28 23.66
C LYS SA 282 97.05 -19.89 23.46
N LYS SA 283 98.04 -19.79 22.57
CA LYS SA 283 98.56 -18.51 22.12
C LYS SA 283 97.56 -17.94 21.12
N LEU SA 284 97.38 -16.62 21.14
CA LEU SA 284 96.42 -15.96 20.25
C LEU SA 284 97.07 -14.69 19.70
N VAL SA 285 97.94 -14.89 18.72
CA VAL SA 285 98.77 -13.81 18.19
C VAL SA 285 97.99 -12.90 17.25
N ASP SA 286 98.36 -11.63 17.21
CA ASP SA 286 97.88 -10.69 16.19
C ASP SA 286 98.95 -10.52 15.12
N VAL SA 287 98.64 -11.00 13.91
CA VAL SA 287 99.62 -11.18 12.83
C VAL SA 287 100.22 -9.85 12.35
N ARG SA 288 99.36 -8.85 12.20
CA ARG SA 288 99.77 -7.50 11.79
C ARG SA 288 100.82 -6.89 12.72
N LYS SA 289 100.57 -6.99 14.02
CA LYS SA 289 101.49 -6.50 15.05
C LYS SA 289 102.85 -7.17 14.96
N VAL SA 290 102.83 -8.49 14.77
CA VAL SA 290 104.05 -9.30 14.64
C VAL SA 290 104.86 -8.85 13.43
N TYR SA 291 104.16 -8.66 12.31
CA TYR SA 291 104.75 -8.17 11.06
C TYR SA 291 105.45 -6.81 11.22
N TYR SA 292 104.82 -5.93 12.02
CA TYR SA 292 105.20 -4.51 12.19
C TYR SA 292 104.66 -3.67 11.02
N SER SA 293 103.45 -3.98 10.57
CA SER SA 293 102.75 -3.27 9.48
C SER SA 293 103.58 -3.11 8.21
N MET TA 1 31.17 -66.93 24.92
CA MET TA 1 31.07 -65.60 25.61
C MET TA 1 30.15 -65.66 26.82
N LEU TA 2 30.73 -65.47 28.00
CA LEU TA 2 29.97 -65.49 29.26
C LEU TA 2 29.13 -64.22 29.42
N TYR TA 3 27.81 -64.39 29.39
CA TYR TA 3 26.87 -63.31 29.64
C TYR TA 3 26.12 -63.54 30.94
N GLU TA 4 26.21 -62.58 31.86
CA GLU TA 4 25.36 -62.57 33.03
C GLU TA 4 23.98 -62.06 32.62
N LEU TA 5 22.96 -62.47 33.36
CA LEU TA 5 21.59 -61.99 33.16
C LEU TA 5 21.00 -61.57 34.50
N ILE TA 6 20.13 -60.57 34.48
CA ILE TA 6 19.31 -60.21 35.64
C ILE TA 6 17.88 -59.98 35.16
N GLY TA 7 16.99 -60.91 35.51
CA GLY TA 7 15.56 -60.79 35.24
C GLY TA 7 14.77 -60.61 36.53
N LEU TA 8 13.91 -59.59 36.56
CA LEU TA 8 12.98 -59.37 37.67
C LEU TA 8 11.62 -59.86 37.21
N VAL TA 9 11.26 -61.06 37.62
CA VAL TA 9 10.04 -61.70 37.14
C VAL TA 9 8.79 -61.23 37.88
N ARG TA 10 7.64 -61.57 37.31
CA ARG TA 10 6.34 -61.28 37.90
C ARG TA 10 6.00 -62.30 38.98
N ILE TA 11 5.23 -61.87 39.98
CA ILE TA 11 4.71 -62.77 41.03
C ILE TA 11 3.23 -62.49 41.30
N THR TA 12 2.39 -63.07 40.45
CA THR TA 12 0.94 -62.90 40.53
C THR TA 12 0.35 -63.65 41.72
N ASN TA 13 0.67 -64.94 41.82
CA ASN TA 13 0.20 -65.79 42.91
C ASN TA 13 0.86 -65.43 44.23
N SER TA 14 0.05 -65.23 45.26
CA SER TA 14 0.53 -64.78 46.58
C SER TA 14 1.23 -65.90 47.35
N ASN TA 15 0.58 -67.05 47.44
CA ASN TA 15 1.06 -68.19 48.23
C ASN TA 15 2.30 -68.88 47.64
N ALA TA 16 2.29 -69.06 46.32
CA ALA TA 16 3.39 -69.71 45.61
C ALA TA 16 4.02 -68.72 44.61
N PRO TA 17 4.93 -67.85 45.10
CA PRO TA 17 5.48 -66.77 44.27
C PRO TA 17 6.50 -67.21 43.22
N LYS TA 18 7.35 -68.17 43.56
CA LYS TA 18 8.50 -68.54 42.72
C LYS TA 18 8.19 -69.33 41.43
N LEU TA 19 6.93 -69.77 41.25
CA LEU TA 19 6.58 -70.68 40.15
C LEU TA 19 6.83 -70.09 38.77
N GLU TA 20 6.34 -68.88 38.57
CA GLU TA 20 6.52 -68.13 37.31
C GLU TA 20 8.00 -67.89 37.00
N ALA TA 21 8.75 -67.52 38.04
CA ALA TA 21 10.21 -67.33 37.97
C ALA TA 21 10.91 -68.61 37.52
N LYS TA 22 10.55 -69.70 38.17
CA LYS TA 22 11.09 -71.03 37.91
C LYS TA 22 10.86 -71.46 36.46
N GLU TA 23 9.63 -71.24 36.00
CA GLU TA 23 9.24 -71.49 34.61
C GLU TA 23 10.07 -70.68 33.61
N LEU TA 24 10.25 -69.41 33.93
CA LEU TA 24 11.08 -68.49 33.12
C LEU TA 24 12.51 -69.01 33.02
N SER TA 25 13.07 -69.36 34.17
CA SER TA 25 14.42 -69.91 34.28
C SER TA 25 14.60 -71.19 33.46
N SER TA 26 13.60 -72.06 33.53
CA SER TA 26 13.57 -73.30 32.74
C SER TA 26 13.61 -72.98 31.25
N THR TA 27 12.70 -72.12 30.81
CA THR TA 27 12.51 -71.83 29.40
C THR TA 27 13.75 -71.20 28.77
N ILE TA 28 14.27 -70.16 29.41
CA ILE TA 28 15.46 -69.47 28.94
C ILE TA 28 16.70 -70.38 28.96
N GLY TA 29 16.81 -71.21 30.00
CA GLY TA 29 17.88 -72.21 30.09
C GLY TA 29 17.81 -73.24 28.97
N LYS TA 30 16.58 -73.69 28.67
CA LYS TA 30 16.31 -74.59 27.54
C LYS TA 30 16.74 -73.98 26.21
N LEU TA 31 16.37 -72.72 26.00
CA LEU TA 31 16.74 -71.95 24.80
C LEU TA 31 18.25 -71.87 24.63
N ILE TA 32 18.92 -71.54 25.73
CA ILE TA 32 20.39 -71.45 25.77
C ILE TA 32 21.02 -72.76 25.33
N ILE TA 33 20.60 -73.86 25.93
CA ILE TA 33 21.19 -75.17 25.64
C ILE TA 33 20.90 -75.70 24.23
N GLN TA 34 19.73 -75.36 23.69
CA GLN TA 34 19.38 -75.73 22.32
C GLN TA 34 20.28 -75.04 21.29
N ASN TA 35 20.64 -73.80 21.58
CA ASN TA 35 21.45 -72.99 20.70
C ASN TA 35 22.92 -72.88 21.15
N ARG TA 36 23.59 -74.03 21.24
CA ARG TA 36 25.04 -74.15 21.60
C ARG TA 36 25.49 -73.60 22.97
N GLY TA 37 24.56 -73.14 23.79
CA GLY TA 37 24.93 -72.41 25.01
C GLY TA 37 25.18 -73.32 26.19
N VAL TA 38 25.69 -72.73 27.27
CA VAL TA 38 26.06 -73.44 28.49
C VAL TA 38 25.72 -72.54 29.70
N VAL TA 39 24.59 -72.81 30.36
CA VAL TA 39 24.27 -72.10 31.61
C VAL TA 39 25.18 -72.64 32.74
N ARG TA 40 25.90 -71.73 33.39
CA ARG TA 40 26.86 -72.09 34.45
C ARG TA 40 26.22 -72.07 35.83
N ASP TA 41 25.48 -71.01 36.13
CA ASP TA 41 24.85 -70.84 37.44
C ASP TA 41 23.53 -70.10 37.32
N ILE TA 42 22.59 -70.46 38.20
CA ILE TA 42 21.26 -69.86 38.26
C ILE TA 42 21.07 -69.37 39.70
N VAL TA 43 21.67 -68.23 40.02
CA VAL TA 43 21.62 -67.69 41.37
C VAL TA 43 20.23 -67.10 41.62
N PRO TA 44 19.51 -67.61 42.64
CA PRO TA 44 18.26 -66.96 43.01
C PRO TA 44 18.54 -65.72 43.84
N MET TA 45 17.62 -64.76 43.78
CA MET TA 45 17.59 -63.66 44.73
C MET TA 45 16.18 -63.57 45.29
N GLY TA 46 16.02 -62.80 46.36
CA GLY TA 46 14.79 -62.78 47.14
C GLY TA 46 13.58 -62.15 46.47
N ILE TA 47 12.42 -62.32 47.09
CA ILE TA 47 11.21 -61.61 46.70
C ILE TA 47 11.37 -60.18 47.22
N ARG TA 48 12.01 -59.37 46.39
CA ARG TA 48 12.41 -58.00 46.77
C ARG TA 48 11.42 -57.00 46.19
N TYR TA 49 11.05 -56.01 46.99
CA TYR TA 49 10.16 -54.93 46.54
C TYR TA 49 10.89 -54.02 45.56
N LEU TA 50 10.18 -53.58 44.53
CA LEU TA 50 10.74 -52.64 43.55
C LEU TA 50 10.85 -51.25 44.17
N PRO TA 51 11.81 -50.42 43.71
CA PRO TA 51 11.94 -49.04 44.23
C PRO TA 51 10.70 -48.17 43.99
N LYS TA 52 10.15 -48.26 42.79
CA LYS TA 52 8.90 -47.57 42.41
C LYS TA 52 7.92 -48.59 41.85
N ILE TA 53 6.67 -48.17 41.68
CA ILE TA 53 5.63 -49.05 41.11
C ILE TA 53 5.89 -49.15 39.61
N MET TA 54 6.70 -50.14 39.24
CA MET TA 54 7.11 -50.32 37.84
C MET TA 54 6.02 -51.03 37.07
N LYS TA 55 5.78 -50.58 35.83
CA LYS TA 55 4.65 -51.04 35.03
C LYS TA 55 5.07 -51.58 33.67
N LYS TA 56 4.58 -52.78 33.36
CA LYS TA 56 4.66 -53.36 32.01
C LYS TA 56 3.42 -52.91 31.22
N ASP TA 57 3.28 -53.41 30.00
CA ASP TA 57 2.11 -53.08 29.16
C ASP TA 57 0.80 -53.54 29.79
N GLN TA 58 0.00 -52.57 30.24
CA GLN TA 58 -1.32 -52.80 30.85
C GLN TA 58 -1.30 -53.59 32.16
N GLU TA 59 -0.23 -53.41 32.91
CA GLU TA 59 -0.06 -54.04 34.22
C GLU TA 59 0.69 -53.09 35.12
N LYS TA 60 0.75 -53.43 36.41
CA LYS TA 60 1.56 -52.69 37.38
C LYS TA 60 2.16 -53.65 38.39
N HIS TA 61 3.37 -53.33 38.86
CA HIS TA 61 4.12 -54.19 39.77
C HIS TA 61 4.87 -53.39 40.83
N PHE TA 62 4.79 -53.88 42.05
CA PHE TA 62 5.44 -53.27 43.24
C PHE TA 62 6.44 -54.22 43.90
N ARG TA 63 6.20 -55.53 43.80
CA ARG TA 63 7.14 -56.56 44.25
C ARG TA 63 7.41 -57.55 43.11
N ALA TA 64 8.62 -58.11 43.12
CA ALA TA 64 9.06 -59.04 42.10
C ALA TA 64 10.04 -60.04 42.69
N TYR TA 65 10.27 -61.13 41.95
CA TYR TA 65 11.29 -62.11 42.28
C TYR TA 65 12.47 -61.92 41.34
N HIS TA 66 13.66 -61.88 41.91
CA HIS TA 66 14.89 -61.50 41.22
C HIS TA 66 15.78 -62.74 41.09
N PHE TA 67 16.52 -62.85 39.99
CA PHE TA 67 17.50 -63.93 39.84
C PHE TA 67 18.56 -63.61 38.78
N LEU TA 68 19.73 -64.22 38.94
CA LEU TA 68 20.81 -64.14 37.96
C LEU TA 68 20.97 -65.47 37.26
N MET TA 69 21.09 -65.44 35.93
CA MET TA 69 21.52 -66.60 35.15
C MET TA 69 22.83 -66.24 34.45
N LEU TA 70 23.84 -67.07 34.68
CA LEU TA 70 25.20 -66.79 34.29
C LEU TA 70 25.59 -67.83 33.24
N PHE TA 71 25.35 -67.50 31.98
CA PHE TA 71 25.43 -68.47 30.87
C PHE TA 71 26.40 -68.07 29.77
N ASP TA 72 26.87 -69.07 29.02
CA ASP TA 72 27.68 -68.86 27.82
C ASP TA 72 26.83 -69.08 26.58
N SER TA 73 27.22 -68.41 25.50
CA SER TA 73 26.46 -68.36 24.26
C SER TA 73 27.25 -67.61 23.20
N SER TA 74 26.71 -67.57 21.98
CA SER TA 74 27.15 -66.60 20.97
C SER TA 74 26.51 -65.24 21.27
N ALA TA 75 26.94 -64.23 20.54
CA ALA TA 75 26.41 -62.85 20.68
C ALA TA 75 24.99 -62.76 20.17
N ALA TA 76 24.82 -63.30 18.97
CA ALA TA 76 23.55 -63.49 18.32
C ALA TA 76 22.50 -64.10 19.22
N VAL TA 77 22.93 -65.15 19.91
CA VAL TA 77 22.10 -65.95 20.78
C VAL TA 77 21.58 -65.14 21.92
N GLN TA 78 22.54 -64.49 22.57
CA GLN TA 78 22.28 -63.61 23.68
C GLN TA 78 21.27 -62.52 23.31
N SER TA 79 21.45 -61.94 22.13
CA SER TA 79 20.54 -60.91 21.60
C SER TA 79 19.12 -61.44 21.44
N GLU TA 80 19.01 -62.64 20.89
CA GLU TA 80 17.72 -63.32 20.70
C GLU TA 80 17.04 -63.56 22.04
N ILE TA 81 17.81 -64.10 22.98
CA ILE TA 81 17.35 -64.34 24.35
C ILE TA 81 16.82 -63.06 24.99
N LEU TA 82 17.59 -61.98 24.84
CA LEU TA 82 17.22 -60.66 25.36
C LEU TA 82 15.89 -60.21 24.78
N ARG TA 83 15.76 -60.32 23.46
CA ARG TA 83 14.51 -60.01 22.74
C ARG TA 83 13.32 -60.81 23.28
N THR TA 84 13.53 -62.10 23.50
CA THR TA 84 12.48 -62.99 24.03
C THR TA 84 12.05 -62.59 25.44
N LEU TA 85 13.02 -62.17 26.24
CA LEU TA 85 12.77 -61.64 27.59
C LEU TA 85 11.93 -60.37 27.57
N LYS TA 86 12.36 -59.40 26.75
CA LYS TA 86 11.66 -58.12 26.57
C LYS TA 86 10.21 -58.33 26.19
N LYS TA 87 10.05 -59.29 25.29
CA LYS TA 87 8.78 -59.69 24.78
C LYS TA 87 7.78 -60.23 25.81
N ASP TA 88 8.23 -61.16 26.64
CA ASP TA 88 7.32 -61.91 27.51
C ASP TA 88 6.66 -61.01 28.58
N PRO TA 89 5.44 -61.35 29.02
CA PRO TA 89 4.69 -60.51 29.94
C PRO TA 89 5.05 -60.74 31.41
N ARG TA 90 5.69 -61.87 31.73
CA ARG TA 90 5.92 -62.28 33.10
C ARG TA 90 7.30 -61.85 33.64
N VAL TA 91 7.96 -60.91 32.95
CA VAL TA 91 9.15 -60.24 33.49
C VAL TA 91 8.95 -58.73 33.42
N ILE TA 92 9.46 -58.04 34.45
CA ILE TA 92 9.27 -56.59 34.58
C ILE TA 92 10.46 -55.89 33.94
N ARG TA 93 11.66 -56.23 34.43
CA ARG TA 93 12.92 -55.70 33.90
C ARG TA 93 13.88 -56.86 33.62
N SER TA 94 14.57 -56.77 32.49
CA SER TA 94 15.59 -57.75 32.10
C SER TA 94 16.87 -57.00 31.78
N SER TA 95 18.01 -57.66 31.99
CA SER TA 95 19.31 -57.05 31.73
C SER TA 95 20.41 -58.07 31.57
N ILE TA 96 20.83 -58.30 30.32
CA ILE TA 96 22.02 -59.07 30.03
C ILE TA 96 23.22 -58.12 29.99
N VAL TA 97 24.35 -58.60 30.51
CA VAL TA 97 25.60 -57.84 30.54
C VAL TA 97 26.77 -58.83 30.47
N LYS TA 98 27.79 -58.45 29.71
CA LYS TA 98 28.91 -59.32 29.39
C LYS TA 98 29.86 -59.47 30.58
N VAL TA 99 30.45 -60.65 30.70
CA VAL TA 99 31.51 -60.94 31.67
C VAL TA 99 32.74 -61.29 30.84
N ASP TA 100 33.80 -60.50 31.00
CA ASP TA 100 34.96 -60.56 30.11
C ASP TA 100 35.87 -61.74 30.44
N LEU TA 101 36.19 -62.55 29.42
CA LEU TA 101 37.00 -63.77 29.56
C LEU TA 101 38.38 -63.66 28.87
N ASP TA 102 38.88 -62.44 28.71
CA ASP TA 102 40.20 -62.21 28.11
C ASP TA 102 41.34 -62.66 29.04
N LYS TA 103 41.11 -62.57 30.36
CA LYS TA 103 42.11 -62.92 31.36
C LYS TA 103 41.87 -64.33 31.93
N GLN TA 104 40.64 -64.56 32.40
CA GLN TA 104 40.24 -65.83 33.03
C GLN TA 104 39.29 -66.63 32.12
N LEU TA 105 39.05 -67.88 32.51
CA LEU TA 105 37.99 -68.71 31.92
C LEU TA 105 36.85 -68.92 32.92
N ASP TA 106 37.19 -69.33 34.14
CA ASP TA 106 36.22 -69.44 35.22
C ASP TA 106 35.96 -68.06 35.82
N ARG TA 107 34.71 -67.60 35.68
CA ARG TA 107 34.27 -66.34 36.29
C ARG TA 107 32.91 -66.54 36.92
N ALA TA 108 32.80 -66.23 38.21
CA ALA TA 108 31.53 -66.32 38.94
C ALA TA 108 30.63 -65.14 38.58
N SER TA 109 29.41 -65.15 39.10
CA SER TA 109 28.47 -64.04 38.93
C SER TA 109 28.96 -62.79 39.66
N SER TA 110 28.42 -61.64 39.26
CA SER TA 110 28.81 -60.34 39.81
C SER TA 110 28.70 -60.26 41.32
N LEU TA 111 27.62 -60.86 41.84
CA LEU TA 111 27.33 -60.89 43.28
C LEU TA 111 28.42 -61.66 44.04
N HIS TA 112 28.77 -62.82 43.50
CA HIS TA 112 29.81 -63.67 44.09
C HIS TA 112 31.18 -63.00 44.08
N ARG TA 113 31.48 -62.29 42.99
CA ARG TA 113 32.72 -61.51 42.88
C ARG TA 113 32.78 -60.37 43.89
N SER TA 114 31.65 -59.70 44.08
CA SER TA 114 31.53 -58.62 45.07
C SER TA 114 31.75 -59.15 46.49
N LEU TA 115 31.15 -60.31 46.78
CA LEU TA 115 31.35 -61.00 48.07
C LEU TA 115 32.82 -61.33 48.34
N GLY TA 116 33.50 -61.86 47.33
CA GLY TA 116 34.88 -62.30 47.47
C GLY TA 116 35.35 -63.34 46.46
N LYS TA 117 34.46 -64.26 46.10
CA LYS TA 117 34.81 -65.41 45.25
C LYS TA 117 34.88 -64.99 43.79
N LYS TA 118 36.10 -64.94 43.25
CA LYS TA 118 36.34 -64.55 41.85
C LYS TA 118 35.85 -65.64 40.90
N SER TA 119 36.42 -66.83 41.05
CA SER TA 119 36.03 -67.99 40.23
C SER TA 119 34.95 -68.80 40.94
N ILE TA 120 34.27 -69.65 40.17
CA ILE TA 120 33.28 -70.59 40.72
C ILE TA 120 33.89 -71.73 41.53
N LEU TA 121 35.18 -72.00 41.30
CA LEU TA 121 35.95 -72.96 42.12
C LEU TA 121 35.92 -72.61 43.61
N GLU TA 122 36.09 -71.33 43.90
CA GLU TA 122 36.03 -70.81 45.28
C GLU TA 122 34.67 -71.06 45.91
N LEU TA 123 33.61 -70.79 45.15
CA LEU TA 123 32.23 -71.03 45.58
C LEU TA 123 31.97 -72.50 45.90
N VAL TA 124 32.45 -73.36 45.02
CA VAL TA 124 32.37 -74.82 45.18
C VAL TA 124 33.03 -75.26 46.49
N ASN TA 125 34.24 -74.76 46.73
CA ASN TA 125 35.02 -75.11 47.92
C ASN TA 125 34.50 -74.40 49.17
N LYS UA 1 54.50 21.34 105.20
CA LYS UA 1 53.77 21.17 106.50
C LYS UA 1 52.29 21.53 106.35
N ILE UA 2 51.42 20.53 106.47
CA ILE UA 2 49.98 20.69 106.26
C ILE UA 2 49.30 21.10 107.57
N LYS UA 3 49.54 20.31 108.63
CA LYS UA 3 48.98 20.53 109.97
C LYS UA 3 47.45 20.50 110.00
N PRO UA 4 46.85 19.29 109.93
CA PRO UA 4 45.42 19.12 110.14
C PRO UA 4 45.09 19.01 111.62
N THR UA 5 44.09 19.76 112.09
CA THR UA 5 43.69 19.74 113.50
C THR UA 5 42.90 18.46 113.82
N ALA UA 6 42.75 18.18 115.10
CA ALA UA 6 42.13 16.94 115.58
C ALA UA 6 40.64 16.88 115.28
N GLU UA 7 39.95 17.97 115.58
CA GLU UA 7 38.51 18.12 115.32
C GLU UA 7 38.17 17.94 113.85
N GLN UA 8 38.94 18.61 113.00
CA GLN UA 8 38.83 18.48 111.54
C GLN UA 8 38.99 17.04 111.06
N LEU UA 9 39.99 16.37 111.62
CA LEU UA 9 40.28 14.96 111.31
C LEU UA 9 39.08 14.07 111.69
N ALA UA 10 38.57 14.28 112.89
CA ALA UA 10 37.39 13.56 113.40
C ALA UA 10 36.17 13.75 112.50
N GLN UA 11 35.96 14.99 112.07
CA GLN UA 11 34.88 15.36 111.16
C GLN UA 11 35.02 14.63 109.82
N TRP UA 12 36.23 14.64 109.28
CA TRP UA 12 36.56 13.93 108.05
C TRP UA 12 36.27 12.43 108.13
N GLU UA 13 36.70 11.83 109.24
CA GLU UA 13 36.44 10.41 109.54
C GLU UA 13 34.95 10.10 109.56
N ALA UA 14 34.18 10.96 110.24
CA ALA UA 14 32.73 10.85 110.32
C ALA UA 14 32.08 10.89 108.94
N LEU UA 15 32.53 11.84 108.14
CA LEU UA 15 32.09 11.98 106.74
C LEU UA 15 32.36 10.74 105.89
N LYS UA 16 33.55 10.18 106.05
CA LYS UA 16 34.09 9.12 105.20
C LYS UA 16 33.12 7.96 104.95
N SER UA 17 32.45 7.50 106.02
CA SER UA 17 31.48 6.40 105.91
C SER UA 17 30.20 6.77 105.16
N VAL UA 18 29.77 8.03 105.30
CA VAL UA 18 28.55 8.52 104.64
C VAL UA 18 28.81 8.69 103.13
N PRO UA 19 27.90 8.15 102.27
CA PRO UA 19 28.03 8.38 100.83
C PRO UA 19 27.57 9.78 100.43
N ILE UA 20 28.08 10.27 99.30
CA ILE UA 20 27.71 11.59 98.78
C ILE UA 20 26.22 11.59 98.42
N PRO UA 21 25.44 12.55 98.94
CA PRO UA 21 24.00 12.55 98.71
C PRO UA 21 23.64 12.90 97.26
N PRO UA 22 22.60 12.25 96.69
CA PRO UA 22 22.21 12.54 95.32
C PRO UA 22 21.47 13.88 95.22
N ARG UA 23 21.78 14.65 94.17
CA ARG UA 23 21.23 15.99 93.99
C ARG UA 23 19.79 15.98 93.45
N LYS UA 24 19.40 14.91 92.77
CA LYS UA 24 18.06 14.75 92.20
C LYS UA 24 17.55 13.32 92.32
N ASN UA 25 16.25 13.17 92.53
CA ASN UA 25 15.57 11.91 92.21
C ASN UA 25 15.47 11.87 90.69
N ALA UA 26 16.11 10.86 90.09
CA ALA UA 26 16.38 10.86 88.65
C ALA UA 26 15.14 10.70 87.79
N THR UA 27 14.30 9.73 88.18
CA THR UA 27 13.06 9.41 87.45
C THR UA 27 12.09 10.59 87.45
N LEU UA 28 11.93 11.21 88.62
CA LEU UA 28 11.12 12.42 88.78
C LEU UA 28 11.61 13.55 87.88
N ASP UA 29 12.92 13.79 87.94
CA ASP UA 29 13.57 14.83 87.12
C ASP UA 29 13.33 14.62 85.62
N HIS UA 30 13.49 13.37 85.19
CA HIS UA 30 13.19 12.95 83.82
C HIS UA 30 11.74 13.28 83.43
N ILE UA 31 10.81 12.90 84.30
CA ILE UA 31 9.38 13.18 84.10
C ILE UA 31 9.11 14.67 83.95
N THR UA 32 9.71 15.47 84.84
CA THR UA 32 9.56 16.94 84.82
C THR UA 32 10.07 17.54 83.52
N ASN UA 33 11.21 17.03 83.06
CA ASN UA 33 11.79 17.41 81.77
C ASN UA 33 10.87 17.11 80.58
N MET UA 34 10.29 15.92 80.60
CA MET UA 34 9.32 15.49 79.57
C MET UA 34 8.09 16.37 79.55
N ILE UA 35 7.56 16.68 80.73
CA ILE UA 35 6.43 17.60 80.90
C ILE UA 35 6.76 18.96 80.31
N MET UA 36 7.90 19.50 80.73
CA MET UA 36 8.42 20.80 80.28
C MET UA 36 8.51 20.92 78.76
N ARG UA 37 8.38 22.16 78.26
CA ARG UA 37 8.38 22.43 76.82
C ARG UA 37 9.41 23.49 76.40
N HIS UA 38 9.18 24.75 76.79
CA HIS UA 38 9.90 25.90 76.24
C HIS UA 38 10.98 26.43 77.18
N GLY UA 39 11.80 25.52 77.69
CA GLY UA 39 12.74 25.82 78.78
C GLY UA 39 12.07 26.35 80.04
N LYS UA 40 10.78 26.05 80.21
CA LYS UA 40 9.99 26.53 81.33
C LYS UA 40 9.84 25.37 82.29
N LYS UA 41 10.98 25.03 82.90
CA LYS UA 41 11.09 23.88 83.80
C LYS UA 41 10.34 24.08 85.09
N GLU UA 42 10.38 25.30 85.61
CA GLU UA 42 9.74 25.65 86.86
C GLU UA 42 8.25 25.33 86.85
N LYS UA 43 7.59 25.74 85.76
CA LYS UA 43 6.16 25.46 85.57
C LYS UA 43 5.87 23.97 85.56
N ALA UA 44 6.69 23.22 84.84
CA ALA UA 44 6.58 21.75 84.79
C ALA UA 44 6.74 21.10 86.16
N GLN UA 45 7.71 21.61 86.93
CA GLN UA 45 7.96 21.17 88.31
C GLN UA 45 6.75 21.41 89.20
N THR UA 46 6.20 22.62 89.11
CA THR UA 46 5.02 23.01 89.88
C THR UA 46 3.85 22.09 89.58
N ILE UA 47 3.61 21.86 88.29
CA ILE UA 47 2.58 20.94 87.81
C ILE UA 47 2.72 19.55 88.42
N LEU UA 48 3.94 19.02 88.34
CA LEU UA 48 4.22 17.65 88.78
C LEU UA 48 4.04 17.50 90.28
N SER UA 49 4.65 18.40 91.04
CA SER UA 49 4.59 18.35 92.50
C SER UA 49 3.18 18.59 93.04
N ARG UA 50 2.45 19.50 92.41
CA ARG UA 50 1.03 19.73 92.71
C ARG UA 50 0.19 18.47 92.50
N ALA UA 51 0.44 17.78 91.39
CA ALA UA 51 -0.23 16.51 91.09
C ALA UA 51 0.08 15.46 92.15
N LEU UA 52 1.35 15.36 92.53
CA LEU UA 52 1.80 14.41 93.55
C LEU UA 52 1.19 14.70 94.92
N TYR UA 53 1.10 15.99 95.26
CA TYR UA 53 0.41 16.46 96.47
C TYR UA 53 -1.05 16.00 96.48
N LEU UA 54 -1.73 16.24 95.35
CA LEU UA 54 -3.13 15.81 95.17
C LEU UA 54 -3.30 14.31 95.37
N VAL UA 55 -2.38 13.56 94.76
CA VAL UA 55 -2.36 12.10 94.86
C VAL UA 55 -2.24 11.67 96.32
N TYR UA 56 -1.28 12.28 97.02
CA TYR UA 56 -1.07 12.04 98.44
C TYR UA 56 -2.33 12.29 99.25
N CYS UA 57 -2.95 13.45 99.01
CA CYS UA 57 -4.20 13.83 99.69
C CYS UA 57 -5.31 12.82 99.50
N GLN UA 58 -5.46 12.33 98.26
CA GLN UA 58 -6.46 11.31 97.92
C GLN UA 58 -6.19 9.96 98.59
N THR UA 59 -4.92 9.57 98.64
CA THR UA 59 -4.49 8.30 99.25
C THR UA 59 -3.19 8.51 100.05
N ARG UA 60 -3.32 8.57 101.38
CA ARG UA 60 -2.25 9.07 102.25
C ARG UA 60 -1.09 8.08 102.41
N GLN UA 61 -0.20 8.10 101.42
CA GLN UA 61 1.02 7.31 101.41
C GLN UA 61 1.98 7.91 100.39
N ASP UA 62 3.28 7.80 100.64
CA ASP UA 62 4.33 8.48 99.85
C ASP UA 62 3.98 8.55 98.36
N PRO UA 63 3.82 9.78 97.82
CA PRO UA 63 3.37 9.94 96.43
C PRO UA 63 4.41 9.57 95.38
N ILE UA 64 5.68 9.90 95.66
CA ILE UA 64 6.79 9.64 94.74
C ILE UA 64 6.97 8.14 94.54
N GLN UA 65 7.04 7.42 95.67
CA GLN UA 65 7.15 5.95 95.68
C GLN UA 65 6.02 5.28 94.91
N ALA UA 66 4.81 5.75 95.14
CA ALA UA 66 3.61 5.26 94.45
C ALA UA 66 3.70 5.46 92.94
N LEU UA 67 4.18 6.64 92.54
CA LEU UA 67 4.41 6.98 91.14
C LEU UA 67 5.45 6.06 90.50
N GLU UA 68 6.56 5.85 91.20
CA GLU UA 68 7.63 4.95 90.76
C GLU UA 68 7.11 3.52 90.55
N LYS UA 69 6.33 3.04 91.51
CA LYS UA 69 5.66 1.73 91.43
C LYS UA 69 4.77 1.63 90.20
N SER UA 70 3.96 2.66 89.99
CA SER UA 70 3.07 2.75 88.83
C SER UA 70 3.85 2.67 87.52
N LEU UA 71 4.93 3.43 87.44
CA LEU UA 71 5.85 3.40 86.30
C LEU UA 71 6.41 2.00 86.03
N ASP UA 72 6.90 1.37 87.09
CA ASP UA 72 7.43 -0.01 87.03
C ASP UA 72 6.40 -0.99 86.49
N GLU UA 73 5.18 -0.90 87.02
CA GLU UA 73 4.05 -1.71 86.55
C GLU UA 73 3.77 -1.50 85.07
N LEU UA 74 3.70 -0.24 84.67
CA LEU UA 74 3.18 0.16 83.37
C LEU UA 74 4.22 -0.01 82.26
N ALA UA 75 5.44 0.44 82.55
CA ALA UA 75 6.57 0.34 81.62
C ALA UA 75 6.72 -1.06 81.02
N PRO UA 76 6.52 -1.20 79.69
CA PRO UA 76 6.73 -2.51 79.07
C PRO UA 76 8.21 -2.86 79.00
N LEU UA 77 8.59 -3.97 79.64
CA LEU UA 77 9.98 -4.44 79.71
C LEU UA 77 10.71 -4.62 78.36
N MET UA 78 9.97 -4.86 77.28
CA MET UA 78 10.55 -4.87 75.92
C MET UA 78 9.55 -4.38 74.87
N MET UA 79 10.08 -4.04 73.69
CA MET UA 79 9.29 -3.53 72.57
C MET UA 79 9.62 -4.27 71.28
N THR UA 80 8.58 -4.55 70.49
CA THR UA 80 8.73 -5.20 69.19
C THR UA 80 9.14 -4.17 68.14
N LYS UA 81 10.45 -3.89 68.08
CA LYS UA 81 10.98 -2.88 67.17
C LYS UA 81 11.03 -3.40 65.73
N THR UA 82 10.50 -2.60 64.81
CA THR UA 82 10.44 -2.96 63.39
C THR UA 82 11.80 -2.78 62.71
N PHE UA 83 12.05 -3.58 61.68
CA PHE UA 83 13.27 -3.50 60.88
C PHE UA 83 12.96 -3.69 59.40
N ASN UA 84 13.86 -3.20 58.55
CA ASN UA 84 13.75 -3.42 57.09
C ASN UA 84 14.12 -4.85 56.72
N THR UA 85 15.16 -5.37 57.37
CA THR UA 85 15.56 -6.79 57.26
C THR UA 85 16.09 -7.13 55.86
N GLY UA 86 17.08 -6.35 55.41
CA GLY UA 86 17.76 -6.57 54.13
C GLY UA 86 16.88 -6.57 52.90
N VAL UA 87 15.87 -5.70 52.88
CA VAL UA 87 14.89 -5.61 51.79
C VAL UA 87 14.14 -6.94 51.62
N ALA UA 88 13.22 -7.19 52.55
CA ALA UA 88 12.44 -8.43 52.58
C ALA UA 88 11.18 -8.18 53.41
N LYS UA 89 10.69 -9.21 54.12
CA LYS UA 89 9.66 -9.01 55.14
C LYS UA 89 10.21 -8.18 56.28
N ALA UA 90 9.41 -7.22 56.73
CA ALA UA 90 9.79 -6.39 57.88
C ALA UA 90 9.67 -7.22 59.17
N SER UA 91 10.68 -8.05 59.42
CA SER UA 91 10.68 -8.97 60.56
C SER UA 91 10.95 -8.22 61.86
N VAL UA 92 9.91 -8.11 62.70
CA VAL UA 92 10.01 -7.42 63.99
C VAL UA 92 10.78 -8.26 65.00
N ILE UA 93 11.44 -7.59 65.94
CA ILE UA 93 12.24 -8.24 66.99
C ILE UA 93 11.91 -7.59 68.34
N PRO UA 94 11.73 -8.41 69.40
CA PRO UA 94 11.73 -7.86 70.77
C PRO UA 94 13.10 -7.28 71.14
N VAL UA 95 13.10 -6.06 71.68
CA VAL UA 95 14.33 -5.36 72.06
C VAL UA 95 14.18 -4.89 73.51
N PRO UA 96 15.21 -5.12 74.36
CA PRO UA 96 15.09 -4.69 75.76
C PRO UA 96 15.18 -3.16 75.87
N LEU UA 97 14.54 -2.63 76.90
CA LEU UA 97 14.43 -1.19 77.07
C LEU UA 97 15.27 -0.66 78.23
N ASN UA 98 15.95 0.45 77.97
CA ASN UA 98 16.56 1.28 79.00
C ASN UA 98 15.49 1.77 79.99
N LYS UA 99 15.90 2.06 81.22
CA LYS UA 99 14.97 2.47 82.30
C LYS UA 99 14.15 3.69 81.88
N ARG UA 100 14.84 4.71 81.36
CA ARG UA 100 14.21 5.94 80.85
C ARG UA 100 13.16 5.66 79.79
N GLN UA 101 13.52 4.81 78.83
CA GLN UA 101 12.62 4.43 77.72
C GLN UA 101 11.37 3.75 78.25
N ARG UA 102 11.58 2.82 79.17
CA ARG UA 102 10.50 2.13 79.88
C ARG UA 102 9.54 3.11 80.54
N ASN UA 103 10.10 4.03 81.32
CA ASN UA 103 9.29 5.03 82.03
C ASN UA 103 8.72 6.12 81.11
N ARG UA 104 9.42 6.40 80.02
CA ARG UA 104 8.96 7.35 78.98
C ARG UA 104 7.66 6.85 78.34
N ILE UA 105 7.66 5.56 77.97
CA ILE UA 105 6.48 4.90 77.41
C ILE UA 105 5.29 5.01 78.35
N ALA UA 106 5.55 4.70 79.63
CA ALA UA 106 4.53 4.79 80.68
C ALA UA 106 3.97 6.19 80.81
N TRP UA 107 4.84 7.19 80.79
CA TRP UA 107 4.43 8.57 81.03
C TRP UA 107 3.49 9.11 79.96
N ASN UA 108 3.81 8.85 78.70
CA ASN UA 108 2.97 9.28 77.57
C ASN UA 108 1.54 8.75 77.69
N TRP UA 109 1.44 7.46 78.01
CA TRP UA 109 0.15 6.82 78.28
C TRP UA 109 -0.60 7.47 79.44
N ILE UA 110 0.14 7.73 80.52
CA ILE UA 110 -0.40 8.40 81.71
C ILE UA 110 -0.96 9.77 81.37
N VAL UA 111 -0.19 10.53 80.60
CA VAL UA 111 -0.58 11.86 80.12
C VAL UA 111 -1.87 11.80 79.31
N GLN UA 112 -1.91 10.85 78.37
CA GLN UA 112 -3.09 10.62 77.52
C GLN UA 112 -4.35 10.33 78.33
N SER UA 113 -4.20 9.44 79.31
CA SER UA 113 -5.30 9.06 80.19
C SER UA 113 -5.76 10.22 81.10
N ALA UA 114 -4.81 11.06 81.51
CA ALA UA 114 -5.12 12.29 82.26
C ALA UA 114 -5.91 13.28 81.42
N ASN UA 115 -5.52 13.42 80.15
CA ASN UA 115 -6.18 14.35 79.22
C ASN UA 115 -7.67 14.05 78.98
N GLN UA 116 -8.11 12.82 79.23
CA GLN UA 116 -9.53 12.46 79.21
C GLN UA 116 -10.32 12.92 80.46
N ARG UA 117 -9.63 13.29 81.53
CA ARG UA 117 -10.28 13.79 82.76
C ARG UA 117 -10.78 15.23 82.55
N VAL UA 118 -11.59 15.71 83.49
CA VAL UA 118 -12.51 16.84 83.25
C VAL UA 118 -11.88 18.24 83.38
N SER UA 119 -11.07 18.46 84.41
CA SER UA 119 -10.68 19.82 84.84
C SER UA 119 -9.96 20.66 83.80
N SER UA 120 -9.93 21.97 84.03
CA SER UA 120 -9.18 22.91 83.18
C SER UA 120 -7.68 22.75 83.42
N ASP UA 121 -7.28 22.72 84.69
CA ASP UA 121 -5.88 22.58 85.08
C ASP UA 121 -5.39 21.15 84.80
N PHE UA 122 -4.32 21.06 84.01
CA PHE UA 122 -3.68 19.76 83.67
C PHE UA 122 -3.11 19.04 84.89
N ALA UA 123 -2.55 19.81 85.82
CA ALA UA 123 -1.96 19.26 87.05
C ALA UA 123 -2.95 18.43 87.86
N VAL UA 124 -4.18 18.93 87.95
CA VAL UA 124 -5.28 18.23 88.62
C VAL UA 124 -5.57 16.91 87.92
N ARG UA 125 -5.84 17.01 86.61
CA ARG UA 125 -6.06 15.85 85.74
C ARG UA 125 -4.99 14.77 85.91
N LEU UA 126 -3.73 15.21 85.90
CA LEU UA 126 -2.58 14.33 86.07
C LEU UA 126 -2.64 13.59 87.41
N GLY UA 127 -2.90 14.35 88.47
CA GLY UA 127 -2.99 13.82 89.83
C GLY UA 127 -4.08 12.76 89.98
N GLU UA 128 -5.26 13.06 89.41
CA GLU UA 128 -6.37 12.11 89.39
C GLU UA 128 -6.01 10.81 88.68
N GLU UA 129 -5.29 10.93 87.58
CA GLU UA 129 -4.84 9.79 86.80
C GLU UA 129 -3.85 8.93 87.59
N LEU UA 130 -2.90 9.59 88.25
CA LEU UA 130 -1.92 8.92 89.10
C LEU UA 130 -2.57 8.16 90.26
N THR UA 131 -3.59 8.75 90.87
CA THR UA 131 -4.35 8.10 91.93
C THR UA 131 -5.10 6.87 91.45
N ALA UA 132 -5.70 6.98 90.27
CA ALA UA 132 -6.39 5.87 89.61
C ALA UA 132 -5.45 4.69 89.35
N ILE UA 133 -4.26 5.02 88.86
CA ILE UA 133 -3.22 4.03 88.57
C ILE UA 133 -2.74 3.34 89.85
N ALA UA 134 -2.54 4.13 90.91
CA ALA UA 134 -2.17 3.63 92.23
C ALA UA 134 -3.21 2.64 92.76
N LYS UA 135 -4.48 3.02 92.63
CA LYS UA 135 -5.60 2.16 93.03
C LYS UA 135 -5.75 0.94 92.11
N GLY UA 136 -5.53 1.14 90.80
CA GLY UA 136 -5.34 0.03 89.85
C GLY UA 136 -6.37 -0.04 88.73
N THR UA 137 -6.43 1.02 87.92
CA THR UA 137 -7.39 1.12 86.80
C THR UA 137 -6.87 2.04 85.68
N SER UA 138 -6.56 1.45 84.51
CA SER UA 138 -6.20 2.24 83.32
C SER UA 138 -6.21 1.40 82.03
N SER UA 139 -6.44 2.07 80.90
CA SER UA 139 -6.23 1.50 79.57
C SER UA 139 -4.73 1.34 79.24
N ALA UA 140 -3.89 2.12 79.94
CA ALA UA 140 -2.43 1.99 79.85
C ALA UA 140 -1.93 0.59 80.17
N PHE UA 141 -2.50 0.00 81.23
CA PHE UA 141 -2.22 -1.39 81.62
C PHE UA 141 -2.55 -2.38 80.50
N GLU UA 142 -3.72 -2.19 79.90
CA GLU UA 142 -4.20 -3.01 78.78
C GLU UA 142 -3.25 -2.93 77.58
N LYS UA 143 -2.81 -1.70 77.27
CA LYS UA 143 -1.85 -1.44 76.19
C LYS UA 143 -0.52 -2.15 76.43
N ARG UA 144 -0.05 -2.08 77.67
CA ARG UA 144 1.18 -2.78 78.11
C ARG UA 144 1.05 -4.29 77.91
N ASP UA 145 -0.07 -4.84 78.40
CA ASP UA 145 -0.38 -6.27 78.24
C ASP UA 145 -0.34 -6.71 76.78
N GLN UA 146 -0.98 -5.91 75.93
CA GLN UA 146 -1.02 -6.13 74.48
C GLN UA 146 0.39 -6.16 73.90
N ILE UA 147 1.19 -5.15 74.26
CA ILE UA 147 2.61 -5.07 73.86
C ILE UA 147 3.39 -6.32 74.25
N HIS UA 148 3.20 -6.75 75.49
CA HIS UA 148 3.85 -7.96 75.99
C HIS UA 148 3.45 -9.21 75.21
N LYS UA 149 2.15 -9.32 74.91
CA LYS UA 149 1.63 -10.40 74.06
C LYS UA 149 2.26 -10.40 72.67
N THR UA 150 2.39 -9.22 72.08
CA THR UA 150 3.01 -9.07 70.75
C THR UA 150 4.50 -9.41 70.77
N ALA UA 151 5.16 -9.08 71.89
CA ALA UA 151 6.57 -9.46 72.10
C ALA UA 151 6.73 -10.97 72.24
N ILE UA 152 5.80 -11.59 72.97
CA ILE UA 152 5.77 -13.04 73.16
C ILE UA 152 5.66 -13.79 71.82
N ALA UA 153 4.79 -13.31 70.93
CA ALA UA 153 4.86 -13.72 69.53
C ALA UA 153 6.16 -13.13 68.99
N HIS UA 154 6.90 -13.90 68.19
CA HIS UA 154 8.30 -13.59 67.83
C HIS UA 154 9.22 -13.91 69.03
N ARG UA 155 9.26 -15.18 69.42
CA ARG UA 155 10.09 -15.64 70.54
C ARG UA 155 11.56 -15.69 70.11
N ALA UA 156 11.82 -16.45 69.06
CA ALA UA 156 13.18 -16.72 68.56
C ALA UA 156 13.61 -15.80 67.40
N TYR UA 157 12.85 -14.74 67.15
CA TYR UA 157 13.28 -13.67 66.21
C TYR UA 157 14.46 -12.87 66.77
N ILE UA 158 14.63 -12.89 68.09
CA ILE UA 158 15.84 -12.36 68.73
C ILE UA 158 17.09 -13.06 68.17
N GLN UA 159 18.12 -12.26 67.89
CA GLN UA 159 19.25 -12.68 67.06
C GLN UA 159 20.28 -13.51 67.84
N LEU UA 160 20.83 -12.91 68.89
CA LEU UA 160 21.87 -13.55 69.71
C LEU UA 160 21.30 -14.67 70.60
N LYS UA 161 20.06 -14.48 71.05
CA LYS UA 161 19.32 -15.47 71.86
C LYS UA 161 19.98 -15.73 73.21
N SER VA 1 76.16 -37.66 10.63
CA SER VA 1 75.17 -36.75 9.96
C SER VA 1 75.23 -35.32 10.48
N LEU VA 2 74.65 -34.41 9.69
CA LEU VA 2 74.75 -32.97 9.90
C LEU VA 2 73.67 -32.45 10.85
N VAL VA 3 72.48 -33.05 10.78
CA VAL VA 3 71.39 -32.78 11.72
C VAL VA 3 71.80 -33.11 13.15
N LYS VA 4 72.38 -34.30 13.31
CA LYS VA 4 72.94 -34.75 14.59
C LYS VA 4 73.94 -33.75 15.14
N LEU VA 5 74.87 -33.34 14.28
CA LEU VA 5 75.91 -32.37 14.64
C LEU VA 5 75.30 -31.06 15.14
N ALA VA 6 74.28 -30.58 14.45
CA ALA VA 6 73.53 -29.39 14.84
C ALA VA 6 72.86 -29.54 16.20
N ASN VA 7 72.27 -30.72 16.43
CA ASN VA 7 71.63 -31.04 17.71
C ASN VA 7 72.62 -31.04 18.88
N THR VA 8 73.79 -31.62 18.65
CA THR VA 8 74.85 -31.67 19.67
C THR VA 8 75.39 -30.28 19.99
N CYS VA 9 75.53 -29.47 18.94
CA CYS VA 9 75.91 -28.06 19.09
C CYS VA 9 74.92 -27.28 19.96
N ALA VA 10 73.63 -27.46 19.65
CA ALA VA 10 72.53 -26.86 20.42
C ALA VA 10 72.55 -27.29 21.89
N HIS VA 11 72.79 -28.58 22.10
CA HIS VA 11 72.91 -29.16 23.43
C HIS VA 11 74.07 -28.56 24.22
N LEU VA 12 75.22 -28.44 23.55
CA LEU VA 12 76.41 -27.78 24.11
C LEU VA 12 76.12 -26.36 24.55
N GLN VA 13 75.47 -25.60 23.67
CA GLN VA 13 75.05 -24.22 23.96
C GLN VA 13 74.16 -24.13 25.20
N ASN VA 14 73.15 -24.99 25.25
CA ASN VA 14 72.24 -25.10 26.39
C ASN VA 14 72.98 -25.36 27.70
N CYS VA 15 73.91 -26.30 27.64
CA CYS VA 15 74.74 -26.66 28.79
C CYS VA 15 75.65 -25.52 29.25
N SER VA 16 76.22 -24.79 28.29
CA SER VA 16 76.99 -23.57 28.56
C SER VA 16 76.16 -22.49 29.25
N LYS VA 17 74.92 -22.33 28.79
CA LYS VA 17 73.98 -21.35 29.35
C LYS VA 17 73.73 -21.53 30.85
N VAL VA 18 73.43 -22.77 31.26
CA VAL VA 18 73.13 -23.09 32.67
C VAL VA 18 74.34 -23.47 33.54
N ARG VA 19 75.52 -23.57 32.94
CA ARG VA 19 76.78 -23.92 33.63
C ARG VA 19 76.85 -25.36 34.15
N VAL VA 20 76.47 -26.36 33.36
CA VAL VA 20 76.77 -27.75 33.74
C VAL VA 20 78.23 -28.05 33.42
N ALA VA 21 78.82 -28.95 34.18
CA ALA VA 21 80.24 -29.28 34.05
C ALA VA 21 80.50 -30.35 33.00
N LEU VA 22 79.71 -31.41 33.01
CA LEU VA 22 79.99 -32.64 32.26
C LEU VA 22 78.74 -33.12 31.54
N THR VA 23 78.85 -33.25 30.22
CA THR VA 23 77.70 -33.35 29.31
C THR VA 23 77.86 -34.51 28.35
N SER VA 24 76.77 -35.25 28.13
CA SER VA 24 76.74 -36.38 27.19
C SER VA 24 76.47 -35.90 25.76
N ILE VA 25 76.96 -36.68 24.80
CA ILE VA 25 76.76 -36.43 23.35
C ILE VA 25 76.56 -37.82 22.71
N PRO VA 26 75.89 -37.89 21.53
CA PRO VA 26 75.77 -39.17 20.83
C PRO VA 26 77.11 -39.73 20.35
N TYR VA 27 77.23 -41.07 20.38
CA TYR VA 27 78.47 -41.77 20.03
C TYR VA 27 78.47 -42.16 18.56
N THR VA 28 78.94 -41.24 17.72
CA THR VA 28 79.20 -41.50 16.30
C THR VA 28 80.64 -41.05 16.00
N LYS VA 29 81.10 -41.31 14.78
CA LYS VA 29 82.49 -41.04 14.39
C LYS VA 29 82.70 -39.56 14.17
N LEU VA 30 81.85 -38.98 13.31
CA LEU VA 30 81.86 -37.53 13.02
C LEU VA 30 81.77 -36.71 14.30
N GLN VA 31 80.81 -37.08 15.14
CA GLN VA 31 80.58 -36.41 16.42
C GLN VA 31 81.80 -36.48 17.34
N LEU VA 32 82.39 -37.67 17.40
CA LEU VA 32 83.60 -37.92 18.17
C LEU VA 32 84.76 -37.04 17.68
N GLN VA 33 84.95 -37.04 16.37
CA GLN VA 33 85.98 -36.21 15.72
C GLN VA 33 85.82 -34.74 16.09
N PHE VA 34 84.59 -34.24 15.93
CA PHE VA 34 84.22 -32.88 16.30
C PHE VA 34 84.60 -32.55 17.74
N ALA VA 35 84.23 -33.46 18.65
CA ALA VA 35 84.53 -33.33 20.07
C ALA VA 35 86.04 -33.29 20.33
N TYR VA 36 86.77 -34.15 19.63
CA TYR VA 36 88.24 -34.18 19.71
C TYR VA 36 88.87 -32.87 19.24
N ASN VA 37 88.35 -32.33 18.14
CA ASN VA 37 88.80 -31.04 17.60
C ASN VA 37 88.60 -29.89 18.58
N LEU VA 38 87.42 -29.86 19.21
CA LEU VA 38 87.09 -28.88 20.25
C LEU VA 38 88.05 -28.97 21.43
N TYR VA 39 88.30 -30.20 21.88
CA TYR VA 39 89.23 -30.50 22.98
C TYR VA 39 90.63 -29.98 22.69
N GLN VA 40 91.12 -30.24 21.47
CA GLN VA 40 92.46 -29.84 21.06
C GLN VA 40 92.60 -28.33 20.91
N GLN VA 41 91.58 -27.68 20.37
CA GLN VA 41 91.53 -26.20 20.31
C GLN VA 41 91.42 -25.58 21.71
N GLY VA 42 90.72 -26.29 22.60
CA GLY VA 42 90.67 -25.95 24.03
C GLY VA 42 89.32 -25.51 24.57
N PHE VA 43 88.24 -25.96 23.94
CA PHE VA 43 86.88 -25.61 24.36
C PHE VA 43 86.33 -26.60 25.38
N LEU VA 44 86.71 -27.87 25.27
CA LEU VA 44 86.32 -28.90 26.22
C LEU VA 44 87.45 -29.19 27.20
N SER VA 45 87.09 -29.39 28.46
CA SER VA 45 88.03 -29.79 29.51
C SER VA 45 88.33 -31.28 29.44
N SER VA 46 87.35 -32.07 29.02
CA SER VA 46 87.45 -33.53 29.01
C SER VA 46 86.70 -34.10 27.82
N LEU VA 47 87.10 -35.30 27.40
CA LEU VA 47 86.41 -36.03 26.36
C LEU VA 47 86.62 -37.51 26.63
N GLN VA 48 85.53 -38.25 26.81
CA GLN VA 48 85.63 -39.66 27.17
C GLN VA 48 84.39 -40.46 26.80
N LYS VA 49 84.62 -41.70 26.35
CA LYS VA 49 83.56 -42.60 25.95
C LYS VA 49 82.84 -43.12 27.18
N GLY VA 50 81.57 -43.47 27.02
CA GLY VA 50 80.82 -44.01 28.15
C GLY VA 50 79.41 -44.45 27.85
N SER VA 51 78.73 -44.84 28.91
CA SER VA 51 77.36 -45.32 28.83
C SER VA 51 76.39 -44.16 28.70
N THR VA 52 75.13 -44.51 28.48
CA THR VA 52 74.04 -43.53 28.50
C THR VA 52 73.88 -42.94 29.91
N MET VA 53 74.26 -43.73 30.94
CA MET VA 53 74.14 -43.33 32.34
C MET VA 53 75.31 -42.47 32.86
N GLY VA 54 76.51 -42.64 32.29
CA GLY VA 54 77.68 -41.87 32.73
C GLY VA 54 78.97 -42.17 31.97
N PRO VA 55 80.02 -41.35 32.17
CA PRO VA 55 81.33 -41.64 31.56
C PRO VA 55 81.98 -42.88 32.16
N ASP VA 56 82.77 -43.58 31.34
CA ASP VA 56 83.34 -44.87 31.73
C ASP VA 56 84.73 -44.69 32.35
N LYS VA 57 84.96 -45.38 33.46
CA LYS VA 57 86.26 -45.35 34.15
C LYS VA 57 87.27 -46.22 33.40
N ASP VA 58 86.92 -47.50 33.24
CA ASP VA 58 87.75 -48.47 32.52
C ASP VA 58 87.34 -48.53 31.05
N PHE VA 59 88.14 -49.23 30.24
CA PHE VA 59 87.81 -49.46 28.84
C PHE VA 59 86.72 -50.51 28.73
N VAL VA 60 85.71 -50.21 27.90
CA VAL VA 60 84.66 -51.16 27.54
C VAL VA 60 84.54 -51.12 26.02
N GLU VA 61 84.80 -52.26 25.36
CA GLU VA 61 84.71 -52.36 23.92
C GLU VA 61 83.26 -52.24 23.46
N VAL VA 62 83.06 -51.52 22.35
CA VAL VA 62 81.72 -51.21 21.85
C VAL VA 62 81.33 -52.24 20.79
N THR VA 63 80.16 -52.85 20.97
CA THR VA 63 79.63 -53.88 20.07
C THR VA 63 78.13 -53.64 19.84
N PRO VA 64 77.51 -54.41 18.91
CA PRO VA 64 76.06 -54.54 18.81
C PRO VA 64 75.30 -54.75 20.14
N ASP VA 65 75.94 -55.40 21.11
CA ASP VA 65 75.36 -55.56 22.45
C ASP VA 65 75.26 -54.23 23.22
N ASN VA 66 76.26 -53.36 23.06
CA ASN VA 66 76.29 -52.04 23.73
C ASN VA 66 75.74 -50.88 22.90
N ILE VA 67 76.05 -50.87 21.60
CA ILE VA 67 76.07 -49.63 20.77
C ILE VA 67 74.92 -48.64 21.01
N SER VA 68 73.70 -49.16 21.18
CA SER VA 68 72.51 -48.33 21.42
C SER VA 68 72.57 -47.53 22.71
N THR VA 69 73.24 -48.08 23.72
CA THR VA 69 73.40 -47.44 25.03
C THR VA 69 74.69 -46.61 25.15
N ARG VA 70 75.46 -46.51 24.07
CA ARG VA 70 76.77 -45.85 24.13
C ARG VA 70 76.68 -44.35 23.82
N ARG VA 71 77.67 -43.63 24.34
CA ARG VA 71 77.54 -42.20 24.57
C ARG VA 71 78.92 -41.57 24.72
N LEU VA 72 79.01 -40.27 24.44
CA LEU VA 72 80.28 -39.56 24.44
C LEU VA 72 80.22 -38.39 25.42
N TRP VA 73 80.88 -38.56 26.56
CA TRP VA 73 80.83 -37.59 27.65
C TRP VA 73 81.92 -36.55 27.48
N VAL VA 74 81.57 -35.31 27.81
CA VAL VA 74 82.33 -34.15 27.40
C VAL VA 74 82.29 -33.11 28.51
N GLY VA 75 83.47 -32.67 28.93
CA GLY VA 75 83.61 -31.69 30.00
C GLY VA 75 83.61 -30.29 29.41
N LEU VA 76 82.77 -29.41 29.96
CA LEU VA 76 82.71 -28.01 29.54
C LEU VA 76 83.64 -27.16 30.41
N LYS VA 77 83.80 -25.89 30.03
CA LYS VA 77 84.94 -25.09 30.48
C LYS VA 77 84.54 -23.64 30.73
N TYR VA 78 84.94 -23.09 31.89
CA TYR VA 78 84.54 -21.74 32.33
C TYR VA 78 85.72 -21.03 32.98
N ARG VA 79 85.75 -19.70 32.86
CA ARG VA 79 86.86 -18.88 33.40
C ARG VA 79 86.43 -17.44 33.61
N ASP VA 80 86.63 -16.95 34.85
CA ASP VA 80 86.23 -15.59 35.26
C ASP VA 80 84.76 -15.29 34.98
N ASN VA 81 83.90 -16.20 35.43
CA ASN VA 81 82.44 -16.09 35.32
C ASN VA 81 81.95 -15.94 33.88
N LYS VA 82 82.57 -16.69 32.97
CA LYS VA 82 82.26 -16.66 31.55
C LYS VA 82 82.58 -18.01 30.92
N PRO VA 83 81.62 -18.60 30.16
CA PRO VA 83 81.89 -19.90 29.55
C PRO VA 83 82.79 -19.78 28.34
N VAL VA 84 83.66 -20.77 28.15
CA VAL VA 84 84.63 -20.77 27.06
C VAL VA 84 83.90 -21.00 25.73
N LEU VA 85 83.11 -22.07 25.69
CA LEU VA 85 82.31 -22.43 24.52
C LEU VA 85 80.98 -21.68 24.53
N SER VA 86 81.01 -20.44 24.07
CA SER VA 86 79.81 -19.58 24.02
C SER VA 86 78.80 -20.03 22.97
N SER VA 87 79.30 -20.30 21.76
CA SER VA 87 78.45 -20.59 20.59
C SER VA 87 78.88 -21.85 19.86
N CYS VA 88 77.94 -22.42 19.10
CA CYS VA 88 78.21 -23.58 18.24
C CYS VA 88 77.33 -23.55 16.97
N LYS VA 89 77.24 -22.39 16.32
CA LYS VA 89 76.48 -22.27 15.06
C LYS VA 89 77.16 -23.11 14.00
N LEU VA 90 76.41 -23.96 13.29
CA LEU VA 90 76.97 -24.62 12.11
C LEU VA 90 76.71 -23.81 10.84
N ILE VA 91 77.51 -24.07 9.82
CA ILE VA 91 77.52 -23.29 8.59
C ILE VA 91 76.83 -24.09 7.48
N SER VA 92 77.37 -25.27 7.19
CA SER VA 92 76.71 -26.21 6.28
C SER VA 92 75.51 -26.80 7.01
N LYS VA 93 74.33 -26.21 6.76
CA LYS VA 93 73.08 -26.73 7.30
C LYS VA 93 72.63 -27.87 6.39
N PRO VA 94 71.82 -28.81 6.91
CA PRO VA 94 71.32 -29.93 6.11
C PRO VA 94 70.69 -29.57 4.76
N ASN VA 95 69.95 -28.46 4.70
CA ASN VA 95 69.26 -28.05 3.46
C ASN VA 95 70.14 -27.28 2.46
N SER VA 96 71.04 -26.43 2.96
CA SER VA 96 72.01 -25.70 2.14
C SER VA 96 73.41 -26.06 2.59
N ARG VA 97 73.92 -27.17 2.07
CA ARG VA 97 75.24 -27.67 2.41
C ARG VA 97 76.24 -26.97 1.52
N ILE VA 98 77.32 -26.44 2.11
CA ILE VA 98 78.27 -25.63 1.35
C ILE VA 98 79.66 -26.27 1.37
N HIS VA 99 80.29 -26.28 0.21
CA HIS VA 99 81.58 -26.93 0.00
C HIS VA 99 82.52 -25.96 -0.69
N LEU VA 100 83.53 -25.50 0.03
CA LEU VA 100 84.43 -24.46 -0.48
C LEU VA 100 85.71 -25.07 -1.03
N PRO VA 101 86.28 -24.44 -2.09
CA PRO VA 101 87.66 -24.73 -2.45
C PRO VA 101 88.63 -24.01 -1.51
N MET VA 102 89.91 -24.34 -1.64
CA MET VA 102 90.96 -23.83 -0.75
C MET VA 102 91.09 -22.30 -0.77
N GLU VA 103 90.92 -21.72 -1.96
CA GLU VA 103 90.97 -20.26 -2.15
C GLU VA 103 89.89 -19.55 -1.34
N ASP VA 104 88.66 -20.07 -1.42
CA ASP VA 104 87.51 -19.54 -0.67
C ASP VA 104 87.74 -19.57 0.84
N MET VA 105 88.31 -20.68 1.30
CA MET VA 105 88.65 -20.86 2.72
C MET VA 105 89.70 -19.85 3.19
N LYS VA 106 90.72 -19.66 2.35
CA LYS VA 106 91.76 -18.64 2.59
C LYS VA 106 91.17 -17.24 2.71
N LYS VA 107 90.29 -16.90 1.76
CA LYS VA 107 89.58 -15.61 1.76
C LYS VA 107 88.78 -15.41 3.05
N LEU VA 108 88.03 -16.43 3.44
CA LEU VA 108 87.27 -16.45 4.69
C LEU VA 108 88.16 -16.15 5.89
N CYS VA 109 89.29 -16.85 5.94
CA CYS VA 109 90.29 -16.66 7.01
C CYS VA 109 90.83 -15.22 7.06
N SER VA 110 91.02 -14.62 5.89
CA SER VA 110 91.53 -13.26 5.75
C SER VA 110 90.43 -12.17 5.66
N GLY VA 111 89.27 -12.40 6.28
CA GLY VA 111 88.27 -11.35 6.45
C GLY VA 111 87.48 -10.98 5.21
N VAL VA 112 86.98 -11.99 4.49
CA VAL VA 112 86.13 -11.80 3.31
C VAL VA 112 84.87 -12.64 3.46
N THR VA 113 83.71 -11.98 3.39
CA THR VA 113 82.42 -12.67 3.42
C THR VA 113 82.27 -13.51 2.14
N ILE VA 114 82.02 -14.81 2.30
CA ILE VA 114 81.92 -15.74 1.17
C ILE VA 114 80.68 -16.60 1.31
N ARG VA 115 79.88 -16.63 0.24
CA ARG VA 115 78.69 -17.48 0.16
C ARG VA 115 77.73 -17.23 1.34
N ASN VA 116 77.69 -15.97 1.78
CA ASN VA 116 77.05 -15.55 3.03
C ASN VA 116 77.51 -16.34 4.27
N ILE VA 117 78.82 -16.30 4.47
CA ILE VA 117 79.45 -16.68 5.74
C ILE VA 117 80.16 -15.43 6.22
N LYS VA 118 79.90 -15.03 7.47
CA LYS VA 118 80.68 -13.97 8.09
C LYS VA 118 82.10 -14.52 8.30
N PRO VA 119 83.13 -13.81 7.81
CA PRO VA 119 84.50 -14.35 7.86
C PRO VA 119 84.99 -14.55 9.29
N LEU VA 120 85.89 -15.53 9.47
CA LEU VA 120 86.13 -16.08 10.81
C LEU VA 120 86.82 -15.07 11.75
N GLN VA 121 86.49 -15.19 13.04
CA GLN VA 121 86.74 -14.16 14.05
C GLN VA 121 88.00 -14.42 14.88
N PRO VA 122 88.47 -13.41 15.66
CA PRO VA 122 89.69 -13.49 16.48
C PRO VA 122 89.89 -14.78 17.29
N GLY VA 123 88.91 -15.11 18.14
CA GLY VA 123 88.99 -16.29 19.00
C GLY VA 123 88.02 -17.38 18.57
N GLU VA 124 87.83 -17.51 17.25
CA GLU VA 124 86.84 -18.41 16.68
C GLU VA 124 87.53 -19.63 16.09
N LEU VA 125 86.73 -20.63 15.77
CA LEU VA 125 87.20 -21.87 15.15
C LEU VA 125 86.14 -22.36 14.18
N ILE VA 126 86.45 -22.28 12.89
CA ILE VA 126 85.62 -22.89 11.85
C ILE VA 126 86.16 -24.28 11.55
N LEU VA 127 85.34 -25.30 11.79
CA LEU VA 127 85.70 -26.68 11.47
C LEU VA 127 85.30 -27.01 10.04
N VAL VA 128 86.12 -27.85 9.41
CA VAL VA 128 86.01 -28.18 7.99
C VAL VA 128 86.14 -29.68 7.81
N ARG VA 129 85.16 -30.29 7.15
CA ARG VA 129 85.23 -31.71 6.81
C ARG VA 129 85.89 -31.87 5.44
N ALA VA 130 86.87 -32.78 5.36
CA ALA VA 130 87.59 -33.07 4.12
C ALA VA 130 87.96 -34.55 4.08
N HIS VA 131 87.24 -35.30 3.25
CA HIS VA 131 87.37 -36.77 3.15
C HIS VA 131 87.10 -37.48 4.48
N ASN VA 132 85.93 -37.17 5.06
CA ASN VA 132 85.49 -37.72 6.35
C ASN VA 132 86.53 -37.58 7.47
N ASN VA 133 87.06 -36.37 7.59
CA ASN VA 133 88.02 -36.01 8.64
C ASN VA 133 87.87 -34.52 8.95
N ILE VA 134 87.46 -34.20 10.18
CA ILE VA 134 87.19 -32.82 10.56
C ILE VA 134 88.51 -32.18 10.96
N MET VA 135 88.71 -30.95 10.49
CA MET VA 135 89.93 -30.19 10.75
C MET VA 135 89.59 -28.75 11.05
N ASP VA 136 90.59 -27.99 11.47
CA ASP VA 136 90.49 -26.53 11.52
C ASP VA 136 90.58 -26.04 10.08
N ILE VA 137 89.97 -24.89 9.80
CA ILE VA 137 90.00 -24.32 8.44
C ILE VA 137 91.42 -23.89 8.03
N ASN VA 138 92.18 -23.37 9.00
CA ASN VA 138 93.60 -23.04 8.80
C ASN VA 138 94.44 -24.28 8.46
N GLU VA 139 94.19 -25.35 9.20
CA GLU VA 139 94.84 -26.66 8.96
C GLU VA 139 94.54 -27.19 7.56
N ALA VA 140 93.27 -27.09 7.18
CA ALA VA 140 92.81 -27.51 5.86
C ALA VA 140 93.48 -26.72 4.74
N ILE VA 141 93.59 -25.41 4.93
CA ILE VA 141 94.31 -24.51 4.02
C ILE VA 141 95.77 -24.93 3.87
N SER VA 142 96.43 -25.16 5.00
CA SER VA 142 97.83 -25.60 5.03
C SER VA 142 98.03 -26.90 4.26
N LYS VA 143 97.16 -27.87 4.51
CA LYS VA 143 97.16 -29.15 3.79
C LYS VA 143 96.63 -29.05 2.37
N LYS VA 144 95.81 -28.02 2.10
CA LYS VA 144 95.21 -27.73 0.79
C LYS VA 144 94.12 -28.74 0.45
N LEU VA 145 93.04 -28.68 1.23
CA LEU VA 145 91.90 -29.58 1.11
C LEU VA 145 90.64 -28.79 0.79
N ASP VA 146 90.05 -29.05 -0.38
CA ASP VA 146 88.72 -28.53 -0.71
C ASP VA 146 87.70 -29.32 0.10
N GLY VA 147 86.96 -28.64 0.97
CA GLY VA 147 86.11 -29.32 1.96
C GLY VA 147 84.81 -28.62 2.30
N GLU VA 148 83.95 -29.36 3.01
CA GLU VA 148 82.68 -28.85 3.51
C GLU VA 148 82.94 -28.02 4.76
N VAL VA 149 82.53 -26.76 4.74
CA VAL VA 149 82.63 -25.88 5.91
C VAL VA 149 81.55 -26.32 6.89
N LEU VA 150 81.96 -27.06 7.92
CA LEU VA 150 81.02 -27.70 8.85
C LEU VA 150 80.36 -26.69 9.77
N CYS VA 151 81.13 -26.16 10.71
CA CYS VA 151 80.57 -25.42 11.83
C CYS VA 151 81.54 -24.41 12.40
N ARG VA 152 81.08 -23.72 13.44
CA ARG VA 152 81.70 -22.50 13.91
C ARG VA 152 81.53 -22.43 15.43
N VAL VA 153 82.64 -22.37 16.17
CA VAL VA 153 82.57 -22.27 17.65
C VAL VA 153 83.32 -21.05 18.16
N LYS VA 154 82.76 -20.41 19.19
CA LYS VA 154 83.29 -19.18 19.76
C LYS VA 154 82.94 -19.08 21.25
N ARG WA 1 96.49 9.28 59.10
CA ARG WA 1 95.18 9.19 59.82
C ARG WA 1 94.03 8.76 58.91
N ARG WA 2 92.92 8.36 59.54
CA ARG WA 2 91.73 7.87 58.84
C ARG WA 2 90.49 8.57 59.39
N ILE WA 3 89.58 8.95 58.50
CA ILE WA 3 88.27 9.47 58.90
C ILE WA 3 87.28 8.30 58.93
N VAL WA 4 86.61 8.16 60.06
CA VAL WA 4 85.91 6.93 60.44
C VAL WA 4 84.70 7.31 61.32
N PRO WA 5 83.58 6.54 61.23
CA PRO WA 5 82.46 6.81 62.14
C PRO WA 5 82.75 6.56 63.62
N LYS WA 6 82.18 7.40 64.49
CA LYS WA 6 82.34 7.26 65.95
C LYS WA 6 81.68 6.00 66.46
N LEU WA 7 80.37 5.92 66.31
CA LEU WA 7 79.57 4.85 66.89
C LEU WA 7 79.68 3.58 66.05
N ALA WA 8 79.75 2.43 66.73
CA ALA WA 8 79.74 1.12 66.06
C ALA WA 8 78.40 0.81 65.40
N THR WA 9 77.33 1.45 65.88
CA THR WA 9 76.00 1.34 65.28
C THR WA 9 75.73 2.29 64.10
N PHE WA 10 76.73 3.11 63.73
CA PHE WA 10 76.61 4.14 62.67
C PHE WA 10 75.65 3.82 61.53
N TYR WA 11 75.82 2.65 60.93
CA TYR WA 11 75.06 2.25 59.74
C TYR WA 11 73.61 1.86 60.01
N SER WA 12 73.28 1.53 61.27
CA SER WA 12 71.90 1.21 61.66
C SER WA 12 70.97 2.42 61.56
N ALA WA 13 69.67 2.16 61.65
CA ALA WA 13 68.63 3.18 61.41
C ALA WA 13 68.76 4.40 62.32
N ASN WA 14 68.71 4.16 63.63
CA ASN WA 14 68.88 5.21 64.64
C ASN WA 14 70.13 4.85 65.45
N PRO WA 15 71.31 5.31 65.00
CA PRO WA 15 72.57 4.82 65.59
C PRO WA 15 72.83 5.29 67.02
N ASN WA 16 72.56 6.57 67.28
CA ASN WA 16 72.79 7.17 68.60
C ASN WA 16 71.97 6.47 69.69
N HIS WA 17 70.68 6.28 69.41
CA HIS WA 17 69.79 5.57 70.33
C HIS WA 17 70.31 4.16 70.63
N GLU WA 18 70.66 3.45 69.56
CA GLU WA 18 71.20 2.09 69.67
C GLU WA 18 72.44 2.03 70.57
N ASP WA 19 73.35 2.98 70.36
CA ASP WA 19 74.55 3.14 71.18
C ASP WA 19 74.20 3.36 72.65
N ARG WA 20 73.25 4.24 72.90
CA ARG WA 20 72.77 4.55 74.25
C ARG WA 20 72.21 3.32 74.94
N ILE WA 21 71.39 2.57 74.22
CA ILE WA 21 70.82 1.32 74.70
C ILE WA 21 71.90 0.28 75.04
N ASN WA 22 72.92 0.20 74.18
CA ASN WA 22 74.03 -0.75 74.36
C ASN WA 22 74.80 -0.63 75.68
N ARG WA 23 75.04 0.60 76.14
CA ARG WA 23 75.73 0.85 77.41
C ARG WA 23 74.89 0.35 78.59
N LEU WA 24 73.61 0.67 78.56
CA LEU WA 24 72.64 0.21 79.56
C LEU WA 24 72.53 -1.31 79.60
N GLU WA 25 72.52 -1.91 78.41
CA GLU WA 25 72.47 -3.36 78.26
C GLU WA 25 73.70 -4.03 78.86
N ARG WA 26 74.87 -3.43 78.58
CA ARG WA 26 76.15 -3.88 79.15
C ARG WA 26 76.15 -3.82 80.67
N LEU WA 27 75.65 -2.71 81.22
CA LEU WA 27 75.51 -2.53 82.66
C LEU WA 27 74.63 -3.59 83.29
N LEU WA 28 73.47 -3.81 82.67
CA LEU WA 28 72.52 -4.85 83.10
C LEU WA 28 73.18 -6.23 83.14
N ARG WA 29 73.90 -6.56 82.07
CA ARG WA 29 74.66 -7.80 81.97
C ARG WA 29 75.68 -7.95 83.10
N LYS WA 30 76.42 -6.88 83.35
CA LYS WA 30 77.43 -6.83 84.40
C LYS WA 30 76.84 -7.10 85.78
N TYR WA 31 75.74 -6.41 86.08
CA TYR WA 31 75.10 -6.46 87.39
C TYR WA 31 73.74 -7.15 87.29
N ILE WA 32 73.75 -8.29 86.62
CA ILE WA 32 72.53 -9.06 86.36
C ILE WA 32 72.08 -9.85 87.59
N LYS WA 33 73.03 -10.21 88.45
CA LYS WA 33 72.75 -10.95 89.68
C LYS WA 33 72.35 -10.07 90.86
N LEU WA 34 72.60 -8.76 90.79
CA LEU WA 34 72.26 -7.84 91.89
C LEU WA 34 70.74 -7.81 92.09
N PRO WA 35 70.28 -8.00 93.36
CA PRO WA 35 68.85 -8.15 93.61
C PRO WA 35 68.09 -6.83 93.53
N SER WA 36 66.83 -6.90 93.08
CA SER WA 36 66.01 -5.73 92.82
C SER WA 36 64.96 -5.53 93.93
N GLN WA 37 65.23 -4.58 94.83
CA GLN WA 37 64.35 -4.23 95.96
C GLN WA 37 63.92 -5.44 96.80
N ALA WA 47 61.94 6.74 88.44
CA ALA WA 47 60.64 7.37 88.20
C ALA WA 47 60.73 8.65 87.35
N PRO WA 48 61.59 9.62 87.74
CA PRO WA 48 61.62 10.90 87.06
C PRO WA 48 62.54 10.89 85.84
N TRP WA 49 62.19 10.09 84.83
CA TRP WA 49 63.00 9.94 83.62
C TRP WA 49 62.72 11.07 82.64
N ILE WA 50 63.71 11.42 81.82
CA ILE WA 50 63.55 12.43 80.77
C ILE WA 50 62.45 12.04 79.78
N SER WA 51 61.77 13.05 79.25
CA SER WA 51 60.66 12.85 78.32
C SER WA 51 61.13 12.33 76.96
N PHE WA 52 60.17 11.93 76.14
CA PHE WA 52 60.44 11.47 74.77
C PHE WA 52 61.14 12.54 73.96
N ASP WA 53 60.58 13.75 73.99
CA ASP WA 53 61.14 14.92 73.28
C ASP WA 53 62.54 15.29 73.80
N GLU WA 54 62.68 15.26 75.12
CA GLU WA 54 63.97 15.51 75.78
C GLU WA 54 65.01 14.47 75.38
N TYR WA 55 64.59 13.21 75.34
CA TYR WA 55 65.46 12.11 74.93
C TYR WA 55 65.89 12.23 73.47
N ALA WA 56 64.96 12.64 72.62
CA ALA WA 56 65.22 12.84 71.18
C ALA WA 56 66.38 13.79 70.89
N LEU WA 57 66.44 14.88 71.66
CA LEU WA 57 67.47 15.91 71.45
C LEU WA 57 68.89 15.34 71.63
N ILE WA 58 69.08 14.47 72.61
CA ILE WA 58 70.36 13.74 72.79
C ILE WA 58 70.43 12.45 71.96
N GLY WA 59 69.30 11.77 71.81
CA GLY WA 59 69.22 10.48 71.12
C GLY WA 59 69.09 10.62 69.62
N GLY WA 60 68.03 10.03 69.06
CA GLY WA 60 67.82 9.98 67.61
C GLY WA 60 67.32 11.25 66.96
N GLY WA 61 66.54 12.04 67.69
CA GLY WA 61 65.91 13.26 67.15
C GLY WA 61 64.61 12.88 66.46
N THR WA 62 64.50 13.24 65.18
CA THR WA 62 63.33 12.87 64.36
C THR WA 62 63.22 11.35 64.12
N LYS WA 63 64.35 10.65 64.15
CA LYS WA 63 64.40 9.20 63.93
C LYS WA 63 64.08 8.36 65.19
N LEU WA 64 63.82 9.02 66.32
CA LEU WA 64 63.45 8.34 67.56
C LEU WA 64 61.99 7.85 67.45
N LYS WA 65 61.77 6.57 67.73
CA LYS WA 65 60.44 5.96 67.68
C LYS WA 65 59.90 5.68 69.09
N PRO WA 66 58.56 5.59 69.25
CA PRO WA 66 57.97 5.30 70.58
C PRO WA 66 58.48 4.01 71.20
N THR WA 67 58.53 2.96 70.38
CA THR WA 67 59.02 1.63 70.82
C THR WA 67 60.44 1.66 71.37
N GLN WA 68 61.30 2.42 70.69
CA GLN WA 68 62.68 2.63 71.14
C GLN WA 68 62.75 3.33 72.50
N TYR WA 69 61.91 4.35 72.65
CA TYR WA 69 61.81 5.10 73.91
C TYR WA 69 61.32 4.20 75.06
N THR WA 70 60.32 3.39 74.79
CA THR WA 70 59.76 2.45 75.77
C THR WA 70 60.82 1.45 76.23
N GLN WA 71 61.59 0.95 75.26
CA GLN WA 71 62.72 0.04 75.52
C GLN WA 71 63.74 0.70 76.44
N LEU WA 72 64.13 1.93 76.09
CA LEU WA 72 65.07 2.73 76.88
C LEU WA 72 64.59 2.90 78.32
N LEU WA 73 63.32 3.25 78.48
CA LEU WA 73 62.69 3.39 79.80
C LEU WA 73 62.79 2.11 80.62
N TYR WA 74 62.43 0.99 79.97
CA TYR WA 74 62.53 -0.35 80.55
C TYR WA 74 63.95 -0.65 81.06
N MET WA 75 64.94 -0.34 80.22
CA MET WA 75 66.35 -0.54 80.55
C MET WA 75 66.77 0.25 81.78
N LEU WA 76 66.35 1.53 81.81
CA LEU WA 76 66.67 2.44 82.91
C LEU WA 76 66.02 2.02 84.22
N ASN WA 77 64.72 1.74 84.15
CA ASN WA 77 63.91 1.37 85.32
C ASN WA 77 64.45 0.16 86.07
N LYS WA 78 64.78 -0.89 85.31
CA LYS WA 78 65.35 -2.12 85.87
C LYS WA 78 66.67 -1.87 86.59
N LEU WA 79 67.54 -1.10 85.94
CA LEU WA 79 68.82 -0.68 86.51
C LEU WA 79 68.63 0.08 87.82
N HIS WA 80 67.69 1.02 87.81
CA HIS WA 80 67.33 1.82 88.98
C HIS WA 80 66.85 0.95 90.14
N ASN WA 81 66.02 -0.04 89.80
CA ASN WA 81 65.47 -1.00 90.78
C ASN WA 81 66.50 -1.81 91.59
N ILE WA 82 67.74 -1.94 91.09
CA ILE WA 82 68.80 -2.60 91.86
C ILE WA 82 68.81 -2.00 93.26
N ASP WA 83 68.63 -2.86 94.27
CA ASP WA 83 68.66 -2.47 95.70
C ASP WA 83 69.73 -1.40 95.97
N PRO WA 84 69.32 -0.18 96.40
CA PRO WA 84 70.23 0.96 96.60
C PRO WA 84 71.55 0.67 97.33
N GLN WA 85 71.52 -0.28 98.27
CA GLN WA 85 72.71 -0.69 99.00
C GLN WA 85 73.76 -1.39 98.11
N LEU WA 86 73.31 -2.24 97.18
CA LEU WA 86 74.21 -2.95 96.27
C LEU WA 86 74.62 -2.17 95.02
N THR WA 87 73.97 -1.03 94.74
CA THR WA 87 74.24 -0.28 93.51
C THR WA 87 75.66 0.25 93.42
N ASN WA 88 76.11 0.46 92.19
CA ASN WA 88 77.45 0.93 91.88
C ASN WA 88 77.47 2.42 91.58
N ASP WA 89 78.68 2.97 91.48
CA ASP WA 89 78.91 4.35 91.07
C ASP WA 89 78.71 4.52 89.55
N GLU WA 90 79.20 3.54 88.79
CA GLU WA 90 79.13 3.55 87.33
C GLU WA 90 77.69 3.56 86.83
N ILE WA 91 76.86 2.73 87.45
CA ILE WA 91 75.44 2.61 87.11
C ILE WA 91 74.74 3.96 87.32
N THR WA 92 74.97 4.53 88.51
CA THR WA 92 74.37 5.82 88.88
C THR WA 92 74.80 6.95 87.94
N SER WA 93 76.06 6.92 87.51
CA SER WA 93 76.60 7.89 86.55
C SER WA 93 75.90 7.77 85.19
N GLU WA 94 75.71 6.53 84.75
CA GLU WA 94 75.00 6.26 83.49
C GLU WA 94 73.54 6.70 83.55
N LEU WA 95 72.89 6.45 84.68
CA LEU WA 95 71.50 6.87 84.90
C LEU WA 95 71.34 8.38 85.12
N SER WA 96 72.38 9.02 85.66
CA SER WA 96 72.38 10.49 85.89
C SER WA 96 71.84 11.29 84.71
N GLN WA 97 72.28 10.90 83.51
CA GLN WA 97 71.86 11.52 82.24
C GLN WA 97 70.35 11.65 82.07
N TYR WA 98 69.63 10.60 82.45
CA TYR WA 98 68.21 10.45 82.14
C TYR WA 98 67.26 11.00 83.20
N TYR WA 99 67.79 11.57 84.29
CA TYR WA 99 66.94 12.23 85.30
C TYR WA 99 66.46 13.60 84.83
N LYS WA 100 65.50 14.16 85.58
CA LYS WA 100 64.80 15.41 85.24
C LYS WA 100 63.93 15.23 83.99
N LYS WA 110 49.74 29.38 96.79
CA LYS WA 110 49.58 30.09 98.06
C LYS WA 110 48.44 29.49 98.89
N ILE WA 111 48.63 29.48 100.21
CA ILE WA 111 47.67 28.88 101.14
C ILE WA 111 46.57 29.90 101.49
N LYS WA 112 45.32 29.43 101.48
CA LYS WA 112 44.17 30.26 101.84
C LYS WA 112 43.89 30.17 103.34
N THR WA 113 43.56 31.31 103.95
CA THR WA 113 43.25 31.40 105.38
C THR WA 113 42.08 32.34 105.64
N LEU WA 114 41.56 32.28 106.86
CA LEU WA 114 40.43 33.14 107.28
C LEU WA 114 40.89 34.57 107.51
N ASP WA 115 39.92 35.50 107.47
CA ASP WA 115 40.18 36.94 107.63
C ASP WA 115 40.32 37.33 109.10
N GLU WA 116 40.48 38.63 109.34
CA GLU WA 116 40.43 39.23 110.69
C GLU WA 116 39.21 38.78 111.51
N PHE WA 117 38.05 38.72 110.86
CA PHE WA 117 36.77 38.38 111.51
C PHE WA 117 36.37 36.89 111.36
N GLY WA 118 37.29 36.06 110.89
CA GLY WA 118 37.12 34.61 110.88
C GLY WA 118 36.14 34.05 109.87
N ARG WA 119 36.06 34.68 108.69
CA ARG WA 119 35.20 34.19 107.60
C ARG WA 119 36.00 34.00 106.31
N SER WA 120 35.64 32.97 105.54
CA SER WA 120 36.35 32.61 104.31
C SER WA 120 35.64 33.18 103.08
N ILE WA 121 36.26 34.17 102.45
CA ILE WA 121 35.73 34.76 101.22
C ILE WA 121 36.05 33.82 100.05
N ALA WA 122 35.12 33.76 99.10
CA ALA WA 122 35.30 32.98 97.89
C ALA WA 122 34.40 33.50 96.78
N VAL WA 123 34.95 33.57 95.56
CA VAL WA 123 34.24 34.09 94.40
C VAL WA 123 33.96 32.94 93.43
N GLY WA 124 32.69 32.74 93.09
CA GLY WA 124 32.27 31.75 92.11
C GLY WA 124 31.59 32.41 90.93
N LYS WA 125 31.59 31.73 89.79
CA LYS WA 125 31.01 32.24 88.55
C LYS WA 125 30.26 31.15 87.78
N ARG WA 126 29.21 31.57 87.09
CA ARG WA 126 28.55 30.73 86.09
C ARG WA 126 27.74 31.58 85.12
N LYS WA 127 27.79 31.21 83.84
CA LYS WA 127 27.24 32.02 82.74
C LYS WA 127 27.78 33.46 82.82
N SER WA 128 26.93 34.45 83.10
CA SER WA 128 27.35 35.84 83.33
C SER WA 128 27.45 36.19 84.81
N SER WA 129 26.94 35.31 85.68
CA SER WA 129 26.87 35.59 87.13
C SER WA 129 28.24 35.56 87.81
N THR WA 130 28.36 36.34 88.88
CA THR WA 130 29.52 36.34 89.77
C THR WA 130 29.01 36.42 91.22
N ALA WA 131 29.50 35.54 92.08
CA ALA WA 131 29.05 35.45 93.46
C ALA WA 131 30.21 35.45 94.44
N LYS WA 132 30.42 36.58 95.13
CA LYS WA 132 31.37 36.67 96.22
C LYS WA 132 30.62 36.32 97.50
N VAL WA 133 31.12 35.32 98.23
CA VAL WA 133 30.40 34.73 99.37
C VAL WA 133 31.28 34.69 100.62
N PHE WA 134 30.78 35.30 101.70
CA PHE WA 134 31.43 35.28 103.01
C PHE WA 134 30.82 34.16 103.84
N VAL WA 135 31.56 33.07 104.03
CA VAL WA 135 31.11 31.94 104.87
C VAL WA 135 31.81 32.00 106.22
N VAL WA 136 31.03 31.88 107.29
CA VAL WA 136 31.52 32.05 108.67
C VAL WA 136 30.90 30.98 109.58
N ARG WA 137 31.55 30.71 110.72
CA ARG WA 137 31.22 29.57 111.60
C ARG WA 137 29.91 29.67 112.40
N GLY WA 138 29.24 30.82 112.41
CA GLY WA 138 27.99 30.99 113.16
C GLY WA 138 26.81 30.18 112.64
N THR WA 139 25.81 29.97 113.49
CA THR WA 139 24.62 29.13 113.20
C THR WA 139 24.00 29.42 111.83
N GLY WA 140 23.58 28.36 111.14
CA GLY WA 140 23.30 28.41 109.71
C GLY WA 140 22.12 29.25 109.28
N GLU WA 141 22.40 30.52 108.96
CA GLU WA 141 21.44 31.41 108.32
C GLU WA 141 22.04 31.98 107.03
N ILE WA 142 21.17 32.35 106.10
CA ILE WA 142 21.55 32.79 104.75
C ILE WA 142 21.12 34.23 104.53
N LEU WA 143 21.94 34.97 103.79
CA LEU WA 143 21.58 36.29 103.28
C LEU WA 143 22.16 36.47 101.88
N VAL WA 144 21.29 36.39 100.87
CA VAL WA 144 21.68 36.58 99.48
C VAL WA 144 21.47 38.04 99.10
N ASN WA 145 22.57 38.73 98.80
CA ASN WA 145 22.54 40.06 98.20
C ASN WA 145 21.81 41.10 99.06
N GLY WA 146 21.97 40.99 100.37
CA GLY WA 146 21.34 41.89 101.33
C GLY WA 146 19.85 41.67 101.56
N ARG WA 147 19.39 40.43 101.42
CA ARG WA 147 18.00 40.08 101.73
C ARG WA 147 17.82 38.58 101.93
N GLN WA 148 16.67 38.20 102.46
CA GLN WA 148 16.39 36.81 102.84
C GLN WA 148 16.42 35.87 101.64
N LEU WA 149 16.79 34.62 101.89
CA LEU WA 149 17.03 33.63 100.84
C LEU WA 149 15.76 33.29 100.05
N ASN WA 150 14.66 33.04 100.77
CA ASN WA 150 13.38 32.77 100.11
C ASN WA 150 12.83 33.97 99.31
N ASP WA 151 13.18 35.18 99.75
CA ASP WA 151 12.81 36.41 99.03
C ASP WA 151 13.59 36.59 97.73
N TYR WA 152 14.88 36.22 97.74
CA TYR WA 152 15.74 36.39 96.56
C TYR WA 152 15.48 35.28 95.53
N PHE WA 153 15.70 34.03 95.94
CA PHE WA 153 15.49 32.86 95.07
C PHE WA 153 14.13 32.25 95.32
N LEU WA 154 13.23 32.46 94.37
CA LEU WA 154 11.83 32.02 94.47
C LEU WA 154 11.71 30.54 94.14
N LYS WA 155 12.45 30.11 93.12
CA LYS WA 155 12.53 28.70 92.76
C LYS WA 155 13.26 27.93 93.85
N MET WA 156 12.60 26.91 94.39
CA MET WA 156 13.19 26.02 95.41
C MET WA 156 14.44 25.29 94.94
N LYS WA 157 14.51 25.01 93.63
CA LYS WA 157 15.64 24.30 93.01
C LYS WA 157 16.96 25.03 93.23
N ASP WA 158 16.93 26.34 93.05
CA ASP WA 158 18.08 27.22 93.26
C ASP WA 158 18.58 27.17 94.70
N ARG WA 159 17.63 27.19 95.63
CA ARG WA 159 17.92 27.10 97.06
C ARG WA 159 18.57 25.76 97.42
N GLU WA 160 18.00 24.69 96.87
CA GLU WA 160 18.52 23.33 97.03
C GLU WA 160 19.96 23.22 96.52
N SER WA 161 20.20 23.81 95.34
CA SER WA 161 21.52 23.86 94.73
C SER WA 161 22.53 24.56 95.64
N ILE WA 162 22.14 25.74 96.13
CA ILE WA 162 22.93 26.53 97.09
C ILE WA 162 23.30 25.72 98.33
N MET WA 163 22.31 25.02 98.87
CA MET WA 163 22.48 24.17 100.05
C MET WA 163 23.49 23.03 99.83
N TYR WA 164 23.46 22.45 98.62
CA TYR WA 164 24.18 21.21 98.29
C TYR WA 164 25.64 21.06 98.77
N PRO WA 165 26.49 22.10 98.63
CA PRO WA 165 27.83 22.05 99.25
C PRO WA 165 27.81 21.82 100.77
N LEU WA 166 26.86 22.45 101.46
CA LEU WA 166 26.66 22.22 102.90
C LEU WA 166 25.98 20.88 103.17
N GLN WA 167 25.25 20.36 102.19
CA GLN WA 167 24.55 19.07 102.30
C GLN WA 167 25.43 17.85 102.02
N VAL WA 168 26.43 17.97 101.13
CA VAL WA 168 27.39 16.87 100.92
C VAL WA 168 28.24 16.64 102.18
N ILE WA 169 28.63 17.75 102.82
CA ILE WA 169 29.17 17.72 104.17
C ILE WA 169 27.93 17.65 105.09
N GLU WA 170 28.10 17.23 106.34
CA GLU WA 170 27.05 17.41 107.35
C GLU WA 170 27.33 18.72 108.09
N SER WA 171 27.15 19.83 107.37
CA SER WA 171 27.39 21.17 107.92
C SER WA 171 26.40 22.27 107.48
N VAL WA 172 25.24 21.88 106.92
CA VAL WA 172 24.13 22.83 106.80
C VAL WA 172 23.57 23.02 108.22
N GLY WA 173 23.47 24.28 108.64
CA GLY WA 173 23.18 24.60 110.05
C GLY WA 173 24.40 25.04 110.84
N LYS WA 174 25.58 24.55 110.47
CA LYS WA 174 26.83 24.94 111.12
C LYS WA 174 27.33 26.31 110.66
N TYR WA 175 27.35 26.53 109.34
CA TYR WA 175 27.95 27.73 108.74
C TYR WA 175 26.96 28.82 108.35
N ASN WA 176 27.15 30.02 108.91
CA ASN WA 176 26.48 31.24 108.41
C ASN WA 176 27.07 31.61 107.05
N ILE WA 177 26.21 32.00 106.12
CA ILE WA 177 26.60 32.34 104.75
C ILE WA 177 26.03 33.69 104.37
N PHE WA 178 26.90 34.60 103.95
CA PHE WA 178 26.52 35.90 103.42
C PHE WA 178 26.96 36.00 101.95
N ALA WA 179 26.03 35.71 101.05
CA ALA WA 179 26.30 35.73 99.62
C ALA WA 179 26.05 37.12 99.03
N THR WA 180 26.87 37.50 98.05
CA THR WA 180 26.67 38.75 97.30
C THR WA 180 26.87 38.47 95.81
N THR WA 181 25.77 38.47 95.06
CA THR WA 181 25.77 38.15 93.64
C THR WA 181 25.73 39.40 92.75
N SER WA 182 26.13 39.21 91.50
CA SER WA 182 26.00 40.25 90.47
C SER WA 182 26.05 39.63 89.08
N GLY WA 183 25.22 40.14 88.17
CA GLY WA 183 25.19 39.66 86.80
C GLY WA 183 24.42 38.36 86.60
N GLY WA 184 24.11 38.07 85.35
CA GLY WA 184 23.34 36.88 84.98
C GLY WA 184 21.91 36.88 85.48
N GLY WA 185 21.28 35.71 85.41
CA GLY WA 185 19.92 35.50 85.89
C GLY WA 185 19.90 34.75 87.22
N PRO WA 186 18.71 34.37 87.70
CA PRO WA 186 18.59 33.79 89.06
C PRO WA 186 19.23 32.41 89.24
N THR WA 187 18.94 31.48 88.33
CA THR WA 187 19.46 30.11 88.44
C THR WA 187 20.97 30.07 88.34
N GLY WA 188 21.51 30.83 87.39
CA GLY WA 188 22.96 30.98 87.22
C GLY WA 188 23.63 31.63 88.43
N GLN WA 189 22.99 32.66 88.97
CA GLN WA 189 23.44 33.32 90.21
C GLN WA 189 23.51 32.35 91.38
N ALA WA 190 22.46 31.56 91.55
CA ALA WA 190 22.38 30.53 92.60
C ALA WA 190 23.50 29.51 92.47
N GLU WA 191 23.77 29.11 91.24
CA GLU WA 191 24.84 28.16 90.92
C GLU WA 191 26.22 28.72 91.24
N SER WA 192 26.42 29.99 90.91
CA SER WA 192 27.66 30.70 91.22
C SER WA 192 27.89 30.83 92.72
N ILE WA 193 26.81 31.12 93.45
CA ILE WA 193 26.83 31.16 94.92
C ILE WA 193 27.26 29.82 95.51
N MET WA 194 26.60 28.76 95.04
CA MET WA 194 26.92 27.39 95.44
C MET WA 194 28.40 27.09 95.24
N HIS WA 195 28.89 27.40 94.05
CA HIS WA 195 30.29 27.20 93.68
C HIS WA 195 31.23 27.91 94.65
N ALA WA 196 30.91 29.19 94.93
CA ALA WA 196 31.66 30.00 95.89
C ALA WA 196 31.67 29.39 97.29
N ILE WA 197 30.50 28.90 97.72
CA ILE WA 197 30.34 28.29 99.04
C ILE WA 197 31.22 27.05 99.21
N ALA WA 198 31.28 26.21 98.19
CA ALA WA 198 32.13 25.02 98.20
C ALA WA 198 33.60 25.38 98.40
N LYS WA 199 34.05 26.40 97.68
CA LYS WA 199 35.43 26.92 97.78
C LYS WA 199 35.71 27.49 99.18
N ALA WA 200 34.72 28.20 99.73
CA ALA WA 200 34.80 28.74 101.08
C ALA WA 200 34.91 27.64 102.13
N LEU WA 201 34.08 26.61 101.98
CA LEU WA 201 34.09 25.43 102.86
C LEU WA 201 35.44 24.71 102.85
N VAL WA 202 36.02 24.57 101.66
CA VAL WA 202 37.33 23.95 101.46
C VAL WA 202 38.43 24.52 102.37
N VAL WA 203 38.36 25.82 102.67
CA VAL WA 203 39.32 26.46 103.59
C VAL WA 203 39.14 25.99 105.04
N PHE WA 204 37.88 25.84 105.48
CA PHE WA 204 37.59 25.42 106.87
C PHE WA 204 38.12 24.03 107.21
N ASN WA 205 38.01 23.10 106.26
CA ASN WA 205 38.57 21.75 106.41
C ASN WA 205 39.08 21.23 105.05
N PRO WA 206 40.39 21.34 104.78
CA PRO WA 206 41.02 20.84 103.55
C PRO WA 206 40.86 19.34 103.22
N LEU WA 207 40.58 18.50 104.22
CA LEU WA 207 40.38 17.06 104.00
C LEU WA 207 39.10 16.72 103.23
N LEU WA 208 38.10 17.59 103.34
CA LEU WA 208 36.82 17.44 102.62
C LEU WA 208 36.85 17.90 101.16
N LYS WA 209 37.95 18.54 100.75
CA LYS WA 209 38.07 19.11 99.41
C LYS WA 209 37.87 18.09 98.30
N SER WA 210 38.50 16.94 98.46
CA SER WA 210 38.37 15.80 97.54
C SER WA 210 36.91 15.34 97.43
N ARG WA 211 36.25 15.24 98.57
CA ARG WA 211 34.84 14.85 98.65
C ARG WA 211 33.92 15.82 97.93
N LEU WA 212 34.16 17.11 98.16
CA LEU WA 212 33.44 18.20 97.47
C LEU WA 212 33.62 18.14 95.96
N HIS WA 213 34.85 17.88 95.54
CA HIS WA 213 35.20 17.73 94.13
C HIS WA 213 34.45 16.56 93.48
N LYS WA 214 34.40 15.45 94.20
CA LYS WA 214 33.68 14.24 93.78
C LYS WA 214 32.19 14.50 93.61
N ALA WA 215 31.62 15.21 94.59
CA ALA WA 215 30.21 15.62 94.55
C ALA WA 215 29.87 16.45 93.31
N GLY WA 216 30.83 17.23 92.83
CA GLY WA 216 30.69 18.03 91.62
C GLY WA 216 30.36 19.49 91.91
N VAL WA 217 30.87 20.00 93.03
CA VAL WA 217 30.63 21.38 93.46
C VAL WA 217 31.86 22.26 93.25
N LEU WA 218 33.05 21.67 93.42
CA LEU WA 218 34.33 22.38 93.17
C LEU WA 218 34.68 22.61 91.69
N THR WA 219 33.93 21.99 90.77
CA THR WA 219 34.14 22.20 89.34
C THR WA 219 33.44 23.50 88.95
N ARG WA 220 34.17 24.44 88.34
CA ARG WA 220 33.55 25.62 87.77
C ARG WA 220 32.83 25.17 86.49
N ASP WA 221 31.51 25.36 86.48
CA ASP WA 221 30.68 24.97 85.32
C ASP WA 221 30.97 25.93 84.17
N TYR WA 222 31.65 25.42 83.15
CA TYR WA 222 32.13 26.22 82.03
C TYR WA 222 31.03 26.65 81.04
N ARG WA 223 29.93 25.90 80.99
CA ARG WA 223 28.88 26.08 79.97
C ARG WA 223 28.62 27.56 79.65
N HIS WA 224 29.15 28.00 78.51
CA HIS WA 224 29.14 29.39 78.09
C HIS WA 224 28.22 29.57 76.88
N VAL WA 225 27.42 30.62 76.87
CA VAL WA 225 26.44 30.87 75.80
C VAL WA 225 27.17 31.05 74.47
N GLU WA 226 26.88 30.19 73.50
CA GLU WA 226 27.45 30.28 72.16
C GLU WA 226 26.93 31.52 71.45
N ARG WA 227 27.82 32.17 70.70
CA ARG WA 227 27.47 33.38 69.96
C ARG WA 227 26.65 33.04 68.73
N LYS WA 228 25.90 34.02 68.24
CA LYS WA 228 25.23 33.91 66.95
C LYS WA 228 26.27 34.00 65.84
N LYS WA 229 26.38 32.94 65.04
CA LYS WA 229 27.27 32.94 63.88
C LYS WA 229 26.55 33.64 62.72
N PRO WA 230 27.32 34.19 61.74
CA PRO WA 230 26.73 35.00 60.66
C PRO WA 230 25.52 34.38 59.95
N GLY WA 231 25.72 33.38 59.10
CA GLY WA 231 24.65 32.82 58.27
C GLY WA 231 23.51 32.18 59.04
N LYS WA 232 23.86 31.58 60.18
CA LYS WA 232 22.89 30.93 61.06
C LYS WA 232 22.01 31.94 61.79
N LYS WA 233 20.80 31.52 62.15
CA LYS WA 233 19.83 32.38 62.83
C LYS WA 233 20.22 32.59 64.30
N LYS WA 234 20.44 31.48 64.99
CA LYS WA 234 20.99 31.47 66.35
C LYS WA 234 22.38 30.82 66.26
N ALA WA 235 22.91 30.29 67.36
CA ALA WA 235 24.21 29.62 67.34
C ALA WA 235 24.26 28.49 66.34
N ARG WA 236 23.37 27.51 66.51
CA ARG WA 236 23.28 26.33 65.64
C ARG WA 236 22.12 26.40 64.65
N LYS WA 237 20.99 26.97 65.08
CA LYS WA 237 19.78 27.04 64.25
C LYS WA 237 20.05 27.75 62.93
N MET WA 238 20.10 26.97 61.84
CA MET WA 238 20.25 27.53 60.51
C MET WA 238 18.89 27.86 59.91
N PRO WA 239 18.85 28.79 58.93
CA PRO WA 239 17.61 29.04 58.20
C PRO WA 239 17.32 27.90 57.23
N THR WA 240 16.06 27.73 56.87
CA THR WA 240 15.62 26.57 56.09
C THR WA 240 16.39 26.37 54.79
N TRP WA 241 16.64 25.11 54.48
CA TRP WA 241 17.28 24.70 53.25
C TRP WA 241 16.21 24.39 52.21
N VAL WA 242 16.57 24.52 50.93
CA VAL WA 242 15.71 24.09 49.83
C VAL WA 242 16.54 23.36 48.79
N LYS WA 243 15.91 22.40 48.12
CA LYS WA 243 16.55 21.64 47.07
C LYS WA 243 16.06 22.21 45.75
N ARG WA 244 14.76 22.46 45.68
CA ARG WA 244 14.13 23.04 44.49
C ARG WA 244 13.26 24.22 44.86
N SER XA 1 82.06 46.45 86.79
CA SER XA 1 83.41 46.40 86.13
C SER XA 1 83.99 47.80 85.93
N THR XA 2 84.26 48.46 87.06
CA THR XA 2 84.75 49.86 87.13
C THR XA 2 84.11 50.82 86.10
N ARG XA 3 82.79 50.72 85.95
CA ARG XA 3 82.03 51.58 85.03
C ARG XA 3 80.79 52.08 85.78
N PRO XA 4 80.81 53.34 86.26
CA PRO XA 4 79.73 53.83 87.10
C PRO XA 4 78.49 54.25 86.30
N TYR XA 5 77.52 53.35 86.22
CA TYR XA 5 76.22 53.65 85.62
C TYR XA 5 75.38 54.43 86.62
N PRO XA 6 75.12 55.73 86.36
CA PRO XA 6 74.41 56.56 87.34
C PRO XA 6 72.92 56.19 87.48
N VAL XA 7 72.21 56.93 88.33
CA VAL XA 7 70.88 56.51 88.81
C VAL XA 7 69.82 56.61 87.72
N ASN XA 8 69.90 57.63 86.86
CA ASN XA 8 68.94 57.80 85.76
C ASN XA 8 68.86 56.60 84.81
N VAL XA 9 70.02 56.03 84.49
CA VAL XA 9 70.12 54.84 83.64
C VAL XA 9 69.43 53.68 84.35
N GLU XA 10 69.76 53.50 85.62
CA GLU XA 10 69.17 52.47 86.46
C GLU XA 10 67.64 52.56 86.50
N ALA XA 11 67.15 53.79 86.71
CA ALA XA 11 65.71 54.09 86.71
C ALA XA 11 65.03 53.71 85.39
N VAL XA 12 65.68 54.07 84.28
CA VAL XA 12 65.23 53.71 82.93
C VAL XA 12 65.08 52.19 82.80
N TYR XA 13 66.11 51.46 83.23
CA TYR XA 13 66.13 50.00 83.16
C TYR XA 13 65.04 49.33 83.99
N TYR XA 14 64.76 49.90 85.16
CA TYR XA 14 63.69 49.41 86.04
C TYR XA 14 62.34 50.08 85.72
N ALA XA 15 61.31 49.73 86.49
CA ALA XA 15 59.97 50.33 86.38
C ALA XA 15 59.97 51.80 86.79
N PRO XA 16 58.95 52.58 86.34
CA PRO XA 16 58.96 54.03 86.61
C PRO XA 16 58.55 54.36 88.04
N LEU XA 17 59.25 55.32 88.65
CA LEU XA 17 58.96 55.77 90.01
C LEU XA 17 57.72 56.67 90.01
N LYS XA 18 56.99 56.66 91.13
CA LYS XA 18 55.81 57.49 91.32
C LYS XA 18 55.90 58.22 92.65
N LEU XA 19 55.70 59.54 92.62
CA LEU XA 19 55.66 60.35 93.84
C LEU XA 19 54.32 60.18 94.55
N PRO XA 20 54.32 60.20 95.90
CA PRO XA 20 53.08 60.04 96.65
C PRO XA 20 52.20 61.29 96.62
N ILE XA 21 50.90 61.09 96.83
CA ILE XA 21 49.90 62.14 96.74
C ILE XA 21 49.65 62.72 98.13
N LYS XA 22 49.98 63.99 98.32
CA LYS XA 22 49.78 64.67 99.62
C LYS XA 22 48.30 64.94 99.88
N TYR XA 23 47.63 65.57 98.92
CA TYR XA 23 46.19 65.85 99.00
C TYR XA 23 45.50 65.37 97.73
N GLY XA 24 44.24 64.97 97.86
CA GLY XA 24 43.44 64.50 96.72
C GLY XA 24 42.81 65.63 95.93
N ASP XA 25 43.64 66.50 95.37
CA ASP XA 25 43.19 67.66 94.60
C ASP XA 25 43.45 67.39 93.13
N LEU XA 26 42.70 66.44 92.56
CA LEU XA 26 42.86 66.03 91.16
C LEU XA 26 42.93 67.27 90.26
N VAL XA 27 44.15 67.57 89.79
CA VAL XA 27 44.40 68.76 89.00
C VAL XA 27 44.05 68.50 87.54
N ALA XA 28 44.52 67.37 87.03
CA ALA XA 28 44.25 66.96 85.65
C ALA XA 28 44.20 65.45 85.51
N ASP XA 29 43.33 64.97 84.62
CA ASP XA 29 43.36 63.58 84.19
C ASP XA 29 43.53 63.50 82.66
N ILE XA 30 44.40 62.60 82.23
CA ILE XA 30 44.79 62.44 80.84
C ILE XA 30 44.37 61.05 80.40
N GLN XA 31 43.43 60.97 79.45
CA GLN XA 31 43.05 59.69 78.87
C GLN XA 31 43.77 59.46 77.55
N LEU XA 32 44.33 58.26 77.40
CA LEU XA 32 45.07 57.86 76.21
C LEU XA 32 44.28 56.78 75.47
N ARG XA 33 43.87 57.08 74.25
CA ARG XA 33 43.20 56.11 73.39
C ARG XA 33 44.12 55.66 72.26
N SER XA 34 44.01 54.39 71.89
CA SER XA 34 44.73 53.84 70.74
C SER XA 34 44.04 52.57 70.26
N TYR XA 35 44.27 52.23 69.00
CA TYR XA 35 43.74 50.99 68.42
C TYR XA 35 44.64 49.76 68.71
N ASP XA 36 45.70 49.93 69.51
CA ASP XA 36 46.46 48.79 70.05
C ASP XA 36 47.21 49.15 71.35
N ASN XA 37 47.94 48.17 71.90
CA ASN XA 37 48.55 48.26 73.24
C ASN XA 37 49.99 48.75 73.27
N GLU XA 38 50.86 48.06 72.55
CA GLU XA 38 52.32 48.12 72.78
C GLU XA 38 52.87 49.55 72.83
N ASN XA 39 52.50 50.34 71.83
CA ASN XA 39 52.83 51.77 71.78
C ASN XA 39 52.23 52.55 72.94
N LEU XA 40 50.96 52.29 73.19
CA LEU XA 40 50.16 53.01 74.20
C LEU XA 40 50.76 52.85 75.60
N ASP XA 41 51.03 51.60 75.97
CA ASP XA 41 51.61 51.25 77.27
C ASP XA 41 52.97 51.91 77.48
N PHE XA 42 53.79 51.86 76.44
CA PHE XA 42 55.10 52.53 76.41
C PHE XA 42 54.97 54.03 76.65
N TYR XA 43 54.03 54.63 75.94
CA TYR XA 43 53.76 56.07 76.02
C TYR XA 43 53.33 56.48 77.43
N SER XA 44 52.43 55.69 77.99
CA SER XA 44 51.98 55.86 79.38
C SER XA 44 53.14 55.79 80.38
N ASP XA 45 54.03 54.82 80.16
CA ASP XA 45 55.23 54.64 80.99
C ASP XA 45 56.13 55.88 80.90
N PHE XA 46 56.31 56.38 79.69
CA PHE XA 46 57.09 57.60 79.43
C PHE XA 46 56.50 58.82 80.13
N ILE XA 47 55.18 58.94 80.05
CA ILE XA 47 54.42 60.02 80.72
C ILE XA 47 54.64 59.97 82.23
N LEU XA 48 54.54 58.77 82.80
CA LEU XA 48 54.79 58.55 84.23
C LEU XA 48 56.19 58.98 84.65
N ARG XA 49 57.18 58.59 83.83
CA ARG XA 49 58.59 58.94 84.07
C ARG XA 49 58.81 60.45 84.11
N THR XA 50 58.30 61.15 83.11
CA THR XA 50 58.44 62.61 83.05
C THR XA 50 57.68 63.28 84.20
N GLY XA 51 56.51 62.75 84.55
CA GLY XA 51 55.74 63.22 85.70
C GLY XA 51 56.48 63.07 87.01
N TYR XA 52 57.25 61.98 87.16
CA TYR XA 52 58.08 61.79 88.35
C TYR XA 52 59.06 62.94 88.56
N TYR XA 53 59.76 63.29 87.49
CA TYR XA 53 60.76 64.36 87.54
C TYR XA 53 60.19 65.76 87.78
N LEU XA 54 59.11 66.01 87.04
CA LEU XA 54 58.36 67.23 87.25
C LEU XA 54 57.56 67.08 88.56
N GLY XA 55 58.02 66.18 89.44
CA GLY XA 55 57.42 65.88 90.71
C GLY XA 55 55.92 65.74 90.59
N ILE XA 56 55.35 65.63 89.40
CA ILE XA 56 53.90 65.55 89.53
C ILE XA 56 53.56 64.18 90.12
N PRO XA 57 52.79 64.15 91.23
CA PRO XA 57 52.23 62.86 91.65
C PRO XA 57 51.17 62.38 90.66
N LEU XA 58 51.63 61.67 89.62
CA LEU XA 58 50.74 60.98 88.70
C LEU XA 58 50.38 59.67 89.33
N THR XA 59 49.12 59.24 89.18
CA THR XA 59 48.74 57.91 89.65
C THR XA 59 49.31 56.86 88.70
N GLY XA 60 48.61 56.50 87.63
CA GLY XA 60 49.12 55.46 86.73
C GLY XA 60 48.09 54.90 85.78
N PRO XA 61 48.54 54.18 84.73
CA PRO XA 61 47.67 53.67 83.67
C PRO XA 61 46.59 52.73 84.19
N LYS XA 62 45.49 53.33 84.64
CA LYS XA 62 44.28 52.59 84.97
C LYS XA 62 43.64 52.24 83.63
N PRO XA 63 43.56 50.92 83.30
CA PRO XA 63 42.90 50.58 82.04
C PRO XA 63 41.38 50.74 82.15
N LEU XA 64 40.85 51.69 81.40
CA LEU XA 64 39.39 51.81 81.23
C LEU XA 64 39.02 50.76 80.19
N PRO XA 65 37.73 50.34 80.17
CA PRO XA 65 37.41 49.21 79.30
C PRO XA 65 37.55 49.52 77.81
N THR XA 66 38.07 48.54 77.07
CA THR XA 66 38.20 48.63 75.63
C THR XA 66 36.82 48.66 75.00
N ARG XA 67 36.70 49.38 73.89
CA ARG XA 67 35.47 49.40 73.10
C ARG XA 67 35.49 48.21 72.17
N ARG XA 68 34.41 48.03 71.41
CA ARG XA 68 34.41 47.11 70.29
C ARG XA 68 33.40 47.57 69.24
N GLU XA 69 33.92 48.18 68.17
CA GLU XA 69 33.12 48.57 67.03
C GLU XA 69 33.13 47.42 66.04
N ARG XA 70 32.03 46.66 66.01
CA ARG XA 70 31.88 45.53 65.09
C ARG XA 70 31.16 45.95 63.82
N TRP XA 71 31.46 45.24 62.73
CA TRP XA 71 30.83 45.47 61.43
C TRP XA 71 30.88 44.17 60.63
N THR XA 72 29.73 43.71 60.14
CA THR XA 72 29.68 42.51 59.31
C THR XA 72 29.42 42.88 57.86
N VAL XA 73 29.89 42.02 56.96
CA VAL XA 73 29.90 42.28 55.53
C VAL XA 73 29.84 40.96 54.78
N ILE XA 74 29.01 40.92 53.73
CA ILE XA 74 28.99 39.81 52.78
C ILE XA 74 30.34 39.79 52.03
N LYS XA 75 31.02 38.64 52.08
CA LYS XA 75 32.37 38.50 51.52
C LYS XA 75 32.44 38.79 50.02
N SER XA 76 31.44 38.33 49.28
CA SER XA 76 31.42 38.47 47.83
C SER XA 76 31.12 39.89 47.39
N PRO XA 77 31.50 40.24 46.14
CA PRO XA 77 31.04 41.49 45.55
C PRO XA 77 29.59 41.44 45.05
N PHE XA 78 29.04 40.23 44.88
CA PHE XA 78 27.71 40.07 44.30
C PHE XA 78 27.05 38.75 44.77
N VAL XA 79 25.93 38.89 45.49
CA VAL XA 79 25.14 37.76 46.02
C VAL XA 79 26.00 36.95 47.02
N HIS XA 80 25.97 35.61 46.96
CA HIS XA 80 26.46 34.73 48.03
C HIS XA 80 26.33 35.31 49.45
N ALA XA 81 25.13 35.81 49.76
CA ALA XA 81 24.87 36.49 51.02
C ALA XA 81 24.85 35.56 52.24
N LYS XA 82 24.79 34.25 52.02
CA LYS XA 82 24.88 33.27 53.10
C LYS XA 82 26.26 33.25 53.77
N SER XA 83 27.30 33.53 52.99
CA SER XA 83 28.66 33.72 53.51
C SER XA 83 28.84 35.18 53.93
N LYS XA 84 29.12 35.40 55.22
CA LYS XA 84 29.38 36.74 55.75
C LYS XA 84 30.58 36.74 56.69
N GLU XA 85 31.31 37.85 56.66
CA GLU XA 85 32.54 38.05 57.43
C GLU XA 85 32.36 39.18 58.42
N ASN XA 86 32.94 39.03 59.60
CA ASN XA 86 32.92 40.07 60.63
C ASN XA 86 34.19 40.92 60.58
N PHE XA 87 34.10 42.10 61.17
CA PHE XA 87 35.25 42.97 61.40
C PHE XA 87 35.07 43.66 62.74
N GLU XA 88 36.19 43.96 63.42
CA GLU XA 88 36.15 44.59 64.74
C GLU XA 88 37.25 45.64 64.90
N ARG XA 89 37.03 46.57 65.81
CA ARG XA 89 38.00 47.64 66.13
C ARG XA 89 37.92 47.99 67.61
N HIS XA 90 39.03 47.75 68.32
CA HIS XA 90 39.10 47.94 69.78
C HIS XA 90 39.79 49.25 70.13
N THR XA 91 39.02 50.19 70.68
CA THR XA 91 39.57 51.45 71.18
C THR XA 91 40.08 51.23 72.61
N HIS XA 92 41.39 50.98 72.73
CA HIS XA 92 42.03 50.75 74.04
C HIS XA 92 42.22 52.09 74.76
N LYS XA 93 41.78 52.14 76.02
CA LYS XA 93 41.76 53.37 76.81
C LYS XA 93 42.55 53.20 78.10
N ARG XA 94 43.51 54.10 78.36
CA ARG XA 94 44.24 54.17 79.64
C ARG XA 94 44.09 55.55 80.25
N LEU XA 95 44.02 55.61 81.58
CA LEU XA 95 43.89 56.88 82.31
C LEU XA 95 45.11 57.18 83.17
N ILE XA 96 45.64 58.39 83.02
CA ILE XA 96 46.60 58.98 83.95
C ILE XA 96 45.84 60.08 84.71
N ARG XA 97 46.21 60.30 85.98
CA ARG XA 97 45.67 61.42 86.75
C ARG XA 97 46.79 62.09 87.56
N ALA XA 98 47.07 63.35 87.24
CA ALA XA 98 47.97 64.20 88.03
C ALA XA 98 47.23 64.68 89.27
N TRP XA 99 47.93 64.75 90.40
CA TRP XA 99 47.27 64.98 91.71
C TRP XA 99 47.60 66.26 92.47
N ASP XA 100 48.85 66.73 92.41
CA ASP XA 100 49.25 67.97 93.09
C ASP XA 100 50.34 68.69 92.31
N THR XA 101 49.94 69.76 91.61
CA THR XA 101 50.88 70.55 90.81
C THR XA 101 50.39 71.97 90.59
N ASN XA 102 51.34 72.91 90.71
CA ASN XA 102 51.12 74.29 90.29
C ASN XA 102 50.96 74.29 88.77
N PRO XA 103 49.81 74.78 88.24
CA PRO XA 103 49.41 74.77 86.83
C PRO XA 103 50.53 74.79 85.79
N GLU XA 104 51.51 75.67 85.97
CA GLU XA 104 52.64 75.84 85.04
C GLU XA 104 53.41 74.54 84.79
N VAL XA 105 53.67 73.81 85.87
CA VAL XA 105 54.38 72.53 85.83
C VAL XA 105 53.56 71.50 85.04
N LEU XA 106 52.26 71.49 85.30
CA LEU XA 106 51.31 70.61 84.61
C LEU XA 106 51.30 70.91 83.11
N GLN XA 107 51.21 72.20 82.76
CA GLN XA 107 51.26 72.66 81.37
C GLN XA 107 52.52 72.17 80.65
N MET XA 108 53.66 72.38 81.31
CA MET XA 108 54.96 71.94 80.83
C MET XA 108 55.00 70.44 80.54
N LEU XA 109 54.52 69.67 81.52
CA LEU XA 109 54.39 68.21 81.40
C LEU XA 109 53.61 67.86 80.14
N ILE XA 110 52.40 68.42 80.04
CA ILE XA 110 51.50 68.16 78.91
C ILE XA 110 52.15 68.52 77.58
N ALA XA 111 52.78 69.70 77.55
CA ALA XA 111 53.52 70.19 76.37
C ALA XA 111 54.64 69.24 75.97
N TYR XA 112 55.36 68.75 76.96
CA TYR XA 112 56.44 67.77 76.77
C TYR XA 112 55.92 66.46 76.19
N ILE XA 113 54.80 65.99 76.75
CA ILE XA 113 54.13 64.78 76.30
C ILE XA 113 53.74 64.87 74.83
N THR XA 114 53.08 65.96 74.46
CA THR XA 114 52.65 66.15 73.08
C THR XA 114 53.82 66.35 72.11
N LYS XA 115 54.94 66.90 72.58
CA LYS XA 115 56.15 67.02 71.77
C LYS XA 115 56.70 65.67 71.33
N HIS XA 116 56.91 64.77 72.29
CA HIS XA 116 57.46 63.44 72.04
C HIS XA 116 56.36 62.38 72.07
N SER XA 117 55.29 62.63 71.31
CA SER XA 117 54.17 61.70 71.22
C SER XA 117 54.50 60.54 70.29
N MET XA 118 53.78 59.45 70.47
CA MET XA 118 54.00 58.21 69.72
C MET XA 118 52.95 58.07 68.61
N ALA XA 119 53.13 57.08 67.75
CA ALA XA 119 52.39 56.97 66.50
C ALA XA 119 50.88 56.73 66.65
N GLY XA 120 50.53 55.59 67.24
CA GLY XA 120 49.13 55.16 67.30
C GLY XA 120 48.21 55.81 68.30
N VAL XA 121 48.76 56.63 69.20
CA VAL XA 121 48.07 57.06 70.42
C VAL XA 121 47.44 58.44 70.27
N GLY XA 122 46.13 58.52 70.51
CA GLY XA 122 45.42 59.79 70.70
C GLY XA 122 45.42 60.15 72.17
N MET XA 123 45.15 61.42 72.47
CA MET XA 123 45.16 61.90 73.86
C MET XA 123 44.05 62.92 74.12
N LYS XA 124 43.50 62.87 75.33
CA LYS XA 124 42.53 63.84 75.80
C LYS XA 124 42.88 64.23 77.24
N CYS XA 125 42.75 65.52 77.55
CA CYS XA 125 43.06 66.05 78.88
C CYS XA 125 41.85 66.75 79.48
N ASN XA 126 41.52 66.40 80.72
CA ASN XA 126 40.55 67.14 81.53
C ASN XA 126 41.29 67.85 82.65
N PHE XA 127 41.38 69.18 82.54
CA PHE XA 127 42.01 70.01 83.58
C PHE XA 127 40.94 70.54 84.53
N PHE XA 128 41.32 70.70 85.80
CA PHE XA 128 40.40 71.12 86.86
C PHE XA 128 40.97 72.32 87.59
N GLN XA 129 40.17 73.38 87.68
CA GLN XA 129 40.59 74.67 88.24
C GLN XA 129 39.71 75.05 89.43
N ARG XA 130 40.21 74.83 90.64
CA ARG XA 130 39.49 75.19 91.87
C ARG XA 130 39.50 76.71 92.08
N SER XA 131 38.49 77.37 91.52
CA SER XA 131 38.33 78.83 91.64
C SER XA 131 37.34 79.17 92.75
N GLU XA 132 37.46 80.39 93.27
CA GLU XA 132 36.49 80.93 94.22
C GLU XA 132 35.15 81.24 93.55
N ILE XA 133 34.12 81.48 94.36
CA ILE XA 133 32.74 81.63 93.88
C ILE XA 133 32.59 82.94 93.11
N SER XA 134 32.87 84.04 93.80
CA SER XA 134 32.78 85.37 93.21
C SER XA 134 34.07 85.70 92.45
N LEU XA 135 33.93 86.28 91.26
CA LEU XA 135 35.06 86.65 90.41
C LEU XA 135 34.80 88.02 89.79
N ASP XA 136 35.86 88.64 89.28
CA ASP XA 136 35.80 89.97 88.70
C ASP XA 136 36.77 90.16 87.54
N LEU XA 137 36.22 90.53 86.38
CA LEU XA 137 37.01 90.92 85.21
C LEU XA 137 36.71 92.41 84.92
N GLY XA 138 36.93 93.23 85.95
CA GLY XA 138 36.74 94.68 85.88
C GLY XA 138 38.06 95.41 86.02
N SER XA 139 38.78 95.13 87.10
CA SER XA 139 40.17 95.56 87.29
C SER XA 139 41.04 94.77 86.30
N ASP XA 140 41.12 95.28 85.07
CA ASP XA 140 41.53 94.49 83.91
C ASP XA 140 42.97 94.73 83.46
N ALA XA 141 43.29 95.99 83.15
CA ALA XA 141 44.59 96.36 82.58
C ALA XA 141 45.76 95.92 83.46
N ASN XA 142 45.63 96.18 84.75
CA ASN XA 142 46.61 95.74 85.75
C ASN XA 142 46.78 94.23 85.81
N GLY XA 143 45.66 93.51 85.73
CA GLY XA 143 45.66 92.04 85.72
C GLY XA 143 46.32 91.46 84.47
N LEU XA 144 46.07 92.12 83.34
CA LEU XA 144 46.72 91.79 82.07
C LEU XA 144 48.24 91.97 82.17
N GLU XA 145 48.66 93.11 82.71
CA GLU XA 145 50.07 93.43 82.93
C GLU XA 145 50.77 92.39 83.82
N LYS XA 146 50.10 92.01 84.90
CA LYS XA 146 50.56 90.94 85.80
C LYS XA 146 50.75 89.63 85.07
N SER XA 147 49.76 89.26 84.25
CA SER XA 147 49.81 88.03 83.45
C SER XA 147 50.99 88.04 82.48
N LEU XA 148 51.20 89.17 81.82
CA LEU XA 148 52.35 89.37 80.92
C LEU XA 148 53.69 89.22 81.63
N SER XA 149 53.77 89.79 82.84
CA SER XA 149 54.97 89.68 83.69
C SER XA 149 55.26 88.23 84.06
N ASN XA 150 54.21 87.52 84.47
CA ASN XA 150 54.27 86.09 84.79
C ASN XA 150 54.77 85.24 83.62
N ILE XA 151 54.22 85.53 82.44
CA ILE XA 151 54.63 84.88 81.19
C ILE XA 151 56.12 85.11 80.92
N ASP XA 152 56.55 86.37 81.05
CA ASP XA 152 57.94 86.76 80.86
C ASP XA 152 58.88 86.00 81.79
N GLU XA 153 58.49 85.94 83.06
CA GLU XA 153 59.21 85.17 84.09
C GLU XA 153 59.36 83.70 83.73
N LEU XA 154 58.25 83.12 83.25
CA LEU XA 154 58.22 81.72 82.84
C LEU XA 154 59.17 81.42 81.68
N TYR XA 155 59.10 82.24 80.63
CA TYR XA 155 59.86 82.05 79.40
C TYR XA 155 61.09 82.98 79.32
N SER XA 156 61.99 82.82 80.30
CA SER XA 156 63.25 83.56 80.33
C SER XA 156 64.42 82.60 80.10
N LEU XA 157 65.34 83.00 79.23
CA LEU XA 157 66.53 82.20 78.93
C LEU XA 157 67.55 82.41 80.04
N ARG XA 158 67.73 81.38 80.88
CA ARG XA 158 68.60 81.46 82.05
C ARG XA 158 70.07 81.47 81.65
N ASN XA 159 70.46 80.45 80.87
CA ASN XA 159 71.82 80.32 80.33
C ASN XA 159 71.77 79.73 78.92
N ASP XA 160 72.15 80.53 77.93
CA ASP XA 160 72.17 80.08 76.53
C ASP XA 160 73.39 79.20 76.29
N ASP XA 161 73.26 77.93 76.66
CA ASP XA 161 74.32 76.92 76.50
C ASP XA 161 73.85 75.87 75.48
N LYS XA 162 73.51 76.36 74.29
CA LYS XA 162 72.93 75.54 73.21
C LYS XA 162 71.68 74.78 73.65
N ALA XA 163 70.76 75.52 74.30
CA ALA XA 163 69.49 74.97 74.76
C ALA XA 163 68.50 74.87 73.59
N GLN XA 164 67.40 74.15 73.83
CA GLN XA 164 66.32 74.02 72.84
C GLN XA 164 65.61 75.36 72.67
N THR XA 165 65.45 75.78 71.41
CA THR XA 165 64.81 77.05 71.08
C THR XA 165 63.74 76.85 70.01
N SER XA 166 62.68 77.65 70.08
CA SER XA 166 61.58 77.61 69.13
C SER XA 166 61.35 79.01 68.57
N ALA XA 167 61.26 79.11 67.24
CA ALA XA 167 61.07 80.38 66.53
C ALA XA 167 59.67 80.93 66.75
N VAL XA 168 58.67 80.06 66.63
CA VAL XA 168 57.27 80.42 66.83
C VAL XA 168 57.01 80.94 68.24
N GLY XA 169 57.61 80.27 69.24
CA GLY XA 169 57.49 80.65 70.63
C GLY XA 169 58.10 82.02 70.91
N GLN XA 170 59.28 82.25 70.34
CA GLN XA 170 59.95 83.57 70.39
C GLN XA 170 59.08 84.68 69.81
N LYS XA 171 58.47 84.39 68.67
CA LYS XA 171 57.56 85.33 67.99
C LYS XA 171 56.38 85.67 68.90
N VAL XA 172 55.77 84.64 69.46
CA VAL XA 172 54.65 84.78 70.41
C VAL XA 172 55.03 85.68 71.59
N LEU XA 173 56.20 85.42 72.16
CA LEU XA 173 56.73 86.23 73.27
C LEU XA 173 56.90 87.69 72.88
N GLU XA 174 57.45 87.93 71.69
CA GLU XA 174 57.63 89.27 71.13
C GLU XA 174 56.30 90.00 70.98
N LEU XA 175 55.30 89.28 70.48
CA LEU XA 175 53.94 89.81 70.32
C LEU XA 175 53.33 90.21 71.66
N LEU XA 176 53.48 89.32 72.64
CA LEU XA 176 53.02 89.57 74.02
C LEU XA 176 53.66 90.83 74.62
N ASP XA 177 54.97 90.97 74.41
CA ASP XA 177 55.72 92.14 74.87
C ASP XA 177 55.24 93.47 74.28
N SER XA 178 54.80 93.46 73.01
CA SER XA 178 54.57 94.69 72.24
C SER XA 178 53.51 95.65 72.84
N PRO XA 179 53.66 96.97 72.59
CA PRO XA 179 52.69 98.02 72.97
C PRO XA 179 51.28 97.82 72.40
N ASP XA 180 51.22 97.35 71.15
CA ASP XA 180 49.96 97.09 70.45
C ASP XA 180 49.10 96.07 71.20
N PHE XA 181 49.75 95.01 71.68
CA PHE XA 181 49.10 93.96 72.47
C PHE XA 181 48.52 94.49 73.77
N LYS XA 182 49.31 95.33 74.45
CA LYS XA 182 48.87 95.99 75.68
C LYS XA 182 47.64 96.87 75.45
N LYS XA 183 47.66 97.59 74.34
CA LYS XA 183 46.57 98.48 73.94
C LYS XA 183 45.24 97.74 73.73
N HIS XA 184 45.30 96.59 73.04
CA HIS XA 184 44.12 95.79 72.64
C HIS XA 184 42.81 96.05 73.37
N LEU XA 185 42.83 95.83 74.68
CA LEU XA 185 41.62 95.83 75.50
C LEU XA 185 40.98 97.22 75.63
N GLU XA 186 41.79 98.20 76.06
CA GLU XA 186 41.31 99.58 76.21
C GLU XA 186 41.34 100.29 74.85
N LYS YA 1 -18.25 -48.57 51.56
CA LYS YA 1 -17.91 -47.64 52.69
C LYS YA 1 -16.91 -46.57 52.27
N GLU YA 2 -16.81 -45.51 53.08
CA GLU YA 2 -15.87 -44.41 52.85
C GLU YA 2 -15.26 -43.94 54.17
N GLU YA 3 -14.13 -44.54 54.53
CA GLU YA 3 -13.40 -44.18 55.75
C GLU YA 3 -12.25 -43.23 55.40
N VAL YA 4 -12.23 -42.07 56.05
CA VAL YA 4 -11.13 -41.11 55.89
C VAL YA 4 -9.94 -41.60 56.75
N VAL YA 5 -8.84 -41.94 56.09
CA VAL YA 5 -7.65 -42.45 56.78
C VAL YA 5 -6.85 -41.31 57.38
N LYS YA 6 -6.54 -40.33 56.53
CA LYS YA 6 -5.75 -39.16 56.91
C LYS YA 6 -5.99 -38.03 55.93
N TYR YA 7 -5.66 -36.81 56.34
CA TYR YA 7 -5.76 -35.64 55.47
C TYR YA 7 -4.38 -35.28 54.95
N ILE YA 8 -4.34 -34.66 53.77
CA ILE YA 8 -3.08 -34.17 53.20
C ILE YA 8 -3.20 -32.66 52.87
N LEU YA 9 -2.33 -31.87 53.49
CA LEU YA 9 -2.28 -30.42 53.25
C LEU YA 9 -1.22 -30.15 52.18
N HIS YA 10 -1.67 -29.76 50.99
CA HIS YA 10 -0.79 -29.46 49.86
C HIS YA 10 -0.66 -27.95 49.71
N GLY YA 11 0.57 -27.50 49.44
CA GLY YA 11 0.87 -26.08 49.27
C GLY YA 11 1.80 -25.86 48.10
N LYS YA 12 1.26 -25.39 46.97
CA LYS YA 12 2.08 -25.04 45.81
C LYS YA 12 2.40 -23.55 45.86
N PHE YA 13 3.68 -23.23 46.05
CA PHE YA 13 4.15 -21.87 46.29
C PHE YA 13 5.01 -21.34 45.15
N THR YA 14 4.35 -20.85 44.11
CA THR YA 14 5.03 -20.32 42.92
C THR YA 14 5.55 -18.90 43.17
N LYS YA 15 6.25 -18.37 42.18
CA LYS YA 15 6.75 -16.98 42.19
C LYS YA 15 5.63 -15.97 42.45
N ASN YA 16 4.53 -16.10 41.71
CA ASN YA 16 3.47 -15.08 41.66
C ASN YA 16 2.22 -15.37 42.51
N ASN YA 17 2.08 -16.58 43.02
CA ASN YA 17 0.88 -16.97 43.76
C ASN YA 17 1.05 -18.25 44.57
N THR YA 18 0.24 -18.41 45.62
CA THR YA 18 0.19 -19.63 46.42
C THR YA 18 -1.09 -20.40 46.14
N HIS YA 19 -1.04 -21.73 46.32
CA HIS YA 19 -2.23 -22.59 46.24
C HIS YA 19 -2.22 -23.60 47.38
N LEU YA 20 -3.05 -23.32 48.38
CA LEU YA 20 -3.24 -24.22 49.52
C LEU YA 20 -4.45 -25.11 49.29
N THR YA 21 -4.28 -26.41 49.56
CA THR YA 21 -5.29 -27.42 49.27
C THR YA 21 -5.35 -28.44 50.38
N PHE YA 22 -6.56 -28.71 50.88
CA PHE YA 22 -6.80 -29.72 51.89
C PHE YA 22 -7.58 -30.85 51.22
N SER YA 23 -7.24 -32.08 51.56
CA SER YA 23 -7.85 -33.24 50.91
C SER YA 23 -7.81 -34.49 51.79
N SER YA 24 -8.94 -35.20 51.84
CA SER YA 24 -9.08 -36.42 52.62
C SER YA 24 -8.64 -37.64 51.82
N VAL YA 25 -7.85 -38.51 52.44
CA VAL YA 25 -7.51 -39.81 51.87
C VAL YA 25 -8.64 -40.78 52.20
N VAL YA 26 -9.46 -41.10 51.20
CA VAL YA 26 -10.68 -41.90 51.38
C VAL YA 26 -10.43 -43.37 51.04
N GLU YA 27 -10.32 -44.20 52.09
CA GLU YA 27 -10.18 -45.64 51.94
C GLU YA 27 -11.54 -46.33 52.08
N ASP YA 28 -11.83 -47.22 51.14
CA ASP YA 28 -13.03 -48.06 51.20
C ASP YA 28 -12.62 -49.41 51.81
N LYS YA 29 -13.47 -49.92 52.70
CA LYS YA 29 -13.13 -51.13 53.49
C LYS YA 29 -13.24 -52.42 52.67
N ASN YA 30 -14.02 -52.39 51.59
CA ASN YA 30 -14.22 -53.57 50.74
C ASN YA 30 -13.03 -53.80 49.81
N LEU YA 37 -11.13 -60.77 44.21
CA LEU YA 37 -10.09 -59.84 43.75
C LEU YA 37 -8.69 -60.31 44.12
N THR YA 38 -7.71 -59.94 43.29
CA THR YA 38 -6.33 -60.40 43.43
C THR YA 38 -5.60 -59.66 44.56
N TYR YA 39 -4.68 -60.36 45.22
CA TYR YA 39 -3.88 -59.80 46.34
C TYR YA 39 -3.06 -58.61 45.91
N ASN YA 40 -2.34 -58.75 44.79
CA ASN YA 40 -1.51 -57.69 44.23
C ASN YA 40 -2.26 -56.40 43.98
N ASP YA 41 -3.45 -56.54 43.39
CA ASP YA 41 -4.35 -55.41 43.09
C ASP YA 41 -4.78 -54.69 44.35
N THR YA 42 -5.14 -55.47 45.38
CA THR YA 42 -5.54 -54.92 46.68
C THR YA 42 -4.41 -54.13 47.31
N MET YA 43 -3.21 -54.71 47.28
CA MET YA 43 -2.00 -54.07 47.82
C MET YA 43 -1.71 -52.76 47.11
N LEU YA 44 -1.85 -52.76 45.79
CA LEU YA 44 -1.68 -51.57 44.95
C LEU YA 44 -2.67 -50.48 45.34
N TYR YA 45 -3.93 -50.87 45.51
CA TYR YA 45 -5.00 -49.98 45.97
C TYR YA 45 -4.68 -49.35 47.32
N TYR YA 46 -4.23 -50.19 48.26
CA TYR YA 46 -3.79 -49.74 49.58
C TYR YA 46 -2.66 -48.71 49.52
N LEU YA 47 -1.70 -48.97 48.65
CA LEU YA 47 -0.56 -48.07 48.44
C LEU YA 47 -0.97 -46.67 47.96
N ASN YA 48 -1.84 -46.63 46.95
CA ASN YA 48 -2.34 -45.36 46.40
C ASN YA 48 -3.84 -45.18 46.63
N LEU YA 49 -4.18 -44.73 47.83
CA LEU YA 49 -5.58 -44.50 48.21
C LEU YA 49 -6.12 -43.25 47.51
N PRO YA 50 -7.34 -43.31 46.96
CA PRO YA 50 -7.98 -42.12 46.37
C PRO YA 50 -8.15 -40.96 47.36
N GLN YA 51 -7.99 -39.74 46.85
CA GLN YA 51 -8.15 -38.51 47.63
C GLN YA 51 -9.36 -37.71 47.16
N LYS YA 52 -9.99 -36.99 48.08
CA LYS YA 52 -11.08 -36.06 47.78
C LYS YA 52 -10.71 -34.67 48.32
N VAL YA 53 -10.83 -33.65 47.48
CA VAL YA 53 -10.51 -32.27 47.85
C VAL YA 53 -11.62 -31.72 48.75
N LYS YA 54 -11.23 -31.03 49.82
CA LYS YA 54 -12.17 -30.51 50.82
C LYS YA 54 -12.25 -28.99 50.79
N ILE YA 55 -11.10 -28.33 50.91
CA ILE YA 55 -11.01 -26.88 50.69
C ILE YA 55 -9.79 -26.54 49.84
N SER YA 56 -10.05 -25.99 48.65
CA SER YA 56 -9.02 -25.37 47.83
C SER YA 56 -8.94 -23.91 48.21
N LEU YA 57 -7.76 -23.32 48.03
CA LEU YA 57 -7.52 -21.93 48.39
C LEU YA 57 -6.33 -21.37 47.63
N SER YA 58 -6.48 -20.13 47.18
CA SER YA 58 -5.40 -19.38 46.55
C SER YA 58 -5.49 -17.96 47.06
N THR YA 59 -4.34 -17.31 47.27
CA THR YA 59 -4.31 -16.05 48.01
C THR YA 59 -5.09 -14.86 47.40
N GLY YA 60 -5.55 -14.99 46.15
CA GLY YA 60 -6.54 -14.07 45.59
C GLY YA 60 -7.94 -14.21 46.18
N CYS YA 61 -8.28 -15.43 46.61
CA CYS YA 61 -9.53 -15.69 47.35
C CYS YA 61 -9.66 -14.86 48.63
N LEU YA 62 -8.53 -14.47 49.22
CA LEU YA 62 -8.49 -13.55 50.36
C LEU YA 62 -8.43 -12.06 49.96
N GLY YA 63 -8.82 -11.74 48.72
CA GLY YA 63 -8.90 -10.36 48.26
C GLY YA 63 -7.59 -9.65 47.99
N PHE YA 64 -6.54 -10.42 47.64
CA PHE YA 64 -5.27 -9.85 47.19
C PHE YA 64 -5.21 -9.89 45.66
N ARG YA 65 -5.21 -8.71 45.04
CA ARG YA 65 -5.35 -8.59 43.59
C ARG YA 65 -4.00 -8.44 42.90
N LYS YA 66 -3.82 -9.20 41.82
CA LYS YA 66 -2.72 -9.01 40.85
C LYS YA 66 -1.30 -9.28 41.39
N ALA YA 67 -0.64 -8.25 41.94
CA ALA YA 67 0.77 -8.36 42.36
C ALA YA 67 0.95 -8.74 43.82
N ALA YA 68 0.09 -8.19 44.68
CA ALA YA 68 0.13 -8.45 46.13
C ALA YA 68 -0.03 -9.94 46.49
N ARG YA 69 -0.72 -10.69 45.64
CA ARG YA 69 -0.89 -12.14 45.82
C ARG YA 69 0.41 -12.96 45.64
N GLY YA 70 1.45 -12.37 45.08
CA GLY YA 70 2.79 -13.00 45.04
C GLY YA 70 3.64 -12.79 46.28
N GLU YA 71 3.12 -11.99 47.19
CA GLU YA 71 3.85 -11.55 48.35
C GLU YA 71 3.40 -12.02 49.72
N TYR YA 72 4.32 -12.76 50.36
CA TYR YA 72 4.25 -13.33 51.71
C TYR YA 72 3.03 -13.06 52.55
N GLU YA 73 2.96 -11.84 53.07
CA GLU YA 73 1.85 -11.47 53.96
C GLU YA 73 0.55 -12.09 53.46
N ALA YA 74 0.30 -11.94 52.17
CA ALA YA 74 -0.87 -12.52 51.51
C ALA YA 74 -0.94 -14.03 51.67
N ALA YA 75 0.20 -14.69 51.45
CA ALA YA 75 0.33 -16.14 51.64
C ALA YA 75 0.04 -16.57 53.07
N PHE YA 76 0.60 -15.82 54.02
CA PHE YA 76 0.38 -16.04 55.45
C PHE YA 76 -1.10 -15.96 55.82
N GLN YA 77 -1.77 -14.93 55.30
CA GLN YA 77 -3.20 -14.73 55.49
C GLN YA 77 -4.02 -15.89 54.96
N THR YA 78 -3.67 -16.34 53.75
CA THR YA 78 -4.30 -17.50 53.10
C THR YA 78 -4.16 -18.76 53.92
N SER YA 79 -2.95 -18.97 54.44
CA SER YA 79 -2.65 -20.10 55.33
C SER YA 79 -3.51 -20.06 56.58
N GLY YA 80 -3.60 -18.89 57.19
CA GLY YA 80 -4.45 -18.66 58.36
C GLY YA 80 -5.93 -18.95 58.09
N ARG YA 81 -6.40 -18.50 56.94
CA ARG YA 81 -7.77 -18.75 56.48
C ARG YA 81 -8.04 -20.24 56.32
N MET YA 82 -7.10 -20.91 55.66
CA MET YA 82 -7.14 -22.36 55.48
C MET YA 82 -7.27 -23.08 56.83
N PHE YA 83 -6.40 -22.71 57.77
CA PHE YA 83 -6.41 -23.28 59.13
C PHE YA 83 -7.74 -23.09 59.84
N GLU YA 84 -8.30 -21.88 59.72
CA GLU YA 84 -9.63 -21.56 60.25
C GLU YA 84 -10.71 -22.46 59.66
N LEU YA 85 -10.67 -22.64 58.34
CA LEU YA 85 -11.61 -23.52 57.64
C LEU YA 85 -11.52 -24.97 58.11
N ILE YA 86 -10.29 -25.44 58.28
CA ILE YA 86 -10.02 -26.80 58.80
C ILE YA 86 -10.64 -26.96 60.19
N LYS YA 87 -10.41 -25.98 61.04
CA LYS YA 87 -10.93 -25.96 62.41
C LYS YA 87 -12.46 -26.02 62.44
N GLU YA 88 -13.10 -25.19 61.61
CA GLU YA 88 -14.55 -25.04 61.60
C GLU YA 88 -15.26 -26.21 60.93
N LYS YA 89 -14.82 -26.53 59.72
CA LYS YA 89 -15.46 -27.55 58.88
C LYS YA 89 -15.26 -28.99 59.40
N ASN YA 90 -14.37 -29.16 60.36
CA ASN YA 90 -14.24 -30.38 61.17
C ASN YA 90 -13.58 -31.52 60.39
N MET YA 91 -12.37 -31.23 59.89
CA MET YA 91 -11.48 -32.23 59.31
C MET YA 91 -10.19 -32.31 60.14
N LEU YA 92 -10.35 -32.36 61.46
CA LEU YA 92 -9.23 -32.42 62.41
C LEU YA 92 -9.23 -33.71 63.25
N ASN YA 93 -10.16 -34.63 62.97
CA ASN YA 93 -10.28 -35.89 63.73
C ASN YA 93 -9.16 -36.90 63.47
N LYS YA 94 -8.70 -36.97 62.22
CA LYS YA 94 -7.59 -37.82 61.81
C LYS YA 94 -6.30 -37.02 61.63
N ASP YA 95 -5.19 -37.75 61.42
CA ASP YA 95 -3.88 -37.14 61.20
C ASP YA 95 -3.76 -36.41 59.85
N ILE YA 96 -2.76 -35.52 59.78
CA ILE YA 96 -2.54 -34.62 58.64
C ILE YA 96 -1.12 -34.83 58.07
N GLU YA 97 -0.98 -34.64 56.76
CA GLU YA 97 0.30 -34.78 56.05
C GLU YA 97 0.60 -33.54 55.23
N VAL YA 98 1.62 -32.76 55.62
CA VAL YA 98 1.97 -31.53 54.90
C VAL YA 98 2.91 -31.84 53.73
N VAL YA 99 2.67 -31.21 52.58
CA VAL YA 99 3.57 -31.28 51.41
C VAL YA 99 3.68 -29.89 50.75
N MET YA 100 4.78 -29.66 50.03
CA MET YA 100 5.05 -28.36 49.38
C MET YA 100 5.62 -28.45 47.96
N ASP YA 101 5.56 -27.32 47.25
CA ASP YA 101 6.12 -27.17 45.90
C ASP YA 101 6.66 -25.75 45.62
N ASP YA 102 7.78 -25.69 44.89
CA ASP YA 102 8.24 -24.51 44.12
C ASP YA 102 8.87 -23.30 44.89
N PHE YA 103 9.19 -23.47 46.17
CA PHE YA 103 10.03 -22.51 46.93
C PHE YA 103 9.77 -21.00 46.72
N GLY YA 104 8.50 -20.61 46.75
CA GLY YA 104 8.15 -19.19 46.71
C GLY YA 104 8.35 -18.51 48.06
N LYS YA 105 8.08 -17.21 48.09
CA LYS YA 105 7.97 -16.47 49.36
C LYS YA 105 6.86 -17.08 50.22
N GLY YA 106 5.74 -17.40 49.58
CA GLY YA 106 4.57 -17.94 50.23
C GLY YA 106 4.77 -19.24 50.98
N ARG YA 107 5.73 -20.06 50.53
CA ARG YA 107 6.14 -21.26 51.25
C ARG YA 107 6.67 -20.91 52.64
N ALA YA 108 7.55 -19.90 52.68
CA ALA YA 108 8.11 -19.38 53.93
C ALA YA 108 7.02 -18.86 54.88
N ALA YA 109 6.03 -18.19 54.31
CA ALA YA 109 4.86 -17.71 55.06
C ALA YA 109 4.05 -18.83 55.68
N PHE YA 110 3.78 -19.83 54.86
CA PHE YA 110 2.94 -20.96 55.25
C PHE YA 110 3.52 -21.71 56.44
N ILE YA 111 4.80 -22.04 56.35
CA ILE YA 111 5.50 -22.75 57.43
C ILE YA 111 5.49 -21.93 58.73
N SER YA 112 5.71 -20.62 58.62
CA SER YA 112 5.70 -19.70 59.77
C SER YA 112 4.32 -19.67 60.44
N ALA YA 113 3.29 -19.61 59.60
CA ALA YA 113 1.89 -19.65 60.06
C ALA YA 113 1.58 -20.95 60.81
N LEU YA 114 2.05 -22.06 60.24
CA LEU YA 114 1.87 -23.39 60.84
C LEU YA 114 2.54 -23.46 62.21
N VAL YA 115 3.77 -22.96 62.28
CA VAL YA 115 4.54 -22.88 63.53
C VAL YA 115 3.80 -22.10 64.61
N GLY YA 116 3.28 -20.92 64.25
CA GLY YA 116 2.68 -20.00 65.20
C GLY YA 116 1.30 -20.38 65.70
N LYS YA 117 0.64 -19.40 66.33
CA LYS YA 117 -0.69 -19.59 66.92
C LYS YA 117 -1.81 -19.79 65.89
N GLU YA 118 -1.62 -19.29 64.67
CA GLU YA 118 -2.62 -19.42 63.60
C GLU YA 118 -2.87 -20.86 63.19
N GLY YA 119 -1.81 -21.67 63.18
CA GLY YA 119 -1.91 -23.12 62.96
C GLY YA 119 -1.68 -23.91 64.24
N ALA YA 120 -2.27 -23.46 65.35
CA ALA YA 120 -2.08 -24.09 66.66
C ALA YA 120 -2.82 -25.42 66.75
N SER YA 121 -4.11 -25.40 66.39
CA SER YA 121 -4.95 -26.60 66.43
C SER YA 121 -4.57 -27.69 65.42
N VAL YA 122 -3.92 -27.29 64.32
CA VAL YA 122 -3.60 -28.20 63.22
C VAL YA 122 -2.34 -29.03 63.54
N VAL YA 123 -1.28 -28.33 63.96
CA VAL YA 123 0.05 -28.91 64.26
C VAL YA 123 0.02 -30.27 64.99
N LYS YA 124 -0.83 -30.37 66.01
CA LYS YA 124 -0.90 -31.60 66.83
C LYS YA 124 -1.36 -32.83 66.04
N LYS YA 125 -2.11 -32.63 64.95
CA LYS YA 125 -2.51 -33.70 64.04
C LYS YA 125 -1.52 -33.95 62.89
N VAL YA 126 -0.60 -33.00 62.64
CA VAL YA 126 0.37 -33.10 61.54
C VAL YA 126 1.41 -34.19 61.85
N VAL YA 127 1.25 -35.34 61.20
CA VAL YA 127 2.14 -36.49 61.40
C VAL YA 127 3.48 -36.29 60.67
N LYS YA 128 3.43 -35.93 59.39
CA LYS YA 128 4.64 -35.79 58.58
C LYS YA 128 4.61 -34.57 57.64
N ILE YA 129 5.76 -33.91 57.54
CA ILE YA 129 6.02 -32.93 56.49
C ILE YA 129 6.83 -33.69 55.44
N SER YA 130 6.51 -33.46 54.17
CA SER YA 130 7.20 -34.17 53.09
C SER YA 130 7.12 -33.43 51.75
N ASP YA 131 8.23 -32.79 51.37
CA ASP YA 131 8.32 -32.03 50.14
C ASP YA 131 8.18 -32.92 48.89
N ALA YA 132 7.66 -32.33 47.81
CA ALA YA 132 7.55 -33.00 46.52
C ALA YA 132 7.59 -31.99 45.36
N THR YA 133 8.69 -31.24 45.28
CA THR YA 133 8.91 -30.30 44.17
C THR YA 133 9.33 -31.09 42.94
N LYS YA 134 8.81 -30.69 41.78
CA LYS YA 134 9.09 -31.38 40.52
C LYS YA 134 10.34 -30.80 39.85
N LEU YA 135 11.21 -31.70 39.39
CA LEU YA 135 12.39 -31.35 38.61
C LEU YA 135 12.43 -32.22 37.37
N LYS YA 136 13.30 -31.89 36.42
CA LYS YA 136 13.40 -32.62 35.16
C LYS YA 136 14.84 -33.04 34.86
N PHE YA 137 15.00 -34.30 34.46
CA PHE YA 137 16.30 -34.85 34.08
C PHE YA 137 16.46 -34.71 32.57
N GLY YA 138 16.70 -33.47 32.15
CA GLY YA 138 16.72 -33.10 30.74
C GLY YA 138 15.37 -32.55 30.37
N GLY YA 139 14.55 -33.35 29.68
CA GLY YA 139 13.17 -33.00 29.39
C GLY YA 139 12.98 -31.86 28.40
N VAL YA 140 11.82 -31.23 28.48
CA VAL YA 140 11.47 -30.14 27.56
C VAL YA 140 12.34 -28.90 27.81
N ARG YA 141 12.78 -28.24 26.74
CA ARG YA 141 13.66 -27.09 26.89
C ARG YA 141 12.86 -25.92 27.45
N SER YA 142 13.48 -25.19 28.38
CA SER YA 142 12.82 -24.05 29.02
C SER YA 142 12.88 -22.83 28.10
N PRO YA 143 12.14 -21.75 28.43
CA PRO YA 143 12.22 -20.52 27.65
C PRO YA 143 13.61 -19.88 27.64
N LYS YA 144 13.88 -19.08 26.61
CA LYS YA 144 15.16 -18.36 26.49
C LYS YA 144 15.28 -17.36 27.65
N MET YA 145 16.48 -17.24 28.21
CA MET YA 145 16.67 -16.39 29.40
C MET YA 145 16.52 -14.90 29.07
N ARG YA 146 15.34 -14.38 29.40
CA ARG YA 146 14.98 -12.96 29.27
C ARG YA 146 16.11 -11.95 29.52
N ARG YA 147 16.21 -10.99 28.61
CA ARG YA 147 17.31 -10.02 28.61
C ARG YA 147 17.15 -8.96 29.69
N LEU YA 148 16.00 -8.28 29.68
CA LEU YA 148 15.66 -7.20 30.63
C LEU YA 148 16.62 -6.01 30.51
N ALA ZA 1 59.23 -18.58 3.92
CA ALA ZA 1 60.56 -18.28 4.53
C ALA ZA 1 61.50 -19.47 4.67
N THR ZA 2 61.02 -20.70 4.46
CA THR ZA 2 61.92 -21.84 4.24
C THR ZA 2 62.69 -21.63 2.95
N LEU ZA 3 63.82 -22.32 2.84
CA LEU ZA 3 64.72 -22.19 1.71
C LEU ZA 3 64.05 -22.55 0.38
N ASN ZA 4 63.27 -23.63 0.41
CA ASN ZA 4 62.46 -24.06 -0.73
C ASN ZA 4 61.42 -23.01 -1.13
N GLN ZA 5 60.72 -22.48 -0.14
CA GLN ZA 5 59.73 -21.41 -0.35
C GLN ZA 5 60.34 -20.18 -1.01
N ILE ZA 6 61.52 -19.79 -0.52
CA ILE ZA 6 62.29 -18.67 -1.07
C ILE ZA 6 62.61 -18.90 -2.54
N LYS ZA 7 63.09 -20.10 -2.85
CA LYS ZA 7 63.41 -20.52 -4.21
C LYS ZA 7 62.21 -20.38 -5.16
N ARG ZA 8 61.05 -20.85 -4.72
CA ARG ZA 8 59.81 -20.75 -5.53
C ARG ZA 8 59.03 -19.45 -5.26
N GLY ZA 9 59.74 -18.32 -5.22
CA GLY ZA 9 59.13 -17.00 -5.13
C GLY ZA 9 58.76 -16.56 -3.73
N SER ZA 10 59.75 -16.07 -3.01
CA SER ZA 10 59.54 -15.39 -1.72
C SER ZA 10 60.77 -14.57 -1.36
N GLY ZA 11 60.53 -13.40 -0.77
CA GLY ZA 11 61.60 -12.49 -0.38
C GLY ZA 11 61.10 -11.16 0.13
N PRO ZA 12 62.01 -10.22 0.42
CA PRO ZA 12 61.62 -8.86 0.79
C PRO ZA 12 60.85 -8.17 -0.33
N PRO ZA 13 59.86 -7.32 0.01
CA PRO ZA 13 59.11 -6.63 -1.03
C PRO ZA 13 59.92 -5.47 -1.57
N ARG ZA 14 60.34 -5.58 -2.84
CA ARG ZA 14 61.13 -4.53 -3.48
C ARG ZA 14 60.21 -3.33 -3.70
N ARG ZA 15 60.58 -2.22 -3.05
CA ARG ZA 15 59.84 -0.97 -3.07
C ARG ZA 15 60.12 -0.15 -4.31
N LYS ZA 16 59.55 -0.57 -5.44
CA LYS ZA 16 59.76 0.19 -6.64
C LYS ZA 16 58.88 1.44 -6.66
N LYS ZA 17 59.46 2.58 -6.32
CA LYS ZA 17 58.71 3.83 -6.35
C LYS ZA 17 57.42 3.59 -7.13
N ILE ZA 18 56.49 4.52 -7.03
CA ILE ZA 18 55.24 4.48 -7.79
C ILE ZA 18 55.02 5.85 -8.43
N SER ZA 19 54.41 5.84 -9.63
CA SER ZA 19 54.23 7.07 -10.42
C SER ZA 19 53.28 8.05 -9.73
N THR ZA 20 53.82 9.19 -9.32
CA THR ZA 20 53.03 10.29 -8.74
C THR ZA 20 52.08 10.90 -9.78
N ALA ZA 21 52.51 10.94 -11.03
CA ALA ZA 21 51.74 11.52 -12.14
C ALA ZA 21 51.58 10.50 -13.27
N PRO ZA 22 50.60 9.58 -13.15
CA PRO ZA 22 50.32 8.59 -14.22
C PRO ZA 22 49.80 9.16 -15.53
N GLN ZA 23 48.93 10.16 -15.46
CA GLN ZA 23 48.29 10.74 -16.66
C GLN ZA 23 49.30 11.49 -17.55
N LEU ZA 24 50.41 11.93 -16.94
CA LEU ZA 24 51.49 12.60 -17.66
C LEU ZA 24 52.26 11.66 -18.61
N ASP ZA 25 52.19 10.35 -18.39
CA ASP ZA 25 52.77 9.32 -19.28
C ASP ZA 25 54.31 9.40 -19.40
N GLN ZA 26 54.97 9.18 -18.28
CA GLN ZA 26 56.44 9.07 -18.18
C GLN ZA 26 57.20 10.12 -18.99
N CYS ZA 27 56.86 11.38 -18.76
CA CYS ZA 27 57.57 12.50 -19.36
C CYS ZA 27 57.39 13.78 -18.54
N PRO ZA 28 58.37 14.70 -18.60
CA PRO ZA 28 58.45 15.84 -17.68
C PRO ZA 28 57.24 16.77 -17.73
N GLN ZA 29 56.83 17.12 -18.93
CA GLN ZA 29 55.65 17.93 -19.14
C GLN ZA 29 54.78 17.30 -20.21
N ARG ZA 30 53.52 17.75 -20.24
CA ARG ZA 30 52.68 17.57 -21.40
C ARG ZA 30 51.86 18.83 -21.64
N LYS ZA 31 51.69 19.16 -22.92
CA LYS ZA 31 50.84 20.27 -23.32
C LYS ZA 31 49.40 19.85 -23.11
N GLY ZA 32 48.57 20.82 -22.75
CA GLY ZA 32 47.14 20.60 -22.63
C GLY ZA 32 46.34 21.85 -22.94
N VAL ZA 33 45.04 21.66 -23.08
CA VAL ZA 33 44.09 22.75 -23.27
C VAL ZA 33 43.19 22.78 -22.04
N VAL ZA 34 43.08 23.95 -21.42
CA VAL ZA 34 42.16 24.14 -20.29
C VAL ZA 34 40.71 23.99 -20.77
N LEU ZA 35 39.89 23.33 -19.96
CA LEU ZA 35 38.48 23.09 -20.26
C LEU ZA 35 37.64 24.07 -19.45
N ARG ZA 36 37.80 23.99 -18.13
CA ARG ZA 36 37.26 24.97 -17.19
C ARG ZA 36 38.34 25.31 -16.18
N VAL ZA 37 38.14 26.44 -15.49
CA VAL ZA 37 39.09 26.94 -14.49
C VAL ZA 37 38.31 27.27 -13.22
N MET ZA 38 38.66 26.60 -12.14
CA MET ZA 38 37.83 26.58 -10.92
C MET ZA 38 38.41 27.41 -9.77
N VAL ZA 39 37.64 27.45 -8.67
CA VAL ZA 39 38.11 27.92 -7.37
C VAL ZA 39 37.71 26.88 -6.32
N LEU ZA 40 38.68 26.06 -5.89
CA LEU ZA 40 38.41 24.93 -5.01
C LEU ZA 40 38.51 25.28 -3.53
N LYS ZA 41 37.65 24.67 -2.73
CA LYS ZA 41 37.72 24.74 -1.27
C LYS ZA 41 38.70 23.65 -0.81
N PRO ZA 42 39.74 24.02 -0.03
CA PRO ZA 42 40.67 23.00 0.48
C PRO ZA 42 40.10 22.05 1.52
N LYS ZA 43 40.91 21.07 1.90
CA LYS ZA 43 40.58 20.14 2.99
C LYS ZA 43 40.62 20.85 4.33
N LYS ZA 44 40.04 20.21 5.36
CA LYS ZA 44 40.31 20.62 6.74
C LYS ZA 44 41.78 20.32 7.05
N PRO ZA 45 42.46 21.16 7.83
CA PRO ZA 45 41.88 22.31 8.54
C PRO ZA 45 42.10 23.66 7.86
N ASN ZA 46 42.86 23.70 6.76
CA ASN ZA 46 43.35 24.96 6.22
C ASN ZA 46 42.49 25.47 5.05
N SER ZA 47 42.18 26.76 5.06
CA SER ZA 47 41.15 27.33 4.18
C SER ZA 47 41.65 28.50 3.35
N ALA ZA 48 41.22 28.52 2.09
CA ALA ZA 48 41.55 29.57 1.13
C ALA ZA 48 40.60 29.38 -0.07
N GLN ZA 49 40.94 29.96 -1.22
CA GLN ZA 49 40.25 29.64 -2.47
C GLN ZA 49 41.27 29.38 -3.57
N ARG ZA 50 41.47 28.10 -3.85
CA ARG ZA 50 42.57 27.63 -4.69
C ARG ZA 50 42.20 27.69 -6.15
N LYS ZA 51 43.06 28.34 -6.95
CA LYS ZA 51 42.76 28.61 -8.35
C LYS ZA 51 43.22 27.42 -9.20
N ALA ZA 52 42.50 26.31 -9.11
CA ALA ZA 52 42.78 25.12 -9.92
C ALA ZA 52 42.17 25.25 -11.30
N CYS ZA 53 42.50 24.32 -12.18
CA CYS ZA 53 41.86 24.23 -13.50
C CYS ZA 53 41.81 22.79 -14.00
N ARG ZA 54 40.91 22.55 -14.96
CA ARG ZA 54 40.77 21.26 -15.62
C ARG ZA 54 41.42 21.37 -16.99
N VAL ZA 55 42.25 20.38 -17.35
CA VAL ZA 55 43.06 20.42 -18.57
C VAL ZA 55 43.02 19.08 -19.30
N ARG ZA 56 42.73 19.12 -20.61
CA ARG ZA 56 42.81 17.96 -21.48
C ARG ZA 56 44.20 17.97 -22.10
N LEU ZA 57 45.03 16.97 -21.77
CA LEU ZA 57 46.39 16.89 -22.29
C LEU ZA 57 46.39 16.43 -23.76
N THR ZA 58 47.56 16.54 -24.40
CA THR ZA 58 47.74 16.08 -25.78
C THR ZA 58 47.62 14.57 -25.93
N ASN ZA 59 48.04 13.82 -24.91
CA ASN ZA 59 47.91 12.36 -24.92
C ASN ZA 59 46.46 11.87 -24.87
N GLY ZA 60 45.57 12.71 -24.34
CA GLY ZA 60 44.13 12.48 -24.38
C GLY ZA 60 43.45 12.60 -23.03
N ASN ZA 61 44.06 11.99 -22.02
CA ASN ZA 61 43.48 11.97 -20.66
C ASN ZA 61 43.39 13.35 -20.02
N VAL ZA 62 42.31 13.57 -19.26
CA VAL ZA 62 42.00 14.87 -18.66
C VAL ZA 62 42.47 14.91 -17.21
N VAL ZA 63 42.87 16.10 -16.75
CA VAL ZA 63 43.61 16.26 -15.50
C VAL ZA 63 43.20 17.56 -14.79
N SER ZA 64 43.12 17.50 -13.45
CA SER ZA 64 42.90 18.68 -12.62
C SER ZA 64 44.27 19.24 -12.21
N ALA ZA 65 44.67 20.35 -12.83
CA ALA ZA 65 45.97 20.96 -12.57
C ALA ZA 65 45.85 22.20 -11.69
N TYR ZA 66 46.74 22.33 -10.72
CA TYR ZA 66 46.85 23.53 -9.90
C TYR ZA 66 47.49 24.66 -10.70
N ILE ZA 67 47.17 25.91 -10.34
CA ILE ZA 67 47.80 27.09 -10.91
C ILE ZA 67 48.41 27.89 -9.76
N PRO ZA 68 49.75 27.95 -9.68
CA PRO ZA 68 50.40 28.68 -8.59
C PRO ZA 68 50.50 30.19 -8.83
N GLY ZA 69 51.11 30.89 -7.87
CA GLY ZA 69 51.31 32.34 -7.96
C GLY ZA 69 50.05 33.16 -7.66
N GLU ZA 70 50.27 34.47 -7.55
CA GLU ZA 70 49.24 35.43 -7.21
C GLU ZA 70 48.01 35.38 -8.11
N GLY ZA 71 47.96 36.32 -9.05
CA GLY ZA 71 46.90 36.36 -10.02
C GLY ZA 71 47.33 35.66 -11.28
N HIS ZA 72 46.40 34.91 -11.86
CA HIS ZA 72 46.67 34.17 -13.09
C HIS ZA 72 45.84 34.62 -14.30
N ASP ZA 73 46.25 34.11 -15.46
CA ASP ZA 73 45.67 34.43 -16.76
C ASP ZA 73 45.40 33.12 -17.50
N ALA ZA 74 44.18 32.58 -17.31
CA ALA ZA 74 43.77 31.33 -17.94
C ALA ZA 74 42.28 31.35 -18.26
N GLN ZA 75 41.94 31.08 -19.52
CA GLN ZA 75 40.57 31.16 -20.02
C GLN ZA 75 39.95 29.76 -20.06
N GLU ZA 76 38.98 29.52 -20.95
CA GLU ZA 76 38.38 28.20 -21.16
C GLU ZA 76 39.00 27.46 -22.36
N HIS ZA 77 40.00 28.05 -23.02
CA HIS ZA 77 40.72 27.40 -24.14
C HIS ZA 77 42.26 27.54 -24.15
N SER ZA 78 42.83 28.26 -23.18
CA SER ZA 78 44.27 28.57 -23.16
C SER ZA 78 45.21 27.37 -23.31
N ILE ZA 79 46.24 27.54 -24.13
CA ILE ZA 79 47.36 26.60 -24.20
C ILE ZA 79 48.12 26.65 -22.87
N VAL ZA 80 48.27 25.48 -22.24
CA VAL ZA 80 48.89 25.38 -20.92
C VAL ZA 80 49.73 24.11 -20.85
N TYR ZA 81 50.90 24.20 -20.21
CA TYR ZA 81 51.80 23.06 -20.02
C TYR ZA 81 51.68 22.55 -18.59
N VAL ZA 82 51.55 21.24 -18.45
CA VAL ZA 82 51.30 20.59 -17.15
C VAL ZA 82 52.55 19.85 -16.71
N ARG ZA 83 52.88 19.96 -15.41
CA ARG ZA 83 53.96 19.19 -14.79
C ARG ZA 83 53.46 18.46 -13.54
N GLY ZA 84 54.26 17.51 -13.06
CA GLY ZA 84 53.78 16.49 -12.11
C GLY ZA 84 53.84 16.77 -10.62
N GLY ZA 85 53.68 18.03 -10.21
CA GLY ZA 85 53.54 18.36 -8.78
C GLY ZA 85 52.20 17.89 -8.23
N ARG ZA 86 51.88 18.31 -7.01
CA ARG ZA 86 50.63 17.93 -6.35
C ARG ZA 86 50.22 19.05 -5.40
N CYS ZA 87 48.98 19.53 -5.55
CA CYS ZA 87 48.40 20.46 -4.57
C CYS ZA 87 47.92 19.61 -3.40
N GLN ZA 88 48.52 19.80 -2.23
CA GLN ZA 88 48.37 18.85 -1.12
C GLN ZA 88 47.04 19.02 -0.39
N ASP ZA 89 46.56 20.26 -0.27
CA ASP ZA 89 45.29 20.53 0.43
C ASP ZA 89 44.04 20.22 -0.41
N LEU ZA 90 44.11 20.49 -1.72
CA LEU ZA 90 43.05 20.08 -2.63
C LEU ZA 90 43.18 18.60 -2.94
N PRO ZA 91 42.14 17.79 -2.66
CA PRO ZA 91 42.19 16.39 -3.04
C PRO ZA 91 41.78 16.18 -4.49
N GLY ZA 92 42.41 15.22 -5.15
CA GLY ZA 92 42.09 14.89 -6.55
C GLY ZA 92 42.68 15.83 -7.61
N VAL ZA 93 43.74 16.56 -7.25
CA VAL ZA 93 44.47 17.42 -8.18
C VAL ZA 93 45.96 17.16 -7.93
N LYS ZA 94 46.61 16.55 -8.93
CA LYS ZA 94 47.94 15.97 -8.77
C LYS ZA 94 48.92 16.53 -9.80
N TYR ZA 95 48.76 17.82 -10.11
CA TYR ZA 95 49.47 18.44 -11.23
C TYR ZA 95 49.57 19.95 -11.04
N HIS ZA 96 50.55 20.55 -11.73
CA HIS ZA 96 50.73 22.00 -11.73
C HIS ZA 96 50.84 22.46 -13.17
N VAL ZA 97 50.23 23.61 -13.47
CA VAL ZA 97 50.50 24.25 -14.76
C VAL ZA 97 51.84 24.99 -14.59
N ILE ZA 98 52.80 24.70 -15.47
CA ILE ZA 98 54.11 25.36 -15.45
C ILE ZA 98 53.88 26.74 -16.09
N ARG ZA 99 54.37 27.77 -15.41
CA ARG ZA 99 53.76 29.11 -15.51
C ARG ZA 99 54.37 30.11 -16.49
N GLY ZA 100 55.66 29.95 -16.80
CA GLY ZA 100 56.31 30.80 -17.80
C GLY ZA 100 55.87 30.55 -19.23
N ALA ZA 101 55.49 29.30 -19.52
CA ALA ZA 101 55.24 28.85 -20.89
C ALA ZA 101 53.74 28.77 -21.23
N GLY ZA 102 53.45 28.85 -22.53
CA GLY ZA 102 52.08 28.78 -23.06
C GLY ZA 102 51.35 30.10 -22.95
N ASP ZA 103 50.03 30.04 -23.05
CA ASP ZA 103 49.17 31.21 -22.83
C ASP ZA 103 49.16 31.65 -21.36
N LEU ZA 104 49.49 30.72 -20.44
CA LEU ZA 104 49.70 31.07 -19.04
C LEU ZA 104 50.96 31.94 -18.97
N SER ZA 105 50.78 33.17 -18.50
CA SER ZA 105 51.86 34.16 -18.47
C SER ZA 105 52.63 34.07 -17.17
N GLY ZA 106 53.83 34.64 -17.17
CA GLY ZA 106 54.67 34.71 -15.98
C GLY ZA 106 54.06 35.62 -14.93
N VAL ZA 107 54.21 35.25 -13.66
CA VAL ZA 107 53.51 35.93 -12.57
C VAL ZA 107 54.12 37.31 -12.36
N VAL ZA 108 53.25 38.32 -12.27
CA VAL ZA 108 53.67 39.73 -12.36
C VAL ZA 108 54.24 40.28 -11.06
N ASN ZA 109 55.25 41.14 -11.19
CA ASN ZA 109 55.96 41.76 -10.06
C ASN ZA 109 56.50 40.73 -9.06
N ARG ZA 110 57.08 39.66 -9.61
CA ARG ZA 110 57.70 38.60 -8.83
C ARG ZA 110 59.19 38.92 -8.73
N ILE ZA 111 59.70 38.97 -7.51
CA ILE ZA 111 61.09 39.34 -7.24
C ILE ZA 111 61.88 38.12 -6.75
N SER ZA 112 61.36 37.46 -5.71
CA SER ZA 112 61.93 36.21 -5.22
C SER ZA 112 61.53 35.04 -6.10
N SER ZA 113 62.43 34.06 -6.23
CA SER ZA 113 62.12 32.75 -6.80
C SER ZA 113 61.49 32.82 -8.20
N ARG ZA 114 62.03 33.71 -9.02
CA ARG ZA 114 61.42 34.07 -10.31
C ARG ZA 114 61.31 32.93 -11.30
N SER ZA 115 62.29 32.02 -11.30
CA SER ZA 115 62.28 30.87 -12.22
C SER ZA 115 61.21 29.83 -11.88
N LYS ZA 116 60.82 29.79 -10.60
CA LYS ZA 116 59.74 28.90 -10.13
C LYS ZA 116 58.39 29.31 -10.75
N TYR ZA 117 58.27 30.60 -11.07
CA TYR ZA 117 57.16 31.14 -11.84
C TYR ZA 117 57.74 31.56 -13.19
N GLY ZA 118 57.00 32.30 -14.00
CA GLY ZA 118 57.51 32.74 -15.30
C GLY ZA 118 58.48 33.89 -15.28
N ALA ZA 119 58.40 34.71 -14.23
CA ALA ZA 119 59.09 36.01 -14.12
C ALA ZA 119 60.48 36.07 -14.76
N LYS ZA 120 60.64 37.01 -15.70
CA LYS ZA 120 61.94 37.31 -16.30
C LYS ZA 120 62.71 38.21 -15.33
N LYS ZA 121 64.01 38.36 -15.59
CA LYS ZA 121 64.86 39.24 -14.79
C LYS ZA 121 64.53 40.69 -15.16
N PRO ZA 122 64.23 41.54 -14.16
CA PRO ZA 122 63.69 42.88 -14.43
C PRO ZA 122 64.59 43.79 -15.28
N SER ZA 123 65.91 43.58 -15.17
CA SER ZA 123 66.92 44.27 -15.99
C SER ZA 123 66.96 45.77 -15.74
N LYS ZA 124 67.09 46.13 -14.46
CA LYS ZA 124 67.20 47.53 -13.98
C LYS ZA 124 66.30 48.53 -14.71
N VAL AB 1 -31.73 34.14 75.71
CA VAL AB 1 -33.11 34.46 76.23
C VAL AB 1 -33.35 35.96 76.30
N VAL AB 2 -32.58 36.63 77.14
CA VAL AB 2 -32.83 38.05 77.48
C VAL AB 2 -32.63 38.98 76.27
N HIS AB 3 -33.73 39.26 75.57
CA HIS AB 3 -33.71 40.10 74.37
C HIS AB 3 -33.60 41.57 74.74
N ILE AB 4 -32.89 42.32 73.90
CA ILE AB 4 -32.69 43.76 74.08
C ILE AB 4 -32.35 44.35 72.71
N LEU AB 5 -33.20 45.25 72.22
CA LEU AB 5 -33.04 45.94 70.93
C LEU AB 5 -32.97 44.97 69.73
N GLY AB 6 -33.68 43.84 69.83
CA GLY AB 6 -33.72 42.82 68.78
C GLY AB 6 -32.68 41.72 68.90
N LYS AB 7 -31.46 42.07 69.33
CA LYS AB 7 -30.37 41.10 69.45
C LYS AB 7 -30.61 40.16 70.64
N GLY AB 8 -30.52 38.86 70.38
CA GLY AB 8 -30.64 37.85 71.42
C GLY AB 8 -29.37 37.76 72.25
N PHE AB 9 -29.52 37.36 73.50
CA PHE AB 9 -28.39 37.22 74.42
C PHE AB 9 -28.56 35.99 75.29
N LYS AB 10 -27.50 35.17 75.37
CA LYS AB 10 -27.43 34.09 76.34
C LYS AB 10 -27.26 34.69 77.73
N GLY AB 11 -27.79 33.99 78.74
CA GLY AB 11 -27.59 34.36 80.13
C GLY AB 11 -26.16 34.12 80.55
N LYS AB 12 -25.79 34.65 81.71
CA LYS AB 12 -24.39 34.68 82.21
C LYS AB 12 -23.39 35.45 81.33
N GLU AB 13 -23.87 36.20 80.34
CA GLU AB 13 -23.02 36.99 79.46
C GLU AB 13 -22.89 38.35 80.10
N VAL AB 14 -21.66 38.74 80.43
CA VAL AB 14 -21.41 40.03 81.09
C VAL AB 14 -21.91 41.15 80.18
N ILE AB 15 -22.67 42.07 80.75
CA ILE AB 15 -23.52 42.99 79.96
C ILE AB 15 -22.73 43.83 78.95
N LYS AB 16 -21.80 44.63 79.45
CA LYS AB 16 -20.99 45.52 78.60
C LYS AB 16 -20.26 44.78 77.47
N ILE AB 17 -19.71 43.62 77.80
CA ILE AB 17 -19.00 42.77 76.85
C ILE AB 17 -19.96 42.25 75.79
N ALA AB 18 -21.13 41.79 76.26
CA ALA AB 18 -22.19 41.32 75.38
C ALA AB 18 -22.64 42.40 74.41
N LEU AB 19 -22.87 43.60 74.92
CA LEU AB 19 -23.24 44.77 74.11
C LEU AB 19 -22.19 45.06 73.03
N ALA AB 20 -20.92 45.04 73.43
CA ALA AB 20 -19.78 45.25 72.54
C ALA AB 20 -19.75 44.21 71.40
N SER AB 21 -19.99 42.96 71.78
CA SER AB 21 -20.02 41.85 70.83
C SER AB 21 -21.13 42.01 69.78
N LYS AB 22 -22.33 42.35 70.25
CA LYS AB 22 -23.51 42.35 69.39
C LYS AB 22 -23.67 43.62 68.56
N PHE AB 23 -23.73 44.77 69.23
CA PHE AB 23 -24.13 46.01 68.55
C PHE AB 23 -22.97 46.67 67.80
N TYR AB 24 -23.23 46.95 66.52
CA TYR AB 24 -22.21 47.37 65.54
C TYR AB 24 -21.54 48.70 65.87
N GLY AB 25 -22.28 49.62 66.49
CA GLY AB 25 -21.77 50.97 66.73
C GLY AB 25 -20.84 51.09 67.92
N ILE AB 26 -20.85 50.10 68.81
CA ILE AB 26 -20.20 50.19 70.12
C ILE AB 26 -19.12 49.13 70.32
N GLY AB 27 -18.06 49.53 71.03
CA GLY AB 27 -16.97 48.64 71.42
C GLY AB 27 -16.94 48.51 72.93
N LYS AB 28 -15.76 48.65 73.51
CA LYS AB 28 -15.55 48.42 74.94
C LYS AB 28 -15.92 49.65 75.76
N THR AB 29 -15.35 50.79 75.38
CA THR AB 29 -15.50 52.05 76.11
C THR AB 29 -16.95 52.53 76.15
N THR AB 30 -17.59 52.50 74.99
CA THR AB 30 -18.99 52.90 74.82
C THR AB 30 -19.95 52.08 75.69
N ALA AB 31 -19.75 50.76 75.69
CA ALA AB 31 -20.55 49.84 76.51
C ALA AB 31 -20.41 50.13 78.00
N GLU AB 32 -19.18 50.36 78.44
CA GLU AB 32 -18.88 50.76 79.82
C GLU AB 32 -19.58 52.06 80.22
N LYS AB 33 -19.50 53.05 79.34
CA LYS AB 33 -20.17 54.35 79.52
C LYS AB 33 -21.69 54.21 79.68
N ILE AB 34 -22.27 53.38 78.81
CA ILE AB 34 -23.70 53.04 78.86
C ILE AB 34 -24.06 52.43 80.21
N CYS AB 35 -23.28 51.44 80.63
CA CYS AB 35 -23.48 50.76 81.91
C CYS AB 35 -23.42 51.72 83.10
N SER AB 36 -22.44 52.63 83.05
CA SER AB 36 -22.27 53.68 84.06
C SER AB 36 -23.49 54.59 84.14
N LYS AB 37 -23.95 55.03 82.97
CA LYS AB 37 -25.15 55.87 82.83
C LYS AB 37 -26.38 55.22 83.45
N LEU AB 38 -26.56 53.93 83.15
CA LEU AB 38 -27.69 53.15 83.65
C LEU AB 38 -27.51 52.71 85.11
N GLY AB 39 -26.27 52.48 85.51
CA GLY AB 39 -25.93 52.16 86.89
C GLY AB 39 -25.92 50.66 87.18
N PHE AB 40 -25.38 49.88 86.26
CA PHE AB 40 -25.13 48.45 86.50
C PHE AB 40 -23.73 48.31 87.03
N TYR AB 41 -23.55 47.42 88.00
CA TYR AB 41 -22.22 47.09 88.50
C TYR AB 41 -21.43 46.36 87.40
N PRO AB 42 -20.12 46.65 87.28
CA PRO AB 42 -19.34 45.98 86.23
C PRO AB 42 -19.25 44.48 86.50
N TRP AB 43 -19.23 43.68 85.43
CA TRP AB 43 -19.36 42.22 85.50
C TRP AB 43 -20.74 41.75 85.99
N MET AB 44 -21.76 42.58 85.78
CA MET AB 44 -23.15 42.15 85.94
C MET AB 44 -23.52 41.39 84.68
N ARG AB 45 -24.33 40.35 84.86
CA ARG AB 45 -24.66 39.40 83.80
C ARG AB 45 -25.99 39.78 83.17
N MET AB 46 -26.23 39.26 81.97
CA MET AB 46 -27.43 39.63 81.19
C MET AB 46 -28.71 39.07 81.84
N HIS AB 47 -28.62 37.91 82.49
CA HIS AB 47 -29.76 37.29 83.16
C HIS AB 47 -30.26 38.09 84.38
N GLN AB 48 -29.37 38.85 85.02
CA GLN AB 48 -29.71 39.64 86.20
C GLN AB 48 -30.58 40.86 85.90
N LEU AB 49 -30.59 41.31 84.65
CA LEU AB 49 -31.33 42.52 84.25
C LEU AB 49 -32.85 42.36 84.42
N SER AB 50 -33.45 43.31 85.14
CA SER AB 50 -34.90 43.42 85.24
C SER AB 50 -35.45 44.08 83.97
N GLU AB 51 -36.78 44.10 83.84
CA GLU AB 51 -37.44 44.63 82.64
C GLU AB 51 -37.23 46.14 82.45
N PRO AB 52 -37.38 46.94 83.53
CA PRO AB 52 -37.11 48.39 83.43
C PRO AB 52 -35.68 48.71 83.01
N GLN AB 53 -34.72 47.95 83.55
CA GLN AB 53 -33.31 48.07 83.18
C GLN AB 53 -33.09 47.78 81.70
N ILE AB 54 -33.70 46.71 81.22
CA ILE AB 54 -33.66 46.35 79.79
C ILE AB 54 -34.20 47.48 78.91
N MET AB 55 -35.34 48.03 79.31
CA MET AB 55 -35.96 49.15 78.59
C MET AB 55 -35.06 50.37 78.54
N SER AB 56 -34.41 50.67 79.68
CA SER AB 56 -33.46 51.77 79.78
C SER AB 56 -32.25 51.58 78.88
N ILE AB 57 -31.75 50.34 78.82
CA ILE AB 57 -30.66 49.95 77.92
C ILE AB 57 -31.05 50.19 76.47
N ALA AB 58 -32.24 49.69 76.11
CA ALA AB 58 -32.79 49.85 74.77
C ALA AB 58 -32.90 51.31 74.35
N SER AB 59 -33.41 52.14 75.26
CA SER AB 59 -33.52 53.58 75.06
C SER AB 59 -32.14 54.19 74.80
N GLU AB 60 -31.17 53.83 75.64
CA GLU AB 60 -29.79 54.30 75.50
C GLU AB 60 -29.18 53.93 74.15
N LEU AB 61 -29.41 52.69 73.73
CA LEU AB 61 -28.99 52.22 72.40
C LEU AB 61 -29.60 53.04 71.27
N SER AB 62 -30.91 53.30 71.38
CA SER AB 62 -31.64 54.11 70.39
C SER AB 62 -31.08 55.53 70.30
N THR AB 63 -30.74 56.11 71.45
CA THR AB 63 -30.13 57.45 71.52
C THR AB 63 -28.77 57.49 70.81
N MET AB 64 -27.99 56.42 70.96
CA MET AB 64 -26.69 56.28 70.30
C MET AB 64 -26.87 55.99 68.80
N THR AB 65 -25.91 56.45 68.00
CA THR AB 65 -25.88 56.13 66.56
C THR AB 65 -25.20 54.78 66.35
N ILE AB 66 -26.00 53.72 66.22
CA ILE AB 66 -25.52 52.34 66.23
C ILE AB 66 -26.22 51.45 65.19
N GLU AB 67 -25.69 50.23 65.07
CA GLU AB 67 -26.31 49.13 64.33
C GLU AB 67 -26.37 49.39 62.82
N GLY AB 68 -27.53 49.72 62.27
CA GLY AB 68 -27.69 49.91 60.83
C GLY AB 68 -27.30 51.31 60.37
N ASP AB 69 -27.60 52.31 61.20
CA ASP AB 69 -27.26 53.71 60.92
C ASP AB 69 -25.76 53.92 60.82
N ALA AB 70 -25.03 53.35 61.76
CA ALA AB 70 -23.56 53.39 61.79
C ALA AB 70 -22.95 52.75 60.55
N ARG AB 71 -23.48 51.59 60.17
CA ARG AB 71 -23.08 50.90 58.94
C ARG AB 71 -23.28 51.76 57.70
N ALA AB 72 -24.45 52.40 57.64
CA ALA AB 72 -24.83 53.28 56.52
C ALA AB 72 -23.86 54.44 56.32
N ILE AB 73 -23.37 55.03 57.41
CA ILE AB 73 -22.40 56.13 57.35
C ILE AB 73 -21.14 55.72 56.60
N VAL AB 74 -20.64 54.54 56.93
CA VAL AB 74 -19.45 53.95 56.29
C VAL AB 74 -19.69 53.75 54.80
N LYS AB 75 -20.84 53.18 54.48
CA LYS AB 75 -21.27 52.97 53.09
C LYS AB 75 -21.36 54.29 52.31
N ASP AB 76 -21.94 55.30 52.94
CA ASP AB 76 -22.07 56.64 52.36
C ASP AB 76 -20.71 57.26 52.05
N ASN AB 77 -19.77 57.11 52.98
CA ASN AB 77 -18.39 57.60 52.78
C ASN AB 77 -17.71 56.99 51.57
N ILE AB 78 -17.87 55.67 51.42
CA ILE AB 78 -17.27 54.94 50.30
C ILE AB 78 -17.96 55.30 48.98
N ALA AB 79 -19.27 55.52 49.02
CA ALA AB 79 -20.03 56.02 47.87
C ALA AB 79 -19.54 57.40 47.42
N LEU AB 80 -19.29 58.27 48.40
CA LEU AB 80 -18.72 59.61 48.16
C LEU AB 80 -17.35 59.52 47.52
N LYS AB 81 -16.50 58.67 48.09
CA LYS AB 81 -15.15 58.40 47.56
C LYS AB 81 -15.19 57.95 46.10
N ARG AB 82 -16.08 57.01 45.81
CA ARG AB 82 -16.30 56.50 44.46
C ARG AB 82 -16.72 57.61 43.49
N LYS AB 83 -17.64 58.45 43.94
CA LYS AB 83 -18.21 59.54 43.14
C LYS AB 83 -17.16 60.47 42.55
N ILE AB 84 -16.21 60.89 43.39
CA ILE AB 84 -15.08 61.68 42.91
C ILE AB 84 -14.13 60.65 42.30
N GLY AB 85 -13.43 61.01 41.22
CA GLY AB 85 -12.54 60.05 40.53
C GLY AB 85 -11.29 59.68 41.32
N SER AB 86 -11.49 59.23 42.55
CA SER AB 86 -10.42 59.08 43.54
C SER AB 86 -9.79 57.70 43.42
N TYR AB 87 -8.54 57.61 43.89
CA TYR AB 87 -7.79 56.35 43.87
C TYR AB 87 -8.45 55.33 44.79
N SER AB 88 -8.73 55.75 46.02
CA SER AB 88 -9.37 54.91 47.04
C SER AB 88 -10.70 54.35 46.55
N GLY AB 89 -11.53 55.24 46.00
CA GLY AB 89 -12.81 54.86 45.39
C GLY AB 89 -12.64 53.83 44.29
N MET AB 90 -11.64 54.04 43.43
CA MET AB 90 -11.31 53.10 42.36
C MET AB 90 -10.93 51.72 42.90
N ARG AB 91 -10.12 51.71 43.97
CA ARG AB 91 -9.71 50.47 44.62
C ARG AB 91 -10.92 49.71 45.18
N HIS AB 92 -11.80 50.45 45.85
CA HIS AB 92 -13.06 49.92 46.39
C HIS AB 92 -13.92 49.27 45.31
N THR AB 93 -14.03 49.94 44.16
CA THR AB 93 -14.82 49.44 43.03
C THR AB 93 -14.25 48.13 42.50
N LEU AB 94 -12.93 48.08 42.37
CA LEU AB 94 -12.23 46.94 41.76
C LEU AB 94 -11.90 45.77 42.71
N HIS AB 95 -12.24 45.91 43.99
CA HIS AB 95 -12.01 44.86 45.00
C HIS AB 95 -10.52 44.56 45.19
N LEU AB 96 -9.73 45.63 45.31
CA LEU AB 96 -8.31 45.54 45.66
C LEU AB 96 -8.08 46.21 47.01
N PRO AB 97 -6.92 45.95 47.65
CA PRO AB 97 -6.60 46.65 48.89
C PRO AB 97 -6.39 48.16 48.67
N VAL AB 98 -6.95 48.94 49.59
CA VAL AB 98 -7.07 50.40 49.46
C VAL AB 98 -5.91 51.13 50.12
N ARG AB 99 -5.38 50.59 51.22
CA ARG AB 99 -4.45 51.31 52.10
C ARG AB 99 -2.98 51.09 51.72
N GLY AB 100 -2.63 51.42 50.48
CA GLY AB 100 -1.25 51.43 49.98
C GLY AB 100 -0.46 50.15 50.23
N GLN AB 101 -1.09 49.02 49.92
CA GLN AB 101 -0.54 47.70 50.20
C GLN AB 101 0.09 47.11 48.95
N HIS AB 102 0.70 45.94 49.10
CA HIS AB 102 1.18 45.15 47.97
C HIS AB 102 0.15 44.09 47.62
N THR AB 103 0.05 43.79 46.32
CA THR AB 103 -0.89 42.80 45.81
C THR AB 103 -0.26 41.85 44.77
N ARG AB 104 1.07 41.70 44.79
CA ARG AB 104 1.75 40.69 43.98
C ARG AB 104 1.38 39.31 44.54
N ASN AB 105 1.36 39.22 45.86
CA ASN AB 105 0.71 38.12 46.58
C ASN AB 105 0.14 38.59 47.92
N ASN AB 106 -0.83 37.83 48.43
CA ASN AB 106 -1.57 38.18 49.66
C ASN AB 106 -2.38 39.48 49.54
N ALA AB 107 -3.51 39.38 48.85
CA ALA AB 107 -4.53 40.44 48.83
C ALA AB 107 -5.92 39.80 48.77
N LYS AB 108 -6.09 38.74 49.55
CA LYS AB 108 -7.27 37.85 49.45
C LYS AB 108 -8.46 38.38 50.24
N THR AB 109 -8.19 38.91 51.43
CA THR AB 109 -9.22 39.52 52.27
C THR AB 109 -9.86 40.73 51.60
N ALA AB 110 -9.03 41.58 51.00
CA ALA AB 110 -9.48 42.74 50.23
C ALA AB 110 -10.42 42.32 49.10
N ARG AB 111 -9.97 41.34 48.31
CA ARG AB 111 -10.77 40.76 47.22
C ARG AB 111 -12.13 40.25 47.69
N LYS AB 112 -12.12 39.59 48.85
CA LYS AB 112 -13.32 39.02 49.45
C LYS AB 112 -14.35 40.09 49.84
N LEU AB 113 -13.91 41.17 50.49
CA LEU AB 113 -14.85 42.16 51.05
C LEU AB 113 -14.48 43.67 50.96
N ASN AB 114 -13.72 44.07 49.93
CA ASN AB 114 -13.61 45.50 49.57
C ASN AB 114 -14.60 45.82 48.46
N LYS AB 115 -15.87 45.91 48.84
CA LYS AB 115 -16.94 46.32 47.94
C LYS AB 115 -17.31 47.76 48.24
N ILE AB 116 -18.22 48.31 47.44
CA ILE AB 116 -18.81 49.62 47.74
C ILE AB 116 -19.86 49.42 48.85
N ASP AB 117 -20.65 48.35 48.71
CA ASP AB 117 -21.51 47.87 49.80
C ASP AB 117 -20.67 46.99 50.73
N ARG AB 118 -20.04 47.63 51.72
CA ARG AB 118 -19.07 46.95 52.59
C ARG AB 118 -19.67 45.87 53.49
N ARG AB 119 -20.40 46.32 54.51
CA ARG AB 119 -20.64 45.50 55.71
C ARG AB 119 -21.81 44.53 55.53
N GLY AB 120 -21.76 43.43 56.27
CA GLY AB 120 -22.79 42.39 56.21
C GLY AB 120 -22.73 41.43 57.38
N MET BB 1 23.68 74.92 32.09
CA MET BB 1 24.19 75.47 30.79
C MET BB 1 25.27 74.53 30.21
N GLY BB 2 26.02 75.00 29.22
CA GLY BB 2 27.07 74.20 28.58
C GLY BB 2 28.31 73.95 29.41
N ASN BB 3 28.86 75.02 29.99
CA ASN BB 3 30.14 74.96 30.70
C ASN BB 3 30.11 74.22 32.03
N PHE BB 4 28.92 74.06 32.62
CA PHE BB 4 28.76 73.25 33.84
C PHE BB 4 27.38 72.61 33.92
N ARG BB 5 27.32 71.47 34.62
CA ARG BB 5 26.09 70.69 34.75
C ARG BB 5 25.06 71.39 35.61
N PHE BB 6 25.53 71.90 36.76
CA PHE BB 6 24.68 72.54 37.75
C PHE BB 6 24.85 74.07 37.64
N PRO BB 7 23.97 74.85 38.32
CA PRO BB 7 24.08 76.32 38.28
C PRO BB 7 25.40 76.90 38.80
N ILE BB 8 25.87 76.39 39.93
CA ILE BB 8 27.03 76.95 40.63
C ILE BB 8 28.29 76.15 40.33
N LYS BB 9 29.39 76.86 40.06
CA LYS BB 9 30.71 76.24 39.85
C LYS BB 9 31.29 75.75 41.17
N THR BB 10 31.14 74.44 41.42
CA THR BB 10 31.76 73.78 42.56
C THR BB 10 32.98 72.98 42.10
N LYS BB 11 33.90 72.74 43.04
CA LYS BB 11 35.10 71.95 42.76
C LYS BB 11 34.76 70.47 42.67
N LEU BB 12 35.65 69.70 42.03
CA LEU BB 12 35.53 68.26 41.99
C LEU BB 12 36.17 67.70 43.26
N PRO BB 13 35.56 66.64 43.84
CA PRO BB 13 36.18 66.04 45.02
C PRO BB 13 37.43 65.24 44.62
N PRO BB 14 38.40 65.12 45.54
CA PRO BB 14 39.64 64.45 45.21
C PRO BB 14 39.45 62.93 45.15
N GLY BB 15 40.33 62.26 44.40
CA GLY BB 15 40.26 60.81 44.25
C GLY BB 15 39.19 60.40 43.26
N PHE BB 16 38.34 59.46 43.67
CA PHE BB 16 37.37 58.84 42.75
C PHE BB 16 36.20 59.75 42.44
N ILE BB 17 36.14 60.20 41.18
CA ILE BB 17 35.03 61.00 40.67
C ILE BB 17 34.08 60.08 39.88
N ASN BB 18 32.79 60.41 39.95
CA ASN BB 18 31.73 59.71 39.21
C ASN BB 18 30.60 60.71 39.01
N ALA BB 19 29.73 60.46 38.04
CA ALA BB 19 28.62 61.39 37.74
C ALA BB 19 27.67 61.55 38.92
N ARG BB 20 27.27 60.42 39.50
CA ARG BB 20 26.43 60.38 40.69
C ARG BB 20 27.08 61.05 41.90
N ILE BB 21 28.36 60.74 42.11
CA ILE BB 21 29.18 61.39 43.14
C ILE BB 21 29.19 62.91 42.97
N LEU BB 22 29.45 63.35 41.73
CA LEU BB 22 29.47 64.78 41.38
C LEU BB 22 28.15 65.45 41.77
N ARG BB 23 27.06 64.79 41.39
CA ARG BB 23 25.69 65.25 41.66
C ARG BB 23 25.43 65.41 43.15
N ASP BB 24 25.84 64.39 43.90
CA ASP BB 24 25.66 64.37 45.35
C ASP BB 24 26.46 65.48 46.02
N ASN BB 25 27.75 65.55 45.67
CA ASN BB 25 28.68 66.52 46.24
C ASN BB 25 28.19 67.95 46.11
N PHE BB 26 27.82 68.33 44.88
CA PHE BB 26 27.24 69.65 44.60
C PHE BB 26 26.03 69.94 45.49
N LYS BB 27 25.13 68.96 45.58
CA LYS BB 27 23.92 69.05 46.41
C LYS BB 27 24.27 69.33 47.87
N ARG BB 28 25.25 68.58 48.38
CA ARG BB 28 25.76 68.75 49.75
C ARG BB 28 26.31 70.16 49.99
N GLN BB 29 27.08 70.65 49.02
CA GLN BB 29 27.65 72.00 49.07
C GLN BB 29 26.57 73.07 49.15
N GLN BB 30 25.55 72.91 48.32
CA GLN BB 30 24.41 73.85 48.30
C GLN BB 30 23.61 73.83 49.59
N PHE BB 31 23.43 72.64 50.15
CA PHE BB 31 22.82 72.47 51.47
C PHE BB 31 23.60 73.21 52.56
N LYS BB 32 24.92 73.03 52.54
CA LYS BB 32 25.83 73.70 53.47
C LYS BB 32 25.72 75.21 53.37
N GLU BB 33 25.70 75.69 52.13
CA GLU BB 33 25.58 77.12 51.83
C GLU BB 33 24.28 77.71 52.37
N ASN BB 34 23.18 77.03 52.08
CA ASN BB 34 21.84 77.50 52.39
C ASN BB 34 21.18 76.59 53.43
N GLU BB 35 21.81 76.51 54.60
CA GLU BB 35 21.32 75.68 55.71
C GLU BB 35 20.55 76.56 56.69
N ILE BB 36 21.21 77.61 57.17
CA ILE BB 36 20.62 78.60 58.09
C ILE BB 36 19.33 79.21 57.53
N LEU BB 37 19.38 79.61 56.26
CA LEU BB 37 18.25 80.25 55.58
C LEU BB 37 17.03 79.34 55.60
N VAL BB 38 17.25 78.10 55.18
CA VAL BB 38 16.20 77.07 55.13
C VAL BB 38 15.57 76.84 56.50
N LYS BB 39 16.43 76.73 57.52
CA LYS BB 39 16.00 76.59 58.92
C LYS BB 39 15.10 77.76 59.35
N SER BB 40 15.55 78.97 59.03
CA SER BB 40 14.80 80.20 59.36
C SER BB 40 13.43 80.22 58.69
N LEU BB 41 13.39 79.85 57.41
CA LEU BB 41 12.15 79.72 56.65
C LEU BB 41 11.19 78.70 57.28
N LYS BB 42 11.73 77.55 57.64
CA LYS BB 42 10.98 76.49 58.32
C LYS BB 42 10.38 76.98 59.62
N PHE BB 43 11.19 77.69 60.40
CA PHE BB 43 10.74 78.26 61.67
C PHE BB 43 9.56 79.22 61.47
N ILE BB 44 9.71 80.10 60.49
CA ILE BB 44 8.68 81.09 60.15
C ILE BB 44 7.38 80.40 59.74
N ALA BB 45 7.50 79.33 58.95
CA ALA BB 45 6.35 78.53 58.51
C ALA BB 45 5.58 77.89 59.66
N ARG BB 46 6.30 77.24 60.57
CA ARG BB 46 5.69 76.41 61.62
C ARG BB 46 5.51 77.20 62.92
N ASN BB 47 4.82 78.32 62.82
CA ASN BB 47 4.67 79.26 63.93
C ASN BB 47 3.20 79.61 64.13
N MET BB 48 2.67 79.25 65.30
CA MET BB 48 1.29 79.57 65.66
C MET BB 48 1.17 81.04 66.05
N ASN BB 49 2.23 81.59 66.64
CA ASN BB 49 2.25 82.96 67.15
C ASN BB 49 2.38 84.05 66.09
N LEU BB 50 3.20 83.79 65.06
CA LEU BB 50 3.46 84.80 64.01
C LEU BB 50 2.22 85.08 63.14
N PRO BB 51 2.24 86.20 62.37
CA PRO BB 51 1.20 86.46 61.37
C PRO BB 51 1.10 85.33 60.35
N THR BB 52 -0.13 84.99 59.96
CA THR BB 52 -0.40 83.85 59.08
C THR BB 52 0.10 84.08 57.65
N LYS BB 53 -0.07 85.31 57.15
CA LYS BB 53 0.37 85.69 55.81
C LYS BB 53 1.88 85.48 55.63
N LEU BB 54 2.64 85.91 56.63
CA LEU BB 54 4.10 85.74 56.65
C LEU BB 54 4.50 84.27 56.63
N ARG BB 55 3.82 83.46 57.43
CA ARG BB 55 4.10 82.01 57.50
C ARG BB 55 3.79 81.32 56.17
N LEU BB 56 2.71 81.76 55.52
CA LEU BB 56 2.31 81.26 54.20
C LEU BB 56 3.40 81.58 53.17
N GLU BB 57 3.84 82.82 53.18
CA GLU BB 57 4.92 83.30 52.30
C GLU BB 57 6.21 82.48 52.46
N ALA BB 58 6.55 82.21 53.72
CA ALA BB 58 7.71 81.39 54.07
C ALA BB 58 7.58 79.96 53.53
N GLN BB 59 6.38 79.40 53.70
CA GLN BB 59 6.06 78.06 53.19
C GLN BB 59 6.19 77.98 51.67
N LEU BB 60 5.67 79.00 50.99
CA LEU BB 60 5.78 79.12 49.53
C LEU BB 60 7.24 79.18 49.08
N LYS BB 61 8.03 79.97 49.79
CA LYS BB 61 9.46 80.11 49.54
C LYS BB 61 10.18 78.77 49.66
N LEU BB 62 9.90 78.06 50.75
CA LEU BB 62 10.44 76.71 51.00
C LEU BB 62 10.10 75.74 49.88
N ASN BB 63 8.85 75.78 49.45
CA ASN BB 63 8.36 74.96 48.34
C ASN BB 63 9.13 75.25 47.05
N ALA BB 64 9.34 76.54 46.78
CA ALA BB 64 10.05 76.99 45.59
C ALA BB 64 11.56 76.81 45.60
N LEU BB 65 12.15 76.46 46.75
CA LEU BB 65 13.59 76.18 46.81
C LEU BB 65 13.96 74.98 45.93
N PRO BB 66 15.17 74.99 45.32
CA PRO BB 66 15.50 73.96 44.33
C PRO BB 66 15.76 72.56 44.92
N ASN BB 67 16.08 71.63 44.02
CA ASN BB 67 16.46 70.26 44.37
C ASN BB 67 17.71 70.20 45.27
N TYR BB 68 18.65 71.11 45.04
CA TYR BB 68 19.96 71.09 45.71
C TYR BB 68 20.01 71.74 47.11
N MET BB 69 18.95 72.46 47.50
CA MET BB 69 18.82 72.98 48.88
C MET BB 69 18.33 71.95 49.89
N ARG BB 70 17.85 70.79 49.43
CA ARG BB 70 17.10 69.87 50.28
C ARG BB 70 18.09 68.97 51.02
N SER BB 71 17.96 68.90 52.34
CA SER BB 71 18.79 68.03 53.18
C SER BB 71 18.48 66.56 52.94
N THR BB 72 17.19 66.26 52.75
CA THR BB 72 16.68 64.91 52.52
C THR BB 72 17.23 64.27 51.24
N GLN BB 73 17.51 65.11 50.24
CA GLN BB 73 18.12 64.69 48.97
C GLN BB 73 19.53 64.10 49.07
N ILE BB 74 20.26 64.41 50.14
CA ILE BB 74 21.63 63.95 50.31
C ILE BB 74 21.64 62.44 50.58
N LYS BB 75 22.53 61.72 49.90
CA LYS BB 75 22.68 60.27 50.04
C LYS BB 75 24.16 59.95 50.21
N ASN BB 76 24.49 59.21 51.26
CA ASN BB 76 25.88 58.83 51.55
C ASN BB 76 26.41 57.80 50.54
N ARG BB 77 27.26 58.27 49.63
CA ARG BB 77 27.95 57.42 48.67
C ARG BB 77 29.19 56.78 49.29
N CYS BB 78 29.67 55.72 48.66
CA CYS BB 78 31.03 55.26 48.88
C CYS BB 78 31.98 56.31 48.32
N VAL BB 79 33.10 56.52 48.99
CA VAL BB 79 34.11 57.50 48.58
C VAL BB 79 35.17 56.87 47.68
N ASP BB 80 35.57 55.64 47.98
CA ASP BB 80 36.57 54.92 47.19
C ASP BB 80 36.01 54.49 45.82
N SER BB 81 34.87 53.81 45.85
CA SER BB 81 34.05 53.57 44.66
C SER BB 81 32.97 54.65 44.64
N GLY BB 82 31.92 54.49 43.81
CA GLY BB 82 30.77 55.41 43.81
C GLY BB 82 29.44 54.75 44.06
N HIS BB 83 29.46 53.67 44.85
CA HIS BB 83 28.26 52.90 45.18
C HIS BB 83 27.44 53.61 46.27
N ALA BB 84 26.15 53.29 46.34
CA ALA BB 84 25.24 53.86 47.33
C ALA BB 84 24.35 52.78 47.96
N ARG BB 85 24.96 51.69 48.37
CA ARG BB 85 24.28 50.60 49.07
C ARG BB 85 25.21 49.98 50.10
N PHE BB 86 24.72 49.85 51.33
CA PHE BB 86 25.49 49.30 52.46
C PHE BB 86 26.71 50.20 52.72
N VAL BB 87 26.49 51.51 52.70
CA VAL BB 87 27.57 52.48 52.87
C VAL BB 87 27.73 52.77 54.36
N LEU BB 88 28.84 52.31 54.92
CA LEU BB 88 29.12 52.43 56.35
C LEU BB 88 29.63 53.83 56.64
N SER BB 89 29.07 54.49 57.64
CA SER BB 89 29.40 55.89 57.93
C SER BB 89 30.77 56.09 58.60
N ASP BB 90 31.26 55.08 59.32
CA ASP BB 90 32.51 55.17 60.08
C ASP BB 90 33.77 55.13 59.20
N PHE BB 91 33.60 54.62 57.98
CA PHE BB 91 34.59 54.77 56.91
C PHE BB 91 33.74 54.88 55.67
N ARG BB 92 33.69 56.06 55.07
CA ARG BB 92 32.69 56.35 54.02
C ARG BB 92 32.93 55.49 52.78
N LEU BB 93 32.59 54.21 52.91
CA LEU BB 93 32.93 53.17 51.96
C LEU BB 93 31.76 52.21 51.80
N CYS BB 94 31.66 51.62 50.61
CA CYS BB 94 30.67 50.57 50.35
C CYS BB 94 31.14 49.25 50.98
N ARG BB 95 30.20 48.34 51.15
CA ARG BB 95 30.42 47.04 51.82
C ARG BB 95 31.63 46.26 51.34
N TYR BB 96 31.65 45.91 50.05
CA TYR BB 96 32.78 45.17 49.46
C TYR BB 96 34.07 45.98 49.53
N GLN BB 97 33.97 47.26 49.19
CA GLN BB 97 35.10 48.18 49.16
C GLN BB 97 35.75 48.34 50.54
N PHE BB 98 34.89 48.47 51.55
CA PHE BB 98 35.32 48.51 52.96
C PHE BB 98 36.11 47.26 53.35
N ARG BB 99 35.56 46.11 53.02
CA ARG BB 99 36.19 44.80 53.28
C ARG BB 99 37.57 44.71 52.65
N GLU BB 100 37.63 45.08 51.37
CA GLU BB 100 38.87 45.13 50.60
C GLU BB 100 39.92 46.00 51.30
N ASN BB 101 39.50 47.19 51.71
CA ASN BB 101 40.38 48.13 52.41
C ASN BB 101 40.83 47.60 53.77
N ALA BB 102 39.88 47.01 54.48
CA ALA BB 102 40.10 46.47 55.83
C ALA BB 102 41.14 45.38 55.84
N LEU BB 103 41.01 44.43 54.91
CA LEU BB 103 41.94 43.31 54.79
C LEU BB 103 43.35 43.77 54.41
N LYS BB 104 43.43 44.76 53.52
CA LYS BB 104 44.71 45.39 53.16
C LYS BB 104 45.41 46.04 54.36
N GLY BB 105 44.63 46.74 55.19
CA GLY BB 105 45.15 47.52 56.31
C GLY BB 105 45.06 49.03 56.13
N ASN BB 106 44.19 49.49 55.23
CA ASN BB 106 43.96 50.93 55.03
C ASN BB 106 43.16 51.59 56.16
N LEU BB 107 42.32 50.86 56.87
CA LEU BB 107 41.56 51.51 57.91
C LEU BB 107 42.28 51.36 59.24
N PRO BB 108 43.60 51.49 59.20
CA PRO BB 108 44.47 51.39 60.39
C PRO BB 108 44.17 50.22 61.35
N GLY BB 109 43.16 50.35 62.19
CA GLY BB 109 42.81 49.32 63.13
C GLY BB 109 41.86 48.23 62.65
N VAL BB 110 40.77 48.58 61.97
CA VAL BB 110 39.87 47.48 61.58
C VAL BB 110 40.68 46.20 61.38
N LYS BB 111 40.09 45.07 61.75
CA LYS BB 111 40.70 43.75 61.57
C LYS BB 111 39.62 42.66 61.59
N LYS BB 112 40.00 41.43 61.28
CA LYS BB 112 39.06 40.30 61.25
C LYS BB 112 38.34 40.11 62.58
N GLY BB 113 37.02 39.94 62.49
CA GLY BB 113 36.16 39.76 63.66
C GLY BB 113 36.13 38.30 64.06
N ILE BB 114 37.11 37.91 64.87
CA ILE BB 114 37.29 36.50 65.24
C ILE BB 114 36.41 36.09 66.42
N TRP BB 115 36.14 37.02 67.35
CA TRP BB 115 35.70 36.68 68.71
C TRP BB 115 36.73 35.77 69.34
N SER CB 1 39.15 -28.42 -50.95
CA SER CB 1 38.55 -29.79 -50.85
C SER CB 1 39.55 -30.82 -50.33
N ALA CB 2 40.71 -30.86 -50.97
CA ALA CB 2 41.81 -31.73 -50.57
C ALA CB 2 42.25 -31.50 -49.12
N LYS CB 3 42.37 -30.23 -48.77
CA LYS CB 3 42.65 -29.80 -47.39
C LYS CB 3 41.63 -30.37 -46.39
N ALA CB 4 40.36 -30.25 -46.74
CA ALA CB 4 39.24 -30.77 -45.94
C ALA CB 4 39.33 -32.28 -45.76
N VAL CB 5 39.66 -32.96 -46.84
CA VAL CB 5 39.85 -34.43 -46.85
C VAL CB 5 40.99 -34.83 -45.91
N LYS CB 6 42.11 -34.12 -46.04
CA LYS CB 6 43.29 -34.33 -45.18
C LYS CB 6 42.95 -34.16 -43.70
N PHE CB 7 42.23 -33.08 -43.41
CA PHE CB 7 41.76 -32.78 -42.05
C PHE CB 7 40.91 -33.92 -41.49
N LEU CB 8 39.94 -34.37 -42.30
CA LEU CB 8 39.07 -35.51 -41.96
C LEU CB 8 39.87 -36.77 -41.64
N LYS CB 9 40.85 -37.06 -42.50
CA LYS CB 9 41.78 -38.18 -42.29
C LYS CB 9 42.50 -38.09 -40.95
N ALA CB 10 43.05 -36.91 -40.67
CA ALA CB 10 43.75 -36.62 -39.41
C ALA CB 10 42.85 -36.84 -38.20
N GLN CB 11 41.63 -36.32 -38.27
CA GLN CB 11 40.60 -36.53 -37.26
C GLN CB 11 40.33 -38.01 -37.00
N ARG CB 12 40.15 -38.74 -38.09
CA ARG CB 12 39.89 -40.19 -38.06
C ARG CB 12 41.03 -40.94 -37.38
N ARG CB 13 42.25 -40.57 -37.73
CA ARG CB 13 43.47 -41.12 -37.13
C ARG CB 13 43.54 -40.86 -35.62
N LYS CB 14 43.20 -39.63 -35.25
CA LYS CB 14 43.14 -39.23 -33.84
C LYS CB 14 42.13 -40.05 -33.05
N GLN CB 15 40.95 -40.21 -33.64
CA GLN CB 15 39.87 -41.03 -33.06
C GLN CB 15 40.30 -42.49 -32.85
N LYS CB 16 40.96 -43.04 -33.85
CA LYS CB 16 41.53 -44.40 -33.77
C LYS CB 16 42.51 -44.53 -32.62
N ASN CB 17 43.41 -43.56 -32.51
CA ASN CB 17 44.39 -43.50 -31.43
C ASN CB 17 43.74 -43.46 -30.05
N GLU CB 18 42.72 -42.61 -29.93
CA GLU CB 18 41.92 -42.49 -28.70
C GLU CB 18 41.24 -43.81 -28.32
N ALA CB 19 40.69 -44.49 -29.33
CA ALA CB 19 40.08 -45.81 -29.15
C ALA CB 19 41.11 -46.81 -28.64
N LYS CB 20 42.28 -46.84 -29.28
CA LYS CB 20 43.40 -47.70 -28.88
C LYS CB 20 43.85 -47.47 -27.44
N GLN CB 21 43.91 -46.19 -27.05
CA GLN CB 21 44.24 -45.79 -25.68
C GLN CB 21 43.21 -46.30 -24.68
N ALA CB 22 41.93 -46.16 -25.04
CA ALA CB 22 40.81 -46.65 -24.23
C ALA CB 22 40.86 -48.16 -24.03
N THR CB 23 41.16 -48.88 -25.11
CA THR CB 23 41.28 -50.34 -25.09
C THR CB 23 42.43 -50.79 -24.18
N LEU CB 24 43.55 -50.09 -24.28
CA LEU CB 24 44.72 -50.32 -23.43
C LEU CB 24 44.37 -50.12 -21.95
N LYS CB 25 43.67 -49.03 -21.67
CA LYS CB 25 43.22 -48.70 -20.31
C LYS CB 25 42.30 -49.77 -19.73
N ALA CB 26 41.37 -50.25 -20.56
CA ALA CB 26 40.47 -51.35 -20.21
C ALA CB 26 41.25 -52.63 -19.89
N SER CB 27 42.26 -52.92 -20.70
CA SER CB 27 43.13 -54.09 -20.53
C SER CB 27 43.92 -54.08 -19.23
N THR CB 28 44.46 -52.92 -18.85
CA THR CB 28 45.22 -52.79 -17.60
C THR CB 28 44.32 -53.15 -16.42
N ASP CB 29 44.60 -54.29 -15.80
CA ASP CB 29 43.67 -54.96 -14.89
C ASP CB 29 43.35 -54.13 -13.65
N LYS CB 30 42.06 -53.94 -13.40
CA LYS CB 30 41.58 -53.10 -12.30
C LYS CB 30 41.45 -53.94 -11.03
N VAL CB 31 42.60 -54.20 -10.41
CA VAL CB 31 42.66 -54.86 -9.11
C VAL CB 31 42.47 -53.77 -8.06
N ASP CB 32 41.48 -53.93 -7.19
CA ASP CB 32 41.21 -52.92 -6.15
C ASP CB 32 42.32 -52.99 -5.09
N PRO CB 33 42.77 -51.84 -4.56
CA PRO CB 33 43.85 -51.88 -3.57
C PRO CB 33 43.48 -52.41 -2.19
N VAL CB 34 42.26 -52.09 -1.71
CA VAL CB 34 41.88 -52.39 -0.32
C VAL CB 34 41.87 -53.89 -0.07
N LEU CB 35 41.07 -54.63 -0.84
CA LEU CB 35 40.90 -56.06 -0.61
C LEU CB 35 41.06 -56.92 -1.86
N GLY CB 36 42.08 -56.59 -2.65
CA GLY CB 36 42.70 -57.51 -3.60
C GLY CB 36 41.89 -57.93 -4.81
N ARG CB 37 42.08 -59.19 -5.20
CA ARG CB 37 41.42 -59.77 -6.38
C ARG CB 37 40.00 -60.21 -5.99
N ALA CB 38 39.24 -60.72 -6.96
CA ALA CB 38 37.86 -61.15 -6.72
C ALA CB 38 37.80 -62.31 -5.72
N ASP CB 39 38.54 -63.37 -6.02
CA ASP CB 39 38.65 -64.53 -5.12
C ASP CB 39 40.10 -65.03 -5.10
N THR CB 40 40.95 -64.34 -4.34
CA THR CB 40 42.32 -64.81 -4.11
C THR CB 40 42.27 -66.03 -3.17
N PRO CB 41 43.04 -67.10 -3.47
CA PRO CB 41 42.82 -68.39 -2.81
C PRO CB 41 43.20 -68.46 -1.33
N PHE CB 42 44.32 -67.83 -0.99
CA PHE CB 42 44.88 -67.82 0.36
C PHE CB 42 43.92 -67.25 1.40
N ILE CB 43 43.34 -66.09 1.08
CA ILE CB 43 42.35 -65.42 1.92
C ILE CB 43 41.13 -66.30 2.13
N THR CB 44 40.63 -66.87 1.03
CA THR CB 44 39.47 -67.75 1.05
C THR CB 44 39.71 -68.93 2.01
N ARG CB 45 40.86 -69.57 1.84
CA ARG CB 45 41.30 -70.68 2.72
C ARG CB 45 41.28 -70.32 4.19
N ILE CB 46 41.81 -69.13 4.49
CA ILE CB 46 41.84 -68.60 5.85
C ILE CB 46 40.42 -68.46 6.40
N MET CB 47 39.56 -67.82 5.60
CA MET CB 47 38.14 -67.64 5.94
C MET CB 47 37.47 -68.98 6.24
N ALA CB 48 37.80 -69.98 5.43
CA ALA CB 48 37.38 -71.37 5.66
C ALA CB 48 37.77 -71.78 7.07
N GLU CB 49 39.07 -71.78 7.30
CA GLU CB 49 39.69 -72.32 8.51
C GLU CB 49 39.06 -71.79 9.78
N LEU CB 50 38.77 -70.50 9.79
CA LEU CB 50 38.07 -69.84 10.90
C LEU CB 50 36.67 -70.42 11.11
N LYS CB 51 35.96 -70.58 10.01
CA LYS CB 51 34.60 -71.14 10.01
C LYS CB 51 34.54 -72.56 10.58
N GLU CB 52 35.55 -73.38 10.27
CA GLU CB 52 35.56 -74.87 10.51
C GLU CB 52 35.01 -75.43 11.82
N PRO CB 53 34.54 -76.70 11.77
CA PRO CB 53 33.56 -77.11 12.74
C PRO CB 53 34.01 -77.29 14.18
N LEU CB 54 35.12 -77.98 14.37
CA LEU CB 54 35.67 -78.13 15.70
C LEU CB 54 36.96 -77.32 15.80
N VAL CB 55 36.79 -76.01 15.62
CA VAL CB 55 37.86 -75.02 15.80
C VAL CB 55 37.58 -74.30 17.10
N LEU CB 56 38.64 -74.04 17.86
CA LEU CB 56 38.54 -73.47 19.20
C LEU CB 56 39.25 -72.13 19.31
N SER CB 57 38.76 -71.30 20.24
CA SER CB 57 39.33 -69.98 20.52
C SER CB 57 40.40 -70.09 21.60
N LYS CB 58 40.94 -68.94 22.03
CA LYS CB 58 41.86 -68.85 23.17
C LYS CB 58 43.19 -69.60 22.99
N GLY CB 59 43.60 -69.79 21.73
CA GLY CB 59 44.82 -70.53 21.42
C GLY CB 59 44.79 -72.00 21.82
N TYR CB 60 43.64 -72.65 21.60
CA TYR CB 60 43.47 -74.09 21.87
C TYR CB 60 43.37 -74.86 20.56
N ASN CB 61 43.56 -76.19 20.68
CA ASN CB 61 43.41 -77.11 19.57
C ASN CB 61 42.61 -78.33 20.05
N ILE CB 62 41.60 -78.72 19.27
CA ILE CB 62 40.59 -79.70 19.72
C ILE CB 62 41.20 -81.08 20.01
N GLU CB 63 42.12 -81.52 19.16
CA GLU CB 63 42.83 -82.80 19.32
C GLU CB 63 43.59 -82.82 20.64
N GLU CB 64 44.32 -81.73 20.90
CA GLU CB 64 45.10 -81.56 22.14
C GLU CB 64 44.22 -81.55 23.39
N VAL CB 65 43.06 -80.89 23.29
CA VAL CB 65 42.12 -80.76 24.42
C VAL CB 65 41.60 -82.13 24.85
N ASP CB 66 41.12 -82.90 23.88
CA ASP CB 66 40.64 -84.27 24.11
C ASP CB 66 41.69 -85.16 24.77
N LYS CB 67 42.92 -85.08 24.27
CA LYS CB 67 44.06 -85.81 24.84
C LYS CB 67 44.33 -85.43 26.29
N PHE CB 68 44.27 -84.13 26.56
CA PHE CB 68 44.45 -83.57 27.90
C PHE CB 68 43.38 -84.10 28.86
N LEU CB 69 42.12 -84.07 28.40
CA LEU CB 69 40.98 -84.60 29.16
C LEU CB 69 41.14 -86.09 29.49
N ALA CB 70 41.59 -86.85 28.50
CA ALA CB 70 41.87 -88.29 28.68
C ALA CB 70 42.95 -88.54 29.72
N ALA CB 71 44.01 -87.73 29.65
CA ALA CB 71 45.12 -87.80 30.61
C ALA CB 71 44.66 -87.50 32.03
N ILE CB 72 43.81 -86.49 32.17
CA ILE CB 72 43.20 -86.11 33.45
C ILE CB 72 42.38 -87.26 34.01
N GLU CB 73 41.53 -87.84 33.18
CA GLU CB 73 40.73 -89.02 33.52
C GLU CB 73 41.58 -90.18 34.03
N SER CB 74 42.68 -90.44 33.30
CA SER CB 74 43.63 -91.50 33.67
C SER CB 74 44.26 -91.25 35.04
N ALA CB 75 44.65 -90.00 35.27
CA ALA CB 75 45.21 -89.55 36.55
C ALA CB 75 44.22 -89.74 37.70
N LYS CB 76 42.97 -89.37 37.46
CA LYS CB 76 41.87 -89.56 38.43
C LYS CB 76 41.66 -91.02 38.78
N ARG CB 77 41.64 -91.87 37.76
CA ARG CB 77 41.53 -93.33 37.92
C ARG CB 77 42.66 -93.88 38.78
N GLU CB 78 43.89 -93.47 38.47
CA GLU CB 78 45.08 -93.85 39.25
C GLU CB 78 44.94 -93.47 40.72
N ARG CB 79 44.53 -92.24 40.95
CA ARG CB 79 44.32 -91.71 42.31
C ARG CB 79 42.97 -92.17 42.86
N ILE CB 95 30.60 -91.86 33.12
CA ILE CB 95 31.05 -91.69 31.73
C ILE CB 95 30.21 -90.64 31.01
N GLU CB 96 28.89 -90.80 31.09
CA GLU CB 96 27.92 -89.87 30.48
C GLU CB 96 28.12 -88.44 30.99
N LYS CB 97 28.29 -88.32 32.31
CA LYS CB 97 28.57 -87.04 32.96
C LYS CB 97 29.85 -86.40 32.42
N LEU CB 98 30.90 -87.23 32.30
CA LEU CB 98 32.20 -86.79 31.79
C LEU CB 98 32.10 -86.27 30.36
N GLU CB 99 31.35 -87.01 29.54
CA GLU CB 99 31.05 -86.61 28.15
C GLU CB 99 30.32 -85.27 28.07
N ASP CB 100 29.34 -85.10 28.95
CA ASP CB 100 28.57 -83.85 29.05
C ASP CB 100 29.46 -82.66 29.43
N ARG CB 101 30.35 -82.89 30.38
CA ARG CB 101 31.33 -81.88 30.80
C ARG CB 101 32.26 -81.48 29.66
N ARG CB 102 32.75 -82.48 28.94
CA ARG CB 102 33.60 -82.28 27.77
C ARG CB 102 32.89 -81.43 26.70
N GLU CB 103 31.64 -81.77 26.44
CA GLU CB 103 30.79 -81.02 25.50
C GLU CB 103 30.64 -79.57 25.94
N ALA CB 104 30.37 -79.36 27.22
CA ALA CB 104 30.26 -78.01 27.81
C ALA CB 104 31.52 -77.18 27.62
N ILE CB 105 32.66 -77.82 27.87
CA ILE CB 105 33.98 -77.22 27.68
C ILE CB 105 34.20 -76.79 26.23
N LEU CB 106 33.88 -77.68 25.30
CA LEU CB 106 33.99 -77.42 23.87
C LEU CB 106 33.13 -76.22 23.45
N ARG CB 107 31.89 -76.21 23.94
CA ARG CB 107 30.96 -75.10 23.70
C ARG CB 107 31.52 -73.77 24.20
N ILE CB 108 32.07 -73.78 25.40
CA ILE CB 108 32.72 -72.61 25.99
C ILE CB 108 33.88 -72.11 25.12
N LEU CB 109 34.74 -73.03 24.69
CA LEU CB 109 35.94 -72.71 23.93
C LEU CB 109 35.77 -72.69 22.40
N SER CB 110 34.54 -72.91 21.90
CA SER CB 110 34.29 -72.87 20.46
C SER CB 110 34.46 -71.46 19.90
N MET CB 111 34.86 -71.37 18.63
CA MET CB 111 34.97 -70.09 17.93
C MET CB 111 33.63 -69.38 17.81
N ARG CB 112 32.61 -70.18 17.52
CA ARG CB 112 31.31 -69.66 17.15
C ARG CB 112 30.52 -69.04 18.30
N ASN CB 113 30.79 -69.48 19.53
CA ASN CB 113 30.30 -68.79 20.73
C ASN CB 113 31.19 -67.61 21.14
N SER CB 114 32.48 -67.69 20.84
CA SER CB 114 33.43 -66.61 21.15
C SER CB 114 33.26 -65.39 20.23
N GLU CB 115 34.05 -64.36 20.52
CA GLU CB 115 34.04 -63.10 19.74
C GLU CB 115 34.67 -63.27 18.37
N ASN CB 116 34.47 -62.27 17.52
CA ASN CB 116 35.15 -62.17 16.23
C ASN CB 116 36.65 -61.91 16.37
N LYS CB 117 37.01 -61.19 17.44
CA LYS CB 117 38.42 -60.84 17.74
C LYS CB 117 39.35 -62.04 17.81
N ASN CB 118 38.88 -63.10 18.47
CA ASN CB 118 39.62 -64.36 18.57
C ASN CB 118 39.87 -65.00 17.20
N ALA CB 119 38.83 -64.95 16.36
CA ALA CB 119 38.90 -65.49 15.00
C ALA CB 119 39.92 -64.75 14.15
N ILE CB 120 39.90 -63.43 14.28
CA ILE CB 120 40.86 -62.54 13.60
C ILE CB 120 42.27 -62.86 14.02
N LYS CB 121 42.49 -62.94 15.32
CA LYS CB 121 43.79 -63.31 15.89
C LYS CB 121 44.31 -64.62 15.33
N MET CB 122 43.43 -65.62 15.26
CA MET CB 122 43.74 -66.92 14.68
C MET CB 122 44.15 -66.81 13.21
N ALA CB 123 43.39 -66.01 12.45
CA ALA CB 123 43.69 -65.74 11.03
C ALA CB 123 45.04 -65.07 10.84
N VAL CB 124 45.35 -64.12 11.72
CA VAL CB 124 46.63 -63.42 11.74
C VAL CB 124 47.78 -64.40 11.99
N GLU CB 125 47.61 -65.25 13.00
CA GLU CB 125 48.57 -66.30 13.33
C GLU CB 125 48.84 -67.24 12.15
N LEU CB 126 47.76 -67.68 11.52
CA LEU CB 126 47.83 -68.52 10.31
C LEU CB 126 48.63 -67.85 9.20
N ALA CB 127 48.31 -66.58 8.94
CA ALA CB 127 49.01 -65.77 7.95
C ALA CB 127 50.50 -65.68 8.24
N ARG CB 128 50.83 -65.43 9.51
CA ARG CB 128 52.22 -65.37 9.98
C ARG CB 128 52.95 -66.68 9.70
N LYS CB 129 52.31 -67.79 10.08
CA LYS CB 129 52.85 -69.14 9.83
C LYS CB 129 53.15 -69.41 8.36
N GLU CB 130 52.21 -69.00 7.51
CA GLU CB 130 52.37 -69.12 6.06
C GLU CB 130 53.57 -68.34 5.52
N PHE CB 131 53.69 -67.09 5.96
CA PHE CB 131 54.65 -66.14 5.37
C PHE CB 131 56.05 -66.15 5.99
N GLU CB 132 56.16 -66.50 7.28
CA GLU CB 132 57.44 -66.44 8.00
C GLU CB 132 58.58 -67.15 7.25
N ARG CB 133 59.60 -66.36 6.87
CA ARG CB 133 60.79 -66.92 6.19
C ARG CB 133 61.68 -67.76 7.13
N PHE CB 134 61.44 -67.66 8.44
CA PHE CB 134 61.88 -68.68 9.40
C PHE CB 134 61.01 -68.60 10.68
N PRO CB 135 60.85 -69.73 11.41
CA PRO CB 135 59.91 -69.88 12.54
C PRO CB 135 59.63 -68.64 13.40
N GLY CB 136 60.68 -67.90 13.76
CA GLY CB 136 60.55 -66.71 14.58
C GLY CB 136 59.94 -65.47 13.92
N ASP CB 137 59.79 -65.62 12.61
CA ASP CB 137 59.21 -64.65 11.70
C ASP CB 137 58.02 -63.86 12.28
N THR CB 138 58.20 -62.56 12.29
CA THR CB 138 57.24 -61.55 12.74
C THR CB 138 58.01 -60.30 12.38
N GLY CB 139 57.41 -59.41 11.60
CA GLY CB 139 58.22 -58.28 11.13
C GLY CB 139 58.95 -58.41 9.80
N SER CB 140 58.99 -59.61 9.23
CA SER CB 140 59.37 -59.75 7.83
C SER CB 140 58.39 -58.89 7.03
N SER CB 141 58.90 -58.00 6.19
CA SER CB 141 58.04 -57.05 5.46
C SER CB 141 56.81 -57.73 4.83
N GLU CB 142 57.06 -58.89 4.23
CA GLU CB 142 56.00 -59.77 3.70
C GLU CB 142 54.99 -60.25 4.75
N VAL CB 143 55.49 -60.65 5.92
CA VAL CB 143 54.61 -61.17 6.99
C VAL CB 143 53.81 -60.02 7.59
N GLN CB 144 54.44 -58.85 7.73
CA GLN CB 144 53.76 -57.63 8.17
C GLN CB 144 52.59 -57.28 7.26
N ALA CB 145 52.85 -57.32 5.96
CA ALA CB 145 51.83 -57.09 4.93
C ALA CB 145 50.66 -58.06 5.04
N ALA CB 146 51.01 -59.34 5.22
CA ALA CB 146 50.03 -60.42 5.40
C ALA CB 146 49.17 -60.20 6.64
N CYS CB 147 49.82 -59.81 7.74
CA CYS CB 147 49.13 -59.48 9.00
C CYS CB 147 48.18 -58.30 8.84
N MET CB 148 48.64 -57.26 8.13
CA MET CB 148 47.82 -56.11 7.77
C MET CB 148 46.58 -56.51 6.98
N THR CB 149 46.77 -57.38 6.00
CA THR CB 149 45.71 -57.82 5.09
C THR CB 149 44.49 -58.40 5.80
N VAL CB 150 44.72 -59.30 6.76
CA VAL CB 150 43.64 -59.94 7.53
C VAL CB 150 42.77 -58.90 8.23
N ARG CB 151 43.46 -57.96 8.88
CA ARG CB 151 42.80 -56.85 9.58
C ARG CB 151 42.00 -55.98 8.62
N ILE CB 152 42.61 -55.64 7.49
CA ILE CB 152 41.97 -54.87 6.42
C ILE CB 152 40.69 -55.53 5.94
N GLN CB 153 40.77 -56.84 5.69
CA GLN CB 153 39.60 -57.63 5.27
C GLN CB 153 38.47 -57.51 6.28
N ASN CB 154 38.81 -57.74 7.54
CA ASN CB 154 37.86 -57.63 8.64
C ASN CB 154 37.29 -56.22 8.81
N MET CB 155 38.18 -55.24 8.72
CA MET CB 155 37.82 -53.82 8.79
C MET CB 155 36.90 -53.42 7.64
N ALA CB 156 37.21 -53.91 6.45
CA ALA CB 156 36.39 -53.70 5.25
C ALA CB 156 34.99 -54.29 5.42
N ASN CB 157 34.93 -55.52 5.93
CA ASN CB 157 33.67 -56.18 6.27
C ASN CB 157 32.82 -55.39 7.26
N HIS CB 158 33.48 -54.89 8.31
CA HIS CB 158 32.85 -54.03 9.31
C HIS CB 158 32.24 -52.77 8.68
N ILE CB 159 33.03 -52.11 7.84
CA ILE CB 159 32.58 -50.93 7.10
C ILE CB 159 31.37 -51.21 6.24
N LYS CB 160 31.40 -52.34 5.54
CA LYS CB 160 30.27 -52.77 4.70
C LYS CB 160 28.97 -52.92 5.49
N GLU CB 161 29.08 -53.43 6.72
CA GLU CB 161 27.94 -53.43 7.65
C GLU CB 161 27.55 -52.01 8.05
N HIS CB 162 28.55 -51.20 8.42
CA HIS CB 162 28.39 -49.86 8.99
C HIS CB 162 28.93 -48.75 8.09
N ARG CB 163 28.08 -48.18 7.24
CA ARG CB 163 28.51 -47.17 6.25
C ARG CB 163 29.10 -45.90 6.87
N LYS CB 164 28.31 -45.25 7.72
CA LYS CB 164 28.64 -43.92 8.25
C LYS CB 164 29.66 -43.91 9.40
N ASP CB 165 30.14 -45.08 9.81
CA ASP CB 165 31.22 -45.19 10.78
C ASP CB 165 32.52 -44.66 10.19
N PHE CB 166 32.67 -43.33 10.20
CA PHE CB 166 33.75 -42.65 9.47
C PHE CB 166 35.13 -42.79 10.11
N ALA CB 167 35.17 -42.89 11.44
CA ALA CB 167 36.43 -43.11 12.16
C ALA CB 167 37.08 -44.42 11.76
N ASN CB 168 36.26 -45.47 11.68
CA ASN CB 168 36.76 -46.79 11.29
C ASN CB 168 37.07 -46.92 9.80
N THR CB 169 36.43 -46.11 8.95
CA THR CB 169 36.83 -46.02 7.53
C THR CB 169 38.19 -45.34 7.40
N ARG CB 170 38.38 -44.27 8.17
CA ARG CB 170 39.67 -43.58 8.24
C ARG CB 170 40.77 -44.56 8.66
N ASN CB 171 40.52 -45.28 9.74
CA ASN CB 171 41.44 -46.31 10.26
C ASN CB 171 41.82 -47.35 9.20
N LEU CB 172 40.82 -47.83 8.47
CA LEU CB 172 41.02 -48.76 7.37
C LEU CB 172 41.97 -48.15 6.34
N ARG CB 173 41.63 -46.94 5.93
CA ARG CB 173 42.41 -46.17 4.96
C ARG CB 173 43.88 -46.14 5.40
N ILE CB 174 44.11 -45.72 6.64
CA ILE CB 174 45.48 -45.63 7.20
C ILE CB 174 46.19 -46.98 7.06
N LEU CB 175 45.47 -48.04 7.40
CA LEU CB 175 46.00 -49.40 7.39
C LEU CB 175 46.45 -49.84 6.00
N VAL CB 176 45.65 -49.52 4.98
CA VAL CB 176 46.02 -49.89 3.59
C VAL CB 176 47.17 -49.02 3.07
N GLN CB 177 47.24 -47.77 3.56
CA GLN CB 177 48.36 -46.86 3.23
C GLN CB 177 49.66 -47.43 3.78
N GLN CB 178 49.59 -47.88 5.03
CA GLN CB 178 50.70 -48.54 5.72
C GLN CB 178 51.16 -49.79 4.98
N ARG CB 179 50.18 -50.60 4.56
CA ARG CB 179 50.44 -51.81 3.78
C ARG CB 179 51.17 -51.48 2.47
N GLN CB 180 50.61 -50.52 1.73
CA GLN CB 180 51.24 -50.02 0.50
C GLN CB 180 52.69 -49.62 0.72
N ALA CB 181 52.91 -48.81 1.75
CA ALA CB 181 54.25 -48.34 2.13
C ALA CB 181 55.23 -49.48 2.37
N ILE CB 182 54.76 -50.52 3.06
CA ILE CB 182 55.63 -51.65 3.40
C ILE CB 182 55.90 -52.54 2.18
N LEU CB 183 54.93 -52.67 1.28
CA LEU CB 183 55.14 -53.36 0.02
C LEU CB 183 56.11 -52.58 -0.89
N ARG CB 184 55.97 -51.25 -0.92
CA ARG CB 184 56.94 -50.39 -1.62
C ARG CB 184 58.36 -50.60 -1.12
N TYR CB 185 58.50 -50.65 0.20
CA TYR CB 185 59.78 -50.93 0.83
C TYR CB 185 60.35 -52.29 0.39
N LEU CB 186 59.49 -53.30 0.48
CA LEU CB 186 59.84 -54.67 0.10
C LEU CB 186 60.36 -54.74 -1.33
N LYS CB 187 59.67 -54.04 -2.22
CA LYS CB 187 60.08 -53.92 -3.63
C LYS CB 187 61.49 -53.38 -3.79
N ARG CB 188 61.83 -52.35 -3.03
CA ARG CB 188 63.18 -51.78 -3.05
C ARG CB 188 64.21 -52.78 -2.54
N ASP CB 189 63.91 -53.37 -1.38
CA ASP CB 189 64.82 -54.28 -0.70
C ASP CB 189 65.10 -55.55 -1.48
N ASN CB 190 64.04 -56.19 -1.94
CA ASN CB 190 64.06 -57.60 -2.34
C ASN CB 190 62.89 -57.87 -3.32
N PRO CB 191 63.06 -57.50 -4.62
CA PRO CB 191 61.93 -57.36 -5.54
C PRO CB 191 61.13 -58.64 -5.80
N GLU CB 192 61.85 -59.73 -6.07
CA GLU CB 192 61.23 -61.03 -6.35
C GLU CB 192 60.31 -61.49 -5.23
N LYS CB 193 60.81 -61.35 -4.00
CA LYS CB 193 60.07 -61.68 -2.78
C LYS CB 193 58.79 -60.85 -2.66
N TYR CB 194 58.94 -59.55 -2.90
CA TYR CB 194 57.83 -58.60 -2.95
C TYR CB 194 56.75 -59.00 -3.95
N TYR CB 195 57.19 -59.35 -5.15
CA TYR CB 195 56.29 -59.82 -6.21
C TYR CB 195 55.53 -61.09 -5.82
N TRP CB 196 56.24 -62.02 -5.21
CA TRP CB 196 55.67 -63.26 -4.69
C TRP CB 196 54.59 -62.99 -3.64
N THR CB 197 54.92 -62.09 -2.70
CA THR CB 197 54.01 -61.66 -1.65
C THR CB 197 52.73 -61.07 -2.25
N ILE CB 198 52.90 -60.16 -3.19
CA ILE CB 198 51.77 -59.53 -3.91
C ILE CB 198 50.85 -60.58 -4.53
N GLN CB 199 51.47 -61.51 -5.24
CA GLN CB 199 50.76 -62.58 -5.92
C GLN CB 199 49.96 -63.43 -4.95
N LYS CB 200 50.57 -63.75 -3.81
CA LYS CB 200 49.90 -64.48 -2.73
C LYS CB 200 48.68 -63.74 -2.21
N LEU CB 201 48.85 -62.44 -1.93
CA LEU CB 201 47.78 -61.61 -1.36
C LEU CB 201 46.64 -61.26 -2.34
N GLY CB 202 46.89 -61.43 -3.64
CA GLY CB 202 45.89 -61.17 -4.66
C GLY CB 202 45.86 -59.70 -5.06
N LEU CB 203 47.06 -59.13 -5.22
CA LEU CB 203 47.21 -57.70 -5.51
C LEU CB 203 47.97 -57.49 -6.83
N ASN CB 204 48.07 -56.22 -7.22
CA ASN CB 204 48.71 -55.79 -8.45
C ASN CB 204 49.81 -54.80 -8.11
N ASP CB 205 50.86 -54.78 -8.93
CA ASP CB 205 51.98 -53.83 -8.76
C ASP CB 205 51.50 -52.37 -8.81
N ALA CB 206 50.51 -52.11 -9.67
CA ALA CB 206 49.83 -50.81 -9.72
C ALA CB 206 49.14 -50.46 -8.40
N ALA CB 207 48.39 -51.41 -7.85
CA ALA CB 207 47.66 -51.23 -6.59
C ALA CB 207 48.56 -50.90 -5.38
N ILE CB 208 49.83 -51.31 -5.45
CA ILE CB 208 50.83 -50.91 -4.45
C ILE CB 208 51.42 -49.55 -4.77
N THR CB 209 51.97 -49.41 -5.98
CA THR CB 209 52.76 -48.23 -6.36
C THR CB 209 51.94 -46.95 -6.51
N ASP CB 210 50.76 -47.06 -7.12
CA ASP CB 210 49.90 -45.89 -7.38
C ASP CB 210 49.35 -45.34 -6.07
N GLU CB 211 49.21 -44.01 -5.99
CA GLU CB 211 48.68 -43.37 -4.78
C GLU CB 211 47.22 -43.74 -4.64
N PHE CB 212 46.82 -44.06 -3.41
CA PHE CB 212 45.46 -44.53 -3.15
C PHE CB 212 44.86 -43.89 -1.90
N ASN CB 213 43.82 -43.11 -2.12
CA ASN CB 213 42.89 -42.69 -1.08
C ASN CB 213 41.66 -43.55 -1.24
N MET CB 214 41.06 -43.99 -0.13
CA MET CB 214 39.76 -44.67 -0.18
C MET CB 214 38.68 -43.63 -0.44
N ASP CB 215 38.71 -43.03 -1.62
CA ASP CB 215 37.85 -41.89 -1.93
C ASP CB 215 36.49 -42.40 -2.44
N ARG CB 216 35.55 -41.46 -2.53
CA ARG CB 216 34.19 -41.77 -2.98
C ARG CB 216 34.15 -42.34 -4.40
N ARG CB 217 35.07 -41.88 -5.24
CA ARG CB 217 35.25 -42.42 -6.60
C ARG CB 217 35.62 -43.90 -6.58
N TYR CB 218 36.60 -44.24 -5.75
CA TYR CB 218 37.01 -45.63 -5.54
C TYR CB 218 35.83 -46.50 -5.13
N MET CB 219 35.08 -46.02 -4.14
CA MET CB 219 33.92 -46.73 -3.58
C MET CB 219 32.90 -47.03 -4.66
N GLN CB 220 32.62 -46.02 -5.47
CA GLN CB 220 31.74 -46.14 -6.65
C GLN CB 220 32.20 -47.21 -7.63
N ASP CB 221 33.49 -47.15 -7.97
CA ASP CB 221 34.08 -48.02 -8.99
C ASP CB 221 33.97 -49.50 -8.64
N TYR CB 222 34.35 -49.84 -7.42
CA TYR CB 222 34.42 -51.23 -6.98
C TYR CB 222 33.21 -51.71 -6.17
N GLU CB 223 32.14 -50.90 -6.16
CA GLU CB 223 30.86 -51.28 -5.54
C GLU CB 223 31.03 -51.67 -4.07
N PHE CB 224 31.88 -50.94 -3.35
CA PHE CB 224 32.30 -51.30 -1.99
C PHE CB 224 31.08 -51.53 -1.08
N PHE CB 225 30.15 -50.59 -1.15
CA PHE CB 225 28.85 -50.72 -0.49
C PHE CB 225 27.85 -51.40 -1.41
N GLY CB 226 27.71 -50.86 -2.62
CA GLY CB 226 26.81 -51.43 -3.62
C GLY CB 226 26.66 -50.54 -4.84
N ASP CB 227 25.48 -50.60 -5.46
CA ASP CB 227 25.18 -49.83 -6.67
C ASP CB 227 24.81 -48.35 -6.41
N LYS CB 228 24.67 -47.96 -5.14
CA LYS CB 228 24.38 -46.56 -4.79
C LYS CB 228 25.57 -45.65 -5.07
N ILE CB 229 25.27 -44.43 -5.53
CA ILE CB 229 26.28 -43.48 -5.97
C ILE CB 229 26.71 -42.59 -4.79
N LEU CB 230 28.02 -42.42 -4.65
CA LEU CB 230 28.62 -41.60 -3.58
C LEU CB 230 28.77 -40.15 -4.02
N ILE CB 231 29.15 -39.92 -5.29
CA ILE CB 231 29.26 -38.58 -5.85
C ILE CB 231 28.63 -38.48 -7.25
N ARG CB 232 27.66 -37.58 -7.40
CA ARG CB 232 27.11 -37.25 -8.71
C ARG CB 232 28.11 -36.35 -9.43
N ASP CB 233 28.48 -36.73 -10.65
CA ASP CB 233 29.42 -35.95 -11.45
C ASP CB 233 28.77 -34.64 -11.89
N SER CB 234 29.61 -33.64 -12.20
CA SER CB 234 29.14 -32.34 -12.69
C SER CB 234 28.41 -32.50 -14.01
N LYS CB 235 27.54 -31.55 -14.32
CA LYS CB 235 26.68 -31.61 -15.51
C LYS CB 235 27.50 -31.59 -16.80
N LYS CB 236 28.45 -30.67 -16.86
CA LYS CB 236 29.40 -30.54 -17.97
C LYS CB 236 30.20 -31.84 -18.17
N VAL CB 237 30.69 -32.38 -17.06
CA VAL CB 237 31.46 -33.64 -17.06
C VAL CB 237 30.61 -34.80 -17.60
N ALA CB 238 29.38 -34.88 -17.11
CA ALA CB 238 28.41 -35.89 -17.57
C ALA CB 238 28.14 -35.81 -19.06
N ASN CB 239 27.96 -34.58 -19.56
CA ASN CB 239 27.80 -34.31 -20.99
C ASN CB 239 28.99 -34.75 -21.83
N GLN CB 240 30.20 -34.44 -21.34
CA GLN CB 240 31.44 -34.86 -21.98
C GLN CB 240 31.54 -36.38 -22.08
N LYS CB 241 31.24 -37.06 -20.97
CA LYS CB 241 31.20 -38.52 -20.91
C LYS CB 241 30.25 -39.12 -21.92
N ARG CB 242 29.05 -38.56 -21.98
CA ARG CB 242 28.04 -38.92 -22.98
C ARG CB 242 28.55 -38.81 -24.40
N LYS CB 243 29.17 -37.67 -24.69
CA LYS CB 243 29.74 -37.39 -26.01
C LYS CB 243 30.82 -38.42 -26.38
N GLU CB 244 31.68 -38.74 -25.41
CA GLU CB 244 32.71 -39.78 -25.56
C GLU CB 244 32.10 -41.15 -25.87
N ILE CB 245 31.05 -41.50 -25.13
CA ILE CB 245 30.32 -42.75 -25.32
C ILE CB 245 29.77 -42.84 -26.74
N ARG CB 246 29.11 -41.77 -27.17
CA ARG CB 246 28.58 -41.65 -28.53
C ARG CB 246 29.63 -41.84 -29.60
N LYS CB 247 30.75 -41.16 -29.43
CA LYS CB 247 31.91 -41.27 -30.33
C LYS CB 247 32.39 -42.71 -30.42
N GLN CB 248 32.47 -43.37 -29.26
CA GLN CB 248 32.86 -44.79 -29.16
C GLN CB 248 31.89 -45.68 -29.94
N LYS CB 249 30.59 -45.44 -29.73
CA LYS CB 249 29.52 -46.15 -30.45
C LYS CB 249 29.63 -46.00 -31.96
N ARG CB 250 29.87 -44.76 -32.40
CA ARG CB 250 30.07 -44.43 -33.82
C ARG CB 250 31.25 -45.18 -34.42
N ALA CB 251 32.35 -45.20 -33.67
CA ALA CB 251 33.56 -45.93 -34.07
C ALA CB 251 33.31 -47.42 -34.25
N THR CB 252 32.57 -48.00 -33.30
CA THR CB 252 32.28 -49.44 -33.30
C THR CB 252 31.31 -49.88 -34.42
N PHE CB 253 30.08 -49.36 -34.36
CA PHE CB 253 28.93 -49.80 -35.18
C PHE CB 253 29.17 -50.99 -36.13
N THR DB 1 93.28 -1.34 -52.64
CA THR DB 1 94.07 -2.60 -52.84
C THR DB 1 93.18 -3.80 -53.08
N CYS DB 2 93.80 -4.91 -53.49
CA CYS DB 2 93.09 -6.16 -53.77
C CYS DB 2 93.03 -7.04 -52.53
N GLY DB 3 92.21 -8.09 -52.60
CA GLY DB 3 92.21 -9.17 -51.61
C GLY DB 3 90.90 -9.33 -50.88
N LEU DB 4 90.83 -10.38 -50.07
CA LEU DB 4 89.74 -10.61 -49.14
C LEU DB 4 90.24 -10.25 -47.74
N VAL DB 5 91.36 -10.84 -47.35
CA VAL DB 5 92.08 -10.47 -46.13
C VAL DB 5 93.01 -9.31 -46.50
N ARG DB 6 92.98 -8.24 -45.70
CA ARG DB 6 93.78 -7.04 -45.98
C ARG DB 6 94.32 -6.42 -44.71
N ILE DB 7 95.61 -6.08 -44.72
CA ILE DB 7 96.26 -5.42 -43.60
C ILE DB 7 96.12 -3.91 -43.82
N ARG DB 8 95.45 -3.25 -42.88
CA ARG DB 8 95.09 -1.84 -43.04
C ARG DB 8 95.02 -1.12 -41.69
N LEU DB 9 94.88 0.21 -41.74
CA LEU DB 9 94.76 1.04 -40.54
C LEU DB 9 93.29 1.32 -40.21
N ALA DB 10 92.87 0.88 -39.03
CA ALA DB 10 91.57 1.27 -38.45
C ALA DB 10 91.80 2.51 -37.59
N ARG DB 11 90.96 3.53 -37.77
CA ARG DB 11 91.13 4.80 -37.05
C ARG DB 11 90.59 4.71 -35.63
N PHE DB 12 91.32 5.33 -34.70
CA PHE DB 12 90.93 5.42 -33.29
C PHE DB 12 91.22 6.82 -32.77
N GLY DB 13 90.83 7.06 -31.51
CA GLY DB 13 91.06 8.35 -30.87
C GLY DB 13 89.98 9.36 -31.21
N ARG DB 14 90.31 10.63 -31.02
CA ARG DB 14 89.36 11.73 -31.09
C ARG DB 14 89.53 12.56 -32.37
N LYS DB 15 88.63 13.53 -32.55
CA LYS DB 15 88.73 14.52 -33.63
C LYS DB 15 90.01 15.35 -33.53
N ASN DB 16 90.55 15.71 -34.69
CA ASN DB 16 91.80 16.47 -34.81
C ASN DB 16 93.00 15.87 -34.08
N SER DB 17 92.98 14.56 -33.86
CA SER DB 17 93.98 13.87 -33.04
C SER DB 17 93.89 12.35 -33.24
N PRO DB 18 94.22 11.88 -34.46
CA PRO DB 18 94.05 10.47 -34.78
C PRO DB 18 95.19 9.60 -34.24
N VAL DB 19 94.83 8.39 -33.82
CA VAL DB 19 95.75 7.28 -33.68
C VAL DB 19 95.19 6.16 -34.54
N TYR DB 20 96.08 5.30 -35.03
CA TYR DB 20 95.67 4.21 -35.91
C TYR DB 20 95.97 2.87 -35.31
N ASN DB 21 95.14 1.91 -35.70
CA ASN DB 21 95.17 0.55 -35.21
C ASN DB 21 95.40 -0.32 -36.43
N ILE DB 22 96.62 -0.81 -36.58
CA ILE DB 22 97.00 -1.69 -37.69
C ILE DB 22 96.32 -3.03 -37.45
N VAL DB 23 95.48 -3.44 -38.40
CA VAL DB 23 94.70 -4.68 -38.28
C VAL DB 23 94.89 -5.54 -39.50
N VAL DB 24 94.37 -6.76 -39.41
CA VAL DB 24 94.03 -7.54 -40.60
C VAL DB 24 92.52 -7.75 -40.51
N ALA DB 25 91.84 -7.48 -41.63
CA ALA DB 25 90.38 -7.40 -41.66
C ALA DB 25 89.86 -8.04 -42.92
N ASN DB 26 88.54 -8.22 -42.97
CA ASN DB 26 87.88 -8.53 -44.21
C ASN DB 26 87.72 -7.24 -45.01
N SER DB 27 87.80 -7.37 -46.33
CA SER DB 27 87.62 -6.24 -47.24
C SER DB 27 86.23 -5.63 -47.11
N ARG DB 28 85.22 -6.49 -46.96
CA ARG DB 28 83.82 -6.07 -46.86
C ARG DB 28 83.46 -5.35 -45.55
N LYS DB 29 84.01 -5.81 -44.43
CA LYS DB 29 83.69 -5.20 -43.12
C LYS DB 29 84.20 -3.77 -43.02
N ALA DB 30 83.55 -3.00 -42.15
CA ALA DB 30 83.76 -1.55 -42.05
C ALA DB 30 85.16 -1.17 -41.58
N ARG DB 31 85.49 0.10 -41.73
CA ARG DB 31 86.82 0.62 -41.46
C ARG DB 31 87.21 0.51 -39.98
N ASP DB 32 86.31 0.94 -39.10
CA ASP DB 32 86.55 0.89 -37.63
C ASP DB 32 85.84 -0.26 -36.89
N ALA DB 33 85.30 -1.24 -37.64
CA ALA DB 33 84.69 -2.42 -37.04
C ALA DB 33 85.75 -3.36 -36.46
N LYS DB 34 85.31 -4.34 -35.69
CA LYS DB 34 86.22 -5.29 -35.04
C LYS DB 34 86.79 -6.26 -36.08
N PRO DB 35 88.13 -6.37 -36.16
CA PRO DB 35 88.80 -7.06 -37.25
C PRO DB 35 89.10 -8.53 -36.93
N ILE DB 36 89.92 -9.16 -37.77
CA ILE DB 36 90.38 -10.53 -37.54
C ILE DB 36 91.45 -10.52 -36.45
N GLU DB 37 92.46 -9.67 -36.63
CA GLU DB 37 93.57 -9.56 -35.70
C GLU DB 37 94.20 -8.18 -35.75
N VAL DB 38 94.26 -7.52 -34.60
CA VAL DB 38 95.03 -6.29 -34.43
C VAL DB 38 96.50 -6.66 -34.33
N LEU DB 39 97.32 -6.13 -35.23
CA LEU DB 39 98.77 -6.38 -35.21
C LEU DB 39 99.56 -5.31 -34.48
N GLY DB 40 99.09 -4.07 -34.53
CA GLY DB 40 99.82 -2.97 -33.92
C GLY DB 40 99.09 -1.65 -33.89
N THR DB 41 99.77 -0.62 -33.38
CA THR DB 41 99.27 0.75 -33.37
C THR DB 41 100.18 1.63 -34.24
N TYR DB 42 99.72 2.85 -34.48
CA TYR DB 42 100.48 3.84 -35.22
C TYR DB 42 99.92 5.24 -34.97
N VAL DB 43 100.72 6.07 -34.29
CA VAL DB 43 100.39 7.48 -34.11
C VAL DB 43 101.14 8.29 -35.20
N PRO DB 44 100.39 8.97 -36.09
CA PRO DB 44 101.03 9.69 -37.20
C PRO DB 44 101.69 11.01 -36.79
N VAL DB 45 101.26 11.59 -35.67
CA VAL DB 45 101.80 12.86 -35.19
C VAL DB 45 103.13 12.55 -34.50
N PRO DB 46 104.24 13.09 -35.03
CA PRO DB 46 105.56 12.68 -34.54
C PRO DB 46 105.89 13.29 -33.17
N SER DB 47 106.77 12.63 -32.43
CA SER DB 47 107.18 13.07 -31.10
C SER DB 47 107.90 14.43 -31.18
N PRO DB 48 107.37 15.46 -30.49
CA PRO DB 48 107.89 16.81 -30.68
C PRO DB 48 109.26 17.03 -30.04
N VAL DB 49 110.20 17.55 -30.82
CA VAL DB 49 111.58 17.78 -30.36
C VAL DB 49 111.72 19.15 -29.68
N THR DB 50 112.70 19.24 -28.78
CA THR DB 50 113.04 20.49 -28.09
C THR DB 50 113.81 21.40 -29.04
N LYS DB 51 113.80 22.71 -28.76
CA LYS DB 51 114.51 23.71 -29.57
C LYS DB 51 116.00 23.39 -29.68
N ARG DB 52 116.62 23.13 -28.52
CA ARG DB 52 118.02 22.69 -28.46
C ARG DB 52 118.26 21.45 -29.30
N GLU DB 53 117.38 20.47 -29.15
CA GLU DB 53 117.43 19.21 -29.90
C GLU DB 53 117.36 19.44 -31.40
N LEU DB 54 116.46 20.35 -31.80
CA LEU DB 54 116.30 20.76 -33.21
C LEU DB 54 117.59 21.37 -33.76
N LYS DB 55 118.14 22.31 -32.99
CA LYS DB 55 119.43 22.97 -33.33
C LYS DB 55 120.55 21.95 -33.53
N ARG DB 56 120.64 21.00 -32.61
CA ARG DB 56 121.63 19.91 -32.68
C ARG DB 56 121.50 19.10 -33.98
N GLY DB 57 120.27 18.75 -34.32
CA GLY DB 57 119.96 17.98 -35.53
C GLY DB 57 119.52 16.57 -35.20
N VAL DB 58 118.41 16.46 -34.47
CA VAL DB 58 117.78 15.18 -34.12
C VAL DB 58 116.37 15.20 -34.67
N VAL DB 59 116.03 14.17 -35.45
CA VAL DB 59 114.71 14.08 -36.09
C VAL DB 59 113.64 13.56 -35.11
N PRO DB 60 112.38 14.02 -35.28
CA PRO DB 60 111.23 13.41 -34.60
C PRO DB 60 111.03 11.94 -34.95
N ILE DB 61 110.32 11.23 -34.08
CA ILE DB 61 110.00 9.81 -34.30
C ILE DB 61 108.49 9.58 -34.34
N LYS DB 62 108.07 8.65 -35.18
CA LYS DB 62 106.69 8.18 -35.23
C LYS DB 62 106.67 6.77 -34.64
N ASP DB 63 105.96 6.61 -33.53
CA ASP DB 63 105.94 5.34 -32.79
C ASP DB 63 104.99 4.35 -33.47
N VAL DB 64 105.46 3.12 -33.67
CA VAL DB 64 104.70 2.08 -34.38
C VAL DB 64 104.91 0.72 -33.70
N LYS DB 65 104.32 0.52 -32.53
CA LYS DB 65 104.36 -0.79 -31.86
C LYS DB 65 103.55 -1.82 -32.65
N LEU DB 66 104.16 -2.99 -32.89
CA LEU DB 66 103.77 -3.87 -33.98
C LEU DB 66 104.24 -5.31 -33.73
N ASP DB 67 103.33 -6.29 -33.79
CA ASP DB 67 103.71 -7.71 -33.72
C ASP DB 67 104.33 -8.13 -35.05
N PHE DB 68 105.66 -8.25 -35.08
CA PHE DB 68 106.40 -8.48 -36.33
C PHE DB 68 106.12 -9.86 -36.92
N ASP DB 69 106.25 -10.88 -36.10
CA ASP DB 69 106.08 -12.28 -36.52
C ASP DB 69 104.67 -12.55 -37.07
N ARG DB 70 103.66 -12.05 -36.36
CA ARG DB 70 102.27 -12.15 -36.80
C ARG DB 70 102.03 -11.50 -38.15
N THR DB 71 102.54 -10.28 -38.28
CA THR DB 71 102.45 -9.51 -39.52
C THR DB 71 103.07 -10.28 -40.69
N LYS DB 72 104.26 -10.80 -40.47
CA LYS DB 72 104.97 -11.65 -41.45
C LYS DB 72 104.13 -12.84 -41.87
N TYR DB 73 103.59 -13.55 -40.88
CA TYR DB 73 102.70 -14.68 -41.13
C TYR DB 73 101.53 -14.28 -42.03
N TRP DB 74 100.88 -13.18 -41.67
CA TRP DB 74 99.73 -12.67 -42.44
C TRP DB 74 100.09 -12.30 -43.88
N ILE DB 75 101.27 -11.71 -44.05
CA ILE DB 75 101.82 -11.42 -45.38
C ILE DB 75 102.02 -12.71 -46.18
N GLY DB 76 102.59 -13.72 -45.52
CA GLY DB 76 102.83 -15.03 -46.13
C GLY DB 76 101.59 -15.72 -46.63
N VAL DB 77 100.54 -15.74 -45.80
CA VAL DB 77 99.26 -16.33 -46.21
C VAL DB 77 98.50 -15.51 -47.28
N GLY DB 78 98.97 -14.28 -47.54
CA GLY DB 78 98.56 -13.51 -48.71
C GLY DB 78 97.51 -12.46 -48.39
N ALA DB 79 97.74 -11.72 -47.30
CA ALA DB 79 96.86 -10.64 -46.89
C ALA DB 79 97.50 -9.33 -47.36
N GLN DB 80 96.92 -8.74 -48.41
CA GLN DB 80 97.53 -7.56 -49.05
C GLN DB 80 97.44 -6.32 -48.16
N PRO DB 81 98.58 -5.64 -47.95
CA PRO DB 81 98.59 -4.42 -47.14
C PRO DB 81 98.06 -3.23 -47.92
N SER DB 82 97.51 -2.24 -47.21
CA SER DB 82 97.09 -0.98 -47.81
C SER DB 82 98.31 -0.13 -48.20
N GLU DB 83 98.05 0.96 -48.92
CA GLU DB 83 99.12 1.83 -49.46
C GLU DB 83 100.01 2.44 -48.36
N THR DB 84 99.40 2.76 -47.22
CA THR DB 84 100.09 3.34 -46.07
C THR DB 84 100.75 2.26 -45.23
N VAL DB 85 100.00 1.21 -44.95
CA VAL DB 85 100.48 0.05 -44.19
C VAL DB 85 101.71 -0.58 -44.85
N THR DB 86 101.64 -0.81 -46.16
CA THR DB 86 102.75 -1.41 -46.91
C THR DB 86 104.01 -0.55 -46.84
N LYS DB 87 103.82 0.78 -46.90
CA LYS DB 87 104.91 1.74 -46.76
C LYS DB 87 105.56 1.63 -45.39
N LEU DB 88 104.71 1.58 -44.36
CA LEU DB 88 105.14 1.42 -42.97
C LEU DB 88 105.99 0.16 -42.80
N LEU DB 89 105.48 -0.95 -43.33
CA LEU DB 89 106.16 -2.25 -43.31
C LEU DB 89 107.52 -2.21 -43.98
N ARG DB 90 107.56 -1.55 -45.14
CA ARG DB 90 108.80 -1.33 -45.90
C ARG DB 90 109.83 -0.57 -45.07
N LYS DB 91 109.35 0.49 -44.43
CA LYS DB 91 110.17 1.35 -43.57
C LYS DB 91 110.77 0.55 -42.40
N ALA DB 92 109.93 -0.28 -41.78
CA ALA DB 92 110.35 -1.19 -40.71
C ALA DB 92 111.44 -2.14 -41.17
N GLY DB 93 111.22 -2.73 -42.35
CA GLY DB 93 112.15 -3.72 -42.92
C GLY DB 93 111.60 -5.12 -43.05
N ILE DB 94 110.27 -5.29 -42.94
CA ILE DB 94 109.62 -6.58 -43.22
C ILE DB 94 109.61 -6.75 -44.74
N LEU DB 95 108.92 -5.85 -45.43
CA LEU DB 95 108.76 -5.94 -46.89
C LEU DB 95 109.95 -5.33 -47.63
N ASN DB 96 110.18 -5.83 -48.85
CA ASN DB 96 111.31 -5.43 -49.69
C ASN DB 96 110.99 -4.18 -50.52
N ASP DB 97 111.94 -3.80 -51.38
CA ASP DB 97 111.72 -2.80 -52.44
C ASP DB 97 110.65 -3.25 -53.45
N ALA DB 98 110.48 -4.56 -53.61
CA ALA DB 98 109.45 -5.15 -54.49
C ALA DB 98 108.05 -4.52 -54.38
N TRP DB 99 107.63 -4.20 -53.16
CA TRP DB 99 106.31 -3.59 -52.92
C TRP DB 99 106.22 -2.10 -53.28
N ALA DB 100 107.37 -1.43 -53.36
CA ALA DB 100 107.42 0.01 -53.66
C ALA DB 100 106.89 0.31 -55.06
N THR DB 101 105.81 1.10 -55.12
CA THR DB 101 105.22 1.53 -56.39
C THR DB 101 106.06 2.60 -57.10
N SER DB 102 105.65 2.96 -58.32
CA SER DB 102 106.39 3.91 -59.15
C SER DB 102 106.42 5.34 -58.59
N LYS DB 103 105.35 5.74 -57.92
CA LYS DB 103 105.25 7.06 -57.28
C LYS DB 103 106.25 7.24 -56.12
N ASN DB 104 106.47 6.17 -55.36
CA ASN DB 104 107.38 6.21 -54.20
C ASN DB 104 108.83 6.23 -54.64
N SER DB 105 109.23 5.17 -55.34
CA SER DB 105 110.61 4.98 -55.85
C SER DB 105 111.66 5.01 -54.74
N ARG DB 109 118.08 10.64 -54.11
CA ARG DB 109 117.70 10.64 -52.69
C ARG DB 109 118.67 9.80 -51.85
N LYS DB 110 119.69 10.46 -51.31
CA LYS DB 110 120.72 9.80 -50.51
C LYS DB 110 120.22 9.50 -49.10
N VAL DB 111 120.53 8.30 -48.61
CA VAL DB 111 120.15 7.90 -47.24
C VAL DB 111 121.14 8.51 -46.23
N VAL DB 112 120.59 9.04 -45.13
CA VAL DB 112 121.38 9.64 -44.05
C VAL DB 112 121.65 8.58 -42.98
N PHE DB 113 120.58 8.00 -42.46
CA PHE DB 113 120.63 7.01 -41.38
C PHE DB 113 120.09 5.67 -41.87
N GLU DB 114 120.84 4.60 -41.61
CA GLU DB 114 120.46 3.24 -42.02
C GLU DB 114 119.69 2.54 -40.90
N ARG DB 115 118.86 1.56 -41.26
CA ARG DB 115 118.08 0.79 -40.29
C ARG DB 115 118.96 -0.10 -39.42
N MET DB 116 118.49 -0.40 -38.21
CA MET DB 116 119.11 -1.42 -37.36
C MET DB 116 118.16 -1.90 -36.27
N GLU DB 117 118.25 -3.18 -35.94
CA GLU DB 117 117.57 -3.74 -34.77
C GLU DB 117 118.36 -3.38 -33.51
N THR DB 118 117.64 -2.99 -32.46
CA THR DB 118 118.23 -2.65 -31.16
C THR DB 118 117.40 -3.31 -30.05
N LEU DB 119 117.83 -3.14 -28.80
CA LEU DB 119 117.14 -3.67 -27.64
C LEU DB 119 117.01 -2.61 -26.55
N ALA EB 2 84.97 -36.59 -25.72
CA ALA EB 2 84.61 -35.77 -26.92
C ALA EB 2 83.11 -35.55 -27.04
N ARG EB 3 82.37 -36.66 -27.19
CA ARG EB 3 80.91 -36.62 -27.19
C ARG EB 3 80.37 -36.20 -25.83
N GLN EB 4 79.22 -35.55 -25.83
CA GLN EB 4 78.53 -35.15 -24.62
C GLN EB 4 77.84 -36.36 -23.99
N ASN EB 5 78.27 -36.74 -22.79
CA ASN EB 5 77.71 -37.89 -22.06
C ASN EB 5 77.01 -37.47 -20.77
N PHE EB 6 76.00 -38.24 -20.38
CA PHE EB 6 75.24 -38.02 -19.14
C PHE EB 6 74.88 -39.36 -18.51
N LEU EB 7 75.06 -39.47 -17.19
CA LEU EB 7 74.56 -40.63 -16.45
C LEU EB 7 73.08 -40.41 -16.16
N GLY EB 8 72.23 -41.28 -16.70
CA GLY EB 8 70.79 -41.15 -16.60
C GLY EB 8 70.16 -42.21 -15.71
N LEU EB 9 68.83 -42.25 -15.72
CA LEU EB 9 68.07 -43.33 -15.10
C LEU EB 9 66.78 -43.52 -15.90
N VAL EB 10 66.70 -44.65 -16.63
CA VAL EB 10 65.59 -44.89 -17.56
C VAL EB 10 64.22 -44.91 -16.85
N VAL EB 11 63.44 -43.86 -17.11
CA VAL EB 11 62.15 -43.63 -16.44
C VAL EB 11 61.05 -44.48 -17.07
N SER EB 12 60.82 -44.27 -18.36
CA SER EB 12 59.79 -45.01 -19.11
C SER EB 12 60.45 -45.84 -20.21
N GLN EB 13 59.78 -46.94 -20.57
CA GLN EB 13 60.26 -47.84 -21.62
C GLN EB 13 59.11 -48.66 -22.19
N GLY EB 14 59.20 -49.00 -23.46
CA GLY EB 14 58.21 -49.82 -24.15
C GLY EB 14 56.93 -49.11 -24.55
N LYS EB 15 56.95 -47.77 -24.55
CA LYS EB 15 55.85 -46.96 -25.05
C LYS EB 15 56.15 -46.56 -26.48
N MET EB 16 57.34 -45.99 -26.69
CA MET EB 16 57.85 -45.69 -28.03
C MET EB 16 58.67 -46.87 -28.56
N GLN EB 17 58.66 -47.03 -29.88
CA GLN EB 17 59.47 -48.05 -30.55
C GLN EB 17 60.89 -47.54 -30.69
N LYS EB 18 61.84 -48.28 -30.12
CA LYS EB 18 63.28 -47.98 -30.23
C LYS EB 18 63.70 -46.65 -29.55
N THR EB 19 62.89 -46.19 -28.61
CA THR EB 19 63.12 -44.93 -27.89
C THR EB 19 62.81 -45.15 -26.42
N VAL EB 20 63.50 -44.41 -25.56
CA VAL EB 20 63.39 -44.61 -24.11
C VAL EB 20 63.61 -43.27 -23.40
N LYS EB 21 62.74 -42.95 -22.45
CA LYS EB 21 62.83 -41.68 -21.72
C LYS EB 21 63.76 -41.84 -20.52
N VAL EB 22 64.94 -41.23 -20.63
CA VAL EB 22 65.93 -41.25 -19.55
C VAL EB 22 65.88 -39.91 -18.81
N ARG EB 23 66.00 -39.96 -17.49
CA ARG EB 23 66.09 -38.78 -16.64
C ARG EB 23 67.54 -38.58 -16.24
N VAL EB 24 68.11 -37.43 -16.57
CA VAL EB 24 69.42 -37.04 -16.03
C VAL EB 24 69.21 -36.12 -14.83
N GLU EB 25 70.32 -35.77 -14.17
CA GLU EB 25 70.27 -34.94 -12.96
C GLU EB 25 71.63 -34.29 -12.76
N THR EB 26 71.69 -32.96 -12.89
CA THR EB 26 72.94 -32.20 -12.94
C THR EB 26 72.95 -31.10 -11.88
N LYS EB 27 74.05 -30.99 -11.14
CA LYS EB 27 74.20 -29.98 -10.09
C LYS EB 27 74.39 -28.59 -10.67
N VAL EB 28 73.67 -27.62 -10.10
CA VAL EB 28 73.73 -26.22 -10.53
C VAL EB 28 73.66 -25.33 -9.29
N PHE EB 29 74.56 -24.35 -9.21
CA PHE EB 29 74.56 -23.41 -8.10
C PHE EB 29 73.56 -22.28 -8.36
N ASN EB 30 72.52 -22.25 -7.55
CA ASN EB 30 71.49 -21.21 -7.60
C ASN EB 30 71.89 -20.08 -6.66
N LYS EB 31 72.14 -18.90 -7.24
CA LYS EB 31 72.68 -17.74 -6.52
C LYS EB 31 71.69 -17.10 -5.55
N LYS EB 32 70.43 -17.01 -5.96
CA LYS EB 32 69.36 -16.41 -5.14
C LYS EB 32 69.16 -17.17 -3.83
N ILE EB 33 68.83 -18.45 -3.96
CA ILE EB 33 68.64 -19.35 -2.81
C ILE EB 33 69.96 -19.60 -2.05
N ASN EB 34 71.07 -19.60 -2.79
CA ASN EB 34 72.41 -19.92 -2.27
C ASN EB 34 72.53 -21.39 -1.83
N LYS EB 35 72.35 -22.30 -2.78
CA LYS EB 35 72.72 -23.71 -2.61
C LYS EB 35 72.84 -24.42 -3.95
N GLU EB 36 73.79 -25.35 -4.04
CA GLU EB 36 73.98 -26.17 -5.23
C GLU EB 36 72.93 -27.27 -5.23
N LEU EB 37 72.09 -27.31 -6.26
CA LEU EB 37 71.01 -28.29 -6.36
C LEU EB 37 70.87 -28.90 -7.75
N PHE EB 38 70.21 -30.06 -7.78
CA PHE EB 38 70.16 -30.90 -8.97
C PHE EB 38 69.05 -30.47 -9.93
N HIS EB 39 69.42 -29.69 -10.95
CA HIS EB 39 68.52 -29.40 -12.06
C HIS EB 39 68.38 -30.65 -12.91
N ARG EB 40 67.21 -31.28 -12.85
CA ARG EB 40 66.95 -32.50 -13.61
C ARG EB 40 66.26 -32.21 -14.93
N ARG EB 41 66.24 -33.23 -15.79
CA ARG EB 41 65.65 -33.14 -17.12
C ARG EB 41 65.47 -34.54 -17.71
N ASP EB 42 64.34 -34.77 -18.36
CA ASP EB 42 64.11 -36.02 -19.09
C ASP EB 42 64.51 -35.85 -20.56
N TYR EB 43 65.26 -36.83 -21.07
CA TYR EB 43 65.68 -36.89 -22.46
C TYR EB 43 64.99 -38.07 -23.11
N LEU EB 44 64.57 -37.90 -24.36
CA LEU EB 44 64.17 -39.03 -25.20
C LEU EB 44 65.45 -39.57 -25.82
N VAL EB 45 65.78 -40.83 -25.51
CA VAL EB 45 67.08 -41.41 -25.87
C VAL EB 45 66.88 -42.67 -26.70
N HIS EB 46 67.78 -42.86 -27.66
CA HIS EB 46 67.72 -44.00 -28.58
C HIS EB 46 68.20 -45.28 -27.94
N ASP EB 47 67.66 -46.40 -28.43
CA ASP EB 47 67.92 -47.72 -27.88
C ASP EB 47 67.71 -48.78 -28.96
N GLU EB 48 68.70 -48.93 -29.84
CA GLU EB 48 68.62 -49.92 -30.94
C GLU EB 48 68.65 -51.36 -30.46
N GLY EB 49 69.40 -51.62 -29.39
CA GLY EB 49 69.42 -52.94 -28.76
C GLY EB 49 68.09 -53.35 -28.13
N GLU EB 50 67.27 -52.36 -27.76
CA GLU EB 50 66.03 -52.57 -26.99
C GLU EB 50 66.39 -53.17 -25.63
N ILE EB 51 67.52 -52.71 -25.09
CA ILE EB 51 68.20 -53.36 -23.97
C ILE EB 51 67.78 -52.81 -22.60
N SER EB 52 67.48 -51.50 -22.53
CA SER EB 52 67.03 -50.88 -21.27
C SER EB 52 65.60 -51.26 -20.93
N ARG EB 53 65.28 -51.15 -19.64
CA ARG EB 53 63.91 -51.32 -19.13
C ARG EB 53 63.76 -50.51 -17.83
N GLU EB 54 62.55 -50.01 -17.59
CA GLU EB 54 62.33 -48.95 -16.58
C GLU EB 54 62.83 -49.29 -15.17
N GLY EB 55 64.02 -48.76 -14.86
CA GLY EB 55 64.75 -49.04 -13.62
C GLY EB 55 66.25 -48.86 -13.72
N ASP EB 56 66.82 -49.18 -14.88
CA ASP EB 56 68.28 -49.17 -15.07
C ASP EB 56 68.87 -47.76 -15.05
N LEU EB 57 70.13 -47.67 -14.63
CA LEU EB 57 70.95 -46.49 -14.88
C LEU EB 57 71.74 -46.75 -16.15
N VAL EB 58 72.03 -45.68 -16.88
CA VAL EB 58 72.68 -45.76 -18.17
C VAL EB 58 73.60 -44.57 -18.40
N ARG EB 59 74.58 -44.77 -19.27
CA ARG EB 59 75.37 -43.68 -19.81
C ARG EB 59 74.87 -43.40 -21.21
N ILE EB 60 74.15 -42.30 -21.37
CA ILE EB 60 73.68 -41.86 -22.69
C ILE EB 60 74.75 -40.96 -23.30
N GLU EB 61 74.92 -41.03 -24.62
CA GLU EB 61 75.90 -40.21 -25.33
C GLU EB 61 75.25 -39.41 -26.46
N ALA EB 62 75.89 -38.31 -26.84
CA ALA EB 62 75.39 -37.44 -27.90
C ALA EB 62 75.58 -38.08 -29.27
N THR EB 63 74.54 -38.00 -30.09
CA THR EB 63 74.55 -38.54 -31.45
C THR EB 63 74.16 -37.43 -32.41
N ARG EB 64 73.97 -37.79 -33.68
CA ARG EB 64 73.30 -36.92 -34.64
C ARG EB 64 71.82 -36.76 -34.22
N PRO EB 65 71.13 -35.73 -34.74
CA PRO EB 65 69.68 -35.66 -34.55
C PRO EB 65 68.96 -36.83 -35.20
N LEU EB 66 68.50 -37.78 -34.38
CA LEU EB 66 67.78 -38.96 -34.88
C LEU EB 66 66.33 -38.63 -35.20
N SER EB 67 65.75 -37.68 -34.48
CA SER EB 67 64.39 -37.22 -34.74
C SER EB 67 64.18 -35.77 -34.27
N LYS EB 68 62.94 -35.31 -34.40
CA LYS EB 68 62.47 -34.00 -33.92
C LYS EB 68 63.12 -33.56 -32.61
N ARG EB 69 63.00 -34.40 -31.58
CA ARG EB 69 63.50 -34.08 -30.25
C ARG EB 69 64.18 -35.29 -29.59
N LYS EB 70 65.24 -35.75 -30.24
CA LYS EB 70 65.90 -37.01 -29.88
C LYS EB 70 67.33 -37.04 -30.45
N PHE EB 71 68.28 -36.65 -29.60
CA PHE EB 71 69.67 -36.40 -30.03
C PHE EB 71 70.69 -37.20 -29.23
N PHE EB 72 70.23 -38.24 -28.53
CA PHE EB 72 71.10 -39.05 -27.68
C PHE EB 72 70.78 -40.54 -27.85
N ALA EB 73 71.76 -41.37 -27.55
CA ALA EB 73 71.61 -42.83 -27.60
C ALA EB 73 72.24 -43.46 -26.36
N ILE EB 74 71.71 -44.60 -25.95
CA ILE EB 74 72.23 -45.33 -24.80
C ILE EB 74 73.57 -45.96 -25.18
N ALA EB 75 74.63 -45.51 -24.52
CA ALA EB 75 75.98 -46.01 -24.75
C ALA EB 75 76.29 -47.25 -23.91
N GLU EB 76 75.73 -47.32 -22.70
CA GLU EB 76 76.00 -48.40 -21.76
C GLU EB 76 74.92 -48.51 -20.70
N ILE EB 77 74.50 -49.75 -20.41
CA ILE EB 77 73.74 -50.06 -19.19
C ILE EB 77 74.79 -50.13 -18.09
N ILE EB 78 74.63 -49.31 -17.05
CA ILE EB 78 75.61 -49.26 -15.96
C ILE EB 78 75.21 -50.08 -14.72
N ARG EB 79 73.90 -50.14 -14.45
CA ARG EB 79 73.38 -50.94 -13.34
C ARG EB 79 71.99 -51.46 -13.67
N ASN EB 80 71.85 -52.78 -13.74
CA ASN EB 80 70.66 -53.43 -14.27
C ASN EB 80 69.65 -53.84 -13.19
N LYS EB 81 68.72 -52.93 -12.89
CA LYS EB 81 67.63 -53.19 -11.92
C LYS EB 81 66.27 -53.40 -12.58
N GLY EB 82 66.01 -52.69 -13.69
CA GLY EB 82 64.71 -52.75 -14.37
C GLY EB 82 64.39 -54.05 -15.08
N GLN EB 83 65.41 -54.65 -15.71
CA GLN EB 83 65.24 -55.93 -16.43
C GLN EB 83 64.94 -57.11 -15.50
N GLN EB 84 65.42 -57.03 -14.25
CA GLN EB 84 65.17 -58.06 -13.24
C GLN EB 84 63.67 -58.19 -12.90
N PHE EB 85 62.96 -57.06 -12.88
CA PHE EB 85 61.55 -57.00 -12.49
C PHE EB 85 60.62 -57.77 -13.42
N ALA EB 86 60.97 -57.84 -14.72
CA ALA EB 86 60.15 -58.50 -15.73
C ALA EB 86 60.07 -60.02 -15.57
N LEU EB 87 61.19 -60.64 -15.23
CA LEU EB 87 61.25 -62.09 -14.98
C LEU EB 87 60.54 -62.46 -13.69
N TYR EB 88 60.87 -61.70 -12.63
CA TYR EB 88 60.50 -62.02 -11.26
C TYR EB 88 58.99 -62.22 -11.06
N GLU EB 89 58.22 -61.28 -11.58
CA GLU EB 89 56.76 -61.31 -11.46
C GLU EB 89 56.15 -62.58 -12.08
N SER EB 90 56.66 -62.96 -13.25
CA SER EB 90 56.21 -64.18 -13.94
C SER EB 90 56.62 -65.42 -13.16
N GLU EB 91 57.86 -65.42 -12.67
CA GLU EB 91 58.41 -66.49 -11.84
C GLU EB 91 57.61 -66.66 -10.55
N ALA EB 92 57.28 -65.53 -9.94
CA ALA EB 92 56.44 -65.48 -8.73
C ALA EB 92 55.07 -66.12 -8.99
N GLN EB 93 54.43 -65.68 -10.08
CA GLN EB 93 53.14 -66.22 -10.52
C GLN EB 93 53.16 -67.74 -10.67
N LEU EB 94 54.19 -68.24 -11.35
CA LEU EB 94 54.42 -69.67 -11.53
C LEU EB 94 54.54 -70.41 -10.20
N SER EB 95 55.34 -69.84 -9.30
CA SER EB 95 55.57 -70.40 -7.96
C SER EB 95 54.29 -70.48 -7.13
N VAL EB 96 53.50 -69.42 -7.18
CA VAL EB 96 52.43 -69.18 -6.21
C VAL EB 96 51.23 -70.10 -6.43
N ALA EB 97 50.72 -70.13 -7.65
CA ALA EB 97 49.45 -70.76 -7.96
C ALA EB 97 49.41 -72.25 -7.60
N LYS EB 98 50.45 -72.97 -8.01
CA LYS EB 98 50.58 -74.40 -7.69
C LYS EB 98 50.74 -74.68 -6.20
N GLU EB 99 51.39 -73.76 -5.48
CA GLU EB 99 51.58 -73.86 -4.03
C GLU EB 99 50.25 -73.66 -3.30
N GLU EB 100 49.54 -72.61 -3.70
CA GLU EB 100 48.18 -72.31 -3.20
C GLU EB 100 47.25 -73.49 -3.42
N ALA EB 101 47.35 -74.03 -4.62
CA ALA EB 101 46.62 -75.21 -5.04
C ALA EB 101 46.88 -76.42 -4.15
N GLN EB 102 48.15 -76.69 -3.90
CA GLN EB 102 48.58 -77.77 -3.01
C GLN EB 102 48.03 -77.60 -1.59
N LYS EB 103 48.15 -76.38 -1.08
CA LYS EB 103 47.63 -75.99 0.23
C LYS EB 103 46.14 -76.29 0.33
N ALA EB 104 45.46 -76.05 -0.79
CA ALA EB 104 44.06 -76.38 -1.00
C ALA EB 104 43.69 -77.80 -0.73
N LYS EB 105 44.37 -78.68 -1.46
CA LYS EB 105 44.17 -80.11 -1.35
C LYS EB 105 44.37 -80.57 0.06
N GLU EB 106 45.42 -80.02 0.69
CA GLU EB 106 45.76 -80.34 2.07
C GLU EB 106 44.64 -79.97 3.03
N PHE EB 107 44.09 -78.78 2.85
CA PHE EB 107 42.93 -78.32 3.63
C PHE EB 107 41.71 -79.21 3.43
N LEU EB 108 41.42 -79.52 2.17
CA LEU EB 108 40.32 -80.43 1.80
C LEU EB 108 40.48 -81.81 2.44
N ASP EB 109 41.71 -82.33 2.38
CA ASP EB 109 42.05 -83.61 2.99
C ASP EB 109 41.80 -83.59 4.49
N LYS EB 110 42.29 -82.53 5.14
CA LYS EB 110 42.10 -82.32 6.58
C LYS EB 110 40.62 -82.28 6.98
N ARG EB 111 39.84 -81.58 6.16
CA ARG EB 111 38.39 -81.48 6.34
C ARG EB 111 37.71 -82.85 6.25
N SER EB 112 38.11 -83.62 5.24
CA SER EB 112 37.62 -84.99 5.03
C SER EB 112 37.94 -85.90 6.22
N VAL EB 113 39.17 -85.78 6.73
CA VAL EB 113 39.63 -86.51 7.92
C VAL EB 113 38.76 -86.17 9.13
N ARG EB 114 38.50 -84.89 9.31
CA ARG EB 114 37.66 -84.37 10.40
C ARG EB 114 36.24 -84.95 10.32
N GLU EB 115 35.68 -84.94 9.12
CA GLU EB 115 34.36 -85.52 8.84
C GLU EB 115 34.29 -87.01 9.19
N ASN EB 116 35.32 -87.74 8.77
CA ASN EB 116 35.45 -89.17 9.08
C ASN EB 116 35.43 -89.41 10.60
N LYS EB 117 36.22 -88.61 11.32
CA LYS EB 117 36.14 -88.47 12.77
C LYS EB 117 36.60 -89.75 13.51
N LEU EB 124 36.83 -90.37 22.24
CA LEU EB 124 38.19 -90.67 22.69
C LEU EB 124 38.20 -91.15 24.14
N LEU EB 125 37.50 -90.41 25.01
CA LEU EB 125 37.40 -90.73 26.44
C LEU EB 125 36.80 -92.11 26.66
N ARG EB 126 35.72 -92.37 25.93
CA ARG EB 126 35.06 -93.69 25.94
C ARG EB 126 36.02 -94.81 25.52
N ASP EB 127 36.76 -94.57 24.45
CA ASP EB 127 37.76 -95.53 23.94
C ASP EB 127 38.82 -95.84 25.00
N ILE EB 128 39.32 -94.78 25.64
CA ILE EB 128 40.27 -94.89 26.77
C ILE EB 128 39.71 -95.75 27.91
N ARG EB 129 38.46 -95.47 28.28
CA ARG EB 129 37.75 -96.24 29.30
C ARG EB 129 37.65 -97.72 28.96
N THR EB 130 37.32 -98.01 27.70
CA THR EB 130 37.20 -99.39 27.20
C THR EB 130 38.54 -100.12 27.24
N ILE EB 131 39.61 -99.41 26.87
CA ILE EB 131 40.98 -99.92 26.94
C ILE EB 131 41.36 -100.28 28.37
N GLN EB 132 41.09 -99.35 29.28
CA GLN EB 132 41.30 -99.54 30.73
C GLN EB 132 40.59 -100.80 31.25
N ASP EB 133 39.32 -100.92 30.88
CA ASP EB 133 38.50 -102.09 31.26
C ASP EB 133 39.10 -103.39 30.76
N ALA EB 134 39.56 -103.38 29.51
CA ALA EB 134 40.23 -104.53 28.89
C ALA EB 134 41.48 -104.95 29.66
N LEU EB 135 42.32 -103.96 30.00
CA LEU EB 135 43.51 -104.19 30.81
C LEU EB 135 43.10 -104.27 32.28
N THR EB 140 38.61 -107.39 26.39
CA THR EB 140 37.98 -108.68 26.15
C THR EB 140 37.24 -108.74 24.81
N PRO EB 141 36.46 -107.70 24.45
CA PRO EB 141 35.79 -107.71 23.14
C PRO EB 141 36.71 -107.45 21.95
N LYS EB 142 36.14 -107.46 20.74
CA LYS EB 142 36.90 -107.23 19.50
C LYS EB 142 36.99 -105.76 19.07
N GLU EB 143 36.42 -104.84 19.88
CA GLU EB 143 36.53 -103.40 19.63
C GLU EB 143 37.92 -102.83 19.92
N LEU EB 144 38.75 -103.56 20.66
CA LEU EB 144 40.15 -103.19 20.92
C LEU EB 144 40.95 -102.96 19.63
N LEU EB 145 40.77 -103.87 18.68
CA LEU EB 145 41.39 -103.78 17.36
C LEU EB 145 40.97 -102.51 16.62
N GLU EB 146 39.66 -102.24 16.64
CA GLU EB 146 39.07 -101.05 16.04
C GLU EB 146 39.65 -99.76 16.65
N ILE EB 147 39.77 -99.75 17.97
CA ILE EB 147 40.36 -98.64 18.73
C ILE EB 147 41.81 -98.40 18.29
N LYS EB 148 42.58 -99.48 18.21
CA LYS EB 148 43.97 -99.45 17.76
C LYS EB 148 44.12 -98.86 16.37
N GLN EB 149 43.24 -99.30 15.46
CA GLN EB 149 43.18 -98.79 14.09
C GLN EB 149 42.93 -97.27 14.04
N ARG EB 150 42.02 -96.79 14.89
CA ARG EB 150 41.75 -95.35 15.00
C ARG EB 150 42.94 -94.61 15.60
N GLU EB 159 51.92 -97.67 28.73
CA GLU EB 159 52.51 -98.39 27.61
C GLU EB 159 51.84 -98.02 26.29
N THR EB 160 50.53 -98.26 26.22
CA THR EB 160 49.69 -97.92 25.07
C THR EB 160 48.94 -96.62 25.31
N VAL EB 161 48.35 -96.50 26.50
CA VAL EB 161 47.61 -95.32 26.94
C VAL EB 161 48.50 -94.07 26.91
N ARG EB 162 49.70 -94.20 27.44
CA ARG EB 162 50.71 -93.13 27.43
C ARG EB 162 51.03 -92.65 26.02
N GLN EB 163 51.23 -93.62 25.12
CA GLN EB 163 51.51 -93.37 23.71
C GLN EB 163 50.37 -92.60 23.04
N LEU EB 164 49.14 -93.04 23.30
CA LEU EB 164 47.94 -92.36 22.82
C LEU EB 164 47.85 -90.91 23.28
N LEU EB 165 48.13 -90.68 24.56
CA LEU EB 165 48.01 -89.36 25.18
C LEU EB 165 49.37 -88.69 25.43
N GLN EB 166 50.32 -88.91 24.52
CA GLN EB 166 51.64 -88.28 24.60
C GLN EB 166 51.55 -86.87 24.05
N LEU EB 167 51.58 -85.88 24.94
CA LEU EB 167 51.39 -84.48 24.56
C LEU EB 167 52.65 -83.83 23.98
N ASP EB 168 52.42 -82.74 23.25
CA ASP EB 168 53.48 -81.95 22.62
C ASP EB 168 54.19 -81.06 23.62
N ILE EB 169 53.42 -80.51 24.56
CA ILE EB 169 53.88 -79.52 25.54
C ILE EB 169 55.00 -80.10 26.40
N SER EB 170 54.76 -81.31 26.89
CA SER EB 170 55.73 -82.06 27.70
C SER EB 170 57.04 -82.31 26.96
N GLY EB 171 56.92 -82.70 25.69
CA GLY EB 171 58.08 -82.90 24.81
C GLY EB 171 58.86 -81.62 24.56
N LEU EB 172 58.13 -80.52 24.38
CA LEU EB 172 58.72 -79.17 24.22
C LEU EB 172 59.50 -78.74 25.46
N GLU EB 173 58.91 -78.99 26.62
CA GLU EB 173 59.50 -78.62 27.93
C GLU EB 173 60.91 -79.18 28.11
N VAL EB 174 61.04 -80.47 27.81
CA VAL EB 174 62.31 -81.19 27.91
C VAL EB 174 63.36 -80.57 27.00
N ASN EB 175 62.95 -80.27 25.77
CA ASN EB 175 63.81 -79.62 24.78
C ASN EB 175 64.29 -78.25 25.24
N LEU EB 176 63.36 -77.47 25.78
CA LEU EB 176 63.66 -76.17 26.40
C LEU EB 176 64.70 -76.26 27.51
N GLU EB 177 64.48 -77.21 28.41
CA GLU EB 177 65.40 -77.48 29.52
C GLU EB 177 66.81 -77.82 29.02
N LYS EB 178 66.86 -78.67 28.00
CA LYS EB 178 68.12 -79.07 27.35
C LYS EB 178 68.83 -77.86 26.73
N GLN EB 179 68.08 -77.02 26.03
CA GLN EB 179 68.60 -75.77 25.46
C GLN EB 179 69.19 -74.85 26.54
N ARG EB 180 68.45 -74.71 27.63
CA ARG EB 180 68.87 -73.91 28.78
C ARG EB 180 70.17 -74.41 29.38
N SER EB 181 70.26 -75.74 29.54
CA SER EB 181 71.46 -76.40 30.06
C SER EB 181 72.68 -76.17 29.16
N LEU EB 182 72.45 -76.28 27.85
CA LEU EB 182 73.47 -76.01 26.84
C LEU EB 182 74.00 -74.58 26.95
N ILE EB 183 73.07 -73.63 27.04
CA ILE EB 183 73.39 -72.20 27.20
C ILE EB 183 74.26 -71.98 28.44
N ASP EB 184 73.85 -72.58 29.56
CA ASP EB 184 74.58 -72.50 30.83
C ASP EB 184 76.01 -73.03 30.71
N ARG EB 185 76.14 -74.21 30.11
CA ARG EB 185 77.44 -74.91 30.02
C ARG EB 185 78.52 -74.12 29.31
N ILE EB 186 78.13 -73.52 28.17
CA ILE EB 186 79.03 -72.70 27.35
C ILE EB 186 79.54 -71.49 28.16
N GLN EB 187 78.60 -70.83 28.83
CA GLN EB 187 78.91 -69.66 29.66
C GLN EB 187 79.83 -69.97 30.84
N THR EB 188 79.49 -71.00 31.60
CA THR EB 188 80.23 -71.40 32.79
C THR EB 188 81.67 -71.80 32.48
N ARG EB 189 81.82 -72.58 31.41
CA ARG EB 189 83.13 -72.97 30.89
C ARG EB 189 83.95 -71.75 30.52
N LEU EB 190 83.34 -70.85 29.76
CA LEU EB 190 83.98 -69.59 29.34
C LEU EB 190 84.46 -68.75 30.52
N SER EB 191 83.60 -68.63 31.52
CA SER EB 191 83.91 -67.89 32.75
C SER EB 191 85.12 -68.50 33.48
N GLU EB 192 85.14 -69.83 33.55
CA GLU EB 192 86.25 -70.59 34.13
C GLU EB 192 87.56 -70.33 33.38
N LEU EB 193 87.48 -70.37 32.05
CA LEU EB 193 88.61 -70.07 31.16
C LEU EB 193 89.17 -68.66 31.39
N LEU EB 194 88.27 -67.69 31.47
CA LEU EB 194 88.63 -66.30 31.78
C LEU EB 194 89.35 -66.16 33.11
N SER EB 195 88.83 -66.87 34.11
CA SER EB 195 89.41 -66.86 35.46
C SER EB 195 90.86 -67.33 35.51
N ASN EB 196 91.16 -68.45 34.83
CA ASN EB 196 92.49 -69.05 34.84
C ASN EB 196 93.25 -68.90 33.52
N ASP EB 197 94.33 -68.11 33.56
CA ASP EB 197 95.11 -67.76 32.36
C ASP EB 197 96.02 -68.89 31.90
N LEU EB 198 96.73 -69.48 32.87
CA LEU EB 198 97.64 -70.61 32.63
C LEU EB 198 96.86 -71.80 32.04
N LYS EB 199 95.74 -72.12 32.67
CA LYS EB 199 94.83 -73.16 32.21
C LYS EB 199 94.38 -72.94 30.77
N CYS EB 200 93.96 -71.70 30.49
CA CYS EB 200 93.47 -71.28 29.17
C CYS EB 200 94.41 -71.60 28.01
N ASP EB 201 95.69 -71.26 28.18
CA ASP EB 201 96.72 -71.53 27.17
C ASP EB 201 96.89 -73.02 26.90
N GLN EB 202 96.91 -73.80 27.99
CA GLN EB 202 96.98 -75.26 27.91
C GLN EB 202 95.79 -75.86 27.17
N PHE EB 203 94.59 -75.37 27.50
CA PHE EB 203 93.35 -75.77 26.84
C PHE EB 203 93.40 -75.50 25.34
N LEU EB 204 93.86 -74.30 24.98
CA LEU EB 204 94.04 -73.90 23.57
C LEU EB 204 94.99 -74.82 22.82
N LYS EB 205 96.11 -75.14 23.45
CA LYS EB 205 97.09 -76.07 22.91
C LYS EB 205 96.50 -77.46 22.67
N ASP EB 206 95.75 -77.95 23.65
CA ASP EB 206 95.05 -79.24 23.56
C ASP EB 206 94.07 -79.27 22.39
N HIS EB 207 93.32 -78.18 22.25
CA HIS EB 207 92.37 -78.00 21.14
C HIS EB 207 93.07 -78.07 19.78
N GLY EB 208 94.14 -77.30 19.62
CA GLY EB 208 94.92 -77.26 18.39
C GLY EB 208 95.83 -76.06 18.30
N ASN EB 218 91.74 -60.93 22.65
CA ASN EB 218 90.41 -60.93 22.04
C ASN EB 218 90.24 -62.10 21.07
N ILE EB 219 91.21 -62.24 20.17
CA ILE EB 219 91.26 -63.34 19.19
C ILE EB 219 91.31 -64.68 19.90
N LYS EB 220 92.17 -64.76 20.92
CA LYS EB 220 92.31 -65.96 21.75
C LYS EB 220 91.00 -66.33 22.45
N LYS EB 221 90.33 -65.31 23.00
CA LYS EB 221 89.03 -65.49 23.64
C LYS EB 221 87.98 -66.03 22.67
N ASN EB 222 87.96 -65.46 21.47
CA ASN EB 222 87.06 -65.90 20.40
C ASN EB 222 87.29 -67.36 20.02
N LEU EB 223 88.56 -67.72 19.89
CA LEU EB 223 88.97 -69.11 19.61
C LEU EB 223 88.50 -70.07 20.69
N LEU EB 224 88.71 -69.67 21.95
CA LEU EB 224 88.24 -70.43 23.12
C LEU EB 224 86.74 -70.67 23.06
N ARG EB 225 85.99 -69.59 22.83
CA ARG EB 225 84.54 -69.65 22.68
C ARG EB 225 84.11 -70.63 21.59
N LYS EB 226 84.76 -70.54 20.44
CA LYS EB 226 84.51 -71.44 19.31
C LYS EB 226 84.73 -72.90 19.69
N HIS EB 227 85.84 -73.15 20.38
CA HIS EB 227 86.17 -74.50 20.88
C HIS EB 227 85.11 -75.03 21.83
N VAL EB 228 84.65 -74.17 22.74
CA VAL EB 228 83.58 -74.49 23.68
C VAL EB 228 82.30 -74.89 22.95
N MET EB 229 81.93 -74.07 21.97
CA MET EB 229 80.75 -74.32 21.12
C MET EB 229 80.84 -75.67 20.41
N MET EB 230 81.99 -75.94 19.83
CA MET EB 230 82.28 -77.22 19.17
C MET EB 230 82.11 -78.41 20.12
N ASP EB 231 82.65 -78.26 21.33
CA ASP EB 231 82.53 -79.28 22.38
C ASP EB 231 81.07 -79.59 22.73
N MET EB 232 80.28 -78.53 22.95
CA MET EB 232 78.86 -78.69 23.31
C MET EB 232 78.01 -78.69 22.04
N LYS FB 1 23.68 -31.56 86.60
CA LYS FB 1 23.57 -32.24 85.26
C LYS FB 1 24.08 -31.33 84.13
N ILE FB 2 24.55 -31.96 83.06
CA ILE FB 2 25.09 -31.23 81.90
C ILE FB 2 25.03 -32.08 80.63
N ASP FB 3 24.97 -31.40 79.48
CA ASP FB 3 24.92 -32.07 78.16
C ASP FB 3 26.22 -32.81 77.80
N GLN FB 4 26.13 -33.67 76.80
CA GLN FB 4 27.25 -34.50 76.35
C GLN FB 4 28.31 -33.75 75.54
N SER FB 5 27.91 -32.68 74.85
CA SER FB 5 28.81 -31.94 73.96
C SER FB 5 29.95 -31.20 74.67
N LEU FB 6 29.74 -30.83 75.94
CA LEU FB 6 30.72 -30.04 76.69
C LEU FB 6 31.48 -30.83 77.77
N SER FB 7 31.79 -32.10 77.49
CA SER FB 7 32.57 -32.93 78.41
C SER FB 7 33.16 -34.13 77.69
N LYS FB 8 34.48 -34.13 77.52
CA LYS FB 8 35.16 -35.19 76.79
C LYS FB 8 35.33 -36.43 77.66
N LYS FB 9 34.72 -37.54 77.23
CA LYS FB 9 34.81 -38.81 77.93
C LYS FB 9 36.08 -39.52 77.47
N LEU FB 10 37.09 -39.54 78.34
CA LEU FB 10 38.37 -40.19 78.04
C LEU FB 10 38.14 -41.70 78.04
N PRO FB 11 38.54 -42.40 76.95
CA PRO FB 11 38.34 -43.87 76.93
C PRO FB 11 39.12 -44.63 78.02
N LYS FB 12 38.80 -45.91 78.15
CA LYS FB 12 39.25 -46.74 79.28
C LYS FB 12 40.76 -46.99 79.28
N GLY FB 13 41.27 -47.51 78.16
CA GLY FB 13 42.69 -47.83 78.04
C GLY FB 13 43.62 -46.67 77.69
N THR FB 14 43.05 -45.50 77.39
CA THR FB 14 43.82 -44.36 76.89
C THR FB 14 44.62 -43.63 77.96
N ILE FB 15 45.60 -42.86 77.47
CA ILE FB 15 46.32 -41.87 78.26
C ILE FB 15 45.53 -40.58 78.16
N TYR FB 16 45.72 -39.69 79.14
CA TYR FB 16 45.18 -38.34 79.08
C TYR FB 16 46.24 -37.30 79.47
N ASP FB 17 45.84 -36.04 79.46
CA ASP FB 17 46.70 -34.90 79.75
C ASP FB 17 45.82 -33.84 80.45
N PRO FB 18 46.39 -33.01 81.33
CA PRO FB 18 45.68 -31.84 81.87
C PRO FB 18 44.89 -31.02 80.84
N PHE FB 19 45.49 -30.75 79.69
CA PHE FB 19 44.81 -30.09 78.56
C PHE FB 19 43.54 -30.83 78.11
N ASP FB 20 43.59 -32.16 78.14
CA ASP FB 20 42.50 -33.02 77.65
C ASP FB 20 41.15 -32.80 78.37
N PHE FB 21 41.18 -32.34 79.61
CA PHE FB 21 39.96 -31.94 80.33
C PHE FB 21 39.30 -30.65 79.83
N SER FB 22 40.05 -29.81 79.11
CA SER FB 22 39.61 -28.46 78.76
C SER FB 22 38.53 -28.37 77.68
N MET FB 23 37.92 -27.19 77.61
CA MET FB 23 37.04 -26.77 76.50
C MET FB 23 37.76 -26.81 75.15
N GLY FB 24 39.00 -26.31 75.15
CA GLY FB 24 39.83 -26.22 73.95
C GLY FB 24 40.10 -27.56 73.29
N ARG FB 25 40.30 -28.59 74.12
CA ARG FB 25 40.44 -29.97 73.64
C ARG FB 25 39.20 -30.43 72.89
N ILE FB 26 38.05 -30.21 73.52
CA ILE FB 26 36.74 -30.58 72.97
C ILE FB 26 36.52 -29.93 71.60
N HIS FB 27 36.83 -28.64 71.53
CA HIS FB 27 36.76 -27.86 70.29
C HIS FB 27 37.63 -28.45 69.19
N LEU FB 28 38.86 -28.81 69.59
CA LEU FB 28 39.84 -29.43 68.70
C LEU FB 28 39.32 -30.76 68.14
N ASP FB 29 38.78 -31.59 69.03
CA ASP FB 29 38.13 -32.86 68.67
C ASP FB 29 36.99 -32.67 67.67
N ARG FB 30 36.16 -31.68 67.94
CA ARG FB 30 35.04 -31.32 67.06
C ARG FB 30 35.50 -30.92 65.67
N LYS FB 31 36.57 -30.13 65.64
CA LYS FB 31 37.19 -29.68 64.39
C LYS FB 31 37.71 -30.84 63.55
N TYR FB 32 38.53 -31.70 64.17
CA TYR FB 32 39.19 -32.80 63.47
C TYR FB 32 38.39 -34.09 63.52
N GLN FB 33 37.71 -34.41 62.42
CA GLN FB 33 36.98 -35.67 62.25
C GLN FB 33 37.17 -36.23 60.85
N ASP FB 42 36.24 -48.24 53.61
CA ASP FB 42 35.01 -48.91 53.19
C ASP FB 42 35.27 -49.83 51.99
N ILE FB 43 34.36 -50.78 51.77
CA ILE FB 43 34.49 -51.81 50.71
C ILE FB 43 34.95 -51.32 49.33
N MET FB 44 34.54 -50.12 48.93
CA MET FB 44 34.98 -49.52 47.66
C MET FB 44 36.41 -48.98 47.76
N LYS FB 45 36.75 -48.37 48.91
CA LYS FB 45 38.13 -47.94 49.18
C LYS FB 45 39.10 -49.12 49.39
N SER FB 46 38.57 -50.26 49.84
CA SER FB 46 39.37 -51.46 50.13
C SER FB 46 40.16 -52.01 48.93
N GLY FB 47 39.66 -51.81 47.72
CA GLY FB 47 40.36 -52.19 46.49
C GLY FB 47 39.64 -53.30 45.75
N ALA FB 48 38.42 -53.01 45.33
CA ALA FB 48 37.62 -53.90 44.49
C ALA FB 48 36.74 -53.04 43.60
N ASN FB 49 36.82 -53.25 42.28
CA ASN FB 49 36.02 -52.47 41.32
C ASN FB 49 34.54 -52.40 41.72
N PRO FB 50 34.00 -51.18 41.94
CA PRO FB 50 32.58 -51.03 42.28
C PRO FB 50 31.57 -51.59 41.27
N LEU FB 51 31.98 -51.84 40.04
CA LEU FB 51 31.11 -52.45 39.02
C LEU FB 51 30.83 -53.96 39.23
N GLU FB 52 31.21 -54.51 40.39
CA GLU FB 52 30.69 -55.80 40.86
C GLU FB 52 29.38 -55.64 41.64
N PHE FB 53 29.11 -54.43 42.13
CA PHE FB 53 28.02 -54.17 43.06
C PHE FB 53 26.74 -53.64 42.39
N TYR FB 54 26.65 -53.73 41.07
CA TYR FB 54 25.47 -53.25 40.33
C TYR FB 54 24.19 -54.07 40.54
N ALA FB 55 24.32 -55.27 41.11
CA ALA FB 55 23.18 -56.05 41.61
C ALA FB 55 23.11 -56.05 43.15
N ARG FB 56 23.69 -55.02 43.77
CA ARG FB 56 23.75 -54.87 45.23
C ARG FB 56 23.42 -53.42 45.62
N PRO FB 57 22.15 -52.97 45.40
CA PRO FB 57 21.69 -51.63 45.79
C PRO FB 57 22.01 -51.20 47.22
N ARG FB 58 21.87 -52.14 48.16
CA ARG FB 58 22.17 -51.89 49.58
C ARG FB 58 23.52 -51.21 49.81
N ILE FB 59 24.54 -51.73 49.14
CA ILE FB 59 25.91 -51.21 49.26
C ILE FB 59 26.10 -49.94 48.42
N LEU FB 60 25.54 -49.91 47.22
CA LEU FB 60 25.60 -48.71 46.36
C LEU FB 60 24.82 -47.52 46.90
N SER FB 61 23.75 -47.78 47.67
CA SER FB 61 22.95 -46.73 48.30
C SER FB 61 23.70 -45.95 49.39
N ARG FB 62 24.79 -46.51 49.91
CA ARG FB 62 25.68 -45.80 50.84
C ARG FB 62 26.39 -44.61 50.17
N TYR FB 63 26.64 -44.73 48.86
CA TYR FB 63 27.33 -43.69 48.08
C TYR FB 63 26.34 -42.78 47.33
N VAL FB 64 25.26 -42.41 48.00
CA VAL FB 64 24.13 -41.73 47.38
C VAL FB 64 23.42 -40.88 48.44
N THR FB 65 22.94 -39.71 48.04
CA THR FB 65 22.21 -38.80 48.93
C THR FB 65 20.80 -39.33 49.18
N SER FB 66 20.19 -38.92 50.29
CA SER FB 66 18.83 -39.35 50.69
C SER FB 66 17.80 -39.35 49.55
N THR FB 67 17.83 -38.32 48.71
CA THR FB 67 16.95 -38.23 47.54
C THR FB 67 17.26 -39.29 46.49
N GLY FB 68 18.55 -39.53 46.24
CA GLY FB 68 19.00 -40.47 45.19
C GLY FB 68 20.22 -40.05 44.39
N ARG FB 69 20.60 -38.76 44.48
CA ARG FB 69 21.80 -38.23 43.82
C ARG FB 69 23.09 -38.98 44.22
N ILE FB 70 24.01 -39.12 43.27
CA ILE FB 70 25.35 -39.67 43.56
C ILE FB 70 26.19 -38.58 44.24
N GLN FB 71 26.98 -38.99 45.22
CA GLN FB 71 27.83 -38.07 45.97
C GLN FB 71 29.13 -37.77 45.22
N HIS FB 72 29.63 -36.56 45.43
CA HIS FB 72 30.84 -36.05 44.76
C HIS FB 72 32.10 -36.70 45.34
N ARG FB 73 33.16 -36.76 44.54
CA ARG FB 73 34.45 -37.33 44.99
C ARG FB 73 35.07 -36.56 46.17
N ASP FB 74 34.75 -35.27 46.29
CA ASP FB 74 35.10 -34.49 47.47
C ASP FB 74 34.43 -35.07 48.73
N ILE FB 75 33.16 -35.44 48.60
CA ILE FB 75 32.38 -36.03 49.69
C ILE FB 75 32.78 -37.48 49.94
N THR FB 76 32.60 -38.34 48.93
CA THR FB 76 32.84 -39.78 49.09
C THR FB 76 34.31 -40.13 49.37
N GLY FB 77 35.23 -39.34 48.82
CA GLY FB 77 36.66 -39.45 49.11
C GLY FB 77 37.32 -40.66 48.49
N LEU FB 78 37.05 -40.88 47.20
CA LEU FB 78 37.53 -42.05 46.47
C LEU FB 78 38.67 -41.69 45.50
N SER FB 79 39.34 -42.73 45.01
CA SER FB 79 40.21 -42.61 43.84
C SER FB 79 39.33 -42.26 42.64
N ALA FB 80 39.82 -41.39 41.76
CA ALA FB 80 39.01 -40.82 40.68
C ALA FB 80 38.41 -41.89 39.77
N LYS FB 81 39.25 -42.83 39.36
CA LYS FB 81 38.85 -44.00 38.59
C LYS FB 81 37.81 -44.83 39.34
N ASN FB 82 38.09 -45.11 40.61
CA ASN FB 82 37.20 -45.90 41.45
C ASN FB 82 35.84 -45.22 41.63
N GLN FB 83 35.88 -43.90 41.81
CA GLN FB 83 34.66 -43.07 41.88
C GLN FB 83 33.83 -43.18 40.61
N ARG FB 84 34.48 -43.09 39.46
CA ARG FB 84 33.79 -43.14 38.16
C ARG FB 84 33.16 -44.52 37.93
N ARG FB 85 33.86 -45.58 38.36
CA ARG FB 85 33.34 -46.96 38.33
C ARG FB 85 32.10 -47.13 39.20
N LEU FB 86 32.17 -46.59 40.41
CA LEU FB 86 31.04 -46.55 41.36
C LEU FB 86 29.83 -45.86 40.73
N SER FB 87 30.07 -44.69 40.14
CA SER FB 87 29.04 -43.92 39.45
C SER FB 87 28.38 -44.71 38.33
N LYS FB 88 29.22 -45.33 37.49
CA LYS FB 88 28.77 -46.22 36.41
C LYS FB 88 27.86 -47.33 36.94
N ALA FB 89 28.32 -48.00 38.00
CA ALA FB 89 27.58 -49.10 38.65
C ALA FB 89 26.22 -48.64 39.14
N ILE FB 90 26.19 -47.46 39.76
CA ILE FB 90 24.95 -46.84 40.24
C ILE FB 90 23.98 -46.60 39.09
N ARG FB 91 24.49 -46.01 38.01
CA ARG FB 91 23.69 -45.72 36.82
C ARG FB 91 23.14 -46.98 36.16
N ARG FB 92 23.95 -48.03 36.14
CA ARG FB 92 23.53 -49.36 35.68
C ARG FB 92 22.39 -49.88 36.54
N CYS FB 93 22.57 -49.78 37.85
CA CYS FB 93 21.57 -50.19 38.84
C CYS FB 93 20.21 -49.55 38.56
N GLN FB 94 20.20 -48.21 38.47
CA GLN FB 94 18.94 -47.48 38.22
C GLN FB 94 18.34 -47.69 36.82
N ALA FB 95 19.17 -48.06 35.85
CA ALA FB 95 18.67 -48.53 34.55
C ALA FB 95 17.89 -49.84 34.71
N ILE FB 96 18.39 -50.73 35.56
CA ILE FB 96 17.67 -51.95 35.95
C ILE FB 96 16.58 -51.51 36.94
N GLY FB 97 15.61 -52.38 37.22
CA GLY FB 97 14.65 -52.15 38.31
C GLY FB 97 15.31 -51.90 39.65
N LEU FB 98 16.06 -52.89 40.15
CA LEU FB 98 16.80 -52.80 41.42
C LEU FB 98 17.60 -51.50 41.57
N MET FB 99 17.29 -50.72 42.61
CA MET FB 99 17.72 -49.32 42.76
C MET FB 99 17.11 -48.45 41.66
N SER GB 1 2.11 69.22 54.16
CA SER GB 1 1.80 69.18 55.61
C SER GB 1 0.44 68.52 55.91
N ARG GB 2 0.48 67.26 56.36
CA ARG GB 2 -0.73 66.52 56.71
C ARG GB 2 -1.36 67.05 58.00
N SER GB 3 -0.57 67.06 59.08
CA SER GB 3 -1.07 67.44 60.40
C SER GB 3 -1.88 68.73 60.33
N VAL GB 4 -3.03 68.75 61.01
CA VAL GB 4 -3.99 69.87 60.94
C VAL GB 4 -3.31 71.22 61.21
N TRP GB 5 -2.47 71.27 62.23
CA TRP GB 5 -1.60 72.43 62.46
C TRP GB 5 -0.51 72.40 61.38
N LYS GB 6 -0.18 73.57 60.81
CA LYS GB 6 0.84 73.74 59.75
C LYS GB 6 0.37 73.44 58.31
N GLY GB 7 -0.82 72.86 58.14
CA GLY GB 7 -1.40 72.65 56.82
C GLY GB 7 -2.01 73.92 56.26
N PRO GB 8 -2.60 73.87 55.05
CA PRO GB 8 -2.54 72.73 54.15
C PRO GB 8 -1.23 72.70 53.34
N ASN GB 9 -1.12 71.74 52.42
CA ASN GB 9 0.00 71.70 51.48
C ASN GB 9 -0.26 72.63 50.30
N ILE GB 10 0.29 73.84 50.39
CA ILE GB 10 0.08 74.91 49.40
C ILE GB 10 1.22 74.90 48.39
N VAL GB 11 0.87 75.15 47.13
CA VAL GB 11 1.83 75.22 46.02
C VAL GB 11 1.50 76.50 45.21
N PRO GB 12 2.51 77.13 44.57
CA PRO GB 12 2.19 78.23 43.64
C PRO GB 12 1.56 77.75 42.33
N LEU GB 13 0.47 78.39 41.91
CA LEU GB 13 -0.23 78.05 40.66
C LEU GB 13 -0.66 79.32 39.91
N PRO GB 14 -0.97 79.19 38.60
CA PRO GB 14 -1.62 80.26 37.85
C PRO GB 14 -3.14 80.21 38.08
N ILE GB 15 -3.55 80.67 39.26
CA ILE GB 15 -4.92 80.51 39.75
C ILE GB 15 -5.79 81.69 39.33
N ARG GB 16 -5.28 82.90 39.57
CA ARG GB 16 -6.06 84.11 39.35
C ARG GB 16 -6.41 84.31 37.87
N GLU GB 17 -5.47 83.99 36.99
CA GLU GB 17 -5.70 84.07 35.53
C GLU GB 17 -6.76 83.06 35.07
N ALA GB 18 -6.73 81.87 35.66
CA ALA GB 18 -7.74 80.83 35.39
C ALA GB 18 -9.13 81.29 35.84
N MET GB 19 -9.17 81.93 37.00
CA MET GB 19 -10.40 82.48 37.57
C MET GB 19 -11.00 83.58 36.69
N THR GB 20 -10.13 84.46 36.18
CA THR GB 20 -10.54 85.55 35.28
C THR GB 20 -11.09 85.01 33.96
N LYS GB 21 -10.32 84.09 33.37
CA LYS GB 21 -10.57 83.58 32.03
C LYS GB 21 -10.29 82.08 32.03
N GLY GB 22 -11.25 81.28 31.57
CA GLY GB 22 -11.18 79.82 31.65
C GLY GB 22 -10.02 79.19 30.88
N THR GB 23 -8.83 79.27 31.48
CA THR GB 23 -7.61 78.66 30.96
C THR GB 23 -7.21 77.56 31.94
N PRO GB 24 -7.26 76.28 31.50
CA PRO GB 24 -6.93 75.18 32.43
C PRO GB 24 -5.52 75.26 33.03
N ILE GB 25 -5.41 74.84 34.29
CA ILE GB 25 -4.13 74.88 35.03
C ILE GB 25 -3.44 73.53 34.90
N ARG GB 26 -2.38 73.48 34.08
CA ARG GB 26 -1.58 72.24 33.95
C ARG GB 26 -0.64 72.07 35.15
N THR GB 27 -1.12 71.31 36.13
CA THR GB 27 -0.37 70.98 37.32
C THR GB 27 0.51 69.75 37.11
N ASN GB 28 1.77 69.86 37.50
CA ASN GB 28 2.64 68.71 37.70
C ASN GB 28 2.97 68.57 39.19
N ALA GB 29 2.09 69.07 40.05
CA ALA GB 29 2.29 69.08 41.49
C ALA GB 29 1.94 67.71 42.06
N ARG GB 30 0.68 67.32 41.92
CA ARG GB 30 0.12 66.05 42.45
C ARG GB 30 0.11 65.89 43.98
N ALA GB 31 0.79 66.79 44.71
CA ALA GB 31 0.80 66.80 46.17
C ALA GB 31 0.29 68.14 46.73
N ALA GB 32 -0.36 68.96 45.89
CA ALA GB 32 -0.98 70.19 46.34
C ALA GB 32 -2.37 69.87 46.83
N THR GB 33 -2.70 70.29 48.05
CA THR GB 33 -4.06 70.13 48.57
C THR GB 33 -5.00 71.04 47.78
N ILE GB 34 -6.16 70.50 47.43
CA ILE GB 34 -7.23 71.28 46.83
C ILE GB 34 -7.76 72.22 47.91
N LEU GB 35 -8.14 73.42 47.50
CA LEU GB 35 -8.64 74.44 48.42
C LEU GB 35 -10.04 74.86 48.02
N PRO GB 36 -10.77 75.56 48.94
CA PRO GB 36 -12.03 76.19 48.56
C PRO GB 36 -11.89 77.31 47.51
N GLN GB 37 -10.70 77.91 47.42
CA GLN GB 37 -10.44 79.00 46.48
C GLN GB 37 -10.37 78.54 45.02
N PHE GB 38 -10.17 77.23 44.79
CA PHE GB 38 -10.36 76.66 43.45
C PHE GB 38 -11.27 75.42 43.44
N VAL GB 39 -12.57 75.70 43.48
CA VAL GB 39 -13.62 74.76 43.06
C VAL GB 39 -14.28 75.39 41.83
N GLY GB 40 -14.46 74.59 40.78
CA GLY GB 40 -14.92 75.09 39.48
C GLY GB 40 -13.83 75.67 38.59
N LEU GB 41 -12.57 75.40 38.92
CA LEU GB 41 -11.44 75.71 38.03
C LEU GB 41 -11.00 74.42 37.35
N LYS GB 42 -10.68 74.51 36.07
CA LYS GB 42 -10.24 73.35 35.29
C LYS GB 42 -8.76 73.10 35.54
N PHE GB 43 -8.44 71.91 36.04
CA PHE GB 43 -7.06 71.48 36.24
C PHE GB 43 -6.69 70.40 35.22
N GLN GB 44 -5.41 70.35 34.88
CA GLN GB 44 -4.87 69.35 33.96
C GLN GB 44 -3.68 68.68 34.65
N ILE GB 45 -4.00 67.74 35.54
CA ILE GB 45 -3.02 67.20 36.50
C ILE GB 45 -2.18 66.11 35.84
N HIS GB 46 -0.88 66.09 36.13
CA HIS GB 46 0.05 65.15 35.50
C HIS GB 46 -0.18 63.72 35.99
N ASN GB 47 0.08 62.76 35.11
CA ASN GB 47 -0.17 61.34 35.34
C ASN GB 47 1.10 60.50 35.18
N GLY GB 48 2.25 61.16 35.20
CA GLY GB 48 3.50 60.58 34.72
C GLY GB 48 3.67 60.80 33.23
N LYS GB 49 2.77 60.22 32.44
CA LYS GB 49 2.82 60.31 30.98
C LYS GB 49 2.08 61.52 30.43
N GLU GB 50 0.77 61.58 30.66
CA GLU GB 50 -0.13 62.53 30.00
C GLU GB 50 -0.95 63.32 31.02
N TYR GB 51 -1.13 64.62 30.77
CA TYR GB 51 -1.89 65.49 31.68
C TYR GB 51 -3.39 65.21 31.58
N VAL GB 52 -4.04 65.13 32.74
CA VAL GB 52 -5.41 64.63 32.89
C VAL GB 52 -6.38 65.78 33.23
N PRO GB 53 -7.41 65.99 32.39
CA PRO GB 53 -8.32 67.11 32.61
C PRO GB 53 -9.36 66.80 33.70
N ILE GB 54 -9.48 67.69 34.68
CA ILE GB 54 -10.41 67.54 35.80
C ILE GB 54 -11.04 68.89 36.17
N GLU GB 55 -12.35 68.89 36.41
CA GLU GB 55 -13.07 70.05 36.95
C GLU GB 55 -13.35 69.80 38.43
N ILE GB 56 -12.74 70.62 39.29
CA ILE GB 56 -12.74 70.39 40.73
C ILE GB 56 -14.10 70.75 41.36
N SER GB 57 -14.84 69.72 41.78
CA SER GB 57 -16.10 69.88 42.50
C SER GB 57 -15.85 70.18 43.98
N GLU GB 58 -16.94 70.51 44.69
CA GLU GB 58 -16.87 70.82 46.12
C GLU GB 58 -16.62 69.60 47.03
N ASP GB 59 -16.81 68.39 46.50
CA ASP GB 59 -16.46 67.16 47.23
C ASP GB 59 -14.95 66.90 47.28
N MET GB 60 -14.19 67.51 46.36
CA MET GB 60 -12.74 67.31 46.29
C MET GB 60 -11.91 68.17 47.27
N VAL GB 61 -12.56 69.05 48.02
CA VAL GB 61 -11.88 70.17 48.71
C VAL GB 61 -10.76 69.72 49.66
N GLY GB 62 -10.94 68.59 50.34
CA GLY GB 62 -9.93 68.09 51.27
C GLY GB 62 -8.71 67.38 50.66
N HIS GB 63 -8.86 66.91 49.42
CA HIS GB 63 -7.92 65.93 48.83
C HIS GB 63 -6.77 66.56 48.06
N LYS GB 64 -5.81 65.72 47.69
CA LYS GB 64 -4.71 66.10 46.81
C LYS GB 64 -5.12 65.95 45.34
N LEU GB 65 -4.45 66.70 44.46
CA LEU GB 65 -4.72 66.64 43.02
C LEU GB 65 -4.28 65.31 42.38
N GLY GB 66 -3.15 64.77 42.85
CA GLY GB 66 -2.63 63.49 42.37
C GLY GB 66 -3.52 62.29 42.63
N GLU GB 67 -4.41 62.43 43.61
CA GLU GB 67 -5.41 61.40 43.92
C GLU GB 67 -6.45 61.20 42.81
N PHE GB 68 -6.61 62.19 41.93
CA PHE GB 68 -7.56 62.13 40.80
C PHE GB 68 -6.93 61.88 39.43
N ALA GB 69 -5.62 61.62 39.39
CA ALA GB 69 -4.90 61.28 38.16
C ALA GB 69 -4.21 59.93 38.35
N PRO GB 70 -4.90 58.82 38.03
CA PRO GB 70 -4.40 57.48 38.37
C PRO GB 70 -3.28 57.03 37.44
N THR GB 71 -2.10 56.80 38.00
CA THR GB 71 -0.85 56.70 37.24
C THR GB 71 -0.72 55.38 36.48
N ARG GB 72 -1.01 54.27 37.16
CA ARG GB 72 -0.95 52.94 36.56
C ARG GB 72 -2.22 52.60 35.79
N LYS GB 73 -2.05 51.78 34.74
CA LYS GB 73 -3.17 51.30 33.93
C LYS GB 73 -3.87 50.17 34.69
N ARG GB 74 -5.15 49.99 34.40
CA ARG GB 74 -5.96 48.96 35.07
C ARG GB 74 -5.49 47.57 34.63
N PHE GB 75 -5.10 46.75 35.62
CA PHE GB 75 -4.47 45.44 35.36
C PHE GB 75 -5.44 44.45 34.70
N SER GB 76 -4.88 43.62 33.81
CA SER GB 76 -5.60 42.50 33.20
C SER GB 76 -4.65 41.34 33.00
N TYR GB 77 -5.21 40.16 32.72
CA TYR GB 77 -4.44 38.97 32.39
C TYR GB 77 -4.80 38.45 31.00
N THR GB 78 -3.77 38.22 30.18
CA THR GB 78 -3.95 37.60 28.86
C THR GB 78 -4.11 36.09 29.03
N GLN GB 79 -5.35 35.62 28.95
CA GLN GB 79 -5.69 34.22 29.22
C GLN GB 79 -5.27 33.31 28.06
N THR GB 80 -3.97 32.97 28.05
CA THR GB 80 -3.38 32.12 27.02
C THR GB 80 -3.04 30.75 27.58
N ALA HB 1 -6.48 -61.02 50.18
CA ALA HB 1 -6.98 -59.95 51.12
C ALA HB 1 -6.31 -60.02 52.49
N GLU HB 2 -6.30 -61.22 53.06
CA GLU HB 2 -5.62 -61.50 54.34
C GLU HB 2 -4.13 -61.17 54.29
N ILE HB 3 -3.50 -61.50 53.17
CA ILE HB 3 -2.08 -61.23 52.94
C ILE HB 3 -1.82 -59.73 52.89
N ALA HB 4 -2.69 -59.02 52.16
CA ALA HB 4 -2.64 -57.55 52.05
C ALA HB 4 -2.77 -56.87 53.41
N ARG HB 5 -3.73 -57.35 54.20
CA ARG HB 5 -3.94 -56.89 55.57
C ARG HB 5 -2.70 -57.07 56.45
N SER HB 6 -2.08 -58.25 56.33
CA SER HB 6 -0.86 -58.58 57.09
C SER HB 6 0.28 -57.62 56.75
N SER HB 7 0.44 -57.31 55.45
CA SER HB 7 1.39 -56.29 54.99
C SER HB 7 0.88 -54.90 55.39
N VAL HB 8 1.11 -54.53 56.64
CA VAL HB 8 0.58 -53.28 57.22
C VAL HB 8 1.38 -52.04 56.78
N GLU HB 9 1.18 -51.65 55.52
CA GLU HB 9 1.84 -50.49 54.92
C GLU HB 9 3.38 -50.55 55.03
N ASN HB 10 3.93 -51.73 54.74
CA ASN HB 10 5.37 -51.96 54.80
C ASN HB 10 6.10 -51.28 53.66
N ALA HB 11 5.54 -51.41 52.45
CA ALA HB 11 6.08 -50.77 51.25
C ALA HB 11 5.96 -49.25 51.28
N GLN HB 12 4.87 -48.72 51.85
CA GLN HB 12 4.64 -47.26 51.92
C GLN HB 12 5.80 -46.46 52.54
N MET HB 13 6.49 -47.04 53.51
CA MET HB 13 7.64 -46.39 54.17
C MET HB 13 8.87 -46.36 53.26
N ARG HB 14 9.20 -47.49 52.64
CA ARG HB 14 10.40 -47.59 51.79
C ARG HB 14 10.21 -47.03 50.37
N PHE HB 15 8.97 -47.04 49.86
CA PHE HB 15 8.67 -46.52 48.51
C PHE HB 15 8.89 -45.00 48.38
N ASN HB 16 8.51 -44.25 49.42
CA ASN HB 16 8.64 -42.79 49.39
C ASN HB 16 10.10 -42.30 49.31
N SER HB 17 10.26 -41.09 48.78
CA SER HB 17 11.59 -40.49 48.59
C SER HB 17 12.17 -39.97 49.90
N GLY HB 18 13.41 -39.49 49.83
CA GLY HB 18 14.08 -38.87 50.97
C GLY HB 18 13.57 -37.48 51.36
N LYS HB 19 12.67 -36.91 50.56
CA LYS HB 19 12.06 -35.60 50.85
C LYS HB 19 10.82 -35.79 51.73
N SER HB 20 11.04 -36.33 52.93
CA SER HB 20 9.96 -36.72 53.85
C SER HB 20 10.52 -37.05 55.22
N ILE HB 21 9.86 -36.54 56.26
CA ILE HB 21 10.31 -36.72 57.65
C ILE HB 21 9.13 -36.80 58.60
N ILE HB 22 9.26 -37.64 59.63
CA ILE HB 22 8.21 -37.83 60.63
C ILE HB 22 8.38 -36.74 61.68
N VAL HB 23 7.30 -36.00 61.93
CA VAL HB 23 7.34 -34.84 62.83
C VAL HB 23 7.29 -35.29 64.29
N ASN HB 24 8.18 -34.71 65.11
CA ASN HB 24 8.04 -34.78 66.56
C ASN HB 24 7.05 -33.70 67.00
N LYS HB 25 6.07 -34.11 67.81
CA LYS HB 25 4.98 -33.21 68.25
C LYS HB 25 5.47 -32.07 69.16
N ASN HB 26 6.58 -32.31 69.85
CA ASN HB 26 7.22 -31.29 70.70
C ASN HB 26 7.82 -30.12 69.91
N ASN HB 27 8.26 -30.36 68.67
CA ASN HB 27 8.93 -29.34 67.86
C ASN HB 27 8.71 -29.53 66.34
N PRO HB 28 7.60 -28.99 65.80
CA PRO HB 28 7.39 -28.97 64.33
C PRO HB 28 8.41 -28.11 63.58
N ALA HB 29 8.76 -26.97 64.19
CA ALA HB 29 9.74 -26.03 63.63
C ALA HB 29 11.09 -26.70 63.36
N GLU HB 30 11.54 -27.51 64.32
CA GLU HB 30 12.77 -28.30 64.19
C GLU HB 30 12.72 -29.24 62.98
N SER HB 31 11.59 -29.92 62.83
CA SER HB 31 11.34 -30.82 61.70
C SER HB 31 11.45 -30.05 60.38
N PHE HB 32 10.76 -28.92 60.30
CA PHE HB 32 10.80 -28.04 59.13
C PHE HB 32 12.21 -27.60 58.76
N LYS HB 33 12.97 -27.18 59.77
CA LYS HB 33 14.38 -26.81 59.61
C LYS HB 33 15.22 -27.95 59.05
N ARG HB 34 14.99 -29.15 59.58
CA ARG HB 34 15.67 -30.36 59.12
C ARG HB 34 15.36 -30.64 57.65
N LEU HB 35 14.09 -30.55 57.30
CA LEU HB 35 13.63 -30.72 55.91
C LEU HB 35 14.34 -29.74 54.99
N ASN HB 36 14.34 -28.47 55.39
CA ASN HB 36 15.01 -27.39 54.65
C ASN HB 36 16.49 -27.70 54.41
N ARG HB 37 17.16 -28.14 55.46
CA ARG HB 37 18.57 -28.57 55.40
C ARG HB 37 18.76 -29.68 54.37
N ILE HB 38 17.92 -30.71 54.46
CA ILE HB 38 17.90 -31.84 53.51
C ILE HB 38 17.77 -31.35 52.06
N MET HB 39 16.85 -30.41 51.85
CA MET HB 39 16.60 -29.85 50.52
C MET HB 39 17.83 -29.11 49.99
N PHE HB 40 18.44 -28.31 50.86
CA PHE HB 40 19.70 -27.61 50.58
C PHE HB 40 20.82 -28.55 50.19
N GLU HB 41 20.97 -29.64 50.95
CA GLU HB 41 21.96 -30.69 50.67
C GLU HB 41 21.76 -31.31 49.29
N ASN HB 42 20.51 -31.62 48.98
CA ASN HB 42 20.13 -32.16 47.67
C ASN HB 42 20.13 -31.13 46.53
N ASN HB 43 20.27 -29.84 46.86
CA ASN HB 43 20.40 -28.73 45.90
C ASN HB 43 19.13 -28.53 45.06
N ILE HB 44 17.99 -28.91 45.62
CA ILE HB 44 16.73 -28.98 44.90
C ILE HB 44 16.19 -27.59 44.51
N PRO HB 45 16.21 -26.61 45.44
CA PRO HB 45 15.77 -25.25 45.08
C PRO HB 45 16.64 -24.61 44.00
N GLY HB 46 17.96 -24.79 44.14
CA GLY HB 46 18.93 -24.29 43.16
C GLY HB 46 18.77 -24.91 41.79
N ASP HB 47 18.49 -26.22 41.75
CA ASP HB 47 18.16 -26.93 40.52
C ASP HB 47 16.90 -26.37 39.87
N LYS HB 48 15.87 -26.18 40.68
CA LYS HB 48 14.59 -25.62 40.24
C LYS HB 48 14.77 -24.24 39.60
N ARG HB 49 15.56 -23.42 40.27
CA ARG HB 49 15.91 -22.06 39.83
C ARG HB 49 16.64 -22.08 38.49
N SER HB 50 17.60 -22.99 38.36
CA SER HB 50 18.35 -23.19 37.11
C SER HB 50 17.43 -23.57 35.95
N GLN HB 51 16.48 -24.44 36.24
CA GLN HB 51 15.55 -24.97 35.23
C GLN HB 51 14.46 -24.02 34.72
N ARG HB 52 14.32 -22.83 35.32
CA ARG HB 52 13.32 -21.86 34.83
C ARG HB 52 13.59 -21.38 33.39
N PHE HB 53 14.86 -21.19 33.05
CA PHE HB 53 15.26 -20.75 31.71
C PHE HB 53 16.28 -21.68 31.07
N TYR HB 54 16.44 -21.52 29.76
CA TYR HB 54 17.45 -22.24 28.99
C TYR HB 54 18.71 -21.37 28.88
N MET HB 55 19.85 -22.02 29.01
CA MET HB 55 21.16 -21.40 28.86
C MET HB 55 21.94 -22.24 27.85
N LYS HB 56 22.56 -21.58 26.86
CA LYS HB 56 23.29 -22.28 25.80
C LYS HB 56 24.37 -23.20 26.40
N PRO HB 57 24.52 -24.42 25.85
CA PRO HB 57 25.31 -25.48 26.51
C PRO HB 57 26.76 -25.09 26.80
N GLY HB 58 27.38 -24.36 25.89
CA GLY HB 58 28.74 -23.86 26.08
C GLY HB 58 28.82 -22.83 27.20
N LYS HB 59 27.80 -21.98 27.28
CA LYS HB 59 27.69 -20.97 28.33
C LYS HB 59 27.53 -21.59 29.72
N VAL HB 60 26.68 -22.62 29.83
CA VAL HB 60 26.48 -23.32 31.10
C VAL HB 60 27.72 -24.11 31.54
N ALA HB 61 28.43 -24.67 30.57
CA ALA HB 61 29.71 -25.35 30.81
C ALA HB 61 30.77 -24.38 31.38
N GLU HB 62 30.86 -23.21 30.75
CA GLU HB 62 31.73 -22.12 31.20
C GLU HB 62 31.41 -21.68 32.63
N LEU HB 63 30.12 -21.52 32.91
CA LEU HB 63 29.65 -21.18 34.26
C LEU HB 63 30.05 -22.23 35.29
N LYS HB 64 29.83 -23.49 34.94
CA LYS HB 64 30.18 -24.64 35.78
C LYS HB 64 31.66 -24.66 36.11
N ARG HB 65 32.48 -24.44 35.08
CA ARG HB 65 33.94 -24.34 35.23
C ARG HB 65 34.32 -23.24 36.21
N SER HB 66 33.73 -22.06 36.01
CA SER HB 66 33.94 -20.89 36.87
C SER HB 66 33.60 -21.18 38.33
N GLN HB 67 32.46 -21.83 38.53
CA GLN HB 67 32.02 -22.26 39.87
C GLN HB 67 33.02 -23.21 40.52
N ARG HB 68 33.50 -24.17 39.73
CA ARG HB 68 34.49 -25.15 40.19
C ARG HB 68 35.76 -24.43 40.64
N HIS HB 69 36.26 -23.55 39.77
CA HIS HB 69 37.44 -22.76 40.08
C HIS HB 69 37.29 -22.01 41.40
N ARG HB 70 36.16 -21.32 41.54
CA ARG HB 70 35.81 -20.55 42.74
C ARG HB 70 35.86 -21.42 44.00
N LYS HB 71 35.26 -22.61 43.89
CA LYS HB 71 35.31 -23.62 44.95
C LYS HB 71 36.73 -23.99 45.35
N GLU HB 72 37.54 -24.32 44.35
CA GLU HB 72 38.93 -24.74 44.56
C GLU HB 72 39.78 -23.63 45.17
N PHE HB 73 39.55 -22.39 44.74
CA PHE HB 73 40.21 -21.22 45.32
C PHE HB 73 39.86 -21.07 46.79
N MET HB 74 38.58 -21.22 47.11
CA MET HB 74 38.10 -21.04 48.49
C MET HB 74 38.77 -22.06 49.43
N MET HB 75 38.84 -23.32 49.03
CA MET HB 75 39.51 -24.33 49.88
C MET HB 75 41.04 -24.17 49.91
N GLY HB 76 41.62 -23.61 48.84
CA GLY HB 76 43.03 -23.20 48.86
C GLY HB 76 43.28 -22.08 49.86
N PHE HB 77 42.37 -21.12 49.88
CA PHE HB 77 42.40 -20.01 50.85
C PHE HB 77 42.28 -20.53 52.28
N LYS HB 78 41.32 -21.42 52.50
CA LYS HB 78 41.09 -22.06 53.80
C LYS HB 78 42.34 -22.76 54.32
N ARG HB 79 42.96 -23.54 53.43
CA ARG HB 79 44.22 -24.23 53.72
C ARG HB 79 45.31 -23.26 54.16
N LEU HB 80 45.42 -22.16 53.42
CA LEU HB 80 46.41 -21.12 53.69
C LEU HB 80 46.20 -20.47 55.06
N ILE HB 81 44.95 -20.13 55.35
CA ILE HB 81 44.59 -19.47 56.60
C ILE HB 81 44.78 -20.39 57.81
N GLU HB 82 44.52 -21.68 57.64
CA GLU HB 82 44.79 -22.68 58.69
C GLU HB 82 46.28 -22.73 59.04
N ILE HB 83 47.11 -22.69 58.01
CA ILE HB 83 48.57 -22.65 58.17
C ILE HB 83 49.00 -21.38 58.89
N VAL HB 84 48.43 -20.24 58.46
CA VAL HB 84 48.69 -18.94 59.07
C VAL HB 84 48.34 -18.95 60.57
N LYS HB 85 47.18 -19.49 60.89
CA LYS HB 85 46.72 -19.67 62.27
C LYS HB 85 47.69 -20.51 63.11
N ASP HB 86 48.17 -21.60 62.51
CA ASP HB 86 49.13 -22.50 63.17
C ASP HB 86 50.44 -21.75 63.48
N ALA HB 87 50.90 -20.99 62.51
CA ALA HB 87 52.13 -20.19 62.63
C ALA HB 87 52.00 -19.16 63.75
N LYS HB 88 50.88 -18.46 63.76
CA LYS HB 88 50.52 -17.50 64.82
C LYS HB 88 50.56 -18.16 66.20
N ARG HB 89 49.91 -19.30 66.32
CA ARG HB 89 49.85 -20.08 67.56
C ARG HB 89 51.23 -20.45 68.07
N LYS HB 90 52.08 -20.92 67.15
CA LYS HB 90 53.42 -21.38 67.50
C LYS HB 90 54.36 -20.23 67.85
N GLY HB 91 54.37 -19.20 67.02
CA GLY HB 91 55.24 -18.03 67.25
C GLY HB 91 55.73 -17.37 65.98
N TYR HB 92 55.86 -18.15 64.90
CA TYR HB 92 56.19 -17.65 63.56
C TYR HB 92 55.28 -16.49 63.16
N MET IB 1 67.11 -17.00 39.11
CA MET IB 1 68.12 -15.94 39.37
C MET IB 1 69.35 -16.13 38.49
N LYS IB 2 69.67 -15.11 37.70
CA LYS IB 2 70.82 -15.14 36.80
C LYS IB 2 72.12 -15.06 37.60
N ILE IB 3 73.19 -15.62 37.03
CA ILE IB 3 74.50 -15.61 37.68
C ILE IB 3 75.06 -14.18 37.60
N GLN IB 4 75.19 -13.55 38.76
CA GLN IB 4 75.61 -12.16 38.86
C GLN IB 4 77.10 -12.02 38.59
N THR IB 5 77.45 -11.25 37.56
CA THR IB 5 78.85 -10.92 37.26
C THR IB 5 79.44 -9.93 38.28
N ASN IB 6 78.61 -9.00 38.78
CA ASN IB 6 79.09 -7.82 39.49
C ASN IB 6 79.43 -7.95 40.99
N ALA IB 7 79.15 -9.12 41.57
CA ALA IB 7 79.49 -9.37 42.98
C ALA IB 7 80.91 -9.87 43.18
N VAL IB 8 81.44 -10.57 42.18
CA VAL IB 8 82.77 -11.18 42.25
C VAL IB 8 83.86 -10.45 41.45
N ASN IB 9 83.46 -9.58 40.51
CA ASN IB 9 84.42 -8.83 39.67
C ASN IB 9 84.73 -7.43 40.24
N VAL IB 10 84.78 -7.34 41.56
CA VAL IB 10 84.79 -6.04 42.25
C VAL IB 10 86.14 -5.37 42.03
N LEU IB 11 87.21 -6.13 42.30
CA LEU IB 11 88.57 -5.62 42.17
C LEU IB 11 88.91 -5.15 40.76
N GLN IB 12 88.42 -5.87 39.75
CA GLN IB 12 88.59 -5.50 38.34
C GLN IB 12 87.94 -4.15 38.03
N ARG IB 13 86.71 -3.98 38.52
CA ARG IB 13 85.97 -2.73 38.36
C ARG IB 13 86.65 -1.56 39.05
N THR IB 14 87.23 -1.81 40.23
CA THR IB 14 87.98 -0.80 40.96
C THR IB 14 89.35 -0.54 40.34
N SER IB 15 89.98 -1.60 39.85
CA SER IB 15 91.28 -1.47 39.16
C SER IB 15 91.17 -0.55 37.94
N ALA IB 16 90.07 -0.70 37.20
CA ALA IB 16 89.74 0.16 36.08
C ALA IB 16 89.59 1.62 36.49
N TYR IB 17 88.84 1.84 37.58
CA TYR IB 17 88.65 3.16 38.19
C TYR IB 17 89.98 3.80 38.59
N LEU IB 18 90.83 3.00 39.23
CA LEU IB 18 92.17 3.44 39.66
C LEU IB 18 93.03 3.86 38.47
N LYS IB 19 93.01 3.03 37.43
CA LYS IB 19 93.69 3.32 36.17
C LYS IB 19 93.25 4.64 35.55
N SER IB 20 91.94 4.85 35.53
CA SER IB 20 91.34 6.06 34.97
C SER IB 20 91.80 7.31 35.73
N GLY IB 21 91.70 7.25 37.06
CA GLY IB 21 91.84 8.41 37.92
C GLY IB 21 90.51 8.84 38.54
N LEU IB 22 89.43 8.08 38.30
CA LEU IB 22 88.18 8.23 39.06
C LEU IB 22 88.42 8.01 40.55
N LEU IB 23 89.25 7.00 40.87
CA LEU IB 23 89.72 6.80 42.24
C LEU IB 23 91.13 7.32 42.38
N LYS IB 24 91.31 8.25 43.31
CA LYS IB 24 92.61 8.78 43.67
C LYS IB 24 93.34 7.79 44.57
N GLU IB 25 92.65 7.36 45.63
CA GLU IB 25 93.20 6.46 46.64
C GLU IB 25 92.62 5.05 46.51
N THR IB 26 93.47 4.04 46.71
CA THR IB 26 93.04 2.64 46.69
C THR IB 26 92.26 2.29 47.96
N PRO IB 27 91.22 1.42 47.85
CA PRO IB 27 90.57 0.89 49.05
C PRO IB 27 91.47 0.03 49.94
N ALA IB 28 91.03 -0.18 51.18
CA ALA IB 28 91.74 -1.06 52.12
C ALA IB 28 91.70 -2.52 51.67
N TRP IB 29 90.54 -2.93 51.16
CA TRP IB 29 90.31 -4.31 50.70
C TRP IB 29 91.01 -4.73 49.41
N TYR IB 30 91.50 -3.77 48.63
CA TYR IB 30 91.93 -4.01 47.23
C TYR IB 30 93.06 -5.03 47.09
N ASN IB 31 94.13 -4.80 47.83
CA ASN IB 31 95.28 -5.71 47.90
C ASN IB 31 94.90 -7.10 48.43
N VAL IB 32 94.04 -7.11 49.44
CA VAL IB 32 93.58 -8.34 50.08
C VAL IB 32 92.79 -9.20 49.09
N VAL IB 33 91.87 -8.55 48.37
CA VAL IB 33 91.05 -9.24 47.37
C VAL IB 33 91.90 -9.75 46.20
N ALA IB 34 92.90 -8.98 45.80
CA ALA IB 34 93.88 -9.41 44.79
C ALA IB 34 94.60 -10.69 45.23
N SER IB 35 95.05 -10.69 46.49
CA SER IB 35 95.75 -11.84 47.08
C SER IB 35 94.88 -13.11 47.14
N ILE IB 36 93.61 -12.95 47.51
CA ILE IB 36 92.69 -14.07 47.72
C ILE IB 36 91.53 -13.94 46.71
N PRO IB 37 91.64 -14.59 45.53
CA PRO IB 37 90.62 -14.40 44.50
C PRO IB 37 89.32 -15.18 44.78
N PRO IB 38 88.16 -14.60 44.40
CA PRO IB 38 86.89 -15.34 44.43
C PRO IB 38 86.80 -16.52 43.46
N SER IB 39 85.77 -17.34 43.62
CA SER IB 39 85.60 -18.57 42.85
C SER IB 39 85.20 -18.29 41.40
N THR IB 40 84.07 -17.62 41.21
CA THR IB 40 83.60 -17.11 39.90
C THR IB 40 83.43 -18.21 38.83
N LYS IB 41 83.07 -19.41 39.26
CA LYS IB 41 83.00 -20.58 38.40
C LYS IB 41 81.79 -21.39 38.85
N PHE IB 42 80.61 -20.77 38.70
CA PHE IB 42 79.39 -21.25 39.35
C PHE IB 42 78.77 -22.43 38.59
N THR IB 43 79.45 -23.57 38.62
CA THR IB 43 79.08 -24.72 37.83
C THR IB 43 78.18 -25.69 38.58
N ARG IB 44 77.49 -26.55 37.81
CA ARG IB 44 76.81 -27.72 38.34
C ARG IB 44 77.83 -28.85 38.15
N GLU IB 45 78.38 -29.34 39.26
CA GLU IB 45 79.37 -30.41 39.25
C GLU IB 45 78.70 -31.76 39.49
N PRO IB 46 79.05 -32.79 38.70
CA PRO IB 46 78.42 -34.11 38.84
C PRO IB 46 79.05 -34.93 39.95
N ARG IB 47 78.27 -35.86 40.51
CA ARG IB 47 78.73 -36.72 41.60
C ARG IB 47 78.53 -38.18 41.22
N PHE IB 48 79.55 -39.00 41.49
CA PHE IB 48 79.62 -40.38 41.02
C PHE IB 48 79.42 -41.46 42.09
N LYS IB 49 79.55 -41.10 43.37
CA LYS IB 49 79.25 -42.01 44.48
C LYS IB 49 78.19 -41.42 45.39
N ASN IB 50 77.28 -42.27 45.87
CA ASN IB 50 76.47 -41.94 47.05
C ASN IB 50 77.39 -42.07 48.26
N PRO IB 51 77.59 -40.99 49.04
CA PRO IB 51 78.55 -41.08 50.16
C PRO IB 51 78.13 -42.02 51.31
N SER IB 52 76.83 -42.07 51.61
CA SER IB 52 76.32 -42.87 52.73
C SER IB 52 76.49 -44.36 52.48
N ASN IB 53 75.95 -44.83 51.36
CA ASN IB 53 76.04 -46.24 50.97
C ASN IB 53 77.42 -46.60 50.41
N GLY IB 54 77.84 -45.82 49.43
CA GLY IB 54 78.98 -46.16 48.57
C GLY IB 54 78.53 -46.86 47.30
N HIS IB 55 77.30 -46.60 46.85
CA HIS IB 55 76.81 -47.09 45.56
C HIS IB 55 77.42 -46.22 44.47
N ILE IB 56 77.59 -46.81 43.28
CA ILE IB 56 78.11 -46.08 42.12
C ILE IB 56 76.90 -45.48 41.39
N ILE IB 57 77.04 -44.21 41.03
CA ILE IB 57 75.97 -43.46 40.35
C ILE IB 57 76.09 -43.64 38.84
N GLY IB 58 77.27 -43.35 38.30
CA GLY IB 58 77.49 -43.24 36.87
C GLY IB 58 77.34 -44.49 36.00
N LYS IB 59 77.69 -45.66 36.55
CA LYS IB 59 77.84 -46.85 35.71
C LYS IB 59 76.51 -47.48 35.26
N LEU IB 60 76.60 -48.25 34.18
CA LEU IB 60 75.47 -48.97 33.59
C LEU IB 60 75.86 -50.44 33.48
N VAL IB 61 75.02 -51.34 33.98
CA VAL IB 61 75.26 -52.78 33.81
C VAL IB 61 74.89 -53.18 32.38
N ASP IB 62 75.83 -53.82 31.70
CA ASP IB 62 75.70 -54.18 30.27
C ASP IB 62 74.99 -55.52 30.10
N VAL IB 63 74.71 -55.85 28.84
CA VAL IB 63 74.15 -57.15 28.46
C VAL IB 63 75.20 -58.26 28.63
N THR IB 64 76.44 -57.97 28.26
CA THR IB 64 77.56 -58.90 28.43
C THR IB 64 77.93 -59.13 29.90
N GLU IB 65 77.72 -58.12 30.74
CA GLU IB 65 77.96 -58.23 32.19
C GLU IB 65 76.86 -59.00 32.94
N GLN IB 66 75.72 -59.23 32.30
CA GLN IB 66 74.64 -60.07 32.82
C GLN IB 66 74.46 -61.31 31.93
N PRO IB 67 75.36 -62.31 32.05
CA PRO IB 67 75.28 -63.49 31.19
C PRO IB 67 74.17 -64.47 31.59
N HIS IB 68 73.97 -64.66 32.89
CA HIS IB 68 73.06 -65.71 33.39
C HIS IB 68 71.60 -65.29 33.26
N ALA IB 69 70.71 -66.27 33.38
CA ALA IB 69 69.28 -66.05 33.16
C ALA IB 69 68.65 -65.18 34.25
N ASN IB 70 67.63 -64.43 33.85
CA ASN IB 70 66.90 -63.50 34.73
C ASN IB 70 65.86 -64.25 35.55
N ASN IB 71 65.27 -63.56 36.52
CA ASN IB 71 64.01 -63.99 37.12
C ASN IB 71 62.95 -64.13 36.03
N LYS IB 72 62.19 -65.23 36.09
CA LYS IB 72 61.38 -65.73 34.97
C LYS IB 72 62.24 -66.27 33.80
N GLY IB 73 63.48 -66.68 34.11
CA GLY IB 73 64.34 -67.45 33.21
C GLY IB 73 64.60 -66.97 31.79
N LEU IB 74 64.54 -65.66 31.54
CA LEU IB 74 64.83 -65.10 30.21
C LEU IB 74 66.22 -64.48 30.19
N TYR IB 75 67.00 -64.81 29.16
CA TYR IB 75 68.34 -64.25 29.00
C TYR IB 75 68.23 -62.86 28.41
N LYS IB 76 68.87 -61.88 29.05
CA LYS IB 76 68.94 -60.53 28.49
C LYS IB 76 69.89 -60.55 27.30
N THR IB 77 69.35 -60.29 26.12
CA THR IB 77 70.12 -60.20 24.87
C THR IB 77 70.15 -58.80 24.25
N ARG IB 78 69.34 -57.88 24.79
CA ARG IB 78 69.21 -56.52 24.27
C ARG IB 78 69.27 -55.52 25.43
N PRO IB 79 69.63 -54.26 25.13
CA PRO IB 79 69.36 -53.20 26.09
C PRO IB 79 67.86 -52.95 26.23
N ASN IB 80 67.41 -52.75 27.46
CA ASN IB 80 66.01 -52.41 27.73
C ASN IB 80 65.73 -50.93 27.40
N SER IB 81 64.50 -50.47 27.66
CA SER IB 81 64.12 -49.08 27.44
C SER IB 81 64.90 -48.09 28.31
N SER IB 82 65.04 -48.41 29.59
CA SER IB 82 65.77 -47.56 30.55
C SER IB 82 67.28 -47.49 30.30
N ASP IB 83 67.84 -48.54 29.72
CA ASP IB 83 69.27 -48.58 29.38
C ASP IB 83 69.65 -47.70 28.18
N LYS IB 84 68.65 -47.23 27.43
CA LYS IB 84 68.87 -46.31 26.29
C LYS IB 84 68.69 -44.83 26.66
N ARG IB 85 67.89 -44.54 27.68
CA ARG IB 85 67.62 -43.17 28.12
C ARG IB 85 68.85 -42.54 28.77
N VAL IB 86 69.14 -41.29 28.43
CA VAL IB 86 70.37 -40.64 28.88
C VAL IB 86 70.19 -40.15 30.31
N GLY IB 87 70.74 -40.91 31.26
CA GLY IB 87 70.59 -40.64 32.68
C GLY IB 87 71.63 -39.67 33.21
N VAL IB 88 71.51 -38.41 32.80
CA VAL IB 88 72.45 -37.35 33.22
C VAL IB 88 71.96 -36.67 34.50
N LYS IB 89 70.64 -36.50 34.63
CA LYS IB 89 70.04 -35.90 35.84
C LYS IB 89 70.40 -36.63 37.14
N ARG IB 90 70.63 -37.94 37.07
CA ARG IB 90 71.09 -38.72 38.23
C ARG IB 90 72.49 -38.33 38.69
N LEU IB 91 73.38 -38.01 37.74
CA LEU IB 91 74.73 -37.53 38.07
C LEU IB 91 74.72 -36.19 38.83
N TYR IB 92 73.74 -35.35 38.54
CA TYR IB 92 73.69 -33.98 39.07
C TYR IB 92 72.80 -33.79 40.29
N ARG IB 93 71.65 -34.44 40.33
CA ARG IB 93 70.76 -34.30 41.49
C ARG IB 93 71.43 -34.97 42.69
N PRO IB 94 71.43 -34.27 43.85
CA PRO IB 94 72.20 -34.79 44.98
C PRO IB 94 71.61 -36.08 45.57
N PRO IB 95 72.49 -36.98 46.06
CA PRO IB 95 72.08 -38.33 46.44
C PRO IB 95 71.27 -38.38 47.74
N LYS IB 96 70.27 -39.26 47.76
CA LYS IB 96 69.49 -39.51 48.96
C LYS IB 96 70.31 -40.42 49.88
N LEU IB 97 70.71 -39.90 51.02
CA LEU IB 97 71.60 -40.60 51.95
C LEU IB 97 70.81 -41.64 52.72
N THR IB 98 71.25 -42.89 52.64
CA THR IB 98 70.57 -44.02 53.29
C THR IB 98 71.51 -44.73 54.26
N TYR IB 99 70.96 -45.13 55.40
CA TYR IB 99 71.69 -45.83 56.45
C TYR IB 99 70.90 -47.05 56.90
N VAL IB 100 71.62 -48.13 57.20
CA VAL IB 100 71.02 -49.36 57.74
C VAL IB 100 70.45 -49.10 59.15
N GLU IB 101 71.10 -48.19 59.87
CA GLU IB 101 70.75 -47.85 61.25
C GLU IB 101 69.36 -47.20 61.37
N ASP IB 102 68.97 -46.43 60.36
CA ASP IB 102 67.64 -45.77 60.34
C ASP IB 102 66.48 -46.76 60.47
N ARG IB 103 66.59 -47.88 59.76
CA ARG IB 103 65.59 -48.95 59.82
C ARG IB 103 65.53 -49.58 61.21
N LEU IB 104 66.69 -49.83 61.79
CA LEU IB 104 66.81 -50.34 63.15
C LEU IB 104 66.19 -49.40 64.18
N ARG IB 105 66.47 -48.11 64.04
CA ARG IB 105 65.88 -47.06 64.87
C ARG IB 105 64.36 -47.09 64.80
N SER IB 106 63.84 -47.14 63.58
CA SER IB 106 62.40 -47.20 63.32
C SER IB 106 61.75 -48.41 64.00
N LEU IB 107 62.40 -49.56 63.85
CA LEU IB 107 61.98 -50.82 64.47
C LEU IB 107 61.93 -50.71 65.99
N PHE IB 108 62.99 -50.15 66.57
CA PHE IB 108 63.14 -50.07 68.02
C PHE IB 108 62.00 -49.28 68.67
N TYR IB 109 61.71 -48.11 68.11
CA TYR IB 109 60.67 -47.25 68.65
C TYR IB 109 59.24 -47.75 68.37
N LYS IB 110 59.08 -48.57 67.34
CA LYS IB 110 57.84 -49.34 67.15
C LYS IB 110 57.66 -50.38 68.25
N GLN IB 111 58.74 -51.10 68.54
CA GLN IB 111 58.76 -52.11 69.61
C GLN IB 111 58.67 -51.50 71.01
N HIS IB 112 59.23 -50.30 71.19
CA HIS IB 112 59.28 -49.61 72.48
C HIS IB 112 58.73 -48.19 72.34
N PRO IB 113 57.39 -48.05 72.25
CA PRO IB 113 56.79 -46.72 72.17
C PRO IB 113 57.21 -45.77 73.29
N TRP IB 114 57.19 -46.26 74.53
CA TRP IB 114 57.51 -45.41 75.69
C TRP IB 114 58.97 -44.96 75.80
N GLU IB 115 59.86 -45.50 74.98
CA GLU IB 115 61.21 -44.93 74.80
C GLU IB 115 61.18 -43.54 74.15
N LEU IB 116 60.15 -43.26 73.34
CA LEU IB 116 59.95 -41.91 72.78
C LEU IB 116 59.72 -40.84 73.87
N SER IB 117 59.05 -41.23 74.95
CA SER IB 117 58.77 -40.30 76.06
C SER IB 117 60.01 -39.88 76.85
N ARG IB 118 61.11 -40.63 76.73
CA ARG IB 118 62.39 -40.25 77.35
C ARG IB 118 62.93 -39.05 76.56
N PRO IB 119 63.03 -37.85 77.18
CA PRO IB 119 63.45 -36.69 76.40
C PRO IB 119 64.85 -36.78 75.82
N LYS IB 120 65.03 -36.20 74.63
CA LYS IB 120 66.28 -36.27 73.89
C LYS IB 120 66.83 -34.86 73.64
N ILE IB 121 68.02 -34.57 74.15
CA ILE IB 121 68.72 -33.32 73.79
C ILE IB 121 69.41 -33.55 72.45
N LEU IB 122 69.10 -32.68 71.47
CA LEU IB 122 69.70 -32.72 70.13
C LEU IB 122 70.85 -31.74 69.95
N VAL IB 123 71.03 -30.83 70.91
CA VAL IB 123 72.11 -29.84 70.86
C VAL IB 123 73.44 -30.56 71.11
N GLU IB 124 74.23 -30.70 70.05
CA GLU IB 124 75.46 -31.51 70.09
C GLU IB 124 76.54 -30.88 70.97
N ASN IB 125 77.22 -31.73 71.73
CA ASN IB 125 78.52 -31.39 72.30
C ASN IB 125 79.55 -31.83 71.28
N GLU IB 126 80.83 -31.46 71.48
CA GLU IB 126 81.88 -31.75 70.50
C GLU IB 126 81.84 -33.19 69.95
N ILE IB 127 81.48 -33.33 68.68
CA ILE IB 127 81.35 -34.63 68.02
C ILE IB 127 82.72 -35.29 67.81
N GLY IB 128 83.76 -34.47 67.62
CA GLY IB 128 85.13 -34.96 67.50
C GLY IB 128 85.73 -35.54 68.79
N ASP IB 129 85.34 -34.98 69.92
CA ASP IB 129 85.91 -35.36 71.22
C ASP IB 129 85.59 -36.79 71.68
N GLU IB 130 84.43 -37.32 71.26
CA GLU IB 130 83.96 -38.63 71.73
C GLU IB 130 84.79 -39.80 71.19
N ASN IB 131 84.70 -40.93 71.90
CA ASN IB 131 85.53 -42.11 71.61
C ASN IB 131 84.95 -43.38 72.27
N TYR IB 132 83.86 -43.86 71.68
CA TYR IB 132 83.07 -44.94 72.28
C TYR IB 132 83.48 -46.33 71.77
N ASP IB 133 83.92 -47.19 72.69
CA ASP IB 133 84.13 -48.60 72.41
C ASP IB 133 82.81 -49.35 72.59
N TRP IB 134 82.22 -49.76 71.48
CA TRP IB 134 80.90 -50.45 71.48
C TRP IB 134 80.97 -51.95 71.79
N SER IB 135 82.09 -52.40 72.36
CA SER IB 135 82.16 -53.64 73.15
C SER IB 135 81.06 -53.74 74.21
N HIS IB 136 80.72 -52.59 74.80
CA HIS IB 136 79.63 -52.47 75.77
C HIS IB 136 78.70 -51.31 75.39
N MET IB 137 77.55 -51.23 76.05
CA MET IB 137 76.56 -50.21 75.74
C MET IB 137 76.82 -48.91 76.49
N LEU IB 138 77.02 -49.03 77.80
CA LEU IB 138 77.20 -47.86 78.67
C LEU IB 138 78.47 -47.09 78.31
N GLN IB 139 78.30 -46.04 77.51
CA GLN IB 139 79.35 -45.06 77.28
C GLN IB 139 79.15 -43.90 78.25
N ILE IB 140 80.17 -43.08 78.42
CA ILE IB 140 80.18 -42.07 79.48
C ILE IB 140 79.41 -40.80 79.08
N GLY IB 141 79.87 -40.12 78.03
CA GLY IB 141 79.22 -38.89 77.55
C GLY IB 141 77.81 -39.11 77.01
N ARG IB 142 77.57 -40.31 76.49
CA ARG IB 142 76.28 -40.72 75.92
C ARG IB 142 75.37 -41.34 77.01
N PRO IB 143 74.05 -41.05 76.96
CA PRO IB 143 73.08 -41.73 77.83
C PRO IB 143 72.67 -43.10 77.30
N LEU IB 144 71.87 -43.81 78.09
CA LEU IB 144 71.33 -45.11 77.67
C LEU IB 144 70.05 -44.87 76.87
N ASP IB 145 70.02 -45.33 75.62
CA ASP IB 145 68.82 -45.21 74.78
C ASP IB 145 68.85 -46.22 73.63
N GLY IB 146 67.84 -46.18 72.76
CA GLY IB 146 67.80 -47.03 71.57
C GLY IB 146 68.99 -46.85 70.65
N GLU IB 147 69.50 -45.62 70.57
CA GLU IB 147 70.70 -45.31 69.79
C GLU IB 147 71.88 -46.20 70.20
N SER IB 148 72.12 -46.26 71.51
CA SER IB 148 73.22 -47.05 72.08
C SER IB 148 73.10 -48.54 71.71
N VAL IB 149 71.87 -49.05 71.79
CA VAL IB 149 71.52 -50.40 71.34
C VAL IB 149 71.97 -50.59 69.90
N ILE IB 150 71.50 -49.70 69.04
CA ILE IB 150 71.77 -49.76 67.59
C ILE IB 150 73.27 -49.73 67.29
N GLN IB 151 73.99 -48.86 67.99
CA GLN IB 151 75.46 -48.80 67.88
C GLN IB 151 76.12 -50.11 68.25
N ARG IB 152 75.64 -50.71 69.34
CA ARG IB 152 76.06 -52.06 69.77
C ARG IB 152 75.80 -53.13 68.71
N THR IB 153 74.61 -53.06 68.10
CA THR IB 153 74.24 -54.00 67.03
C THR IB 153 75.21 -53.91 65.85
N MET IB 154 75.49 -52.66 65.46
CA MET IB 154 76.42 -52.36 64.37
C MET IB 154 77.81 -52.88 64.66
N TYR IB 155 78.27 -52.67 65.89
CA TYR IB 155 79.56 -53.18 66.35
C TYR IB 155 79.65 -54.70 66.26
N LEU IB 156 78.59 -55.37 66.72
CA LEU IB 156 78.49 -56.83 66.64
C LEU IB 156 78.56 -57.33 65.20
N ILE IB 157 77.81 -56.67 64.33
CA ILE IB 157 77.80 -56.96 62.88
C ILE IB 157 79.21 -56.85 62.29
N LYS IB 158 79.88 -55.74 62.60
CA LYS IB 158 81.25 -55.49 62.15
C LYS IB 158 82.21 -56.59 62.59
N THR IB 159 82.14 -56.94 63.87
CA THR IB 159 83.07 -57.90 64.47
C THR IB 159 82.76 -59.36 64.10
N LYS IB 160 81.53 -59.61 63.64
CA LYS IB 160 81.05 -60.94 63.24
C LYS IB 160 80.98 -61.92 64.42
N GLN IB 161 80.59 -61.41 65.59
CA GLN IB 161 80.24 -62.24 66.73
C GLN IB 161 78.88 -62.88 66.44
N TYR IB 162 77.93 -62.02 66.06
CA TYR IB 162 76.68 -62.43 65.44
C TYR IB 162 76.76 -62.03 63.97
N GLY IB 163 76.90 -63.03 63.09
CA GLY IB 163 76.95 -62.80 61.65
C GLY IB 163 75.65 -62.21 61.12
N ASP IB 164 74.52 -62.71 61.62
CA ASP IB 164 73.20 -62.17 61.30
C ASP IB 164 72.97 -60.85 62.05
N MET IB 165 72.28 -59.94 61.37
CA MET IB 165 71.96 -58.61 61.89
C MET IB 165 70.90 -58.67 62.99
N VAL IB 166 69.88 -59.49 62.75
CA VAL IB 166 68.71 -59.63 63.62
C VAL IB 166 69.13 -60.13 65.00
N GLU IB 167 69.97 -61.15 65.01
CA GLU IB 167 70.49 -61.75 66.25
C GLU IB 167 71.29 -60.74 67.07
N ALA IB 168 72.13 -59.97 66.38
CA ALA IB 168 72.92 -58.90 66.99
C ALA IB 168 72.03 -57.83 67.63
N TYR IB 169 70.97 -57.46 66.90
CA TYR IB 169 69.97 -56.52 67.38
C TYR IB 169 69.28 -57.00 68.66
N ASP IB 170 68.86 -58.27 68.64
CA ASP IB 170 68.24 -58.91 69.79
C ASP IB 170 69.15 -58.87 71.00
N HIS IB 171 70.40 -59.27 70.80
CA HIS IB 171 71.44 -59.24 71.83
C HIS IB 171 71.59 -57.86 72.47
N ALA IB 172 71.69 -56.85 71.62
CA ALA IB 172 71.79 -55.44 72.05
C ALA IB 172 70.58 -55.01 72.88
N ARG IB 173 69.40 -55.42 72.42
CA ARG IB 173 68.14 -55.17 73.11
C ARG IB 173 68.15 -55.79 74.52
N TYR IB 174 68.61 -57.03 74.60
CA TYR IB 174 68.71 -57.75 75.87
C TYR IB 174 69.71 -57.13 76.84
N GLU IB 175 70.83 -56.64 76.31
CA GLU IB 175 71.80 -55.87 77.08
C GLU IB 175 71.19 -54.60 77.68
N PHE IB 176 70.46 -53.88 76.82
CA PHE IB 176 69.73 -52.65 77.19
C PHE IB 176 68.73 -52.87 78.31
N TYR IB 177 67.97 -53.95 78.21
CA TYR IB 177 66.87 -54.23 79.14
C TYR IB 177 67.37 -54.34 80.57
N ALA IB 178 68.42 -55.14 80.76
CA ALA IB 178 69.05 -55.31 82.08
C ALA IB 178 69.48 -53.99 82.70
N LEU IB 179 70.14 -53.18 81.88
CA LEU IB 179 70.58 -51.84 82.27
C LEU IB 179 69.42 -50.95 82.69
N ARG IB 180 68.36 -50.98 81.90
CA ARG IB 180 67.13 -50.24 82.20
C ARG IB 180 66.50 -50.65 83.52
N MET IB 181 66.41 -51.96 83.73
CA MET IB 181 65.90 -52.53 84.98
C MET IB 181 66.71 -52.06 86.18
N GLN IB 182 68.03 -52.09 86.03
CA GLN IB 182 68.97 -51.61 87.05
C GLN IB 182 68.75 -50.14 87.38
N GLU IB 183 68.62 -49.33 86.33
CA GLU IB 183 68.29 -47.89 86.47
C GLU IB 183 66.99 -47.66 87.22
N GLU IB 184 65.98 -48.43 86.87
CA GLU IB 184 64.66 -48.37 87.51
C GLU IB 184 64.75 -48.67 89.00
N THR IB 185 65.46 -49.74 89.32
CA THR IB 185 65.65 -50.17 90.71
C THR IB 185 66.41 -49.11 91.52
N GLU IB 186 67.45 -48.52 90.91
CA GLU IB 186 68.26 -47.48 91.56
C GLU IB 186 67.41 -46.34 92.11
N GLN IB 187 66.54 -45.80 91.25
CA GLN IB 187 65.73 -44.64 91.58
C GLN IB 187 64.74 -44.92 92.71
N GLN IB 188 64.05 -46.05 92.60
CA GLN IB 188 63.07 -46.50 93.61
C GLN IB 188 63.71 -46.65 94.99
N VAL IB 189 64.86 -47.32 95.03
CA VAL IB 189 65.57 -47.56 96.29
C VAL IB 189 66.10 -46.25 96.87
N ALA IB 190 66.61 -45.36 96.02
CA ALA IB 190 67.02 -44.02 96.43
C ALA IB 190 65.87 -43.24 97.07
N LEU IB 191 64.69 -43.38 96.48
CA LEU IB 191 63.45 -42.78 97.00
C LEU IB 191 63.10 -43.35 98.37
N GLU IB 192 63.15 -44.68 98.47
CA GLU IB 192 62.93 -45.41 99.73
C GLU IB 192 63.86 -44.93 100.83
N GLU IB 193 65.16 -44.88 100.51
CA GLU IB 193 66.18 -44.37 101.44
C GLU IB 193 65.85 -42.98 101.94
N ALA IB 194 65.50 -42.10 101.01
CA ALA IB 194 65.11 -40.72 101.31
C ALA IB 194 63.93 -40.67 102.28
N GLU IB 195 62.91 -41.48 102.00
CA GLU IB 195 61.74 -41.63 102.87
C GLU IB 195 62.12 -42.09 104.28
N MET IB 196 63.01 -43.08 104.35
CA MET IB 196 63.50 -43.62 105.63
C MET IB 196 64.22 -42.58 106.48
N PHE IB 197 65.13 -41.83 105.87
CA PHE IB 197 65.98 -40.90 106.61
C PHE IB 197 65.38 -39.49 106.78
N GLY IB 198 64.06 -39.37 106.67
CA GLY IB 198 63.37 -38.13 107.00
C GLY IB 198 63.53 -37.02 105.98
N SER IB 199 63.71 -37.38 104.70
CA SER IB 199 63.71 -36.40 103.63
C SER IB 199 62.26 -36.00 103.36
N LEU IB 200 62.06 -34.77 102.91
CA LEU IB 200 60.72 -34.22 102.70
C LEU IB 200 60.59 -33.62 101.31
N PHE IB 201 59.70 -34.21 100.51
CA PHE IB 201 59.41 -33.74 99.17
C PHE IB 201 58.07 -33.02 99.18
N GLY IB 202 58.10 -31.73 98.87
CA GLY IB 202 56.91 -30.87 98.94
C GLY IB 202 55.83 -31.19 97.93
N VAL IB 203 56.25 -31.49 96.70
CA VAL IB 203 55.33 -31.80 95.61
C VAL IB 203 55.82 -33.04 94.86
N SER IB 204 55.08 -34.14 94.99
CA SER IB 204 55.34 -35.34 94.19
C SER IB 204 54.74 -35.16 92.80
N ALA IB 205 55.23 -35.99 91.87
CA ALA IB 205 54.88 -35.88 90.43
C ALA IB 205 53.38 -36.04 90.17
N ILE IB 206 52.80 -37.04 90.80
CA ILE IB 206 51.35 -37.27 90.71
C ILE IB 206 50.54 -36.13 91.30
N GLU IB 207 51.00 -35.59 92.44
CA GLU IB 207 50.37 -34.44 93.10
C GLU IB 207 50.42 -33.20 92.21
N HIS IB 208 51.57 -32.99 91.59
CA HIS IB 208 51.78 -31.92 90.61
C HIS IB 208 50.80 -32.02 89.45
N GLY IB 209 50.68 -33.22 88.90
CA GLY IB 209 49.75 -33.51 87.81
C GLY IB 209 48.32 -33.19 88.15
N ILE IB 210 47.91 -33.62 89.34
CA ILE IB 210 46.58 -33.35 89.89
C ILE IB 210 46.31 -31.85 89.99
N GLN IB 211 47.28 -31.13 90.54
CA GLN IB 211 47.22 -29.66 90.63
C GLN IB 211 47.03 -29.01 89.27
N LYS IB 212 47.80 -29.49 88.29
CA LYS IB 212 47.73 -29.00 86.91
C LYS IB 212 46.36 -29.21 86.30
N GLU IB 213 45.83 -30.42 86.50
CA GLU IB 213 44.47 -30.78 86.07
C GLU IB 213 43.40 -29.88 86.69
N GLN IB 214 43.57 -29.59 87.98
CA GLN IB 214 42.62 -28.79 88.76
C GLN IB 214 42.34 -27.41 88.20
N GLU IB 215 43.41 -26.70 87.83
CA GLU IB 215 43.29 -25.35 87.22
C GLU IB 215 42.51 -25.39 85.93
N VAL IB 216 42.83 -26.37 85.08
CA VAL IB 216 42.15 -26.59 83.79
C VAL IB 216 40.66 -26.84 84.01
N LEU IB 217 40.37 -27.72 84.97
CA LEU IB 217 38.99 -28.06 85.34
C LEU IB 217 38.20 -26.85 85.81
N ASP IB 218 38.83 -26.03 86.65
CA ASP IB 218 38.23 -24.77 87.12
C ASP IB 218 37.89 -23.83 85.98
N VAL IB 219 38.82 -23.71 85.03
CA VAL IB 219 38.64 -22.91 83.82
C VAL IB 219 37.44 -23.41 83.01
N TRP IB 220 37.42 -24.73 82.79
CA TRP IB 220 36.34 -25.42 82.08
C TRP IB 220 34.97 -25.18 82.71
N GLU IB 221 34.91 -25.28 84.04
CA GLU IB 221 33.64 -25.25 84.78
C GLU IB 221 32.90 -23.93 84.58
N LYS IB 222 33.60 -22.82 84.78
CA LYS IB 222 33.03 -21.48 84.61
C LYS IB 222 32.52 -21.27 83.20
N LYS IB 223 33.37 -21.64 82.23
CA LYS IB 223 33.01 -21.62 80.80
C LYS IB 223 31.79 -22.48 80.50
N VAL IB 224 31.77 -23.69 81.07
CA VAL IB 224 30.69 -24.64 80.80
C VAL IB 224 29.36 -24.12 81.31
N VAL IB 225 29.37 -23.51 82.50
CA VAL IB 225 28.19 -22.90 83.11
C VAL IB 225 27.64 -21.79 82.22
N GLU IB 226 28.52 -20.93 81.73
CA GLU IB 226 28.17 -19.85 80.80
C GLU IB 226 27.53 -20.39 79.51
N GLU IB 227 28.13 -21.44 78.97
CA GLU IB 227 27.61 -22.12 77.77
C GLU IB 227 26.23 -22.73 77.98
N THR IB 228 26.02 -23.33 79.16
CA THR IB 228 24.70 -23.88 79.52
C THR IB 228 23.64 -22.79 79.60
N GLU IB 229 24.01 -21.67 80.24
CA GLU IB 229 23.16 -20.48 80.33
C GLU IB 229 22.77 -19.93 78.94
N LEU IB 230 23.78 -19.85 78.08
CA LEU IB 230 23.62 -19.45 76.67
C LEU IB 230 22.57 -20.32 75.99
N MET IB 231 22.76 -21.63 76.13
CA MET IB 231 21.90 -22.65 75.53
C MET IB 231 20.46 -22.55 76.02
N ALA IB 232 20.30 -22.36 77.33
CA ALA IB 232 18.99 -22.18 77.97
C ALA IB 232 18.21 -21.02 77.35
N ALA IB 233 18.90 -19.91 77.20
CA ALA IB 233 18.31 -18.70 76.62
C ALA IB 233 18.55 -18.68 75.12
N GLY JB 1 81.82 -1.31 -16.92
CA GLY JB 1 83.06 -1.13 -16.09
C GLY JB 1 83.20 -2.12 -14.94
N LYS JB 2 82.06 -2.46 -14.33
CA LYS JB 2 81.99 -3.42 -13.23
C LYS JB 2 82.53 -4.81 -13.61
N GLY JB 3 82.11 -5.30 -14.77
CA GLY JB 3 82.51 -6.62 -15.26
C GLY JB 3 83.89 -6.71 -15.90
N ALA JB 4 84.58 -5.58 -16.06
CA ALA JB 4 85.94 -5.55 -16.59
C ALA JB 4 86.98 -6.12 -15.62
N ALA JB 5 86.67 -6.13 -14.32
CA ALA JB 5 87.56 -6.68 -13.29
C ALA JB 5 87.81 -8.20 -13.43
N LYS JB 6 86.89 -8.92 -14.09
CA LYS JB 6 87.13 -10.31 -14.49
C LYS JB 6 88.33 -10.41 -15.44
N TYR JB 7 88.37 -9.50 -16.42
CA TYR JB 7 89.39 -9.50 -17.47
C TYR JB 7 90.57 -8.54 -17.22
N GLY JB 8 90.86 -8.25 -15.94
CA GLY JB 8 92.00 -7.41 -15.57
C GLY JB 8 91.80 -5.93 -15.85
N PHE JB 9 90.58 -5.45 -15.64
CA PHE JB 9 90.20 -4.04 -15.84
C PHE JB 9 90.56 -3.53 -17.24
N LYS JB 10 90.11 -4.30 -18.23
CA LYS JB 10 90.39 -4.03 -19.64
C LYS JB 10 89.07 -3.66 -20.34
N SER JB 11 88.79 -2.37 -20.43
CA SER JB 11 87.62 -1.88 -21.17
C SER JB 11 87.89 -2.02 -22.66
N GLY JB 12 86.91 -2.58 -23.39
CA GLY JB 12 87.08 -2.92 -24.79
C GLY JB 12 87.66 -4.32 -24.94
N VAL JB 13 87.47 -4.89 -26.13
CA VAL JB 13 87.86 -6.27 -26.41
C VAL JB 13 88.70 -6.34 -27.68
N PHE JB 14 89.63 -7.30 -27.71
CA PHE JB 14 90.33 -7.66 -28.94
C PHE JB 14 89.67 -8.87 -29.57
N PRO JB 15 89.82 -9.04 -30.89
CA PRO JB 15 89.36 -10.28 -31.51
C PRO JB 15 90.28 -11.43 -31.12
N THR JB 16 89.73 -12.64 -31.10
CA THR JB 16 90.46 -13.82 -30.63
C THR JB 16 91.70 -14.08 -31.47
N THR JB 17 92.84 -14.30 -30.82
CA THR JB 17 94.11 -14.54 -31.52
C THR JB 17 94.03 -15.85 -32.28
N ARG JB 18 94.30 -15.78 -33.57
CA ARG JB 18 93.92 -16.81 -34.53
C ARG JB 18 95.08 -17.80 -34.72
N SER JB 19 94.85 -19.05 -34.31
CA SER JB 19 95.89 -20.08 -34.30
C SER JB 19 96.53 -20.29 -35.67
N ILE JB 20 97.86 -20.21 -35.74
CA ILE JB 20 98.59 -20.36 -37.01
C ILE JB 20 98.54 -21.80 -37.51
N LEU JB 21 98.75 -22.76 -36.60
CA LEU JB 21 98.47 -24.18 -36.88
C LEU JB 21 97.12 -24.52 -36.26
N LYS JB 22 96.17 -24.93 -37.11
CA LYS JB 22 94.77 -25.08 -36.70
C LYS JB 22 94.38 -26.51 -36.29
N SER JB 23 95.37 -27.41 -36.24
CA SER JB 23 95.22 -28.75 -35.66
C SER JB 23 96.52 -29.11 -34.94
N PRO JB 24 96.49 -30.14 -34.07
CA PRO JB 24 97.74 -30.57 -33.42
C PRO JB 24 98.69 -31.24 -34.40
N THR JB 25 99.98 -30.95 -34.28
CA THR JB 25 100.99 -31.50 -35.18
C THR JB 25 101.33 -32.96 -34.84
N THR JB 26 102.08 -33.58 -35.73
CA THR JB 26 102.62 -34.93 -35.51
C THR JB 26 103.71 -34.97 -34.44
N LYS JB 27 104.46 -33.88 -34.31
CA LYS JB 27 105.53 -33.77 -33.30
C LYS JB 27 105.02 -33.65 -31.87
N GLN JB 28 103.77 -33.20 -31.69
CA GLN JB 28 103.12 -33.22 -30.38
C GLN JB 28 102.74 -34.66 -30.03
N THR JB 29 103.70 -35.37 -29.45
CA THR JB 29 103.60 -36.80 -29.17
C THR JB 29 102.63 -37.13 -28.03
N ASP JB 30 102.69 -36.32 -26.98
CA ASP JB 30 101.86 -36.51 -25.78
C ASP JB 30 100.37 -36.47 -26.07
N ILE JB 31 99.99 -35.54 -26.94
CA ILE JB 31 98.60 -35.39 -27.40
C ILE JB 31 98.17 -36.65 -28.16
N ILE JB 32 99.02 -37.08 -29.08
CA ILE JB 32 98.79 -38.29 -29.88
C ILE JB 32 98.58 -39.52 -28.98
N ASN JB 33 99.45 -39.66 -27.98
CA ASN JB 33 99.36 -40.74 -27.00
C ASN JB 33 98.04 -40.73 -26.24
N LYS JB 34 97.64 -39.53 -25.80
CA LYS JB 34 96.38 -39.31 -25.11
C LYS JB 34 95.18 -39.72 -25.97
N VAL JB 35 95.22 -39.33 -27.23
CA VAL JB 35 94.19 -39.68 -28.22
C VAL JB 35 94.06 -41.19 -28.38
N LYS JB 36 95.21 -41.85 -28.55
CA LYS JB 36 95.26 -43.28 -28.89
C LYS JB 36 95.11 -44.26 -27.72
N SER JB 37 95.16 -43.76 -26.49
CA SER JB 37 95.02 -44.61 -25.30
C SER JB 37 93.60 -45.19 -25.19
N PRO JB 38 93.44 -46.32 -24.48
CA PRO JB 38 92.10 -46.94 -24.36
C PRO JB 38 91.08 -46.01 -23.71
N LYS JB 39 89.97 -45.78 -24.41
CA LYS JB 39 88.92 -44.88 -23.94
C LYS JB 39 88.14 -45.55 -22.80
N PRO JB 40 87.87 -44.80 -21.71
CA PRO JB 40 87.26 -45.41 -20.53
C PRO JB 40 85.79 -45.77 -20.72
N LYS JB 41 85.28 -46.61 -19.81
CA LYS JB 41 83.87 -47.02 -19.79
C LYS JB 41 83.33 -46.94 -18.37
N GLY JB 42 82.02 -47.18 -18.25
CA GLY JB 42 81.35 -47.20 -16.94
C GLY JB 42 80.64 -45.89 -16.66
N VAL JB 43 81.01 -45.23 -15.57
CA VAL JB 43 80.34 -44.00 -15.11
C VAL JB 43 80.88 -42.83 -15.92
N LEU JB 44 82.22 -42.69 -15.92
CA LEU JB 44 82.91 -41.64 -16.69
C LEU JB 44 83.49 -42.24 -17.96
N GLY JB 45 82.59 -42.80 -18.79
CA GLY JB 45 82.96 -43.38 -20.09
C GLY JB 45 82.69 -42.40 -21.22
N ILE JB 46 83.30 -42.66 -22.37
CA ILE JB 46 83.19 -41.78 -23.54
C ILE JB 46 82.32 -42.41 -24.63
N GLY JB 47 82.81 -43.47 -25.25
CA GLY JB 47 82.17 -44.07 -26.43
C GLY JB 47 80.99 -44.98 -26.13
N TYR JB 48 80.82 -46.02 -26.94
CA TYR JB 48 79.80 -47.05 -26.71
C TYR JB 48 80.45 -48.26 -26.03
N ALA JB 49 79.69 -48.92 -25.15
CA ALA JB 49 80.13 -50.17 -24.53
C ALA JB 49 80.14 -51.29 -25.57
N LYS JB 50 81.06 -52.24 -25.41
CA LYS JB 50 81.30 -53.30 -26.39
C LYS JB 50 80.03 -54.05 -26.81
N GLY JB 51 79.23 -54.45 -25.83
CA GLY JB 51 77.98 -55.17 -26.08
C GLY JB 51 76.86 -54.34 -26.73
N VAL JB 52 76.83 -53.05 -26.40
CA VAL JB 52 75.71 -52.19 -26.78
C VAL JB 52 75.87 -51.70 -28.24
N LYS JB 53 74.75 -51.66 -28.95
CA LYS JB 53 74.71 -51.20 -30.35
C LYS JB 53 74.68 -49.66 -30.42
N HIS JB 54 74.72 -49.13 -31.64
CA HIS JB 54 74.64 -47.69 -31.90
C HIS JB 54 73.63 -47.44 -33.03
N PRO JB 55 73.06 -46.20 -33.12
CA PRO JB 55 72.02 -45.92 -34.13
C PRO JB 55 72.45 -46.26 -35.55
N LYS JB 56 71.50 -46.72 -36.37
CA LYS JB 56 71.81 -47.33 -37.67
C LYS JB 56 72.63 -46.43 -38.58
N GLY JB 57 72.09 -45.26 -38.91
CA GLY JB 57 72.77 -44.30 -39.77
C GLY JB 57 74.04 -43.69 -39.21
N SER JB 58 74.13 -43.58 -37.88
CA SER JB 58 75.23 -42.87 -37.23
C SER JB 58 76.51 -43.72 -37.16
N HIS JB 59 77.65 -43.04 -37.06
CA HIS JB 59 78.93 -43.69 -36.79
C HIS JB 59 79.01 -44.07 -35.32
N ARG JB 60 79.78 -45.12 -35.02
CA ARG JB 60 79.94 -45.59 -33.64
C ARG JB 60 80.93 -44.71 -32.88
N LEU JB 61 82.14 -44.59 -33.41
CA LEU JB 61 83.21 -43.80 -32.79
C LEU JB 61 83.12 -42.34 -33.22
N SER JB 62 84.01 -41.51 -32.68
CA SER JB 62 84.22 -40.14 -33.15
C SER JB 62 85.24 -40.15 -34.30
N PRO JB 63 85.23 -39.09 -35.14
CA PRO JB 63 86.21 -39.04 -36.24
C PRO JB 63 87.64 -38.85 -35.76
N LYS JB 64 88.59 -39.37 -36.53
CA LYS JB 64 90.01 -39.34 -36.16
C LYS JB 64 90.61 -37.95 -36.34
N VAL JB 65 91.53 -37.59 -35.44
CA VAL JB 65 92.13 -36.26 -35.38
C VAL JB 65 93.26 -36.19 -36.42
N ASN JB 66 93.09 -35.31 -37.40
CA ASN JB 66 94.07 -35.14 -38.47
C ASN JB 66 95.31 -34.39 -38.00
N PHE JB 67 96.37 -35.13 -37.68
CA PHE JB 67 97.62 -34.53 -37.21
C PHE JB 67 98.42 -33.96 -38.38
N ILE JB 68 98.76 -32.68 -38.27
CA ILE JB 68 99.49 -31.98 -39.33
C ILE JB 68 100.95 -32.41 -39.37
N ASP JB 69 101.36 -33.02 -40.48
CA ASP JB 69 102.78 -33.09 -40.83
C ASP JB 69 103.15 -31.69 -41.31
N VAL JB 70 103.98 -31.00 -40.54
CA VAL JB 70 104.25 -29.57 -40.77
C VAL JB 70 105.07 -29.35 -42.05
N ASP JB 71 106.09 -30.18 -42.24
CA ASP JB 71 106.91 -30.17 -43.46
C ASP JB 71 106.08 -30.39 -44.72
N ASN JB 72 105.15 -31.34 -44.64
CA ASN JB 72 104.21 -31.64 -45.74
C ASN JB 72 103.31 -30.44 -46.04
N LEU JB 73 102.79 -29.83 -44.99
CA LEU JB 73 101.95 -28.63 -45.08
C LEU JB 73 102.70 -27.50 -45.78
N ILE JB 74 103.95 -27.29 -45.35
CA ILE JB 74 104.84 -26.27 -45.93
C ILE JB 74 105.02 -26.50 -47.43
N ALA JB 75 105.34 -27.75 -47.78
CA ALA JB 75 105.52 -28.16 -49.18
C ALA JB 75 104.29 -27.86 -50.04
N LYS JB 76 103.11 -28.18 -49.50
CA LYS JB 76 101.84 -28.00 -50.21
C LYS JB 76 101.44 -26.54 -50.39
N THR JB 77 101.30 -25.82 -49.28
CA THR JB 77 101.01 -24.38 -49.31
C THR JB 77 102.06 -23.60 -50.07
N VAL JB 78 103.32 -23.88 -49.75
CA VAL JB 78 104.46 -23.09 -50.19
C VAL JB 78 105.45 -24.00 -50.93
N ALA JB 79 105.10 -24.33 -52.17
CA ALA JB 79 105.98 -25.12 -53.02
C ALA JB 79 107.06 -24.21 -53.62
N GLU JB 80 108.30 -24.69 -53.62
CA GLU JB 80 109.40 -23.99 -54.30
C GLU JB 80 109.26 -24.20 -55.82
N PRO JB 81 109.67 -23.19 -56.62
CA PRO JB 81 109.44 -23.27 -58.07
C PRO JB 81 110.30 -24.35 -58.75
N GLN JB 82 109.66 -25.17 -59.58
CA GLN JB 82 110.34 -26.24 -60.31
C GLN JB 82 111.21 -25.67 -61.43
N SER JB 83 110.61 -24.79 -62.23
CA SER JB 83 111.36 -24.01 -63.22
C SER JB 83 112.16 -22.93 -62.47
N ILE JB 84 113.40 -23.27 -62.15
CA ILE JB 84 114.23 -22.49 -61.21
C ILE JB 84 114.78 -21.16 -61.77
N LYS JB 85 115.21 -21.16 -63.04
CA LYS JB 85 115.96 -20.03 -63.61
C LYS JB 85 115.24 -19.20 -64.69
N SER JB 86 113.98 -19.52 -64.99
CA SER JB 86 113.19 -18.75 -65.96
C SER JB 86 112.73 -17.42 -65.33
N SER JB 87 113.43 -16.33 -65.66
CA SER JB 87 113.16 -15.01 -65.08
C SER JB 87 113.73 -13.86 -65.90
N ASN JB 88 112.85 -13.20 -66.67
CA ASN JB 88 113.15 -11.96 -67.38
C ASN JB 88 112.05 -10.92 -67.11
N GLY JB 89 112.35 -9.65 -67.33
CA GLY JB 89 111.39 -8.56 -67.11
C GLY JB 89 111.37 -8.09 -65.67
N SER JB 90 111.07 -6.81 -65.48
CA SER JB 90 111.15 -6.17 -64.16
C SER JB 90 109.98 -6.56 -63.26
N ALA JB 91 108.77 -6.44 -63.79
CA ALA JB 91 107.55 -6.80 -63.06
C ALA JB 91 107.56 -8.26 -62.61
N GLN JB 92 107.94 -9.14 -63.53
CA GLN JB 92 108.11 -10.57 -63.24
C GLN JB 92 109.10 -10.84 -62.11
N LYS JB 93 110.24 -10.17 -62.17
CA LYS JB 93 111.26 -10.24 -61.11
C LYS JB 93 110.70 -9.82 -59.75
N VAL JB 94 109.96 -8.71 -59.76
CA VAL JB 94 109.31 -8.18 -58.56
C VAL JB 94 108.33 -9.22 -57.97
N ARG JB 95 107.49 -9.78 -58.83
CA ARG JB 95 106.56 -10.85 -58.44
C ARG JB 95 107.28 -12.05 -57.80
N LEU JB 96 108.38 -12.45 -58.43
CA LEU JB 96 109.21 -13.56 -57.95
C LEU JB 96 109.76 -13.26 -56.55
N GLN JB 97 110.30 -12.06 -56.39
CA GLN JB 97 110.80 -11.58 -55.09
C GLN JB 97 109.72 -11.62 -54.01
N LYS JB 98 108.53 -11.12 -54.35
CA LYS JB 98 107.37 -11.14 -53.46
C LYS JB 98 107.00 -12.55 -53.03
N ALA JB 99 106.97 -13.46 -54.01
CA ALA JB 99 106.68 -14.87 -53.78
C ALA JB 99 107.70 -15.47 -52.79
N GLU JB 100 108.98 -15.28 -53.09
CA GLU JB 100 110.09 -15.70 -52.22
C GLU JB 100 109.93 -15.22 -50.78
N LEU JB 101 109.55 -13.96 -50.65
CA LEU JB 101 109.36 -13.34 -49.33
C LEU JB 101 108.22 -14.00 -48.57
N ARG JB 102 107.11 -14.23 -49.29
CA ARG JB 102 105.95 -14.92 -48.73
C ARG JB 102 106.25 -16.35 -48.32
N ARG JB 103 107.08 -17.03 -49.13
CA ARG JB 103 107.53 -18.37 -48.80
C ARG JB 103 108.31 -18.36 -47.49
N LYS JB 104 109.30 -17.46 -47.43
CA LYS JB 104 110.14 -17.27 -46.24
C LYS JB 104 109.29 -17.09 -44.99
N PHE JB 105 108.37 -16.14 -45.04
CA PHE JB 105 107.56 -15.76 -43.88
C PHE JB 105 106.67 -16.88 -43.39
N LEU JB 106 105.93 -17.48 -44.30
CA LEU JB 106 104.97 -18.55 -43.95
C LEU JB 106 105.72 -19.79 -43.45
N ILE JB 107 106.85 -20.11 -44.08
CA ILE JB 107 107.72 -21.21 -43.64
C ILE JB 107 108.14 -20.96 -42.20
N GLU JB 108 108.78 -19.82 -41.96
CA GLU JB 108 109.24 -19.42 -40.63
C GLU JB 108 108.13 -19.51 -39.59
N ALA JB 109 106.98 -18.92 -39.92
CA ALA JB 109 105.82 -18.87 -39.04
C ALA JB 109 105.40 -20.27 -38.59
N PHE JB 110 105.22 -21.17 -39.55
CA PHE JB 110 104.79 -22.55 -39.27
C PHE JB 110 105.80 -23.30 -38.40
N ARG JB 111 107.07 -23.24 -38.82
CA ARG JB 111 108.17 -23.88 -38.09
C ARG JB 111 108.31 -23.36 -36.67
N LYS JB 112 108.23 -22.05 -36.53
CA LYS JB 112 108.23 -21.39 -35.22
C LYS JB 112 107.10 -21.88 -34.34
N GLU JB 113 105.90 -21.92 -34.92
CA GLU JB 113 104.68 -22.40 -34.23
C GLU JB 113 104.87 -23.83 -33.72
N GLU JB 114 105.39 -24.69 -34.59
CA GLU JB 114 105.68 -26.09 -34.27
C GLU JB 114 106.64 -26.20 -33.09
N ALA JB 115 107.73 -25.44 -33.16
CA ALA JB 115 108.72 -25.35 -32.08
C ALA JB 115 108.13 -24.78 -30.80
N ARG JB 116 107.35 -23.72 -30.96
CA ARG JB 116 106.77 -22.94 -29.86
C ARG JB 116 105.82 -23.76 -29.00
N LEU JB 117 104.92 -24.50 -29.65
CA LEU JB 117 103.97 -25.37 -28.95
C LEU JB 117 104.68 -26.43 -28.10
N LEU JB 118 105.70 -27.05 -28.71
CA LEU JB 118 106.54 -28.04 -28.03
C LEU JB 118 107.25 -27.45 -26.82
N HIS JB 119 107.79 -26.25 -27.02
CA HIS JB 119 108.46 -25.49 -25.95
C HIS JB 119 107.52 -25.20 -24.79
N LYS JB 120 106.31 -24.77 -25.13
CA LYS JB 120 105.25 -24.47 -24.15
C LYS JB 120 104.89 -25.71 -23.34
N HIS JB 121 104.73 -26.84 -24.05
CA HIS JB 121 104.45 -28.14 -23.43
C HIS JB 121 105.55 -28.56 -22.45
N GLU JB 122 106.80 -28.41 -22.87
CA GLU JB 122 107.97 -28.69 -22.03
C GLU JB 122 107.97 -27.84 -20.76
N TYR JB 123 107.67 -26.55 -20.93
CA TYR JB 123 107.56 -25.61 -19.81
C TYR JB 123 106.48 -26.02 -18.81
N LEU JB 124 105.32 -26.41 -19.33
CA LEU JB 124 104.22 -26.93 -18.52
C LEU JB 124 104.63 -28.15 -17.72
N GLN JB 125 105.28 -29.09 -18.40
CA GLN JB 125 105.80 -30.32 -17.78
C GLN JB 125 106.75 -30.02 -16.63
N LYS JB 126 107.69 -29.12 -16.87
CA LYS JB 126 108.63 -28.62 -15.84
C LYS JB 126 107.88 -28.03 -14.65
N ARG JB 127 106.92 -27.17 -14.97
CA ARG JB 127 106.15 -26.38 -13.99
C ARG JB 127 105.35 -27.27 -13.05
N THR JB 128 104.63 -28.24 -13.63
CA THR JB 128 103.83 -29.20 -12.86
C THR JB 128 104.69 -29.99 -11.88
N LYS JB 129 105.84 -30.47 -12.36
CA LYS JB 129 106.81 -31.17 -11.53
C LYS JB 129 107.31 -30.31 -10.37
N GLU JB 130 107.67 -29.07 -10.67
CA GLU JB 130 108.08 -28.09 -9.67
C GLU JB 130 107.03 -27.86 -8.59
N LEU JB 131 105.77 -27.73 -9.03
CA LEU JB 131 104.63 -27.57 -8.12
C LEU JB 131 104.48 -28.78 -7.20
N GLU JB 132 104.57 -29.98 -7.78
CA GLU JB 132 104.51 -31.24 -7.03
C GLU JB 132 105.61 -31.32 -5.96
N LYS JB 133 106.83 -30.95 -6.35
CA LYS JB 133 107.97 -30.89 -5.44
C LYS JB 133 107.74 -29.93 -4.28
N ALA JB 134 107.19 -28.76 -4.60
CA ALA JB 134 106.85 -27.74 -3.60
C ALA JB 134 105.80 -28.25 -2.62
N LYS JB 135 104.78 -28.91 -3.14
CA LYS JB 135 103.74 -29.56 -2.31
C LYS JB 135 104.32 -30.60 -1.37
N GLU JB 136 105.21 -31.44 -1.90
CA GLU JB 136 105.91 -32.47 -1.12
C GLU JB 136 106.72 -31.86 0.02
N LEU JB 137 107.45 -30.79 -0.29
CA LEU JB 137 108.22 -30.03 0.69
C LEU JB 137 107.33 -29.47 1.81
N GLU JB 138 106.22 -28.87 1.41
CA GLU JB 138 105.21 -28.35 2.36
C GLU JB 138 104.67 -29.42 3.29
N LEU JB 139 104.36 -30.59 2.71
CA LEU JB 139 103.89 -31.75 3.45
C LEU JB 139 104.92 -32.21 4.48
N GLU JB 140 106.18 -32.28 4.04
CA GLU JB 140 107.30 -32.65 4.91
C GLU JB 140 107.45 -31.69 6.08
N LYS JB 141 107.38 -30.40 5.79
CA LYS JB 141 107.41 -29.33 6.80
C LYS JB 141 106.29 -29.45 7.83
N LEU JB 142 105.08 -29.72 7.35
CA LEU JB 142 103.93 -29.98 8.21
C LEU JB 142 104.16 -31.16 9.14
N ASN JB 143 104.71 -32.24 8.58
CA ASN JB 143 104.95 -33.47 9.32
C ASN JB 143 105.97 -33.38 10.45
N LYS JB 144 107.16 -32.84 10.17
CA LYS JB 144 108.27 -32.87 11.13
C LYS JB 144 107.83 -32.32 12.50
N GLU JB 145 108.01 -33.13 13.54
CA GLU JB 145 107.42 -32.87 14.84
C GLU JB 145 108.13 -31.72 15.55
N LYS JB 146 107.39 -30.64 15.80
CA LYS JB 146 107.89 -29.49 16.54
C LYS JB 146 108.03 -29.82 18.03
N SER JB 147 108.87 -29.07 18.72
CA SER JB 147 109.01 -29.17 20.17
C SER JB 147 107.70 -28.79 20.86
N SER JB 148 107.11 -27.69 20.41
CA SER JB 148 105.90 -27.11 21.00
C SER JB 148 104.56 -27.78 20.62
N ASP JB 149 104.61 -28.99 20.03
CA ASP JB 149 103.42 -29.81 19.79
C ASP JB 149 102.86 -30.44 21.08
N LEU JB 150 103.71 -30.63 22.10
CA LEU JB 150 103.29 -31.35 23.32
C LEU JB 150 102.33 -30.54 24.21
N THR JB 151 102.32 -29.21 24.04
CA THR JB 151 101.32 -28.36 24.68
C THR JB 151 99.90 -28.62 24.15
N ILE JB 152 99.80 -29.01 22.87
CA ILE JB 152 98.51 -29.41 22.29
C ILE JB 152 98.13 -30.78 22.84
N MET JB 153 96.85 -30.93 23.17
CA MET JB 153 96.35 -32.07 23.93
C MET JB 153 96.13 -33.29 23.06
N THR JB 154 96.12 -34.47 23.70
CA THR JB 154 95.98 -35.75 23.00
C THR JB 154 95.13 -36.75 23.78
N LEU JB 155 94.37 -37.56 23.05
CA LEU JB 155 93.63 -38.70 23.59
C LEU JB 155 93.83 -39.84 22.59
N ASP JB 156 95.10 -40.14 22.34
CA ASP JB 156 95.55 -40.91 21.17
C ASP JB 156 95.01 -42.34 21.12
N LYS JB 157 95.09 -43.02 22.26
CA LYS JB 157 94.61 -44.39 22.41
C LYS JB 157 93.12 -44.50 22.09
N MET JB 158 92.34 -43.59 22.67
CA MET JB 158 90.89 -43.50 22.46
C MET JB 158 90.55 -43.32 20.98
N MET JB 159 91.28 -42.42 20.32
CA MET JB 159 91.13 -42.17 18.88
C MET JB 159 91.43 -43.42 18.05
N SER JB 160 92.48 -44.12 18.44
CA SER JB 160 92.90 -45.36 17.77
C SER JB 160 91.85 -46.47 17.85
N GLN JB 161 91.23 -46.62 19.03
CA GLN JB 161 90.22 -47.65 19.27
C GLN JB 161 89.13 -47.62 18.19
N PRO JB 162 88.85 -48.79 17.57
CA PRO JB 162 87.77 -48.82 16.57
C PRO JB 162 86.41 -48.67 17.23
N LEU JB 163 85.52 -47.96 16.57
CA LEU JB 163 84.22 -47.62 17.16
C LEU JB 163 83.26 -48.80 17.27
N LEU JB 164 83.56 -49.88 16.56
CA LEU JB 164 82.83 -51.14 16.72
C LEU JB 164 83.74 -52.36 16.57
N ARG JB 165 83.53 -53.34 17.44
CA ARG JB 165 83.99 -54.70 17.23
C ARG JB 165 82.77 -55.48 16.77
N ASN JB 166 82.71 -55.78 15.48
CA ASN JB 166 81.62 -56.59 14.92
C ASN JB 166 81.67 -57.99 15.53
N ARG JB 167 80.50 -58.55 15.82
CA ARG JB 167 80.41 -59.86 16.47
C ARG JB 167 81.12 -60.92 15.65
N SER JB 168 81.88 -61.79 16.34
CA SER JB 168 82.42 -62.99 15.71
C SER JB 168 81.26 -63.97 15.50
N PRO JB 169 81.31 -64.81 14.45
CA PRO JB 169 80.19 -65.71 14.13
C PRO JB 169 79.76 -66.59 15.29
N GLU JB 170 80.76 -67.14 15.99
CA GLU JB 170 80.53 -67.91 17.22
C GLU JB 170 79.72 -67.11 18.24
N GLU JB 171 80.14 -65.86 18.47
CA GLU JB 171 79.52 -64.96 19.44
C GLU JB 171 78.05 -64.74 19.07
N SER JB 172 77.81 -64.49 17.79
CA SER JB 172 76.47 -64.32 17.25
C SER JB 172 75.57 -65.55 17.45
N GLU JB 173 76.14 -66.72 17.21
CA GLU JB 173 75.44 -68.01 17.34
C GLU JB 173 74.84 -68.23 18.73
N LEU JB 174 75.64 -67.96 19.75
CA LEU JB 174 75.22 -68.05 21.16
C LEU JB 174 74.05 -67.11 21.45
N LEU JB 175 74.18 -65.88 20.95
CA LEU JB 175 73.16 -64.84 21.09
C LEU JB 175 71.85 -65.27 20.44
N LYS JB 176 71.96 -65.80 19.22
CA LYS JB 176 70.81 -66.36 18.49
C LYS JB 176 70.11 -67.47 19.27
N LEU JB 177 70.90 -68.41 19.76
CA LEU JB 177 70.41 -69.51 20.62
C LEU JB 177 69.62 -69.01 21.82
N LYS JB 178 70.20 -68.04 22.52
CA LYS JB 178 69.56 -67.38 23.67
C LYS JB 178 68.21 -66.77 23.29
N ARG JB 179 68.20 -66.06 22.16
CA ARG JB 179 66.98 -65.44 21.63
C ARG JB 179 65.91 -66.46 21.28
N ASN JB 180 66.32 -67.56 20.66
CA ASN JB 180 65.43 -68.69 20.37
C ASN JB 180 64.82 -69.28 21.63
N TYR JB 181 65.66 -69.45 22.65
CA TYR JB 181 65.22 -69.96 23.94
C TYR JB 181 64.17 -69.04 24.57
N ASN JB 182 64.48 -67.74 24.60
CA ASN JB 182 63.56 -66.71 25.10
C ASN JB 182 62.20 -66.75 24.41
N ARG JB 183 62.23 -66.83 23.09
CA ARG JB 183 61.02 -66.96 22.27
C ARG JB 183 60.19 -68.17 22.67
N SER JB 184 60.86 -69.33 22.75
CA SER JB 184 60.21 -70.61 23.00
C SER JB 184 59.71 -70.78 24.44
N LEU JB 185 60.49 -70.28 25.39
CA LEU JB 185 60.18 -70.43 26.82
C LEU JB 185 58.86 -69.74 27.18
N LEU JB 186 58.71 -68.50 26.74
CA LEU JB 186 57.48 -67.72 26.93
C LEU JB 186 56.24 -68.40 26.35
N ASN JB 187 56.40 -68.93 25.14
CA ASN JB 187 55.34 -69.69 24.47
C ASN JB 187 54.93 -70.93 25.26
N PHE JB 188 55.93 -71.64 25.75
CA PHE JB 188 55.73 -72.82 26.59
C PHE JB 188 54.96 -72.49 27.87
N GLN JB 189 55.39 -71.42 28.56
CA GLN JB 189 54.73 -70.91 29.75
C GLN JB 189 53.26 -70.59 29.50
N ALA JB 190 53.01 -69.89 28.40
CA ALA JB 190 51.65 -69.54 27.96
C ALA JB 190 50.79 -70.78 27.73
N HIS JB 191 51.40 -71.78 27.09
CA HIS JB 191 50.75 -73.07 26.84
C HIS JB 191 50.37 -73.75 28.16
N LYS JB 192 51.32 -73.80 29.08
CA LYS JB 192 51.12 -74.35 30.43
C LYS JB 192 49.96 -73.68 31.16
N LYS JB 193 49.94 -72.35 31.12
CA LYS JB 193 48.86 -71.55 31.70
C LYS JB 193 47.49 -71.91 31.11
N LYS JB 194 47.45 -72.01 29.79
CA LYS JB 194 46.24 -72.42 29.06
C LYS JB 194 45.74 -73.80 29.49
N LEU JB 195 46.67 -74.73 29.62
CA LEU JB 195 46.36 -76.09 30.09
C LEU JB 195 45.79 -76.10 31.51
N ASN JB 196 46.43 -75.33 32.40
CA ASN JB 196 45.96 -75.13 33.77
C ASN JB 196 44.53 -74.60 33.83
N GLU JB 197 44.29 -73.56 33.04
CA GLU JB 197 42.95 -72.96 32.89
C GLU JB 197 41.90 -73.97 32.43
N LEU JB 198 42.28 -74.77 31.44
CA LEU JB 198 41.43 -75.84 30.90
C LEU JB 198 41.08 -76.86 32.00
N LEU JB 199 42.11 -77.26 32.75
CA LEU JB 199 41.98 -78.20 33.86
C LEU JB 199 41.01 -77.68 34.93
N ASN JB 200 41.19 -76.40 35.29
CA ASN JB 200 40.29 -75.71 36.22
C ASN JB 200 38.84 -75.71 35.74
N LEU JB 201 38.65 -75.42 34.46
CA LEU JB 201 37.34 -75.43 33.80
C LEU JB 201 36.69 -76.81 33.91
N TYR JB 202 37.47 -77.84 33.59
CA TYR JB 202 37.03 -79.23 33.69
C TYR JB 202 36.59 -79.62 35.10
N HIS JB 203 37.40 -79.23 36.08
CA HIS JB 203 37.08 -79.41 37.50
C HIS JB 203 35.75 -78.78 37.89
N VAL JB 204 35.58 -77.52 37.49
CA VAL JB 204 34.33 -76.77 37.67
C VAL JB 204 33.12 -77.47 37.05
N ALA JB 205 33.29 -77.95 35.82
CA ALA JB 205 32.20 -78.24 34.87
C ALA JB 205 31.10 -79.24 35.27
N ASN JB 206 31.27 -79.97 36.36
CA ASN JB 206 30.15 -80.74 36.94
C ASN JB 206 28.95 -79.85 37.32
N GLU JB 207 29.24 -78.62 37.76
CA GLU JB 207 28.20 -77.63 38.05
C GLU JB 207 27.55 -77.05 36.78
N PHE JB 208 28.34 -76.91 35.70
CA PHE JB 208 27.84 -76.41 34.42
C PHE JB 208 26.78 -77.33 33.80
N ILE JB 209 25.96 -76.76 32.93
CA ILE JB 209 24.79 -77.43 32.35
C ILE JB 209 24.86 -77.42 30.83
N VAL JB 210 24.54 -78.57 30.24
CA VAL JB 210 24.33 -78.72 28.79
C VAL JB 210 22.98 -79.39 28.53
N THR JB 211 22.72 -80.51 29.19
CA THR JB 211 21.50 -81.29 28.98
C THR JB 211 20.29 -80.72 29.74
N GLU JB 212 19.11 -81.26 29.43
CA GLU JB 212 17.83 -80.80 29.98
C GLU JB 212 17.65 -81.23 31.43
N SER JB 213 17.92 -82.50 31.68
CA SER JB 213 17.78 -83.12 33.01
C SER JB 213 18.62 -82.42 34.07
N GLN JB 214 19.87 -82.12 33.72
CA GLN JB 214 20.78 -81.36 34.59
C GLN JB 214 20.24 -79.98 34.94
N LEU JB 215 19.71 -79.30 33.92
CA LEU JB 215 19.10 -77.98 34.06
C LEU JB 215 17.91 -78.03 35.03
N LEU JB 216 17.07 -79.04 34.84
CA LEU JB 216 15.90 -79.28 35.70
C LEU JB 216 16.31 -79.50 37.15
N LYS JB 217 17.33 -80.34 37.35
CA LYS JB 217 17.90 -80.60 38.69
C LYS JB 217 18.39 -79.33 39.36
N LYS JB 218 19.12 -78.51 38.59
CA LYS JB 218 19.63 -77.22 39.05
C LYS JB 218 18.49 -76.31 39.52
N ILE JB 219 17.46 -76.21 38.68
CA ILE JB 219 16.25 -75.45 38.97
C ILE JB 219 15.62 -75.90 40.29
N ASP JB 220 15.46 -77.22 40.44
CA ASP JB 220 14.90 -77.83 41.65
C ASP JB 220 15.71 -77.44 42.89
N LYS JB 221 17.03 -77.59 42.78
CA LYS JB 221 17.97 -77.16 43.83
C LYS JB 221 17.79 -75.70 44.24
N VAL JB 222 17.70 -74.84 43.24
CA VAL JB 222 17.56 -73.40 43.45
C VAL JB 222 16.24 -73.04 44.12
N PHE JB 223 15.15 -73.50 43.51
CA PHE JB 223 13.80 -73.00 43.81
C PHE JB 223 13.04 -73.83 44.86
N ASN JB 224 13.04 -75.15 44.71
CA ASN JB 224 12.22 -76.03 45.56
C ASN JB 224 12.70 -76.13 47.00
N ASP JB 225 14.03 -76.07 47.19
CA ASP JB 225 14.64 -76.13 48.52
C ASP JB 225 14.23 -74.97 49.44
N GLU JB 226 14.04 -73.78 48.85
CA GLU JB 226 13.72 -72.55 49.58
C GLU JB 226 14.85 -72.18 50.55
N THR JB 227 16.08 -72.26 50.05
CA THR JB 227 17.29 -72.02 50.86
C THR JB 227 18.34 -71.27 50.03
N GLU JB 228 19.09 -70.40 50.70
CA GLU JB 228 20.16 -69.59 50.10
C GLU JB 228 19.68 -68.72 48.93
N GLU JB 229 18.59 -67.97 49.17
CA GLU JB 229 18.17 -66.90 48.27
C GLU JB 229 19.06 -65.70 48.55
N PHE JB 230 19.74 -65.20 47.52
CA PHE JB 230 20.68 -64.09 47.69
C PHE JB 230 19.93 -62.79 47.95
N THR JB 231 19.76 -62.48 49.24
CA THR JB 231 19.13 -61.22 49.67
C THR JB 231 19.93 -60.65 50.84
N ASP JB 232 20.17 -59.33 50.79
CA ASP JB 232 21.11 -58.68 51.69
C ASP JB 232 20.41 -57.97 52.85
N ALA JB 233 21.06 -57.98 54.01
CA ALA JB 233 20.55 -57.32 55.21
C ALA JB 233 21.66 -57.13 56.25
N ARG KB 1 -20.47 17.10 80.52
CA ARG KB 1 -19.74 15.78 80.67
C ARG KB 1 -19.03 15.69 82.05
N VAL KB 2 -19.77 16.00 83.11
CA VAL KB 2 -19.22 16.08 84.46
C VAL KB 2 -20.16 15.41 85.48
N THR KB 3 -19.57 14.73 86.46
CA THR KB 3 -20.31 14.06 87.54
C THR KB 3 -20.21 14.90 88.83
N PRO KB 4 -21.03 14.58 89.85
CA PRO KB 4 -20.88 15.24 91.16
C PRO KB 4 -19.54 14.95 91.86
N GLY KB 5 -19.09 13.69 91.82
CA GLY KB 5 -17.88 13.26 92.51
C GLY KB 5 -16.56 13.71 91.89
N SER KB 6 -16.53 13.87 90.57
CA SER KB 6 -15.29 14.20 89.85
C SER KB 6 -14.80 15.62 90.11
N LEU KB 7 -13.49 15.80 90.11
CA LEU KB 7 -12.87 17.11 90.34
C LEU KB 7 -12.75 17.90 89.03
N TYR KB 8 -13.54 18.96 88.94
CA TYR KB 8 -13.58 19.85 87.75
C TYR KB 8 -12.80 21.16 87.93
N LYS KB 9 -12.52 21.54 89.18
CA LYS KB 9 -11.86 22.81 89.49
C LYS KB 9 -10.37 22.79 89.14
N ASN KB 10 -9.78 23.98 89.12
CA ASN KB 10 -8.32 24.14 89.11
C ASN KB 10 -7.71 23.73 90.46
N TRP KB 11 -6.38 23.62 90.50
CA TRP KB 11 -5.68 22.98 91.63
C TRP KB 11 -5.92 23.61 93.00
N THR KB 12 -5.65 24.90 93.13
CA THR KB 12 -5.82 25.61 94.40
C THR KB 12 -7.25 25.55 94.90
N ASN KB 13 -8.20 25.78 93.99
CA ASN KB 13 -9.63 25.66 94.27
C ASN KB 13 -10.01 24.25 94.72
N THR KB 14 -9.53 23.26 93.97
CA THR KB 14 -9.73 21.84 94.29
C THR KB 14 -9.28 21.51 95.70
N THR KB 15 -8.07 21.94 96.04
CA THR KB 15 -7.49 21.69 97.37
C THR KB 15 -8.29 22.35 98.48
N HIS KB 16 -8.80 23.55 98.21
CA HIS KB 16 -9.68 24.23 99.15
C HIS KB 16 -11.05 23.56 99.28
N THR KB 17 -11.65 23.23 98.14
CA THR KB 17 -13.08 22.95 98.05
C THR KB 17 -13.47 21.46 97.96
N ALA KB 18 -12.58 20.62 97.43
CA ALA KB 18 -12.77 19.17 97.48
C ALA KB 18 -12.22 18.68 98.81
N GLN KB 19 -13.06 18.02 99.60
CA GLN KB 19 -12.69 17.58 100.95
C GLN KB 19 -11.75 16.38 100.90
N LEU KB 20 -10.47 16.68 100.72
CA LEU KB 20 -9.40 15.67 100.85
C LEU KB 20 -8.85 15.66 102.29
N GLN KB 21 -9.36 16.54 103.14
CA GLN KB 21 -9.17 16.43 104.60
C GLN KB 21 -9.88 15.21 105.20
N GLN KB 22 -10.89 14.69 104.50
CA GLN KB 22 -11.58 13.43 104.85
C GLN KB 22 -10.59 12.32 105.23
N THR KB 23 -9.78 11.90 104.26
CA THR KB 23 -8.82 10.82 104.45
C THR KB 23 -7.60 11.38 105.18
N ALA KB 24 -7.70 11.48 106.51
CA ALA KB 24 -6.63 12.02 107.34
C ALA KB 24 -6.70 11.41 108.73
N VAL KB 25 -5.53 11.29 109.38
CA VAL KB 25 -5.43 10.68 110.71
C VAL KB 25 -6.05 11.60 111.78
N PRO KB 26 -6.90 11.03 112.67
CA PRO KB 26 -7.29 11.79 113.87
C PRO KB 26 -6.11 12.00 114.83
N LEU KB 27 -5.96 13.23 115.32
CA LEU KB 27 -4.84 13.61 116.16
C LEU KB 27 -5.33 14.22 117.47
N ALA KB 28 -5.05 13.53 118.58
CA ALA KB 28 -5.40 14.03 119.91
C ALA KB 28 -4.39 15.09 120.36
N LEU KB 29 -4.56 16.30 119.84
CA LEU KB 29 -3.69 17.44 120.16
C LEU KB 29 -4.30 18.29 121.27
N PRO KB 30 -3.48 19.11 121.95
CA PRO KB 30 -4.02 20.05 122.95
C PRO KB 30 -4.85 21.18 122.35
N ILE KB 31 -5.61 21.86 123.21
CA ILE KB 31 -6.58 22.87 122.78
C ILE KB 31 -6.05 24.28 123.06
N PHE KB 32 -6.33 25.21 122.13
CA PHE KB 32 -5.86 26.59 122.22
C PHE KB 32 -6.69 27.40 123.21
N ASN KB 33 -6.07 27.81 124.31
CA ASN KB 33 -6.66 28.72 125.29
C ASN KB 33 -5.60 29.69 125.81
N PHE KB 34 -5.92 30.99 125.79
CA PHE KB 34 -4.99 32.03 126.28
C PHE KB 34 -4.73 31.95 127.78
N ASP KB 35 -5.74 31.51 128.53
CA ASP KB 35 -5.62 31.34 130.00
C ASP KB 35 -4.61 30.25 130.39
N ASP KB 36 -4.41 29.26 129.52
CA ASP KB 36 -3.45 28.16 129.74
C ASP KB 36 -2.42 28.09 128.61
N ILE KB 37 -1.79 29.22 128.30
CA ILE KB 37 -0.69 29.27 127.32
C ILE KB 37 0.62 28.72 127.92
N SER KB 38 0.79 28.90 129.24
CA SER KB 38 1.96 28.34 129.95
C SER KB 38 2.15 26.83 129.76
N LYS KB 39 1.04 26.10 129.63
CA LYS KB 39 1.07 24.67 129.35
C LYS KB 39 1.52 24.38 127.91
N THR KB 40 0.92 25.08 126.95
CA THR KB 40 1.12 24.84 125.52
C THR KB 40 1.70 26.08 124.84
N LEU KB 41 2.89 26.49 125.31
CA LEU KB 41 3.52 27.74 124.84
C LEU KB 41 4.20 27.55 123.49
N ASN KB 42 4.94 26.45 123.33
CA ASN KB 42 5.60 26.12 122.06
C ASN KB 42 5.25 24.69 121.62
N LYS KB 43 3.97 24.49 121.34
CA LYS KB 43 3.44 23.21 120.86
C LYS KB 43 2.33 23.45 119.84
N VAL KB 44 2.16 22.50 118.92
CA VAL KB 44 0.99 22.50 118.03
C VAL KB 44 -0.28 22.23 118.83
N VAL KB 45 -1.34 22.94 118.46
CA VAL KB 45 -2.60 22.94 119.20
C VAL KB 45 -3.78 23.03 118.23
N SER KB 46 -4.69 22.05 118.31
CA SER KB 46 -5.95 22.13 117.59
C SER KB 46 -6.85 23.12 118.31
N TYR KB 47 -7.72 23.79 117.56
CA TYR KB 47 -8.67 24.73 118.16
C TYR KB 47 -9.80 23.99 118.87
N SER KB 48 -10.48 24.69 119.77
CA SER KB 48 -11.71 24.20 120.38
C SER KB 48 -12.82 24.12 119.33
N ASN KB 49 -13.85 23.33 119.63
CA ASN KB 49 -14.98 23.12 118.70
C ASN KB 49 -15.75 24.41 118.42
N LYS KB 50 -16.05 25.13 119.49
CA LYS KB 50 -16.72 26.43 119.44
C LYS KB 50 -15.91 27.44 118.63
N GLN KB 51 -14.60 27.49 118.88
CA GLN KB 51 -13.68 28.36 118.16
C GLN KB 51 -13.72 28.06 116.67
N TYR KB 52 -13.53 26.79 116.33
CA TYR KB 52 -13.61 26.30 114.94
C TYR KB 52 -14.88 26.77 114.25
N LYS KB 53 -16.02 26.53 114.92
CA LYS KB 53 -17.33 26.94 114.42
C LYS KB 53 -17.37 28.42 114.09
N SER KB 54 -16.92 29.23 115.05
CA SER KB 54 -16.83 30.68 114.89
C SER KB 54 -15.87 31.05 113.76
N LEU KB 55 -14.68 30.46 113.79
CA LEU KB 55 -13.60 30.79 112.85
C LEU KB 55 -13.95 30.53 111.39
N HIS KB 56 -14.59 29.39 111.13
CA HIS KB 56 -15.05 29.05 109.79
C HIS KB 56 -16.07 30.06 109.28
N HIS KB 57 -17.04 30.38 110.12
CA HIS KB 57 -18.06 31.40 109.82
C HIS KB 57 -17.45 32.75 109.46
N LEU KB 58 -16.49 33.17 110.27
CA LEU KB 58 -15.76 34.43 110.06
C LEU KB 58 -15.04 34.45 108.71
N GLY KB 59 -14.36 33.35 108.41
CA GLY KB 59 -13.54 33.20 107.21
C GLY KB 59 -12.06 33.35 107.49
N SER KB 60 -11.61 32.70 108.58
CA SER KB 60 -10.21 32.77 108.99
C SER KB 60 -9.35 31.80 108.18
N PHE KB 61 -9.83 30.57 108.04
CA PHE KB 61 -9.09 29.51 107.34
C PHE KB 61 -9.25 29.68 105.84
N LYS KB 62 -8.13 29.92 105.15
CA LYS KB 62 -8.13 30.35 103.75
C LYS KB 62 -7.60 29.30 102.78
N LYS KB 63 -7.81 29.55 101.50
CA LYS KB 63 -7.63 28.54 100.45
C LYS KB 63 -6.17 28.15 100.14
N SER KB 64 -5.29 29.14 100.07
CA SER KB 64 -3.89 28.92 99.68
C SER KB 64 -3.01 28.31 100.79
N GLN KB 65 -3.57 28.19 102.00
CA GLN KB 65 -2.91 27.50 103.11
C GLN KB 65 -3.02 25.99 102.87
N PHE KB 66 -2.22 25.22 103.61
CA PHE KB 66 -2.30 23.75 103.56
C PHE KB 66 -3.08 23.22 104.76
N ASN KB 67 -4.32 23.68 104.91
CA ASN KB 67 -5.26 23.17 105.91
C ASN KB 67 -5.87 21.82 105.51
N GLU KB 68 -5.73 21.46 104.24
CA GLU KB 68 -6.14 20.15 103.72
C GLU KB 68 -5.32 18.98 104.27
N LEU KB 69 -4.08 19.26 104.69
CA LEU KB 69 -3.16 18.24 105.23
C LEU KB 69 -3.62 17.52 106.50
N PHE KB 70 -4.52 18.13 107.27
CA PHE KB 70 -4.91 17.60 108.58
C PHE KB 70 -6.43 17.44 108.68
N GLN KB 71 -6.88 16.86 109.79
CA GLN KB 71 -8.31 16.64 110.05
C GLN KB 71 -9.05 17.97 110.07
N LYS KB 72 -8.52 18.91 110.84
CA LYS KB 72 -8.97 20.30 110.84
C LYS KB 72 -7.76 21.23 110.84
N PRO KB 73 -7.96 22.51 110.44
CA PRO KB 73 -6.92 23.53 110.52
C PRO KB 73 -6.23 23.61 111.89
N VAL KB 74 -4.91 23.71 111.88
CA VAL KB 74 -4.11 23.62 113.11
C VAL KB 74 -2.99 24.67 113.08
N CYS KB 75 -2.69 25.23 114.26
CA CYS KB 75 -1.56 26.13 114.44
C CYS KB 75 -0.75 25.68 115.64
N LEU KB 76 0.42 26.28 115.82
CA LEU KB 76 1.15 26.21 117.08
C LEU KB 76 1.20 27.58 117.74
N VAL KB 77 1.33 27.57 119.06
CA VAL KB 77 1.50 28.78 119.85
C VAL KB 77 2.98 29.13 119.76
N ARG KB 78 3.29 30.43 119.74
CA ARG KB 78 4.66 30.91 119.64
C ARG KB 78 4.87 32.03 120.65
N GLU KB 79 5.96 31.95 121.40
CA GLU KB 79 6.30 32.95 122.42
C GLU KB 79 6.62 34.30 121.76
N ASP KB 80 7.44 34.26 120.71
CA ASP KB 80 7.87 35.46 120.01
C ASP KB 80 6.79 36.10 119.13
N ALA KB 81 5.95 35.28 118.50
CA ALA KB 81 4.98 35.76 117.51
C ALA KB 81 3.57 35.99 118.06
N THR KB 82 2.90 34.90 118.45
CA THR KB 82 1.46 34.93 118.72
C THR KB 82 1.15 35.35 120.15
N ASN KB 83 1.85 34.72 121.09
CA ASN KB 83 1.70 34.98 122.54
C ASN KB 83 1.97 36.45 122.88
N SER KB 84 3.08 36.97 122.35
CA SER KB 84 3.47 38.36 122.53
C SER KB 84 2.40 39.33 122.02
N PHE KB 85 1.87 39.03 120.83
CA PHE KB 85 0.78 39.80 120.23
C PHE KB 85 -0.47 39.82 121.12
N LEU KB 86 -0.83 38.64 121.63
CA LEU KB 86 -1.95 38.48 122.54
C LEU KB 86 -1.78 39.32 123.81
N LYS KB 87 -0.59 39.25 124.40
CA LYS KB 87 -0.22 40.05 125.56
C LYS KB 87 -0.38 41.56 125.31
N LYS KB 88 0.13 42.00 124.15
CA LYS KB 88 0.02 43.40 123.71
C LYS KB 88 -1.45 43.83 123.61
N LEU KB 89 -2.26 42.97 123.00
CA LEU KB 89 -3.70 43.20 122.85
C LEU KB 89 -4.38 43.37 124.21
N VAL KB 90 -4.05 42.47 125.13
CA VAL KB 90 -4.55 42.50 126.51
C VAL KB 90 -4.19 43.81 127.21
N SER KB 91 -2.92 44.18 127.09
CA SER KB 91 -2.32 45.23 127.91
C SER KB 91 -2.54 46.64 127.39
N HIS KB 92 -2.32 46.86 126.09
CA HIS KB 92 -2.31 48.21 125.49
C HIS KB 92 -3.60 49.01 125.76
N PRO KB 93 -3.48 50.35 125.90
CA PRO KB 93 -4.67 51.19 126.08
C PRO KB 93 -5.48 51.38 124.80
N VAL KB 94 -4.81 51.60 123.66
CA VAL KB 94 -5.47 51.81 122.37
C VAL KB 94 -6.10 50.53 121.81
N LYS KB 95 -5.36 49.42 121.88
CA LYS KB 95 -5.78 48.12 121.32
C LYS KB 95 -6.16 48.24 119.85
N LYS KB 96 -5.14 48.44 119.01
CA LYS KB 96 -5.34 48.81 117.61
C LYS KB 96 -4.10 48.45 116.81
N PHE KB 97 -4.16 47.32 116.10
CA PHE KB 97 -2.97 46.70 115.51
C PHE KB 97 -3.08 46.46 114.01
N ILE KB 98 -1.92 46.46 113.35
CA ILE KB 98 -1.79 46.03 111.95
C ILE KB 98 -0.66 44.99 111.89
N ILE KB 99 -1.00 43.77 111.47
CA ILE KB 99 -0.08 42.64 111.47
C ILE KB 99 0.72 42.64 110.17
N THR KB 100 1.97 43.08 110.26
CA THR KB 100 2.89 43.17 109.10
C THR KB 100 3.87 42.00 109.10
N GLY KB 101 4.53 41.81 107.96
CA GLY KB 101 5.51 40.74 107.78
C GLY KB 101 5.74 40.39 106.32
N GLU KB 102 6.66 39.46 106.08
CA GLU KB 102 6.93 38.95 104.74
C GLU KB 102 5.84 37.94 104.32
N PRO KB 103 5.64 37.76 102.99
CA PRO KB 103 4.69 36.77 102.46
C PRO KB 103 4.87 35.36 103.03
N GLY KB 104 3.78 34.79 103.56
CA GLY KB 104 3.77 33.43 104.09
C GLY KB 104 4.26 33.27 105.53
N VAL KB 105 4.57 34.38 106.20
CA VAL KB 105 5.11 34.34 107.57
C VAL KB 105 4.09 33.88 108.63
N GLY KB 106 2.81 34.08 108.35
CA GLY KB 106 1.72 33.66 109.25
C GLY KB 106 0.97 34.81 109.89
N LYS KB 107 0.43 35.68 109.05
CA LYS KB 107 -0.40 36.81 109.47
C LYS KB 107 -1.85 36.37 109.65
N THR KB 108 -2.34 35.63 108.68
CA THR KB 108 -3.71 35.13 108.76
C THR KB 108 -3.82 34.22 109.99
N VAL KB 109 -2.85 33.31 110.14
CA VAL KB 109 -2.84 32.39 111.27
C VAL KB 109 -2.91 33.18 112.59
N LEU KB 110 -2.14 34.26 112.66
CA LEU KB 110 -2.17 35.17 113.82
C LEU KB 110 -3.56 35.74 114.05
N LEU KB 111 -4.18 36.20 112.96
CA LEU KB 111 -5.56 36.69 112.98
C LEU KB 111 -6.54 35.65 113.49
N SER KB 112 -6.39 34.42 113.00
CA SER KB 112 -7.24 33.29 113.42
C SER KB 112 -7.11 32.99 114.90
N GLN KB 113 -5.88 33.06 115.41
CA GLN KB 113 -5.60 32.90 116.84
C GLN KB 113 -6.24 34.00 117.67
N ALA KB 114 -6.13 35.24 117.19
CA ALA KB 114 -6.75 36.41 117.82
C ALA KB 114 -8.27 36.28 117.90
N HIS KB 115 -8.87 35.82 116.80
CA HIS KB 115 -10.31 35.53 116.74
C HIS KB 115 -10.70 34.48 117.77
N ALA KB 116 -9.95 33.38 117.80
CA ALA KB 116 -10.16 32.27 118.73
C ALA KB 116 -10.11 32.73 120.20
N TYR KB 117 -9.11 33.57 120.49
CA TYR KB 117 -8.97 34.20 121.81
C TYR KB 117 -10.20 35.03 122.19
N ALA KB 118 -10.65 35.85 121.24
CA ALA KB 118 -11.83 36.71 121.42
C ALA KB 118 -13.08 35.88 121.71
N VAL KB 119 -13.25 34.79 120.96
CA VAL KB 119 -14.34 33.82 121.16
C VAL KB 119 -14.32 33.26 122.57
N ASP KB 120 -13.14 32.81 123.00
CA ASP KB 120 -12.93 32.28 124.35
C ASP KB 120 -13.32 33.28 125.44
N SER KB 121 -12.91 34.53 125.25
CA SER KB 121 -13.12 35.60 126.23
C SER KB 121 -14.46 36.37 126.07
N LYS KB 122 -15.46 35.74 125.46
CA LYS KB 122 -16.82 36.30 125.33
C LYS KB 122 -16.83 37.67 124.63
N GLN KB 123 -16.47 37.66 123.37
CA GLN KB 123 -16.41 38.87 122.54
C GLN KB 123 -17.08 38.64 121.19
N ILE KB 124 -17.70 39.68 120.66
CA ILE KB 124 -18.27 39.67 119.31
C ILE KB 124 -17.13 39.96 118.32
N ILE KB 125 -17.20 39.32 117.15
CA ILE KB 125 -16.17 39.44 116.11
C ILE KB 125 -16.82 39.85 114.79
N ILE KB 126 -16.42 41.00 114.26
CA ILE KB 126 -16.80 41.47 112.93
C ILE KB 126 -15.58 41.33 112.03
N ASN KB 127 -15.48 40.18 111.36
CA ASN KB 127 -14.36 39.90 110.47
C ASN KB 127 -14.69 40.21 109.02
N ILE KB 128 -13.76 40.89 108.35
CA ILE KB 128 -13.84 41.17 106.92
C ILE KB 128 -12.61 40.54 106.27
N SER KB 129 -12.70 39.24 106.03
CA SER KB 129 -11.68 38.53 105.26
C SER KB 129 -11.94 38.82 103.80
N TYR KB 130 -10.92 39.30 103.10
CA TYR KB 130 -10.97 39.59 101.66
C TYR KB 130 -11.89 40.79 101.35
N PRO KB 131 -11.37 42.02 101.55
CA PRO KB 131 -12.08 43.24 101.15
C PRO KB 131 -12.19 43.42 99.63
N GLU KB 132 -11.33 42.71 98.88
CA GLU KB 132 -11.42 42.61 97.41
C GLU KB 132 -12.85 42.45 96.88
N LEU KB 133 -13.69 41.70 97.59
CA LEU KB 133 -15.08 41.50 97.19
C LEU KB 133 -15.89 42.80 97.15
N PHE KB 134 -15.81 43.59 98.22
CA PHE KB 134 -16.50 44.89 98.25
C PHE KB 134 -15.75 45.98 97.48
N LEU KB 135 -14.42 45.88 97.43
CA LEU KB 135 -13.60 46.92 96.78
C LEU KB 135 -13.66 46.78 95.25
N ASN KB 136 -13.36 45.58 94.75
CA ASN KB 136 -13.52 45.30 93.31
C ASN KB 136 -15.02 45.18 93.01
N GLY KB 137 -15.39 45.51 91.78
CA GLY KB 137 -16.78 45.64 91.39
C GLY KB 137 -17.30 44.34 90.81
N ARG KB 138 -17.78 43.44 91.68
CA ARG KB 138 -18.32 42.14 91.25
C ARG KB 138 -19.60 41.77 92.00
N ASN KB 139 -20.37 42.79 92.38
CA ASN KB 139 -21.67 42.62 93.04
C ASN KB 139 -22.44 43.94 92.99
N ASP KB 140 -23.75 43.89 93.19
CA ASP KB 140 -24.59 45.08 93.00
C ASP KB 140 -24.28 46.19 94.00
N PHE KB 141 -24.55 47.43 93.59
CA PHE KB 141 -24.36 48.60 94.45
C PHE KB 141 -25.38 49.68 94.10
N SER KB 142 -25.52 50.66 94.99
CA SER KB 142 -26.50 51.73 94.82
C SER KB 142 -26.16 52.94 95.68
N TYR KB 143 -26.35 54.13 95.12
CA TYR KB 143 -26.16 55.38 95.87
C TYR KB 143 -27.35 55.62 96.78
N ASP KB 144 -27.15 55.43 98.08
CA ASP KB 144 -28.16 55.78 99.08
C ASP KB 144 -28.25 57.30 99.19
N ASP KB 145 -29.45 57.80 99.47
CA ASP KB 145 -29.69 59.26 99.57
C ASP KB 145 -29.51 59.77 101.00
N ASP KB 146 -29.93 58.99 101.98
CA ASP KB 146 -29.80 59.37 103.40
C ASP KB 146 -28.33 59.35 103.82
N LEU KB 147 -27.69 58.20 103.64
CA LEU KB 147 -26.25 58.07 103.81
C LEU KB 147 -25.59 58.50 102.51
N LYS KB 148 -24.74 59.53 102.56
CA LYS KB 148 -24.10 60.06 101.35
C LYS KB 148 -22.92 59.19 100.89
N LEU KB 149 -23.24 57.96 100.51
CA LEU KB 149 -22.23 56.99 100.05
C LEU KB 149 -22.90 55.80 99.34
N PHE KB 150 -22.11 55.07 98.54
CA PHE KB 150 -22.61 53.94 97.76
C PHE KB 150 -22.66 52.66 98.61
N ILE KB 151 -23.88 52.12 98.80
CA ILE KB 151 -24.06 50.85 99.52
C ILE KB 151 -23.92 49.67 98.56
N GLN KB 152 -23.57 48.51 99.11
CA GLN KB 152 -23.37 47.27 98.35
C GLN KB 152 -24.18 46.12 98.98
N PRO KB 153 -25.46 45.98 98.60
CA PRO KB 153 -26.40 45.10 99.32
C PRO KB 153 -26.44 43.60 98.94
N MET KB 154 -25.39 43.06 98.33
CA MET KB 154 -25.17 41.61 98.27
C MET KB 154 -24.09 41.21 99.28
N TYR KB 155 -22.96 41.90 99.19
CA TYR KB 155 -21.86 41.77 100.14
C TYR KB 155 -22.30 42.02 101.59
N LEU KB 156 -23.03 43.11 101.78
CA LEU KB 156 -23.51 43.54 103.10
C LEU KB 156 -24.33 42.46 103.80
N LYS KB 157 -25.27 41.89 103.05
CA LYS KB 157 -26.12 40.78 103.51
C LYS KB 157 -25.28 39.60 104.00
N LYS KB 158 -24.31 39.21 103.18
CA LYS KB 158 -23.36 38.13 103.51
C LYS KB 158 -22.59 38.41 104.80
N LEU KB 159 -22.10 39.64 104.91
CA LEU KB 159 -21.37 40.10 106.09
C LEU KB 159 -22.22 40.04 107.37
N ILE KB 160 -23.47 40.49 107.24
CA ILE KB 160 -24.46 40.42 108.33
C ILE KB 160 -24.70 38.98 108.77
N ARG KB 161 -24.87 38.10 107.80
CA ARG KB 161 -25.06 36.67 108.05
C ARG KB 161 -23.88 36.06 108.79
N LYS KB 162 -22.67 36.39 108.33
CA LYS KB 162 -21.43 35.95 108.98
C LYS KB 162 -21.36 36.38 110.44
N ILE KB 163 -21.66 37.66 110.68
CA ILE KB 163 -21.72 38.24 112.02
C ILE KB 163 -22.69 37.47 112.92
N LEU KB 164 -23.88 37.22 112.38
CA LEU KB 164 -24.92 36.47 113.08
C LEU KB 164 -24.43 35.09 113.51
N LYS KB 165 -23.83 34.37 112.57
CA LYS KB 165 -23.50 32.95 112.76
C LYS KB 165 -22.19 32.71 113.51
N ALA KB 166 -21.16 33.48 113.17
CA ALA KB 166 -19.85 33.38 113.85
C ALA KB 166 -19.94 33.51 115.37
N ASN KB 167 -20.77 34.45 115.82
CA ASN KB 167 -20.94 34.75 117.25
C ASN KB 167 -22.08 33.96 117.86
N ASP KB 168 -21.94 33.62 119.14
CA ASP KB 168 -23.00 32.93 119.88
C ASP KB 168 -24.15 33.89 120.21
N PRO KB 169 -25.40 33.39 120.20
CA PRO KB 169 -26.57 34.26 120.37
C PRO KB 169 -26.77 34.80 121.80
N ALA KB 170 -26.32 34.07 122.81
CA ALA KB 170 -26.45 34.49 124.22
C ALA KB 170 -25.68 35.77 124.52
N LEU KB 171 -24.45 35.83 124.03
CA LEU KB 171 -23.61 37.04 124.11
C LEU KB 171 -24.19 38.18 123.27
N LEU KB 172 -24.71 37.83 122.11
CA LEU KB 172 -25.23 38.80 121.14
C LEU KB 172 -26.60 39.37 121.55
N LYS KB 173 -27.45 38.54 122.16
CA LYS KB 173 -28.77 38.97 122.63
C LYS KB 173 -28.79 39.53 124.07
N SER KB 174 -27.61 39.67 124.68
CA SER KB 174 -27.50 40.41 125.96
C SER KB 174 -27.57 41.94 125.77
N ILE KB 175 -27.53 42.40 124.51
CA ILE KB 175 -27.48 43.82 124.18
C ILE KB 175 -28.87 44.34 123.81
N GLU KB 176 -29.38 45.26 124.61
CA GLU KB 176 -30.62 45.99 124.29
C GLU KB 176 -30.28 47.17 123.38
N LEU KB 177 -31.26 47.61 122.58
CA LEU KB 177 -31.04 48.70 121.63
C LEU KB 177 -31.11 50.07 122.29
N SER KB 178 -30.42 51.03 121.69
CA SER KB 178 -30.41 52.43 122.14
C SER KB 178 -31.57 53.21 121.52
N LYS KB 179 -31.85 52.95 120.24
CA LYS KB 179 -32.91 53.62 119.48
C LYS KB 179 -33.90 52.61 118.91
N ASP KB 180 -35.05 53.14 118.46
CA ASP KB 180 -36.03 52.36 117.69
C ASP KB 180 -35.64 52.38 116.22
N TYR KB 181 -36.02 51.33 115.49
CA TYR KB 181 -35.65 51.19 114.07
C TYR KB 181 -36.79 50.66 113.20
N LYS KB 182 -37.16 51.44 112.19
CA LYS KB 182 -38.07 51.00 111.14
C LYS KB 182 -37.26 50.48 109.95
N PHE KB 183 -37.70 49.35 109.38
CA PHE KB 183 -37.12 48.80 108.15
C PHE KB 183 -38.21 48.30 107.23
N SER KB 184 -37.91 48.25 105.94
CA SER KB 184 -38.79 47.61 104.96
C SER KB 184 -38.72 46.10 105.16
N ASN KB 185 -39.88 45.45 105.17
CA ASN KB 185 -39.94 43.99 105.30
C ASN KB 185 -39.64 43.32 103.96
N ALA KB 186 -39.00 42.15 104.01
CA ALA KB 186 -38.72 41.36 102.81
C ALA KB 186 -38.71 39.84 103.07
N ASN KB 187 -39.70 39.37 103.84
CA ASN KB 187 -39.93 37.93 104.02
C ASN KB 187 -40.79 37.38 102.86
N PRO KB 188 -40.72 36.05 102.62
CA PRO KB 188 -41.74 35.41 101.78
C PRO KB 188 -43.11 35.47 102.43
N LYS KB 189 -43.15 35.15 103.73
CA LYS KB 189 -44.33 35.39 104.57
C LYS KB 189 -44.52 36.89 104.83
N ASN KB 190 -45.68 37.22 105.42
CA ASN KB 190 -46.06 38.60 105.83
C ASN KB 190 -45.54 39.76 104.97
N ALA KB 191 -45.60 39.60 103.65
CA ALA KB 191 -45.17 40.65 102.71
C ALA KB 191 -46.27 41.70 102.59
N SER KB 192 -47.49 41.24 102.28
CA SER KB 192 -48.67 42.09 102.20
C SER KB 192 -49.19 42.53 103.57
N VAL KB 193 -49.05 41.66 104.57
CA VAL KB 193 -49.57 41.91 105.92
C VAL KB 193 -48.71 42.94 106.65
N LYS KB 194 -47.41 42.67 106.73
CA LYS KB 194 -46.44 43.55 107.37
C LYS KB 194 -45.59 44.28 106.30
N PRO KB 195 -45.95 45.52 105.94
CA PRO KB 195 -45.11 46.28 104.99
C PRO KB 195 -43.78 46.74 105.60
N PHE KB 196 -43.77 46.99 106.91
CA PHE KB 196 -42.56 47.41 107.63
C PHE KB 196 -42.30 46.54 108.86
N VAL KB 197 -41.03 46.42 109.22
CA VAL KB 197 -40.59 45.74 110.45
C VAL KB 197 -40.09 46.83 111.41
N THR KB 198 -40.55 46.76 112.66
CA THR KB 198 -40.21 47.75 113.69
C THR KB 198 -39.49 47.08 114.86
N LEU KB 199 -38.33 47.62 115.24
CA LEU KB 199 -37.59 47.20 116.43
C LEU KB 199 -37.68 48.31 117.47
N ASN KB 200 -38.15 47.97 118.66
CA ASN KB 200 -38.26 48.92 119.78
C ASN KB 200 -36.96 49.03 120.58
N LYS KB 201 -36.93 49.98 121.52
CA LYS KB 201 -35.72 50.29 122.29
C LYS KB 201 -35.31 49.19 123.27
N THR KB 202 -36.13 48.96 124.29
CA THR KB 202 -35.79 48.03 125.38
C THR KB 202 -36.20 46.59 125.09
N LYS KB 203 -37.36 46.41 124.47
CA LYS KB 203 -37.93 45.07 124.20
C LYS KB 203 -37.10 44.27 123.21
N ASN KB 204 -36.70 44.90 122.11
CA ASN KB 204 -35.98 44.23 121.01
C ASN KB 204 -34.50 44.00 121.37
N THR KB 205 -33.80 43.25 120.51
CA THR KB 205 -32.41 42.86 120.74
C THR KB 205 -31.53 43.06 119.50
N VAL KB 206 -30.21 43.03 119.70
CA VAL KB 206 -29.24 43.14 118.60
C VAL KB 206 -29.31 41.92 117.68
N LEU KB 207 -29.51 40.74 118.27
CA LEU KB 207 -29.75 39.50 117.52
C LEU KB 207 -30.94 39.64 116.56
N ASP KB 208 -32.03 40.18 117.09
CA ASP KB 208 -33.25 40.44 116.30
C ASP KB 208 -32.98 41.40 115.14
N LEU KB 209 -32.24 42.47 115.44
CA LEU KB 209 -31.82 43.48 114.47
C LEU KB 209 -31.03 42.84 113.32
N LEU KB 210 -30.06 42.00 113.68
CA LEU KB 210 -29.27 41.23 112.72
C LEU KB 210 -30.11 40.33 111.83
N SER KB 211 -31.10 39.67 112.44
CA SER KB 211 -32.01 38.78 111.72
C SER KB 211 -33.00 39.47 110.76
N VAL KB 212 -33.07 40.80 110.79
CA VAL KB 212 -33.94 41.58 109.90
C VAL KB 212 -33.54 41.34 108.44
N MET KB 213 -34.56 41.30 107.57
CA MET KB 213 -34.38 41.03 106.15
C MET KB 213 -35.18 42.04 105.34
N THR KB 214 -34.45 42.99 104.73
CA THR KB 214 -35.03 44.12 104.02
C THR KB 214 -34.78 44.02 102.52
N HIS KB 215 -35.28 45.00 101.79
CA HIS KB 215 -34.93 45.17 100.37
C HIS KB 215 -33.53 45.79 100.30
N PRO KB 216 -32.80 45.56 99.19
CA PRO KB 216 -31.43 46.07 98.99
C PRO KB 216 -31.16 47.52 99.41
N HIS KB 217 -32.08 48.43 99.10
CA HIS KB 217 -31.91 49.87 99.42
C HIS KB 217 -31.99 50.23 100.92
N ASN KB 218 -32.54 49.34 101.75
CA ASN KB 218 -32.53 49.49 103.22
C ASN KB 218 -31.44 48.68 103.94
N ARG KB 219 -30.78 47.78 103.21
CA ARG KB 219 -29.72 46.93 103.77
C ARG KB 219 -28.55 47.73 104.33
N GLY KB 220 -28.13 48.75 103.59
CA GLY KB 220 -27.08 49.68 104.04
C GLY KB 220 -27.48 50.44 105.30
N LYS KB 221 -28.74 50.85 105.36
CA LYS KB 221 -29.32 51.52 106.53
C LYS KB 221 -29.27 50.61 107.76
N LEU KB 222 -29.69 49.37 107.55
CA LEU KB 222 -29.63 48.30 108.56
C LEU KB 222 -28.22 48.10 109.09
N MET KB 223 -27.26 47.99 108.18
CA MET KB 223 -25.85 47.83 108.52
C MET KB 223 -25.36 48.98 109.39
N LYS KB 224 -25.66 50.20 108.95
CA LYS KB 224 -25.32 51.43 109.69
C LYS KB 224 -25.86 51.39 111.12
N ALA KB 225 -27.15 51.03 111.24
CA ALA KB 225 -27.82 50.91 112.53
C ALA KB 225 -27.12 49.91 113.47
N ILE KB 226 -26.76 48.76 112.91
CA ILE KB 226 -26.10 47.67 113.66
C ILE KB 226 -24.77 48.15 114.24
N ILE KB 227 -23.96 48.76 113.38
CA ILE KB 227 -22.65 49.31 113.77
C ILE KB 227 -22.79 50.31 114.92
N ASP KB 228 -23.75 51.23 114.76
CA ASP KB 228 -24.07 52.23 115.77
C ASP KB 228 -24.41 51.56 117.10
N GLU KB 229 -25.29 50.55 117.04
CA GLU KB 229 -25.70 49.77 118.21
C GLU KB 229 -24.50 49.15 118.93
N LEU KB 230 -23.61 48.54 118.15
CA LEU KB 230 -22.41 47.91 118.68
C LEU KB 230 -21.44 48.91 119.32
N SER KB 231 -21.34 50.09 118.70
CA SER KB 231 -20.55 51.20 119.26
C SER KB 231 -21.09 51.67 120.61
N VAL KB 232 -22.41 51.77 120.69
CA VAL KB 232 -23.09 52.24 121.90
C VAL KB 232 -22.92 51.29 123.09
N GLN KB 233 -23.07 49.99 122.84
CA GLN KB 233 -23.09 48.98 123.91
C GLN KB 233 -21.72 48.84 124.61
N SER KB 234 -21.76 48.77 125.94
CA SER KB 234 -20.56 48.61 126.78
C SER KB 234 -20.48 47.26 127.50
N LYS KB 235 -21.45 46.37 127.25
CA LYS KB 235 -21.53 45.08 127.92
C LYS KB 235 -20.57 44.03 127.37
N VAL KB 236 -20.37 44.01 126.05
CA VAL KB 236 -19.50 43.03 125.39
C VAL KB 236 -18.43 43.70 124.52
N PRO KB 237 -17.20 43.14 124.48
CA PRO KB 237 -16.19 43.68 123.54
C PRO KB 237 -16.44 43.32 122.08
N ILE KB 238 -16.10 44.24 121.18
CA ILE KB 238 -16.25 44.05 119.73
C ILE KB 238 -14.86 44.02 119.10
N MET KB 239 -14.47 42.85 118.60
CA MET KB 239 -13.24 42.69 117.82
C MET KB 239 -13.57 42.91 116.34
N PHE KB 240 -13.09 44.03 115.79
CA PHE KB 240 -13.13 44.25 114.35
C PHE KB 240 -11.82 43.75 113.74
N THR KB 241 -11.90 43.06 112.62
CA THR KB 241 -10.70 42.60 111.91
C THR KB 241 -10.88 42.68 110.40
N VAL KB 242 -9.80 43.07 109.72
CA VAL KB 242 -9.75 43.14 108.26
C VAL KB 242 -8.45 42.54 107.77
N ASP KB 243 -8.54 41.38 107.10
CA ASP KB 243 -7.37 40.72 106.55
C ASP KB 243 -7.28 41.01 105.05
N ASN KB 244 -6.06 41.05 104.54
CA ASN KB 244 -5.75 41.61 103.22
C ASN KB 244 -6.11 43.11 103.15
N PHE KB 245 -5.80 43.82 104.23
CA PHE KB 245 -5.97 45.29 104.33
C PHE KB 245 -5.03 46.04 103.38
N SER KB 246 -3.94 45.39 102.98
CA SER KB 246 -3.03 45.90 101.94
C SER KB 246 -3.74 46.28 100.65
N LYS KB 247 -4.67 45.42 100.22
CA LYS KB 247 -5.49 45.66 99.03
C LYS KB 247 -6.29 46.95 99.16
N VAL KB 248 -6.93 47.11 100.32
CA VAL KB 248 -7.73 48.29 100.65
C VAL KB 248 -6.88 49.56 100.57
N LEU KB 249 -5.71 49.50 101.20
CA LEU KB 249 -4.75 50.61 101.19
C LEU KB 249 -4.35 51.03 99.78
N THR KB 250 -4.04 50.03 98.95
CA THR KB 250 -3.54 50.27 97.60
C THR KB 250 -4.66 50.62 96.63
N THR KB 251 -5.71 49.80 96.60
CA THR KB 251 -6.89 50.07 95.77
C THR KB 251 -7.71 51.20 96.41
N ALA KB 252 -7.27 52.43 96.14
CA ALA KB 252 -7.91 53.63 96.67
C ALA KB 252 -9.24 53.90 95.98
N TYR KB 253 -9.29 53.65 94.67
CA TYR KB 253 -10.51 53.79 93.88
C TYR KB 253 -11.02 52.42 93.46
N SER KB 254 -12.31 52.19 93.69
CA SER KB 254 -12.98 50.94 93.31
C SER KB 254 -13.20 50.85 91.80
N ALA KB 255 -13.62 49.67 91.35
CA ALA KB 255 -13.96 49.46 89.94
C ALA KB 255 -15.37 49.94 89.58
N TYR KB 256 -16.18 50.30 90.58
CA TYR KB 256 -17.53 50.83 90.34
C TYR KB 256 -17.48 52.20 89.68
N ARG KB 257 -18.44 52.47 88.79
CA ARG KB 257 -18.54 53.73 88.08
C ARG KB 257 -19.87 54.41 88.45
N ASN KB 258 -19.81 55.69 88.79
CA ASN KB 258 -21.03 56.49 89.06
C ASN KB 258 -21.75 56.86 87.74
N THR KB 259 -22.77 57.72 87.82
CA THR KB 259 -23.59 58.10 86.64
C THR KB 259 -22.74 58.58 85.46
N GLU KB 260 -21.80 59.48 85.73
CA GLU KB 260 -20.77 59.85 84.77
C GLU KB 260 -19.68 58.79 84.82
N ASN KB 261 -19.12 58.44 83.66
CA ASN KB 261 -18.14 57.35 83.57
C ASN KB 261 -16.79 57.73 84.20
N LYS KB 262 -16.71 57.55 85.51
CA LYS KB 262 -15.44 57.65 86.26
C LYS KB 262 -15.50 56.83 87.53
N GLN KB 263 -14.33 56.39 88.00
CA GLN KB 263 -14.24 55.41 89.08
C GLN KB 263 -14.62 56.00 90.44
N ILE KB 264 -15.38 55.20 91.22
CA ILE KB 264 -15.81 55.59 92.56
C ILE KB 264 -14.67 55.40 93.55
N TYR KB 265 -14.54 56.35 94.47
CA TYR KB 265 -13.50 56.33 95.51
C TYR KB 265 -13.91 55.35 96.61
N SER KB 266 -12.93 54.70 97.23
CA SER KB 266 -13.19 53.73 98.31
C SER KB 266 -13.94 54.32 99.50
N LEU KB 267 -13.58 55.55 99.87
CA LEU KB 267 -14.25 56.27 100.96
C LEU KB 267 -15.65 56.81 100.60
N ASP KB 268 -15.97 56.85 99.30
CA ASP KB 268 -17.35 57.14 98.85
C ASP KB 268 -18.28 55.93 98.90
N LEU KB 269 -17.74 54.72 99.13
CA LEU KB 269 -18.55 53.53 99.36
C LEU KB 269 -19.03 53.49 100.81
N GLN KB 270 -19.95 52.58 101.11
CA GLN KB 270 -20.45 52.37 102.47
C GLN KB 270 -19.42 51.60 103.27
N MET KB 271 -19.05 50.42 102.75
CA MET KB 271 -18.24 49.45 103.47
C MET KB 271 -16.84 49.96 103.77
N GLY KB 272 -16.17 50.47 102.74
CA GLY KB 272 -14.80 50.99 102.87
C GLY KB 272 -14.70 52.19 103.80
N LYS KB 273 -15.68 53.09 103.69
CA LYS KB 273 -15.81 54.25 104.57
C LYS KB 273 -16.01 53.84 106.03
N LEU KB 274 -16.97 52.94 106.23
CA LEU KB 274 -17.28 52.36 107.54
C LEU KB 274 -16.03 51.78 108.18
N MET KB 275 -15.34 50.94 107.41
CA MET KB 275 -14.08 50.30 107.82
C MET KB 275 -13.05 51.33 108.27
N MET KB 276 -12.87 52.36 107.44
CA MET KB 276 -11.95 53.47 107.73
C MET KB 276 -12.31 54.20 109.03
N ASP KB 277 -13.61 54.43 109.22
CA ASP KB 277 -14.16 55.05 110.42
C ASP KB 277 -13.87 54.22 111.68
N ILE KB 278 -14.04 52.91 111.55
CA ILE KB 278 -13.74 51.95 112.62
C ILE KB 278 -12.26 52.00 113.01
N ILE KB 279 -11.40 51.96 111.99
CA ILE KB 279 -9.95 52.07 112.15
C ILE KB 279 -9.56 53.33 112.93
N SER KB 280 -10.06 54.47 112.48
CA SER KB 280 -9.74 55.76 113.09
C SER KB 280 -10.51 55.97 114.39
N GLY KB 281 -10.09 56.98 115.16
CA GLY KB 281 -10.81 57.39 116.37
C GLY KB 281 -12.03 58.21 116.00
N GLU KB 282 -13.09 57.53 115.58
CA GLU KB 282 -14.31 58.19 115.09
C GLU KB 282 -15.58 57.43 115.52
N THR KB 283 -15.75 56.20 115.04
CA THR KB 283 -16.78 55.29 115.59
C THR KB 283 -16.15 54.56 116.78
N LYS KB 284 -16.05 55.26 117.90
CA LYS KB 284 -15.41 54.73 119.10
C LYS KB 284 -16.38 53.80 119.84
N PHE KB 285 -15.93 52.58 120.11
CA PHE KB 285 -16.73 51.60 120.85
C PHE KB 285 -16.73 51.95 122.33
N ALA KB 286 -17.89 51.80 122.98
CA ALA KB 286 -18.07 52.22 124.37
C ALA KB 286 -17.26 51.37 125.35
N ASN KB 287 -17.21 50.06 125.11
CA ASN KB 287 -16.48 49.13 125.96
C ASN KB 287 -14.97 49.21 125.73
N GLY KB 288 -14.21 48.89 126.77
CA GLY KB 288 -12.80 48.55 126.64
C GLY KB 288 -12.67 47.15 126.05
N GLU KB 289 -11.44 46.70 125.83
CA GLU KB 289 -11.15 45.40 125.20
C GLU KB 289 -11.68 45.26 123.76
N SER KB 290 -12.10 46.37 123.15
CA SER KB 290 -12.73 46.37 121.84
C SER KB 290 -11.69 46.82 120.82
N SER KB 291 -11.18 45.87 120.04
CA SER KB 291 -9.99 46.08 119.22
C SER KB 291 -10.29 46.10 117.72
N THR KB 292 -9.36 46.70 116.97
CA THR KB 292 -9.30 46.56 115.52
C THR KB 292 -7.97 45.88 115.20
N ILE KB 293 -8.01 44.74 114.50
CA ILE KB 293 -6.79 44.00 114.14
C ILE KB 293 -6.74 43.83 112.62
N LEU KB 294 -5.90 44.62 111.97
CA LEU KB 294 -5.76 44.61 110.52
C LEU KB 294 -4.63 43.65 110.14
N ALA KB 295 -4.65 43.16 108.91
CA ALA KB 295 -3.60 42.26 108.43
C ALA KB 295 -3.27 42.49 106.95
N ILE KB 296 -1.97 42.65 106.68
CA ILE KB 296 -1.44 42.79 105.33
C ILE KB 296 -1.41 41.40 104.68
N SER KB 297 -1.44 41.39 103.34
CA SER KB 297 -1.22 40.16 102.57
C SER KB 297 -0.16 40.41 101.50
N GLY KB 298 0.85 39.55 101.47
CA GLY KB 298 1.89 39.57 100.43
C GLY KB 298 1.38 39.37 99.01
N VAL KB 299 0.22 38.72 98.87
CA VAL KB 299 -0.55 38.65 97.62
C VAL KB 299 -0.68 40.03 96.96
N ASP KB 300 -1.12 41.00 97.75
CA ASP KB 300 -1.54 42.31 97.24
C ASP KB 300 -0.35 43.20 96.89
N ARG KB 301 -0.67 44.35 96.29
CA ARG KB 301 0.33 45.34 95.88
C ARG KB 301 1.04 45.97 97.09
N THR KB 302 2.27 46.43 96.87
CA THR KB 302 3.01 47.22 97.85
C THR KB 302 3.34 48.60 97.28
N ASN KB 303 3.35 49.60 98.15
CA ASN KB 303 3.58 51.01 97.79
C ASN KB 303 3.97 51.83 99.02
N LYS KB 304 4.17 53.14 98.86
CA LYS KB 304 4.70 53.99 99.94
C LYS KB 304 3.72 54.27 101.08
N THR KB 305 2.42 54.10 100.86
CA THR KB 305 1.37 54.45 101.83
C THR KB 305 1.55 53.86 103.24
N LEU KB 306 1.57 52.53 103.32
CA LEU KB 306 1.61 51.83 104.62
C LEU KB 306 2.89 52.14 105.41
N PRO KB 307 4.07 52.12 104.75
CA PRO KB 307 5.30 52.58 105.41
C PRO KB 307 5.22 54.01 105.96
N VAL KB 308 4.67 54.92 105.16
CA VAL KB 308 4.51 56.32 105.56
C VAL KB 308 3.59 56.45 106.77
N ALA KB 309 2.49 55.70 106.77
CA ALA KB 309 1.56 55.64 107.90
C ALA KB 309 2.24 55.21 109.20
N LEU KB 310 3.08 54.19 109.09
CA LEU KB 310 3.87 53.69 110.23
C LEU KB 310 5.16 54.51 110.37
N GLY KB 311 5.96 54.19 111.38
CA GLY KB 311 7.25 54.86 111.60
C GLY KB 311 8.36 54.20 110.80
N LYS KB 312 8.35 54.43 109.49
CA LYS KB 312 9.27 53.76 108.56
C LYS KB 312 10.02 54.75 107.66
N ILE KB 313 9.27 55.50 106.84
CA ILE KB 313 9.84 56.42 105.85
C ILE KB 313 9.31 57.84 106.11
N PRO KB 314 10.15 58.87 105.88
CA PRO KB 314 9.64 60.25 105.84
C PRO KB 314 8.70 60.48 104.65
N VAL KB 315 7.77 61.41 104.81
CA VAL KB 315 6.71 61.64 103.81
C VAL KB 315 7.28 62.40 102.62
N ASP KB 316 7.48 61.68 101.50
CA ASP KB 316 7.79 62.32 100.22
C ASP KB 316 6.48 62.87 99.66
N PRO KB 317 6.41 64.20 99.44
CA PRO KB 317 5.17 64.80 98.92
C PRO KB 317 4.95 64.60 97.41
N TYR KB 318 6.01 64.35 96.66
CA TYR KB 318 5.95 64.31 95.19
C TYR KB 318 5.52 62.99 94.58
N VAL KB 319 5.68 61.88 95.31
CA VAL KB 319 5.20 60.56 94.84
C VAL KB 319 3.70 60.59 94.54
N THR KB 320 3.31 59.78 93.55
CA THR KB 320 1.99 59.88 92.93
C THR KB 320 0.88 59.31 93.83
N ARG KB 321 -0.36 59.65 93.51
CA ARG KB 321 -1.54 59.13 94.22
C ARG KB 321 -1.59 57.61 94.16
N TYR KB 322 -1.20 57.04 93.01
CA TYR KB 322 -1.17 55.60 92.80
C TYR KB 322 -0.23 54.88 93.79
N HIS KB 323 0.96 55.45 94.01
CA HIS KB 323 1.96 54.87 94.92
C HIS KB 323 1.99 55.46 96.33
N TYR KB 324 1.21 56.52 96.56
CA TYR KB 324 1.09 57.11 97.89
C TYR KB 324 -0.21 57.91 98.01
N GLU KB 325 -1.18 57.36 98.74
CA GLU KB 325 -2.39 58.09 99.09
C GLU KB 325 -2.27 58.65 100.50
N PRO KB 326 -2.28 60.00 100.64
CA PRO KB 326 -2.05 60.64 101.94
C PRO KB 326 -3.26 60.65 102.89
N LYS KB 327 -4.47 60.61 102.34
CA LYS KB 327 -5.70 60.56 103.15
C LYS KB 327 -5.73 59.33 104.06
N PHE KB 328 -5.43 58.18 103.47
CA PHE KB 328 -5.36 56.90 104.17
C PHE KB 328 -4.33 56.91 105.30
N VAL KB 329 -3.17 57.48 105.01
CA VAL KB 329 -2.10 57.68 105.98
C VAL KB 329 -2.58 58.54 107.16
N GLU KB 330 -3.22 59.65 106.83
CA GLU KB 330 -3.78 60.57 107.82
C GLU KB 330 -4.77 59.87 108.74
N LEU KB 331 -5.67 59.09 108.13
CA LEU KB 331 -6.65 58.28 108.85
C LEU KB 331 -5.99 57.29 109.80
N LEU KB 332 -4.96 56.61 109.31
CA LEU KB 332 -4.16 55.67 110.11
C LEU KB 332 -3.48 56.33 111.29
N GLN KB 333 -2.92 57.51 111.06
CA GLN KB 333 -2.30 58.31 112.13
C GLN KB 333 -3.31 58.75 113.18
N LYS KB 334 -4.52 59.09 112.74
CA LYS KB 334 -5.61 59.54 113.62
C LYS KB 334 -5.98 58.50 114.67
N GLY KB 335 -6.24 57.27 114.21
CA GLY KB 335 -6.45 56.12 115.11
C GLY KB 335 -5.11 55.43 115.34
N ASN KB 336 -4.52 55.64 116.51
CA ASN KB 336 -3.11 55.26 116.75
C ASN KB 336 -2.81 53.76 116.53
N VAL KB 337 -2.54 53.41 115.27
CA VAL KB 337 -2.23 52.04 114.86
C VAL KB 337 -0.76 51.73 115.15
N THR KB 338 -0.52 50.88 116.16
CA THR KB 338 0.82 50.34 116.44
C THR KB 338 0.98 49.03 115.68
N GLU KB 339 1.92 48.99 114.74
CA GLU KB 339 2.12 47.81 113.89
C GLU KB 339 2.79 46.66 114.64
N PHE KB 340 2.51 45.44 114.19
CA PHE KB 340 3.10 44.24 114.76
C PHE KB 340 3.77 43.41 113.67
N GLU KB 341 5.10 43.33 113.73
CA GLU KB 341 5.88 42.53 112.80
C GLU KB 341 5.82 41.06 113.23
N VAL KB 342 5.36 40.19 112.35
CA VAL KB 342 5.38 38.75 112.62
C VAL KB 342 6.81 38.26 112.37
N PRO KB 343 7.46 37.71 113.41
CA PRO KB 343 8.82 37.21 113.22
C PRO KB 343 8.82 35.85 112.54
N LYS KB 344 9.90 35.53 111.83
CA LYS KB 344 10.07 34.20 111.23
C LYS KB 344 10.40 33.17 112.32
N LEU KB 345 10.20 31.90 111.96
CA LEU KB 345 10.33 30.79 112.90
C LEU KB 345 11.77 30.62 113.40
N ASN KB 346 11.89 30.22 114.66
CA ASN KB 346 13.17 29.79 115.23
C ASN KB 346 13.44 28.36 114.79
N LYS KB 347 14.65 27.87 115.08
CA LYS KB 347 15.04 26.49 114.74
C LYS KB 347 14.19 25.47 115.49
N GLN KB 348 14.01 25.71 116.79
CA GLN KB 348 13.24 24.84 117.68
C GLN KB 348 11.79 24.71 117.25
N GLU KB 349 11.19 25.84 116.89
CA GLU KB 349 9.81 25.91 116.40
C GLU KB 349 9.64 25.09 115.11
N VAL KB 350 10.57 25.29 114.19
CA VAL KB 350 10.64 24.54 112.92
C VAL KB 350 10.70 23.03 113.18
N ASN KB 351 11.62 22.64 114.05
CA ASN KB 351 11.76 21.24 114.48
C ASN KB 351 10.43 20.65 115.00
N GLU KB 352 9.78 21.43 115.86
CA GLU KB 352 8.50 21.05 116.47
C GLU KB 352 7.42 20.84 115.41
N LEU KB 353 7.36 21.77 114.46
CA LEU KB 353 6.46 21.67 113.30
C LEU KB 353 6.70 20.40 112.51
N ILE KB 354 7.97 20.15 112.20
CA ILE KB 354 8.39 18.97 111.44
C ILE KB 354 7.99 17.67 112.15
N ASP KB 355 8.19 17.65 113.47
CA ASP KB 355 7.78 16.52 114.32
C ASP KB 355 6.28 16.30 114.24
N TYR KB 356 5.52 17.38 114.34
CA TYR KB 356 4.06 17.33 114.20
C TYR KB 356 3.62 16.76 112.86
N TYR KB 357 4.24 17.26 111.79
CA TYR KB 357 3.96 16.79 110.43
C TYR KB 357 4.22 15.29 110.28
N LYS KB 358 5.33 14.83 110.87
CA LYS KB 358 5.69 13.42 110.91
C LYS KB 358 4.64 12.57 111.62
N GLN KB 359 4.18 13.05 112.77
CA GLN KB 359 3.12 12.41 113.55
C GLN KB 359 1.83 12.27 112.74
N SER KB 360 1.45 13.37 112.08
CA SER KB 360 0.28 13.40 111.20
C SER KB 360 0.48 12.62 109.89
N ASN KB 361 1.73 12.33 109.55
CA ASN KB 361 2.12 11.49 108.40
C ASN KB 361 2.02 12.27 107.08
N VAL KB 362 2.67 13.45 107.08
CA VAL KB 362 2.78 14.30 105.89
C VAL KB 362 4.16 14.19 105.24
N LEU KB 363 5.19 13.87 106.03
CA LEU KB 363 6.57 13.77 105.53
C LEU KB 363 6.73 12.66 104.50
N LEU KB 364 7.63 12.90 103.55
CA LEU KB 364 7.94 11.92 102.51
C LEU KB 364 8.92 10.87 103.05
N ASP KB 365 9.00 9.75 102.36
CA ASP KB 365 9.84 8.62 102.79
C ASP KB 365 11.33 8.96 102.73
N LYS KB 366 11.74 9.71 101.70
CA LYS KB 366 13.13 10.14 101.56
C LYS KB 366 13.60 11.08 102.68
N ASP KB 367 12.66 11.85 103.24
CA ASP KB 367 12.95 12.69 104.41
C ASP KB 367 13.14 11.85 105.67
N ILE KB 368 12.17 10.97 105.95
CA ILE KB 368 12.18 10.17 107.20
C ILE KB 368 13.29 9.11 107.18
N THR KB 369 13.14 8.12 106.30
CA THR KB 369 13.98 6.92 106.33
C THR KB 369 15.38 7.18 105.74
N GLY KB 370 16.40 6.82 106.50
CA GLY KB 370 17.80 6.96 106.06
C GLY KB 370 18.27 8.41 106.07
N LYS KB 371 18.07 9.08 107.21
CA LYS KB 371 18.44 10.49 107.36
C LYS KB 371 18.46 10.89 108.83
N LYS KB 372 19.50 11.62 109.23
CA LYS KB 372 19.57 12.19 110.58
C LYS KB 372 18.51 13.28 110.74
N TRP KB 373 17.91 13.35 111.92
CA TRP KB 373 16.76 14.22 112.20
C TRP KB 373 17.17 15.68 112.28
N GLU KB 374 18.23 15.95 113.03
CA GLU KB 374 18.78 17.30 113.21
C GLU KB 374 19.23 17.89 111.87
N ASN KB 375 19.92 17.08 111.08
CA ASN KB 375 20.37 17.46 109.74
C ASN KB 375 19.21 17.84 108.81
N LEU KB 376 18.17 17.01 108.85
CA LEU KB 376 16.94 17.24 108.10
C LEU KB 376 16.30 18.59 108.46
N ILE KB 377 16.19 18.82 109.77
CA ILE KB 377 15.66 20.08 110.31
C ILE KB 377 16.45 21.29 109.80
N ASP KB 378 17.78 21.18 109.87
CA ASP KB 378 18.69 22.22 109.40
C ASP KB 378 18.51 22.52 107.91
N GLU KB 379 18.37 21.45 107.12
CA GLU KB 379 18.07 21.57 105.68
C GLU KB 379 16.75 22.29 105.44
N LYS KB 380 15.73 21.91 106.20
CA LYS KB 380 14.40 22.51 106.10
C LYS KB 380 14.42 24.01 106.41
N TYR KB 381 15.15 24.34 107.48
CA TYR KB 381 15.38 25.74 107.90
C TYR KB 381 16.06 26.54 106.79
N PHE KB 382 17.08 25.93 106.19
CA PHE KB 382 17.84 26.52 105.08
C PHE KB 382 16.94 26.82 103.88
N LEU KB 383 16.13 25.84 103.51
CA LEU KB 383 15.26 25.93 102.33
C LEU KB 383 14.08 26.87 102.50
N SER KB 384 13.59 27.01 103.73
CA SER KB 384 12.53 27.97 104.04
C SER KB 384 13.00 29.43 104.01
N GLY KB 385 14.32 29.65 104.00
CA GLY KB 385 14.89 30.98 104.16
C GLY KB 385 14.90 31.34 105.62
N ASN KB 386 15.36 30.40 106.45
CA ASN KB 386 15.46 30.56 107.90
C ASN KB 386 14.10 30.80 108.59
N GLY KB 387 13.15 29.93 108.26
CA GLY KB 387 11.88 29.82 109.00
C GLY KB 387 10.69 30.61 108.50
N ASN KB 388 10.53 30.70 107.19
CA ASN KB 388 9.25 31.14 106.61
C ASN KB 388 8.34 29.90 106.60
N PRO KB 389 7.26 29.90 107.43
CA PRO KB 389 6.47 28.67 107.61
C PRO KB 389 5.86 28.08 106.34
N ARG KB 390 5.27 28.94 105.50
CA ARG KB 390 4.66 28.50 104.25
C ARG KB 390 5.69 27.84 103.33
N GLU KB 391 6.80 28.54 103.14
CA GLU KB 391 7.93 28.05 102.33
C GLU KB 391 8.46 26.71 102.81
N LEU KB 392 8.63 26.59 104.13
CA LEU KB 392 9.01 25.34 104.78
C LEU KB 392 8.03 24.23 104.45
N LEU KB 393 6.75 24.53 104.61
CA LEU KB 393 5.66 23.58 104.34
C LEU KB 393 5.71 23.10 102.89
N LYS KB 394 5.92 24.04 101.98
CA LYS KB 394 6.04 23.77 100.54
C LYS KB 394 7.20 22.84 100.24
N SER KB 395 8.36 23.13 100.86
CA SER KB 395 9.57 22.30 100.73
C SER KB 395 9.34 20.88 101.22
N LEU KB 396 8.62 20.76 102.33
CA LEU KB 396 8.27 19.49 102.94
C LEU KB 396 7.37 18.64 102.03
N VAL KB 397 6.30 19.25 101.54
CA VAL KB 397 5.19 18.52 100.92
C VAL KB 397 5.11 18.72 99.39
N LEU KB 398 5.12 19.99 98.95
CA LEU KB 398 4.94 20.33 97.54
C LEU KB 398 6.26 20.41 96.74
N SER KB 399 7.32 19.74 97.20
CA SER KB 399 8.61 19.77 96.51
C SER KB 399 8.66 18.73 95.39
N HIS KB 400 8.84 17.46 95.74
CA HIS KB 400 8.93 16.35 94.79
C HIS KB 400 9.93 16.63 93.66
N ARG KB 401 11.11 17.10 94.05
CA ARG KB 401 12.12 17.62 93.15
C ARG KB 401 13.28 16.63 93.05
N MET LB 1 0.73 64.57 94.70
CA MET LB 1 1.08 66.02 94.54
C MET LB 1 0.23 66.90 95.45
N ASN LB 2 0.54 66.88 96.74
CA ASN LB 2 -0.13 67.72 97.74
C ASN LB 2 0.32 69.18 97.65
N VAL LB 3 1.60 69.38 97.29
CA VAL LB 3 2.15 70.72 97.04
C VAL LB 3 1.34 71.43 95.92
N PRO LB 4 1.02 72.73 96.09
CA PRO LB 4 0.18 73.40 95.08
C PRO LB 4 0.85 73.60 93.72
N LYS LB 5 0.00 73.79 92.71
CA LYS LB 5 0.43 73.85 91.31
C LYS LB 5 1.00 75.21 90.94
N ALA LB 6 0.29 76.27 91.35
CA ALA LB 6 0.65 77.65 91.02
C ALA LB 6 2.05 78.00 91.51
N ARG LB 7 2.34 77.63 92.76
CA ARG LB 7 3.67 77.82 93.36
C ARG LB 7 4.77 77.12 92.56
N LEU LB 8 4.52 75.87 92.20
CA LEU LB 8 5.45 75.09 91.37
C LEU LB 8 5.73 75.76 90.02
N LEU LB 9 4.67 76.24 89.38
CA LEU LB 9 4.76 76.99 88.13
C LEU LB 9 5.63 78.25 88.26
N LYS LB 10 5.39 79.00 89.34
CA LYS LB 10 6.16 80.20 89.67
C LYS LB 10 7.65 79.88 89.85
N VAL LB 11 7.92 78.81 90.60
CA VAL LB 11 9.28 78.31 90.81
C VAL LB 11 9.97 77.98 89.49
N ALA LB 12 9.26 77.25 88.63
CA ALA LB 12 9.75 76.86 87.30
C ALA LB 12 10.06 78.07 86.42
N GLU LB 13 9.18 79.06 86.46
CA GLU LB 13 9.37 80.34 85.76
C GLU LB 13 10.62 81.05 86.24
N LEU LB 14 10.80 81.08 87.56
CA LEU LB 14 11.96 81.71 88.18
C LEU LB 14 13.25 81.03 87.74
N SER LB 15 13.25 79.70 87.78
CA SER LB 15 14.39 78.89 87.34
C SER LB 15 14.75 79.20 85.88
N ALA LB 16 13.72 79.24 85.04
CA ALA LB 16 13.88 79.59 83.61
C ALA LB 16 14.48 80.97 83.41
N LYS LB 17 14.05 81.93 84.24
CA LYS LB 17 14.58 83.31 84.22
C LYS LB 17 16.07 83.33 84.59
N ILE LB 18 16.40 82.57 85.64
CA ILE LB 18 17.78 82.43 86.14
C ILE LB 18 18.72 81.91 85.07
N PHE LB 19 18.39 80.75 84.51
CA PHE LB 19 19.12 80.20 83.38
C PHE LB 19 18.59 80.91 82.14
N ASP LB 20 19.12 80.58 80.96
CA ASP LB 20 18.63 81.22 79.74
C ASP LB 20 17.33 80.58 79.25
N GLN LB 21 17.20 79.26 79.44
CA GLN LB 21 16.03 78.47 78.98
C GLN LB 21 14.64 79.14 79.10
N ASN LB 22 13.81 78.95 78.08
CA ASN LB 22 12.44 79.53 78.05
C ASN LB 22 11.45 78.79 78.94
N PHE LB 23 10.38 79.51 79.29
CA PHE LB 23 9.31 79.02 80.16
C PHE LB 23 8.00 79.05 79.37
N ASN LB 24 7.55 77.86 78.97
CA ASN LB 24 6.31 77.69 78.21
C ASN LB 24 5.31 76.89 79.05
N PRO LB 25 4.48 77.59 79.86
CA PRO LB 25 3.52 76.89 80.73
C PRO LB 25 2.32 76.29 79.99
N SER LB 26 1.85 76.97 78.95
CA SER LB 26 0.69 76.52 78.16
C SER LB 26 0.96 75.24 77.35
N GLY LB 27 2.22 75.04 76.94
CA GLY LB 27 2.60 73.87 76.15
C GLY LB 27 2.21 73.99 74.69
N ILE LB 28 2.39 75.19 74.13
CA ILE LB 28 2.08 75.48 72.72
C ILE LB 28 3.32 75.23 71.87
N ARG LB 29 3.11 74.90 70.60
CA ARG LB 29 4.19 74.78 69.62
C ARG LB 29 4.81 76.15 69.35
N THR LB 30 5.99 76.38 69.94
CA THR LB 30 6.70 77.66 69.79
C THR LB 30 7.56 77.70 68.53
N GLY LB 31 8.07 76.54 68.11
CA GLY LB 31 9.03 76.43 67.01
C GLY LB 31 10.48 76.35 67.48
N SER LB 32 10.68 76.24 68.80
CA SER LB 32 12.03 76.21 69.39
C SER LB 32 12.92 75.11 68.83
N LYS LB 33 12.35 73.92 68.63
CA LYS LB 33 13.09 72.76 68.12
C LYS LB 33 13.62 72.91 66.67
N ILE LB 34 13.05 73.83 65.90
CA ILE LB 34 13.52 74.09 64.53
C ILE LB 34 14.86 74.81 64.56
N LEU LB 35 14.93 75.93 65.29
CA LEU LB 35 16.14 76.76 65.33
C LEU LB 35 17.22 76.11 66.20
N ASN LB 36 16.83 75.70 67.41
CA ASN LB 36 17.76 75.15 68.42
C ASN LB 36 18.61 73.96 67.93
N GLU LB 37 18.07 73.19 66.98
CA GLU LB 37 18.84 72.14 66.28
C GLU LB 37 20.17 72.67 65.75
N ARG LB 38 21.26 72.04 66.18
CA ARG LB 38 22.60 72.34 65.65
C ARG LB 38 22.65 72.07 64.13
N LEU LB 39 23.13 73.06 63.39
CA LEU LB 39 23.21 72.95 61.93
C LEU LB 39 24.41 72.10 61.50
N LYS LB 40 24.15 71.11 60.64
CA LYS LB 40 25.08 70.02 60.32
C LYS LB 40 25.80 70.17 58.97
N GLY LB 41 25.66 71.34 58.34
CA GLY LB 41 26.08 71.54 56.95
C GLY LB 41 27.55 71.38 56.60
N PRO LB 42 28.46 71.98 57.40
CA PRO LB 42 29.90 71.88 57.11
C PRO LB 42 30.44 70.46 57.09
N SER LB 43 30.02 69.65 58.06
CA SER LB 43 30.38 68.24 58.15
C SER LB 43 29.90 67.44 56.93
N VAL LB 44 28.67 67.73 56.51
CA VAL LB 44 28.06 67.12 55.31
C VAL LB 44 28.86 67.48 54.06
N ALA LB 45 29.21 68.76 53.94
CA ALA LB 45 30.03 69.27 52.83
C ALA LB 45 31.40 68.60 52.74
N SER LB 46 32.00 68.34 53.91
CA SER LB 46 33.34 67.73 54.01
C SER LB 46 33.38 66.20 53.78
N TYR LB 47 32.37 65.64 53.11
CA TYR LB 47 32.21 64.19 53.00
C TYR LB 47 33.24 63.55 52.07
N TYR LB 48 33.28 64.02 50.83
CA TYR LB 48 34.12 63.42 49.79
C TYR LB 48 35.62 63.71 49.94
N GLY LB 49 35.95 64.88 50.51
CA GLY LB 49 37.34 65.19 50.87
C GLY LB 49 37.69 66.65 50.75
N ASN LB 50 39.00 66.91 50.79
CA ASN LB 50 39.56 68.25 50.61
C ASN LB 50 39.84 68.47 49.11
N PRO LB 51 39.00 69.29 48.42
CA PRO LB 51 39.14 69.44 46.95
C PRO LB 51 40.49 70.00 46.53
N ASP LB 52 41.02 70.95 47.29
CA ASP LB 52 42.41 71.37 47.14
C ASP LB 52 43.30 70.30 47.74
N ILE LB 53 43.69 69.36 46.88
CA ILE LB 53 44.71 68.35 47.18
C ILE LB 53 45.69 68.41 46.00
N LEU LB 54 46.95 68.04 46.24
CA LEU LB 54 47.94 68.04 45.16
C LEU LB 54 47.58 67.03 44.08
N LYS LB 55 47.79 67.45 42.84
CA LYS LB 55 47.50 66.65 41.65
C LYS LB 55 48.78 66.53 40.84
N PHE LB 56 48.73 65.75 39.78
CA PHE LB 56 49.89 65.61 38.89
C PHE LB 56 50.22 66.92 38.17
N ARG LB 57 49.18 67.67 37.80
CA ARG LB 57 49.33 68.98 37.16
C ARG LB 57 50.31 69.91 37.90
N HIS LB 58 50.20 69.94 39.22
CA HIS LB 58 50.96 70.87 40.04
C HIS LB 58 52.40 70.41 40.19
N LEU LB 59 53.82 65.83 42.33
CA LEU LB 59 53.27 65.99 40.99
C LEU LB 59 53.25 64.63 40.27
N LYS LB 60 53.99 70.02 37.51
CA LYS LB 60 55.01 70.81 36.82
C LYS LB 60 55.28 72.18 37.46
N THR LB 61 54.26 72.73 38.12
CA THR LB 61 54.33 74.06 38.74
C THR LB 61 55.40 74.18 39.83
N LEU LB 62 55.36 73.25 40.79
CA LEU LB 62 56.23 73.30 41.97
C LEU LB 62 57.67 72.92 41.63
N TYR LB 63 57.83 71.83 40.89
CA TYR LB 63 59.14 71.29 40.52
C TYR LB 63 59.24 71.14 38.99
N PRO LB 64 59.57 72.24 38.28
CA PRO LB 64 59.78 72.17 36.82
C PRO LB 64 60.98 71.31 36.39
N ASP LB 65 62.01 71.25 37.23
CA ASP LB 65 63.25 70.51 36.94
C ASP LB 65 63.02 69.03 36.65
N ILE LB 66 62.12 68.41 37.41
CA ILE LB 66 61.89 66.96 37.32
C ILE LB 66 60.81 66.69 36.27
N GLU LB 67 61.20 65.99 35.21
CA GLU LB 67 60.28 65.59 34.15
C GLU LB 67 59.51 64.35 34.57
N PHE LB 68 58.41 64.57 35.30
CA PHE LB 68 57.55 63.49 35.78
C PHE LB 68 56.76 62.84 34.65
N VAL LB 69 56.24 61.65 34.93
CA VAL LB 69 55.39 60.90 34.00
C VAL LB 69 54.16 60.39 34.75
N ASP LB 70 52.97 60.84 34.33
CA ASP LB 70 51.71 60.29 34.82
C ASP LB 70 51.43 59.07 33.95
N LEU LB 71 51.43 57.89 34.55
CA LEU LB 71 51.41 56.63 33.80
C LEU LB 71 50.04 56.31 33.19
N GLU LB 72 49.00 56.53 33.98
CA GLU LB 72 47.61 56.26 33.56
C GLU LB 72 47.20 57.13 32.39
N GLU LB 73 47.56 58.41 32.47
CA GLU LB 73 47.33 59.39 31.41
C GLU LB 73 48.03 58.98 30.12
N GLN LB 74 49.31 58.64 30.24
CA GLN LB 74 50.13 58.17 29.12
C GLN LB 74 49.53 56.94 28.44
N TYR LB 75 49.08 55.99 29.25
CA TYR LB 75 48.40 54.79 28.78
C TYR LB 75 47.15 55.14 27.98
N ARG LB 76 46.32 56.02 28.54
CA ARG LB 76 45.10 56.51 27.90
C ARG LB 76 45.40 57.13 26.54
N LEU LB 77 46.42 57.99 26.50
CA LEU LB 77 46.88 58.61 25.25
C LEU LB 77 47.31 57.60 24.20
N SER LB 78 48.04 56.57 24.64
CA SER LB 78 48.47 55.48 23.77
C SER LB 78 47.29 54.70 23.19
N MET LB 79 46.31 54.43 24.04
CA MET LB 79 45.06 53.77 23.63
C MET LB 79 44.31 54.59 22.57
N VAL LB 80 44.18 55.89 22.84
CA VAL LB 80 43.57 56.85 21.90
C VAL LB 80 44.27 56.82 20.55
N GLU LB 81 45.59 56.85 20.58
CA GLU LB 81 46.43 56.82 19.37
C GLU LB 81 46.18 55.54 18.57
N ALA LB 82 46.15 54.40 19.28
CA ALA LB 82 45.85 53.09 18.69
C ALA LB 82 44.48 53.06 18.02
N LYS LB 83 43.49 53.62 18.71
CA LYS LB 83 42.12 53.74 18.18
C LYS LB 83 42.07 54.54 16.89
N LYS LB 84 42.74 55.69 16.90
CA LYS LB 84 42.89 56.55 15.72
C LYS LB 84 43.50 55.80 14.54
N ARG LB 85 44.57 55.06 14.82
CA ARG LB 85 45.27 54.25 13.81
C ARG LB 85 44.37 53.24 13.12
N ARG LB 86 43.65 52.44 13.91
CA ARG LB 86 42.84 51.33 13.36
C ARG LB 86 41.38 51.70 13.01
N GLY LB 87 41.11 52.99 12.82
CA GLY LB 87 39.78 53.45 12.39
C GLY LB 87 38.67 53.28 13.42
N LYS LB 88 39.04 53.31 14.70
CA LYS LB 88 38.07 53.20 15.81
C LYS LB 88 38.16 54.43 16.72
N GLY LB 89 38.60 55.56 16.17
CA GLY LB 89 38.67 56.82 16.92
C GLY LB 89 37.29 57.41 17.11
N ALA LB 90 37.19 58.38 18.02
CA ALA LB 90 35.91 59.04 18.31
C ALA LB 90 35.44 59.86 17.10
N PRO LB 91 34.13 59.84 16.79
CA PRO LB 91 33.64 60.71 15.72
C PRO LB 91 33.71 62.19 16.12
N LYS LB 92 33.91 63.06 15.14
CA LYS LB 92 34.03 64.50 15.40
C LYS LB 92 32.69 65.05 15.92
N LYS LB 93 32.78 65.82 17.00
CA LYS LB 93 31.59 66.26 17.72
C LYS LB 93 30.84 67.36 16.97
N MET LB 94 29.51 67.27 16.99
CA MET LB 94 28.63 68.25 16.37
C MET LB 94 28.61 69.53 17.21
N LYS LB 95 28.53 70.68 16.53
CA LYS LB 95 28.56 71.99 17.18
C LYS LB 95 27.21 72.70 17.09
N LYS LB 96 26.72 72.89 15.86
CA LYS LB 96 25.42 73.51 15.58
C LYS LB 96 25.34 74.96 16.10
N SER MB 1 79.52 78.18 59.46
CA SER MB 1 78.09 78.54 59.69
C SER MB 1 77.13 77.58 58.98
N ALA MB 2 75.85 77.71 59.32
CA ALA MB 2 74.78 76.93 58.67
C ALA MB 2 74.54 77.43 57.24
N ASP MB 3 74.37 78.75 57.10
CA ASP MB 3 74.21 79.40 55.80
C ASP MB 3 75.58 79.53 55.11
N LEU MB 4 76.06 78.41 54.57
CA LEU MB 4 77.37 78.32 53.91
C LEU MB 4 77.23 77.94 52.43
N TYR MB 5 76.45 76.89 52.17
CA TYR MB 5 76.07 76.47 50.81
C TYR MB 5 75.62 77.61 49.89
N MET MB 6 74.87 78.57 50.45
CA MET MB 6 74.35 79.72 49.70
C MET MB 6 75.44 80.63 49.12
N HIS MB 7 76.59 80.68 49.79
CA HIS MB 7 77.75 81.46 49.34
C HIS MB 7 78.84 80.53 48.77
N PRO MB 8 78.85 80.30 47.44
CA PRO MB 8 79.92 79.49 46.84
C PRO MB 8 81.30 80.15 46.79
N GLU MB 9 81.35 81.48 46.93
CA GLU MB 9 82.61 82.22 46.90
C GLU MB 9 83.57 81.89 48.05
N LYS MB 10 83.02 81.58 49.23
CA LYS MB 10 83.82 81.38 50.44
C LYS MB 10 84.62 80.06 50.48
N TRP MB 11 84.06 78.98 49.92
CA TRP MB 11 84.64 77.63 50.10
C TRP MB 11 85.54 77.19 48.94
N LYS MB 12 86.80 77.62 49.03
CA LYS MB 12 87.91 77.03 48.28
C LYS MB 12 88.95 76.36 49.21
N GLY MB 13 89.21 76.96 50.38
CA GLY MB 13 90.16 76.43 51.36
C GLY MB 13 89.73 75.23 52.18
N LEU MB 14 88.48 74.80 52.06
CA LEU MB 14 87.96 73.63 52.80
C LEU MB 14 88.52 72.32 52.21
N PRO MB 15 88.40 71.20 52.96
CA PRO MB 15 88.76 69.89 52.39
C PRO MB 15 87.81 69.44 51.28
N PRO MB 16 88.20 68.42 50.48
CA PRO MB 16 87.42 68.07 49.30
C PRO MB 16 86.03 67.50 49.60
N GLN MB 17 85.98 66.58 50.57
CA GLN MB 17 84.74 65.96 51.02
C GLN MB 17 83.73 67.01 51.48
N ARG MB 18 84.20 67.94 52.29
CA ARG MB 18 83.39 69.05 52.80
C ARG MB 18 82.81 69.89 51.67
N ILE MB 19 83.67 70.23 50.70
CA ILE MB 19 83.28 70.97 49.50
C ILE MB 19 82.16 70.24 48.74
N LEU MB 20 82.37 68.94 48.53
CA LEU MB 20 81.37 68.07 47.89
C LEU MB 20 80.03 68.11 48.62
N GLU MB 21 80.08 67.98 49.95
CA GLU MB 21 78.89 68.05 50.80
C GLU MB 21 78.14 69.38 50.65
N LEU MB 22 78.90 70.48 50.64
CA LEU MB 22 78.34 71.82 50.43
C LEU MB 22 77.65 71.96 49.07
N TYR MB 23 78.32 71.45 48.03
CA TYR MB 23 77.78 71.40 46.67
C TYR MB 23 76.45 70.65 46.62
N TRP MB 24 76.42 69.49 47.26
CA TRP MB 24 75.21 68.65 47.35
C TRP MB 24 74.07 69.35 48.07
N GLU MB 25 74.41 70.00 49.18
CA GLU MB 25 73.46 70.85 49.92
C GLU MB 25 72.86 71.92 49.03
N ARG MB 26 73.73 72.63 48.32
CA ARG MB 26 73.34 73.72 47.42
C ARG MB 26 72.37 73.23 46.34
N MET MB 27 72.69 72.09 45.75
CA MET MB 27 71.84 71.44 44.75
C MET MB 27 70.47 71.09 45.31
N ALA MB 28 70.47 70.56 46.53
CA ALA MB 28 69.24 70.19 47.24
C ALA MB 28 68.32 71.36 47.50
N ARG MB 29 68.87 72.40 48.11
CA ARG MB 29 68.09 73.50 48.69
C ARG MB 29 67.34 74.27 47.61
N LEU MB 30 68.06 74.62 46.55
CA LEU MB 30 67.49 75.26 45.37
C LEU MB 30 67.55 74.21 44.26
N GLY MB 31 66.51 73.38 44.20
CA GLY MB 31 66.43 72.27 43.25
C GLY MB 31 66.22 72.74 41.82
N SER MB 32 65.05 73.29 41.56
CA SER MB 32 64.70 73.84 40.25
C SER MB 32 65.35 75.21 39.99
N GLU MB 33 65.59 75.97 41.06
CA GLU MB 33 66.23 77.29 40.96
C GLU MB 33 67.76 77.23 41.15
N TYR MB 34 68.39 76.13 40.72
CA TYR MB 34 69.84 76.00 40.74
C TYR MB 34 70.43 76.77 39.56
N LYS MB 35 71.52 77.50 39.81
CA LYS MB 35 72.22 78.26 38.77
C LYS MB 35 73.74 78.20 39.04
N PRO MB 36 74.51 77.55 38.13
CA PRO MB 36 75.96 77.36 38.29
C PRO MB 36 76.79 78.60 38.63
N ASN MB 37 77.93 78.36 39.29
CA ASN MB 37 78.82 79.43 39.77
C ASN MB 37 80.29 79.09 39.45
N LYS MB 38 81.08 80.12 39.18
CA LYS MB 38 82.50 79.94 38.82
C LYS MB 38 83.36 79.46 39.99
N ASP MB 39 83.19 80.11 41.13
CA ASP MB 39 83.89 79.76 42.38
C ASP MB 39 83.60 78.32 42.80
N GLU MB 40 82.33 77.94 42.66
CA GLU MB 40 81.86 76.60 42.97
C GLU MB 40 82.53 75.56 42.05
N LEU MB 41 82.57 75.88 40.76
CA LEU MB 41 83.25 75.05 39.75
C LEU MB 41 84.72 74.86 40.10
N ASN MB 42 85.39 75.96 40.41
CA ASN MB 42 86.80 75.95 40.82
C ASN MB 42 87.06 75.05 42.02
N ALA MB 43 86.17 75.15 43.01
CA ALA MB 43 86.21 74.28 44.20
C ALA MB 43 86.10 72.81 43.79
N LEU MB 44 85.11 72.51 42.97
CA LEU MB 44 84.88 71.14 42.45
C LEU MB 44 86.09 70.57 41.69
N LEU MB 45 86.74 71.42 40.90
CA LEU MB 45 87.97 71.06 40.20
C LEU MB 45 89.10 70.73 41.18
N THR MB 46 89.24 71.58 42.20
CA THR MB 46 90.23 71.38 43.26
C THR MB 46 90.01 70.06 44.01
N THR MB 47 88.75 69.74 44.27
CA THR MB 47 88.38 68.49 44.95
C THR MB 47 88.76 67.24 44.15
N SER MB 48 88.67 67.31 42.83
CA SER MB 48 88.87 66.18 41.90
C SER MB 48 89.95 65.13 42.24
N GLU MB 49 91.04 65.55 42.90
CA GLU MB 49 92.07 64.62 43.37
C GLU MB 49 91.58 63.63 44.44
N TYR MB 50 90.57 64.02 45.20
CA TYR MB 50 89.94 63.16 46.22
C TYR MB 50 89.31 61.90 45.62
N SER MB 51 88.30 62.08 44.76
CA SER MB 51 87.65 60.98 44.05
C SER MB 51 88.14 60.96 42.61
N ASN MB 52 88.73 59.84 42.20
CA ASN MB 52 89.48 59.73 40.94
C ASN MB 52 88.68 60.13 39.68
N VAL MB 53 88.75 61.43 39.35
CA VAL MB 53 88.07 62.00 38.18
C VAL MB 53 88.99 63.06 37.53
N PRO MB 54 89.19 63.00 36.19
CA PRO MB 54 89.97 64.06 35.51
C PRO MB 54 89.30 65.44 35.49
N VAL MB 55 90.10 66.46 35.18
CA VAL MB 55 89.71 67.88 35.33
C VAL MB 55 88.69 68.32 34.27
N ASN MB 56 88.89 67.87 33.03
CA ASN MB 56 87.94 68.12 31.95
C ASN MB 56 86.61 67.41 32.21
N ASP MB 57 86.71 66.14 32.63
CA ASP MB 57 85.55 65.29 32.90
C ASP MB 57 84.63 65.86 33.98
N ILE MB 58 85.22 66.23 35.12
CA ILE MB 58 84.48 66.90 36.22
C ILE MB 58 83.71 68.14 35.74
N LYS MB 59 84.39 68.97 34.95
CA LYS MB 59 83.80 70.20 34.41
C LYS MB 59 82.61 69.88 33.51
N LYS MB 60 82.79 68.87 32.65
CA LYS MB 60 81.74 68.39 31.76
C LYS MB 60 80.51 67.90 32.53
N LEU MB 61 80.77 67.12 33.58
CA LEU MB 61 79.71 66.62 34.49
C LEU MB 61 78.95 67.74 35.17
N TYR MB 62 79.69 68.75 35.61
CA TYR MB 62 79.11 69.94 36.23
C TYR MB 62 78.19 70.68 35.27
N HIS MB 63 78.65 70.85 34.03
CA HIS MB 63 77.88 71.50 32.97
C HIS MB 63 76.60 70.73 32.63
N ARG MB 64 76.74 69.44 32.38
CA ARG MB 64 75.64 68.56 31.98
C ARG MB 64 75.53 67.39 32.96
N GLY MB 65 74.38 67.28 33.63
CA GLY MB 65 74.19 66.33 34.73
C GLY MB 65 74.24 64.85 34.35
N GLU MB 66 73.07 64.25 34.17
CA GLU MB 66 72.98 62.82 33.86
C GLU MB 66 73.32 62.52 32.40
N GLN MB 67 72.94 63.43 31.50
CA GLN MB 67 73.27 63.33 30.07
C GLN MB 67 74.77 63.25 29.84
N GLY MB 68 75.50 64.12 30.52
CA GLY MB 68 76.96 64.14 30.48
C GLY MB 68 77.56 62.82 30.96
N ALA MB 69 77.04 62.32 32.08
CA ALA MB 69 77.46 61.03 32.65
C ALA MB 69 77.25 59.87 31.68
N ILE MB 70 76.09 59.87 31.04
CA ILE MB 70 75.74 58.87 30.01
C ILE MB 70 76.74 58.91 28.85
N ASP MB 71 77.02 60.12 28.37
CA ASP MB 71 78.00 60.35 27.29
C ASP MB 71 79.38 59.82 27.66
N ILE MB 72 79.81 60.09 28.89
CA ILE MB 72 81.07 59.59 29.45
C ILE MB 72 81.14 58.06 29.38
N LYS MB 73 80.07 57.39 29.79
CA LYS MB 73 79.98 55.92 29.70
C LYS MB 73 79.95 55.44 28.24
N ASN MB 78 73.18 49.42 30.52
CA ASN MB 78 73.66 48.53 31.57
C ASN MB 78 72.68 47.38 31.83
N ARG MB 79 73.22 46.24 32.23
CA ARG MB 79 72.42 45.04 32.52
C ARG MB 79 71.47 45.21 33.71
N ASP MB 80 70.33 44.53 33.64
CA ASP MB 80 69.37 44.50 34.74
C ASP MB 80 69.87 43.55 35.83
N ASN MB 81 69.96 44.05 37.06
CA ASN MB 81 70.40 43.28 38.23
C ASN MB 81 69.35 43.33 39.35
N SER MB 82 68.09 43.15 38.97
CA SER MB 82 66.97 43.20 39.91
C SER MB 82 66.87 41.92 40.73
N LEU MB 83 66.99 40.78 40.06
CA LEU MB 83 66.97 39.46 40.71
C LEU MB 83 68.37 38.86 40.85
N ARG MB 84 69.37 39.70 41.12
CA ARG MB 84 70.72 39.22 41.43
C ARG MB 84 70.69 38.55 42.81
N PRO MB 85 71.45 37.46 42.99
CA PRO MB 85 71.32 36.63 44.20
C PRO MB 85 71.77 37.36 45.48
N PHE MB 86 71.21 36.92 46.60
CA PHE MB 86 71.32 37.62 47.87
C PHE MB 86 72.73 37.48 48.48
N MET MB 87 73.42 38.62 48.63
CA MET MB 87 74.76 38.67 49.21
C MET MB 87 74.77 38.84 50.74
N PHE MB 88 73.59 38.82 51.37
CA PHE MB 88 73.44 38.91 52.83
C PHE MB 88 74.09 40.16 53.39
N ASP MB 89 73.55 41.31 52.99
CA ASP MB 89 74.04 42.62 53.42
C ASP MB 89 72.92 43.67 53.58
N GLU MB 90 71.70 43.23 53.81
CA GLU MB 90 70.54 44.13 53.93
C GLU MB 90 69.33 43.40 54.50
N LEU MB 91 68.73 43.97 55.54
CA LEU MB 91 67.58 43.35 56.20
C LEU MB 91 66.28 43.52 55.40
N PRO MB 92 65.36 42.55 55.49
CA PRO MB 92 64.04 42.68 54.83
C PRO MB 92 63.12 43.75 55.46
N SER MB 93 61.85 43.77 55.01
CA SER MB 93 60.89 44.79 55.42
C SER MB 93 60.48 44.69 56.89
N GLN MB 94 60.02 43.50 57.29
CA GLN MB 94 59.63 43.22 58.67
C GLN MB 94 60.77 43.48 59.64
N ALA MB 95 61.93 42.91 59.30
CA ALA MB 95 63.18 43.12 60.03
C ALA MB 95 63.48 44.59 60.23
N GLN MB 96 63.42 45.35 59.14
CA GLN MB 96 63.70 46.79 59.16
C GLN MB 96 62.71 47.56 60.04
N GLU MB 97 61.46 47.11 60.02
CA GLU MB 97 60.39 47.66 60.87
C GLU MB 97 60.71 47.41 62.35
N LEU MB 98 61.11 46.18 62.65
CA LEU MB 98 61.53 45.79 64.01
C LEU MB 98 62.72 46.60 64.52
N VAL MB 99 63.68 46.83 63.61
CA VAL MB 99 64.86 47.64 63.91
C VAL MB 99 64.41 49.06 64.26
N ALA MB 100 63.56 49.63 63.41
CA ALA MB 100 63.01 50.99 63.60
C ALA MB 100 62.31 51.15 64.95
N GLN MB 101 61.50 50.15 65.31
CA GLN MB 101 60.86 50.10 66.63
C GLN MB 101 61.90 50.12 67.75
N HIS MB 102 62.95 49.32 67.59
CA HIS MB 102 64.04 49.25 68.55
C HIS MB 102 64.81 50.58 68.66
N ARG MB 103 65.03 51.23 67.53
CA ARG MB 103 65.64 52.57 67.51
C ARG MB 103 64.82 53.57 68.32
N GLU MB 104 63.51 53.54 68.07
CA GLU MB 104 62.53 54.39 68.77
C GLU MB 104 62.58 54.18 70.28
N GLN MB 105 62.57 52.91 70.68
CA GLN MB 105 62.69 52.52 72.08
C GLN MB 105 63.95 53.11 72.72
N ARG MB 106 65.09 52.88 72.06
CA ARG MB 106 66.38 53.41 72.49
C ARG MB 106 66.40 54.93 72.66
N PHE MB 107 65.83 55.61 71.68
CA PHE MB 107 65.64 57.07 71.71
C PHE MB 107 64.85 57.52 72.95
N TYR MB 108 63.75 56.83 73.20
CA TYR MB 108 62.90 57.10 74.37
C TYR MB 108 63.62 56.82 75.69
N ASN MB 109 64.42 55.77 75.73
CA ASN MB 109 65.26 55.45 76.89
C ASN MB 109 66.27 56.56 77.17
N ARG MB 110 66.90 57.04 76.10
CA ARG MB 110 67.86 58.15 76.17
C ARG MB 110 67.21 59.41 76.70
N LEU MB 111 66.03 59.73 76.17
CA LEU MB 111 65.23 60.87 76.65
C LEU MB 111 64.94 60.78 78.13
N ALA MB 112 64.49 59.60 78.56
CA ALA MB 112 64.21 59.31 79.97
C ALA MB 112 65.43 59.50 80.86
N ALA MB 113 66.59 59.08 80.36
CA ALA MB 113 67.85 59.16 81.09
C ALA MB 113 68.39 60.58 81.28
N TYR MB 114 68.48 61.34 80.19
CA TYR MB 114 69.23 62.61 80.19
C TYR MB 114 68.42 63.90 80.02
N GLU MB 115 67.19 63.81 79.53
CA GLU MB 115 66.33 64.99 79.36
C GLU MB 115 65.30 65.16 80.48
N LEU MB 116 64.79 64.06 81.02
CA LEU MB 116 63.80 64.13 82.09
C LEU MB 116 64.40 64.61 83.43
N PRO MB 117 65.65 64.22 83.74
CA PRO MB 117 66.34 64.86 84.88
C PRO MB 117 66.58 66.37 84.71
N LEU MB 118 66.92 66.79 83.49
CA LEU MB 118 67.00 68.23 83.17
C LEU MB 118 65.69 68.95 83.40
N LEU MB 119 64.60 68.29 82.99
CA LEU MB 119 63.24 68.80 83.16
C LEU MB 119 62.87 69.06 84.63
N ALA MB 120 63.46 68.29 85.55
CA ALA MB 120 63.26 68.48 86.99
C ALA MB 120 63.80 69.81 87.57
N GLN MB 121 64.59 70.56 86.79
CA GLN MB 121 64.90 71.96 87.12
C GLN MB 121 63.62 72.78 87.28
N TYR MB 122 62.74 72.65 86.28
CA TYR MB 122 61.48 73.39 86.23
C TYR MB 122 60.46 72.66 87.10
N ARG MB 123 60.59 72.87 88.41
CA ARG MB 123 59.86 72.12 89.42
C ARG MB 123 59.42 73.05 90.55
N GLN MB 124 58.14 73.03 90.86
CA GLN MB 124 57.53 73.90 91.87
C GLN MB 124 56.73 73.07 92.86
N GLU MB 125 56.79 73.41 94.14
CA GLU MB 125 55.98 72.74 95.16
C GLU MB 125 54.52 73.21 95.04
N TYR MB 126 53.59 72.35 95.43
CA TYR MB 126 52.16 72.63 95.28
C TYR MB 126 51.72 73.78 96.18
N LYS MB 127 51.05 74.76 95.58
CA LYS MB 127 50.51 75.92 96.29
C LYS MB 127 49.00 75.79 96.34
N ARG MB 128 48.52 75.13 97.40
CA ARG MB 128 47.12 74.75 97.53
C ARG MB 128 46.20 75.94 97.79
N PRO MB 129 45.14 76.10 96.95
CA PRO MB 129 44.03 76.98 97.32
C PRO MB 129 43.06 76.22 98.23
N SER MB 130 42.73 76.80 99.39
CA SER MB 130 41.93 76.11 100.40
C SER MB 130 40.49 75.88 99.92
N PRO MB 131 39.91 74.68 100.20
CA PRO MB 131 38.50 74.41 99.89
C PRO MB 131 37.48 75.38 100.50
N GLU MB 132 37.82 75.99 101.64
CA GLU MB 132 36.98 77.01 102.28
C GLU MB 132 36.79 78.24 101.37
N SER MB 133 37.89 78.72 100.80
CA SER MB 133 37.88 79.88 99.90
C SER MB 133 37.54 79.52 98.44
N HIS MB 134 37.97 78.33 98.00
CA HIS MB 134 37.82 77.90 96.60
C HIS MB 134 37.00 76.60 96.49
N PRO MB 135 35.66 76.70 96.65
CA PRO MB 135 34.78 75.52 96.55
C PRO MB 135 34.40 75.10 95.12
N VAL MB 136 34.28 76.06 94.22
CA VAL MB 136 33.82 75.81 92.84
C VAL MB 136 34.96 75.20 92.03
N THR MB 137 34.63 74.28 91.12
CA THR MB 137 35.61 73.61 90.27
C THR MB 137 35.20 73.63 88.80
N TYR MB 138 35.71 74.62 88.07
CA TYR MB 138 35.50 74.72 86.62
C TYR MB 138 36.42 73.72 85.92
N ARG MB 139 35.87 72.60 85.44
CA ARG MB 139 36.68 71.64 84.69
C ARG MB 139 36.62 71.94 83.19
N TYR MB 140 37.80 72.12 82.60
CA TYR MB 140 37.96 72.33 81.17
C TYR MB 140 38.51 71.08 80.53
N THR MB 141 38.12 70.83 79.28
CA THR MB 141 38.61 69.69 78.51
C THR MB 141 39.31 70.17 77.24
N SER MB 142 40.35 69.47 76.84
CA SER MB 142 41.14 69.81 75.65
C SER MB 142 41.60 68.53 74.94
N TYR MB 143 41.27 68.43 73.66
CA TYR MB 143 41.72 67.34 72.81
C TYR MB 143 42.97 67.84 72.10
N VAL MB 144 44.08 67.11 72.25
CA VAL MB 144 45.41 67.62 71.94
C VAL MB 144 45.63 67.84 70.44
N GLY MB 145 45.75 66.75 69.69
CA GLY MB 145 46.01 66.81 68.25
C GLY MB 145 44.80 67.25 67.44
N GLU MB 146 43.62 66.91 67.94
CA GLU MB 146 42.35 67.12 67.23
C GLU MB 146 41.80 68.52 67.47
N GLU MB 147 40.74 68.85 66.74
CA GLU MB 147 39.92 70.03 67.03
C GLU MB 147 38.47 69.55 67.21
N HIS MB 148 38.24 68.95 68.37
CA HIS MB 148 36.93 68.45 68.79
C HIS MB 148 36.04 69.68 69.08
N PRO MB 149 34.71 69.56 68.85
CA PRO MB 149 33.78 70.61 69.29
C PRO MB 149 33.34 70.51 70.77
N ASN MB 150 33.92 69.56 71.51
CA ASN MB 150 33.69 69.41 72.94
C ASN MB 150 34.78 70.12 73.77
N SER MB 151 35.84 70.61 73.11
CA SER MB 151 36.86 71.43 73.76
C SER MB 151 36.28 72.73 74.35
N ARG MB 152 35.21 73.24 73.73
CA ARG MB 152 34.47 74.39 74.26
C ARG MB 152 33.70 74.10 75.56
N LYS MB 153 33.37 72.84 75.81
CA LYS MB 153 32.59 72.45 76.99
C LYS MB 153 33.36 72.72 78.29
N VAL MB 154 32.75 73.51 79.16
CA VAL MB 154 33.26 73.79 80.50
C VAL MB 154 32.17 73.37 81.48
N VAL MB 155 32.57 72.85 82.63
CA VAL MB 155 31.64 72.34 83.65
C VAL MB 155 31.98 72.91 85.02
N LEU MB 156 31.12 73.77 85.52
CA LEU MB 156 31.17 74.24 86.91
C LEU MB 156 30.51 73.20 87.80
N SER MB 157 31.03 73.04 89.01
CA SER MB 157 30.48 72.07 89.98
C SER MB 157 30.86 72.45 91.41
N VAL MB 158 29.85 72.61 92.27
CA VAL MB 158 30.03 73.07 93.65
C VAL MB 158 29.18 72.28 94.62
N LYS MB 159 29.71 72.02 95.82
CA LYS MB 159 28.90 71.56 96.94
C LYS MB 159 28.11 72.75 97.48
N THR MB 160 26.80 72.59 97.64
CA THR MB 160 25.91 73.70 98.02
C THR MB 160 26.12 74.20 99.45
N LYS MB 161 26.52 73.30 100.35
CA LYS MB 161 26.87 73.68 101.73
C LYS MB 161 28.16 74.50 101.81
N GLU MB 162 29.08 74.29 100.87
CA GLU MB 162 30.33 75.07 100.80
C GLU MB 162 30.10 76.53 100.33
N LEU MB 163 28.99 76.78 99.63
CA LEU MB 163 28.61 78.15 99.25
C LEU MB 163 28.21 78.97 100.47
N GLY MB 164 28.62 80.23 100.49
CA GLY MB 164 28.32 81.14 101.60
C GLY MB 164 26.87 81.59 101.59
N LEU MB 165 26.01 80.77 102.20
CA LEU MB 165 24.57 81.04 102.25
C LEU MB 165 23.99 80.76 103.63
N GLU MB 166 22.90 81.47 103.96
CA GLU MB 166 22.10 81.17 105.14
C GLU MB 166 21.16 80.01 104.79
N GLU MB 167 20.50 79.42 105.78
CA GLU MB 167 19.75 78.16 105.56
C GLU MB 167 18.52 78.32 104.65
N LYS MB 168 17.76 79.39 104.86
CA LYS MB 168 16.59 79.72 104.02
C LYS MB 168 16.99 79.94 102.57
N SER MB 169 18.03 80.77 102.38
CA SER MB 169 18.57 81.08 101.06
C SER MB 169 19.10 79.84 100.34
N LEU MB 170 19.76 78.96 101.10
CA LEU MB 170 20.30 77.69 100.58
C LEU MB 170 19.20 76.83 99.96
N HIS MB 171 18.10 76.68 100.70
CA HIS MB 171 16.93 75.92 100.24
C HIS MB 171 16.37 76.49 98.95
N LYS MB 172 16.21 77.81 98.91
CA LYS MB 172 15.74 78.52 97.72
C LYS MB 172 16.64 78.28 96.51
N PHE MB 173 17.95 78.38 96.74
CA PHE MB 173 18.97 78.10 95.71
C PHE MB 173 18.82 76.68 95.15
N ARG MB 174 18.69 75.70 96.04
CA ARG MB 174 18.47 74.30 95.67
C ARG MB 174 17.22 74.09 94.82
N ILE MB 175 16.14 74.76 95.22
CA ILE MB 175 14.87 74.74 94.50
C ILE MB 175 15.04 75.27 93.08
N LEU MB 176 15.72 76.42 92.98
CA LEU MB 176 16.03 77.05 91.69
C LEU MB 176 16.85 76.15 90.76
N ALA MB 177 17.84 75.46 91.35
CA ALA MB 177 18.69 74.53 90.62
C ALA MB 177 17.91 73.40 89.94
N ARG MB 178 16.92 72.85 90.66
CA ARG MB 178 16.06 71.76 90.17
C ARG MB 178 16.84 70.46 89.87
N SER MB 179 16.95 70.06 88.60
CA SER MB 179 17.64 68.83 88.22
C SER MB 179 19.16 68.90 88.42
N ARG MB 180 19.72 70.11 88.34
CA ARG MB 180 21.16 70.34 88.52
C ARG MB 180 21.66 70.00 89.93
N TYR MB 181 20.83 70.24 90.95
CA TYR MB 181 21.19 69.89 92.33
C TYR MB 181 20.84 68.42 92.64
N ASP MB 182 21.88 67.63 92.92
CA ASP MB 182 21.72 66.30 93.52
C ASP MB 182 21.62 66.48 95.04
N HIS MB 183 20.82 65.64 95.70
CA HIS MB 183 20.59 65.74 97.15
C HIS MB 183 21.35 64.71 97.99
N THR MB 184 21.71 63.56 97.40
CA THR MB 184 22.45 62.51 98.12
C THR MB 184 23.87 62.99 98.41
N THR MB 185 24.58 63.33 97.34
CA THR MB 185 25.77 64.18 97.42
C THR MB 185 25.26 65.61 97.23
N ASP MB 186 25.58 66.50 98.17
CA ASP MB 186 25.02 67.87 98.18
C ASP MB 186 25.60 68.78 97.08
N ILE MB 187 25.60 68.30 95.85
CA ILE MB 187 26.39 68.89 94.77
C ILE MB 187 25.47 69.48 93.70
N PHE MB 188 25.83 70.69 93.26
CA PHE MB 188 25.17 71.37 92.15
C PHE MB 188 26.22 71.59 91.07
N LYS MB 189 25.96 71.06 89.87
CA LYS MB 189 26.83 71.30 88.72
C LYS MB 189 26.03 71.63 87.47
N MET MB 190 26.68 72.30 86.54
CA MET MB 190 26.08 72.69 85.27
C MET MB 190 27.16 72.95 84.23
N SER MB 191 26.89 72.56 82.99
CA SER MB 191 27.82 72.72 81.88
C SER MB 191 27.18 73.56 80.78
N SER MB 192 28.01 74.32 80.08
CA SER MB 192 27.57 75.17 78.97
C SER MB 192 28.39 74.86 77.72
N ASP MB 193 27.67 74.63 76.62
CA ASP MB 193 28.28 74.40 75.32
C ASP MB 193 27.71 75.41 74.28
N LYS MB 194 27.08 76.48 74.76
CA LYS MB 194 26.33 77.38 73.89
C LYS MB 194 27.22 78.25 73.02
N PHE MB 195 28.37 78.65 73.58
CA PHE MB 195 29.26 79.62 72.94
C PHE MB 195 30.44 78.94 72.25
N GLU MB 196 31.10 79.70 71.38
CA GLU MB 196 32.13 79.18 70.49
C GLU MB 196 33.34 78.66 71.26
N HIS MB 197 33.87 79.52 72.13
CA HIS MB 197 35.08 79.23 72.89
C HIS MB 197 34.78 78.70 74.29
N ALA MB 198 35.78 78.05 74.88
CA ALA MB 198 35.68 77.49 76.23
C ALA MB 198 35.60 78.57 77.29
N SER MB 199 36.50 79.54 77.19
CA SER MB 199 36.56 80.69 78.12
C SER MB 199 35.23 81.43 78.22
N GLN MB 200 34.64 81.71 77.06
CA GLN MB 200 33.28 82.29 76.97
C GLN MB 200 32.25 81.51 77.78
N ASN MB 201 32.22 80.21 77.52
CA ASN MB 201 31.32 79.27 78.19
C ASN MB 201 31.50 79.27 79.72
N ALA MB 202 32.75 79.28 80.15
CA ALA MB 202 33.10 79.37 81.57
C ALA MB 202 32.58 80.67 82.21
N ARG MB 203 32.75 81.76 81.48
CA ARG MB 203 32.30 83.09 81.91
C ARG MB 203 30.78 83.13 82.07
N TYR MB 204 30.10 82.58 81.07
CA TYR MB 204 28.64 82.43 81.07
C TYR MB 204 28.14 81.63 82.27
N LEU MB 205 28.79 80.50 82.53
CA LEU MB 205 28.49 79.65 83.68
C LEU MB 205 28.65 80.39 85.00
N HIS MB 206 29.75 81.13 85.10
CA HIS MB 206 30.04 81.97 86.26
C HIS MB 206 28.92 83.00 86.48
N ASP MB 207 28.54 83.69 85.40
CA ASP MB 207 27.47 84.69 85.43
C ASP MB 207 26.14 84.10 85.91
N ILE MB 208 25.83 82.90 85.41
CA ILE MB 208 24.64 82.15 85.82
C ILE MB 208 24.66 81.87 87.33
N LEU MB 209 25.79 81.36 87.79
CA LEU MB 209 26.02 81.03 89.20
C LEU MB 209 25.76 82.27 90.07
N GLN MB 210 26.36 83.40 89.67
CA GLN MB 210 26.19 84.69 90.36
C GLN MB 210 24.74 85.12 90.44
N ARG MB 211 24.03 84.95 89.33
CA ARG MB 211 22.60 85.25 89.23
C ARG MB 211 21.78 84.38 90.18
N LEU MB 212 22.13 83.10 90.22
CA LEU MB 212 21.50 82.11 91.12
C LEU MB 212 21.68 82.51 92.59
N LEU MB 213 22.91 82.87 92.93
CA LEU MB 213 23.26 83.34 94.27
C LEU MB 213 22.50 84.60 94.68
N ALA MB 214 22.41 85.55 93.75
CA ALA MB 214 21.64 86.79 93.94
C ALA MB 214 20.17 86.50 94.23
N GLU MB 215 19.62 85.54 93.48
CA GLU MB 215 18.24 85.10 93.66
C GLU MB 215 18.00 84.46 95.01
N SER MB 216 18.94 83.62 95.42
CA SER MB 216 18.91 82.94 96.72
C SER MB 216 18.91 83.94 97.88
N LYS MB 217 19.73 84.98 97.76
CA LYS MB 217 19.89 86.01 98.82
C LYS MB 217 18.84 87.14 98.79
N ASP MB 218 17.83 87.04 97.92
CA ASP MB 218 16.81 88.09 97.79
C ASP MB 218 15.85 88.09 99.00
N LEU MB 219 15.05 87.03 99.15
CA LEU MB 219 14.07 86.88 100.25
C LEU MB 219 12.92 87.92 100.33
N THR MB 220 12.92 88.93 99.47
CA THR MB 220 11.90 89.99 99.51
C THR MB 220 10.67 89.52 98.72
N GLU MB 221 9.61 89.17 99.46
CA GLU MB 221 8.34 88.67 98.90
C GLU MB 221 8.49 87.39 98.06
N ASP MB 222 9.49 86.58 98.39
CA ASP MB 222 9.75 85.31 97.69
C ASP MB 222 10.74 84.46 98.49
N ASP MB 223 10.20 83.62 99.38
CA ASP MB 223 11.00 82.79 100.28
C ASP MB 223 11.27 81.39 99.71
N PHE MB 224 10.21 80.75 99.22
CA PHE MB 224 10.19 79.30 98.92
C PHE MB 224 10.55 78.48 100.17
N SER MB 225 9.78 78.71 101.23
CA SER MB 225 9.83 77.89 102.44
C SER MB 225 8.92 76.66 102.32
N ASP MB 226 7.82 76.81 101.56
CA ASP MB 226 6.78 75.77 101.45
C ASP MB 226 6.70 75.14 100.04
N VAL MB 227 7.86 74.91 99.44
CA VAL MB 227 8.00 74.04 98.25
C VAL MB 227 9.07 73.01 98.60
N PRO MB 228 8.64 71.77 98.96
CA PRO MB 228 9.62 70.72 99.30
C PRO MB 228 10.58 70.38 98.16
N LEU MB 229 11.73 69.81 98.52
CA LEU MB 229 12.78 69.51 97.55
C LEU MB 229 12.35 68.36 96.64
N ASP MB 230 12.25 68.65 95.34
CA ASP MB 230 11.90 67.66 94.33
C ASP MB 230 13.13 66.79 94.06
N THR MB 231 13.04 65.51 94.41
CA THR MB 231 14.15 64.56 94.28
C THR MB 231 13.85 63.43 93.28
N ARG MB 232 12.99 63.69 92.29
CA ARG MB 232 12.56 62.66 91.34
C ARG MB 232 13.65 62.26 90.34
N HIS MB 233 14.33 63.26 89.81
CA HIS MB 233 15.47 63.06 88.90
C HIS MB 233 16.60 62.22 89.52
N THR MB 234 16.87 62.48 90.81
CA THR MB 234 17.90 61.76 91.55
C THR MB 234 17.52 60.29 91.76
N ILE MB 235 16.25 60.03 92.10
CA ILE MB 235 15.78 58.66 92.29
C ILE MB 235 15.76 57.89 90.97
N ALA MB 236 15.43 58.58 89.88
CA ALA MB 236 15.49 58.02 88.53
C ALA MB 236 16.91 57.59 88.15
N LYS MB 237 17.87 58.46 88.46
CA LYS MB 237 19.29 58.20 88.23
C LYS MB 237 19.77 57.00 89.04
N SER MB 238 19.36 56.95 90.30
CA SER MB 238 19.69 55.83 91.21
C SER MB 238 19.15 54.50 90.70
N LEU MB 239 17.90 54.53 90.21
CA LEU MB 239 17.26 53.35 89.60
C LEU MB 239 18.02 52.84 88.38
N ARG MB 240 18.43 53.79 87.53
CA ARG MB 240 19.26 53.49 86.35
C ARG MB 240 20.55 52.77 86.72
N LYS MB 241 21.22 53.26 87.76
CA LYS MB 241 22.42 52.63 88.31
C LYS MB 241 22.04 51.44 89.20
N LYS MB 242 23.05 50.72 89.67
CA LYS MB 242 22.87 49.63 90.65
C LYS MB 242 23.42 50.05 92.01
N LYS MB 243 23.03 49.33 93.05
CA LYS MB 243 23.41 49.63 94.43
C LYS MB 243 24.00 48.40 95.14
N ARG MB 244 25.03 48.65 95.96
CA ARG MB 244 25.65 47.63 96.80
C ARG MB 244 25.63 48.11 98.25
N ASP MB 245 24.46 48.56 98.70
CA ASP MB 245 24.27 49.14 100.04
C ASP MB 245 24.44 48.12 101.18
N TYR MB 246 24.04 46.88 100.92
CA TYR MB 246 24.16 45.78 101.89
C TYR MB 246 25.58 45.52 102.38
N GLU MB 247 25.68 45.03 103.62
CA GLU MB 247 26.96 44.75 104.27
C GLU MB 247 26.90 43.47 105.10
N PHE MB 248 28.07 42.94 105.42
CA PHE MB 248 28.20 41.75 106.28
C PHE MB 248 27.68 42.09 107.68
N PRO MB 249 26.75 41.28 108.23
CA PRO MB 249 26.27 41.53 109.60
C PRO MB 249 27.40 41.54 110.63
N GLU MB 250 27.42 42.56 111.48
CA GLU MB 250 28.49 42.73 112.46
C GLU MB 250 28.46 41.69 113.58
N HIS MB 251 27.26 41.20 113.91
CA HIS MB 251 27.10 40.14 114.92
C HIS MB 251 27.41 38.72 114.39
N TRP MB 252 27.48 38.56 113.08
CA TRP MB 252 27.93 37.31 112.44
C TRP MB 252 29.45 37.09 112.52
N LYS MB 253 30.21 38.14 112.82
CA LYS MB 253 31.68 38.06 112.87
C LYS MB 253 32.18 37.14 113.99
N ARG MB 254 33.34 36.52 113.75
CA ARG MB 254 33.98 35.60 114.69
C ARG MB 254 35.49 35.88 114.78
N PRO MB 255 35.89 36.90 115.54
CA PRO MB 255 37.32 37.16 115.81
C PRO MB 255 38.07 36.00 116.48
N GLU MB 256 37.36 35.22 117.30
CA GLU MB 256 37.94 34.03 117.95
C GLU MB 256 38.31 32.90 116.96
N ASP MB 257 37.54 32.76 115.87
CA ASP MB 257 37.83 31.77 114.82
C ASP MB 257 38.93 32.18 113.83
N ALA MB 258 39.33 33.46 113.87
CA ALA MB 258 40.38 33.98 112.99
C ALA MB 258 41.74 33.31 113.24
N PRO MB 259 42.61 33.26 112.21
CA PRO MB 259 43.89 32.55 112.38
C PRO MB 259 44.88 33.37 113.20
N LYS MB 260 45.33 32.81 114.31
CA LYS MB 260 46.24 33.49 115.23
C LYS MB 260 47.65 33.51 114.67
N LYS MB 261 48.49 34.41 115.18
CA LYS MB 261 49.88 34.54 114.70
C LYS MB 261 50.67 33.29 115.07
N LYS MB 262 51.18 32.60 114.04
CA LYS MB 262 51.94 31.37 114.23
C LYS MB 262 53.39 31.72 114.55
N PHE MB 263 53.96 31.05 115.55
CA PHE MB 263 55.28 31.38 116.09
C PHE MB 263 56.39 30.91 115.15
N ASP MB 264 57.11 31.86 114.55
CA ASP MB 264 58.24 31.57 113.68
C ASP MB 264 59.52 31.96 114.43
N ILE MB 265 60.29 30.94 114.82
CA ILE MB 265 61.44 31.12 115.74
C ILE MB 265 62.69 31.67 115.06
N VAL MB 266 62.95 31.22 113.82
CA VAL MB 266 64.11 31.69 113.05
C VAL MB 266 63.97 33.17 112.67
N ASP MB 267 62.75 33.59 112.35
CA ASP MB 267 62.44 35.00 112.05
C ASP MB 267 62.69 35.88 113.27
N GLN MB 268 62.23 35.40 114.43
CA GLN MB 268 62.43 36.08 115.71
C GLN MB 268 63.90 36.26 116.04
N LEU MB 269 64.67 35.18 115.85
CA LEU MB 269 66.12 35.19 116.05
C LEU MB 269 66.80 36.23 115.16
N LEU MB 270 66.39 36.25 113.90
CA LEU MB 270 66.91 37.20 112.90
C LEU MB 270 66.68 38.65 113.33
N SER MB 271 65.47 38.95 113.79
CA SER MB 271 65.09 40.31 114.17
C SER MB 271 65.83 40.79 115.43
N THR MB 272 67.06 41.24 115.23
CA THR MB 272 67.91 41.80 116.28
C THR MB 272 67.92 43.34 116.30
N LEU MB 273 67.30 43.97 115.31
CA LEU MB 273 67.26 45.43 115.19
C LEU MB 273 66.26 46.02 116.18
N PRO NB 1 44.61 -37.23 51.03
CA PRO NB 1 43.53 -36.33 50.62
C PRO NB 1 43.95 -35.34 49.53
N PRO NB 2 42.98 -34.65 48.90
CA PRO NB 2 43.29 -33.71 47.83
C PRO NB 2 43.68 -32.32 48.35
N VAL NB 3 44.98 -32.03 48.31
CA VAL NB 3 45.50 -30.69 48.64
C VAL NB 3 45.18 -29.73 47.49
N TYR NB 4 44.98 -28.46 47.82
CA TYR NB 4 44.68 -27.41 46.84
C TYR NB 4 45.62 -26.22 47.01
N ARG NB 5 46.63 -26.15 46.14
CA ARG NB 5 47.57 -25.04 46.14
C ARG NB 5 47.02 -23.88 45.32
N LEU NB 6 46.97 -22.69 45.95
CA LEU NB 6 46.59 -21.46 45.24
C LEU NB 6 47.71 -20.99 44.33
N PRO NB 7 47.38 -20.12 43.35
CA PRO NB 7 48.41 -19.43 42.57
C PRO NB 7 49.05 -18.31 43.40
N PRO NB 8 50.05 -17.60 42.82
CA PRO NB 8 50.56 -16.40 43.48
C PRO NB 8 49.51 -15.30 43.52
N LEU NB 9 49.17 -14.84 44.73
CA LEU NB 9 48.16 -13.80 44.93
C LEU NB 9 48.82 -12.48 45.28
N PRO NB 10 48.11 -11.36 45.05
CA PRO NB 10 48.61 -10.06 45.50
C PRO NB 10 48.68 -9.91 47.02
N ARG NB 11 47.65 -10.39 47.73
CA ARG NB 11 47.57 -10.21 49.19
C ARG NB 11 46.57 -11.18 49.84
N LEU NB 12 47.05 -12.10 50.68
CA LEU NB 12 46.18 -13.00 51.42
C LEU NB 12 45.52 -12.23 52.56
N LYS NB 13 44.20 -12.07 52.48
CA LYS NB 13 43.44 -11.46 53.55
C LYS NB 13 41.99 -11.92 53.56
N VAL NB 14 41.45 -12.07 54.77
CA VAL NB 14 40.03 -12.28 54.98
C VAL NB 14 39.39 -10.89 55.00
N LYS NB 15 38.25 -10.77 54.34
CA LYS NB 15 37.58 -9.48 54.24
C LYS NB 15 36.74 -9.10 55.44
N LYS NB 16 36.56 -10.03 56.38
CA LYS NB 16 35.75 -9.75 57.55
C LYS NB 16 36.07 -10.71 58.67
N PRO NB 17 37.18 -10.48 59.36
CA PRO NB 17 37.48 -11.40 60.44
C PRO NB 17 36.46 -11.28 61.58
N ILE NB 18 35.70 -12.37 61.78
CA ILE NB 18 34.81 -12.56 62.92
C ILE NB 18 35.63 -12.77 64.22
N ILE NB 19 35.22 -12.02 65.23
CA ILE NB 19 35.80 -12.07 66.55
C ILE NB 19 34.63 -12.49 67.42
N ARG NB 20 34.11 -13.68 67.09
CA ARG NB 20 32.99 -14.31 67.76
C ARG NB 20 32.92 -14.09 69.27
N GLN NB 21 32.30 -13.01 69.68
CA GLN NB 21 32.18 -12.70 71.09
C GLN NB 21 31.05 -13.49 71.72
N GLU NB 22 31.01 -13.46 73.05
CA GLU NB 22 29.87 -14.08 73.74
C GLU NB 22 28.62 -13.20 73.60
N ALA NB 23 27.46 -13.85 73.60
CA ALA NB 23 26.18 -13.15 73.51
C ALA NB 23 25.88 -12.36 74.77
N ASN NB 24 25.07 -11.31 74.64
CA ASN NB 24 24.80 -10.39 75.74
C ASN NB 24 23.92 -11.00 76.83
N LYS NB 25 24.24 -10.68 78.09
CA LYS NB 25 23.55 -11.22 79.26
C LYS NB 25 22.10 -10.72 79.34
N CYS NB 26 21.93 -9.42 79.12
CA CYS NB 26 20.62 -8.77 79.14
C CYS NB 26 19.65 -9.36 78.12
N LEU NB 27 20.15 -9.58 76.92
CA LEU NB 27 19.38 -10.21 75.84
C LEU NB 27 18.92 -11.61 76.21
N VAL NB 28 19.84 -12.38 76.78
CA VAL NB 28 19.57 -13.73 77.29
C VAL NB 28 18.46 -13.76 78.33
N LEU NB 29 18.58 -12.87 79.31
CA LEU NB 29 17.56 -12.71 80.35
C LEU NB 29 16.20 -12.38 79.77
N MET NB 30 16.19 -11.50 78.77
CA MET NB 30 14.97 -11.09 78.08
C MET NB 30 14.33 -12.26 77.35
N SER NB 31 15.16 -13.08 76.71
CA SER NB 31 14.70 -14.28 76.00
C SER NB 31 14.11 -15.31 76.98
N ASN NB 32 14.80 -15.51 78.10
CA ASN NB 32 14.32 -16.39 79.19
C ASN NB 32 12.96 -15.97 79.70
N LEU NB 33 12.81 -14.67 79.96
CA LEU NB 33 11.56 -14.08 80.41
C LEU NB 33 10.43 -14.32 79.41
N LEU NB 34 10.75 -14.11 78.13
CA LEU NB 34 9.83 -14.35 77.02
C LEU NB 34 9.36 -15.80 77.00
N GLN NB 35 10.31 -16.71 77.17
CA GLN NB 35 10.07 -18.15 77.22
C GLN NB 35 9.14 -18.53 78.39
N CYS NB 36 9.43 -17.94 79.55
CA CYS NB 36 8.60 -18.13 80.75
C CYS NB 36 7.17 -17.65 80.54
N TRP NB 37 7.03 -16.48 79.91
CA TRP NB 37 5.71 -15.91 79.61
C TRP NB 37 4.92 -16.65 78.53
N SER NB 38 5.61 -17.42 77.68
CA SER NB 38 4.95 -18.34 76.75
C SER NB 38 4.13 -19.38 77.52
N SER NB 39 4.74 -19.93 78.58
CA SER NB 39 4.04 -20.76 79.55
C SER NB 39 3.43 -19.89 80.66
N TYR NB 40 2.77 -20.54 81.63
CA TYR NB 40 2.34 -19.90 82.89
C TYR NB 40 1.47 -18.63 82.76
N GLY NB 41 0.76 -18.47 81.65
CA GLY NB 41 -0.05 -17.26 81.40
C GLY NB 41 0.79 -16.02 81.12
N HIS NB 42 0.19 -14.85 81.33
CA HIS NB 42 0.82 -13.57 80.99
C HIS NB 42 1.97 -13.18 81.93
N MET NB 43 1.68 -13.08 83.22
CA MET NB 43 2.64 -12.56 84.21
C MET NB 43 2.38 -13.15 85.60
N SER NB 44 2.72 -14.43 85.75
CA SER NB 44 2.60 -15.14 87.02
C SER NB 44 3.93 -15.00 87.78
N PRO NB 45 3.94 -15.23 89.11
CA PRO NB 45 5.15 -14.94 89.91
C PRO NB 45 6.25 -16.03 89.88
N LYS NB 46 6.15 -17.01 88.97
CA LYS NB 46 7.27 -17.93 88.70
C LYS NB 46 8.47 -17.17 88.11
N CYS NB 47 8.20 -16.20 87.25
CA CYS NB 47 9.22 -15.31 86.69
C CYS NB 47 9.17 -13.94 87.39
N ALA NB 48 9.32 -13.96 88.71
CA ALA NB 48 9.33 -12.76 89.55
C ALA NB 48 10.76 -12.20 89.73
N GLY NB 49 11.71 -13.11 89.90
CA GLY NB 49 13.13 -12.75 90.02
C GLY NB 49 13.78 -12.45 88.68
N LEU NB 50 13.37 -13.18 87.64
CA LEU NB 50 13.89 -13.00 86.28
C LEU NB 50 13.66 -11.58 85.75
N VAL NB 51 12.44 -11.09 85.90
CA VAL NB 51 12.07 -9.72 85.51
C VAL NB 51 12.91 -8.67 86.25
N THR NB 52 13.12 -8.89 87.55
CA THR NB 52 13.93 -8.02 88.40
C THR NB 52 15.38 -7.97 87.92
N GLU NB 53 15.91 -9.16 87.59
CA GLU NB 53 17.26 -9.31 87.05
C GLU NB 53 17.44 -8.57 85.74
N LEU NB 54 16.42 -8.69 84.87
CA LEU NB 54 16.39 -8.01 83.58
C LEU NB 54 16.41 -6.49 83.77
N LYS NB 55 15.57 -6.01 84.68
CA LYS NB 55 15.49 -4.58 85.04
C LYS NB 55 16.83 -4.03 85.52
N SER NB 56 17.49 -4.80 86.40
CA SER NB 56 18.81 -4.46 86.94
C SER NB 56 19.85 -4.34 85.84
N CYS NB 57 19.83 -5.32 84.92
CA CYS NB 57 20.72 -5.33 83.76
C CYS NB 57 20.52 -4.12 82.85
N THR NB 58 19.26 -3.82 82.56
CA THR NB 58 18.89 -2.77 81.59
C THR NB 58 18.40 -1.50 82.30
N SER NB 59 19.22 -0.98 83.22
CA SER NB 59 18.92 0.23 83.99
C SER NB 59 19.66 1.44 83.43
N GLU NB 60 20.97 1.29 83.20
CA GLU NB 60 21.80 2.36 82.64
C GLU NB 60 21.65 2.46 81.12
N SER NB 61 21.65 1.31 80.45
CA SER NB 61 21.43 1.24 79.00
C SER NB 61 20.79 -0.09 78.61
N ALA NB 62 20.15 -0.11 77.44
CA ALA NB 62 19.40 -1.28 76.94
C ALA NB 62 20.21 -2.57 76.90
N LEU NB 63 21.51 -2.44 76.60
CA LEU NB 63 22.47 -3.55 76.67
C LEU NB 63 23.45 -3.27 77.81
N GLY NB 64 23.97 -4.35 78.40
CA GLY NB 64 24.86 -4.25 79.56
C GLY NB 64 26.23 -3.70 79.20
N LYS NB 65 27.11 -4.59 78.72
CA LYS NB 65 28.47 -4.23 78.32
C LYS NB 65 28.49 -3.72 76.88
N ARG NB 66 29.40 -2.79 76.60
CA ARG NB 66 29.62 -2.25 75.25
C ARG NB 66 31.11 -2.06 74.98
N LYS NB 71 39.06 -6.24 68.42
CA LYS NB 71 39.10 -6.95 67.14
C LYS NB 71 40.21 -8.00 67.12
N SER NB 72 40.02 -9.01 66.26
CA SER NB 72 40.97 -10.11 66.13
C SER NB 72 42.03 -9.75 65.11
N ASN NB 73 43.28 -9.70 65.56
CA ASN NB 73 44.41 -9.55 64.67
C ASN NB 73 44.60 -10.89 63.97
N ILE NB 74 43.96 -11.01 62.80
CA ILE NB 74 43.99 -12.23 62.01
C ILE NB 74 44.55 -11.91 60.64
N ASN NB 75 44.19 -10.74 60.12
CA ASN NB 75 44.68 -10.27 58.84
C ASN NB 75 45.75 -9.22 59.13
N TYR NB 76 46.74 -9.64 59.91
CA TYR NB 76 47.86 -8.85 60.37
C TYR NB 76 48.86 -9.98 60.50
N HIS NB 77 48.32 -11.19 60.51
CA HIS NB 77 49.14 -12.41 60.52
C HIS NB 77 49.25 -13.02 59.13
N ALA NB 78 48.12 -13.14 58.45
CA ALA NB 78 48.08 -13.52 57.03
C ALA NB 78 49.00 -12.65 56.18
N ALA NB 79 48.86 -11.34 56.31
CA ALA NB 79 49.69 -10.36 55.60
C ALA NB 79 51.17 -10.54 55.92
N ARG NB 80 51.45 -10.70 57.21
CA ARG NB 80 52.81 -10.95 57.71
C ARG NB 80 53.41 -12.21 57.13
N LEU NB 81 52.66 -13.30 57.22
CA LEU NB 81 53.17 -14.64 56.97
C LEU NB 81 52.85 -15.20 55.57
N TYR NB 82 52.24 -14.40 54.70
CA TYR NB 82 51.92 -14.89 53.35
C TYR NB 82 53.18 -15.30 52.60
N ASP NB 83 54.17 -14.41 52.58
CA ASP NB 83 55.43 -14.64 51.85
C ASP NB 83 56.20 -15.87 52.34
N ARG NB 84 56.19 -16.10 53.65
CA ARG NB 84 56.72 -17.34 54.23
C ARG NB 84 55.92 -18.57 53.78
N ILE NB 85 54.63 -18.52 54.07
CA ILE NB 85 53.72 -19.66 53.92
C ILE NB 85 53.47 -20.06 52.46
N ASN NB 86 53.75 -19.15 51.52
CA ASN NB 86 53.75 -19.51 50.09
C ASN NB 86 54.66 -20.70 49.82
N GLY NB 87 54.28 -21.49 48.83
CA GLY NB 87 55.20 -22.41 48.18
C GLY NB 87 55.68 -21.78 46.89
N LYS NB 88 56.01 -20.49 46.94
CA LYS NB 88 56.39 -19.75 45.76
C LYS NB 88 57.84 -20.13 45.46
N PRO NB 89 58.12 -20.51 44.19
CA PRO NB 89 59.49 -20.91 43.85
C PRO NB 89 60.44 -19.72 43.88
N HIS NB 90 61.74 -20.02 43.90
CA HIS NB 90 62.77 -19.01 44.11
C HIS NB 90 62.82 -17.93 43.02
N ASP NB 91 63.61 -16.89 43.28
CA ASP NB 91 63.67 -15.72 42.42
C ASP NB 91 64.50 -16.00 41.17
N ASP OB 1 42.76 -8.74 14.66
CA ASP OB 1 41.57 -7.86 14.81
C ASP OB 1 41.12 -7.71 16.27
N SER OB 2 41.12 -6.47 16.75
CA SER OB 2 40.35 -6.09 17.94
C SER OB 2 38.85 -6.13 17.59
N VAL OB 3 38.00 -5.94 18.60
CA VAL OB 3 36.55 -5.94 18.38
C VAL OB 3 36.13 -4.70 17.57
N MET OB 4 36.72 -3.56 17.92
CA MET OB 4 36.47 -2.28 17.23
C MET OB 4 36.78 -2.37 15.73
N ARG OB 5 37.94 -2.95 15.41
CA ARG OB 5 38.33 -3.17 14.01
C ARG OB 5 37.41 -4.13 13.29
N LYS OB 6 37.09 -5.24 13.95
CA LYS OB 6 36.11 -6.22 13.46
C LYS OB 6 34.75 -5.62 13.11
N ARG OB 7 34.33 -4.62 13.89
CA ARG OB 7 33.04 -3.98 13.70
C ARG OB 7 32.88 -3.30 12.34
N LYS OB 8 33.96 -2.73 11.82
CA LYS OB 8 33.98 -2.17 10.46
C LYS OB 8 33.74 -3.26 9.41
N LYS OB 9 34.47 -4.37 9.57
CA LYS OB 9 34.31 -5.55 8.71
C LYS OB 9 32.88 -6.10 8.73
N LYS OB 10 32.34 -6.26 9.93
CA LYS OB 10 30.96 -6.68 10.16
C LYS OB 10 29.98 -5.79 9.42
N MET OB 11 30.18 -4.49 9.55
CA MET OB 11 29.34 -3.48 8.91
C MET OB 11 29.37 -3.63 7.39
N LYS OB 12 30.59 -3.73 6.85
CA LYS OB 12 30.82 -4.00 5.43
C LYS OB 12 30.08 -5.24 4.92
N LYS OB 13 30.18 -6.31 5.70
CA LYS OB 13 29.52 -7.58 5.39
C LYS OB 13 28.00 -7.45 5.36
N HIS OB 14 27.48 -6.70 6.32
CA HIS OB 14 26.05 -6.38 6.39
C HIS OB 14 25.57 -5.61 5.17
N LYS OB 15 26.33 -4.58 4.80
CA LYS OB 15 26.04 -3.76 3.61
C LYS OB 15 25.99 -4.60 2.34
N LEU OB 16 26.98 -5.48 2.21
CA LEU OB 16 27.07 -6.42 1.09
C LEU OB 16 25.84 -7.32 1.02
N ARG OB 17 25.46 -7.87 2.18
CA ARG OB 17 24.26 -8.71 2.30
C ARG OB 17 22.99 -7.97 1.87
N LYS OB 18 22.87 -6.73 2.33
CA LYS OB 18 21.78 -5.84 1.94
C LYS OB 18 21.70 -5.61 0.44
N ARG OB 19 22.85 -5.29 -0.15
CA ARG OB 19 22.99 -5.12 -1.60
C ARG OB 19 22.52 -6.36 -2.36
N ARG OB 20 22.96 -7.52 -1.89
CA ARG OB 20 22.56 -8.81 -2.48
C ARG OB 20 21.05 -9.04 -2.41
N LYS OB 21 20.47 -8.69 -1.27
CA LYS OB 21 19.02 -8.78 -1.06
C LYS OB 21 18.26 -7.87 -2.02
N ARG OB 22 18.73 -6.63 -2.15
CA ARG OB 22 18.17 -5.65 -3.10
C ARG OB 22 18.20 -6.14 -4.53
N GLU OB 23 19.38 -6.59 -4.95
CA GLU OB 23 19.64 -7.01 -6.32
C GLU OB 23 19.38 -8.51 -6.50
N LYS OB 24 18.24 -9.00 -6.04
CA LYS OB 24 17.88 -10.41 -6.20
C LYS OB 24 17.13 -10.60 -7.51
N ALA OB 25 16.08 -9.81 -7.69
CA ALA OB 25 15.27 -9.84 -8.92
C ALA OB 25 16.08 -9.47 -10.15
N GLU OB 26 16.93 -8.44 -10.00
CA GLU OB 26 17.85 -8.00 -11.05
C GLU OB 26 18.83 -9.10 -11.43
N ARG OB 27 19.42 -9.73 -10.40
CA ARG OB 27 20.37 -10.83 -10.57
C ARG OB 27 19.72 -12.02 -11.29
N ARG OB 28 18.52 -12.38 -10.86
CA ARG OB 28 17.71 -13.41 -11.50
C ARG OB 28 17.50 -13.14 -12.99
N LYS OB 29 17.11 -11.90 -13.29
CA LYS OB 29 16.89 -11.45 -14.67
C LYS OB 29 18.15 -11.59 -15.52
N LEU OB 30 19.28 -11.15 -14.95
CA LEU OB 30 20.58 -11.25 -15.60
C LEU OB 30 21.03 -12.69 -15.84
N SER OB 31 20.74 -13.57 -14.89
CA SER OB 31 21.25 -14.94 -14.93
C SER OB 31 20.59 -15.83 -15.98
N GLN OB 32 19.26 -15.84 -16.00
CA GLN OB 32 18.50 -16.72 -16.86
C GLN OB 32 18.55 -16.29 -18.33
N GLY OB 33 18.88 -17.23 -19.22
CA GLY OB 33 18.83 -17.01 -20.66
C GLY OB 33 19.96 -16.20 -21.28
N ARG OB 34 21.07 -16.04 -20.55
CA ARG OB 34 22.27 -15.38 -21.09
C ARG OB 34 23.50 -15.67 -20.23
N THR PB 1 113.39 23.01 -56.86
CA THR PB 1 114.27 23.05 -58.08
C THR PB 1 113.45 23.35 -59.35
N ILE PB 2 113.79 24.44 -60.03
CA ILE PB 2 113.11 24.83 -61.28
C ILE PB 2 113.47 23.85 -62.42
N PRO PB 3 112.46 23.44 -63.22
CA PRO PB 3 112.71 22.69 -64.46
C PRO PB 3 112.63 23.58 -65.70
N LYS PB 4 113.16 23.09 -66.82
CA LYS PB 4 113.21 23.85 -68.07
C LYS PB 4 111.85 23.80 -68.80
N PRO PB 5 111.47 24.89 -69.49
CA PRO PB 5 110.28 24.80 -70.36
C PRO PB 5 110.55 23.95 -71.61
N SER PB 6 109.65 23.02 -71.90
CA SER PB 6 109.80 22.12 -73.04
C SER PB 6 109.33 22.79 -74.34
N ASP PB 7 109.55 22.10 -75.46
CA ASP PB 7 109.15 22.59 -76.79
C ASP PB 7 107.64 22.63 -76.96
N GLN PB 8 106.96 21.58 -76.47
CA GLN PB 8 105.51 21.46 -76.58
C GLN PB 8 104.75 22.46 -75.70
N VAL PB 9 105.28 22.76 -74.52
CA VAL PB 9 104.71 23.76 -73.61
C VAL PB 9 105.83 24.63 -72.99
N PRO PB 10 106.27 25.67 -73.73
CA PRO PB 10 107.32 26.57 -73.26
C PRO PB 10 106.85 27.72 -72.36
N ASP PB 11 105.54 27.91 -72.24
CA ASP PB 11 104.95 29.04 -71.51
C ASP PB 11 103.99 28.57 -70.42
N VAL PB 12 103.78 29.41 -69.43
CA VAL PB 12 102.80 29.19 -68.35
C VAL PB 12 101.40 29.00 -68.93
N ASP PB 13 101.02 29.93 -69.81
CA ASP PB 13 99.72 29.91 -70.49
C ASP PB 13 99.49 28.60 -71.24
N ALA PB 14 100.52 28.18 -71.98
CA ALA PB 14 100.52 26.91 -72.72
C ALA PB 14 100.29 25.71 -71.81
N PHE PB 15 101.00 25.73 -70.67
CA PHE PB 15 100.85 24.70 -69.63
C PHE PB 15 99.42 24.65 -69.10
N LEU PB 16 98.87 25.82 -68.77
CA LEU PB 16 97.48 25.95 -68.29
C LEU PB 16 96.48 25.37 -69.29
N ASN PB 17 96.66 25.75 -70.56
CA ASN PB 17 95.83 25.25 -71.67
C ASN PB 17 95.86 23.73 -71.76
N LYS PB 18 97.07 23.18 -71.69
CA LYS PB 18 97.30 21.74 -71.70
C LYS PB 18 96.54 21.01 -70.60
N ILE PB 19 96.66 21.51 -69.37
CA ILE PB 19 96.10 20.82 -68.21
C ILE PB 19 94.57 20.89 -68.18
N GLY PB 20 94.00 22.03 -68.57
CA GLY PB 20 92.55 22.15 -68.72
C GLY PB 20 91.79 22.18 -67.41
N ARG PB 21 90.57 21.66 -67.42
CA ARG PB 21 89.59 21.79 -66.32
C ARG PB 21 89.34 23.27 -65.98
N ASN PB 22 89.21 24.09 -67.00
CA ASN PB 22 89.04 25.54 -66.87
C ASN PB 22 90.19 26.21 -66.11
N CYS PB 23 91.42 25.75 -66.38
CA CYS PB 23 92.63 26.40 -65.85
C CYS PB 23 92.93 27.68 -66.63
N ASN PB 24 92.33 27.85 -67.80
CA ASN PB 24 92.25 29.15 -68.45
C ASN PB 24 91.37 30.10 -67.64
N GLU PB 25 91.47 31.39 -67.94
CA GLU PB 25 90.97 32.47 -67.08
C GLU PB 25 91.73 32.52 -65.75
N LEU PB 26 93.01 32.13 -65.79
CA LEU PB 26 93.90 32.16 -64.62
C LEU PB 26 95.28 32.75 -64.97
N LYS PB 27 95.33 33.56 -66.02
CA LYS PB 27 96.55 34.21 -66.50
C LYS PB 27 96.74 35.59 -65.87
N ASP PB 28 95.70 36.10 -65.22
CA ASP PB 28 95.72 37.40 -64.55
C ASP PB 28 96.18 37.28 -63.09
N THR PB 29 95.72 36.23 -62.40
CA THR PB 29 96.07 36.00 -61.00
C THR PB 29 97.58 35.73 -60.81
N PHE PB 30 98.20 35.08 -61.79
CA PHE PB 30 99.67 35.09 -61.93
C PHE PB 30 100.05 35.28 -63.40
N GLU PB 31 100.97 36.20 -63.65
CA GLU PB 31 101.42 36.52 -65.02
C GLU PB 31 102.36 35.42 -65.51
N ASN PB 32 102.62 35.42 -66.82
CA ASN PB 32 103.38 34.34 -67.46
C ASN PB 32 104.86 34.34 -67.04
N ASN PB 33 105.10 33.80 -65.85
CA ASN PB 33 106.43 33.63 -65.28
C ASN PB 33 106.59 32.15 -64.95
N TRP PB 34 107.51 31.48 -65.64
CA TRP PB 34 107.67 30.03 -65.53
C TRP PB 34 108.16 29.60 -64.15
N ASN PB 35 109.21 30.27 -63.69
CA ASN PB 35 109.78 30.05 -62.35
C ASN PB 35 108.75 30.26 -61.25
N ASN PB 36 107.99 31.35 -61.38
CA ASN PB 36 106.95 31.75 -60.43
C ASN PB 36 105.92 30.67 -60.16
N LEU PB 37 105.37 30.11 -61.24
CA LEU PB 37 104.36 29.05 -61.16
C LEU PB 37 104.87 27.83 -60.40
N PHE PB 38 106.08 27.40 -60.76
CA PHE PB 38 106.65 26.17 -60.23
C PHE PB 38 107.08 26.29 -58.77
N GLN PB 39 107.73 27.39 -58.42
CA GLN PB 39 108.15 27.62 -57.02
C GLN PB 39 106.96 27.81 -56.06
N TRP PB 40 105.92 28.49 -56.53
CA TRP PB 40 104.71 28.75 -55.73
C TRP PB 40 104.05 27.48 -55.19
N ASP PB 41 103.45 27.62 -54.01
CA ASP PB 41 102.88 26.52 -53.24
C ASP PB 41 101.37 26.76 -53.08
N SER PB 42 100.74 26.04 -52.16
CA SER PB 42 99.29 26.06 -51.98
C SER PB 42 98.78 27.31 -51.29
N LYS PB 43 99.44 27.67 -50.19
CA LYS PB 43 99.08 28.85 -49.39
C LYS PB 43 99.12 30.13 -50.21
N ILE PB 44 100.15 30.26 -51.03
CA ILE PB 44 100.33 31.40 -51.92
C ILE PB 44 99.19 31.49 -52.93
N LEU PB 45 98.87 30.35 -53.54
CA LEU PB 45 97.73 30.24 -54.48
C LEU PB 45 96.41 30.65 -53.85
N LYS PB 46 96.19 30.20 -52.61
CA LYS PB 46 94.99 30.54 -51.84
C LYS PB 46 94.89 32.03 -51.58
N GLU PB 47 96.02 32.63 -51.18
CA GLU PB 47 96.13 34.08 -50.96
C GLU PB 47 95.80 34.87 -52.22
N LYS PB 48 96.33 34.41 -53.35
CA LYS PB 48 96.08 35.02 -54.67
C LYS PB 48 94.59 35.00 -55.02
N GLY PB 49 93.95 33.87 -54.74
CA GLY PB 49 92.49 33.73 -54.86
C GLY PB 49 92.02 32.78 -55.94
N VAL PB 50 92.64 31.61 -56.02
CA VAL PB 50 92.21 30.54 -56.92
C VAL PB 50 91.29 29.59 -56.14
N ASN PB 51 90.65 28.67 -56.85
CA ASN PB 51 89.77 27.67 -56.21
C ASN PB 51 90.59 26.59 -55.49
N ILE PB 52 89.91 25.76 -54.70
CA ILE PB 52 90.57 24.64 -54.00
C ILE PB 52 90.92 23.55 -55.00
N GLN PB 53 89.93 23.16 -55.80
CA GLN PB 53 90.06 22.09 -56.78
C GLN PB 53 91.09 22.43 -57.86
N GLN PB 54 91.01 23.66 -58.36
CA GLN PB 54 91.98 24.20 -59.32
C GLN PB 54 93.40 24.19 -58.77
N ARG PB 55 93.54 24.70 -57.54
CA ARG PB 55 94.82 24.70 -56.82
C ARG PB 55 95.44 23.31 -56.72
N LYS PB 56 94.61 22.35 -56.28
CA LYS PB 56 95.01 20.95 -56.19
C LYS PB 56 95.49 20.39 -57.52
N TYR PB 57 94.74 20.69 -58.58
CA TYR PB 57 95.02 20.17 -59.91
C TYR PB 57 96.34 20.72 -60.46
N ILE PB 58 96.50 22.04 -60.38
CA ILE PB 58 97.69 22.72 -60.90
C ILE PB 58 98.96 22.14 -60.28
N LEU PB 59 98.98 22.05 -58.95
CA LEU PB 59 100.12 21.53 -58.20
C LEU PB 59 100.50 20.10 -58.62
N LYS PB 60 99.47 19.28 -58.81
CA LYS PB 60 99.64 17.91 -59.30
C LYS PB 60 100.28 17.87 -60.69
N GLN PB 61 99.80 18.74 -61.57
CA GLN PB 61 100.31 18.83 -62.94
C GLN PB 61 101.74 19.37 -62.98
N VAL PB 62 102.05 20.32 -62.10
CA VAL PB 62 103.41 20.81 -61.90
C VAL PB 62 104.33 19.66 -61.51
N HIS PB 63 103.91 18.91 -60.50
CA HIS PB 63 104.64 17.74 -60.02
C HIS PB 63 104.91 16.72 -61.12
N ASN PB 64 103.87 16.40 -61.88
CA ASN PB 64 103.98 15.52 -63.05
C ASN PB 64 105.02 16.01 -64.05
N TYR PB 65 104.97 17.31 -64.34
CA TYR PB 65 105.92 17.97 -65.23
C TYR PB 65 107.37 17.84 -64.76
N ARG PB 66 107.56 18.06 -63.46
CA ARG PB 66 108.88 17.91 -62.81
C ARG PB 66 109.41 16.49 -62.95
N ASN PB 67 108.54 15.52 -62.68
CA ASN PB 67 108.88 14.09 -62.82
C ASN PB 67 108.86 13.59 -64.28
N ASN PB 68 108.46 14.45 -65.22
CA ASN PB 68 108.37 14.16 -66.65
C ASN PB 68 107.36 13.04 -66.96
N ARG PB 69 106.21 13.12 -66.29
CA ARG PB 69 105.06 12.28 -66.57
C ARG PB 69 104.16 13.06 -67.53
N PRO PB 70 103.38 12.36 -68.38
CA PRO PB 70 102.62 13.06 -69.42
C PRO PB 70 101.41 13.81 -68.88
N ILE PB 71 101.48 15.13 -68.88
CA ILE PB 71 100.34 15.96 -68.45
C ILE PB 71 99.34 16.09 -69.59
N HIS PB 72 98.06 15.94 -69.25
CA HIS PB 72 96.95 16.19 -70.18
C HIS PB 72 95.63 16.23 -69.41
N GLU PB 73 94.62 16.85 -70.00
CA GLU PB 73 93.33 17.03 -69.35
C GLU PB 73 92.60 15.71 -69.17
N ILE PB 74 92.91 15.03 -68.07
CA ILE PB 74 92.13 13.88 -67.61
C ILE PB 74 90.88 14.47 -66.98
N LYS PB 75 89.77 14.40 -67.72
CA LYS PB 75 88.52 15.07 -67.33
C LYS PB 75 87.90 14.45 -66.08
N LEU PB 76 87.13 15.25 -65.36
CA LEU PB 76 86.41 14.79 -64.18
C LEU PB 76 85.27 13.86 -64.58
N GLY PB 77 84.92 12.97 -63.68
CA GLY PB 77 83.89 11.96 -63.92
C GLY PB 77 82.53 12.55 -64.21
N LYS PB 78 81.83 11.94 -65.16
CA LYS PB 78 80.55 12.43 -65.65
C LYS PB 78 79.48 11.36 -65.43
N LYS PB 79 78.27 11.78 -65.06
CA LYS PB 79 77.12 10.88 -64.94
C LYS PB 79 76.65 10.49 -66.34
N SER PB 80 75.98 9.36 -66.45
CA SER PB 80 75.47 8.89 -67.74
C SER PB 80 74.38 9.83 -68.28
N PHE PB 81 74.27 9.88 -69.61
CA PHE PB 81 73.26 10.70 -70.30
C PHE PB 81 71.86 10.49 -69.75
N PHE PB 82 71.54 9.24 -69.43
CA PHE PB 82 70.27 8.90 -68.81
C PHE PB 82 70.26 9.41 -67.37
N GLY PB 83 71.07 8.81 -66.50
CA GLY PB 83 71.18 9.30 -65.13
C GLY PB 83 72.17 8.53 -64.30
N GLY PB 84 72.28 8.92 -63.03
CA GLY PB 84 73.03 8.15 -62.05
C GLY PB 84 72.31 6.83 -61.83
N GLU PB 85 73.10 5.75 -61.72
CA GLU PB 85 72.62 4.39 -61.41
C GLU PB 85 71.26 4.27 -60.71
N ARG PB 86 71.04 5.11 -59.70
CA ARG PB 86 69.78 5.13 -58.95
C ARG PB 86 68.61 5.66 -59.79
N LYS PB 87 68.80 6.83 -60.40
CA LYS PB 87 67.73 7.52 -61.14
C LYS PB 87 67.46 7.01 -62.56
N ARG PB 88 68.33 6.17 -63.11
CA ARG PB 88 68.23 5.69 -64.50
C ARG PB 88 66.88 5.07 -64.84
N LYS PB 89 66.49 4.06 -64.08
CA LYS PB 89 65.29 3.25 -64.36
C LYS PB 89 64.08 4.09 -64.74
N ALA PB 90 63.84 5.13 -63.93
CA ALA PB 90 62.74 6.06 -64.13
C ALA PB 90 62.99 7.01 -65.28
N PHE PB 91 64.18 7.60 -65.28
CA PHE PB 91 64.59 8.56 -66.30
C PHE PB 91 64.52 7.97 -67.71
N THR PB 92 65.07 6.77 -67.85
CA THR PB 92 65.07 6.03 -69.11
C THR PB 92 63.66 5.80 -69.63
N ALA PB 93 62.78 5.39 -68.72
CA ALA PB 93 61.35 5.17 -69.03
C ALA PB 93 60.66 6.45 -69.51
N LYS PB 94 60.96 7.55 -68.82
CA LYS PB 94 60.45 8.88 -69.19
C LYS PB 94 60.92 9.29 -70.59
N TRP PB 95 62.20 9.07 -70.85
CA TRP PB 95 62.83 9.35 -72.15
C TRP PB 95 62.19 8.57 -73.28
N LYS PB 96 61.94 7.28 -73.03
CA LYS PB 96 61.23 6.39 -73.96
C LYS PB 96 59.83 6.88 -74.27
N ALA PB 97 59.12 7.27 -73.22
CA ALA PB 97 57.76 7.80 -73.34
C ALA PB 97 57.70 9.08 -74.18
N GLU PB 98 58.66 9.97 -73.93
CA GLU PB 98 58.82 11.20 -74.72
C GLU PB 98 59.04 10.89 -76.21
N ASN PB 99 59.95 9.95 -76.48
CA ASN PB 99 60.30 9.56 -77.84
C ASN PB 99 59.48 8.36 -78.32
N ILE QB 1 80.85 -33.95 80.54
CA ILE QB 1 81.08 -35.11 81.46
C ILE QB 1 81.79 -34.67 82.74
N HIS QB 2 81.28 -35.12 83.89
CA HIS QB 2 81.83 -34.74 85.19
C HIS QB 2 83.09 -35.53 85.47
N VAL QB 3 84.18 -34.83 85.74
CA VAL QB 3 85.47 -35.45 86.06
C VAL QB 3 86.01 -34.84 87.35
N VAL QB 4 86.82 -35.60 88.07
CA VAL QB 4 87.33 -35.17 89.38
C VAL QB 4 88.32 -34.00 89.20
N PRO QB 5 88.28 -33.02 90.12
CA PRO QB 5 89.19 -31.89 90.01
C PRO QB 5 90.61 -32.23 90.45
N LYS QB 6 91.59 -31.53 89.86
CA LYS QB 6 92.99 -31.71 90.22
C LYS QB 6 93.29 -31.01 91.54
N LEU QB 7 93.65 -31.79 92.56
CA LEU QB 7 94.00 -31.25 93.87
C LEU QB 7 95.41 -30.65 93.82
N PRO QB 8 95.68 -29.64 94.68
CA PRO QB 8 97.05 -29.11 94.79
C PRO QB 8 97.99 -30.11 95.46
N ASN QB 9 99.27 -30.04 95.10
CA ASN QB 9 100.28 -31.07 95.43
C ASN QB 9 99.74 -32.50 95.41
N SER QB 10 99.23 -32.90 94.23
CA SER QB 10 98.55 -34.17 94.01
C SER QB 10 99.50 -35.37 94.13
N LYS QB 11 100.65 -35.24 93.50
CA LYS QB 11 101.70 -36.28 93.54
C LYS QB 11 102.19 -36.58 94.96
N ALA QB 12 102.36 -35.50 95.74
CA ALA QB 12 102.74 -35.59 97.16
C ALA QB 12 101.69 -36.35 97.98
N LEU QB 13 100.44 -35.96 97.78
CA LEU QB 13 99.28 -36.65 98.39
C LEU QB 13 99.24 -38.13 98.05
N LEU QB 14 99.47 -38.44 96.78
CA LEU QB 14 99.50 -39.83 96.30
C LEU QB 14 100.58 -40.64 97.01
N GLN QB 15 101.76 -40.03 97.12
CA GLN QB 15 102.91 -40.64 97.80
C GLN QB 15 102.64 -40.93 99.28
N ASN QB 16 102.06 -39.94 99.98
CA ASN QB 16 101.91 -39.98 101.43
C ASN QB 16 100.48 -40.23 101.92
N GLY QB 17 99.56 -39.40 101.45
CA GLY QB 17 98.16 -39.42 101.88
C GLY QB 17 97.85 -38.08 102.51
N VAL QB 18 97.68 -38.08 103.84
CA VAL QB 18 97.63 -36.85 104.62
C VAL QB 18 98.38 -37.10 105.94
N PRO QB 19 99.38 -36.25 106.28
CA PRO QB 19 100.30 -36.47 107.41
C PRO QB 19 99.75 -37.23 108.63
N ASN QB 20 98.62 -36.77 109.16
CA ASN QB 20 98.07 -37.29 110.42
C ASN QB 20 96.86 -38.20 110.29
N ILE QB 21 95.86 -37.79 109.49
CA ILE QB 21 94.52 -38.39 109.55
C ILE QB 21 94.29 -39.58 108.58
N LEU QB 22 94.87 -39.49 107.37
CA LEU QB 22 94.62 -40.49 106.31
C LEU QB 22 95.93 -40.98 105.66
N SER QB 23 96.01 -42.29 105.43
CA SER QB 23 97.17 -42.90 104.78
C SER QB 23 97.15 -42.66 103.27
N SER QB 24 98.22 -43.08 102.60
CA SER QB 24 98.30 -43.04 101.14
C SER QB 24 97.17 -43.83 100.49
N SER QB 25 96.96 -45.04 101.01
CA SER QB 25 95.90 -45.93 100.56
C SER QB 25 94.52 -45.39 100.97
N GLY QB 26 94.41 -45.01 102.24
CA GLY QB 26 93.17 -44.45 102.78
C GLY QB 26 92.67 -43.19 102.09
N PHE QB 27 93.61 -42.33 101.67
CA PHE QB 27 93.26 -41.15 100.90
C PHE QB 27 92.81 -41.49 99.48
N LYS QB 28 93.48 -42.47 98.88
CA LYS QB 28 93.10 -42.98 97.56
C LYS QB 28 91.68 -43.55 97.57
N THR QB 29 91.38 -44.33 98.61
CA THR QB 29 90.07 -44.94 98.78
C THR QB 29 88.97 -43.89 98.89
N VAL QB 30 89.22 -42.83 99.67
CA VAL QB 30 88.22 -41.79 99.88
C VAL QB 30 88.05 -40.86 98.66
N TRP QB 31 89.16 -40.56 97.98
CA TRP QB 31 89.16 -39.58 96.89
C TRP QB 31 89.51 -40.20 95.54
N PHE QB 32 90.80 -40.48 95.29
CA PHE QB 32 91.28 -40.85 93.95
C PHE QB 32 90.53 -42.00 93.27
N ASP QB 33 89.85 -42.84 94.05
CA ASP QB 33 88.95 -43.88 93.51
C ASP QB 33 87.46 -43.58 93.72
N TYR QB 34 87.06 -43.36 94.98
CA TYR QB 34 85.64 -43.22 95.33
C TYR QB 34 84.97 -42.00 94.69
N GLN QB 35 85.66 -40.87 94.76
CA GLN QB 35 85.21 -39.63 94.14
C GLN QB 35 85.02 -39.79 92.64
N ARG QB 36 86.02 -40.40 92.00
CA ARG QB 36 85.99 -40.74 90.58
C ARG QB 36 84.78 -41.60 90.21
N TYR QB 37 84.57 -42.66 90.99
CA TYR QB 37 83.42 -43.56 90.86
C TYR QB 37 82.10 -42.79 90.92
N LEU QB 38 81.98 -41.93 91.93
CA LEU QB 38 80.82 -41.04 92.12
C LEU QB 38 80.56 -40.16 90.91
N CYS QB 39 81.63 -39.52 90.43
CA CYS QB 39 81.57 -38.67 89.24
C CYS QB 39 81.08 -39.44 88.01
N ASP QB 40 81.63 -40.63 87.82
CA ASP QB 40 81.22 -41.53 86.73
C ASP QB 40 79.74 -41.88 86.80
N LYS QB 41 79.29 -42.23 88.00
CA LYS QB 41 77.87 -42.53 88.27
C LYS QB 41 76.96 -41.35 87.94
N LEU QB 42 77.38 -40.17 88.35
CA LEU QB 42 76.65 -38.93 88.10
C LEU QB 42 76.54 -38.64 86.60
N THR QB 43 77.64 -38.85 85.89
CA THR QB 43 77.70 -38.72 84.44
C THR QB 43 76.73 -39.68 83.74
N LEU QB 44 76.75 -40.93 84.18
CA LEU QB 44 75.84 -41.98 83.67
C LEU QB 44 74.37 -41.62 83.87
N ALA QB 45 74.06 -41.11 85.06
CA ALA QB 45 72.72 -40.63 85.40
C ALA QB 45 72.28 -39.48 84.50
N THR QB 46 73.18 -38.50 84.36
CA THR QB 46 72.88 -37.20 83.76
C THR QB 46 73.70 -36.97 82.49
N ALA QB 47 73.71 -37.95 81.59
CA ALA QB 47 74.50 -37.87 80.36
C ALA QB 47 73.82 -36.97 79.33
N GLY QB 48 72.58 -37.32 78.98
CA GLY QB 48 71.81 -36.63 77.95
C GLY QB 48 70.77 -35.64 78.46
N GLN QB 49 70.63 -35.55 79.78
CA GLN QB 49 69.68 -34.60 80.39
C GLN QB 49 70.24 -33.18 80.34
N SER QB 50 69.41 -32.22 80.71
CA SER QB 50 69.83 -30.83 80.89
C SER QB 50 70.80 -30.65 82.07
N LEU QB 51 70.78 -31.60 83.01
CA LEU QB 51 71.68 -31.60 84.17
C LEU QB 51 73.18 -31.75 83.85
N GLU QB 52 73.51 -32.25 82.66
CA GLU QB 52 74.93 -32.45 82.26
C GLU QB 52 75.78 -31.18 82.36
N SER QB 53 75.20 -30.04 82.02
CA SER QB 53 75.91 -28.75 82.01
C SER QB 53 76.22 -28.18 83.40
N TYR QB 54 75.37 -28.50 84.38
CA TYR QB 54 75.44 -27.88 85.70
C TYR QB 54 76.51 -28.51 86.59
N TYR QB 55 77.00 -27.73 87.56
CA TYR QB 55 77.93 -28.23 88.58
C TYR QB 55 77.17 -29.10 89.60
N PRO QB 56 77.89 -29.95 90.36
CA PRO QB 56 77.24 -30.83 91.34
C PRO QB 56 76.32 -30.13 92.35
N PHE QB 57 76.81 -29.05 92.94
CA PHE QB 57 76.03 -28.27 93.91
C PHE QB 57 74.74 -27.74 93.30
N HIS QB 58 74.86 -27.16 92.11
CA HIS QB 58 73.71 -26.61 91.40
C HIS QB 58 72.72 -27.69 90.98
N ILE QB 59 73.24 -28.85 90.57
CA ILE QB 59 72.42 -30.04 90.29
C ILE QB 59 71.61 -30.44 91.51
N LEU QB 60 72.30 -30.54 92.65
CA LEU QB 60 71.67 -30.94 93.93
C LEU QB 60 70.52 -29.99 94.28
N LEU QB 61 70.78 -28.69 94.15
CA LEU QB 61 69.78 -27.66 94.44
C LEU QB 61 68.56 -27.74 93.52
N LYS QB 62 68.83 -28.02 92.25
CA LYS QB 62 67.78 -28.26 91.26
C LYS QB 62 66.92 -29.46 91.64
N THR QB 63 67.61 -30.55 91.98
CA THR QB 63 67.00 -31.86 92.18
C THR QB 63 66.28 -32.01 93.53
N ALA QB 64 66.76 -31.32 94.56
CA ALA QB 64 66.33 -31.54 95.95
C ALA QB 64 64.84 -31.80 96.17
N GLY QB 65 64.01 -30.97 95.56
CA GLY QB 65 62.55 -31.07 95.70
C GLY QB 65 61.89 -32.26 95.01
N ASN QB 66 62.53 -32.80 93.98
CA ASN QB 66 61.97 -33.90 93.19
C ASN QB 66 62.11 -35.23 93.95
N PRO QB 67 60.98 -35.95 94.17
CA PRO QB 67 61.09 -37.24 94.88
C PRO QB 67 61.75 -38.32 94.03
N LEU QB 68 61.28 -38.49 92.81
CA LEU QB 68 62.01 -39.26 91.80
C LEU QB 68 63.27 -38.50 91.40
N GLN QB 69 64.21 -39.22 90.80
CA GLN QB 69 65.55 -38.72 90.50
C GLN QB 69 66.33 -38.36 91.80
N SER QB 70 66.02 -39.08 92.88
CA SER QB 70 66.75 -38.98 94.15
C SER QB 70 68.18 -39.51 94.05
N ASN QB 71 68.39 -40.48 93.17
CA ASN QB 71 69.72 -41.03 92.89
C ASN QB 71 70.71 -39.95 92.45
N ILE QB 72 70.26 -39.10 91.52
CA ILE QB 72 71.05 -37.96 91.03
C ILE QB 72 71.43 -37.03 92.17
N PHE QB 73 70.43 -36.67 92.98
CA PHE QB 73 70.63 -35.83 94.16
C PHE QB 73 71.68 -36.41 95.09
N ASN QB 74 71.51 -37.70 95.41
CA ASN QB 74 72.43 -38.44 96.28
C ASN QB 74 73.86 -38.34 95.78
N LEU QB 75 74.04 -38.64 94.50
CA LEU QB 75 75.37 -38.62 93.86
C LEU QB 75 75.99 -37.22 93.89
N ALA QB 76 75.20 -36.24 93.46
CA ALA QB 76 75.61 -34.82 93.46
C ALA QB 76 75.97 -34.34 94.85
N SER QB 77 75.13 -34.69 95.82
CA SER QB 77 75.36 -34.38 97.24
C SER QB 77 76.69 -34.96 97.72
N SER QB 78 76.89 -36.24 97.43
CA SER QB 78 78.12 -36.96 97.80
C SER QB 78 79.36 -36.28 97.24
N ILE QB 79 79.31 -35.96 95.94
CA ILE QB 79 80.44 -35.37 95.21
C ILE QB 79 80.86 -34.05 95.84
N HIS QB 80 79.88 -33.19 96.08
CA HIS QB 80 80.10 -31.87 96.66
C HIS QB 80 80.61 -32.00 98.11
N ASN QB 81 79.90 -32.79 98.91
CA ASN QB 81 80.25 -33.03 100.30
C ASN QB 81 81.65 -33.62 100.47
N ASN QB 82 81.98 -34.57 99.61
CA ASN QB 82 83.29 -35.21 99.64
C ASN QB 82 84.40 -34.24 99.29
N HIS QB 83 84.18 -33.37 98.30
CA HIS QB 83 85.20 -32.38 97.94
C HIS QB 83 85.37 -31.29 99.01
N LEU QB 84 84.26 -30.90 99.65
CA LEU QB 84 84.31 -30.02 100.83
C LEU QB 84 85.19 -30.61 101.93
N PHE QB 85 84.95 -31.89 102.22
CA PHE QB 85 85.72 -32.68 103.19
C PHE QB 85 87.21 -32.71 102.85
N VAL QB 86 87.51 -32.94 101.59
CA VAL QB 86 88.89 -32.96 101.10
C VAL QB 86 89.55 -31.59 101.24
N GLU QB 87 88.80 -30.54 100.89
CA GLU QB 87 89.26 -29.16 101.04
C GLU QB 87 89.61 -28.83 102.48
N ASN QB 88 88.74 -29.24 103.40
CA ASN QB 88 88.97 -29.11 104.84
C ASN QB 88 90.24 -29.81 105.28
N ILE QB 89 90.41 -31.03 104.80
CA ILE QB 89 91.60 -31.84 105.11
C ILE QB 89 92.92 -31.17 104.72
N LEU QB 90 92.99 -30.71 103.46
CA LEU QB 90 94.28 -30.45 102.79
C LEU QB 90 95.29 -29.63 103.60
N PRO QB 91 96.59 -30.03 103.57
CA PRO QB 91 97.61 -29.32 104.34
C PRO QB 91 97.92 -27.91 103.83
N SER QB 92 97.98 -27.75 102.50
CA SER QB 92 98.25 -26.46 101.86
C SER QB 92 97.72 -26.41 100.43
N ALA QB 93 97.73 -25.21 99.84
CA ALA QB 93 97.28 -25.01 98.46
C ALA QB 93 97.89 -23.76 97.86
N LYS QB 105 102.02 -22.82 109.80
CA LYS QB 105 100.78 -23.47 110.19
C LYS QB 105 99.66 -22.44 110.36
N THR QB 106 98.46 -22.79 109.89
CA THR QB 106 97.28 -21.93 109.96
C THR QB 106 96.44 -22.24 111.19
N GLU QB 107 96.03 -21.20 111.91
CA GLU QB 107 95.16 -21.32 113.09
C GLU QB 107 93.72 -20.97 112.72
N PRO QB 108 92.73 -21.36 113.57
CA PRO QB 108 91.36 -20.87 113.37
C PRO QB 108 91.25 -19.36 113.59
N SER QB 109 90.37 -18.71 112.84
CA SER QB 109 90.23 -17.24 112.89
C SER QB 109 89.62 -16.75 114.19
N ARG QB 110 89.90 -15.49 114.51
CA ARG QB 110 89.36 -14.81 115.68
C ARG QB 110 87.85 -14.60 115.56
N LEU QB 111 87.42 -14.18 114.36
CA LEU QB 111 86.01 -13.99 114.04
C LEU QB 111 85.22 -15.28 114.23
N PHE QB 112 85.75 -16.36 113.67
CA PHE QB 112 85.16 -17.70 113.81
C PHE QB 112 84.98 -18.12 115.26
N LEU QB 113 86.02 -17.90 116.06
CA LEU QB 113 85.98 -18.16 117.51
C LEU QB 113 84.91 -17.35 118.23
N SER QB 114 84.81 -16.08 117.87
CA SER QB 114 83.78 -15.18 118.42
C SER QB 114 82.36 -15.64 118.09
N LYS QB 115 82.19 -16.07 116.84
CA LYS QB 115 80.91 -16.64 116.37
C LYS QB 115 80.52 -17.91 117.13
N ILE QB 116 81.49 -18.79 117.32
CA ILE QB 116 81.33 -20.02 118.11
C ILE QB 116 80.86 -19.69 119.53
N LYS QB 117 81.59 -18.78 120.17
CA LYS QB 117 81.29 -18.31 121.52
C LYS QB 117 79.86 -17.80 121.65
N ASP QB 118 79.47 -16.98 120.68
CA ASP QB 118 78.09 -16.45 120.58
C ASP QB 118 77.05 -17.57 120.49
N SER QB 119 77.35 -18.57 119.66
CA SER QB 119 76.44 -19.69 119.42
C SER QB 119 76.25 -20.61 120.63
N PHE QB 120 77.34 -21.18 121.13
CA PHE QB 120 77.30 -22.28 122.11
C PHE QB 120 77.43 -21.83 123.57
N ASN QB 121 76.63 -20.84 123.96
CA ASN QB 121 76.56 -20.34 125.35
C ASN QB 121 77.93 -19.93 125.95
N GLY QB 122 78.80 -19.38 125.12
CA GLY QB 122 80.12 -18.95 125.55
C GLY QB 122 81.09 -20.07 125.89
N SER QB 123 80.99 -21.19 125.18
CA SER QB 123 81.87 -22.35 125.41
C SER QB 123 83.15 -22.26 124.58
N ASP QB 124 84.11 -23.12 124.93
CA ASP QB 124 85.41 -23.16 124.26
C ASP QB 124 85.30 -23.95 122.95
N TRP QB 125 86.30 -23.77 122.07
CA TRP QB 125 86.36 -24.49 120.79
C TRP QB 125 86.59 -26.01 120.99
N GLU QB 126 87.40 -26.36 121.97
CA GLU QB 126 87.63 -27.76 122.35
C GLU QB 126 86.34 -28.46 122.79
N VAL QB 127 85.54 -27.73 123.58
CA VAL QB 127 84.23 -28.19 124.07
C VAL QB 127 83.29 -28.45 122.90
N VAL QB 128 83.26 -27.51 121.96
CA VAL QB 128 82.43 -27.59 120.75
C VAL QB 128 82.80 -28.82 119.92
N LYS QB 129 84.10 -29.00 119.70
CA LYS QB 129 84.64 -30.20 119.03
C LYS QB 129 84.15 -31.48 119.69
N GLU QB 130 84.24 -31.51 121.03
CA GLU QB 130 83.81 -32.66 121.85
C GLU QB 130 82.32 -32.93 121.66
N GLU QB 131 81.52 -31.87 121.64
CA GLU QB 131 80.07 -31.97 121.40
C GLU QB 131 79.77 -32.52 120.01
N MET QB 132 80.53 -32.05 119.02
CA MET QB 132 80.42 -32.52 117.63
C MET QB 132 80.70 -34.03 117.50
N ILE QB 133 81.81 -34.46 118.09
CA ILE QB 133 82.19 -35.89 118.07
C ILE QB 133 81.16 -36.77 118.79
N TYR QB 134 80.61 -36.27 119.89
CA TYR QB 134 79.53 -36.95 120.61
C TYR QB 134 78.29 -37.13 119.72
N ARG QB 135 77.92 -36.05 119.03
CA ARG QB 135 76.80 -36.04 118.09
C ARG QB 135 77.00 -37.06 116.97
N ALA QB 136 78.21 -37.06 116.40
CA ALA QB 136 78.62 -38.01 115.36
C ALA QB 136 78.49 -39.45 115.82
N GLU QB 137 78.96 -39.72 117.03
CA GLU QB 137 78.87 -41.03 117.66
C GLU QB 137 77.43 -41.50 117.82
N ASN QB 138 76.58 -40.61 118.33
CA ASN QB 138 75.21 -40.95 118.72
C ASN QB 138 74.23 -40.97 117.55
N GLU QB 139 74.23 -39.88 116.76
CA GLU QB 139 73.20 -39.68 115.73
C GLU QB 139 73.27 -40.68 114.58
N VAL QB 140 74.31 -40.59 113.76
CA VAL QB 140 74.36 -41.37 112.52
C VAL QB 140 74.82 -42.80 112.77
N LEU QB 141 73.99 -43.75 112.35
CA LEU QB 141 74.37 -45.15 112.26
C LEU QB 141 74.72 -45.43 110.80
N GLY QB 142 75.71 -46.29 110.59
CA GLY QB 142 76.15 -46.65 109.24
C GLY QB 142 77.00 -45.56 108.62
N GLN QB 143 76.52 -44.98 107.52
CA GLN QB 143 77.24 -43.95 106.77
C GLN QB 143 76.72 -42.57 107.18
N GLY QB 144 77.26 -41.52 106.55
CA GLY QB 144 76.77 -40.15 106.77
C GLY QB 144 77.81 -39.06 106.69
N TRP QB 145 77.39 -37.87 107.13
CA TRP QB 145 78.21 -36.65 107.13
C TRP QB 145 78.03 -35.90 108.44
N LEU QB 146 79.06 -35.16 108.83
CA LEU QB 146 79.05 -34.35 110.05
C LEU QB 146 79.48 -32.92 109.71
N PHE QB 147 78.51 -32.01 109.64
CA PHE QB 147 78.74 -30.61 109.30
C PHE QB 147 78.68 -29.71 110.53
N LEU QB 148 79.47 -28.65 110.51
CA LEU QB 148 79.30 -27.50 111.39
C LEU QB 148 78.85 -26.39 110.44
N VAL QB 149 77.58 -26.00 110.54
CA VAL QB 149 76.98 -25.06 109.57
C VAL QB 149 76.71 -23.69 110.18
N GLU QB 150 76.39 -22.73 109.30
CA GLU QB 150 75.97 -21.38 109.67
C GLU QB 150 74.72 -21.04 108.85
N ASN QB 151 73.70 -20.49 109.53
CA ASN QB 151 72.43 -20.13 108.89
C ASN QB 151 72.22 -18.60 108.84
N ASN QB 152 71.07 -18.17 108.30
CA ASN QB 152 70.73 -16.73 108.18
C ASN QB 152 70.74 -15.95 109.52
N GLU QB 153 70.50 -16.65 110.61
CA GLU QB 153 70.83 -16.14 111.95
C GLU QB 153 72.30 -16.47 112.16
N LYS QB 154 73.12 -15.44 112.38
CA LYS QB 154 74.59 -15.55 112.30
C LYS QB 154 75.27 -16.64 113.16
N LYS QB 155 74.57 -17.14 114.18
CA LYS QB 155 75.07 -18.24 115.01
C LYS QB 155 75.21 -19.56 114.23
N LEU QB 156 76.22 -20.34 114.61
CA LEU QB 156 76.50 -21.65 113.98
C LEU QB 156 75.76 -22.76 114.72
N PHE QB 157 75.68 -23.93 114.09
CA PHE QB 157 75.23 -25.15 114.76
C PHE QB 157 75.70 -26.42 114.07
N ILE QB 158 75.63 -27.52 114.81
CA ILE QB 158 76.11 -28.83 114.37
C ILE QB 158 74.98 -29.54 113.63
N LEU QB 159 75.32 -30.14 112.48
CA LEU QB 159 74.34 -30.78 111.60
C LEU QB 159 74.88 -32.14 111.11
N THR QB 160 74.23 -33.21 111.55
CA THR QB 160 74.53 -34.57 111.07
C THR QB 160 73.58 -34.94 109.94
N SER QB 161 74.09 -35.72 108.97
CA SER QB 161 73.29 -36.24 107.86
C SER QB 161 73.60 -37.73 107.69
N ASN QB 162 72.59 -38.50 107.29
CA ASN QB 162 72.63 -39.97 107.42
C ASN QB 162 73.23 -40.79 106.27
N ASN QB 163 73.42 -40.19 105.09
CA ASN QB 163 74.25 -40.81 104.03
C ASN QB 163 74.68 -39.82 102.95
N ASN QB 164 73.72 -39.20 102.27
CA ASN QB 164 73.98 -38.18 101.26
C ASN QB 164 73.06 -36.98 101.47
N GLY QB 165 72.80 -36.67 102.74
CA GLY QB 165 71.97 -35.54 103.11
C GLY QB 165 72.79 -34.27 103.07
N THR QB 166 72.26 -33.24 102.40
CA THR QB 166 72.97 -31.99 102.21
C THR QB 166 72.77 -31.07 103.41
N PRO QB 167 73.81 -30.30 103.79
CA PRO QB 167 73.64 -29.29 104.84
C PRO QB 167 72.86 -28.06 104.37
N TYR QB 168 72.79 -27.86 103.05
CA TYR QB 168 72.27 -26.63 102.45
C TYR QB 168 70.75 -26.47 102.55
N TYR QB 169 70.02 -27.52 102.18
CA TYR QB 169 68.58 -27.46 101.98
C TYR QB 169 67.89 -28.36 103.00
N PHE QB 170 67.16 -27.78 103.95
CA PHE QB 170 66.73 -28.50 105.16
C PHE QB 170 65.78 -29.69 104.97
N PRO QB 171 64.94 -29.67 103.92
CA PRO QB 171 64.14 -30.87 103.62
C PRO QB 171 64.95 -32.09 103.20
N ARG QB 172 66.14 -31.87 102.63
CA ARG QB 172 67.10 -32.94 102.35
C ARG QB 172 68.34 -32.83 103.26
N ASN QB 173 68.14 -32.46 104.53
CA ASN QB 173 69.18 -32.58 105.55
C ASN QB 173 69.46 -34.05 105.84
N GLN QB 174 68.39 -34.85 105.82
CA GLN QB 174 68.48 -36.30 106.03
C GLN QB 174 69.08 -36.54 107.42
N SER QB 175 68.55 -35.80 108.40
CA SER QB 175 69.21 -35.57 109.68
C SER QB 175 68.99 -36.66 110.73
N PHE QB 176 67.92 -37.44 110.59
CA PHE QB 176 67.64 -38.54 111.53
C PHE QB 176 66.86 -39.68 110.88
N ASP QB 177 67.09 -40.88 111.40
CA ASP QB 177 66.59 -42.13 110.78
C ASP QB 177 65.25 -42.56 111.35
N LEU QB 178 64.23 -42.60 110.49
CA LEU QB 178 62.90 -43.10 110.85
C LEU QB 178 62.76 -44.60 110.60
N ASN QB 179 63.82 -45.24 110.09
CA ASN QB 179 63.89 -46.70 110.04
C ASN QB 179 63.88 -47.27 111.46
N SER QB 180 64.65 -46.63 112.34
CA SER QB 180 64.58 -46.87 113.78
C SER QB 180 63.42 -46.07 114.39
N ALA QB 181 63.17 -46.29 115.68
CA ALA QB 181 62.15 -45.53 116.42
C ALA QB 181 62.63 -44.10 116.67
N ILE QB 182 61.69 -43.17 116.78
CA ILE QB 182 62.00 -41.74 116.98
C ILE QB 182 61.25 -41.16 118.17
N SER QB 183 61.73 -40.00 118.63
CA SER QB 183 61.13 -39.29 119.76
C SER QB 183 59.86 -38.54 119.36
N ILE QB 184 59.22 -37.94 120.36
CA ILE QB 184 58.03 -37.12 120.17
C ILE QB 184 58.44 -35.76 119.61
N ASP QB 185 59.48 -35.19 120.22
CA ASP QB 185 60.03 -33.88 119.83
C ASP QB 185 60.50 -33.88 118.38
N GLU QB 186 61.22 -34.93 118.00
CA GLU QB 186 61.70 -35.13 116.63
C GLU QB 186 60.55 -35.18 115.62
N PHE QB 187 59.51 -35.92 115.98
CA PHE QB 187 58.30 -36.03 115.16
C PHE QB 187 57.62 -34.68 114.96
N ALA QB 188 57.49 -33.94 116.06
CA ALA QB 188 56.92 -32.58 116.05
C ALA QB 188 57.70 -31.65 115.13
N THR QB 189 59.03 -31.72 115.22
CA THR QB 189 59.95 -30.95 114.37
C THR QB 189 59.75 -31.29 112.89
N LEU QB 190 59.68 -32.58 112.59
CA LEU QB 190 59.37 -33.07 111.24
C LEU QB 190 58.05 -32.52 110.70
N LYS QB 191 57.03 -32.57 111.54
CA LYS QB 191 55.69 -32.07 111.20
C LYS QB 191 55.71 -30.57 110.87
N GLN QB 192 56.46 -29.83 111.69
CA GLN QB 192 56.67 -28.39 111.50
C GLN QB 192 57.36 -28.11 110.16
N MET QB 193 58.41 -28.87 109.88
CA MET QB 193 59.14 -28.77 108.59
C MET QB 193 58.19 -28.99 107.41
N LYS QB 194 57.43 -30.08 107.47
CA LYS QB 194 56.43 -30.43 106.46
C LYS QB 194 55.44 -29.30 106.21
N GLU QB 195 54.94 -28.73 107.30
CA GLU QB 195 54.02 -27.59 107.25
C GLU QB 195 54.65 -26.41 106.52
N LEU QB 196 55.89 -26.09 106.91
CA LEU QB 196 56.68 -25.01 106.30
C LEU QB 196 56.84 -25.22 104.78
N ILE QB 197 57.16 -26.46 104.41
CA ILE QB 197 57.26 -26.87 103.01
C ILE QB 197 55.97 -26.63 102.24
N GLY QB 198 54.86 -27.06 102.84
CA GLY QB 198 53.53 -26.85 102.26
C GLY QB 198 53.16 -25.39 102.10
N LYS QB 199 53.60 -24.56 103.04
CA LYS QB 199 53.42 -23.11 102.99
C LYS QB 199 54.17 -22.41 101.86
N SER QB 200 55.26 -23.01 101.37
CA SER QB 200 56.09 -22.44 100.29
C SER QB 200 55.28 -21.90 99.11
N THR QB 201 54.32 -22.69 98.64
CA THR QB 201 53.44 -22.35 97.51
C THR QB 201 54.18 -21.96 96.23
N LYS QB 202 54.85 -22.95 95.65
CA LYS QB 202 55.39 -22.87 94.29
C LYS QB 202 55.10 -24.18 93.57
N LEU QB 203 55.28 -24.18 92.25
CA LEU QB 203 54.90 -25.34 91.42
C LEU QB 203 55.82 -26.53 91.70
N ASN QB 204 57.12 -26.26 91.77
CA ASN QB 204 58.11 -27.24 92.23
C ASN QB 204 57.98 -27.56 93.72
N GLY QB 205 57.64 -26.55 94.52
CA GLY QB 205 57.44 -26.71 95.96
C GLY QB 205 58.76 -26.80 96.68
N LYS QB 206 59.50 -25.69 96.68
CA LYS QB 206 60.84 -25.62 97.27
C LYS QB 206 61.02 -24.39 98.15
N VAL QB 207 61.30 -24.62 99.42
CA VAL QB 207 61.50 -23.53 100.39
C VAL QB 207 62.82 -22.78 100.19
N GLN QB 208 62.88 -21.61 100.82
CA GLN QB 208 64.10 -20.82 100.88
C GLN QB 208 64.94 -21.27 102.07
N ASP QB 209 66.25 -21.35 101.89
CA ASP QB 209 67.17 -21.79 102.94
C ASP QB 209 68.58 -21.27 102.64
N TRP QB 210 69.25 -20.77 103.69
CA TRP QB 210 70.56 -20.14 103.56
C TRP QB 210 71.59 -20.73 104.52
N THR QB 211 71.53 -22.05 104.70
CA THR QB 211 72.50 -22.77 105.52
C THR QB 211 73.77 -22.99 104.69
N MET QB 212 74.92 -22.67 105.28
CA MET QB 212 76.23 -22.82 104.64
C MET QB 212 77.10 -23.71 105.51
N PRO QB 213 77.81 -24.70 104.92
CA PRO QB 213 78.70 -25.55 105.70
C PRO QB 213 80.05 -24.87 105.97
N ILE QB 214 80.54 -24.97 107.20
CA ILE QB 214 81.84 -24.41 107.60
C ILE QB 214 82.87 -25.54 107.77
N ILE QB 215 82.50 -26.62 108.46
CA ILE QB 215 83.35 -27.82 108.60
C ILE QB 215 82.53 -29.08 108.31
N CYS QB 216 82.54 -29.50 107.05
CA CYS QB 216 82.11 -30.84 106.65
C CYS QB 216 83.13 -31.90 107.08
N VAL QB 217 82.64 -33.03 107.57
CA VAL QB 217 83.45 -34.22 107.84
C VAL QB 217 82.73 -35.44 107.27
N ASN QB 218 83.50 -36.36 106.71
CA ASN QB 218 82.98 -37.51 105.97
C ASN QB 218 82.90 -38.73 106.88
N LEU QB 219 81.70 -39.06 107.32
CA LEU QB 219 81.46 -40.21 108.20
C LEU QB 219 81.15 -41.51 107.43
N TRP QB 220 81.35 -41.49 106.11
CA TRP QB 220 81.35 -42.71 105.31
C TRP QB 220 82.56 -43.58 105.63
N ASP QB 221 82.43 -44.88 105.36
CA ASP QB 221 83.51 -45.85 105.56
C ASP QB 221 84.65 -45.76 104.53
N HIS QB 222 84.42 -45.03 103.44
CA HIS QB 222 85.46 -44.81 102.42
C HIS QB 222 86.66 -44.00 102.92
N ALA QB 223 86.45 -43.18 103.95
CA ALA QB 223 87.53 -42.43 104.59
C ALA QB 223 88.31 -43.26 105.60
N TYR QB 224 87.62 -43.71 106.65
CA TYR QB 224 88.27 -44.24 107.85
C TYR QB 224 88.57 -45.74 107.86
N LEU QB 225 87.69 -46.56 107.27
CA LEU QB 225 87.71 -48.02 107.46
C LEU QB 225 89.03 -48.71 107.17
N HIS QB 226 89.77 -48.22 106.17
CA HIS QB 226 91.09 -48.76 105.84
C HIS QB 226 92.09 -48.55 106.98
N ASP QB 227 92.15 -47.31 107.49
CA ASP QB 227 93.13 -46.92 108.49
C ASP QB 227 92.69 -47.29 109.90
N TYR QB 228 91.45 -46.94 110.24
CA TYR QB 228 90.94 -47.03 111.61
C TYR QB 228 90.15 -48.31 111.93
N GLY QB 229 89.88 -49.14 110.91
CA GLY QB 229 89.06 -50.35 111.09
C GLY QB 229 87.59 -50.00 111.17
N VAL QB 230 86.77 -51.00 111.51
CA VAL QB 230 85.31 -50.78 111.58
C VAL QB 230 84.88 -49.93 112.78
N GLY QB 231 85.55 -50.11 113.92
CA GLY QB 231 85.42 -49.20 115.04
C GLY QB 231 86.28 -47.97 114.82
N ASN QB 232 86.41 -47.16 115.86
CA ASN QB 232 87.32 -45.99 115.87
C ASN QB 232 86.96 -44.90 114.85
N ARG QB 233 85.69 -44.83 114.45
CA ARG QB 233 85.19 -43.75 113.59
C ARG QB 233 85.25 -42.44 114.35
N SER QB 234 84.85 -42.46 115.62
CA SER QB 234 84.94 -41.31 116.51
C SER QB 234 86.38 -40.78 116.58
N LYS QB 235 87.32 -41.69 116.81
CA LYS QB 235 88.76 -41.37 116.86
C LYS QB 235 89.24 -40.68 115.58
N TYR QB 236 88.82 -41.25 114.44
CA TYR QB 236 89.09 -40.68 113.12
C TYR QB 236 88.56 -39.25 113.00
N VAL QB 237 87.30 -39.05 113.42
CA VAL QB 237 86.65 -37.74 113.40
C VAL QB 237 87.43 -36.73 114.24
N LYS QB 238 87.83 -37.16 115.43
CA LYS QB 238 88.65 -36.34 116.34
C LYS QB 238 89.96 -35.92 115.68
N ASN QB 239 90.65 -36.88 115.07
CA ASN QB 239 91.89 -36.64 114.33
C ASN QB 239 91.72 -35.62 113.21
N VAL QB 240 90.63 -35.76 112.46
CA VAL QB 240 90.27 -34.83 111.38
C VAL QB 240 90.08 -33.41 111.92
N LEU QB 241 89.34 -33.31 113.01
CA LEU QB 241 89.09 -32.03 113.68
C LEU QB 241 90.38 -31.36 114.14
N ASP QB 242 91.27 -32.16 114.72
CA ASP QB 242 92.59 -31.70 115.17
C ASP QB 242 93.41 -31.10 114.02
N ASN QB 243 93.50 -31.85 112.93
CA ASN QB 243 94.30 -31.46 111.77
C ASN QB 243 93.43 -31.22 110.53
N LEU QB 244 92.96 -29.98 110.38
CA LEU QB 244 92.26 -29.55 109.17
C LEU QB 244 92.73 -28.17 108.71
N ASN QB 245 92.57 -27.92 107.41
CA ASN QB 245 92.89 -26.62 106.81
C ASN QB 245 92.00 -25.53 107.38
N TRP QB 246 92.59 -24.67 108.19
CA TRP QB 246 91.86 -23.59 108.85
C TRP QB 246 91.64 -22.38 107.98
N SER QB 247 92.59 -22.10 107.09
CA SER QB 247 92.49 -20.99 106.12
C SER QB 247 91.24 -21.14 105.23
N VAL QB 248 91.02 -22.36 104.74
CA VAL QB 248 89.84 -22.71 103.94
C VAL QB 248 88.55 -22.44 104.72
N VAL QB 249 88.52 -22.91 105.96
CA VAL QB 249 87.38 -22.72 106.86
C VAL QB 249 87.08 -21.24 107.07
N ASN QB 250 88.13 -20.47 107.34
CA ASN QB 250 88.03 -19.02 107.51
C ASN QB 250 87.42 -18.33 106.29
N ASN QB 251 87.90 -18.75 105.12
CA ASN QB 251 87.40 -18.26 103.83
C ASN QB 251 85.90 -18.49 103.64
N ARG QB 252 85.41 -19.66 104.04
CA ARG QB 252 83.99 -20.01 103.89
C ARG QB 252 83.14 -19.65 105.14
N ILE QB 253 83.44 -18.51 105.77
CA ILE QB 253 82.77 -18.11 107.03
C ILE QB 253 82.08 -16.73 106.93
N PHE QB 254 82.80 -15.72 106.44
CA PHE QB 254 82.31 -14.34 106.44
C PHE QB 254 81.36 -14.09 105.28
N SER QB 255 80.37 -13.22 105.51
CA SER QB 255 79.39 -12.82 104.50
C SER QB 255 80.01 -11.88 103.47
N ALA RB 18 80.40 -66.90 116.79
CA ALA RB 18 79.01 -67.43 116.92
C ALA RB 18 78.71 -68.57 115.94
N LEU RB 19 78.97 -68.32 114.66
CA LEU RB 19 78.71 -69.30 113.59
C LEU RB 19 79.80 -70.36 113.48
N GLU RB 20 79.43 -71.48 112.84
CA GLU RB 20 80.30 -72.65 112.70
C GLU RB 20 81.11 -72.63 111.40
N HIS RB 21 80.42 -72.38 110.29
CA HIS RB 21 81.01 -72.51 108.94
C HIS RB 21 82.20 -71.59 108.64
N LEU RB 22 82.31 -70.46 109.34
CA LEU RB 22 83.44 -69.53 109.20
C LEU RB 22 84.32 -69.51 110.46
N LYS RB 23 85.61 -69.20 110.27
CA LYS RB 23 86.60 -69.16 111.35
C LYS RB 23 87.65 -68.06 111.12
N GLU RB 24 88.41 -67.78 112.17
CA GLU RB 24 89.36 -66.66 112.18
C GLU RB 24 90.59 -66.86 111.30
N GLY RB 25 91.10 -68.10 111.26
CA GLY RB 25 92.29 -68.43 110.47
C GLY RB 25 92.05 -68.47 108.97
N ALA RB 26 91.13 -69.36 108.56
CA ALA RB 26 90.86 -69.61 107.15
C ALA RB 26 89.40 -69.31 106.78
N PRO RB 27 89.13 -68.11 106.22
CA PRO RB 27 87.85 -67.76 105.62
C PRO RB 27 87.38 -68.61 104.43
N LEU RB 28 86.26 -68.20 103.84
CA LEU RB 28 85.69 -68.85 102.67
C LEU RB 28 86.57 -68.62 101.45
N LYS RB 29 86.70 -69.64 100.61
CA LYS RB 29 87.49 -69.56 99.37
C LYS RB 29 86.85 -68.65 98.33
N GLY RB 30 85.52 -68.58 98.35
CA GLY RB 30 84.77 -67.75 97.42
C GLY RB 30 84.87 -66.26 97.68
N LEU RB 31 84.22 -65.82 98.75
CA LEU RB 31 84.03 -64.39 99.01
C LEU RB 31 85.26 -63.70 99.60
N PHE RB 32 85.48 -63.88 100.90
CA PHE RB 32 86.39 -63.01 101.66
C PHE RB 32 87.79 -63.57 101.79
N SER RB 33 88.71 -62.72 102.25
CA SER RB 33 90.12 -63.08 102.46
C SER RB 33 90.47 -63.11 103.94
N ILE RB 34 91.65 -63.66 104.26
CA ILE RB 34 92.10 -63.88 105.65
C ILE RB 34 91.98 -62.65 106.58
N GLU RB 35 92.25 -61.47 106.02
CA GLU RB 35 92.15 -60.20 106.73
C GLU RB 35 90.80 -59.54 106.49
N GLY RB 36 90.39 -59.50 105.22
CA GLY RB 36 89.14 -58.87 104.81
C GLY RB 36 87.89 -59.46 105.44
N LEU RB 37 87.88 -60.78 105.62
CA LEU RB 37 86.79 -61.47 106.32
C LEU RB 37 86.67 -60.99 107.75
N GLN RB 38 87.81 -60.98 108.45
CA GLN RB 38 87.90 -60.52 109.84
C GLN RB 38 87.36 -59.10 110.01
N LYS RB 39 87.80 -58.22 109.11
CA LYS RB 39 87.32 -56.83 109.07
C LYS RB 39 85.81 -56.74 108.90
N ALA RB 40 85.29 -57.56 107.98
CA ALA RB 40 83.86 -57.63 107.70
C ALA RB 40 83.03 -58.10 108.88
N TRP RB 41 83.46 -59.19 109.52
CA TRP RB 41 82.59 -59.98 110.40
C TRP RB 41 83.04 -60.01 111.86
N PHE RB 42 84.21 -60.58 112.13
CA PHE RB 42 84.67 -60.81 113.51
C PHE RB 42 84.80 -59.52 114.31
N ASP RB 43 85.34 -58.47 113.68
CA ASP RB 43 85.52 -57.17 114.32
C ASP RB 43 84.20 -56.43 114.53
N ARG RB 44 83.36 -56.42 113.50
CA ARG RB 44 82.03 -55.80 113.55
C ARG RB 44 81.17 -56.35 114.68
N VAL RB 45 81.10 -57.67 114.74
CA VAL RB 45 80.33 -58.39 115.76
C VAL RB 45 80.78 -57.99 117.17
N LYS RB 46 82.09 -58.00 117.38
CA LYS RB 46 82.72 -57.58 118.64
C LYS RB 46 82.33 -56.16 119.03
N TYR RB 47 82.43 -55.25 118.06
CA TYR RB 47 82.04 -53.85 118.24
C TYR RB 47 80.59 -53.72 118.69
N LEU RB 48 79.71 -54.46 118.01
CA LEU RB 48 78.28 -54.43 118.30
C LEU RB 48 77.91 -54.98 119.68
N ASP RB 49 78.41 -56.17 119.99
CA ASP RB 49 78.15 -56.83 121.28
C ASP RB 49 78.60 -55.99 122.47
N ALA RB 50 79.82 -55.45 122.38
CA ALA RB 50 80.38 -54.55 123.39
C ALA RB 50 79.53 -53.30 123.59
N LYS RB 51 79.08 -52.74 122.48
CA LYS RB 51 78.20 -51.56 122.48
C LYS RB 51 76.88 -51.85 123.17
N LEU RB 52 76.31 -53.02 122.85
CA LEU RB 52 75.06 -53.49 123.45
C LEU RB 52 75.19 -53.66 124.96
N ASN RB 53 76.29 -54.27 125.38
CA ASN RB 53 76.64 -54.42 126.79
C ASN RB 53 76.76 -53.10 127.54
N ASP RB 54 77.40 -52.13 126.88
CA ASP RB 54 77.54 -50.77 127.41
C ASP RB 54 76.19 -50.11 127.62
N CYS RB 55 75.31 -50.26 126.64
CA CYS RB 55 73.95 -49.73 126.70
C CYS RB 55 73.09 -50.37 127.80
N THR RB 56 73.04 -51.70 127.80
CA THR RB 56 72.22 -52.45 128.77
C THR RB 56 73.08 -53.20 129.79
N ASN RB 57 72.79 -52.98 131.08
CA ASN RB 57 73.52 -53.64 132.18
C ASN RB 57 73.45 -55.17 132.15
N GLU RB 58 72.38 -55.73 131.61
CA GLU RB 58 72.25 -57.18 131.45
C GLU RB 58 73.25 -57.73 130.43
N ALA RB 59 73.90 -58.84 130.78
CA ALA RB 59 74.85 -59.53 129.89
C ALA RB 59 74.24 -60.76 129.21
N GLN RB 60 72.98 -61.07 129.52
CA GLN RB 60 72.28 -62.21 128.93
C GLN RB 60 71.94 -61.89 127.48
N GLN RB 61 72.38 -62.74 126.56
CA GLN RB 61 72.14 -62.55 125.13
C GLN RB 61 70.67 -62.75 124.79
N LYS RB 62 70.11 -63.89 125.22
CA LYS RB 62 68.71 -64.27 124.95
C LYS RB 62 68.50 -64.35 123.41
N PRO RB 63 67.25 -64.28 122.93
CA PRO RB 63 67.10 -63.99 121.50
C PRO RB 63 67.16 -62.48 121.20
N LEU RB 64 67.63 -62.15 120.00
CA LEU RB 64 67.78 -60.76 119.55
C LEU RB 64 66.43 -60.20 119.11
N GLU RB 65 65.70 -61.02 118.35
CA GLU RB 65 64.37 -60.66 117.83
C GLU RB 65 63.41 -60.30 118.95
N THR RB 66 63.40 -61.13 119.99
CA THR RB 66 62.55 -60.93 121.17
C THR RB 66 62.85 -59.60 121.87
N LEU RB 67 64.15 -59.33 122.05
CA LEU RB 67 64.64 -58.06 122.62
C LEU RB 67 64.17 -56.85 121.81
N ILE RB 68 64.28 -56.97 120.48
CA ILE RB 68 63.82 -55.93 119.55
C ILE RB 68 62.32 -55.67 119.73
N HIS RB 69 61.55 -56.75 119.78
CA HIS RB 69 60.09 -56.67 119.96
C HIS RB 69 59.72 -55.97 121.26
N GLU RB 70 60.42 -56.33 122.33
CA GLU RB 70 60.24 -55.72 123.65
C GLU RB 70 60.48 -54.21 123.63
N ASN RB 71 61.60 -53.80 123.02
CA ASN RB 71 62.08 -52.42 123.10
C ASN RB 71 61.73 -51.51 121.90
N SER RB 72 60.98 -52.03 120.92
CA SER RB 72 60.57 -51.24 119.75
C SER RB 72 59.52 -50.19 120.11
N LYS RB 73 59.36 -49.21 119.21
CA LYS RB 73 58.47 -48.05 119.41
C LYS RB 73 58.82 -47.26 120.68
N SER RB 74 60.11 -47.03 120.88
CA SER RB 74 60.61 -46.34 122.08
C SER RB 74 61.93 -45.61 121.78
N ALA RB 75 61.93 -44.29 121.97
CA ALA RB 75 63.11 -43.46 121.69
C ALA RB 75 64.22 -43.63 122.72
N SER RB 76 63.84 -43.85 123.98
CA SER RB 76 64.80 -44.12 125.05
C SER RB 76 65.50 -45.47 124.86
N LYS RB 77 64.71 -46.49 124.54
CA LYS RB 77 65.21 -47.84 124.29
C LYS RB 77 65.35 -48.08 122.77
N LYS RB 78 66.09 -47.18 122.12
CA LYS RB 78 66.20 -47.15 120.65
C LYS RB 78 67.55 -47.69 120.20
N HIS RB 79 68.62 -47.14 120.77
CA HIS RB 79 70.00 -47.53 120.46
C HIS RB 79 70.24 -49.03 120.57
N ILE RB 80 69.77 -49.59 121.68
CA ILE RB 80 69.89 -51.01 121.98
C ILE RB 80 69.23 -51.86 120.90
N VAL RB 81 68.00 -51.45 120.53
CA VAL RB 81 67.23 -52.08 119.46
C VAL RB 81 67.99 -52.06 118.14
N ASN RB 82 68.54 -50.89 117.81
CA ASN RB 82 69.34 -50.71 116.59
C ASN RB 82 70.54 -51.66 116.55
N TYR RB 83 71.23 -51.76 117.68
CA TYR RB 83 72.38 -52.64 117.83
C TYR RB 83 72.01 -54.13 117.72
N ALA RB 84 70.85 -54.48 118.27
CA ALA RB 84 70.29 -55.83 118.13
C ALA RB 84 69.99 -56.17 116.68
N SER RB 85 69.35 -55.22 115.99
CA SER RB 85 69.04 -55.34 114.56
C SER RB 85 70.29 -55.54 113.73
N SER RB 86 71.29 -54.69 113.96
CA SER RB 86 72.59 -54.77 113.27
C SER RB 86 73.25 -56.14 113.44
N LEU RB 87 73.26 -56.63 114.68
CA LEU RB 87 73.84 -57.95 115.00
C LEU RB 87 73.09 -59.08 114.32
N TYR RB 88 71.77 -59.06 114.49
CA TYR RB 88 70.88 -60.09 113.95
C TYR RB 88 70.97 -60.20 112.42
N ASN RB 89 70.92 -59.06 111.76
CA ASN RB 89 70.94 -58.97 110.30
C ASN RB 89 72.20 -59.58 109.69
N LEU RB 90 73.34 -59.20 110.25
CA LEU RB 90 74.65 -59.74 109.85
C LEU RB 90 74.70 -61.26 109.99
N LYS RB 91 74.26 -61.73 111.16
CA LYS RB 91 74.20 -63.17 111.46
C LYS RB 91 73.35 -63.92 110.44
N PHE RB 92 72.20 -63.33 110.12
CA PHE RB 92 71.27 -63.87 109.13
C PHE RB 92 71.90 -63.96 107.75
N SER RB 93 72.62 -62.90 107.37
CA SER RB 93 73.34 -62.84 106.10
C SER RB 93 74.39 -63.95 106.01
N MET RB 94 75.18 -64.07 107.06
CA MET RB 94 76.30 -65.03 107.09
C MET RB 94 75.84 -66.49 107.14
N SER RB 95 74.72 -66.77 107.79
CA SER RB 95 74.16 -68.12 107.85
C SER RB 95 73.89 -68.67 106.45
N SER RB 96 73.25 -67.84 105.62
CA SER RB 96 72.95 -68.17 104.22
C SER RB 96 74.19 -68.53 103.40
N LEU RB 97 75.28 -67.78 103.60
CA LEU RB 97 76.48 -67.93 102.77
C LEU RB 97 77.25 -69.24 102.98
N GLN RB 98 78.08 -69.57 101.98
CA GLN RB 98 78.82 -70.83 101.91
C GLN RB 98 80.13 -70.58 101.13
N GLY RB 99 80.84 -71.65 100.79
CA GLY RB 99 82.00 -71.57 99.89
C GLY RB 99 81.61 -71.40 98.44
N CYS RB 100 82.61 -71.24 97.57
CA CYS RB 100 82.37 -71.02 96.13
C CYS RB 100 83.46 -71.64 95.25
N ILE RB 101 83.21 -71.59 93.93
CA ILE RB 101 84.12 -72.13 92.92
C ILE RB 101 85.16 -71.08 92.50
N ARG RB 102 84.74 -69.81 92.42
CA ARG RB 102 85.62 -68.70 92.01
C ARG RB 102 86.86 -68.56 92.90
N THR RB 103 87.89 -67.93 92.35
CA THR RB 103 89.15 -67.70 93.07
C THR RB 103 88.98 -66.61 94.13
N PRO RB 104 89.88 -66.58 95.15
CA PRO RB 104 89.83 -65.50 96.14
C PRO RB 104 90.18 -64.12 95.56
N PRO RB 105 89.55 -63.03 96.06
CA PRO RB 105 89.93 -61.67 95.66
C PRO RB 105 91.37 -61.25 95.94
N GLU RB 106 92.04 -61.90 96.89
CA GLU RB 106 93.46 -61.66 97.17
C GLU RB 106 94.34 -62.01 95.96
N GLU RB 107 93.99 -63.09 95.26
CA GLU RB 107 94.69 -63.49 94.03
C GLU RB 107 94.31 -62.59 92.84
N CYS RB 108 93.01 -62.36 92.65
CA CYS RB 108 92.51 -61.56 91.53
C CYS RB 108 92.84 -60.06 91.65
N PRO RB 109 92.85 -59.34 90.51
CA PRO RB 109 93.04 -57.88 90.56
C PRO RB 109 91.74 -57.15 90.86
N ARG RB 110 91.85 -56.02 91.55
CA ARG RB 110 90.67 -55.20 91.89
C ARG RB 110 90.14 -54.48 90.66
N LEU RB 111 88.82 -54.38 90.57
CA LEU RB 111 88.16 -53.75 89.43
C LEU RB 111 88.32 -52.22 89.49
N GLY RB 112 88.58 -51.63 88.33
CA GLY RB 112 88.76 -50.18 88.18
C GLY RB 112 87.47 -49.48 87.80
N PRO RB 113 87.57 -48.25 87.25
CA PRO RB 113 86.41 -47.52 86.71
C PRO RB 113 85.65 -48.20 85.55
N GLU RB 114 86.28 -49.14 84.86
CA GLU RB 114 85.65 -49.88 83.76
C GLU RB 114 84.49 -50.78 84.19
N ALA RB 115 84.52 -51.23 85.46
CA ALA RB 115 83.44 -52.06 86.04
C ALA RB 115 82.05 -51.44 85.96
N LEU RB 116 81.98 -50.12 86.08
CA LEU RB 116 80.71 -49.38 85.97
C LEU RB 116 80.04 -49.53 84.62
N LEU RB 117 80.86 -49.58 83.57
CA LEU RB 117 80.38 -49.61 82.19
C LEU RB 117 80.04 -51.01 81.67
N GLN RB 118 80.39 -52.05 82.44
CA GLN RB 118 80.07 -53.43 82.06
C GLN RB 118 78.57 -53.68 82.14
N THR RB 119 78.02 -54.31 81.10
CA THR RB 119 76.62 -54.76 81.12
C THR RB 119 76.48 -55.95 82.08
N PRO RB 120 75.40 -55.99 82.89
CA PRO RB 120 75.19 -57.14 83.75
C PRO RB 120 74.57 -58.31 82.97
N ASP RB 121 74.97 -59.53 83.33
CA ASP RB 121 74.53 -60.75 82.63
C ASP RB 121 73.36 -61.46 83.34
N PHE RB 122 72.66 -60.76 84.23
CA PHE RB 122 71.61 -61.37 85.05
C PHE RB 122 70.37 -61.64 84.21
N ASN RB 123 70.10 -60.73 83.29
CA ASN RB 123 69.04 -60.85 82.29
C ASN RB 123 69.14 -62.10 81.40
N ARG RB 124 70.37 -62.46 81.03
CA ARG RB 124 70.63 -63.52 80.05
C ARG RB 124 71.10 -64.83 80.69
N THR RB 125 72.07 -64.75 81.59
CA THR RB 125 72.64 -65.91 82.26
C THR RB 125 71.84 -66.29 83.52
N ILE RB 126 71.95 -67.56 83.92
CA ILE RB 126 71.51 -68.01 85.24
C ILE RB 126 72.50 -69.07 85.77
N SER RB 127 72.74 -69.04 87.09
CA SER RB 127 73.68 -69.94 87.76
C SER RB 127 73.04 -70.52 89.02
N ASN RB 128 73.86 -71.22 89.82
CA ASN RB 128 73.50 -71.71 91.17
C ASN RB 128 72.02 -71.55 91.57
N GLU RB 129 71.17 -72.37 90.97
CA GLU RB 129 69.75 -72.42 91.33
C GLU RB 129 69.56 -73.33 92.55
N PRO RB 130 68.40 -73.21 93.23
CA PRO RB 130 68.05 -74.18 94.26
C PRO RB 130 67.95 -75.64 93.77
N LEU RB 131 67.43 -75.84 92.55
CA LEU RB 131 67.20 -77.19 91.97
C LEU RB 131 68.43 -78.10 92.01
N THR RB 132 69.61 -77.53 91.77
CA THR RB 132 70.87 -78.28 91.71
C THR RB 132 71.23 -79.03 93.00
N THR RB 133 70.77 -78.52 94.15
CA THR RB 133 70.96 -79.17 95.45
C THR RB 133 69.61 -79.41 96.14
N GLY RB 134 68.71 -80.09 95.44
CA GLY RB 134 67.35 -80.36 95.93
C GLY RB 134 66.50 -79.11 95.89
N ASN RB 135 65.91 -78.75 97.03
CA ASN RB 135 65.22 -77.46 97.22
C ASN RB 135 64.22 -77.12 96.11
N GLU RB 136 63.42 -78.11 95.73
CA GLU RB 136 62.52 -78.01 94.58
C GLU RB 136 61.30 -77.16 94.88
N ARG RB 137 60.69 -77.40 96.03
CA ARG RB 137 59.50 -76.67 96.48
C ARG RB 137 59.77 -75.17 96.71
N LEU RB 138 60.97 -74.88 97.22
CA LEU RB 138 61.43 -73.50 97.41
C LEU RB 138 61.55 -72.80 96.07
N GLN RB 139 62.18 -73.47 95.12
CA GLN RB 139 62.33 -72.96 93.76
C GLN RB 139 60.98 -72.66 93.09
N ALA RB 140 60.05 -73.59 93.26
CA ALA RB 140 58.67 -73.44 92.75
C ALA RB 140 57.98 -72.22 93.34
N ALA RB 141 58.15 -72.04 94.65
CA ALA RB 141 57.61 -70.88 95.38
C ALA RB 141 58.19 -69.57 94.87
N LEU RB 142 59.51 -69.55 94.69
CA LEU RB 142 60.21 -68.39 94.11
C LEU RB 142 59.67 -68.04 92.72
N ILE RB 143 59.54 -69.05 91.87
CA ILE RB 143 58.98 -68.90 90.52
C ILE RB 143 57.59 -68.29 90.55
N SER RB 144 56.74 -68.81 91.44
CA SER RB 144 55.37 -68.32 91.63
C SER RB 144 55.35 -66.85 92.03
N SER RB 145 56.22 -66.50 92.97
CA SER RB 145 56.37 -65.12 93.44
C SER RB 145 56.83 -64.17 92.33
N PHE RB 146 57.89 -64.58 91.65
CA PHE RB 146 58.70 -63.67 90.82
C PHE RB 146 58.61 -63.88 89.31
N GLY RB 147 57.85 -64.88 88.86
CA GLY RB 147 57.79 -65.24 87.45
C GLY RB 147 58.84 -66.27 87.07
N SER RB 148 60.09 -65.99 87.41
CA SER RB 148 61.21 -66.90 87.16
C SER RB 148 62.34 -66.72 88.19
N LEU RB 149 63.37 -67.55 88.05
CA LEU RB 149 64.56 -67.52 88.90
C LEU RB 149 65.44 -66.32 88.57
N MET RB 150 65.62 -66.09 87.26
CA MET RB 150 66.42 -64.98 86.72
C MET RB 150 65.85 -63.64 87.14
N GLU RB 151 64.53 -63.51 87.04
CA GLU RB 151 63.80 -62.31 87.44
C GLU RB 151 63.99 -61.99 88.93
N PHE RB 152 63.87 -63.03 89.74
CA PHE RB 152 64.14 -62.94 91.19
C PHE RB 152 65.55 -62.43 91.47
N ARG RB 153 66.52 -63.05 90.80
CA ARG RB 153 67.94 -62.69 90.95
C ARG RB 153 68.20 -61.23 90.62
N THR RB 154 67.66 -60.78 89.49
CA THR RB 154 67.77 -59.38 89.08
C THR RB 154 67.17 -58.46 90.12
N LEU RB 155 65.99 -58.82 90.62
CA LEU RB 155 65.33 -58.05 91.67
C LEU RB 155 66.22 -57.92 92.91
N LEU RB 156 66.84 -59.02 93.30
CA LEU RB 156 67.68 -59.08 94.49
C LEU RB 156 68.98 -58.26 94.38
N ILE RB 157 69.77 -58.56 93.35
CA ILE RB 157 71.10 -57.98 93.18
C ILE RB 157 71.04 -56.48 92.90
N ASN RB 158 70.19 -56.11 91.96
CA ASN RB 158 69.98 -54.70 91.59
C ASN RB 158 69.52 -53.85 92.78
N SER RB 159 68.58 -54.40 93.54
CA SER RB 159 68.10 -53.77 94.78
C SER RB 159 69.23 -53.54 95.77
N ASN RB 160 70.07 -54.55 95.92
CA ASN RB 160 71.23 -54.49 96.81
C ASN RB 160 72.24 -53.42 96.40
N LEU RB 161 72.52 -53.37 95.09
CA LEU RB 161 73.37 -52.33 94.50
C LEU RB 161 72.83 -50.93 94.80
N ALA RB 162 71.53 -50.76 94.59
CA ALA RB 162 70.84 -49.49 94.78
C ALA RB 162 70.95 -48.92 96.19
N ILE RB 163 70.96 -49.81 97.20
CA ILE RB 163 70.99 -49.43 98.62
C ILE RB 163 72.07 -48.38 98.95
N SER RB 164 73.25 -48.52 98.34
CA SER RB 164 74.32 -47.50 98.40
C SER RB 164 74.49 -46.85 99.78
N GLY RB 165 75.03 -47.64 100.71
CA GLY RB 165 75.12 -47.26 102.12
C GLY RB 165 74.91 -48.48 103.00
N ASP RB 166 74.74 -48.24 104.30
CA ASP RB 166 74.56 -49.33 105.26
C ASP RB 166 73.12 -49.84 105.15
N GLY RB 167 72.98 -51.11 104.80
CA GLY RB 167 71.65 -51.70 104.61
C GLY RB 167 71.68 -53.19 104.31
N PHE RB 168 70.49 -53.76 104.15
CA PHE RB 168 70.30 -55.19 103.93
C PHE RB 168 69.14 -55.45 102.98
N THR RB 169 69.35 -56.37 102.04
CA THR RB 169 68.30 -56.85 101.14
C THR RB 169 67.76 -58.17 101.70
N TRP RB 170 66.43 -58.26 101.82
CA TRP RB 170 65.77 -59.39 102.48
C TRP RB 170 64.79 -60.13 101.57
N LEU RB 171 65.02 -61.43 101.39
CA LEU RB 171 64.02 -62.35 100.85
C LEU RB 171 63.10 -62.72 102.02
N VAL RB 172 61.80 -62.48 101.86
CA VAL RB 172 60.83 -62.71 102.94
C VAL RB 172 59.59 -63.48 102.46
N ALA RB 173 58.80 -63.94 103.42
CA ALA RB 173 57.57 -64.69 103.18
C ALA RB 173 56.41 -64.04 103.95
N ARG RB 174 55.30 -63.78 103.26
CA ARG RB 174 54.16 -63.06 103.84
C ARG RB 174 53.37 -63.94 104.82
N ARG RB 175 53.60 -63.74 106.11
CA ARG RB 175 52.84 -64.42 107.16
C ARG RB 175 51.49 -63.71 107.36
N GLN RB 176 50.41 -64.48 107.33
CA GLN RB 176 49.05 -63.93 107.38
C GLN RB 176 48.65 -63.62 108.82
N ASP RB 190 52.52 -74.32 112.96
CA ASP RB 190 51.96 -74.14 111.61
C ASP RB 190 52.72 -73.07 110.82
N ILE RB 191 52.79 -71.86 111.39
CA ILE RB 191 53.46 -70.69 110.81
C ILE RB 191 53.29 -70.55 109.28
N GLU RB 192 52.04 -70.57 108.83
CA GLU RB 192 51.69 -70.49 107.40
C GLU RB 192 52.17 -69.20 106.72
N TYR RB 193 52.32 -69.27 105.39
CA TYR RB 193 52.64 -68.10 104.57
C TYR RB 193 51.79 -68.06 103.30
N ASP RB 194 51.57 -66.84 102.79
CA ASP RB 194 50.74 -66.61 101.61
C ASP RB 194 51.58 -66.56 100.33
N LYS RB 195 52.59 -65.70 100.34
CA LYS RB 195 53.33 -65.32 99.12
C LYS RB 195 54.72 -64.80 99.49
N LEU RB 196 55.72 -65.17 98.69
CA LEU RB 196 57.09 -64.69 98.90
C LEU RB 196 57.26 -63.28 98.34
N PHE RB 197 58.19 -62.55 98.95
CA PHE RB 197 58.49 -61.17 98.58
C PHE RB 197 59.94 -60.85 98.87
N ILE RB 198 60.36 -59.64 98.46
CA ILE RB 198 61.70 -59.14 98.73
C ILE RB 198 61.61 -57.65 99.11
N LEU RB 199 62.36 -57.26 100.14
CA LEU RB 199 62.41 -55.86 100.58
C LEU RB 199 63.80 -55.46 101.04
N ASN RB 200 64.11 -54.17 100.88
CA ASN RB 200 65.33 -53.58 101.40
C ASN RB 200 65.05 -52.93 102.75
N THR RB 201 66.07 -52.90 103.61
CA THR RB 201 65.97 -52.24 104.91
C THR RB 201 67.34 -51.69 105.32
N TYR RB 202 67.35 -50.50 105.92
CA TYR RB 202 68.53 -49.65 105.97
C TYR RB 202 69.05 -49.42 107.39
N ASN RB 203 70.36 -49.23 107.49
CA ASN RB 203 71.09 -49.05 108.76
C ASN RB 203 70.84 -50.16 109.80
N ALA RB 204 69.74 -50.07 110.53
CA ALA RB 204 69.34 -51.06 111.53
C ALA RB 204 67.82 -51.23 111.53
N GLY RB 205 67.27 -51.36 110.33
CA GLY RB 205 65.84 -51.57 110.14
C GLY RB 205 65.54 -53.05 110.19
N THR RB 206 64.46 -53.40 110.87
CA THR RB 206 64.04 -54.80 111.00
C THR RB 206 63.28 -55.24 109.75
N PRO RB 207 63.38 -56.54 109.38
CA PRO RB 207 62.56 -57.06 108.29
C PRO RB 207 61.14 -57.47 108.71
N PHE RB 208 60.84 -57.38 110.01
CA PHE RB 208 59.54 -57.77 110.56
C PHE RB 208 58.68 -56.51 110.60
N ASN RB 209 57.52 -56.57 109.95
CA ASN RB 209 56.64 -55.40 109.83
C ASN RB 209 55.85 -55.10 111.11
N PHE RB 210 55.32 -56.14 111.75
CA PHE RB 210 54.44 -56.01 112.92
C PHE RB 210 54.99 -55.18 114.08
N SER RB 211 56.30 -55.24 114.29
CA SER RB 211 56.96 -54.51 115.39
C SER RB 211 56.94 -52.99 115.21
N THR RB 212 57.02 -52.53 113.96
CA THR RB 212 57.08 -51.09 113.63
C THR RB 212 55.86 -50.57 112.85
N SER RB 213 54.85 -51.42 112.63
CA SER RB 213 53.67 -51.05 111.84
C SER RB 213 52.76 -50.09 112.60
N GLY RB 214 52.61 -48.87 112.08
CA GLY RB 214 51.68 -47.89 112.65
C GLY RB 214 52.23 -47.00 113.75
N VAL RB 215 53.55 -47.08 114.00
CA VAL RB 215 54.23 -46.19 114.95
C VAL RB 215 54.09 -44.71 114.56
N MET RB 216 54.25 -44.45 113.26
CA MET RB 216 54.15 -43.08 112.71
C MET RB 216 52.74 -42.53 112.88
N ASN RB 217 51.76 -43.38 112.62
CA ASN RB 217 50.34 -43.07 112.79
C ASN RB 217 50.01 -42.72 114.24
N GLU RB 218 50.53 -43.52 115.16
CA GLU RB 218 50.38 -43.32 116.61
C GLU RB 218 50.95 -41.95 117.03
N LEU RB 219 52.17 -41.68 116.56
CA LEU RB 219 52.84 -40.38 116.79
C LEU RB 219 52.03 -39.20 116.27
N ASN RB 220 51.48 -39.36 115.07
CA ASN RB 220 50.59 -38.36 114.47
C ASN RB 220 49.38 -38.12 115.37
N ASN RB 221 48.73 -39.20 115.78
CA ASN RB 221 47.58 -39.15 116.69
C ASN RB 221 47.88 -38.43 118.01
N GLN RB 222 49.04 -38.75 118.58
CA GLN RB 222 49.53 -38.07 119.79
C GLN RB 222 49.70 -36.56 119.59
N TYR RB 223 50.30 -36.20 118.45
CA TYR RB 223 50.51 -34.82 118.07
C TYR RB 223 49.19 -34.06 117.93
N THR RB 224 48.20 -34.71 117.31
CA THR RB 224 46.86 -34.14 117.13
C THR RB 224 46.18 -33.90 118.47
N ASN RB 225 46.29 -34.88 119.37
CA ASN RB 225 45.78 -34.77 120.74
C ASN RB 225 46.39 -33.61 121.50
N MET RB 226 47.72 -33.48 121.38
CA MET RB 226 48.47 -32.36 121.99
C MET RB 226 48.00 -30.99 121.48
N GLU RB 227 47.80 -30.91 120.16
CA GLU RB 227 47.27 -29.70 119.51
C GLU RB 227 45.88 -29.34 120.03
N LYS RB 228 45.01 -30.34 120.13
CA LYS RB 228 43.66 -30.19 120.67
C LYS RB 228 43.67 -29.65 122.11
N GLN RB 229 44.54 -30.24 122.93
CA GLN RB 229 44.74 -29.80 124.32
C GLN RB 229 45.14 -28.33 124.42
N ARG RB 230 46.07 -27.91 123.55
CA ARG RB 230 46.51 -26.52 123.47
C ARG RB 230 45.40 -25.61 122.95
N ALA RB 244 38.85 -33.04 107.75
CA ALA RB 244 40.08 -32.26 107.85
C ALA RB 244 41.24 -32.89 107.06
N LYS RB 245 42.33 -32.14 106.95
CA LYS RB 245 43.55 -32.59 106.28
C LYS RB 245 44.21 -33.70 107.11
N GLN RB 246 44.37 -33.43 108.40
CA GLN RB 246 44.98 -34.36 109.35
C GLN RB 246 44.26 -35.70 109.42
N ALA RB 247 42.93 -35.64 109.41
CA ALA RB 247 42.07 -36.83 109.38
C ALA RB 247 42.27 -37.65 108.10
N LYS RB 248 42.37 -36.94 106.97
CA LYS RB 248 42.63 -37.54 105.67
C LYS RB 248 43.98 -38.25 105.64
N THR RB 249 45.00 -37.61 106.19
CA THR RB 249 46.36 -38.17 106.27
C THR RB 249 46.38 -39.45 107.11
N LYS RB 250 45.67 -39.41 108.24
CA LYS RB 250 45.51 -40.56 109.13
C LYS RB 250 44.85 -41.73 108.40
N PHE RB 251 43.77 -41.43 107.68
CA PHE RB 251 43.07 -42.43 106.87
C PHE RB 251 43.96 -43.08 105.81
N ILE RB 252 44.76 -42.24 105.15
CA ILE RB 252 45.76 -42.69 104.16
C ILE RB 252 46.77 -43.64 104.80
N TYR RB 253 47.30 -43.23 105.95
CA TYR RB 253 48.23 -44.07 106.73
C TYR RB 253 47.62 -45.42 107.07
N GLU RB 254 46.38 -45.40 107.54
CA GLU RB 254 45.65 -46.62 107.91
C GLU RB 254 45.51 -47.58 106.75
N THR RB 255 45.08 -47.06 105.59
CA THR RB 255 44.91 -47.90 104.40
C THR RB 255 46.24 -48.43 103.86
N GLN RB 256 47.31 -47.64 103.96
CA GLN RB 256 48.67 -48.11 103.67
C GLN RB 256 49.07 -49.31 104.53
N GLN RB 257 48.79 -49.20 105.83
CA GLN RB 257 49.17 -50.23 106.80
C GLN RB 257 48.37 -51.52 106.66
N LYS RB 258 47.05 -51.41 106.73
CA LYS RB 258 46.19 -52.60 106.84
C LYS RB 258 46.18 -53.45 105.57
N GLY RB 259 46.22 -54.76 105.76
CA GLY RB 259 46.24 -55.72 104.65
C GLY RB 259 44.89 -55.94 104.02
N PHE RB 260 44.81 -56.97 103.18
CA PHE RB 260 43.56 -57.33 102.48
C PHE RB 260 42.45 -57.88 103.39
N SER RB 261 42.84 -58.45 104.54
CA SER RB 261 41.88 -59.04 105.49
C SER RB 261 42.28 -58.83 106.96
N GLY RB 262 43.43 -59.38 107.33
CA GLY RB 262 43.91 -59.37 108.72
C GLY RB 262 44.19 -57.99 109.31
N LYS RB 263 44.20 -57.92 110.64
CA LYS RB 263 44.43 -56.67 111.38
C LYS RB 263 45.82 -56.08 111.14
N GLU RB 264 46.84 -56.94 111.00
CA GLU RB 264 48.18 -56.54 110.57
C GLU RB 264 48.84 -57.65 109.75
N VAL RB 265 50.06 -57.41 109.30
CA VAL RB 265 50.84 -58.37 108.53
C VAL RB 265 52.28 -58.44 109.03
N SER RB 266 52.90 -59.61 108.89
CA SER RB 266 54.29 -59.83 109.28
C SER RB 266 55.02 -60.64 108.21
N TYR RB 267 56.35 -60.53 108.22
CA TYR RB 267 57.20 -61.15 107.20
C TYR RB 267 58.20 -62.11 107.83
N ILE RB 268 58.19 -63.36 107.38
CA ILE RB 268 59.16 -64.37 107.81
C ILE RB 268 60.39 -64.25 106.91
N PRO RB 269 61.55 -63.86 107.46
CA PRO RB 269 62.74 -63.75 106.62
C PRO RB 269 63.32 -65.11 106.24
N LEU RB 270 63.69 -65.26 104.97
CA LEU RB 270 64.32 -66.48 104.46
C LEU RB 270 65.79 -66.29 104.05
N LEU RB 271 66.12 -65.10 103.55
CA LEU RB 271 67.48 -64.79 103.08
C LEU RB 271 67.78 -63.32 103.35
N ALA RB 272 68.97 -63.03 103.90
CA ALA RB 272 69.48 -61.67 104.05
C ALA RB 272 70.77 -61.51 103.25
N ILE RB 273 70.97 -60.32 102.69
CA ILE RB 273 72.22 -59.98 102.00
C ILE RB 273 72.60 -58.54 102.37
N ASP RB 274 73.74 -58.40 103.04
CA ASP RB 274 74.24 -57.08 103.45
C ASP RB 274 74.68 -56.23 102.25
N ALA RB 275 74.51 -54.92 102.38
CA ALA RB 275 74.86 -53.96 101.33
C ALA RB 275 75.94 -52.96 101.73
N SER RB 276 76.41 -53.02 102.98
CA SER RB 276 77.27 -51.98 103.53
C SER RB 276 78.71 -52.06 102.98
N PRO RB 277 79.38 -50.90 102.82
CA PRO RB 277 80.81 -50.85 102.50
C PRO RB 277 81.71 -51.67 103.44
N LYS RB 278 81.34 -51.74 104.72
CA LYS RB 278 82.08 -52.48 105.75
C LYS RB 278 82.65 -53.84 105.29
N THR RB 279 81.79 -54.62 104.61
CA THR RB 279 82.18 -55.95 104.15
C THR RB 279 83.05 -55.92 102.90
N TRP RB 280 82.51 -55.34 101.82
CA TRP RB 280 83.10 -55.49 100.47
C TRP RB 280 84.24 -54.51 100.09
N LEU RB 281 84.37 -53.38 100.79
CA LEU RB 281 85.48 -52.43 100.51
C LEU RB 281 86.88 -53.02 100.69
N THR RB 282 87.02 -53.94 101.65
CA THR RB 282 88.31 -54.54 101.99
C THR RB 282 88.88 -55.39 100.85
N ASP RB 283 88.05 -56.25 100.28
CA ASP RB 283 88.47 -57.18 99.24
C ASP RB 283 88.30 -56.59 97.84
N TYR RB 284 87.10 -56.09 97.56
CA TYR RB 284 86.68 -55.74 96.20
C TYR RB 284 86.91 -54.27 95.83
N GLY RB 285 87.37 -53.46 96.79
CA GLY RB 285 87.57 -52.03 96.57
C GLY RB 285 86.25 -51.28 96.42
N VAL RB 286 86.31 -50.10 95.82
CA VAL RB 286 85.14 -49.25 95.63
C VAL RB 286 84.23 -49.78 94.53
N PHE RB 287 84.84 -50.16 93.41
CA PHE RB 287 84.10 -50.44 92.16
C PHE RB 287 83.49 -51.84 92.10
N GLY RB 288 83.93 -52.74 92.98
CA GLY RB 288 83.54 -54.16 92.92
C GLY RB 288 82.40 -54.58 93.83
N LYS RB 289 81.39 -53.73 93.96
CA LYS RB 289 80.19 -54.09 94.74
C LYS RB 289 79.37 -55.15 94.00
N ARG RB 290 79.12 -54.89 92.72
CA ARG RB 290 78.37 -55.79 91.85
C ARG RB 290 79.00 -57.18 91.78
N GLU RB 291 80.33 -57.21 91.62
CA GLU RB 291 81.11 -58.43 91.62
C GLU RB 291 80.94 -59.22 92.93
N TYR RB 292 81.05 -58.49 94.04
CA TYR RB 292 80.82 -59.05 95.38
C TYR RB 292 79.45 -59.71 95.50
N LEU RB 293 78.42 -58.98 95.06
CA LEU RB 293 77.04 -59.47 95.09
C LEU RB 293 76.85 -60.73 94.26
N GLU RB 294 77.45 -60.73 93.08
CA GLU RB 294 77.50 -61.91 92.20
C GLU RB 294 78.10 -63.12 92.91
N ARG RB 295 79.26 -62.90 93.53
CA ARG RB 295 79.95 -63.93 94.31
C ARG RB 295 79.10 -64.48 95.45
N VAL RB 296 78.46 -63.56 96.18
CA VAL RB 296 77.54 -63.91 97.26
C VAL RB 296 76.44 -64.82 96.72
N TRP RB 297 75.85 -64.41 95.61
CA TRP RB 297 74.76 -65.16 94.98
C TRP RB 297 75.17 -66.56 94.57
N ASP RB 298 76.36 -66.67 93.96
CA ASP RB 298 76.97 -67.95 93.62
C ASP RB 298 77.14 -68.86 94.83
N SER RB 299 77.51 -68.27 95.97
CA SER RB 299 77.84 -69.00 97.19
C SER RB 299 76.75 -68.96 98.29
N ILE RB 300 75.47 -68.96 97.89
CA ILE RB 300 74.36 -69.12 98.84
C ILE RB 300 74.14 -70.62 99.08
N GLU RB 301 73.93 -71.00 100.35
CA GLU RB 301 73.50 -72.35 100.70
C GLU RB 301 71.96 -72.36 100.76
N TRP RB 302 71.35 -72.85 99.68
CA TRP RB 302 69.89 -72.80 99.51
C TRP RB 302 69.10 -73.75 100.42
N LYS RB 303 69.77 -74.77 100.97
CA LYS RB 303 69.14 -75.73 101.89
C LYS RB 303 68.59 -75.05 103.14
N ILE RB 304 69.38 -74.13 103.69
CA ILE RB 304 69.01 -73.33 104.86
C ILE RB 304 67.78 -72.47 104.57
N VAL RB 305 67.79 -71.84 103.38
CA VAL RB 305 66.69 -71.00 102.92
C VAL RB 305 65.40 -71.81 102.79
N GLU RB 306 65.54 -73.01 102.22
CA GLU RB 306 64.42 -73.94 102.06
C GLU RB 306 63.83 -74.35 103.42
N SER RB 307 64.71 -74.64 104.37
CA SER RB 307 64.31 -75.01 105.74
C SER RB 307 63.53 -73.88 106.42
N ARG RB 308 64.04 -72.66 106.27
CA ARG RB 308 63.38 -71.45 106.77
C ARG RB 308 61.98 -71.25 106.19
N LEU RB 309 61.84 -71.53 104.90
CA LEU RB 309 60.55 -71.42 104.18
C LEU RB 309 59.51 -72.36 104.82
N PRO RB 310 58.39 -71.80 105.35
CA PRO RB 310 57.36 -72.67 105.93
C PRO RB 310 56.41 -73.29 104.90
N GLN RB 311 55.44 -74.05 105.39
CA GLN RB 311 54.42 -74.68 104.53
C GLN RB 311 53.45 -73.64 103.94
N ARG RB 312 53.00 -73.91 102.72
CA ARG RB 312 52.11 -73.01 101.97
C ARG RB 312 50.64 -73.33 102.24
N THR RB 313 49.79 -72.31 102.12
CA THR RB 313 48.35 -72.46 102.36
C THR RB 313 47.66 -73.05 101.13
N GLU SB 42 64.89 -3.87 -113.12
CA GLU SB 42 64.26 -3.30 -111.88
C GLU SB 42 63.74 -4.40 -110.96
N ILE SB 43 62.98 -5.33 -111.54
CA ILE SB 43 62.44 -6.48 -110.82
C ILE SB 43 63.55 -7.37 -110.25
N ALA SB 44 64.61 -7.57 -111.03
CA ALA SB 44 65.78 -8.34 -110.62
C ALA SB 44 66.46 -7.69 -109.42
N LYS SB 45 66.63 -6.37 -109.51
CA LYS SB 45 67.19 -5.57 -108.42
C LYS SB 45 66.36 -5.68 -107.13
N ALA SB 46 65.04 -5.60 -107.28
CA ALA SB 46 64.11 -5.74 -106.16
C ALA SB 46 64.21 -7.12 -105.50
N LYS SB 47 64.31 -8.15 -106.33
CA LYS SB 47 64.53 -9.53 -105.86
C LYS SB 47 65.82 -9.68 -105.07
N LEU SB 48 66.90 -9.11 -105.60
CA LEU SB 48 68.21 -9.10 -104.94
C LEU SB 48 68.15 -8.43 -103.57
N ASP SB 49 67.48 -7.28 -103.52
CA ASP SB 49 67.26 -6.53 -102.28
C ASP SB 49 66.51 -7.37 -101.24
N GLU SB 50 65.44 -8.02 -101.68
CA GLU SB 50 64.65 -8.92 -100.84
C GLU SB 50 65.49 -10.07 -100.27
N PHE SB 51 66.30 -10.67 -101.14
CA PHE SB 51 67.24 -11.74 -100.76
C PHE SB 51 68.25 -11.29 -99.71
N LEU SB 52 68.76 -10.07 -99.91
CA LEU SB 52 69.70 -9.44 -98.97
C LEU SB 52 69.03 -9.23 -97.60
N ILE SB 53 67.82 -8.69 -97.63
CA ILE SB 53 67.01 -8.46 -96.42
C ILE SB 53 66.77 -9.76 -95.65
N TYR SB 54 66.37 -10.80 -96.39
CA TYR SB 54 66.17 -12.14 -95.83
C TYR SB 54 67.41 -12.63 -95.09
N HIS SB 55 68.56 -12.53 -95.75
CA HIS SB 55 69.82 -13.00 -95.17
C HIS SB 55 70.25 -12.17 -93.96
N LYS SB 56 69.97 -10.88 -93.99
CA LYS SB 56 70.16 -10.01 -92.82
C LYS SB 56 69.34 -10.43 -91.61
N THR SB 57 68.08 -10.82 -91.86
CA THR SB 57 67.14 -11.25 -90.81
C THR SB 57 67.78 -12.23 -89.84
N ASP SB 58 67.51 -12.05 -88.54
CA ASP SB 58 68.12 -12.87 -87.51
C ASP SB 58 67.68 -14.34 -87.64
N ALA SB 59 68.59 -15.25 -87.30
CA ALA SB 59 68.33 -16.69 -87.37
C ALA SB 59 67.19 -17.15 -86.45
N LYS SB 60 66.97 -16.40 -85.36
CA LYS SB 60 65.83 -16.62 -84.47
C LYS SB 60 64.51 -16.14 -85.08
N LEU SB 61 64.55 -15.01 -85.79
CA LEU SB 61 63.38 -14.43 -86.46
C LEU SB 61 63.00 -15.10 -87.78
N LYS SB 62 64.00 -15.48 -88.57
CA LYS SB 62 63.81 -16.10 -89.90
C LYS SB 62 62.66 -17.10 -90.03
N PRO SB 63 62.65 -18.18 -89.20
CA PRO SB 63 61.64 -19.22 -89.39
C PRO SB 63 60.20 -18.82 -89.04
N PHE SB 64 60.02 -17.71 -88.34
CA PHE SB 64 58.69 -17.15 -88.08
C PHE SB 64 58.25 -16.21 -89.19
N ILE SB 65 59.14 -15.32 -89.62
CA ILE SB 65 58.79 -14.27 -90.61
C ILE SB 65 59.12 -14.65 -92.08
N TYR SB 66 59.54 -15.89 -92.32
CA TYR SB 66 59.69 -16.43 -93.68
C TYR SB 66 59.15 -17.87 -93.79
N ARG SB 67 57.99 -18.11 -93.18
CA ARG SB 67 57.29 -19.39 -93.29
C ARG SB 67 55.77 -19.16 -93.25
N PRO SB 68 55.01 -19.82 -94.15
CA PRO SB 68 53.55 -19.65 -94.18
C PRO SB 68 52.82 -20.30 -92.99
N LYS SB 69 53.35 -21.40 -92.46
CA LYS SB 69 52.74 -22.07 -91.31
C LYS SB 69 52.80 -21.24 -90.01
N ASN SB 70 53.83 -20.39 -89.90
CA ASN SB 70 54.03 -19.52 -88.74
C ASN SB 70 53.58 -18.09 -89.00
N ALA SB 71 52.32 -17.93 -89.42
CA ALA SB 71 51.69 -16.61 -89.61
C ALA SB 71 50.94 -16.21 -88.34
N GLN SB 72 50.13 -17.14 -87.84
CA GLN SB 72 49.39 -16.97 -86.59
C GLN SB 72 50.32 -16.66 -85.41
N ILE SB 73 51.42 -17.41 -85.33
CA ILE SB 73 52.44 -17.22 -84.30
C ILE SB 73 53.04 -15.81 -84.37
N LEU SB 74 53.35 -15.39 -85.60
CA LEU SB 74 53.89 -14.04 -85.87
C LEU SB 74 52.93 -12.97 -85.38
N LEU SB 75 51.66 -13.12 -85.75
CA LEU SB 75 50.59 -12.20 -85.33
C LEU SB 75 50.50 -12.08 -83.80
N THR SB 76 50.56 -13.22 -83.13
CA THR SB 76 50.48 -13.27 -81.67
C THR SB 76 51.74 -12.69 -81.00
N LYS SB 77 52.92 -13.16 -81.42
CA LYS SB 77 54.19 -12.82 -80.76
C LYS SB 77 54.75 -11.46 -81.19
N ASP SB 78 54.84 -11.25 -82.50
CA ASP SB 78 55.39 -10.03 -83.10
C ASP SB 78 56.87 -9.83 -82.78
N GLU SB 115 74.24 4.66 -108.41
CA GLU SB 115 73.28 3.72 -107.85
C GLU SB 115 73.87 2.32 -107.70
N LEU SB 116 74.49 1.84 -108.78
CA LEU SB 116 75.15 0.53 -108.81
C LEU SB 116 76.24 0.43 -107.74
N LEU SB 117 77.06 1.48 -107.65
CA LEU SB 117 78.13 1.58 -106.66
C LEU SB 117 77.58 1.52 -105.23
N ASP SB 118 76.50 2.26 -105.00
CA ASP SB 118 75.81 2.29 -103.71
C ASP SB 118 75.26 0.91 -103.33
N TRP SB 119 74.65 0.23 -104.30
CA TRP SB 119 74.17 -1.14 -104.15
C TRP SB 119 75.30 -2.09 -103.75
N PHE SB 120 76.41 -1.98 -104.46
CA PHE SB 120 77.59 -2.81 -104.22
C PHE SB 120 78.11 -2.61 -102.79
N LYS SB 121 78.23 -1.35 -102.40
CA LYS SB 121 78.63 -0.96 -101.04
C LYS SB 121 77.71 -1.56 -99.97
N GLU SB 122 76.40 -1.49 -100.23
CA GLU SB 122 75.39 -2.09 -99.34
C GLU SB 122 75.58 -3.59 -99.19
N TRP SB 123 75.81 -4.24 -100.33
CA TRP SB 123 76.07 -5.69 -100.40
C TRP SB 123 77.32 -6.09 -99.59
N THR SB 124 78.37 -5.28 -99.73
CA THR SB 124 79.62 -5.49 -98.98
C THR SB 124 79.43 -5.35 -97.48
N GLY SB 125 78.60 -4.37 -97.10
CA GLY SB 125 78.29 -4.07 -95.70
C GLY SB 125 77.77 -5.20 -94.83
N THR SB 126 77.17 -6.22 -95.44
CA THR SB 126 76.73 -7.42 -94.73
C THR SB 126 77.91 -8.20 -94.15
N SER SB 127 77.60 -9.07 -93.19
CA SER SB 127 78.63 -9.79 -92.44
C SER SB 127 79.38 -10.82 -93.28
N ILE SB 128 80.67 -10.97 -92.98
CA ILE SB 128 81.51 -12.05 -93.52
C ILE SB 128 80.92 -13.41 -93.15
N ARG SB 129 80.43 -13.51 -91.92
CA ARG SB 129 79.86 -14.73 -91.35
C ARG SB 129 78.84 -15.42 -92.27
N LYS SB 130 77.92 -14.64 -92.83
CA LYS SB 130 76.89 -15.17 -93.73
C LYS SB 130 77.45 -15.31 -95.16
N ARG SB 131 77.92 -16.51 -95.47
CA ARG SB 131 78.65 -16.79 -96.72
C ARG SB 131 77.76 -16.87 -97.97
N ALA SB 132 76.47 -17.11 -97.81
CA ALA SB 132 75.51 -17.16 -98.95
C ALA SB 132 75.55 -15.88 -99.79
N ILE SB 133 75.65 -14.74 -99.12
CA ILE SB 133 75.81 -13.43 -99.78
C ILE SB 133 77.20 -13.30 -100.43
N TRP SB 134 78.24 -13.68 -99.68
CA TRP SB 134 79.63 -13.56 -100.17
C TRP SB 134 80.02 -14.60 -101.25
N THR SB 135 79.22 -15.66 -101.39
CA THR SB 135 79.36 -16.60 -102.51
C THR SB 135 78.44 -16.16 -103.64
N TYR SB 136 78.87 -15.16 -104.39
CA TYR SB 136 78.03 -14.53 -105.41
C TYR SB 136 78.86 -13.69 -106.38
N PHE TB 1 72.13 21.95 17.82
CA PHE TB 1 71.72 23.39 17.66
C PHE TB 1 72.88 24.25 17.15
N SER TB 2 72.78 24.68 15.90
CA SER TB 2 73.77 25.56 15.27
C SER TB 2 73.11 26.86 14.80
N ARG TB 3 73.71 27.98 15.20
CA ARG TB 3 73.38 29.29 14.64
C ARG TB 3 74.49 29.71 13.68
N ARG TB 4 74.25 30.82 12.98
CA ARG TB 4 75.31 31.52 12.28
C ARG TB 4 76.05 32.35 13.32
N ARG TB 5 77.28 31.92 13.63
CA ARG TB 5 78.09 32.57 14.66
C ARG TB 5 79.16 33.43 13.99
N ILE TB 6 79.00 34.75 14.14
CA ILE TB 6 80.01 35.71 13.69
C ILE TB 6 81.29 35.44 14.49
N ALA TB 7 82.41 35.36 13.77
CA ALA TB 7 83.66 34.90 14.37
C ALA TB 7 84.38 36.01 15.13
N TYR TB 8 83.89 36.32 16.32
CA TYR TB 8 84.56 37.28 17.21
C TYR TB 8 85.76 36.57 17.84
N PRO TB 9 86.77 37.33 18.29
CA PRO TB 9 87.86 36.70 19.04
C PRO TB 9 87.39 36.02 20.33
N PHE TB 10 87.90 34.81 20.58
CA PHE TB 10 87.70 34.12 21.85
C PHE TB 10 88.30 34.91 23.02
N TYR TB 11 89.43 35.57 22.76
CA TYR TB 11 90.10 36.42 23.74
C TYR TB 11 89.32 37.74 23.96
N PRO TB 12 89.54 38.42 25.11
CA PRO TB 12 88.81 39.65 25.38
C PRO TB 12 89.47 40.87 24.72
N PHE TB 13 88.64 41.78 24.22
CA PHE TB 13 89.10 43.00 23.55
C PHE TB 13 88.13 44.14 23.82
N LYS TB 14 88.61 45.37 23.66
CA LYS TB 14 87.77 46.56 23.86
C LYS TB 14 86.72 46.69 22.76
N LYS TB 15 85.49 46.33 23.11
CA LYS TB 15 84.35 46.44 22.19
C LYS TB 15 83.98 47.90 21.95
N LEU TB 16 83.11 48.10 20.97
CA LEU TB 16 82.46 49.38 20.76
C LEU TB 16 81.41 49.54 21.87
N GLY TB 17 81.15 50.78 22.28
CA GLY TB 17 80.13 51.09 23.30
C GLY TB 17 79.06 51.94 22.67
N ARG TB 18 79.35 53.22 22.53
CA ARG TB 18 78.63 54.13 21.64
C ARG TB 18 79.68 54.81 20.78
N GLN TB 19 79.23 55.34 19.64
CA GLN TB 19 80.13 56.07 18.75
C GLN TB 19 79.39 56.98 17.78
N HIS TB 20 80.11 57.97 17.27
CA HIS TB 20 79.57 59.00 16.39
C HIS TB 20 78.85 58.39 15.19
N PRO TB 21 77.55 58.72 14.98
CA PRO TB 21 76.71 58.11 13.94
C PRO TB 21 77.35 57.81 12.59
N LYS TB 22 78.19 58.72 12.10
CA LYS TB 22 78.78 58.59 10.77
C LYS TB 22 79.86 57.51 10.61
N LYS TB 23 80.56 57.13 11.69
CA LYS TB 23 81.75 56.27 11.53
C LYS TB 23 81.50 54.81 11.11
N HIS TB 24 80.36 54.26 11.54
CA HIS TB 24 79.86 52.94 11.06
C HIS TB 24 80.76 51.74 11.35
N ASP TB 25 81.53 51.81 12.44
CA ASP TB 25 82.56 50.80 12.73
C ASP TB 25 81.97 49.51 13.28
N THR TB 26 82.68 48.40 13.09
CA THR TB 26 82.28 47.08 13.58
C THR TB 26 83.24 46.56 14.66
N ASN TB 27 82.73 45.67 15.51
CA ASN TB 27 83.51 45.10 16.61
C ASN TB 27 84.68 44.23 16.15
N LEU TB 28 84.44 43.46 15.08
CA LEU TB 28 85.49 42.67 14.43
C LEU TB 28 86.64 43.53 13.93
N LYS TB 29 86.29 44.62 13.25
CA LYS TB 29 87.26 45.61 12.75
C LYS TB 29 88.08 46.23 13.88
N THR TB 30 87.40 46.55 14.98
CA THR TB 30 88.03 47.08 16.19
C THR TB 30 89.05 46.10 16.76
N ALA TB 31 88.62 44.84 16.85
CA ALA TB 31 89.47 43.74 17.33
C ALA TB 31 90.72 43.57 16.47
N MET TB 32 90.52 43.64 15.15
CA MET TB 32 91.62 43.57 14.19
C MET TB 32 92.62 44.72 14.38
N ARG TB 33 92.09 45.93 14.51
CA ARG TB 33 92.90 47.13 14.78
C ARG TB 33 93.77 46.95 16.02
N GLN TB 34 93.13 46.48 17.10
CA GLN TB 34 93.81 46.22 18.36
C GLN TB 34 94.95 45.21 18.22
N PHE TB 35 94.66 44.12 17.51
CA PHE TB 35 95.65 43.10 17.18
C PHE TB 35 96.85 43.68 16.44
N LEU TB 36 96.56 44.49 15.44
CA LEU TB 36 97.58 45.15 14.62
C LEU TB 36 98.44 46.14 15.40
N GLY TB 37 97.79 46.94 16.24
CA GLY TB 37 98.43 48.11 16.84
C GLY TB 37 98.37 49.27 15.87
N PRO TB 38 99.04 50.39 16.20
CA PRO TB 38 99.01 51.59 15.36
C PRO TB 38 99.88 51.46 14.10
N LYS TB 39 99.39 52.01 13.00
CA LYS TB 39 100.05 51.93 11.70
C LYS TB 39 100.87 53.19 11.42
N ASN TB 40 102.05 53.02 10.82
CA ASN TB 40 102.93 54.14 10.50
C ASN TB 40 102.45 54.98 9.32
N TYR TB 41 103.07 56.15 9.18
CA TYR TB 41 103.08 56.92 7.93
C TYR TB 41 103.53 56.11 6.71
N LYS TB 42 104.50 55.22 6.90
CA LYS TB 42 104.97 54.30 5.86
C LYS TB 42 103.91 53.26 5.48
N GLY TB 43 103.21 52.73 6.48
CA GLY TB 43 102.28 51.61 6.32
C GLY TB 43 102.49 50.45 7.28
N GLU TB 44 103.63 50.43 7.98
CA GLU TB 44 104.01 49.30 8.84
C GLU TB 44 103.26 49.28 10.17
N TYR TB 45 102.75 48.10 10.53
CA TYR TB 45 102.23 47.81 11.87
C TYR TB 45 103.40 47.34 12.75
N VAL TB 46 104.12 48.30 13.31
CA VAL TB 46 105.39 48.04 14.01
C VAL TB 46 105.22 47.30 15.35
N MET TB 47 104.17 47.65 16.09
CA MET TB 47 103.98 47.13 17.46
C MET TB 47 103.55 45.67 17.50
N ASN TB 48 103.01 45.15 16.39
CA ASN TB 48 102.66 43.74 16.28
C ASN TB 48 103.91 42.86 16.35
N LYS TB 49 103.90 41.91 17.29
CA LYS TB 49 104.91 40.83 17.36
C LYS TB 49 105.29 40.25 16.00
N TYR TB 50 104.26 39.89 15.23
CA TYR TB 50 104.40 39.04 14.05
C TYR TB 50 104.69 39.82 12.75
N PHE TB 51 104.95 41.12 12.86
CA PHE TB 51 105.23 41.95 11.69
C PHE TB 51 106.64 41.68 11.16
N THR TB 52 107.63 41.90 12.01
CA THR TB 52 109.04 41.72 11.63
C THR TB 52 109.38 40.24 11.53
N VAL TB 53 110.48 39.95 10.84
CA VAL TB 53 110.90 38.58 10.54
C VAL TB 53 112.04 38.20 11.48
N PRO TB 54 111.99 36.98 12.07
CA PRO TB 54 113.03 36.59 13.02
C PRO TB 54 114.38 36.31 12.36
N THR TB 55 115.45 36.72 13.03
CA THR TB 55 116.82 36.49 12.58
C THR TB 55 117.57 35.61 13.60
N ASN TB 56 116.87 34.58 14.08
CA ASN TB 56 117.29 33.80 15.26
C ASN TB 56 117.45 32.29 15.03
N HIS TB 57 117.03 31.79 13.87
CA HIS TB 57 116.75 30.34 13.67
C HIS TB 57 115.72 29.81 14.68
N VAL TB 58 114.72 30.64 14.98
CA VAL TB 58 113.64 30.31 15.90
C VAL TB 58 112.36 30.91 15.31
N PRO TB 59 111.51 30.08 14.68
CA PRO TB 59 110.34 30.64 13.98
C PRO TB 59 109.34 31.31 14.92
N ASN TB 60 108.91 32.52 14.55
CA ASN TB 60 107.96 33.30 15.35
C ASN TB 60 106.54 32.93 14.91
N TYR TB 61 106.14 31.73 15.30
CA TYR TB 61 104.79 31.24 15.05
C TYR TB 61 103.86 31.77 16.11
N ILE TB 62 102.56 31.52 15.92
CA ILE TB 62 101.53 32.25 16.63
C ILE TB 62 101.16 31.52 17.93
N LYS TB 63 100.96 32.30 18.99
CA LYS TB 63 100.50 31.79 20.28
C LYS TB 63 99.36 32.67 20.81
N PRO TB 64 98.18 32.61 20.16
CA PRO TB 64 97.03 33.41 20.61
C PRO TB 64 96.42 32.90 21.92
N ASP TB 65 96.47 31.59 22.12
CA ASP TB 65 96.03 30.96 23.37
C ASP TB 65 96.88 31.35 24.59
N LEU TB 66 98.18 31.54 24.39
CA LEU TB 66 99.12 31.80 25.49
C LEU TB 66 99.08 33.26 25.94
N GLU TB 67 99.28 34.17 24.99
CA GLU TB 67 99.25 35.61 25.29
C GLU TB 67 97.84 36.21 25.43
N ARG TB 68 96.81 35.38 25.27
CA ARG TB 68 95.41 35.77 25.46
C ARG TB 68 95.02 36.91 24.51
N GLY TB 69 95.46 36.79 23.26
CA GLY TB 69 95.14 37.75 22.21
C GLY TB 69 95.94 39.03 22.15
N GLN TB 70 96.83 39.25 23.11
CA GLN TB 70 97.59 40.50 23.20
C GLN TB 70 98.94 40.35 22.51
N SER TB 71 98.97 40.78 21.25
CA SER TB 71 100.08 40.55 20.34
C SER TB 71 101.15 41.65 20.36
N LEU TB 72 100.86 42.79 21.00
CA LEU TB 72 101.69 43.99 20.85
C LEU TB 72 102.93 43.98 21.73
N GLU TB 73 104.10 44.00 21.09
CA GLU TB 73 105.40 44.13 21.76
C GLU TB 73 106.08 45.43 21.34
N HIS TB 74 106.97 45.94 22.19
CA HIS TB 74 107.79 47.10 21.84
C HIS TB 74 108.92 46.62 20.90
N PRO TB 75 109.02 47.21 19.69
CA PRO TB 75 109.92 46.67 18.64
C PRO TB 75 111.41 46.55 19.01
N VAL TB 76 111.95 47.52 19.74
CA VAL TB 76 113.37 47.56 20.08
C VAL TB 76 113.73 46.52 21.16
N THR TB 77 112.87 46.41 22.17
CA THR TB 77 113.13 45.59 23.37
C THR TB 77 112.36 44.27 23.41
N LYS TB 78 111.48 44.03 22.44
CA LYS TB 78 110.54 42.89 22.40
C LYS TB 78 109.79 42.61 23.72
N LYS TB 79 109.45 43.67 24.44
CA LYS TB 79 108.73 43.55 25.71
C LYS TB 79 107.23 43.82 25.48
N PRO TB 80 106.36 43.02 26.14
CA PRO TB 80 104.92 43.04 25.85
C PRO TB 80 104.22 44.32 26.29
N LEU TB 81 103.11 44.63 25.63
CA LEU TB 81 102.30 45.82 25.92
C LEU TB 81 100.81 45.49 25.88
N GLN TB 82 99.99 46.43 26.36
CA GLN TB 82 98.53 46.32 26.33
C GLN TB 82 97.87 47.62 25.91
N LEU TB 83 96.56 47.55 25.67
CA LEU TB 83 95.74 48.73 25.42
C LEU TB 83 95.03 49.10 26.72
N ARG TB 84 95.42 50.25 27.29
CA ARG TB 84 94.86 50.74 28.56
C ARG TB 84 93.53 51.46 28.35
N TYR TB 85 92.95 52.00 29.43
CA TYR TB 85 91.71 52.80 29.33
C TYR TB 85 91.83 54.01 28.40
N ASP TB 86 93.00 54.65 28.40
CA ASP TB 86 93.35 55.65 27.38
C ASP TB 86 93.84 54.96 26.11
N GLY TB 87 93.77 55.68 24.99
CA GLY TB 87 94.20 55.17 23.69
C GLY TB 87 95.68 54.80 23.57
N THR TB 88 96.52 55.38 24.44
CA THR TB 88 97.94 55.07 24.49
C THR TB 88 98.22 53.65 24.99
N LEU TB 89 99.26 53.03 24.45
CA LEU TB 89 99.72 51.71 24.90
C LEU TB 89 100.62 51.84 26.13
N GLY TB 90 100.79 50.73 26.83
CA GLY TB 90 101.67 50.66 28.00
C GLY TB 90 101.94 49.23 28.42
N PRO TB 91 102.87 49.02 29.38
CA PRO TB 91 103.19 47.64 29.80
C PRO TB 91 102.08 46.99 30.62
N PRO TB 92 102.01 45.64 30.64
CA PRO TB 92 100.99 44.94 31.41
C PRO TB 92 101.31 44.95 32.91
N PRO TB 93 100.27 44.94 33.77
CA PRO TB 93 100.50 44.87 35.21
C PRO TB 93 101.01 43.51 35.68
N VAL TB 94 100.38 42.43 35.19
CA VAL TB 94 100.76 41.06 35.53
C VAL TB 94 101.54 40.45 34.37
N GLU TB 95 102.62 39.74 34.69
CA GLU TB 95 103.45 39.07 33.67
C GLU TB 95 102.86 37.70 33.33
N ASN TB 96 103.00 37.30 32.07
CA ASN TB 96 102.49 36.02 31.58
C ASN TB 96 103.52 34.90 31.76
N LYS TB 97 103.16 33.89 32.56
CA LYS TB 97 104.00 32.70 32.76
C LYS TB 97 103.94 31.72 31.59
N ARG TB 98 102.85 31.78 30.81
CA ARG TB 98 102.66 30.90 29.65
C ARG TB 98 103.68 31.16 28.53
N LEU TB 99 103.91 32.42 28.21
CA LEU TB 99 104.89 32.81 27.19
C LEU TB 99 106.34 32.56 27.62
N GLN TB 100 106.60 32.65 28.92
CA GLN TB 100 107.96 32.47 29.46
C GLN TB 100 108.37 31.00 29.42
N ASN TB 101 107.47 30.14 29.92
CA ASN TB 101 107.67 28.69 29.91
C ASN TB 101 106.94 28.04 28.72
N ILE TB 102 107.67 27.81 27.64
CA ILE TB 102 107.14 27.15 26.43
C ILE TB 102 108.05 25.98 26.02
N PHE TB 103 107.45 24.99 25.37
CA PHE TB 103 108.14 23.73 25.06
C PHE TB 103 108.95 23.82 23.78
N LYS TB 104 109.72 22.78 23.50
CA LYS TB 104 110.51 22.68 22.26
C LYS TB 104 109.61 22.45 21.06
N ASP TB 105 108.70 21.49 21.19
CA ASP TB 105 107.78 21.09 20.10
C ASP TB 105 106.85 22.21 19.66
N ARG TB 106 106.33 22.98 20.61
CA ARG TB 106 105.36 24.03 20.32
C ARG TB 106 105.98 25.27 19.65
N LEU TB 107 107.28 25.48 19.83
CA LEU TB 107 108.00 26.51 19.08
C LEU TB 107 108.06 26.22 17.57
N LEU TB 108 108.05 24.94 17.22
CA LEU TB 108 107.97 24.48 15.82
C LEU TB 108 106.57 23.97 15.50
N GLN TB 109 105.56 24.74 15.87
CA GLN TB 109 104.15 24.39 15.65
C GLN TB 109 103.45 25.63 15.09
N PRO TB 110 103.37 25.75 13.74
CA PRO TB 110 102.89 27.00 13.12
C PRO TB 110 101.47 27.40 13.49
N PHE TB 111 100.57 26.42 13.59
CA PHE TB 111 99.19 26.67 13.94
C PHE TB 111 98.89 26.15 15.34
N PRO TB 112 98.24 26.96 16.20
CA PRO TB 112 97.97 26.56 17.59
C PRO TB 112 97.02 25.36 17.71
N SER TB 113 96.06 25.27 16.79
CA SER TB 113 95.00 24.27 16.86
C SER TB 113 95.38 22.87 16.34
N ASN TB 114 96.47 22.77 15.58
CA ASN TB 114 96.97 21.49 15.07
C ASN TB 114 98.37 21.18 15.62
N PRO TB 115 98.45 20.33 16.67
CA PRO TB 115 99.73 19.84 17.20
C PRO TB 115 100.59 19.03 16.23
N HIS TB 116 99.96 18.35 15.27
CA HIS TB 116 100.65 17.40 14.41
C HIS TB 116 101.49 18.10 13.36
N CYS TB 117 100.93 19.14 12.74
CA CYS TB 117 101.70 19.97 11.80
C CYS TB 117 102.86 20.63 12.54
N LYS TB 118 104.08 20.29 12.12
CA LYS TB 118 105.30 20.95 12.57
C LYS TB 118 106.10 21.37 11.36
N THR TB 119 107.00 22.33 11.56
CA THR TB 119 107.92 22.74 10.50
C THR TB 119 109.09 21.77 10.38
N ASN TB 120 109.46 21.49 9.14
CA ASN TB 120 110.66 20.73 8.83
C ASN TB 120 111.87 21.66 8.99
N TYR TB 121 113.02 21.09 9.33
CA TYR TB 121 114.24 21.87 9.52
C TYR TB 121 114.86 22.24 8.18
N VAL TB 122 115.73 23.26 8.21
CA VAL TB 122 116.48 23.68 7.03
C VAL TB 122 117.91 23.18 7.15
N LEU TB 123 118.44 22.69 6.03
CA LEU TB 123 119.83 22.28 5.94
C LEU TB 123 120.73 23.49 5.81
N SER TB 124 121.83 23.48 6.56
CA SER TB 124 122.88 24.48 6.41
C SER TB 124 123.58 24.27 5.06
N PRO TB 125 123.94 25.36 4.37
CA PRO TB 125 124.55 25.28 3.03
C PRO TB 125 125.85 24.47 2.98
N GLN TB 126 126.61 24.55 4.07
CA GLN TB 126 127.88 23.82 4.22
C GLN TB 126 127.63 22.31 4.22
N LEU TB 127 126.63 21.90 4.98
CA LEU TB 127 126.21 20.49 5.07
C LEU TB 127 125.79 19.95 3.71
N LYS TB 128 124.95 20.72 3.01
CA LYS TB 128 124.51 20.38 1.65
C LYS TB 128 125.68 20.18 0.70
N GLN TB 129 126.62 21.12 0.76
CA GLN TB 129 127.87 21.05 -0.01
C GLN TB 129 128.66 19.79 0.26
N SER TB 130 128.79 19.45 1.54
CA SER TB 130 129.51 18.25 1.98
C SER TB 130 128.85 16.97 1.45
N ILE TB 131 127.52 16.94 1.53
CA ILE TB 131 126.71 15.85 0.97
C ILE TB 131 126.96 15.68 -0.53
N PHE TB 132 126.91 16.80 -1.25
CA PHE TB 132 127.15 16.84 -2.69
C PHE TB 132 128.52 16.28 -3.06
N GLU TB 133 129.54 16.73 -2.32
CA GLU TB 133 130.91 16.24 -2.46
C GLU TB 133 131.01 14.73 -2.26
N GLU TB 134 130.38 14.26 -1.19
CA GLU TB 134 130.34 12.82 -0.86
C GLU TB 134 129.75 11.98 -1.98
N ILE TB 135 128.64 12.45 -2.53
CA ILE TB 135 127.96 11.72 -3.62
C ILE TB 135 128.74 11.75 -4.93
N THR TB 136 129.41 12.86 -5.24
CA THR TB 136 130.07 13.03 -6.54
C THR TB 136 131.55 12.65 -6.53
N VAL TB 137 132.34 13.35 -5.71
CA VAL TB 137 133.80 13.24 -5.72
C VAL TB 137 134.26 11.98 -4.99
N GLU TB 138 133.82 11.83 -3.74
CA GLU TB 138 134.15 10.66 -2.93
C GLU TB 138 133.47 9.38 -3.47
N GLY TB 139 132.31 9.55 -4.09
CA GLY TB 139 131.60 8.46 -4.75
C GLY TB 139 130.94 7.47 -3.81
N LEU TB 140 130.45 7.96 -2.67
CA LEU TB 140 129.75 7.13 -1.70
C LEU TB 140 128.32 6.88 -2.16
N SER TB 141 127.73 5.78 -1.70
CA SER TB 141 126.33 5.49 -1.96
C SER TB 141 125.44 6.38 -1.11
N ALA TB 142 124.24 6.66 -1.61
CA ALA TB 142 123.29 7.58 -0.96
C ALA TB 142 122.79 7.08 0.39
N GLN TB 143 122.65 5.75 0.52
CA GLN TB 143 122.18 5.11 1.76
C GLN TB 143 123.15 5.37 2.92
N GLN TB 144 124.44 5.19 2.65
CA GLN TB 144 125.51 5.46 3.62
C GLN TB 144 125.51 6.91 4.09
N VAL TB 145 125.34 7.82 3.13
CA VAL TB 145 125.26 9.26 3.40
C VAL TB 145 124.05 9.56 4.30
N SER TB 146 122.91 8.96 3.96
CA SER TB 146 121.67 9.13 4.72
C SER TB 146 121.84 8.66 6.17
N GLN TB 147 122.46 7.50 6.35
CA GLN TB 147 122.78 6.95 7.66
C GLN TB 147 123.67 7.87 8.49
N LYS TB 148 124.71 8.40 7.83
CA LYS TB 148 125.66 9.33 8.46
C LYS TB 148 124.96 10.59 8.98
N TYR TB 149 124.15 11.20 8.12
CA TYR TB 149 123.59 12.55 8.39
C TYR TB 149 122.25 12.51 9.10
N GLY TB 150 121.37 11.60 8.68
CA GLY TB 150 120.01 11.49 9.22
C GLY TB 150 118.94 12.08 8.31
N LEU TB 151 119.14 11.96 7.00
CA LEU TB 151 118.19 12.40 5.99
C LEU TB 151 117.69 11.15 5.27
N LYS TB 152 116.60 11.28 4.52
CA LYS TB 152 116.11 10.18 3.70
C LYS TB 152 116.74 10.26 2.30
N ILE TB 153 116.88 9.10 1.66
CA ILE TB 153 117.59 8.96 0.39
C ILE TB 153 117.03 9.83 -0.73
N PRO TB 154 115.68 9.85 -0.89
CA PRO TB 154 115.08 10.80 -1.85
C PRO TB 154 115.38 12.26 -1.53
N ARG TB 155 115.37 12.58 -0.24
CA ARG TB 155 115.70 13.93 0.25
C ARG TB 155 117.13 14.29 -0.13
N VAL TB 156 118.05 13.36 0.12
CA VAL TB 156 119.47 13.51 -0.24
C VAL TB 156 119.63 13.76 -1.74
N GLU TB 157 118.97 12.94 -2.55
CA GLU TB 157 118.97 13.09 -4.01
C GLU TB 157 118.48 14.45 -4.47
N ALA TB 158 117.39 14.91 -3.85
CA ALA TB 158 116.82 16.24 -4.10
C ALA TB 158 117.82 17.35 -3.80
N ILE TB 159 118.47 17.24 -2.64
CA ILE TB 159 119.50 18.18 -2.20
C ILE TB 159 120.62 18.27 -3.24
N VAL TB 160 121.12 17.10 -3.64
CA VAL TB 160 122.18 16.98 -4.65
C VAL TB 160 121.80 17.70 -5.94
N LYS TB 161 120.59 17.40 -6.41
CA LYS TB 161 120.01 18.05 -7.59
C LYS TB 161 120.02 19.57 -7.48
N LEU TB 162 119.57 20.07 -6.33
CA LEU TB 162 119.51 21.51 -6.07
C LEU TB 162 120.89 22.16 -6.02
N VAL TB 163 121.87 21.45 -5.47
CA VAL TB 163 123.24 21.98 -5.33
C VAL TB 163 123.88 22.22 -6.71
N SER TB 164 123.75 21.25 -7.60
CA SER TB 164 124.28 21.35 -8.97
C SER TB 164 123.65 22.51 -9.75
N VAL TB 165 122.35 22.69 -9.56
CA VAL TB 165 121.60 23.80 -10.16
C VAL TB 165 122.11 25.14 -9.63
N GLU TB 166 122.26 25.24 -8.31
CA GLU TB 166 122.82 26.43 -7.65
C GLU TB 166 124.19 26.79 -8.20
N ASN TB 167 125.06 25.79 -8.33
CA ASN TB 167 126.40 25.93 -8.89
C ASN TB 167 126.37 26.48 -10.31
N SER TB 168 125.48 25.91 -11.13
CA SER TB 168 125.29 26.34 -12.53
C SER TB 168 124.86 27.80 -12.60
N TRP TB 169 123.90 28.15 -11.75
CA TRP TB 169 123.43 29.54 -11.61
C TRP TB 169 124.54 30.51 -11.24
N ASN TB 170 125.36 30.12 -10.26
CA ASN TB 170 126.52 30.90 -9.83
C ASN TB 170 127.52 31.13 -10.96
N ARG TB 171 127.79 30.07 -11.72
CA ARG TB 171 128.65 30.13 -12.91
C ARG TB 171 128.12 31.12 -13.94
N ARG TB 172 126.83 31.01 -14.23
CA ARG TB 172 126.15 31.93 -15.15
C ARG TB 172 126.00 33.36 -14.61
N ASN TB 173 126.08 33.52 -13.29
CA ASN TB 173 125.89 34.80 -12.58
C ASN TB 173 124.42 35.23 -12.62
N ARG TB 174 123.55 34.28 -12.31
CA ARG TB 174 122.09 34.49 -12.26
C ARG TB 174 121.59 34.80 -10.85
N VAL TB 175 122.27 34.27 -9.83
CA VAL TB 175 121.89 34.49 -8.44
C VAL TB 175 122.12 35.97 -8.09
N SER TB 176 121.04 36.75 -8.17
CA SER TB 176 121.08 38.18 -7.90
C SER TB 176 121.23 38.47 -6.41
N SER TB 177 121.52 39.75 -6.10
CA SER TB 177 121.67 40.22 -4.72
C SER TB 177 120.38 40.07 -3.93
N ASP TB 178 119.27 40.51 -4.52
CA ASP TB 178 117.94 40.44 -3.91
C ASP TB 178 117.54 38.99 -3.57
N LEU TB 179 117.83 38.08 -4.49
CA LEU TB 179 117.61 36.65 -4.28
C LEU TB 179 118.41 36.09 -3.12
N LYS TB 180 119.69 36.47 -3.06
CA LYS TB 180 120.59 36.08 -1.97
C LYS TB 180 120.07 36.55 -0.62
N THR TB 181 119.63 37.81 -0.58
CA THR TB 181 119.08 38.41 0.65
C THR TB 181 117.85 37.63 1.11
N MET TB 182 116.96 37.33 0.17
CA MET TB 182 115.77 36.51 0.42
C MET TB 182 116.14 35.16 1.00
N ASP TB 183 117.09 34.48 0.35
CA ASP TB 183 117.59 33.19 0.83
C ASP TB 183 118.09 33.26 2.27
N GLU TB 184 118.89 34.30 2.56
CA GLU TB 184 119.40 34.56 3.91
C GLU TB 184 118.30 34.75 4.94
N THR TB 185 117.27 35.53 4.56
CA THR TB 185 116.12 35.79 5.44
C THR TB 185 115.36 34.50 5.76
N LEU TB 186 115.14 33.70 4.71
CA LEU TB 186 114.50 32.40 4.86
C LEU TB 186 115.29 31.46 5.78
N TYR TB 187 116.60 31.43 5.59
CA TYR TB 187 117.51 30.64 6.44
C TYR TB 187 117.38 31.05 7.90
N ARG TB 188 117.44 32.36 8.13
CA ARG TB 188 117.27 32.94 9.47
C ARG TB 188 115.94 32.59 10.13
N MET TB 189 114.88 32.59 9.34
CA MET TB 189 113.54 32.23 9.83
C MET TB 189 113.48 30.80 10.37
N PHE TB 190 114.02 29.83 9.63
CA PHE TB 190 113.85 28.41 9.97
C PHE TB 190 114.93 27.86 10.87
N PRO TB 191 114.58 26.81 11.67
CA PRO TB 191 115.57 26.14 12.51
C PRO TB 191 116.49 25.23 11.68
N VAL TB 192 117.73 25.11 12.12
CA VAL TB 192 118.77 24.41 11.36
C VAL TB 192 118.77 22.91 11.70
N PHE TB 193 119.09 22.10 10.69
CA PHE TB 193 119.20 20.65 10.86
C PHE TB 193 120.56 20.30 11.47
N ASP TB 194 120.52 19.70 12.66
CA ASP TB 194 121.72 19.20 13.33
C ASP TB 194 121.86 17.70 13.08
N SER TB 195 123.01 17.29 12.55
CA SER TB 195 123.27 15.88 12.21
C SER TB 195 123.54 14.99 13.42
N ASP TB 196 123.89 15.58 14.57
CA ASP TB 196 124.17 14.83 15.80
C ASP TB 196 122.94 14.61 16.67
N ALA TB 197 122.07 15.63 16.75
CA ALA TB 197 120.86 15.55 17.58
C ALA TB 197 119.91 14.46 17.10
N SER TB 198 119.75 13.41 17.91
CA SER TB 198 118.98 12.21 17.54
C SER TB 198 117.50 12.49 17.30
N PHE TB 199 116.92 13.40 18.08
CA PHE TB 199 115.52 13.81 17.91
C PHE TB 199 115.25 14.54 16.59
N LYS TB 200 116.24 15.27 16.09
CA LYS TB 200 116.14 15.98 14.81
C LYS TB 200 116.34 15.09 13.58
N ARG TB 201 117.02 13.95 13.74
CA ARG TB 201 117.31 13.05 12.60
C ARG TB 201 116.04 12.37 12.10
N GLU TB 202 115.96 12.19 10.78
CA GLU TB 202 114.79 11.60 10.14
C GLU TB 202 114.80 10.08 10.32
N ASN TB 203 113.63 9.51 10.59
CA ASN TB 203 113.50 8.07 10.83
C ASN TB 203 113.64 7.30 9.52
N LEU TB 204 114.73 6.54 9.39
CA LEU TB 204 115.11 5.89 8.13
C LEU TB 204 114.52 4.49 7.94
N SER TB 205 113.75 4.00 8.91
CA SER TB 205 113.09 2.71 8.83
C SER TB 205 111.60 2.78 8.44
N GLU TB 206 111.14 3.94 7.97
CA GLU TB 206 109.76 4.12 7.53
C GLU TB 206 109.51 3.46 6.17
N ILE TB 207 108.89 2.28 6.20
CA ILE TB 207 108.32 1.66 5.01
C ILE TB 207 106.86 2.14 4.87
N PRO TB 208 106.32 2.14 3.63
CA PRO TB 208 104.90 2.46 3.46
C PRO TB 208 104.03 1.23 3.71
N VAL TB 209 102.83 1.46 4.24
CA VAL TB 209 101.95 0.40 4.73
C VAL TB 209 101.09 -0.14 3.57
N PRO TB 210 101.18 -1.46 3.28
CA PRO TB 210 100.34 -2.05 2.23
C PRO TB 210 98.91 -2.38 2.69
N GLN TB 211 98.11 -2.89 1.77
CA GLN TB 211 96.71 -3.24 2.05
C GLN TB 211 96.54 -4.49 2.91
N LYS TB 212 97.32 -5.53 2.61
CA LYS TB 212 97.21 -6.83 3.29
C LYS TB 212 97.54 -6.79 4.79
N THR TB 213 98.46 -5.92 5.18
CA THR TB 213 98.83 -5.75 6.59
C THR TB 213 97.71 -5.11 7.41
N LEU TB 214 97.06 -4.09 6.85
CA LEU TB 214 96.00 -3.33 7.52
C LEU TB 214 94.81 -4.19 7.98
N ALA TB 215 94.37 -5.09 7.10
CA ALA TB 215 93.29 -6.03 7.43
C ALA TB 215 93.80 -7.03 8.47
N SER TB 216 93.26 -6.92 9.69
CA SER TB 216 93.77 -7.66 10.85
C SER TB 216 93.44 -9.15 10.77
N ARG TB 217 94.42 -9.98 11.12
CA ARG TB 217 94.25 -11.43 11.24
C ARG TB 217 94.71 -11.89 12.62
N PHE TB 218 94.13 -12.99 13.09
CA PHE TB 218 94.52 -13.62 14.34
C PHE TB 218 94.67 -15.13 14.14
N LEU TB 219 95.60 -15.73 14.86
CA LEU TB 219 95.89 -17.16 14.77
C LEU TB 219 95.95 -17.77 16.15
N THR TB 220 95.26 -18.90 16.33
CA THR TB 220 95.35 -19.70 17.55
C THR TB 220 96.47 -20.73 17.39
N ILE TB 221 97.68 -20.33 17.75
CA ILE TB 221 98.83 -21.23 17.77
C ILE TB 221 98.87 -21.82 19.17
N ALA TB 222 99.54 -22.97 19.33
CA ALA TB 222 99.74 -23.57 20.65
C ALA TB 222 100.46 -22.60 21.58
N GLU TB 223 100.12 -22.66 22.88
CA GLU TB 223 100.63 -21.73 23.89
C GLU TB 223 102.16 -21.50 23.86
N SER TB 224 102.90 -22.57 23.62
CA SER TB 224 104.37 -22.53 23.55
C SER TB 224 104.92 -22.22 22.16
N GLU TB 225 104.19 -22.60 21.11
CA GLU TB 225 104.64 -22.41 19.71
C GLU TB 225 105.05 -20.95 19.40
N PRO TB 226 106.32 -20.74 18.99
CA PRO TB 226 106.77 -19.39 18.67
C PRO TB 226 106.27 -18.93 17.30
N PHE TB 227 106.22 -17.61 17.11
CA PHE TB 227 105.65 -17.02 15.91
C PHE TB 227 106.25 -15.62 15.68
N GLY TB 228 107.32 -15.59 14.89
CA GLY TB 228 108.08 -14.36 14.63
C GLY TB 228 107.53 -13.53 13.47
N PRO TB 229 108.18 -12.39 13.17
CA PRO TB 229 107.81 -11.50 12.04
C PRO TB 229 107.76 -12.21 10.69
N VAL TB 230 108.72 -13.12 10.47
CA VAL TB 230 108.81 -13.92 9.25
C VAL TB 230 107.57 -14.78 9.07
N ASP TB 231 107.16 -15.43 10.15
CA ASP TB 231 105.96 -16.30 10.16
C ASP TB 231 104.72 -15.50 9.81
N ALA TB 232 104.58 -14.32 10.42
CA ALA TB 232 103.48 -13.39 10.16
C ALA TB 232 103.42 -12.96 8.70
N ALA TB 233 104.59 -12.62 8.15
CA ALA TB 233 104.73 -12.26 6.73
C ALA TB 233 104.29 -13.39 5.81
N HIS TB 234 104.70 -14.61 6.17
CA HIS TB 234 104.34 -15.83 5.43
C HIS TB 234 102.83 -16.08 5.44
N VAL TB 235 102.23 -15.89 6.60
CA VAL TB 235 100.77 -15.98 6.78
C VAL TB 235 100.03 -14.98 5.89
N LEU TB 236 100.50 -13.73 5.93
CA LEU TB 236 99.93 -12.65 5.11
C LEU TB 236 100.24 -12.77 3.61
N GLU TB 237 101.24 -13.57 3.26
CA GLU TB 237 101.69 -13.79 1.87
C GLU TB 237 102.37 -12.53 1.32
N LEU TB 238 103.29 -12.00 2.11
CA LEU TB 238 104.13 -10.86 1.73
C LEU TB 238 105.59 -11.23 1.95
N GLU TB 239 106.48 -10.38 1.46
CA GLU TB 239 107.89 -10.42 1.84
C GLU TB 239 108.00 -9.77 3.22
N PRO TB 240 109.03 -10.13 4.02
CA PRO TB 240 109.19 -9.48 5.32
C PRO TB 240 109.41 -7.97 5.26
N ALA TB 241 109.14 -7.31 6.39
CA ALA TB 241 109.22 -5.85 6.51
C ALA TB 241 110.64 -5.31 6.32
N VAL TB 242 111.61 -6.06 6.86
CA VAL TB 242 113.03 -5.72 6.75
C VAL TB 242 113.47 -5.74 5.28
N GLU TB 243 113.09 -6.80 4.57
CA GLU TB 243 113.40 -6.96 3.14
C GLU TB 243 112.85 -5.82 2.29
N THR TB 244 111.61 -5.44 2.57
CA THR TB 244 110.95 -4.32 1.86
C THR TB 244 111.67 -3.00 2.12
N LEU TB 245 112.11 -2.80 3.36
CA LEU TB 245 112.90 -1.63 3.77
C LEU TB 245 114.22 -1.56 3.00
N ARG TB 246 114.91 -2.69 2.94
CA ARG TB 246 116.16 -2.83 2.17
C ARG TB 246 115.98 -2.50 0.69
N ASN TB 247 114.91 -3.04 0.11
CA ASN TB 247 114.54 -2.76 -1.28
C ASN TB 247 114.31 -1.27 -1.53
N LEU TB 248 113.57 -0.64 -0.63
CA LEU TB 248 113.32 0.81 -0.67
C LEU TB 248 114.61 1.62 -0.63
N SER TB 249 115.52 1.20 0.25
CA SER TB 249 116.82 1.86 0.40
C SER TB 249 117.65 1.79 -0.89
N THR TB 250 117.69 0.62 -1.51
CA THR TB 250 118.44 0.41 -2.75
C THR TB 250 117.68 0.95 -3.96
N ASN TB 265 115.95 -7.29 -24.56
CA ASN TB 265 114.74 -7.13 -23.77
C ASN TB 265 113.50 -7.16 -24.67
N THR TB 266 113.43 -6.20 -25.61
CA THR TB 266 112.35 -6.10 -26.58
C THR TB 266 112.91 -5.57 -27.89
N LYS TB 267 112.54 -6.20 -29.01
CA LYS TB 267 113.06 -5.81 -30.33
C LYS TB 267 112.53 -4.44 -30.74
N VAL TB 268 113.45 -3.51 -31.03
CA VAL TB 268 113.12 -2.18 -31.51
C VAL TB 268 113.88 -1.92 -32.80
N ILE TB 269 113.13 -1.62 -33.87
CA ILE TB 269 113.71 -1.24 -35.15
C ILE TB 269 113.56 0.28 -35.30
N TYR TB 270 114.52 0.88 -35.99
CA TYR TB 270 114.42 2.27 -36.45
C TYR TB 270 114.42 2.26 -37.98
N GLY TB 271 113.55 3.07 -38.57
CA GLY TB 271 113.42 3.16 -40.03
C GLY TB 271 114.57 3.93 -40.64
N GLU TB 272 114.81 3.70 -41.94
CA GLU TB 272 115.84 4.42 -42.69
C GLU TB 272 115.44 5.88 -42.84
N LEU TB 273 116.43 6.77 -42.80
CA LEU TB 273 116.20 8.21 -42.86
C LEU TB 273 116.79 8.80 -44.13
N VAL TB 274 115.92 8.99 -45.13
CA VAL TB 274 116.28 9.60 -46.41
C VAL TB 274 116.42 11.12 -46.21
N GLU TB 275 117.24 11.76 -47.04
CA GLU TB 275 117.55 13.19 -46.91
C GLU TB 275 116.34 14.13 -46.81
N GLY TB 276 115.30 13.83 -47.59
CA GLY TB 276 114.10 14.67 -47.67
C GLY TB 276 113.16 14.51 -46.49
N GLU TB 277 112.95 13.26 -46.05
CA GLU TB 277 111.92 12.97 -45.03
C GLU TB 277 112.29 13.53 -43.65
N ARG TB 278 111.26 13.95 -42.92
CA ARG TB 278 111.40 14.82 -41.75
C ARG TB 278 111.35 14.10 -40.40
N SER TB 279 111.18 12.78 -40.41
CA SER TB 279 111.00 12.03 -39.16
C SER TB 279 111.24 10.53 -39.33
N GLN TB 280 111.78 9.91 -38.29
CA GLN TB 280 112.04 8.46 -38.27
C GLN TB 280 110.79 7.66 -37.91
N TYR TB 281 110.88 6.36 -38.10
CA TYR TB 281 109.82 5.41 -37.73
C TYR TB 281 110.41 4.36 -36.76
N LYS TB 282 110.10 4.52 -35.48
CA LYS TB 282 110.54 3.59 -34.44
C LYS TB 282 109.50 2.47 -34.27
N PHE TB 283 109.87 1.25 -34.66
CA PHE TB 283 109.00 0.07 -34.52
C PHE TB 283 109.41 -0.78 -33.32
N THR TB 284 108.64 -0.71 -32.25
CA THR TB 284 108.82 -1.59 -31.10
C THR TB 284 108.01 -2.88 -31.33
N ASN TB 285 108.51 -4.01 -30.82
CA ASN TB 285 107.79 -5.28 -30.89
C ASN TB 285 106.66 -5.30 -29.86
N ALA TB 286 105.61 -6.09 -30.13
CA ALA TB 286 104.49 -6.24 -29.20
C ALA TB 286 103.70 -7.51 -29.50
N LYS TB 287 103.30 -8.25 -28.45
CA LYS TB 287 102.55 -9.50 -28.62
C LYS TB 287 101.10 -9.25 -29.02
N VAL TB 288 100.62 -9.96 -30.04
CA VAL TB 288 99.22 -9.88 -30.48
C VAL TB 288 98.28 -10.32 -29.35
N GLY TB 289 97.13 -9.67 -29.27
CA GLY TB 289 96.24 -9.79 -28.12
C GLY TB 289 96.60 -8.86 -26.96
N LYS TB 290 97.63 -8.02 -27.15
CA LYS TB 290 98.05 -7.04 -26.15
C LYS TB 290 98.40 -5.64 -26.68
N VAL TB 291 98.28 -5.41 -27.99
CA VAL TB 291 98.90 -4.23 -28.62
C VAL TB 291 97.93 -3.08 -28.84
N GLY TB 292 96.80 -3.36 -29.50
CA GLY TB 292 95.97 -2.33 -30.09
C GLY TB 292 95.15 -1.46 -29.16
N TYR TB 293 94.38 -0.59 -29.79
CA TYR TB 293 93.31 0.15 -29.13
C TYR TB 293 92.08 -0.75 -29.19
N ARG TB 294 91.54 -1.08 -28.03
CA ARG TB 294 90.49 -2.09 -27.93
C ARG TB 294 89.15 -1.62 -28.47
N TYR TB 295 88.35 -2.59 -28.92
CA TYR TB 295 87.07 -2.32 -29.59
C TYR TB 295 85.93 -2.39 -28.60
N GLY TB 296 85.11 -1.36 -28.59
CA GLY TB 296 84.01 -1.25 -27.63
C GLY TB 296 84.47 -0.92 -26.23
N SER TB 297 85.48 -0.06 -26.13
CA SER TB 297 85.94 0.45 -24.83
C SER TB 297 84.98 1.54 -24.36
N GLY TB 298 85.09 1.88 -23.09
CA GLY TB 298 84.20 2.85 -22.47
C GLY TB 298 84.62 4.26 -22.81
N ASN TB 299 83.75 4.98 -23.52
CA ASN TB 299 83.99 6.40 -23.78
C ASN TB 299 83.78 7.17 -22.49
N ARG TB 300 84.86 7.82 -22.04
CA ARG TB 300 84.92 8.47 -20.74
C ARG TB 300 84.99 9.98 -20.89
N ASP TB 301 84.77 10.48 -22.11
CA ASP TB 301 84.97 11.89 -22.43
C ASP TB 301 83.87 12.78 -21.90
N ASN TB 302 82.62 12.30 -21.97
CA ASN TB 302 81.46 13.01 -21.40
C ASN TB 302 81.18 12.70 -19.93
N LYS TB 303 82.00 11.86 -19.31
CA LYS TB 303 81.93 11.59 -17.87
C LYS TB 303 82.91 12.45 -17.11
N LYS TB 304 82.66 12.65 -15.82
CA LYS TB 304 83.54 13.48 -14.97
C LYS TB 304 84.79 12.74 -14.48
N ASP TB 305 84.87 11.43 -14.74
CA ASP TB 305 86.09 10.65 -14.52
C ASP TB 305 86.95 10.60 -15.79
N ARG TB 306 86.93 11.66 -16.60
CA ARG TB 306 87.66 11.68 -17.87
C ARG TB 306 89.14 11.88 -17.59
N ARG TB 307 89.98 11.31 -18.46
CA ARG TB 307 91.42 11.27 -18.23
C ARG TB 307 92.10 12.38 -19.02
N ILE TB 308 92.85 13.21 -18.30
CA ILE TB 308 93.52 14.38 -18.84
C ILE TB 308 95.00 14.25 -18.51
N GLY TB 309 95.81 14.08 -19.55
CA GLY TB 309 97.26 13.94 -19.41
C GLY TB 309 97.97 15.18 -19.87
N PHE TB 310 99.30 15.09 -19.95
CA PHE TB 310 100.12 16.20 -20.41
C PHE TB 310 101.18 15.74 -21.41
N ASN TB 311 101.48 16.64 -22.34
CA ASN TB 311 102.37 16.37 -23.46
C ASN TB 311 103.83 16.49 -23.01
N LYS TB 312 104.75 16.14 -23.91
CA LYS TB 312 106.18 16.41 -23.68
C LYS TB 312 106.48 17.91 -23.62
N LEU TB 313 105.66 18.71 -24.32
CA LEU TB 313 105.77 20.18 -24.30
C LEU TB 313 104.88 20.87 -23.25
N GLY TB 314 104.36 20.11 -22.28
CA GLY TB 314 103.51 20.66 -21.21
C GLY TB 314 102.13 21.13 -21.65
N GLN TB 315 101.67 20.67 -22.80
CA GLN TB 315 100.32 20.95 -23.29
C GLN TB 315 99.36 19.95 -22.66
N MET TB 316 98.18 20.42 -22.26
CA MET TB 316 97.17 19.55 -21.67
C MET TB 316 96.45 18.80 -22.78
N VAL TB 317 96.40 17.46 -22.66
CA VAL TB 317 95.91 16.58 -23.73
C VAL TB 317 94.96 15.53 -23.15
N TYR TB 318 93.82 15.34 -23.81
CA TYR TB 318 92.88 14.27 -23.43
C TYR TB 318 93.46 12.92 -23.83
N ILE TB 319 93.66 12.05 -22.85
CA ILE TB 319 94.24 10.72 -23.06
C ILE TB 319 93.20 9.81 -23.72
N SER UB 1 78.48 56.18 65.87
CA SER UB 1 79.61 56.20 66.84
C SER UB 1 80.09 57.63 67.11
N SER UB 2 79.30 58.35 67.89
CA SER UB 2 79.59 59.73 68.26
C SER UB 2 78.88 60.12 69.55
N GLU UB 3 79.26 61.27 70.11
CA GLU UB 3 78.71 61.75 71.38
C GLU UB 3 77.29 62.30 71.21
N TYR UB 4 76.46 62.05 72.21
CA TYR UB 4 75.07 62.56 72.23
C TYR UB 4 75.07 64.04 72.61
N VAL UB 5 74.78 64.90 71.63
CA VAL UB 5 74.70 66.34 71.84
C VAL UB 5 73.39 66.65 72.57
N LEU UB 6 73.46 66.81 73.89
CA LEU UB 6 72.29 67.07 74.71
C LEU UB 6 71.90 68.55 74.61
N GLU UB 7 70.79 68.82 73.91
CA GLU UB 7 70.17 70.14 73.90
C GLU UB 7 69.14 70.18 75.03
N GLU UB 8 69.31 71.14 75.93
CA GLU UB 8 68.52 71.24 77.16
C GLU UB 8 67.05 71.60 76.86
N PRO UB 9 66.08 70.88 77.46
CA PRO UB 9 64.68 71.30 77.35
C PRO UB 9 64.42 72.63 78.05
N THR UB 10 63.50 73.42 77.49
CA THR UB 10 63.16 74.74 78.03
C THR UB 10 61.66 74.99 77.84
N PRO UB 11 61.03 75.79 78.73
CA PRO UB 11 59.67 76.28 78.48
C PRO UB 11 59.42 76.87 77.09
N LEU UB 12 60.41 77.62 76.57
CA LEU UB 12 60.34 78.18 75.21
C LEU UB 12 60.22 77.12 74.10
N SER UB 13 60.93 76.01 74.24
CA SER UB 13 60.82 74.89 73.29
C SER UB 13 59.46 74.20 73.38
N LEU UB 14 58.91 74.12 74.60
CA LEU UB 14 57.59 73.56 74.85
C LEU UB 14 56.43 74.54 74.61
N LEU UB 15 56.75 75.80 74.33
CA LEU UB 15 55.77 76.77 73.81
C LEU UB 15 55.40 76.37 72.38
N GLU UB 16 54.14 76.61 72.01
CA GLU UB 16 53.43 76.02 70.85
C GLU UB 16 52.70 74.73 71.25
N TYR UB 17 53.40 73.87 72.00
CA TYR UB 17 52.85 72.60 72.48
C TYR UB 17 51.95 72.73 73.72
N THR UB 18 51.90 73.93 74.31
CA THR UB 18 50.98 74.22 75.41
C THR UB 18 49.53 73.94 74.99
N PRO UB 19 48.70 73.36 75.90
CA PRO UB 19 47.30 73.07 75.55
C PRO UB 19 46.52 74.29 75.08
N GLN UB 20 45.70 74.11 74.03
CA GLN UB 20 44.88 75.18 73.48
C GLN UB 20 43.83 75.66 74.47
N VAL UB 21 43.29 74.74 75.26
CA VAL UB 21 42.40 75.05 76.38
C VAL UB 21 43.07 74.64 77.69
N PHE UB 22 43.60 75.63 78.41
CA PHE UB 22 44.11 75.45 79.77
C PHE UB 22 43.56 76.59 80.65
N PRO UB 23 43.12 76.27 81.90
CA PRO UB 23 42.51 77.26 82.82
C PRO UB 23 43.20 78.62 82.98
N THR UB 24 44.53 78.62 83.03
CA THR UB 24 45.34 79.80 83.41
C THR UB 24 45.13 81.01 82.48
N LYS UB 25 45.26 82.20 83.06
CA LYS UB 25 45.11 83.47 82.34
C LYS UB 25 46.29 83.73 81.39
N GLU UB 26 47.49 83.50 81.92
CA GLU UB 26 48.74 83.61 81.18
C GLU UB 26 48.74 82.72 79.94
N SER UB 27 48.34 81.47 80.12
CA SER UB 27 48.23 80.49 79.04
C SER UB 27 47.25 80.91 77.95
N ARG UB 28 46.12 81.48 78.37
CA ARG UB 28 45.07 81.96 77.45
C ARG UB 28 45.58 82.98 76.45
N LEU UB 29 46.31 83.97 76.95
CA LEU UB 29 46.94 85.01 76.12
C LEU UB 29 47.86 84.41 75.07
N VAL UB 30 48.70 83.48 75.52
CA VAL UB 30 49.63 82.74 74.66
C VAL UB 30 48.88 81.98 73.56
N ASN UB 31 47.83 81.27 73.96
CA ASN UB 31 46.97 80.53 73.02
C ASN UB 31 46.35 81.43 71.97
N PHE UB 32 45.82 82.56 72.42
CA PHE UB 32 45.27 83.60 71.54
C PHE UB 32 46.31 84.07 70.51
N THR UB 33 47.51 84.37 71.00
CA THR UB 33 48.63 84.82 70.16
C THR UB 33 48.97 83.78 69.09
N LEU UB 34 49.04 82.52 69.51
CA LEU UB 34 49.27 81.39 68.61
C LEU UB 34 48.19 81.29 67.53
N ASP UB 35 46.93 81.43 67.94
CA ASP UB 35 45.79 81.43 67.01
C ASP UB 35 45.88 82.55 65.99
N SER UB 36 46.25 83.74 66.46
CA SER UB 36 46.44 84.91 65.59
C SER UB 36 47.54 84.69 64.56
N LEU UB 37 48.65 84.10 65.01
CA LEU UB 37 49.77 83.73 64.14
C LEU UB 37 49.36 82.73 63.06
N LYS UB 38 48.59 81.72 63.47
CA LYS UB 38 48.04 80.72 62.55
C LYS UB 38 47.15 81.35 61.49
N LYS UB 39 46.28 82.26 61.92
CA LYS UB 39 45.39 83.03 61.03
C LYS UB 39 46.17 83.85 60.00
N SER UB 40 47.24 84.50 60.48
CA SER UB 40 48.13 85.29 59.62
C SER UB 40 48.84 84.46 58.55
N ASN UB 41 48.92 83.15 58.77
CA ASN UB 41 49.63 82.19 57.92
C ASN UB 41 51.13 82.31 58.18
N TYR UB 42 51.47 82.26 59.47
CA TYR UB 42 52.86 82.24 59.91
C TYR UB 42 53.39 80.82 59.71
N PRO UB 43 54.71 80.66 59.44
CA PRO UB 43 55.25 79.30 59.35
C PRO UB 43 55.28 78.55 60.70
N ILE UB 44 54.11 77.99 61.04
CA ILE UB 44 53.98 76.96 62.08
C ILE UB 44 53.57 75.71 61.30
N TYR UB 45 54.09 74.57 61.73
CA TYR UB 45 53.92 73.28 61.01
C TYR UB 45 54.66 73.21 59.67
N ARG UB 46 55.58 74.14 59.41
CA ARG UB 46 56.22 74.24 58.09
C ARG UB 46 57.47 75.13 58.10
N SER UB 47 58.34 74.89 57.13
CA SER UB 47 59.59 75.65 56.96
C SER UB 47 59.28 77.05 56.41
N PRO UB 48 60.01 78.08 56.90
CA PRO UB 48 59.70 79.47 56.55
C PRO UB 48 60.15 79.88 55.15
N ASN UB 49 59.56 80.95 54.64
CA ASN UB 49 59.99 81.59 53.39
C ASN UB 49 60.93 82.75 53.70
N LEU UB 50 62.16 82.65 53.21
CA LEU UB 50 63.17 83.71 53.34
C LEU UB 50 63.64 84.14 51.95
N GLY UB 51 64.56 85.10 51.90
CA GLY UB 51 65.10 85.59 50.63
C GLY UB 51 66.18 84.68 50.04
N ILE UB 52 65.78 83.47 49.67
CA ILE UB 52 66.67 82.48 49.05
C ILE UB 52 66.01 81.98 47.76
N LEU UB 53 64.84 81.36 47.89
CA LEU UB 53 63.99 81.05 46.74
C LEU UB 53 63.19 82.29 46.39
N LYS UB 54 63.12 82.60 45.10
CA LYS UB 54 62.42 83.80 44.60
C LYS UB 54 61.13 83.46 43.85
N VAL UB 55 61.20 82.50 42.92
CA VAL UB 55 60.05 82.10 42.12
C VAL UB 55 59.11 81.20 42.92
N HIS UB 56 59.65 80.10 43.46
CA HIS UB 56 58.85 79.07 44.14
C HIS UB 56 58.68 79.38 45.64
N ASP UB 57 57.86 80.40 45.93
CA ASP UB 57 57.57 80.84 47.30
C ASP UB 57 56.10 80.54 47.65
N PHE UB 58 55.57 79.43 47.15
CA PHE UB 58 54.11 79.22 47.13
C PHE UB 58 53.48 78.90 48.47
N THR UB 59 52.19 79.18 48.56
CA THR UB 59 51.34 78.81 49.70
C THR UB 59 50.02 78.24 49.20
N LEU UB 60 49.34 77.52 50.09
CA LEU UB 60 47.98 77.01 49.85
C LEU UB 60 46.89 77.76 50.63
N ASN UB 61 47.26 78.41 51.74
CA ASN UB 61 46.31 79.18 52.54
C ASN UB 61 45.85 80.47 51.84
N THR UB 62 44.88 80.30 50.95
CA THR UB 62 44.20 81.40 50.26
C THR UB 62 42.85 81.60 50.99
N PRO UB 63 42.09 82.67 50.67
CA PRO UB 63 40.84 82.99 51.41
C PRO UB 63 39.81 81.85 51.56
N ASN UB 64 39.72 80.98 50.55
CA ASN UB 64 38.85 79.79 50.58
C ASN UB 64 39.61 78.57 50.09
N PHE UB 65 40.42 77.99 50.98
CA PHE UB 65 41.33 76.89 50.64
C PHE UB 65 40.56 75.57 50.44
N GLY UB 66 40.25 74.86 51.53
CA GLY UB 66 39.62 73.55 51.44
C GLY UB 66 38.11 73.66 51.36
N LYS UB 67 37.63 74.27 50.27
CA LYS UB 67 36.21 74.58 50.09
C LYS UB 67 35.84 74.45 48.61
N TYR UB 68 34.60 74.03 48.36
CA TYR UB 68 34.13 73.73 47.00
C TYR UB 68 33.48 74.93 46.30
N THR UB 69 32.51 75.55 46.97
CA THR UB 69 31.58 76.50 46.34
C THR UB 69 32.22 77.66 45.53
N PRO UB 70 33.34 78.22 46.01
CA PRO UB 70 34.13 79.12 45.15
C PRO UB 70 34.80 78.37 44.00
N GLY UB 71 34.40 78.68 42.77
CA GLY UB 71 34.83 77.93 41.58
C GLY UB 71 36.26 78.22 41.14
N SER UB 72 37.15 77.29 41.45
CA SER UB 72 38.57 77.39 41.05
C SER UB 72 39.26 76.02 41.18
N SER UB 73 40.55 75.98 40.88
CA SER UB 73 41.40 74.83 41.20
C SER UB 73 42.34 75.24 42.34
N LEU UB 74 43.42 74.47 42.57
CA LEU UB 74 44.40 74.82 43.62
C LEU UB 74 45.16 76.09 43.20
N ILE UB 75 45.12 77.10 44.06
CA ILE UB 75 45.69 78.42 43.78
C ILE UB 75 47.01 78.56 44.56
N PHE UB 76 48.13 78.54 43.83
CA PHE UB 76 49.46 78.71 44.43
C PHE UB 76 49.84 80.19 44.49
N ALA UB 77 49.32 80.87 45.50
CA ALA UB 77 49.68 82.27 45.77
C ALA UB 77 51.06 82.33 46.40
N LYS UB 78 51.82 83.37 46.08
CA LYS UB 78 53.16 83.57 46.64
C LYS UB 78 53.06 84.01 48.10
N GLU UB 79 53.87 83.41 48.96
CA GLU UB 79 53.96 83.80 50.37
C GLU UB 79 54.85 85.04 50.50
N PRO UB 80 54.56 85.91 51.48
CA PRO UB 80 55.58 86.87 51.92
C PRO UB 80 56.79 86.19 52.55
N GLN UB 81 57.80 86.98 52.87
CA GLN UB 81 58.95 86.51 53.64
C GLN UB 81 58.58 86.64 55.12
N LEU UB 82 59.52 86.33 56.02
CA LEU UB 82 59.29 86.56 57.46
C LEU UB 82 59.26 88.06 57.77
N GLN UB 83 60.18 88.79 57.15
CA GLN UB 83 60.04 90.25 57.00
C GLN UB 83 58.92 90.52 55.98
N ASN UB 84 58.28 91.69 56.10
CA ASN UB 84 57.14 92.06 55.24
C ASN UB 84 55.89 91.18 55.44
N LEU UB 85 55.73 90.63 56.64
CA LEU UB 85 54.56 89.81 56.99
C LEU UB 85 53.73 90.52 58.06
N LEU UB 86 52.42 90.63 57.81
CA LEU UB 86 51.50 91.24 58.77
C LEU UB 86 50.76 90.16 59.56
N ILE UB 87 50.30 90.54 60.75
CA ILE UB 87 49.53 89.66 61.64
C ILE UB 87 48.17 90.31 61.87
N GLU UB 88 47.11 89.50 61.87
CA GLU UB 88 45.74 90.00 61.88
C GLU UB 88 45.37 90.52 63.28
N GLU UB 89 45.38 89.63 64.27
CA GLU UB 89 45.33 90.00 65.69
C GLU UB 89 44.11 90.84 66.09
N ASP UB 90 42.92 90.45 65.61
CA ASP UB 90 41.71 91.27 65.77
C ASP UB 90 41.19 91.37 67.23
N PRO UB 91 40.52 92.49 67.58
CA PRO UB 91 40.07 92.73 68.96
C PRO UB 91 38.93 91.83 69.41
N GLU UB 92 37.95 91.63 68.52
CA GLU UB 92 36.78 90.79 68.79
C GLU UB 92 37.19 89.36 69.17
N ASP UB 93 38.13 88.81 68.41
CA ASP UB 93 38.68 87.47 68.67
C ASP UB 93 39.34 87.39 70.04
N PHE UB 94 40.15 88.40 70.36
CA PHE UB 94 40.80 88.53 71.66
C PHE UB 94 39.77 88.54 72.80
N HIS UB 95 38.73 89.35 72.64
CA HIS UB 95 37.63 89.45 73.60
C HIS UB 95 36.94 88.11 73.84
N ARG UB 96 36.69 87.40 72.74
CA ARG UB 96 36.10 86.06 72.79
C ARG UB 96 36.97 85.06 73.56
N GLN UB 97 38.27 85.06 73.26
CA GLN UB 97 39.18 84.01 73.75
C GLN UB 97 39.80 84.30 75.11
N VAL UB 98 40.48 85.45 75.23
CA VAL UB 98 41.25 85.79 76.43
C VAL UB 98 40.32 86.09 77.60
N THR UB 99 39.51 87.14 77.46
CA THR UB 99 38.36 87.34 78.33
C THR UB 99 37.26 86.38 77.86
N GLY UB 100 36.16 86.31 78.61
CA GLY UB 100 35.03 85.47 78.24
C GLY UB 100 33.81 86.29 77.85
N GLU UB 101 34.03 87.29 76.99
CA GLU UB 101 32.94 88.19 76.57
C GLU UB 101 32.08 87.54 75.50
N TYR UB 102 30.77 87.69 75.65
CA TYR UB 102 29.79 87.17 74.67
C TYR UB 102 28.65 88.17 74.49
N GLN UB 103 28.06 88.16 73.29
CA GLN UB 103 27.09 89.18 72.88
C GLN UB 103 25.70 88.96 73.46
N LEU UB 104 25.22 87.72 73.42
CA LEU UB 104 23.90 87.32 73.96
C LEU UB 104 22.68 87.84 73.19
N LEU UB 105 22.88 88.55 72.07
CA LEU UB 105 21.82 89.30 71.37
C LEU UB 105 21.16 90.36 72.28
N LYS UB 106 20.13 91.03 71.77
CA LYS UB 106 19.30 91.95 72.57
C LYS UB 106 17.86 91.44 72.59
N PRO UB 107 17.22 91.40 73.78
CA PRO UB 107 15.77 91.13 73.81
C PRO UB 107 14.95 92.26 73.19
N TYR UB 108 14.05 91.93 72.27
CA TYR UB 108 13.20 92.92 71.61
C TYR UB 108 12.08 93.37 72.55
N VAL UB 109 12.05 94.67 72.83
CA VAL UB 109 11.03 95.25 73.72
C VAL UB 109 9.69 95.39 73.02
N LYS UB 110 8.65 95.58 73.82
CA LYS UB 110 7.25 95.66 73.34
C LYS UB 110 6.97 96.93 72.54
N LYS UB 111 7.64 98.03 72.91
CA LYS UB 111 7.49 99.33 72.24
C LYS UB 111 7.82 99.29 70.75
N ASP UB 112 8.90 98.59 70.43
CA ASP UB 112 9.36 98.41 69.04
C ASP UB 112 8.31 97.67 68.22
N PHE UB 113 7.73 96.62 68.80
CA PHE UB 113 6.67 95.85 68.16
C PHE UB 113 5.39 96.66 67.94
N GLU UB 114 5.04 97.50 68.91
CA GLU UB 114 3.92 98.43 68.81
C GLU UB 114 4.05 99.42 67.65
N LYS UB 115 5.29 99.79 67.32
CA LYS UB 115 5.57 100.68 66.19
C LYS UB 115 4.99 100.16 64.88
N LEU UB 116 5.16 98.85 64.63
CA LEU UB 116 4.62 98.21 63.41
C LEU UB 116 3.14 97.86 63.56
N THR UB 117 2.85 96.85 64.39
CA THR UB 117 1.49 96.30 64.52
C THR UB 117 0.65 97.05 65.55
N LYS UB 118 -0.67 97.02 65.36
CA LYS UB 118 -1.61 97.84 66.14
C LYS UB 118 -2.10 97.15 67.42
N SER UB 119 -2.71 95.99 67.28
CA SER UB 119 -3.37 95.29 68.41
C SER UB 119 -2.37 94.84 69.47
N LYS UB 120 -2.84 94.76 70.71
CA LYS UB 120 -1.97 94.54 71.89
C LYS UB 120 -1.59 93.08 72.06
N ASP UB 121 -2.60 92.21 71.98
CA ASP UB 121 -2.42 90.76 72.09
C ASP UB 121 -1.47 90.21 71.03
N THR UB 122 -1.63 90.71 69.80
CA THR UB 122 -0.77 90.32 68.67
C THR UB 122 0.69 90.73 68.91
N VAL UB 123 0.87 91.95 69.41
CA VAL UB 123 2.18 92.47 69.80
C VAL UB 123 2.84 91.59 70.86
N SER UB 124 2.07 91.25 71.89
CA SER UB 124 2.54 90.39 72.98
C SER UB 124 2.99 89.01 72.48
N LYS UB 125 2.21 88.44 71.57
CA LYS UB 125 2.54 87.19 70.90
C LYS UB 125 3.85 87.26 70.12
N LEU UB 126 3.99 88.34 69.35
CA LEU UB 126 5.22 88.62 68.60
C LEU UB 126 6.45 88.73 69.49
N VAL UB 127 6.28 89.43 70.62
CA VAL UB 127 7.33 89.59 71.63
C VAL UB 127 7.75 88.22 72.18
N GLN UB 128 6.75 87.42 72.55
CA GLN UB 128 6.97 86.05 73.04
C GLN UB 128 7.74 85.21 72.03
N ASN UB 129 7.31 85.27 70.78
CA ASN UB 129 7.98 84.56 69.67
C ASN UB 129 9.44 84.98 69.56
N SER UB 130 9.69 86.28 69.61
CA SER UB 130 11.04 86.84 69.54
C SER UB 130 11.92 86.33 70.68
N GLN UB 131 11.36 86.33 71.90
CA GLN UB 131 12.02 85.77 73.08
C GLN UB 131 12.42 84.31 72.90
N VAL UB 132 11.46 83.51 72.42
CA VAL UB 132 11.67 82.08 72.14
C VAL UB 132 12.83 81.88 71.17
N VAL UB 133 12.82 82.66 70.10
CA VAL UB 133 13.86 82.62 69.06
C VAL UB 133 15.23 82.91 69.66
N ARG UB 134 15.28 83.97 70.48
CA ARG UB 134 16.53 84.49 71.04
C ARG UB 134 17.39 83.43 71.73
N LEU UB 135 16.75 82.65 72.59
CA LEU UB 135 17.43 81.63 73.40
C LEU UB 135 17.97 80.50 72.55
N SER UB 136 17.15 80.09 71.57
CA SER UB 136 17.55 79.09 70.58
C SER UB 136 18.76 79.55 69.78
N LEU UB 137 18.73 80.78 69.31
CA LEU UB 137 19.85 81.35 68.54
C LEU UB 137 21.12 81.54 69.36
N GLN UB 138 20.98 81.87 70.64
CA GLN UB 138 22.11 81.89 71.58
C GLN UB 138 22.77 80.52 71.68
N SER UB 139 21.93 79.49 71.82
CA SER UB 139 22.38 78.09 71.92
C SER UB 139 23.17 77.65 70.67
N VAL UB 140 22.66 78.04 69.50
CA VAL UB 140 23.28 77.69 68.21
C VAL UB 140 24.53 78.55 67.97
N VAL UB 141 25.46 78.01 67.17
CA VAL UB 141 26.65 78.74 66.71
C VAL UB 141 26.57 78.94 65.20
N MET UB 142 26.63 80.20 64.76
CA MET UB 142 26.57 80.55 63.31
C MET UB 142 27.56 81.65 62.94
N GLY UB 143 27.35 82.85 63.47
CA GLY UB 143 28.13 84.03 63.09
C GLY UB 143 27.47 85.31 63.60
N SER UB 144 28.28 86.23 64.10
CA SER UB 144 27.81 87.40 64.87
C SER UB 144 26.71 88.20 64.17
N GLU UB 145 26.96 88.54 62.92
CA GLU UB 145 26.06 89.38 62.11
C GLU UB 145 24.91 88.57 61.53
N GLU UB 146 25.26 87.40 60.97
CA GLU UB 146 24.31 86.48 60.36
C GLU UB 146 23.24 86.03 61.34
N LYS UB 147 23.67 85.64 62.53
CA LYS UB 147 22.78 85.23 63.62
C LYS UB 147 21.80 86.34 64.01
N LYS UB 148 22.33 87.56 64.11
CA LYS UB 148 21.52 88.74 64.42
C LYS UB 148 20.46 88.99 63.35
N LEU UB 149 20.87 88.90 62.10
CA LEU UB 149 19.96 89.00 60.94
C LEU UB 149 18.83 87.98 61.03
N VAL UB 150 19.19 86.73 61.31
CA VAL UB 150 18.24 85.62 61.47
C VAL UB 150 17.22 85.92 62.57
N TYR UB 151 17.74 86.35 63.71
CA TYR UB 151 16.93 86.76 64.87
C TYR UB 151 15.93 87.86 64.52
N ASP UB 152 16.39 88.86 63.77
CA ASP UB 152 15.55 89.96 63.29
C ASP UB 152 14.44 89.48 62.36
N VAL UB 153 14.81 88.57 61.45
CA VAL UB 153 13.87 87.96 60.50
C VAL UB 153 12.77 87.20 61.24
N CYS UB 154 13.18 86.38 62.19
CA CYS UB 154 12.27 85.60 63.03
C CYS UB 154 11.29 86.49 63.80
N SER UB 155 11.81 87.58 64.35
CA SER UB 155 10.99 88.58 65.06
C SER UB 155 9.92 89.22 64.16
N GLY UB 156 10.30 89.51 62.92
CA GLY UB 156 9.45 90.25 61.98
C GLY UB 156 9.84 91.71 61.84
N MET UB 157 10.93 92.12 62.49
CA MET UB 157 11.49 93.46 62.35
C MET UB 157 12.10 93.67 60.96
N LYS UB 158 12.68 92.61 60.41
CA LYS UB 158 13.13 92.57 59.01
C LYS UB 158 12.35 91.50 58.23
N PRO UB 159 12.19 91.68 56.91
CA PRO UB 159 11.48 90.70 56.09
C PRO UB 159 12.33 89.47 55.76
N ILE UB 160 11.72 88.50 55.07
CA ILE UB 160 12.40 87.25 54.66
C ILE UB 160 13.46 87.53 53.58
N SER UB 161 13.21 88.52 52.73
CA SER UB 161 14.08 88.86 51.59
C SER UB 161 15.56 89.15 51.94
N GLU UB 162 15.80 89.68 53.14
CA GLU UB 162 17.17 90.01 53.59
C GLU UB 162 18.08 88.79 53.81
N LEU UB 163 17.51 87.61 54.04
CA LEU UB 163 18.29 86.37 54.15
C LEU UB 163 18.87 85.96 52.79
N GLN UB 164 18.00 85.89 51.78
CA GLN UB 164 18.39 85.49 50.43
C GLN UB 164 19.15 86.62 49.72
N GLN UB 165 20.45 86.71 50.01
CA GLN UB 165 21.35 87.69 49.40
C GLN UB 165 22.75 87.10 49.22
N ALA VB 1 98.62 -47.73 26.60
CA ALA VB 1 98.44 -46.38 27.21
C ALA VB 1 99.78 -45.71 27.51
N PRO VB 2 99.84 -44.36 27.46
CA PRO VB 2 101.11 -43.67 27.67
C PRO VB 2 101.51 -43.59 29.15
N PRO VB 3 102.81 -43.44 29.44
CA PRO VB 3 103.30 -43.44 30.82
C PRO VB 3 103.04 -42.12 31.57
N VAL VB 4 102.95 -41.00 30.85
CA VAL VB 4 102.57 -39.70 31.41
C VAL VB 4 101.38 -39.16 30.65
N LEU VB 5 100.47 -38.49 31.37
CA LEU VB 5 99.35 -37.77 30.79
C LEU VB 5 99.48 -36.29 31.10
N PHE VB 6 99.17 -35.45 30.12
CA PHE VB 6 99.20 -34.00 30.28
C PHE VB 6 97.82 -33.42 29.97
N THR VB 7 97.23 -32.76 30.96
CA THR VB 7 95.90 -32.16 30.83
C THR VB 7 95.90 -30.71 31.31
N VAL VB 8 94.81 -30.01 31.01
CA VAL VB 8 94.66 -28.59 31.31
C VAL VB 8 93.51 -28.43 32.31
N GLN VB 9 93.84 -28.04 33.54
CA GLN VB 9 92.87 -27.66 34.55
C GLN VB 9 92.80 -26.13 34.58
N ASP VB 10 91.86 -25.57 33.82
CA ASP VB 10 91.67 -24.12 33.70
C ASP VB 10 92.97 -23.37 33.31
N THR VB 11 93.67 -22.75 34.26
CA THR VB 11 94.91 -22.01 33.99
C THR VB 11 96.14 -22.75 34.55
N ALA VB 12 95.97 -24.03 34.90
CA ALA VB 12 97.06 -24.88 35.39
C ALA VB 12 97.12 -26.16 34.56
N ARG VB 13 98.32 -26.71 34.41
CA ARG VB 13 98.53 -27.95 33.67
C ARG VB 13 98.83 -29.08 34.64
N VAL VB 14 98.07 -30.17 34.53
CA VAL VB 14 98.30 -31.36 35.34
C VAL VB 14 99.25 -32.27 34.58
N ILE VB 15 100.15 -32.91 35.32
CA ILE VB 15 101.02 -33.97 34.79
C ILE VB 15 100.72 -35.22 35.62
N THR VB 16 99.98 -36.16 35.03
CA THR VB 16 99.58 -37.38 35.71
C THR VB 16 100.53 -38.52 35.34
N LEU VB 17 101.19 -39.10 36.34
CA LEU VB 17 102.02 -40.28 36.14
C LEU VB 17 101.10 -41.49 36.02
N ASN VB 18 101.27 -42.25 34.94
CA ASN VB 18 100.30 -43.26 34.51
C ASN VB 18 100.97 -44.59 34.15
N ARG VB 19 101.56 -45.21 35.17
CA ARG VB 19 101.98 -46.61 35.12
C ARG VB 19 101.50 -47.29 36.41
N PRO VB 20 100.17 -47.34 36.63
CA PRO VB 20 99.60 -47.79 37.91
C PRO VB 20 99.92 -49.24 38.29
N LYS VB 21 100.15 -50.09 37.29
CA LYS VB 21 100.55 -51.48 37.52
C LYS VB 21 101.94 -51.61 38.13
N LYS VB 22 102.84 -50.68 37.79
CA LYS VB 22 104.21 -50.67 38.29
C LYS VB 22 104.52 -49.45 39.19
N LEU VB 23 103.50 -49.02 39.95
CA LEU VB 23 103.63 -47.98 40.99
C LEU VB 23 104.20 -46.63 40.49
N ASN VB 24 103.89 -46.29 39.24
CA ASN VB 24 104.36 -45.06 38.59
C ASN VB 24 105.88 -44.85 38.66
N ALA VB 25 106.62 -45.95 38.50
CA ALA VB 25 108.09 -45.90 38.50
C ALA VB 25 108.55 -45.29 37.19
N LEU VB 26 109.60 -44.48 37.26
CA LEU VB 26 110.04 -43.67 36.11
C LEU VB 26 110.79 -44.48 35.05
N ASN VB 27 110.95 -43.87 33.89
CA ASN VB 27 111.74 -44.39 32.78
C ASN VB 27 112.58 -43.23 32.23
N ALA VB 28 113.33 -43.48 31.17
CA ALA VB 28 114.03 -42.41 30.44
C ALA VB 28 113.06 -41.65 29.55
N GLU VB 29 112.34 -42.42 28.73
CA GLU VB 29 111.30 -41.88 27.83
C GLU VB 29 110.23 -41.06 28.55
N MET VB 30 109.81 -41.57 29.70
CA MET VB 30 108.80 -40.97 30.55
C MET VB 30 109.27 -39.62 31.09
N SER VB 31 110.51 -39.59 31.57
CA SER VB 31 111.12 -38.37 32.09
C SER VB 31 111.36 -37.32 31.00
N GLU VB 32 111.80 -37.77 29.82
CA GLU VB 32 112.13 -36.86 28.71
C GLU VB 32 110.94 -36.05 28.23
N SER VB 33 109.82 -36.74 28.00
CA SER VB 33 108.57 -36.10 27.59
C SER VB 33 108.09 -35.08 28.62
N MET VB 34 108.14 -35.47 29.90
CA MET VB 34 107.81 -34.59 31.02
C MET VB 34 108.66 -33.32 31.03
N PHE VB 35 109.97 -33.50 30.85
CA PHE VB 35 110.94 -32.41 30.78
C PHE VB 35 110.61 -31.44 29.65
N LYS VB 36 110.31 -31.99 28.48
CA LYS VB 36 109.92 -31.22 27.29
C LYS VB 36 108.67 -30.38 27.52
N THR VB 37 107.66 -31.00 28.13
CA THR VB 37 106.39 -30.33 28.45
C THR VB 37 106.61 -29.19 29.44
N LEU VB 38 107.43 -29.45 30.46
CA LEU VB 38 107.83 -28.44 31.44
C LEU VB 38 108.50 -27.24 30.77
N ASN VB 39 109.45 -27.52 29.90
CA ASN VB 39 110.13 -26.50 29.08
C ASN VB 39 109.14 -25.64 28.29
N GLU VB 40 108.20 -26.31 27.63
CA GLU VB 40 107.15 -25.65 26.85
C GLU VB 40 106.29 -24.73 27.71
N TYR VB 41 105.91 -25.22 28.88
CA TYR VB 41 105.10 -24.44 29.83
C TYR VB 41 105.85 -23.21 30.32
N ALA VB 42 107.14 -23.37 30.59
CA ALA VB 42 108.02 -22.25 30.96
C ALA VB 42 108.08 -21.18 29.87
N LYS VB 43 108.24 -21.64 28.62
CA LYS VB 43 108.22 -20.76 27.44
C LYS VB 43 106.90 -19.99 27.30
N SER VB 44 105.78 -20.67 27.56
CA SER VB 44 104.43 -20.15 27.32
C SER VB 44 103.90 -19.21 28.43
N ASP VB 45 102.71 -18.66 28.20
CA ASP VB 45 102.04 -17.72 29.13
C ASP VB 45 100.68 -18.16 29.70
N THR VB 46 99.94 -19.03 29.00
CA THR VB 46 98.62 -19.48 29.47
C THR VB 46 98.69 -20.37 30.72
N THR VB 47 99.83 -21.05 30.90
CA THR VB 47 100.14 -21.73 32.15
C THR VB 47 100.42 -20.71 33.26
N ASN VB 48 99.80 -20.91 34.41
CA ASN VB 48 100.17 -20.20 35.64
C ASN VB 48 100.90 -21.08 36.65
N LEU VB 49 100.53 -22.36 36.72
CA LEU VB 49 101.23 -23.32 37.56
C LEU VB 49 101.13 -24.73 36.97
N VAL VB 50 102.01 -25.61 37.44
CA VAL VB 50 101.98 -27.02 37.08
C VAL VB 50 101.48 -27.81 38.30
N ILE VB 51 100.81 -28.95 38.04
CA ILE VB 51 100.44 -29.89 39.09
C ILE VB 51 101.04 -31.25 38.73
N LEU VB 52 101.66 -31.91 39.71
CA LEU VB 52 102.21 -33.26 39.52
C LEU VB 52 101.34 -34.27 40.27
N LYS VB 53 100.56 -35.03 39.49
CA LYS VB 53 99.52 -35.92 39.98
C LYS VB 53 99.97 -37.37 39.81
N SER VB 54 99.07 -38.30 40.11
CA SER VB 54 99.22 -39.72 39.79
C SER VB 54 97.87 -40.29 39.35
N SER VB 55 97.92 -41.29 38.47
CA SER VB 55 96.71 -41.98 38.01
C SER VB 55 96.03 -42.75 39.15
N ASN VB 56 96.85 -43.49 39.90
CA ASN VB 56 96.40 -44.23 41.10
C ASN VB 56 96.86 -43.52 42.37
N ARG VB 57 96.21 -42.41 42.69
CA ARG VB 57 96.64 -41.55 43.81
C ARG VB 57 96.61 -42.20 45.21
N PRO VB 58 95.57 -43.01 45.53
CA PRO VB 58 95.60 -43.64 46.86
C PRO VB 58 96.67 -44.72 47.04
N ARG VB 59 97.06 -45.38 45.94
CA ARG VB 59 98.00 -46.51 45.98
C ARG VB 59 99.45 -46.04 45.92
N SER VB 60 99.82 -45.35 44.83
CA SER VB 60 101.21 -44.94 44.59
C SER VB 60 101.32 -43.66 43.77
N PHE VB 61 102.12 -42.72 44.26
CA PHE VB 61 102.45 -41.50 43.52
C PHE VB 61 103.57 -41.81 42.51
N CYS VB 62 104.69 -42.29 43.03
CA CYS VB 62 105.85 -42.65 42.21
C CYS VB 62 106.87 -43.44 43.05
N ALA VB 63 106.83 -44.76 42.93
CA ALA VB 63 107.75 -45.64 43.68
C ALA VB 63 109.01 -45.94 42.85
N GLY VB 64 110.09 -45.22 43.17
CA GLY VB 64 111.39 -45.45 42.54
C GLY VB 64 111.49 -44.88 41.14
N GLY VB 65 112.69 -45.01 40.57
CA GLY VB 65 112.94 -44.65 39.17
C GLY VB 65 112.94 -45.85 38.22
N ASP VB 66 112.34 -46.97 38.66
CA ASP VB 66 112.44 -48.27 37.98
C ASP VB 66 113.91 -48.62 37.75
N VAL VB 67 114.60 -48.94 38.83
CA VAL VB 67 116.04 -49.25 38.80
C VAL VB 67 116.30 -50.68 38.28
N ALA VB 68 115.26 -51.53 38.32
CA ALA VB 68 115.34 -52.90 37.78
C ALA VB 68 115.74 -52.92 36.30
N THR VB 69 115.13 -52.03 35.52
CA THR VB 69 115.44 -51.86 34.10
C THR VB 69 116.89 -51.41 33.87
N VAL VB 70 117.36 -50.50 34.72
CA VAL VB 70 118.73 -50.01 34.68
C VAL VB 70 119.72 -51.14 34.97
N ALA VB 71 119.38 -51.94 35.97
CA ALA VB 71 120.18 -53.11 36.35
C ALA VB 71 120.31 -54.13 35.23
N ILE VB 72 119.19 -54.41 34.55
CA ILE VB 72 119.17 -55.37 33.45
C ILE VB 72 119.97 -54.86 32.24
N PHE VB 73 119.90 -53.55 32.01
CA PHE VB 73 120.70 -52.88 30.99
C PHE VB 73 122.19 -53.05 31.28
N ASN VB 74 122.56 -52.77 32.52
CA ASN VB 74 123.95 -52.92 33.02
C ASN VB 74 124.46 -54.34 32.82
N PHE VB 75 123.62 -55.31 33.17
CA PHE VB 75 123.92 -56.73 33.00
C PHE VB 75 124.21 -57.12 31.54
N ASN VB 76 123.42 -56.60 30.62
CA ASN VB 76 123.60 -56.84 29.17
C ASN VB 76 124.55 -55.84 28.47
N LYS VB 77 125.37 -55.13 29.25
CA LYS VB 77 126.34 -54.15 28.74
C LYS VB 77 125.71 -52.98 27.96
N GLU VB 78 124.49 -52.61 28.34
CA GLU VB 78 123.79 -51.44 27.79
C GLU VB 78 124.03 -50.25 28.73
N PHE VB 79 125.30 -49.85 28.78
CA PHE VB 79 125.79 -48.84 29.73
C PHE VB 79 125.34 -47.44 29.32
N ALA VB 80 125.51 -47.14 28.04
CA ALA VB 80 125.19 -45.83 27.46
C ALA VB 80 123.71 -45.46 27.64
N LYS VB 81 122.84 -46.44 27.41
CA LYS VB 81 121.40 -46.26 27.61
C LYS VB 81 121.05 -45.92 29.05
N SER VB 82 121.67 -46.67 29.97
CA SER VB 82 121.50 -46.44 31.41
C SER VB 82 121.95 -45.04 31.82
N ILE VB 83 123.09 -44.63 31.28
CA ILE VB 83 123.67 -43.31 31.59
C ILE VB 83 122.75 -42.19 31.07
N LYS VB 84 122.19 -42.39 29.88
CA LYS VB 84 121.21 -41.47 29.28
C LYS VB 84 119.97 -41.34 30.17
N PHE VB 85 119.44 -42.50 30.58
CA PHE VB 85 118.31 -42.57 31.51
C PHE VB 85 118.56 -41.76 32.77
N PHE VB 86 119.74 -41.99 33.37
CA PHE VB 86 120.16 -41.28 34.58
C PHE VB 86 120.15 -39.77 34.34
N THR VB 87 120.81 -39.35 33.27
CA THR VB 87 120.87 -37.94 32.87
C THR VB 87 119.46 -37.33 32.78
N ASP VB 88 118.56 -38.06 32.11
CA ASP VB 88 117.16 -37.63 31.96
C ASP VB 88 116.47 -37.46 33.30
N GLU VB 89 116.69 -38.39 34.21
CA GLU VB 89 116.13 -38.36 35.57
C GLU VB 89 116.64 -37.15 36.35
N TYR VB 90 117.96 -36.99 36.39
CA TYR VB 90 118.61 -35.90 37.13
C TYR VB 90 118.35 -34.52 36.51
N SER VB 91 118.27 -34.47 35.17
CA SER VB 91 117.96 -33.23 34.46
C SER VB 91 116.55 -32.71 34.79
N LEU VB 92 115.59 -33.64 34.82
CA LEU VB 92 114.20 -33.33 35.17
C LEU VB 92 114.12 -32.75 36.57
N ASN VB 93 114.79 -33.42 37.52
CA ASN VB 93 114.86 -32.97 38.91
C ASN VB 93 115.45 -31.56 39.05
N PHE VB 94 116.52 -31.32 38.31
CA PHE VB 94 117.18 -30.01 38.26
C PHE VB 94 116.26 -28.92 37.73
N GLN VB 95 115.52 -29.25 36.67
CA GLN VB 95 114.53 -28.37 36.07
C GLN VB 95 113.45 -28.01 37.08
N ILE VB 96 112.91 -29.03 37.75
CA ILE VB 96 111.90 -28.88 38.80
C ILE VB 96 112.38 -27.93 39.90
N ALA VB 97 113.61 -28.16 40.36
CA ALA VB 97 114.25 -27.33 41.38
C ALA VB 97 114.30 -25.87 40.95
N THR VB 98 114.78 -25.65 39.72
CA THR VB 98 114.98 -24.32 39.17
C THR VB 98 113.78 -23.79 38.35
N TYR VB 99 112.61 -24.41 38.49
CA TYR VB 99 111.41 -23.99 37.76
C TYR VB 99 110.82 -22.74 38.39
N LEU VB 100 110.50 -21.75 37.56
CA LEU VB 100 110.16 -20.40 38.02
C LEU VB 100 108.68 -20.19 38.33
N LYS VB 101 107.79 -20.92 37.65
CA LYS VB 101 106.39 -20.99 38.05
C LYS VB 101 106.27 -21.92 39.26
N PRO VB 102 105.19 -21.77 40.05
CA PRO VB 102 104.91 -22.79 41.06
C PRO VB 102 104.54 -24.12 40.43
N ILE VB 103 105.12 -25.21 40.94
CA ILE VB 103 104.65 -26.56 40.64
C ILE VB 103 104.32 -27.22 41.98
N VAL VB 104 103.18 -27.91 42.01
CA VAL VB 104 102.62 -28.47 43.25
C VAL VB 104 102.37 -29.96 43.04
N THR VB 105 102.90 -30.78 43.94
CA THR VB 105 102.96 -32.23 43.75
C THR VB 105 102.15 -32.92 44.84
N PHE VB 106 101.01 -33.49 44.45
CA PHE VB 106 100.17 -34.23 45.37
C PHE VB 106 100.80 -35.59 45.64
N MET VB 107 101.58 -35.66 46.72
CA MET VB 107 102.22 -36.91 47.16
C MET VB 107 101.18 -37.80 47.86
N ASP VB 108 100.15 -38.22 47.15
CA ASP VB 108 99.04 -38.91 47.77
C ASP VB 108 99.46 -40.33 48.17
N GLY VB 109 99.92 -41.11 47.20
CA GLY VB 109 100.42 -42.46 47.45
C GLY VB 109 101.85 -42.47 47.97
N ILE VB 110 102.48 -43.65 47.87
CA ILE VB 110 103.88 -43.84 48.30
C ILE VB 110 104.85 -43.02 47.42
N THR VB 111 105.87 -42.44 48.06
CA THR VB 111 106.85 -41.60 47.38
C THR VB 111 108.28 -42.04 47.73
N MET VB 112 108.98 -42.62 46.76
CA MET VB 112 110.32 -43.20 46.99
C MET VB 112 111.23 -42.96 45.79
N GLY VB 113 112.50 -42.66 46.06
CA GLY VB 113 113.51 -42.50 45.02
C GLY VB 113 113.20 -41.41 44.01
N GLY VB 114 112.56 -41.78 42.91
CA GLY VB 114 112.16 -40.86 41.84
C GLY VB 114 111.06 -39.92 42.27
N GLY VB 115 110.04 -40.48 42.93
CA GLY VB 115 108.93 -39.70 43.48
C GLY VB 115 109.37 -38.67 44.52
N VAL VB 116 110.35 -39.05 45.33
CA VAL VB 116 110.96 -38.14 46.31
C VAL VB 116 111.62 -36.96 45.62
N GLY VB 117 112.38 -37.27 44.57
CA GLY VB 117 113.05 -36.27 43.74
C GLY VB 117 112.09 -35.29 43.11
N LEU VB 118 111.01 -35.84 42.55
CA LEU VB 118 109.93 -35.03 41.97
C LEU VB 118 109.34 -34.07 43.00
N SER VB 119 109.09 -34.59 44.19
CA SER VB 119 108.47 -33.80 45.27
C SER VB 119 109.37 -32.73 45.88
N ILE VB 120 110.56 -33.16 46.31
CA ILE VB 120 111.35 -32.42 47.29
C ILE VB 120 112.16 -31.22 46.75
N HIS VB 121 112.11 -30.99 45.45
CA HIS VB 121 112.67 -29.78 44.85
C HIS VB 121 111.62 -28.69 44.59
N THR VB 122 110.36 -28.98 44.92
CA THR VB 122 109.25 -28.05 44.77
C THR VB 122 108.85 -27.48 46.13
N PRO VB 123 108.47 -26.19 46.19
CA PRO VB 123 108.06 -25.62 47.47
C PRO VB 123 106.64 -26.01 47.92
N PHE VB 124 105.84 -26.59 47.02
CA PHE VB 124 104.46 -26.99 47.32
C PHE VB 124 104.25 -28.49 47.15
N ARG VB 125 105.03 -29.27 47.86
CA ARG VB 125 104.82 -30.72 47.94
C ARG VB 125 103.82 -31.02 49.05
N ILE VB 126 102.78 -31.77 48.71
CA ILE VB 126 101.57 -31.91 49.54
C ILE VB 126 101.38 -33.36 49.96
N ALA VB 127 101.37 -33.60 51.28
CA ALA VB 127 101.16 -34.93 51.85
C ALA VB 127 99.69 -35.14 52.23
N THR VB 128 99.20 -36.35 51.97
CA THR VB 128 97.90 -36.82 52.46
C THR VB 128 98.08 -37.77 53.64
N GLU VB 129 96.96 -38.28 54.14
CA GLU VB 129 96.93 -39.45 55.04
C GLU VB 129 97.64 -40.69 54.49
N ASN VB 130 97.65 -40.85 53.16
CA ASN VB 130 98.12 -42.08 52.51
C ASN VB 130 99.62 -42.16 52.12
N THR VB 131 100.43 -41.16 52.50
CA THR VB 131 101.83 -41.12 51.99
C THR VB 131 102.70 -42.17 52.64
N LYS VB 132 103.80 -42.49 51.95
CA LYS VB 132 104.87 -43.33 52.48
C LYS VB 132 106.20 -42.79 51.92
N TRP VB 133 106.76 -41.80 52.60
CA TRP VB 133 108.02 -41.18 52.19
C TRP VB 133 109.19 -42.05 52.64
N ALA VB 134 110.13 -42.30 51.74
CA ALA VB 134 111.28 -43.16 52.03
C ALA VB 134 112.41 -42.99 51.02
N MET VB 135 113.59 -43.50 51.41
CA MET VB 135 114.74 -43.61 50.51
C MET VB 135 115.34 -45.02 50.67
N PRO VB 136 114.69 -46.04 50.08
CA PRO VB 136 115.15 -47.43 50.23
C PRO VB 136 116.15 -47.85 49.14
N GLU VB 137 117.15 -47.00 48.88
CA GLU VB 137 118.17 -47.28 47.88
C GLU VB 137 119.34 -48.09 48.44
N MET VB 138 119.52 -48.04 49.77
CA MET VB 138 120.61 -48.77 50.45
C MET VB 138 120.40 -50.28 50.46
N ASP VB 139 119.13 -50.70 50.58
CA ASP VB 139 118.76 -52.12 50.42
C ASP VB 139 118.96 -52.54 48.96
N ILE VB 140 118.62 -51.64 48.04
CA ILE VB 140 118.84 -51.82 46.60
C ILE VB 140 120.34 -51.82 46.26
N GLY VB 141 121.13 -51.11 47.06
CA GLY VB 141 122.60 -51.07 46.93
C GLY VB 141 123.08 -49.85 46.17
N PHE VB 142 122.50 -48.69 46.51
CA PHE VB 142 122.60 -47.48 45.71
C PHE VB 142 122.44 -46.25 46.62
N PHE VB 143 123.03 -45.15 46.20
CA PHE VB 143 123.13 -43.93 47.02
C PHE VB 143 121.79 -43.15 47.03
N PRO VB 144 121.66 -42.12 47.89
CA PRO VB 144 120.46 -41.27 47.85
C PRO VB 144 120.41 -40.40 46.60
N ASP VB 145 119.53 -40.76 45.67
CA ASP VB 145 119.54 -40.23 44.30
C ASP VB 145 118.88 -38.85 44.20
N VAL VB 146 118.53 -38.47 42.98
CA VAL VB 146 117.60 -37.40 42.64
C VAL VB 146 117.84 -36.01 43.25
N GLY VB 147 119.09 -35.74 43.64
CA GLY VB 147 119.44 -34.51 44.36
C GLY VB 147 118.78 -34.37 45.74
N SER VB 148 118.30 -35.48 46.31
CA SER VB 148 117.68 -35.47 47.64
C SER VB 148 118.73 -35.16 48.70
N THR VB 149 119.94 -35.70 48.46
CA THR VB 149 121.16 -35.37 49.19
C THR VB 149 121.41 -33.87 49.39
N PHE VB 150 120.98 -33.04 48.43
CA PHE VB 150 121.03 -31.58 48.54
C PHE VB 150 119.90 -31.03 49.42
N ALA VB 151 118.68 -31.49 49.17
CA ALA VB 151 117.48 -30.94 49.82
C ALA VB 151 117.37 -31.31 51.29
N LEU VB 152 117.46 -32.60 51.58
CA LEU VB 152 117.29 -33.14 52.95
C LEU VB 152 118.04 -32.38 54.05
N PRO VB 153 119.34 -32.05 53.83
CA PRO VB 153 120.08 -31.20 54.77
C PRO VB 153 119.39 -29.91 55.23
N ARG VB 154 118.71 -29.22 54.31
CA ARG VB 154 118.12 -27.90 54.59
C ARG VB 154 116.59 -27.82 54.68
N ILE VB 155 115.87 -28.70 53.97
CA ILE VB 155 114.40 -28.66 53.99
C ILE VB 155 113.78 -29.28 55.25
N VAL VB 156 114.41 -30.33 55.80
CA VAL VB 156 113.87 -31.01 56.98
C VAL VB 156 114.10 -30.15 58.23
N THR VB 157 113.16 -30.22 59.17
CA THR VB 157 112.92 -29.19 60.19
C THR VB 157 113.75 -29.38 61.47
N LEU VB 158 113.71 -30.61 62.01
CA LEU VB 158 114.32 -30.94 63.30
C LEU VB 158 115.67 -31.63 63.14
N ALA VB 159 116.64 -31.23 63.97
CA ALA VB 159 117.98 -31.83 64.03
C ALA VB 159 118.74 -31.72 62.70
N ASN VB 160 119.27 -30.52 62.44
CA ASN VB 160 120.00 -30.22 61.20
C ASN VB 160 121.12 -29.19 61.40
N SER VB 161 121.95 -29.41 62.42
CA SER VB 161 123.16 -28.62 62.61
C SER VB 161 124.22 -29.12 61.63
N ASN VB 162 124.45 -30.44 61.65
CA ASN VB 162 125.33 -31.13 60.70
C ASN VB 162 124.57 -32.17 59.85
N SER VB 163 123.30 -31.88 59.56
CA SER VB 163 122.45 -32.73 58.71
C SER VB 163 122.29 -34.16 59.24
N GLN VB 164 121.94 -34.27 60.52
CA GLN VB 164 121.88 -35.57 61.23
C GLN VB 164 120.59 -36.32 60.90
N MET VB 165 119.47 -35.62 61.02
CA MET VB 165 118.15 -36.17 60.69
C MET VB 165 118.06 -36.59 59.23
N ALA VB 166 118.58 -35.72 58.37
CA ALA VB 166 118.68 -35.97 56.93
C ALA VB 166 119.46 -37.24 56.63
N LEU VB 167 120.62 -37.35 57.26
CA LEU VB 167 121.47 -38.54 57.17
C LEU VB 167 120.73 -39.81 57.58
N TYR VB 168 120.07 -39.74 58.74
CA TYR VB 168 119.28 -40.85 59.26
C TYR VB 168 118.24 -41.30 58.24
N LEU VB 169 117.47 -40.34 57.72
CA LEU VB 169 116.46 -40.60 56.69
C LEU VB 169 117.04 -41.30 55.46
N CYS VB 170 118.20 -40.83 55.00
CA CYS VB 170 118.89 -41.42 53.86
C CYS VB 170 119.51 -42.78 54.17
N LEU VB 171 120.35 -42.81 55.19
CA LEU VB 171 121.16 -44.00 55.52
C LEU VB 171 120.33 -45.16 56.06
N THR VB 172 119.49 -44.88 57.05
CA THR VB 172 118.65 -45.92 57.68
C THR VB 172 117.47 -46.33 56.80
N GLY VB 173 117.05 -45.44 55.89
CA GLY VB 173 116.03 -45.73 54.89
C GLY VB 173 114.65 -46.04 55.45
N GLU VB 174 114.28 -45.33 56.51
CA GLU VB 174 113.02 -45.59 57.22
C GLU VB 174 111.83 -44.97 56.49
N VAL VB 175 110.68 -45.64 56.59
CA VAL VB 175 109.44 -45.16 55.98
C VAL VB 175 108.81 -44.11 56.90
N VAL VB 176 108.23 -43.07 56.29
CA VAL VB 176 107.62 -41.96 57.02
C VAL VB 176 106.20 -41.75 56.50
N THR VB 177 105.23 -41.71 57.41
CA THR VB 177 103.82 -41.51 57.06
C THR VB 177 103.50 -40.01 56.93
N GLY VB 178 102.32 -39.72 56.37
CA GLY VB 178 101.91 -38.36 55.97
C GLY VB 178 102.11 -37.21 56.93
N ALA VB 179 101.37 -37.24 58.03
CA ALA VB 179 101.43 -36.19 59.05
C ALA VB 179 102.83 -36.06 59.64
N ASP VB 180 103.44 -37.21 59.94
CA ASP VB 180 104.80 -37.29 60.46
C ASP VB 180 105.82 -36.70 59.49
N ALA VB 181 105.66 -37.02 58.21
CA ALA VB 181 106.51 -36.49 57.13
C ALA VB 181 106.40 -34.98 57.02
N TYR VB 182 105.17 -34.48 57.10
CA TYR VB 182 104.88 -33.05 57.11
C TYR VB 182 105.57 -32.33 58.27
N MET VB 183 105.43 -32.90 59.47
CA MET VB 183 106.07 -32.39 60.68
C MET VB 183 107.59 -32.32 60.53
N LEU VB 184 108.16 -33.39 59.98
CA LEU VB 184 109.60 -33.45 59.65
C LEU VB 184 110.06 -32.30 58.76
N GLY VB 185 109.23 -31.93 57.78
CA GLY VB 185 109.59 -30.91 56.78
C GLY VB 185 109.67 -31.46 55.36
N LEU VB 186 109.46 -32.77 55.21
CA LEU VB 186 109.51 -33.44 53.91
C LEU VB 186 108.36 -32.97 53.02
N ALA VB 187 107.18 -32.82 53.62
CA ALA VB 187 106.03 -32.20 52.97
C ALA VB 187 105.87 -30.74 53.41
N SER VB 188 105.43 -29.91 52.48
CA SER VB 188 105.20 -28.48 52.75
C SER VB 188 103.82 -28.25 53.34
N HIS VB 189 102.83 -29.03 52.88
CA HIS VB 189 101.47 -28.97 53.39
C HIS VB 189 100.90 -30.35 53.65
N TYR VB 190 99.93 -30.40 54.55
CA TYR VB 190 99.21 -31.62 54.87
C TYR VB 190 97.73 -31.43 54.51
N VAL VB 191 97.32 -32.03 53.40
CA VAL VB 191 95.96 -31.92 52.88
C VAL VB 191 95.39 -33.31 52.71
N SER VB 192 94.14 -33.52 53.15
CA SER VB 192 93.50 -34.84 53.06
C SER VB 192 93.25 -35.26 51.61
N SER VB 193 93.17 -36.57 51.40
CA SER VB 193 92.96 -37.16 50.07
C SER VB 193 91.57 -36.87 49.48
N GLU VB 194 90.62 -36.48 50.33
CA GLU VB 194 89.25 -36.15 49.90
C GLU VB 194 89.19 -34.78 49.20
N ASN VB 195 89.92 -33.81 49.75
CA ASN VB 195 89.94 -32.43 49.23
C ASN VB 195 90.89 -32.17 48.05
N LEU VB 196 91.65 -33.19 47.63
CA LEU VB 196 92.66 -33.03 46.58
C LEU VB 196 92.11 -32.50 45.27
N ASP VB 197 90.97 -33.06 44.85
CA ASP VB 197 90.28 -32.61 43.63
C ASP VB 197 89.86 -31.14 43.75
N ALA VB 198 89.32 -30.78 44.90
CA ALA VB 198 88.91 -29.40 45.19
C ALA VB 198 90.10 -28.42 45.16
N LEU VB 199 91.22 -28.87 45.73
CA LEU VB 199 92.48 -28.12 45.71
C LEU VB 199 92.93 -27.88 44.26
N GLN VB 200 92.94 -28.95 43.48
CA GLN VB 200 93.32 -28.91 42.06
C GLN VB 200 92.47 -27.92 41.26
N LYS VB 201 91.16 -27.97 41.49
CA LYS VB 201 90.21 -27.04 40.88
C LYS VB 201 90.52 -25.59 41.22
N ARG VB 202 90.79 -25.34 42.50
CA ARG VB 202 91.18 -24.02 43.00
C ARG VB 202 92.43 -23.50 42.31
N LEU VB 203 93.43 -24.37 42.21
CA LEU VB 203 94.70 -24.05 41.56
C LEU VB 203 94.48 -23.66 40.10
N GLY VB 204 93.65 -24.43 39.41
CA GLY VB 204 93.27 -24.14 38.03
C GLY VB 204 92.60 -22.79 37.89
N GLU VB 205 91.63 -22.53 38.76
CA GLU VB 205 90.93 -21.23 38.81
C GLU VB 205 91.89 -20.06 38.98
N ILE VB 206 92.77 -20.19 39.98
CA ILE VB 206 93.69 -19.13 40.41
C ILE VB 206 94.56 -18.57 39.29
N SER VB 207 94.80 -17.27 39.34
CA SER VB 207 95.72 -16.57 38.45
C SER VB 207 96.24 -15.30 39.12
N PRO VB 208 97.45 -14.82 38.73
CA PRO VB 208 98.05 -13.61 39.33
C PRO VB 208 97.14 -12.37 39.33
N PRO VB 209 97.39 -11.41 40.24
CA PRO VB 209 96.39 -10.40 40.62
C PRO VB 209 95.98 -9.41 39.52
N PHE VB 210 96.97 -8.82 38.84
CA PHE VB 210 96.72 -7.77 37.83
C PHE VB 210 97.60 -8.02 36.61
N ASN VB 211 98.91 -8.01 36.81
CA ASN VB 211 99.87 -8.39 35.77
C ASN VB 211 99.83 -9.90 35.58
N ASN VB 212 100.10 -10.35 34.37
CA ASN VB 212 100.00 -11.78 34.02
C ASN VB 212 101.07 -12.69 34.66
N ASP VB 213 102.18 -12.09 35.09
CA ASP VB 213 103.32 -12.80 35.73
C ASP VB 213 102.96 -13.86 36.79
N PRO VB 214 103.11 -15.16 36.45
CA PRO VB 214 102.99 -16.21 37.48
C PRO VB 214 104.32 -16.55 38.17
N GLN VB 215 105.42 -15.99 37.68
CA GLN VB 215 106.76 -16.29 38.20
C GLN VB 215 107.12 -15.42 39.42
N SER VB 216 106.35 -14.34 39.64
CA SER VB 216 106.58 -13.45 40.78
C SER VB 216 106.25 -14.12 42.11
N ALA VB 217 106.89 -13.63 43.16
CA ALA VB 217 106.69 -14.14 44.53
C ALA VB 217 105.26 -13.95 45.06
N TYR VB 218 104.57 -12.93 44.52
CA TYR VB 218 103.16 -12.69 44.84
C TYR VB 218 102.30 -13.91 44.51
N PHE VB 219 102.48 -14.44 43.30
CA PHE VB 219 101.71 -15.60 42.86
C PHE VB 219 102.00 -16.84 43.70
N PHE VB 220 103.28 -17.04 44.05
CA PHE VB 220 103.67 -18.09 44.99
C PHE VB 220 102.93 -17.99 46.32
N GLY VB 221 102.88 -16.77 46.85
CA GLY VB 221 102.14 -16.47 48.08
C GLY VB 221 100.65 -16.76 47.98
N MET VB 222 100.07 -16.44 46.81
CA MET VB 222 98.66 -16.74 46.53
C MET VB 222 98.40 -18.24 46.49
N VAL VB 223 99.30 -18.97 45.82
CA VAL VB 223 99.25 -20.43 45.73
C VAL VB 223 99.30 -21.06 47.12
N ASN VB 224 100.24 -20.57 47.94
CA ASN VB 224 100.38 -21.01 49.34
C ASN VB 224 99.09 -20.81 50.13
N GLU VB 225 98.53 -19.61 50.04
CA GLU VB 225 97.24 -19.27 50.65
C GLU VB 225 96.12 -20.22 50.23
N SER VB 226 96.05 -20.50 48.93
CA SER VB 226 95.05 -21.41 48.37
C SER VB 226 95.17 -22.83 48.93
N ILE VB 227 96.41 -23.29 49.03
CA ILE VB 227 96.71 -24.62 49.57
C ILE VB 227 96.35 -24.67 51.06
N ASP VB 228 96.68 -23.62 51.81
CA ASP VB 228 96.28 -23.48 53.22
C ASP VB 228 94.77 -23.57 53.41
N GLU VB 229 94.03 -22.90 52.53
CA GLU VB 229 92.57 -22.93 52.55
C GLU VB 229 91.97 -24.36 52.49
N PHE VB 230 92.69 -25.32 51.89
CA PHE VB 230 92.25 -26.73 51.83
C PHE VB 230 92.84 -27.71 52.86
N VAL VB 231 93.68 -27.24 53.79
CA VAL VB 231 94.20 -28.13 54.84
C VAL VB 231 93.13 -28.42 55.89
N SER VB 232 93.40 -29.41 56.72
CA SER VB 232 92.53 -29.75 57.86
C SER VB 232 93.41 -30.05 59.07
N PRO VB 233 92.91 -29.80 60.30
CA PRO VB 233 93.70 -30.18 61.47
C PRO VB 233 93.92 -31.68 61.62
N LEU VB 234 94.98 -32.04 62.32
CA LEU VB 234 95.32 -33.45 62.54
C LEU VB 234 94.38 -34.04 63.59
N PRO VB 235 94.17 -35.37 63.56
CA PRO VB 235 93.28 -35.99 64.55
C PRO VB 235 93.77 -35.85 65.98
N LYS VB 236 92.86 -35.96 66.94
CA LYS VB 236 93.18 -35.76 68.37
C LYS VB 236 94.03 -36.91 68.95
N ASP VB 237 94.02 -38.06 68.28
CA ASP VB 237 94.89 -39.19 68.64
C ASP VB 237 96.28 -39.15 67.95
N TYR VB 238 96.59 -38.07 67.23
CA TYR VB 238 97.88 -37.95 66.54
C TYR VB 238 99.04 -37.78 67.53
N VAL VB 239 100.10 -38.57 67.32
CA VAL VB 239 101.33 -38.49 68.09
C VAL VB 239 102.49 -38.43 67.08
N PHE VB 240 103.41 -37.49 67.31
CA PHE VB 240 104.59 -37.35 66.46
C PHE VB 240 105.52 -38.55 66.70
N LYS VB 241 105.73 -39.34 65.66
CA LYS VB 241 106.44 -40.64 65.74
C LYS VB 241 107.78 -40.55 66.46
N TYR VB 242 108.61 -39.60 66.01
CA TYR VB 242 109.95 -39.40 66.57
C TYR VB 242 109.87 -38.65 67.90
N SER VB 243 109.96 -39.41 68.99
CA SER VB 243 109.96 -38.84 70.34
C SER VB 243 111.21 -37.99 70.61
N ASN VB 244 111.16 -37.22 71.70
CA ASN VB 244 112.24 -36.29 72.06
C ASN VB 244 113.59 -36.97 72.29
N GLU VB 245 113.56 -38.02 73.10
CA GLU VB 245 114.76 -38.81 73.42
C GLU VB 245 115.40 -39.46 72.18
N LYS VB 246 114.55 -39.92 71.26
CA LYS VB 246 115.00 -40.50 69.98
C LYS VB 246 115.65 -39.46 69.08
N LEU VB 247 115.05 -38.27 69.04
CA LEU VB 247 115.62 -37.14 68.30
C LEU VB 247 116.97 -36.72 68.87
N ASN VB 248 117.06 -36.67 70.19
CA ASN VB 248 118.31 -36.35 70.89
C ASN VB 248 119.44 -37.33 70.57
N VAL VB 249 119.11 -38.63 70.58
CA VAL VB 249 120.10 -39.67 70.28
C VAL VB 249 120.56 -39.62 68.81
N ILE VB 250 119.63 -39.33 67.91
CA ILE VB 250 119.93 -39.10 66.49
C ILE VB 250 120.93 -37.94 66.34
N GLU VB 251 120.63 -36.84 67.03
CA GLU VB 251 121.48 -35.65 67.03
C GLU VB 251 122.90 -35.95 67.51
N ALA VB 252 122.97 -36.70 68.62
CA ALA VB 252 124.23 -37.14 69.19
C ALA VB 252 125.06 -37.98 68.23
N CYS VB 253 124.40 -38.93 67.57
CA CYS VB 253 125.09 -39.93 66.75
C CYS VB 253 125.44 -39.44 65.35
N PHE VB 254 124.43 -38.97 64.63
CA PHE VB 254 124.59 -38.66 63.20
C PHE VB 254 125.32 -37.35 62.88
N ASN VB 255 125.50 -36.47 63.87
CA ASN VB 255 126.27 -35.24 63.66
C ASN VB 255 127.77 -35.56 63.61
N LEU VB 256 128.43 -35.15 62.52
CA LEU VB 256 129.81 -35.52 62.22
C LEU VB 256 130.66 -34.31 61.87
N SER VB 257 131.98 -34.49 61.96
CA SER VB 257 132.96 -33.45 61.63
C SER VB 257 133.27 -33.46 60.12
N LYS VB 258 134.28 -32.70 59.70
CA LYS VB 258 134.73 -32.65 58.30
C LYS VB 258 134.98 -34.03 57.68
N ASN VB 259 135.65 -34.92 58.42
CA ASN VB 259 136.03 -36.25 57.94
C ASN VB 259 135.32 -37.38 58.69
N GLY VB 260 134.01 -37.27 58.81
CA GLY VB 260 133.18 -38.29 59.44
C GLY VB 260 132.97 -39.50 58.54
N THR VB 261 132.63 -40.63 59.15
CA THR VB 261 132.40 -41.89 58.44
C THR VB 261 131.19 -42.65 58.99
N ILE VB 262 130.75 -43.66 58.24
CA ILE VB 262 129.71 -44.60 58.70
C ILE VB 262 130.20 -45.41 59.91
N GLU VB 263 131.48 -45.80 59.89
CA GLU VB 263 132.12 -46.51 60.99
C GLU VB 263 132.08 -45.70 62.29
N ASP VB 264 132.40 -44.41 62.16
CA ASP VB 264 132.36 -43.47 63.28
C ASP VB 264 130.96 -43.34 63.87
N ILE VB 265 129.95 -43.26 63.00
CA ILE VB 265 128.54 -43.23 63.39
C ILE VB 265 128.17 -44.48 64.18
N MET VB 266 128.55 -45.64 63.65
CA MET VB 266 128.31 -46.93 64.29
C MET VB 266 128.92 -47.02 65.68
N ASN VB 267 130.17 -46.55 65.80
CA ASN VB 267 130.87 -46.46 67.07
C ASN VB 267 130.14 -45.59 68.08
N ASN VB 268 129.68 -44.43 67.60
CA ASN VB 268 128.91 -43.47 68.40
C ASN VB 268 127.62 -44.09 68.94
N LEU VB 269 126.91 -44.78 68.05
CA LEU VB 269 125.68 -45.52 68.40
C LEU VB 269 125.93 -46.56 69.48
N ARG VB 270 127.01 -47.31 69.31
CA ARG VB 270 127.43 -48.33 70.27
C ARG VB 270 127.67 -47.75 71.66
N GLN VB 271 128.39 -46.63 71.72
CA GLN VB 271 128.82 -46.02 72.98
C GLN VB 271 127.90 -44.92 73.54
N TYR VB 272 126.68 -44.78 72.99
CA TYR VB 272 125.71 -43.80 73.50
C TYR VB 272 125.15 -44.23 74.85
N GLU VB 273 124.93 -43.25 75.73
CA GLU VB 273 124.40 -43.48 77.08
C GLU VB 273 123.35 -42.43 77.42
N GLY VB 274 122.22 -42.87 77.99
CA GLY VB 274 121.14 -41.97 78.35
C GLY VB 274 119.89 -42.71 78.82
N SER VB 275 118.75 -42.42 78.20
CA SER VB 275 117.49 -43.12 78.49
C SER VB 275 117.55 -44.55 77.94
N ALA VB 276 116.81 -45.45 78.57
CA ALA VB 276 116.81 -46.88 78.19
C ALA VB 276 116.13 -47.09 76.84
N GLU VB 277 114.97 -46.45 76.67
CA GLU VB 277 114.21 -46.47 75.41
C GLU VB 277 115.03 -45.90 74.25
N GLY VB 278 115.67 -44.76 74.50
CA GLY VB 278 116.55 -44.11 73.53
C GLY VB 278 117.74 -44.96 73.14
N LYS VB 279 118.30 -45.67 74.13
CA LYS VB 279 119.41 -46.61 73.90
C LYS VB 279 118.98 -47.78 73.02
N ALA VB 280 117.80 -48.32 73.32
CA ALA VB 280 117.18 -49.39 72.53
C ALA VB 280 116.94 -48.97 71.09
N PHE VB 281 116.44 -47.76 70.91
CA PHE VB 281 116.23 -47.17 69.59
C PHE VB 281 117.55 -47.09 68.83
N ALA VB 282 118.56 -46.51 69.46
CA ALA VB 282 119.91 -46.40 68.90
C ALA VB 282 120.50 -47.74 68.46
N GLN VB 283 120.32 -48.74 69.30
CA GLN VB 283 120.70 -50.13 68.99
C GLN VB 283 120.00 -50.66 67.74
N GLU VB 284 118.69 -50.42 67.69
CA GLU VB 284 117.85 -50.82 66.55
C GLU VB 284 118.32 -50.20 65.25
N ILE VB 285 118.66 -48.91 65.30
CA ILE VB 285 119.06 -48.18 64.08
C ILE VB 285 120.48 -48.61 63.65
N LYS VB 286 121.32 -48.95 64.61
CA LYS VB 286 122.65 -49.53 64.34
C LYS VB 286 122.52 -50.87 63.63
N THR VB 287 121.59 -51.70 64.12
CA THR VB 287 121.28 -53.00 63.53
C THR VB 287 120.83 -52.87 62.07
N LYS VB 288 119.93 -51.92 61.81
CA LYS VB 288 119.41 -51.72 60.45
C LYS VB 288 120.45 -51.12 59.50
N LEU VB 289 121.36 -50.30 60.04
CA LEU VB 289 122.54 -49.83 59.29
C LEU VB 289 123.45 -51.00 58.88
N LEU VB 290 123.70 -51.89 59.83
CA LEU VB 290 124.50 -53.10 59.61
C LEU VB 290 123.89 -53.96 58.50
N THR VB 291 122.57 -54.16 58.60
CA THR VB 291 121.80 -54.91 57.60
C THR VB 291 121.99 -54.35 56.18
N LYS VB 292 121.98 -53.02 56.06
CA LYS VB 292 122.21 -52.35 54.77
C LYS VB 292 123.68 -52.36 54.35
N SER VB 293 123.94 -51.96 53.10
CA SER VB 293 125.30 -52.05 52.52
C SER VB 293 126.23 -50.95 53.00
N PRO VB 294 127.50 -51.30 53.25
CA PRO VB 294 128.41 -50.31 53.82
C PRO VB 294 128.96 -49.30 52.81
N SER VB 295 129.36 -49.77 51.63
CA SER VB 295 129.97 -48.92 50.60
C SER VB 295 129.02 -47.82 50.12
N SER VB 296 127.77 -48.19 49.89
CA SER VB 296 126.73 -47.24 49.48
C SER VB 296 126.48 -46.17 50.55
N LEU VB 297 126.41 -46.60 51.80
CA LEU VB 297 126.27 -45.70 52.96
C LEU VB 297 127.41 -44.69 53.03
N GLN VB 298 128.63 -45.19 52.86
CA GLN VB 298 129.84 -44.35 52.84
C GLN VB 298 129.80 -43.31 51.73
N ILE VB 299 129.40 -43.75 50.54
CA ILE VB 299 129.23 -42.88 49.37
C ILE VB 299 128.23 -41.76 49.66
N ALA VB 300 127.08 -42.14 50.24
CA ALA VB 300 126.03 -41.21 50.65
C ALA VB 300 126.53 -40.17 51.65
N LEU VB 301 127.31 -40.65 52.62
CA LEU VB 301 127.93 -39.79 53.63
C LEU VB 301 128.87 -38.79 52.99
N ARG VB 302 129.68 -39.27 52.06
CA ARG VB 302 130.63 -38.44 51.32
C ARG VB 302 129.91 -37.34 50.54
N LEU VB 303 128.84 -37.74 49.86
CA LEU VB 303 128.01 -36.83 49.07
C LEU VB 303 127.38 -35.71 49.92
N VAL VB 304 126.81 -36.06 51.07
CA VAL VB 304 125.87 -35.17 51.76
C VAL VB 304 126.49 -33.89 52.32
N GLN VB 305 127.70 -34.01 52.87
CA GLN VB 305 128.43 -32.85 53.38
C GLN VB 305 128.78 -31.89 52.25
N GLU VB 306 129.28 -32.45 51.15
CA GLU VB 306 129.61 -31.70 49.94
C GLU VB 306 128.39 -30.96 49.38
N ASN VB 307 127.27 -31.66 49.32
CA ASN VB 307 126.01 -31.08 48.85
C ASN VB 307 125.49 -29.95 49.74
N SER VB 308 125.66 -30.12 51.05
CA SER VB 308 125.30 -29.08 52.03
C SER VB 308 126.15 -27.81 51.84
N ARG VB 309 127.46 -28.02 51.63
CA ARG VB 309 128.40 -26.94 51.33
C ARG VB 309 128.07 -26.19 50.04
N ASP VB 310 127.81 -26.94 48.98
CA ASP VB 310 127.80 -26.43 47.60
C ASP VB 310 126.38 -26.08 47.12
N HIS VB 311 126.29 -25.58 45.88
CA HIS VB 311 125.03 -25.16 45.25
C HIS VB 311 124.33 -26.28 44.46
N ILE VB 312 123.07 -26.04 44.10
CA ILE VB 312 122.16 -27.08 43.54
C ILE VB 312 122.69 -27.80 42.30
N GLU VB 313 123.08 -27.05 41.28
CA GLU VB 313 123.41 -27.60 39.96
C GLU VB 313 124.64 -28.50 40.05
N SER VB 314 125.65 -28.00 40.74
CA SER VB 314 126.89 -28.75 41.01
C SER VB 314 126.64 -30.05 41.77
N ALA VB 315 125.77 -29.96 42.78
CA ALA VB 315 125.35 -31.12 43.57
C ALA VB 315 124.65 -32.17 42.72
N ILE VB 316 123.75 -31.71 41.85
CA ILE VB 316 123.04 -32.56 40.90
C ILE VB 316 124.02 -33.26 39.95
N LYS VB 317 124.96 -32.50 39.42
CA LYS VB 317 126.02 -33.02 38.54
C LYS VB 317 126.83 -34.12 39.23
N ARG VB 318 127.27 -33.83 40.45
CA ARG VB 318 127.99 -34.80 41.30
C ARG VB 318 127.20 -36.09 41.48
N ASP VB 319 125.92 -35.95 41.81
CA ASP VB 319 124.99 -37.09 41.95
C ASP VB 319 124.90 -37.92 40.68
N LEU VB 320 124.81 -37.23 39.54
CA LEU VB 320 124.77 -37.86 38.23
C LEU VB 320 126.05 -38.65 37.97
N TYR VB 321 127.19 -38.03 38.28
CA TYR VB 321 128.50 -38.67 38.11
C TYR VB 321 128.62 -39.95 38.93
N THR VB 322 128.23 -39.88 40.20
CA THR VB 322 128.31 -41.05 41.09
C THR VB 322 127.35 -42.17 40.63
N ALA VB 323 126.18 -41.81 40.11
CA ALA VB 323 125.25 -42.77 39.51
C ALA VB 323 125.87 -43.48 38.30
N ALA VB 324 126.55 -42.70 37.46
CA ALA VB 324 127.27 -43.22 36.30
C ALA VB 324 128.35 -44.22 36.71
N ASN VB 325 129.16 -43.81 37.69
CA ASN VB 325 130.20 -44.66 38.28
C ASN VB 325 129.68 -45.98 38.83
N MET VB 326 128.55 -45.90 39.55
CA MET VB 326 127.86 -47.08 40.08
C MET VB 326 127.44 -48.03 38.97
N CYS VB 327 126.89 -47.46 37.90
CA CYS VB 327 126.48 -48.21 36.72
C CYS VB 327 127.65 -48.94 36.07
N MET VB 328 128.76 -48.22 35.87
CA MET VB 328 129.93 -48.75 35.17
C MET VB 328 131.15 -48.86 36.10
N ASN VB 329 131.00 -49.60 37.18
CA ASN VB 329 132.08 -49.77 38.17
C ASN VB 329 133.39 -50.36 37.60
N GLN VB 330 134.36 -49.49 37.34
CA GLN VB 330 135.70 -49.90 36.90
C GLN VB 330 136.46 -50.61 38.02
N ASP VB 331 136.49 -49.98 39.19
CA ASP VB 331 137.20 -50.51 40.36
C ASP VB 331 136.51 -51.72 41.00
N SER VB 332 135.24 -51.97 40.66
CA SER VB 332 134.46 -53.12 41.15
C SER VB 332 134.30 -53.09 42.68
N LEU VB 333 133.77 -51.96 43.17
CA LEU VB 333 133.67 -51.70 44.61
C LEU VB 333 132.29 -51.15 45.03
N VAL VB 334 131.26 -51.43 44.23
CA VAL VB 334 129.88 -51.01 44.51
C VAL VB 334 128.92 -52.05 43.93
N GLU VB 335 128.68 -53.10 44.72
CA GLU VB 335 127.87 -54.22 44.26
C GLU VB 335 126.38 -53.83 44.18
N PHE VB 336 126.02 -53.20 43.07
CA PHE VB 336 124.75 -52.51 42.91
C PHE VB 336 123.77 -53.29 42.04
N SER VB 337 124.17 -53.57 40.80
CA SER VB 337 123.32 -54.27 39.82
C SER VB 337 122.84 -55.63 40.32
N GLU VB 338 123.74 -56.36 40.97
CA GLU VB 338 123.43 -57.67 41.55
C GLU VB 338 122.42 -57.55 42.69
N ALA VB 339 122.64 -56.54 43.54
CA ALA VB 339 121.75 -56.23 44.66
C ALA VB 339 120.34 -55.85 44.19
N THR VB 340 120.27 -55.07 43.12
CA THR VB 340 119.00 -54.66 42.52
C THR VB 340 118.23 -55.87 41.99
N LYS VB 341 118.95 -56.74 41.28
CA LYS VB 341 118.40 -58.00 40.75
C LYS VB 341 117.81 -58.86 41.86
N HIS VB 342 118.58 -59.03 42.91
CA HIS VB 342 118.15 -59.77 44.11
C HIS VB 342 116.85 -59.22 44.67
N LYS VB 343 116.79 -57.89 44.81
CA LYS VB 343 115.63 -57.19 45.39
C LYS VB 343 114.47 -57.00 44.42
N LEU VB 344 114.66 -56.18 43.40
CA LEU VB 344 113.56 -55.70 42.55
C LEU VB 344 113.07 -56.75 41.56
N ILE VB 345 114.00 -57.43 40.89
CA ILE VB 345 113.68 -58.38 39.82
C ILE VB 345 113.31 -59.76 40.37
N ASP VB 346 114.21 -60.34 41.17
CA ASP VB 346 114.08 -61.74 41.60
C ASP VB 346 113.04 -61.95 42.70
N LYS VB 347 113.26 -61.35 43.87
CA LYS VB 347 112.43 -61.61 45.05
C LYS VB 347 112.46 -60.47 46.08
N GLN VB 348 111.28 -60.16 46.63
CA GLN VB 348 111.12 -59.07 47.60
C GLN VB 348 111.77 -59.39 48.96
N ARG VB 349 111.68 -60.65 49.39
CA ARG VB 349 112.16 -61.07 50.71
C ARG VB 349 113.68 -61.28 50.75
N VAL VB 350 114.22 -61.29 51.96
CA VAL VB 350 115.64 -61.59 52.27
C VAL VB 350 116.61 -60.49 51.78
N PRO VB 351 117.52 -60.02 52.67
CA PRO VB 351 118.52 -59.04 52.26
C PRO VB 351 119.70 -59.67 51.53
N TYR VB 352 120.45 -58.85 50.81
CA TYR VB 352 121.62 -59.31 50.05
C TYR VB 352 122.79 -59.55 51.00
N PRO VB 353 123.61 -60.60 50.74
CA PRO VB 353 124.71 -60.93 51.67
C PRO VB 353 125.89 -59.95 51.65
N TRP VB 354 126.14 -59.35 50.48
CA TRP VB 354 127.27 -58.42 50.22
C TRP VB 354 128.60 -59.16 50.08
N THR VB 355 129.45 -58.65 49.18
CA THR VB 355 130.76 -59.25 48.89
C THR VB 355 131.90 -58.23 49.00
N LYS VB 356 131.66 -57.12 49.69
CA LYS VB 356 132.66 -56.07 49.83
C LYS VB 356 132.37 -55.23 51.08
N LYS VB 357 133.26 -55.34 52.06
CA LYS VB 357 133.08 -54.67 53.37
C LYS VB 357 134.41 -54.18 53.94
N GLU VB 358 134.76 -52.93 53.63
CA GLU VB 358 135.94 -52.28 54.23
C GLU VB 358 135.85 -50.75 54.14
N GLN VB 359 136.71 -50.08 54.91
CA GLN VB 359 136.80 -48.62 54.89
C GLN VB 359 137.55 -48.14 53.66
N LEU VB 360 136.81 -47.57 52.71
CA LEU VB 360 137.39 -46.97 51.50
C LEU VB 360 138.14 -45.69 51.84
N PHE VB 361 139.20 -45.41 51.10
CA PHE VB 361 140.00 -44.19 51.28
C PHE VB 361 139.26 -42.97 50.76
N VAL VB 362 139.70 -41.79 51.19
CA VAL VB 362 139.03 -40.52 50.83
C VAL VB 362 139.21 -40.18 49.35
N SER VB 363 140.42 -40.43 48.83
CA SER VB 363 140.74 -40.23 47.41
C SER VB 363 139.90 -41.14 46.51
N GLN VB 364 139.78 -42.40 46.94
CA GLN VB 364 138.94 -43.39 46.27
C GLN VB 364 137.48 -42.96 46.23
N LEU VB 365 137.00 -42.46 47.36
CA LEU VB 365 135.63 -41.95 47.50
C LEU VB 365 135.37 -40.78 46.56
N THR VB 366 136.33 -39.86 46.51
CA THR VB 366 136.30 -38.71 45.59
C THR VB 366 136.21 -39.15 44.14
N SER VB 367 137.06 -40.11 43.77
CA SER VB 367 137.08 -40.68 42.41
C SER VB 367 135.73 -41.29 42.02
N ILE VB 368 135.14 -42.02 42.97
CA ILE VB 368 133.81 -42.62 42.80
C ILE VB 368 132.74 -41.56 42.52
N THR VB 369 132.80 -40.43 43.24
CA THR VB 369 131.80 -39.35 43.11
C THR VB 369 132.38 -38.13 42.39
N SER VB 370 132.99 -38.35 41.22
CA SER VB 370 133.55 -37.26 40.41
C SER VB 370 133.70 -37.70 38.94
N PRO VB 371 133.75 -36.73 37.99
CA PRO VB 371 133.81 -37.08 36.59
C PRO VB 371 135.25 -37.33 36.10
N LYS VB 372 135.37 -37.73 34.84
CA LYS VB 372 136.65 -37.89 34.16
C LYS VB 372 136.51 -37.60 32.66
N PRO VB 373 137.64 -37.36 31.97
CA PRO VB 373 137.58 -37.11 30.51
C PRO VB 373 137.28 -38.34 29.63
N SER VB 374 137.25 -39.55 30.24
CA SER VB 374 136.88 -40.77 29.51
C SER VB 374 135.46 -40.72 28.95
N LEU VB 375 134.50 -40.35 29.80
CA LEU VB 375 133.09 -40.19 29.39
C LEU VB 375 132.65 -38.73 29.47
N PRO VB 376 131.93 -38.23 28.43
CA PRO VB 376 131.34 -36.90 28.50
C PRO VB 376 130.02 -36.91 29.27
N MET VB 377 129.81 -35.91 30.12
CA MET VB 377 128.62 -35.82 30.97
C MET VB 377 128.07 -34.40 30.95
N SER VB 378 126.74 -34.28 30.89
CA SER VB 378 126.07 -32.98 30.87
C SER VB 378 124.57 -33.12 31.14
N LEU VB 379 124.04 -32.20 31.96
CA LEU VB 379 122.60 -32.09 32.19
C LEU VB 379 121.93 -31.42 31.00
N LEU VB 380 120.65 -31.72 30.79
CA LEU VB 380 119.87 -31.12 29.70
C LEU VB 380 119.47 -29.70 30.11
N ARG VB 381 119.62 -28.75 29.18
CA ARG VB 381 119.43 -27.32 29.48
C ARG VB 381 117.98 -26.96 29.77
N ASN VB 382 117.76 -26.21 30.85
CA ASN VB 382 116.45 -25.68 31.21
C ASN VB 382 116.19 -24.39 30.44
N THR VB 383 114.95 -23.90 30.56
CA THR VB 383 114.60 -22.56 30.07
C THR VB 383 115.20 -21.52 31.02
N SER VB 384 114.95 -21.71 32.31
CA SER VB 384 115.56 -20.91 33.37
C SER VB 384 116.86 -21.59 33.83
N ASN VB 385 117.96 -21.26 33.15
CA ASN VB 385 119.28 -21.79 33.50
C ASN VB 385 119.88 -21.01 34.67
N VAL VB 386 119.36 -21.31 35.87
CA VAL VB 386 119.69 -20.59 37.10
C VAL VB 386 120.38 -21.54 38.08
N THR VB 387 121.25 -20.98 38.91
CA THR VB 387 121.98 -21.73 39.94
C THR VB 387 121.95 -20.97 41.27
N TRP VB 388 121.71 -21.70 42.36
CA TRP VB 388 121.71 -21.13 43.71
C TRP VB 388 122.14 -22.14 44.79
N THR VB 389 122.62 -21.59 45.91
CA THR VB 389 123.13 -22.39 47.03
C THR VB 389 122.04 -22.94 47.95
N GLN VB 390 120.94 -22.19 48.09
CA GLN VB 390 119.78 -22.63 48.87
C GLN VB 390 118.48 -22.33 48.13
N TYR VB 391 117.42 -23.05 48.48
CA TYR VB 391 116.12 -22.92 47.82
C TYR VB 391 115.52 -21.53 48.00
N PRO VB 392 114.97 -20.95 46.90
CA PRO VB 392 114.39 -19.61 46.99
C PRO VB 392 113.00 -19.55 47.65
N TYR VB 393 112.20 -20.61 47.51
CA TYR VB 393 110.78 -20.59 47.93
C TYR VB 393 110.32 -21.65 48.95
N HIS VB 394 111.21 -22.54 49.39
CA HIS VB 394 110.82 -23.59 50.37
C HIS VB 394 110.59 -23.01 51.76
N SER VB 395 111.58 -22.29 52.27
CA SER VB 395 111.58 -21.74 53.64
C SER VB 395 110.29 -21.01 54.06
N LYS VB 396 109.67 -20.30 53.11
CA LYS VB 396 108.41 -19.61 53.36
C LYS VB 396 107.25 -20.56 53.63
N TYR VB 397 107.11 -21.58 52.78
CA TYR VB 397 105.88 -22.38 52.68
C TYR VB 397 105.98 -23.79 53.28
N GLN VB 398 106.76 -23.92 54.36
CA GLN VB 398 106.80 -25.15 55.17
C GLN VB 398 107.01 -24.78 56.64
N LEU VB 399 107.00 -25.79 57.51
CA LEU VB 399 107.22 -25.57 58.94
C LEU VB 399 108.65 -25.08 59.20
N PRO VB 400 108.83 -24.10 60.11
CA PRO VB 400 110.11 -23.44 60.26
C PRO VB 400 111.15 -24.29 60.98
N THR VB 401 112.37 -24.34 60.44
CA THR VB 401 113.45 -25.16 61.00
C THR VB 401 113.82 -24.76 62.43
N GLU VB 402 114.42 -25.71 63.15
CA GLU VB 402 115.01 -25.46 64.48
C GLU VB 402 115.98 -24.28 64.46
N GLN VB 403 116.80 -24.24 63.40
CA GLN VB 403 117.84 -23.22 63.24
C GLN VB 403 117.25 -21.80 63.21
N GLU VB 404 116.16 -21.65 62.46
CA GLU VB 404 115.44 -20.38 62.36
C GLU VB 404 114.88 -19.94 63.71
N ILE VB 405 114.31 -20.90 64.44
CA ILE VB 405 113.77 -20.67 65.78
C ILE VB 405 114.89 -20.20 66.72
N ALA VB 406 116.01 -20.91 66.67
CA ALA VB 406 117.20 -20.57 67.47
C ALA VB 406 117.71 -19.16 67.18
N ALA VB 407 117.77 -18.81 65.90
CA ALA VB 407 118.15 -17.47 65.44
C ALA VB 407 117.22 -16.39 65.98
N TYR VB 408 115.92 -16.67 65.92
CA TYR VB 408 114.90 -15.77 66.46
C TYR VB 408 115.08 -15.54 67.96
N ILE VB 409 115.28 -16.63 68.68
CA ILE VB 409 115.52 -16.61 70.13
C ILE VB 409 116.73 -15.72 70.47
N GLU VB 410 117.82 -15.94 69.73
CA GLU VB 410 119.05 -15.14 69.87
C GLU VB 410 118.81 -13.65 69.65
N LYS VB 411 118.05 -13.35 68.61
CA LYS VB 411 117.67 -11.97 68.28
C LYS VB 411 116.87 -11.32 69.42
N ARG VB 412 115.92 -12.08 69.94
CA ARG VB 412 115.08 -11.65 71.07
C ARG VB 412 115.92 -11.34 72.30
N THR VB 413 116.88 -12.23 72.59
CA THR VB 413 117.82 -12.08 73.70
C THR VB 413 118.62 -10.77 73.57
N ASN VB 414 119.19 -10.54 72.39
CA ASN VB 414 119.95 -9.33 72.11
C ASN VB 414 119.05 -8.18 71.69
N LYS VB 420 113.38 -10.28 78.47
CA LYS VB 420 113.19 -11.72 78.63
C LYS VB 420 112.52 -12.36 77.42
N VAL VB 421 112.62 -13.69 77.35
CA VAL VB 421 111.99 -14.49 76.29
C VAL VB 421 111.23 -15.64 76.95
N THR VB 422 110.11 -16.04 76.33
CA THR VB 422 109.29 -17.14 76.81
C THR VB 422 108.63 -17.90 75.66
N GLU VB 423 108.13 -19.10 75.97
CA GLU VB 423 107.63 -20.06 74.98
C GLU VB 423 106.38 -19.55 74.26
N ARG VB 424 105.43 -19.07 75.04
CA ARG VB 424 104.16 -18.54 74.51
C ARG VB 424 104.37 -17.41 73.52
N GLU VB 425 105.26 -16.49 73.89
CA GLU VB 425 105.64 -15.34 73.05
C GLU VB 425 106.24 -15.80 71.72
N VAL VB 426 107.12 -16.78 71.80
CA VAL VB 426 107.74 -17.42 70.62
C VAL VB 426 106.67 -18.02 69.71
N LEU VB 427 105.74 -18.75 70.31
CA LEU VB 427 104.62 -19.37 69.57
C LEU VB 427 103.79 -18.33 68.85
N ASN VB 428 103.45 -17.25 69.57
CA ASN VB 428 102.72 -16.11 69.00
C ASN VB 428 103.43 -15.51 67.80
N HIS VB 429 104.72 -15.25 67.96
CA HIS VB 429 105.57 -14.73 66.90
C HIS VB 429 105.51 -15.62 65.65
N PHE VB 430 105.67 -16.92 65.87
CA PHE VB 430 105.65 -17.90 64.79
C PHE VB 430 104.26 -18.16 64.20
N ALA VB 431 103.25 -18.25 65.06
CA ALA VB 431 101.88 -18.57 64.64
C ALA VB 431 101.03 -17.36 64.21
N ASN VB 432 101.47 -16.13 64.51
CA ASN VB 432 100.69 -14.92 64.18
C ASN VB 432 101.44 -13.83 63.41
N VAL VB 433 102.65 -13.48 63.85
CA VAL VB 433 103.40 -12.35 63.28
C VAL VB 433 103.91 -12.63 61.85
N ILE VB 434 104.44 -13.82 61.62
CA ILE VB 434 105.02 -14.17 60.32
C ILE VB 434 103.88 -14.42 59.33
N PRO VB 435 103.77 -13.57 58.28
CA PRO VB 435 102.59 -13.59 57.37
C PRO VB 435 102.46 -14.87 56.53
N SER VB 436 103.59 -15.45 56.13
CA SER VB 436 103.59 -16.70 55.37
C SER VB 436 103.17 -17.92 56.21
N ARG VB 437 103.47 -17.88 57.52
CA ARG VB 437 103.25 -19.00 58.43
C ARG VB 437 102.24 -18.68 59.54
N ARG VB 438 101.15 -18.01 59.18
CA ARG VB 438 100.09 -17.69 60.15
C ARG VB 438 99.22 -18.91 60.43
N GLY VB 439 98.72 -19.51 59.36
CA GLY VB 439 97.86 -20.69 59.45
C GLY VB 439 98.54 -22.02 59.18
N LYS VB 440 99.82 -22.15 59.57
CA LYS VB 440 100.53 -23.42 59.44
C LYS VB 440 99.94 -24.42 60.44
N LEU VB 441 99.77 -25.65 60.00
CA LEU VB 441 98.92 -26.63 60.68
C LEU VB 441 99.46 -27.01 62.07
N GLY VB 442 100.59 -27.72 62.10
CA GLY VB 442 101.14 -28.24 63.35
C GLY VB 442 102.39 -27.47 63.76
N ILE VB 443 102.33 -26.14 63.64
CA ILE VB 443 103.51 -25.29 63.81
C ILE VB 443 103.77 -24.99 65.28
N GLN VB 444 102.70 -24.71 66.03
CA GLN VB 444 102.79 -24.43 67.46
C GLN VB 444 103.34 -25.62 68.23
N SER VB 445 102.84 -26.80 67.90
CA SER VB 445 103.30 -28.07 68.48
C SER VB 445 104.77 -28.31 68.20
N LEU VB 446 105.18 -28.05 66.96
CA LEU VB 446 106.58 -28.17 66.53
C LEU VB 446 107.47 -27.25 67.35
N CYS VB 447 107.06 -25.98 67.45
CA CYS VB 447 107.77 -24.98 68.25
C CYS VB 447 107.93 -25.38 69.72
N LYS VB 448 106.86 -25.92 70.29
CA LYS VB 448 106.86 -26.45 71.66
C LYS VB 448 107.86 -27.58 71.84
N ILE VB 449 107.86 -28.51 70.89
CA ILE VB 449 108.81 -29.63 70.85
C ILE VB 449 110.26 -29.13 70.81
N VAL VB 450 110.51 -28.14 69.96
CA VAL VB 450 111.83 -27.51 69.81
C VAL VB 450 112.28 -26.90 71.13
N CYS VB 451 111.39 -26.16 71.77
CA CYS VB 451 111.64 -25.54 73.07
C CYS VB 451 111.99 -26.57 74.15
N GLU VB 452 111.21 -27.65 74.20
CA GLU VB 452 111.47 -28.77 75.10
C GLU VB 452 112.86 -29.37 74.90
N ARG VB 453 113.22 -29.53 73.64
CA ARG VB 453 114.50 -30.15 73.26
C ARG VB 453 115.72 -29.30 73.62
N LYS VB 454 115.69 -28.02 73.21
CA LYS VB 454 116.87 -27.15 73.23
C LYS VB 454 116.95 -26.22 74.43
N CYS VB 455 116.07 -25.22 74.48
CA CYS VB 455 116.17 -24.13 75.47
C CYS VB 455 115.77 -24.54 76.86
N GLU VB 456 116.08 -23.68 77.83
CA GLU VB 456 115.81 -23.91 79.25
C GLU VB 456 115.27 -22.66 79.94
N GLU VB 457 114.66 -22.87 81.10
CA GLU VB 457 114.01 -21.80 81.85
C GLU VB 457 115.02 -20.96 82.61
N UNK YB 1 75.39 7.70 116.74
CA UNK YB 1 73.95 7.32 116.86
C UNK YB 1 73.20 8.15 117.89
N UNK YB 2 73.80 8.26 119.08
CA UNK YB 2 73.27 9.08 120.18
C UNK YB 2 73.15 10.55 119.79
N UNK YB 3 74.18 11.05 119.12
CA UNK YB 3 74.20 12.42 118.60
C UNK YB 3 73.09 12.68 117.59
N UNK YB 4 72.91 11.72 116.68
CA UNK YB 4 71.84 11.76 115.67
C UNK YB 4 70.45 11.78 116.31
N UNK YB 5 70.27 10.95 117.34
CA UNK YB 5 69.03 10.88 118.12
C UNK YB 5 68.72 12.21 118.80
N UNK YB 6 69.75 12.80 119.40
CA UNK YB 6 69.65 14.12 120.05
C UNK YB 6 69.25 15.21 119.07
N UNK YB 7 69.86 15.17 117.88
CA UNK YB 7 69.54 16.10 116.79
C UNK YB 7 68.09 15.98 116.34
N UNK YB 8 67.63 14.75 116.19
CA UNK YB 8 66.24 14.44 115.85
C UNK YB 8 65.26 14.97 116.88
N UNK YB 9 65.60 14.77 118.16
CA UNK YB 9 64.81 15.28 119.29
C UNK YB 9 64.70 16.81 119.29
N UNK YB 10 65.84 17.46 119.02
CA UNK YB 10 65.91 18.92 118.89
C UNK YB 10 65.02 19.44 117.75
N UNK YB 11 65.08 18.75 116.62
CA UNK YB 11 64.26 19.06 115.44
C UNK YB 11 62.77 18.94 115.74
N UNK YB 12 62.41 17.86 116.44
CA UNK YB 12 61.03 17.63 116.88
C UNK YB 12 60.53 18.73 117.81
N UNK YB 13 61.38 19.12 118.76
CA UNK YB 13 61.09 20.22 119.70
C UNK YB 13 60.86 21.55 118.97
N UNK YB 14 61.71 21.83 117.98
CA UNK YB 14 61.60 23.02 117.14
C UNK YB 14 60.28 23.04 116.36
N UNK YB 15 59.93 21.88 115.79
CA UNK YB 15 58.66 21.71 115.08
C UNK YB 15 57.45 21.96 115.98
N UNK YB 16 57.52 21.43 117.20
CA UNK YB 16 56.47 21.62 118.21
C UNK YB 16 56.32 23.10 118.59
N UNK YB 17 57.44 23.78 118.77
CA UNK YB 17 57.47 25.22 119.05
C UNK YB 17 56.83 26.02 117.92
N UNK YB 18 57.19 25.67 116.69
CA UNK YB 18 56.63 26.29 115.49
C UNK YB 18 55.11 26.13 115.41
N UNK YB 19 54.65 24.92 115.71
CA UNK YB 19 53.22 24.60 115.77
C UNK YB 19 52.45 25.45 116.78
N UNK YB 20 53.05 25.67 117.95
CA UNK YB 20 52.44 26.47 119.02
C UNK YB 20 52.28 27.94 118.64
N UNK YB 21 51.37 28.62 119.33
CA UNK YB 21 51.01 30.01 119.02
C UNK YB 21 52.09 31.01 119.44
N UNK YB 22 52.13 32.14 118.73
CA UNK YB 22 53.14 33.18 118.95
C UNK YB 22 52.78 34.13 120.11
N UNK YB 23 51.51 34.53 120.17
CA UNK YB 23 51.03 35.57 121.10
C UNK YB 23 51.45 35.39 122.56
N UNK YB 24 51.35 34.15 123.06
CA UNK YB 24 51.62 33.85 124.48
C UNK YB 24 53.11 33.68 124.75
N UNK YB 25 53.77 32.88 123.92
CA UNK YB 25 55.21 32.60 124.04
C UNK YB 25 56.05 33.87 123.93
N UNK YB 26 55.71 34.72 122.97
CA UNK YB 26 56.36 36.02 122.76
C UNK YB 26 56.22 36.94 123.97
N UNK YB 27 55.01 36.97 124.52
CA UNK YB 27 54.71 37.74 125.74
C UNK YB 27 55.53 37.27 126.94
N UNK YB 28 55.62 35.94 127.08
CA UNK YB 28 56.43 35.32 128.14
C UNK YB 28 57.91 35.67 128.01
N UNK YB 29 58.41 35.63 126.79
CA UNK YB 29 59.80 36.01 126.47
C UNK YB 29 60.08 37.47 126.81
N UNK YB 30 59.15 38.34 126.46
CA UNK YB 30 59.21 39.78 126.77
C UNK YB 30 59.26 40.03 128.28
N UNK YB 31 58.40 39.31 129.01
CA UNK YB 31 58.35 39.35 130.47
C UNK YB 31 59.68 38.92 131.11
N UNK YB 32 60.25 37.85 130.58
CA UNK YB 32 61.56 37.33 131.02
C UNK YB 32 62.68 38.36 130.79
N UNK YB 33 62.65 38.99 129.62
CA UNK YB 33 63.61 40.05 129.26
C UNK YB 33 63.51 41.24 130.20
N UNK YB 34 62.27 41.65 130.50
CA UNK YB 34 61.99 42.73 131.46
C UNK YB 34 62.53 42.42 132.86
N UNK YB 35 62.30 41.18 133.31
CA UNK YB 35 62.80 40.68 134.58
C UNK YB 35 64.33 40.71 134.66
N UNK YB 36 64.97 40.31 133.56
CA UNK YB 36 66.43 40.32 133.44
C UNK YB 36 67.00 41.73 133.53
N UNK YB 37 77.23 40.75 132.76
CA UNK YB 37 78.18 41.22 131.75
C UNK YB 37 78.68 40.08 130.85
N UNK YB 38 79.09 38.98 131.48
CA UNK YB 38 79.54 37.77 130.78
C UNK YB 38 78.44 37.19 129.88
N UNK YB 39 77.22 37.15 130.42
CA UNK YB 39 76.04 36.70 129.67
C UNK YB 39 75.76 37.56 128.45
N UNK YB 40 75.86 38.88 128.64
CA UNK YB 40 75.69 39.86 127.56
C UNK YB 40 76.73 39.68 126.45
N UNK YB 41 77.98 39.48 126.86
CA UNK YB 41 79.09 39.21 125.95
C UNK YB 41 78.86 37.94 125.12
N UNK YB 42 78.40 36.89 125.79
CA UNK YB 42 78.05 35.62 125.16
C UNK YB 42 76.94 35.78 124.13
N UNK YB 43 75.92 36.55 124.49
CA UNK YB 43 74.80 36.88 123.60
C UNK YB 43 75.26 37.63 122.35
N UNK YB 44 76.15 38.60 122.56
CA UNK YB 44 76.75 39.38 121.46
C UNK YB 44 77.55 38.49 120.51
N UNK YB 45 78.34 37.59 121.08
CA UNK YB 45 79.11 36.60 120.31
C UNK YB 45 78.22 35.70 119.47
N UNK YB 46 77.12 35.24 120.07
CA UNK YB 46 76.11 34.42 119.39
C UNK YB 46 75.47 35.16 118.22
N UNK YB 47 75.14 36.43 118.45
CA UNK YB 47 74.59 37.31 117.41
C UNK YB 47 75.55 37.50 116.23
N UNK YB 48 76.82 37.71 116.56
CA UNK YB 48 77.89 37.85 115.57
C UNK YB 48 78.05 36.58 114.72
N UNK YB 49 78.00 35.44 115.39
CA UNK YB 49 78.07 34.12 114.74
C UNK YB 49 76.89 33.91 113.78
N UNK YB 50 75.70 34.29 114.23
CA UNK YB 50 74.48 34.23 113.41
C UNK YB 50 74.57 35.11 112.17
N UNK YB 51 75.10 36.32 112.36
CA UNK YB 51 75.33 37.27 111.26
C UNK YB 51 76.31 36.72 110.23
N UNK YB 52 77.40 36.13 110.71
CA UNK YB 52 78.41 35.48 109.87
C UNK YB 52 77.82 34.34 109.04
N UNK YB 53 76.99 33.52 109.69
CA UNK YB 53 76.28 32.43 109.03
C UNK YB 53 75.34 32.91 107.93
N UNK YB 54 74.61 33.99 108.23
CA UNK YB 54 73.71 34.64 107.26
C UNK YB 54 74.48 35.15 106.04
N UNK YB 55 75.62 35.79 106.29
CA UNK YB 55 76.52 36.28 105.25
C UNK YB 55 77.02 35.15 104.35
N UNK YB 56 77.39 34.03 104.97
CA UNK YB 56 77.85 32.83 104.27
C UNK YB 56 76.77 32.25 103.37
N UNK YB 57 70.27 39.49 123.83
CA UNK YB 57 69.63 39.05 125.08
C UNK YB 57 68.37 38.23 124.80
N UNK YB 58 67.50 38.76 123.95
CA UNK YB 58 66.26 38.10 123.54
C UNK YB 58 66.53 36.76 122.86
N UNK YB 59 67.51 36.76 121.96
CA UNK YB 59 67.97 35.54 121.27
C UNK YB 59 68.47 34.49 122.24
N UNK YB 60 69.26 34.93 123.22
CA UNK YB 60 69.78 34.06 124.28
C UNK YB 60 68.67 33.44 125.12
N UNK YB 61 67.68 34.26 125.46
CA UNK YB 61 66.48 33.81 126.19
C UNK YB 61 65.69 32.76 125.42
N UNK YB 62 65.52 33.00 124.12
CA UNK YB 62 64.84 32.07 123.21
C UNK YB 62 65.57 30.72 123.14
N UNK YB 63 66.89 30.78 123.02
CA UNK YB 63 67.75 29.60 123.01
C UNK YB 63 67.63 28.78 124.30
N UNK YB 64 67.61 29.49 125.43
CA UNK YB 64 67.43 28.89 126.75
C UNK YB 64 66.09 28.18 126.88
N UNK YB 65 65.04 28.83 126.38
CA UNK YB 65 63.69 28.28 126.35
C UNK YB 65 63.61 27.01 125.51
N UNK YB 66 64.25 27.04 124.35
CA UNK YB 66 64.35 25.89 123.45
C UNK YB 66 65.05 24.70 124.10
N UNK YB 67 66.15 25.00 124.80
CA UNK YB 67 66.91 24.00 125.56
C UNK YB 67 66.07 23.35 126.66
N UNK YB 68 65.31 24.18 127.37
CA UNK YB 68 64.39 23.73 128.42
C UNK YB 68 63.30 22.81 127.87
N UNK YB 69 62.74 23.19 126.73
CA UNK YB 69 61.74 22.39 126.00
C UNK YB 69 62.29 21.02 125.58
N UNK YB 70 63.52 21.03 125.05
CA UNK YB 70 64.24 19.81 124.67
C UNK YB 70 64.46 18.87 125.86
N UNK YB 71 64.86 19.46 126.98
CA UNK YB 71 65.06 18.73 128.25
C UNK YB 71 63.77 18.09 128.75
N UNK YB 72 62.67 18.86 128.67
CA UNK YB 72 61.34 18.38 129.05
C UNK YB 72 60.90 17.20 128.18
N UNK YB 73 61.12 17.32 126.88
CA UNK YB 73 60.83 16.26 125.89
C UNK YB 73 61.59 14.99 126.20
N UNK YB 74 62.88 15.14 126.53
CA UNK YB 74 63.75 14.03 126.90
C UNK YB 74 63.25 13.31 128.16
N UNK YB 75 76.59 28.30 132.35
CA UNK YB 75 75.75 28.17 131.15
C UNK YB 75 76.24 29.04 129.99
N UNK YB 76 76.51 30.32 130.29
CA UNK YB 76 77.04 31.27 129.32
C UNK YB 76 78.39 30.82 128.75
N UNK YB 77 79.26 30.34 129.63
CA UNK YB 77 80.57 29.80 129.26
C UNK YB 77 80.45 28.59 128.32
N UNK YB 78 79.52 27.69 128.66
CA UNK YB 78 79.21 26.52 127.84
C UNK YB 78 78.73 26.92 126.44
N UNK YB 79 77.83 27.90 126.40
CA UNK YB 79 77.31 28.45 125.15
C UNK YB 79 78.41 29.02 124.26
N UNK YB 80 79.31 29.77 124.89
CA UNK YB 80 80.49 30.35 124.22
C UNK YB 80 81.40 29.27 123.63
N UNK YB 81 81.64 28.22 124.42
CA UNK YB 81 82.43 27.05 124.00
C UNK YB 81 81.81 26.35 122.80
N UNK YB 82 80.49 26.17 122.84
CA UNK YB 82 79.72 25.58 121.75
C UNK YB 82 79.83 26.40 120.46
N UNK YB 83 79.71 27.73 120.62
CA UNK YB 83 79.85 28.67 119.50
C UNK YB 83 81.25 28.60 118.86
N UNK YB 84 82.26 28.53 119.71
CA UNK YB 84 83.66 28.39 119.28
C UNK YB 84 83.88 27.10 118.49
N UNK YB 85 83.31 26.00 119.01
CA UNK YB 85 83.36 24.69 118.35
C UNK YB 85 82.70 24.72 116.96
N UNK YB 86 81.55 25.38 116.90
CA UNK YB 86 80.80 25.56 115.64
C UNK YB 86 81.61 26.34 114.61
N UNK YB 87 82.26 27.42 115.08
CA UNK YB 87 83.14 28.25 114.25
C UNK YB 87 84.33 27.44 113.70
N UNK YB 88 84.92 26.63 114.57
CA UNK YB 88 86.03 25.73 114.19
C UNK YB 88 85.61 24.72 113.12
N UNK YB 89 84.43 24.15 113.32
CA UNK YB 89 83.83 23.22 112.34
C UNK YB 89 83.61 23.88 110.98
N UNK YB 90 83.08 25.10 111.00
CA UNK YB 90 82.86 25.90 109.79
C UNK YB 90 84.16 26.19 109.05
N UNK YB 91 85.19 26.55 109.82
CA UNK YB 91 86.54 26.78 109.28
C UNK YB 91 87.13 25.55 108.61
N UNK YB 92 86.96 24.40 109.28
CA UNK YB 92 87.39 23.10 108.76
C UNK YB 92 86.70 22.74 107.44
N UNK YB 93 85.39 22.98 107.40
CA UNK YB 93 84.56 22.78 106.20
C UNK YB 93 85.04 23.64 105.04
N UNK YB 94 85.35 24.90 105.33
CA UNK YB 94 85.86 25.86 104.34
C UNK YB 94 87.20 25.41 103.77
N UNK ZB 1 82.72 -14.20 -110.25
CA UNK ZB 1 83.69 -13.67 -111.26
C UNK ZB 1 82.99 -12.98 -112.43
N UNK ZB 2 81.99 -13.66 -112.98
CA UNK ZB 2 81.17 -13.13 -114.07
C UNK ZB 2 80.45 -11.84 -113.67
N UNK ZB 3 79.89 -11.84 -112.46
CA UNK ZB 3 79.24 -10.66 -111.88
C UNK ZB 3 80.20 -9.48 -111.74
N UNK ZB 4 81.40 -9.76 -111.26
CA UNK ZB 4 82.48 -8.76 -111.13
C UNK ZB 4 82.87 -8.16 -112.47
N UNK ZB 5 83.00 -9.02 -113.48
CA UNK ZB 5 83.29 -8.61 -114.86
C UNK ZB 5 82.21 -7.70 -115.43
N UNK ZB 6 80.95 -8.07 -115.19
CA UNK ZB 6 79.79 -7.28 -115.60
C UNK ZB 6 79.77 -5.89 -114.94
N UNK ZB 7 80.08 -5.85 -113.65
CA UNK ZB 7 80.20 -4.61 -112.87
C UNK ZB 7 81.30 -3.70 -113.42
N UNK ZB 8 82.44 -4.30 -113.75
CA UNK ZB 8 83.58 -3.59 -114.36
C UNK ZB 8 83.23 -2.99 -115.71
N UNK ZB 9 82.51 -3.76 -116.52
CA UNK ZB 9 82.02 -3.32 -117.83
C UNK ZB 9 81.05 -2.14 -117.71
N UNK ZB 10 80.15 -2.24 -116.74
CA UNK ZB 10 79.20 -1.16 -116.42
C UNK ZB 10 79.91 0.13 -116.02
N UNK ZB 11 80.92 -0.01 -115.17
CA UNK ZB 11 81.75 1.11 -114.72
C UNK ZB 11 82.47 1.78 -115.89
N UNK ZB 12 83.03 0.96 -116.77
CA UNK ZB 12 83.70 1.44 -117.99
C UNK ZB 12 82.75 2.23 -118.89
N UNK ZB 13 81.55 1.70 -119.07
CA UNK ZB 13 80.48 2.34 -119.84
C UNK ZB 13 80.10 3.71 -119.26
N UNK ZB 14 79.99 3.76 -117.92
CA UNK ZB 14 79.68 5.00 -117.20
C UNK ZB 14 80.77 6.05 -117.38
N UNK ZB 15 83.61 8.08 -112.18
CA UNK ZB 15 82.73 6.94 -111.93
C UNK ZB 15 83.47 5.61 -112.00
N UNK ZB 16 84.25 5.45 -113.07
CA UNK ZB 16 85.06 4.24 -113.29
C UNK ZB 16 86.10 4.04 -112.18
N UNK ZB 17 86.75 5.12 -111.80
CA UNK ZB 17 87.72 5.13 -110.70
C UNK ZB 17 87.08 4.73 -109.38
N UNK ZB 18 85.90 5.29 -109.10
CA UNK ZB 18 85.11 4.95 -107.92
C UNK ZB 18 84.73 3.48 -107.86
N UNK ZB 19 84.31 2.94 -109.01
CA UNK ZB 19 83.98 1.52 -109.16
C UNK ZB 19 85.18 0.62 -108.89
N UNK ZB 20 86.33 1.01 -109.44
CA UNK ZB 20 87.60 0.30 -109.22
C UNK ZB 20 88.00 0.26 -107.75
N UNK ZB 21 87.85 1.41 -107.09
CA UNK ZB 21 88.11 1.55 -105.65
C UNK ZB 21 87.21 0.65 -104.82
N UNK ZB 22 85.92 0.63 -105.17
CA UNK ZB 22 84.93 -0.24 -104.52
C UNK ZB 22 85.30 -1.71 -104.66
N UNK ZB 23 85.68 -2.10 -105.88
CA UNK ZB 23 86.13 -3.45 -106.19
C UNK ZB 23 87.35 -3.87 -105.36
N UNK ZB 24 88.31 -2.94 -105.24
CA UNK ZB 24 89.51 -3.13 -104.42
C UNK ZB 24 89.16 -3.34 -102.94
N UNK ZB 25 88.24 -2.53 -102.44
CA UNK ZB 25 87.73 -2.63 -101.07
C UNK ZB 25 87.06 -3.98 -100.81
N UNK ZB 26 86.25 -4.41 -101.76
CA UNK ZB 26 85.58 -5.73 -101.71
C UNK ZB 26 86.60 -6.88 -101.67
N UNK ZB 27 87.63 -6.77 -102.49
CA UNK ZB 27 88.73 -7.75 -102.54
C UNK ZB 27 89.48 -7.83 -101.21
N UNK ZB 28 89.75 -6.66 -100.63
CA UNK ZB 28 90.39 -6.55 -99.32
C UNK ZB 28 89.56 -7.20 -98.21
N UNK ZB 29 88.26 -6.94 -98.24
CA UNK ZB 29 87.29 -7.54 -97.31
C UNK ZB 29 87.27 -9.07 -97.41
N UNK ZB 30 87.26 -9.56 -98.66
CA UNK ZB 30 87.31 -11.00 -98.95
C UNK ZB 30 88.58 -11.65 -98.42
N UNK ZB 31 89.71 -10.97 -98.61
CA UNK ZB 31 91.01 -11.41 -98.10
C UNK ZB 31 91.02 -11.49 -96.57
N UNK ZB 32 90.46 -10.47 -95.93
CA UNK ZB 32 90.33 -10.41 -94.47
C UNK ZB 32 89.49 -11.57 -93.93
N UNK ZB 33 88.37 -11.83 -94.61
CA UNK ZB 33 87.48 -12.96 -94.31
C UNK ZB 33 88.21 -14.30 -94.37
N UNK ZB 34 88.99 -14.46 -95.44
CA UNK ZB 34 89.79 -15.66 -95.66
C UNK ZB 34 90.83 -15.88 -94.57
N UNK ZB 35 89.31 -19.40 -103.98
CA UNK ZB 35 88.83 -18.55 -105.07
C UNK ZB 35 88.89 -17.07 -104.72
N UNK ZB 36 88.36 -16.73 -103.55
CA UNK ZB 36 88.38 -15.36 -103.01
C UNK ZB 36 89.80 -14.83 -102.84
N UNK ZB 37 90.67 -15.69 -102.28
CA UNK ZB 37 92.10 -15.39 -102.12
C UNK ZB 37 92.78 -15.13 -103.46
N UNK ZB 38 92.49 -15.97 -104.44
CA UNK ZB 38 93.01 -15.83 -105.81
C UNK ZB 38 92.58 -14.52 -106.46
N UNK ZB 39 91.30 -14.17 -106.27
CA UNK ZB 39 90.74 -12.90 -106.75
C UNK ZB 39 91.43 -11.69 -106.12
N UNK ZB 40 91.66 -11.77 -104.81
CA UNK ZB 40 92.37 -10.73 -104.05
C UNK ZB 40 93.81 -10.54 -104.56
N UNK ZB 41 94.49 -11.66 -104.80
CA UNK ZB 41 95.84 -11.67 -105.35
C UNK ZB 41 95.91 -11.01 -106.73
N UNK ZB 42 94.94 -11.34 -107.57
CA UNK ZB 42 94.80 -10.76 -108.91
C UNK ZB 42 94.59 -9.25 -108.85
N UNK ZB 43 93.72 -8.82 -107.93
CA UNK ZB 43 93.46 -7.40 -107.68
C UNK ZB 43 94.70 -6.64 -107.25
N UNK ZB 44 95.47 -7.26 -106.36
CA UNK ZB 44 96.74 -6.72 -105.88
C UNK ZB 44 97.76 -6.56 -107.02
N UNK ZB 45 97.83 -7.58 -107.87
CA UNK ZB 45 98.69 -7.57 -109.06
C UNK ZB 45 98.32 -6.45 -110.04
N UNK ZB 46 97.02 -6.29 -110.25
CA UNK ZB 46 96.48 -5.21 -111.09
C UNK ZB 46 96.84 -3.83 -110.54
N UNK ZB 47 96.70 -3.67 -109.23
CA UNK ZB 47 97.06 -2.43 -108.52
C UNK ZB 47 98.55 -2.10 -108.67
N UNK ZB 48 99.38 -3.12 -108.52
CA UNK ZB 48 100.83 -3.01 -108.71
C UNK ZB 48 101.20 -2.57 -110.12
N UNK ZB 49 100.55 -3.18 -111.11
CA UNK ZB 49 100.71 -2.84 -112.53
C UNK ZB 49 100.33 -1.39 -112.81
N UNK ZB 50 99.21 -0.96 -112.22
CA UNK ZB 50 98.73 0.42 -112.34
C UNK ZB 50 99.73 1.42 -111.75
N UNK ZB 51 100.28 1.08 -110.58
CA UNK ZB 51 101.31 1.88 -109.91
C UNK ZB 51 102.57 2.01 -110.76
N UNK ZB 52 102.98 0.89 -111.36
CA UNK ZB 52 104.14 0.85 -112.26
C UNK ZB 52 103.94 1.74 -113.49
N UNK ZB 53 102.74 1.67 -114.07
CA UNK ZB 53 102.35 2.51 -115.20
C UNK ZB 53 102.39 4.00 -114.85
N UNK ZB 54 101.87 4.34 -113.67
CA UNK ZB 54 101.89 5.70 -113.15
C UNK ZB 54 103.31 6.24 -112.98
N UNK ZB 55 104.18 5.39 -112.42
CA UNK ZB 55 105.61 5.70 -112.25
C UNK ZB 55 106.29 5.97 -113.59
N UNK ZB 56 105.98 5.14 -114.58
CA UNK ZB 56 106.52 5.27 -115.93
C UNK ZB 56 106.09 6.58 -116.59
N UNK ZB 57 94.07 11.21 -124.72
CA UNK ZB 57 93.71 10.98 -123.33
C UNK ZB 57 92.55 9.98 -123.19
N UNK ZB 58 91.49 10.22 -123.96
CA UNK ZB 58 90.31 9.35 -124.00
C UNK ZB 58 90.67 7.93 -124.43
N UNK ZB 59 91.49 7.83 -125.47
CA UNK ZB 59 91.99 6.56 -125.99
C UNK ZB 59 92.80 5.80 -124.94
N UNK ZB 60 93.66 6.52 -124.23
CA UNK ZB 60 94.47 5.98 -123.13
C UNK ZB 60 93.60 5.43 -122.00
N UNK ZB 61 92.56 6.20 -121.64
CA UNK ZB 61 91.58 5.80 -120.63
C UNK ZB 61 90.84 4.52 -121.02
N UNK ZB 62 90.43 4.46 -122.28
CA UNK ZB 62 89.77 3.27 -122.85
C UNK ZB 62 90.66 2.04 -122.80
N UNK ZB 63 91.93 2.22 -123.15
CA UNK ZB 63 92.95 1.17 -123.08
C UNK ZB 63 93.15 0.65 -121.67
N UNK ZB 64 93.20 1.58 -120.71
CA UNK ZB 64 93.33 1.26 -119.29
C UNK ZB 64 92.13 0.45 -118.78
N UNK ZB 65 90.93 0.87 -119.19
CA UNK ZB 65 89.69 0.17 -118.85
C UNK ZB 65 89.67 -1.25 -119.40
N UNK ZB 66 90.11 -1.41 -120.64
CA UNK ZB 66 90.23 -2.71 -121.30
C UNK ZB 66 91.19 -3.64 -120.56
N UNK ZB 67 92.33 -3.08 -120.16
CA UNK ZB 67 93.35 -3.80 -119.37
C UNK ZB 67 92.80 -4.27 -118.02
N UNK ZB 68 92.05 -3.39 -117.36
CA UNK ZB 68 91.38 -3.70 -116.10
C UNK ZB 68 90.37 -4.84 -116.24
N UNK ZB 69 89.59 -4.78 -117.31
CA UNK ZB 69 88.61 -5.82 -117.66
C UNK ZB 69 89.28 -7.17 -117.89
N UNK ZB 70 90.39 -7.15 -118.63
CA UNK ZB 70 91.21 -8.34 -118.88
C UNK ZB 70 91.75 -8.97 -117.60
N UNK ZB 71 92.25 -8.10 -116.71
CA UNK ZB 71 92.74 -8.52 -115.39
C UNK ZB 71 91.65 -9.16 -114.54
N UNK ZB 72 90.46 -8.57 -114.57
CA UNK ZB 72 89.28 -9.09 -113.87
C UNK ZB 72 88.88 -10.47 -114.40
N UNK ZB 73 88.89 -10.61 -115.72
CA UNK ZB 73 88.60 -11.89 -116.39
C UNK ZB 73 89.58 -12.98 -116.00
N UNK ZB 74 90.87 -12.62 -115.98
CA UNK ZB 74 91.95 -13.51 -115.54
C UNK ZB 74 91.76 -13.99 -114.10
N UNK ZB 75 91.37 -13.06 -113.24
CA UNK ZB 75 91.09 -13.33 -111.83
C UNK ZB 75 89.96 -14.35 -111.66
N UNK ZB 76 95.49 -21.99 -123.13
CA UNK ZB 76 94.79 -20.97 -123.92
C UNK ZB 76 94.47 -19.73 -123.11
N UNK ZB 77 93.90 -19.93 -121.93
CA UNK ZB 77 93.58 -18.85 -120.99
C UNK ZB 77 94.82 -18.07 -120.57
N UNK ZB 78 95.89 -18.80 -120.26
CA UNK ZB 78 97.19 -18.23 -119.92
C UNK ZB 78 97.77 -17.38 -121.05
N UNK ZB 79 97.68 -17.90 -122.27
CA UNK ZB 79 98.10 -17.20 -123.48
C UNK ZB 79 97.33 -15.89 -123.69
N UNK ZB 80 96.01 -15.97 -123.49
CA UNK ZB 80 95.12 -14.81 -123.58
C UNK ZB 80 95.47 -13.72 -122.55
N UNK ZB 81 95.76 -14.16 -121.33
CA UNK ZB 81 96.20 -13.29 -120.24
C UNK ZB 81 97.51 -12.58 -120.57
N UNK ZB 82 98.45 -13.34 -121.11
CA UNK ZB 82 99.75 -12.82 -121.55
C UNK ZB 82 99.61 -11.77 -122.65
N UNK ZB 83 98.73 -12.05 -123.61
CA UNK ZB 83 98.40 -11.13 -124.70
C UNK ZB 83 97.82 -9.82 -124.18
N UNK ZB 84 96.90 -9.94 -123.22
CA UNK ZB 84 96.28 -8.79 -122.56
C UNK ZB 84 97.31 -7.92 -121.83
N UNK ZB 85 98.23 -8.59 -121.12
CA UNK ZB 85 99.33 -7.92 -120.42
C UNK ZB 85 100.23 -7.16 -121.38
N UNK ZB 86 100.56 -7.79 -122.50
CA UNK ZB 86 101.35 -7.17 -123.57
C UNK ZB 86 100.67 -5.94 -124.14
N UNK ZB 87 99.37 -6.04 -124.38
CA UNK ZB 87 98.54 -4.92 -124.86
C UNK ZB 87 98.54 -3.75 -123.88
N UNK ZB 88 98.40 -4.06 -122.60
CA UNK ZB 88 98.45 -3.07 -121.51
C UNK ZB 88 99.80 -2.35 -121.47
N UNK ZB 89 100.87 -3.12 -121.60
CA UNK ZB 89 102.24 -2.59 -121.64
C UNK ZB 89 102.46 -1.64 -122.82
N UNK ZB 90 101.94 -2.04 -123.98
CA UNK ZB 90 101.98 -1.23 -125.20
C UNK ZB 90 101.23 0.09 -125.03
N UNK ZB 91 100.05 0.01 -124.41
CA UNK ZB 91 99.23 1.19 -124.10
C UNK ZB 91 99.94 2.16 -123.17
N UNK ZB 92 100.60 1.60 -122.14
CA UNK ZB 92 101.40 2.37 -121.18
C UNK ZB 92 102.56 3.09 -121.86
N UNK ZB 93 103.25 2.37 -122.75
CA UNK ZB 93 104.34 2.92 -123.54
C UNK ZB 93 103.89 4.07 -124.43
N UNK ZB 94 102.73 3.89 -125.07
CA UNK ZB 94 102.12 4.93 -125.91
C UNK ZB 94 101.79 6.19 -125.11
N UNK ZB 95 101.21 5.98 -123.93
CA UNK ZB 95 100.90 7.07 -122.99
C UNK ZB 95 102.14 7.86 -122.58
N UNK ZB 96 103.22 7.12 -122.29
CA UNK ZB 96 104.51 7.71 -121.92
C UNK ZB 96 105.09 8.57 -123.04
N UNK ZB 97 76.55 -20.08 -120.95
CA UNK ZB 97 77.45 -20.32 -122.07
C UNK ZB 97 77.45 -19.17 -123.07
N UNK ZB 98 76.24 -18.74 -123.46
CA UNK ZB 98 76.04 -17.62 -124.37
C UNK ZB 98 76.63 -16.32 -123.82
N UNK ZB 99 76.38 -16.08 -122.53
CA UNK ZB 99 76.93 -14.91 -121.82
C UNK ZB 99 78.45 -14.91 -121.78
N UNK ZB 100 79.02 -16.08 -121.52
CA UNK ZB 100 80.47 -16.29 -121.53
C UNK ZB 100 81.08 -16.01 -122.91
N UNK ZB 101 80.42 -16.50 -123.95
CA UNK ZB 101 80.82 -16.27 -125.34
C UNK ZB 101 80.80 -14.78 -125.71
N UNK ZB 102 79.75 -14.10 -125.27
CA UNK ZB 102 79.60 -12.65 -125.45
C UNK ZB 102 80.72 -11.87 -124.78
N UNK ZB 103 81.03 -12.26 -123.54
CA UNK ZB 103 82.13 -11.67 -122.76
C UNK ZB 103 83.48 -11.85 -123.46
N UNK ZB 104 83.71 -13.05 -123.97
CA UNK ZB 104 84.92 -13.38 -124.73
C UNK ZB 104 85.06 -12.52 -125.99
N UNK ZB 105 83.95 -12.36 -126.71
CA UNK ZB 105 83.87 -11.51 -127.90
C UNK ZB 105 84.21 -10.05 -127.57
N UNK ZB 106 83.65 -9.56 -126.47
CA UNK ZB 106 83.91 -8.21 -125.97
C UNK ZB 106 85.37 -7.98 -125.63
N UNK ZB 107 85.96 -8.97 -124.95
CA UNK ZB 107 87.39 -8.97 -124.61
C UNK ZB 107 88.28 -8.92 -125.85
N UNK ZB 108 87.92 -9.71 -126.85
CA UNK ZB 108 88.61 -9.74 -128.14
C UNK ZB 108 88.55 -8.40 -128.85
N UNK ZB 109 87.36 -7.80 -128.86
CA UNK ZB 109 87.14 -6.47 -129.44
C UNK ZB 109 87.99 -5.40 -128.76
N UNK ZB 110 88.05 -5.47 -127.43
CA UNK ZB 110 88.88 -4.57 -126.62
C UNK ZB 110 90.37 -4.71 -126.95
N UNK ZB 111 90.81 -5.96 -127.10
CA UNK ZB 111 92.19 -6.28 -127.48
C UNK ZB 111 92.55 -5.72 -128.86
N UNK ZB 112 91.62 -5.88 -129.80
CA UNK ZB 112 91.76 -5.34 -131.16
C UNK ZB 112 91.88 -3.83 -131.16
N UNK ZB 113 91.04 -3.18 -130.35
CA UNK ZB 113 91.06 -1.72 -130.17
C UNK ZB 113 92.38 -1.23 -129.61
N UNK ZB 114 92.89 -1.95 -128.60
CA UNK ZB 114 94.19 -1.67 -127.99
C UNK ZB 114 95.33 -1.77 -129.00
N UNK ZB 115 95.28 -2.83 -129.80
CA UNK ZB 115 96.26 -3.06 -130.88
C UNK ZB 115 96.26 -1.93 -131.91
N UNK ZB 116 95.06 -1.48 -132.28
CA UNK ZB 116 94.87 -0.37 -133.21
C UNK ZB 116 95.46 0.93 -132.67
N UNK ZB 117 71.76 -11.75 -135.44
CA UNK ZB 117 72.62 -11.09 -134.45
C UNK ZB 117 73.56 -12.07 -133.76
N UNK ZB 118 72.98 -13.17 -133.28
CA UNK ZB 118 73.74 -14.25 -132.64
C UNK ZB 118 74.78 -14.87 -133.58
N UNK ZB 119 74.37 -15.10 -134.82
CA UNK ZB 119 75.24 -15.61 -135.87
C UNK ZB 119 76.42 -14.67 -136.16
N UNK ZB 120 76.10 -13.38 -136.23
CA UNK ZB 120 77.10 -12.32 -136.43
C UNK ZB 120 78.12 -12.28 -135.29
N UNK ZB 121 77.61 -12.39 -134.06
CA UNK ZB 121 78.45 -12.44 -132.85
C UNK ZB 121 79.40 -13.64 -132.86
N UNK ZB 122 78.86 -14.80 -133.25
CA UNK ZB 122 79.63 -16.04 -133.39
C UNK ZB 122 80.76 -15.90 -134.42
N UNK ZB 123 80.42 -15.28 -135.56
CA UNK ZB 123 81.38 -14.99 -136.63
C UNK ZB 123 82.51 -14.08 -136.16
N UNK ZB 124 82.14 -13.04 -135.41
CA UNK ZB 124 83.10 -12.11 -134.80
C UNK ZB 124 84.05 -12.80 -133.83
N UNK ZB 125 83.49 -13.67 -133.01
CA UNK ZB 125 84.25 -14.49 -132.06
C UNK ZB 125 85.26 -15.41 -132.76
N UNK ZB 126 84.79 -16.03 -133.84
CA UNK ZB 126 85.64 -16.89 -134.69
C UNK ZB 126 86.79 -16.12 -135.32
N UNK ZB 127 86.49 -14.93 -135.82
CA UNK ZB 127 87.49 -14.01 -136.40
C UNK ZB 127 88.55 -13.61 -135.38
N UNK ZB 128 88.08 -13.29 -134.18
CA UNK ZB 128 88.97 -12.97 -133.04
C UNK ZB 128 89.91 -14.11 -132.69
N UNK ZB 129 89.34 -15.31 -132.61
CA UNK ZB 129 90.11 -16.54 -132.34
C UNK ZB 129 91.19 -16.78 -133.39
N UNK ZB 130 90.81 -16.58 -134.66
CA UNK ZB 130 91.74 -16.70 -135.79
C UNK ZB 130 92.89 -15.69 -135.68
N UNK ZB 131 92.55 -14.46 -135.33
CA UNK ZB 131 93.54 -13.39 -135.12
C UNK ZB 131 94.52 -13.72 -134.00
N UNK ZB 132 93.98 -14.25 -132.89
CA UNK ZB 132 94.78 -14.70 -131.75
C UNK ZB 132 95.74 -15.82 -132.13
N UNK ZB 133 95.25 -16.78 -132.91
CA UNK ZB 133 96.05 -17.89 -133.44
C UNK ZB 133 97.19 -17.39 -134.31
N UNK ZB 134 96.88 -16.45 -135.20
CA UNK ZB 134 97.87 -15.80 -136.07
C UNK ZB 134 98.97 -15.09 -135.28
N UNK ZB 135 98.55 -14.39 -134.22
CA UNK ZB 135 99.47 -13.69 -133.31
C UNK ZB 135 100.43 -14.65 -132.60
N UNK ZB 136 72.93 -15.74 -110.11
CA UNK ZB 136 74.03 -15.10 -110.84
C UNK ZB 136 73.56 -14.35 -112.09
N UNK ZB 137 72.76 -15.04 -112.91
CA UNK ZB 137 72.19 -14.46 -114.13
C UNK ZB 137 71.30 -13.26 -113.83
N UNK ZB 138 70.46 -13.41 -112.80
CA UNK ZB 138 69.60 -12.32 -112.31
C UNK ZB 138 70.40 -11.11 -111.85
N UNK ZB 139 71.48 -11.39 -111.12
CA UNK ZB 139 72.40 -10.35 -110.64
C UNK ZB 139 73.06 -9.59 -111.79
N UNK ZB 140 73.51 -10.35 -112.78
CA UNK ZB 140 74.11 -9.78 -114.00
C UNK ZB 140 73.12 -8.88 -114.75
N UNK ZB 141 71.88 -9.33 -114.85
CA UNK ZB 141 70.79 -8.56 -115.47
C UNK ZB 141 70.52 -7.25 -114.73
N UNK ZB 142 70.49 -7.33 -113.39
CA UNK ZB 142 70.32 -6.16 -112.53
C UNK ZB 142 71.45 -5.14 -112.70
N UNK ZB 143 72.68 -5.65 -112.77
CA UNK ZB 143 73.88 -4.82 -113.01
C UNK ZB 143 73.82 -4.11 -114.36
N UNK ZB 144 73.40 -4.85 -115.39
CA UNK ZB 144 73.20 -4.31 -116.74
C UNK ZB 144 72.16 -3.19 -116.76
N UNK ZB 145 71.05 -3.42 -116.06
CA UNK ZB 145 69.97 -2.44 -115.91
C UNK ZB 145 70.44 -1.16 -115.23
N UNK ZB 146 71.23 -1.33 -114.17
CA UNK ZB 146 71.84 -0.22 -113.43
C UNK ZB 146 72.77 0.60 -114.31
N UNK ZB 147 73.58 -0.09 -115.10
CA UNK ZB 147 74.49 0.52 -116.07
C UNK ZB 147 73.75 1.36 -117.11
N UNK ZB 148 72.66 0.78 -117.62
CA UNK ZB 148 71.78 1.45 -118.59
C UNK ZB 148 71.17 2.72 -118.01
N UNK ZB 149 70.70 2.63 -116.77
CA UNK ZB 149 70.15 3.77 -116.03
C UNK ZB 149 71.17 4.89 -115.86
N UNK ZB 150 72.39 4.51 -115.48
CA UNK ZB 150 73.52 5.44 -115.33
C UNK ZB 150 73.84 6.16 -116.65
N UNK ZB 151 73.83 5.41 -117.74
CA UNK ZB 151 74.05 5.94 -119.09
C UNK ZB 151 72.99 6.95 -119.49
#